data_3WST
#
_entry.id   3WST
#
_cell.length_a   190.703
_cell.length_b   190.703
_cell.length_c   373.088
_cell.angle_alpha   90.00
_cell.angle_beta   90.00
_cell.angle_gamma   120.00
#
_symmetry.space_group_name_H-M   'P 31'
#
loop_
_entity.id
_entity.type
_entity.pdbx_description
1 polymer 'Protein arginine N-methyltransferase 7'
2 non-polymer S-ADENOSYL-L-HOMOCYSTEINE
3 non-polymer 'PHOSPHATE ION'
4 water water
#
_entity_poly.entity_id   1
_entity_poly.type   'polypeptide(L)'
_entity_poly.pdbx_seq_one_letter_code
;GPLGSGIPMFLEKINQKTGEREWVVAEEDYDMAQELARSRFGDMILDFDRNDKFLAGLKTTIAEKKHENTDGKVHVLDIG
TGTGLLSLMAAREGADKVTALEVFKPMGDCARHITSNSPWSDKITVISERSTDVSQIGGSRADIIVAEVFDTELIGEGAL
RTFKEALERLAKPGCRVVPSTGNVYIVPVESHLLKMFNDIPRLNGEKDEEPLGRCSGTAAVFDVQLSEMKTHEFRELSEP
IVAFKFDFEHEEKIIFDESFVREAVAHSSGTIDALLMWWDIDMDRNGTTFIDMGPKWKNKNNYAWRDHWMQAVYYLPEKK
KVEMNQTFEIVCNHDEFSLWFSNVGKDKSRSYCVCGLHSMLSRQTVYHVNEMFENQKFKDEVDKLSKGLHVATVGEGSFL
GLLAAKTAKRVTIIDGNERFRDIFFKYIHYYKLTNVEIIEKVTSLTDSPDIVLAEPFYMSAMNPWNHLRFLYDVEVLKMM
HGDELRVEPHMGVLKAIPEKFEDLQNIASDVGTVNGFDLSFFDEISTKARTATDAIVDEQSLWEYAGIVKGDAVEILRFP
IDGRVSSQKCVVNIDNMSSSNAIPMWMEWEFGGINLSTGLLSISSAGVPEWNKGYKQGVYFPITALRNDKSLCLHALFDK
STGDINFQFGKSEDS
;
_entity_poly.pdbx_strand_id   A,D,B,C,F,E,G,H,I,M,N,O,P,Q,R,J,K,L
#
loop_
_chem_comp.id
_chem_comp.type
_chem_comp.name
_chem_comp.formula
PO4 non-polymer 'PHOSPHATE ION' 'O4 P -3'
#
# COMPACT_ATOMS: atom_id res chain seq x y z
N MET A 9 23.77 -63.50 71.59
CA MET A 9 22.75 -63.77 72.68
C MET A 9 21.86 -64.98 72.40
N PHE A 10 21.95 -65.99 73.27
CA PHE A 10 21.29 -67.27 73.04
C PHE A 10 19.98 -67.41 73.77
N LEU A 11 18.94 -67.84 73.07
CA LEU A 11 17.62 -67.82 73.65
C LEU A 11 17.22 -69.23 73.94
N GLU A 12 17.05 -69.51 75.21
CA GLU A 12 16.81 -70.83 75.70
C GLU A 12 15.41 -71.32 75.37
N LYS A 13 15.28 -72.58 75.04
CA LYS A 13 13.98 -73.17 74.84
C LYS A 13 14.15 -74.63 75.08
N ILE A 14 13.05 -75.36 75.05
CA ILE A 14 13.03 -76.75 75.38
C ILE A 14 12.50 -77.51 74.21
N ASN A 15 13.32 -78.39 73.64
CA ASN A 15 12.87 -79.34 72.64
C ASN A 15 11.58 -79.97 73.14
N GLN A 16 10.51 -79.88 72.35
CA GLN A 16 9.21 -80.42 72.75
C GLN A 16 9.09 -81.88 72.46
N LYS A 17 10.12 -82.44 71.87
CA LYS A 17 10.05 -83.86 71.66
C LYS A 17 10.96 -84.68 72.61
N THR A 18 12.08 -84.11 73.01
CA THR A 18 13.04 -84.92 73.76
C THR A 18 13.32 -84.34 75.12
N GLY A 19 12.65 -83.25 75.44
CA GLY A 19 12.78 -82.58 76.70
C GLY A 19 14.08 -81.81 76.86
N GLU A 20 15.02 -81.93 75.91
CA GLU A 20 16.34 -81.30 76.09
C GLU A 20 16.21 -79.82 75.96
N ARG A 21 17.15 -79.11 76.55
CA ARG A 21 17.22 -77.67 76.49
C ARG A 21 18.09 -77.23 75.29
N GLU A 22 17.62 -76.25 74.52
CA GLU A 22 18.28 -75.85 73.29
C GLU A 22 18.27 -74.35 73.23
N TRP A 23 18.96 -73.78 72.25
CA TRP A 23 18.95 -72.37 72.09
C TRP A 23 18.63 -72.01 70.69
N VAL A 24 18.47 -70.72 70.44
CA VAL A 24 18.09 -70.22 69.15
C VAL A 24 18.74 -68.86 69.18
N VAL A 25 18.89 -68.21 68.03
CA VAL A 25 19.30 -66.78 68.01
C VAL A 25 18.39 -66.00 67.05
N ALA A 26 18.30 -64.69 67.25
CA ALA A 26 17.52 -63.84 66.39
C ALA A 26 18.24 -63.70 65.07
N GLU A 27 17.47 -63.52 64.01
CA GLU A 27 18.05 -63.39 62.69
C GLU A 27 19.30 -62.49 62.63
N GLU A 28 19.31 -61.37 63.35
CA GLU A 28 20.46 -60.47 63.15
C GLU A 28 21.72 -61.08 63.71
N ASP A 29 21.57 -62.03 64.62
CA ASP A 29 22.70 -62.69 65.26
C ASP A 29 23.10 -64.01 64.56
N TYR A 30 22.35 -64.46 63.56
CA TYR A 30 22.53 -65.79 62.93
C TYR A 30 23.95 -66.08 62.42
N ASP A 31 24.40 -65.25 61.50
CA ASP A 31 25.72 -65.35 60.86
C ASP A 31 26.86 -65.34 61.88
N MET A 32 26.89 -64.32 62.72
CA MET A 32 27.78 -64.33 63.85
C MET A 32 27.83 -65.73 64.52
N ALA A 33 26.68 -66.33 64.77
CA ALA A 33 26.61 -67.57 65.55
C ALA A 33 27.16 -68.78 64.77
N GLN A 34 26.81 -68.83 63.49
CA GLN A 34 27.27 -69.86 62.56
C GLN A 34 28.79 -69.84 62.57
N GLU A 35 29.36 -68.65 62.39
CA GLU A 35 30.79 -68.55 62.46
C GLU A 35 31.28 -69.13 63.78
N LEU A 36 30.61 -68.74 64.85
CA LEU A 36 31.08 -69.11 66.15
C LEU A 36 30.89 -70.60 66.38
N ALA A 37 29.85 -71.18 65.79
CA ALA A 37 29.66 -72.62 65.79
C ALA A 37 30.81 -73.37 65.02
N ARG A 38 31.53 -72.67 64.13
CA ARG A 38 32.66 -73.28 63.40
C ARG A 38 33.98 -72.93 64.07
N SER A 39 33.96 -72.12 65.12
CA SER A 39 35.18 -71.71 65.83
C SER A 39 35.94 -72.83 66.57
N ARG A 40 35.31 -73.99 66.72
CA ARG A 40 36.07 -75.08 67.28
C ARG A 40 37.05 -75.70 66.30
N PHE A 41 36.75 -75.64 65.01
CA PHE A 41 37.56 -76.25 64.02
C PHE A 41 37.75 -77.71 64.35
N GLY A 42 36.59 -78.36 64.43
CA GLY A 42 36.49 -79.80 64.61
C GLY A 42 37.17 -80.28 65.89
N ASP A 43 38.28 -80.99 65.74
CA ASP A 43 39.01 -81.51 66.89
C ASP A 43 40.14 -80.61 67.31
N MET A 44 40.30 -79.46 66.63
CA MET A 44 41.47 -78.59 66.86
C MET A 44 42.00 -78.56 68.27
N ILE A 45 41.11 -78.36 69.23
CA ILE A 45 41.48 -78.04 70.60
C ILE A 45 41.85 -79.35 71.33
N LEU A 46 41.36 -80.45 70.79
CA LEU A 46 41.55 -81.76 71.38
C LEU A 46 42.70 -82.48 70.68
N ASP A 47 43.40 -81.75 69.82
CA ASP A 47 44.57 -82.27 69.17
C ASP A 47 45.72 -82.08 70.16
N PHE A 48 45.86 -83.07 71.04
CA PHE A 48 46.77 -82.99 72.16
C PHE A 48 48.22 -82.84 71.69
N ASP A 49 48.56 -83.48 70.57
CA ASP A 49 49.86 -83.33 69.94
C ASP A 49 50.14 -81.93 69.45
N ARG A 50 49.20 -81.32 68.73
CA ARG A 50 49.42 -79.94 68.27
C ARG A 50 49.64 -79.03 69.48
N ASN A 51 48.87 -79.26 70.54
CA ASN A 51 49.04 -78.47 71.76
C ASN A 51 50.43 -78.70 72.40
N ASP A 52 50.81 -79.96 72.58
CA ASP A 52 52.08 -80.25 73.29
C ASP A 52 53.28 -79.71 72.51
N LYS A 53 53.14 -79.66 71.18
CA LYS A 53 54.09 -78.99 70.27
C LYS A 53 54.06 -77.45 70.33
N PHE A 54 52.90 -76.81 70.43
CA PHE A 54 53.01 -75.34 70.67
C PHE A 54 53.64 -74.97 72.01
N LEU A 55 53.10 -75.48 73.11
CA LEU A 55 53.78 -75.47 74.43
C LEU A 55 55.29 -75.61 74.31
N ALA A 56 55.77 -76.73 73.74
CA ALA A 56 57.22 -76.98 73.74
C ALA A 56 57.94 -75.86 73.02
N GLY A 57 57.41 -75.48 71.85
CA GLY A 57 57.98 -74.34 71.11
C GLY A 57 57.99 -73.09 71.96
N LEU A 58 56.91 -72.83 72.69
CA LEU A 58 56.84 -71.71 73.64
C LEU A 58 57.87 -71.76 74.77
N LYS A 59 58.06 -72.93 75.38
CA LYS A 59 59.10 -73.11 76.40
C LYS A 59 60.48 -72.65 75.90
N THR A 60 60.88 -73.20 74.76
CA THR A 60 62.18 -72.93 74.21
C THR A 60 62.36 -71.46 73.94
N THR A 61 61.41 -70.84 73.26
CA THR A 61 61.68 -69.51 72.74
C THR A 61 61.57 -68.50 73.83
N ILE A 62 60.64 -68.75 74.76
CA ILE A 62 60.51 -67.90 75.93
C ILE A 62 61.80 -68.03 76.73
N ALA A 63 62.28 -69.24 76.98
CA ALA A 63 63.53 -69.35 77.72
C ALA A 63 64.64 -68.58 76.98
N GLU A 64 64.89 -68.92 75.72
CA GLU A 64 66.05 -68.32 75.05
C GLU A 64 66.00 -66.78 74.93
N LYS A 65 64.80 -66.23 74.90
CA LYS A 65 64.61 -64.80 74.87
C LYS A 65 64.87 -64.23 76.26
N LYS A 66 64.37 -64.90 77.31
CA LYS A 66 64.71 -64.52 78.68
C LYS A 66 66.22 -64.29 78.77
N HIS A 67 66.97 -65.32 78.40
CA HIS A 67 68.43 -65.36 78.43
C HIS A 67 69.05 -64.23 77.66
N GLU A 68 68.54 -63.97 76.47
CA GLU A 68 69.15 -63.00 75.57
C GLU A 68 68.97 -61.56 76.01
N ASN A 69 67.80 -60.99 75.75
CA ASN A 69 67.69 -59.56 75.85
C ASN A 69 67.90 -59.12 77.31
N THR A 70 68.54 -57.96 77.51
CA THR A 70 69.08 -57.60 78.83
C THR A 70 68.05 -57.52 79.96
N ASP A 71 67.05 -56.63 79.87
CA ASP A 71 65.96 -56.72 80.84
C ASP A 71 65.31 -58.08 80.60
N GLY A 72 65.51 -59.03 81.52
CA GLY A 72 65.16 -60.45 81.27
C GLY A 72 63.68 -60.78 81.02
N LYS A 73 62.93 -59.77 80.58
CA LYS A 73 61.50 -59.86 80.34
C LYS A 73 61.25 -60.43 78.94
N VAL A 74 60.01 -60.86 78.67
CA VAL A 74 59.64 -61.41 77.36
C VAL A 74 58.19 -61.13 76.99
N HIS A 75 58.01 -60.46 75.86
CA HIS A 75 56.72 -60.10 75.29
C HIS A 75 56.38 -60.99 74.09
N VAL A 76 55.34 -61.82 74.27
CA VAL A 76 54.84 -62.77 73.27
C VAL A 76 53.57 -62.20 72.66
N LEU A 77 53.43 -62.30 71.33
CA LEU A 77 52.16 -61.98 70.61
C LEU A 77 51.46 -63.21 70.05
N ASP A 78 50.16 -63.34 70.33
CA ASP A 78 49.41 -64.53 69.89
C ASP A 78 48.44 -64.15 68.81
N ILE A 79 48.72 -64.52 67.56
CA ILE A 79 47.78 -64.08 66.50
C ILE A 79 46.71 -65.13 66.25
N GLY A 80 45.46 -64.70 66.33
CA GLY A 80 44.36 -65.63 66.18
C GLY A 80 44.22 -66.47 67.41
N THR A 81 43.90 -65.80 68.52
CA THR A 81 44.01 -66.40 69.83
C THR A 81 42.91 -67.41 70.08
N GLY A 82 41.78 -67.25 69.38
CA GLY A 82 40.72 -68.23 69.51
C GLY A 82 40.23 -68.18 70.95
N THR A 83 40.42 -69.27 71.70
CA THR A 83 39.95 -69.35 73.09
C THR A 83 40.99 -68.80 74.04
N GLY A 84 42.19 -68.52 73.51
CA GLY A 84 43.31 -68.00 74.34
C GLY A 84 44.30 -69.07 74.77
N LEU A 85 43.97 -70.31 74.45
CA LEU A 85 44.78 -71.42 74.83
C LEU A 85 46.26 -71.05 74.74
N LEU A 86 46.66 -70.54 73.57
CA LEU A 86 48.06 -70.36 73.26
C LEU A 86 48.69 -69.27 74.13
N SER A 87 47.94 -68.21 74.42
CA SER A 87 48.35 -67.21 75.41
C SER A 87 48.47 -67.76 76.82
N LEU A 88 47.53 -68.60 77.22
CA LEU A 88 47.61 -69.18 78.54
C LEU A 88 48.90 -69.96 78.58
N MET A 89 49.23 -70.58 77.45
CA MET A 89 50.45 -71.39 77.40
C MET A 89 51.72 -70.56 77.51
N ALA A 90 51.63 -69.34 77.00
CA ALA A 90 52.78 -68.46 76.90
C ALA A 90 53.04 -67.87 78.27
N ALA A 91 52.00 -67.29 78.87
CA ALA A 91 52.03 -66.80 80.25
C ALA A 91 52.63 -67.83 81.25
N ARG A 92 51.88 -68.89 81.57
CA ARG A 92 52.53 -70.09 82.17
C ARG A 92 53.77 -70.42 81.32
N GLU A 93 54.85 -70.88 81.94
CA GLU A 93 56.08 -71.12 81.17
C GLU A 93 56.80 -69.84 80.69
N GLY A 94 56.32 -68.65 81.11
CA GLY A 94 57.23 -67.51 81.33
C GLY A 94 57.05 -66.08 80.84
N ALA A 95 56.12 -65.86 79.92
CA ALA A 95 56.00 -64.59 79.23
C ALA A 95 55.64 -63.53 80.21
N ASP A 96 56.52 -62.55 80.39
CA ASP A 96 56.14 -61.38 81.21
C ASP A 96 54.88 -60.68 80.65
N LYS A 97 54.75 -60.66 79.32
CA LYS A 97 53.57 -60.08 78.67
C LYS A 97 53.17 -60.87 77.43
N VAL A 98 51.88 -60.82 77.16
CA VAL A 98 51.24 -61.61 76.13
C VAL A 98 50.11 -60.74 75.67
N THR A 99 50.22 -60.23 74.46
CA THR A 99 49.06 -59.58 73.81
C THR A 99 48.60 -60.48 72.69
N ALA A 100 47.28 -60.55 72.50
CA ALA A 100 46.69 -61.67 71.82
C ALA A 100 45.55 -61.16 71.00
N LEU A 101 45.63 -61.36 69.69
CA LEU A 101 44.65 -60.79 68.75
C LEU A 101 43.66 -61.82 68.24
N GLU A 102 42.51 -61.36 67.75
CA GLU A 102 41.46 -62.25 67.27
C GLU A 102 40.47 -61.43 66.47
N VAL A 103 40.36 -61.71 65.18
CA VAL A 103 39.53 -60.87 64.32
C VAL A 103 38.07 -61.05 64.61
N PHE A 104 37.73 -62.18 65.13
CA PHE A 104 36.34 -62.46 65.30
C PHE A 104 35.92 -62.13 66.76
N LYS A 105 35.18 -61.02 66.90
CA LYS A 105 34.63 -60.52 68.20
C LYS A 105 34.11 -61.54 69.21
N PRO A 106 33.09 -62.32 68.86
CA PRO A 106 32.64 -63.26 69.89
C PRO A 106 33.79 -64.14 70.43
N MET A 107 34.75 -64.48 69.57
CA MET A 107 35.91 -65.25 70.02
C MET A 107 36.88 -64.35 70.76
N GLY A 108 36.79 -63.03 70.53
CA GLY A 108 37.53 -62.08 71.34
C GLY A 108 37.04 -62.12 72.77
N ASP A 109 35.74 -61.92 72.98
CA ASP A 109 35.20 -61.96 74.34
C ASP A 109 35.37 -63.28 75.03
N CYS A 110 35.38 -64.35 74.26
CA CYS A 110 35.56 -65.67 74.84
C CYS A 110 36.93 -65.76 75.46
N ALA A 111 37.90 -65.23 74.75
CA ALA A 111 39.30 -65.36 75.11
C ALA A 111 39.63 -64.39 76.22
N ARG A 112 38.95 -63.25 76.26
CA ARG A 112 39.12 -62.33 77.39
C ARG A 112 38.48 -62.92 78.66
N HIS A 113 37.23 -63.34 78.52
CA HIS A 113 36.50 -64.09 79.55
C HIS A 113 37.29 -65.16 80.22
N ILE A 114 37.83 -66.10 79.45
CA ILE A 114 38.48 -67.27 80.00
C ILE A 114 39.84 -66.87 80.49
N THR A 115 40.35 -65.82 79.87
CA THR A 115 41.69 -65.37 80.11
C THR A 115 41.70 -64.45 81.34
N SER A 116 40.58 -63.78 81.61
CA SER A 116 40.39 -63.08 82.89
C SER A 116 40.29 -64.05 84.10
N ASN A 117 39.33 -64.95 84.05
CA ASN A 117 39.14 -65.91 85.13
C ASN A 117 40.25 -66.98 85.02
N SER A 118 41.48 -66.60 85.39
CA SER A 118 42.69 -67.44 85.21
C SER A 118 43.90 -66.97 86.09
N PRO A 119 44.79 -67.90 86.48
CA PRO A 119 46.01 -67.51 87.19
C PRO A 119 46.90 -66.51 86.43
N TRP A 120 46.60 -66.32 85.14
CA TRP A 120 47.46 -65.54 84.25
C TRP A 120 46.77 -64.32 83.76
N SER A 121 45.62 -64.00 84.35
CA SER A 121 44.92 -62.76 84.08
C SER A 121 45.84 -61.54 83.96
N ASP A 122 46.90 -61.48 84.77
CA ASP A 122 47.74 -60.27 84.84
C ASP A 122 48.50 -60.01 83.54
N LYS A 123 48.98 -61.09 82.95
CA LYS A 123 49.97 -61.07 81.90
C LYS A 123 49.37 -61.02 80.48
N ILE A 124 48.06 -61.24 80.36
CA ILE A 124 47.44 -61.54 79.05
C ILE A 124 46.40 -60.50 78.70
N THR A 125 46.43 -59.95 77.49
CA THR A 125 45.41 -58.97 77.09
C THR A 125 44.95 -59.15 75.66
N VAL A 126 43.63 -59.15 75.49
CA VAL A 126 42.93 -59.62 74.30
C VAL A 126 42.44 -58.45 73.46
N ILE A 127 42.87 -58.40 72.20
CA ILE A 127 42.45 -57.34 71.29
C ILE A 127 41.75 -57.92 70.07
N SER A 128 40.58 -57.37 69.75
CA SER A 128 39.70 -57.94 68.74
C SER A 128 39.90 -57.32 67.34
N GLU A 129 41.16 -57.13 66.95
CA GLU A 129 41.50 -56.76 65.56
C GLU A 129 42.21 -57.90 64.81
N ARG A 130 42.26 -57.79 63.49
CA ARG A 130 43.13 -58.62 62.69
C ARG A 130 44.52 -58.12 62.88
N SER A 131 45.48 -59.01 62.96
CA SER A 131 46.88 -58.60 62.99
C SER A 131 47.25 -57.57 61.90
N THR A 132 46.62 -57.67 60.76
CA THR A 132 47.10 -56.91 59.62
C THR A 132 46.58 -55.47 59.65
N ASP A 133 45.90 -55.10 60.73
CA ASP A 133 45.24 -53.81 60.82
C ASP A 133 45.70 -52.95 61.99
N VAL A 134 46.83 -53.30 62.57
CA VAL A 134 47.16 -52.84 63.90
C VAL A 134 48.48 -52.07 63.84
N SER A 135 48.83 -51.36 64.91
CA SER A 135 50.11 -50.64 64.98
C SER A 135 50.94 -50.82 66.27
N GLN A 136 50.31 -51.32 67.33
CA GLN A 136 51.00 -51.69 68.57
C GLN A 136 50.26 -52.85 69.27
N SER A 140 54.97 -51.76 73.40
CA SER A 140 56.17 -52.54 73.08
C SER A 140 56.06 -53.31 71.74
N ARG A 141 57.21 -53.63 71.17
CA ARG A 141 57.28 -54.54 70.03
C ARG A 141 57.32 -55.97 70.61
N ALA A 142 56.93 -56.96 69.81
CA ALA A 142 56.87 -58.35 70.30
C ALA A 142 58.22 -59.04 70.15
N ASP A 143 58.58 -59.85 71.14
CA ASP A 143 59.85 -60.60 71.11
C ASP A 143 59.64 -61.96 70.48
N ILE A 144 58.46 -62.52 70.72
CA ILE A 144 57.98 -63.75 70.12
C ILE A 144 56.57 -63.62 69.55
N ILE A 145 56.34 -64.22 68.38
CA ILE A 145 55.00 -64.36 67.79
C ILE A 145 54.66 -65.84 67.78
N VAL A 146 53.47 -66.16 68.29
CA VAL A 146 52.95 -67.50 68.21
C VAL A 146 51.67 -67.40 67.39
N ALA A 147 51.50 -68.33 66.44
CA ALA A 147 50.27 -68.37 65.64
C ALA A 147 49.99 -69.76 65.08
N GLU A 148 48.93 -70.39 65.58
CA GLU A 148 48.34 -71.54 64.87
C GLU A 148 47.20 -71.04 63.93
N VAL A 149 47.61 -70.80 62.70
CA VAL A 149 46.83 -70.08 61.73
C VAL A 149 46.97 -70.85 60.43
N PHE A 150 47.05 -72.19 60.55
CA PHE A 150 47.25 -73.07 59.38
C PHE A 150 46.08 -73.96 59.07
N ASP A 151 45.97 -74.30 57.79
CA ASP A 151 44.98 -75.27 57.37
C ASP A 151 45.75 -76.40 56.70
N THR A 152 45.06 -77.33 56.09
CA THR A 152 45.69 -78.47 55.48
C THR A 152 46.65 -78.03 54.39
N GLU A 153 46.32 -76.92 53.72
CA GLU A 153 47.24 -76.42 52.69
C GLU A 153 48.38 -75.63 53.32
N LEU A 154 48.34 -75.47 54.63
CA LEU A 154 49.34 -74.66 55.35
C LEU A 154 48.98 -73.19 55.20
N ILE A 155 48.82 -72.74 53.95
CA ILE A 155 48.73 -71.29 53.73
C ILE A 155 47.35 -70.73 53.40
N GLY A 156 46.32 -71.56 53.35
CA GLY A 156 45.06 -71.10 52.86
C GLY A 156 44.30 -70.21 53.80
N GLU A 157 44.75 -70.10 55.05
CA GLU A 157 44.09 -69.25 56.06
C GLU A 157 44.80 -67.89 56.27
N GLY A 158 45.63 -67.47 55.32
CA GLY A 158 46.35 -66.20 55.50
C GLY A 158 47.70 -66.18 56.21
N ALA A 159 48.28 -67.36 56.54
CA ALA A 159 49.48 -67.38 57.37
C ALA A 159 50.63 -66.56 56.78
N LEU A 160 50.76 -66.55 55.46
CA LEU A 160 51.97 -65.89 54.93
C LEU A 160 51.94 -64.40 55.24
N ARG A 161 50.88 -63.69 54.81
CA ARG A 161 50.72 -62.29 55.13
C ARG A 161 50.70 -62.06 56.63
N THR A 162 50.08 -62.96 57.36
CA THR A 162 49.96 -62.76 58.77
C THR A 162 51.33 -62.70 59.41
N PHE A 163 52.22 -63.65 59.14
CA PHE A 163 53.54 -63.57 59.73
C PHE A 163 54.36 -62.43 59.10
N LYS A 164 54.21 -62.31 57.79
CA LYS A 164 55.02 -61.37 57.07
C LYS A 164 54.76 -59.98 57.66
N GLU A 165 53.54 -59.50 57.59
CA GLU A 165 53.22 -58.21 58.16
C GLU A 165 53.45 -58.06 59.68
N ALA A 166 53.14 -59.07 60.48
CA ALA A 166 53.37 -58.99 61.93
C ALA A 166 54.84 -58.66 62.16
N LEU A 167 55.70 -59.39 61.44
CA LEU A 167 57.12 -59.20 61.49
C LEU A 167 57.57 -57.77 61.18
N GLU A 168 57.05 -57.17 60.14
CA GLU A 168 57.46 -55.80 59.88
C GLU A 168 56.94 -54.82 60.93
N ARG A 169 55.63 -54.72 61.10
CA ARG A 169 55.04 -53.72 62.00
C ARG A 169 55.02 -54.05 63.49
N LEU A 170 54.77 -55.31 63.83
CA LEU A 170 54.40 -55.63 65.23
C LEU A 170 55.49 -56.23 66.10
N ALA A 171 56.64 -56.56 65.55
CA ALA A 171 57.67 -57.27 66.31
C ALA A 171 59.08 -56.69 66.26
N LYS A 172 59.82 -56.89 67.34
CA LYS A 172 61.21 -56.47 67.45
C LYS A 172 62.09 -57.13 66.42
N PRO A 173 63.15 -56.45 65.99
CA PRO A 173 64.12 -57.15 65.11
C PRO A 173 64.78 -58.30 65.85
N GLY A 174 65.01 -59.41 65.15
CA GLY A 174 65.46 -60.66 65.79
C GLY A 174 64.29 -61.39 66.48
N CYS A 175 63.07 -61.04 66.12
CA CYS A 175 61.89 -61.75 66.58
C CYS A 175 62.06 -63.25 66.40
N ARG A 176 61.44 -64.00 67.32
CA ARG A 176 61.32 -65.44 67.18
C ARG A 176 59.89 -65.79 67.02
N VAL A 177 59.64 -66.84 66.23
CA VAL A 177 58.26 -67.21 65.93
C VAL A 177 58.00 -68.70 66.06
N VAL A 178 56.77 -69.01 66.49
CA VAL A 178 56.35 -70.37 66.81
C VAL A 178 55.14 -70.67 66.01
N PRO A 179 55.25 -71.54 65.04
CA PRO A 179 56.38 -72.29 64.54
C PRO A 179 57.38 -71.39 63.81
N SER A 180 58.61 -71.86 63.70
CA SER A 180 59.66 -71.07 63.07
C SER A 180 59.81 -71.39 61.58
N THR A 181 59.36 -72.57 61.14
CA THR A 181 59.82 -73.18 59.87
C THR A 181 58.88 -74.30 59.42
N GLY A 182 58.72 -74.46 58.10
CA GLY A 182 58.00 -75.58 57.59
C GLY A 182 58.40 -76.05 56.21
N ASN A 183 57.99 -77.27 55.87
CA ASN A 183 58.14 -77.84 54.53
C ASN A 183 56.81 -78.32 54.07
N VAL A 184 56.59 -78.28 52.74
CA VAL A 184 55.53 -79.01 52.13
C VAL A 184 56.05 -80.11 51.20
N TYR A 185 55.47 -81.31 51.29
CA TYR A 185 56.03 -82.46 50.60
C TYR A 185 54.99 -82.94 49.64
N ILE A 186 55.45 -83.42 48.49
CA ILE A 186 54.59 -84.09 47.57
C ILE A 186 55.17 -85.50 47.36
N VAL A 187 54.30 -86.46 47.08
CA VAL A 187 54.68 -87.80 46.78
C VAL A 187 53.93 -88.22 45.58
N PRO A 188 54.64 -88.65 44.55
CA PRO A 188 53.88 -88.98 43.38
C PRO A 188 53.45 -90.43 43.48
N VAL A 189 52.20 -90.75 43.13
CA VAL A 189 51.68 -92.10 43.26
C VAL A 189 50.89 -92.47 41.99
N GLU A 190 50.86 -93.77 41.66
CA GLU A 190 49.97 -94.31 40.63
C GLU A 190 48.86 -94.90 41.47
N SER A 191 47.63 -94.64 41.06
CA SER A 191 46.41 -94.94 41.85
C SER A 191 45.12 -94.86 41.01
N HIS A 192 44.47 -96.01 40.82
CA HIS A 192 43.25 -96.05 40.02
C HIS A 192 42.16 -95.25 40.73
N LEU A 193 42.12 -95.44 42.05
CA LEU A 193 41.26 -94.78 43.01
C LEU A 193 41.28 -93.28 42.82
N LEU A 194 42.41 -92.68 43.15
CA LEU A 194 42.60 -91.22 43.11
C LEU A 194 42.28 -90.74 41.73
N LYS A 195 42.70 -91.44 40.71
CA LYS A 195 42.33 -90.95 39.36
C LYS A 195 40.83 -90.68 39.26
N MET A 196 40.06 -91.60 39.86
CA MET A 196 38.60 -91.70 39.74
C MET A 196 37.93 -90.48 40.34
N PHE A 197 38.62 -89.81 41.27
CA PHE A 197 38.10 -88.56 41.81
C PHE A 197 38.19 -87.35 40.84
N ASN A 198 38.91 -87.50 39.72
CA ASN A 198 39.25 -86.34 38.87
C ASN A 198 38.99 -86.63 37.39
N ASP A 199 38.97 -87.90 37.03
CA ASP A 199 38.81 -88.34 35.68
C ASP A 199 37.44 -88.04 35.07
N ILE A 200 37.46 -87.51 33.85
CA ILE A 200 36.25 -87.27 33.15
C ILE A 200 35.68 -88.62 32.72
N PRO A 201 34.42 -88.88 33.04
CA PRO A 201 33.85 -90.19 32.75
C PRO A 201 33.97 -90.66 31.30
N ARG A 202 34.60 -91.80 31.12
CA ARG A 202 34.77 -92.41 29.80
C ARG A 202 33.81 -93.55 29.53
N LEU A 203 32.93 -93.32 28.60
CA LEU A 203 31.74 -94.15 28.48
C LEU A 203 32.05 -95.55 27.96
N ASN A 204 33.07 -95.69 27.12
CA ASN A 204 33.42 -96.98 26.58
C ASN A 204 34.68 -97.53 27.22
N GLY A 205 35.19 -96.84 28.23
CA GLY A 205 36.29 -97.37 29.02
C GLY A 205 37.68 -97.10 28.48
N GLU A 206 37.83 -96.88 27.17
CA GLU A 206 39.20 -96.69 26.59
C GLU A 206 39.94 -95.40 27.03
N LYS A 207 41.26 -95.48 27.17
CA LYS A 207 42.14 -94.39 27.65
C LYS A 207 42.04 -93.04 26.94
N ASP A 208 41.78 -93.08 25.63
CA ASP A 208 41.85 -91.90 24.79
C ASP A 208 40.52 -91.19 24.58
N GLU A 209 39.46 -91.67 25.21
CA GLU A 209 38.18 -90.95 25.15
C GLU A 209 38.27 -89.62 25.91
N GLU A 210 37.89 -88.54 25.24
CA GLU A 210 37.87 -87.20 25.82
C GLU A 210 36.58 -86.51 25.37
N PRO A 211 35.42 -87.03 25.81
CA PRO A 211 34.19 -86.44 25.34
C PRO A 211 34.04 -84.98 25.76
N LEU A 212 34.70 -84.56 26.83
CA LEU A 212 34.63 -83.15 27.20
C LEU A 212 35.90 -82.40 26.93
N GLY A 213 36.81 -82.95 26.13
CA GLY A 213 38.06 -82.22 25.93
C GLY A 213 38.93 -82.43 27.15
N ARG A 214 39.95 -81.62 27.33
CA ARG A 214 40.83 -81.79 28.48
C ARG A 214 40.60 -80.75 29.53
N CYS A 215 40.94 -81.09 30.78
CA CYS A 215 40.76 -80.22 31.93
C CYS A 215 41.69 -80.62 33.08
N SER A 216 42.23 -79.63 33.79
CA SER A 216 42.90 -79.82 35.04
C SER A 216 42.04 -80.36 36.18
N GLY A 217 40.69 -80.29 36.04
CA GLY A 217 39.76 -80.50 37.15
C GLY A 217 39.71 -79.35 38.16
N THR A 218 39.13 -79.60 39.34
CA THR A 218 38.89 -78.52 40.26
C THR A 218 40.16 -78.06 41.00
N ALA A 219 40.31 -76.75 41.11
CA ALA A 219 41.46 -76.16 41.74
C ALA A 219 41.33 -76.06 43.25
N ALA A 220 40.13 -76.00 43.78
CA ALA A 220 39.98 -76.01 45.27
C ALA A 220 40.67 -77.22 45.91
N VAL A 221 41.11 -77.06 47.15
CA VAL A 221 41.87 -78.13 47.79
C VAL A 221 41.03 -79.43 47.88
N PHE A 222 41.71 -80.58 47.78
CA PHE A 222 41.13 -81.91 47.96
C PHE A 222 41.75 -82.45 49.25
N ASP A 223 41.22 -82.08 50.40
CA ASP A 223 41.74 -82.59 51.63
C ASP A 223 41.13 -83.97 51.94
N VAL A 224 41.99 -84.95 52.26
CA VAL A 224 41.53 -86.30 52.52
C VAL A 224 42.41 -86.92 53.54
N GLN A 225 41.84 -87.81 54.35
CA GLN A 225 42.63 -88.54 55.35
C GLN A 225 43.34 -89.72 54.66
N LEU A 226 44.58 -89.49 54.24
CA LEU A 226 45.25 -90.49 53.44
C LEU A 226 45.64 -91.73 54.29
N SER A 227 45.70 -91.57 55.61
CA SER A 227 45.88 -92.69 56.53
C SER A 227 44.82 -93.73 56.29
N GLU A 228 43.61 -93.35 55.85
CA GLU A 228 42.52 -94.35 55.79
C GLU A 228 42.38 -94.88 54.43
N MET A 229 43.27 -94.46 53.57
CA MET A 229 43.37 -95.05 52.25
C MET A 229 44.06 -96.42 52.35
N LYS A 230 43.59 -97.41 51.60
CA LYS A 230 44.17 -98.75 51.70
C LYS A 230 45.45 -98.88 50.91
N THR A 231 46.45 -99.47 51.55
CA THR A 231 47.74 -99.61 50.89
C THR A 231 47.61 -100.10 49.47
N HIS A 232 46.69 -101.00 49.17
CA HIS A 232 46.62 -101.48 47.81
C HIS A 232 46.03 -100.51 46.83
N GLU A 233 45.46 -99.41 47.33
CA GLU A 233 44.76 -98.48 46.45
C GLU A 233 45.76 -97.54 45.71
N PHE A 234 47.01 -97.45 46.19
CA PHE A 234 48.03 -96.55 45.56
C PHE A 234 49.46 -97.14 45.54
N ARG A 235 50.35 -96.60 44.70
CA ARG A 235 51.75 -97.05 44.71
C ARG A 235 52.67 -95.83 44.57
N GLU A 236 53.41 -95.52 45.61
CA GLU A 236 54.38 -94.46 45.52
C GLU A 236 55.41 -94.79 44.44
N LEU A 237 55.74 -93.78 43.63
CA LEU A 237 56.81 -93.85 42.63
C LEU A 237 58.14 -93.28 43.13
N SER A 238 58.14 -92.48 44.19
CA SER A 238 59.36 -91.87 44.64
C SER A 238 59.21 -91.57 46.10
N GLU A 239 60.32 -91.16 46.67
CA GLU A 239 60.37 -90.67 48.03
C GLU A 239 59.75 -89.29 48.01
N PRO A 240 59.32 -88.77 49.18
CA PRO A 240 58.72 -87.45 49.26
C PRO A 240 59.64 -86.42 48.70
N ILE A 241 59.08 -85.43 48.02
CA ILE A 241 59.85 -84.35 47.41
C ILE A 241 59.51 -83.09 48.23
N VAL A 242 60.50 -82.26 48.61
CA VAL A 242 60.21 -80.95 49.21
C VAL A 242 59.75 -79.97 48.09
N ALA A 243 58.44 -79.67 48.05
CA ALA A 243 57.88 -78.61 47.21
C ALA A 243 58.36 -77.23 47.67
N PHE A 244 58.08 -76.89 48.92
CA PHE A 244 58.36 -75.55 49.42
C PHE A 244 58.95 -75.62 50.83
N LYS A 245 59.71 -74.58 51.15
CA LYS A 245 60.26 -74.43 52.46
C LYS A 245 59.72 -73.10 52.91
N PHE A 246 59.15 -73.02 54.08
CA PHE A 246 58.76 -71.74 54.56
C PHE A 246 59.60 -71.38 55.74
N ASP A 247 59.89 -70.09 55.85
CA ASP A 247 60.61 -69.58 56.97
C ASP A 247 59.77 -68.51 57.59
N PHE A 248 59.30 -68.72 58.82
CA PHE A 248 58.27 -67.82 59.33
C PHE A 248 58.91 -66.68 60.14
N GLU A 249 60.23 -66.69 60.27
CA GLU A 249 60.94 -65.74 61.12
C GLU A 249 61.58 -64.63 60.29
N HIS A 250 61.41 -64.65 58.98
CA HIS A 250 62.17 -63.68 58.21
C HIS A 250 61.34 -63.21 57.10
N GLU A 251 60.74 -62.02 57.26
CA GLU A 251 59.76 -61.47 56.35
C GLU A 251 60.22 -61.48 54.84
N GLU A 252 61.51 -61.21 54.64
CA GLU A 252 62.04 -61.14 53.28
C GLU A 252 61.97 -62.54 52.58
N LYS A 253 61.96 -63.62 53.37
CA LYS A 253 61.82 -65.00 52.87
C LYS A 253 60.36 -65.39 52.60
N ILE A 254 59.39 -64.62 53.11
CA ILE A 254 57.96 -64.91 52.86
C ILE A 254 57.47 -64.15 51.65
N ILE A 255 57.00 -64.91 50.64
CA ILE A 255 56.71 -64.40 49.30
C ILE A 255 55.44 -65.01 48.79
N PHE A 256 54.52 -64.19 48.30
CA PHE A 256 53.20 -64.68 48.08
C PHE A 256 53.09 -65.54 46.85
N ASP A 257 53.78 -65.16 45.77
CA ASP A 257 53.62 -65.85 44.50
C ASP A 257 54.96 -66.43 44.18
N GLU A 258 55.01 -67.76 44.03
CA GLU A 258 56.27 -68.50 43.86
C GLU A 258 56.12 -69.71 42.96
N SER A 259 57.21 -70.08 42.31
CA SER A 259 57.24 -71.27 41.48
C SER A 259 58.59 -71.92 41.60
N PHE A 260 58.69 -73.25 41.47
CA PHE A 260 60.00 -73.96 41.58
C PHE A 260 59.97 -75.21 40.75
N VAL A 261 60.96 -75.44 39.93
CA VAL A 261 60.98 -76.76 39.40
C VAL A 261 61.74 -77.60 40.41
N ARG A 262 61.16 -78.74 40.77
CA ARG A 262 61.75 -79.69 41.70
C ARG A 262 62.05 -80.99 41.01
N GLU A 263 63.12 -81.61 41.46
CA GLU A 263 63.69 -82.81 40.85
C GLU A 263 63.64 -83.96 41.84
N ALA A 264 63.52 -85.16 41.34
CA ALA A 264 63.75 -86.30 42.21
C ALA A 264 64.05 -87.54 41.38
N VAL A 265 64.47 -88.61 42.05
CA VAL A 265 64.73 -89.88 41.41
C VAL A 265 63.62 -90.88 41.71
N ALA A 266 62.91 -91.31 40.68
CA ALA A 266 61.90 -92.31 40.80
C ALA A 266 62.52 -93.65 41.27
N HIS A 267 61.91 -94.28 42.26
CA HIS A 267 62.33 -95.64 42.63
C HIS A 267 61.49 -96.68 41.94
N SER A 268 60.53 -96.28 41.12
CA SER A 268 59.71 -97.26 40.37
C SER A 268 59.10 -96.59 39.15
N SER A 269 58.76 -97.39 38.14
CA SER A 269 58.09 -96.84 36.97
C SER A 269 56.59 -96.93 37.21
N GLY A 270 55.85 -96.08 36.53
CA GLY A 270 54.42 -95.95 36.80
C GLY A 270 53.96 -94.61 36.31
N THR A 271 52.65 -94.36 36.25
CA THR A 271 52.19 -93.04 35.79
C THR A 271 51.81 -92.22 37.03
N ILE A 272 52.06 -90.91 37.02
CA ILE A 272 51.68 -90.09 38.19
C ILE A 272 50.17 -89.74 38.05
N ASP A 273 49.33 -90.47 38.76
CA ASP A 273 47.90 -90.27 38.74
C ASP A 273 47.56 -89.18 39.73
N ALA A 274 48.44 -88.93 40.70
CA ALA A 274 48.15 -87.91 41.70
C ALA A 274 49.42 -87.63 42.44
N LEU A 275 49.40 -86.50 43.12
CA LEU A 275 50.47 -86.08 43.95
C LEU A 275 49.84 -85.86 45.31
N LEU A 276 50.39 -86.48 46.36
CA LEU A 276 49.82 -86.37 47.68
C LEU A 276 50.66 -85.38 48.37
N MET A 277 50.07 -84.61 49.27
CA MET A 277 50.82 -83.56 49.92
C MET A 277 50.44 -83.42 51.35
N TRP A 278 51.41 -83.00 52.14
CA TRP A 278 51.15 -82.65 53.50
C TRP A 278 52.29 -81.80 53.94
N TRP A 279 52.24 -81.29 55.17
CA TRP A 279 53.23 -80.36 55.57
C TRP A 279 53.82 -80.80 56.87
N ASP A 280 55.03 -80.34 57.21
CA ASP A 280 55.48 -80.41 58.61
C ASP A 280 55.95 -79.03 59.12
N ILE A 281 55.91 -78.79 60.42
CA ILE A 281 56.44 -77.53 60.96
C ILE A 281 57.46 -77.76 62.06
N ASP A 282 58.52 -76.97 62.04
CA ASP A 282 59.52 -77.03 63.08
C ASP A 282 59.18 -75.97 64.13
N MET A 283 58.81 -76.45 65.31
CA MET A 283 58.14 -75.64 66.28
C MET A 283 59.07 -74.55 66.83
N ASP A 284 60.38 -74.82 66.84
CA ASP A 284 61.30 -73.81 67.36
C ASP A 284 62.62 -73.61 66.61
N ARG A 285 62.77 -74.23 65.43
CA ARG A 285 63.99 -74.14 64.60
C ARG A 285 65.15 -75.01 65.10
N ASN A 286 64.85 -76.00 65.94
CA ASN A 286 65.89 -76.86 66.48
C ASN A 286 66.06 -78.20 65.81
N GLY A 287 65.12 -78.55 64.96
CA GLY A 287 65.14 -79.84 64.27
C GLY A 287 64.82 -80.99 65.20
N THR A 288 64.17 -80.71 66.33
CA THR A 288 63.87 -81.74 67.31
C THR A 288 62.38 -81.92 67.52
N THR A 289 61.58 -80.87 67.30
CA THR A 289 60.20 -80.93 67.66
C THR A 289 59.23 -80.41 66.58
N PHE A 290 58.55 -81.35 65.95
CA PHE A 290 57.80 -81.05 64.79
C PHE A 290 56.31 -81.38 64.95
N ILE A 291 55.44 -80.64 64.26
CA ILE A 291 54.13 -81.21 63.92
C ILE A 291 54.24 -81.71 62.51
N ASP A 292 53.90 -82.97 62.30
CA ASP A 292 54.11 -83.61 61.06
C ASP A 292 52.81 -84.28 60.59
N MET A 293 52.34 -83.93 59.38
CA MET A 293 51.02 -84.25 58.92
C MET A 293 51.16 -85.37 57.99
N GLY A 294 52.36 -85.95 57.96
CA GLY A 294 52.54 -87.18 57.14
C GLY A 294 51.48 -88.20 57.57
N PRO A 295 50.97 -88.98 56.65
CA PRO A 295 49.93 -89.93 57.03
C PRO A 295 50.52 -91.06 57.86
N LYS A 296 49.67 -92.00 58.33
CA LYS A 296 50.06 -93.10 59.25
C LYS A 296 51.16 -93.97 58.66
N TRP A 297 51.10 -94.16 57.35
CA TRP A 297 52.01 -95.03 56.68
C TRP A 297 53.26 -94.34 56.24
N LYS A 298 53.49 -93.11 56.66
CA LYS A 298 54.76 -92.45 56.36
C LYS A 298 54.98 -91.26 57.28
N ASN A 299 55.18 -91.58 58.55
CA ASN A 299 55.24 -90.58 59.59
C ASN A 299 55.56 -91.42 60.78
N LYS A 300 56.82 -91.61 61.08
CA LYS A 300 57.19 -92.62 62.07
C LYS A 300 57.38 -92.09 63.49
N ASN A 301 57.73 -90.82 63.64
CA ASN A 301 57.97 -90.27 64.98
C ASN A 301 57.04 -89.17 65.47
N ASN A 302 56.16 -88.66 64.61
CA ASN A 302 55.23 -87.64 65.07
C ASN A 302 53.86 -87.79 64.47
N TYR A 303 53.32 -89.01 64.51
CA TYR A 303 51.98 -89.28 63.98
C TYR A 303 50.89 -89.18 65.04
N ALA A 304 49.80 -88.52 64.71
CA ALA A 304 48.71 -88.36 65.64
C ALA A 304 47.49 -88.13 64.76
N TRP A 305 46.38 -88.77 65.08
CA TRP A 305 45.23 -88.53 64.27
C TRP A 305 44.80 -87.10 64.50
N ARG A 306 44.32 -86.45 63.45
CA ARG A 306 43.54 -85.24 63.61
C ARG A 306 42.74 -84.98 62.38
N ASP A 307 41.78 -84.08 62.53
CA ASP A 307 40.87 -83.82 61.44
C ASP A 307 40.88 -82.37 60.89
N HIS A 308 41.01 -81.38 61.76
CA HIS A 308 41.15 -80.04 61.32
C HIS A 308 42.36 -79.86 60.44
N TRP A 309 43.31 -80.80 60.49
CA TRP A 309 44.34 -80.84 59.48
C TRP A 309 44.40 -82.23 58.98
N MET A 310 44.93 -82.40 57.78
CA MET A 310 44.66 -83.62 57.00
C MET A 310 45.74 -83.59 55.90
N GLN A 311 45.72 -84.48 54.90
CA GLN A 311 46.64 -84.33 53.75
C GLN A 311 45.82 -83.91 52.50
N ALA A 312 46.46 -83.69 51.35
CA ALA A 312 45.68 -83.31 50.13
C ALA A 312 46.11 -84.07 48.91
N VAL A 313 45.26 -84.20 47.91
CA VAL A 313 45.67 -84.78 46.65
C VAL A 313 45.59 -83.73 45.55
N TYR A 314 46.55 -83.75 44.64
CA TYR A 314 46.61 -82.79 43.56
C TYR A 314 46.79 -83.53 42.28
N TYR A 315 46.30 -82.97 41.19
CA TYR A 315 46.49 -83.59 39.93
C TYR A 315 47.20 -82.65 38.97
N LEU A 316 48.11 -83.24 38.18
CA LEU A 316 48.83 -82.59 37.13
C LEU A 316 47.84 -82.34 36.01
N PRO A 317 48.03 -81.27 35.24
CA PRO A 317 47.00 -81.16 34.21
C PRO A 317 47.10 -82.23 33.16
N GLU A 318 48.29 -82.65 32.75
CA GLU A 318 48.46 -83.74 31.76
C GLU A 318 49.07 -84.99 32.37
N LYS A 319 49.05 -86.07 31.58
CA LYS A 319 49.62 -87.34 32.02
C LYS A 319 51.12 -87.09 32.13
N LYS A 320 51.72 -87.61 33.21
CA LYS A 320 53.15 -87.65 33.38
C LYS A 320 53.59 -89.08 33.78
N LYS A 321 54.55 -89.64 33.05
CA LYS A 321 55.06 -90.97 33.33
C LYS A 321 56.43 -90.85 33.89
N VAL A 322 56.83 -91.82 34.67
CA VAL A 322 58.04 -91.71 35.46
C VAL A 322 58.72 -93.08 35.37
N GLU A 323 60.04 -93.12 35.42
CA GLU A 323 60.74 -94.39 35.21
C GLU A 323 61.76 -94.75 36.29
N MET A 324 61.84 -96.04 36.64
CA MET A 324 62.70 -96.52 37.75
C MET A 324 64.15 -96.00 37.60
N ASN A 325 64.73 -95.48 38.66
CA ASN A 325 66.07 -94.93 38.59
C ASN A 325 66.28 -93.75 37.69
N GLN A 326 65.23 -93.29 36.99
CA GLN A 326 65.32 -92.04 36.20
C GLN A 326 64.81 -90.79 36.94
N THR A 327 65.57 -89.71 36.81
CA THR A 327 65.24 -88.41 37.36
C THR A 327 63.98 -87.85 36.67
N PHE A 328 63.08 -87.20 37.43
CA PHE A 328 61.92 -86.51 36.85
C PHE A 328 61.69 -85.17 37.58
N GLU A 329 61.00 -84.24 36.94
CA GLU A 329 60.75 -82.92 37.55
C GLU A 329 59.25 -82.62 37.66
N ILE A 330 58.89 -81.86 38.69
CA ILE A 330 57.53 -81.41 38.85
C ILE A 330 57.66 -79.94 39.18
N VAL A 331 56.80 -79.12 38.57
CA VAL A 331 56.81 -77.72 38.87
C VAL A 331 55.79 -77.44 39.99
N CYS A 332 56.31 -76.92 41.08
CA CYS A 332 55.55 -76.62 42.28
C CYS A 332 55.23 -75.09 42.37
N ASN A 333 53.94 -74.75 42.36
CA ASN A 333 53.50 -73.38 42.33
C ASN A 333 52.64 -73.05 43.54
N HIS A 334 52.77 -71.82 44.04
CA HIS A 334 51.73 -71.26 44.91
C HIS A 334 51.45 -69.75 44.72
N ASP A 335 50.20 -69.33 44.96
CA ASP A 335 49.94 -67.92 45.13
C ASP A 335 49.75 -67.75 46.62
N GLU A 336 49.11 -66.67 47.06
CA GLU A 336 49.05 -66.36 48.47
C GLU A 336 48.31 -67.44 49.26
N PHE A 337 47.29 -68.04 48.62
CA PHE A 337 46.36 -68.89 49.34
C PHE A 337 46.32 -70.36 48.86
N SER A 338 46.76 -70.61 47.63
CA SER A 338 46.69 -71.92 47.05
C SER A 338 48.03 -72.43 46.56
N LEU A 339 48.16 -73.76 46.51
CA LEU A 339 49.26 -74.55 45.97
C LEU A 339 48.75 -75.22 44.70
N TRP A 340 49.58 -75.43 43.68
CA TRP A 340 49.19 -76.28 42.55
C TRP A 340 50.42 -76.73 41.85
N PHE A 341 50.28 -77.73 40.98
CA PHE A 341 51.48 -78.38 40.46
C PHE A 341 51.36 -78.56 39.00
N SER A 342 52.49 -78.52 38.32
CA SER A 342 52.40 -78.64 36.86
C SER A 342 53.67 -79.23 36.29
N ASN A 343 53.59 -79.58 35.03
CA ASN A 343 54.65 -80.31 34.35
C ASN A 343 55.63 -79.35 33.74
N VAL A 344 56.81 -79.85 33.39
CA VAL A 344 57.81 -78.98 32.83
C VAL A 344 57.38 -78.42 31.49
N GLY A 345 57.64 -77.14 31.26
CA GLY A 345 57.40 -76.58 29.92
C GLY A 345 55.95 -76.31 29.60
N LYS A 346 55.16 -76.38 30.66
CA LYS A 346 53.74 -76.22 30.61
C LYS A 346 53.34 -75.01 31.46
N ASP A 347 52.19 -74.45 31.11
CA ASP A 347 51.69 -73.26 31.72
C ASP A 347 51.74 -73.36 33.24
N LYS A 348 52.45 -72.42 33.85
CA LYS A 348 52.68 -72.38 35.29
C LYS A 348 51.56 -71.66 36.05
N SER A 349 50.53 -71.21 35.36
CA SER A 349 49.39 -70.56 36.01
C SER A 349 48.42 -71.54 36.72
N ARG A 350 47.79 -71.08 37.80
CA ARG A 350 46.72 -71.85 38.43
C ARG A 350 45.57 -72.11 37.43
N SER A 351 45.20 -73.38 37.24
CA SER A 351 44.12 -73.72 36.31
C SER A 351 42.80 -74.02 37.02
N TYR A 352 41.71 -73.75 36.30
CA TYR A 352 40.36 -73.99 36.75
C TYR A 352 39.70 -74.93 35.80
N CYS A 353 38.68 -75.66 36.25
CA CYS A 353 37.92 -76.53 35.36
C CYS A 353 37.42 -75.70 34.19
N VAL A 354 37.63 -76.17 32.97
CA VAL A 354 37.15 -75.47 31.75
C VAL A 354 36.23 -76.47 31.05
N CYS A 355 36.19 -77.69 31.62
CA CYS A 355 35.46 -78.82 31.02
C CYS A 355 33.98 -78.61 31.32
N GLY A 356 33.71 -78.08 32.52
CA GLY A 356 32.35 -77.75 32.94
C GLY A 356 31.87 -78.72 34.00
N LEU A 357 32.48 -79.90 34.09
CA LEU A 357 31.88 -80.96 34.90
C LEU A 357 32.44 -80.86 36.28
N HIS A 358 33.74 -80.55 36.32
CA HIS A 358 34.55 -80.43 37.56
C HIS A 358 33.80 -79.50 38.50
N SER A 359 33.28 -78.43 37.94
CA SER A 359 32.83 -77.29 38.74
C SER A 359 31.38 -77.50 39.20
N MET A 360 30.66 -78.40 38.55
CA MET A 360 29.32 -78.79 39.03
C MET A 360 29.34 -79.88 40.14
N LEU A 361 30.15 -80.91 39.94
CA LEU A 361 30.06 -82.13 40.77
C LEU A 361 31.12 -82.06 41.81
N SER A 362 30.85 -82.56 43.00
CA SER A 362 31.95 -82.68 43.98
C SER A 362 32.95 -83.76 43.52
N ARG A 363 34.13 -83.79 44.17
CA ARG A 363 35.08 -84.92 43.96
C ARG A 363 34.39 -86.30 44.11
N GLN A 364 33.59 -86.46 45.18
CA GLN A 364 33.07 -87.78 45.56
C GLN A 364 32.03 -88.20 44.49
N THR A 365 31.27 -87.25 43.98
CA THR A 365 30.32 -87.57 42.95
C THR A 365 31.05 -87.89 41.67
N VAL A 366 32.17 -87.22 41.40
CA VAL A 366 32.92 -87.57 40.22
C VAL A 366 33.48 -89.01 40.33
N TYR A 367 34.01 -89.38 41.49
CA TYR A 367 34.31 -90.76 41.76
C TYR A 367 33.10 -91.66 41.45
N HIS A 368 31.96 -91.27 42.01
CA HIS A 368 30.75 -92.04 41.87
C HIS A 368 30.40 -92.32 40.48
N VAL A 369 30.53 -91.31 39.61
CA VAL A 369 30.21 -91.55 38.22
C VAL A 369 31.25 -92.45 37.56
N ASN A 370 32.53 -92.28 37.90
CA ASN A 370 33.48 -93.19 37.25
C ASN A 370 33.22 -94.63 37.74
N GLU A 371 32.88 -94.77 39.03
CA GLU A 371 32.57 -96.07 39.59
C GLU A 371 31.41 -96.78 38.88
N MET A 372 30.31 -96.09 38.70
CA MET A 372 29.17 -96.67 38.04
C MET A 372 29.53 -97.03 36.61
N PHE A 373 30.37 -96.20 35.97
CA PHE A 373 30.68 -96.44 34.52
C PHE A 373 31.52 -97.70 34.28
N GLU A 374 32.17 -98.13 35.34
CA GLU A 374 33.15 -99.16 35.35
C GLU A 374 32.54 -100.42 35.98
N ASN A 375 31.36 -100.32 36.58
CA ASN A 375 30.76 -101.40 37.39
C ASN A 375 29.94 -102.37 36.57
N GLN A 376 30.52 -103.54 36.34
CA GLN A 376 29.93 -104.50 35.39
C GLN A 376 28.60 -105.02 35.87
N LYS A 377 28.53 -105.26 37.16
CA LYS A 377 27.37 -105.77 37.85
C LYS A 377 26.20 -104.80 37.75
N PHE A 378 26.49 -103.54 38.06
CA PHE A 378 25.50 -102.50 37.89
C PHE A 378 25.21 -102.29 36.42
N LYS A 379 26.22 -102.33 35.58
CA LYS A 379 25.91 -102.22 34.17
C LYS A 379 25.07 -103.40 33.67
N ASP A 380 25.16 -104.55 34.32
CA ASP A 380 24.33 -105.68 33.84
C ASP A 380 22.85 -105.48 34.06
N GLU A 381 22.49 -105.03 35.26
CA GLU A 381 21.09 -104.70 35.53
C GLU A 381 20.53 -103.58 34.65
N VAL A 382 21.36 -102.57 34.33
CA VAL A 382 20.90 -101.51 33.43
C VAL A 382 20.55 -102.12 32.06
N ASP A 383 21.43 -102.96 31.56
CA ASP A 383 21.24 -103.66 30.28
C ASP A 383 20.01 -104.50 30.31
N LYS A 384 19.90 -105.31 31.35
CA LYS A 384 18.72 -106.13 31.54
C LYS A 384 17.46 -105.24 31.51
N LEU A 385 17.42 -104.21 32.35
CA LEU A 385 16.20 -103.40 32.48
C LEU A 385 15.84 -102.56 31.28
N SER A 386 16.82 -102.32 30.38
CA SER A 386 16.66 -101.33 29.29
C SER A 386 16.34 -101.93 27.97
N LYS A 387 16.64 -103.21 27.82
CA LYS A 387 16.70 -103.86 26.53
C LYS A 387 15.56 -103.58 25.58
N GLY A 388 15.91 -103.07 24.40
CA GLY A 388 14.95 -102.82 23.34
C GLY A 388 13.84 -101.89 23.74
N LEU A 389 13.95 -101.28 24.92
CA LEU A 389 12.87 -100.42 25.46
C LEU A 389 13.16 -98.92 25.31
N HIS A 390 12.10 -98.14 25.34
CA HIS A 390 12.15 -96.71 25.63
C HIS A 390 12.24 -96.51 27.14
N VAL A 391 13.39 -96.02 27.60
CA VAL A 391 13.58 -95.68 28.99
C VAL A 391 13.69 -94.17 29.13
N ALA A 392 13.19 -93.67 30.26
CA ALA A 392 13.38 -92.28 30.64
C ALA A 392 14.14 -92.26 31.94
N THR A 393 14.96 -91.24 32.13
CA THR A 393 15.83 -91.21 33.28
C THR A 393 15.38 -89.95 33.94
N VAL A 394 15.36 -89.90 35.27
CA VAL A 394 15.25 -88.65 36.00
C VAL A 394 16.40 -88.55 37.01
N GLY A 395 16.67 -87.33 37.44
CA GLY A 395 17.87 -87.02 38.17
C GLY A 395 18.37 -85.63 37.81
N GLU A 396 19.38 -85.13 38.48
CA GLU A 396 19.96 -83.88 38.07
C GLU A 396 21.41 -84.10 38.15
N GLY A 397 22.04 -84.10 36.98
CA GLY A 397 23.46 -84.49 36.81
C GLY A 397 23.66 -86.00 36.93
N SER A 398 22.68 -86.79 36.53
CA SER A 398 22.86 -88.22 36.66
C SER A 398 23.12 -88.80 35.28
N PHE A 399 24.23 -89.51 35.16
CA PHE A 399 24.70 -90.02 33.85
C PHE A 399 24.04 -91.35 33.47
N LEU A 400 23.14 -91.86 34.31
CA LEU A 400 22.57 -93.15 34.17
C LEU A 400 22.05 -93.37 32.77
N GLY A 401 21.43 -92.37 32.18
CA GLY A 401 20.84 -92.50 30.85
C GLY A 401 21.80 -92.98 29.78
N LEU A 402 23.08 -92.69 30.01
CA LEU A 402 24.10 -92.95 29.02
C LEU A 402 24.51 -94.40 29.11
N LEU A 403 24.37 -95.00 30.29
CA LEU A 403 24.48 -96.46 30.37
C LEU A 403 23.25 -97.09 29.71
N ALA A 404 22.05 -96.64 30.06
CA ALA A 404 20.86 -97.23 29.52
C ALA A 404 20.98 -97.33 28.02
N ALA A 405 21.74 -96.39 27.47
CA ALA A 405 21.85 -96.25 26.03
C ALA A 405 22.50 -97.45 25.34
N LYS A 406 23.24 -98.25 26.06
CA LYS A 406 23.94 -99.36 25.46
C LYS A 406 23.01 -100.38 24.80
N THR A 407 21.76 -100.42 25.24
CA THR A 407 20.90 -101.58 25.04
C THR A 407 19.46 -101.17 24.74
N ALA A 408 19.11 -99.94 25.13
CA ALA A 408 17.78 -99.37 24.96
C ALA A 408 17.50 -98.98 23.52
N LYS A 409 16.25 -99.12 23.08
CA LYS A 409 15.86 -98.62 21.76
C LYS A 409 15.98 -97.10 21.70
N ARG A 410 15.69 -96.43 22.81
CA ARG A 410 15.51 -95.00 22.84
C ARG A 410 15.55 -94.60 24.30
N VAL A 411 16.32 -93.56 24.61
CA VAL A 411 16.50 -93.03 25.96
C VAL A 411 16.16 -91.54 25.93
N THR A 412 15.26 -91.14 26.83
CA THR A 412 14.98 -89.77 27.14
C THR A 412 15.57 -89.37 28.49
N ILE A 413 16.57 -88.51 28.47
CA ILE A 413 17.13 -88.05 29.70
C ILE A 413 16.42 -86.73 30.04
N ILE A 414 15.78 -86.70 31.20
CA ILE A 414 15.15 -85.54 31.78
C ILE A 414 16.06 -84.86 32.78
N ASP A 415 16.54 -83.66 32.50
CA ASP A 415 17.42 -82.97 33.46
C ASP A 415 17.18 -81.47 33.36
N GLY A 416 16.72 -80.88 34.46
CA GLY A 416 16.30 -79.50 34.49
C GLY A 416 17.47 -78.53 34.43
N ASN A 417 18.66 -79.02 34.69
CA ASN A 417 19.84 -78.17 34.74
C ASN A 417 20.52 -78.03 33.36
N GLU A 418 20.56 -76.80 32.85
CA GLU A 418 20.98 -76.57 31.46
C GLU A 418 22.40 -77.03 31.27
N ARG A 419 23.22 -76.76 32.27
CA ARG A 419 24.64 -77.12 32.21
C ARG A 419 24.88 -78.60 32.08
N PHE A 420 24.10 -79.46 32.77
CA PHE A 420 24.22 -80.88 32.53
C PHE A 420 23.72 -81.26 31.17
N ARG A 421 22.64 -80.64 30.70
CA ARG A 421 22.17 -81.08 29.36
C ARG A 421 23.27 -80.84 28.32
N ASP A 422 23.99 -79.73 28.43
CA ASP A 422 25.05 -79.42 27.51
C ASP A 422 26.14 -80.48 27.66
N ILE A 423 26.49 -80.81 28.89
CA ILE A 423 27.38 -81.92 29.12
C ILE A 423 26.86 -83.20 28.49
N PHE A 424 25.61 -83.56 28.74
CA PHE A 424 25.06 -84.76 28.07
C PHE A 424 25.03 -84.69 26.55
N PHE A 425 24.66 -83.55 26.00
CA PHE A 425 24.76 -83.36 24.55
C PHE A 425 26.19 -83.59 24.03
N LYS A 426 27.20 -83.16 24.78
CA LYS A 426 28.58 -83.45 24.38
C LYS A 426 28.89 -84.93 24.42
N TYR A 427 28.44 -85.63 25.45
CA TYR A 427 28.57 -87.09 25.36
C TYR A 427 27.85 -87.69 24.14
N ILE A 428 26.61 -87.32 23.93
CA ILE A 428 25.92 -87.81 22.71
C ILE A 428 26.72 -87.57 21.42
N HIS A 429 27.25 -86.35 21.25
CA HIS A 429 28.06 -85.99 20.07
C HIS A 429 29.36 -86.79 20.02
N TYR A 430 30.13 -86.78 21.11
CA TYR A 430 31.41 -87.43 21.02
C TYR A 430 31.33 -88.93 20.69
N TYR A 431 30.41 -89.68 21.34
CA TYR A 431 30.25 -91.13 21.11
C TYR A 431 29.19 -91.38 20.02
N LYS A 432 28.74 -90.31 19.38
CA LYS A 432 27.73 -90.43 18.34
C LYS A 432 26.56 -91.34 18.72
N LEU A 433 26.03 -91.17 19.94
CA LEU A 433 24.94 -92.03 20.41
C LEU A 433 23.73 -91.73 19.55
N THR A 434 23.09 -92.73 18.95
CA THR A 434 22.01 -92.36 18.00
C THR A 434 20.62 -92.53 18.59
N ASN A 435 20.59 -92.89 19.86
CA ASN A 435 19.33 -93.29 20.48
C ASN A 435 19.03 -92.52 21.77
N VAL A 436 19.61 -91.32 21.92
CA VAL A 436 19.28 -90.49 23.08
C VAL A 436 18.95 -89.03 22.79
N GLU A 437 17.81 -88.60 23.32
CA GLU A 437 17.35 -87.24 23.34
C GLU A 437 17.38 -86.81 24.82
N ILE A 438 17.31 -85.51 25.03
CA ILE A 438 17.35 -84.87 26.31
C ILE A 438 16.33 -83.77 26.32
N ILE A 439 15.60 -83.64 27.41
CA ILE A 439 14.58 -82.61 27.59
C ILE A 439 14.81 -82.04 28.97
N GLU A 440 14.27 -80.85 29.18
CA GLU A 440 14.33 -80.09 30.43
C GLU A 440 13.32 -80.43 31.54
N LYS A 441 12.07 -80.71 31.16
CA LYS A 441 10.99 -80.70 32.13
C LYS A 441 10.37 -82.06 32.13
N VAL A 442 9.99 -82.53 33.30
CA VAL A 442 9.35 -83.83 33.38
C VAL A 442 8.10 -83.95 32.50
N THR A 443 7.30 -82.87 32.44
CA THR A 443 6.05 -82.81 31.63
C THR A 443 6.26 -82.81 30.12
N SER A 444 7.49 -82.70 29.66
CA SER A 444 7.73 -82.75 28.21
C SER A 444 7.96 -84.17 27.74
N LEU A 445 8.05 -85.10 28.68
CA LEU A 445 8.00 -86.51 28.31
C LEU A 445 6.57 -86.88 27.94
N THR A 446 6.25 -86.85 26.64
CA THR A 446 4.85 -87.00 26.23
C THR A 446 4.56 -88.34 25.57
N ASP A 447 5.60 -89.01 25.11
CA ASP A 447 5.54 -90.40 24.70
C ASP A 447 5.73 -91.27 25.93
N SER A 448 4.72 -92.05 26.30
CA SER A 448 4.80 -92.90 27.47
C SER A 448 5.98 -93.82 27.33
N PRO A 449 7.00 -93.74 28.23
CA PRO A 449 8.13 -94.69 28.21
C PRO A 449 7.72 -96.06 28.72
N ASP A 450 8.49 -97.07 28.37
CA ASP A 450 8.28 -98.39 28.91
C ASP A 450 8.80 -98.49 30.32
N ILE A 451 9.75 -97.64 30.68
CA ILE A 451 10.26 -97.70 32.05
C ILE A 451 10.97 -96.40 32.40
N VAL A 452 10.82 -95.99 33.64
CA VAL A 452 11.74 -95.04 34.18
C VAL A 452 12.87 -95.64 35.02
N LEU A 453 14.08 -95.14 34.76
CA LEU A 453 15.24 -95.56 35.51
C LEU A 453 15.91 -94.36 36.18
N ALA A 454 16.21 -94.45 37.46
CA ALA A 454 16.91 -93.38 38.08
C ALA A 454 17.96 -94.01 38.97
N GLU A 455 18.81 -93.23 39.59
CA GLU A 455 19.73 -93.86 40.53
C GLU A 455 19.12 -94.01 41.93
N PRO A 456 18.55 -92.93 42.50
CA PRO A 456 18.36 -91.58 41.99
C PRO A 456 19.47 -90.66 42.39
N PHE A 457 19.86 -89.70 41.54
CA PHE A 457 20.85 -88.69 41.91
C PHE A 457 20.40 -87.33 41.40
N TYR A 458 20.33 -86.36 42.29
CA TYR A 458 20.09 -84.98 41.94
C TYR A 458 21.20 -84.15 42.56
N MET A 459 21.97 -83.42 41.75
CA MET A 459 23.07 -82.69 42.36
C MET A 459 22.58 -81.66 43.38
N SER A 460 21.33 -81.22 43.25
CA SER A 460 20.70 -80.27 44.22
C SER A 460 20.39 -80.79 45.61
N ALA A 461 20.28 -82.11 45.80
CA ALA A 461 19.94 -82.67 47.12
C ALA A 461 20.56 -81.79 48.25
N MET A 462 19.76 -81.38 49.22
CA MET A 462 20.34 -80.53 50.27
C MET A 462 21.26 -81.37 51.15
N ASN A 463 20.97 -82.66 51.23
CA ASN A 463 21.69 -83.56 52.06
C ASN A 463 21.93 -84.85 51.28
N PRO A 464 23.15 -85.41 51.40
CA PRO A 464 23.56 -86.59 50.60
C PRO A 464 22.69 -87.79 50.87
N TRP A 465 22.07 -87.85 52.05
CA TRP A 465 21.09 -88.89 52.28
C TRP A 465 19.73 -88.58 51.74
N ASN A 466 19.57 -87.57 50.88
CA ASN A 466 18.20 -87.14 50.44
C ASN A 466 18.03 -86.68 48.98
N HIS A 467 17.82 -87.65 48.10
CA HIS A 467 17.65 -87.40 46.67
C HIS A 467 16.24 -87.68 46.32
N LEU A 468 15.36 -87.41 47.28
CA LEU A 468 13.97 -87.73 47.18
C LEU A 468 13.10 -86.92 46.20
N ARG A 469 13.67 -85.89 45.59
CA ARG A 469 12.98 -85.24 44.44
C ARG A 469 12.52 -86.32 43.45
N PHE A 470 13.25 -87.44 43.40
CA PHE A 470 12.87 -88.60 42.58
C PHE A 470 11.41 -88.98 42.78
N LEU A 471 10.99 -88.98 44.03
CA LEU A 471 9.65 -89.39 44.36
C LEU A 471 8.59 -88.46 43.73
N TYR A 472 8.84 -87.15 43.75
CA TYR A 472 7.98 -86.16 43.05
C TYR A 472 8.02 -86.29 41.52
N ASP A 473 9.22 -86.48 40.97
CA ASP A 473 9.34 -86.71 39.54
C ASP A 473 8.60 -87.98 39.12
N VAL A 474 8.62 -89.00 39.95
CA VAL A 474 7.91 -90.19 39.62
C VAL A 474 6.41 -89.90 39.56
N GLU A 475 5.89 -89.23 40.59
CA GLU A 475 4.48 -88.90 40.60
C GLU A 475 4.02 -88.10 39.40
N VAL A 476 4.83 -87.13 38.97
CA VAL A 476 4.41 -86.36 37.80
C VAL A 476 4.35 -87.29 36.58
N LEU A 477 5.29 -88.19 36.47
CA LEU A 477 5.20 -89.15 35.38
C LEU A 477 4.03 -90.15 35.50
N LYS A 478 3.68 -90.54 36.71
CA LYS A 478 2.45 -91.36 36.90
C LYS A 478 1.11 -90.63 36.57
N MET A 479 0.99 -89.38 36.98
CA MET A 479 -0.08 -88.48 36.60
C MET A 479 -0.19 -88.43 35.08
N MET A 480 0.93 -88.42 34.39
CA MET A 480 0.81 -88.29 32.99
C MET A 480 0.50 -89.65 32.42
N HIS A 481 1.13 -90.70 32.94
CA HIS A 481 1.15 -91.97 32.21
C HIS A 481 0.58 -93.20 32.87
N GLY A 482 0.02 -93.05 34.09
CA GLY A 482 -0.64 -94.15 34.78
C GLY A 482 0.25 -94.70 35.88
N ASP A 483 -0.36 -95.07 37.01
CA ASP A 483 0.27 -95.65 38.18
C ASP A 483 0.99 -96.93 37.83
N GLU A 484 0.61 -97.60 36.76
CA GLU A 484 1.35 -98.82 36.35
C GLU A 484 2.72 -98.56 35.73
N LEU A 485 3.09 -97.30 35.52
CA LEU A 485 4.42 -97.03 34.92
C LEU A 485 5.50 -97.80 35.69
N ARG A 486 6.28 -98.61 35.00
CA ARG A 486 7.37 -99.30 35.64
C ARG A 486 8.48 -98.32 36.04
N VAL A 487 8.88 -98.32 37.30
CA VAL A 487 10.07 -97.57 37.67
C VAL A 487 11.11 -98.27 38.53
N GLU A 488 12.37 -97.89 38.34
CA GLU A 488 13.40 -98.42 39.16
C GLU A 488 14.37 -97.31 39.53
N PRO A 489 14.87 -97.30 40.79
CA PRO A 489 14.68 -98.33 41.82
C PRO A 489 13.22 -98.41 42.28
N HIS A 490 12.80 -99.55 42.84
CA HIS A 490 11.40 -99.75 43.23
C HIS A 490 11.13 -99.50 44.67
N MET A 491 12.17 -99.30 45.49
CA MET A 491 11.98 -99.18 46.93
C MET A 491 13.23 -98.53 47.50
N GLY A 492 13.11 -97.67 48.52
CA GLY A 492 14.29 -97.09 49.11
C GLY A 492 14.22 -97.19 50.63
N VAL A 493 15.33 -97.25 51.31
CA VAL A 493 15.23 -97.30 52.76
C VAL A 493 16.37 -96.56 53.45
N LEU A 494 16.02 -95.80 54.47
CA LEU A 494 16.99 -95.04 55.25
C LEU A 494 17.34 -95.92 56.42
N LYS A 495 18.63 -95.91 56.80
CA LYS A 495 19.23 -96.91 57.70
C LYS A 495 20.24 -96.21 58.53
N ALA A 496 20.40 -96.68 59.76
CA ALA A 496 21.31 -96.11 60.71
C ALA A 496 22.02 -97.33 61.28
N ILE A 497 23.06 -97.11 62.06
CA ILE A 497 23.78 -98.21 62.64
C ILE A 497 24.61 -97.58 63.74
N PRO A 498 24.70 -98.25 64.88
CA PRO A 498 25.50 -97.69 65.96
C PRO A 498 26.96 -98.02 65.70
N GLU A 499 27.86 -97.03 65.81
CA GLU A 499 29.29 -97.26 65.51
C GLU A 499 30.18 -96.67 66.57
N LYS A 500 31.25 -97.40 66.91
CA LYS A 500 32.33 -96.84 67.76
C LYS A 500 33.45 -96.36 66.83
N PHE A 501 33.57 -95.05 66.67
CA PHE A 501 34.59 -94.49 65.81
C PHE A 501 35.86 -94.47 66.58
N GLU A 502 37.00 -94.62 65.92
CA GLU A 502 38.28 -94.50 66.64
C GLU A 502 38.53 -93.09 67.11
N ASP A 503 38.47 -92.12 66.20
CA ASP A 503 38.71 -90.71 66.57
C ASP A 503 37.72 -89.69 66.12
N LEU A 504 37.03 -89.99 65.02
CA LEU A 504 36.07 -89.06 64.40
C LEU A 504 35.29 -88.18 65.36
N GLN A 505 34.82 -88.79 66.44
CA GLN A 505 33.92 -88.15 67.39
C GLN A 505 34.56 -86.93 68.07
N ASN A 506 35.91 -86.88 68.09
CA ASN A 506 36.56 -85.71 68.72
C ASN A 506 36.21 -84.40 67.97
N ILE A 507 35.58 -84.50 66.81
CA ILE A 507 35.22 -83.28 66.12
C ILE A 507 33.99 -82.62 66.73
N ALA A 508 33.30 -83.35 67.61
CA ALA A 508 32.04 -82.85 68.14
C ALA A 508 31.93 -82.90 69.64
N SER A 509 32.93 -83.40 70.34
CA SER A 509 32.70 -83.74 71.72
C SER A 509 33.29 -82.61 72.49
N ASP A 510 32.99 -82.57 73.77
CA ASP A 510 33.34 -81.41 74.54
C ASP A 510 34.81 -81.42 74.81
N VAL A 511 35.28 -80.22 75.07
CA VAL A 511 36.66 -79.89 74.98
C VAL A 511 37.23 -79.89 76.40
N GLY A 512 36.52 -79.23 77.33
CA GLY A 512 36.80 -79.33 78.75
C GLY A 512 38.12 -78.70 79.13
N THR A 513 38.91 -79.52 79.81
CA THR A 513 40.16 -79.01 80.39
C THR A 513 41.31 -79.50 79.55
N VAL A 514 42.13 -78.59 79.07
CA VAL A 514 43.15 -78.92 78.07
C VAL A 514 44.46 -78.39 78.55
N ASN A 515 45.48 -79.27 78.58
CA ASN A 515 46.76 -78.88 79.14
C ASN A 515 46.56 -78.19 80.47
N GLY A 516 45.67 -78.73 81.31
CA GLY A 516 45.32 -78.08 82.58
C GLY A 516 44.68 -76.69 82.53
N PHE A 517 44.13 -76.29 81.38
CA PHE A 517 43.36 -75.04 81.32
C PHE A 517 41.87 -75.34 81.15
N ASP A 518 41.03 -74.55 81.82
CA ASP A 518 39.56 -74.76 81.86
C ASP A 518 38.92 -73.97 80.71
N LEU A 519 38.57 -74.70 79.66
CA LEU A 519 37.97 -74.12 78.48
C LEU A 519 36.46 -74.26 78.47
N SER A 520 35.93 -74.84 79.54
CA SER A 520 34.52 -75.18 79.57
C SER A 520 33.68 -73.95 79.22
N PHE A 521 34.15 -72.72 79.45
CA PHE A 521 33.37 -71.57 78.96
C PHE A 521 33.13 -71.65 77.46
N PHE A 522 34.18 -71.97 76.69
CA PHE A 522 34.04 -72.11 75.24
C PHE A 522 33.09 -73.26 74.83
N ASP A 523 33.14 -74.41 75.51
CA ASP A 523 32.14 -75.47 75.27
C ASP A 523 30.72 -74.93 75.38
N GLU A 524 30.56 -73.96 76.28
CA GLU A 524 29.26 -73.38 76.60
C GLU A 524 28.76 -72.62 75.39
N ILE A 525 29.51 -71.59 75.01
CA ILE A 525 29.08 -70.77 73.89
C ILE A 525 29.15 -71.57 72.58
N SER A 526 30.13 -72.48 72.43
CA SER A 526 30.24 -73.32 71.24
C SER A 526 29.02 -74.18 71.13
N THR A 527 28.66 -74.91 72.16
CA THR A 527 27.37 -75.67 72.16
C THR A 527 26.10 -74.88 71.92
N LYS A 528 25.99 -73.71 72.56
CA LYS A 528 24.85 -72.84 72.28
C LYS A 528 24.85 -72.44 70.81
N ALA A 529 26.01 -72.03 70.30
CA ALA A 529 26.09 -71.69 68.88
C ALA A 529 25.72 -72.85 68.02
N ARG A 530 26.24 -74.04 68.36
CA ARG A 530 25.98 -75.21 67.53
C ARG A 530 24.52 -75.62 67.54
N THR A 531 23.88 -75.64 68.72
CA THR A 531 22.45 -75.99 68.74
C THR A 531 21.62 -74.99 67.90
N ALA A 532 22.07 -73.72 67.87
CA ALA A 532 21.41 -72.65 67.14
C ALA A 532 21.58 -72.73 65.65
N THR A 533 22.76 -73.15 65.20
CA THR A 533 23.01 -73.09 63.76
C THR A 533 23.17 -74.43 63.05
N ASP A 534 23.81 -75.41 63.68
CA ASP A 534 24.09 -76.71 63.00
C ASP A 534 22.90 -77.58 62.69
N ALA A 535 23.04 -78.44 61.69
CA ALA A 535 22.15 -79.58 61.49
C ALA A 535 22.40 -80.54 62.62
N ILE A 536 21.44 -81.39 62.95
CA ILE A 536 21.58 -82.31 64.06
C ILE A 536 22.43 -83.49 63.64
N VAL A 537 22.32 -83.82 62.36
CA VAL A 537 23.07 -84.86 61.66
C VAL A 537 24.11 -84.24 60.70
N ASP A 538 25.39 -84.39 61.08
CA ASP A 538 26.56 -83.93 60.33
C ASP A 538 26.65 -84.69 59.05
N GLU A 539 27.52 -84.26 58.15
CA GLU A 539 27.82 -85.11 57.01
C GLU A 539 29.32 -85.28 56.89
N GLN A 540 29.76 -86.44 56.39
CA GLN A 540 31.16 -86.88 56.47
C GLN A 540 31.44 -87.97 55.43
N SER A 541 32.66 -88.02 54.87
CA SER A 541 33.02 -89.14 53.98
C SER A 541 33.52 -90.28 54.88
N LEU A 542 32.64 -91.22 55.21
CA LEU A 542 32.94 -92.12 56.29
C LEU A 542 33.99 -93.15 55.89
N TRP A 543 34.27 -93.31 54.62
CA TRP A 543 35.39 -94.16 54.31
C TRP A 543 36.67 -93.60 54.88
N GLU A 544 36.70 -92.32 55.25
CA GLU A 544 37.93 -91.67 55.71
C GLU A 544 38.11 -91.76 57.22
N TYR A 545 37.20 -92.47 57.89
CA TYR A 545 37.30 -92.52 59.34
C TYR A 545 37.17 -93.98 59.80
N ALA A 546 38.10 -94.39 60.64
CA ALA A 546 38.15 -95.77 61.13
C ALA A 546 37.17 -95.98 62.28
N GLY A 547 36.50 -97.14 62.30
CA GLY A 547 35.80 -97.56 63.50
C GLY A 547 35.20 -98.92 63.36
N ILE A 548 34.48 -99.33 64.40
CA ILE A 548 33.87 -100.66 64.50
C ILE A 548 32.42 -100.49 64.87
N VAL A 549 31.61 -101.12 64.05
CA VAL A 549 30.18 -101.17 64.13
C VAL A 549 29.76 -102.08 65.32
N LYS A 550 28.76 -101.62 66.08
CA LYS A 550 28.38 -102.25 67.34
C LYS A 550 26.99 -102.89 67.36
N GLY A 551 26.39 -103.09 66.18
CA GLY A 551 25.08 -103.74 66.11
C GLY A 551 24.73 -103.87 64.66
N ASP A 552 23.64 -104.54 64.33
CA ASP A 552 23.09 -104.48 62.98
C ASP A 552 22.62 -103.09 62.53
N ALA A 553 22.72 -102.85 61.23
CA ALA A 553 21.99 -101.75 60.61
C ALA A 553 20.54 -101.96 60.92
N VAL A 554 19.91 -100.88 61.33
CA VAL A 554 18.47 -100.77 61.52
C VAL A 554 17.73 -99.82 60.53
N GLU A 555 16.57 -100.25 60.02
CA GLU A 555 15.68 -99.45 59.16
C GLU A 555 15.00 -98.30 59.87
N ILE A 556 14.96 -97.14 59.20
CA ILE A 556 14.42 -95.90 59.77
C ILE A 556 13.22 -95.42 58.93
N LEU A 557 13.40 -95.05 57.68
CA LEU A 557 12.21 -94.73 56.88
C LEU A 557 12.33 -95.57 55.67
N ARG A 558 11.19 -95.94 55.09
CA ARG A 558 11.20 -96.69 53.88
C ARG A 558 10.33 -95.92 52.87
N PHE A 559 10.64 -96.01 51.59
CA PHE A 559 9.95 -95.21 50.60
C PHE A 559 9.62 -96.13 49.47
N PRO A 560 8.47 -96.82 49.54
CA PRO A 560 8.06 -97.68 48.46
C PRO A 560 7.78 -96.81 47.25
N ILE A 561 7.95 -97.31 46.05
CA ILE A 561 7.71 -96.42 44.90
C ILE A 561 6.28 -96.41 44.36
N ASP A 562 5.59 -97.53 44.31
CA ASP A 562 4.19 -97.44 43.92
C ASP A 562 3.45 -96.53 44.91
N GLY A 563 3.04 -95.35 44.39
CA GLY A 563 2.73 -94.12 45.15
C GLY A 563 1.75 -94.35 46.27
N ARG A 564 1.15 -93.29 46.82
CA ARG A 564 1.41 -91.93 46.42
C ARG A 564 2.52 -91.44 47.33
N VAL A 565 3.10 -90.29 47.01
CA VAL A 565 4.08 -89.76 47.93
C VAL A 565 3.36 -89.43 49.23
N SER A 566 4.02 -89.70 50.34
CA SER A 566 3.39 -89.56 51.64
C SER A 566 4.37 -89.25 52.76
N SER A 567 3.98 -88.30 53.62
CA SER A 567 4.77 -88.02 54.79
C SER A 567 4.89 -89.31 55.53
N GLN A 568 5.95 -89.44 56.30
CA GLN A 568 6.29 -90.70 56.89
C GLN A 568 7.02 -90.40 58.18
N LYS A 569 6.64 -91.12 59.23
CA LYS A 569 7.05 -90.81 60.60
C LYS A 569 7.81 -92.06 61.10
N CYS A 570 8.89 -91.88 61.84
CA CYS A 570 9.43 -93.00 62.57
C CYS A 570 10.05 -92.55 63.87
N VAL A 571 9.79 -93.34 64.90
CA VAL A 571 10.40 -93.15 66.21
C VAL A 571 11.01 -94.53 66.52
N VAL A 572 12.32 -94.57 66.73
CA VAL A 572 13.02 -95.83 66.95
C VAL A 572 14.06 -95.76 68.05
N ASN A 573 14.14 -96.83 68.82
CA ASN A 573 15.25 -96.95 69.76
C ASN A 573 16.49 -97.53 69.07
N ILE A 574 17.61 -96.82 69.23
CA ILE A 574 18.91 -97.33 68.78
C ILE A 574 19.72 -97.85 69.94
N ASP A 575 20.00 -99.14 69.93
CA ASP A 575 20.69 -99.78 71.03
C ASP A 575 22.20 -99.86 70.75
N ASN A 576 22.94 -100.22 71.80
CA ASN A 576 24.39 -100.39 71.80
C ASN A 576 25.14 -99.07 71.80
N MET A 577 24.53 -98.05 72.38
CA MET A 577 25.15 -96.76 72.44
C MET A 577 26.10 -96.64 73.58
N SER A 578 25.99 -97.49 74.59
CA SER A 578 26.89 -97.33 75.76
C SER A 578 28.33 -97.56 75.39
N SER A 579 28.56 -98.33 74.33
CA SER A 579 29.89 -98.55 73.77
C SER A 579 30.08 -97.98 72.34
N SER A 580 29.17 -97.15 71.84
CA SER A 580 29.32 -96.58 70.49
C SER A 580 29.56 -95.13 70.68
N ASN A 581 29.94 -94.41 69.64
CA ASN A 581 30.02 -92.98 69.89
C ASN A 581 29.45 -92.13 68.76
N ALA A 582 28.81 -92.76 67.78
CA ALA A 582 28.19 -92.04 66.66
C ALA A 582 27.17 -92.92 66.08
N ILE A 583 26.25 -92.37 65.29
CA ILE A 583 25.29 -93.18 64.52
C ILE A 583 25.22 -92.63 63.09
N PRO A 584 25.86 -93.33 62.13
CA PRO A 584 25.82 -93.18 60.68
C PRO A 584 24.48 -93.44 60.08
N MET A 585 24.16 -92.71 59.01
CA MET A 585 22.93 -92.87 58.32
C MET A 585 23.16 -92.78 56.84
N TRP A 586 22.41 -93.59 56.11
CA TRP A 586 22.54 -93.63 54.65
C TRP A 586 21.28 -94.18 54.00
N MET A 587 21.29 -94.28 52.69
CA MET A 587 20.14 -94.69 51.94
C MET A 587 20.47 -95.88 51.05
N GLU A 588 19.51 -96.80 50.85
CA GLU A 588 19.71 -97.92 49.91
C GLU A 588 18.51 -98.02 49.00
N TRP A 589 18.66 -98.62 47.83
CA TRP A 589 17.58 -98.72 46.86
C TRP A 589 17.56 -100.03 46.11
N GLU A 590 16.40 -100.60 45.82
CA GLU A 590 16.42 -101.81 45.05
C GLU A 590 16.28 -101.35 43.67
N PHE A 591 17.38 -101.48 42.94
CA PHE A 591 17.38 -101.13 41.55
C PHE A 591 17.26 -102.46 40.85
N GLY A 592 16.07 -102.72 40.31
CA GLY A 592 15.74 -104.02 39.70
C GLY A 592 16.08 -105.08 40.70
N GLY A 593 16.86 -106.07 40.24
CA GLY A 593 17.32 -107.17 41.12
C GLY A 593 18.59 -106.98 41.95
N ILE A 594 19.10 -105.75 42.04
CA ILE A 594 20.30 -105.50 42.90
C ILE A 594 20.07 -104.39 43.92
N ASN A 595 20.93 -104.33 44.92
CA ASN A 595 20.84 -103.35 45.99
C ASN A 595 21.96 -102.28 45.91
N LEU A 596 21.57 -101.02 45.71
CA LEU A 596 22.52 -99.91 45.73
C LEU A 596 22.47 -99.23 47.08
N SER A 597 23.61 -99.17 47.74
CA SER A 597 23.85 -98.50 49.00
C SER A 597 24.67 -97.21 48.78
N THR A 598 24.20 -96.12 49.35
CA THR A 598 24.93 -94.85 49.27
C THR A 598 25.80 -94.74 50.50
N GLY A 599 25.87 -95.80 51.28
CA GLY A 599 26.59 -95.76 52.57
C GLY A 599 27.32 -97.07 52.80
N LEU A 600 26.83 -97.84 53.77
CA LEU A 600 27.49 -99.07 54.24
C LEU A 600 27.47 -100.08 53.15
N LEU A 601 28.62 -100.67 52.87
CA LEU A 601 28.68 -101.57 51.74
C LEU A 601 28.86 -102.96 52.27
N SER A 602 29.44 -103.08 53.43
CA SER A 602 29.72 -104.42 53.93
C SER A 602 30.26 -104.13 55.29
N ILE A 603 30.32 -105.19 56.10
CA ILE A 603 30.91 -105.20 57.45
C ILE A 603 31.86 -106.42 57.51
N SER A 604 33.03 -106.30 58.14
CA SER A 604 33.99 -107.42 58.18
C SER A 604 33.65 -108.30 59.37
N SER A 605 34.34 -109.43 59.49
CA SER A 605 34.13 -110.37 60.61
C SER A 605 34.41 -109.67 61.94
N ALA A 606 35.35 -108.72 61.91
CA ALA A 606 35.88 -108.10 63.12
C ALA A 606 35.09 -106.82 63.41
N GLY A 607 34.01 -106.61 62.63
CA GLY A 607 33.16 -105.45 62.75
C GLY A 607 33.61 -104.17 62.05
N VAL A 608 34.56 -104.24 61.12
CA VAL A 608 34.99 -103.00 60.41
C VAL A 608 34.01 -102.75 59.25
N PRO A 609 33.38 -101.57 59.18
CA PRO A 609 32.50 -101.28 58.05
C PRO A 609 33.29 -100.68 56.86
N GLU A 610 32.76 -100.93 55.66
CA GLU A 610 33.18 -100.33 54.45
C GLU A 610 32.01 -99.45 53.88
N TRP A 611 32.39 -98.27 53.38
CA TRP A 611 31.48 -97.20 52.94
C TRP A 611 31.72 -96.84 51.51
N ASN A 612 30.69 -96.45 50.84
CA ASN A 612 30.77 -95.87 49.54
C ASN A 612 31.60 -94.52 49.53
N LYS A 613 32.53 -94.41 48.60
CA LYS A 613 33.43 -93.25 48.46
C LYS A 613 32.74 -92.23 47.56
N GLY A 614 31.65 -92.64 46.93
CA GLY A 614 31.04 -91.81 45.96
C GLY A 614 29.99 -90.89 46.48
N TYR A 615 29.77 -90.92 47.80
CA TYR A 615 28.81 -90.12 48.59
C TYR A 615 29.39 -89.84 49.99
N LYS A 616 28.83 -88.84 50.62
CA LYS A 616 29.08 -88.56 52.00
C LYS A 616 27.91 -89.21 52.69
N GLN A 617 28.05 -89.55 53.98
CA GLN A 617 26.96 -90.13 54.74
C GLN A 617 26.61 -89.22 55.92
N GLY A 618 25.43 -89.44 56.50
CA GLY A 618 25.03 -88.76 57.73
C GLY A 618 25.74 -89.42 58.89
N VAL A 619 26.04 -88.63 59.93
CA VAL A 619 26.45 -89.14 61.25
C VAL A 619 25.92 -88.18 62.32
N TYR A 620 25.26 -88.75 63.33
CA TYR A 620 24.90 -88.03 64.55
C TYR A 620 25.87 -88.37 65.69
N PHE A 621 26.39 -87.36 66.35
CA PHE A 621 27.20 -87.54 67.54
C PHE A 621 26.35 -87.18 68.76
N PRO A 622 26.21 -88.16 69.68
CA PRO A 622 25.36 -88.03 70.82
C PRO A 622 25.67 -86.77 71.55
N ILE A 623 24.68 -85.89 71.77
CA ILE A 623 24.98 -84.67 72.53
C ILE A 623 25.46 -85.06 73.94
N THR A 624 26.05 -84.12 74.68
CA THR A 624 26.79 -84.60 75.79
C THR A 624 25.87 -85.14 76.91
N ALA A 625 24.70 -84.54 77.05
CA ALA A 625 23.70 -85.00 78.01
C ALA A 625 23.34 -86.43 77.67
N LEU A 626 23.73 -86.89 76.49
CA LEU A 626 23.33 -88.20 76.08
C LEU A 626 24.53 -89.15 75.96
N ARG A 627 25.73 -88.65 76.29
CA ARG A 627 27.02 -89.33 75.98
C ARG A 627 27.07 -90.77 76.52
N ASN A 628 26.45 -91.00 77.68
CA ASN A 628 26.45 -92.30 78.35
C ASN A 628 25.22 -93.21 78.21
N ASP A 629 24.16 -92.80 77.53
CA ASP A 629 22.93 -93.63 77.48
C ASP A 629 23.21 -94.93 76.70
N LYS A 630 22.51 -96.01 77.03
CA LYS A 630 22.62 -97.31 76.34
C LYS A 630 21.86 -97.40 75.02
N SER A 631 20.76 -96.66 74.94
CA SER A 631 19.90 -96.57 73.76
C SER A 631 19.50 -95.13 73.60
N LEU A 632 19.23 -94.74 72.37
CA LEU A 632 18.89 -93.38 72.10
C LEU A 632 17.63 -93.51 71.30
N CYS A 633 16.72 -92.58 71.54
CA CYS A 633 15.50 -92.50 70.77
C CYS A 633 15.73 -91.54 69.61
N LEU A 634 15.43 -92.03 68.42
CA LEU A 634 15.62 -91.33 67.16
C LEU A 634 14.30 -91.10 66.54
N HIS A 635 13.95 -89.84 66.45
CA HIS A 635 12.71 -89.46 65.79
C HIS A 635 13.12 -89.01 64.43
N ALA A 636 12.48 -89.59 63.43
CA ALA A 636 12.75 -89.27 62.05
C ALA A 636 11.45 -88.94 61.39
N LEU A 637 11.48 -88.04 60.42
CA LEU A 637 10.27 -87.50 59.80
C LEU A 637 10.43 -87.03 58.33
N PHE A 638 9.75 -87.69 57.41
CA PHE A 638 9.75 -87.21 56.04
C PHE A 638 8.43 -86.48 55.75
N ASP A 639 8.55 -85.31 55.15
CA ASP A 639 7.43 -84.41 54.99
C ASP A 639 7.09 -84.31 53.50
N LYS A 640 5.97 -84.89 53.07
CA LYS A 640 5.44 -84.71 51.69
C LYS A 640 5.53 -83.24 51.17
N SER A 641 5.46 -82.28 52.06
CA SER A 641 5.38 -80.85 51.66
C SER A 641 6.72 -80.20 51.32
N THR A 642 7.80 -80.57 51.99
CA THR A 642 9.06 -79.97 51.64
C THR A 642 9.96 -80.98 50.93
N GLY A 643 9.61 -82.26 51.06
CA GLY A 643 10.54 -83.31 50.70
C GLY A 643 11.74 -83.39 51.68
N ASP A 644 11.73 -82.62 52.75
CA ASP A 644 12.83 -82.72 53.68
C ASP A 644 12.60 -83.85 54.69
N ILE A 645 13.68 -84.26 55.34
CA ILE A 645 13.66 -85.30 56.39
C ILE A 645 14.21 -84.63 57.61
N ASN A 646 13.52 -84.71 58.73
CA ASN A 646 14.07 -84.14 59.94
C ASN A 646 14.26 -85.15 61.07
N PHE A 647 15.31 -84.93 61.86
CA PHE A 647 15.75 -85.83 62.86
C PHE A 647 15.80 -85.15 64.20
N GLN A 648 15.47 -85.88 65.26
CA GLN A 648 15.78 -85.38 66.61
C GLN A 648 16.24 -86.60 67.34
N PHE A 649 17.19 -86.39 68.23
CA PHE A 649 17.77 -87.50 68.94
C PHE A 649 17.55 -87.26 70.41
N GLY A 650 16.93 -88.21 71.09
CA GLY A 650 16.76 -88.04 72.53
C GLY A 650 17.03 -89.30 73.33
N LYS A 651 16.96 -89.18 74.65
CA LYS A 651 16.96 -90.35 75.55
C LYS A 651 15.79 -91.30 75.21
N SER A 652 15.77 -92.46 75.87
CA SER A 652 14.67 -93.42 75.77
C SER A 652 13.35 -92.93 76.41
N MET B 9 55.53 -33.54 7.83
CA MET B 9 55.86 -32.60 6.67
C MET B 9 57.14 -31.84 6.95
N PHE B 10 58.16 -32.11 6.14
CA PHE B 10 59.46 -31.46 6.33
C PHE B 10 59.49 -30.13 5.55
N LEU B 11 59.80 -29.04 6.22
CA LEU B 11 59.90 -27.73 5.59
C LEU B 11 61.38 -27.36 5.28
N GLU B 12 61.69 -27.12 4.01
CA GLU B 12 63.09 -26.93 3.65
C GLU B 12 63.51 -25.48 3.80
N LYS B 13 64.73 -25.28 4.27
CA LYS B 13 65.33 -23.95 4.43
C LYS B 13 66.81 -24.18 4.30
N ILE B 14 67.55 -23.08 4.10
CA ILE B 14 68.99 -23.14 3.92
C ILE B 14 69.68 -22.64 5.16
N ASN B 15 70.75 -23.31 5.56
CA ASN B 15 71.54 -22.79 6.61
C ASN B 15 72.22 -21.52 6.07
N GLN B 16 71.95 -20.38 6.69
CA GLN B 16 72.55 -19.13 6.21
C GLN B 16 74.05 -19.06 6.51
N LYS B 17 74.58 -19.99 7.28
CA LYS B 17 75.98 -19.88 7.66
C LYS B 17 76.91 -20.83 6.90
N THR B 18 76.37 -21.97 6.48
CA THR B 18 77.14 -23.02 5.82
C THR B 18 76.61 -23.25 4.43
N GLY B 19 75.39 -22.77 4.12
CA GLY B 19 74.76 -23.04 2.83
C GLY B 19 74.12 -24.45 2.65
N GLU B 20 74.23 -25.33 3.64
CA GLU B 20 73.55 -26.64 3.58
C GLU B 20 72.01 -26.59 3.60
N ARG B 21 71.40 -27.51 2.87
CA ARG B 21 69.96 -27.64 2.90
C ARG B 21 69.60 -28.38 4.17
N GLU B 22 68.59 -27.86 4.88
CA GLU B 22 68.14 -28.36 6.15
C GLU B 22 66.64 -28.34 6.12
N TRP B 23 66.02 -28.75 7.23
CA TRP B 23 64.57 -28.93 7.38
C TRP B 23 64.19 -28.71 8.80
N VAL B 24 62.96 -28.30 8.98
CA VAL B 24 62.44 -28.03 10.29
C VAL B 24 61.04 -28.61 10.20
N VAL B 25 60.32 -28.75 11.32
CA VAL B 25 58.90 -29.11 11.27
C VAL B 25 58.08 -28.22 12.18
N ALA B 26 56.79 -28.11 11.90
CA ALA B 26 55.86 -27.43 12.79
C ALA B 26 55.75 -28.08 14.16
N GLU B 27 55.32 -27.29 15.15
CA GLU B 27 55.29 -27.82 16.49
C GLU B 27 54.44 -29.09 16.68
N GLU B 28 53.33 -29.18 15.98
CA GLU B 28 52.37 -30.23 16.20
C GLU B 28 52.96 -31.52 15.66
N ASP B 29 53.96 -31.39 14.78
CA ASP B 29 54.70 -32.52 14.17
C ASP B 29 56.01 -32.81 14.88
N TYR B 30 56.36 -32.00 15.87
CA TYR B 30 57.72 -32.13 16.46
C TYR B 30 57.95 -33.48 17.14
N ASP B 31 56.99 -33.92 17.94
CA ASP B 31 57.21 -35.14 18.76
C ASP B 31 57.34 -36.37 17.88
N MET B 32 56.51 -36.44 16.89
CA MET B 32 56.57 -37.46 15.86
C MET B 32 57.86 -37.44 15.01
N ALA B 33 58.34 -36.27 14.57
CA ALA B 33 59.61 -36.24 13.85
C ALA B 33 60.71 -36.74 14.74
N GLN B 34 60.65 -36.33 16.00
CA GLN B 34 61.66 -36.76 16.99
C GLN B 34 61.72 -38.28 17.07
N GLU B 35 60.56 -38.91 17.23
CA GLU B 35 60.50 -40.37 17.24
C GLU B 35 60.89 -40.94 15.89
N LEU B 36 60.57 -40.23 14.82
CA LEU B 36 61.11 -40.67 13.51
C LEU B 36 62.65 -40.57 13.47
N ALA B 37 63.24 -39.62 14.19
CA ALA B 37 64.73 -39.52 14.20
C ALA B 37 65.36 -40.72 14.89
N ARG B 38 64.76 -41.12 15.99
CA ARG B 38 65.23 -42.24 16.79
C ARG B 38 65.03 -43.63 16.11
N SER B 39 64.14 -43.70 15.11
CA SER B 39 63.72 -44.96 14.52
C SER B 39 64.80 -45.71 13.80
N ARG B 40 65.99 -45.15 13.65
CA ARG B 40 67.00 -45.92 13.00
C ARG B 40 67.75 -46.74 14.01
N PHE B 41 67.47 -46.45 15.29
CA PHE B 41 68.16 -47.05 16.43
C PHE B 41 69.64 -47.28 16.13
N GLY B 42 70.37 -46.17 15.92
CA GLY B 42 71.85 -46.25 15.87
C GLY B 42 72.38 -47.09 14.71
N ASP B 43 73.15 -48.12 15.03
CA ASP B 43 73.78 -48.91 13.97
C ASP B 43 72.91 -50.10 13.58
N MET B 44 71.72 -50.21 14.17
CA MET B 44 70.87 -51.39 14.00
C MET B 44 70.87 -51.89 12.55
N ILE B 45 70.37 -51.00 11.65
CA ILE B 45 70.12 -51.39 10.28
C ILE B 45 71.41 -51.73 9.57
N LEU B 46 72.52 -51.26 10.09
CA LEU B 46 73.81 -51.57 9.53
C LEU B 46 74.47 -52.70 10.32
N ASP B 47 73.74 -53.32 11.24
CA ASP B 47 74.34 -54.45 11.95
C ASP B 47 74.26 -55.63 10.97
N PHE B 48 75.39 -55.92 10.33
CA PHE B 48 75.39 -56.86 9.21
C PHE B 48 75.15 -58.29 9.75
N ASP B 49 75.85 -58.60 10.83
CA ASP B 49 75.64 -59.82 11.59
C ASP B 49 74.15 -60.02 11.97
N ARG B 50 73.53 -59.00 12.57
CA ARG B 50 72.13 -59.15 12.96
C ARG B 50 71.30 -59.57 11.75
N ASN B 51 71.41 -58.77 10.69
CA ASN B 51 70.67 -58.96 9.46
C ASN B 51 70.84 -60.38 8.86
N ASP B 52 72.08 -60.80 8.67
CA ASP B 52 72.33 -62.18 8.18
C ASP B 52 71.73 -63.24 9.08
N LYS B 53 71.90 -63.11 10.40
CA LYS B 53 71.30 -64.08 11.31
C LYS B 53 69.80 -64.09 11.16
N PHE B 54 69.14 -62.95 11.03
CA PHE B 54 67.72 -63.09 10.75
C PHE B 54 67.47 -63.69 9.39
N LEU B 55 68.39 -63.41 8.46
CA LEU B 55 68.30 -63.97 7.09
C LEU B 55 68.31 -65.48 7.21
N ALA B 56 69.35 -66.00 7.86
CA ALA B 56 69.57 -67.43 7.99
C ALA B 56 68.32 -68.04 8.61
N GLY B 57 67.87 -67.48 9.73
CA GLY B 57 66.66 -67.97 10.37
C GLY B 57 65.41 -67.97 9.51
N LEU B 58 65.23 -66.94 8.69
CA LEU B 58 64.07 -66.96 7.79
C LEU B 58 64.16 -68.04 6.71
N LYS B 59 65.35 -68.37 6.24
CA LYS B 59 65.45 -69.38 5.16
C LYS B 59 64.97 -70.70 5.73
N THR B 60 65.82 -71.25 6.61
CA THR B 60 65.58 -72.44 7.39
C THR B 60 64.15 -72.63 7.83
N THR B 61 63.54 -71.58 8.32
CA THR B 61 62.17 -71.76 8.77
C THR B 61 61.17 -71.67 7.62
N ILE B 62 61.48 -70.89 6.60
CA ILE B 62 60.65 -70.84 5.38
C ILE B 62 60.76 -72.19 4.65
N ALA B 63 61.98 -72.73 4.51
CA ALA B 63 62.21 -74.07 3.91
C ALA B 63 61.36 -75.14 4.62
N GLU B 64 61.61 -75.32 5.91
CA GLU B 64 60.79 -76.18 6.77
C GLU B 64 59.27 -76.11 6.52
N LYS B 65 58.71 -74.92 6.40
CA LYS B 65 57.27 -74.80 6.27
C LYS B 65 56.75 -75.11 4.86
N LYS B 66 57.67 -75.21 3.90
CA LYS B 66 57.33 -75.64 2.55
C LYS B 66 56.79 -77.06 2.61
N HIS B 67 57.67 -78.00 2.95
CA HIS B 67 57.25 -79.39 3.19
C HIS B 67 56.06 -79.52 4.09
N GLU B 68 56.23 -79.07 5.32
CA GLU B 68 55.25 -79.25 6.39
C GLU B 68 53.77 -78.83 6.21
N ASN B 69 53.52 -77.64 5.68
CA ASN B 69 52.15 -77.26 5.39
C ASN B 69 51.59 -78.31 4.46
N THR B 70 50.40 -78.78 4.76
CA THR B 70 49.75 -79.73 3.88
C THR B 70 49.37 -78.93 2.63
N ASP B 71 48.97 -77.68 2.88
CA ASP B 71 48.93 -76.64 1.88
C ASP B 71 50.33 -76.49 1.26
N GLY B 72 50.58 -75.38 0.59
CA GLY B 72 51.94 -75.08 0.14
C GLY B 72 52.41 -73.75 0.66
N LYS B 73 51.45 -72.93 1.06
CA LYS B 73 51.69 -71.52 1.34
C LYS B 73 52.28 -71.24 2.72
N VAL B 74 53.43 -70.58 2.71
CA VAL B 74 54.15 -70.15 3.89
C VAL B 74 53.84 -68.68 4.10
N HIS B 75 53.20 -68.36 5.22
CA HIS B 75 52.71 -67.02 5.52
C HIS B 75 53.44 -66.41 6.73
N VAL B 76 54.22 -65.35 6.49
CA VAL B 76 55.12 -64.78 7.51
C VAL B 76 54.57 -63.53 8.20
N LEU B 77 54.70 -63.48 9.52
CA LEU B 77 54.28 -62.29 10.26
C LEU B 77 55.51 -61.62 10.83
N ASP B 78 55.76 -60.40 10.37
CA ASP B 78 56.93 -59.62 10.77
C ASP B 78 56.43 -58.59 11.73
N ILE B 79 56.88 -58.67 12.96
CA ILE B 79 56.37 -57.78 13.99
C ILE B 79 57.37 -56.67 14.25
N GLY B 80 56.86 -55.43 14.27
CA GLY B 80 57.71 -54.24 14.37
C GLY B 80 58.61 -54.11 13.14
N THR B 81 58.00 -53.90 11.99
CA THR B 81 58.78 -53.96 10.73
C THR B 81 59.71 -52.78 10.46
N GLY B 82 59.41 -51.61 11.03
CA GLY B 82 60.28 -50.47 10.78
C GLY B 82 60.30 -50.13 9.28
N THR B 83 61.47 -50.29 8.67
CA THR B 83 61.68 -49.98 7.27
C THR B 83 61.10 -51.10 6.40
N GLY B 84 61.02 -52.32 6.95
CA GLY B 84 60.50 -53.46 6.22
C GLY B 84 61.61 -54.43 5.87
N LEU B 85 62.83 -54.09 6.27
CA LEU B 85 63.97 -54.96 5.98
C LEU B 85 63.65 -56.45 6.15
N LEU B 86 63.06 -56.82 7.30
CA LEU B 86 62.82 -58.25 7.59
C LEU B 86 61.83 -58.85 6.61
N SER B 87 60.71 -58.18 6.42
CA SER B 87 59.72 -58.56 5.45
C SER B 87 60.19 -58.74 4.00
N LEU B 88 61.22 -58.02 3.55
CA LEU B 88 61.67 -58.11 2.15
C LEU B 88 62.57 -59.31 2.11
N MET B 89 63.34 -59.49 3.17
CA MET B 89 64.08 -60.72 3.35
C MET B 89 63.11 -61.92 3.19
N ALA B 90 62.00 -61.85 3.93
CA ALA B 90 60.99 -62.89 4.00
C ALA B 90 60.34 -63.19 2.64
N ALA B 91 60.13 -62.16 1.83
CA ALA B 91 59.49 -62.31 0.54
C ALA B 91 60.46 -62.89 -0.49
N ARG B 92 61.70 -62.41 -0.47
CA ARG B 92 62.71 -62.78 -1.43
C ARG B 92 63.12 -64.21 -1.21
N GLU B 93 62.71 -64.79 -0.08
CA GLU B 93 63.15 -66.16 0.25
C GLU B 93 62.10 -67.26 0.16
N GLY B 94 60.85 -66.86 -0.08
CA GLY B 94 59.83 -67.80 -0.50
C GLY B 94 58.42 -67.56 0.00
N ALA B 95 58.20 -66.59 0.87
CA ALA B 95 56.89 -66.50 1.49
C ALA B 95 55.76 -66.00 0.56
N ASP B 96 54.56 -66.54 0.74
CA ASP B 96 53.45 -66.33 -0.17
C ASP B 96 52.66 -65.07 0.16
N LYS B 97 52.36 -64.91 1.43
CA LYS B 97 52.02 -63.61 1.98
C LYS B 97 53.18 -63.25 2.91
N VAL B 98 53.21 -61.96 3.28
CA VAL B 98 53.99 -61.46 4.42
C VAL B 98 53.09 -60.39 4.97
N THR B 99 52.64 -60.55 6.21
CA THR B 99 52.00 -59.41 6.87
C THR B 99 52.92 -58.81 7.94
N ALA B 100 53.20 -57.54 7.75
CA ALA B 100 54.15 -56.85 8.60
C ALA B 100 53.41 -55.78 9.34
N LEU B 101 53.65 -55.71 10.65
CA LEU B 101 52.95 -54.77 11.52
C LEU B 101 53.91 -53.74 12.10
N GLU B 102 53.41 -52.53 12.36
CA GLU B 102 54.28 -51.45 12.92
C GLU B 102 53.43 -50.43 13.62
N VAL B 103 53.59 -50.29 14.94
CA VAL B 103 52.76 -49.33 15.72
C VAL B 103 52.99 -47.83 15.33
N PHE B 104 54.22 -47.50 14.92
CA PHE B 104 54.59 -46.08 14.83
C PHE B 104 54.28 -45.59 13.42
N LYS B 105 53.21 -44.82 13.33
CA LYS B 105 52.64 -44.56 12.00
C LYS B 105 53.60 -44.03 10.93
N PRO B 106 54.56 -43.17 11.29
CA PRO B 106 55.38 -42.71 10.16
C PRO B 106 56.31 -43.77 9.60
N MET B 107 56.78 -44.67 10.45
CA MET B 107 57.55 -45.79 9.93
C MET B 107 56.69 -46.82 9.15
N GLY B 108 55.42 -46.88 9.52
CA GLY B 108 54.44 -47.70 8.84
C GLY B 108 54.34 -47.25 7.40
N ASP B 109 54.14 -45.94 7.17
CA ASP B 109 54.24 -45.39 5.77
C ASP B 109 55.57 -45.67 5.12
N CYS B 110 56.66 -45.48 5.86
CA CYS B 110 57.99 -45.76 5.34
C CYS B 110 58.09 -47.20 4.84
N ALA B 111 57.63 -48.16 5.66
CA ALA B 111 57.61 -49.55 5.25
C ALA B 111 56.73 -49.78 4.02
N ARG B 112 55.51 -49.25 4.03
CA ARG B 112 54.67 -49.48 2.88
C ARG B 112 55.27 -48.87 1.59
N HIS B 113 55.73 -47.63 1.64
CA HIS B 113 56.53 -47.04 0.54
C HIS B 113 57.59 -47.97 0.02
N ILE B 114 58.61 -48.28 0.82
CA ILE B 114 59.77 -49.05 0.33
C ILE B 114 59.43 -50.46 -0.21
N THR B 115 58.55 -51.16 0.49
CA THR B 115 58.23 -52.50 0.12
C THR B 115 57.24 -52.50 -1.02
N SER B 116 56.27 -51.60 -0.98
CA SER B 116 55.35 -51.53 -2.09
C SER B 116 55.95 -50.80 -3.31
N ASN B 117 57.26 -50.54 -3.29
CA ASN B 117 57.96 -49.99 -4.44
C ASN B 117 59.08 -50.95 -4.73
N SER B 118 58.96 -52.17 -4.21
CA SER B 118 59.95 -53.19 -4.47
C SER B 118 59.34 -54.29 -5.34
N PRO B 119 60.17 -55.20 -5.90
CA PRO B 119 59.53 -56.42 -6.36
C PRO B 119 59.01 -57.04 -5.08
N TRP B 120 58.04 -57.94 -5.16
CA TRP B 120 57.53 -58.54 -3.92
C TRP B 120 56.50 -57.64 -3.34
N SER B 121 56.23 -56.53 -4.03
CA SER B 121 55.18 -55.65 -3.63
C SER B 121 53.84 -56.32 -3.37
N ASP B 122 53.48 -57.38 -4.10
CA ASP B 122 52.13 -58.01 -3.89
C ASP B 122 52.09 -59.06 -2.81
N LYS B 123 53.27 -59.59 -2.49
CA LYS B 123 53.50 -60.43 -1.30
C LYS B 123 53.25 -59.70 0.03
N ILE B 124 53.85 -58.52 0.18
CA ILE B 124 53.92 -57.80 1.44
C ILE B 124 52.77 -56.85 1.69
N THR B 125 52.23 -56.88 2.91
CA THR B 125 51.18 -55.95 3.22
C THR B 125 51.38 -55.38 4.66
N VAL B 126 51.35 -54.05 4.78
CA VAL B 126 51.86 -53.37 5.97
C VAL B 126 50.70 -52.79 6.78
N ILE B 127 50.60 -53.15 8.07
CA ILE B 127 49.48 -52.70 8.91
C ILE B 127 50.04 -51.86 10.09
N SER B 128 49.54 -50.66 10.29
CA SER B 128 50.19 -49.82 11.30
C SER B 128 49.56 -50.03 12.67
N GLU B 129 49.74 -51.23 13.21
CA GLU B 129 49.13 -51.56 14.50
C GLU B 129 50.12 -52.21 15.43
N ARG B 130 49.96 -51.97 16.71
CA ARG B 130 50.65 -52.82 17.69
C ARG B 130 50.02 -54.25 17.73
N SER B 131 50.80 -55.25 17.33
CA SER B 131 50.35 -56.67 17.41
C SER B 131 49.54 -57.00 18.67
N THR B 132 49.91 -56.46 19.83
CA THR B 132 49.19 -56.77 21.06
C THR B 132 47.80 -56.15 21.16
N ASP B 133 47.37 -55.49 20.09
CA ASP B 133 46.06 -54.84 20.04
C ASP B 133 44.97 -55.61 19.18
N ARG B 141 46.59 -67.06 8.69
CA ARG B 141 47.22 -66.77 9.97
C ARG B 141 48.62 -67.34 10.00
N ALA B 142 49.47 -66.78 10.86
CA ALA B 142 50.90 -66.88 10.65
C ALA B 142 51.46 -68.30 10.76
N ASP B 143 52.37 -68.64 9.85
CA ASP B 143 53.16 -69.87 9.93
C ASP B 143 54.45 -69.55 10.64
N ILE B 144 54.96 -68.36 10.34
CA ILE B 144 56.15 -67.84 10.98
C ILE B 144 55.95 -66.43 11.55
N ILE B 145 56.47 -66.25 12.77
CA ILE B 145 56.69 -64.95 13.31
C ILE B 145 58.18 -64.64 13.23
N VAL B 146 58.45 -63.41 12.83
CA VAL B 146 59.82 -62.88 12.83
C VAL B 146 59.71 -61.53 13.51
N ALA B 147 60.71 -61.23 14.34
CA ALA B 147 60.61 -60.09 15.22
C ALA B 147 61.93 -59.75 15.85
N GLU B 148 62.51 -58.62 15.45
CA GLU B 148 63.71 -58.11 16.09
C GLU B 148 63.26 -56.91 16.91
N VAL B 149 63.14 -57.18 18.20
CA VAL B 149 62.22 -56.46 19.06
C VAL B 149 62.83 -56.58 20.47
N PHE B 150 64.16 -56.68 20.47
CA PHE B 150 65.00 -56.81 21.64
C PHE B 150 65.80 -55.56 21.93
N ASP B 151 66.01 -55.31 23.22
CA ASP B 151 67.01 -54.33 23.64
C ASP B 151 68.12 -55.07 24.28
N THR B 152 69.02 -54.31 24.84
CA THR B 152 70.20 -54.85 25.43
C THR B 152 69.75 -55.69 26.61
N GLU B 153 68.66 -55.29 27.28
CA GLU B 153 68.16 -56.06 28.43
C GLU B 153 67.31 -57.28 27.90
N LEU B 154 67.25 -57.50 26.59
CA LEU B 154 66.44 -58.60 25.96
C LEU B 154 64.92 -58.28 25.94
N ILE B 155 64.31 -58.05 27.10
CA ILE B 155 62.84 -57.93 27.21
C ILE B 155 62.29 -56.50 27.30
N GLY B 156 63.19 -55.52 27.38
CA GLY B 156 62.81 -54.14 27.67
C GLY B 156 61.86 -53.43 26.74
N GLU B 157 61.80 -53.90 25.50
CA GLU B 157 60.95 -53.34 24.45
C GLU B 157 59.68 -54.16 24.33
N GLY B 158 59.47 -55.19 25.13
CA GLY B 158 58.17 -55.86 25.10
C GLY B 158 58.09 -57.19 24.36
N ALA B 159 59.25 -57.76 24.02
CA ALA B 159 59.32 -59.07 23.37
C ALA B 159 58.42 -60.14 24.04
N LEU B 160 58.48 -60.32 25.37
CA LEU B 160 57.57 -61.36 26.02
C LEU B 160 56.09 -61.29 25.62
N ARG B 161 55.47 -60.13 25.78
CA ARG B 161 54.03 -60.04 25.55
C ARG B 161 53.70 -60.07 24.10
N THR B 162 54.68 -59.64 23.28
CA THR B 162 54.46 -59.53 21.87
C THR B 162 54.40 -60.91 21.29
N PHE B 163 55.42 -61.70 21.60
CA PHE B 163 55.44 -63.12 21.20
C PHE B 163 54.27 -63.87 21.84
N LYS B 164 54.07 -63.69 23.13
CA LYS B 164 53.07 -64.50 23.85
C LYS B 164 51.76 -64.26 23.17
N GLU B 165 51.31 -63.00 23.17
CA GLU B 165 50.01 -62.67 22.60
C GLU B 165 49.96 -62.87 21.11
N ALA B 166 51.08 -62.86 20.43
CA ALA B 166 51.02 -63.07 18.99
C ALA B 166 50.65 -64.51 18.84
N LEU B 167 51.41 -65.37 19.51
CA LEU B 167 51.21 -66.85 19.43
C LEU B 167 49.79 -67.28 19.74
N GLU B 168 49.20 -66.73 20.79
CA GLU B 168 47.81 -67.03 21.11
C GLU B 168 46.80 -66.52 20.10
N ARG B 169 46.91 -65.29 19.62
CA ARG B 169 45.83 -64.68 18.81
C ARG B 169 46.06 -64.55 17.31
N LEU B 170 47.29 -64.68 16.84
CA LEU B 170 47.65 -64.32 15.44
C LEU B 170 48.38 -65.36 14.67
N ALA B 171 48.74 -66.48 15.29
CA ALA B 171 49.58 -67.50 14.65
C ALA B 171 48.85 -68.84 14.52
N LYS B 172 49.36 -69.71 13.64
CA LYS B 172 48.90 -71.10 13.56
C LYS B 172 49.51 -71.92 14.69
N PRO B 173 48.68 -72.75 15.37
CA PRO B 173 49.32 -73.73 16.24
C PRO B 173 50.43 -74.43 15.47
N GLY B 174 51.58 -74.61 16.10
CA GLY B 174 52.76 -75.17 15.43
C GLY B 174 53.65 -74.13 14.77
N CYS B 175 53.27 -72.85 14.92
CA CYS B 175 54.02 -71.75 14.32
C CYS B 175 55.49 -71.88 14.67
N ARG B 176 56.37 -71.49 13.75
CA ARG B 176 57.76 -71.24 14.16
C ARG B 176 58.06 -69.74 14.37
N VAL B 177 59.07 -69.41 15.18
CA VAL B 177 59.42 -68.00 15.35
C VAL B 177 60.92 -67.83 15.25
N VAL B 178 61.28 -66.75 14.53
CA VAL B 178 62.69 -66.36 14.35
C VAL B 178 62.93 -65.08 15.15
N PRO B 179 63.85 -65.11 16.12
CA PRO B 179 64.58 -66.24 16.68
C PRO B 179 63.65 -67.20 17.49
N SER B 180 64.14 -68.35 17.90
CA SER B 180 63.21 -69.28 18.57
C SER B 180 63.41 -69.33 20.08
N THR B 181 64.66 -69.10 20.48
CA THR B 181 65.20 -69.46 21.75
C THR B 181 66.23 -68.41 22.11
N GLY B 182 66.36 -68.13 23.40
CA GLY B 182 67.45 -67.31 23.97
C GLY B 182 67.82 -67.58 25.43
N ASN B 183 69.07 -67.33 25.78
CA ASN B 183 69.50 -67.38 27.17
C ASN B 183 69.88 -65.97 27.55
N VAL B 184 69.85 -65.66 28.85
CA VAL B 184 70.61 -64.55 29.37
C VAL B 184 71.63 -65.04 30.38
N TYR B 185 72.86 -64.56 30.29
CA TYR B 185 73.94 -64.95 31.17
C TYR B 185 74.29 -63.86 32.13
N ILE B 186 74.79 -64.23 33.32
CA ILE B 186 75.47 -63.27 34.16
C ILE B 186 76.80 -63.89 34.54
N VAL B 187 77.76 -63.03 34.82
CA VAL B 187 79.09 -63.43 35.22
C VAL B 187 79.37 -62.53 36.38
N PRO B 188 79.65 -63.08 37.56
CA PRO B 188 80.00 -62.23 38.70
C PRO B 188 81.41 -61.77 38.64
N VAL B 189 81.61 -60.51 38.99
CA VAL B 189 82.86 -59.86 38.77
C VAL B 189 83.34 -59.10 40.03
N GLU B 190 84.65 -59.16 40.26
CA GLU B 190 85.28 -58.21 41.18
C GLU B 190 85.89 -57.14 40.28
N SER B 191 85.75 -55.89 40.67
CA SER B 191 86.06 -54.77 39.77
C SER B 191 85.88 -53.49 40.52
N HIS B 192 86.97 -52.95 41.06
CA HIS B 192 87.02 -51.57 41.50
C HIS B 192 86.33 -50.62 40.51
N LEU B 193 86.64 -50.74 39.23
CA LEU B 193 86.04 -49.91 38.18
C LEU B 193 84.50 -49.88 38.26
N LEU B 194 83.88 -51.07 38.29
CA LEU B 194 82.46 -51.16 38.23
C LEU B 194 81.79 -50.75 39.51
N LYS B 195 82.46 -51.00 40.61
CA LYS B 195 81.99 -50.52 41.90
C LYS B 195 81.76 -48.99 41.89
N MET B 196 82.65 -48.26 41.21
CA MET B 196 82.63 -46.80 41.21
C MET B 196 81.36 -46.22 40.57
N PHE B 197 80.71 -46.97 39.70
CA PHE B 197 79.47 -46.45 39.12
C PHE B 197 78.27 -46.49 40.05
N ASN B 198 78.39 -47.08 41.23
CA ASN B 198 77.22 -47.33 42.10
C ASN B 198 77.46 -47.07 43.60
N ASP B 199 78.71 -47.20 44.03
CA ASP B 199 79.10 -46.84 45.37
C ASP B 199 78.68 -45.47 45.80
N ILE B 200 78.01 -45.42 46.95
CA ILE B 200 77.78 -44.20 47.63
C ILE B 200 79.13 -43.70 48.07
N PRO B 201 79.54 -42.53 47.54
CA PRO B 201 80.82 -41.88 47.82
C PRO B 201 81.16 -41.91 49.29
N ARG B 202 82.38 -42.30 49.65
CA ARG B 202 82.77 -42.40 51.04
C ARG B 202 83.89 -41.44 51.34
N LEU B 203 83.64 -40.48 52.24
CA LEU B 203 84.60 -39.41 52.46
C LEU B 203 85.99 -39.89 52.86
N ASN B 204 86.13 -40.87 53.76
CA ASN B 204 87.47 -41.23 54.25
C ASN B 204 88.08 -42.57 53.75
N GLY B 205 87.52 -43.13 52.68
CA GLY B 205 88.05 -44.38 52.09
C GLY B 205 87.72 -45.72 52.74
N GLU B 206 87.19 -45.72 53.97
CA GLU B 206 86.86 -46.97 54.66
C GLU B 206 85.57 -47.60 54.17
N LYS B 207 85.51 -48.92 54.22
CA LYS B 207 84.35 -49.72 53.76
C LYS B 207 83.17 -49.62 54.72
N ASP B 208 83.48 -49.37 55.99
CA ASP B 208 82.53 -48.97 57.01
C ASP B 208 81.58 -47.91 56.54
N GLU B 209 82.11 -46.84 55.97
CA GLU B 209 81.36 -45.59 55.85
C GLU B 209 80.05 -45.76 55.08
N GLU B 210 78.94 -45.54 55.77
CA GLU B 210 77.61 -45.48 55.13
C GLU B 210 76.90 -44.13 55.35
N PRO B 211 77.43 -43.01 54.77
CA PRO B 211 76.88 -41.71 55.18
C PRO B 211 75.43 -41.56 54.84
N LEU B 212 74.96 -42.24 53.79
CA LEU B 212 73.55 -42.07 53.35
C LEU B 212 72.74 -43.31 53.62
N GLY B 213 73.26 -44.18 54.49
CA GLY B 213 72.64 -45.49 54.71
C GLY B 213 72.85 -46.35 53.47
N ARG B 214 72.12 -47.47 53.36
CA ARG B 214 72.36 -48.42 52.28
C ARG B 214 71.27 -48.36 51.26
N CYS B 215 71.61 -48.77 50.05
CA CYS B 215 70.72 -48.68 48.91
C CYS B 215 71.24 -49.58 47.82
N SER B 216 70.29 -50.07 47.02
CA SER B 216 70.51 -50.83 45.76
C SER B 216 71.18 -50.05 44.65
N GLY B 217 71.04 -48.71 44.62
CA GLY B 217 71.42 -47.92 43.44
C GLY B 217 70.31 -47.88 42.39
N THR B 218 70.58 -47.37 41.19
CA THR B 218 69.49 -47.11 40.31
C THR B 218 68.95 -48.41 39.64
N ALA B 219 67.62 -48.52 39.51
CA ALA B 219 66.97 -49.66 38.86
C ALA B 219 67.01 -49.71 37.32
N ALA B 220 67.00 -48.57 36.67
CA ALA B 220 67.09 -48.54 35.20
C ALA B 220 68.34 -49.29 34.68
N VAL B 221 68.23 -49.88 33.49
CA VAL B 221 69.31 -50.64 32.93
C VAL B 221 70.61 -49.85 32.86
N PHE B 222 71.72 -50.50 33.16
CA PHE B 222 73.03 -49.91 33.02
C PHE B 222 73.73 -50.57 31.85
N ASP B 223 73.44 -50.08 30.67
CA ASP B 223 73.97 -50.66 29.44
C ASP B 223 75.35 -50.07 29.06
N VAL B 224 76.36 -50.96 29.01
CA VAL B 224 77.78 -50.68 28.78
C VAL B 224 78.30 -51.64 27.69
N GLN B 225 79.24 -51.15 26.86
CA GLN B 225 80.12 -51.86 25.97
C GLN B 225 81.27 -52.46 26.79
N LEU B 226 81.03 -53.66 27.33
CA LEU B 226 81.97 -54.29 28.22
C LEU B 226 83.19 -54.70 27.43
N SER B 227 83.08 -54.83 26.11
CA SER B 227 84.33 -55.05 25.35
C SER B 227 85.40 -53.96 25.51
N GLU B 228 85.08 -52.76 26.00
CA GLU B 228 86.09 -51.73 26.06
C GLU B 228 86.68 -51.69 27.42
N MET B 229 86.19 -52.57 28.27
CA MET B 229 86.78 -52.69 29.58
C MET B 229 88.13 -53.32 29.40
N LYS B 230 89.11 -52.87 30.18
CA LYS B 230 90.42 -53.48 30.08
C LYS B 230 90.54 -54.68 31.01
N THR B 231 91.24 -55.71 30.53
CA THR B 231 91.55 -56.91 31.29
C THR B 231 91.83 -56.75 32.77
N HIS B 232 92.68 -55.83 33.19
CA HIS B 232 92.92 -55.72 34.64
C HIS B 232 91.80 -55.07 35.38
N GLU B 233 90.77 -54.68 34.67
CA GLU B 233 89.74 -53.87 35.25
C GLU B 233 88.65 -54.64 35.99
N PHE B 234 88.50 -55.93 35.65
CA PHE B 234 87.53 -56.85 36.26
C PHE B 234 88.11 -58.28 36.36
N ARG B 235 87.78 -58.98 37.43
CA ARG B 235 88.19 -60.36 37.57
C ARG B 235 86.95 -61.24 37.61
N GLU B 236 86.88 -62.22 36.71
CA GLU B 236 85.76 -63.15 36.69
C GLU B 236 85.83 -64.11 37.88
N LEU B 237 84.69 -64.36 38.49
CA LEU B 237 84.65 -65.15 39.69
C LEU B 237 84.13 -66.57 39.46
N SER B 238 83.47 -66.80 38.35
CA SER B 238 82.84 -68.07 38.09
C SER B 238 82.72 -68.03 36.58
N GLU B 239 82.63 -69.16 35.90
CA GLU B 239 82.13 -69.28 34.53
C GLU B 239 80.76 -68.61 34.49
N PRO B 240 80.25 -68.24 33.30
CA PRO B 240 78.92 -67.62 33.14
C PRO B 240 77.79 -68.52 33.59
N ILE B 241 76.81 -67.93 34.24
CA ILE B 241 75.63 -68.61 34.80
C ILE B 241 74.44 -68.35 33.91
N VAL B 242 73.60 -69.35 33.65
CA VAL B 242 72.48 -69.13 32.79
C VAL B 242 71.40 -68.60 33.72
N ALA B 243 71.05 -67.32 33.61
CA ALA B 243 70.04 -66.73 34.47
C ALA B 243 68.66 -67.11 34.03
N PHE B 244 68.38 -67.02 32.72
CA PHE B 244 67.04 -67.31 32.22
C PHE B 244 67.18 -67.92 30.88
N LYS B 245 66.27 -68.82 30.56
CA LYS B 245 66.10 -69.29 29.20
C LYS B 245 64.74 -68.89 28.73
N PHE B 246 64.64 -68.41 27.52
CA PHE B 246 63.32 -68.07 26.99
C PHE B 246 63.09 -68.88 25.76
N ASP B 247 61.82 -69.21 25.54
CA ASP B 247 61.40 -69.95 24.40
C ASP B 247 60.36 -69.13 23.69
N PHE B 248 60.67 -68.66 22.50
CA PHE B 248 59.77 -67.74 21.84
C PHE B 248 58.67 -68.43 21.10
N GLU B 249 58.75 -69.75 20.99
CA GLU B 249 57.73 -70.49 20.23
C GLU B 249 56.55 -71.04 21.05
N HIS B 250 56.61 -70.97 22.37
CA HIS B 250 55.52 -71.60 23.13
C HIS B 250 54.92 -70.75 24.19
N GLU B 251 53.78 -70.18 23.88
CA GLU B 251 53.17 -69.16 24.74
C GLU B 251 53.19 -69.59 26.21
N GLU B 252 53.01 -70.88 26.41
CA GLU B 252 52.77 -71.39 27.75
C GLU B 252 54.06 -71.27 28.51
N LYS B 253 55.18 -71.15 27.80
CA LYS B 253 56.49 -70.99 28.41
C LYS B 253 56.94 -69.54 28.57
N ILE B 254 56.11 -68.59 28.12
CA ILE B 254 56.48 -67.20 28.30
C ILE B 254 55.71 -66.66 29.46
N ILE B 255 56.45 -66.28 30.52
CA ILE B 255 55.88 -65.87 31.81
C ILE B 255 56.50 -64.52 32.18
N PHE B 256 55.67 -63.56 32.58
CA PHE B 256 56.11 -62.17 32.75
C PHE B 256 56.88 -61.98 34.05
N ASP B 257 56.39 -62.59 35.12
CA ASP B 257 57.03 -62.53 36.43
C ASP B 257 57.59 -63.87 36.79
N GLU B 258 58.90 -63.88 37.01
CA GLU B 258 59.66 -65.08 37.19
C GLU B 258 60.85 -64.80 38.11
N SER B 259 61.20 -65.80 38.88
CA SER B 259 62.27 -65.70 39.84
C SER B 259 62.94 -67.09 40.01
N PHE B 260 64.27 -67.14 39.90
CA PHE B 260 65.02 -68.41 40.01
C PHE B 260 66.24 -68.28 40.90
N VAL B 261 66.51 -69.29 41.72
CA VAL B 261 67.82 -69.34 42.40
C VAL B 261 68.79 -70.19 41.61
N ARG B 262 69.85 -69.55 41.14
CA ARG B 262 70.78 -70.20 40.26
C ARG B 262 72.05 -70.43 41.03
N GLU B 263 72.77 -71.47 40.64
CA GLU B 263 73.86 -72.04 41.38
C GLU B 263 75.06 -72.00 40.47
N ALA B 264 76.23 -71.72 41.07
CA ALA B 264 77.52 -71.85 40.40
C ALA B 264 78.67 -72.26 41.35
N VAL B 265 79.73 -72.80 40.76
CA VAL B 265 81.02 -73.00 41.45
C VAL B 265 82.01 -71.86 41.14
N ALA B 266 82.32 -71.05 42.15
CA ALA B 266 83.32 -70.00 42.04
C ALA B 266 84.68 -70.61 41.77
N HIS B 267 85.36 -70.08 40.78
CA HIS B 267 86.70 -70.54 40.53
C HIS B 267 87.72 -69.60 41.13
N SER B 268 87.27 -68.56 41.86
CA SER B 268 88.16 -67.61 42.59
C SER B 268 87.59 -67.10 43.92
N SER B 269 88.44 -66.67 44.85
CA SER B 269 87.91 -66.02 46.05
C SER B 269 87.89 -64.52 45.87
N GLY B 270 86.77 -63.90 46.24
CA GLY B 270 86.56 -62.50 45.98
C GLY B 270 85.19 -61.98 46.34
N THR B 271 85.05 -60.67 46.34
CA THR B 271 83.75 -60.09 46.55
C THR B 271 83.13 -59.65 45.22
N ILE B 272 81.85 -59.95 45.05
CA ILE B 272 81.13 -59.74 43.80
C ILE B 272 80.73 -58.29 43.63
N ASP B 273 81.53 -57.52 42.92
CA ASP B 273 81.27 -56.10 42.85
C ASP B 273 80.13 -55.76 41.87
N ALA B 274 79.89 -56.63 40.87
CA ALA B 274 78.94 -56.39 39.80
C ALA B 274 78.57 -57.71 39.15
N LEU B 275 77.44 -57.75 38.45
CA LEU B 275 77.09 -58.87 37.62
C LEU B 275 76.99 -58.38 36.19
N LEU B 276 77.69 -59.04 35.27
CA LEU B 276 77.65 -58.62 33.90
C LEU B 276 76.67 -59.47 33.15
N MET B 277 75.94 -58.89 32.20
CA MET B 277 74.87 -59.60 31.56
C MET B 277 74.78 -59.39 30.08
N TRP B 278 74.31 -60.43 29.41
CA TRP B 278 74.04 -60.35 28.03
C TRP B 278 73.34 -61.56 27.64
N TRP B 279 72.89 -61.51 26.40
CA TRP B 279 72.14 -62.58 25.89
C TRP B 279 72.63 -63.09 24.58
N ASP B 280 72.04 -64.22 24.21
CA ASP B 280 72.23 -64.81 22.91
C ASP B 280 70.92 -65.45 22.59
N ILE B 281 70.60 -65.43 21.30
CA ILE B 281 69.37 -65.92 20.79
C ILE B 281 69.70 -66.92 19.72
N ASP B 282 68.82 -67.91 19.58
CA ASP B 282 69.08 -69.00 18.68
C ASP B 282 68.04 -68.84 17.59
N MET B 283 68.54 -68.54 16.40
CA MET B 283 67.70 -67.97 15.37
C MET B 283 66.59 -68.86 14.79
N ASP B 284 66.82 -70.17 14.77
CA ASP B 284 65.88 -71.14 14.15
C ASP B 284 65.57 -72.41 15.00
N ARG B 285 66.38 -72.64 16.03
CA ARG B 285 66.31 -73.74 17.03
C ARG B 285 67.34 -74.84 16.86
N ASN B 286 68.23 -74.71 15.89
CA ASN B 286 69.16 -75.78 15.52
C ASN B 286 70.52 -75.80 16.21
N GLY B 287 70.67 -75.00 17.27
CA GLY B 287 71.98 -74.88 17.94
C GLY B 287 73.09 -74.47 16.99
N THR B 288 72.73 -73.83 15.88
CA THR B 288 73.73 -73.58 14.81
C THR B 288 74.04 -72.09 14.54
N THR B 289 73.04 -71.23 14.72
CA THR B 289 73.23 -69.85 14.31
C THR B 289 72.74 -68.89 15.40
N PHE B 290 73.69 -68.14 15.95
CA PHE B 290 73.37 -67.28 17.08
C PHE B 290 73.72 -65.81 16.82
N ILE B 291 72.88 -64.91 17.32
CA ILE B 291 73.37 -63.56 17.65
C ILE B 291 73.71 -63.66 19.10
N ASP B 292 74.98 -63.60 19.40
CA ASP B 292 75.47 -63.67 20.78
C ASP B 292 76.09 -62.32 21.20
N MET B 293 75.62 -61.79 22.34
CA MET B 293 76.03 -60.45 22.81
C MET B 293 77.12 -60.48 23.84
N GLY B 294 77.80 -61.62 24.00
CA GLY B 294 78.92 -61.65 24.90
C GLY B 294 79.95 -60.64 24.47
N PRO B 295 80.68 -60.04 25.44
CA PRO B 295 81.67 -59.10 24.99
C PRO B 295 82.79 -59.85 24.25
N LYS B 296 83.73 -59.12 23.66
CA LYS B 296 84.75 -59.70 22.79
C LYS B 296 85.66 -60.63 23.57
N TRP B 297 85.75 -60.42 24.87
CA TRP B 297 86.59 -61.27 25.71
C TRP B 297 85.84 -62.46 26.29
N LYS B 298 84.63 -62.73 25.80
CA LYS B 298 83.83 -63.93 26.13
C LYS B 298 82.81 -64.21 25.03
N ASN B 299 83.27 -64.30 23.80
CA ASN B 299 82.38 -64.60 22.69
C ASN B 299 83.20 -65.29 21.60
N LYS B 300 83.32 -66.61 21.71
CA LYS B 300 83.89 -67.37 20.59
C LYS B 300 82.95 -68.48 20.10
N ASN B 301 82.40 -68.28 18.90
CA ASN B 301 82.68 -67.07 18.17
C ASN B 301 81.50 -66.48 17.40
N ASN B 302 80.75 -65.59 18.05
CA ASN B 302 79.74 -64.79 17.32
C ASN B 302 79.77 -63.30 17.61
N TYR B 303 80.98 -62.85 17.97
CA TYR B 303 81.32 -61.48 18.22
C TYR B 303 81.24 -60.61 16.97
N ALA B 304 80.71 -59.42 17.17
CA ALA B 304 80.50 -58.41 16.12
C ALA B 304 80.11 -57.20 16.94
N TRP B 305 80.88 -56.15 16.73
CA TRP B 305 80.57 -54.91 17.33
C TRP B 305 79.20 -54.53 16.93
N ARG B 306 78.46 -54.00 17.89
CA ARG B 306 77.24 -53.28 17.59
C ARG B 306 76.92 -52.34 18.72
N ASP B 307 75.98 -51.41 18.52
CA ASP B 307 75.66 -50.44 19.55
C ASP B 307 74.18 -50.39 19.93
N HIS B 308 73.32 -50.72 18.99
CA HIS B 308 71.94 -50.79 19.34
C HIS B 308 71.76 -51.80 20.45
N TRP B 309 72.59 -52.84 20.46
CA TRP B 309 72.70 -53.77 21.58
C TRP B 309 74.06 -53.73 22.13
N MET B 310 74.15 -54.00 23.43
CA MET B 310 75.34 -53.86 24.24
C MET B 310 75.19 -54.90 25.36
N GLN B 311 76.00 -54.79 26.42
CA GLN B 311 75.83 -55.60 27.60
C GLN B 311 75.35 -54.69 28.72
N ALA B 312 75.13 -55.26 29.89
CA ALA B 312 74.70 -54.45 31.03
C ALA B 312 75.42 -54.86 32.30
N VAL B 313 75.28 -54.02 33.32
CA VAL B 313 75.87 -54.32 34.58
C VAL B 313 74.88 -54.17 35.71
N TYR B 314 74.85 -55.20 36.56
CA TYR B 314 73.88 -55.19 37.66
C TYR B 314 74.58 -55.27 38.98
N TYR B 315 74.02 -54.64 39.97
CA TYR B 315 74.59 -54.70 41.28
C TYR B 315 73.65 -55.43 42.21
N LEU B 316 74.25 -56.05 43.22
CA LEU B 316 73.58 -56.81 44.23
C LEU B 316 73.22 -55.84 45.37
N PRO B 317 72.12 -56.06 46.10
CA PRO B 317 71.88 -54.99 47.05
C PRO B 317 72.83 -54.92 48.23
N GLU B 318 73.40 -56.06 48.64
CA GLU B 318 74.36 -56.10 49.73
C GLU B 318 75.53 -56.86 49.21
N LYS B 319 76.64 -56.68 49.93
CA LYS B 319 77.90 -57.37 49.71
C LYS B 319 77.68 -58.90 49.66
N LYS B 320 78.25 -59.53 48.65
CA LYS B 320 78.28 -60.97 48.58
C LYS B 320 79.71 -61.40 48.24
N LYS B 321 80.27 -62.29 49.06
CA LYS B 321 81.57 -62.86 48.79
C LYS B 321 81.48 -64.27 48.32
N VAL B 322 82.58 -64.73 47.81
CA VAL B 322 82.57 -65.95 47.08
C VAL B 322 83.94 -66.55 47.37
N GLU B 323 84.12 -67.82 47.06
CA GLU B 323 85.22 -68.52 47.64
C GLU B 323 85.61 -69.60 46.67
N MET B 324 86.93 -69.75 46.44
CA MET B 324 87.42 -70.70 45.43
C MET B 324 86.95 -72.11 45.67
N ASN B 325 86.35 -72.67 44.63
CA ASN B 325 85.86 -74.03 44.64
C ASN B 325 84.64 -74.24 45.51
N GLN B 326 84.05 -73.16 46.01
CA GLN B 326 82.78 -73.27 46.72
C GLN B 326 81.61 -72.89 45.83
N THR B 327 80.51 -73.59 46.03
CA THR B 327 79.21 -73.25 45.45
C THR B 327 78.71 -71.91 46.03
N PHE B 328 77.97 -71.14 45.24
CA PHE B 328 77.31 -69.94 45.72
C PHE B 328 76.11 -69.82 44.83
N GLU B 329 75.11 -69.11 45.30
CA GLU B 329 73.88 -68.87 44.55
C GLU B 329 73.65 -67.37 44.31
N ILE B 330 72.98 -66.99 43.20
CA ILE B 330 72.43 -65.67 42.99
C ILE B 330 70.98 -65.86 42.59
N VAL B 331 70.05 -65.12 43.21
CA VAL B 331 68.68 -65.06 42.76
C VAL B 331 68.50 -64.17 41.50
N CYS B 332 67.94 -64.74 40.44
CA CYS B 332 67.74 -64.07 39.16
C CYS B 332 66.25 -63.82 38.92
N ASN B 333 65.87 -62.53 38.90
CA ASN B 333 64.50 -62.08 38.90
C ASN B 333 64.20 -61.26 37.66
N HIS B 334 62.97 -61.33 37.16
CA HIS B 334 62.46 -60.45 36.16
C HIS B 334 60.96 -60.27 36.20
N ASP B 335 60.50 -59.09 35.77
CA ASP B 335 59.06 -58.82 35.56
C ASP B 335 58.93 -58.66 34.06
N GLU B 336 57.89 -58.01 33.57
CA GLU B 336 57.64 -58.02 32.14
C GLU B 336 58.78 -57.41 31.38
N PHE B 337 59.39 -56.35 31.94
CA PHE B 337 60.33 -55.45 31.23
C PHE B 337 61.75 -55.38 31.76
N SER B 338 61.98 -55.83 32.99
CA SER B 338 63.28 -55.65 33.68
C SER B 338 63.81 -56.91 34.36
N LEU B 339 65.14 -57.03 34.47
CA LEU B 339 65.80 -58.05 35.25
C LEU B 339 66.30 -57.38 36.51
N TRP B 340 66.62 -58.15 37.54
CA TRP B 340 67.39 -57.62 38.69
C TRP B 340 67.80 -58.82 39.48
N PHE B 341 68.88 -58.70 40.25
CA PHE B 341 69.42 -59.83 40.92
C PHE B 341 69.60 -59.50 42.35
N SER B 342 69.47 -60.55 43.16
CA SER B 342 69.37 -60.42 44.61
C SER B 342 70.05 -61.62 45.28
N ASN B 343 70.35 -61.47 46.56
CA ASN B 343 71.02 -62.51 47.31
C ASN B 343 70.02 -63.43 47.98
N VAL B 344 70.43 -64.67 48.31
CA VAL B 344 69.49 -65.66 48.85
C VAL B 344 68.98 -65.25 50.19
N GLY B 345 67.68 -65.36 50.41
CA GLY B 345 67.15 -64.98 51.69
C GLY B 345 66.76 -63.52 51.79
N LYS B 346 67.00 -62.73 50.73
CA LYS B 346 66.65 -61.31 50.80
C LYS B 346 65.48 -60.99 49.88
N ASP B 347 64.90 -59.82 50.09
CA ASP B 347 63.79 -59.36 49.28
C ASP B 347 64.04 -59.68 47.79
N LYS B 348 63.02 -60.19 47.11
CA LYS B 348 63.12 -60.53 45.71
C LYS B 348 62.36 -59.54 44.83
N SER B 349 61.74 -58.55 45.47
CA SER B 349 61.16 -57.42 44.76
C SER B 349 62.24 -56.56 44.09
N ARG B 350 61.90 -55.95 42.95
CA ARG B 350 62.79 -54.94 42.34
C ARG B 350 62.96 -53.83 43.32
N SER B 351 64.19 -53.37 43.48
CA SER B 351 64.41 -52.25 44.38
C SER B 351 65.00 -51.02 43.66
N TYR B 352 64.77 -49.87 44.27
CA TYR B 352 64.97 -48.60 43.66
C TYR B 352 65.75 -47.79 44.66
N CYS B 353 66.32 -46.68 44.18
CA CYS B 353 67.21 -45.80 44.96
C CYS B 353 66.47 -45.32 46.18
N VAL B 354 66.94 -45.67 47.38
CA VAL B 354 66.28 -45.15 48.61
C VAL B 354 67.18 -44.09 49.28
N CYS B 355 68.41 -44.02 48.81
CA CYS B 355 69.47 -43.22 49.43
C CYS B 355 69.25 -41.77 49.04
N GLY B 356 68.65 -41.53 47.88
CA GLY B 356 68.47 -40.17 47.36
C GLY B 356 69.50 -39.82 46.30
N LEU B 357 70.68 -40.45 46.35
CA LEU B 357 71.75 -40.01 45.46
C LEU B 357 71.67 -40.64 44.07
N HIS B 358 71.39 -41.94 44.04
CA HIS B 358 71.19 -42.65 42.76
C HIS B 358 70.20 -41.94 41.80
N SER B 359 69.09 -41.49 42.34
CA SER B 359 68.07 -40.96 41.47
C SER B 359 68.41 -39.55 40.99
N MET B 360 69.37 -38.90 41.64
CA MET B 360 69.80 -37.58 41.20
C MET B 360 70.93 -37.64 40.16
N LEU B 361 71.93 -38.47 40.38
CA LEU B 361 73.05 -38.45 39.47
C LEU B 361 73.05 -39.64 38.52
N SER B 362 73.59 -39.42 37.32
CA SER B 362 73.84 -40.47 36.36
C SER B 362 74.91 -41.43 36.90
N ARG B 363 75.00 -42.63 36.32
CA ARG B 363 76.07 -43.58 36.68
C ARG B 363 77.44 -42.95 36.50
N GLN B 364 77.67 -42.27 35.37
CA GLN B 364 78.99 -41.71 35.14
C GLN B 364 79.34 -40.64 36.24
N THR B 365 78.36 -39.86 36.70
CA THR B 365 78.69 -38.87 37.71
C THR B 365 79.00 -39.45 39.06
N VAL B 366 78.26 -40.50 39.42
CA VAL B 366 78.66 -41.30 40.59
C VAL B 366 80.13 -41.72 40.49
N TYR B 367 80.51 -42.34 39.39
CA TYR B 367 81.93 -42.66 39.13
C TYR B 367 82.79 -41.44 39.30
N HIS B 368 82.37 -40.31 38.70
CA HIS B 368 83.15 -39.07 38.85
C HIS B 368 83.39 -38.68 40.27
N VAL B 369 82.38 -38.80 41.10
CA VAL B 369 82.56 -38.40 42.51
C VAL B 369 83.43 -39.38 43.28
N ASN B 370 83.21 -40.67 43.08
CA ASN B 370 84.07 -41.66 43.74
C ASN B 370 85.52 -41.48 43.34
N GLU B 371 85.74 -41.21 42.06
CA GLU B 371 87.11 -40.93 41.58
C GLU B 371 87.71 -39.70 42.23
N MET B 372 86.95 -38.64 42.31
CA MET B 372 87.48 -37.46 42.91
C MET B 372 87.86 -37.83 44.33
N PHE B 373 86.98 -38.54 45.04
CA PHE B 373 87.19 -38.91 46.45
C PHE B 373 88.46 -39.70 46.73
N GLU B 374 88.94 -40.36 45.70
CA GLU B 374 90.17 -41.14 45.72
C GLU B 374 91.36 -40.46 45.03
N ASN B 375 91.14 -39.35 44.33
CA ASN B 375 92.19 -38.76 43.47
C ASN B 375 93.15 -37.92 44.33
N GLN B 376 94.30 -38.51 44.71
CA GLN B 376 95.20 -37.86 45.71
C GLN B 376 95.78 -36.56 45.15
N LYS B 377 96.06 -36.55 43.86
CA LYS B 377 96.62 -35.39 43.21
C LYS B 377 95.65 -34.19 43.35
N PHE B 378 94.40 -34.42 42.89
CA PHE B 378 93.34 -33.46 43.04
C PHE B 378 93.15 -33.00 44.46
N LYS B 379 93.02 -33.97 45.35
CA LYS B 379 92.96 -33.68 46.76
C LYS B 379 94.12 -32.86 47.29
N ASP B 380 95.35 -33.11 46.81
CA ASP B 380 96.49 -32.25 47.17
C ASP B 380 96.22 -30.78 46.74
N GLU B 381 95.86 -30.54 45.47
CA GLU B 381 95.61 -29.14 45.05
C GLU B 381 94.51 -28.47 45.92
N VAL B 382 93.39 -29.18 46.09
CA VAL B 382 92.23 -28.74 46.86
C VAL B 382 92.70 -28.32 48.22
N ASP B 383 93.57 -29.16 48.79
CA ASP B 383 94.21 -28.94 50.06
C ASP B 383 95.14 -27.74 50.05
N LYS B 384 96.00 -27.63 49.08
CA LYS B 384 96.85 -26.45 49.03
C LYS B 384 95.97 -25.19 48.95
N LEU B 385 94.98 -25.15 48.04
CA LEU B 385 94.13 -23.98 47.85
C LEU B 385 93.22 -23.59 49.03
N SER B 386 93.01 -24.53 49.95
CA SER B 386 92.06 -24.27 51.01
C SER B 386 92.65 -24.05 52.36
N LYS B 387 93.90 -24.46 52.55
CA LYS B 387 94.42 -24.61 53.91
C LYS B 387 94.23 -23.34 54.65
N GLY B 388 93.42 -23.37 55.70
CA GLY B 388 93.36 -22.30 56.69
C GLY B 388 92.34 -21.23 56.38
N LEU B 389 91.66 -21.38 55.27
CA LEU B 389 90.89 -20.32 54.70
C LEU B 389 89.38 -20.60 54.79
N HIS B 390 88.58 -19.56 54.59
CA HIS B 390 87.14 -19.68 54.38
C HIS B 390 86.89 -19.94 52.93
N VAL B 391 86.45 -21.15 52.55
CA VAL B 391 86.26 -21.41 51.14
C VAL B 391 84.80 -21.55 50.83
N ALA B 392 84.41 -21.12 49.63
CA ALA B 392 83.03 -21.26 49.19
C ALA B 392 83.05 -21.98 47.89
N THR B 393 81.96 -22.73 47.69
CA THR B 393 81.78 -23.69 46.58
C THR B 393 80.51 -23.30 45.86
N VAL B 394 80.55 -23.31 44.54
CA VAL B 394 79.34 -23.22 43.74
C VAL B 394 79.27 -24.46 42.93
N GLY B 395 78.08 -24.80 42.45
CA GLY B 395 77.83 -26.07 41.82
C GLY B 395 76.40 -26.48 42.14
N GLU B 396 75.99 -27.63 41.61
CA GLU B 396 74.70 -28.21 41.93
C GLU B 396 74.97 -29.71 41.97
N GLY B 397 74.99 -30.27 43.17
CA GLY B 397 75.39 -31.64 43.31
C GLY B 397 76.87 -31.86 43.16
N SER B 398 77.64 -30.81 43.33
CA SER B 398 79.10 -30.91 43.45
C SER B 398 79.48 -31.14 44.89
N PHE B 399 80.40 -32.06 45.10
CA PHE B 399 80.73 -32.55 46.45
C PHE B 399 82.00 -31.90 47.00
N LEU B 400 82.58 -31.01 46.21
CA LEU B 400 83.89 -30.41 46.44
C LEU B 400 84.03 -29.88 47.83
N GLY B 401 83.01 -29.18 48.30
CA GLY B 401 83.03 -28.57 49.64
C GLY B 401 83.44 -29.55 50.70
N LEU B 402 83.00 -30.80 50.55
CA LEU B 402 83.28 -31.82 51.55
C LEU B 402 84.74 -32.18 51.49
N LEU B 403 85.34 -32.14 50.30
CA LEU B 403 86.78 -32.40 50.20
C LEU B 403 87.61 -31.23 50.71
N ALA B 404 87.02 -30.03 50.63
CA ALA B 404 87.74 -28.80 50.90
C ALA B 404 87.79 -28.58 52.39
N ALA B 405 86.96 -29.34 53.12
CA ALA B 405 86.79 -29.21 54.55
C ALA B 405 87.90 -29.89 55.35
N LYS B 406 88.69 -30.73 54.69
CA LYS B 406 89.78 -31.41 55.34
C LYS B 406 90.85 -30.43 55.79
N THR B 407 90.94 -29.31 55.10
CA THR B 407 92.01 -28.39 55.31
C THR B 407 91.51 -26.97 55.59
N ALA B 408 90.30 -26.63 55.16
CA ALA B 408 89.76 -25.27 55.33
C ALA B 408 89.49 -24.88 56.77
N LYS B 409 89.47 -23.58 57.07
CA LYS B 409 88.96 -23.13 58.36
C LYS B 409 87.43 -23.17 58.39
N ARG B 410 86.83 -22.95 57.22
CA ARG B 410 85.40 -22.86 57.09
C ARG B 410 85.11 -23.08 55.63
N VAL B 411 84.05 -23.83 55.38
CA VAL B 411 83.58 -24.11 54.04
C VAL B 411 82.08 -23.79 53.95
N THR B 412 81.73 -22.92 53.01
CA THR B 412 80.36 -22.66 52.68
C THR B 412 80.01 -23.24 51.32
N ILE B 413 79.07 -24.17 51.33
CA ILE B 413 78.62 -24.77 50.11
C ILE B 413 77.38 -24.01 49.66
N ILE B 414 77.38 -23.54 48.42
CA ILE B 414 76.20 -22.94 47.82
C ILE B 414 75.54 -23.94 46.87
N ASP B 415 74.32 -24.34 47.19
CA ASP B 415 73.62 -25.24 46.31
C ASP B 415 72.12 -24.96 46.35
N GLY B 416 71.61 -24.52 45.20
CA GLY B 416 70.22 -24.20 44.97
C GLY B 416 69.30 -25.41 45.00
N ASN B 417 69.88 -26.62 45.00
CA ASN B 417 69.11 -27.86 44.94
C ASN B 417 68.84 -28.51 46.28
N GLU B 418 67.63 -28.31 46.79
CA GLU B 418 67.16 -28.91 48.07
C GLU B 418 67.59 -30.36 48.38
N ARG B 419 67.30 -31.27 47.47
CA ARG B 419 67.76 -32.67 47.62
C ARG B 419 69.30 -32.83 47.76
N PHE B 420 70.09 -31.93 47.19
CA PHE B 420 71.53 -32.03 47.40
C PHE B 420 71.96 -31.43 48.73
N ARG B 421 71.41 -30.28 49.10
CA ARG B 421 71.69 -29.72 50.40
C ARG B 421 71.36 -30.78 51.42
N ASP B 422 70.29 -31.55 51.25
CA ASP B 422 70.00 -32.60 52.26
C ASP B 422 71.05 -33.68 52.37
N ILE B 423 71.42 -34.24 51.23
CA ILE B 423 72.51 -35.17 51.11
C ILE B 423 73.74 -34.60 51.76
N PHE B 424 74.04 -33.31 51.58
CA PHE B 424 75.32 -32.76 52.11
C PHE B 424 75.19 -32.63 53.62
N PHE B 425 73.98 -32.34 54.10
CA PHE B 425 73.79 -32.29 55.53
C PHE B 425 73.96 -33.70 56.13
N LYS B 426 73.50 -34.72 55.40
CA LYS B 426 73.76 -36.07 55.86
C LYS B 426 75.24 -36.35 55.96
N TYR B 427 76.06 -35.81 55.07
CA TYR B 427 77.51 -36.08 55.17
C TYR B 427 78.11 -35.33 56.33
N ILE B 428 77.72 -34.07 56.45
CA ILE B 428 78.19 -33.26 57.57
C ILE B 428 77.95 -33.94 58.92
N HIS B 429 76.69 -34.30 59.18
CA HIS B 429 76.26 -35.10 60.31
C HIS B 429 77.01 -36.38 60.49
N TYR B 430 77.00 -37.24 59.48
CA TYR B 430 77.67 -38.54 59.60
C TYR B 430 79.15 -38.41 59.97
N TYR B 431 79.89 -37.57 59.25
CA TYR B 431 81.31 -37.40 59.53
C TYR B 431 81.59 -36.34 60.60
N LYS B 432 80.53 -35.81 61.22
CA LYS B 432 80.63 -34.75 62.22
C LYS B 432 81.59 -33.66 61.75
N LEU B 433 81.34 -33.08 60.57
CA LEU B 433 82.15 -31.96 60.07
C LEU B 433 81.76 -30.72 60.83
N THR B 434 82.80 -30.08 61.37
CA THR B 434 82.59 -28.96 62.25
C THR B 434 82.77 -27.68 61.50
N ASN B 435 83.32 -27.75 60.30
CA ASN B 435 83.65 -26.54 59.64
C ASN B 435 82.88 -26.35 58.31
N VAL B 436 81.61 -26.76 58.29
CA VAL B 436 80.86 -26.64 57.04
C VAL B 436 79.39 -26.27 57.21
N GLU B 437 78.93 -25.48 56.24
CA GLU B 437 77.59 -24.98 56.21
C GLU B 437 77.22 -24.93 54.75
N ILE B 438 75.93 -24.85 54.57
CA ILE B 438 75.30 -24.97 53.28
C ILE B 438 74.25 -23.87 53.23
N ILE B 439 74.19 -23.19 52.10
CA ILE B 439 73.21 -22.14 51.87
C ILE B 439 72.58 -22.37 50.51
N GLU B 440 71.37 -21.85 50.31
CA GLU B 440 70.67 -22.06 49.05
C GLU B 440 71.03 -21.06 47.97
N LYS B 441 71.26 -19.80 48.30
CA LYS B 441 71.53 -18.81 47.27
C LYS B 441 72.93 -18.22 47.26
N VAL B 442 73.41 -17.87 46.07
CA VAL B 442 74.74 -17.26 45.97
C VAL B 442 74.78 -15.92 46.70
N THR B 443 73.65 -15.20 46.68
CA THR B 443 73.54 -13.91 47.39
C THR B 443 73.55 -13.99 48.91
N SER B 444 73.20 -15.15 49.47
CA SER B 444 73.26 -15.33 50.92
C SER B 444 74.71 -15.55 51.45
N LEU B 445 75.69 -15.58 50.56
CA LEU B 445 77.09 -15.68 51.01
C LEU B 445 77.60 -14.29 51.38
N THR B 446 77.27 -13.89 52.60
CA THR B 446 77.44 -12.49 52.96
C THR B 446 78.84 -12.17 53.51
N ASP B 447 79.50 -13.09 54.20
CA ASP B 447 80.92 -12.89 54.50
C ASP B 447 81.72 -13.13 53.25
N SER B 448 82.59 -12.21 52.83
CA SER B 448 83.49 -12.51 51.69
C SER B 448 84.28 -13.72 52.06
N PRO B 449 84.32 -14.74 51.18
CA PRO B 449 85.19 -15.88 51.46
C PRO B 449 86.56 -15.48 50.93
N ASP B 450 87.59 -16.24 51.27
CA ASP B 450 88.92 -15.99 50.77
C ASP B 450 89.12 -16.64 49.41
N ILE B 451 88.29 -17.63 49.06
CA ILE B 451 88.43 -18.22 47.76
C ILE B 451 87.15 -18.95 47.42
N VAL B 452 86.79 -18.97 46.14
CA VAL B 452 85.76 -19.90 45.71
C VAL B 452 86.32 -21.02 44.88
N LEU B 453 85.85 -22.22 45.18
CA LEU B 453 86.27 -23.40 44.38
C LEU B 453 85.06 -24.04 43.72
N ALA B 454 85.24 -24.51 42.51
CA ALA B 454 84.20 -25.22 41.80
C ALA B 454 84.94 -26.22 40.95
N GLU B 455 84.22 -27.17 40.41
CA GLU B 455 84.81 -28.18 39.57
C GLU B 455 84.96 -27.57 38.17
N PRO B 456 83.91 -26.95 37.62
CA PRO B 456 82.53 -26.69 38.04
C PRO B 456 81.65 -27.85 37.67
N PHE B 457 80.65 -28.13 38.48
CA PHE B 457 79.70 -29.16 38.17
C PHE B 457 78.33 -28.73 38.63
N TYR B 458 77.38 -28.78 37.69
CA TYR B 458 75.96 -28.48 37.92
C TYR B 458 75.21 -29.65 37.31
N MET B 459 74.51 -30.42 38.16
CA MET B 459 73.80 -31.59 37.65
C MET B 459 72.84 -31.18 36.55
N SER B 460 72.30 -29.97 36.64
CA SER B 460 71.37 -29.48 35.63
C SER B 460 71.95 -29.24 34.25
N ALA B 461 73.25 -28.95 34.15
CA ALA B 461 73.93 -28.76 32.82
C ALA B 461 73.14 -29.35 31.65
N MET B 462 72.85 -28.54 30.64
CA MET B 462 72.09 -29.01 29.47
C MET B 462 72.88 -30.10 28.75
N ASN B 463 74.18 -29.86 28.68
CA ASN B 463 75.09 -30.71 27.95
C ASN B 463 76.26 -30.96 28.83
N PRO B 464 76.97 -32.07 28.58
CA PRO B 464 78.06 -32.40 29.50
C PRO B 464 79.23 -31.46 29.29
N TRP B 465 79.31 -30.79 28.15
CA TRP B 465 80.36 -29.77 27.98
C TRP B 465 80.01 -28.41 28.48
N ASN B 466 78.91 -28.28 29.19
CA ASN B 466 78.44 -26.96 29.59
C ASN B 466 77.93 -26.90 31.02
N HIS B 467 78.87 -26.58 31.92
CA HIS B 467 78.66 -26.32 33.33
C HIS B 467 78.93 -24.85 33.57
N LEU B 468 78.66 -24.05 32.51
CA LEU B 468 78.99 -22.62 32.50
C LEU B 468 78.07 -21.75 33.34
N ARG B 469 77.04 -22.34 33.90
CA ARG B 469 76.38 -21.65 35.00
C ARG B 469 77.43 -21.12 36.02
N PHE B 470 78.54 -21.82 36.18
CA PHE B 470 79.66 -21.40 37.06
C PHE B 470 80.04 -19.94 36.74
N LEU B 471 80.03 -19.57 35.47
CA LEU B 471 80.40 -18.22 35.09
C LEU B 471 79.48 -17.14 35.75
N TYR B 472 78.16 -17.35 35.67
CA TYR B 472 77.19 -16.44 36.30
C TYR B 472 77.31 -16.42 37.78
N ASP B 473 77.44 -17.59 38.39
CA ASP B 473 77.51 -17.67 39.84
C ASP B 473 78.69 -16.86 40.35
N VAL B 474 79.74 -16.81 39.55
CA VAL B 474 80.95 -16.12 39.95
C VAL B 474 80.86 -14.60 39.75
N GLU B 475 80.21 -14.17 38.67
CA GLU B 475 79.87 -12.76 38.44
C GLU B 475 79.09 -12.21 39.63
N VAL B 476 78.09 -12.98 40.10
CA VAL B 476 77.26 -12.58 41.22
C VAL B 476 78.13 -12.44 42.49
N LEU B 477 78.91 -13.45 42.78
CA LEU B 477 79.92 -13.37 43.82
C LEU B 477 80.86 -12.17 43.66
N LYS B 478 81.25 -11.86 42.45
CA LYS B 478 82.17 -10.73 42.29
C LYS B 478 81.52 -9.38 42.58
N MET B 479 80.26 -9.25 42.18
CA MET B 479 79.47 -8.04 42.47
C MET B 479 79.34 -7.87 43.96
N MET B 480 79.14 -8.96 44.67
CA MET B 480 78.97 -8.89 46.12
C MET B 480 80.24 -8.50 46.86
N HIS B 481 81.40 -8.99 46.41
CA HIS B 481 82.63 -8.89 47.21
C HIS B 481 83.83 -8.40 46.47
N GLY B 482 83.68 -8.06 45.18
CA GLY B 482 84.76 -7.42 44.43
C GLY B 482 85.35 -8.28 43.34
N ASP B 483 85.89 -7.62 42.31
CA ASP B 483 86.34 -8.26 41.10
C ASP B 483 87.57 -9.10 41.35
N GLU B 484 88.17 -8.94 42.52
CA GLU B 484 89.48 -9.51 42.87
C GLU B 484 89.45 -10.86 43.65
N LEU B 485 88.24 -11.18 44.13
CA LEU B 485 87.91 -12.52 44.68
C LEU B 485 88.69 -13.63 44.03
N ARG B 486 89.37 -14.43 44.84
CA ARG B 486 89.98 -15.63 44.29
C ARG B 486 88.93 -16.69 43.91
N VAL B 487 89.09 -17.24 42.72
CA VAL B 487 88.30 -18.38 42.34
C VAL B 487 89.12 -19.33 41.54
N GLU B 488 88.95 -20.62 41.84
CA GLU B 488 89.50 -21.71 41.00
C GLU B 488 88.42 -22.68 40.61
N PRO B 489 88.37 -23.06 39.33
CA PRO B 489 89.35 -22.88 38.28
C PRO B 489 89.33 -21.48 37.69
N HIS B 490 90.43 -21.10 37.03
CA HIS B 490 90.57 -19.76 36.52
C HIS B 490 90.43 -19.68 35.03
N MET B 491 90.27 -20.81 34.36
CA MET B 491 90.28 -20.84 32.93
C MET B 491 89.67 -22.15 32.49
N GLY B 492 88.68 -22.07 31.60
CA GLY B 492 88.08 -23.19 30.96
C GLY B 492 88.36 -23.15 29.48
N VAL B 493 88.58 -24.32 28.88
CA VAL B 493 88.81 -24.40 27.45
C VAL B 493 87.98 -25.58 26.91
N LEU B 494 87.29 -25.34 25.82
CA LEU B 494 86.55 -26.32 25.09
C LEU B 494 87.47 -26.76 23.96
N LYS B 495 87.64 -28.08 23.77
CA LYS B 495 88.59 -28.61 22.78
C LYS B 495 87.90 -29.64 21.94
N ALA B 496 88.50 -29.92 20.78
CA ALA B 496 87.95 -30.78 19.79
C ALA B 496 89.14 -31.59 19.29
N ILE B 497 88.90 -32.75 18.67
CA ILE B 497 89.99 -33.48 18.10
C ILE B 497 89.47 -34.29 16.98
N PRO B 498 90.26 -34.44 15.92
CA PRO B 498 89.83 -35.28 14.80
C PRO B 498 90.13 -36.73 15.16
N GLU B 499 89.18 -37.64 14.90
CA GLU B 499 89.34 -39.04 15.36
C GLU B 499 88.78 -40.01 14.39
N LYS B 500 89.52 -41.10 14.16
CA LYS B 500 88.93 -42.27 13.46
C LYS B 500 88.46 -43.31 14.46
N PHE B 501 87.13 -43.45 14.56
CA PHE B 501 86.55 -44.53 15.38
C PHE B 501 86.48 -45.80 14.58
N GLU B 502 86.69 -46.92 15.26
CA GLU B 502 86.57 -48.22 14.60
C GLU B 502 85.13 -48.33 14.19
N ASP B 503 84.19 -48.14 15.11
CA ASP B 503 82.79 -48.45 14.75
C ASP B 503 81.78 -47.40 15.18
N LEU B 504 82.12 -46.58 16.18
CA LEU B 504 81.08 -45.68 16.68
C LEU B 504 80.34 -44.90 15.58
N GLN B 505 81.00 -44.61 14.45
CA GLN B 505 80.38 -43.78 13.39
C GLN B 505 79.13 -44.42 12.86
N ASN B 506 79.09 -45.74 12.98
CA ASN B 506 77.99 -46.50 12.41
C ASN B 506 76.61 -46.15 13.01
N ILE B 507 76.56 -45.44 14.14
CA ILE B 507 75.23 -45.04 14.65
C ILE B 507 74.66 -43.87 13.86
N ALA B 508 75.54 -43.18 13.08
CA ALA B 508 75.20 -41.88 12.42
C ALA B 508 75.19 -41.89 10.89
N SER B 509 75.87 -42.85 10.26
CA SER B 509 76.04 -42.80 8.84
C SER B 509 74.87 -43.44 8.08
N ASP B 510 74.83 -43.18 6.79
CA ASP B 510 73.74 -43.59 5.98
C ASP B 510 73.66 -45.11 5.84
N VAL B 511 72.42 -45.54 5.73
CA VAL B 511 72.03 -46.93 5.69
C VAL B 511 72.15 -47.53 4.27
N GLY B 512 71.64 -46.78 3.29
CA GLY B 512 71.78 -47.13 1.87
C GLY B 512 71.17 -48.46 1.49
N THR B 513 72.05 -49.37 1.07
CA THR B 513 71.68 -50.64 0.47
C THR B 513 72.07 -51.77 1.43
N VAL B 514 71.07 -52.50 1.91
CA VAL B 514 71.33 -53.55 2.94
C VAL B 514 70.93 -54.94 2.45
N ASN B 515 71.84 -55.91 2.60
CA ASN B 515 71.61 -57.24 2.02
C ASN B 515 70.90 -56.97 0.68
N GLY B 516 71.53 -56.16 -0.18
CA GLY B 516 70.96 -55.79 -1.49
C GLY B 516 69.50 -55.34 -1.55
N PHE B 517 68.99 -54.74 -0.49
CA PHE B 517 67.72 -54.03 -0.54
C PHE B 517 68.05 -52.54 -0.39
N ASP B 518 67.34 -51.70 -1.15
CA ASP B 518 67.63 -50.29 -1.13
C ASP B 518 66.69 -49.53 -0.20
N LEU B 519 67.30 -48.95 0.83
CA LEU B 519 66.57 -48.33 1.94
C LEU B 519 66.71 -46.81 1.89
N SER B 520 67.32 -46.37 0.80
CA SER B 520 67.71 -44.99 0.63
C SER B 520 66.55 -44.04 0.92
N PHE B 521 65.31 -44.51 0.80
CA PHE B 521 64.16 -43.64 1.11
C PHE B 521 64.00 -43.46 2.62
N PHE B 522 64.56 -44.40 3.39
CA PHE B 522 64.50 -44.32 4.82
C PHE B 522 65.54 -43.31 5.23
N ASP B 523 66.78 -43.46 4.76
CA ASP B 523 67.77 -42.39 4.88
C ASP B 523 67.24 -40.97 4.62
N GLU B 524 66.30 -40.79 3.71
CA GLU B 524 65.84 -39.45 3.44
C GLU B 524 64.95 -38.96 4.57
N ILE B 525 63.92 -39.73 4.92
CA ILE B 525 63.05 -39.28 6.03
C ILE B 525 63.80 -39.23 7.35
N SER B 526 64.86 -39.99 7.44
CA SER B 526 65.54 -40.09 8.71
C SER B 526 66.52 -38.94 8.87
N THR B 527 67.29 -38.64 7.83
CA THR B 527 68.07 -37.41 7.72
C THR B 527 67.19 -36.20 7.98
N LYS B 528 66.10 -36.08 7.25
CA LYS B 528 65.14 -35.02 7.50
C LYS B 528 64.67 -34.93 8.97
N ALA B 529 64.32 -36.07 9.58
CA ALA B 529 63.84 -36.02 10.99
C ALA B 529 65.01 -35.65 11.91
N ARG B 530 66.19 -36.16 11.61
CA ARG B 530 67.32 -35.87 12.47
C ARG B 530 67.72 -34.42 12.37
N THR B 531 67.79 -33.89 11.15
CA THR B 531 68.05 -32.46 10.97
C THR B 531 66.97 -31.61 11.68
N ALA B 532 65.72 -32.04 11.65
CA ALA B 532 64.66 -31.26 12.34
C ALA B 532 64.70 -31.21 13.88
N THR B 533 65.23 -32.23 14.56
CA THR B 533 64.98 -32.41 15.99
C THR B 533 66.27 -32.72 16.77
N ASP B 534 67.27 -33.32 16.11
CA ASP B 534 68.55 -33.69 16.71
C ASP B 534 69.45 -32.50 17.07
N ALA B 535 70.19 -32.60 18.17
CA ALA B 535 71.33 -31.71 18.41
C ALA B 535 72.36 -31.97 17.33
N ILE B 536 73.13 -30.94 16.99
CA ILE B 536 74.19 -31.04 16.00
C ILE B 536 75.23 -31.99 16.51
N VAL B 537 75.55 -31.79 17.79
CA VAL B 537 76.51 -32.57 18.49
C VAL B 537 75.82 -33.63 19.38
N ASP B 538 76.24 -34.88 19.19
CA ASP B 538 75.85 -35.97 20.04
C ASP B 538 76.60 -36.00 21.38
N GLU B 539 76.01 -36.66 22.40
CA GLU B 539 76.72 -36.95 23.65
C GLU B 539 76.96 -38.48 23.75
N GLN B 540 78.12 -38.88 24.28
CA GLN B 540 78.50 -40.33 24.27
C GLN B 540 79.64 -40.56 25.24
N SER B 541 79.66 -41.74 25.87
CA SER B 541 80.71 -42.18 26.80
C SER B 541 81.86 -42.73 25.95
N LEU B 542 82.78 -41.86 25.55
CA LEU B 542 83.69 -42.21 24.46
C LEU B 542 84.71 -43.27 24.94
N TRP B 543 84.90 -43.37 26.25
CA TRP B 543 85.62 -44.54 26.74
C TRP B 543 85.08 -45.88 26.30
N GLU B 544 83.80 -45.97 25.96
CA GLU B 544 83.22 -47.25 25.49
C GLU B 544 83.35 -47.47 24.00
N TYR B 545 84.26 -46.74 23.35
CA TYR B 545 84.40 -46.83 21.89
C TYR B 545 85.85 -46.72 21.45
N ALA B 546 86.34 -47.72 20.74
CA ALA B 546 87.75 -47.61 20.33
C ALA B 546 87.85 -46.75 19.08
N GLY B 547 88.96 -46.05 19.03
CA GLY B 547 89.45 -45.50 17.77
C GLY B 547 90.77 -44.80 17.83
N ILE B 548 91.12 -44.16 16.74
CA ILE B 548 92.45 -43.64 16.68
C ILE B 548 92.37 -42.14 16.40
N VAL B 549 93.09 -41.40 17.21
CA VAL B 549 93.13 -39.95 17.11
C VAL B 549 94.00 -39.54 15.87
N LYS B 550 93.59 -38.57 15.06
CA LYS B 550 94.31 -38.29 13.79
C LYS B 550 95.06 -36.93 13.68
N GLY B 551 95.23 -36.26 14.81
CA GLY B 551 95.80 -34.89 14.85
C GLY B 551 95.76 -34.42 16.28
N ASP B 552 96.42 -33.29 16.56
CA ASP B 552 96.44 -32.69 17.90
C ASP B 552 95.07 -32.15 18.33
N ALA B 553 94.89 -31.97 19.62
CA ALA B 553 93.64 -31.40 20.13
C ALA B 553 93.68 -29.93 19.80
N VAL B 554 92.55 -29.36 19.44
CA VAL B 554 92.51 -27.95 19.11
C VAL B 554 91.51 -27.19 19.99
N GLU B 555 91.86 -25.93 20.32
CA GLU B 555 91.03 -25.00 21.11
C GLU B 555 89.90 -24.33 20.34
N ILE B 556 88.71 -24.36 20.91
CA ILE B 556 87.52 -23.87 20.25
C ILE B 556 87.00 -22.59 20.89
N LEU B 557 86.80 -22.62 22.19
CA LEU B 557 86.31 -21.46 22.90
C LEU B 557 87.12 -21.40 24.18
N ARG B 558 87.32 -20.22 24.74
CA ARG B 558 88.08 -20.08 25.97
C ARG B 558 87.31 -19.25 26.97
N PHE B 559 87.29 -19.65 28.24
CA PHE B 559 86.43 -19.04 29.26
C PHE B 559 87.23 -18.59 30.42
N PRO B 560 87.85 -17.41 30.31
CA PRO B 560 88.61 -16.90 31.46
C PRO B 560 87.65 -16.52 32.61
N ILE B 561 88.13 -16.64 33.82
CA ILE B 561 87.27 -16.29 34.91
C ILE B 561 87.57 -14.87 35.34
N ASP B 562 88.83 -14.47 35.21
CA ASP B 562 89.24 -13.06 35.29
C ASP B 562 88.64 -12.25 34.16
N GLY B 563 87.71 -11.38 34.50
CA GLY B 563 87.01 -10.60 33.47
C GLY B 563 85.52 -10.85 33.47
N ARG B 564 84.79 -10.00 32.76
CA ARG B 564 83.34 -10.06 32.74
C ARG B 564 82.91 -11.22 31.84
N VAL B 565 81.68 -11.69 32.02
CA VAL B 565 81.14 -12.79 31.22
C VAL B 565 80.54 -12.23 29.92
N SER B 566 81.02 -12.73 28.81
CA SER B 566 80.68 -12.12 27.52
C SER B 566 80.50 -13.17 26.42
N SER B 567 79.79 -12.81 25.37
CA SER B 567 79.61 -13.76 24.29
C SER B 567 80.96 -14.09 23.69
N GLN B 568 81.12 -15.31 23.19
CA GLN B 568 82.33 -15.71 22.50
C GLN B 568 81.99 -16.41 21.23
N LYS B 569 82.66 -16.01 20.17
CA LYS B 569 82.42 -16.54 18.84
C LYS B 569 83.72 -17.15 18.35
N CYS B 570 83.65 -18.18 17.52
CA CYS B 570 84.88 -18.70 16.96
C CYS B 570 84.68 -19.58 15.75
N VAL B 571 85.50 -19.34 14.74
CA VAL B 571 85.48 -20.13 13.52
C VAL B 571 86.89 -20.66 13.41
N VAL B 572 87.04 -21.98 13.52
CA VAL B 572 88.32 -22.64 13.38
C VAL B 572 88.16 -23.66 12.27
N ASN B 573 89.28 -24.11 11.72
CA ASN B 573 89.29 -25.25 10.83
C ASN B 573 89.79 -26.51 11.51
N ILE B 574 89.04 -27.59 11.29
CA ILE B 574 89.47 -28.87 11.79
C ILE B 574 90.08 -29.66 10.65
N ASP B 575 91.35 -30.02 10.81
CA ASP B 575 92.11 -30.71 9.77
C ASP B 575 92.19 -32.22 9.94
N ASN B 576 92.62 -32.90 8.86
CA ASN B 576 92.88 -34.34 8.90
C ASN B 576 91.54 -35.03 9.05
N MET B 577 90.53 -34.49 8.40
CA MET B 577 89.28 -35.21 8.35
C MET B 577 89.18 -36.27 7.25
N SER B 578 90.15 -36.30 6.35
CA SER B 578 90.12 -37.28 5.26
C SER B 578 90.16 -38.66 5.88
N SER B 579 91.05 -38.81 6.86
CA SER B 579 91.35 -40.06 7.55
C SER B 579 90.56 -40.20 8.86
N SER B 580 89.49 -39.41 9.01
CA SER B 580 88.73 -39.35 10.28
C SER B 580 87.23 -39.53 10.06
N ASN B 581 86.51 -39.92 11.11
CA ASN B 581 85.05 -40.05 11.03
C ASN B 581 84.27 -39.38 12.17
N ALA B 582 84.95 -38.63 13.05
CA ALA B 582 84.21 -37.92 14.08
C ALA B 582 85.02 -36.84 14.71
N ILE B 583 84.38 -35.93 15.43
CA ILE B 583 85.10 -34.88 16.14
C ILE B 583 84.63 -34.83 17.59
N PRO B 584 85.31 -35.59 18.46
CA PRO B 584 84.97 -35.58 19.88
C PRO B 584 85.20 -34.18 20.38
N MET B 585 84.44 -33.75 21.36
CA MET B 585 84.65 -32.44 21.95
C MET B 585 84.49 -32.49 23.48
N TRP B 586 85.22 -31.65 24.22
CA TRP B 586 85.10 -31.66 25.69
C TRP B 586 85.72 -30.43 26.38
N MET B 587 85.67 -30.37 27.69
CA MET B 587 86.05 -29.16 28.40
C MET B 587 87.24 -29.42 29.31
N GLU B 588 88.19 -28.49 29.42
CA GLU B 588 89.27 -28.60 30.45
C GLU B 588 89.29 -27.40 31.37
N TRP B 589 89.88 -27.51 32.55
CA TRP B 589 89.74 -26.42 33.51
C TRP B 589 91.03 -26.32 34.26
N GLU B 590 91.53 -25.10 34.41
CA GLU B 590 92.74 -24.92 35.16
C GLU B 590 92.38 -24.67 36.59
N PHE B 591 92.40 -25.76 37.33
CA PHE B 591 92.12 -25.75 38.76
C PHE B 591 93.43 -25.48 39.50
N GLY B 592 93.65 -24.26 39.96
CA GLY B 592 94.82 -23.96 40.75
C GLY B 592 96.00 -24.27 39.87
N GLY B 593 96.87 -25.17 40.33
CA GLY B 593 98.02 -25.59 39.55
C GLY B 593 97.82 -26.80 38.64
N ILE B 594 96.63 -27.41 38.65
CA ILE B 594 96.46 -28.63 37.81
C ILE B 594 95.43 -28.47 36.65
N ASN B 595 95.57 -29.32 35.66
CA ASN B 595 94.65 -29.32 34.56
C ASN B 595 93.59 -30.42 34.74
N LEU B 596 92.31 -30.08 34.80
CA LEU B 596 91.25 -31.10 34.86
C LEU B 596 90.55 -31.25 33.53
N SER B 597 90.57 -32.42 32.91
CA SER B 597 89.88 -32.61 31.66
C SER B 597 88.67 -33.45 31.87
N THR B 598 87.57 -33.06 31.26
CA THR B 598 86.33 -33.82 31.38
C THR B 598 86.23 -34.75 30.15
N GLY B 599 87.30 -34.85 29.39
CA GLY B 599 87.19 -35.55 28.14
C GLY B 599 88.48 -36.29 27.95
N LEU B 600 89.34 -35.75 27.08
CA LEU B 600 90.55 -36.46 26.70
C LEU B 600 91.54 -36.37 27.81
N LEU B 601 92.15 -37.52 28.14
CA LEU B 601 93.04 -37.66 29.30
C LEU B 601 94.49 -37.89 28.92
N SER B 602 94.71 -38.57 27.79
CA SER B 602 96.04 -38.88 27.31
C SER B 602 95.92 -39.39 25.91
N ILE B 603 97.01 -39.38 25.19
CA ILE B 603 97.08 -40.09 23.94
C ILE B 603 98.33 -40.97 24.00
N SER B 604 98.15 -42.26 23.77
CA SER B 604 99.27 -43.15 23.67
C SER B 604 100.09 -42.85 22.39
N SER B 605 101.31 -43.36 22.35
CA SER B 605 102.19 -43.29 21.18
C SER B 605 101.49 -43.70 19.89
N ALA B 606 100.71 -44.78 19.94
CA ALA B 606 99.98 -45.24 18.74
C ALA B 606 98.80 -44.37 18.28
N GLY B 607 98.41 -43.35 19.08
CA GLY B 607 97.21 -42.55 18.79
C GLY B 607 95.87 -43.03 19.42
N VAL B 608 95.96 -43.83 20.49
CA VAL B 608 94.78 -44.28 21.26
C VAL B 608 94.45 -43.26 22.38
N PRO B 609 93.27 -42.63 22.29
CA PRO B 609 92.92 -41.72 23.37
C PRO B 609 92.40 -42.47 24.58
N GLU B 610 92.62 -41.93 25.77
CA GLU B 610 91.85 -42.32 26.92
C GLU B 610 90.86 -41.20 27.24
N TRP B 611 89.63 -41.62 27.56
CA TRP B 611 88.52 -40.74 27.92
C TRP B 611 88.08 -40.82 29.37
N ASN B 612 87.70 -39.70 29.92
CA ASN B 612 87.29 -39.68 31.31
C ASN B 612 85.90 -40.37 31.46
N LYS B 613 85.77 -41.26 32.44
CA LYS B 613 84.63 -42.20 32.50
C LYS B 613 83.53 -41.56 33.29
N GLY B 614 83.90 -40.52 34.01
CA GLY B 614 82.94 -39.83 34.82
C GLY B 614 82.13 -38.71 34.18
N TYR B 615 82.17 -38.59 32.85
CA TYR B 615 81.46 -37.61 32.08
C TYR B 615 81.19 -38.23 30.71
N LYS B 616 80.08 -37.83 30.05
CA LYS B 616 79.94 -37.96 28.61
C LYS B 616 80.67 -36.86 27.87
N GLN B 617 81.06 -37.14 26.62
CA GLN B 617 81.70 -36.16 25.75
C GLN B 617 80.81 -35.82 24.58
N GLY B 618 81.06 -34.68 23.94
CA GLY B 618 80.36 -34.41 22.68
C GLY B 618 81.07 -35.16 21.57
N VAL B 619 80.31 -35.58 20.56
CA VAL B 619 80.91 -35.98 19.33
C VAL B 619 80.12 -35.47 18.19
N TYR B 620 80.79 -34.87 17.23
CA TYR B 620 80.12 -34.55 16.00
C TYR B 620 80.59 -35.55 14.93
N PHE B 621 79.64 -36.12 14.22
CA PHE B 621 79.89 -36.96 13.05
C PHE B 621 79.56 -36.15 11.83
N PRO B 622 80.52 -36.03 10.88
CA PRO B 622 80.37 -35.29 9.63
C PRO B 622 79.15 -35.77 8.86
N ILE B 623 78.29 -34.84 8.43
CA ILE B 623 77.07 -35.23 7.72
C ILE B 623 77.43 -35.67 6.31
N THR B 624 76.46 -36.11 5.53
CA THR B 624 76.88 -36.85 4.37
C THR B 624 77.56 -35.90 3.38
N ALA B 625 77.01 -34.71 3.21
CA ALA B 625 77.62 -33.73 2.31
C ALA B 625 79.11 -33.49 2.62
N LEU B 626 79.47 -33.68 3.87
CA LEU B 626 80.76 -33.32 4.35
C LEU B 626 81.67 -34.53 4.53
N ARG B 627 81.19 -35.72 4.18
CA ARG B 627 81.88 -36.97 4.63
C ARG B 627 83.29 -37.27 4.05
N ASN B 628 83.59 -36.82 2.83
CA ASN B 628 84.95 -36.96 2.22
C ASN B 628 85.86 -35.74 2.40
N ASP B 629 85.35 -34.65 2.96
CA ASP B 629 86.16 -33.43 3.05
C ASP B 629 87.37 -33.60 3.98
N LYS B 630 88.50 -33.04 3.59
CA LYS B 630 89.75 -33.27 4.34
C LYS B 630 90.00 -32.24 5.46
N SER B 631 89.23 -31.18 5.45
CA SER B 631 89.28 -30.23 6.57
C SER B 631 87.88 -29.70 6.70
N LEU B 632 87.42 -29.51 7.93
CA LEU B 632 86.06 -29.03 8.10
C LEU B 632 86.10 -27.76 8.89
N CYS B 633 85.01 -26.98 8.71
CA CYS B 633 84.87 -25.68 9.36
C CYS B 633 83.84 -25.69 10.50
N LEU B 634 84.34 -25.48 11.71
CA LEU B 634 83.52 -25.37 12.93
C LEU B 634 83.24 -23.95 13.33
N HIS B 635 81.99 -23.56 13.36
CA HIS B 635 81.63 -22.24 13.90
C HIS B 635 81.07 -22.52 15.25
N ALA B 636 81.72 -22.01 16.28
CA ALA B 636 81.20 -22.19 17.63
C ALA B 636 80.95 -20.86 18.25
N LEU B 637 79.85 -20.79 19.01
CA LEU B 637 79.39 -19.59 19.66
C LEU B 637 78.99 -19.88 21.09
N PHE B 638 79.34 -19.00 22.00
CA PHE B 638 78.79 -19.05 23.34
C PHE B 638 77.99 -17.79 23.48
N ASP B 639 76.70 -17.90 23.80
CA ASP B 639 75.84 -16.73 23.97
C ASP B 639 75.66 -16.32 25.42
N LYS B 640 76.25 -15.17 25.77
CA LYS B 640 76.20 -14.52 27.09
C LYS B 640 74.82 -14.57 27.75
N SER B 641 73.77 -14.43 26.96
CA SER B 641 72.44 -14.25 27.49
C SER B 641 71.75 -15.57 27.89
N THR B 642 72.26 -16.70 27.38
CA THR B 642 71.67 -18.00 27.63
C THR B 642 72.71 -18.89 28.29
N GLY B 643 73.98 -18.61 28.06
CA GLY B 643 75.06 -19.48 28.52
C GLY B 643 75.05 -20.79 27.76
N ASP B 644 74.41 -20.77 26.58
CA ASP B 644 74.37 -21.87 25.63
C ASP B 644 75.55 -21.81 24.63
N ILE B 645 75.97 -22.97 24.18
CA ILE B 645 76.97 -23.05 23.18
C ILE B 645 76.28 -23.66 21.97
N ASN B 646 76.38 -23.00 20.82
CA ASN B 646 75.92 -23.60 19.60
C ASN B 646 77.08 -23.79 18.64
N PHE B 647 76.93 -24.83 17.83
CA PHE B 647 77.94 -25.37 16.96
C PHE B 647 77.33 -25.52 15.60
N GLN B 648 78.07 -25.17 14.58
CA GLN B 648 77.66 -25.42 13.23
C GLN B 648 78.90 -25.91 12.56
N PHE B 649 78.75 -26.97 11.77
CA PHE B 649 79.88 -27.57 11.03
C PHE B 649 79.66 -27.45 9.54
N GLY B 650 80.67 -26.98 8.83
CA GLY B 650 80.51 -26.83 7.38
C GLY B 650 81.80 -27.02 6.67
N LYS B 651 81.74 -27.08 5.34
CA LYS B 651 82.99 -27.30 4.61
C LYS B 651 83.87 -26.08 4.83
N SER B 652 85.17 -26.23 4.70
CA SER B 652 86.08 -25.09 4.79
C SER B 652 85.82 -24.06 3.67
N MET C 9 30.81 -74.54 17.98
CA MET C 9 30.84 -76.01 18.30
C MET C 9 29.42 -76.66 18.23
N PHE C 10 29.12 -77.30 17.12
CA PHE C 10 27.81 -77.87 16.90
C PHE C 10 27.82 -79.33 17.33
N LEU C 11 26.95 -79.67 18.29
CA LEU C 11 26.82 -81.03 18.81
C LEU C 11 25.75 -81.81 18.05
N GLU C 12 26.18 -82.98 17.57
CA GLU C 12 25.37 -83.86 16.74
C GLU C 12 24.54 -84.81 17.59
N LYS C 13 23.30 -85.02 17.14
CA LYS C 13 22.28 -85.87 17.79
C LYS C 13 21.24 -86.28 16.76
N ILE C 14 20.56 -87.39 17.06
CA ILE C 14 19.55 -87.95 16.19
C ILE C 14 18.18 -87.69 16.76
N ASN C 15 17.32 -87.24 15.88
CA ASN C 15 15.96 -86.95 16.24
C ASN C 15 15.28 -88.28 16.49
N GLN C 16 14.71 -88.40 17.68
CA GLN C 16 14.23 -89.69 18.11
C GLN C 16 12.90 -90.02 17.50
N LYS C 17 12.24 -89.07 16.86
CA LYS C 17 10.92 -89.35 16.25
C LYS C 17 10.91 -89.36 14.73
N THR C 18 11.98 -88.85 14.11
CA THR C 18 11.99 -88.76 12.64
C THR C 18 13.19 -89.46 12.10
N GLY C 19 14.18 -89.68 12.96
CA GLY C 19 15.46 -90.26 12.51
C GLY C 19 16.45 -89.33 11.86
N GLU C 20 16.09 -88.05 11.64
CA GLU C 20 17.00 -87.05 11.01
C GLU C 20 18.19 -86.65 11.85
N ARG C 21 19.35 -86.44 11.25
CA ARG C 21 20.47 -85.82 11.98
C ARG C 21 20.17 -84.36 12.30
N GLU C 22 20.56 -83.91 13.48
CA GLU C 22 20.31 -82.54 13.97
C GLU C 22 21.49 -82.13 14.84
N TRP C 23 21.63 -80.84 15.11
CA TRP C 23 22.69 -80.37 15.99
C TRP C 23 22.19 -79.43 17.05
N VAL C 24 22.99 -79.27 18.06
CA VAL C 24 22.62 -78.36 19.10
C VAL C 24 23.92 -77.66 19.53
N VAL C 25 23.85 -76.51 20.20
CA VAL C 25 25.05 -75.92 20.87
C VAL C 25 24.91 -75.70 22.36
N ALA C 26 26.03 -75.60 23.02
CA ALA C 26 26.06 -75.32 24.44
C ALA C 26 25.61 -73.89 24.64
N GLU C 27 25.25 -73.52 25.87
CA GLU C 27 24.55 -72.24 26.05
C GLU C 27 25.44 -71.07 25.72
N GLU C 28 26.73 -71.16 26.06
CA GLU C 28 27.68 -70.08 25.75
C GLU C 28 27.78 -69.81 24.25
N ASP C 29 27.44 -70.78 23.42
CA ASP C 29 27.55 -70.59 22.00
C ASP C 29 26.20 -70.19 21.37
N TYR C 30 25.17 -70.10 22.18
CA TYR C 30 23.82 -69.94 21.64
C TYR C 30 23.60 -68.68 20.81
N ASP C 31 23.71 -67.49 21.43
CA ASP C 31 23.69 -66.15 20.74
C ASP C 31 24.54 -66.09 19.49
N MET C 32 25.77 -66.59 19.59
CA MET C 32 26.65 -66.61 18.45
C MET C 32 25.99 -67.40 17.32
N ALA C 33 25.54 -68.62 17.66
CA ALA C 33 24.91 -69.50 16.70
C ALA C 33 23.65 -68.91 16.09
N GLN C 34 22.85 -68.26 16.92
CA GLN C 34 21.58 -67.67 16.47
C GLN C 34 21.87 -66.56 15.46
N GLU C 35 22.90 -65.76 15.76
CA GLU C 35 23.27 -64.72 14.79
C GLU C 35 23.79 -65.38 13.52
N LEU C 36 24.59 -66.42 13.66
CA LEU C 36 25.05 -67.11 12.50
C LEU C 36 23.88 -67.65 11.68
N ALA C 37 22.75 -67.88 12.35
CA ALA C 37 21.62 -68.53 11.70
C ALA C 37 20.93 -67.55 10.77
N ARG C 38 21.00 -66.28 11.14
CA ARG C 38 20.36 -65.19 10.43
C ARG C 38 21.25 -64.65 9.33
N SER C 39 22.50 -65.08 9.33
CA SER C 39 23.52 -64.51 8.49
C SER C 39 23.25 -64.66 7.02
N ARG C 40 22.34 -65.56 6.68
CA ARG C 40 22.06 -65.84 5.29
C ARG C 40 21.15 -64.76 4.73
N PHE C 41 20.39 -64.11 5.61
CA PHE C 41 19.43 -63.07 5.25
C PHE C 41 18.49 -63.54 4.16
N GLY C 42 17.77 -64.61 4.48
CA GLY C 42 16.80 -65.23 3.60
C GLY C 42 17.39 -65.52 2.26
N ASP C 43 16.90 -64.79 1.24
CA ASP C 43 17.30 -65.03 -0.16
C ASP C 43 18.57 -64.35 -0.64
N MET C 44 19.13 -63.46 0.19
CA MET C 44 20.28 -62.68 -0.20
C MET C 44 21.25 -63.35 -1.20
N ILE C 45 21.68 -64.57 -0.89
CA ILE C 45 22.71 -65.22 -1.63
C ILE C 45 22.16 -65.89 -2.90
N LEU C 46 20.84 -65.91 -3.04
CA LEU C 46 20.18 -66.65 -4.10
C LEU C 46 19.51 -65.70 -5.02
N ASP C 47 19.49 -64.45 -4.58
CA ASP C 47 19.10 -63.36 -5.42
C ASP C 47 20.14 -63.31 -6.54
N PHE C 48 19.80 -63.95 -7.66
CA PHE C 48 20.74 -64.20 -8.74
C PHE C 48 21.09 -62.83 -9.31
N ASP C 49 20.06 -61.98 -9.44
CA ASP C 49 20.23 -60.61 -9.89
C ASP C 49 21.30 -59.94 -9.00
N ARG C 50 20.92 -59.50 -7.80
CA ARG C 50 21.85 -58.80 -6.89
C ARG C 50 23.29 -59.13 -7.28
N ASN C 51 23.59 -60.42 -7.37
CA ASN C 51 24.96 -60.85 -7.60
C ASN C 51 25.48 -60.64 -9.00
N ASP C 52 24.56 -60.52 -9.95
CA ASP C 52 24.93 -60.20 -11.33
C ASP C 52 25.30 -58.73 -11.38
N LYS C 53 24.40 -57.92 -10.85
CA LYS C 53 24.65 -56.48 -10.76
C LYS C 53 25.95 -56.12 -10.05
N PHE C 54 26.39 -56.92 -9.10
CA PHE C 54 27.64 -56.59 -8.42
C PHE C 54 28.81 -57.12 -9.22
N LEU C 55 28.59 -58.25 -9.91
CA LEU C 55 29.59 -58.79 -10.82
C LEU C 55 29.86 -57.67 -11.78
N ALA C 56 28.79 -57.26 -12.48
CA ALA C 56 28.88 -56.19 -13.46
C ALA C 56 29.80 -55.04 -13.05
N GLY C 57 29.37 -54.29 -12.04
CA GLY C 57 29.99 -53.03 -11.67
C GLY C 57 31.37 -53.19 -11.11
N LEU C 58 31.72 -54.41 -10.77
CA LEU C 58 33.09 -54.74 -10.40
C LEU C 58 33.92 -54.78 -11.66
N LYS C 59 33.39 -55.47 -12.67
CA LYS C 59 34.13 -55.72 -13.92
C LYS C 59 34.67 -54.41 -14.47
N THR C 60 33.78 -53.42 -14.67
CA THR C 60 34.18 -52.08 -15.10
C THR C 60 35.30 -51.55 -14.21
N THR C 61 34.91 -51.18 -13.01
CA THR C 61 35.78 -50.55 -12.04
C THR C 61 37.08 -51.32 -11.81
N ILE C 62 37.17 -52.55 -12.31
CA ILE C 62 38.45 -53.26 -12.25
C ILE C 62 39.15 -53.12 -13.58
N ALA C 63 38.40 -53.35 -14.64
CA ALA C 63 38.92 -53.27 -16.00
C ALA C 63 39.35 -51.86 -16.29
N GLU C 64 38.56 -50.89 -15.89
CA GLU C 64 38.87 -49.50 -16.15
C GLU C 64 40.04 -49.05 -15.30
N LYS C 65 39.98 -49.36 -14.00
CA LYS C 65 40.96 -48.90 -13.03
C LYS C 65 42.32 -49.56 -13.21
N LYS C 66 42.40 -50.49 -14.17
CA LYS C 66 43.67 -51.01 -14.65
C LYS C 66 44.42 -49.84 -15.29
N HIS C 67 43.69 -49.04 -16.08
CA HIS C 67 44.18 -47.76 -16.60
C HIS C 67 44.60 -46.84 -15.46
N GLU C 68 43.82 -45.79 -15.24
CA GLU C 68 44.12 -44.76 -14.22
C GLU C 68 45.40 -45.01 -13.39
N ASN C 69 45.37 -46.02 -12.53
CA ASN C 69 46.53 -46.39 -11.70
C ASN C 69 47.76 -46.73 -12.54
N THR C 70 48.89 -46.06 -12.26
CA THR C 70 50.15 -46.17 -13.03
C THR C 70 50.34 -47.51 -13.76
N ASP C 71 50.39 -48.57 -12.94
CA ASP C 71 50.71 -49.93 -13.39
C ASP C 71 49.44 -50.74 -13.69
N GLY C 72 49.57 -52.06 -13.71
CA GLY C 72 48.45 -52.93 -14.05
C GLY C 72 47.60 -53.42 -12.89
N LYS C 73 47.97 -53.01 -11.66
CA LYS C 73 47.43 -53.61 -10.43
C LYS C 73 46.37 -52.79 -9.66
N VAL C 74 45.15 -53.32 -9.58
CA VAL C 74 44.12 -52.81 -8.68
C VAL C 74 44.20 -53.45 -7.29
N HIS C 75 43.43 -52.94 -6.32
CA HIS C 75 43.34 -53.52 -4.98
C HIS C 75 41.98 -53.20 -4.45
N VAL C 76 41.12 -54.22 -4.43
CA VAL C 76 39.68 -54.09 -4.14
C VAL C 76 39.35 -54.38 -2.68
N LEU C 77 38.48 -53.55 -2.11
CA LEU C 77 38.06 -53.70 -0.73
C LEU C 77 36.59 -54.08 -0.66
N ASP C 78 36.33 -55.16 0.09
CA ASP C 78 34.99 -55.70 0.31
C ASP C 78 34.61 -55.48 1.77
N ILE C 79 33.64 -54.61 1.98
CA ILE C 79 33.15 -54.31 3.34
C ILE C 79 31.95 -55.20 3.61
N GLY C 80 32.03 -56.01 4.66
CA GLY C 80 30.91 -56.92 4.95
C GLY C 80 30.96 -58.10 4.00
N THR C 81 32.10 -58.78 4.08
CA THR C 81 32.45 -59.86 3.16
C THR C 81 31.46 -61.03 3.29
N GLY C 82 30.89 -61.21 4.48
CA GLY C 82 29.87 -62.22 4.73
C GLY C 82 30.43 -63.60 4.46
N THR C 83 29.86 -64.24 3.46
CA THR C 83 30.32 -65.52 3.02
C THR C 83 31.63 -65.35 2.28
N GLY C 84 31.88 -64.10 1.85
CA GLY C 84 33.08 -63.72 1.12
C GLY C 84 32.87 -63.81 -0.37
N LEU C 85 31.62 -63.99 -0.78
CA LEU C 85 31.22 -64.15 -2.16
C LEU C 85 31.90 -63.06 -2.98
N LEU C 86 31.35 -61.85 -2.96
CA LEU C 86 31.87 -60.68 -3.69
C LEU C 86 33.38 -60.67 -3.89
N SER C 87 34.11 -60.94 -2.80
CA SER C 87 35.55 -61.00 -2.85
C SER C 87 36.13 -62.06 -3.80
N LEU C 88 35.43 -63.17 -3.97
CA LEU C 88 35.88 -64.22 -4.88
C LEU C 88 35.55 -63.78 -6.29
N MET C 89 34.48 -63.00 -6.42
CA MET C 89 34.07 -62.38 -7.69
C MET C 89 35.08 -61.36 -8.23
N ALA C 90 35.56 -60.48 -7.35
CA ALA C 90 36.65 -59.60 -7.70
C ALA C 90 37.80 -60.47 -8.19
N ALA C 91 38.42 -61.21 -7.28
CA ALA C 91 39.56 -62.07 -7.60
C ALA C 91 39.47 -62.70 -8.99
N ARG C 92 38.51 -63.60 -9.19
CA ARG C 92 38.41 -64.32 -10.47
C ARG C 92 38.36 -63.36 -11.67
N GLU C 93 37.94 -62.12 -11.43
CA GLU C 93 37.93 -61.09 -12.48
C GLU C 93 39.11 -60.09 -12.42
N GLY C 94 40.21 -60.48 -11.76
CA GLY C 94 41.53 -59.82 -11.94
C GLY C 94 42.23 -59.01 -10.86
N ALA C 95 41.56 -58.72 -9.75
CA ALA C 95 42.13 -57.83 -8.71
C ALA C 95 43.39 -58.39 -8.07
N ASP C 96 44.35 -57.54 -7.82
CA ASP C 96 45.64 -58.02 -7.33
C ASP C 96 45.74 -58.17 -5.81
N LYS C 97 44.92 -57.42 -5.10
CA LYS C 97 44.75 -57.67 -3.70
C LYS C 97 43.26 -57.54 -3.45
N VAL C 98 42.73 -58.44 -2.61
CA VAL C 98 41.37 -58.29 -2.09
C VAL C 98 41.39 -58.39 -0.58
N THR C 99 41.24 -57.22 0.05
CA THR C 99 41.15 -57.12 1.50
C THR C 99 39.67 -57.12 1.82
N ALA C 100 39.26 -58.11 2.61
CA ALA C 100 37.85 -58.36 2.92
C ALA C 100 37.64 -58.21 4.38
N LEU C 101 36.63 -57.40 4.75
CA LEU C 101 36.27 -57.23 6.17
C LEU C 101 34.88 -57.79 6.50
N GLU C 102 34.81 -58.45 7.67
CA GLU C 102 33.58 -58.93 8.25
C GLU C 102 33.70 -58.75 9.73
N VAL C 103 32.72 -58.06 10.33
CA VAL C 103 32.78 -57.83 11.78
C VAL C 103 32.37 -59.08 12.59
N PHE C 104 31.33 -59.79 12.16
CA PHE C 104 30.82 -60.96 12.91
C PHE C 104 31.77 -62.14 12.67
N LYS C 105 32.45 -62.56 13.73
CA LYS C 105 33.60 -63.44 13.60
C LYS C 105 33.35 -64.86 13.01
N PRO C 106 32.16 -65.46 13.25
CA PRO C 106 32.02 -66.78 12.61
C PRO C 106 31.88 -66.65 11.10
N MET C 107 31.35 -65.52 10.65
CA MET C 107 31.22 -65.38 9.23
C MET C 107 32.57 -65.07 8.62
N GLY C 108 33.36 -64.26 9.31
CA GLY C 108 34.72 -64.01 8.86
C GLY C 108 35.48 -65.32 8.78
N ASP C 109 35.41 -66.12 9.85
CA ASP C 109 35.90 -67.49 9.79
C ASP C 109 35.35 -68.20 8.57
N CYS C 110 34.05 -68.12 8.36
CA CYS C 110 33.49 -68.81 7.22
C CYS C 110 34.20 -68.30 5.97
N ALA C 111 34.00 -67.03 5.70
CA ALA C 111 34.75 -66.26 4.73
C ALA C 111 36.25 -66.63 4.63
N ARG C 112 36.99 -66.59 5.74
CA ARG C 112 38.41 -66.94 5.66
C ARG C 112 38.70 -68.44 5.46
N HIS C 113 37.69 -69.30 5.64
CA HIS C 113 37.84 -70.73 5.32
C HIS C 113 37.64 -70.94 3.86
N ILE C 114 36.51 -70.48 3.34
CA ILE C 114 36.14 -70.70 1.95
C ILE C 114 37.17 -70.15 0.99
N THR C 115 37.54 -68.90 1.26
CA THR C 115 38.44 -68.12 0.44
C THR C 115 39.83 -68.73 0.53
N SER C 116 40.28 -69.01 1.75
CA SER C 116 41.55 -69.68 2.02
C SER C 116 41.70 -71.02 1.26
N ASN C 117 40.58 -71.59 0.85
CA ASN C 117 40.55 -72.83 0.08
C ASN C 117 40.05 -72.57 -1.37
N SER C 118 39.94 -71.30 -1.76
CA SER C 118 39.66 -70.93 -3.16
C SER C 118 40.96 -70.84 -4.00
N PRO C 119 40.86 -70.61 -5.33
CA PRO C 119 42.14 -70.43 -6.02
C PRO C 119 42.86 -69.10 -5.68
N TRP C 120 42.44 -68.40 -4.62
CA TRP C 120 42.99 -67.07 -4.41
C TRP C 120 43.49 -66.75 -3.04
N SER C 121 43.71 -67.75 -2.20
CA SER C 121 44.30 -67.48 -0.88
C SER C 121 45.48 -66.48 -0.94
N ASP C 122 46.18 -66.48 -2.08
CA ASP C 122 47.20 -65.47 -2.41
C ASP C 122 46.59 -64.05 -2.53
N LYS C 123 45.73 -63.85 -3.52
CA LYS C 123 45.08 -62.55 -3.77
C LYS C 123 44.16 -62.08 -2.64
N ILE C 124 43.23 -62.94 -2.22
CA ILE C 124 42.23 -62.62 -1.18
C ILE C 124 42.76 -62.67 0.26
N THR C 125 42.24 -61.80 1.10
CA THR C 125 42.61 -61.75 2.51
C THR C 125 41.47 -61.16 3.41
N VAL C 126 41.23 -61.82 4.55
CA VAL C 126 40.04 -61.57 5.36
C VAL C 126 40.41 -61.06 6.73
N ILE C 127 39.96 -59.86 7.06
CA ILE C 127 40.15 -59.35 8.41
C ILE C 127 38.78 -59.37 9.07
N SER C 128 38.76 -59.60 10.37
CA SER C 128 37.48 -59.71 11.06
C SER C 128 37.39 -58.58 12.06
N GLU C 129 37.16 -57.41 11.51
CA GLU C 129 37.03 -56.13 12.20
C GLU C 129 35.87 -55.50 11.46
N ARG C 130 35.20 -54.57 12.13
CA ARG C 130 34.24 -53.66 11.49
C ARG C 130 35.00 -52.45 10.85
N SER C 131 34.85 -52.25 9.54
CA SER C 131 35.47 -51.10 8.82
C SER C 131 35.55 -49.84 9.67
N THR C 132 34.46 -49.43 10.30
CA THR C 132 34.52 -48.20 11.08
C THR C 132 35.44 -48.30 12.31
N ASP C 133 36.47 -49.14 12.23
CA ASP C 133 37.44 -49.37 13.34
C ASP C 133 38.89 -49.55 12.82
N SER C 140 48.88 -51.22 3.05
CA SER C 140 48.70 -50.46 1.81
C SER C 140 47.44 -49.55 1.80
N ARG C 141 47.09 -49.01 0.62
CA ARG C 141 45.86 -48.19 0.39
C ARG C 141 44.94 -48.95 -0.54
N ALA C 142 43.69 -48.50 -0.67
CA ALA C 142 42.65 -49.24 -1.38
C ALA C 142 42.11 -48.51 -2.56
N ASP C 143 41.96 -49.22 -3.68
CA ASP C 143 41.46 -48.64 -4.93
C ASP C 143 39.96 -48.66 -5.06
N ILE C 144 39.38 -49.86 -5.03
CA ILE C 144 37.94 -50.02 -5.18
C ILE C 144 37.33 -50.38 -3.84
N ILE C 145 36.08 -49.96 -3.63
CA ILE C 145 35.32 -50.40 -2.48
C ILE C 145 34.12 -51.12 -3.02
N VAL C 146 33.80 -52.25 -2.38
CA VAL C 146 32.57 -52.98 -2.64
C VAL C 146 31.91 -53.39 -1.32
N ALA C 147 30.60 -53.20 -1.26
CA ALA C 147 29.83 -53.47 -0.07
C ALA C 147 28.37 -53.62 -0.47
N GLU C 148 27.70 -54.71 -0.04
CA GLU C 148 26.22 -54.65 0.07
C GLU C 148 25.81 -54.68 1.55
N VAL C 149 25.45 -53.52 2.06
CA VAL C 149 25.41 -53.19 3.45
C VAL C 149 24.12 -52.34 3.56
N PHE C 150 23.14 -52.70 2.72
CA PHE C 150 21.87 -51.99 2.60
C PHE C 150 20.76 -52.91 3.02
N ASP C 151 19.71 -52.31 3.55
CA ASP C 151 18.46 -53.01 3.80
C ASP C 151 17.35 -52.34 3.05
N THR C 152 16.13 -52.80 3.29
CA THR C 152 15.00 -52.25 2.63
C THR C 152 15.08 -50.73 2.70
N GLU C 153 15.35 -50.17 3.89
CA GLU C 153 15.37 -48.72 4.08
C GLU C 153 16.62 -48.10 3.45
N LEU C 154 17.39 -48.90 2.77
CA LEU C 154 18.69 -48.50 2.22
C LEU C 154 19.78 -48.28 3.29
N ILE C 155 19.53 -47.40 4.25
CA ILE C 155 20.58 -46.98 5.19
C ILE C 155 20.51 -47.59 6.61
N GLY C 156 19.63 -48.55 6.84
CA GLY C 156 19.36 -49.00 8.21
C GLY C 156 20.45 -49.89 8.76
N GLU C 157 21.22 -50.47 7.86
CA GLU C 157 22.31 -51.32 8.26
C GLU C 157 23.62 -50.55 8.37
N GLY C 158 23.57 -49.23 8.36
CA GLY C 158 24.75 -48.42 8.67
C GLY C 158 25.61 -48.01 7.50
N ALA C 159 25.04 -48.15 6.29
CA ALA C 159 25.76 -47.88 5.04
C ALA C 159 26.37 -46.47 4.93
N LEU C 160 25.66 -45.43 5.38
CA LEU C 160 26.23 -44.09 5.24
C LEU C 160 27.62 -43.98 5.88
N ARG C 161 27.71 -44.25 7.18
CA ARG C 161 28.99 -44.25 7.88
C ARG C 161 29.99 -45.30 7.41
N THR C 162 29.49 -46.46 6.96
CA THR C 162 30.40 -47.49 6.45
C THR C 162 31.20 -46.88 5.29
N PHE C 163 30.51 -46.50 4.22
CA PHE C 163 31.15 -45.82 3.09
C PHE C 163 31.94 -44.55 3.47
N LYS C 164 31.38 -43.72 4.34
CA LYS C 164 31.97 -42.44 4.60
C LYS C 164 33.36 -42.62 5.14
N GLU C 165 33.47 -43.45 6.17
CA GLU C 165 34.73 -43.63 6.91
C GLU C 165 35.74 -44.47 6.16
N ALA C 166 35.26 -45.28 5.24
CA ALA C 166 36.17 -46.09 4.44
C ALA C 166 36.91 -45.17 3.50
N LEU C 167 36.14 -44.38 2.75
CA LEU C 167 36.70 -43.50 1.74
C LEU C 167 37.69 -42.58 2.41
N GLU C 168 37.33 -42.13 3.62
CA GLU C 168 38.21 -41.22 4.28
C GLU C 168 39.41 -41.96 4.79
N ARG C 169 39.22 -42.89 5.72
CA ARG C 169 40.37 -43.50 6.36
C ARG C 169 41.02 -44.69 5.67
N LEU C 170 40.53 -45.11 4.50
CA LEU C 170 40.85 -46.50 4.02
C LEU C 170 41.04 -46.71 2.54
N ALA C 171 40.40 -45.87 1.74
CA ALA C 171 40.55 -45.88 0.27
C ALA C 171 41.52 -44.79 -0.25
N LYS C 172 41.66 -44.75 -1.57
CA LYS C 172 42.55 -43.83 -2.25
C LYS C 172 41.83 -42.58 -2.66
N PRO C 173 42.42 -41.40 -2.38
CA PRO C 173 41.90 -40.24 -3.07
C PRO C 173 41.72 -40.64 -4.53
N GLY C 174 40.49 -40.59 -5.04
CA GLY C 174 40.20 -40.98 -6.43
C GLY C 174 39.51 -42.33 -6.55
N CYS C 175 38.99 -42.77 -5.41
CA CYS C 175 38.44 -44.11 -5.19
C CYS C 175 37.13 -44.36 -5.94
N ARG C 176 36.94 -45.58 -6.41
CA ARG C 176 35.65 -45.95 -7.01
C ARG C 176 34.93 -47.06 -6.23
N VAL C 177 33.63 -46.89 -6.03
CA VAL C 177 32.89 -47.78 -5.15
C VAL C 177 31.67 -48.33 -5.81
N VAL C 178 31.58 -49.67 -5.77
CA VAL C 178 30.41 -50.42 -6.23
C VAL C 178 29.57 -50.74 -5.01
N PRO C 179 28.35 -50.19 -4.96
CA PRO C 179 27.77 -49.29 -5.95
C PRO C 179 28.11 -47.80 -5.72
N SER C 180 27.79 -46.95 -6.71
CA SER C 180 28.28 -45.55 -6.78
C SER C 180 27.33 -44.55 -6.19
N THR C 181 26.07 -44.78 -6.50
CA THR C 181 25.05 -43.80 -6.28
C THR C 181 23.75 -44.55 -6.15
N GLY C 182 22.72 -43.82 -5.72
CA GLY C 182 21.38 -44.29 -5.74
C GLY C 182 20.46 -43.21 -5.26
N ASN C 183 19.17 -43.52 -5.34
CA ASN C 183 18.07 -42.63 -5.00
C ASN C 183 17.04 -43.41 -4.19
N VAL C 184 16.25 -42.67 -3.41
CA VAL C 184 15.07 -43.23 -2.82
C VAL C 184 13.81 -42.40 -3.11
N TYR C 185 12.75 -43.11 -3.52
CA TYR C 185 11.54 -42.54 -4.06
C TYR C 185 10.40 -42.67 -3.13
N ILE C 186 9.40 -41.85 -3.36
CA ILE C 186 8.17 -42.00 -2.65
C ILE C 186 6.96 -41.68 -3.52
N VAL C 187 5.90 -42.43 -3.30
CA VAL C 187 4.69 -42.21 -3.99
C VAL C 187 3.56 -42.00 -2.99
N PRO C 188 2.88 -40.86 -3.13
CA PRO C 188 1.63 -40.67 -2.49
C PRO C 188 0.67 -41.67 -3.15
N VAL C 189 -0.35 -42.10 -2.43
CA VAL C 189 -1.21 -43.20 -2.85
C VAL C 189 -2.40 -43.03 -1.96
N GLU C 190 -3.60 -43.04 -2.54
CA GLU C 190 -4.82 -43.21 -1.74
C GLU C 190 -4.99 -44.73 -1.65
N SER C 191 -5.16 -45.26 -0.44
CA SER C 191 -5.22 -46.70 -0.26
C SER C 191 -5.81 -47.09 1.06
N HIS C 192 -7.09 -47.44 1.02
CA HIS C 192 -7.78 -47.93 2.17
C HIS C 192 -7.02 -49.07 2.84
N LEU C 193 -6.57 -50.02 2.04
CA LEU C 193 -5.70 -51.05 2.53
C LEU C 193 -4.57 -50.46 3.41
N LEU C 194 -3.61 -49.76 2.80
CA LEU C 194 -2.47 -49.35 3.57
C LEU C 194 -2.91 -48.49 4.77
N LYS C 195 -4.04 -47.82 4.71
CA LYS C 195 -4.39 -47.00 5.87
C LYS C 195 -4.81 -47.78 7.09
N MET C 196 -5.18 -49.04 6.88
CA MET C 196 -5.82 -49.85 7.93
C MET C 196 -4.73 -50.40 8.83
N PHE C 197 -3.53 -50.48 8.28
CA PHE C 197 -2.34 -50.78 9.06
C PHE C 197 -1.91 -49.72 10.06
N ASN C 198 -2.52 -48.52 10.05
CA ASN C 198 -2.05 -47.42 10.89
C ASN C 198 -3.17 -46.65 11.57
N ASP C 199 -4.40 -46.97 11.25
CA ASP C 199 -5.44 -46.16 11.78
C ASP C 199 -5.82 -46.56 13.18
N ILE C 200 -5.90 -45.57 14.08
CA ILE C 200 -6.52 -45.79 15.36
C ILE C 200 -7.96 -46.20 15.05
N PRO C 201 -8.40 -47.37 15.54
CA PRO C 201 -9.68 -47.95 15.19
C PRO C 201 -10.78 -47.08 15.66
N ARG C 202 -11.69 -46.74 14.76
CA ARG C 202 -12.81 -45.90 15.16
C ARG C 202 -14.07 -46.72 15.39
N LEU C 203 -14.60 -46.65 16.59
CA LEU C 203 -15.70 -47.52 16.91
C LEU C 203 -16.94 -47.31 16.02
N ASN C 204 -17.42 -46.08 15.85
CA ASN C 204 -18.60 -45.84 15.00
C ASN C 204 -18.29 -45.51 13.54
N GLY C 205 -17.03 -45.63 13.13
CA GLY C 205 -16.66 -45.48 11.73
C GLY C 205 -16.48 -44.08 11.16
N GLU C 206 -16.88 -43.03 11.89
CA GLU C 206 -16.72 -41.62 11.41
C GLU C 206 -15.26 -41.21 11.30
N LYS C 207 -14.99 -40.28 10.39
CA LYS C 207 -13.63 -39.83 10.05
C LYS C 207 -12.91 -39.09 11.17
N ASP C 208 -13.63 -38.51 12.11
CA ASP C 208 -12.98 -37.67 13.11
C ASP C 208 -13.14 -38.19 14.52
N GLU C 209 -13.42 -39.48 14.67
CA GLU C 209 -13.37 -40.08 15.99
C GLU C 209 -11.90 -40.17 16.36
N GLU C 210 -11.58 -39.66 17.55
CA GLU C 210 -10.15 -39.65 17.97
C GLU C 210 -9.99 -40.17 19.39
N PRO C 211 -10.54 -41.37 19.66
CA PRO C 211 -10.66 -41.89 21.03
C PRO C 211 -9.31 -41.96 21.79
N LEU C 212 -8.21 -42.10 21.06
CA LEU C 212 -6.88 -42.08 21.67
C LEU C 212 -6.09 -40.84 21.28
N GLY C 213 -6.78 -39.81 20.81
CA GLY C 213 -6.12 -38.62 20.36
C GLY C 213 -5.47 -38.92 19.03
N ARG C 214 -4.54 -38.06 18.64
CA ARG C 214 -3.91 -38.10 17.36
C ARG C 214 -2.55 -38.67 17.58
N CYS C 215 -2.04 -39.40 16.60
CA CYS C 215 -0.91 -40.20 16.82
C CYS C 215 -0.32 -40.37 15.47
N SER C 216 0.99 -40.23 15.43
CA SER C 216 1.85 -40.49 14.31
C SER C 216 1.97 -41.96 13.86
N GLY C 217 1.59 -42.92 14.72
CA GLY C 217 1.81 -44.36 14.43
C GLY C 217 3.20 -44.89 14.79
N THR C 218 3.55 -46.09 14.34
CA THR C 218 4.82 -46.60 14.82
C THR C 218 5.94 -46.14 13.92
N ALA C 219 6.99 -45.62 14.55
CA ALA C 219 8.19 -45.19 13.89
C ALA C 219 9.02 -46.25 13.15
N ALA C 220 8.95 -47.52 13.54
CA ALA C 220 9.92 -48.46 12.95
C ALA C 220 9.46 -48.87 11.52
N VAL C 221 10.40 -49.28 10.65
CA VAL C 221 10.12 -49.41 9.24
C VAL C 221 9.05 -50.43 8.94
N PHE C 222 7.99 -49.98 8.27
CA PHE C 222 6.92 -50.85 7.79
C PHE C 222 7.32 -51.47 6.48
N ASP C 223 8.12 -52.51 6.46
CA ASP C 223 8.48 -53.06 5.15
C ASP C 223 7.48 -54.06 4.58
N VAL C 224 7.04 -53.87 3.33
CA VAL C 224 6.15 -54.85 2.69
C VAL C 224 6.50 -55.14 1.23
N GLN C 225 6.07 -56.29 0.71
CA GLN C 225 6.31 -56.72 -0.69
C GLN C 225 5.14 -56.11 -1.45
N LEU C 226 5.37 -54.98 -2.10
CA LEU C 226 4.28 -54.11 -2.53
C LEU C 226 3.65 -54.56 -3.85
N SER C 227 4.41 -55.35 -4.61
CA SER C 227 3.84 -56.15 -5.66
C SER C 227 2.54 -56.87 -5.30
N GLU C 228 2.34 -57.29 -4.05
CA GLU C 228 1.21 -58.19 -3.79
C GLU C 228 -0.06 -57.44 -3.46
N MET C 229 0.03 -56.14 -3.64
CA MET C 229 -1.16 -55.35 -3.68
C MET C 229 -1.89 -55.61 -5.00
N LYS C 230 -3.20 -55.45 -4.99
CA LYS C 230 -3.96 -55.62 -6.21
C LYS C 230 -4.19 -54.21 -6.68
N THR C 231 -4.13 -53.99 -7.99
CA THR C 231 -4.12 -52.64 -8.48
C THR C 231 -5.35 -51.82 -8.11
N HIS C 232 -6.39 -52.46 -7.60
CA HIS C 232 -7.50 -51.65 -7.15
C HIS C 232 -7.34 -51.23 -5.71
N GLU C 233 -6.41 -51.89 -5.02
CA GLU C 233 -6.12 -51.56 -3.62
C GLU C 233 -5.41 -50.18 -3.47
N PHE C 234 -4.56 -49.80 -4.43
CA PHE C 234 -3.90 -48.49 -4.43
C PHE C 234 -4.12 -47.52 -5.64
N ARG C 235 -4.36 -46.26 -5.32
CA ARG C 235 -4.38 -45.19 -6.33
C ARG C 235 -3.22 -44.16 -6.19
N GLU C 236 -2.22 -44.29 -7.06
CA GLU C 236 -1.13 -43.33 -7.21
C GLU C 236 -1.59 -41.90 -7.40
N LEU C 237 -0.88 -40.93 -6.81
CA LEU C 237 -1.30 -39.53 -6.94
C LEU C 237 -0.26 -38.70 -7.69
N SER C 238 0.92 -39.28 -7.90
CA SER C 238 1.95 -38.62 -8.66
C SER C 238 2.93 -39.67 -9.10
N GLU C 239 3.84 -39.21 -9.93
CA GLU C 239 4.96 -39.99 -10.35
C GLU C 239 5.88 -40.17 -9.16
N PRO C 240 6.68 -41.26 -9.15
CA PRO C 240 7.66 -41.40 -8.10
C PRO C 240 8.46 -40.08 -7.95
N ILE C 241 8.57 -39.60 -6.73
CA ILE C 241 9.27 -38.35 -6.42
C ILE C 241 10.57 -38.65 -5.66
N VAL C 242 11.67 -37.95 -5.99
CA VAL C 242 13.00 -38.38 -5.54
C VAL C 242 13.19 -37.76 -4.15
N ALA C 243 13.25 -38.59 -3.09
CA ALA C 243 13.30 -37.98 -1.76
C ALA C 243 14.71 -37.67 -1.36
N PHE C 244 15.65 -38.55 -1.69
CA PHE C 244 17.03 -38.33 -1.30
C PHE C 244 17.84 -38.85 -2.44
N LYS C 245 19.02 -38.24 -2.65
CA LYS C 245 20.03 -38.82 -3.51
C LYS C 245 21.18 -39.16 -2.62
N PHE C 246 22.01 -40.07 -3.08
CA PHE C 246 23.18 -40.46 -2.31
C PHE C 246 24.30 -40.69 -3.26
N ASP C 247 25.45 -40.21 -2.84
CA ASP C 247 26.62 -40.40 -3.59
C ASP C 247 27.55 -41.22 -2.72
N PHE C 248 27.77 -42.48 -3.08
CA PHE C 248 28.61 -43.31 -2.24
C PHE C 248 30.06 -43.12 -2.57
N GLU C 249 30.34 -42.31 -3.61
CA GLU C 249 31.73 -42.09 -4.03
C GLU C 249 32.42 -40.87 -3.43
N HIS C 250 31.66 -39.99 -2.77
CA HIS C 250 32.22 -38.77 -2.18
C HIS C 250 31.76 -38.49 -0.74
N GLU C 251 32.70 -38.55 0.21
CA GLU C 251 32.35 -38.56 1.61
C GLU C 251 31.67 -37.30 2.03
N GLU C 252 32.18 -36.19 1.50
CA GLU C 252 31.68 -34.86 1.86
C GLU C 252 30.19 -34.77 1.55
N LYS C 253 29.76 -35.64 0.62
CA LYS C 253 28.38 -35.65 0.15
C LYS C 253 27.47 -36.52 1.01
N ILE C 254 28.10 -37.36 1.85
CA ILE C 254 27.39 -38.28 2.72
C ILE C 254 27.18 -37.57 4.07
N ILE C 255 25.93 -37.38 4.45
CA ILE C 255 25.60 -36.58 5.61
C ILE C 255 24.54 -37.33 6.33
N PHE C 256 24.71 -37.49 7.65
CA PHE C 256 23.83 -38.33 8.46
C PHE C 256 22.50 -37.67 8.72
N ASP C 257 22.46 -36.38 8.98
CA ASP C 257 21.18 -35.74 9.31
C ASP C 257 20.79 -34.72 8.24
N GLU C 258 19.69 -35.01 7.55
CA GLU C 258 19.25 -34.26 6.36
C GLU C 258 17.78 -34.02 6.36
N SER C 259 17.37 -32.91 5.80
CA SER C 259 15.97 -32.66 5.59
C SER C 259 15.79 -31.91 4.29
N PHE C 260 14.65 -32.07 3.65
CA PHE C 260 14.41 -31.54 2.30
C PHE C 260 12.94 -31.37 2.13
N VAL C 261 12.53 -30.18 1.70
CA VAL C 261 11.17 -30.05 1.26
C VAL C 261 11.28 -30.45 -0.21
N ARG C 262 10.39 -31.34 -0.58
CA ARG C 262 10.38 -31.81 -1.94
C ARG C 262 9.02 -31.50 -2.51
N GLU C 263 8.99 -31.48 -3.83
CA GLU C 263 7.83 -31.00 -4.55
C GLU C 263 7.51 -31.92 -5.71
N ALA C 264 6.22 -32.04 -6.00
CA ALA C 264 5.84 -32.65 -7.27
C ALA C 264 4.48 -32.14 -7.73
N VAL C 265 4.14 -32.53 -8.96
CA VAL C 265 2.84 -32.21 -9.52
C VAL C 265 1.92 -33.42 -9.40
N ALA C 266 0.82 -33.25 -8.68
CA ALA C 266 -0.19 -34.30 -8.56
C ALA C 266 -1.01 -34.52 -9.83
N HIS C 267 -0.91 -35.74 -10.40
CA HIS C 267 -1.78 -36.19 -11.53
C HIS C 267 -3.24 -36.53 -11.21
N SER C 268 -3.56 -36.81 -9.93
CA SER C 268 -4.95 -37.02 -9.45
C SER C 268 -5.28 -36.16 -8.23
N SER C 269 -6.55 -36.10 -7.85
CA SER C 269 -6.93 -35.45 -6.59
C SER C 269 -7.21 -36.53 -5.51
N GLY C 270 -7.32 -36.14 -4.24
CA GLY C 270 -7.69 -37.06 -3.13
C GLY C 270 -6.55 -37.41 -2.17
N THR C 271 -6.86 -37.96 -0.97
CA THR C 271 -5.89 -37.98 0.14
C THR C 271 -4.69 -38.95 0.09
N ILE C 272 -3.61 -38.53 0.73
CA ILE C 272 -2.43 -39.37 0.79
C ILE C 272 -2.67 -40.30 1.97
N ASP C 273 -3.17 -41.49 1.71
CA ASP C 273 -3.31 -42.44 2.79
C ASP C 273 -1.93 -42.96 3.26
N ALA C 274 -0.91 -42.94 2.40
CA ALA C 274 0.39 -43.53 2.67
C ALA C 274 1.41 -43.08 1.65
N LEU C 275 2.70 -43.30 1.90
CA LEU C 275 3.78 -42.99 0.96
C LEU C 275 4.68 -44.18 0.81
N LEU C 276 4.91 -44.60 -0.42
CA LEU C 276 5.52 -45.90 -0.63
C LEU C 276 6.94 -45.70 -1.02
N MET C 277 7.85 -46.58 -0.61
CA MET C 277 9.19 -46.24 -0.90
C MET C 277 10.00 -47.38 -1.38
N TRP C 278 11.00 -47.05 -2.19
CA TRP C 278 12.01 -47.98 -2.60
C TRP C 278 13.14 -47.22 -3.12
N TRP C 279 14.22 -47.93 -3.34
CA TRP C 279 15.40 -47.30 -3.80
C TRP C 279 15.95 -48.01 -4.98
N ASP C 280 16.76 -47.28 -5.75
CA ASP C 280 17.56 -47.90 -6.80
C ASP C 280 18.97 -47.48 -6.54
N ILE C 281 19.90 -48.22 -7.12
CA ILE C 281 21.29 -47.87 -6.98
C ILE C 281 21.90 -48.00 -8.35
N ASP C 282 22.79 -47.09 -8.69
CA ASP C 282 23.57 -47.30 -9.86
C ASP C 282 24.82 -48.06 -9.46
N MET C 283 25.04 -49.20 -10.12
CA MET C 283 26.17 -50.04 -9.72
C MET C 283 27.53 -49.39 -10.01
N ASP C 284 27.59 -48.56 -11.06
CA ASP C 284 28.86 -48.03 -11.61
C ASP C 284 28.87 -46.54 -12.07
N ARG C 285 27.73 -45.85 -11.95
CA ARG C 285 27.56 -44.41 -12.29
C ARG C 285 27.21 -44.21 -13.78
N ASN C 286 27.81 -45.04 -14.61
CA ASN C 286 27.55 -45.07 -16.03
C ASN C 286 26.07 -45.22 -16.46
N GLY C 287 25.13 -45.12 -15.53
CA GLY C 287 23.70 -45.11 -15.89
C GLY C 287 23.12 -46.28 -16.69
N THR C 288 23.84 -47.39 -16.74
CA THR C 288 23.45 -48.65 -17.44
C THR C 288 22.89 -49.78 -16.52
N THR C 289 23.59 -50.12 -15.44
CA THR C 289 23.23 -51.32 -14.65
C THR C 289 22.66 -51.03 -13.23
N PHE C 290 21.39 -51.40 -13.03
CA PHE C 290 20.63 -50.99 -11.85
C PHE C 290 20.02 -52.13 -11.02
N ILE C 291 19.98 -51.95 -9.70
CA ILE C 291 19.19 -52.80 -8.83
C ILE C 291 18.08 -51.88 -8.45
N ASP C 292 16.84 -52.27 -8.66
CA ASP C 292 15.72 -51.34 -8.62
C ASP C 292 14.53 -51.91 -7.85
N MET C 293 14.39 -51.50 -6.59
CA MET C 293 13.43 -52.14 -5.71
C MET C 293 12.01 -51.71 -5.97
N GLY C 294 11.72 -51.27 -7.19
CA GLY C 294 10.33 -50.91 -7.49
C GLY C 294 9.41 -52.13 -7.51
N PRO C 295 8.16 -51.93 -7.14
CA PRO C 295 7.24 -53.01 -7.13
C PRO C 295 6.93 -53.43 -8.58
N LYS C 296 6.84 -54.75 -8.84
CA LYS C 296 6.55 -55.31 -10.16
C LYS C 296 5.78 -54.36 -11.09
N TRP C 297 4.84 -53.63 -10.51
CA TRP C 297 3.97 -52.73 -11.23
C TRP C 297 4.47 -51.31 -11.51
N LYS C 298 5.75 -51.03 -11.24
CA LYS C 298 6.37 -49.71 -11.48
C LYS C 298 7.84 -49.92 -11.54
N ASN C 299 8.22 -50.97 -12.24
CA ASN C 299 9.61 -51.24 -12.45
C ASN C 299 9.71 -51.92 -13.81
N LYS C 300 10.19 -51.16 -14.77
CA LYS C 300 10.65 -51.69 -16.05
C LYS C 300 12.01 -51.04 -16.25
N ASN C 301 13.05 -51.82 -16.54
CA ASN C 301 12.97 -53.27 -16.71
C ASN C 301 14.09 -53.92 -15.90
N ASN C 302 13.83 -54.01 -14.60
CA ASN C 302 14.80 -54.50 -13.64
C ASN C 302 14.16 -55.20 -12.42
N TYR C 303 13.06 -55.93 -12.67
CA TYR C 303 12.32 -56.60 -11.61
C TYR C 303 12.82 -57.99 -11.37
N ALA C 304 13.25 -58.22 -10.15
CA ALA C 304 13.45 -59.55 -9.60
C ALA C 304 12.67 -59.54 -8.30
N TRP C 305 12.00 -60.65 -8.01
CA TRP C 305 11.46 -60.87 -6.68
C TRP C 305 12.66 -61.02 -5.79
N ARG C 306 12.66 -60.31 -4.67
CA ARG C 306 13.50 -60.75 -3.53
C ARG C 306 12.88 -60.42 -2.17
N ASP C 307 13.53 -60.82 -1.09
CA ASP C 307 12.83 -60.68 0.20
C ASP C 307 13.68 -60.04 1.31
N HIS C 308 14.97 -60.28 1.27
CA HIS C 308 15.89 -59.50 2.07
C HIS C 308 15.79 -58.01 1.76
N TRP C 309 15.41 -57.64 0.53
CA TRP C 309 14.98 -56.26 0.22
C TRP C 309 13.57 -56.31 -0.19
N MET C 310 12.86 -55.21 0.05
CA MET C 310 11.43 -55.05 -0.10
C MET C 310 11.13 -53.55 -0.36
N GLN C 311 9.87 -53.14 -0.20
CA GLN C 311 9.48 -51.76 -0.29
C GLN C 311 8.90 -51.39 1.05
N ALA C 312 8.53 -50.12 1.26
CA ALA C 312 8.04 -49.79 2.61
C ALA C 312 6.98 -48.73 2.57
N VAL C 313 6.22 -48.58 3.63
CA VAL C 313 5.12 -47.67 3.59
C VAL C 313 5.25 -46.82 4.78
N TYR C 314 5.00 -45.53 4.54
CA TYR C 314 5.17 -44.49 5.50
C TYR C 314 3.92 -43.64 5.49
N TYR C 315 3.72 -42.98 6.61
CA TYR C 315 2.56 -42.26 6.87
C TYR C 315 3.02 -40.90 7.30
N LEU C 316 2.10 -39.97 7.12
CA LEU C 316 2.30 -38.58 7.39
C LEU C 316 1.60 -38.41 8.72
N PRO C 317 2.14 -37.52 9.56
CA PRO C 317 1.45 -37.35 10.82
C PRO C 317 0.02 -36.80 10.75
N GLU C 318 -0.24 -35.73 10.00
CA GLU C 318 -1.63 -35.21 9.85
C GLU C 318 -2.10 -35.52 8.44
N LYS C 319 -3.38 -35.31 8.20
CA LYS C 319 -3.96 -35.58 6.89
C LYS C 319 -3.44 -34.62 5.82
N LYS C 320 -3.08 -35.16 4.65
CA LYS C 320 -2.69 -34.33 3.52
C LYS C 320 -3.41 -34.73 2.22
N LYS C 321 -4.41 -33.94 1.83
CA LYS C 321 -5.09 -34.07 0.53
C LYS C 321 -4.27 -33.42 -0.56
N VAL C 322 -4.23 -34.06 -1.72
CA VAL C 322 -3.73 -33.39 -2.91
C VAL C 322 -4.81 -33.23 -4.00
N GLU C 323 -4.44 -32.54 -5.09
CA GLU C 323 -5.37 -32.00 -6.09
C GLU C 323 -4.68 -31.82 -7.43
N MET C 324 -5.13 -32.57 -8.46
CA MET C 324 -4.57 -32.50 -9.83
C MET C 324 -4.91 -31.11 -10.34
N ASN C 325 -4.09 -30.47 -11.16
CA ASN C 325 -2.68 -30.76 -11.39
C ASN C 325 -1.91 -29.75 -10.51
N GLN C 326 -2.03 -29.90 -9.20
CA GLN C 326 -1.35 -28.99 -8.27
C GLN C 326 0.02 -29.48 -7.85
N THR C 327 0.89 -28.51 -7.63
CA THR C 327 2.14 -28.77 -6.99
C THR C 327 1.81 -28.99 -5.49
N PHE C 328 2.47 -29.96 -4.87
CA PHE C 328 2.31 -30.14 -3.43
C PHE C 328 3.67 -30.49 -2.90
N GLU C 329 3.81 -30.27 -1.59
CA GLU C 329 5.08 -30.55 -0.91
C GLU C 329 5.09 -31.59 0.21
N ILE C 330 6.18 -32.37 0.18
CA ILE C 330 6.54 -33.34 1.21
C ILE C 330 7.96 -33.11 1.82
N VAL C 331 8.03 -32.84 3.12
CA VAL C 331 9.32 -32.92 3.81
C VAL C 331 9.85 -34.36 3.92
N CYS C 332 10.99 -34.59 3.31
CA CYS C 332 11.68 -35.84 3.46
C CYS C 332 12.83 -35.72 4.47
N ASN C 333 12.67 -36.33 5.65
CA ASN C 333 13.73 -36.36 6.67
C ASN C 333 14.45 -37.70 6.81
N HIS C 334 15.72 -37.62 7.19
CA HIS C 334 16.44 -38.80 7.65
C HIS C 334 17.55 -38.53 8.61
N ASP C 335 17.80 -39.51 9.48
CA ASP C 335 18.91 -39.48 10.36
C ASP C 335 19.82 -40.57 9.84
N GLU C 336 20.79 -41.00 10.63
CA GLU C 336 21.79 -41.97 10.14
C GLU C 336 21.19 -43.33 9.70
N PHE C 337 20.04 -43.72 10.31
CA PHE C 337 19.45 -45.07 10.07
C PHE C 337 17.98 -45.08 9.73
N SER C 338 17.30 -43.95 9.75
CA SER C 338 15.89 -43.95 9.39
C SER C 338 15.39 -42.79 8.55
N LEU C 339 14.51 -43.09 7.58
CA LEU C 339 13.74 -42.09 6.82
C LEU C 339 12.50 -41.77 7.60
N TRP C 340 11.97 -40.57 7.48
CA TRP C 340 10.57 -40.31 7.87
C TRP C 340 10.05 -39.08 7.11
N PHE C 341 8.75 -38.81 7.18
CA PHE C 341 8.17 -37.88 6.23
C PHE C 341 7.18 -36.96 6.86
N SER C 342 7.23 -35.69 6.53
CA SER C 342 6.41 -34.73 7.27
C SER C 342 5.76 -33.67 6.34
N ASN C 343 4.69 -33.07 6.79
CA ASN C 343 4.12 -31.95 6.06
C ASN C 343 4.87 -30.65 6.30
N VAL C 344 4.69 -29.73 5.35
CA VAL C 344 5.27 -28.41 5.39
C VAL C 344 4.82 -27.69 6.61
N GLY C 345 5.75 -27.05 7.29
CA GLY C 345 5.41 -26.19 8.40
C GLY C 345 5.21 -26.92 9.69
N LYS C 346 5.60 -28.19 9.69
CA LYS C 346 5.43 -29.03 10.85
C LYS C 346 6.76 -29.55 11.44
N ASP C 347 6.74 -29.90 12.72
CA ASP C 347 7.87 -30.57 13.34
C ASP C 347 8.49 -31.60 12.40
N LYS C 348 9.80 -31.45 12.14
CA LYS C 348 10.59 -32.29 11.25
C LYS C 348 11.41 -33.35 12.04
N SER C 349 11.26 -33.38 13.38
CA SER C 349 11.79 -34.50 14.19
C SER C 349 11.06 -35.75 13.82
N ARG C 350 11.80 -36.86 13.78
CA ARG C 350 11.24 -38.21 13.78
C ARG C 350 10.26 -38.33 14.92
N SER C 351 9.22 -39.13 14.69
CA SER C 351 8.05 -39.10 15.49
C SER C 351 7.62 -40.54 15.84
N TYR C 352 7.29 -40.72 17.13
CA TYR C 352 6.97 -42.03 17.73
C TYR C 352 5.56 -42.13 18.26
N CYS C 353 5.08 -43.38 18.40
CA CYS C 353 3.72 -43.69 18.88
C CYS C 353 3.55 -42.95 20.18
N VAL C 354 2.54 -42.09 20.31
CA VAL C 354 2.35 -41.39 21.58
C VAL C 354 0.92 -41.61 22.03
N CYS C 355 0.23 -42.49 21.35
CA CYS C 355 -1.15 -42.77 21.77
C CYS C 355 -1.15 -44.05 22.58
N GLY C 356 -0.06 -44.82 22.46
CA GLY C 356 0.01 -46.08 23.16
C GLY C 356 -0.47 -47.35 22.46
N LEU C 357 -1.16 -47.25 21.32
CA LEU C 357 -1.64 -48.46 20.65
C LEU C 357 -0.60 -48.97 19.62
N HIS C 358 -0.06 -48.06 18.81
CA HIS C 358 0.98 -48.40 17.82
C HIS C 358 2.02 -49.27 18.51
N SER C 359 2.18 -49.01 19.78
CA SER C 359 3.30 -49.54 20.51
C SER C 359 3.01 -50.93 21.08
N MET C 360 1.75 -51.17 21.42
CA MET C 360 1.30 -52.48 21.91
C MET C 360 1.04 -53.48 20.76
N LEU C 361 0.47 -53.02 19.64
CA LEU C 361 0.01 -53.96 18.59
C LEU C 361 0.93 -53.95 17.37
N SER C 362 1.25 -55.10 16.77
CA SER C 362 1.89 -55.07 15.45
C SER C 362 1.03 -54.39 14.36
N ARG C 363 1.65 -54.01 13.24
CA ARG C 363 0.91 -53.41 12.11
C ARG C 363 -0.21 -54.37 11.71
N GLN C 364 0.10 -55.64 11.59
CA GLN C 364 -0.90 -56.54 11.05
C GLN C 364 -2.12 -56.58 11.98
N THR C 365 -1.85 -56.45 13.25
CA THR C 365 -2.91 -56.47 14.26
C THR C 365 -3.71 -55.18 14.33
N VAL C 366 -3.03 -54.05 14.08
CA VAL C 366 -3.80 -52.79 13.87
C VAL C 366 -4.79 -52.99 12.72
N TYR C 367 -4.31 -53.61 11.65
CA TYR C 367 -5.13 -53.92 10.48
C TYR C 367 -6.31 -54.81 10.86
N HIS C 368 -6.01 -55.91 11.55
CA HIS C 368 -7.05 -56.82 12.04
C HIS C 368 -8.12 -56.10 12.77
N VAL C 369 -7.74 -55.16 13.61
CA VAL C 369 -8.77 -54.56 14.48
C VAL C 369 -9.65 -53.64 13.66
N ASN C 370 -9.03 -52.90 12.74
CA ASN C 370 -9.78 -52.06 11.82
C ASN C 370 -10.72 -52.91 10.99
N GLU C 371 -10.18 -53.96 10.33
CA GLU C 371 -11.00 -54.95 9.58
C GLU C 371 -12.24 -55.31 10.37
N MET C 372 -12.00 -55.92 11.54
CA MET C 372 -13.05 -56.34 12.45
C MET C 372 -14.06 -55.23 12.64
N PHE C 373 -13.56 -54.03 12.97
CA PHE C 373 -14.43 -52.87 13.23
C PHE C 373 -15.36 -52.53 12.06
N GLU C 374 -14.88 -52.71 10.84
CA GLU C 374 -15.63 -52.43 9.63
C GLU C 374 -16.43 -53.62 9.07
N ASN C 375 -16.26 -54.81 9.66
CA ASN C 375 -16.88 -56.03 9.13
C ASN C 375 -18.33 -56.22 9.60
N GLN C 376 -19.30 -55.96 8.72
CA GLN C 376 -20.71 -55.99 9.14
C GLN C 376 -21.21 -57.37 9.55
N LYS C 377 -20.65 -58.39 8.92
CA LYS C 377 -21.03 -59.75 9.13
C LYS C 377 -20.64 -60.27 10.48
N PHE C 378 -19.35 -60.15 10.81
CA PHE C 378 -18.85 -60.38 12.17
C PHE C 378 -19.69 -59.55 13.16
N LYS C 379 -19.87 -58.26 12.89
CA LYS C 379 -20.71 -57.46 13.82
C LYS C 379 -22.08 -58.04 14.09
N ASP C 380 -22.65 -58.69 13.08
CA ASP C 380 -24.03 -59.17 13.22
C ASP C 380 -24.05 -60.35 14.12
N GLU C 381 -23.05 -61.20 13.96
CA GLU C 381 -22.95 -62.34 14.83
C GLU C 381 -22.72 -61.84 16.28
N VAL C 382 -21.79 -60.92 16.45
CA VAL C 382 -21.61 -60.34 17.80
C VAL C 382 -22.90 -59.76 18.33
N ASP C 383 -23.59 -58.91 17.55
CA ASP C 383 -24.92 -58.42 17.98
C ASP C 383 -25.93 -59.53 18.33
N LYS C 384 -26.05 -60.54 17.46
CA LYS C 384 -26.99 -61.66 17.65
C LYS C 384 -26.60 -62.44 18.89
N LEU C 385 -25.32 -62.82 18.97
CA LEU C 385 -24.82 -63.48 20.16
C LEU C 385 -24.97 -62.66 21.44
N SER C 386 -24.75 -61.34 21.36
CA SER C 386 -24.71 -60.50 22.56
C SER C 386 -26.09 -60.04 23.06
N LYS C 387 -27.08 -60.02 22.15
CA LYS C 387 -28.30 -59.22 22.38
C LYS C 387 -28.91 -59.41 23.75
N GLY C 388 -29.03 -58.30 24.49
CA GLY C 388 -29.79 -58.25 25.74
C GLY C 388 -29.05 -58.84 26.92
N LEU C 389 -27.83 -59.31 26.68
CA LEU C 389 -27.17 -60.19 27.62
C LEU C 389 -25.96 -59.59 28.38
N HIS C 390 -25.49 -60.32 29.38
CA HIS C 390 -24.24 -60.01 30.03
C HIS C 390 -23.19 -60.89 29.39
N VAL C 391 -22.36 -60.28 28.57
CA VAL C 391 -21.26 -60.96 27.95
C VAL C 391 -19.95 -60.66 28.64
N ALA C 392 -19.07 -61.63 28.61
CA ALA C 392 -17.77 -61.38 29.14
C ALA C 392 -16.83 -61.70 28.03
N THR C 393 -15.69 -61.06 28.09
CA THR C 393 -14.71 -61.14 27.04
C THR C 393 -13.39 -61.61 27.67
N VAL C 394 -12.68 -62.53 27.02
CA VAL C 394 -11.32 -62.92 27.45
C VAL C 394 -10.45 -62.78 26.22
N GLY C 395 -9.16 -62.51 26.46
CA GLY C 395 -8.17 -62.14 25.42
C GLY C 395 -7.19 -61.14 26.00
N GLU C 396 -6.10 -60.85 25.31
CA GLU C 396 -5.20 -59.81 25.72
C GLU C 396 -4.97 -58.90 24.51
N GLY C 397 -5.46 -57.66 24.66
CA GLY C 397 -5.54 -56.70 23.57
C GLY C 397 -6.68 -56.95 22.58
N SER C 398 -7.70 -57.65 23.03
CA SER C 398 -8.74 -58.00 22.09
C SER C 398 -9.88 -57.05 22.22
N PHE C 399 -10.20 -56.40 21.12
CA PHE C 399 -11.18 -55.29 21.16
C PHE C 399 -12.64 -55.73 21.11
N LEU C 400 -12.87 -57.03 20.90
CA LEU C 400 -14.22 -57.60 20.75
C LEU C 400 -15.27 -56.99 21.69
N GLY C 401 -14.96 -56.87 22.96
CA GLY C 401 -15.91 -56.28 23.90
C GLY C 401 -16.64 -55.06 23.38
N LEU C 402 -15.92 -54.13 22.79
CA LEU C 402 -16.53 -52.86 22.43
C LEU C 402 -17.60 -53.02 21.34
N LEU C 403 -17.47 -54.06 20.52
CA LEU C 403 -18.56 -54.41 19.61
C LEU C 403 -19.69 -55.09 20.38
N ALA C 404 -19.37 -55.94 21.35
CA ALA C 404 -20.42 -56.50 22.18
C ALA C 404 -21.26 -55.43 22.88
N ALA C 405 -20.62 -54.32 23.16
CA ALA C 405 -21.27 -53.17 23.81
C ALA C 405 -22.50 -52.63 23.04
N LYS C 406 -22.61 -52.88 21.72
CA LYS C 406 -23.74 -52.40 20.87
C LYS C 406 -25.11 -52.94 21.23
N THR C 407 -25.24 -54.25 21.47
CA THR C 407 -26.56 -54.83 21.85
C THR C 407 -26.59 -55.50 23.21
N ALA C 408 -25.41 -55.78 23.76
CA ALA C 408 -25.28 -56.37 25.09
C ALA C 408 -25.93 -55.52 26.15
N LYS C 409 -26.35 -56.15 27.24
CA LYS C 409 -26.90 -55.42 28.36
C LYS C 409 -25.77 -54.94 29.26
N ARG C 410 -24.66 -55.68 29.27
CA ARG C 410 -23.50 -55.49 30.15
C ARG C 410 -22.38 -56.30 29.57
N VAL C 411 -21.18 -55.73 29.57
CA VAL C 411 -20.01 -56.36 29.03
C VAL C 411 -18.87 -56.28 30.05
N THR C 412 -18.37 -57.42 30.47
CA THR C 412 -17.14 -57.46 31.25
C THR C 412 -15.98 -57.87 30.36
N ILE C 413 -15.02 -56.97 30.21
CA ILE C 413 -13.83 -57.26 29.44
C ILE C 413 -12.82 -57.68 30.49
N ILE C 414 -12.28 -58.91 30.36
CA ILE C 414 -11.19 -59.38 31.21
C ILE C 414 -9.87 -59.23 30.50
N ASP C 415 -8.97 -58.41 31.06
CA ASP C 415 -7.71 -58.23 30.39
C ASP C 415 -6.61 -57.93 31.38
N GLY C 416 -5.76 -58.92 31.57
CA GLY C 416 -4.65 -58.86 32.52
C GLY C 416 -3.59 -57.85 32.16
N ASN C 417 -3.68 -57.21 31.01
CA ASN C 417 -2.62 -56.31 30.60
C ASN C 417 -3.01 -54.87 30.82
N GLU C 418 -2.31 -54.22 31.75
CA GLU C 418 -2.68 -52.86 32.22
C GLU C 418 -2.78 -51.84 31.11
N ARG C 419 -1.75 -51.77 30.29
CA ARG C 419 -1.78 -50.86 29.18
C ARG C 419 -3.08 -51.02 28.35
N PHE C 420 -3.54 -52.28 28.14
CA PHE C 420 -4.75 -52.47 27.34
C PHE C 420 -6.01 -51.97 28.03
N ARG C 421 -6.07 -52.18 29.34
CA ARG C 421 -7.23 -51.74 30.12
C ARG C 421 -7.35 -50.23 29.98
N ASP C 422 -6.22 -49.55 30.08
CA ASP C 422 -6.14 -48.13 29.92
C ASP C 422 -6.73 -47.69 28.56
N ILE C 423 -6.22 -48.31 27.49
CA ILE C 423 -6.70 -48.06 26.14
C ILE C 423 -8.21 -48.21 26.08
N PHE C 424 -8.70 -49.34 26.56
CA PHE C 424 -10.13 -49.59 26.51
C PHE C 424 -10.88 -48.61 27.40
N PHE C 425 -10.28 -48.19 28.53
CA PHE C 425 -10.95 -47.18 29.37
C PHE C 425 -11.02 -45.85 28.61
N LYS C 426 -10.09 -45.64 27.70
CA LYS C 426 -10.17 -44.44 26.95
C LYS C 426 -11.35 -44.60 25.98
N TYR C 427 -11.44 -45.72 25.26
CA TYR C 427 -12.58 -45.88 24.37
C TYR C 427 -13.86 -45.70 25.12
N ILE C 428 -13.99 -46.31 26.28
CA ILE C 428 -15.26 -46.28 27.01
C ILE C 428 -15.64 -44.84 27.39
N HIS C 429 -14.64 -44.08 27.79
CA HIS C 429 -14.82 -42.69 28.09
C HIS C 429 -15.20 -41.90 26.85
N TYR C 430 -14.44 -42.09 25.77
CA TYR C 430 -14.62 -41.25 24.59
C TYR C 430 -15.95 -41.45 23.88
N TYR C 431 -16.47 -42.68 23.97
CA TYR C 431 -17.64 -43.04 23.25
C TYR C 431 -18.75 -43.07 24.25
N LYS C 432 -18.38 -42.78 25.49
CA LYS C 432 -19.33 -42.66 26.58
C LYS C 432 -20.08 -43.94 26.93
N LEU C 433 -19.39 -45.07 26.81
CA LEU C 433 -20.03 -46.39 26.98
C LEU C 433 -20.54 -46.69 28.38
N THR C 434 -21.83 -46.95 28.47
CA THR C 434 -22.54 -47.04 29.76
C THR C 434 -22.71 -48.46 30.30
N ASN C 435 -22.21 -49.45 29.58
CA ASN C 435 -22.54 -50.81 29.92
C ASN C 435 -21.36 -51.77 29.72
N VAL C 436 -20.14 -51.23 29.86
CA VAL C 436 -18.95 -52.03 29.89
C VAL C 436 -18.08 -51.69 31.07
N GLU C 437 -17.55 -52.73 31.69
CA GLU C 437 -16.61 -52.63 32.78
C GLU C 437 -15.40 -53.41 32.33
N ILE C 438 -14.30 -53.22 33.06
CA ILE C 438 -13.05 -53.89 32.79
C ILE C 438 -12.47 -54.43 34.09
N ILE C 439 -12.00 -55.67 34.06
CA ILE C 439 -11.36 -56.27 35.22
C ILE C 439 -10.06 -56.90 34.76
N GLU C 440 -9.15 -57.04 35.72
CA GLU C 440 -7.87 -57.62 35.38
C GLU C 440 -7.81 -59.18 35.35
N LYS C 441 -8.45 -59.83 36.30
CA LYS C 441 -8.35 -61.29 36.41
C LYS C 441 -9.71 -61.98 36.19
N VAL C 442 -9.66 -63.10 35.48
CA VAL C 442 -10.76 -64.04 35.31
C VAL C 442 -11.54 -64.32 36.60
N THR C 443 -10.83 -64.60 37.69
CA THR C 443 -11.45 -64.93 38.99
C THR C 443 -12.33 -63.83 39.57
N SER C 444 -12.12 -62.61 39.10
CA SER C 444 -12.87 -61.49 39.64
C SER C 444 -14.23 -61.33 38.94
N LEU C 445 -14.45 -62.07 37.84
CA LEU C 445 -15.80 -62.15 37.27
C LEU C 445 -16.61 -62.93 38.25
N THR C 446 -17.29 -62.23 39.15
CA THR C 446 -18.04 -62.94 40.16
C THR C 446 -19.46 -63.16 39.70
N ASP C 447 -19.98 -62.23 38.93
CA ASP C 447 -21.32 -62.37 38.41
C ASP C 447 -21.29 -63.41 37.30
N SER C 448 -22.32 -64.25 37.28
CA SER C 448 -22.38 -65.32 36.33
C SER C 448 -22.68 -64.69 35.01
N PRO C 449 -21.75 -64.77 34.07
CA PRO C 449 -22.05 -64.16 32.78
C PRO C 449 -23.01 -65.05 32.01
N ASP C 450 -23.80 -64.45 31.14
CA ASP C 450 -24.66 -65.20 30.26
C ASP C 450 -23.87 -65.89 29.16
N ILE C 451 -22.81 -65.24 28.70
CA ILE C 451 -21.98 -65.82 27.62
C ILE C 451 -20.57 -65.24 27.63
N VAL C 452 -19.54 -66.03 27.32
CA VAL C 452 -18.23 -65.44 27.11
C VAL C 452 -17.93 -65.44 25.65
N LEU C 453 -17.38 -64.35 25.14
CA LEU C 453 -17.01 -64.27 23.74
C LEU C 453 -15.55 -63.95 23.70
N ALA C 454 -14.86 -64.50 22.71
CA ALA C 454 -13.47 -64.24 22.46
C ALA C 454 -13.24 -64.49 20.99
N GLU C 455 -12.09 -64.08 20.50
CA GLU C 455 -11.82 -64.16 19.10
C GLU C 455 -11.30 -65.53 18.72
N PRO C 456 -10.41 -66.12 19.55
CA PRO C 456 -9.75 -65.53 20.76
C PRO C 456 -8.50 -64.76 20.36
N PHE C 457 -8.11 -63.71 21.08
CA PHE C 457 -6.85 -63.05 20.69
C PHE C 457 -6.02 -62.60 21.89
N TYR C 458 -4.81 -63.11 22.04
CA TYR C 458 -3.88 -62.66 23.11
C TYR C 458 -2.65 -62.03 22.51
N MET C 459 -2.32 -60.75 22.83
CA MET C 459 -1.15 -60.12 22.18
C MET C 459 0.12 -60.85 22.52
N SER C 460 0.21 -61.27 23.76
CA SER C 460 1.32 -62.11 24.12
C SER C 460 1.62 -63.34 23.25
N ALA C 461 0.60 -63.91 22.62
CA ALA C 461 0.75 -65.23 22.04
C ALA C 461 2.12 -65.34 21.33
N MET C 462 2.96 -66.29 21.73
CA MET C 462 4.30 -66.41 21.13
C MET C 462 4.22 -66.75 19.65
N ASN C 463 3.23 -67.56 19.29
CA ASN C 463 3.10 -68.00 17.92
C ASN C 463 1.73 -67.66 17.47
N PRO C 464 1.63 -67.06 16.26
CA PRO C 464 0.35 -66.48 15.82
C PRO C 464 -0.70 -67.54 15.50
N TRP C 465 -0.27 -68.79 15.28
CA TRP C 465 -1.20 -69.95 15.20
C TRP C 465 -1.62 -70.49 16.53
N ASN C 466 -1.44 -69.70 17.60
CA ASN C 466 -1.63 -70.18 18.97
C ASN C 466 -2.00 -69.12 19.99
N HIS C 467 -3.33 -68.95 20.12
CA HIS C 467 -3.99 -68.12 21.12
C HIS C 467 -4.71 -68.94 22.14
N LEU C 468 -4.18 -70.14 22.38
CA LEU C 468 -4.85 -71.14 23.24
C LEU C 468 -4.83 -70.77 24.70
N ARG C 469 -4.24 -69.64 25.07
CA ARG C 469 -4.47 -69.14 26.45
C ARG C 469 -5.97 -69.16 26.67
N PHE C 470 -6.71 -68.87 25.60
CA PHE C 470 -8.19 -68.94 25.60
C PHE C 470 -8.71 -70.18 26.41
N LEU C 471 -8.22 -71.38 26.07
CA LEU C 471 -8.65 -72.63 26.71
C LEU C 471 -8.63 -72.58 28.22
N TYR C 472 -7.52 -72.08 28.79
CA TYR C 472 -7.30 -72.02 30.25
C TYR C 472 -8.23 -71.04 30.94
N ASP C 473 -8.43 -69.91 30.30
CA ASP C 473 -9.38 -68.93 30.77
C ASP C 473 -10.79 -69.45 30.77
N VAL C 474 -11.14 -70.21 29.73
CA VAL C 474 -12.46 -70.74 29.62
C VAL C 474 -12.65 -71.78 30.71
N GLU C 475 -11.61 -72.58 30.91
CA GLU C 475 -11.62 -73.58 31.94
C GLU C 475 -11.77 -72.94 33.31
N VAL C 476 -11.03 -71.86 33.61
CA VAL C 476 -11.21 -71.19 34.92
C VAL C 476 -12.67 -70.74 35.14
N LEU C 477 -13.24 -70.02 34.17
CA LEU C 477 -14.64 -69.64 34.21
C LEU C 477 -15.63 -70.78 34.44
N LYS C 478 -15.39 -71.89 33.76
CA LYS C 478 -16.26 -73.04 33.90
C LYS C 478 -16.26 -73.61 35.32
N MET C 479 -15.11 -73.72 35.96
CA MET C 479 -15.02 -74.08 37.38
C MET C 479 -15.82 -73.14 38.21
N MET C 480 -15.79 -71.87 37.86
CA MET C 480 -16.46 -70.86 38.67
C MET C 480 -17.95 -70.71 38.43
N HIS C 481 -18.39 -71.00 37.22
CA HIS C 481 -19.76 -70.70 36.84
C HIS C 481 -20.43 -71.87 36.18
N GLY C 482 -19.71 -73.01 36.05
CA GLY C 482 -20.24 -74.33 35.56
C GLY C 482 -19.94 -74.72 34.10
N ASP C 483 -19.91 -76.03 33.80
CA ASP C 483 -19.50 -76.58 32.47
C ASP C 483 -20.51 -76.41 31.32
N GLU C 484 -21.67 -75.83 31.61
CA GLU C 484 -22.63 -75.53 30.54
C GLU C 484 -22.64 -74.03 30.21
N LEU C 485 -21.64 -73.30 30.72
CA LEU C 485 -21.47 -71.91 30.42
C LEU C 485 -21.31 -71.74 28.92
N ARG C 486 -22.17 -70.94 28.33
CA ARG C 486 -22.10 -70.71 26.90
C ARG C 486 -20.81 -69.94 26.56
N VAL C 487 -20.00 -70.51 25.69
CA VAL C 487 -18.78 -69.85 25.32
C VAL C 487 -18.68 -69.91 23.81
N GLU C 488 -17.95 -68.97 23.23
CA GLU C 488 -17.99 -68.78 21.79
C GLU C 488 -16.66 -68.10 21.44
N PRO C 489 -15.85 -68.69 20.53
CA PRO C 489 -16.07 -69.88 19.71
C PRO C 489 -16.11 -71.17 20.47
N HIS C 490 -16.95 -72.08 19.96
CA HIS C 490 -17.24 -73.39 20.57
C HIS C 490 -16.38 -74.46 19.95
N MET C 491 -15.48 -74.06 19.06
CA MET C 491 -14.62 -74.99 18.34
C MET C 491 -13.54 -74.21 17.61
N GLY C 492 -12.34 -74.75 17.61
CA GLY C 492 -11.30 -74.25 16.74
C GLY C 492 -10.47 -75.43 16.27
N VAL C 493 -9.83 -75.26 15.12
CA VAL C 493 -9.04 -76.31 14.51
C VAL C 493 -7.77 -75.74 13.90
N LEU C 494 -6.69 -76.50 14.05
CA LEU C 494 -5.41 -76.20 13.50
C LEU C 494 -5.33 -76.87 12.17
N LYS C 495 -4.97 -76.11 11.12
CA LYS C 495 -4.95 -76.63 9.78
C LYS C 495 -3.66 -76.44 9.04
N ALA C 496 -3.38 -77.36 8.10
CA ALA C 496 -2.20 -77.20 7.25
C ALA C 496 -2.68 -77.20 5.80
N ILE C 497 -1.75 -77.01 4.86
CA ILE C 497 -1.97 -77.21 3.44
C ILE C 497 -0.66 -77.39 2.72
N PRO C 498 -0.67 -78.13 1.61
CA PRO C 498 0.57 -78.12 0.86
C PRO C 498 0.54 -76.97 -0.13
N GLU C 499 1.67 -76.30 -0.39
CA GLU C 499 1.63 -75.12 -1.26
C GLU C 499 2.89 -74.98 -2.07
N LYS C 500 2.79 -74.33 -3.23
CA LYS C 500 3.98 -74.07 -4.03
C LYS C 500 4.04 -72.57 -4.20
N PHE C 501 4.99 -71.98 -3.49
CA PHE C 501 5.21 -70.55 -3.60
C PHE C 501 6.12 -70.28 -4.80
N GLU C 502 5.78 -69.27 -5.57
CA GLU C 502 6.69 -68.72 -6.56
C GLU C 502 8.13 -68.56 -6.06
N ASP C 503 8.32 -67.95 -4.89
CA ASP C 503 9.67 -67.49 -4.53
C ASP C 503 10.07 -67.65 -3.07
N LEU C 504 9.08 -67.51 -2.17
CA LEU C 504 9.28 -67.49 -0.72
C LEU C 504 10.29 -68.52 -0.20
N GLN C 505 10.15 -69.74 -0.69
CA GLN C 505 10.98 -70.85 -0.29
C GLN C 505 12.43 -70.51 -0.37
N ASN C 506 12.77 -69.50 -1.19
CA ASN C 506 14.20 -69.09 -1.32
C ASN C 506 14.80 -68.47 -0.04
N ILE C 507 13.93 -68.00 0.86
CA ILE C 507 14.49 -67.57 2.15
C ILE C 507 15.05 -68.80 2.90
N ALA C 508 14.64 -70.00 2.51
CA ALA C 508 14.99 -71.16 3.32
C ALA C 508 15.75 -72.27 2.65
N SER C 509 15.99 -72.15 1.35
CA SER C 509 16.55 -73.21 0.51
C SER C 509 18.03 -73.18 0.56
N ASP C 510 18.63 -74.35 0.38
CA ASP C 510 20.05 -74.41 0.28
C ASP C 510 20.56 -73.53 -0.85
N VAL C 511 21.78 -73.07 -0.62
CA VAL C 511 22.32 -71.96 -1.31
C VAL C 511 23.13 -72.49 -2.48
N GLY C 512 24.15 -73.28 -2.15
CA GLY C 512 24.73 -74.21 -3.09
C GLY C 512 25.90 -73.65 -3.85
N THR C 513 25.72 -73.62 -5.16
CA THR C 513 26.74 -73.07 -6.02
C THR C 513 26.11 -71.82 -6.57
N VAL C 514 26.76 -70.69 -6.29
CA VAL C 514 26.19 -69.40 -6.68
C VAL C 514 27.17 -68.73 -7.64
N ASN C 515 26.65 -68.15 -8.72
CA ASN C 515 27.50 -67.61 -9.79
C ASN C 515 28.83 -68.37 -9.79
N GLY C 516 28.74 -69.68 -10.01
CA GLY C 516 29.87 -70.59 -10.11
C GLY C 516 30.79 -70.69 -8.92
N PHE C 517 30.27 -70.36 -7.73
CA PHE C 517 31.07 -70.48 -6.51
C PHE C 517 30.52 -71.59 -5.62
N ASP C 518 31.42 -72.36 -5.03
CA ASP C 518 31.01 -73.46 -4.15
C ASP C 518 30.62 -72.97 -2.77
N LEU C 519 29.36 -72.54 -2.58
CA LEU C 519 29.00 -72.02 -1.24
C LEU C 519 28.52 -73.08 -0.24
N SER C 520 29.14 -74.25 -0.25
CA SER C 520 28.58 -75.39 0.43
C SER C 520 28.96 -75.35 1.91
N PHE C 521 30.19 -74.89 2.20
CA PHE C 521 30.66 -74.83 3.57
C PHE C 521 29.70 -73.96 4.38
N PHE C 522 29.01 -73.07 3.69
CA PHE C 522 28.18 -72.10 4.37
C PHE C 522 26.80 -72.67 4.59
N ASP C 523 26.28 -73.35 3.57
CA ASP C 523 25.06 -74.15 3.69
C ASP C 523 25.24 -75.15 4.84
N GLU C 524 26.38 -75.80 4.89
CA GLU C 524 26.63 -76.67 5.98
C GLU C 524 26.49 -75.90 7.31
N ILE C 525 27.40 -74.95 7.56
CA ILE C 525 27.41 -74.24 8.84
C ILE C 525 26.14 -73.47 9.17
N SER C 526 25.38 -73.10 8.14
CA SER C 526 24.15 -72.36 8.35
C SER C 526 22.97 -73.32 8.71
N THR C 527 22.95 -74.48 8.07
CA THR C 527 22.01 -75.54 8.49
C THR C 527 22.35 -75.93 9.92
N LYS C 528 23.60 -76.24 10.19
CA LYS C 528 23.91 -76.56 11.56
C LYS C 528 23.37 -75.49 12.52
N ALA C 529 23.45 -74.21 12.15
CA ALA C 529 23.13 -73.13 13.06
C ALA C 529 21.65 -72.98 13.12
N ARG C 530 20.99 -73.22 12.01
CA ARG C 530 19.55 -73.07 11.97
C ARG C 530 18.85 -74.22 12.69
N THR C 531 19.32 -75.42 12.46
CA THR C 531 18.78 -76.56 13.18
C THR C 531 18.86 -76.39 14.72
N ALA C 532 19.99 -75.84 15.17
CA ALA C 532 20.24 -75.61 16.57
C ALA C 532 19.47 -74.43 17.21
N THR C 533 19.01 -73.43 16.44
CA THR C 533 18.33 -72.24 17.05
C THR C 533 17.03 -71.79 16.37
N ASP C 534 16.75 -72.23 15.16
CA ASP C 534 15.50 -71.84 14.48
C ASP C 534 14.25 -72.51 15.09
N ALA C 535 13.11 -71.86 14.97
CA ALA C 535 11.86 -72.55 15.14
C ALA C 535 11.78 -73.52 13.98
N ILE C 536 11.09 -74.63 14.15
CA ILE C 536 10.92 -75.58 13.07
C ILE C 536 10.02 -74.93 12.03
N VAL C 537 9.05 -74.17 12.53
CA VAL C 537 8.09 -73.46 11.72
C VAL C 537 8.30 -71.95 11.80
N ASP C 538 8.54 -71.37 10.63
CA ASP C 538 8.72 -69.93 10.44
C ASP C 538 7.37 -69.25 10.59
N GLU C 539 7.36 -67.92 10.70
CA GLU C 539 6.12 -67.12 10.61
C GLU C 539 6.28 -66.04 9.54
N GLN C 540 5.26 -65.89 8.69
CA GLN C 540 5.29 -64.91 7.57
C GLN C 540 3.92 -64.34 7.32
N SER C 541 3.90 -63.14 6.76
CA SER C 541 2.69 -62.49 6.29
C SER C 541 2.45 -63.05 4.91
N LEU C 542 1.65 -64.12 4.81
CA LEU C 542 1.63 -64.97 3.60
C LEU C 542 0.84 -64.28 2.48
N TRP C 543 -0.03 -63.35 2.84
CA TRP C 543 -0.64 -62.51 1.82
C TRP C 543 0.37 -61.79 1.00
N GLU C 544 1.58 -61.63 1.54
CA GLU C 544 2.63 -60.95 0.78
C GLU C 544 3.39 -61.89 -0.16
N TYR C 545 2.84 -63.10 -0.33
CA TYR C 545 3.55 -64.10 -1.15
C TYR C 545 2.59 -64.93 -1.95
N ALA C 546 2.94 -65.07 -3.22
CA ALA C 546 2.06 -65.63 -4.20
C ALA C 546 2.43 -67.11 -4.32
N GLY C 547 1.41 -67.93 -4.49
CA GLY C 547 1.71 -69.28 -4.92
C GLY C 547 0.46 -70.05 -5.19
N ILE C 548 0.63 -71.36 -5.39
CA ILE C 548 -0.47 -72.22 -5.84
C ILE C 548 -0.66 -73.29 -4.82
N VAL C 549 -1.82 -73.28 -4.20
CA VAL C 549 -2.21 -74.38 -3.36
C VAL C 549 -2.21 -75.73 -4.16
N LYS C 550 -1.59 -76.80 -3.61
CA LYS C 550 -1.49 -78.12 -4.29
C LYS C 550 -2.43 -79.21 -3.80
N GLY C 551 -3.45 -78.85 -3.05
CA GLY C 551 -4.36 -79.84 -2.48
C GLY C 551 -5.22 -79.23 -1.42
N ASP C 552 -5.99 -80.05 -0.73
CA ASP C 552 -7.01 -79.57 0.21
C ASP C 552 -6.38 -79.27 1.53
N ALA C 553 -7.10 -78.53 2.34
CA ALA C 553 -6.60 -78.18 3.65
C ALA C 553 -6.82 -79.38 4.52
N VAL C 554 -5.75 -79.83 5.19
CA VAL C 554 -5.81 -80.95 6.13
C VAL C 554 -5.83 -80.46 7.55
N GLU C 555 -6.78 -80.95 8.33
CA GLU C 555 -6.85 -80.60 9.77
C GLU C 555 -5.83 -81.40 10.58
N ILE C 556 -5.31 -80.81 11.67
CA ILE C 556 -4.15 -81.39 12.36
C ILE C 556 -4.49 -81.66 13.79
N LEU C 557 -5.22 -80.74 14.38
CA LEU C 557 -5.46 -80.75 15.81
C LEU C 557 -6.79 -80.08 15.95
N ARG C 558 -7.55 -80.45 16.97
CA ARG C 558 -8.89 -79.92 17.11
C ARG C 558 -9.16 -79.65 18.60
N PHE C 559 -9.79 -78.51 18.88
CA PHE C 559 -10.05 -78.11 20.24
C PHE C 559 -11.51 -77.82 20.42
N PRO C 560 -12.29 -78.79 20.97
CA PRO C 560 -13.66 -78.45 21.36
C PRO C 560 -13.54 -77.77 22.70
N ILE C 561 -14.44 -76.87 22.99
CA ILE C 561 -14.22 -76.08 24.17
C ILE C 561 -14.99 -76.76 25.29
N ASP C 562 -14.74 -78.05 25.47
CA ASP C 562 -15.37 -78.81 26.56
C ASP C 562 -14.34 -79.43 27.50
N GLY C 563 -13.31 -78.65 27.87
CA GLY C 563 -12.21 -79.07 28.78
C GLY C 563 -12.72 -79.86 29.97
N ARG C 564 -11.91 -80.20 30.97
CA ARG C 564 -10.60 -79.64 31.27
C ARG C 564 -9.60 -79.77 30.15
N VAL C 565 -8.55 -78.97 30.20
CA VAL C 565 -7.64 -78.94 29.07
C VAL C 565 -6.65 -80.10 29.09
N SER C 566 -6.49 -80.72 27.94
CA SER C 566 -5.74 -81.96 27.81
C SER C 566 -4.78 -81.85 26.68
N SER C 567 -3.69 -82.58 26.79
CA SER C 567 -2.70 -82.68 25.71
C SER C 567 -3.33 -83.26 24.44
N GLN C 568 -2.74 -83.01 23.28
CA GLN C 568 -3.28 -83.62 22.09
C GLN C 568 -2.13 -83.97 21.17
N LYS C 569 -2.06 -85.26 20.85
CA LYS C 569 -0.98 -85.86 20.05
C LYS C 569 -1.53 -86.32 18.69
N CYS C 570 -0.98 -85.80 17.61
CA CYS C 570 -1.49 -86.17 16.30
C CYS C 570 -0.37 -86.36 15.32
N VAL C 571 -0.38 -87.49 14.61
CA VAL C 571 0.54 -87.70 13.50
C VAL C 571 -0.28 -87.83 12.23
N VAL C 572 -0.03 -87.01 11.21
CA VAL C 572 -0.60 -87.27 9.89
C VAL C 572 0.44 -87.21 8.78
N ASN C 573 0.09 -87.79 7.64
CA ASN C 573 0.88 -87.61 6.43
C ASN C 573 0.29 -86.45 5.59
N ILE C 574 1.17 -85.64 5.03
CA ILE C 574 0.77 -84.52 4.18
C ILE C 574 1.23 -84.97 2.80
N ASP C 575 0.28 -85.00 1.86
CA ASP C 575 0.49 -85.54 0.51
C ASP C 575 0.50 -84.37 -0.44
N ASN C 576 1.01 -84.57 -1.67
CA ASN C 576 1.07 -83.51 -2.69
C ASN C 576 2.35 -82.73 -2.53
N MET C 577 3.35 -83.34 -1.90
CA MET C 577 4.54 -82.57 -1.59
C MET C 577 5.54 -82.43 -2.70
N SER C 578 5.54 -83.30 -3.73
CA SER C 578 6.64 -83.23 -4.72
C SER C 578 6.49 -82.03 -5.63
N SER C 579 5.28 -81.51 -5.72
CA SER C 579 5.03 -80.34 -6.51
C SER C 579 4.79 -79.16 -5.59
N SER C 580 5.15 -79.32 -4.32
CA SER C 580 4.88 -78.31 -3.29
C SER C 580 6.21 -77.89 -2.71
N ASN C 581 6.27 -76.71 -2.12
CA ASN C 581 7.54 -76.33 -1.48
C ASN C 581 7.47 -75.77 -0.06
N ALA C 582 6.28 -75.75 0.53
CA ALA C 582 6.09 -75.23 1.85
C ALA C 582 4.79 -75.81 2.39
N ILE C 583 4.57 -75.70 3.70
CA ILE C 583 3.30 -76.08 4.31
C ILE C 583 2.93 -74.97 5.27
N PRO C 584 2.12 -74.00 4.80
CA PRO C 584 1.45 -73.01 5.65
C PRO C 584 0.59 -73.69 6.69
N MET C 585 0.28 -72.98 7.77
CA MET C 585 -0.49 -73.50 8.87
C MET C 585 -1.12 -72.36 9.60
N TRP C 586 -2.25 -72.61 10.21
CA TRP C 586 -3.03 -71.53 10.75
C TRP C 586 -4.21 -72.13 11.40
N MET C 587 -5.01 -71.28 12.02
CA MET C 587 -6.07 -71.77 12.82
C MET C 587 -7.43 -71.20 12.40
N GLU C 588 -8.50 -71.94 12.66
CA GLU C 588 -9.84 -71.43 12.39
C GLU C 588 -10.69 -71.76 13.57
N TRP C 589 -11.78 -71.00 13.73
CA TRP C 589 -12.64 -70.99 14.89
C TRP C 589 -14.03 -70.79 14.40
N GLU C 590 -14.95 -71.43 15.12
CA GLU C 590 -16.37 -71.33 14.88
C GLU C 590 -16.98 -70.33 15.80
N PHE C 591 -16.93 -69.06 15.42
CA PHE C 591 -17.55 -68.02 16.24
C PHE C 591 -19.07 -68.07 16.05
N GLY C 592 -19.79 -68.63 17.02
CA GLY C 592 -21.22 -68.89 16.87
C GLY C 592 -21.48 -69.57 15.52
N GLY C 593 -22.44 -69.03 14.80
CA GLY C 593 -22.75 -69.50 13.45
C GLY C 593 -21.71 -69.28 12.34
N ILE C 594 -20.61 -68.60 12.63
CA ILE C 594 -19.76 -68.21 11.52
C ILE C 594 -18.35 -68.74 11.69
N ASN C 595 -17.52 -68.61 10.68
CA ASN C 595 -16.18 -69.19 10.75
C ASN C 595 -15.07 -68.15 10.60
N LEU C 596 -14.35 -67.87 11.69
CA LEU C 596 -13.15 -67.00 11.66
C LEU C 596 -11.95 -67.84 11.33
N SER C 597 -11.14 -67.36 10.41
CA SER C 597 -9.89 -68.01 10.05
C SER C 597 -8.74 -67.04 10.34
N THR C 598 -7.54 -67.55 10.66
CA THR C 598 -6.40 -66.63 10.90
C THR C 598 -5.38 -66.90 9.86
N GLY C 599 -5.73 -67.71 8.87
CA GLY C 599 -4.83 -67.98 7.74
C GLY C 599 -5.64 -67.97 6.44
N LEU C 600 -5.65 -69.12 5.77
CA LEU C 600 -6.47 -69.36 4.58
C LEU C 600 -7.88 -68.83 4.72
N LEU C 601 -8.34 -68.24 3.64
CA LEU C 601 -9.48 -67.36 3.71
C LEU C 601 -10.43 -67.77 2.61
N SER C 602 -9.83 -68.25 1.53
CA SER C 602 -10.52 -68.82 0.39
C SER C 602 -9.44 -69.25 -0.61
N ILE C 603 -9.81 -70.18 -1.51
CA ILE C 603 -8.91 -70.64 -2.57
C ILE C 603 -9.64 -70.50 -3.91
N SER C 604 -9.01 -69.79 -4.83
CA SER C 604 -9.61 -69.56 -6.14
C SER C 604 -9.54 -70.83 -7.02
N SER C 605 -10.38 -70.77 -8.06
CA SER C 605 -10.48 -71.84 -9.01
C SER C 605 -9.16 -72.22 -9.63
N ALA C 606 -8.20 -71.31 -9.66
CA ALA C 606 -6.87 -71.70 -10.19
C ALA C 606 -5.88 -72.28 -9.15
N GLY C 607 -6.28 -72.35 -7.87
CA GLY C 607 -5.35 -72.76 -6.78
C GLY C 607 -4.69 -71.60 -6.04
N VAL C 608 -5.31 -70.42 -6.12
CA VAL C 608 -4.77 -69.21 -5.51
C VAL C 608 -5.34 -68.95 -4.14
N PRO C 609 -4.53 -69.16 -3.09
CA PRO C 609 -4.94 -68.87 -1.72
C PRO C 609 -4.95 -67.37 -1.41
N GLU C 610 -6.04 -66.91 -0.82
CA GLU C 610 -6.10 -65.64 -0.17
C GLU C 610 -5.94 -65.79 1.37
N TRP C 611 -4.99 -65.03 1.93
CA TRP C 611 -4.57 -65.06 3.35
C TRP C 611 -4.92 -63.88 4.22
N ASN C 612 -5.37 -64.13 5.44
CA ASN C 612 -5.73 -63.05 6.35
C ASN C 612 -4.51 -62.09 6.53
N LYS C 613 -4.74 -60.80 6.32
CA LYS C 613 -3.63 -59.81 6.35
C LYS C 613 -3.44 -59.30 7.76
N GLY C 614 -4.49 -59.45 8.58
CA GLY C 614 -4.42 -59.16 10.00
C GLY C 614 -3.67 -60.12 10.92
N TYR C 615 -3.00 -61.14 10.38
CA TYR C 615 -2.22 -62.09 11.16
C TYR C 615 -1.06 -62.56 10.35
N LYS C 616 -0.02 -63.04 11.01
CA LYS C 616 0.99 -63.87 10.33
C LYS C 616 0.53 -65.35 10.34
N GLN C 617 1.10 -66.17 9.48
CA GLN C 617 0.81 -67.63 9.47
C GLN C 617 2.08 -68.39 9.70
N GLY C 618 1.99 -69.60 10.26
CA GLY C 618 3.14 -70.51 10.28
C GLY C 618 3.36 -71.10 8.90
N VAL C 619 4.59 -71.44 8.61
CA VAL C 619 4.96 -72.06 7.38
C VAL C 619 6.19 -72.88 7.62
N TYR C 620 6.15 -74.10 7.12
CA TYR C 620 7.27 -74.96 7.25
C TYR C 620 7.86 -75.15 5.85
N PHE C 621 9.18 -75.18 5.78
CA PHE C 621 9.86 -75.38 4.54
C PHE C 621 10.60 -76.70 4.65
N PRO C 622 10.35 -77.61 3.68
CA PRO C 622 10.92 -78.93 3.69
C PRO C 622 12.40 -78.84 3.78
N ILE C 623 12.93 -79.42 4.85
CA ILE C 623 14.36 -79.53 5.06
C ILE C 623 14.97 -80.21 3.85
N THR C 624 16.23 -79.90 3.53
CA THR C 624 16.71 -80.34 2.23
C THR C 624 16.51 -81.86 1.99
N ALA C 625 16.80 -82.68 3.02
CA ALA C 625 16.61 -84.14 2.97
C ALA C 625 15.18 -84.60 2.71
N LEU C 626 14.25 -83.67 2.78
CA LEU C 626 12.84 -84.00 2.61
C LEU C 626 12.21 -83.29 1.41
N ARG C 627 12.99 -82.53 0.65
CA ARG C 627 12.41 -81.68 -0.40
C ARG C 627 11.79 -82.48 -1.53
N ASN C 628 12.33 -83.68 -1.75
CA ASN C 628 11.96 -84.49 -2.90
C ASN C 628 10.86 -85.54 -2.69
N ASP C 629 10.25 -85.57 -1.51
CA ASP C 629 9.32 -86.63 -1.14
C ASP C 629 7.89 -86.25 -1.47
N LYS C 630 7.09 -87.27 -1.79
CA LYS C 630 5.67 -87.13 -2.15
C LYS C 630 4.86 -86.79 -0.91
N SER C 631 5.41 -87.17 0.23
CA SER C 631 4.65 -87.10 1.47
C SER C 631 5.50 -86.94 2.70
N LEU C 632 5.02 -86.06 3.58
CA LEU C 632 5.71 -85.77 4.81
C LEU C 632 4.80 -86.16 5.91
N CYS C 633 5.42 -86.70 6.95
CA CYS C 633 4.71 -86.99 8.15
C CYS C 633 4.80 -85.82 9.13
N LEU C 634 3.64 -85.23 9.44
CA LEU C 634 3.51 -84.15 10.42
C LEU C 634 3.22 -84.63 11.84
N HIS C 635 4.19 -84.51 12.73
CA HIS C 635 3.88 -84.70 14.13
C HIS C 635 3.59 -83.39 14.81
N ALA C 636 2.46 -83.34 15.49
CA ALA C 636 2.04 -82.17 16.23
C ALA C 636 1.73 -82.65 17.63
N LEU C 637 1.97 -81.81 18.63
CA LEU C 637 1.74 -82.19 20.01
C LEU C 637 1.42 -80.96 20.82
N PHE C 638 0.20 -80.90 21.31
CA PHE C 638 -0.24 -79.78 22.13
C PHE C 638 -0.02 -80.22 23.55
N ASP C 639 0.75 -79.41 24.28
CA ASP C 639 1.13 -79.76 25.62
C ASP C 639 0.44 -78.88 26.62
N LYS C 640 -0.47 -79.46 27.41
CA LYS C 640 -1.25 -78.72 28.41
C LYS C 640 -0.40 -78.08 29.50
N SER C 641 0.73 -78.68 29.87
CA SER C 641 1.63 -78.05 30.83
C SER C 641 2.09 -76.66 30.42
N THR C 642 2.19 -76.40 29.12
CA THR C 642 2.78 -75.17 28.69
C THR C 642 1.88 -74.41 27.78
N GLY C 643 0.81 -75.07 27.30
CA GLY C 643 -0.10 -74.51 26.27
C GLY C 643 0.53 -74.21 24.90
N ASP C 644 1.72 -74.70 24.63
CA ASP C 644 2.40 -74.53 23.33
C ASP C 644 2.16 -75.78 22.48
N ILE C 645 2.14 -75.57 21.16
CA ILE C 645 2.09 -76.68 20.22
C ILE C 645 3.44 -76.94 19.59
N ASN C 646 3.92 -78.17 19.70
CA ASN C 646 5.18 -78.51 19.12
C ASN C 646 4.99 -79.33 17.87
N PHE C 647 5.95 -79.19 16.95
CA PHE C 647 5.88 -79.74 15.62
C PHE C 647 7.15 -80.43 15.28
N GLN C 648 7.04 -81.45 14.45
CA GLN C 648 8.20 -82.15 13.90
C GLN C 648 7.79 -82.63 12.50
N PHE C 649 8.72 -82.60 11.54
CA PHE C 649 8.47 -83.06 10.19
C PHE C 649 9.55 -84.05 9.74
N GLY C 650 9.10 -85.22 9.28
CA GLY C 650 10.00 -86.23 8.69
C GLY C 650 9.35 -87.01 7.54
N LYS C 651 10.03 -88.06 7.08
CA LYS C 651 9.60 -88.80 5.87
C LYS C 651 8.22 -89.50 5.82
N SER C 652 8.02 -90.64 6.49
CA SER C 652 6.70 -91.29 6.46
C SER C 652 6.56 -92.49 7.40
N MET D 9 -5.97 -36.42 33.98
CA MET D 9 -6.94 -36.86 32.95
C MET D 9 -7.87 -37.99 33.46
N PHE D 10 -9.17 -37.70 33.60
CA PHE D 10 -10.14 -38.67 34.13
C PHE D 10 -11.04 -39.31 33.10
N LEU D 11 -10.85 -40.61 32.88
CA LEU D 11 -11.74 -41.35 32.00
C LEU D 11 -13.00 -41.78 32.77
N GLU D 12 -14.17 -41.47 32.22
CA GLU D 12 -15.49 -41.71 32.80
C GLU D 12 -16.09 -43.09 32.42
N LYS D 13 -16.68 -43.79 33.39
CA LYS D 13 -17.23 -45.15 33.23
C LYS D 13 -18.44 -45.21 34.13
N ILE D 14 -19.32 -46.18 33.85
CA ILE D 14 -20.54 -46.39 34.64
C ILE D 14 -20.38 -47.65 35.46
N ASN D 15 -20.69 -47.55 36.75
CA ASN D 15 -20.67 -48.71 37.62
C ASN D 15 -21.82 -49.64 37.25
N GLN D 16 -21.48 -50.66 36.48
CA GLN D 16 -22.37 -51.76 36.11
C GLN D 16 -23.22 -52.37 37.22
N LYS D 17 -22.78 -52.32 38.46
CA LYS D 17 -23.58 -52.92 39.53
C LYS D 17 -24.55 -51.95 40.17
N THR D 18 -24.15 -50.68 40.34
CA THR D 18 -25.01 -49.71 41.00
C THR D 18 -25.52 -48.58 40.09
N GLY D 19 -24.95 -48.41 38.91
CA GLY D 19 -25.40 -47.34 38.02
C GLY D 19 -24.64 -46.02 38.09
N GLU D 20 -23.87 -45.81 39.18
CA GLU D 20 -23.22 -44.53 39.42
C GLU D 20 -22.15 -44.24 38.39
N ARG D 21 -21.96 -42.96 38.12
CA ARG D 21 -21.00 -42.50 37.17
C ARG D 21 -19.68 -42.56 37.94
N GLU D 22 -18.71 -43.29 37.42
CA GLU D 22 -17.41 -43.37 38.06
C GLU D 22 -16.28 -42.89 37.14
N TRP D 23 -15.08 -42.74 37.70
CA TRP D 23 -13.89 -42.32 36.94
C TRP D 23 -12.72 -43.18 37.33
N VAL D 24 -11.78 -43.29 36.42
CA VAL D 24 -10.54 -43.98 36.62
C VAL D 24 -9.47 -43.12 35.91
N VAL D 25 -8.20 -43.40 36.13
CA VAL D 25 -7.12 -42.72 35.43
C VAL D 25 -6.13 -43.74 34.86
N ALA D 26 -5.24 -43.30 33.97
CA ALA D 26 -4.31 -44.18 33.30
C ALA D 26 -3.06 -44.44 34.15
N GLU D 27 -2.44 -45.60 33.95
CA GLU D 27 -1.27 -46.04 34.71
C GLU D 27 -0.29 -44.89 35.06
N GLU D 28 0.17 -44.16 34.07
CA GLU D 28 1.16 -43.08 34.29
C GLU D 28 0.64 -42.03 35.26
N ASP D 29 -0.68 -41.79 35.24
CA ASP D 29 -1.30 -40.75 36.01
C ASP D 29 -1.71 -41.19 37.40
N TYR D 30 -1.51 -42.45 37.75
CA TYR D 30 -2.13 -42.96 39.02
C TYR D 30 -1.52 -42.39 40.32
N ASP D 31 -0.25 -42.02 40.33
CA ASP D 31 0.32 -41.57 41.61
C ASP D 31 -0.07 -40.11 41.93
N MET D 32 -0.16 -39.31 40.88
CA MET D 32 -0.42 -37.90 41.09
C MET D 32 -1.87 -37.75 41.52
N ALA D 33 -2.71 -38.64 40.97
CA ALA D 33 -4.13 -38.67 41.28
C ALA D 33 -4.39 -39.13 42.71
N GLN D 34 -3.48 -39.94 43.23
CA GLN D 34 -3.61 -40.41 44.58
C GLN D 34 -3.24 -39.31 45.56
N GLU D 35 -2.25 -38.49 45.20
CA GLU D 35 -1.93 -37.31 46.02
C GLU D 35 -2.99 -36.24 45.85
N LEU D 36 -3.47 -36.06 44.62
CA LEU D 36 -4.63 -35.19 44.42
C LEU D 36 -5.74 -35.56 45.40
N ALA D 37 -5.91 -36.86 45.59
CA ALA D 37 -7.04 -37.37 46.34
C ALA D 37 -6.82 -37.06 47.78
N ARG D 38 -5.56 -36.88 48.16
CA ARG D 38 -5.25 -36.57 49.53
C ARG D 38 -5.30 -35.08 49.81
N SER D 39 -5.33 -34.30 48.73
CA SER D 39 -5.21 -32.86 48.85
C SER D 39 -6.29 -32.13 49.66
N ARG D 40 -7.48 -32.72 49.81
CA ARG D 40 -8.47 -32.08 50.65
C ARG D 40 -8.09 -32.15 52.13
N PHE D 41 -7.15 -33.02 52.48
CA PHE D 41 -6.82 -33.34 53.87
C PHE D 41 -7.98 -33.35 54.86
N GLY D 42 -8.74 -34.45 54.85
CA GLY D 42 -9.94 -34.56 55.65
C GLY D 42 -10.87 -33.36 55.56
N ASP D 43 -11.28 -32.92 56.75
CA ASP D 43 -12.16 -31.79 56.96
C ASP D 43 -11.47 -30.43 56.78
N MET D 44 -10.17 -30.46 56.44
CA MET D 44 -9.34 -29.26 56.53
C MET D 44 -10.12 -28.04 56.13
N ILE D 45 -10.64 -28.09 54.92
CA ILE D 45 -11.32 -26.97 54.29
C ILE D 45 -12.70 -26.75 54.90
N LEU D 46 -13.26 -27.79 55.52
CA LEU D 46 -14.55 -27.62 56.21
C LEU D 46 -14.32 -27.31 57.69
N ASP D 47 -13.10 -26.94 58.05
CA ASP D 47 -12.83 -26.48 59.40
C ASP D 47 -13.24 -24.98 59.45
N PHE D 48 -14.45 -24.69 59.94
CA PHE D 48 -14.95 -23.31 59.87
C PHE D 48 -14.13 -22.35 60.81
N ASP D 49 -13.84 -22.79 62.04
CA ASP D 49 -12.93 -22.05 62.92
C ASP D 49 -11.56 -21.69 62.29
N ARG D 50 -10.85 -22.70 61.77
CA ARG D 50 -9.54 -22.48 61.16
C ARG D 50 -9.67 -21.43 60.13
N ASN D 51 -10.65 -21.59 59.24
CA ASN D 51 -10.82 -20.61 58.18
C ASN D 51 -11.16 -19.22 58.74
N ASP D 52 -11.99 -19.16 59.77
CA ASP D 52 -12.33 -17.85 60.32
C ASP D 52 -11.12 -17.12 60.92
N LYS D 53 -10.34 -17.88 61.68
CA LYS D 53 -9.11 -17.38 62.28
C LYS D 53 -8.09 -16.79 61.31
N PHE D 54 -7.93 -17.41 60.14
CA PHE D 54 -7.09 -16.82 59.12
C PHE D 54 -7.74 -15.62 58.49
N LEU D 55 -9.07 -15.57 58.52
CA LEU D 55 -9.79 -14.47 57.93
C LEU D 55 -9.51 -13.29 58.81
N ALA D 56 -9.87 -13.44 60.08
CA ALA D 56 -9.54 -12.49 61.13
C ALA D 56 -8.14 -11.94 60.88
N GLY D 57 -7.14 -12.82 61.06
CA GLY D 57 -5.72 -12.46 61.01
C GLY D 57 -5.29 -11.73 59.76
N LEU D 58 -5.87 -12.13 58.62
CA LEU D 58 -5.51 -11.53 57.35
C LEU D 58 -6.10 -10.13 57.27
N LYS D 59 -7.31 -9.98 57.84
CA LYS D 59 -7.99 -8.66 57.87
C LYS D 59 -7.12 -7.67 58.63
N THR D 60 -6.94 -7.96 59.91
CA THR D 60 -6.08 -7.21 60.82
C THR D 60 -4.75 -6.71 60.25
N THR D 61 -4.05 -7.55 59.51
CA THR D 61 -2.71 -7.22 59.08
C THR D 61 -2.71 -6.59 57.69
N ILE D 62 -3.80 -6.75 56.94
CA ILE D 62 -3.94 -6.01 55.70
C ILE D 62 -4.16 -4.55 56.09
N ALA D 63 -5.05 -4.35 57.06
CA ALA D 63 -5.38 -3.03 57.57
C ALA D 63 -4.09 -2.32 57.96
N GLU D 64 -3.36 -2.90 58.92
CA GLU D 64 -2.09 -2.39 59.42
C GLU D 64 -1.10 -1.99 58.29
N LYS D 65 -1.06 -2.78 57.23
CA LYS D 65 -0.11 -2.52 56.16
C LYS D 65 -0.68 -1.54 55.13
N LYS D 66 -2.01 -1.51 55.00
CA LYS D 66 -2.72 -0.56 54.11
C LYS D 66 -2.25 0.86 54.40
N HIS D 67 -2.32 1.19 55.68
CA HIS D 67 -2.03 2.47 56.28
C HIS D 67 -0.57 2.84 56.09
N GLU D 68 0.32 1.99 56.60
CA GLU D 68 1.75 2.31 56.73
C GLU D 68 2.50 2.47 55.45
N ASN D 69 2.22 1.60 54.50
CA ASN D 69 2.89 1.72 53.22
C ASN D 69 2.63 3.07 52.57
N THR D 70 3.55 3.50 51.72
CA THR D 70 3.76 4.93 51.50
C THR D 70 2.63 5.85 50.96
N ASP D 71 1.75 5.47 50.01
CA ASP D 71 1.62 4.20 49.23
C ASP D 71 0.75 3.09 49.86
N GLY D 72 -0.57 3.19 49.67
CA GLY D 72 -1.52 2.25 50.27
C GLY D 72 -1.53 0.82 49.77
N LYS D 73 -0.59 0.47 48.90
CA LYS D 73 -0.50 -0.87 48.31
C LYS D 73 0.06 -1.96 49.24
N VAL D 74 -0.49 -3.17 49.11
CA VAL D 74 -0.14 -4.30 49.95
C VAL D 74 0.04 -5.56 49.11
N HIS D 75 1.16 -6.27 49.30
CA HIS D 75 1.47 -7.49 48.57
C HIS D 75 1.34 -8.65 49.49
N VAL D 76 0.51 -9.63 49.14
CA VAL D 76 0.36 -10.86 49.98
C VAL D 76 0.82 -12.13 49.29
N LEU D 77 1.63 -12.89 50.05
CA LEU D 77 2.14 -14.20 49.68
C LEU D 77 1.51 -15.31 50.51
N ASP D 78 0.77 -16.17 49.82
CA ASP D 78 0.12 -17.36 50.38
C ASP D 78 1.00 -18.55 50.01
N ILE D 79 1.76 -19.05 50.98
CA ILE D 79 2.58 -20.22 50.71
C ILE D 79 1.82 -21.50 50.98
N GLY D 80 1.74 -22.33 49.95
CA GLY D 80 1.06 -23.61 50.03
C GLY D 80 -0.41 -23.36 49.88
N THR D 81 -0.76 -22.79 48.72
CA THR D 81 -2.12 -22.30 48.47
C THR D 81 -3.20 -23.41 48.46
N GLY D 82 -2.92 -24.52 47.78
CA GLY D 82 -3.87 -25.61 47.71
C GLY D 82 -4.98 -25.11 46.80
N THR D 83 -6.21 -25.07 47.32
CA THR D 83 -7.36 -24.61 46.52
C THR D 83 -7.22 -23.11 46.17
N GLY D 84 -6.36 -22.39 46.91
CA GLY D 84 -6.28 -20.95 46.80
C GLY D 84 -7.23 -20.22 47.75
N LEU D 85 -7.84 -20.96 48.68
CA LEU D 85 -8.81 -20.38 49.59
C LEU D 85 -8.32 -19.09 50.19
N LEU D 86 -7.22 -19.17 50.93
CA LEU D 86 -6.64 -18.06 51.65
C LEU D 86 -6.25 -16.93 50.72
N SER D 87 -6.00 -17.23 49.45
CA SER D 87 -5.75 -16.16 48.49
C SER D 87 -7.03 -15.39 48.19
N LEU D 88 -8.08 -16.10 47.78
CA LEU D 88 -9.41 -15.47 47.71
C LEU D 88 -9.68 -14.61 48.96
N MET D 89 -9.35 -15.14 50.14
CA MET D 89 -9.57 -14.39 51.35
C MET D 89 -8.76 -13.12 51.37
N ALA D 90 -7.46 -13.27 51.14
CA ALA D 90 -6.55 -12.14 51.04
C ALA D 90 -7.13 -11.07 50.12
N ALA D 91 -7.44 -11.44 48.88
CA ALA D 91 -7.91 -10.52 47.85
C ALA D 91 -9.23 -9.85 48.17
N ARG D 92 -10.11 -10.56 48.85
CA ARG D 92 -11.39 -10.00 49.18
C ARG D 92 -11.18 -8.91 50.22
N GLU D 93 -10.15 -9.06 51.05
CA GLU D 93 -9.89 -8.07 52.08
C GLU D 93 -8.98 -6.92 51.61
N GLY D 94 -8.75 -6.88 50.30
CA GLY D 94 -8.32 -5.64 49.66
C GLY D 94 -6.81 -5.47 49.44
N ALA D 95 -6.07 -6.57 49.56
CA ALA D 95 -4.67 -6.57 49.18
C ALA D 95 -4.61 -6.32 47.69
N ASP D 96 -3.53 -5.71 47.23
CA ASP D 96 -3.49 -5.30 45.84
C ASP D 96 -2.81 -6.35 44.98
N LYS D 97 -1.72 -6.91 45.50
CA LYS D 97 -1.08 -8.06 44.87
C LYS D 97 -1.28 -9.27 45.75
N VAL D 98 -1.62 -10.40 45.14
CA VAL D 98 -1.50 -11.69 45.81
C VAL D 98 -0.78 -12.69 44.93
N THR D 99 0.27 -13.24 45.46
CA THR D 99 0.98 -14.28 44.74
C THR D 99 0.91 -15.60 45.51
N ALA D 100 0.48 -16.64 44.82
CA ALA D 100 0.09 -17.86 45.50
C ALA D 100 1.00 -19.02 45.11
N LEU D 101 1.63 -19.60 46.12
CA LEU D 101 2.54 -20.71 45.92
C LEU D 101 1.94 -22.06 46.31
N GLU D 102 2.03 -23.00 45.38
CA GLU D 102 1.73 -24.43 45.64
C GLU D 102 2.81 -25.29 45.00
N VAL D 103 3.46 -26.16 45.76
CA VAL D 103 4.44 -27.08 45.12
C VAL D 103 3.79 -28.19 44.28
N PHE D 104 2.63 -28.67 44.71
CA PHE D 104 2.06 -29.86 44.08
C PHE D 104 1.29 -29.49 42.80
N LYS D 105 1.96 -29.63 41.66
CA LYS D 105 1.46 -29.17 40.35
C LYS D 105 -0.08 -29.15 40.10
N PRO D 106 -0.76 -30.32 40.21
CA PRO D 106 -2.19 -30.36 39.91
C PRO D 106 -3.03 -29.44 40.78
N MET D 107 -2.59 -29.21 42.02
CA MET D 107 -3.33 -28.39 42.99
C MET D 107 -3.00 -26.93 42.75
N GLY D 108 -1.82 -26.70 42.21
CA GLY D 108 -1.49 -25.44 41.60
C GLY D 108 -2.49 -25.29 40.47
N ASP D 109 -2.45 -26.19 39.51
CA ASP D 109 -3.29 -26.04 38.32
C ASP D 109 -4.71 -25.80 38.72
N CYS D 110 -5.08 -26.36 39.85
CA CYS D 110 -6.40 -26.14 40.40
C CYS D 110 -6.57 -24.73 41.00
N ALA D 111 -5.57 -24.32 41.78
CA ALA D 111 -5.60 -23.00 42.40
C ALA D 111 -5.70 -22.01 41.29
N ARG D 112 -4.89 -22.19 40.25
CA ARG D 112 -4.93 -21.20 39.21
C ARG D 112 -6.28 -21.22 38.49
N HIS D 113 -7.00 -22.36 38.57
CA HIS D 113 -8.31 -22.46 37.92
C HIS D 113 -9.35 -21.69 38.66
N ILE D 114 -9.40 -21.88 39.96
CA ILE D 114 -10.46 -21.30 40.75
C ILE D 114 -10.20 -19.82 40.93
N THR D 115 -8.92 -19.51 41.14
CA THR D 115 -8.43 -18.15 41.26
C THR D 115 -8.79 -17.35 39.97
N SER D 116 -8.46 -17.95 38.82
CA SER D 116 -8.67 -17.32 37.55
C SER D 116 -10.18 -17.02 37.37
N ASN D 117 -11.05 -17.94 37.75
CA ASN D 117 -12.49 -17.75 37.53
C ASN D 117 -13.25 -16.95 38.60
N SER D 118 -12.55 -16.43 39.59
CA SER D 118 -13.18 -15.69 40.68
C SER D 118 -13.38 -14.17 40.37
N PRO D 119 -14.01 -13.42 41.30
CA PRO D 119 -14.12 -11.98 41.19
C PRO D 119 -12.82 -11.19 41.37
N TRP D 120 -11.84 -11.78 42.05
CA TRP D 120 -10.57 -11.09 42.24
C TRP D 120 -9.45 -11.70 41.45
N SER D 121 -9.81 -12.16 40.25
CA SER D 121 -8.89 -12.74 39.31
C SER D 121 -7.61 -11.91 39.15
N ASP D 122 -7.75 -10.64 38.78
CA ASP D 122 -6.59 -9.80 38.42
C ASP D 122 -5.68 -9.30 39.57
N LYS D 123 -5.94 -9.75 40.80
CA LYS D 123 -5.05 -9.42 41.92
C LYS D 123 -4.14 -10.59 42.31
N ILE D 124 -4.70 -11.80 42.18
CA ILE D 124 -4.07 -13.01 42.64
C ILE D 124 -3.44 -13.59 41.43
N THR D 125 -2.24 -14.12 41.63
CA THR D 125 -1.49 -14.76 40.57
C THR D 125 -0.78 -15.99 41.21
N VAL D 126 -1.05 -17.18 40.66
CA VAL D 126 -0.54 -18.46 41.21
C VAL D 126 0.73 -18.94 40.50
N ILE D 127 1.68 -19.47 41.27
CA ILE D 127 2.89 -20.10 40.74
C ILE D 127 3.06 -21.47 41.42
N SER D 128 3.36 -22.48 40.63
CA SER D 128 3.41 -23.85 41.11
C SER D 128 4.82 -24.32 41.50
N GLU D 129 5.40 -23.72 42.55
CA GLU D 129 6.78 -24.08 43.01
C GLU D 129 6.83 -24.12 44.53
N ARG D 130 7.79 -24.86 45.12
CA ARG D 130 8.03 -24.80 46.58
C ARG D 130 8.61 -23.42 47.02
N SER D 131 8.18 -22.88 48.13
CA SER D 131 8.65 -21.55 48.56
C SER D 131 10.18 -21.55 48.63
N THR D 132 10.70 -22.74 48.90
CA THR D 132 12.14 -23.01 49.11
C THR D 132 12.94 -23.03 47.79
N ASP D 133 12.32 -22.56 46.70
CA ASP D 133 12.87 -22.72 45.38
C ASP D 133 12.87 -21.43 44.54
N VAL D 134 12.40 -20.32 45.09
CA VAL D 134 12.27 -19.09 44.28
C VAL D 134 13.20 -17.98 44.76
N SER D 140 8.27 -8.95 42.42
CA SER D 140 8.24 -7.99 43.53
C SER D 140 8.29 -8.69 44.89
N ARG D 141 8.62 -7.96 45.95
CA ARG D 141 8.69 -8.54 47.31
C ARG D 141 7.39 -8.34 48.11
N ALA D 142 7.21 -9.14 49.16
CA ALA D 142 5.93 -9.22 49.90
C ALA D 142 5.86 -8.55 51.28
N ASP D 143 4.71 -7.94 51.56
CA ASP D 143 4.45 -7.26 52.85
C ASP D 143 3.93 -8.23 53.91
N ILE D 144 3.00 -9.11 53.50
CA ILE D 144 2.39 -10.12 54.39
C ILE D 144 2.58 -11.56 53.85
N ILE D 145 2.98 -12.47 54.74
CA ILE D 145 3.06 -13.90 54.43
C ILE D 145 1.89 -14.58 55.14
N VAL D 146 1.13 -15.36 54.38
CA VAL D 146 0.08 -16.23 54.97
C VAL D 146 0.35 -17.68 54.50
N ALA D 147 0.31 -18.62 55.46
CA ALA D 147 0.58 -20.05 55.20
C ALA D 147 0.00 -20.96 56.28
N GLU D 148 -0.92 -21.83 55.86
CA GLU D 148 -1.35 -22.91 56.72
C GLU D 148 -0.63 -24.21 56.31
N VAL D 149 0.47 -24.47 56.99
CA VAL D 149 1.40 -25.56 56.63
C VAL D 149 1.77 -26.29 57.92
N PHE D 150 0.77 -26.55 58.74
CA PHE D 150 0.95 -27.11 60.04
C PHE D 150 0.33 -28.46 60.05
N ASP D 151 1.00 -29.39 60.72
CA ASP D 151 0.34 -30.61 61.07
C ASP D 151 0.04 -30.60 62.54
N THR D 152 -0.53 -31.67 63.02
CA THR D 152 -0.77 -31.82 64.41
C THR D 152 0.51 -31.45 65.13
N GLU D 153 1.61 -32.04 64.70
CA GLU D 153 2.89 -31.82 65.31
C GLU D 153 3.40 -30.39 65.06
N LEU D 154 2.61 -29.59 64.36
CA LEU D 154 3.00 -28.23 64.02
C LEU D 154 4.09 -28.11 62.97
N ILE D 155 5.17 -28.85 63.11
CA ILE D 155 6.28 -28.58 62.21
C ILE D 155 6.56 -29.66 61.20
N GLY D 156 5.76 -30.71 61.23
CA GLY D 156 5.92 -31.86 60.32
C GLY D 156 5.77 -31.58 58.85
N GLU D 157 5.23 -30.43 58.52
CA GLU D 157 4.99 -30.15 57.12
C GLU D 157 6.04 -29.22 56.56
N GLY D 158 6.98 -28.81 57.42
CA GLY D 158 8.12 -27.97 57.01
C GLY D 158 8.05 -26.49 57.45
N ALA D 159 7.08 -26.16 58.30
CA ALA D 159 6.82 -24.79 58.66
C ALA D 159 8.10 -23.97 58.82
N LEU D 160 8.94 -24.45 59.73
CA LEU D 160 10.19 -23.80 60.11
C LEU D 160 10.99 -23.32 58.91
N ARG D 161 11.41 -24.24 58.03
CA ARG D 161 12.10 -23.82 56.81
C ARG D 161 11.19 -23.07 55.83
N THR D 162 9.88 -23.35 55.86
CA THR D 162 8.97 -22.64 54.94
C THR D 162 8.96 -21.15 55.28
N PHE D 163 8.80 -20.88 56.58
CA PHE D 163 8.76 -19.53 57.12
C PHE D 163 10.12 -18.79 57.08
N LYS D 164 11.18 -19.41 57.60
CA LYS D 164 12.52 -18.79 57.60
C LYS D 164 12.91 -18.24 56.25
N GLU D 165 12.94 -19.13 55.26
CA GLU D 165 13.41 -18.80 53.92
C GLU D 165 12.47 -17.86 53.19
N ALA D 166 11.23 -17.76 53.68
CA ALA D 166 10.27 -16.91 53.03
C ALA D 166 10.71 -15.49 53.35
N LEU D 167 10.97 -15.30 54.65
CA LEU D 167 11.28 -14.02 55.24
C LEU D 167 12.57 -13.44 54.67
N GLU D 168 13.59 -14.28 54.57
CA GLU D 168 14.87 -13.81 54.13
C GLU D 168 14.91 -13.50 52.65
N ARG D 169 14.37 -14.40 51.84
CA ARG D 169 14.47 -14.24 50.40
C ARG D 169 13.26 -13.58 49.71
N LEU D 170 12.04 -13.94 50.12
CA LEU D 170 10.87 -13.55 49.30
C LEU D 170 10.09 -12.31 49.73
N ALA D 171 10.23 -11.87 50.97
CA ALA D 171 9.45 -10.75 51.50
C ALA D 171 10.25 -9.54 52.04
N LYS D 172 9.55 -8.40 52.12
CA LYS D 172 10.02 -7.18 52.80
C LYS D 172 10.60 -7.39 54.20
N PRO D 173 11.53 -6.53 54.62
CA PRO D 173 11.96 -6.66 56.01
C PRO D 173 10.89 -6.03 56.88
N GLY D 174 10.88 -6.33 58.17
CA GLY D 174 9.70 -6.02 58.98
C GLY D 174 8.47 -6.59 58.30
N CYS D 175 8.51 -7.88 57.97
CA CYS D 175 7.40 -8.54 57.29
C CYS D 175 6.37 -9.03 58.28
N ARG D 176 5.11 -9.01 57.90
CA ARG D 176 4.10 -9.56 58.77
C ARG D 176 3.63 -10.93 58.28
N VAL D 177 3.33 -11.82 59.23
CA VAL D 177 2.97 -13.21 58.89
C VAL D 177 1.80 -13.78 59.66
N VAL D 178 0.93 -14.48 58.94
CA VAL D 178 -0.23 -15.20 59.51
C VAL D 178 -0.04 -16.73 59.41
N PRO D 179 0.06 -17.43 60.56
CA PRO D 179 0.04 -16.86 61.90
C PRO D 179 1.41 -16.25 62.27
N SER D 180 1.46 -15.56 63.40
CA SER D 180 2.61 -14.73 63.68
C SER D 180 3.52 -15.46 64.63
N THR D 181 2.88 -16.10 65.59
CA THR D 181 3.49 -16.61 66.76
C THR D 181 2.72 -17.86 67.09
N GLY D 182 3.36 -18.81 67.77
CA GLY D 182 2.58 -19.89 68.38
C GLY D 182 3.33 -20.63 69.45
N ASN D 183 2.56 -21.45 70.17
CA ASN D 183 3.06 -22.25 71.28
C ASN D 183 2.73 -23.74 71.18
N VAL D 184 3.55 -24.57 71.81
CA VAL D 184 3.26 -25.99 71.95
C VAL D 184 3.39 -26.40 73.41
N TYR D 185 2.36 -27.05 73.94
CA TYR D 185 2.26 -27.37 75.34
C TYR D 185 2.43 -28.87 75.44
N ILE D 186 2.92 -29.32 76.60
CA ILE D 186 2.81 -30.72 76.97
C ILE D 186 2.26 -30.72 78.37
N VAL D 187 1.54 -31.80 78.66
CA VAL D 187 0.89 -31.95 79.89
C VAL D 187 1.15 -33.35 80.23
N PRO D 188 1.98 -33.56 81.24
CA PRO D 188 2.28 -34.88 81.78
C PRO D 188 1.04 -35.40 82.42
N VAL D 189 0.93 -36.74 82.55
CA VAL D 189 -0.32 -37.41 82.87
C VAL D 189 0.00 -38.82 83.21
N GLU D 190 -0.58 -39.30 84.31
CA GLU D 190 -0.53 -40.70 84.66
C GLU D 190 -1.72 -41.28 83.97
N SER D 191 -1.60 -42.51 83.46
CA SER D 191 -2.67 -43.10 82.65
C SER D 191 -2.38 -44.53 82.22
N HIS D 192 -3.14 -45.45 82.77
CA HIS D 192 -2.99 -46.82 82.38
C HIS D 192 -3.33 -46.98 80.93
N LEU D 193 -4.33 -46.24 80.49
CA LEU D 193 -4.85 -46.39 79.14
C LEU D 193 -3.77 -46.08 78.12
N LEU D 194 -3.21 -44.89 78.22
CA LEU D 194 -2.27 -44.42 77.25
C LEU D 194 -0.96 -45.22 77.31
N LYS D 195 -0.71 -45.86 78.45
CA LYS D 195 0.49 -46.67 78.60
C LYS D 195 0.42 -47.88 77.66
N MET D 196 -0.76 -48.49 77.59
CA MET D 196 -1.01 -49.66 76.81
C MET D 196 -0.64 -49.46 75.34
N PHE D 197 -0.65 -48.23 74.83
CA PHE D 197 -0.29 -48.02 73.42
C PHE D 197 1.18 -48.20 73.09
N ASN D 198 2.03 -48.21 74.13
CA ASN D 198 3.46 -48.10 73.96
C ASN D 198 4.26 -49.12 74.75
N ASP D 199 3.54 -49.83 75.61
CA ASP D 199 4.15 -50.70 76.57
C ASP D 199 4.43 -52.08 76.03
N ILE D 200 5.64 -52.58 76.23
CA ILE D 200 5.95 -53.98 75.90
C ILE D 200 5.18 -54.94 76.80
N PRO D 201 4.35 -55.81 76.21
CA PRO D 201 3.50 -56.73 76.95
C PRO D 201 4.28 -57.57 77.94
N ARG D 202 3.76 -57.65 79.16
CA ARG D 202 4.42 -58.27 80.29
C ARG D 202 3.53 -59.43 80.61
N LEU D 203 3.98 -60.63 80.24
CA LEU D 203 3.07 -61.76 80.20
C LEU D 203 2.52 -62.10 81.57
N ASN D 204 3.30 -61.80 82.63
CA ASN D 204 2.89 -62.24 83.96
C ASN D 204 2.43 -61.14 84.91
N GLY D 205 2.36 -59.91 84.38
CA GLY D 205 1.73 -58.77 85.06
C GLY D 205 2.64 -57.92 85.90
N GLU D 206 3.79 -58.46 86.27
CA GLU D 206 4.70 -57.77 87.17
C GLU D 206 5.34 -56.57 86.53
N LYS D 207 5.67 -55.56 87.32
CA LYS D 207 6.20 -54.28 86.83
C LYS D 207 7.63 -54.37 86.31
N ASP D 208 8.44 -55.24 86.93
CA ASP D 208 9.87 -55.41 86.59
C ASP D 208 10.18 -56.19 85.26
N GLU D 209 9.16 -56.85 84.70
CA GLU D 209 9.32 -57.71 83.52
C GLU D 209 9.70 -56.95 82.24
N GLU D 210 10.85 -57.31 81.67
CA GLU D 210 11.43 -56.67 80.47
C GLU D 210 11.89 -57.71 79.40
N PRO D 211 10.93 -58.43 78.81
CA PRO D 211 11.32 -59.58 77.99
C PRO D 211 11.96 -59.24 76.63
N LEU D 212 11.94 -57.98 76.24
CA LEU D 212 12.54 -57.53 74.99
C LEU D 212 13.52 -56.44 75.37
N GLY D 213 13.94 -56.47 76.63
CA GLY D 213 14.74 -55.41 77.19
C GLY D 213 13.88 -54.16 77.26
N ARG D 214 14.50 -53.02 76.93
CA ARG D 214 13.91 -51.72 77.13
C ARG D 214 13.79 -50.97 75.83
N CYS D 215 12.57 -50.59 75.48
CA CYS D 215 12.32 -49.86 74.24
C CYS D 215 11.82 -48.48 74.59
N SER D 216 12.19 -47.53 73.73
CA SER D 216 11.68 -46.18 73.70
C SER D 216 10.28 -46.12 73.07
N GLY D 217 9.87 -47.20 72.40
CA GLY D 217 8.68 -47.23 71.52
C GLY D 217 8.85 -46.41 70.27
N THR D 218 7.76 -46.20 69.52
CA THR D 218 7.96 -45.72 68.20
C THR D 218 8.03 -44.21 68.12
N ALA D 219 8.79 -43.70 67.15
CA ALA D 219 9.19 -42.29 67.10
C ALA D 219 8.27 -41.43 66.22
N ALA D 220 7.49 -42.08 65.38
CA ALA D 220 6.52 -41.40 64.54
C ALA D 220 5.40 -40.90 65.47
N VAL D 221 4.78 -39.82 65.03
CA VAL D 221 3.83 -39.10 65.82
C VAL D 221 2.66 -40.00 66.17
N PHE D 222 2.24 -39.94 67.43
CA PHE D 222 1.03 -40.62 67.82
C PHE D 222 -0.05 -39.55 67.87
N ASP D 223 -0.72 -39.27 66.74
CA ASP D 223 -1.83 -38.35 66.73
C ASP D 223 -3.14 -39.03 67.11
N VAL D 224 -3.81 -38.44 68.12
CA VAL D 224 -5.03 -38.97 68.62
C VAL D 224 -5.96 -37.81 69.02
N GLN D 225 -7.25 -38.10 69.11
CA GLN D 225 -8.23 -37.13 69.53
C GLN D 225 -8.46 -37.33 71.00
N LEU D 226 -7.66 -36.63 71.80
CA LEU D 226 -7.81 -36.77 73.24
C LEU D 226 -9.12 -36.22 73.79
N SER D 227 -9.84 -35.41 73.02
CA SER D 227 -11.21 -35.06 73.37
C SER D 227 -11.97 -36.30 73.85
N GLU D 228 -11.73 -37.41 73.17
CA GLU D 228 -12.55 -38.60 73.33
C GLU D 228 -12.06 -39.50 74.39
N MET D 229 -10.96 -39.12 75.00
CA MET D 229 -10.43 -39.95 76.04
C MET D 229 -11.17 -39.56 77.33
N LYS D 230 -11.79 -40.53 78.00
CA LYS D 230 -12.65 -40.21 79.13
C LYS D 230 -11.92 -39.74 80.38
N THR D 231 -12.63 -38.94 81.19
CA THR D 231 -12.03 -38.25 82.33
C THR D 231 -11.35 -39.19 83.28
N HIS D 232 -11.98 -40.30 83.61
CA HIS D 232 -11.28 -41.21 84.50
C HIS D 232 -10.13 -42.01 83.92
N GLU D 233 -9.99 -42.01 82.61
CA GLU D 233 -8.97 -42.82 81.99
C GLU D 233 -7.56 -42.22 82.18
N PHE D 234 -7.45 -41.07 82.82
CA PHE D 234 -6.15 -40.44 83.03
C PHE D 234 -6.16 -39.38 84.13
N ARG D 235 -4.98 -38.89 84.52
CA ARG D 235 -4.86 -37.81 85.50
C ARG D 235 -3.67 -36.89 85.26
N GLU D 236 -3.92 -35.62 84.97
CA GLU D 236 -2.81 -34.72 84.81
C GLU D 236 -2.07 -34.48 86.11
N LEU D 237 -0.75 -34.30 86.02
CA LEU D 237 0.11 -34.16 87.17
C LEU D 237 0.58 -32.73 87.29
N SER D 238 0.26 -31.92 86.30
CA SER D 238 0.70 -30.55 86.30
C SER D 238 -0.15 -29.76 85.32
N GLU D 239 0.03 -28.45 85.31
CA GLU D 239 -0.52 -27.59 84.27
C GLU D 239 0.29 -27.83 83.01
N PRO D 240 -0.28 -27.48 81.85
CA PRO D 240 0.45 -27.47 80.60
C PRO D 240 1.74 -26.63 80.66
N ILE D 241 2.88 -27.30 80.53
CA ILE D 241 4.18 -26.70 80.30
C ILE D 241 4.31 -26.13 78.89
N VAL D 242 4.72 -24.87 78.75
CA VAL D 242 5.18 -24.41 77.42
C VAL D 242 6.50 -25.08 76.99
N ALA D 243 6.43 -26.00 76.03
CA ALA D 243 7.62 -26.72 75.58
C ALA D 243 8.42 -25.89 74.62
N PHE D 244 7.75 -25.28 73.67
CA PHE D 244 8.45 -24.50 72.66
C PHE D 244 7.65 -23.28 72.34
N LYS D 245 8.31 -22.27 71.81
CA LYS D 245 7.62 -21.06 71.43
C LYS D 245 8.09 -20.75 70.06
N PHE D 246 7.20 -20.24 69.21
CA PHE D 246 7.66 -19.96 67.88
C PHE D 246 7.22 -18.59 67.47
N ASP D 247 8.13 -17.92 66.80
CA ASP D 247 7.91 -16.60 66.26
C ASP D 247 8.15 -16.76 64.79
N PHE D 248 7.05 -16.88 64.03
CA PHE D 248 7.11 -17.11 62.60
C PHE D 248 7.43 -15.85 61.84
N GLU D 249 7.64 -14.75 62.56
CA GLU D 249 7.82 -13.44 61.92
C GLU D 249 9.28 -12.97 61.85
N HIS D 250 10.12 -13.56 62.69
CA HIS D 250 11.49 -13.11 62.85
C HIS D 250 12.44 -14.25 62.64
N GLU D 251 12.93 -14.36 61.42
CA GLU D 251 13.71 -15.52 60.95
C GLU D 251 15.03 -15.77 61.70
N GLU D 252 15.22 -15.10 62.82
CA GLU D 252 16.43 -15.24 63.59
C GLU D 252 16.10 -16.08 64.78
N LYS D 253 14.82 -16.13 65.11
CA LYS D 253 14.37 -16.94 66.25
C LYS D 253 13.97 -18.36 65.84
N ILE D 254 13.90 -18.58 64.51
CA ILE D 254 13.52 -19.84 63.87
C ILE D 254 14.71 -20.78 63.75
N ILE D 255 14.86 -21.69 64.71
CA ILE D 255 15.99 -22.62 64.72
C ILE D 255 15.56 -24.11 64.66
N PHE D 256 16.02 -24.83 63.64
CA PHE D 256 15.57 -26.20 63.43
C PHE D 256 15.91 -27.17 64.56
N ASP D 257 17.09 -27.06 65.17
CA ASP D 257 17.44 -27.97 66.27
C ASP D 257 17.59 -27.18 67.54
N GLU D 258 16.81 -27.57 68.54
CA GLU D 258 16.67 -26.81 69.76
C GLU D 258 16.32 -27.83 70.80
N SER D 259 16.72 -27.58 72.04
CA SER D 259 16.52 -28.51 73.16
C SER D 259 16.38 -27.66 74.43
N PHE D 260 15.51 -28.04 75.37
CA PHE D 260 15.21 -27.21 76.57
C PHE D 260 14.94 -27.97 77.88
N VAL D 261 15.51 -27.50 78.98
CA VAL D 261 15.05 -27.99 80.27
C VAL D 261 13.88 -27.12 80.62
N ARG D 262 12.68 -27.65 80.44
CA ARG D 262 11.49 -26.93 80.85
C ARG D 262 11.23 -27.41 82.25
N GLU D 263 10.87 -26.46 83.10
CA GLU D 263 10.60 -26.72 84.48
C GLU D 263 9.11 -26.58 84.69
N ALA D 264 8.55 -27.44 85.54
CA ALA D 264 7.19 -27.25 86.04
C ALA D 264 7.10 -27.69 87.49
N VAL D 265 6.06 -27.23 88.17
CA VAL D 265 5.73 -27.63 89.52
C VAL D 265 4.54 -28.58 89.41
N ALA D 266 4.70 -29.77 89.98
CA ALA D 266 3.65 -30.75 89.92
C ALA D 266 2.55 -30.25 90.81
N HIS D 267 1.31 -30.71 90.60
CA HIS D 267 0.23 -30.56 91.60
C HIS D 267 -0.39 -31.87 91.98
N SER D 268 0.37 -32.96 91.91
CA SER D 268 -0.08 -34.32 92.26
C SER D 268 1.16 -35.18 92.27
N SER D 269 1.05 -36.38 92.84
CA SER D 269 2.20 -37.29 92.95
C SER D 269 1.95 -38.68 92.34
N GLY D 270 2.50 -38.92 91.15
CA GLY D 270 2.44 -40.23 90.49
C GLY D 270 3.41 -40.36 89.33
N THR D 271 3.43 -41.52 88.69
CA THR D 271 4.33 -41.71 87.54
C THR D 271 3.83 -41.13 86.20
N ILE D 272 4.75 -40.62 85.40
CA ILE D 272 4.38 -39.96 84.17
C ILE D 272 4.14 -41.02 83.07
N ASP D 273 2.97 -41.64 83.01
CA ASP D 273 2.79 -42.65 81.99
C ASP D 273 2.85 -42.08 80.53
N ALA D 274 2.58 -40.79 80.33
CA ALA D 274 2.66 -40.17 79.00
C ALA D 274 2.65 -38.65 79.06
N LEU D 275 2.90 -38.00 77.94
CA LEU D 275 2.79 -36.56 77.83
C LEU D 275 1.90 -36.20 76.67
N LEU D 276 0.89 -35.39 76.93
CA LEU D 276 -0.03 -35.05 75.88
C LEU D 276 0.46 -33.80 75.29
N MET D 277 0.22 -33.56 74.00
CA MET D 277 0.67 -32.32 73.46
C MET D 277 -0.33 -31.75 72.46
N TRP D 278 -0.17 -30.46 72.22
CA TRP D 278 -0.95 -29.75 71.24
C TRP D 278 -0.39 -28.38 71.17
N TRP D 279 -0.62 -27.74 70.05
CA TRP D 279 -0.18 -26.40 69.84
C TRP D 279 -1.31 -25.41 69.81
N ASP D 280 -0.97 -24.14 69.95
CA ASP D 280 -1.92 -23.06 69.70
C ASP D 280 -1.14 -22.02 68.98
N ILE D 281 -1.80 -21.30 68.08
CA ILE D 281 -1.11 -20.28 67.31
C ILE D 281 -1.82 -18.94 67.37
N ASP D 282 -1.04 -17.85 67.45
CA ASP D 282 -1.58 -16.49 67.43
C ASP D 282 -1.69 -15.98 66.01
N MET D 283 -2.90 -15.65 65.61
CA MET D 283 -3.11 -15.26 64.23
C MET D 283 -2.46 -13.92 63.76
N ASP D 284 -2.28 -12.97 64.69
CA ASP D 284 -1.73 -11.64 64.32
C ASP D 284 -0.79 -10.98 65.33
N ARG D 285 -0.56 -11.66 66.44
CA ARG D 285 0.19 -11.15 67.61
C ARG D 285 -0.58 -10.24 68.58
N ASN D 286 -1.70 -9.64 68.16
CA ASN D 286 -2.53 -8.79 69.07
C ASN D 286 -3.07 -9.58 70.26
N GLY D 287 -2.61 -10.81 70.43
CA GLY D 287 -2.88 -11.55 71.69
C GLY D 287 -4.32 -11.94 71.89
N THR D 288 -5.02 -12.16 70.78
CA THR D 288 -6.48 -12.05 70.79
C THR D 288 -7.18 -13.14 69.96
N THR D 289 -6.59 -13.47 68.82
CA THR D 289 -7.21 -14.45 67.96
C THR D 289 -6.32 -15.66 67.69
N PHE D 290 -6.85 -16.81 68.11
CA PHE D 290 -6.15 -18.07 68.17
C PHE D 290 -6.85 -19.31 67.52
N ILE D 291 -6.06 -20.12 66.80
CA ILE D 291 -6.36 -21.56 66.67
C ILE D 291 -5.73 -22.25 67.89
N ASP D 292 -6.53 -23.02 68.61
CA ASP D 292 -6.10 -23.67 69.85
C ASP D 292 -6.43 -25.17 69.80
N MET D 293 -5.41 -26.03 69.77
CA MET D 293 -5.64 -27.45 69.52
C MET D 293 -5.93 -28.21 70.79
N GLY D 294 -6.02 -27.49 71.90
CA GLY D 294 -6.36 -28.14 73.16
C GLY D 294 -7.57 -29.02 73.05
N PRO D 295 -7.60 -30.09 73.84
CA PRO D 295 -8.73 -30.99 73.75
C PRO D 295 -9.94 -30.35 74.38
N LYS D 296 -11.11 -30.97 74.20
CA LYS D 296 -12.37 -30.41 74.66
C LYS D 296 -12.37 -30.15 76.14
N TRP D 297 -12.13 -31.18 76.93
CA TRP D 297 -12.08 -30.98 78.37
C TRP D 297 -11.00 -30.00 78.81
N LYS D 298 -10.60 -29.08 77.92
CA LYS D 298 -9.48 -28.15 78.15
C LYS D 298 -9.30 -27.09 77.07
N ASN D 299 -10.38 -26.56 76.54
CA ASN D 299 -10.26 -25.59 75.46
C ASN D 299 -11.55 -24.77 75.47
N LYS D 300 -11.95 -24.42 76.69
CA LYS D 300 -12.91 -23.37 76.92
C LYS D 300 -12.07 -22.10 76.78
N ASN D 301 -12.30 -21.27 75.77
CA ASN D 301 -13.30 -21.49 74.76
C ASN D 301 -12.84 -21.05 73.36
N ASN D 302 -11.79 -21.73 72.87
CA ASN D 302 -11.50 -21.81 71.43
C ASN D 302 -11.57 -23.25 70.85
N TYR D 303 -12.36 -24.12 71.50
CA TYR D 303 -12.47 -25.53 71.07
C TYR D 303 -13.40 -25.67 69.88
N ALA D 304 -12.85 -26.10 68.76
CA ALA D 304 -13.66 -26.57 67.62
C ALA D 304 -13.18 -27.95 67.24
N TRP D 305 -14.09 -28.86 66.91
CA TRP D 305 -13.67 -30.17 66.49
C TRP D 305 -12.89 -30.04 65.23
N ARG D 306 -11.83 -30.81 65.11
CA ARG D 306 -11.28 -31.04 63.80
C ARG D 306 -10.52 -32.33 63.75
N ASP D 307 -10.16 -32.72 62.54
CA ASP D 307 -9.47 -33.97 62.36
C ASP D 307 -8.10 -33.85 61.70
N HIS D 308 -8.01 -33.08 60.62
CA HIS D 308 -6.73 -32.77 60.02
C HIS D 308 -5.71 -32.32 61.05
N TRP D 309 -6.16 -31.74 62.18
CA TRP D 309 -5.32 -31.54 63.38
C TRP D 309 -5.99 -32.19 64.51
N MET D 310 -5.21 -32.57 65.49
CA MET D 310 -5.66 -33.45 66.50
C MET D 310 -4.69 -33.15 67.63
N GLN D 311 -4.66 -33.96 68.67
CA GLN D 311 -3.57 -33.86 69.60
C GLN D 311 -2.58 -35.02 69.42
N ALA D 312 -1.62 -35.12 70.33
CA ALA D 312 -0.67 -36.23 70.23
C ALA D 312 -0.21 -36.74 71.57
N VAL D 313 0.27 -37.96 71.56
CA VAL D 313 0.88 -38.50 72.77
C VAL D 313 2.32 -39.02 72.60
N TYR D 314 3.16 -38.51 73.48
CA TYR D 314 4.59 -38.78 73.51
C TYR D 314 4.95 -39.51 74.77
N TYR D 315 5.84 -40.48 74.63
CA TYR D 315 6.25 -41.30 75.76
C TYR D 315 7.67 -40.91 76.07
N LEU D 316 8.06 -41.25 77.29
CA LEU D 316 9.37 -40.90 77.81
C LEU D 316 10.11 -42.21 77.85
N PRO D 317 11.36 -42.24 77.35
CA PRO D 317 12.12 -43.48 77.28
C PRO D 317 12.13 -44.22 78.60
N GLU D 318 12.48 -43.55 79.68
CA GLU D 318 12.51 -44.22 80.99
C GLU D 318 11.43 -43.66 81.94
N LYS D 319 10.94 -44.54 82.81
CA LYS D 319 10.11 -44.15 83.96
C LYS D 319 10.61 -42.84 84.59
N LYS D 320 9.67 -41.93 84.82
CA LYS D 320 9.91 -40.69 85.52
C LYS D 320 8.82 -40.55 86.51
N LYS D 321 9.15 -40.69 87.79
CA LYS D 321 8.14 -40.46 88.84
C LYS D 321 8.03 -38.96 89.11
N VAL D 322 7.06 -38.56 89.94
CA VAL D 322 6.87 -37.14 90.26
C VAL D 322 6.15 -36.96 91.62
N GLU D 323 6.44 -35.85 92.30
CA GLU D 323 5.95 -35.62 93.67
C GLU D 323 5.21 -34.32 93.84
N MET D 324 4.28 -34.32 94.80
CA MET D 324 3.24 -33.31 94.92
C MET D 324 3.65 -31.85 94.72
N ASN D 325 4.31 -31.25 95.72
CA ASN D 325 4.65 -29.83 95.56
C ASN D 325 6.09 -29.54 95.20
N GLN D 326 6.64 -30.36 94.31
CA GLN D 326 8.02 -30.24 93.87
C GLN D 326 8.16 -29.84 92.40
N THR D 327 9.18 -29.04 92.15
CA THR D 327 9.65 -28.78 90.83
C THR D 327 10.15 -30.09 90.16
N PHE D 328 9.72 -30.31 88.92
CA PHE D 328 10.32 -31.36 88.10
C PHE D 328 10.66 -30.79 86.74
N GLU D 329 11.48 -31.51 86.00
CA GLU D 329 11.84 -31.05 84.66
C GLU D 329 11.59 -32.12 83.58
N ILE D 330 11.36 -31.63 82.37
CA ILE D 330 11.25 -32.44 81.17
C ILE D 330 12.25 -31.84 80.19
N VAL D 331 13.05 -32.68 79.56
CA VAL D 331 13.83 -32.19 78.43
C VAL D 331 12.93 -32.28 77.23
N CYS D 332 12.82 -31.14 76.54
CA CYS D 332 11.96 -30.98 75.41
C CYS D 332 12.81 -30.72 74.22
N ASN D 333 12.62 -31.55 73.21
CA ASN D 333 13.53 -31.62 72.12
C ASN D 333 12.79 -31.52 70.85
N HIS D 334 13.39 -30.88 69.86
CA HIS D 334 12.86 -30.89 68.50
C HIS D 334 13.93 -30.70 67.46
N ASP D 335 13.69 -31.21 66.25
CA ASP D 335 14.53 -30.92 65.07
C ASP D 335 13.66 -30.21 64.06
N GLU D 336 14.07 -30.20 62.80
CA GLU D 336 13.31 -29.45 61.81
C GLU D 336 11.87 -29.94 61.67
N PHE D 337 11.64 -31.22 61.96
CA PHE D 337 10.39 -31.90 61.62
C PHE D 337 9.71 -32.68 62.72
N SER D 338 10.38 -32.87 63.84
CA SER D 338 9.74 -33.63 64.90
C SER D 338 10.19 -33.16 66.27
N LEU D 339 9.50 -33.72 67.25
CA LEU D 339 9.53 -33.32 68.61
C LEU D 339 9.71 -34.60 69.36
N TRP D 340 10.54 -34.60 70.39
CA TRP D 340 10.49 -35.69 71.38
C TRP D 340 10.76 -35.13 72.75
N PHE D 341 10.60 -35.96 73.75
CA PHE D 341 10.79 -35.55 75.12
C PHE D 341 11.59 -36.61 75.82
N SER D 342 12.63 -36.15 76.50
CA SER D 342 13.47 -37.01 77.32
C SER D 342 13.62 -36.46 78.72
N ASN D 343 14.11 -37.33 79.58
CA ASN D 343 14.52 -36.99 80.91
C ASN D 343 15.91 -36.34 80.92
N VAL D 344 16.16 -35.53 81.95
CA VAL D 344 17.46 -34.91 82.22
C VAL D 344 18.56 -35.92 82.52
N GLY D 345 19.75 -35.58 82.04
CA GLY D 345 20.94 -36.42 82.23
C GLY D 345 20.80 -37.77 81.55
N LYS D 346 20.13 -37.72 80.39
CA LYS D 346 19.80 -38.87 79.58
C LYS D 346 19.83 -38.38 78.16
N ASP D 347 20.13 -39.27 77.23
CA ASP D 347 20.39 -38.88 75.83
C ASP D 347 19.35 -37.90 75.31
N LYS D 348 19.78 -36.73 74.86
CA LYS D 348 18.88 -35.74 74.24
C LYS D 348 18.54 -35.98 72.74
N SER D 349 18.88 -37.16 72.23
CA SER D 349 18.71 -37.52 70.81
C SER D 349 17.34 -38.12 70.60
N ARG D 350 16.82 -38.12 69.38
CA ARG D 350 15.59 -38.88 69.06
C ARG D 350 15.86 -40.38 69.10
N SER D 351 15.02 -41.12 69.80
CA SER D 351 15.19 -42.57 69.87
C SER D 351 14.11 -43.33 69.11
N TYR D 352 14.48 -44.49 68.57
CA TYR D 352 13.60 -45.29 67.74
C TYR D 352 13.40 -46.66 68.37
N CYS D 353 12.35 -47.39 67.95
CA CYS D 353 12.09 -48.77 68.39
C CYS D 353 13.39 -49.56 68.28
N VAL D 354 13.95 -49.97 69.41
CA VAL D 354 15.17 -50.82 69.40
C VAL D 354 14.85 -52.20 69.96
N CYS D 355 13.58 -52.49 70.11
CA CYS D 355 13.16 -53.69 70.79
C CYS D 355 12.63 -54.62 69.73
N GLY D 356 12.28 -54.02 68.59
CA GLY D 356 11.76 -54.70 67.38
C GLY D 356 10.25 -54.89 67.37
N LEU D 357 9.59 -54.57 68.48
CA LEU D 357 8.11 -54.71 68.54
C LEU D 357 7.44 -53.44 68.05
N HIS D 358 7.87 -52.30 68.61
CA HIS D 358 7.32 -51.00 68.22
C HIS D 358 7.14 -51.00 66.68
N SER D 359 8.21 -51.37 66.00
CA SER D 359 8.35 -51.13 64.57
C SER D 359 7.63 -52.20 63.80
N MET D 360 7.41 -53.35 64.44
CA MET D 360 6.60 -54.43 63.85
C MET D 360 5.08 -54.21 63.97
N LEU D 361 4.63 -53.49 65.01
CA LEU D 361 3.17 -53.34 65.28
C LEU D 361 2.70 -51.90 65.37
N SER D 362 1.54 -51.59 64.81
CA SER D 362 0.92 -50.28 65.01
C SER D 362 0.59 -50.01 66.51
N ARG D 363 0.61 -48.74 66.92
CA ARG D 363 0.07 -48.31 68.25
C ARG D 363 -1.20 -49.01 68.67
N GLN D 364 -2.24 -49.02 67.83
CA GLN D 364 -3.48 -49.65 68.31
C GLN D 364 -3.31 -51.14 68.60
N THR D 365 -2.39 -51.80 67.89
CA THR D 365 -2.15 -53.22 68.11
C THR D 365 -1.31 -53.54 69.36
N VAL D 366 -0.35 -52.68 69.72
CA VAL D 366 0.32 -52.85 71.02
C VAL D 366 -0.73 -52.79 72.16
N TYR D 367 -1.68 -51.86 72.01
CA TYR D 367 -2.78 -51.77 72.93
C TYR D 367 -3.51 -53.08 73.01
N HIS D 368 -3.86 -53.60 71.83
CA HIS D 368 -4.56 -54.88 71.73
C HIS D 368 -3.85 -56.00 72.42
N VAL D 369 -2.53 -56.06 72.34
CA VAL D 369 -1.88 -57.18 73.02
C VAL D 369 -1.82 -56.99 74.54
N ASN D 370 -1.50 -55.78 74.93
CA ASN D 370 -1.57 -55.46 76.33
C ASN D 370 -2.95 -55.75 76.96
N GLU D 371 -3.99 -55.46 76.20
CA GLU D 371 -5.32 -55.68 76.67
C GLU D 371 -5.61 -57.15 76.76
N MET D 372 -5.25 -57.90 75.72
CA MET D 372 -5.41 -59.37 75.77
C MET D 372 -4.73 -59.93 77.02
N PHE D 373 -3.47 -59.58 77.20
CA PHE D 373 -2.65 -60.06 78.33
C PHE D 373 -3.27 -59.81 79.68
N GLU D 374 -4.01 -58.70 79.78
CA GLU D 374 -4.64 -58.24 81.01
C GLU D 374 -6.07 -58.72 81.23
N ASN D 375 -6.70 -59.28 80.20
CA ASN D 375 -8.07 -59.68 80.30
C ASN D 375 -8.28 -61.05 80.88
N GLN D 376 -8.57 -61.11 82.19
CA GLN D 376 -8.85 -62.38 82.93
C GLN D 376 -10.00 -63.22 82.40
N LYS D 377 -10.99 -62.56 81.84
CA LYS D 377 -12.09 -63.34 81.31
C LYS D 377 -11.58 -64.06 80.08
N PHE D 378 -10.98 -63.30 79.17
CA PHE D 378 -10.30 -63.88 78.02
C PHE D 378 -9.32 -65.00 78.44
N LYS D 379 -8.36 -64.67 79.29
CA LYS D 379 -7.48 -65.72 79.79
C LYS D 379 -8.24 -66.91 80.29
N ASP D 380 -9.18 -66.74 81.22
CA ASP D 380 -10.00 -67.88 81.71
C ASP D 380 -10.45 -68.78 80.61
N GLU D 381 -10.92 -68.21 79.50
CA GLU D 381 -11.36 -69.04 78.37
C GLU D 381 -10.20 -69.79 77.62
N VAL D 382 -9.10 -69.10 77.40
CA VAL D 382 -7.91 -69.71 76.89
C VAL D 382 -7.55 -70.88 77.82
N ASP D 383 -7.50 -70.67 79.13
CA ASP D 383 -7.21 -71.77 80.05
C ASP D 383 -8.18 -72.93 79.87
N LYS D 384 -9.47 -72.63 79.81
CA LYS D 384 -10.46 -73.69 79.64
C LYS D 384 -10.21 -74.50 78.36
N LEU D 385 -9.75 -73.82 77.32
CA LEU D 385 -9.57 -74.49 76.03
C LEU D 385 -8.25 -75.24 75.85
N SER D 386 -7.18 -74.76 76.48
CA SER D 386 -5.83 -75.24 76.26
C SER D 386 -5.48 -76.32 77.26
N LYS D 387 -5.94 -76.14 78.51
CA LYS D 387 -5.55 -76.93 79.69
C LYS D 387 -5.08 -78.35 79.38
N GLY D 388 -3.79 -78.58 79.64
CA GLY D 388 -3.11 -79.88 79.40
C GLY D 388 -3.18 -80.49 78.00
N LEU D 389 -3.50 -79.71 76.97
CA LEU D 389 -3.52 -80.20 75.58
C LEU D 389 -2.34 -79.66 74.78
N HIS D 390 -2.26 -80.11 73.54
CA HIS D 390 -1.34 -79.58 72.54
C HIS D 390 -2.18 -78.66 71.77
N VAL D 391 -1.84 -77.39 71.88
CA VAL D 391 -2.49 -76.35 71.11
C VAL D 391 -1.51 -75.79 70.05
N ALA D 392 -2.02 -75.73 68.83
CA ALA D 392 -1.37 -74.98 67.80
C ALA D 392 -2.09 -73.65 67.64
N THR D 393 -1.28 -72.65 67.36
CA THR D 393 -1.67 -71.27 67.09
C THR D 393 -1.41 -70.88 65.63
N VAL D 394 -2.43 -70.33 64.96
CA VAL D 394 -2.17 -69.66 63.70
C VAL D 394 -2.41 -68.16 63.85
N GLY D 395 -1.83 -67.40 62.92
CA GLY D 395 -1.83 -65.97 62.93
C GLY D 395 -0.47 -65.45 62.50
N GLU D 396 -0.32 -64.16 62.23
CA GLU D 396 0.97 -63.60 62.03
C GLU D 396 1.05 -62.45 62.97
N GLY D 397 1.94 -62.54 63.97
CA GLY D 397 2.03 -61.51 64.98
C GLY D 397 1.07 -61.63 66.14
N SER D 398 0.37 -62.76 66.18
CA SER D 398 -0.55 -63.18 67.27
C SER D 398 0.23 -63.71 68.52
N PHE D 399 -0.02 -63.11 69.68
CA PHE D 399 0.72 -63.52 70.88
C PHE D 399 -0.02 -64.57 71.67
N LEU D 400 -1.17 -64.98 71.13
CA LEU D 400 -2.09 -65.84 71.82
C LEU D 400 -1.41 -67.06 72.44
N GLY D 401 -0.44 -67.63 71.72
CA GLY D 401 0.18 -68.86 72.15
C GLY D 401 0.85 -68.65 73.50
N LEU D 402 1.23 -67.41 73.75
CA LEU D 402 1.96 -67.16 74.98
C LEU D 402 1.00 -67.24 76.17
N LEU D 403 -0.29 -66.99 75.93
CA LEU D 403 -1.36 -67.20 76.92
C LEU D 403 -1.81 -68.64 77.05
N ALA D 404 -1.95 -69.35 75.94
CA ALA D 404 -2.19 -70.80 76.02
C ALA D 404 -1.08 -71.60 76.73
N ALA D 405 0.14 -71.11 76.68
CA ALA D 405 1.25 -71.68 77.43
C ALA D 405 1.02 -71.83 78.94
N LYS D 406 0.17 -71.00 79.53
CA LYS D 406 -0.08 -71.10 80.98
C LYS D 406 -0.57 -72.49 81.41
N THR D 407 -1.53 -73.05 80.69
CA THR D 407 -2.08 -74.36 81.03
C THR D 407 -1.88 -75.46 80.01
N ALA D 408 -1.63 -75.15 78.75
CA ALA D 408 -1.47 -76.23 77.75
C ALA D 408 -0.29 -77.14 78.10
N LYS D 409 -0.40 -78.41 77.73
CA LYS D 409 0.72 -79.34 77.91
C LYS D 409 1.87 -78.84 77.04
N ARG D 410 1.52 -78.40 75.83
CA ARG D 410 2.45 -78.09 74.78
C ARG D 410 1.78 -77.10 73.84
N VAL D 411 2.50 -76.02 73.52
CA VAL D 411 2.07 -75.07 72.49
C VAL D 411 3.05 -75.06 71.28
N THR D 412 2.50 -75.20 70.08
CA THR D 412 3.20 -74.91 68.83
C THR D 412 2.66 -73.62 68.18
N ILE D 413 3.49 -72.61 68.03
CA ILE D 413 3.09 -71.35 67.45
C ILE D 413 3.50 -71.38 65.99
N ILE D 414 2.54 -71.16 65.12
CA ILE D 414 2.80 -71.18 63.69
C ILE D 414 2.83 -69.77 63.17
N ASP D 415 4.01 -69.28 62.82
CA ASP D 415 4.11 -67.90 62.39
C ASP D 415 5.12 -67.74 61.26
N GLY D 416 4.62 -67.35 60.10
CA GLY D 416 5.40 -67.20 58.90
C GLY D 416 6.44 -66.11 58.93
N ASN D 417 6.31 -65.19 59.88
CA ASN D 417 7.16 -64.02 59.87
C ASN D 417 8.30 -64.14 60.85
N GLU D 418 9.51 -64.04 60.31
CA GLU D 418 10.70 -64.22 61.12
C GLU D 418 10.85 -63.23 62.29
N ARG D 419 10.48 -61.98 62.04
CA ARG D 419 10.72 -60.99 63.10
C ARG D 419 9.87 -61.30 64.34
N PHE D 420 8.69 -61.87 64.15
CA PHE D 420 7.82 -62.23 65.22
C PHE D 420 8.30 -63.49 65.90
N ARG D 421 8.68 -64.49 65.12
CA ARG D 421 9.18 -65.73 65.67
C ARG D 421 10.22 -65.34 66.71
N ASP D 422 11.06 -64.36 66.37
CA ASP D 422 12.17 -63.96 67.20
C ASP D 422 11.66 -63.24 68.45
N ILE D 423 10.63 -62.42 68.29
CA ILE D 423 10.00 -61.77 69.41
C ILE D 423 9.52 -62.87 70.34
N PHE D 424 8.83 -63.86 69.79
CA PHE D 424 8.31 -64.94 70.62
C PHE D 424 9.41 -65.72 71.35
N PHE D 425 10.53 -65.95 70.66
CA PHE D 425 11.66 -66.67 71.26
C PHE D 425 12.21 -65.84 72.40
N LYS D 426 12.26 -64.54 72.23
CA LYS D 426 12.67 -63.73 73.35
C LYS D 426 11.74 -63.89 74.56
N TYR D 427 10.43 -64.07 74.34
CA TYR D 427 9.53 -64.25 75.48
C TYR D 427 9.83 -65.59 76.12
N ILE D 428 9.78 -66.63 75.30
CA ILE D 428 10.01 -67.98 75.76
C ILE D 428 11.31 -68.02 76.60
N HIS D 429 12.36 -67.43 76.07
CA HIS D 429 13.58 -67.33 76.80
C HIS D 429 13.40 -66.59 78.09
N TYR D 430 12.71 -65.46 78.04
CA TYR D 430 12.67 -64.60 79.23
C TYR D 430 11.82 -65.17 80.33
N TYR D 431 10.73 -65.86 79.97
CA TYR D 431 9.83 -66.41 80.99
C TYR D 431 10.16 -67.85 81.32
N LYS D 432 11.24 -68.36 80.72
CA LYS D 432 11.59 -69.79 80.79
C LYS D 432 10.41 -70.72 80.50
N LEU D 433 9.58 -70.41 79.51
CA LEU D 433 8.51 -71.38 79.14
C LEU D 433 9.04 -72.76 78.65
N THR D 434 8.43 -73.85 79.10
CA THR D 434 9.02 -75.17 78.81
C THR D 434 8.12 -75.94 77.88
N ASN D 435 7.03 -75.29 77.49
CA ASN D 435 6.00 -75.99 76.75
C ASN D 435 5.61 -75.35 75.42
N VAL D 436 6.43 -74.44 74.93
CA VAL D 436 6.15 -73.85 73.64
C VAL D 436 7.32 -73.94 72.64
N GLU D 437 7.01 -74.43 71.44
CA GLU D 437 7.88 -74.40 70.24
C GLU D 437 7.35 -73.39 69.21
N ILE D 438 8.05 -73.20 68.11
CA ILE D 438 7.57 -72.31 67.05
C ILE D 438 7.99 -72.86 65.71
N ILE D 439 7.07 -72.88 64.76
CA ILE D 439 7.40 -73.21 63.40
C ILE D 439 6.94 -72.11 62.45
N GLU D 440 7.60 -72.06 61.30
CA GLU D 440 7.33 -71.09 60.28
C GLU D 440 6.05 -71.34 59.52
N LYS D 441 5.77 -72.59 59.17
CA LYS D 441 4.73 -72.91 58.19
C LYS D 441 3.75 -73.95 58.69
N VAL D 442 2.49 -73.82 58.29
CA VAL D 442 1.40 -74.65 58.79
C VAL D 442 1.62 -76.13 58.48
N THR D 443 2.18 -76.41 57.29
CA THR D 443 2.55 -77.75 56.86
C THR D 443 3.69 -78.38 57.64
N SER D 444 4.41 -77.60 58.44
CA SER D 444 5.48 -78.13 59.30
C SER D 444 4.98 -78.76 60.60
N LEU D 445 3.74 -78.50 60.97
CA LEU D 445 3.14 -78.99 62.21
C LEU D 445 2.84 -80.45 61.96
N THR D 446 3.76 -81.33 62.32
CA THR D 446 3.60 -82.73 61.95
C THR D 446 2.84 -83.59 62.96
N ASP D 447 3.03 -83.31 64.25
CA ASP D 447 2.18 -83.86 65.32
C ASP D 447 0.79 -83.20 65.26
N SER D 448 -0.29 -83.99 65.25
CA SER D 448 -1.66 -83.41 65.26
C SER D 448 -1.90 -82.81 66.60
N PRO D 449 -2.28 -81.53 66.60
CA PRO D 449 -2.59 -80.88 67.86
C PRO D 449 -3.99 -81.30 68.32
N ASP D 450 -4.31 -81.03 69.58
CA ASP D 450 -5.64 -81.36 70.09
C ASP D 450 -6.59 -80.22 69.68
N ILE D 451 -6.10 -79.00 69.78
CA ILE D 451 -6.93 -77.87 69.37
C ILE D 451 -6.08 -76.84 68.62
N VAL D 452 -6.68 -76.16 67.62
CA VAL D 452 -6.09 -74.90 67.14
C VAL D 452 -6.84 -73.66 67.60
N LEU D 453 -6.06 -72.76 68.18
CA LEU D 453 -6.56 -71.57 68.79
C LEU D 453 -6.03 -70.40 68.00
N ALA D 454 -6.92 -69.60 67.43
CA ALA D 454 -6.49 -68.34 66.80
C ALA D 454 -7.27 -67.13 67.39
N GLU D 455 -6.90 -65.92 67.04
CA GLU D 455 -7.66 -64.76 67.44
C GLU D 455 -8.89 -64.41 66.59
N PRO D 456 -8.73 -64.30 65.24
CA PRO D 456 -7.49 -64.41 64.47
C PRO D 456 -6.82 -63.07 64.25
N PHE D 457 -5.50 -63.04 64.38
CA PHE D 457 -4.70 -61.87 64.03
C PHE D 457 -3.53 -62.08 63.05
N TYR D 458 -3.56 -61.40 61.92
CA TYR D 458 -2.46 -61.43 60.94
C TYR D 458 -2.07 -60.01 60.70
N MET D 459 -0.89 -59.63 61.17
CA MET D 459 -0.53 -58.23 61.18
C MET D 459 -0.51 -57.65 59.79
N SER D 460 -0.15 -58.43 58.80
CA SER D 460 -0.05 -57.85 57.47
C SER D 460 -1.40 -57.72 56.72
N ALA D 461 -2.46 -58.35 57.24
CA ALA D 461 -3.84 -58.20 56.72
C ALA D 461 -4.08 -56.79 56.11
N MET D 462 -4.53 -56.76 54.86
CA MET D 462 -4.70 -55.49 54.13
C MET D 462 -5.73 -54.57 54.82
N ASN D 463 -6.79 -55.16 55.38
CA ASN D 463 -7.79 -54.34 56.06
C ASN D 463 -8.07 -54.81 57.46
N PRO D 464 -8.36 -53.88 58.38
CA PRO D 464 -8.41 -54.27 59.77
C PRO D 464 -9.66 -55.06 60.04
N TRP D 465 -10.55 -55.11 59.05
CA TRP D 465 -11.68 -56.03 59.09
C TRP D 465 -11.41 -57.25 58.22
N ASN D 466 -10.15 -57.58 57.96
CA ASN D 466 -9.89 -58.71 57.07
C ASN D 466 -8.66 -59.55 57.39
N HIS D 467 -8.83 -60.39 58.42
CA HIS D 467 -7.85 -61.33 58.91
C HIS D 467 -8.23 -62.74 58.47
N LEU D 468 -8.89 -62.85 57.33
CA LEU D 468 -9.41 -64.10 56.80
C LEU D 468 -8.38 -65.09 56.22
N ARG D 469 -7.11 -64.68 56.12
CA ARG D 469 -6.02 -65.69 55.97
C ARG D 469 -6.28 -66.87 56.89
N PHE D 470 -6.87 -66.58 58.05
CA PHE D 470 -7.40 -67.61 58.92
C PHE D 470 -8.13 -68.76 58.23
N LEU D 471 -9.01 -68.46 57.27
CA LEU D 471 -9.74 -69.53 56.63
C LEU D 471 -8.74 -70.47 55.98
N TYR D 472 -7.70 -69.89 55.38
CA TYR D 472 -6.81 -70.65 54.51
C TYR D 472 -5.94 -71.59 55.31
N ASP D 473 -5.41 -71.10 56.43
CA ASP D 473 -4.62 -71.92 57.34
C ASP D 473 -5.47 -73.01 57.96
N VAL D 474 -6.75 -72.75 58.15
CA VAL D 474 -7.62 -73.76 58.67
C VAL D 474 -7.89 -74.83 57.64
N GLU D 475 -8.18 -74.40 56.43
CA GLU D 475 -8.37 -75.31 55.32
C GLU D 475 -7.23 -76.30 55.19
N VAL D 476 -5.98 -75.82 55.26
CA VAL D 476 -4.82 -76.71 55.23
C VAL D 476 -4.81 -77.62 56.48
N LEU D 477 -4.86 -77.00 57.67
CA LEU D 477 -4.78 -77.74 58.90
C LEU D 477 -5.79 -78.89 58.94
N LYS D 478 -6.93 -78.72 58.26
CA LYS D 478 -8.02 -79.70 58.31
C LYS D 478 -7.88 -80.80 57.26
N MET D 479 -7.35 -80.43 56.10
CA MET D 479 -6.95 -81.40 55.10
C MET D 479 -5.89 -82.28 55.75
N MET D 480 -4.92 -81.66 56.41
CA MET D 480 -3.80 -82.40 56.96
C MET D 480 -4.17 -83.23 58.18
N HIS D 481 -4.98 -82.66 59.09
CA HIS D 481 -5.21 -83.30 60.37
C HIS D 481 -6.61 -83.74 60.64
N GLY D 482 -7.49 -83.59 59.66
CA GLY D 482 -8.78 -84.23 59.70
C GLY D 482 -9.89 -83.29 60.08
N ASP D 483 -11.01 -83.48 59.43
CA ASP D 483 -12.23 -82.75 59.71
C ASP D 483 -12.59 -82.67 61.21
N GLU D 484 -11.93 -83.45 62.08
CA GLU D 484 -12.30 -83.47 63.49
C GLU D 484 -11.40 -82.59 64.36
N LEU D 485 -10.34 -82.06 63.74
CA LEU D 485 -9.49 -81.12 64.44
C LEU D 485 -10.35 -79.95 64.91
N ARG D 486 -10.33 -79.70 66.20
CA ARG D 486 -11.17 -78.67 66.76
C ARG D 486 -10.45 -77.37 66.50
N VAL D 487 -11.19 -76.40 66.00
CA VAL D 487 -10.64 -75.06 65.88
C VAL D 487 -11.54 -73.94 66.48
N GLU D 488 -10.88 -73.03 67.18
CA GLU D 488 -11.50 -71.83 67.73
C GLU D 488 -10.73 -70.58 67.28
N PRO D 489 -11.45 -69.56 66.81
CA PRO D 489 -12.90 -69.43 66.86
C PRO D 489 -13.60 -70.40 65.96
N HIS D 490 -14.92 -70.51 66.16
CA HIS D 490 -15.67 -71.43 65.40
C HIS D 490 -16.64 -70.76 64.49
N MET D 491 -16.72 -69.44 64.57
CA MET D 491 -17.62 -68.69 63.70
C MET D 491 -17.13 -67.26 63.60
N GLY D 492 -17.17 -66.70 62.41
CA GLY D 492 -16.87 -65.30 62.22
C GLY D 492 -17.99 -64.63 61.46
N VAL D 493 -18.35 -63.44 61.92
CA VAL D 493 -19.30 -62.59 61.26
C VAL D 493 -18.79 -61.16 60.98
N LEU D 494 -19.14 -60.67 59.79
CA LEU D 494 -18.86 -59.32 59.35
C LEU D 494 -20.13 -58.53 59.56
N LYS D 495 -20.03 -57.47 60.33
CA LYS D 495 -21.21 -56.68 60.75
C LYS D 495 -21.12 -55.21 60.38
N ALA D 496 -22.29 -54.60 60.18
CA ALA D 496 -22.43 -53.16 59.87
C ALA D 496 -23.47 -52.46 60.81
N ILE D 497 -23.34 -51.14 60.99
CA ILE D 497 -24.33 -50.35 61.73
C ILE D 497 -24.45 -48.92 61.19
N PRO D 498 -25.70 -48.40 61.09
CA PRO D 498 -25.94 -47.01 60.74
C PRO D 498 -25.66 -46.11 61.92
N GLU D 499 -24.89 -45.06 61.67
CA GLU D 499 -24.47 -44.20 62.77
C GLU D 499 -24.50 -42.77 62.33
N LYS D 500 -24.92 -41.94 63.28
CA LYS D 500 -24.81 -40.50 63.12
C LYS D 500 -23.56 -40.02 63.87
N PHE D 501 -22.49 -39.82 63.10
CA PHE D 501 -21.32 -39.22 63.65
C PHE D 501 -21.58 -37.74 63.92
N GLU D 502 -21.12 -37.28 65.09
CA GLU D 502 -21.12 -35.85 65.38
C GLU D 502 -20.32 -35.10 64.34
N ASP D 503 -19.08 -35.52 64.08
CA ASP D 503 -18.26 -34.78 63.15
C ASP D 503 -17.48 -35.50 62.03
N LEU D 504 -17.08 -36.75 62.26
CA LEU D 504 -16.12 -37.42 61.35
C LEU D 504 -16.44 -37.34 59.86
N GLN D 505 -17.74 -37.30 59.55
CA GLN D 505 -18.24 -37.27 58.17
C GLN D 505 -17.64 -36.11 57.37
N ASN D 506 -17.31 -35.04 58.09
CA ASN D 506 -16.57 -33.91 57.53
C ASN D 506 -15.25 -34.24 56.86
N ILE D 507 -14.70 -35.42 57.17
CA ILE D 507 -13.44 -35.74 56.48
C ILE D 507 -13.72 -36.13 55.05
N ALA D 508 -14.99 -36.40 54.74
CA ALA D 508 -15.30 -36.96 53.44
C ALA D 508 -16.33 -36.21 52.59
N SER D 509 -17.24 -35.47 53.24
CA SER D 509 -18.32 -34.79 52.53
C SER D 509 -17.93 -33.56 51.73
N ASP D 510 -18.90 -33.07 50.97
CA ASP D 510 -18.65 -32.05 49.94
C ASP D 510 -18.24 -30.71 50.54
N VAL D 511 -17.33 -30.03 49.87
CA VAL D 511 -16.81 -28.76 50.37
C VAL D 511 -17.64 -27.52 49.93
N GLY D 512 -18.27 -27.56 48.76
CA GLY D 512 -19.21 -26.50 48.35
C GLY D 512 -18.68 -25.06 48.36
N THR D 513 -19.35 -24.22 49.14
CA THR D 513 -19.09 -22.81 49.21
C THR D 513 -18.64 -22.58 50.64
N VAL D 514 -17.51 -21.89 50.77
CA VAL D 514 -16.79 -21.85 52.03
C VAL D 514 -16.32 -20.40 52.19
N ASN D 515 -16.73 -19.80 53.33
CA ASN D 515 -16.56 -18.36 53.57
C ASN D 515 -16.94 -17.53 52.31
N GLY D 516 -18.06 -17.90 51.69
CA GLY D 516 -18.55 -17.25 50.49
C GLY D 516 -17.78 -17.56 49.21
N PHE D 517 -16.78 -18.43 49.25
CA PHE D 517 -16.15 -18.75 47.96
C PHE D 517 -16.54 -20.11 47.45
N ASP D 518 -16.82 -20.16 46.16
CA ASP D 518 -17.28 -21.38 45.56
C ASP D 518 -16.08 -22.24 45.16
N LEU D 519 -15.91 -23.34 45.88
CA LEU D 519 -14.79 -24.25 45.68
C LEU D 519 -15.21 -25.57 44.99
N SER D 520 -16.40 -25.56 44.40
CA SER D 520 -16.94 -26.75 43.73
C SER D 520 -15.98 -27.41 42.74
N PHE D 521 -15.19 -26.63 42.01
CA PHE D 521 -14.22 -27.19 41.06
C PHE D 521 -13.26 -28.14 41.75
N PHE D 522 -12.82 -27.76 42.94
CA PHE D 522 -12.01 -28.64 43.73
C PHE D 522 -12.78 -29.89 44.08
N ASP D 523 -14.05 -29.74 44.49
CA ASP D 523 -14.91 -30.88 44.83
C ASP D 523 -15.00 -31.79 43.61
N GLU D 524 -15.03 -31.19 42.43
CA GLU D 524 -15.12 -31.95 41.22
C GLU D 524 -13.91 -32.90 41.12
N ILE D 525 -12.75 -32.32 40.84
CA ILE D 525 -11.50 -33.09 40.71
C ILE D 525 -11.13 -33.96 41.92
N SER D 526 -11.36 -33.45 43.12
CA SER D 526 -11.17 -34.20 44.34
C SER D 526 -12.02 -35.48 44.31
N THR D 527 -13.30 -35.32 43.98
CA THR D 527 -14.24 -36.43 43.91
C THR D 527 -13.74 -37.43 42.91
N LYS D 528 -13.27 -36.93 41.76
CA LYS D 528 -12.88 -37.81 40.68
C LYS D 528 -11.58 -38.50 41.03
N ALA D 529 -10.74 -37.89 41.88
CA ALA D 529 -9.47 -38.53 42.16
C ALA D 529 -9.72 -39.59 43.17
N ARG D 530 -10.59 -39.27 44.13
CA ARG D 530 -10.93 -40.17 45.20
C ARG D 530 -11.66 -41.40 44.63
N THR D 531 -12.49 -41.18 43.64
CA THR D 531 -13.13 -42.30 42.94
C THR D 531 -12.09 -43.15 42.20
N ALA D 532 -11.21 -42.51 41.44
CA ALA D 532 -10.12 -43.22 40.76
C ALA D 532 -9.25 -44.07 41.67
N THR D 533 -8.96 -43.62 42.89
CA THR D 533 -7.83 -44.22 43.63
C THR D 533 -8.17 -44.72 45.03
N ASP D 534 -9.18 -44.13 45.65
CA ASP D 534 -9.53 -44.51 46.99
C ASP D 534 -10.19 -45.85 47.06
N ALA D 535 -10.13 -46.42 48.24
CA ALA D 535 -10.92 -47.56 48.59
C ALA D 535 -12.29 -46.97 48.91
N ILE D 536 -13.31 -47.79 48.86
CA ILE D 536 -14.68 -47.41 49.04
C ILE D 536 -14.94 -47.27 50.54
N VAL D 537 -14.45 -48.21 51.32
CA VAL D 537 -14.57 -48.14 52.77
C VAL D 537 -13.32 -47.55 53.37
N ASP D 538 -13.48 -46.57 54.23
CA ASP D 538 -12.30 -45.99 54.89
C ASP D 538 -11.99 -46.86 56.13
N GLU D 539 -10.82 -46.65 56.72
CA GLU D 539 -10.53 -47.18 58.06
C GLU D 539 -10.18 -46.06 59.03
N GLN D 540 -10.76 -46.11 60.22
CA GLN D 540 -10.57 -45.08 61.27
C GLN D 540 -10.62 -45.79 62.59
N SER D 541 -10.02 -45.25 63.65
CA SER D 541 -10.26 -45.86 64.98
C SER D 541 -11.47 -45.18 65.62
N LEU D 542 -12.61 -45.81 65.49
CA LEU D 542 -13.86 -45.14 65.78
C LEU D 542 -14.04 -44.64 67.20
N TRP D 543 -13.28 -45.23 68.13
CA TRP D 543 -13.34 -44.79 69.50
C TRP D 543 -12.97 -43.33 69.52
N GLU D 544 -12.25 -42.85 68.50
CA GLU D 544 -11.82 -41.45 68.51
C GLU D 544 -12.88 -40.42 68.00
N TYR D 545 -14.11 -40.88 67.78
CA TYR D 545 -15.18 -40.09 67.18
C TYR D 545 -16.50 -40.37 67.88
N ALA D 546 -17.04 -39.35 68.53
CA ALA D 546 -18.34 -39.51 69.16
C ALA D 546 -19.44 -39.55 68.07
N GLY D 547 -20.58 -40.12 68.45
CA GLY D 547 -21.72 -40.18 67.54
C GLY D 547 -22.73 -41.10 68.17
N ILE D 548 -23.84 -41.32 67.50
CA ILE D 548 -24.88 -42.17 68.08
C ILE D 548 -25.42 -43.05 67.00
N VAL D 549 -25.63 -44.28 67.38
CA VAL D 549 -26.01 -45.27 66.44
C VAL D 549 -27.52 -45.34 66.20
N LYS D 550 -27.93 -45.42 64.95
CA LYS D 550 -29.33 -45.20 64.56
C LYS D 550 -30.19 -46.44 64.35
N GLY D 551 -29.69 -47.58 64.78
CA GLY D 551 -30.37 -48.85 64.52
C GLY D 551 -29.51 -50.02 64.95
N ASP D 552 -30.06 -51.23 64.87
CA ASP D 552 -29.31 -52.44 65.21
C ASP D 552 -28.16 -52.67 64.26
N ALA D 553 -27.10 -53.30 64.76
CA ALA D 553 -26.06 -53.85 63.89
C ALA D 553 -26.71 -54.89 62.99
N VAL D 554 -26.40 -54.86 61.70
CA VAL D 554 -26.95 -55.85 60.78
C VAL D 554 -25.83 -56.72 60.23
N GLU D 555 -26.11 -58.02 60.20
CA GLU D 555 -25.09 -59.00 59.88
C GLU D 555 -24.95 -59.14 58.37
N ILE D 556 -23.72 -59.04 57.89
CA ILE D 556 -23.48 -59.06 56.44
C ILE D 556 -22.97 -60.40 55.91
N LEU D 557 -21.78 -60.79 56.35
CA LEU D 557 -21.13 -62.01 55.91
C LEU D 557 -20.96 -62.90 57.09
N ARG D 558 -21.08 -64.22 56.86
CA ARG D 558 -20.90 -65.21 57.92
C ARG D 558 -19.82 -66.23 57.50
N PHE D 559 -18.94 -66.59 58.43
CA PHE D 559 -17.89 -67.55 58.12
C PHE D 559 -17.88 -68.69 59.13
N PRO D 560 -18.77 -69.68 58.88
CA PRO D 560 -18.81 -70.92 59.66
C PRO D 560 -17.54 -71.68 59.32
N ILE D 561 -16.71 -71.82 60.35
CA ILE D 561 -15.37 -72.37 60.20
C ILE D 561 -15.34 -73.89 60.00
N ASP D 562 -15.13 -74.32 58.76
CA ASP D 562 -14.86 -75.73 58.48
C ASP D 562 -13.62 -75.84 57.62
N GLY D 563 -13.53 -76.91 56.84
CA GLY D 563 -12.37 -77.11 56.00
C GLY D 563 -12.35 -76.32 54.70
N ARG D 564 -13.49 -76.14 54.07
CA ARG D 564 -13.47 -75.63 52.71
C ARG D 564 -13.69 -74.13 52.73
N VAL D 565 -12.93 -73.39 51.91
CA VAL D 565 -13.18 -71.96 51.82
C VAL D 565 -13.81 -71.63 50.51
N SER D 566 -14.90 -70.86 50.60
CA SER D 566 -15.74 -70.49 49.47
C SER D 566 -16.13 -69.02 49.42
N SER D 567 -16.29 -68.52 48.18
CA SER D 567 -16.87 -67.19 47.94
C SER D 567 -18.20 -67.09 48.68
N GLN D 568 -18.54 -65.88 49.11
CA GLN D 568 -19.84 -65.63 49.72
C GLN D 568 -20.24 -64.24 49.28
N LYS D 569 -21.48 -64.08 48.85
CA LYS D 569 -21.93 -62.85 48.24
C LYS D 569 -23.20 -62.45 48.89
N CYS D 570 -23.28 -61.18 49.28
CA CYS D 570 -24.54 -60.69 49.77
C CYS D 570 -24.83 -59.25 49.41
N VAL D 571 -26.11 -59.00 49.18
CA VAL D 571 -26.60 -57.74 48.74
C VAL D 571 -27.66 -57.47 49.77
N VAL D 572 -27.45 -56.49 50.66
CA VAL D 572 -28.48 -56.16 51.65
C VAL D 572 -28.76 -54.69 51.84
N ASN D 573 -30.03 -54.38 52.06
CA ASN D 573 -30.47 -53.02 52.19
C ASN D 573 -30.33 -52.55 53.63
N ILE D 574 -29.59 -51.45 53.76
CA ILE D 574 -29.30 -50.84 55.05
C ILE D 574 -30.25 -49.69 55.28
N ASP D 575 -30.96 -49.76 56.41
CA ASP D 575 -32.00 -48.82 56.82
C ASP D 575 -31.50 -47.74 57.81
N ASN D 576 -32.36 -46.74 58.05
CA ASN D 576 -32.12 -45.59 58.94
C ASN D 576 -30.96 -44.72 58.47
N MET D 577 -30.80 -44.59 57.17
CA MET D 577 -29.71 -43.79 56.70
C MET D 577 -30.11 -42.32 56.60
N SER D 578 -31.40 -42.06 56.51
CA SER D 578 -31.86 -40.67 56.42
C SER D 578 -31.43 -39.91 57.67
N SER D 579 -31.36 -40.59 58.81
CA SER D 579 -30.83 -39.95 60.02
C SER D 579 -29.31 -40.12 60.31
N SER D 580 -28.55 -40.66 59.35
CA SER D 580 -27.22 -41.22 59.59
C SER D 580 -26.28 -40.66 58.59
N ASN D 581 -25.00 -40.53 58.93
CA ASN D 581 -23.98 -40.03 57.97
C ASN D 581 -22.82 -41.00 57.69
N ALA D 582 -22.95 -42.26 58.10
CA ALA D 582 -21.93 -43.28 57.81
C ALA D 582 -22.31 -44.70 58.15
N ILE D 583 -21.51 -45.64 57.62
CA ILE D 583 -21.69 -47.06 57.90
C ILE D 583 -20.35 -47.70 58.33
N PRO D 584 -20.15 -47.81 59.66
CA PRO D 584 -19.08 -48.53 60.31
C PRO D 584 -19.22 -50.00 60.06
N MET D 585 -18.10 -50.70 59.95
CA MET D 585 -18.13 -52.15 59.95
C MET D 585 -16.90 -52.83 60.55
N TRP D 586 -17.16 -53.99 61.09
CA TRP D 586 -16.16 -54.66 61.90
C TRP D 586 -16.42 -56.13 61.85
N MET D 587 -15.56 -56.89 62.51
CA MET D 587 -15.68 -58.32 62.51
C MET D 587 -15.86 -58.80 63.93
N GLU D 588 -16.58 -59.91 64.07
CA GLU D 588 -16.77 -60.53 65.35
C GLU D 588 -16.58 -62.05 65.22
N TRP D 589 -16.12 -62.71 66.30
CA TRP D 589 -15.68 -64.10 66.29
C TRP D 589 -16.16 -64.84 67.49
N GLU D 590 -16.80 -65.98 67.26
CA GLU D 590 -17.18 -66.76 68.39
C GLU D 590 -16.02 -67.69 68.76
N PHE D 591 -15.37 -67.31 69.85
CA PHE D 591 -14.17 -67.97 70.33
C PHE D 591 -14.50 -68.80 71.55
N GLY D 592 -14.58 -70.11 71.39
CA GLY D 592 -15.04 -70.94 72.52
C GLY D 592 -16.36 -70.40 73.04
N GLY D 593 -16.44 -70.14 74.33
CA GLY D 593 -17.63 -69.58 74.97
C GLY D 593 -17.83 -68.06 74.95
N ILE D 594 -16.86 -67.31 74.44
CA ILE D 594 -16.99 -65.85 74.44
C ILE D 594 -17.03 -65.28 73.02
N ASN D 595 -17.04 -63.95 72.93
CA ASN D 595 -17.26 -63.28 71.68
C ASN D 595 -16.26 -62.18 71.61
N LEU D 596 -15.55 -62.12 70.48
CA LEU D 596 -14.56 -61.08 70.30
C LEU D 596 -15.01 -60.15 69.20
N SER D 597 -15.14 -58.87 69.50
CA SER D 597 -15.41 -57.93 68.45
C SER D 597 -14.19 -57.09 68.16
N THR D 598 -13.90 -56.88 66.88
CA THR D 598 -12.85 -55.94 66.53
C THR D 598 -13.42 -54.56 66.35
N GLY D 599 -14.70 -54.40 66.66
CA GLY D 599 -15.34 -53.10 66.42
C GLY D 599 -16.29 -52.74 67.54
N LEU D 600 -17.56 -53.01 67.29
CA LEU D 600 -18.61 -52.65 68.23
C LEU D 600 -18.53 -53.53 69.44
N LEU D 601 -18.43 -52.91 70.60
CA LEU D 601 -18.28 -53.58 71.89
C LEU D 601 -19.54 -53.56 72.79
N SER D 602 -20.39 -52.55 72.62
CA SER D 602 -21.63 -52.38 73.43
C SER D 602 -22.30 -51.10 72.95
N ILE D 603 -23.57 -50.92 73.33
CA ILE D 603 -24.35 -49.76 72.95
C ILE D 603 -25.21 -49.32 74.12
N SER D 604 -25.11 -48.05 74.52
CA SER D 604 -25.78 -47.58 75.73
C SER D 604 -27.29 -47.43 75.54
N SER D 605 -28.01 -47.31 76.66
CA SER D 605 -29.40 -46.79 76.71
C SER D 605 -29.68 -45.76 75.60
N ALA D 606 -28.82 -44.76 75.48
CA ALA D 606 -29.02 -43.65 74.56
C ALA D 606 -28.50 -43.86 73.13
N GLY D 607 -28.09 -45.09 72.81
CA GLY D 607 -27.47 -45.40 71.52
C GLY D 607 -26.04 -44.88 71.29
N VAL D 608 -25.24 -44.79 72.36
CA VAL D 608 -23.81 -44.47 72.23
C VAL D 608 -23.05 -45.78 71.98
N PRO D 609 -22.23 -45.82 70.92
CA PRO D 609 -21.45 -47.03 70.68
C PRO D 609 -20.15 -46.97 71.45
N GLU D 610 -19.68 -48.10 71.97
CA GLU D 610 -18.29 -48.20 72.45
C GLU D 610 -17.48 -49.07 71.43
N TRP D 611 -16.40 -48.52 70.87
CA TRP D 611 -15.49 -49.22 69.93
C TRP D 611 -14.22 -49.75 70.52
N ASN D 612 -13.74 -50.84 69.90
CA ASN D 612 -12.52 -51.52 70.35
C ASN D 612 -11.33 -50.70 69.96
N LYS D 613 -10.48 -50.38 70.94
CA LYS D 613 -9.38 -49.46 70.72
C LYS D 613 -8.17 -50.19 70.13
N GLY D 614 -8.23 -51.50 70.10
CA GLY D 614 -7.10 -52.29 69.67
C GLY D 614 -7.07 -52.61 68.19
N TYR D 615 -7.93 -51.93 67.41
CA TYR D 615 -8.16 -52.14 66.01
C TYR D 615 -8.72 -50.87 65.38
N LYS D 616 -8.46 -50.66 64.10
CA LYS D 616 -9.26 -49.73 63.35
C LYS D 616 -10.52 -50.48 62.83
N GLN D 617 -11.57 -49.74 62.50
CA GLN D 617 -12.79 -50.29 61.99
C GLN D 617 -12.84 -49.76 60.60
N GLY D 618 -13.73 -50.32 59.79
CA GLY D 618 -14.04 -49.74 58.50
C GLY D 618 -15.21 -48.82 58.66
N VAL D 619 -15.34 -47.85 57.77
CA VAL D 619 -16.49 -46.94 57.75
C VAL D 619 -16.73 -46.47 56.35
N TYR D 620 -17.94 -46.70 55.86
CA TYR D 620 -18.36 -46.12 54.60
C TYR D 620 -19.09 -44.77 54.82
N PHE D 621 -18.61 -43.78 54.10
CA PHE D 621 -19.30 -42.49 54.06
C PHE D 621 -20.12 -42.43 52.80
N PRO D 622 -21.44 -42.31 52.95
CA PRO D 622 -22.28 -42.24 51.75
C PRO D 622 -21.80 -41.17 50.81
N ILE D 623 -21.77 -41.44 49.54
CA ILE D 623 -21.32 -40.44 48.58
C ILE D 623 -22.44 -39.41 48.36
N THR D 624 -22.11 -38.33 47.65
CA THR D 624 -22.99 -37.17 47.57
C THR D 624 -24.35 -37.58 47.01
N ALA D 625 -24.33 -38.19 45.84
CA ALA D 625 -25.50 -38.72 45.18
C ALA D 625 -26.35 -39.67 46.02
N LEU D 626 -26.02 -39.87 47.28
CA LEU D 626 -26.70 -40.88 48.11
C LEU D 626 -26.96 -40.38 49.51
N ARG D 627 -26.45 -39.18 49.77
CA ARG D 627 -26.49 -38.53 51.08
C ARG D 627 -27.85 -38.49 51.71
N ASN D 628 -28.92 -38.42 50.94
CA ASN D 628 -30.23 -38.34 51.61
C ASN D 628 -31.11 -39.59 51.71
N ASP D 629 -30.76 -40.66 50.99
CA ASP D 629 -31.63 -41.82 50.91
C ASP D 629 -31.87 -42.43 52.29
N LYS D 630 -33.06 -42.94 52.52
CA LYS D 630 -33.33 -43.48 53.83
C LYS D 630 -32.82 -44.92 53.98
N SER D 631 -32.47 -45.54 52.86
CA SER D 631 -31.87 -46.88 52.87
C SER D 631 -30.82 -46.97 51.82
N LEU D 632 -29.80 -47.81 52.08
CA LEU D 632 -28.78 -48.07 51.06
C LEU D 632 -28.61 -49.55 50.74
N CYS D 633 -28.16 -49.81 49.51
CA CYS D 633 -27.84 -51.16 49.06
C CYS D 633 -26.36 -51.52 49.29
N LEU D 634 -26.12 -52.32 50.31
CA LEU D 634 -24.77 -52.80 50.56
C LEU D 634 -24.51 -54.09 49.79
N HIS D 635 -23.56 -54.05 48.87
CA HIS D 635 -23.05 -55.24 48.28
C HIS D 635 -21.77 -55.66 48.99
N ALA D 636 -21.68 -56.95 49.32
CA ALA D 636 -20.49 -57.52 49.87
C ALA D 636 -20.12 -58.77 49.09
N LEU D 637 -18.83 -58.92 48.80
CA LEU D 637 -18.38 -60.16 48.17
C LEU D 637 -17.05 -60.58 48.72
N PHE D 638 -17.04 -61.76 49.32
CA PHE D 638 -15.79 -62.38 49.70
C PHE D 638 -15.35 -63.25 48.55
N ASP D 639 -14.12 -63.02 48.09
CA ASP D 639 -13.58 -63.71 46.93
C ASP D 639 -12.48 -64.72 47.29
N LYS D 640 -12.93 -65.97 47.35
CA LYS D 640 -12.14 -67.18 47.55
C LYS D 640 -10.72 -67.03 46.97
N SER D 641 -10.58 -66.47 45.76
CA SER D 641 -9.29 -66.48 45.05
C SER D 641 -8.22 -65.58 45.68
N THR D 642 -8.68 -64.57 46.44
CA THR D 642 -7.80 -63.53 47.01
C THR D 642 -7.91 -63.36 48.51
N GLY D 643 -9.00 -63.82 49.10
CA GLY D 643 -9.25 -63.56 50.50
C GLY D 643 -9.76 -62.15 50.72
N ASP D 644 -10.01 -61.43 49.64
CA ASP D 644 -10.49 -60.08 49.73
C ASP D 644 -11.98 -60.07 49.83
N ILE D 645 -12.47 -59.00 50.46
CA ILE D 645 -13.89 -58.63 50.51
C ILE D 645 -14.00 -57.29 49.78
N ASN D 646 -14.71 -57.28 48.67
CA ASN D 646 -15.00 -56.04 47.96
C ASN D 646 -16.41 -55.57 48.29
N PHE D 647 -16.59 -54.26 48.31
CA PHE D 647 -17.82 -53.61 48.68
C PHE D 647 -18.25 -52.68 47.59
N GLN D 648 -19.56 -52.56 47.42
CA GLN D 648 -20.13 -51.53 46.56
C GLN D 648 -21.32 -51.00 47.34
N PHE D 649 -21.54 -49.69 47.27
CA PHE D 649 -22.67 -49.15 47.97
C PHE D 649 -23.49 -48.44 46.98
N GLY D 650 -24.81 -48.56 47.12
CA GLY D 650 -25.73 -48.00 46.13
C GLY D 650 -27.13 -47.85 46.67
N LYS D 651 -28.05 -47.40 45.82
CA LYS D 651 -29.43 -47.07 46.23
C LYS D 651 -30.38 -48.22 46.63
N SER D 652 -30.66 -49.15 45.73
CA SER D 652 -31.64 -50.26 46.00
C SER D 652 -31.86 -51.19 44.80
N MET E 9 64.19 -37.26 62.63
CA MET E 9 65.67 -37.47 62.39
C MET E 9 66.48 -36.17 62.14
N PHE E 10 67.33 -35.84 63.09
CA PHE E 10 68.05 -34.58 63.16
C PHE E 10 69.50 -34.79 62.83
N LEU E 11 70.00 -33.96 61.93
CA LEU E 11 71.38 -34.05 61.40
C LEU E 11 72.20 -32.89 62.00
N GLU E 12 73.29 -33.22 62.62
CA GLU E 12 74.05 -32.26 63.39
C GLU E 12 74.97 -31.44 62.48
N LYS E 13 75.04 -30.14 62.70
CA LYS E 13 76.02 -29.29 62.03
C LYS E 13 76.40 -28.24 63.06
N ILE E 14 77.53 -27.56 62.83
CA ILE E 14 78.00 -26.51 63.75
C ILE E 14 77.80 -25.13 63.14
N ASN E 15 77.27 -24.22 63.95
CA ASN E 15 77.08 -22.86 63.53
C ASN E 15 78.46 -22.20 63.33
N GLN E 16 78.73 -21.76 62.11
CA GLN E 16 80.05 -21.36 61.70
C GLN E 16 80.41 -19.94 62.13
N LYS E 17 79.46 -19.26 62.76
CA LYS E 17 79.69 -17.92 63.23
C LYS E 17 79.74 -17.87 64.74
N THR E 18 78.88 -18.66 65.39
CA THR E 18 78.86 -18.71 66.85
C THR E 18 79.56 -19.92 67.41
N GLY E 19 79.69 -21.01 66.64
CA GLY E 19 80.30 -22.23 67.14
C GLY E 19 79.34 -23.18 67.84
N GLU E 20 78.12 -22.76 68.11
CA GLU E 20 77.14 -23.62 68.80
C GLU E 20 76.69 -24.86 67.98
N ARG E 21 76.37 -25.95 68.65
CA ARG E 21 75.91 -27.18 68.00
C ARG E 21 74.47 -26.99 67.60
N GLU E 22 74.11 -27.34 66.35
CA GLU E 22 72.76 -27.14 65.79
C GLU E 22 72.26 -28.35 65.03
N TRP E 23 70.97 -28.35 64.67
CA TRP E 23 70.39 -29.44 63.86
C TRP E 23 69.57 -28.92 62.77
N VAL E 24 69.30 -29.81 61.82
CA VAL E 24 68.50 -29.50 60.65
C VAL E 24 67.67 -30.78 60.35
N VAL E 25 66.59 -30.72 59.58
CA VAL E 25 65.99 -31.96 59.04
C VAL E 25 65.91 -31.98 57.50
N ALA E 26 65.92 -33.17 56.89
CA ALA E 26 65.68 -33.30 55.44
C ALA E 26 64.35 -32.66 55.08
N GLU E 27 64.20 -32.29 53.80
CA GLU E 27 62.95 -31.69 53.30
C GLU E 27 61.68 -32.42 53.73
N GLU E 28 61.69 -33.75 53.65
CA GLU E 28 60.44 -34.51 53.88
C GLU E 28 60.07 -34.68 55.36
N ASP E 29 60.93 -34.23 56.26
CA ASP E 29 60.63 -34.31 57.68
C ASP E 29 60.35 -32.94 58.19
N TYR E 30 60.37 -31.97 57.28
CA TYR E 30 60.35 -30.58 57.70
C TYR E 30 59.08 -30.25 58.50
N ASP E 31 57.93 -30.60 57.96
CA ASP E 31 56.61 -30.19 58.55
C ASP E 31 56.38 -30.94 59.86
N MET E 32 56.67 -32.23 59.81
CA MET E 32 56.72 -33.09 60.96
C MET E 32 57.46 -32.42 62.13
N ALA E 33 58.65 -31.87 61.83
CA ALA E 33 59.49 -31.30 62.85
C ALA E 33 58.95 -29.94 63.29
N GLN E 34 58.34 -29.24 62.37
CA GLN E 34 57.75 -27.95 62.70
C GLN E 34 56.65 -28.17 63.71
N GLU E 35 55.84 -29.23 63.51
CA GLU E 35 54.79 -29.56 64.45
C GLU E 35 55.41 -30.05 65.76
N LEU E 36 56.42 -30.92 65.71
CA LEU E 36 57.07 -31.39 66.88
C LEU E 36 57.71 -30.23 67.66
N ALA E 37 58.07 -29.15 66.97
CA ALA E 37 58.67 -28.00 67.69
C ALA E 37 57.64 -27.27 68.48
N ARG E 38 56.40 -27.31 67.99
CA ARG E 38 55.32 -26.50 68.57
C ARG E 38 54.57 -27.28 69.66
N SER E 39 55.07 -28.48 69.97
CA SER E 39 54.42 -29.40 70.88
C SER E 39 54.55 -29.14 72.42
N ARG E 40 55.60 -28.46 72.86
CA ARG E 40 55.63 -28.00 74.24
C ARG E 40 54.53 -26.97 74.52
N PHE E 41 53.96 -26.39 73.48
CA PHE E 41 53.03 -25.27 73.62
C PHE E 41 53.51 -24.27 74.70
N GLY E 42 54.70 -23.71 74.47
CA GLY E 42 55.27 -22.73 75.39
C GLY E 42 55.48 -23.28 76.79
N ASP E 43 54.81 -22.66 77.75
CA ASP E 43 54.97 -22.99 79.17
C ASP E 43 54.10 -24.17 79.64
N MET E 44 53.30 -24.73 78.74
CA MET E 44 52.30 -25.67 79.18
C MET E 44 52.87 -26.58 80.24
N ILE E 45 54.02 -27.18 79.94
CA ILE E 45 54.61 -28.21 80.77
C ILE E 45 55.23 -27.68 82.05
N LEU E 46 55.62 -26.41 82.03
CA LEU E 46 56.14 -25.68 83.18
C LEU E 46 54.99 -25.02 83.91
N ASP E 47 53.76 -25.32 83.55
CA ASP E 47 52.67 -24.66 84.27
C ASP E 47 52.42 -25.48 85.55
N PHE E 48 53.05 -25.10 86.65
CA PHE E 48 53.02 -25.96 87.81
C PHE E 48 51.65 -26.02 88.51
N ASP E 49 50.86 -24.95 88.43
CA ASP E 49 49.46 -24.97 88.89
C ASP E 49 48.62 -25.94 88.09
N ARG E 50 48.83 -25.98 86.77
CA ARG E 50 48.07 -26.87 85.89
C ARG E 50 48.42 -28.27 86.32
N ASN E 51 49.70 -28.60 86.29
CA ASN E 51 50.10 -29.98 86.56
C ASN E 51 49.66 -30.46 87.97
N ASP E 52 49.79 -29.55 88.95
CA ASP E 52 49.38 -29.81 90.34
C ASP E 52 47.88 -30.14 90.44
N LYS E 53 47.07 -29.34 89.76
CA LYS E 53 45.64 -29.58 89.67
C LYS E 53 45.37 -30.94 89.08
N PHE E 54 45.98 -31.28 87.95
CA PHE E 54 45.74 -32.62 87.40
C PHE E 54 46.18 -33.70 88.31
N LEU E 55 47.36 -33.54 88.90
CA LEU E 55 47.80 -34.45 89.95
C LEU E 55 46.62 -34.68 90.89
N ALA E 56 46.06 -33.59 91.38
CA ALA E 56 45.02 -33.65 92.40
C ALA E 56 43.81 -34.49 91.92
N GLY E 57 43.14 -34.00 90.85
CA GLY E 57 41.97 -34.64 90.23
C GLY E 57 42.17 -36.11 90.13
N LEU E 58 43.35 -36.49 89.70
CA LEU E 58 43.69 -37.88 89.56
C LEU E 58 43.70 -38.59 90.91
N LYS E 59 44.15 -37.92 91.98
CA LYS E 59 44.17 -38.58 93.31
C LYS E 59 42.78 -38.90 93.84
N THR E 60 41.88 -37.94 93.77
CA THR E 60 40.49 -38.17 94.06
C THR E 60 40.01 -39.45 93.40
N THR E 61 40.12 -39.48 92.08
CA THR E 61 39.37 -40.45 91.28
C THR E 61 39.95 -41.86 91.34
N ILE E 62 41.26 -41.96 91.53
CA ILE E 62 41.90 -43.27 91.68
C ILE E 62 41.63 -43.87 93.07
N ALA E 63 41.49 -42.99 94.06
CA ALA E 63 41.07 -43.43 95.39
C ALA E 63 39.60 -43.88 95.30
N GLU E 64 38.75 -42.96 94.84
CA GLU E 64 37.34 -43.21 94.69
C GLU E 64 37.08 -44.51 93.97
N LYS E 65 37.65 -44.66 92.79
CA LYS E 65 37.48 -45.88 92.03
C LYS E 65 38.20 -47.10 92.63
N LYS E 66 39.23 -46.90 93.43
CA LYS E 66 39.92 -48.08 93.99
C LYS E 66 39.10 -48.75 95.08
N HIS E 67 38.18 -48.00 95.67
CA HIS E 67 37.24 -48.54 96.67
C HIS E 67 35.90 -48.78 96.03
N GLU E 68 35.43 -47.77 95.29
CA GLU E 68 34.12 -47.77 94.63
C GLU E 68 33.91 -48.87 93.57
N ASN E 69 34.91 -49.72 93.36
CA ASN E 69 34.86 -50.74 92.31
C ASN E 69 35.14 -52.12 92.81
N THR E 70 34.10 -52.95 92.83
CA THR E 70 34.14 -54.27 93.47
C THR E 70 35.44 -55.08 93.22
N ASP E 71 36.12 -54.84 92.10
CA ASP E 71 37.39 -55.53 91.79
C ASP E 71 38.62 -54.68 92.22
N GLY E 72 39.78 -55.33 92.35
CA GLY E 72 40.98 -54.64 92.81
C GLY E 72 41.38 -53.40 92.00
N LYS E 73 40.99 -53.33 90.73
CA LYS E 73 41.73 -52.57 89.70
C LYS E 73 41.09 -51.29 89.08
N VAL E 74 41.94 -50.34 88.69
CA VAL E 74 41.51 -49.10 88.00
C VAL E 74 42.33 -48.85 86.73
N HIS E 75 41.60 -48.55 85.65
CA HIS E 75 42.15 -48.34 84.31
C HIS E 75 41.90 -46.92 83.89
N VAL E 76 42.98 -46.21 83.61
CA VAL E 76 42.91 -44.78 83.27
C VAL E 76 43.29 -44.58 81.81
N LEU E 77 42.57 -43.66 81.17
CA LEU E 77 42.79 -43.30 79.79
C LEU E 77 43.16 -41.81 79.66
N ASP E 78 44.41 -41.57 79.26
CA ASP E 78 44.92 -40.20 79.08
C ASP E 78 44.84 -39.80 77.63
N ILE E 79 44.07 -38.76 77.35
CA ILE E 79 43.84 -38.39 75.96
C ILE E 79 44.61 -37.14 75.63
N GLY E 80 45.49 -37.25 74.64
CA GLY E 80 46.30 -36.11 74.20
C GLY E 80 47.50 -36.06 75.12
N THR E 81 48.21 -37.19 75.18
CA THR E 81 49.20 -37.47 76.20
C THR E 81 50.53 -36.75 76.01
N GLY E 82 50.70 -36.02 74.91
CA GLY E 82 51.96 -35.29 74.67
C GLY E 82 53.15 -36.12 75.17
N THR E 83 53.90 -35.60 76.15
CA THR E 83 55.09 -36.32 76.69
C THR E 83 54.73 -37.56 77.48
N GLY E 84 53.50 -37.58 78.01
CA GLY E 84 52.98 -38.65 78.86
C GLY E 84 53.09 -38.34 80.34
N LEU E 85 53.16 -37.06 80.67
CA LEU E 85 53.28 -36.58 82.03
C LEU E 85 52.05 -37.06 82.75
N LEU E 86 50.88 -36.60 82.31
CA LEU E 86 49.66 -37.01 82.97
C LEU E 86 49.63 -38.53 83.17
N SER E 87 50.09 -39.27 82.17
CA SER E 87 49.96 -40.71 82.33
C SER E 87 50.94 -41.26 83.36
N LEU E 88 52.14 -40.70 83.44
CA LEU E 88 53.09 -41.08 84.48
C LEU E 88 52.49 -40.71 85.85
N MET E 89 51.85 -39.55 85.92
CA MET E 89 51.18 -39.13 87.10
C MET E 89 50.23 -40.21 87.59
N ALA E 90 49.37 -40.70 86.68
CA ALA E 90 48.38 -41.72 87.02
C ALA E 90 49.01 -42.98 87.54
N ALA E 91 49.93 -43.53 86.78
CA ALA E 91 50.65 -44.71 87.19
C ALA E 91 51.21 -44.58 88.61
N ARG E 92 51.92 -43.49 88.87
CA ARG E 92 52.58 -43.36 90.14
C ARG E 92 51.50 -43.23 91.19
N GLU E 93 50.45 -42.49 90.86
CA GLU E 93 49.39 -42.30 91.82
C GLU E 93 48.53 -43.54 92.07
N GLY E 94 49.00 -44.72 91.64
CA GLY E 94 48.22 -45.95 91.88
C GLY E 94 47.48 -46.72 90.79
N ALA E 95 47.08 -46.06 89.71
CA ALA E 95 46.30 -46.71 88.60
C ALA E 95 46.92 -48.00 88.11
N ASP E 96 46.07 -48.96 87.75
CA ASP E 96 46.58 -50.32 87.50
C ASP E 96 46.93 -50.54 86.04
N LYS E 97 46.09 -50.02 85.15
CA LYS E 97 46.48 -49.88 83.77
C LYS E 97 46.19 -48.47 83.24
N VAL E 98 47.18 -47.91 82.53
CA VAL E 98 46.99 -46.68 81.75
C VAL E 98 47.12 -47.00 80.25
N THR E 99 46.23 -46.39 79.46
CA THR E 99 46.44 -46.34 78.00
C THR E 99 46.43 -44.88 77.62
N ALA E 100 47.52 -44.44 76.99
CA ALA E 100 47.65 -43.05 76.60
C ALA E 100 47.49 -42.99 75.09
N LEU E 101 46.80 -41.95 74.62
CA LEU E 101 46.52 -41.69 73.20
C LEU E 101 47.07 -40.33 72.76
N GLU E 102 47.77 -40.32 71.64
CA GLU E 102 48.26 -39.07 71.05
C GLU E 102 48.15 -39.14 69.54
N VAL E 103 47.43 -38.18 68.95
CA VAL E 103 47.20 -38.19 67.52
C VAL E 103 48.51 -37.99 66.72
N PHE E 104 49.38 -37.14 67.24
CA PHE E 104 50.65 -36.75 66.64
C PHE E 104 51.78 -37.77 66.84
N LYS E 105 52.04 -38.56 65.79
CA LYS E 105 52.94 -39.72 65.83
C LYS E 105 54.29 -39.56 66.53
N PRO E 106 55.05 -38.46 66.25
CA PRO E 106 56.34 -38.40 66.94
C PRO E 106 56.29 -38.00 68.43
N MET E 107 55.25 -37.27 68.85
CA MET E 107 54.95 -37.16 70.29
C MET E 107 54.48 -38.51 70.83
N GLY E 108 53.64 -39.18 70.07
CA GLY E 108 53.38 -40.58 70.36
C GLY E 108 54.67 -41.34 70.66
N ASP E 109 55.67 -41.24 69.75
CA ASP E 109 56.98 -41.91 69.91
C ASP E 109 57.70 -41.42 71.17
N CYS E 110 57.67 -40.10 71.36
CA CYS E 110 58.20 -39.48 72.55
C CYS E 110 57.65 -40.08 73.86
N ALA E 111 56.33 -40.01 74.00
CA ALA E 111 55.61 -40.60 75.11
C ALA E 111 56.00 -42.06 75.33
N ARG E 112 56.00 -42.85 74.27
CA ARG E 112 56.42 -44.24 74.41
C ARG E 112 57.85 -44.36 74.94
N HIS E 113 58.72 -43.43 74.56
CA HIS E 113 60.13 -43.50 74.97
C HIS E 113 60.30 -43.23 76.43
N ILE E 114 59.59 -42.22 76.91
CA ILE E 114 59.73 -41.80 78.29
C ILE E 114 59.09 -42.85 79.22
N THR E 115 57.79 -43.08 79.03
CA THR E 115 57.08 -44.03 79.86
C THR E 115 57.73 -45.38 79.78
N SER E 116 58.11 -45.80 78.58
CA SER E 116 58.59 -47.16 78.45
C SER E 116 59.99 -47.29 78.97
N ASN E 117 60.60 -46.17 79.33
CA ASN E 117 61.81 -46.21 80.16
C ASN E 117 61.59 -45.88 81.64
N SER E 118 60.39 -45.45 81.99
CA SER E 118 60.04 -45.25 83.39
C SER E 118 59.93 -46.56 84.21
N PRO E 119 59.83 -46.46 85.56
CA PRO E 119 59.56 -47.68 86.34
C PRO E 119 58.18 -48.22 86.08
N TRP E 120 57.31 -47.38 85.57
CA TRP E 120 55.90 -47.77 85.33
C TRP E 120 55.66 -48.22 83.91
N SER E 121 56.74 -48.62 83.24
CA SER E 121 56.68 -49.15 81.89
C SER E 121 55.48 -50.13 81.78
N ASP E 122 55.52 -51.18 82.60
CA ASP E 122 54.57 -52.30 82.57
C ASP E 122 53.07 -51.98 82.73
N LYS E 123 52.75 -50.70 82.94
CA LYS E 123 51.39 -50.22 83.21
C LYS E 123 50.87 -49.21 82.20
N ILE E 124 51.80 -48.47 81.61
CA ILE E 124 51.45 -47.42 80.66
C ILE E 124 51.51 -48.01 79.25
N THR E 125 50.49 -47.74 78.45
CA THR E 125 50.53 -48.23 77.09
C THR E 125 50.21 -47.11 76.13
N VAL E 126 51.14 -46.84 75.22
CA VAL E 126 50.96 -45.72 74.28
C VAL E 126 50.50 -46.10 72.88
N ILE E 127 49.40 -45.50 72.44
CA ILE E 127 48.81 -45.72 71.12
C ILE E 127 48.78 -44.39 70.33
N SER E 128 49.14 -44.43 69.05
CA SER E 128 49.40 -43.22 68.30
C SER E 128 48.24 -42.88 67.41
N GLU E 129 47.05 -43.00 67.95
CA GLU E 129 45.85 -42.70 67.21
C GLU E 129 45.05 -41.57 67.86
N ARG E 130 44.16 -40.96 67.10
CA ARG E 130 43.31 -39.98 67.70
C ARG E 130 42.23 -40.73 68.51
N SER E 131 41.76 -40.13 69.61
CA SER E 131 40.75 -40.78 70.47
C SER E 131 39.54 -41.13 69.62
N THR E 132 39.06 -40.13 68.89
CA THR E 132 37.92 -40.28 67.99
C THR E 132 38.07 -41.24 66.79
N ASP E 133 39.22 -41.93 66.64
CA ASP E 133 39.32 -43.10 65.74
C ASP E 133 39.44 -44.41 66.53
N SER E 140 39.55 -54.51 78.00
CA SER E 140 38.93 -53.76 79.08
C SER E 140 38.43 -52.40 78.59
N ARG E 141 37.63 -51.71 79.41
CA ARG E 141 37.30 -50.30 79.14
C ARG E 141 37.86 -49.46 80.29
N ALA E 142 37.46 -48.19 80.39
CA ALA E 142 38.20 -47.24 81.23
C ALA E 142 37.39 -46.49 82.29
N ASP E 143 37.90 -46.53 83.51
CA ASP E 143 37.22 -45.98 84.70
C ASP E 143 37.38 -44.47 84.80
N ILE E 144 38.60 -44.00 84.52
CA ILE E 144 38.84 -42.58 84.48
C ILE E 144 39.39 -42.15 83.13
N ILE E 145 38.97 -40.97 82.69
CA ILE E 145 39.55 -40.31 81.54
C ILE E 145 40.18 -39.03 82.02
N VAL E 146 41.48 -38.88 81.78
CA VAL E 146 42.16 -37.60 81.97
C VAL E 146 42.61 -37.03 80.63
N ALA E 147 42.18 -35.80 80.37
CA ALA E 147 42.60 -35.11 79.18
C ALA E 147 42.90 -33.67 79.53
N GLU E 148 43.96 -33.12 78.92
CA GLU E 148 44.23 -31.68 78.93
C GLU E 148 44.26 -31.16 77.48
N VAL E 149 43.16 -30.55 77.09
CA VAL E 149 42.81 -30.38 75.67
C VAL E 149 41.95 -29.12 75.53
N PHE E 150 42.36 -28.11 76.28
CA PHE E 150 41.61 -26.89 76.29
C PHE E 150 42.49 -25.80 75.76
N ASP E 151 41.89 -24.76 75.25
CA ASP E 151 42.67 -23.61 75.00
C ASP E 151 42.03 -22.40 75.65
N THR E 152 42.60 -21.25 75.39
CA THR E 152 42.00 -20.00 75.85
C THR E 152 40.49 -19.95 75.61
N GLU E 153 39.99 -20.69 74.62
CA GLU E 153 38.54 -20.74 74.37
C GLU E 153 37.95 -22.00 75.01
N LEU E 154 38.79 -22.73 75.72
CA LEU E 154 38.44 -24.04 76.30
C LEU E 154 38.08 -25.15 75.28
N ILE E 155 37.22 -24.84 74.32
CA ILE E 155 36.72 -25.88 73.39
C ILE E 155 37.48 -26.03 72.07
N GLY E 156 38.15 -24.95 71.63
CA GLY E 156 38.91 -24.86 70.38
C GLY E 156 39.75 -26.04 69.91
N GLU E 157 40.09 -26.93 70.83
CA GLU E 157 40.89 -28.09 70.46
C GLU E 157 40.05 -29.33 70.39
N GLY E 158 38.73 -29.09 70.30
CA GLY E 158 37.75 -30.16 70.26
C GLY E 158 37.73 -31.00 71.52
N ALA E 159 37.69 -30.32 72.68
CA ALA E 159 37.38 -31.00 73.96
C ALA E 159 35.99 -31.70 73.93
N LEU E 160 34.95 -30.95 73.54
CA LEU E 160 33.57 -31.50 73.45
C LEU E 160 33.48 -32.89 72.82
N ARG E 161 33.88 -32.99 71.56
CA ARG E 161 33.80 -34.25 70.84
C ARG E 161 34.62 -35.24 71.62
N THR E 162 35.77 -34.79 72.10
CA THR E 162 36.75 -35.70 72.62
C THR E 162 36.24 -36.36 73.87
N PHE E 163 35.63 -35.57 74.75
CA PHE E 163 35.02 -36.13 75.96
C PHE E 163 33.79 -36.97 75.63
N LYS E 164 32.85 -36.38 74.88
CA LYS E 164 31.64 -37.09 74.44
C LYS E 164 31.92 -38.49 73.91
N GLU E 165 32.54 -38.60 72.74
CA GLU E 165 32.67 -39.90 72.06
C GLU E 165 33.54 -40.89 72.77
N ALA E 166 34.43 -40.40 73.62
CA ALA E 166 35.27 -41.31 74.38
C ALA E 166 34.47 -41.85 75.56
N LEU E 167 33.56 -41.03 76.08
CA LEU E 167 32.66 -41.47 77.13
C LEU E 167 31.84 -42.58 76.52
N GLU E 168 31.03 -42.20 75.52
CA GLU E 168 30.11 -43.13 74.91
C GLU E 168 30.78 -44.31 74.28
N ARG E 169 31.86 -44.09 73.56
CA ARG E 169 32.49 -45.26 72.95
C ARG E 169 33.55 -45.89 73.84
N LEU E 170 34.24 -45.08 74.66
CA LEU E 170 35.51 -45.53 75.30
C LEU E 170 35.53 -45.84 76.83
N ALA E 171 34.59 -45.28 77.58
CA ALA E 171 34.55 -45.45 79.03
C ALA E 171 33.36 -46.26 79.58
N LYS E 172 33.61 -47.01 80.65
CA LYS E 172 32.57 -47.67 81.49
C LYS E 172 31.54 -46.66 82.06
N PRO E 173 30.30 -47.09 82.36
CA PRO E 173 29.33 -46.07 82.82
C PRO E 173 29.66 -45.51 84.22
N GLY E 174 29.17 -44.29 84.48
CA GLY E 174 29.57 -43.47 85.64
C GLY E 174 31.09 -43.22 85.72
N CYS E 175 31.77 -43.36 84.58
CA CYS E 175 33.20 -43.10 84.44
C CYS E 175 33.52 -41.72 84.99
N ARG E 176 34.71 -41.57 85.59
CA ARG E 176 35.07 -40.26 86.15
C ARG E 176 36.03 -39.52 85.21
N VAL E 177 35.93 -38.19 85.15
CA VAL E 177 36.84 -37.43 84.29
C VAL E 177 37.40 -36.08 84.83
N VAL E 178 38.73 -36.07 84.87
CA VAL E 178 39.50 -34.92 85.24
C VAL E 178 39.82 -34.18 83.94
N PRO E 179 39.29 -32.95 83.79
CA PRO E 179 38.44 -32.21 84.72
C PRO E 179 36.98 -32.57 84.56
N SER E 180 36.26 -32.53 85.68
CA SER E 180 34.84 -32.90 85.73
C SER E 180 33.89 -31.89 85.10
N THR E 181 34.15 -30.59 85.23
CA THR E 181 33.15 -29.58 84.89
C THR E 181 33.87 -28.32 84.55
N GLY E 182 33.14 -27.38 83.93
CA GLY E 182 33.67 -26.03 83.84
C GLY E 182 32.61 -24.99 83.56
N ASN E 183 33.04 -23.75 83.66
CA ASN E 183 32.22 -22.62 83.29
C ASN E 183 33.09 -21.69 82.47
N VAL E 184 32.49 -20.95 81.57
CA VAL E 184 33.15 -19.83 80.95
C VAL E 184 32.40 -18.66 81.56
N TYR E 185 33.03 -17.48 81.65
CA TYR E 185 32.35 -16.32 82.23
C TYR E 185 32.43 -15.16 81.26
N ILE E 186 31.52 -14.20 81.37
CA ILE E 186 31.73 -12.94 80.67
C ILE E 186 31.66 -11.69 81.57
N VAL E 187 32.38 -10.65 81.18
CA VAL E 187 32.39 -9.46 81.98
C VAL E 187 32.34 -8.26 81.06
N PRO E 188 31.20 -7.58 81.04
CA PRO E 188 31.07 -6.39 80.22
C PRO E 188 31.98 -5.28 80.72
N VAL E 189 32.36 -4.33 79.85
CA VAL E 189 33.34 -3.30 80.21
C VAL E 189 33.20 -2.06 79.34
N GLU E 190 33.19 -0.87 79.93
CA GLU E 190 33.48 0.33 79.14
C GLU E 190 35.00 0.52 79.15
N SER E 191 35.60 0.46 77.96
CA SER E 191 37.05 0.49 77.81
C SER E 191 37.40 0.98 76.42
N HIS E 192 37.87 2.22 76.34
CA HIS E 192 38.45 2.73 75.12
C HIS E 192 39.43 1.70 74.58
N LEU E 193 40.57 1.57 75.26
CA LEU E 193 41.59 0.56 74.95
C LEU E 193 41.05 -0.63 74.17
N LEU E 194 40.19 -1.44 74.79
CA LEU E 194 39.72 -2.64 74.12
C LEU E 194 38.88 -2.41 72.86
N LYS E 195 38.34 -1.21 72.70
CA LYS E 195 37.49 -0.92 71.55
C LYS E 195 38.40 -0.72 70.34
N MET E 196 39.55 -0.11 70.58
CA MET E 196 40.47 0.29 69.56
C MET E 196 40.97 -0.88 68.71
N PHE E 197 40.95 -2.06 69.30
CA PHE E 197 41.38 -3.29 68.62
C PHE E 197 40.40 -3.82 67.58
N ASN E 198 39.16 -3.32 67.60
CA ASN E 198 38.08 -3.91 66.82
C ASN E 198 37.28 -2.86 66.08
N ASP E 199 37.58 -1.62 66.38
CA ASP E 199 36.80 -0.50 65.96
C ASP E 199 37.32 0.00 64.61
N ILE E 200 36.41 0.04 63.63
CA ILE E 200 36.73 0.56 62.29
C ILE E 200 37.15 2.03 62.34
N PRO E 201 38.33 2.36 61.78
CA PRO E 201 38.83 3.72 61.98
C PRO E 201 37.89 4.80 61.49
N ARG E 202 37.88 5.94 62.17
CA ARG E 202 36.97 7.03 61.85
C ARG E 202 37.77 8.26 61.67
N LEU E 203 37.75 8.76 60.45
CA LEU E 203 38.69 9.74 60.05
C LEU E 203 38.65 11.02 60.88
N ASN E 204 37.47 11.37 61.43
CA ASN E 204 37.32 12.51 62.37
C ASN E 204 36.55 12.14 63.63
N GLY E 205 37.14 11.29 64.45
CA GLY E 205 36.68 11.02 65.81
C GLY E 205 35.22 10.62 66.01
N GLU E 206 34.32 11.49 65.53
CA GLU E 206 32.87 11.33 65.69
C GLU E 206 32.39 9.89 65.58
N LYS E 207 31.47 9.51 66.47
CA LYS E 207 30.95 8.15 66.50
C LYS E 207 29.91 7.96 65.40
N ASP E 208 29.60 9.04 64.71
CA ASP E 208 28.68 9.06 63.59
C ASP E 208 29.28 8.31 62.38
N GLU E 209 30.49 8.73 62.01
CA GLU E 209 31.36 8.10 61.00
C GLU E 209 31.26 6.55 60.89
N GLU E 210 31.07 6.03 59.66
CA GLU E 210 30.81 4.59 59.42
C GLU E 210 31.22 4.10 58.00
N PRO E 211 32.46 4.44 57.57
CA PRO E 211 32.93 4.51 56.18
C PRO E 211 32.97 3.23 55.41
N LEU E 212 32.92 2.11 56.10
CA LEU E 212 32.90 0.82 55.45
C LEU E 212 31.65 0.15 55.93
N GLY E 213 30.66 0.98 56.26
CA GLY E 213 29.41 0.50 56.80
C GLY E 213 29.67 -0.19 58.11
N ARG E 214 28.92 -1.26 58.35
CA ARG E 214 28.89 -1.85 59.66
C ARG E 214 29.57 -3.22 59.63
N CYS E 215 30.62 -3.37 60.43
CA CYS E 215 31.34 -4.65 60.54
C CYS E 215 31.15 -5.20 61.94
N SER E 216 31.09 -6.53 62.03
CA SER E 216 31.11 -7.23 63.30
C SER E 216 32.56 -7.46 63.76
N GLY E 217 33.49 -7.40 62.82
CA GLY E 217 34.88 -7.73 63.12
C GLY E 217 35.21 -9.22 63.14
N THR E 218 36.47 -9.50 63.45
CA THR E 218 36.96 -10.83 63.19
C THR E 218 36.53 -11.78 64.24
N ALA E 219 36.06 -12.91 63.74
CA ALA E 219 35.52 -14.00 64.51
C ALA E 219 36.61 -14.81 65.16
N ALA E 220 37.84 -14.61 64.74
CA ALA E 220 38.97 -15.36 65.28
C ALA E 220 39.05 -15.15 66.78
N VAL E 221 39.34 -16.20 67.56
CA VAL E 221 39.56 -15.99 69.00
C VAL E 221 40.49 -14.79 69.24
N PHE E 222 40.18 -14.01 70.28
CA PHE E 222 41.05 -12.86 70.61
C PHE E 222 41.68 -13.02 71.97
N ASP E 223 42.68 -13.90 72.06
CA ASP E 223 43.39 -14.15 73.33
C ASP E 223 44.40 -13.10 73.81
N VAL E 224 44.18 -12.64 75.05
CA VAL E 224 45.05 -11.63 75.71
C VAL E 224 45.25 -11.94 77.18
N GLN E 225 46.38 -11.48 77.70
CA GLN E 225 46.71 -11.58 79.12
C GLN E 225 46.05 -10.39 79.77
N LEU E 226 44.85 -10.60 80.29
CA LEU E 226 44.08 -9.43 80.75
C LEU E 226 44.68 -8.85 82.05
N SER E 227 45.43 -9.69 82.75
CA SER E 227 46.16 -9.26 83.92
C SER E 227 47.11 -8.08 83.66
N GLU E 228 47.28 -7.68 82.40
CA GLU E 228 48.18 -6.56 82.09
C GLU E 228 47.47 -5.31 81.58
N MET E 229 46.15 -5.31 81.69
CA MET E 229 45.39 -4.05 81.56
C MET E 229 45.50 -3.30 82.90
N LYS E 230 45.94 -2.05 82.84
CA LYS E 230 46.04 -1.22 84.04
C LYS E 230 44.60 -0.92 84.48
N THR E 231 44.39 -0.78 85.78
CA THR E 231 43.03 -0.83 86.28
C THR E 231 42.18 0.30 85.72
N HIS E 232 42.83 1.35 85.25
CA HIS E 232 42.11 2.45 84.65
C HIS E 232 41.86 2.35 83.15
N GLU E 233 42.32 1.27 82.50
CA GLU E 233 42.20 1.12 81.04
C GLU E 233 40.76 0.72 80.73
N PHE E 234 40.16 0.05 81.71
CA PHE E 234 38.89 -0.62 81.55
C PHE E 234 37.96 -0.41 82.75
N ARG E 235 36.64 -0.36 82.51
CA ARG E 235 35.69 -0.09 83.58
C ARG E 235 34.51 -1.05 83.59
N GLU E 236 34.57 -2.08 84.44
CA GLU E 236 33.53 -3.11 84.59
C GLU E 236 32.10 -2.57 84.76
N LEU E 237 31.13 -3.44 84.54
CA LEU E 237 29.76 -3.01 84.29
C LEU E 237 28.72 -3.85 84.99
N SER E 238 29.06 -5.11 85.20
CA SER E 238 28.21 -6.04 85.86
C SER E 238 29.28 -6.87 86.49
N GLU E 239 28.88 -7.83 87.34
CA GLU E 239 29.77 -8.85 87.87
C GLU E 239 29.98 -9.88 86.75
N PRO E 240 30.90 -10.85 86.93
CA PRO E 240 31.01 -11.80 85.85
C PRO E 240 29.70 -12.55 85.69
N ILE E 241 29.50 -13.17 84.51
CA ILE E 241 28.29 -13.93 84.20
C ILE E 241 28.66 -15.31 83.71
N VAL E 242 27.99 -16.33 84.24
CA VAL E 242 28.14 -17.67 83.69
C VAL E 242 27.46 -17.60 82.34
N ALA E 243 28.20 -18.00 81.31
CA ALA E 243 27.69 -17.95 79.93
C ALA E 243 27.37 -19.34 79.43
N PHE E 244 28.20 -20.31 79.81
CA PHE E 244 27.89 -21.71 79.55
C PHE E 244 28.46 -22.53 80.69
N LYS E 245 27.97 -23.77 80.81
CA LYS E 245 28.46 -24.79 81.72
C LYS E 245 28.64 -26.09 80.95
N PHE E 246 29.66 -26.88 81.31
CA PHE E 246 29.93 -28.17 80.68
C PHE E 246 30.19 -29.27 81.72
N ASP E 247 29.68 -30.47 81.47
CA ASP E 247 29.91 -31.64 82.32
C ASP E 247 30.59 -32.74 81.49
N PHE E 248 31.92 -32.82 81.60
CA PHE E 248 32.74 -33.69 80.75
C PHE E 248 32.61 -35.16 81.11
N GLU E 249 31.68 -35.46 82.01
CA GLU E 249 31.50 -36.82 82.50
C GLU E 249 30.17 -37.40 82.01
N HIS E 250 29.27 -36.52 81.63
CA HIS E 250 27.96 -36.95 81.15
C HIS E 250 27.72 -36.46 79.74
N GLU E 251 27.99 -37.38 78.82
CA GLU E 251 27.87 -37.21 77.35
C GLU E 251 26.64 -36.45 76.86
N GLU E 252 25.46 -36.90 77.29
CA GLU E 252 24.20 -36.30 76.88
C GLU E 252 24.12 -34.82 77.18
N LYS E 253 25.03 -34.32 78.03
CA LYS E 253 25.03 -32.89 78.37
C LYS E 253 25.97 -32.11 77.45
N ILE E 254 26.94 -32.81 76.85
CA ILE E 254 27.91 -32.19 75.94
C ILE E 254 27.28 -32.00 74.56
N ILE E 255 26.80 -30.81 74.25
CA ILE E 255 26.17 -30.66 72.95
C ILE E 255 26.79 -29.53 72.07
N PHE E 256 27.23 -29.92 70.88
CA PHE E 256 28.09 -29.08 70.05
C PHE E 256 27.61 -27.67 69.85
N ASP E 257 26.34 -27.50 69.45
CA ASP E 257 25.82 -26.14 69.15
C ASP E 257 24.79 -25.72 70.21
N GLU E 258 24.98 -24.56 70.83
CA GLU E 258 24.00 -24.07 71.79
C GLU E 258 23.99 -22.56 71.77
N SER E 259 22.78 -22.00 71.77
CA SER E 259 22.55 -20.67 72.32
C SER E 259 21.90 -20.72 73.72
N PHE E 260 21.95 -19.58 74.39
CA PHE E 260 21.37 -19.40 75.70
C PHE E 260 21.10 -17.95 75.92
N VAL E 261 20.02 -17.68 76.64
CA VAL E 261 19.78 -16.32 77.04
C VAL E 261 20.11 -16.33 78.54
N ARG E 262 21.30 -15.83 78.83
CA ARG E 262 21.79 -15.75 80.18
C ARG E 262 21.50 -14.31 80.60
N GLU E 263 21.14 -14.15 81.87
CA GLU E 263 20.76 -12.86 82.41
C GLU E 263 21.66 -12.40 83.57
N ALA E 264 21.84 -11.09 83.72
CA ALA E 264 22.49 -10.55 84.93
C ALA E 264 22.07 -9.12 85.27
N VAL E 265 22.42 -8.66 86.47
CA VAL E 265 22.16 -7.28 86.91
C VAL E 265 23.36 -6.35 86.66
N ALA E 266 23.17 -5.29 85.89
CA ALA E 266 24.23 -4.29 85.72
C ALA E 266 24.49 -3.61 87.05
N HIS E 267 25.70 -3.08 87.25
CA HIS E 267 26.09 -2.52 88.55
C HIS E 267 26.82 -1.23 88.37
N SER E 268 26.75 -0.69 87.17
CA SER E 268 27.29 0.62 86.86
C SER E 268 26.73 1.01 85.49
N SER E 269 26.96 2.25 85.08
CA SER E 269 26.40 2.76 83.81
C SER E 269 27.44 3.34 82.84
N GLY E 270 27.37 2.85 81.60
CA GLY E 270 28.21 3.32 80.51
C GLY E 270 27.79 2.68 79.20
N THR E 271 28.77 2.30 78.38
CA THR E 271 28.49 1.56 77.16
C THR E 271 29.43 0.36 77.04
N ILE E 272 28.88 -0.82 76.76
CA ILE E 272 29.71 -2.01 76.48
C ILE E 272 30.62 -1.81 75.25
N ASP E 273 31.89 -1.52 75.53
CA ASP E 273 32.88 -1.46 74.49
C ASP E 273 33.37 -2.88 74.16
N ALA E 274 33.14 -3.85 75.05
CA ALA E 274 33.68 -5.21 74.88
C ALA E 274 33.26 -6.11 76.03
N LEU E 275 33.39 -7.43 75.84
CA LEU E 275 33.05 -8.43 76.82
C LEU E 275 34.24 -9.38 76.99
N LEU E 276 34.71 -9.54 78.22
CA LEU E 276 35.90 -10.30 78.49
C LEU E 276 35.48 -11.66 78.95
N MET E 277 36.09 -12.71 78.41
CA MET E 277 35.82 -14.02 78.95
C MET E 277 37.05 -14.77 79.39
N TRP E 278 36.80 -15.81 80.16
CA TRP E 278 37.79 -16.80 80.46
C TRP E 278 36.97 -17.86 81.07
N TRP E 279 37.63 -18.90 81.53
CA TRP E 279 36.91 -20.01 82.00
C TRP E 279 37.49 -20.46 83.28
N ASP E 280 36.86 -21.45 83.92
CA ASP E 280 37.45 -22.20 85.02
C ASP E 280 36.93 -23.62 85.04
N ILE E 281 37.73 -24.54 85.51
CA ILE E 281 37.32 -25.92 85.51
C ILE E 281 37.62 -26.54 86.86
N ASP E 282 36.78 -27.52 87.21
CA ASP E 282 36.81 -28.15 88.47
C ASP E 282 37.38 -29.52 88.25
N MET E 283 38.60 -29.72 88.72
CA MET E 283 39.35 -30.96 88.53
C MET E 283 38.68 -32.28 88.94
N ASP E 284 37.64 -32.24 89.79
CA ASP E 284 36.97 -33.47 90.24
C ASP E 284 35.51 -33.36 90.72
N ARG E 285 34.92 -32.18 90.59
CA ARG E 285 33.51 -31.95 90.98
C ARG E 285 33.26 -31.96 92.52
N ASN E 286 34.11 -32.67 93.25
CA ASN E 286 34.11 -32.65 94.72
C ASN E 286 34.38 -31.22 95.23
N GLY E 287 33.91 -30.19 94.53
CA GLY E 287 33.81 -28.81 95.07
C GLY E 287 35.07 -27.98 95.29
N THR E 288 36.16 -28.68 95.58
CA THR E 288 37.51 -28.19 95.33
C THR E 288 38.22 -29.42 94.74
N THR E 289 39.16 -29.27 93.80
CA THR E 289 39.94 -28.07 93.48
C THR E 289 39.69 -27.53 92.06
N PHE E 290 40.33 -26.40 91.71
CA PHE E 290 40.10 -25.72 90.42
C PHE E 290 41.38 -25.26 89.65
N ILE E 291 41.23 -25.07 88.33
CA ILE E 291 42.10 -24.20 87.54
C ILE E 291 41.25 -23.02 87.12
N ASP E 292 41.67 -21.80 87.43
CA ASP E 292 40.84 -20.66 87.09
C ASP E 292 41.69 -19.73 86.24
N MET E 293 41.04 -19.05 85.29
CA MET E 293 41.74 -18.23 84.30
C MET E 293 41.38 -16.79 84.41
N GLY E 294 40.77 -16.39 85.51
CA GLY E 294 40.39 -14.99 85.65
C GLY E 294 41.69 -14.21 85.69
N PRO E 295 41.67 -12.94 85.25
CA PRO E 295 42.95 -12.24 85.41
C PRO E 295 43.32 -12.17 86.92
N LYS E 296 44.56 -11.76 87.25
CA LYS E 296 44.99 -11.56 88.63
C LYS E 296 43.99 -10.74 89.48
N TRP E 297 43.54 -9.62 88.92
CA TRP E 297 42.49 -8.83 89.51
C TRP E 297 41.11 -9.43 89.43
N LYS E 298 41.00 -10.75 89.52
CA LYS E 298 39.71 -11.44 89.70
C LYS E 298 39.85 -12.96 89.77
N ASN E 299 40.96 -13.44 90.31
CA ASN E 299 41.17 -14.88 90.46
C ASN E 299 41.72 -15.13 91.87
N LYS E 300 40.92 -14.81 92.89
CA LYS E 300 41.47 -14.55 94.22
C LYS E 300 42.23 -15.70 94.87
N ASN E 301 41.78 -16.92 94.61
CA ASN E 301 42.40 -18.06 95.26
C ASN E 301 43.23 -18.92 94.32
N ASN E 302 43.09 -18.65 93.03
CA ASN E 302 43.60 -19.56 92.03
C ASN E 302 44.28 -18.91 90.84
N TYR E 303 44.86 -17.75 91.06
CA TYR E 303 45.61 -17.10 90.02
C TYR E 303 47.02 -17.65 89.93
N ALA E 304 47.48 -17.85 88.69
CA ALA E 304 48.83 -18.32 88.40
C ALA E 304 49.08 -17.99 86.97
N TRP E 305 50.03 -17.11 86.72
CA TRP E 305 50.45 -16.82 85.35
C TRP E 305 50.67 -18.06 84.53
N ARG E 306 50.04 -18.10 83.36
CA ARG E 306 50.42 -19.00 82.26
C ARG E 306 50.25 -18.30 80.91
N ASP E 307 50.85 -18.85 79.86
CA ASP E 307 50.67 -18.23 78.55
C ASP E 307 49.90 -19.15 77.60
N HIS E 308 50.06 -20.45 77.79
CA HIS E 308 49.45 -21.41 76.90
C HIS E 308 47.98 -21.37 77.09
N TRP E 309 47.54 -20.74 78.19
CA TRP E 309 46.17 -20.26 78.29
C TRP E 309 46.16 -18.85 78.74
N MET E 310 45.01 -18.21 78.56
CA MET E 310 44.88 -16.81 78.63
C MET E 310 43.38 -16.36 78.80
N GLN E 311 43.08 -15.13 78.39
CA GLN E 311 41.70 -14.63 78.36
C GLN E 311 41.46 -14.13 76.97
N ALA E 312 40.21 -13.92 76.62
CA ALA E 312 39.92 -13.38 75.31
C ALA E 312 38.95 -12.27 75.47
N VAL E 313 38.97 -11.34 74.54
CA VAL E 313 37.97 -10.34 74.51
C VAL E 313 37.10 -10.61 73.31
N TYR E 314 35.79 -10.45 73.50
CA TYR E 314 34.80 -10.50 72.43
C TYR E 314 34.05 -9.22 72.23
N TYR E 315 33.61 -9.03 71.00
CA TYR E 315 32.82 -7.89 70.65
C TYR E 315 31.40 -8.30 70.29
N LEU E 316 30.62 -7.26 70.05
CA LEU E 316 29.18 -7.30 69.96
C LEU E 316 28.81 -6.42 68.76
N PRO E 317 28.12 -7.02 67.76
CA PRO E 317 27.90 -6.40 66.45
C PRO E 317 27.43 -4.95 66.51
N GLU E 318 26.34 -4.69 67.22
CA GLU E 318 25.82 -3.32 67.36
C GLU E 318 26.03 -2.86 68.81
N LYS E 319 26.23 -1.55 68.98
CA LYS E 319 26.42 -0.89 70.29
C LYS E 319 25.52 -1.37 71.41
N LYS E 320 26.08 -1.36 72.62
CA LYS E 320 25.32 -1.58 73.83
C LYS E 320 25.62 -0.51 74.88
N LYS E 321 24.68 0.42 75.07
CA LYS E 321 24.69 1.27 76.27
C LYS E 321 24.01 0.46 77.37
N VAL E 322 24.45 0.67 78.61
CA VAL E 322 23.83 0.04 79.77
C VAL E 322 23.61 1.04 80.88
N GLU E 323 22.71 0.69 81.80
CA GLU E 323 22.41 1.50 82.98
C GLU E 323 22.34 0.65 84.25
N MET E 324 22.90 1.21 85.32
CA MET E 324 22.68 0.73 86.67
C MET E 324 21.26 1.13 87.03
N ASN E 325 20.48 0.24 87.61
CA ASN E 325 20.89 -1.14 87.85
C ASN E 325 20.03 -2.08 87.01
N GLN E 326 20.03 -1.85 85.70
CA GLN E 326 19.14 -2.58 84.81
C GLN E 326 19.48 -4.05 84.79
N THR E 327 18.44 -4.88 84.75
CA THR E 327 18.61 -6.27 84.38
C THR E 327 19.07 -6.27 82.92
N PHE E 328 19.58 -7.40 82.46
CA PHE E 328 19.87 -7.61 81.03
C PHE E 328 20.36 -9.00 80.65
N GLU E 329 20.26 -9.24 79.35
CA GLU E 329 20.61 -10.53 78.79
C GLU E 329 21.64 -10.32 77.67
N ILE E 330 22.58 -11.23 77.59
CA ILE E 330 23.48 -11.26 76.44
C ILE E 330 23.20 -12.60 75.79
N VAL E 331 23.07 -12.60 74.46
CA VAL E 331 22.94 -13.85 73.71
C VAL E 331 24.29 -14.56 73.69
N CYS E 332 24.36 -15.64 74.44
CA CYS E 332 25.58 -16.37 74.63
C CYS E 332 25.52 -17.56 73.71
N ASN E 333 26.43 -17.53 72.73
CA ASN E 333 26.44 -18.44 71.59
C ASN E 333 27.74 -19.18 71.42
N HIS E 334 27.65 -20.46 71.04
CA HIS E 334 28.83 -21.31 70.76
C HIS E 334 28.56 -22.51 69.87
N ASP E 335 29.45 -22.81 68.90
CA ASP E 335 29.33 -24.07 68.13
C ASP E 335 30.31 -25.09 68.65
N GLU E 336 30.74 -26.03 67.80
CA GLU E 336 31.67 -27.04 68.26
C GLU E 336 33.04 -26.51 68.79
N PHE E 337 33.50 -25.36 68.27
CA PHE E 337 34.88 -24.92 68.57
C PHE E 337 34.95 -23.47 69.08
N SER E 338 34.06 -22.63 68.59
CA SER E 338 34.05 -21.20 68.86
C SER E 338 32.88 -20.76 69.77
N LEU E 339 32.92 -19.50 70.19
CA LEU E 339 31.86 -18.84 70.95
C LEU E 339 31.64 -17.45 70.36
N TRP E 340 30.42 -16.91 70.43
CA TRP E 340 30.25 -15.47 70.15
C TRP E 340 29.05 -14.96 70.93
N PHE E 341 28.76 -13.67 70.79
CA PHE E 341 27.84 -12.94 71.69
C PHE E 341 27.13 -11.82 70.97
N SER E 342 25.82 -11.77 71.18
CA SER E 342 24.90 -10.92 70.43
C SER E 342 23.87 -10.23 71.31
N ASN E 343 23.22 -9.24 70.74
CA ASN E 343 22.13 -8.58 71.39
C ASN E 343 20.87 -9.32 70.99
N VAL E 344 19.77 -9.09 71.70
CA VAL E 344 18.66 -10.05 71.69
C VAL E 344 17.76 -9.99 70.47
N GLY E 345 17.20 -11.16 70.08
CA GLY E 345 16.33 -11.31 68.90
C GLY E 345 17.08 -11.31 67.56
N LYS E 346 18.13 -10.51 67.53
CA LYS E 346 19.14 -10.40 66.46
C LYS E 346 19.77 -11.74 66.03
N ASP E 347 20.51 -11.73 64.92
CA ASP E 347 21.05 -12.98 64.39
C ASP E 347 21.97 -13.79 65.35
N LYS E 348 21.45 -14.94 65.77
CA LYS E 348 22.17 -15.88 66.63
C LYS E 348 23.31 -16.61 65.92
N SER E 349 23.68 -16.18 64.71
CA SER E 349 24.73 -16.89 63.95
C SER E 349 26.10 -16.24 63.99
N ARG E 350 27.13 -17.10 64.06
CA ARG E 350 28.52 -16.63 64.05
C ARG E 350 28.70 -15.74 62.84
N SER E 351 29.08 -14.49 63.11
CA SER E 351 29.37 -13.51 62.08
C SER E 351 30.88 -13.54 61.70
N TYR E 352 31.30 -12.60 60.83
CA TYR E 352 32.62 -12.51 60.19
C TYR E 352 32.80 -11.08 59.55
N CYS E 353 34.03 -10.61 59.32
CA CYS E 353 34.31 -9.28 58.66
C CYS E 353 33.52 -9.20 57.36
N VAL E 354 32.73 -8.16 57.19
CA VAL E 354 31.93 -8.03 55.96
C VAL E 354 32.42 -6.72 55.43
N CYS E 355 33.09 -5.99 56.34
CA CYS E 355 33.71 -4.70 56.07
C CYS E 355 34.92 -4.87 55.18
N GLY E 356 35.61 -6.01 55.36
CA GLY E 356 36.87 -6.29 54.66
C GLY E 356 38.16 -5.84 55.34
N LEU E 357 38.06 -4.95 56.34
CA LEU E 357 39.21 -4.50 57.13
C LEU E 357 39.62 -5.56 58.14
N HIS E 358 38.67 -6.05 58.95
CA HIS E 358 38.97 -7.08 59.93
C HIS E 358 39.76 -8.26 59.34
N SER E 359 39.42 -8.65 58.13
CA SER E 359 39.98 -9.87 57.53
C SER E 359 41.41 -9.62 57.02
N MET E 360 41.70 -8.36 56.75
CA MET E 360 42.89 -7.89 56.10
C MET E 360 43.99 -7.51 57.13
N LEU E 361 43.57 -6.95 58.28
CA LEU E 361 44.51 -6.42 59.28
C LEU E 361 44.32 -7.20 60.54
N SER E 362 45.42 -7.63 61.16
CA SER E 362 45.39 -8.17 62.52
C SER E 362 44.80 -7.17 63.55
N ARG E 363 44.39 -7.76 64.68
CA ARG E 363 43.81 -7.03 65.83
C ARG E 363 44.74 -5.97 66.33
N GLN E 364 46.02 -6.34 66.51
CA GLN E 364 46.99 -5.31 66.91
C GLN E 364 47.07 -4.15 65.91
N THR E 365 46.93 -4.42 64.61
CA THR E 365 47.09 -3.36 63.58
C THR E 365 45.86 -2.46 63.51
N VAL E 366 44.69 -3.03 63.71
CA VAL E 366 43.48 -2.20 63.84
C VAL E 366 43.67 -1.16 64.95
N TYR E 367 44.35 -1.56 66.02
CA TYR E 367 44.65 -0.67 67.13
C TYR E 367 45.58 0.38 66.63
N HIS E 368 46.63 -0.05 65.94
CA HIS E 368 47.61 0.89 65.43
C HIS E 368 46.96 1.95 64.61
N VAL E 369 45.92 1.60 63.85
CA VAL E 369 45.36 2.58 62.90
C VAL E 369 44.51 3.59 63.66
N ASN E 370 43.69 3.09 64.58
CA ASN E 370 42.87 3.92 65.40
C ASN E 370 43.74 4.91 66.17
N GLU E 371 44.69 4.39 66.93
CA GLU E 371 45.59 5.21 67.70
C GLU E 371 46.12 6.34 66.85
N MET E 372 46.52 5.97 65.64
CA MET E 372 47.12 6.91 64.74
C MET E 372 46.16 8.04 64.45
N PHE E 373 44.91 7.68 64.22
CA PHE E 373 43.88 8.65 63.89
C PHE E 373 43.62 9.58 65.09
N GLU E 374 43.79 9.04 66.31
CA GLU E 374 43.70 9.85 67.53
C GLU E 374 44.88 10.78 67.80
N ASN E 375 46.08 10.37 67.38
CA ASN E 375 47.29 11.04 67.77
C ASN E 375 47.60 12.37 67.11
N GLN E 376 47.51 13.45 67.89
CA GLN E 376 47.63 14.80 67.35
C GLN E 376 49.04 15.19 67.29
N LYS E 377 49.83 14.62 68.21
CA LYS E 377 51.27 14.79 68.13
C LYS E 377 51.51 14.29 66.71
N PHE E 378 51.16 13.03 66.49
CA PHE E 378 51.29 12.45 65.16
C PHE E 378 50.64 13.34 64.08
N LYS E 379 49.31 13.46 64.11
CA LYS E 379 48.57 14.24 63.10
C LYS E 379 49.17 15.62 62.77
N ASP E 380 49.74 16.32 63.77
CA ASP E 380 50.23 17.69 63.53
C ASP E 380 51.49 17.72 62.71
N GLU E 381 52.34 16.71 62.89
CA GLU E 381 53.58 16.68 62.09
C GLU E 381 53.24 16.29 60.63
N VAL E 382 52.20 15.47 60.46
CA VAL E 382 51.72 15.09 59.15
C VAL E 382 51.24 16.34 58.45
N ASP E 383 50.28 17.01 59.10
CA ASP E 383 49.65 18.22 58.59
C ASP E 383 50.72 19.20 58.21
N LYS E 384 51.79 19.24 59.00
CA LYS E 384 52.88 20.20 58.80
C LYS E 384 53.80 19.83 57.68
N LEU E 385 54.01 18.51 57.50
CA LEU E 385 54.93 18.03 56.47
C LEU E 385 54.25 18.13 55.13
N SER E 386 52.92 17.97 55.15
CA SER E 386 52.06 17.93 53.97
C SER E 386 51.69 19.28 53.31
N LYS E 387 51.62 20.34 54.14
CA LYS E 387 50.86 21.58 53.82
C LYS E 387 50.77 21.97 52.36
N GLY E 388 49.58 21.80 51.80
CA GLY E 388 49.28 22.15 50.41
C GLY E 388 50.34 21.75 49.38
N LEU E 389 50.98 20.60 49.60
CA LEU E 389 51.94 20.10 48.63
C LEU E 389 51.39 18.82 48.01
N HIS E 390 52.12 18.27 47.04
CA HIS E 390 51.81 16.94 46.51
C HIS E 390 52.46 15.91 47.42
N VAL E 391 51.68 15.09 48.09
CA VAL E 391 52.28 13.97 48.84
C VAL E 391 51.99 12.60 48.22
N ALA E 392 52.99 11.75 48.24
CA ALA E 392 52.83 10.38 47.85
C ALA E 392 53.01 9.50 49.07
N THR E 393 52.07 8.59 49.27
CA THR E 393 52.22 7.49 50.23
C THR E 393 53.02 6.32 49.62
N VAL E 394 53.71 5.56 50.49
CA VAL E 394 54.07 4.17 50.18
C VAL E 394 53.84 3.36 51.47
N GLY E 395 53.61 2.05 51.31
CA GLY E 395 53.22 1.16 52.39
C GLY E 395 52.21 0.19 51.81
N GLU E 396 51.73 -0.76 52.59
CA GLU E 396 50.70 -1.63 52.15
C GLU E 396 49.79 -1.74 53.35
N GLY E 397 48.57 -1.21 53.20
CA GLY E 397 47.64 -0.97 54.30
C GLY E 397 48.05 0.20 55.17
N SER E 398 48.77 1.14 54.60
CA SER E 398 49.14 2.35 55.34
C SER E 398 48.06 3.38 55.11
N PHE E 399 47.29 3.64 56.16
CA PHE E 399 46.18 4.60 56.06
C PHE E 399 46.72 5.98 56.14
N LEU E 400 48.03 6.07 56.25
CA LEU E 400 48.71 7.34 56.41
C LEU E 400 48.21 8.42 55.46
N GLY E 401 48.21 8.15 54.15
CA GLY E 401 47.85 9.16 53.13
C GLY E 401 46.51 9.86 53.33
N LEU E 402 45.58 9.18 53.99
CA LEU E 402 44.31 9.79 54.36
C LEU E 402 44.54 11.04 55.24
N LEU E 403 45.23 10.86 56.35
CA LEU E 403 45.58 11.95 57.25
C LEU E 403 46.20 13.15 56.57
N ALA E 404 47.10 12.93 55.61
CA ALA E 404 47.71 14.09 54.96
C ALA E 404 46.73 14.81 54.04
N ALA E 405 45.59 14.16 53.77
CA ALA E 405 44.58 14.77 52.92
C ALA E 405 44.21 16.12 53.54
N LYS E 406 43.82 16.07 54.81
CA LYS E 406 43.49 17.25 55.61
C LYS E 406 44.19 18.53 55.19
N THR E 407 45.44 18.45 54.78
CA THR E 407 46.22 19.65 54.51
C THR E 407 47.00 19.56 53.21
N ALA E 408 47.05 18.38 52.62
CA ALA E 408 47.79 18.22 51.37
C ALA E 408 47.03 18.86 50.23
N LYS E 409 47.75 19.52 49.33
CA LYS E 409 47.14 19.98 48.09
C LYS E 409 46.54 18.76 47.44
N ARG E 410 47.39 17.74 47.25
CA ARG E 410 46.97 16.45 46.67
C ARG E 410 47.75 15.34 47.34
N VAL E 411 47.07 14.24 47.61
CA VAL E 411 47.74 13.00 47.98
C VAL E 411 47.65 11.97 46.86
N THR E 412 48.76 11.22 46.67
CA THR E 412 48.75 10.02 45.89
C THR E 412 49.10 8.86 46.82
N ILE E 413 48.11 8.02 47.12
CA ILE E 413 48.35 6.82 47.90
C ILE E 413 48.75 5.73 46.92
N ILE E 414 49.98 5.25 47.06
CA ILE E 414 50.47 4.12 46.28
C ILE E 414 50.45 2.86 47.09
N ASP E 415 49.61 1.93 46.68
CA ASP E 415 49.47 0.68 47.41
C ASP E 415 49.19 -0.49 46.46
N GLY E 416 49.98 -1.55 46.61
CA GLY E 416 50.00 -2.68 45.68
C GLY E 416 48.97 -3.75 45.97
N ASN E 417 48.19 -3.52 47.01
CA ASN E 417 47.22 -4.49 47.40
C ASN E 417 45.84 -4.05 46.96
N GLU E 418 45.16 -4.89 46.20
CA GLU E 418 43.86 -4.52 45.66
C GLU E 418 42.77 -4.34 46.71
N ARG E 419 42.67 -5.31 47.62
CA ARG E 419 41.69 -5.24 48.71
C ARG E 419 41.86 -4.00 49.63
N PHE E 420 43.11 -3.52 49.78
CA PHE E 420 43.39 -2.29 50.48
C PHE E 420 43.03 -1.14 49.61
N ARG E 421 43.58 -1.14 48.40
CA ARG E 421 43.25 -0.08 47.45
C ARG E 421 41.78 0.31 47.53
N ASP E 422 40.90 -0.70 47.49
CA ASP E 422 39.44 -0.55 47.53
C ASP E 422 38.95 0.05 48.86
N ILE E 423 39.49 -0.47 49.95
CA ILE E 423 39.19 0.02 51.25
C ILE E 423 39.42 1.52 51.22
N PHE E 424 40.56 1.97 50.72
CA PHE E 424 40.76 3.40 50.64
C PHE E 424 39.84 4.09 49.65
N PHE E 425 39.12 3.34 48.83
CA PHE E 425 38.24 4.04 47.88
C PHE E 425 36.92 4.35 48.59
N LYS E 426 36.46 3.40 49.39
CA LYS E 426 35.40 3.63 50.38
C LYS E 426 35.70 4.85 51.25
N TYR E 427 36.96 5.05 51.64
CA TYR E 427 37.29 6.22 52.46
C TYR E 427 37.22 7.48 51.63
N ILE E 428 37.49 7.37 50.36
CA ILE E 428 37.39 8.56 49.53
C ILE E 428 35.91 8.83 49.23
N HIS E 429 35.12 7.77 49.19
CA HIS E 429 33.70 7.91 48.98
C HIS E 429 33.08 8.65 50.12
N TYR E 430 32.89 7.90 51.21
CA TYR E 430 32.27 8.32 52.47
C TYR E 430 32.64 9.69 53.00
N TYR E 431 33.86 10.17 52.74
CA TYR E 431 34.28 11.44 53.28
C TYR E 431 34.44 12.49 52.22
N LYS E 432 34.07 12.13 50.98
CA LYS E 432 34.11 13.05 49.86
C LYS E 432 35.42 13.85 49.78
N LEU E 433 36.55 13.18 49.90
CA LEU E 433 37.84 13.84 49.69
C LEU E 433 38.06 14.02 48.22
N THR E 434 38.55 15.18 47.85
CA THR E 434 38.59 15.62 46.46
C THR E 434 40.02 15.83 46.09
N ASN E 435 40.90 15.43 47.00
CA ASN E 435 42.32 15.61 46.83
C ASN E 435 43.14 14.30 47.01
N VAL E 436 42.49 13.16 46.89
CA VAL E 436 43.26 11.90 46.96
C VAL E 436 43.02 10.91 45.80
N GLU E 437 44.11 10.43 45.21
CA GLU E 437 44.07 9.34 44.23
C GLU E 437 44.91 8.16 44.71
N ILE E 438 44.65 7.00 44.09
CA ILE E 438 45.27 5.75 44.47
C ILE E 438 45.76 5.02 43.23
N ILE E 439 47.07 4.98 43.06
CA ILE E 439 47.69 4.12 42.06
C ILE E 439 48.29 2.86 42.70
N GLU E 440 48.29 1.75 41.96
CA GLU E 440 48.85 0.48 42.43
C GLU E 440 50.39 0.39 42.49
N LYS E 441 51.05 1.03 41.54
CA LYS E 441 52.44 0.77 41.33
C LYS E 441 53.34 2.01 41.46
N VAL E 442 54.48 1.81 42.09
CA VAL E 442 55.38 2.91 42.32
C VAL E 442 55.80 3.59 41.03
N THR E 443 55.94 2.83 39.94
CA THR E 443 56.26 3.40 38.62
C THR E 443 55.20 4.31 38.00
N SER E 444 53.93 4.20 38.38
CA SER E 444 52.92 5.05 37.75
C SER E 444 52.90 6.48 38.34
N LEU E 445 53.67 6.68 39.40
CA LEU E 445 53.84 7.99 40.00
C LEU E 445 54.76 8.78 39.13
N THR E 446 54.20 9.43 38.11
CA THR E 446 55.02 10.06 37.07
C THR E 446 55.16 11.56 37.29
N ASP E 447 54.18 12.16 37.96
CA ASP E 447 54.32 13.54 38.42
C ASP E 447 55.26 13.53 39.61
N SER E 448 56.22 14.45 39.64
CA SER E 448 57.21 14.51 40.71
C SER E 448 56.61 15.12 42.00
N PRO E 449 56.35 14.29 43.02
CA PRO E 449 55.72 14.79 44.24
C PRO E 449 56.66 15.67 45.07
N ASP E 450 56.09 16.53 45.92
CA ASP E 450 56.92 17.40 46.75
C ASP E 450 57.63 16.59 47.83
N ILE E 451 56.90 15.64 48.43
CA ILE E 451 57.45 14.89 49.54
C ILE E 451 56.74 13.57 49.53
N VAL E 452 57.45 12.54 49.98
CA VAL E 452 56.83 11.24 50.17
C VAL E 452 56.85 10.96 51.65
N LEU E 453 55.75 10.39 52.15
CA LEU E 453 55.57 10.07 53.53
C LEU E 453 55.14 8.62 53.66
N ALA E 454 55.68 7.93 54.66
CA ALA E 454 55.30 6.57 55.01
C ALA E 454 55.42 6.44 56.51
N GLU E 455 54.92 5.35 57.06
CA GLU E 455 55.15 5.08 58.48
C GLU E 455 56.61 4.65 58.73
N PRO E 456 57.13 3.64 58.01
CA PRO E 456 56.64 2.86 56.87
C PRO E 456 55.89 1.66 57.40
N PHE E 457 54.79 1.29 56.78
CA PHE E 457 54.11 0.12 57.24
C PHE E 457 53.53 -0.71 56.12
N TYR E 458 53.85 -2.01 56.12
CA TYR E 458 53.39 -2.93 55.06
C TYR E 458 52.86 -4.19 55.69
N MET E 459 51.60 -4.54 55.43
CA MET E 459 51.02 -5.71 56.05
C MET E 459 51.81 -6.98 55.72
N SER E 460 52.22 -7.12 54.47
CA SER E 460 52.75 -8.40 54.00
C SER E 460 53.93 -8.89 54.81
N ALA E 461 54.70 -7.95 55.35
CA ALA E 461 55.96 -8.20 56.09
C ALA E 461 55.85 -9.44 56.99
N MET E 462 56.84 -10.33 56.90
CA MET E 462 56.80 -11.54 57.70
C MET E 462 57.10 -11.11 59.14
N ASN E 463 57.90 -10.05 59.24
CA ASN E 463 58.49 -9.63 60.49
C ASN E 463 58.13 -8.24 60.92
N PRO E 464 57.56 -8.13 62.13
CA PRO E 464 57.07 -6.89 62.69
C PRO E 464 58.20 -5.85 62.82
N TRP E 465 59.42 -6.32 63.04
CA TRP E 465 60.58 -5.45 63.00
C TRP E 465 61.04 -5.13 61.57
N ASN E 466 60.34 -5.61 60.55
CA ASN E 466 60.86 -5.52 59.18
C ASN E 466 59.83 -5.03 58.14
N HIS E 467 59.67 -3.71 58.11
CA HIS E 467 58.88 -3.03 57.11
C HIS E 467 59.84 -2.43 56.15
N LEU E 468 60.88 -3.18 55.83
CA LEU E 468 61.97 -2.55 55.12
C LEU E 468 61.75 -2.49 53.64
N ARG E 469 60.64 -3.05 53.17
CA ARG E 469 60.21 -2.80 51.80
C ARG E 469 60.20 -1.30 51.45
N PHE E 470 60.01 -0.48 52.49
CA PHE E 470 60.10 0.96 52.38
C PHE E 470 61.37 1.41 51.67
N LEU E 471 62.43 0.65 51.85
CA LEU E 471 63.70 1.12 51.38
C LEU E 471 63.77 0.99 49.88
N TYR E 472 63.18 -0.07 49.34
CA TYR E 472 63.19 -0.31 47.89
C TYR E 472 62.27 0.64 47.16
N ASP E 473 61.06 0.80 47.69
CA ASP E 473 60.13 1.79 47.13
C ASP E 473 60.79 3.17 47.01
N VAL E 474 61.46 3.64 48.05
CA VAL E 474 62.09 4.95 47.99
C VAL E 474 63.19 4.97 46.95
N GLU E 475 63.97 3.89 46.90
CA GLU E 475 65.01 3.73 45.89
C GLU E 475 64.43 3.91 44.47
N VAL E 476 63.24 3.36 44.26
CA VAL E 476 62.56 3.41 42.96
C VAL E 476 62.07 4.83 42.68
N LEU E 477 61.56 5.48 43.70
CA LEU E 477 61.09 6.85 43.62
C LEU E 477 62.20 7.86 43.31
N LYS E 478 63.35 7.69 43.96
CA LYS E 478 64.46 8.63 43.78
C LYS E 478 65.10 8.46 42.40
N MET E 479 65.23 7.22 41.96
CA MET E 479 65.73 6.90 40.61
C MET E 479 64.85 7.61 39.59
N MET E 480 63.55 7.69 39.89
CA MET E 480 62.59 8.32 39.00
C MET E 480 62.61 9.84 39.04
N HIS E 481 62.73 10.39 40.26
CA HIS E 481 62.48 11.82 40.51
C HIS E 481 63.60 12.59 41.15
N GLY E 482 64.75 11.94 41.39
CA GLY E 482 65.91 12.62 41.92
C GLY E 482 66.23 12.18 43.33
N ASP E 483 67.52 12.12 43.63
CA ASP E 483 67.97 11.66 44.92
C ASP E 483 67.65 12.66 46.03
N GLU E 484 67.49 13.95 45.68
CA GLU E 484 67.16 15.00 46.67
C GLU E 484 65.69 15.00 47.09
N LEU E 485 64.93 14.06 46.54
CA LEU E 485 63.53 13.94 46.89
C LEU E 485 63.38 13.78 48.39
N ARG E 486 62.39 14.49 48.93
CA ARG E 486 62.24 14.54 50.36
C ARG E 486 61.41 13.37 50.82
N VAL E 487 61.92 12.64 51.82
CA VAL E 487 61.16 11.55 52.39
C VAL E 487 61.21 11.46 53.91
N GLU E 488 60.06 11.22 54.48
CA GLU E 488 59.96 10.97 55.87
C GLU E 488 59.20 9.65 55.95
N PRO E 489 59.58 8.79 56.89
CA PRO E 489 60.65 9.01 57.88
C PRO E 489 62.01 9.10 57.21
N HIS E 490 62.96 9.80 57.84
CA HIS E 490 64.22 10.09 57.17
C HIS E 490 65.38 9.32 57.74
N MET E 491 65.08 8.48 58.73
CA MET E 491 66.11 7.69 59.35
C MET E 491 65.37 6.62 60.08
N GLY E 492 65.95 5.42 60.10
CA GLY E 492 65.42 4.27 60.81
C GLY E 492 66.46 3.54 61.63
N VAL E 493 66.08 3.11 62.81
CA VAL E 493 67.05 2.42 63.62
C VAL E 493 66.43 1.16 64.19
N LEU E 494 67.25 0.12 64.27
CA LEU E 494 66.83 -1.16 64.80
C LEU E 494 67.44 -1.29 66.18
N LYS E 495 66.59 -1.44 67.18
CA LYS E 495 67.10 -1.44 68.53
C LYS E 495 66.92 -2.75 69.31
N ALA E 496 67.78 -2.97 70.29
CA ALA E 496 67.57 -4.08 71.23
C ALA E 496 67.72 -3.55 72.67
N ILE E 497 67.20 -4.30 73.63
CA ILE E 497 67.34 -3.99 75.06
C ILE E 497 67.24 -5.28 75.84
N PRO E 498 68.03 -5.40 76.94
CA PRO E 498 67.95 -6.55 77.82
C PRO E 498 66.80 -6.40 78.81
N GLU E 499 66.00 -7.46 79.00
CA GLU E 499 64.92 -7.42 80.00
C GLU E 499 64.90 -8.68 80.85
N LYS E 500 64.44 -8.54 82.08
CA LYS E 500 64.10 -9.68 82.87
C LYS E 500 62.59 -9.72 82.90
N PHE E 501 62.01 -10.72 82.23
CA PHE E 501 60.59 -10.80 82.19
C PHE E 501 60.15 -11.43 83.47
N GLU E 502 58.95 -11.11 83.88
CA GLU E 502 58.37 -11.79 85.01
C GLU E 502 58.34 -13.26 84.69
N ASP E 503 57.67 -13.63 83.61
CA ASP E 503 57.32 -15.04 83.34
C ASP E 503 57.55 -15.54 81.93
N LEU E 504 57.36 -14.63 80.98
CA LEU E 504 57.34 -14.95 79.57
C LEU E 504 58.42 -15.96 79.14
N GLN E 505 59.62 -15.73 79.63
CA GLN E 505 60.73 -16.61 79.39
C GLN E 505 60.35 -18.08 79.51
N ASN E 506 59.36 -18.40 80.35
CA ASN E 506 58.91 -19.79 80.46
C ASN E 506 58.28 -20.39 79.20
N ILE E 507 58.08 -19.62 78.15
CA ILE E 507 57.62 -20.29 76.94
C ILE E 507 58.74 -21.02 76.20
N ALA E 508 60.00 -20.76 76.57
CA ALA E 508 61.18 -21.25 75.79
C ALA E 508 62.23 -21.99 76.64
N SER E 509 62.08 -21.97 77.95
CA SER E 509 63.13 -22.50 78.80
C SER E 509 62.92 -24.00 78.92
N ASP E 510 63.98 -24.72 79.30
CA ASP E 510 63.91 -26.18 79.25
C ASP E 510 62.99 -26.66 80.31
N VAL E 511 62.62 -27.90 80.15
CA VAL E 511 61.56 -28.46 80.93
C VAL E 511 62.11 -29.30 82.10
N GLY E 512 63.26 -29.91 81.92
CA GLY E 512 63.92 -30.75 82.94
C GLY E 512 62.98 -31.70 83.69
N THR E 513 63.11 -31.70 85.03
CA THR E 513 62.24 -32.47 85.91
C THR E 513 60.92 -31.78 86.26
N VAL E 514 59.82 -32.52 86.12
CA VAL E 514 58.47 -31.98 86.34
C VAL E 514 57.81 -32.98 87.24
N ASN E 515 57.33 -32.51 88.40
CA ASN E 515 56.72 -33.39 89.42
C ASN E 515 57.46 -34.68 89.65
N GLY E 516 58.78 -34.57 89.66
CA GLY E 516 59.63 -35.70 89.91
C GLY E 516 59.89 -36.61 88.74
N PHE E 517 59.26 -36.34 87.60
CA PHE E 517 59.46 -37.14 86.36
C PHE E 517 60.49 -36.56 85.41
N ASP E 518 61.39 -37.41 84.91
CA ASP E 518 62.47 -36.92 84.05
C ASP E 518 62.02 -36.73 82.59
N LEU E 519 61.75 -35.47 82.23
CA LEU E 519 61.25 -35.20 80.89
C LEU E 519 62.35 -34.69 79.95
N SER E 520 63.62 -34.94 80.28
CA SER E 520 64.71 -34.34 79.52
C SER E 520 64.82 -34.86 78.10
N PHE E 521 64.34 -36.09 77.87
CA PHE E 521 64.15 -36.60 76.53
C PHE E 521 63.27 -35.67 75.72
N PHE E 522 62.20 -35.16 76.31
CA PHE E 522 61.44 -34.20 75.54
C PHE E 522 62.28 -32.98 75.24
N ASP E 523 63.00 -32.46 76.26
CA ASP E 523 63.85 -31.27 76.04
C ASP E 523 64.73 -31.49 74.81
N GLU E 524 65.34 -32.66 74.73
CA GLU E 524 66.26 -32.96 73.66
C GLU E 524 65.56 -32.94 72.30
N ILE E 525 64.42 -33.61 72.18
CA ILE E 525 63.74 -33.63 70.89
C ILE E 525 63.11 -32.28 70.50
N SER E 526 62.55 -31.57 71.48
CA SER E 526 61.98 -30.24 71.29
C SER E 526 63.04 -29.22 70.86
N THR E 527 64.23 -29.29 71.44
CA THR E 527 65.33 -28.43 71.08
C THR E 527 65.89 -28.78 69.70
N LYS E 528 65.94 -30.04 69.34
CA LYS E 528 66.39 -30.34 67.97
C LYS E 528 65.37 -29.83 66.92
N ALA E 529 64.11 -30.19 67.12
CA ALA E 529 63.03 -29.68 66.30
C ALA E 529 62.97 -28.17 66.27
N ARG E 530 63.21 -27.50 67.39
CA ARG E 530 63.10 -26.03 67.41
C ARG E 530 64.31 -25.41 66.74
N THR E 531 65.46 -26.07 66.87
CA THR E 531 66.69 -25.58 66.23
C THR E 531 66.55 -25.73 64.72
N ALA E 532 66.02 -26.87 64.29
CA ALA E 532 65.77 -27.15 62.88
C ALA E 532 64.75 -26.21 62.28
N THR E 533 63.68 -25.83 62.99
CA THR E 533 62.60 -25.16 62.28
C THR E 533 62.13 -23.80 62.82
N ASP E 534 62.61 -23.39 63.98
CA ASP E 534 62.14 -22.14 64.58
C ASP E 534 62.90 -20.93 64.08
N ALA E 535 62.19 -19.81 63.94
CA ALA E 535 62.86 -18.50 63.81
C ALA E 535 63.76 -18.32 65.04
N ILE E 536 64.88 -17.67 64.82
CA ILE E 536 65.83 -17.46 65.87
C ILE E 536 65.26 -16.46 66.84
N VAL E 537 64.36 -15.61 66.32
CA VAL E 537 63.81 -14.48 67.05
C VAL E 537 62.29 -14.55 67.07
N ASP E 538 61.72 -14.86 68.24
CA ASP E 538 60.27 -14.95 68.41
C ASP E 538 59.64 -13.57 68.21
N GLU E 539 58.34 -13.54 68.02
CA GLU E 539 57.59 -12.28 68.00
C GLU E 539 56.41 -12.40 68.98
N GLN E 540 55.99 -11.27 69.56
CA GLN E 540 55.14 -11.32 70.72
C GLN E 540 54.56 -9.96 71.06
N SER E 541 53.38 -9.95 71.65
CA SER E 541 52.76 -8.71 72.05
C SER E 541 53.25 -8.38 73.48
N LEU E 542 54.26 -7.52 73.57
CA LEU E 542 55.08 -7.42 74.77
C LEU E 542 54.42 -6.61 75.88
N TRP E 543 53.46 -5.79 75.52
CA TRP E 543 52.69 -5.05 76.48
C TRP E 543 51.90 -6.00 77.31
N GLU E 544 51.73 -7.21 76.83
CA GLU E 544 51.03 -8.25 77.58
C GLU E 544 51.97 -9.04 78.46
N TYR E 545 53.22 -8.63 78.50
CA TYR E 545 54.15 -9.30 79.36
C TYR E 545 54.87 -8.28 80.17
N ALA E 546 54.92 -8.55 81.47
CA ALA E 546 55.53 -7.66 82.46
C ALA E 546 56.94 -8.16 82.74
N GLY E 547 57.84 -7.21 82.92
CA GLY E 547 59.19 -7.53 83.33
C GLY E 547 59.87 -6.22 83.61
N ILE E 548 61.17 -6.27 83.78
CA ILE E 548 61.95 -5.09 84.19
C ILE E 548 63.24 -5.00 83.37
N VAL E 549 63.46 -3.83 82.78
CA VAL E 549 64.53 -3.66 81.83
C VAL E 549 65.90 -3.49 82.54
N LYS E 550 66.94 -4.13 82.00
CA LYS E 550 68.24 -4.18 82.71
C LYS E 550 69.43 -3.42 82.09
N GLY E 551 69.14 -2.38 81.32
CA GLY E 551 70.17 -1.61 80.63
C GLY E 551 69.52 -0.75 79.55
N ASP E 552 70.33 0.10 78.93
CA ASP E 552 69.89 0.96 77.83
C ASP E 552 69.69 0.28 76.47
N ALA E 553 68.63 0.69 75.78
CA ALA E 553 68.43 0.27 74.41
C ALA E 553 69.73 0.46 73.69
N VAL E 554 70.15 -0.54 72.89
CA VAL E 554 71.32 -0.41 72.01
C VAL E 554 70.92 -0.48 70.54
N GLU E 555 71.56 0.38 69.74
CA GLU E 555 71.42 0.43 68.30
C GLU E 555 72.09 -0.81 67.71
N ILE E 556 71.46 -1.36 66.68
CA ILE E 556 71.94 -2.57 66.05
C ILE E 556 72.16 -2.29 64.58
N LEU E 557 71.19 -1.59 63.98
CA LEU E 557 71.25 -1.25 62.57
C LEU E 557 70.70 0.16 62.31
N ARG E 558 71.47 0.94 61.55
CA ARG E 558 71.12 2.28 61.11
C ARG E 558 70.70 2.23 59.63
N PHE E 559 69.55 2.79 59.29
CA PHE E 559 69.17 2.87 57.88
C PHE E 559 69.00 4.32 57.39
N PRO E 560 70.09 4.99 56.97
CA PRO E 560 69.85 6.37 56.50
C PRO E 560 69.10 6.24 55.18
N ILE E 561 68.25 7.20 54.86
CA ILE E 561 67.45 6.98 53.66
C ILE E 561 68.10 7.66 52.44
N ASP E 562 69.39 7.38 52.23
CA ASP E 562 70.12 7.89 51.07
C ASP E 562 70.43 6.77 50.10
N GLY E 563 69.43 5.94 49.80
CA GLY E 563 69.63 4.74 48.99
C GLY E 563 69.01 4.74 47.59
N ARG E 564 69.52 3.91 46.68
CA ARG E 564 70.72 3.02 46.85
C ARG E 564 70.77 2.12 48.10
N VAL E 565 69.86 1.14 48.17
CA VAL E 565 69.84 0.21 49.30
C VAL E 565 71.03 -0.73 49.27
N SER E 566 71.55 -1.04 50.44
CA SER E 566 72.72 -1.89 50.50
C SER E 566 72.66 -2.83 51.71
N SER E 567 73.46 -3.88 51.65
CA SER E 567 73.57 -4.77 52.80
C SER E 567 74.22 -4.10 54.03
N GLN E 568 74.00 -4.66 55.22
CA GLN E 568 74.55 -4.11 56.45
C GLN E 568 74.78 -5.17 57.48
N LYS E 569 76.02 -5.26 57.97
CA LYS E 569 76.41 -6.24 58.97
C LYS E 569 76.68 -5.58 60.35
N CYS E 570 76.17 -6.20 61.43
CA CYS E 570 76.52 -5.71 62.75
C CYS E 570 76.86 -6.84 63.70
N VAL E 571 78.01 -6.73 64.34
CA VAL E 571 78.30 -7.57 65.49
C VAL E 571 78.43 -6.64 66.68
N VAL E 572 77.66 -6.93 67.72
CA VAL E 572 77.70 -6.20 68.98
C VAL E 572 77.50 -7.15 70.16
N ASN E 573 78.12 -6.79 71.29
CA ASN E 573 77.82 -7.41 72.56
C ASN E 573 76.64 -6.74 73.20
N ILE E 574 75.75 -7.55 73.73
CA ILE E 574 74.68 -7.07 74.55
C ILE E 574 75.04 -7.47 75.98
N ASP E 575 75.08 -6.48 76.88
CA ASP E 575 75.53 -6.70 78.27
C ASP E 575 74.34 -6.84 79.22
N ASN E 576 74.60 -7.13 80.49
CA ASN E 576 73.57 -7.15 81.54
C ASN E 576 72.62 -8.32 81.36
N MET E 577 73.19 -9.39 80.82
CA MET E 577 72.41 -10.56 80.51
C MET E 577 72.41 -11.53 81.67
N SER E 578 73.31 -11.29 82.65
CA SER E 578 73.45 -12.16 83.82
C SER E 578 72.13 -12.23 84.58
N SER E 579 71.57 -11.07 84.87
CA SER E 579 70.26 -11.02 85.50
C SER E 579 69.08 -10.96 84.51
N SER E 580 69.35 -10.85 83.21
CA SER E 580 68.25 -10.78 82.22
C SER E 580 67.81 -12.15 81.80
N ASN E 581 66.73 -12.22 81.06
CA ASN E 581 66.35 -13.50 80.49
C ASN E 581 65.88 -13.40 79.02
N ALA E 582 66.00 -12.19 78.43
CA ALA E 582 65.47 -11.91 77.08
C ALA E 582 65.99 -10.62 76.43
N ILE E 583 66.00 -10.60 75.10
CA ILE E 583 66.43 -9.44 74.32
C ILE E 583 65.28 -9.01 73.37
N PRO E 584 64.35 -8.18 73.86
CA PRO E 584 63.36 -7.57 72.96
C PRO E 584 64.02 -6.73 71.90
N MET E 585 63.42 -6.67 70.71
CA MET E 585 63.91 -5.83 69.62
C MET E 585 62.71 -5.30 68.85
N TRP E 586 62.92 -4.12 68.27
CA TRP E 586 61.83 -3.39 67.64
C TRP E 586 62.61 -2.37 66.82
N MET E 587 61.91 -1.53 66.07
CA MET E 587 62.56 -0.54 65.20
C MET E 587 62.09 0.86 65.57
N GLU E 588 62.85 1.90 65.22
CA GLU E 588 62.39 3.28 65.46
C GLU E 588 62.64 4.17 64.24
N TRP E 589 61.74 5.15 64.00
CA TRP E 589 61.82 6.02 62.82
C TRP E 589 61.71 7.47 63.14
N GLU E 590 62.60 8.23 62.53
CA GLU E 590 62.63 9.67 62.59
C GLU E 590 61.65 10.29 61.57
N PHE E 591 60.41 10.49 62.02
CA PHE E 591 59.39 11.06 61.18
C PHE E 591 59.35 12.57 61.30
N GLY E 592 60.01 13.26 60.37
CA GLY E 592 60.23 14.70 60.45
C GLY E 592 60.95 15.10 61.73
N GLY E 593 60.20 15.77 62.62
CA GLY E 593 60.72 16.25 63.88
C GLY E 593 60.30 15.39 65.04
N ILE E 594 59.47 14.37 64.80
CA ILE E 594 59.07 13.48 65.87
C ILE E 594 59.62 12.08 65.74
N ASN E 595 59.08 11.18 66.54
CA ASN E 595 59.70 9.91 66.71
C ASN E 595 58.67 8.81 66.79
N LEU E 596 58.74 7.92 65.82
CA LEU E 596 57.86 6.77 65.82
C LEU E 596 58.70 5.58 66.24
N SER E 597 58.10 4.75 67.09
CA SER E 597 58.66 3.52 67.55
C SER E 597 57.60 2.42 67.58
N THR E 598 58.05 1.22 67.20
CA THR E 598 57.18 0.07 67.00
C THR E 598 57.25 -0.84 68.20
N GLY E 599 58.15 -0.51 69.13
CA GLY E 599 58.29 -1.30 70.35
C GLY E 599 58.33 -0.40 71.56
N LEU E 600 59.54 -0.11 72.04
CA LEU E 600 59.73 0.55 73.31
C LEU E 600 59.26 2.00 73.27
N LEU E 601 58.26 2.30 74.10
CA LEU E 601 57.66 3.62 74.18
C LEU E 601 58.29 4.48 75.28
N SER E 602 58.50 3.91 76.47
CA SER E 602 59.11 4.64 77.58
C SER E 602 59.68 3.65 78.61
N ILE E 603 60.37 4.18 79.63
CA ILE E 603 60.82 3.39 80.80
C ILE E 603 60.58 4.12 82.13
N SER E 604 59.85 3.50 83.05
CA SER E 604 59.67 4.06 84.40
C SER E 604 61.01 4.01 85.18
N SER E 605 61.12 4.79 86.26
CA SER E 605 62.38 4.83 86.98
C SER E 605 62.67 3.50 87.63
N ALA E 606 61.60 2.77 87.94
CA ALA E 606 61.70 1.39 88.38
C ALA E 606 62.23 0.46 87.27
N GLY E 607 62.44 1.01 86.06
CA GLY E 607 62.86 0.22 84.89
C GLY E 607 61.77 -0.63 84.21
N VAL E 608 60.51 -0.21 84.35
CA VAL E 608 59.41 -0.87 83.65
C VAL E 608 59.23 -0.24 82.27
N PRO E 609 59.18 -1.08 81.20
CA PRO E 609 58.99 -0.53 79.87
C PRO E 609 57.56 -0.62 79.41
N GLU E 610 57.17 0.41 78.68
CA GLU E 610 55.89 0.48 77.97
C GLU E 610 56.11 0.10 76.50
N TRP E 611 55.33 -0.89 76.04
CA TRP E 611 55.42 -1.42 74.67
C TRP E 611 54.28 -0.98 73.80
N ASN E 612 54.60 -0.45 72.63
CA ASN E 612 53.60 -0.16 71.60
C ASN E 612 52.61 -1.29 71.39
N LYS E 613 51.33 -0.98 71.54
CA LYS E 613 50.26 -1.97 71.42
C LYS E 613 49.79 -2.12 69.97
N GLY E 614 50.21 -1.19 69.12
CA GLY E 614 49.93 -1.31 67.70
C GLY E 614 50.86 -2.27 66.93
N TYR E 615 51.66 -3.05 67.65
CA TYR E 615 52.60 -3.98 67.01
C TYR E 615 52.94 -5.19 67.86
N LYS E 616 53.63 -6.12 67.23
CA LYS E 616 54.34 -7.16 67.93
C LYS E 616 55.78 -6.71 67.90
N GLN E 617 56.61 -7.30 68.75
CA GLN E 617 58.01 -6.92 68.76
C GLN E 617 58.75 -8.20 68.68
N GLY E 618 60.05 -8.14 68.45
CA GLY E 618 60.79 -9.38 68.53
C GLY E 618 61.23 -9.65 69.95
N VAL E 619 61.55 -10.89 70.26
CA VAL E 619 62.25 -11.20 71.47
C VAL E 619 63.11 -12.41 71.24
N TYR E 620 64.36 -12.32 71.68
CA TYR E 620 65.18 -13.52 71.70
C TYR E 620 65.30 -14.08 73.14
N PHE E 621 65.21 -15.38 73.30
CA PHE E 621 65.45 -16.00 74.60
C PHE E 621 66.74 -16.77 74.50
N PRO E 622 67.67 -16.51 75.44
CA PRO E 622 68.97 -17.16 75.34
C PRO E 622 68.79 -18.64 75.40
N ILE E 623 69.22 -19.34 74.35
CA ILE E 623 69.34 -20.80 74.41
C ILE E 623 70.11 -21.27 75.66
N THR E 624 70.04 -22.56 75.96
CA THR E 624 70.42 -22.97 77.30
C THR E 624 71.96 -22.93 77.52
N ALA E 625 72.73 -23.07 76.47
CA ALA E 625 74.19 -22.98 76.61
C ALA E 625 74.64 -21.56 76.95
N LEU E 626 73.70 -20.63 76.85
CA LEU E 626 73.97 -19.20 76.96
C LEU E 626 73.14 -18.54 78.08
N ARG E 627 72.21 -19.27 78.68
CA ARG E 627 71.32 -18.75 79.72
C ARG E 627 72.01 -17.99 80.89
N ASN E 628 73.28 -18.25 81.14
CA ASN E 628 73.99 -17.72 82.31
C ASN E 628 75.05 -16.63 82.03
N ASP E 629 75.39 -16.47 80.75
CA ASP E 629 76.45 -15.57 80.34
C ASP E 629 76.13 -14.08 80.63
N LYS E 630 77.11 -13.38 81.22
CA LYS E 630 77.02 -11.96 81.53
C LYS E 630 76.65 -11.13 80.29
N SER E 631 77.24 -11.47 79.14
CA SER E 631 76.93 -10.75 77.94
C SER E 631 76.96 -11.64 76.67
N LEU E 632 76.11 -11.31 75.68
CA LEU E 632 76.20 -12.00 74.41
C LEU E 632 76.40 -11.21 73.12
N CYS E 633 76.85 -11.96 72.13
CA CYS E 633 77.22 -11.41 70.86
C CYS E 633 76.05 -11.60 69.90
N LEU E 634 75.47 -10.49 69.49
CA LEU E 634 74.37 -10.51 68.56
C LEU E 634 74.97 -10.25 67.21
N HIS E 635 74.77 -11.16 66.25
CA HIS E 635 75.13 -10.87 64.85
C HIS E 635 73.87 -10.56 64.06
N ALA E 636 73.91 -9.45 63.35
CA ALA E 636 72.75 -9.01 62.59
C ALA E 636 73.20 -8.74 61.18
N LEU E 637 72.36 -9.12 60.23
CA LEU E 637 72.63 -8.90 58.83
C LEU E 637 71.39 -8.54 58.07
N PHE E 638 71.41 -7.37 57.45
CA PHE E 638 70.38 -7.01 56.52
C PHE E 638 70.92 -7.33 55.16
N ASP E 639 70.24 -8.26 54.51
CA ASP E 639 70.62 -8.75 53.18
C ASP E 639 69.90 -7.98 52.11
N LYS E 640 70.60 -7.05 51.46
CA LYS E 640 70.00 -6.26 50.41
C LYS E 640 69.17 -7.10 49.42
N SER E 641 69.52 -8.38 49.26
CA SER E 641 68.89 -9.27 48.28
C SER E 641 67.50 -9.70 48.55
N THR E 642 67.26 -10.06 49.81
CA THR E 642 66.00 -10.60 50.23
C THR E 642 65.13 -9.52 50.85
N GLY E 643 65.77 -8.43 51.25
CA GLY E 643 65.18 -7.50 52.21
C GLY E 643 65.15 -8.00 53.63
N ASP E 644 65.58 -9.24 53.89
CA ASP E 644 65.50 -9.84 55.24
C ASP E 644 66.63 -9.44 56.19
N ILE E 645 66.36 -9.63 57.48
CA ILE E 645 67.36 -9.48 58.52
C ILE E 645 67.51 -10.78 59.28
N ASN E 646 68.75 -11.25 59.32
CA ASN E 646 69.10 -12.49 59.95
C ASN E 646 69.94 -12.18 61.15
N PHE E 647 69.60 -12.85 62.25
CA PHE E 647 70.20 -12.67 63.51
C PHE E 647 70.84 -13.98 63.91
N GLN E 648 72.09 -13.93 64.41
CA GLN E 648 72.61 -15.04 65.21
C GLN E 648 72.89 -14.52 66.62
N PHE E 649 72.60 -15.33 67.63
CA PHE E 649 73.10 -15.06 68.97
C PHE E 649 74.21 -15.99 69.50
N GLY E 650 75.33 -15.41 69.91
CA GLY E 650 76.45 -16.25 70.36
C GLY E 650 76.90 -15.88 71.74
N LYS E 651 77.91 -16.59 72.23
CA LYS E 651 78.66 -16.10 73.38
C LYS E 651 79.45 -14.89 72.91
N SER E 652 79.87 -14.04 73.85
CA SER E 652 80.50 -12.75 73.50
C SER E 652 81.85 -12.95 72.84
N MET F 9 27.65 -0.97 43.43
CA MET F 9 28.02 0.19 44.33
C MET F 9 29.21 1.01 43.84
N PHE F 10 29.02 2.31 43.70
CA PHE F 10 29.98 3.15 43.03
C PHE F 10 30.61 4.21 43.93
N LEU F 11 31.89 4.03 44.20
CA LEU F 11 32.63 4.86 45.08
C LEU F 11 33.14 5.95 44.25
N GLU F 12 33.18 7.15 44.81
CA GLU F 12 33.34 8.39 44.05
C GLU F 12 34.71 9.04 44.32
N LYS F 13 35.21 9.82 43.35
CA LYS F 13 36.55 10.45 43.46
C LYS F 13 36.78 11.53 42.44
N ILE F 14 37.88 12.24 42.57
CA ILE F 14 38.14 13.37 41.74
C ILE F 14 39.42 13.13 40.89
N ASN F 15 39.32 13.43 39.61
CA ASN F 15 40.45 13.27 38.74
C ASN F 15 41.42 14.38 39.11
N GLN F 16 42.44 14.00 39.85
CA GLN F 16 43.46 14.93 40.33
C GLN F 16 44.09 15.74 39.22
N LYS F 17 43.89 15.31 37.99
CA LYS F 17 44.45 16.03 36.86
C LYS F 17 43.46 16.94 36.15
N THR F 18 42.21 16.51 36.02
CA THR F 18 41.20 17.27 35.25
C THR F 18 40.07 17.77 36.08
N GLY F 19 39.91 17.26 37.30
CA GLY F 19 38.87 17.76 38.19
C GLY F 19 37.56 17.01 38.10
N GLU F 20 37.30 16.36 36.98
CA GLU F 20 36.09 15.58 36.85
C GLU F 20 35.90 14.54 37.94
N ARG F 21 34.65 14.40 38.36
CA ARG F 21 34.23 13.39 39.28
C ARG F 21 34.30 12.13 38.47
N GLU F 22 34.81 11.06 39.06
CA GLU F 22 34.78 9.77 38.44
C GLU F 22 34.16 8.79 39.43
N TRP F 23 34.29 7.50 39.16
CA TRP F 23 33.83 6.43 40.05
C TRP F 23 34.63 5.20 39.77
N VAL F 24 34.56 4.28 40.73
CA VAL F 24 35.32 3.05 40.74
C VAL F 24 34.44 1.96 41.38
N VAL F 25 34.83 0.70 41.27
CA VAL F 25 34.10 -0.37 41.94
C VAL F 25 35.06 -1.21 42.74
N ALA F 26 34.55 -1.92 43.73
CA ALA F 26 35.37 -2.90 44.42
C ALA F 26 35.49 -4.12 43.50
N GLU F 27 36.44 -5.02 43.76
CA GLU F 27 36.77 -6.02 42.76
C GLU F 27 35.64 -7.02 42.45
N GLU F 28 35.12 -7.63 43.50
CA GLU F 28 34.05 -8.60 43.42
C GLU F 28 32.86 -8.11 42.60
N ASP F 29 32.85 -6.83 42.28
CA ASP F 29 31.78 -6.22 41.49
C ASP F 29 32.25 -5.87 40.08
N TYR F 30 33.56 -5.67 39.91
CA TYR F 30 34.18 -5.21 38.64
C TYR F 30 33.59 -5.87 37.40
N ASP F 31 33.53 -7.20 37.39
CA ASP F 31 32.97 -7.94 36.27
C ASP F 31 31.52 -7.59 35.98
N MET F 32 30.69 -7.59 37.02
CA MET F 32 29.30 -7.13 36.92
C MET F 32 29.23 -5.74 36.28
N ALA F 33 30.00 -4.80 36.83
CA ALA F 33 30.02 -3.43 36.34
C ALA F 33 30.46 -3.35 34.89
N GLN F 34 31.47 -4.14 34.55
CA GLN F 34 31.97 -4.19 33.18
C GLN F 34 30.83 -4.57 32.24
N GLU F 35 30.11 -5.66 32.55
CA GLU F 35 29.02 -6.12 31.71
C GLU F 35 27.93 -5.05 31.61
N LEU F 36 27.63 -4.39 32.72
CA LEU F 36 26.65 -3.31 32.75
C LEU F 36 27.10 -2.10 31.95
N ALA F 37 28.40 -1.84 31.92
CA ALA F 37 28.94 -0.76 31.08
C ALA F 37 28.69 -1.04 29.60
N ARG F 38 28.57 -2.32 29.26
CA ARG F 38 28.27 -2.77 27.90
C ARG F 38 26.79 -2.76 27.58
N SER F 39 25.94 -2.80 28.60
CA SER F 39 24.50 -3.07 28.41
C SER F 39 23.72 -2.05 27.62
N ARG F 40 24.35 -0.96 27.20
CA ARG F 40 23.72 -0.05 26.23
C ARG F 40 23.88 -0.53 24.76
N PHE F 41 24.74 -1.51 24.54
CA PHE F 41 25.06 -2.02 23.21
C PHE F 41 25.20 -0.95 22.14
N GLY F 42 26.17 -0.06 22.34
CA GLY F 42 26.38 1.04 21.41
C GLY F 42 25.20 2.00 21.28
N ASP F 43 24.66 2.09 20.07
CA ASP F 43 23.61 3.04 19.79
C ASP F 43 22.25 2.40 20.02
N MET F 44 22.22 1.16 20.47
CA MET F 44 20.97 0.42 20.49
C MET F 44 19.77 1.33 20.76
N ILE F 45 19.81 1.99 21.91
CA ILE F 45 18.70 2.72 22.41
C ILE F 45 18.41 3.97 21.55
N LEU F 46 19.44 4.58 20.97
CA LEU F 46 19.25 5.76 20.11
C LEU F 46 19.01 5.38 18.64
N ASP F 47 18.64 4.12 18.43
CA ASP F 47 18.27 3.69 17.10
C ASP F 47 16.78 3.90 17.15
N PHE F 48 16.30 5.05 16.67
CA PHE F 48 14.88 5.37 16.88
C PHE F 48 14.03 4.53 15.97
N ASP F 49 14.53 4.30 14.76
CA ASP F 49 13.84 3.45 13.83
C ASP F 49 13.55 2.08 14.47
N ARG F 50 14.60 1.36 14.84
CA ARG F 50 14.43 0.14 15.60
C ARG F 50 13.26 0.32 16.55
N ASN F 51 13.28 1.43 17.27
CA ASN F 51 12.34 1.63 18.34
C ASN F 51 10.91 1.82 17.84
N ASP F 52 10.77 2.51 16.72
CA ASP F 52 9.47 2.85 16.16
C ASP F 52 8.83 1.60 15.64
N LYS F 53 9.66 0.74 15.06
CA LYS F 53 9.21 -0.54 14.53
C LYS F 53 8.69 -1.49 15.62
N PHE F 54 9.38 -1.55 16.76
CA PHE F 54 8.90 -2.35 17.89
C PHE F 54 7.70 -1.69 18.57
N LEU F 55 7.67 -0.37 18.45
CA LEU F 55 6.56 0.41 18.90
C LEU F 55 5.39 -0.06 18.05
N ALA F 56 5.55 0.07 16.73
CA ALA F 56 4.49 -0.17 15.74
C ALA F 56 4.09 -1.63 15.60
N GLY F 57 5.00 -2.53 15.95
CA GLY F 57 4.68 -3.94 16.01
C GLY F 57 3.68 -4.02 17.13
N LEU F 58 4.13 -3.68 18.34
CA LEU F 58 3.22 -3.60 19.47
C LEU F 58 1.91 -2.76 19.25
N LYS F 59 1.91 -1.84 18.29
CA LYS F 59 0.70 -1.05 17.94
C LYS F 59 -0.39 -1.97 17.41
N THR F 60 -0.05 -2.68 16.34
CA THR F 60 -0.94 -3.60 15.66
C THR F 60 -1.39 -4.72 16.56
N THR F 61 -0.44 -5.40 17.17
CA THR F 61 -0.73 -6.69 17.75
C THR F 61 -1.62 -6.50 18.91
N ILE F 62 -1.34 -5.48 19.70
CA ILE F 62 -2.21 -5.13 20.81
C ILE F 62 -3.62 -4.75 20.32
N ALA F 63 -3.68 -4.13 19.14
CA ALA F 63 -4.96 -3.74 18.52
C ALA F 63 -5.67 -4.90 17.79
N GLU F 64 -4.93 -5.83 17.21
CA GLU F 64 -5.57 -7.06 16.69
C GLU F 64 -6.00 -8.02 17.83
N LYS F 65 -5.14 -8.15 18.83
CA LYS F 65 -5.45 -8.98 19.98
C LYS F 65 -6.16 -8.11 21.00
N LYS F 66 -7.23 -7.46 20.56
CA LYS F 66 -7.99 -6.56 21.46
C LYS F 66 -9.42 -7.05 21.59
N HIS F 67 -10.09 -7.21 20.45
CA HIS F 67 -11.45 -7.77 20.37
C HIS F 67 -11.51 -9.28 20.28
N GLU F 68 -10.77 -9.96 21.17
CA GLU F 68 -10.76 -11.42 21.28
C GLU F 68 -11.20 -11.87 22.67
N ASP F 71 -13.25 -12.68 25.37
CA ASP F 71 -13.08 -11.88 26.57
C ASP F 71 -12.55 -10.47 26.26
N GLY F 72 -11.26 -10.38 25.90
CA GLY F 72 -10.56 -9.12 25.64
C GLY F 72 -9.40 -8.82 26.57
N LYS F 73 -8.77 -9.88 27.12
CA LYS F 73 -7.68 -9.75 28.12
C LYS F 73 -6.26 -10.08 27.58
N VAL F 74 -5.42 -9.05 27.40
CA VAL F 74 -4.12 -9.16 26.64
C VAL F 74 -2.80 -8.95 27.42
N HIS F 75 -2.04 -10.04 27.48
CA HIS F 75 -0.81 -10.16 28.27
C HIS F 75 0.38 -9.99 27.36
N VAL F 76 1.37 -9.22 27.80
CA VAL F 76 2.58 -9.02 26.99
C VAL F 76 3.87 -9.42 27.69
N LEU F 77 4.68 -10.19 26.97
CA LEU F 77 5.98 -10.64 27.47
C LEU F 77 7.14 -10.00 26.70
N ASP F 78 7.96 -9.28 27.44
CA ASP F 78 9.11 -8.57 26.92
C ASP F 78 10.32 -9.31 27.43
N ILE F 79 10.92 -10.12 26.54
CA ILE F 79 12.07 -10.96 26.90
C ILE F 79 13.38 -10.23 26.57
N GLY F 80 14.27 -10.18 27.54
CA GLY F 80 15.47 -9.36 27.43
C GLY F 80 15.04 -7.91 27.37
N THR F 81 14.61 -7.42 28.54
CA THR F 81 13.93 -6.12 28.68
C THR F 81 14.85 -4.90 28.77
N GLY F 82 16.08 -5.12 29.23
CA GLY F 82 17.07 -4.04 29.28
C GLY F 82 16.60 -2.89 30.14
N THR F 83 16.69 -1.68 29.60
CA THR F 83 16.18 -0.49 30.27
C THR F 83 14.82 -0.85 30.87
N GLY F 84 13.91 -1.21 29.98
CA GLY F 84 12.56 -1.67 30.30
C GLY F 84 11.76 -1.20 29.12
N LEU F 85 12.47 -0.46 28.27
CA LEU F 85 11.93 0.33 27.18
C LEU F 85 10.75 -0.28 26.45
N LEU F 86 10.77 -1.60 26.25
CA LEU F 86 9.76 -2.23 25.43
C LEU F 86 8.50 -2.53 26.20
N SER F 87 8.68 -2.92 27.46
CA SER F 87 7.56 -3.00 28.39
C SER F 87 6.79 -1.67 28.43
N LEU F 88 7.47 -0.58 28.75
CA LEU F 88 6.91 0.78 28.68
C LEU F 88 6.14 1.05 27.39
N MET F 89 6.75 0.77 26.24
CA MET F 89 6.05 0.90 24.97
C MET F 89 4.73 0.14 24.97
N ALA F 90 4.70 -1.04 25.59
CA ALA F 90 3.54 -1.94 25.59
C ALA F 90 2.38 -1.36 26.37
N ALA F 91 2.59 -1.08 27.65
CA ALA F 91 1.55 -0.48 28.49
C ALA F 91 1.03 0.77 27.81
N ARG F 92 1.86 1.80 27.74
CA ARG F 92 1.47 3.04 27.08
C ARG F 92 0.53 2.81 25.88
N GLU F 93 0.81 1.79 25.08
CA GLU F 93 0.03 1.50 23.87
C GLU F 93 -1.18 0.55 24.09
N GLY F 94 -1.52 0.32 25.35
CA GLY F 94 -2.62 -0.57 25.72
C GLY F 94 -2.24 -1.59 26.78
N ALA F 95 -1.82 -2.76 26.30
CA ALA F 95 -1.30 -3.87 27.13
C ALA F 95 -1.92 -4.03 28.52
N ASP F 96 -2.94 -4.87 28.64
CA ASP F 96 -3.58 -5.11 29.92
C ASP F 96 -2.52 -5.46 30.94
N LYS F 97 -1.71 -6.47 30.65
CA LYS F 97 -0.59 -6.86 31.52
C LYS F 97 0.71 -6.83 30.74
N VAL F 98 1.82 -6.75 31.48
CA VAL F 98 3.16 -6.84 30.91
C VAL F 98 4.08 -7.49 31.93
N THR F 99 4.49 -8.73 31.68
CA THR F 99 5.65 -9.19 32.45
C THR F 99 6.88 -9.04 31.55
N ALA F 100 8.03 -8.82 32.18
CA ALA F 100 9.24 -8.62 31.43
C ALA F 100 10.40 -9.25 32.17
N LEU F 101 11.22 -10.01 31.42
CA LEU F 101 12.41 -10.71 31.97
C LEU F 101 13.79 -10.31 31.42
N GLU F 102 14.77 -10.23 32.32
CA GLU F 102 16.16 -9.91 32.02
C GLU F 102 17.05 -10.94 32.71
N VAL F 103 18.07 -11.47 32.03
CA VAL F 103 18.99 -12.43 32.67
C VAL F 103 20.01 -11.71 33.57
N PHE F 104 20.42 -10.52 33.17
CA PHE F 104 21.50 -9.81 33.85
C PHE F 104 20.96 -8.95 35.01
N LYS F 105 21.22 -9.36 36.26
CA LYS F 105 20.48 -8.80 37.42
C LYS F 105 20.54 -7.27 37.54
N PRO F 106 21.75 -6.68 37.49
CA PRO F 106 21.86 -5.23 37.53
C PRO F 106 20.87 -4.49 36.62
N MET F 107 20.63 -4.97 35.40
CA MET F 107 19.64 -4.29 34.55
C MET F 107 18.23 -4.70 34.93
N GLY F 108 18.08 -5.92 35.42
CA GLY F 108 16.85 -6.29 36.13
C GLY F 108 16.39 -5.16 37.04
N ASP F 109 17.27 -4.77 37.97
CA ASP F 109 16.99 -3.69 38.91
C ASP F 109 16.68 -2.40 38.18
N CYS F 110 17.54 -2.06 37.23
CA CYS F 110 17.36 -0.88 36.40
C CYS F 110 16.01 -0.91 35.69
N ALA F 111 15.57 -2.12 35.35
CA ALA F 111 14.27 -2.27 34.76
C ALA F 111 13.15 -1.90 35.74
N ARG F 112 13.01 -2.64 36.83
CA ARG F 112 11.96 -2.31 37.80
C ARG F 112 12.04 -0.84 38.23
N HIS F 113 13.25 -0.34 38.52
CA HIS F 113 13.37 1.06 38.92
C HIS F 113 12.76 2.01 37.94
N ILE F 114 13.19 1.95 36.67
CA ILE F 114 12.64 2.84 35.65
C ILE F 114 11.15 2.59 35.58
N THR F 115 10.80 1.33 35.77
CA THR F 115 9.50 0.85 35.43
C THR F 115 8.49 1.21 36.52
N SER F 116 8.94 1.17 37.78
CA SER F 116 8.20 1.74 38.90
C SER F 116 7.83 3.20 38.62
N ASN F 117 8.83 4.09 38.67
CA ASN F 117 8.62 5.56 38.60
C ASN F 117 7.75 6.11 37.46
N SER F 118 7.25 5.19 36.63
CA SER F 118 6.39 5.51 35.50
C SER F 118 4.88 5.41 35.82
N PRO F 119 4.04 6.11 35.04
CA PRO F 119 2.61 5.93 35.25
C PRO F 119 2.13 4.55 34.75
N TRP F 120 2.85 3.49 35.12
CA TRP F 120 2.57 2.13 34.64
C TRP F 120 3.14 1.06 35.53
N SER F 121 3.58 1.43 36.73
CA SER F 121 4.20 0.50 37.68
C SER F 121 3.43 -0.82 37.92
N ASP F 122 2.11 -0.71 38.09
CA ASP F 122 1.22 -1.82 38.43
C ASP F 122 0.96 -2.83 37.27
N LYS F 123 0.79 -2.32 36.05
CA LYS F 123 0.72 -3.17 34.87
C LYS F 123 1.99 -4.03 34.64
N ILE F 124 3.17 -3.48 35.02
CA ILE F 124 4.49 -4.00 34.62
C ILE F 124 5.28 -4.62 35.76
N THR F 125 5.76 -5.84 35.52
CA THR F 125 6.40 -6.63 36.57
C THR F 125 7.68 -7.36 36.08
N VAL F 126 8.78 -7.18 36.81
CA VAL F 126 10.15 -7.57 36.38
C VAL F 126 10.74 -8.81 37.07
N ILE F 127 11.09 -9.83 36.25
CA ILE F 127 11.70 -11.07 36.74
C ILE F 127 13.16 -11.22 36.26
N SER F 128 14.10 -11.12 37.19
CA SER F 128 15.53 -11.16 36.89
C SER F 128 16.06 -12.56 36.52
N GLU F 129 15.54 -13.14 35.44
CA GLU F 129 16.01 -14.46 34.98
C GLU F 129 15.80 -14.72 33.48
N ARG F 130 16.38 -15.82 32.99
CA ARG F 130 16.40 -16.16 31.57
C ARG F 130 15.16 -16.89 31.12
N SER F 131 14.40 -16.26 30.22
CA SER F 131 13.29 -16.91 29.56
C SER F 131 13.39 -18.45 29.48
N THR F 132 14.58 -18.96 29.22
CA THR F 132 14.79 -20.40 29.11
C THR F 132 14.80 -21.13 30.50
N ASP F 133 14.07 -20.58 31.47
CA ASP F 133 14.02 -21.11 32.85
C ASP F 133 12.63 -21.08 33.51
N SER F 140 0.73 -15.58 35.30
CA SER F 140 -0.12 -16.15 34.25
C SER F 140 0.65 -16.49 32.95
N ARG F 141 -0.06 -16.69 31.82
CA ARG F 141 0.59 -17.01 30.52
C ARG F 141 0.27 -16.02 29.37
N ALA F 142 1.32 -15.65 28.62
CA ALA F 142 1.34 -14.48 27.71
C ALA F 142 0.69 -14.67 26.35
N ASP F 143 0.11 -13.58 25.84
CA ASP F 143 -0.68 -13.57 24.59
C ASP F 143 0.03 -12.91 23.41
N ILE F 144 1.09 -12.18 23.74
CA ILE F 144 1.97 -11.53 22.77
C ILE F 144 3.39 -11.52 23.33
N ILE F 145 4.34 -11.97 22.50
CA ILE F 145 5.76 -11.95 22.86
C ILE F 145 6.49 -10.85 22.08
N VAL F 146 7.24 -10.03 22.82
CA VAL F 146 8.17 -9.06 22.23
C VAL F 146 9.60 -9.27 22.77
N ALA F 147 10.57 -9.33 21.84
CA ALA F 147 11.99 -9.47 22.22
C ALA F 147 12.95 -8.86 21.22
N GLU F 148 13.85 -8.01 21.69
CA GLU F 148 14.98 -7.59 20.86
C GLU F 148 16.25 -8.34 21.31
N VAL F 149 16.46 -9.50 20.71
CA VAL F 149 17.42 -10.48 21.17
C VAL F 149 18.22 -10.87 19.92
N PHE F 150 18.53 -9.84 19.12
CA PHE F 150 19.09 -10.01 17.82
C PHE F 150 20.47 -9.36 17.69
N ASP F 151 21.39 -10.06 17.06
CA ASP F 151 22.65 -9.48 16.66
C ASP F 151 22.66 -9.37 15.15
N THR F 152 23.83 -9.10 14.60
CA THR F 152 23.98 -8.87 13.19
C THR F 152 23.69 -10.13 12.42
N GLU F 153 23.75 -11.24 13.11
CA GLU F 153 23.84 -12.49 12.42
C GLU F 153 22.63 -13.46 12.37
N LEU F 154 21.49 -13.33 12.99
CA LEU F 154 20.93 -12.40 13.88
C LEU F 154 20.41 -13.37 14.95
N ILE F 155 20.76 -14.66 14.78
CA ILE F 155 20.52 -15.72 15.77
C ILE F 155 21.69 -15.86 16.76
N GLY F 156 22.68 -14.99 16.65
CA GLY F 156 23.88 -15.15 17.44
C GLY F 156 23.69 -14.93 18.93
N GLU F 157 22.66 -14.19 19.34
CA GLU F 157 22.32 -14.01 20.76
C GLU F 157 21.30 -15.03 21.34
N GLY F 158 20.91 -16.04 20.57
CA GLY F 158 20.05 -17.08 21.11
C GLY F 158 18.56 -16.92 20.82
N ALA F 159 18.23 -16.22 19.74
CA ALA F 159 16.86 -15.88 19.42
C ALA F 159 16.08 -17.14 19.14
N LEU F 160 16.73 -18.09 18.50
CA LEU F 160 16.05 -19.29 18.11
C LEU F 160 15.50 -20.02 19.32
N ARG F 161 16.34 -20.19 20.35
CA ARG F 161 15.95 -20.98 21.50
C ARG F 161 15.00 -20.14 22.35
N THR F 162 15.35 -18.88 22.54
CA THR F 162 14.53 -17.94 23.29
C THR F 162 13.07 -18.02 22.84
N PHE F 163 12.85 -18.00 21.53
CA PHE F 163 11.48 -18.06 21.02
C PHE F 163 10.86 -19.47 21.04
N LYS F 164 11.59 -20.50 20.63
CA LYS F 164 10.99 -21.83 20.55
C LYS F 164 10.35 -22.12 21.89
N GLU F 165 11.15 -21.96 22.95
CA GLU F 165 10.79 -22.34 24.30
C GLU F 165 9.65 -21.51 24.89
N ALA F 166 9.68 -20.22 24.61
CA ALA F 166 8.62 -19.34 25.02
C ALA F 166 7.27 -19.84 24.49
N LEU F 167 7.21 -20.07 23.18
CA LEU F 167 6.02 -20.60 22.51
C LEU F 167 5.51 -21.94 23.05
N GLU F 168 6.41 -22.88 23.33
CA GLU F 168 5.96 -24.13 23.95
C GLU F 168 5.37 -23.84 25.33
N ARG F 169 6.20 -23.33 26.24
CA ARG F 169 5.82 -23.25 27.64
C ARG F 169 5.00 -21.99 27.95
N LEU F 170 5.70 -20.88 28.17
CA LEU F 170 5.16 -19.63 28.71
C LEU F 170 4.20 -18.84 27.80
N ALA F 171 3.76 -19.43 26.68
CA ALA F 171 2.80 -18.75 25.76
C ALA F 171 1.57 -19.57 25.33
N LYS F 172 0.47 -18.83 25.12
CA LYS F 172 -0.84 -19.37 24.70
C LYS F 172 -0.91 -19.74 23.20
N PRO F 173 -1.78 -20.70 22.82
CA PRO F 173 -1.85 -21.07 21.41
C PRO F 173 -2.29 -19.89 20.57
N GLY F 174 -1.73 -19.75 19.37
CA GLY F 174 -1.99 -18.58 18.52
C GLY F 174 -1.53 -17.28 19.17
N CYS F 175 -0.42 -17.35 19.90
CA CYS F 175 0.22 -16.16 20.42
C CYS F 175 0.90 -15.47 19.24
N ARG F 176 0.95 -14.14 19.31
CA ARG F 176 1.65 -13.35 18.29
C ARG F 176 2.97 -12.80 18.83
N VAL F 177 3.97 -12.65 17.96
CA VAL F 177 5.31 -12.24 18.40
C VAL F 177 5.87 -11.02 17.67
N VAL F 178 6.55 -10.15 18.42
CA VAL F 178 7.19 -8.96 17.82
C VAL F 178 8.74 -9.02 17.96
N PRO F 179 9.43 -9.29 16.86
CA PRO F 179 8.87 -9.40 15.51
C PRO F 179 8.27 -10.80 15.21
N SER F 180 7.61 -10.92 14.07
CA SER F 180 6.85 -12.12 13.72
C SER F 180 7.59 -13.06 12.76
N THR F 181 8.37 -12.51 11.85
CA THR F 181 8.94 -13.27 10.76
C THR F 181 10.31 -12.70 10.35
N GLY F 182 11.10 -13.44 9.57
CA GLY F 182 12.36 -12.88 9.09
C GLY F 182 13.04 -13.56 7.95
N ASN F 183 13.83 -12.81 7.20
CA ASN F 183 14.66 -13.36 6.18
C ASN F 183 16.13 -12.97 6.40
N VAL F 184 17.06 -13.81 5.94
CA VAL F 184 18.42 -13.44 5.91
C VAL F 184 18.76 -13.65 4.50
N TYR F 185 19.45 -12.65 3.95
CA TYR F 185 19.76 -12.53 2.57
C TYR F 185 21.24 -12.63 2.35
N ILE F 186 21.61 -13.16 1.21
CA ILE F 186 22.98 -13.05 0.77
C ILE F 186 22.98 -12.46 -0.62
N VAL F 187 24.11 -11.88 -1.01
CA VAL F 187 24.29 -11.32 -2.33
C VAL F 187 25.70 -11.70 -2.63
N PRO F 188 25.89 -12.45 -3.71
CA PRO F 188 27.29 -12.70 -4.02
C PRO F 188 27.84 -11.49 -4.78
N VAL F 189 29.17 -11.42 -4.85
CA VAL F 189 29.84 -10.21 -5.10
C VAL F 189 31.23 -10.55 -5.51
N GLU F 190 31.63 -9.99 -6.65
CA GLU F 190 33.03 -9.90 -7.01
C GLU F 190 33.60 -8.65 -6.26
N SER F 191 34.83 -8.73 -5.77
CA SER F 191 35.37 -7.68 -4.93
C SER F 191 36.72 -8.05 -4.34
N HIS F 192 37.76 -7.44 -4.90
CA HIS F 192 39.18 -7.66 -4.54
C HIS F 192 39.43 -7.15 -3.15
N LEU F 193 38.65 -6.15 -2.73
CA LEU F 193 38.71 -5.55 -1.42
C LEU F 193 38.26 -6.54 -0.36
N LEU F 194 37.08 -7.13 -0.52
CA LEU F 194 36.50 -8.00 0.49
C LEU F 194 37.35 -9.20 0.59
N LYS F 195 38.00 -9.56 -0.50
CA LYS F 195 38.78 -10.77 -0.51
C LYS F 195 40.07 -10.62 0.32
N MET F 196 40.68 -9.45 0.24
CA MET F 196 41.91 -9.17 0.96
C MET F 196 41.81 -9.45 2.47
N PHE F 197 40.61 -9.36 3.01
CA PHE F 197 40.37 -9.63 4.39
C PHE F 197 40.47 -11.11 4.75
N ASN F 198 40.54 -12.02 3.76
CA ASN F 198 40.48 -13.50 3.96
C ASN F 198 41.55 -14.34 3.26
N ASP F 199 42.09 -13.83 2.18
CA ASP F 199 43.11 -14.49 1.39
C ASP F 199 44.43 -14.71 2.07
N ILE F 200 44.93 -15.92 1.98
CA ILE F 200 46.28 -16.20 2.48
C ILE F 200 47.30 -15.44 1.61
N PRO F 201 48.12 -14.59 2.24
CA PRO F 201 48.94 -13.69 1.46
C PRO F 201 49.76 -14.48 0.50
N ARG F 202 49.84 -14.02 -0.75
CA ARG F 202 50.58 -14.76 -1.72
C ARG F 202 51.84 -14.00 -2.09
N LEU F 203 52.96 -14.55 -1.71
CA LEU F 203 54.16 -13.77 -1.71
C LEU F 203 54.49 -13.16 -3.07
N ASN F 204 54.08 -13.86 -4.13
CA ASN F 204 54.52 -13.57 -5.47
C ASN F 204 53.37 -13.15 -6.41
N GLY F 205 52.21 -12.87 -5.83
CA GLY F 205 51.09 -12.29 -6.53
C GLY F 205 50.25 -13.24 -7.37
N GLU F 206 50.81 -14.39 -7.76
CA GLU F 206 50.07 -15.34 -8.63
C GLU F 206 48.95 -16.03 -7.88
N LYS F 207 47.77 -16.05 -8.50
CA LYS F 207 46.58 -16.76 -7.99
C LYS F 207 46.83 -18.21 -7.55
N ASP F 208 47.70 -18.89 -8.27
CA ASP F 208 48.30 -20.18 -7.93
C ASP F 208 48.63 -20.48 -6.47
N GLU F 209 49.36 -19.53 -5.86
CA GLU F 209 50.21 -19.84 -4.74
C GLU F 209 49.40 -20.19 -3.56
N GLU F 210 49.78 -21.31 -2.96
CA GLU F 210 49.17 -21.78 -1.73
C GLU F 210 50.20 -22.18 -0.62
N PRO F 211 50.94 -21.21 -0.06
CA PRO F 211 51.99 -21.59 0.91
C PRO F 211 51.49 -22.24 2.18
N LEU F 212 50.25 -21.99 2.56
CA LEU F 212 49.77 -22.64 3.73
C LEU F 212 48.64 -23.63 3.42
N GLY F 213 48.52 -24.08 2.16
CA GLY F 213 47.39 -24.94 1.77
C GLY F 213 46.08 -24.19 1.64
N ARG F 214 44.98 -24.91 1.59
CA ARG F 214 43.71 -24.24 1.49
C ARG F 214 43.10 -24.12 2.85
N CYS F 215 42.15 -23.19 2.98
CA CYS F 215 41.56 -22.88 4.26
C CYS F 215 40.34 -22.03 3.97
N SER F 216 39.29 -22.24 4.76
CA SER F 216 38.09 -21.46 4.66
C SER F 216 38.19 -20.12 5.39
N GLY F 217 39.28 -19.91 6.15
CA GLY F 217 39.43 -18.74 7.03
C GLY F 217 38.65 -18.80 8.32
N THR F 218 38.46 -17.66 9.00
CA THR F 218 37.87 -17.80 10.32
C THR F 218 36.35 -17.88 10.23
N ALA F 219 35.78 -18.64 11.19
CA ALA F 219 34.35 -18.94 11.32
C ALA F 219 33.55 -17.80 11.99
N ALA F 220 34.23 -16.97 12.78
CA ALA F 220 33.55 -15.97 13.57
C ALA F 220 32.88 -14.97 12.61
N VAL F 221 31.80 -14.35 13.04
CA VAL F 221 31.17 -13.43 12.17
C VAL F 221 32.17 -12.30 11.80
N PHE F 222 32.08 -11.84 10.56
CA PHE F 222 32.78 -10.66 10.06
C PHE F 222 31.74 -9.56 9.89
N ASP F 223 31.61 -8.69 10.87
CA ASP F 223 30.57 -7.72 10.84
C ASP F 223 31.12 -6.40 10.39
N VAL F 224 30.56 -5.90 9.29
CA VAL F 224 30.97 -4.61 8.77
C VAL F 224 29.85 -3.70 8.27
N GLN F 225 30.16 -2.42 8.28
CA GLN F 225 29.25 -1.39 7.82
C GLN F 225 29.44 -1.38 6.31
N LEU F 226 28.69 -2.20 5.61
CA LEU F 226 28.84 -2.22 4.14
C LEU F 226 28.33 -0.97 3.44
N SER F 227 27.51 -0.14 4.08
CA SER F 227 27.18 1.15 3.47
C SER F 227 28.43 1.98 3.17
N GLU F 228 29.51 1.75 3.92
CA GLU F 228 30.72 2.55 3.76
C GLU F 228 31.69 1.99 2.73
N MET F 229 31.35 0.84 2.16
CA MET F 229 32.07 0.32 1.02
C MET F 229 31.69 1.19 -0.17
N LYS F 230 32.67 1.65 -0.94
CA LYS F 230 32.38 2.51 -2.08
C LYS F 230 31.96 1.71 -3.32
N THR F 231 31.09 2.30 -4.14
CA THR F 231 30.46 1.53 -5.23
C THR F 231 31.48 0.89 -6.17
N HIS F 232 32.67 1.50 -6.29
CA HIS F 232 33.70 0.88 -7.12
C HIS F 232 34.34 -0.29 -6.45
N GLU F 233 34.11 -0.50 -5.16
CA GLU F 233 34.90 -1.58 -4.55
C GLU F 233 34.21 -2.98 -4.46
N PHE F 234 32.94 -3.08 -4.89
CA PHE F 234 32.34 -4.39 -5.21
C PHE F 234 31.41 -4.48 -6.44
N ARG F 235 31.26 -5.64 -7.05
CA ARG F 235 30.14 -5.80 -7.99
C ARG F 235 29.15 -6.93 -7.64
N GLU F 236 27.93 -6.59 -7.26
CA GLU F 236 26.86 -7.59 -7.15
C GLU F 236 26.74 -8.47 -8.42
N LEU F 237 26.72 -9.78 -8.25
CA LEU F 237 26.59 -10.70 -9.38
C LEU F 237 25.18 -11.28 -9.49
N SER F 238 24.29 -10.96 -8.55
CA SER F 238 22.92 -11.43 -8.62
C SER F 238 22.09 -10.58 -7.72
N GLU F 239 20.79 -10.83 -7.75
CA GLU F 239 19.84 -10.27 -6.81
C GLU F 239 20.00 -10.91 -5.42
N PRO F 240 19.49 -10.25 -4.39
CA PRO F 240 19.67 -10.83 -3.06
C PRO F 240 19.06 -12.22 -3.05
N ILE F 241 19.73 -13.21 -2.46
CA ILE F 241 19.12 -14.55 -2.37
C ILE F 241 18.53 -14.77 -0.99
N VAL F 242 17.34 -15.35 -0.87
CA VAL F 242 16.81 -15.66 0.46
C VAL F 242 17.52 -16.89 0.99
N ALA F 243 18.37 -16.68 1.99
CA ALA F 243 19.16 -17.76 2.53
C ALA F 243 18.32 -18.55 3.53
N PHE F 244 17.57 -17.85 4.37
CA PHE F 244 16.73 -18.52 5.36
C PHE F 244 15.50 -17.78 5.60
N LYS F 245 14.42 -18.49 5.94
CA LYS F 245 13.23 -17.80 6.43
C LYS F 245 12.96 -18.23 7.86
N PHE F 246 12.68 -17.26 8.71
CA PHE F 246 12.40 -17.57 10.08
C PHE F 246 11.02 -17.12 10.46
N ASP F 247 10.39 -17.93 11.30
CA ASP F 247 9.03 -17.74 11.66
C ASP F 247 9.03 -17.86 13.15
N PHE F 248 8.95 -16.72 13.86
CA PHE F 248 9.05 -16.73 15.31
C PHE F 248 7.75 -16.99 16.02
N GLU F 249 6.65 -17.08 15.27
CA GLU F 249 5.35 -17.34 15.89
C GLU F 249 5.02 -18.84 16.01
N HIS F 250 5.65 -19.66 15.19
CA HIS F 250 5.37 -21.10 15.25
C HIS F 250 6.55 -21.95 15.63
N GLU F 251 6.55 -22.33 16.91
CA GLU F 251 7.54 -23.20 17.54
C GLU F 251 8.19 -24.28 16.66
N GLU F 252 7.37 -24.98 15.87
CA GLU F 252 7.83 -26.15 15.14
C GLU F 252 8.52 -25.75 13.85
N LYS F 253 8.36 -24.50 13.48
CA LYS F 253 9.09 -23.95 12.35
C LYS F 253 10.55 -23.52 12.72
N ILE F 254 10.92 -23.62 13.99
CA ILE F 254 12.22 -23.16 14.43
C ILE F 254 13.18 -24.29 14.67
N ILE F 255 14.20 -24.44 13.81
CA ILE F 255 15.11 -25.57 13.91
C ILE F 255 16.57 -25.12 14.06
N PHE F 256 17.30 -25.81 14.93
CA PHE F 256 18.62 -25.34 15.33
C PHE F 256 19.63 -25.64 14.25
N ASP F 257 19.52 -26.83 13.67
CA ASP F 257 20.44 -27.19 12.63
C ASP F 257 19.71 -27.37 11.30
N GLU F 258 20.04 -26.51 10.33
CA GLU F 258 19.41 -26.52 9.03
C GLU F 258 20.40 -26.34 7.92
N SER F 259 20.08 -26.95 6.79
CA SER F 259 20.84 -26.75 5.62
C SER F 259 19.87 -26.69 4.44
N PHE F 260 20.22 -25.90 3.42
CA PHE F 260 19.38 -25.69 2.23
C PHE F 260 20.29 -25.41 1.04
N VAL F 261 20.02 -26.01 -0.12
CA VAL F 261 20.70 -25.48 -1.29
C VAL F 261 19.74 -24.46 -1.93
N ARG F 262 20.13 -23.16 -1.90
CA ARG F 262 19.32 -22.11 -2.52
C ARG F 262 19.81 -21.91 -3.94
N GLU F 263 18.89 -21.49 -4.83
CA GLU F 263 19.23 -21.29 -6.23
C GLU F 263 19.01 -19.86 -6.68
N ALA F 264 19.88 -19.33 -7.56
CA ALA F 264 19.54 -18.04 -8.16
C ALA F 264 20.00 -17.88 -9.59
N VAL F 265 19.38 -16.91 -10.25
CA VAL F 265 19.79 -16.54 -11.60
C VAL F 265 20.79 -15.41 -11.50
N ALA F 266 22.00 -15.67 -11.95
CA ALA F 266 23.03 -14.69 -12.07
C ALA F 266 22.69 -13.59 -13.09
N HIS F 267 22.39 -12.38 -12.62
CA HIS F 267 22.42 -11.24 -13.56
C HIS F 267 23.75 -10.85 -14.15
N SER F 268 24.85 -11.50 -13.78
CA SER F 268 26.17 -11.07 -14.30
C SER F 268 27.18 -12.17 -14.23
N SER F 269 28.38 -11.93 -14.74
CA SER F 269 29.39 -12.95 -14.74
C SER F 269 30.62 -12.55 -13.92
N GLY F 270 31.22 -13.53 -13.27
CA GLY F 270 32.46 -13.34 -12.53
C GLY F 270 32.53 -14.17 -11.24
N THR F 271 33.73 -14.19 -10.66
CA THR F 271 34.06 -14.97 -9.45
C THR F 271 33.41 -14.37 -8.18
N ILE F 272 32.77 -15.21 -7.37
CA ILE F 272 32.20 -14.81 -6.07
C ILE F 272 33.24 -14.74 -4.96
N ASP F 273 33.59 -13.52 -4.53
CA ASP F 273 34.78 -13.27 -3.66
C ASP F 273 34.31 -13.24 -2.23
N ALA F 274 33.04 -12.92 -2.07
CA ALA F 274 32.45 -12.82 -0.77
C ALA F 274 30.95 -12.90 -0.97
N LEU F 275 30.26 -13.34 0.07
CA LEU F 275 28.86 -13.22 0.10
C LEU F 275 28.55 -12.23 1.20
N LEU F 276 27.80 -11.19 0.88
CA LEU F 276 27.34 -10.21 1.86
C LEU F 276 26.05 -10.68 2.39
N MET F 277 25.69 -10.23 3.59
CA MET F 277 24.53 -10.76 4.25
C MET F 277 23.91 -9.80 5.26
N TRP F 278 22.61 -9.88 5.41
CA TRP F 278 21.92 -9.09 6.37
C TRP F 278 20.58 -9.65 6.49
N TRP F 279 19.79 -9.07 7.36
CA TRP F 279 18.52 -9.59 7.61
C TRP F 279 17.48 -8.52 7.59
N ASP F 280 16.22 -8.95 7.65
CA ASP F 280 15.11 -8.07 7.92
C ASP F 280 14.04 -8.85 8.63
N ILE F 281 13.28 -8.14 9.43
CA ILE F 281 12.19 -8.68 10.14
C ILE F 281 10.96 -7.85 9.79
N ASP F 282 9.87 -8.58 9.51
CA ASP F 282 8.54 -8.05 9.36
C ASP F 282 7.96 -8.02 10.74
N MET F 283 7.65 -6.83 11.23
CA MET F 283 7.37 -6.70 12.65
C MET F 283 5.99 -7.23 13.09
N ASP F 284 5.09 -7.55 12.15
CA ASP F 284 3.73 -8.07 12.50
C ASP F 284 3.05 -8.91 11.40
N ARG F 285 3.84 -9.62 10.63
CA ARG F 285 3.35 -10.53 9.58
C ARG F 285 2.58 -9.95 8.38
N ASN F 286 2.10 -8.71 8.45
CA ASN F 286 1.72 -8.04 7.21
C ASN F 286 2.97 -7.39 6.61
N GLY F 287 3.17 -7.56 5.31
CA GLY F 287 4.33 -7.01 4.59
C GLY F 287 4.30 -5.50 4.63
N THR F 288 4.31 -4.95 5.83
CA THR F 288 4.08 -3.53 6.05
C THR F 288 5.25 -2.87 6.81
N THR F 289 5.56 -3.36 7.99
CA THR F 289 6.45 -2.64 8.87
C THR F 289 7.67 -3.48 9.26
N PHE F 290 8.80 -3.14 8.64
CA PHE F 290 10.07 -3.87 8.73
C PHE F 290 11.18 -3.14 9.49
N ILE F 291 12.00 -3.88 10.24
CA ILE F 291 13.39 -3.45 10.42
C ILE F 291 14.21 -4.15 9.37
N ASP F 292 14.78 -3.38 8.45
CA ASP F 292 15.48 -3.95 7.34
C ASP F 292 16.93 -3.56 7.52
N MET F 293 17.84 -4.54 7.56
CA MET F 293 19.26 -4.20 7.76
C MET F 293 20.05 -4.09 6.50
N GLY F 294 19.42 -4.00 5.35
CA GLY F 294 20.20 -3.92 4.13
C GLY F 294 20.99 -2.62 4.10
N PRO F 295 22.06 -2.55 3.29
CA PRO F 295 22.92 -1.37 3.46
C PRO F 295 22.41 -0.20 2.59
N LYS F 296 22.82 1.02 2.93
CA LYS F 296 22.38 2.26 2.23
C LYS F 296 22.04 2.12 0.73
N TRP F 297 22.84 1.36 -0.01
CA TRP F 297 22.66 1.19 -1.46
C TRP F 297 21.88 -0.02 -1.88
N LYS F 298 21.03 -0.52 -1.00
CA LYS F 298 20.16 -1.67 -1.25
C LYS F 298 19.11 -1.71 -0.16
N ASN F 299 18.52 -0.57 0.11
CA ASN F 299 17.47 -0.49 1.09
C ASN F 299 16.75 0.80 0.78
N LYS F 300 15.69 0.71 -0.02
CA LYS F 300 15.04 1.93 -0.48
C LYS F 300 14.16 2.54 0.61
N ASN F 301 13.44 1.68 1.31
CA ASN F 301 12.37 2.10 2.20
C ASN F 301 12.66 2.06 3.69
N ASN F 302 13.57 1.20 4.13
CA ASN F 302 13.77 1.07 5.58
C ASN F 302 15.22 1.22 6.06
N TYR F 303 15.96 2.10 5.38
CA TYR F 303 17.31 2.43 5.75
C TYR F 303 17.38 3.43 6.88
N ALA F 304 17.99 3.02 7.97
CA ALA F 304 18.44 3.94 9.01
C ALA F 304 19.84 3.47 9.43
N TRP F 305 20.67 4.37 9.94
CA TRP F 305 22.01 3.97 10.33
C TRP F 305 21.95 3.32 11.68
N ARG F 306 22.64 2.20 11.84
CA ARG F 306 22.95 1.73 13.18
C ARG F 306 24.26 1.01 13.27
N ASP F 307 24.66 0.75 14.51
CA ASP F 307 25.93 0.11 14.72
C ASP F 307 25.79 -1.19 15.52
N HIS F 308 24.94 -1.20 16.53
CA HIS F 308 24.72 -2.43 17.26
C HIS F 308 24.32 -3.57 16.31
N TRP F 309 23.67 -3.25 15.17
CA TRP F 309 23.51 -4.18 14.03
C TRP F 309 24.15 -3.55 12.84
N MET F 310 24.59 -4.39 11.91
CA MET F 310 25.44 -4.03 10.80
C MET F 310 25.23 -5.17 9.78
N GLN F 311 26.03 -5.27 8.72
CA GLN F 311 25.89 -6.38 7.81
C GLN F 311 27.04 -7.32 8.07
N ALA F 312 27.14 -8.40 7.29
CA ALA F 312 28.29 -9.27 7.50
C ALA F 312 28.86 -9.83 6.21
N VAL F 313 30.01 -10.47 6.30
CA VAL F 313 30.57 -11.03 5.09
C VAL F 313 31.10 -12.43 5.28
N TYR F 314 30.76 -13.29 4.33
CA TYR F 314 31.15 -14.64 4.41
C TYR F 314 31.91 -15.04 3.20
N TYR F 315 32.78 -16.00 3.41
CA TYR F 315 33.57 -16.51 2.35
C TYR F 315 33.20 -17.98 2.12
N LEU F 316 33.19 -18.36 0.85
CA LEU F 316 33.04 -19.73 0.44
C LEU F 316 34.41 -20.35 0.64
N PRO F 317 34.46 -21.64 0.98
CA PRO F 317 35.74 -22.27 1.21
C PRO F 317 36.61 -22.42 -0.02
N GLU F 318 36.03 -22.78 -1.18
CA GLU F 318 36.77 -22.90 -2.46
C GLU F 318 36.20 -21.86 -3.40
N LYS F 319 36.94 -21.62 -4.48
CA LYS F 319 36.57 -20.67 -5.51
C LYS F 319 35.30 -21.14 -6.17
N LYS F 320 34.43 -20.17 -6.45
CA LYS F 320 33.27 -20.39 -7.29
C LYS F 320 32.91 -19.19 -8.21
N LYS F 321 32.76 -19.48 -9.51
CA LYS F 321 32.42 -18.53 -10.58
C LYS F 321 30.96 -18.61 -11.02
N VAL F 322 30.35 -17.48 -11.34
CA VAL F 322 28.94 -17.41 -11.68
C VAL F 322 28.73 -16.82 -13.11
N GLU F 323 27.51 -16.88 -13.65
CA GLU F 323 27.29 -16.50 -15.07
C GLU F 323 25.96 -15.84 -15.44
N MET F 324 26.02 -14.80 -16.27
CA MET F 324 24.83 -14.16 -16.82
C MET F 324 24.21 -15.09 -17.88
N ASN F 325 22.89 -15.18 -17.96
CA ASN F 325 22.04 -15.18 -16.79
C ASN F 325 21.72 -16.66 -16.60
N GLN F 326 22.77 -17.47 -16.42
CA GLN F 326 22.62 -18.82 -15.90
C GLN F 326 22.11 -18.87 -14.41
N THR F 327 21.78 -20.09 -14.01
CA THR F 327 21.24 -20.37 -12.69
C THR F 327 22.44 -20.91 -11.92
N PHE F 328 22.51 -20.63 -10.61
CA PHE F 328 23.60 -21.19 -9.81
C PHE F 328 23.12 -21.55 -8.40
N GLU F 329 23.93 -22.35 -7.71
CA GLU F 329 23.53 -22.76 -6.35
C GLU F 329 24.53 -22.39 -5.21
N ILE F 330 23.95 -21.92 -4.11
CA ILE F 330 24.68 -21.77 -2.85
C ILE F 330 24.04 -22.61 -1.74
N VAL F 331 24.83 -23.52 -1.15
CA VAL F 331 24.40 -24.18 0.07
C VAL F 331 24.47 -23.29 1.34
N CYS F 332 23.34 -23.08 1.97
CA CYS F 332 23.34 -22.27 3.12
C CYS F 332 23.01 -23.11 4.34
N ASN F 333 23.81 -22.96 5.39
CA ASN F 333 23.76 -23.78 6.61
C ASN F 333 23.66 -22.92 7.83
N HIS F 334 23.02 -23.43 8.88
CA HIS F 334 23.20 -22.82 10.18
C HIS F 334 23.04 -23.81 11.31
N ASP F 335 23.78 -23.59 12.40
CA ASP F 335 23.51 -24.26 13.67
C ASP F 335 22.76 -23.28 14.48
N GLU F 336 22.73 -23.44 15.78
CA GLU F 336 21.89 -22.59 16.63
C GLU F 336 22.32 -21.15 16.71
N PHE F 337 23.61 -20.90 16.45
CA PHE F 337 24.10 -19.53 16.68
C PHE F 337 24.85 -18.93 15.52
N SER F 338 25.29 -19.78 14.60
CA SER F 338 26.12 -19.39 13.46
C SER F 338 25.53 -19.74 12.07
N LEU F 339 25.84 -18.92 11.08
CA LEU F 339 25.53 -19.23 9.68
C LEU F 339 26.85 -19.52 8.98
N TRP F 340 26.87 -20.33 7.95
CA TRP F 340 27.96 -20.33 7.05
C TRP F 340 27.51 -20.87 5.69
N PHE F 341 28.40 -20.79 4.68
CA PHE F 341 28.01 -21.06 3.31
C PHE F 341 29.01 -21.94 2.62
N SER F 342 28.50 -22.86 1.82
CA SER F 342 29.36 -23.75 1.11
C SER F 342 28.79 -23.94 -0.28
N ASN F 343 29.57 -24.68 -1.06
CA ASN F 343 29.35 -24.99 -2.46
C ASN F 343 28.75 -26.37 -2.55
N VAL F 344 27.83 -26.56 -3.48
CA VAL F 344 27.27 -27.90 -3.75
C VAL F 344 28.33 -28.98 -3.88
N GLY F 345 28.05 -30.14 -3.30
CA GLY F 345 29.01 -31.25 -3.39
C GLY F 345 30.09 -31.18 -2.33
N LYS F 346 30.10 -30.12 -1.53
CA LYS F 346 31.18 -29.93 -0.55
C LYS F 346 30.68 -30.09 0.88
N ASP F 347 31.62 -30.29 1.78
CA ASP F 347 31.29 -30.35 3.19
C ASP F 347 30.30 -29.28 3.68
N LYS F 348 29.21 -29.73 4.26
CA LYS F 348 28.25 -28.84 4.86
C LYS F 348 28.51 -28.49 6.36
N SER F 349 29.60 -28.93 6.96
CA SER F 349 29.72 -28.57 8.36
C SER F 349 30.48 -27.27 8.45
N ARG F 350 30.29 -26.58 9.58
CA ARG F 350 31.04 -25.38 9.89
C ARG F 350 32.51 -25.74 9.81
N SER F 351 33.29 -24.86 9.18
CA SER F 351 34.74 -24.96 9.04
C SER F 351 35.38 -23.80 9.80
N TYR F 352 36.64 -24.02 10.22
CA TYR F 352 37.40 -23.12 11.08
C TYR F 352 38.76 -23.07 10.44
N CYS F 353 39.60 -22.12 10.86
CA CYS F 353 40.93 -21.97 10.27
C CYS F 353 41.68 -23.29 10.43
N VAL F 354 42.11 -23.91 9.36
CA VAL F 354 43.04 -25.07 9.56
C VAL F 354 44.41 -24.67 9.12
N CYS F 355 44.52 -23.43 8.64
CA CYS F 355 45.77 -22.95 8.06
C CYS F 355 46.67 -22.49 9.16
N GLY F 356 46.11 -21.90 10.21
CA GLY F 356 46.93 -21.43 11.31
C GLY F 356 47.08 -19.92 11.33
N LEU F 357 46.72 -19.25 10.24
CA LEU F 357 47.00 -17.82 10.17
C LEU F 357 45.75 -17.00 10.42
N HIS F 358 44.62 -17.47 9.89
CA HIS F 358 43.28 -16.96 10.26
C HIS F 358 43.11 -16.87 11.79
N SER F 359 43.69 -17.86 12.48
CA SER F 359 43.55 -18.01 13.94
C SER F 359 44.30 -16.96 14.74
N MET F 360 45.44 -16.52 14.21
CA MET F 360 46.30 -15.59 14.91
C MET F 360 46.04 -14.13 14.48
N LEU F 361 45.32 -13.89 13.41
CA LEU F 361 45.25 -12.53 12.90
C LEU F 361 43.84 -12.04 12.81
N SER F 362 43.54 -10.83 13.25
CA SER F 362 42.24 -10.26 12.92
C SER F 362 42.02 -10.11 11.35
N ARG F 363 40.76 -9.88 10.95
CA ARG F 363 40.45 -9.63 9.53
C ARG F 363 41.21 -8.40 8.98
N GLN F 364 41.27 -7.31 9.76
CA GLN F 364 42.02 -6.11 9.31
C GLN F 364 43.50 -6.43 9.08
N THR F 365 44.06 -7.32 9.89
CA THR F 365 45.49 -7.58 9.77
C THR F 365 45.81 -8.46 8.61
N VAL F 366 44.96 -9.45 8.38
CA VAL F 366 45.02 -10.15 7.12
C VAL F 366 44.93 -9.14 5.94
N TYR F 367 43.98 -8.18 5.99
CA TYR F 367 43.88 -7.18 4.94
C TYR F 367 45.18 -6.43 4.80
N HIS F 368 45.79 -6.15 5.94
CA HIS F 368 47.02 -5.38 5.99
C HIS F 368 48.15 -6.11 5.31
N VAL F 369 48.31 -7.41 5.57
CA VAL F 369 49.46 -8.10 4.92
C VAL F 369 49.22 -8.26 3.43
N ASN F 370 47.97 -8.51 3.03
CA ASN F 370 47.67 -8.53 1.60
C ASN F 370 47.95 -7.15 0.98
N GLU F 371 47.52 -6.08 1.64
CA GLU F 371 47.80 -4.70 1.17
C GLU F 371 49.30 -4.54 0.94
N MET F 372 50.12 -4.89 1.92
CA MET F 372 51.53 -4.72 1.87
C MET F 372 52.24 -5.57 0.83
N PHE F 373 51.76 -6.79 0.61
CA PHE F 373 52.30 -7.62 -0.47
C PHE F 373 52.07 -7.14 -1.90
N GLU F 374 51.04 -6.32 -2.11
CA GLU F 374 50.74 -5.86 -3.48
C GLU F 374 51.01 -4.34 -3.61
N ASN F 375 51.63 -3.71 -2.61
CA ASN F 375 51.97 -2.28 -2.68
C ASN F 375 53.40 -2.05 -3.22
N GLN F 376 53.51 -1.70 -4.51
CA GLN F 376 54.80 -1.52 -5.16
C GLN F 376 55.58 -0.36 -4.59
N LYS F 377 54.87 0.69 -4.20
CA LYS F 377 55.54 1.79 -3.58
C LYS F 377 56.35 1.23 -2.40
N PHE F 378 55.63 0.71 -1.38
CA PHE F 378 56.22 -0.03 -0.27
C PHE F 378 57.33 -1.03 -0.56
N LYS F 379 57.07 -1.95 -1.49
CA LYS F 379 58.05 -2.94 -1.82
C LYS F 379 59.30 -2.28 -2.35
N ASP F 380 59.20 -1.20 -3.14
CA ASP F 380 60.44 -0.53 -3.63
C ASP F 380 61.24 0.05 -2.46
N GLU F 381 60.57 0.67 -1.48
CA GLU F 381 61.33 1.10 -0.31
C GLU F 381 62.09 -0.06 0.37
N VAL F 382 61.39 -1.17 0.60
CA VAL F 382 61.95 -2.35 1.25
C VAL F 382 63.12 -2.85 0.43
N ASP F 383 62.91 -2.86 -0.90
CA ASP F 383 64.00 -3.20 -1.84
C ASP F 383 65.22 -2.27 -1.71
N LYS F 384 65.01 -0.97 -1.70
CA LYS F 384 66.16 -0.09 -1.64
C LYS F 384 66.91 -0.32 -0.32
N LEU F 385 66.20 -0.53 0.77
CA LEU F 385 66.85 -0.72 2.06
C LEU F 385 67.51 -2.08 2.37
N SER F 386 67.13 -3.16 1.66
CA SER F 386 67.59 -4.54 1.92
C SER F 386 68.64 -5.01 0.95
N LYS F 387 68.69 -4.37 -0.21
CA LYS F 387 69.55 -4.78 -1.33
C LYS F 387 70.92 -5.24 -0.92
N GLY F 388 71.17 -6.56 -1.05
CA GLY F 388 72.49 -7.13 -0.84
C GLY F 388 72.98 -7.03 0.58
N LEU F 389 72.10 -6.75 1.54
CA LEU F 389 72.51 -6.64 2.94
C LEU F 389 71.89 -7.73 3.83
N HIS F 390 72.47 -7.84 5.02
CA HIS F 390 71.90 -8.67 6.07
C HIS F 390 70.86 -7.92 6.83
N VAL F 391 69.58 -8.27 6.66
CA VAL F 391 68.55 -7.61 7.46
C VAL F 391 67.94 -8.46 8.58
N ALA F 392 67.69 -7.77 9.69
CA ALA F 392 66.93 -8.33 10.77
C ALA F 392 65.60 -7.62 10.81
N THR F 393 64.59 -8.36 11.25
CA THR F 393 63.24 -7.94 11.30
C THR F 393 62.81 -8.19 12.75
N VAL F 394 62.12 -7.22 13.35
CA VAL F 394 61.45 -7.40 14.63
C VAL F 394 59.97 -7.18 14.45
N GLY F 395 59.20 -7.78 15.34
CA GLY F 395 57.76 -7.82 15.21
C GLY F 395 57.28 -9.13 15.78
N GLU F 396 55.98 -9.33 15.78
CA GLU F 396 55.39 -10.56 16.20
C GLU F 396 54.26 -10.72 15.21
N GLY F 397 54.37 -11.70 14.35
CA GLY F 397 53.40 -11.80 13.28
C GLY F 397 53.60 -10.84 12.12
N SER F 398 54.78 -10.26 12.03
CA SER F 398 55.03 -9.27 10.98
C SER F 398 55.72 -9.95 9.82
N PHE F 399 55.14 -9.84 8.63
CA PHE F 399 55.62 -10.56 7.47
C PHE F 399 56.69 -9.83 6.68
N LEU F 400 57.21 -8.70 7.19
CA LEU F 400 58.19 -7.86 6.43
C LEU F 400 59.37 -8.63 5.78
N GLY F 401 59.88 -9.54 6.58
CA GLY F 401 61.10 -10.27 6.28
C GLY F 401 60.90 -11.01 5.00
N LEU F 402 59.66 -11.34 4.67
CA LEU F 402 59.52 -12.08 3.41
C LEU F 402 59.55 -11.11 2.25
N LEU F 403 59.12 -9.86 2.42
CA LEU F 403 59.48 -8.81 1.42
C LEU F 403 61.01 -8.50 1.44
N ALA F 404 61.61 -8.30 2.60
CA ALA F 404 63.02 -8.02 2.56
C ALA F 404 63.77 -9.11 1.80
N ALA F 405 63.24 -10.33 1.76
CA ALA F 405 64.07 -11.43 1.24
C ALA F 405 64.20 -11.38 -0.25
N LYS F 406 63.34 -10.58 -0.90
CA LYS F 406 63.37 -10.55 -2.34
C LYS F 406 64.69 -10.03 -2.86
N THR F 407 65.32 -9.14 -2.10
CA THR F 407 66.50 -8.41 -2.50
C THR F 407 67.69 -8.59 -1.55
N ALA F 408 67.41 -8.90 -0.27
CA ALA F 408 68.44 -8.98 0.77
C ALA F 408 69.44 -10.07 0.47
N LYS F 409 70.58 -9.99 1.11
CA LYS F 409 71.55 -11.04 0.95
C LYS F 409 71.18 -12.13 1.92
N ARG F 410 70.76 -11.67 3.12
CA ARG F 410 70.35 -12.49 4.23
C ARG F 410 69.26 -11.80 5.10
N VAL F 411 68.16 -12.49 5.33
CA VAL F 411 67.18 -11.97 6.25
C VAL F 411 67.11 -12.84 7.48
N THR F 412 67.21 -12.19 8.65
CA THR F 412 66.93 -12.86 9.92
C THR F 412 65.70 -12.31 10.57
N ILE F 413 64.62 -13.10 10.50
CA ILE F 413 63.35 -12.80 11.15
C ILE F 413 63.39 -13.17 12.65
N ILE F 414 63.18 -12.21 13.54
CA ILE F 414 63.16 -12.46 14.94
C ILE F 414 61.74 -12.39 15.37
N ASP F 415 61.23 -13.53 15.86
CA ASP F 415 59.82 -13.63 16.22
C ASP F 415 59.60 -14.63 17.36
N GLY F 416 59.05 -14.11 18.45
CA GLY F 416 58.88 -14.85 19.69
C GLY F 416 57.75 -15.89 19.66
N ASN F 417 56.85 -15.81 18.71
CA ASN F 417 55.63 -16.61 18.76
C ASN F 417 55.90 -17.81 17.88
N GLU F 418 55.86 -19.00 18.46
CA GLU F 418 56.08 -20.23 17.73
C GLU F 418 55.12 -20.45 16.55
N ARG F 419 53.85 -20.15 16.74
CA ARG F 419 52.91 -20.34 15.64
C ARG F 419 53.32 -19.49 14.41
N PHE F 420 53.88 -18.30 14.63
CA PHE F 420 54.30 -17.50 13.51
C PHE F 420 55.58 -18.05 12.91
N ARG F 421 56.50 -18.47 13.76
CA ARG F 421 57.72 -19.05 13.22
C ARG F 421 57.32 -20.15 12.23
N ASP F 422 56.37 -20.98 12.60
CA ASP F 422 55.93 -22.07 11.75
C ASP F 422 55.25 -21.56 10.47
N ILE F 423 54.48 -20.49 10.58
CA ILE F 423 53.86 -19.96 9.39
C ILE F 423 54.98 -19.53 8.45
N PHE F 424 55.97 -18.82 8.97
CA PHE F 424 57.09 -18.35 8.19
C PHE F 424 57.92 -19.44 7.57
N PHE F 425 58.25 -20.47 8.36
CA PHE F 425 58.85 -21.68 7.78
C PHE F 425 58.11 -22.28 6.61
N LYS F 426 56.79 -22.27 6.68
CA LYS F 426 56.00 -22.76 5.59
C LYS F 426 56.18 -21.89 4.33
N TYR F 427 56.25 -20.55 4.49
CA TYR F 427 56.57 -19.67 3.38
C TYR F 427 57.91 -19.94 2.79
N ILE F 428 58.89 -20.11 3.66
CA ILE F 428 60.25 -20.25 3.27
C ILE F 428 60.34 -21.49 2.39
N HIS F 429 59.69 -22.56 2.86
CA HIS F 429 59.69 -23.85 2.17
C HIS F 429 58.88 -23.82 0.89
N TYR F 430 57.73 -23.19 0.88
CA TYR F 430 56.87 -23.30 -0.30
C TYR F 430 57.44 -22.59 -1.53
N TYR F 431 58.10 -21.44 -1.29
CA TYR F 431 58.76 -20.60 -2.26
C TYR F 431 60.23 -20.90 -2.26
N LYS F 432 60.67 -21.85 -1.45
CA LYS F 432 62.11 -22.20 -1.41
C LYS F 432 63.02 -20.99 -1.31
N LEU F 433 62.74 -20.08 -0.40
CA LEU F 433 63.66 -18.96 -0.20
C LEU F 433 64.91 -19.46 0.46
N THR F 434 66.05 -19.04 -0.11
CA THR F 434 67.35 -19.60 0.21
C THR F 434 68.13 -18.64 1.11
N ASN F 435 67.49 -17.52 1.43
CA ASN F 435 68.21 -16.44 2.12
C ASN F 435 67.51 -15.91 3.38
N VAL F 436 66.67 -16.75 4.02
CA VAL F 436 65.99 -16.33 5.26
C VAL F 436 66.04 -17.39 6.31
N GLU F 437 66.33 -16.96 7.53
CA GLU F 437 66.37 -17.80 8.73
C GLU F 437 65.54 -17.10 9.79
N ILE F 438 65.00 -17.84 10.75
CA ILE F 438 64.15 -17.31 11.80
C ILE F 438 64.72 -17.75 13.14
N ILE F 439 64.72 -16.86 14.12
CA ILE F 439 65.07 -17.14 15.49
C ILE F 439 64.00 -16.59 16.45
N GLU F 440 64.03 -17.02 17.70
CA GLU F 440 62.97 -16.66 18.65
C GLU F 440 63.21 -15.37 19.44
N LYS F 441 64.46 -15.13 19.82
CA LYS F 441 64.81 -14.05 20.74
C LYS F 441 65.77 -13.08 20.13
N VAL F 442 65.49 -11.80 20.35
CA VAL F 442 66.41 -10.73 19.93
C VAL F 442 67.85 -11.03 20.25
N THR F 443 68.12 -11.52 21.46
CA THR F 443 69.48 -11.84 21.92
C THR F 443 70.14 -13.00 21.20
N SER F 444 69.43 -13.68 20.33
CA SER F 444 70.07 -14.78 19.60
C SER F 444 70.60 -14.30 18.26
N LEU F 445 70.38 -13.03 17.95
CA LEU F 445 70.94 -12.46 16.74
C LEU F 445 72.42 -12.38 17.00
N THR F 446 73.20 -13.22 16.36
CA THR F 446 74.59 -13.17 16.78
C THR F 446 75.53 -12.37 15.91
N ASP F 447 75.46 -12.56 14.59
CA ASP F 447 76.18 -11.71 13.64
C ASP F 447 75.41 -10.41 13.52
N SER F 448 76.10 -9.28 13.71
CA SER F 448 75.50 -7.98 13.46
C SER F 448 74.95 -7.88 12.05
N PRO F 449 73.65 -7.57 11.93
CA PRO F 449 72.94 -7.32 10.66
C PRO F 449 73.34 -5.93 10.21
N ASP F 450 73.13 -5.59 8.94
CA ASP F 450 73.48 -4.28 8.44
C ASP F 450 72.35 -3.33 8.69
N ILE F 451 71.12 -3.88 8.78
CA ILE F 451 69.94 -3.07 9.02
C ILE F 451 68.87 -3.91 9.72
N VAL F 452 68.14 -3.28 10.64
CA VAL F 452 66.86 -3.81 11.10
C VAL F 452 65.66 -3.05 10.57
N LEU F 453 64.79 -3.82 9.93
CA LEU F 453 63.53 -3.33 9.38
C LEU F 453 62.40 -3.85 10.21
N ALA F 454 61.50 -2.95 10.63
CA ALA F 454 60.24 -3.30 11.21
C ALA F 454 59.14 -2.48 10.55
N GLU F 455 57.89 -2.77 10.91
CA GLU F 455 56.73 -1.95 10.49
C GLU F 455 56.47 -0.79 11.46
N PRO F 456 56.40 -1.06 12.76
CA PRO F 456 56.45 -2.26 13.54
C PRO F 456 55.04 -2.81 13.77
N PHE F 457 54.94 -4.13 13.89
CA PHE F 457 53.71 -4.81 14.11
C PHE F 457 53.97 -5.99 15.04
N TYR F 458 53.29 -5.97 16.17
CA TYR F 458 53.31 -7.03 17.16
C TYR F 458 51.84 -7.40 17.39
N MET F 459 51.40 -8.57 16.93
CA MET F 459 50.00 -8.95 17.04
C MET F 459 49.49 -8.83 18.48
N SER F 460 50.36 -9.15 19.43
CA SER F 460 50.11 -8.96 20.85
C SER F 460 49.63 -7.58 21.29
N ALA F 461 50.18 -6.50 20.71
CA ALA F 461 49.77 -5.11 21.02
C ALA F 461 48.34 -5.05 21.60
N MET F 462 48.18 -4.57 22.82
CA MET F 462 46.81 -4.46 23.38
C MET F 462 45.95 -3.40 22.65
N ASN F 463 46.58 -2.32 22.24
CA ASN F 463 45.90 -1.22 21.58
C ASN F 463 46.51 -0.98 20.22
N PRO F 464 45.65 -0.87 19.19
CA PRO F 464 46.06 -0.82 17.79
C PRO F 464 46.89 0.44 17.43
N TRP F 465 46.97 1.38 18.37
CA TRP F 465 47.88 2.51 18.22
C TRP F 465 49.11 2.34 19.08
N ASN F 466 49.29 1.16 19.69
CA ASN F 466 50.49 0.89 20.55
C ASN F 466 51.29 -0.40 20.28
N HIS F 467 52.14 -0.35 19.25
CA HIS F 467 53.06 -1.40 18.86
C HIS F 467 54.45 -1.05 19.30
N LEU F 468 54.55 -0.44 20.49
CA LEU F 468 55.78 0.18 21.00
C LEU F 468 56.83 -0.74 21.63
N ARG F 469 56.48 -2.01 21.80
CA ARG F 469 57.51 -3.02 22.02
C ARG F 469 58.67 -2.86 21.10
N PHE F 470 58.42 -2.27 19.93
CA PHE F 470 59.46 -1.95 18.98
C PHE F 470 60.54 -1.10 19.63
N LEU F 471 60.16 -0.14 20.45
CA LEU F 471 61.17 0.64 21.19
C LEU F 471 62.12 -0.21 22.02
N TYR F 472 61.55 -1.22 22.68
CA TYR F 472 62.31 -2.11 23.54
C TYR F 472 63.25 -3.03 22.78
N ASP F 473 62.75 -3.70 21.74
CA ASP F 473 63.62 -4.51 20.89
C ASP F 473 64.76 -3.70 20.26
N VAL F 474 64.52 -2.43 19.95
CA VAL F 474 65.57 -1.56 19.42
C VAL F 474 66.61 -1.25 20.49
N GLU F 475 66.16 -0.84 21.68
CA GLU F 475 67.08 -0.66 22.77
C GLU F 475 67.98 -1.92 22.92
N VAL F 476 67.40 -3.10 23.09
CA VAL F 476 68.25 -4.30 23.14
C VAL F 476 69.24 -4.41 21.99
N LEU F 477 68.80 -4.22 20.76
CA LEU F 477 69.69 -4.38 19.63
C LEU F 477 70.80 -3.32 19.57
N LYS F 478 70.49 -2.12 19.99
CA LYS F 478 71.43 -1.04 19.90
C LYS F 478 72.45 -1.23 21.04
N MET F 479 71.99 -1.75 22.17
CA MET F 479 72.89 -2.11 23.20
C MET F 479 73.86 -3.25 22.74
N MET F 480 73.32 -4.27 22.09
CA MET F 480 74.14 -5.37 21.68
C MET F 480 74.99 -5.10 20.46
N HIS F 481 74.52 -4.30 19.50
CA HIS F 481 75.20 -4.20 18.17
C HIS F 481 75.65 -2.80 17.75
N GLY F 482 75.33 -1.80 18.52
CA GLY F 482 76.03 -0.59 18.40
C GLY F 482 75.04 0.51 18.21
N ASP F 483 75.46 1.69 18.63
CA ASP F 483 74.69 2.87 18.38
C ASP F 483 74.65 3.10 16.87
N GLU F 484 75.65 2.63 16.14
CA GLU F 484 75.64 2.83 14.70
C GLU F 484 74.71 1.88 13.92
N LEU F 485 73.92 1.06 14.61
CA LEU F 485 73.05 0.13 13.93
C LEU F 485 71.86 0.81 13.23
N ARG F 486 71.75 0.68 11.90
CA ARG F 486 70.63 1.29 11.16
C ARG F 486 69.36 0.58 11.44
N VAL F 487 68.35 1.35 11.86
CA VAL F 487 67.01 0.77 12.02
C VAL F 487 65.91 1.60 11.35
N GLU F 488 64.99 0.89 10.69
CA GLU F 488 63.81 1.57 10.06
C GLU F 488 62.55 0.85 10.50
N PRO F 489 61.54 1.61 10.91
CA PRO F 489 61.50 3.08 10.79
C PRO F 489 62.33 3.88 11.83
N HIS F 490 62.63 5.13 11.51
CA HIS F 490 63.47 5.95 12.40
C HIS F 490 62.74 6.91 13.27
N MET F 491 61.42 7.04 13.09
CA MET F 491 60.63 8.01 13.81
C MET F 491 59.14 7.59 13.85
N GLY F 492 58.50 7.68 15.01
CA GLY F 492 57.09 7.41 15.12
C GLY F 492 56.39 8.57 15.80
N VAL F 493 55.16 8.84 15.38
CA VAL F 493 54.40 9.92 15.94
C VAL F 493 52.96 9.51 16.24
N LEU F 494 52.53 9.76 17.47
CA LEU F 494 51.14 9.63 17.79
C LEU F 494 50.44 10.89 17.26
N LYS F 495 49.39 10.71 16.48
CA LYS F 495 48.65 11.87 15.96
C LYS F 495 47.21 11.82 16.38
N ALA F 496 46.58 13.00 16.46
CA ALA F 496 45.19 13.13 16.81
C ALA F 496 44.55 14.14 15.88
N ILE F 497 43.23 14.15 15.86
CA ILE F 497 42.51 15.01 14.93
C ILE F 497 41.06 15.21 15.39
N PRO F 498 40.54 16.44 15.26
CA PRO F 498 39.12 16.67 15.58
C PRO F 498 38.22 16.18 14.44
N GLU F 499 37.13 15.47 14.78
CA GLU F 499 36.15 15.03 13.75
C GLU F 499 34.68 15.09 14.14
N LYS F 500 33.90 15.48 13.14
CA LYS F 500 32.45 15.51 13.22
C LYS F 500 32.05 14.23 12.51
N PHE F 501 31.60 13.24 13.26
CA PHE F 501 31.16 12.03 12.57
C PHE F 501 29.68 12.19 12.27
N GLU F 502 29.24 11.67 11.12
CA GLU F 502 27.81 11.57 10.86
C GLU F 502 27.14 10.79 11.97
N ASP F 503 27.53 9.53 12.22
CA ASP F 503 26.75 8.76 13.21
C ASP F 503 27.44 8.05 14.34
N LEU F 504 28.75 7.84 14.28
CA LEU F 504 29.42 7.01 15.27
C LEU F 504 29.22 7.43 16.74
N GLN F 505 29.04 8.72 16.96
CA GLN F 505 29.03 9.23 18.31
C GLN F 505 27.78 8.75 19.03
N ASN F 506 26.84 8.19 18.28
CA ASN F 506 25.68 7.61 18.96
C ASN F 506 25.96 6.38 19.81
N ILE F 507 27.10 5.72 19.55
CA ILE F 507 27.41 4.57 20.38
C ILE F 507 27.83 4.97 21.80
N ALA F 508 28.21 6.24 21.99
CA ALA F 508 28.71 6.75 23.27
C ALA F 508 27.89 7.85 23.98
N SER F 509 27.15 8.68 23.23
CA SER F 509 26.32 9.73 23.87
C SER F 509 25.16 9.26 24.74
N ASP F 510 24.71 10.17 25.59
CA ASP F 510 23.70 9.87 26.57
C ASP F 510 22.39 9.50 25.88
N VAL F 511 21.65 8.61 26.51
CA VAL F 511 20.37 8.13 25.98
C VAL F 511 19.25 9.18 26.08
N GLY F 512 19.00 9.68 27.30
CA GLY F 512 18.00 10.73 27.52
C GLY F 512 16.57 10.23 27.59
N THR F 513 15.69 10.93 26.87
CA THR F 513 14.29 10.54 26.72
C THR F 513 14.06 9.87 25.37
N VAL F 514 13.49 8.68 25.41
CA VAL F 514 13.42 7.91 24.19
C VAL F 514 11.97 7.51 23.96
N ASN F 515 11.52 7.71 22.71
CA ASN F 515 10.11 7.59 22.35
C ASN F 515 9.15 8.24 23.37
N GLY F 516 9.58 9.33 23.99
CA GLY F 516 8.78 10.00 25.01
C GLY F 516 8.91 9.38 26.39
N PHE F 517 9.80 8.41 26.54
CA PHE F 517 10.13 7.88 27.88
C PHE F 517 11.52 8.34 28.33
N ASP F 518 11.63 8.62 29.64
CA ASP F 518 12.87 9.12 30.23
C ASP F 518 13.75 8.04 30.88
N LEU F 519 14.99 7.95 30.38
CA LEU F 519 15.82 6.80 30.73
C LEU F 519 17.07 7.25 31.43
N SER F 520 17.14 8.56 31.69
CA SER F 520 18.29 9.21 32.32
C SER F 520 18.85 8.41 33.50
N PHE F 521 17.97 7.72 34.22
CA PHE F 521 18.43 6.84 35.26
C PHE F 521 19.36 5.77 34.69
N PHE F 522 19.12 5.38 33.43
CA PHE F 522 20.04 4.49 32.77
C PHE F 522 21.35 5.21 32.55
N ASP F 523 21.27 6.44 32.05
CA ASP F 523 22.47 7.23 31.78
C ASP F 523 23.39 7.24 32.97
N GLU F 524 22.77 7.31 34.15
CA GLU F 524 23.50 7.37 35.40
C GLU F 524 24.28 6.09 35.62
N ILE F 525 23.57 4.99 35.81
CA ILE F 525 24.24 3.74 36.14
C ILE F 525 25.21 3.32 35.03
N SER F 526 24.94 3.78 33.82
CA SER F 526 25.83 3.52 32.71
C SER F 526 27.07 4.40 32.83
N THR F 527 26.91 5.71 32.77
CA THR F 527 28.03 6.59 32.76
C THR F 527 28.95 6.25 33.94
N LYS F 528 28.35 5.87 35.06
CA LYS F 528 29.14 5.34 36.16
C LYS F 528 29.93 4.08 35.76
N ALA F 529 29.20 3.00 35.45
CA ALA F 529 29.75 1.71 35.00
C ALA F 529 30.83 1.80 33.94
N ARG F 530 30.58 2.66 32.93
CA ARG F 530 31.58 3.02 31.98
C ARG F 530 32.77 3.69 32.61
N THR F 531 32.55 4.60 33.57
CA THR F 531 33.69 5.42 34.05
C THR F 531 34.65 4.57 34.91
N ALA F 532 34.11 3.56 35.57
CA ALA F 532 34.95 2.68 36.35
C ALA F 532 35.64 1.55 35.57
N THR F 533 35.15 1.19 34.37
CA THR F 533 35.63 -0.06 33.74
C THR F 533 36.09 -0.02 32.28
N ASP F 534 35.52 0.91 31.50
CA ASP F 534 35.89 1.14 30.10
C ASP F 534 37.24 1.82 30.02
N ALA F 535 37.89 1.61 28.88
CA ALA F 535 39.04 2.36 28.46
C ALA F 535 38.56 3.77 28.13
N ILE F 536 39.43 4.77 28.26
CA ILE F 536 39.06 6.17 28.01
C ILE F 536 39.01 6.40 26.51
N VAL F 537 39.83 5.67 25.78
CA VAL F 537 39.77 5.72 24.34
C VAL F 537 39.21 4.39 23.83
N ASP F 538 38.35 4.44 22.82
CA ASP F 538 37.73 3.24 22.26
C ASP F 538 38.50 2.91 20.98
N GLU F 539 38.39 1.68 20.47
CA GLU F 539 38.95 1.31 19.14
C GLU F 539 37.84 0.92 18.16
N GLN F 540 37.94 1.41 16.93
CA GLN F 540 36.91 1.23 15.86
C GLN F 540 37.63 1.23 14.54
N SER F 541 37.05 0.54 13.56
CA SER F 541 37.51 0.61 12.17
C SER F 541 36.89 1.83 11.57
N LEU F 542 37.66 2.92 11.55
CA LEU F 542 37.10 4.21 11.17
C LEU F 542 36.80 4.33 9.67
N TRP F 543 37.36 3.46 8.83
CA TRP F 543 36.96 3.46 7.44
C TRP F 543 35.52 3.09 7.27
N GLU F 544 34.89 2.54 8.31
CA GLU F 544 33.50 2.11 8.28
C GLU F 544 32.56 3.12 8.85
N TYR F 545 33.01 4.38 9.05
CA TYR F 545 32.14 5.44 9.63
C TYR F 545 32.42 6.73 8.93
N ALA F 546 31.39 7.55 8.81
CA ALA F 546 31.42 8.70 7.92
C ALA F 546 31.49 9.93 8.77
N GLY F 547 32.22 10.92 8.29
CA GLY F 547 32.31 12.16 9.04
C GLY F 547 33.15 13.17 8.32
N ILE F 548 33.27 14.34 8.94
CA ILE F 548 34.09 15.40 8.44
C ILE F 548 35.09 15.79 9.51
N VAL F 549 36.28 16.07 9.04
CA VAL F 549 37.37 16.49 9.88
C VAL F 549 37.38 18.01 10.05
N LYS F 550 37.48 18.47 11.30
CA LYS F 550 37.25 19.87 11.63
C LYS F 550 38.49 20.72 11.79
N GLY F 551 39.67 20.14 11.64
CA GLY F 551 40.91 20.82 11.93
C GLY F 551 42.02 19.98 11.38
N ASP F 552 43.26 20.32 11.73
CA ASP F 552 44.42 19.58 11.21
C ASP F 552 44.89 18.41 12.04
N ALA F 553 45.54 17.46 11.41
CA ALA F 553 46.22 16.41 12.19
C ALA F 553 47.19 17.07 13.21
N VAL F 554 47.12 16.71 14.49
CA VAL F 554 48.06 17.26 15.47
C VAL F 554 48.98 16.22 16.17
N GLU F 555 50.30 16.47 16.22
CA GLU F 555 51.25 15.54 16.88
C GLU F 555 50.98 15.51 18.37
N ILE F 556 50.81 14.34 18.97
CA ILE F 556 50.78 14.27 20.43
C ILE F 556 52.13 13.82 20.95
N LEU F 557 52.56 12.64 20.54
CA LEU F 557 53.84 12.07 20.96
C LEU F 557 54.72 11.75 19.77
N ARG F 558 56.02 11.77 20.03
CA ARG F 558 57.06 11.48 19.05
C ARG F 558 58.09 10.47 19.60
N PHE F 559 58.59 9.62 18.75
CA PHE F 559 59.55 8.63 19.22
C PHE F 559 60.67 8.63 18.22
N PRO F 560 61.77 9.33 18.52
CA PRO F 560 63.05 9.23 17.81
C PRO F 560 63.44 7.83 18.04
N ILE F 561 63.99 7.20 17.03
CA ILE F 561 64.20 5.80 17.25
C ILE F 561 65.64 5.57 17.46
N ASP F 562 65.98 5.27 18.69
CA ASP F 562 67.36 5.16 19.07
C ASP F 562 67.56 4.17 20.23
N GLY F 563 68.68 4.31 20.91
CA GLY F 563 69.12 3.29 21.83
C GLY F 563 68.37 3.17 23.13
N ARG F 564 67.46 4.08 23.44
CA ARG F 564 66.93 4.07 24.81
C ARG F 564 65.62 4.76 24.98
N VAL F 565 64.82 4.15 25.83
CA VAL F 565 63.44 4.45 25.86
C VAL F 565 63.17 5.21 27.16
N SER F 566 62.40 6.28 27.01
CA SER F 566 62.01 7.03 28.15
C SER F 566 60.56 7.46 28.05
N SER F 567 59.95 7.57 29.20
CA SER F 567 58.68 8.24 29.37
C SER F 567 58.61 9.58 28.64
N GLN F 568 57.47 9.83 28.01
CA GLN F 568 57.22 11.08 27.34
C GLN F 568 55.86 11.48 27.86
N LYS F 569 55.65 12.78 27.99
CA LYS F 569 54.44 13.30 28.61
C LYS F 569 54.14 14.58 27.92
N CYS F 570 52.87 14.78 27.63
CA CYS F 570 52.49 16.00 26.95
C CYS F 570 51.04 16.30 27.21
N VAL F 571 50.74 17.58 27.07
CA VAL F 571 49.42 18.09 27.30
C VAL F 571 49.14 19.02 26.15
N VAL F 572 48.13 18.71 25.36
CA VAL F 572 47.77 19.60 24.29
C VAL F 572 46.31 19.96 24.38
N ASN F 573 45.99 20.98 23.61
CA ASN F 573 44.64 21.41 23.50
C ASN F 573 44.24 21.19 22.05
N ILE F 574 43.04 20.66 21.88
CA ILE F 574 42.55 20.35 20.57
C ILE F 574 41.42 21.31 20.32
N ASP F 575 41.55 22.04 19.23
CA ASP F 575 40.63 23.10 18.88
C ASP F 575 39.61 22.58 17.87
N ASN F 576 38.65 23.43 17.50
CA ASN F 576 37.54 23.03 16.61
C ASN F 576 36.60 22.00 17.23
N MET F 577 36.77 21.72 18.51
CA MET F 577 35.93 20.79 19.22
C MET F 577 34.44 21.13 19.34
N SER F 578 34.08 22.42 19.22
CA SER F 578 32.65 22.83 19.34
C SER F 578 31.78 22.23 18.21
N SER F 579 32.39 22.13 17.04
CA SER F 579 31.80 21.55 15.85
C SER F 579 32.31 20.11 15.53
N SER F 580 32.95 19.46 16.50
CA SER F 580 33.37 18.05 16.39
C SER F 580 32.63 17.21 17.37
N ASN F 581 32.64 15.90 17.21
CA ASN F 581 31.97 15.07 18.22
C ASN F 581 32.82 13.90 18.68
N ALA F 582 34.09 13.93 18.22
CA ALA F 582 35.04 12.82 18.37
C ALA F 582 36.48 13.21 18.12
N ILE F 583 37.38 12.50 18.81
CA ILE F 583 38.82 12.64 18.51
C ILE F 583 39.48 11.31 18.12
N PRO F 584 39.70 11.10 16.83
CA PRO F 584 40.44 9.92 16.40
C PRO F 584 41.93 9.99 16.73
N MET F 585 42.57 8.83 16.92
CA MET F 585 44.02 8.81 17.05
C MET F 585 44.69 7.60 16.40
N TRP F 586 45.90 7.84 15.89
CA TRP F 586 46.64 6.83 15.20
C TRP F 586 48.10 7.15 15.22
N MET F 587 48.86 6.29 14.57
CA MET F 587 50.25 6.41 14.68
C MET F 587 50.87 6.31 13.32
N GLU F 588 51.88 7.11 13.05
CA GLU F 588 52.54 7.06 11.74
C GLU F 588 54.02 6.84 11.90
N TRP F 589 54.64 6.25 10.91
CA TRP F 589 56.02 5.88 11.03
C TRP F 589 56.78 6.29 9.82
N GLU F 590 57.95 6.87 10.00
CA GLU F 590 58.76 7.22 8.87
C GLU F 590 59.69 6.08 8.62
N PHE F 591 59.48 5.42 7.50
CA PHE F 591 60.21 4.24 7.15
C PHE F 591 61.02 4.50 5.93
N GLY F 592 62.33 4.68 6.07
CA GLY F 592 63.15 4.99 4.89
C GLY F 592 62.64 6.34 4.47
N GLY F 593 62.32 6.53 3.19
CA GLY F 593 61.73 7.79 2.71
C GLY F 593 60.22 7.90 2.62
N ILE F 594 59.50 6.83 2.99
CA ILE F 594 58.03 6.89 2.97
C ILE F 594 57.39 6.95 4.36
N ASN F 595 56.13 7.39 4.39
CA ASN F 595 55.38 7.52 5.61
C ASN F 595 54.32 6.45 5.62
N LEU F 596 54.18 5.76 6.75
CA LEU F 596 53.20 4.69 6.91
C LEU F 596 52.28 5.23 7.95
N SER F 597 51.00 5.30 7.66
CA SER F 597 50.04 5.70 8.65
C SER F 597 49.16 4.50 8.99
N THR F 598 48.98 4.25 10.28
CA THR F 598 48.07 3.20 10.72
C THR F 598 46.70 3.78 10.91
N GLY F 599 46.51 5.02 10.49
CA GLY F 599 45.24 5.68 10.67
C GLY F 599 45.02 6.48 9.41
N LEU F 600 44.94 7.80 9.57
CA LEU F 600 44.74 8.76 8.46
C LEU F 600 45.65 8.59 7.28
N LEU F 601 45.09 8.37 6.08
CA LEU F 601 45.88 8.25 4.83
C LEU F 601 45.86 9.53 3.95
N SER F 602 44.81 10.36 4.09
CA SER F 602 44.54 11.52 3.21
C SER F 602 43.24 12.17 3.68
N ILE F 603 43.13 13.49 3.53
CA ILE F 603 41.88 14.23 3.76
C ILE F 603 41.50 14.87 2.46
N SER F 604 40.30 14.59 1.94
CA SER F 604 39.87 15.15 0.66
C SER F 604 39.58 16.63 0.72
N SER F 605 39.40 17.23 -0.46
CA SER F 605 38.97 18.65 -0.58
C SER F 605 37.91 19.03 0.44
N ALA F 606 36.89 18.19 0.59
CA ALA F 606 35.82 18.54 1.50
C ALA F 606 36.17 18.13 2.93
N GLY F 607 37.41 17.66 3.12
CA GLY F 607 37.79 17.14 4.44
C GLY F 607 37.03 15.86 4.79
N VAL F 608 36.91 14.98 3.81
CA VAL F 608 36.55 13.60 4.09
C VAL F 608 37.87 12.85 4.24
N PRO F 609 38.13 12.35 5.45
CA PRO F 609 39.31 11.56 5.80
C PRO F 609 39.23 10.17 5.22
N GLU F 610 40.37 9.62 4.83
CA GLU F 610 40.53 8.24 4.39
C GLU F 610 41.32 7.49 5.51
N TRP F 611 40.76 6.41 6.00
CA TRP F 611 41.28 5.65 7.13
C TRP F 611 41.72 4.28 6.71
N ASN F 612 42.94 3.93 7.09
CA ASN F 612 43.55 2.65 6.78
C ASN F 612 42.68 1.43 7.23
N LYS F 613 42.32 0.57 6.28
CA LYS F 613 41.48 -0.62 6.53
C LYS F 613 42.21 -1.72 7.30
N GLY F 614 43.55 -1.69 7.26
CA GLY F 614 44.34 -2.67 7.95
C GLY F 614 44.48 -2.55 9.45
N TYR F 615 43.84 -1.57 10.06
CA TYR F 615 44.00 -1.34 11.48
C TYR F 615 42.70 -0.79 11.99
N LYS F 616 42.41 -1.03 13.26
CA LYS F 616 41.49 -0.21 14.01
C LYS F 616 42.22 1.06 14.42
N GLN F 617 41.51 2.12 14.83
CA GLN F 617 42.12 3.37 15.32
C GLN F 617 41.57 3.72 16.66
N GLY F 618 42.20 4.61 17.43
CA GLY F 618 41.57 5.07 18.69
C GLY F 618 40.55 6.15 18.38
N VAL F 619 39.51 6.27 19.17
CA VAL F 619 38.66 7.43 19.06
C VAL F 619 38.19 7.71 20.44
N TYR F 620 38.33 8.96 20.83
CA TYR F 620 37.80 9.42 22.08
C TYR F 620 36.53 10.24 21.82
N PHE F 621 35.55 9.97 22.68
CA PHE F 621 34.25 10.64 22.58
C PHE F 621 34.08 11.54 23.77
N PRO F 622 33.93 12.86 23.52
CA PRO F 622 33.78 13.78 24.66
C PRO F 622 32.66 13.30 25.55
N ILE F 623 33.04 13.01 26.79
CA ILE F 623 32.17 12.75 27.92
C ILE F 623 31.20 13.92 28.01
N THR F 624 30.05 13.68 28.64
CA THR F 624 28.89 14.55 28.49
C THR F 624 29.22 15.92 29.07
N ALA F 625 29.86 15.90 30.24
CA ALA F 625 30.20 17.13 30.92
C ALA F 625 31.10 17.98 30.02
N LEU F 626 31.56 17.39 28.93
CA LEU F 626 32.49 18.07 28.04
C LEU F 626 31.93 18.22 26.62
N ARG F 627 30.65 17.86 26.45
CA ARG F 627 30.01 17.75 25.12
C ARG F 627 30.14 19.02 24.26
N ASN F 628 30.25 20.17 24.91
CA ASN F 628 30.11 21.45 24.21
C ASN F 628 31.35 22.32 24.09
N ASP F 629 32.37 22.01 24.87
CA ASP F 629 33.53 22.91 24.96
C ASP F 629 34.13 23.17 23.60
N LYS F 630 34.78 24.30 23.43
CA LYS F 630 35.32 24.73 22.14
C LYS F 630 36.65 24.04 21.84
N SER F 631 37.40 23.75 22.89
CA SER F 631 38.76 23.23 22.89
C SER F 631 38.87 22.24 24.03
N LEU F 632 39.69 21.20 23.83
CA LEU F 632 39.94 20.20 24.88
C LEU F 632 41.42 19.97 25.17
N CYS F 633 41.66 19.70 26.44
CA CYS F 633 42.98 19.37 26.94
C CYS F 633 43.20 17.86 26.89
N LEU F 634 44.06 17.42 25.98
CA LEU F 634 44.46 16.04 25.95
C LEU F 634 45.75 15.88 26.78
N HIS F 635 45.66 15.18 27.91
CA HIS F 635 46.86 14.71 28.62
C HIS F 635 47.27 13.35 28.07
N ALA F 636 48.51 13.24 27.65
CA ALA F 636 49.05 12.01 27.05
C ALA F 636 50.32 11.46 27.73
N LEU F 637 50.27 10.24 28.25
CA LEU F 637 51.43 9.67 28.98
C LEU F 637 52.00 8.32 28.52
N PHE F 638 53.23 8.32 28.01
CA PHE F 638 53.91 7.07 27.71
C PHE F 638 54.77 6.59 28.88
N ASP F 639 54.29 5.59 29.60
CA ASP F 639 55.08 5.02 30.68
C ASP F 639 56.16 3.98 30.26
N LYS F 640 57.41 4.39 30.17
CA LYS F 640 58.57 3.44 30.00
C LYS F 640 58.57 2.06 30.80
N SER F 641 58.02 2.02 32.00
CA SER F 641 57.82 0.78 32.77
C SER F 641 56.85 -0.23 32.17
N THR F 642 55.88 0.24 31.37
CA THR F 642 54.78 -0.61 30.91
C THR F 642 54.73 -0.59 29.41
N GLY F 643 55.27 0.47 28.82
CA GLY F 643 55.17 0.68 27.39
C GLY F 643 53.76 1.02 26.94
N ASP F 644 52.86 1.30 27.90
CA ASP F 644 51.47 1.76 27.65
C ASP F 644 51.41 3.27 27.49
N ILE F 645 50.53 3.75 26.63
CA ILE F 645 50.20 5.17 26.62
C ILE F 645 48.96 5.34 27.52
N ASN F 646 48.82 6.49 28.16
CA ASN F 646 47.61 6.78 28.95
C ASN F 646 47.06 8.13 28.58
N PHE F 647 45.75 8.20 28.45
CA PHE F 647 45.15 9.46 28.06
C PHE F 647 44.21 9.99 29.12
N GLN F 648 44.19 11.29 29.30
CA GLN F 648 43.16 11.95 30.09
C GLN F 648 42.73 13.05 29.18
N PHE F 649 41.44 13.33 29.21
CA PHE F 649 40.87 14.44 28.44
C PHE F 649 40.07 15.29 29.41
N GLY F 650 40.32 16.59 29.40
CA GLY F 650 39.51 17.57 30.17
C GLY F 650 39.44 18.93 29.49
N LYS F 651 38.98 19.93 30.21
CA LYS F 651 38.77 21.28 29.65
C LYS F 651 40.01 22.14 29.30
N SER F 652 40.86 22.45 30.28
CA SER F 652 42.05 23.29 29.98
C SER F 652 43.12 23.37 31.09
N MET G 9 2.57 0.00 -93.52
CA MET G 9 2.46 -1.44 -93.91
C MET G 9 1.45 -2.24 -93.10
N PHE G 10 0.44 -2.78 -93.80
CA PHE G 10 -0.67 -3.44 -93.16
C PHE G 10 -0.74 -4.89 -93.55
N LEU G 11 -0.75 -5.73 -92.52
CA LEU G 11 -0.82 -7.16 -92.67
C LEU G 11 -2.28 -7.58 -92.55
N GLU G 12 -2.75 -8.30 -93.57
CA GLU G 12 -4.15 -8.73 -93.68
C GLU G 12 -4.48 -10.00 -92.87
N LYS G 13 -5.59 -9.96 -92.14
CA LYS G 13 -6.15 -11.15 -91.48
C LYS G 13 -7.68 -11.21 -91.61
N ILE G 14 -8.26 -12.35 -91.27
CA ILE G 14 -9.70 -12.56 -91.36
C ILE G 14 -10.27 -12.65 -89.95
N ASN G 15 -11.17 -11.74 -89.60
CA ASN G 15 -11.92 -11.83 -88.35
C ASN G 15 -12.72 -13.14 -88.20
N GLN G 16 -12.22 -14.04 -87.37
CA GLN G 16 -12.80 -15.35 -87.19
C GLN G 16 -14.22 -15.42 -86.60
N LYS G 17 -14.77 -14.31 -86.14
CA LYS G 17 -16.10 -14.37 -85.56
C LYS G 17 -17.11 -13.89 -86.56
N THR G 18 -16.73 -12.88 -87.32
CA THR G 18 -17.63 -12.30 -88.28
C THR G 18 -17.23 -12.57 -89.71
N GLY G 19 -16.06 -13.16 -89.95
CA GLY G 19 -15.56 -13.35 -91.32
C GLY G 19 -15.16 -12.10 -92.10
N GLU G 20 -15.19 -10.94 -91.46
CA GLU G 20 -14.71 -9.72 -92.15
C GLU G 20 -13.17 -9.62 -92.30
N ARG G 21 -12.73 -8.93 -93.35
CA ARG G 21 -11.34 -8.81 -93.72
C ARG G 21 -10.76 -7.63 -92.97
N GLU G 22 -9.73 -7.89 -92.18
CA GLU G 22 -9.17 -6.88 -91.31
C GLU G 22 -7.66 -6.68 -91.52
N TRP G 23 -7.08 -5.72 -90.78
CA TRP G 23 -5.67 -5.36 -90.84
C TRP G 23 -5.06 -5.08 -89.51
N VAL G 24 -3.73 -5.13 -89.51
CA VAL G 24 -2.92 -4.94 -88.36
C VAL G 24 -1.53 -4.47 -88.81
N VAL G 25 -0.81 -3.79 -87.92
CA VAL G 25 0.57 -3.37 -88.20
C VAL G 25 1.47 -3.86 -87.11
N ALA G 26 2.77 -3.94 -87.38
CA ALA G 26 3.77 -4.36 -86.41
C ALA G 26 3.98 -3.31 -85.33
N GLU G 27 4.47 -3.69 -84.17
CA GLU G 27 4.68 -2.69 -83.17
C GLU G 27 5.48 -1.44 -83.61
N GLU G 28 6.57 -1.58 -84.37
CA GLU G 28 7.31 -0.35 -84.74
C GLU G 28 6.44 0.68 -85.44
N ASP G 29 5.31 0.20 -85.99
CA ASP G 29 4.41 0.96 -86.87
C ASP G 29 3.09 1.40 -86.18
N TYR G 30 2.95 1.12 -84.90
CA TYR G 30 1.67 1.36 -84.24
C TYR G 30 1.38 2.84 -84.09
N ASP G 31 2.32 3.58 -83.49
CA ASP G 31 2.13 5.03 -83.29
C ASP G 31 1.82 5.73 -84.58
N MET G 32 2.56 5.36 -85.61
CA MET G 32 2.41 5.93 -86.94
C MET G 32 1.03 5.57 -87.45
N ALA G 33 0.57 4.35 -87.13
CA ALA G 33 -0.74 3.88 -87.63
C ALA G 33 -1.90 4.67 -87.00
N GLN G 34 -1.87 4.81 -85.68
CA GLN G 34 -2.81 5.63 -84.92
C GLN G 34 -2.86 7.05 -85.48
N GLU G 35 -1.71 7.75 -85.43
CA GLU G 35 -1.64 9.09 -85.98
C GLU G 35 -2.32 9.16 -87.33
N LEU G 36 -2.07 8.15 -88.17
CA LEU G 36 -2.61 8.10 -89.54
C LEU G 36 -4.12 7.82 -89.63
N ALA G 37 -4.67 7.19 -88.58
CA ALA G 37 -6.10 6.92 -88.43
C ALA G 37 -6.81 8.23 -88.21
N ARG G 38 -6.22 9.07 -87.35
CA ARG G 38 -6.70 10.42 -87.13
C ARG G 38 -6.73 11.34 -88.35
N SER G 39 -5.98 11.01 -89.39
CA SER G 39 -5.67 12.02 -90.40
C SER G 39 -6.89 12.52 -91.16
N ARG G 40 -7.98 11.79 -91.08
CA ARG G 40 -9.23 12.31 -91.61
C ARG G 40 -9.87 13.46 -90.83
N PHE G 41 -9.50 13.63 -89.57
CA PHE G 41 -10.16 14.58 -88.65
C PHE G 41 -11.68 14.54 -88.74
N GLY G 42 -12.27 13.42 -88.38
CA GLY G 42 -13.71 13.23 -88.55
C GLY G 42 -14.31 13.65 -89.88
N ASP G 43 -15.21 14.65 -89.84
CA ASP G 43 -15.95 15.10 -91.01
C ASP G 43 -15.16 16.01 -91.89
N MET G 44 -13.99 16.46 -91.43
CA MET G 44 -13.21 17.47 -92.17
C MET G 44 -13.40 17.39 -93.69
N ILE G 45 -13.16 16.21 -94.22
CA ILE G 45 -13.14 16.00 -95.66
C ILE G 45 -14.51 16.05 -96.32
N LEU G 46 -15.54 15.59 -95.60
CA LEU G 46 -16.94 15.70 -96.04
C LEU G 46 -17.61 17.01 -95.62
N ASP G 47 -16.85 17.91 -95.02
CA ASP G 47 -17.42 19.17 -94.70
C ASP G 47 -17.40 19.94 -96.01
N PHE G 48 -18.39 19.63 -96.84
CA PHE G 48 -18.50 20.20 -98.18
C PHE G 48 -18.44 21.74 -98.17
N ASP G 49 -19.08 22.41 -97.20
CA ASP G 49 -18.98 23.88 -97.09
C ASP G 49 -17.55 24.35 -96.95
N ARG G 50 -16.79 23.75 -96.03
CA ARG G 50 -15.34 24.03 -95.91
C ARG G 50 -14.63 24.01 -97.27
N ASN G 51 -14.82 22.90 -97.99
CA ASN G 51 -14.16 22.68 -99.27
C ASN G 51 -14.55 23.80 -100.22
N ASP G 52 -15.81 23.79 -100.65
CA ASP G 52 -16.38 24.83 -101.49
C ASP G 52 -15.92 26.25 -101.14
N LYS G 53 -15.81 26.57 -99.85
CA LYS G 53 -15.36 27.86 -99.40
C LYS G 53 -13.89 28.09 -99.71
N PHE G 54 -13.07 27.04 -99.61
CA PHE G 54 -11.65 27.13 -100.03
C PHE G 54 -11.55 27.16 -101.56
N LEU G 55 -12.29 26.29 -102.21
CA LEU G 55 -12.40 26.31 -103.65
C LEU G 55 -12.69 27.72 -104.14
N ALA G 56 -13.72 28.34 -103.57
CA ALA G 56 -14.08 29.72 -103.93
C ALA G 56 -12.97 30.71 -103.57
N GLY G 57 -12.45 30.64 -102.36
CA GLY G 57 -11.34 31.50 -101.95
C GLY G 57 -10.24 31.49 -102.97
N LEU G 58 -9.90 30.30 -103.45
CA LEU G 58 -8.89 30.12 -104.50
C LEU G 58 -9.26 30.85 -105.79
N LYS G 59 -10.34 30.41 -106.43
CA LYS G 59 -10.83 30.98 -107.69
C LYS G 59 -10.64 32.50 -107.84
N THR G 60 -10.99 33.29 -106.82
CA THR G 60 -10.82 34.74 -106.88
C THR G 60 -9.36 35.17 -106.69
N THR G 61 -8.58 34.36 -105.98
CA THR G 61 -7.16 34.70 -105.80
C THR G 61 -6.35 34.31 -107.02
N ILE G 62 -6.48 33.05 -107.44
CA ILE G 62 -5.81 32.58 -108.65
C ILE G 62 -6.16 33.55 -109.78
N ALA G 63 -7.46 33.78 -109.97
CA ALA G 63 -7.96 34.65 -111.03
C ALA G 63 -7.37 36.06 -110.93
N GLU G 64 -7.21 36.56 -109.70
CA GLU G 64 -6.65 37.88 -109.47
C GLU G 64 -5.17 37.90 -109.79
N LYS G 65 -4.45 36.91 -109.25
CA LYS G 65 -3.05 36.75 -109.55
C LYS G 65 -2.83 36.44 -111.05
N LYS G 66 -3.89 36.60 -111.84
CA LYS G 66 -3.81 36.57 -113.30
C LYS G 66 -3.76 38.02 -113.83
N HIS G 67 -3.47 38.96 -112.92
CA HIS G 67 -3.26 40.38 -113.24
C HIS G 67 -1.97 40.92 -112.67
N GLU G 68 -0.86 40.40 -113.20
CA GLU G 68 0.51 40.69 -112.73
C GLU G 68 1.49 40.99 -113.88
N VAL G 74 1.68 31.94 -111.67
CA VAL G 74 0.74 31.58 -110.61
C VAL G 74 1.21 30.33 -109.82
N HIS G 75 1.92 30.60 -108.72
CA HIS G 75 2.54 29.56 -107.89
C HIS G 75 1.91 29.47 -106.53
N VAL G 76 1.00 28.50 -106.40
CA VAL G 76 0.27 28.19 -105.17
C VAL G 76 1.10 27.38 -104.17
N LEU G 77 1.17 27.86 -102.93
CA LEU G 77 1.68 27.04 -101.84
C LEU G 77 0.53 26.54 -100.92
N ASP G 78 0.23 25.24 -101.01
CA ASP G 78 -0.68 24.52 -100.10
C ASP G 78 0.07 23.88 -98.93
N ILE G 79 0.06 24.54 -97.77
CA ILE G 79 0.60 23.98 -96.55
C ILE G 79 -0.44 23.04 -95.90
N GLY G 80 0.05 21.93 -95.37
CA GLY G 80 -0.75 20.96 -94.66
C GLY G 80 -1.80 20.36 -95.57
N THR G 81 -1.36 19.63 -96.57
CA THR G 81 -2.25 19.25 -97.64
C THR G 81 -2.95 17.92 -97.41
N GLY G 82 -2.62 17.24 -96.32
CA GLY G 82 -3.22 15.93 -96.01
C GLY G 82 -3.35 15.05 -97.24
N THR G 83 -4.57 14.78 -97.67
CA THR G 83 -4.85 14.03 -98.89
C THR G 83 -4.25 14.63 -100.16
N GLY G 84 -4.03 15.94 -100.15
CA GLY G 84 -3.70 16.69 -101.36
C GLY G 84 -4.90 17.44 -101.93
N LEU G 85 -6.05 17.33 -101.28
CA LEU G 85 -7.30 17.90 -101.77
C LEU G 85 -7.22 19.37 -102.24
N LEU G 86 -6.48 20.22 -101.52
CA LEU G 86 -6.51 21.64 -101.81
C LEU G 86 -5.72 21.98 -103.08
N SER G 87 -4.58 21.32 -103.22
CA SER G 87 -3.74 21.46 -104.39
C SER G 87 -4.50 20.99 -105.59
N LEU G 88 -5.19 19.86 -105.47
CA LEU G 88 -6.06 19.36 -106.55
C LEU G 88 -7.03 20.40 -107.06
N MET G 89 -7.53 21.24 -106.15
CA MET G 89 -8.37 22.40 -106.52
C MET G 89 -7.56 23.51 -107.17
N ALA G 90 -6.49 23.94 -106.48
CA ALA G 90 -5.58 24.95 -106.98
C ALA G 90 -5.31 24.70 -108.47
N ALA G 91 -4.58 23.63 -108.76
CA ALA G 91 -4.20 23.32 -110.13
C ALA G 91 -5.37 22.90 -111.00
N ARG G 92 -6.55 22.69 -110.40
CA ARG G 92 -7.73 22.41 -111.21
C ARG G 92 -7.84 23.49 -112.25
N GLU G 93 -8.17 24.71 -111.79
CA GLU G 93 -8.25 25.86 -112.69
C GLU G 93 -7.12 26.86 -112.41
N GLY G 94 -6.37 27.20 -113.46
CA GLY G 94 -5.25 28.13 -113.35
C GLY G 94 -4.04 27.46 -112.72
N ALA G 95 -3.63 27.97 -111.56
CA ALA G 95 -2.40 27.57 -110.86
C ALA G 95 -1.36 26.87 -111.73
N ASP G 96 -0.42 27.66 -112.22
CA ASP G 96 0.64 27.18 -113.08
C ASP G 96 1.54 26.19 -112.34
N LYS G 97 1.99 26.57 -111.15
CA LYS G 97 2.68 25.62 -110.27
C LYS G 97 2.02 25.56 -108.87
N VAL G 98 2.13 24.40 -108.21
CA VAL G 98 1.54 24.11 -106.89
C VAL G 98 2.50 23.21 -106.08
N THR G 99 3.18 23.77 -105.08
CA THR G 99 3.93 22.92 -104.15
C THR G 99 3.08 22.68 -102.92
N ALA G 100 3.01 21.40 -102.51
CA ALA G 100 2.18 20.99 -101.38
C ALA G 100 3.03 20.46 -100.23
N LEU G 101 2.99 21.11 -99.07
CA LEU G 101 3.64 20.54 -97.89
C LEU G 101 2.71 19.69 -97.00
N GLU G 102 3.33 18.85 -96.18
CA GLU G 102 2.66 17.97 -95.22
C GLU G 102 3.73 17.33 -94.35
N VAL G 103 3.66 17.56 -93.05
CA VAL G 103 4.72 17.10 -92.19
C VAL G 103 4.58 15.66 -91.74
N PHE G 104 3.45 15.03 -92.06
CA PHE G 104 3.24 13.68 -91.64
C PHE G 104 3.53 12.85 -92.86
N LYS G 105 4.75 12.30 -92.90
CA LYS G 105 5.30 11.60 -94.07
C LYS G 105 4.30 10.64 -94.70
N PRO G 106 3.66 9.79 -93.85
CA PRO G 106 2.69 8.88 -94.42
C PRO G 106 1.58 9.63 -95.14
N MET G 107 1.13 10.77 -94.61
CA MET G 107 0.14 11.58 -95.38
C MET G 107 0.83 12.20 -96.57
N GLY G 108 2.10 12.54 -96.37
CA GLY G 108 2.98 13.02 -97.45
C GLY G 108 2.96 12.11 -98.66
N ASP G 109 3.17 10.81 -98.44
CA ASP G 109 3.06 9.81 -99.52
C ASP G 109 1.66 9.74 -100.14
N CYS G 110 0.65 10.07 -99.33
CA CYS G 110 -0.71 9.99 -99.79
C CYS G 110 -1.03 11.16 -100.68
N ALA G 111 -0.56 12.35 -100.28
CA ALA G 111 -0.73 13.53 -101.11
C ALA G 111 -0.31 13.19 -102.54
N ARG G 112 0.99 12.91 -102.72
CA ARG G 112 1.53 12.67 -104.08
C ARG G 112 0.97 11.45 -104.82
N HIS G 113 0.67 10.37 -104.11
CA HIS G 113 0.07 9.21 -104.77
C HIS G 113 -1.24 9.53 -105.40
N ILE G 114 -1.98 10.45 -104.80
CA ILE G 114 -3.26 10.89 -105.37
C ILE G 114 -3.05 11.93 -106.49
N THR G 115 -2.03 12.79 -106.31
CA THR G 115 -1.77 13.93 -107.22
C THR G 115 -1.28 13.51 -108.61
N SER G 116 -0.25 12.67 -108.64
CA SER G 116 -0.07 11.77 -109.76
C SER G 116 -1.24 10.80 -109.69
N ASN G 117 -1.59 10.14 -110.78
CA ASN G 117 -2.77 9.25 -110.83
C ASN G 117 -4.04 10.08 -111.05
N SER G 118 -3.82 11.35 -111.34
CA SER G 118 -4.89 12.28 -111.64
C SER G 118 -4.41 13.22 -112.76
N PRO G 119 -5.35 13.90 -113.46
CA PRO G 119 -5.12 14.85 -114.56
C PRO G 119 -4.21 16.06 -114.29
N TRP G 120 -3.66 16.17 -113.09
CA TRP G 120 -2.79 17.30 -112.77
C TRP G 120 -1.44 16.84 -112.29
N SER G 121 -1.21 15.53 -112.37
CA SER G 121 0.08 14.92 -112.05
C SER G 121 1.27 15.87 -112.08
N ASP G 122 1.60 16.36 -113.27
CA ASP G 122 2.79 17.20 -113.49
C ASP G 122 2.57 18.70 -113.18
N LYS G 123 1.33 19.13 -112.99
CA LYS G 123 1.05 20.49 -112.50
C LYS G 123 1.35 20.67 -110.99
N ILE G 124 1.22 19.60 -110.22
CA ILE G 124 1.41 19.67 -108.77
C ILE G 124 2.64 18.87 -108.34
N THR G 125 3.21 19.26 -107.20
CA THR G 125 4.39 18.59 -106.65
C THR G 125 4.44 18.65 -105.11
N VAL G 126 4.69 17.49 -104.47
CA VAL G 126 4.55 17.26 -103.01
C VAL G 126 5.86 17.07 -102.18
N ILE G 127 5.85 17.55 -100.93
CA ILE G 127 7.06 17.60 -100.08
C ILE G 127 6.72 17.21 -98.64
N SER G 128 7.49 16.29 -98.07
CA SER G 128 7.15 15.64 -96.79
C SER G 128 7.81 16.29 -95.55
N GLU G 129 7.66 17.61 -95.46
CA GLU G 129 8.22 18.42 -94.36
C GLU G 129 7.19 19.36 -93.70
N ARG G 130 7.45 19.75 -92.45
CA ARG G 130 6.74 20.89 -91.88
C ARG G 130 7.21 22.12 -92.60
N SER G 131 6.28 22.96 -93.02
CA SER G 131 6.62 24.27 -93.62
C SER G 131 7.64 25.04 -92.80
N THR G 132 7.43 25.06 -91.48
CA THR G 132 8.18 25.84 -90.52
C THR G 132 9.70 25.61 -90.55
N ASP G 133 10.10 24.48 -91.13
CA ASP G 133 11.52 24.14 -91.18
C ASP G 133 12.12 24.62 -92.48
N VAL G 134 11.38 24.40 -93.56
CA VAL G 134 11.83 24.63 -94.93
C VAL G 134 12.46 26.01 -95.16
N SER G 135 13.72 25.98 -95.62
CA SER G 135 14.42 27.15 -96.10
C SER G 135 13.63 27.77 -97.27
N GLN G 136 13.39 26.98 -98.33
CA GLN G 136 12.49 27.34 -99.44
C GLN G 136 12.51 26.32 -100.59
N SER G 140 11.85 30.09 -106.91
CA SER G 140 10.52 30.70 -106.88
C SER G 140 10.06 31.00 -105.44
N ARG G 141 8.96 31.75 -105.31
CA ARG G 141 8.23 31.88 -104.03
C ARG G 141 6.72 31.80 -104.31
N ALA G 142 5.92 31.58 -103.26
CA ALA G 142 4.48 31.47 -103.44
C ALA G 142 3.84 32.82 -103.77
N ASP G 143 3.03 32.83 -104.84
CA ASP G 143 2.18 33.98 -105.20
C ASP G 143 0.87 33.96 -104.40
N ILE G 144 0.50 32.76 -103.93
CA ILE G 144 -0.72 32.50 -103.14
C ILE G 144 -0.46 31.38 -102.11
N ILE G 145 -0.76 31.67 -100.83
CA ILE G 145 -0.76 30.65 -99.79
C ILE G 145 -2.16 30.10 -99.52
N VAL G 146 -2.28 28.76 -99.54
CA VAL G 146 -3.51 28.10 -99.12
C VAL G 146 -3.20 27.15 -97.96
N ALA G 147 -4.00 27.26 -96.89
CA ALA G 147 -3.82 26.43 -95.70
C ALA G 147 -5.13 26.26 -94.89
N GLU G 148 -5.42 25.03 -94.45
CA GLU G 148 -6.26 24.87 -93.27
C GLU G 148 -5.62 24.01 -92.19
N VAL G 149 -5.37 24.72 -91.11
CA VAL G 149 -4.42 24.40 -90.12
C VAL G 149 -5.12 24.96 -88.86
N PHE G 150 -6.45 24.79 -88.90
CA PHE G 150 -7.34 25.39 -87.91
C PHE G 150 -8.07 24.36 -87.04
N ASP G 151 -8.14 24.66 -85.76
CA ASP G 151 -8.99 23.88 -84.88
C ASP G 151 -10.14 24.76 -84.39
N THR G 152 -10.94 24.22 -83.48
CA THR G 152 -12.08 24.94 -82.95
C THR G 152 -11.56 26.27 -82.40
N GLU G 153 -10.48 26.21 -81.64
CA GLU G 153 -9.94 27.37 -80.92
C GLU G 153 -9.18 28.27 -81.92
N LEU G 154 -9.38 28.03 -83.21
CA LEU G 154 -8.65 28.75 -84.30
C LEU G 154 -7.15 28.50 -84.44
N ILE G 155 -6.39 28.69 -83.35
CA ILE G 155 -4.92 28.71 -83.44
C ILE G 155 -4.17 27.48 -82.93
N GLY G 156 -4.87 26.53 -82.33
CA GLY G 156 -4.23 25.43 -81.60
C GLY G 156 -3.51 24.37 -82.44
N GLU G 157 -3.83 24.28 -83.71
CA GLU G 157 -3.01 23.47 -84.61
C GLU G 157 -1.73 24.25 -85.03
N GLY G 158 -1.45 25.34 -84.32
CA GLY G 158 -0.25 26.16 -84.52
C GLY G 158 -0.34 26.93 -85.82
N ALA G 159 -1.44 27.67 -85.97
CA ALA G 159 -1.83 28.23 -87.26
C ALA G 159 -1.11 29.51 -87.49
N LEU G 160 -0.59 30.09 -86.42
CA LEU G 160 -0.03 31.39 -86.50
C LEU G 160 1.37 31.36 -87.15
N ARG G 161 2.30 30.70 -86.46
CA ARG G 161 3.68 30.55 -86.91
C ARG G 161 3.69 30.05 -88.35
N THR G 162 3.01 28.92 -88.54
CA THR G 162 2.82 28.34 -89.85
C THR G 162 2.63 29.43 -90.90
N PHE G 163 1.67 30.33 -90.64
CA PHE G 163 1.35 31.45 -91.54
C PHE G 163 2.40 32.58 -91.53
N LYS G 164 2.76 33.05 -90.34
CA LYS G 164 3.73 34.12 -90.16
C LYS G 164 5.04 33.85 -90.97
N GLU G 165 5.56 32.65 -90.76
CA GLU G 165 6.83 32.22 -91.31
C GLU G 165 6.73 31.81 -92.76
N ALA G 166 5.58 31.35 -93.23
CA ALA G 166 5.39 31.11 -94.67
C ALA G 166 5.56 32.40 -95.46
N LEU G 167 5.29 33.51 -94.78
CA LEU G 167 5.42 34.80 -95.44
C LEU G 167 6.85 35.29 -95.41
N GLU G 168 7.53 35.08 -94.27
CA GLU G 168 8.93 35.46 -94.13
C GLU G 168 9.86 34.66 -95.05
N ARG G 169 9.67 33.34 -95.11
CA ARG G 169 10.61 32.49 -95.80
C ARG G 169 10.13 32.13 -97.21
N LEU G 170 8.82 32.11 -97.44
CA LEU G 170 8.35 31.36 -98.61
C LEU G 170 7.47 32.03 -99.67
N ALA G 171 7.11 33.31 -99.51
CA ALA G 171 6.19 33.90 -100.50
C ALA G 171 6.66 35.27 -101.02
N LYS G 172 6.16 35.66 -102.20
CA LYS G 172 6.51 36.96 -102.86
C LYS G 172 5.73 38.13 -102.22
N PRO G 173 6.41 39.25 -101.91
CA PRO G 173 5.65 40.32 -101.26
C PRO G 173 4.39 40.64 -102.06
N GLY G 174 3.29 40.93 -101.36
CA GLY G 174 1.97 41.02 -101.98
C GLY G 174 1.34 39.67 -102.31
N CYS G 175 1.82 38.60 -101.69
CA CYS G 175 1.24 37.24 -101.77
C CYS G 175 -0.11 37.23 -101.06
N ARG G 176 -1.05 36.50 -101.67
CA ARG G 176 -2.38 36.28 -101.15
C ARG G 176 -2.44 34.99 -100.33
N VAL G 177 -3.45 34.94 -99.47
CA VAL G 177 -3.67 33.83 -98.57
C VAL G 177 -5.17 33.51 -98.52
N VAL G 178 -5.51 32.30 -98.93
CA VAL G 178 -6.84 31.76 -98.74
C VAL G 178 -6.66 30.85 -97.55
N PRO G 179 -7.21 31.23 -96.40
CA PRO G 179 -8.07 32.39 -96.12
C PRO G 179 -7.27 33.65 -95.67
N SER G 180 -7.83 34.86 -95.85
CA SER G 180 -7.07 36.11 -95.59
C SER G 180 -7.28 36.70 -94.19
N THR G 181 -8.55 36.72 -93.78
CA THR G 181 -8.99 37.40 -92.54
C THR G 181 -9.69 36.43 -91.62
N GLY G 182 -9.68 36.76 -90.33
CA GLY G 182 -10.51 36.08 -89.35
C GLY G 182 -10.80 36.91 -88.13
N ASN G 183 -11.87 36.53 -87.41
CA ASN G 183 -12.27 37.09 -86.11
C ASN G 183 -12.62 35.96 -85.15
N VAL G 184 -12.26 36.10 -83.87
CA VAL G 184 -12.84 35.23 -82.87
C VAL G 184 -13.70 36.10 -81.96
N TYR G 185 -14.90 35.61 -81.65
CA TYR G 185 -15.87 36.33 -80.84
C TYR G 185 -16.10 35.63 -79.54
N ILE G 186 -16.41 36.41 -78.52
CA ILE G 186 -17.06 35.88 -77.35
C ILE G 186 -18.49 36.43 -77.15
N VAL G 187 -19.36 35.61 -76.54
CA VAL G 187 -20.66 36.07 -76.06
C VAL G 187 -20.94 35.70 -74.64
N PRO G 188 -20.97 36.67 -73.72
CA PRO G 188 -21.29 36.31 -72.34
C PRO G 188 -22.72 35.77 -72.21
N VAL G 189 -22.89 34.87 -71.24
CA VAL G 189 -24.12 34.13 -71.09
C VAL G 189 -24.51 33.88 -69.66
N GLU G 190 -25.79 33.99 -69.39
CA GLU G 190 -26.27 33.51 -68.11
C GLU G 190 -26.76 32.09 -68.42
N SER G 191 -26.40 31.14 -67.57
CA SER G 191 -26.73 29.73 -67.89
C SER G 191 -26.46 28.78 -66.78
N HIS G 192 -27.52 28.21 -66.21
CA HIS G 192 -27.40 27.21 -65.19
C HIS G 192 -26.74 25.97 -65.72
N LEU G 193 -27.11 25.59 -66.95
CA LEU G 193 -26.56 24.44 -67.60
C LEU G 193 -25.02 24.51 -67.73
N LEU G 194 -24.54 25.46 -68.51
CA LEU G 194 -23.11 25.65 -68.72
C LEU G 194 -22.37 25.80 -67.37
N LYS G 195 -22.99 26.43 -66.40
CA LYS G 195 -22.32 26.63 -65.14
C LYS G 195 -22.01 25.25 -64.52
N MET G 196 -22.87 24.26 -64.78
CA MET G 196 -22.71 22.96 -64.13
C MET G 196 -21.44 22.19 -64.56
N PHE G 197 -20.89 22.53 -65.72
CA PHE G 197 -19.73 21.80 -66.18
C PHE G 197 -18.42 22.28 -65.52
N ASN G 198 -18.51 23.29 -64.67
CA ASN G 198 -17.32 23.92 -64.12
C ASN G 198 -17.47 24.16 -62.65
N ASP G 199 -18.71 24.30 -62.21
CA ASP G 199 -19.00 24.66 -60.86
C ASP G 199 -18.43 23.66 -59.88
N ILE G 200 -17.94 24.13 -58.74
CA ILE G 200 -17.54 23.24 -57.64
C ILE G 200 -18.80 22.82 -56.89
N PRO G 201 -19.02 21.51 -56.73
CA PRO G 201 -20.29 21.14 -56.13
C PRO G 201 -20.47 21.62 -54.74
N ARG G 202 -21.65 22.16 -54.52
CA ARG G 202 -22.02 22.78 -53.27
C ARG G 202 -23.08 21.90 -52.65
N LEU G 203 -22.77 21.36 -51.48
CA LEU G 203 -23.61 20.28 -50.92
C LEU G 203 -25.02 20.74 -50.55
N ASN G 204 -25.15 21.99 -50.12
CA ASN G 204 -26.43 22.51 -49.65
C ASN G 204 -27.09 23.56 -50.58
N GLY G 205 -26.56 23.72 -51.80
CA GLY G 205 -27.22 24.52 -52.79
C GLY G 205 -26.94 26.02 -52.82
N GLU G 206 -26.41 26.58 -51.74
CA GLU G 206 -26.21 28.05 -51.62
C GLU G 206 -24.94 28.57 -52.25
N LYS G 207 -25.03 29.65 -53.02
CA LYS G 207 -23.89 30.14 -53.81
C LYS G 207 -22.68 30.64 -53.01
N ASP G 208 -22.87 30.86 -51.72
CA ASP G 208 -21.74 31.25 -50.87
C ASP G 208 -20.75 30.09 -50.73
N GLU G 209 -21.26 28.86 -50.76
CA GLU G 209 -20.48 27.67 -50.40
C GLU G 209 -19.22 27.47 -51.22
N GLU G 210 -18.08 27.45 -50.55
CA GLU G 210 -16.77 27.26 -51.21
C GLU G 210 -15.90 26.15 -50.59
N PRO G 211 -16.42 24.90 -50.56
CA PRO G 211 -15.73 23.81 -49.82
C PRO G 211 -14.28 23.58 -50.27
N LEU G 212 -14.00 23.69 -51.56
CA LEU G 212 -12.63 23.64 -52.11
C LEU G 212 -11.95 25.01 -52.41
N GLY G 213 -12.41 26.08 -51.76
CA GLY G 213 -11.93 27.43 -52.16
C GLY G 213 -12.40 27.78 -53.56
N ARG G 214 -11.65 28.66 -54.22
CA ARG G 214 -12.00 29.12 -55.54
C ARG G 214 -10.95 28.60 -56.50
N CYS G 215 -11.37 28.32 -57.71
CA CYS G 215 -10.59 27.62 -58.74
C CYS G 215 -11.28 28.23 -59.93
N SER G 216 -10.53 28.59 -60.97
CA SER G 216 -11.14 28.98 -62.24
C SER G 216 -11.49 27.80 -63.17
N GLY G 217 -11.41 26.56 -62.68
CA GLY G 217 -11.65 25.36 -63.50
C GLY G 217 -10.51 24.93 -64.39
N THR G 218 -10.82 24.14 -65.42
CA THR G 218 -9.76 23.52 -66.21
C THR G 218 -9.44 24.39 -67.40
N ALA G 219 -8.19 24.32 -67.85
CA ALA G 219 -7.70 25.26 -68.81
C ALA G 219 -7.72 24.69 -70.20
N ALA G 220 -7.75 23.38 -70.33
CA ALA G 220 -7.89 22.83 -71.68
C ALA G 220 -9.23 23.29 -72.32
N VAL G 221 -9.25 23.44 -73.63
CA VAL G 221 -10.41 23.90 -74.35
C VAL G 221 -11.69 23.03 -74.01
N PHE G 222 -12.82 23.68 -73.80
CA PHE G 222 -14.09 22.98 -73.57
C PHE G 222 -14.81 23.20 -74.86
N ASP G 223 -14.61 22.30 -75.80
CA ASP G 223 -15.14 22.52 -77.13
C ASP G 223 -16.44 21.72 -77.30
N VAL G 224 -17.49 22.39 -77.78
CA VAL G 224 -18.81 21.77 -77.73
C VAL G 224 -19.72 22.26 -78.83
N GLN G 225 -20.66 21.41 -79.21
CA GLN G 225 -21.59 21.76 -80.23
C GLN G 225 -22.65 22.71 -79.59
N LEU G 226 -22.40 24.02 -79.62
CA LEU G 226 -23.35 24.88 -78.92
C LEU G 226 -24.73 24.93 -79.59
N SER G 227 -24.77 24.62 -80.87
CA SER G 227 -26.04 24.48 -81.56
C SER G 227 -27.03 23.50 -80.88
N GLU G 228 -26.55 22.45 -80.23
CA GLU G 228 -27.49 21.52 -79.65
C GLU G 228 -27.87 21.88 -78.22
N MET G 229 -27.43 23.05 -77.77
CA MET G 229 -28.06 23.70 -76.64
C MET G 229 -29.41 24.32 -77.07
N LYS G 230 -30.46 24.08 -76.30
CA LYS G 230 -31.73 24.78 -76.54
C LYS G 230 -31.68 26.24 -76.17
N THR G 231 -32.37 27.06 -76.94
CA THR G 231 -32.47 28.50 -76.58
C THR G 231 -33.10 28.77 -75.26
N HIS G 232 -33.66 27.76 -74.58
CA HIS G 232 -34.08 27.96 -73.20
C HIS G 232 -33.02 27.72 -72.17
N GLU G 233 -31.89 27.20 -72.62
CA GLU G 233 -30.85 26.76 -71.71
C GLU G 233 -29.83 27.86 -71.39
N PHE G 234 -29.84 28.96 -72.15
CA PHE G 234 -28.96 30.08 -71.89
C PHE G 234 -29.66 31.39 -72.26
N ARG G 235 -29.13 32.52 -71.81
CA ARG G 235 -29.57 33.85 -72.24
C ARG G 235 -28.35 34.79 -72.58
N GLU G 236 -28.23 35.24 -73.81
CA GLU G 236 -27.08 36.13 -74.17
C GLU G 236 -27.17 37.50 -73.41
N LEU G 237 -26.10 37.91 -72.71
CA LEU G 237 -26.10 39.20 -72.03
C LEU G 237 -25.61 40.39 -72.87
N SER G 238 -25.11 40.13 -74.07
CA SER G 238 -24.67 41.23 -74.92
C SER G 238 -24.57 40.74 -76.36
N GLU G 239 -24.33 41.69 -77.23
CA GLU G 239 -24.02 41.37 -78.59
C GLU G 239 -22.67 40.63 -78.64
N PRO G 240 -22.41 39.93 -79.73
CA PRO G 240 -21.14 39.24 -79.72
C PRO G 240 -19.97 40.22 -79.68
N ILE G 241 -19.03 40.00 -78.79
CA ILE G 241 -17.86 40.84 -78.68
C ILE G 241 -16.71 40.31 -79.56
N VAL G 242 -16.14 41.17 -80.39
CA VAL G 242 -14.95 40.80 -81.18
C VAL G 242 -13.77 40.77 -80.22
N ALA G 243 -13.22 39.56 -80.02
CA ALA G 243 -12.14 39.32 -79.08
C ALA G 243 -10.76 39.53 -79.70
N PHE G 244 -10.50 38.84 -80.82
CA PHE G 244 -9.27 39.00 -81.58
C PHE G 244 -9.60 39.16 -83.05
N LYS G 245 -8.90 40.07 -83.73
CA LYS G 245 -8.92 40.14 -85.19
C LYS G 245 -7.69 39.42 -85.67
N PHE G 246 -7.74 38.89 -86.89
CA PHE G 246 -6.62 38.17 -87.40
C PHE G 246 -6.45 38.38 -88.89
N ASP G 247 -5.19 38.54 -89.28
CA ASP G 247 -4.80 38.87 -90.64
C ASP G 247 -3.74 37.84 -91.03
N PHE G 248 -4.11 36.93 -91.93
CA PHE G 248 -3.19 35.89 -92.43
C PHE G 248 -2.41 36.40 -93.64
N GLU G 249 -2.66 37.66 -93.98
CA GLU G 249 -1.94 38.23 -95.10
C GLU G 249 -0.64 38.97 -94.76
N HIS G 250 -0.55 39.53 -93.55
CA HIS G 250 0.57 40.40 -93.22
C HIS G 250 1.24 40.03 -91.93
N GLU G 251 2.38 39.36 -92.00
CA GLU G 251 2.95 38.75 -90.79
C GLU G 251 3.46 39.66 -89.69
N GLU G 252 3.45 40.96 -89.91
CA GLU G 252 3.81 41.84 -88.81
C GLU G 252 2.55 42.07 -87.96
N LYS G 253 1.42 41.62 -88.52
CA LYS G 253 0.11 41.62 -87.83
C LYS G 253 -0.21 40.27 -87.16
N ILE G 254 0.74 39.35 -87.17
CA ILE G 254 0.53 38.00 -86.64
C ILE G 254 1.37 37.84 -85.38
N ILE G 255 0.80 38.11 -84.21
CA ILE G 255 1.58 38.14 -82.96
C ILE G 255 1.16 37.03 -82.01
N PHE G 256 2.17 36.32 -81.48
CA PHE G 256 1.93 35.09 -80.67
C PHE G 256 1.20 35.34 -79.39
N ASP G 257 1.66 36.36 -78.65
CA ASP G 257 1.09 36.73 -77.37
C ASP G 257 0.44 38.09 -77.55
N GLU G 258 -0.88 38.15 -77.36
CA GLU G 258 -1.61 39.39 -77.42
C GLU G 258 -2.54 39.50 -76.24
N SER G 259 -3.19 40.65 -76.12
CA SER G 259 -4.08 40.94 -75.01
C SER G 259 -4.88 42.19 -75.34
N PHE G 260 -6.18 42.19 -75.03
CA PHE G 260 -7.03 43.33 -75.30
C PHE G 260 -8.11 43.38 -74.26
N VAL G 261 -8.33 44.53 -73.60
CA VAL G 261 -9.60 44.71 -72.91
C VAL G 261 -10.64 45.07 -73.96
N ARG G 262 -11.73 44.32 -73.98
CA ARG G 262 -12.82 44.65 -74.85
C ARG G 262 -13.95 45.17 -73.97
N GLU G 263 -14.73 46.08 -74.52
CA GLU G 263 -15.86 46.60 -73.80
C GLU G 263 -17.11 46.32 -74.60
N ALA G 264 -18.24 46.24 -73.90
CA ALA G 264 -19.55 46.14 -74.55
C ALA G 264 -20.66 46.69 -73.65
N VAL G 265 -21.89 46.68 -74.16
CA VAL G 265 -23.05 47.10 -73.36
C VAL G 265 -23.90 45.87 -73.06
N ALA G 266 -24.10 45.60 -71.78
CA ALA G 266 -25.06 44.57 -71.39
C ALA G 266 -26.42 44.92 -72.00
N HIS G 267 -27.01 44.01 -72.75
CA HIS G 267 -28.39 44.25 -73.17
C HIS G 267 -29.34 43.45 -72.33
N SER G 268 -28.94 43.13 -71.10
CA SER G 268 -29.78 42.44 -70.10
C SER G 268 -29.05 42.50 -68.73
N SER G 269 -29.78 42.30 -67.64
CA SER G 269 -29.12 42.17 -66.34
C SER G 269 -28.76 40.68 -66.06
N GLY G 270 -27.85 40.44 -65.11
CA GLY G 270 -27.56 39.09 -64.62
C GLY G 270 -26.13 38.61 -64.78
N THR G 271 -25.79 37.51 -64.09
CA THR G 271 -24.41 37.05 -64.00
C THR G 271 -23.84 36.31 -65.23
N ILE G 272 -22.58 36.57 -65.55
CA ILE G 272 -21.96 35.91 -66.70
C ILE G 272 -21.50 34.53 -66.31
N ASP G 273 -22.30 33.51 -66.61
CA ASP G 273 -21.95 32.17 -66.19
C ASP G 273 -20.89 31.61 -67.13
N ALA G 274 -20.89 32.05 -68.38
CA ALA G 274 -19.99 31.46 -69.38
C ALA G 274 -19.71 32.41 -70.51
N LEU G 275 -18.66 32.15 -71.29
CA LEU G 275 -18.46 32.90 -72.51
C LEU G 275 -18.31 31.93 -73.64
N LEU G 276 -19.18 32.06 -74.63
CA LEU G 276 -19.18 31.13 -75.73
C LEU G 276 -18.30 31.73 -76.78
N MET G 277 -17.40 30.94 -77.38
CA MET G 277 -16.57 31.54 -78.43
C MET G 277 -16.60 30.73 -79.68
N TRP G 278 -16.46 31.42 -80.78
CA TRP G 278 -16.29 30.80 -82.06
C TRP G 278 -15.65 31.85 -82.97
N TRP G 279 -15.42 31.48 -84.23
CA TRP G 279 -14.74 32.31 -85.23
C TRP G 279 -15.34 32.23 -86.61
N ASP G 280 -15.03 33.26 -87.40
CA ASP G 280 -15.23 33.27 -88.86
C ASP G 280 -13.92 33.67 -89.50
N ILE G 281 -13.75 33.28 -90.75
CA ILE G 281 -12.56 33.64 -91.50
C ILE G 281 -13.01 34.12 -92.85
N ASP G 282 -12.57 35.32 -93.24
CA ASP G 282 -12.70 35.78 -94.63
C ASP G 282 -11.78 34.98 -95.58
N MET G 283 -12.38 34.43 -96.63
CA MET G 283 -11.68 33.50 -97.52
C MET G 283 -10.81 34.15 -98.61
N ASP G 284 -11.02 35.43 -98.90
CA ASP G 284 -10.36 36.10 -100.04
C ASP G 284 -10.17 37.59 -99.79
N ARG G 285 -10.86 38.09 -98.78
CA ARG G 285 -10.77 39.45 -98.22
C ARG G 285 -11.91 40.34 -98.73
N ASN G 286 -12.73 39.75 -99.60
CA ASN G 286 -13.91 40.39 -100.18
C ASN G 286 -15.03 40.70 -99.18
N GLY G 287 -14.88 40.34 -97.91
CA GLY G 287 -15.97 40.50 -96.93
C GLY G 287 -17.28 39.91 -97.44
N THR G 288 -17.20 38.92 -98.32
CA THR G 288 -18.39 38.35 -98.93
C THR G 288 -18.51 36.86 -98.68
N THR G 289 -17.38 36.17 -98.59
CA THR G 289 -17.35 34.70 -98.61
C THR G 289 -16.57 34.14 -97.39
N PHE G 290 -17.33 33.69 -96.39
CA PHE G 290 -16.76 33.27 -95.08
C PHE G 290 -16.89 31.78 -94.76
N ILE G 291 -16.14 31.35 -93.74
CA ILE G 291 -16.49 30.15 -92.94
C ILE G 291 -16.78 30.70 -91.56
N ASP G 292 -18.00 30.41 -91.08
CA ASP G 292 -18.55 31.05 -89.90
C ASP G 292 -18.94 29.90 -88.96
N MET G 293 -18.27 29.82 -87.81
CA MET G 293 -18.51 28.70 -86.89
C MET G 293 -19.54 29.07 -85.83
N GLY G 294 -20.42 30.02 -86.15
CA GLY G 294 -21.42 30.45 -85.16
C GLY G 294 -22.44 29.36 -84.97
N PRO G 295 -22.99 29.21 -83.77
CA PRO G 295 -24.05 28.20 -83.58
C PRO G 295 -25.23 28.44 -84.53
N LYS G 296 -26.07 27.41 -84.76
CA LYS G 296 -27.23 27.51 -85.62
C LYS G 296 -27.98 28.79 -85.32
N TRP G 297 -28.18 29.11 -84.03
CA TRP G 297 -28.89 30.32 -83.56
C TRP G 297 -28.12 31.63 -83.48
N LYS G 298 -26.98 31.70 -84.15
CA LYS G 298 -26.19 32.91 -84.28
C LYS G 298 -25.32 32.75 -85.49
N ASN G 299 -25.95 32.33 -86.57
CA ASN G 299 -25.25 32.19 -87.84
C ASN G 299 -26.30 32.51 -88.92
N LYS G 300 -26.50 33.79 -89.19
CA LYS G 300 -27.60 34.20 -90.07
C LYS G 300 -27.37 33.79 -91.52
N ASN G 301 -26.09 33.70 -91.94
CA ASN G 301 -25.73 33.56 -93.38
C ASN G 301 -25.06 32.27 -93.85
N ASN G 302 -23.94 31.88 -93.21
CA ASN G 302 -23.28 30.63 -93.58
C ASN G 302 -23.22 29.63 -92.42
N TYR G 303 -24.33 28.93 -92.19
CA TYR G 303 -24.29 27.88 -91.20
C TYR G 303 -24.24 26.53 -91.89
N ALA G 304 -23.22 25.74 -91.56
CA ALA G 304 -23.24 24.29 -91.88
C ALA G 304 -22.78 23.47 -90.68
N TRP G 305 -23.21 22.21 -90.64
CA TRP G 305 -22.80 21.33 -89.57
C TRP G 305 -21.38 20.84 -89.80
N ARG G 306 -20.51 20.99 -88.81
CA ARG G 306 -19.27 20.18 -88.78
C ARG G 306 -18.95 19.74 -87.38
N ASP G 307 -18.12 18.68 -87.30
CA ASP G 307 -17.60 18.18 -86.01
C ASP G 307 -16.11 18.48 -85.76
N HIS G 308 -15.28 18.29 -86.80
CA HIS G 308 -13.88 18.72 -86.70
C HIS G 308 -13.70 20.12 -86.17
N TRP G 309 -14.55 21.07 -86.61
CA TRP G 309 -14.70 22.32 -85.83
C TRP G 309 -16.07 22.46 -85.16
N MET G 310 -16.09 23.26 -84.12
CA MET G 310 -17.16 23.35 -83.17
C MET G 310 -17.01 24.75 -82.59
N GLN G 311 -17.83 25.09 -81.59
CA GLN G 311 -17.63 26.29 -80.80
C GLN G 311 -17.04 25.84 -79.49
N ALA G 312 -16.91 26.76 -78.53
CA ALA G 312 -16.28 26.37 -77.27
C ALA G 312 -16.76 27.24 -76.15
N VAL G 313 -16.58 26.81 -74.91
CA VAL G 313 -17.03 27.61 -73.80
C VAL G 313 -15.92 27.95 -72.81
N TYR G 314 -15.89 29.19 -72.33
CA TYR G 314 -14.86 29.58 -71.40
C TYR G 314 -15.47 30.10 -70.14
N TYR G 315 -14.75 29.98 -69.02
CA TYR G 315 -15.20 30.55 -67.74
C TYR G 315 -14.30 31.66 -67.23
N LEU G 316 -14.86 32.55 -66.44
CA LEU G 316 -14.15 33.67 -65.85
C LEU G 316 -13.72 33.23 -64.47
N PRO G 317 -12.46 33.52 -64.10
CA PRO G 317 -11.99 33.10 -62.79
C PRO G 317 -12.93 33.50 -61.66
N GLU G 318 -13.44 34.72 -61.68
CA GLU G 318 -14.31 35.23 -60.62
C GLU G 318 -15.68 35.55 -61.21
N LYS G 319 -16.68 35.60 -60.34
CA LYS G 319 -18.05 35.93 -60.66
C LYS G 319 -18.19 37.37 -61.09
N LYS G 320 -18.70 37.59 -62.29
CA LYS G 320 -18.84 38.92 -62.81
C LYS G 320 -20.31 39.19 -63.17
N LYS G 321 -20.87 40.20 -62.50
CA LYS G 321 -22.26 40.65 -62.73
C LYS G 321 -22.31 41.74 -63.81
N VAL G 322 -23.41 41.76 -64.56
CA VAL G 322 -23.61 42.73 -65.61
C VAL G 322 -25.01 43.34 -65.46
N GLU G 323 -25.15 44.64 -65.73
CA GLU G 323 -26.44 45.33 -65.63
C GLU G 323 -26.96 45.85 -66.95
N MET G 324 -28.28 45.74 -67.21
CA MET G 324 -28.87 46.11 -68.53
C MET G 324 -28.62 47.55 -68.90
N ASN G 325 -28.23 47.75 -70.16
CA ASN G 325 -27.88 49.06 -70.68
C ASN G 325 -26.62 49.70 -70.06
N GLN G 326 -25.88 48.97 -69.23
CA GLN G 326 -24.62 49.43 -68.64
C GLN G 326 -23.40 48.74 -69.25
N THR G 327 -22.32 49.52 -69.28
CA THR G 327 -21.14 49.19 -70.05
C THR G 327 -20.24 48.28 -69.25
N PHE G 328 -19.64 47.29 -69.91
CA PHE G 328 -18.77 46.36 -69.19
C PHE G 328 -17.64 45.86 -70.06
N GLU G 329 -16.54 45.49 -69.41
CA GLU G 329 -15.30 45.08 -70.10
C GLU G 329 -14.88 43.63 -69.78
N ILE G 330 -14.41 42.89 -70.80
CA ILE G 330 -13.74 41.56 -70.62
C ILE G 330 -12.28 41.53 -71.09
N VAL G 331 -11.39 41.01 -70.24
CA VAL G 331 -10.00 40.83 -70.72
C VAL G 331 -9.86 39.57 -71.56
N CYS G 332 -9.54 39.79 -72.82
CA CYS G 332 -9.27 38.76 -73.83
C CYS G 332 -7.76 38.58 -74.14
N ASN G 333 -7.31 37.34 -74.07
CA ASN G 333 -5.90 37.03 -74.06
C ASN G 333 -5.63 35.88 -74.94
N HIS G 334 -4.40 35.81 -75.47
CA HIS G 334 -3.97 34.62 -76.14
C HIS G 334 -2.50 34.49 -76.30
N ASP G 335 -1.98 33.31 -76.03
CA ASP G 335 -0.64 32.98 -76.46
C ASP G 335 -0.68 32.30 -77.83
N GLU G 336 0.38 31.58 -78.19
CA GLU G 336 0.52 31.03 -79.54
C GLU G 336 -0.52 29.95 -79.87
N PHE G 337 -1.00 29.30 -78.80
CA PHE G 337 -1.77 28.08 -78.93
C PHE G 337 -3.17 28.15 -78.29
N SER G 338 -3.31 28.98 -77.26
CA SER G 338 -4.54 29.06 -76.47
C SER G 338 -5.17 30.44 -76.29
N LEU G 339 -6.47 30.45 -76.01
CA LEU G 339 -7.22 31.64 -75.60
C LEU G 339 -7.61 31.45 -74.17
N TRP G 340 -7.76 32.52 -73.42
CA TRP G 340 -8.43 32.45 -72.13
C TRP G 340 -9.03 33.81 -71.86
N PHE G 341 -9.68 34.02 -70.71
CA PHE G 341 -10.38 35.29 -70.47
C PHE G 341 -10.41 35.65 -69.05
N SER G 342 -10.45 36.95 -68.76
CA SER G 342 -10.26 37.36 -67.37
C SER G 342 -10.92 38.71 -67.11
N ASN G 343 -11.15 38.98 -65.85
CA ASN G 343 -11.67 40.26 -65.41
C ASN G 343 -10.61 41.37 -65.48
N VAL G 344 -11.08 42.63 -65.46
CA VAL G 344 -10.18 43.78 -65.39
C VAL G 344 -9.66 43.81 -63.97
N GLY G 345 -8.46 44.38 -63.82
CA GLY G 345 -7.82 44.60 -62.51
C GLY G 345 -7.44 43.27 -61.89
N LYS G 346 -7.08 42.33 -62.76
CA LYS G 346 -6.99 40.96 -62.39
C LYS G 346 -6.02 40.28 -63.32
N ASP G 347 -5.37 39.23 -62.83
CA ASP G 347 -4.36 38.51 -63.59
C ASP G 347 -4.66 38.23 -65.07
N LYS G 348 -3.82 38.77 -65.96
CA LYS G 348 -4.01 38.50 -67.36
C LYS G 348 -3.23 37.24 -67.75
N SER G 349 -2.84 36.47 -66.75
CA SER G 349 -2.12 35.21 -66.98
C SER G 349 -3.07 34.06 -67.04
N ARG G 350 -2.82 33.10 -67.93
CA ARG G 350 -3.57 31.84 -67.98
C ARG G 350 -3.52 31.13 -66.63
N SER G 351 -4.69 30.69 -66.14
CA SER G 351 -4.77 29.90 -64.92
C SER G 351 -5.37 28.50 -65.09
N TYR G 352 -5.23 27.69 -64.04
CA TYR G 352 -5.32 26.24 -64.12
C TYR G 352 -6.00 25.78 -62.87
N CYS G 353 -6.60 24.58 -62.91
CA CYS G 353 -7.27 24.06 -61.72
C CYS G 353 -6.36 24.15 -60.54
N VAL G 354 -6.73 24.91 -59.49
CA VAL G 354 -5.99 24.82 -58.21
C VAL G 354 -6.81 24.25 -57.08
N CYS G 355 -8.06 23.90 -57.37
CA CYS G 355 -9.01 23.30 -56.41
C CYS G 355 -8.66 21.82 -56.27
N GLY G 356 -7.98 21.28 -57.27
CA GLY G 356 -7.79 19.81 -57.34
C GLY G 356 -8.89 19.05 -58.10
N LEU G 357 -10.13 19.54 -58.06
CA LEU G 357 -11.28 18.77 -58.57
C LEU G 357 -11.39 18.86 -60.08
N HIS G 358 -11.19 20.04 -60.65
CA HIS G 358 -11.19 20.24 -62.11
C HIS G 358 -10.14 19.30 -62.72
N SER G 359 -9.10 19.09 -61.93
CA SER G 359 -7.92 18.39 -62.40
C SER G 359 -8.17 16.92 -62.69
N MET G 360 -8.99 16.30 -61.84
CA MET G 360 -9.22 14.86 -61.77
C MET G 360 -10.38 14.45 -62.65
N LEU G 361 -11.39 15.31 -62.73
CA LEU G 361 -12.66 15.01 -63.40
C LEU G 361 -12.88 15.70 -64.73
N SER G 362 -13.55 15.02 -65.66
CA SER G 362 -13.86 15.60 -66.93
C SER G 362 -14.96 16.67 -66.77
N ARG G 363 -15.11 17.61 -67.70
CA ARG G 363 -16.25 18.54 -67.63
C ARG G 363 -17.57 17.75 -67.40
N GLN G 364 -17.77 16.68 -68.17
CA GLN G 364 -19.05 16.01 -68.09
C GLN G 364 -19.27 15.37 -66.73
N THR G 365 -18.19 14.89 -66.12
CA THR G 365 -18.34 14.27 -64.81
C THR G 365 -18.71 15.33 -63.77
N VAL G 366 -18.17 16.54 -63.95
CA VAL G 366 -18.47 17.64 -63.00
C VAL G 366 -19.94 18.04 -63.09
N TYR G 367 -20.48 18.11 -64.31
CA TYR G 367 -21.92 18.28 -64.49
C TYR G 367 -22.68 17.22 -63.68
N HIS G 368 -22.39 15.96 -63.97
CA HIS G 368 -22.91 14.83 -63.25
C HIS G 368 -23.03 15.03 -61.77
N VAL G 369 -21.93 15.36 -61.10
CA VAL G 369 -22.04 15.63 -59.65
C VAL G 369 -22.95 16.82 -59.29
N ASN G 370 -22.91 17.91 -60.08
CA ASN G 370 -23.81 19.04 -59.80
C ASN G 370 -25.26 18.57 -59.97
N GLU G 371 -25.52 17.90 -61.07
CA GLU G 371 -26.82 17.33 -61.38
C GLU G 371 -27.28 16.45 -60.24
N MET G 372 -26.46 15.49 -59.88
CA MET G 372 -26.77 14.61 -58.74
C MET G 372 -27.11 15.45 -57.50
N PHE G 373 -26.29 16.45 -57.23
CA PHE G 373 -26.44 17.26 -56.02
C PHE G 373 -27.73 18.07 -55.95
N GLU G 374 -28.27 18.38 -57.14
CA GLU G 374 -29.45 19.21 -57.37
C GLU G 374 -30.73 18.38 -57.42
N ASN G 375 -30.60 17.08 -57.65
CA ASN G 375 -31.69 16.23 -58.08
C ASN G 375 -32.45 15.66 -56.91
N GLN G 376 -33.60 16.25 -56.63
CA GLN G 376 -34.40 15.82 -55.46
C GLN G 376 -34.91 14.41 -55.62
N LYS G 377 -35.37 14.07 -56.81
CA LYS G 377 -35.87 12.72 -57.06
C LYS G 377 -34.81 11.68 -56.61
N PHE G 378 -33.53 11.93 -56.92
CA PHE G 378 -32.40 11.08 -56.51
C PHE G 378 -32.10 11.14 -55.02
N LYS G 379 -31.84 12.35 -54.55
CA LYS G 379 -31.56 12.64 -53.17
C LYS G 379 -32.65 11.97 -52.32
N ASP G 380 -33.86 11.95 -52.86
CA ASP G 380 -34.99 11.30 -52.18
C ASP G 380 -34.79 9.82 -51.96
N GLU G 381 -34.52 9.12 -53.06
CA GLU G 381 -34.20 7.72 -52.93
C GLU G 381 -33.02 7.47 -51.97
N VAL G 382 -32.01 8.33 -52.05
CA VAL G 382 -30.82 8.11 -51.28
C VAL G 382 -31.18 8.25 -49.85
N ASP G 383 -31.98 9.26 -49.52
CA ASP G 383 -32.51 9.44 -48.15
C ASP G 383 -33.44 8.32 -47.66
N LYS G 384 -34.22 7.72 -48.56
CA LYS G 384 -35.00 6.51 -48.23
C LYS G 384 -34.05 5.39 -47.83
N LEU G 385 -33.11 5.06 -48.72
CA LEU G 385 -32.18 3.96 -48.47
C LEU G 385 -31.28 4.18 -47.27
N SER G 386 -30.93 5.44 -46.97
CA SER G 386 -29.95 5.70 -45.89
C SER G 386 -30.48 5.90 -44.48
N LYS G 387 -31.79 6.01 -44.36
CA LYS G 387 -32.44 6.54 -43.18
C LYS G 387 -32.01 5.82 -41.92
N GLY G 388 -31.27 6.50 -41.06
CA GLY G 388 -30.89 5.93 -39.79
C GLY G 388 -29.92 4.76 -39.83
N LEU G 389 -29.49 4.35 -41.03
CA LEU G 389 -28.53 3.25 -41.23
C LEU G 389 -27.02 3.62 -41.20
N HIS G 390 -26.18 2.60 -41.09
CA HIS G 390 -24.76 2.65 -41.54
C HIS G 390 -24.69 2.39 -43.05
N VAL G 391 -24.33 3.40 -43.84
CA VAL G 391 -24.11 3.11 -45.23
C VAL G 391 -22.62 3.14 -45.57
N ALA G 392 -22.24 2.22 -46.47
CA ALA G 392 -20.92 2.31 -47.10
C ALA G 392 -21.03 2.56 -48.57
N THR G 393 -20.04 3.28 -49.05
CA THR G 393 -20.00 3.70 -50.41
C THR G 393 -18.78 3.06 -50.97
N VAL G 394 -18.87 2.63 -52.23
CA VAL G 394 -17.71 2.28 -53.05
C VAL G 394 -17.80 3.03 -54.36
N GLY G 395 -16.65 3.46 -54.87
CA GLY G 395 -16.53 4.19 -56.11
C GLY G 395 -15.14 4.79 -56.11
N GLU G 396 -14.78 5.53 -57.15
CA GLU G 396 -13.53 6.27 -57.08
C GLU G 396 -13.90 7.57 -57.72
N GLY G 397 -13.92 8.62 -56.91
CA GLY G 397 -14.47 9.93 -57.35
C GLY G 397 -15.96 10.15 -57.10
N SER G 398 -16.58 9.22 -56.39
CA SER G 398 -17.99 9.19 -56.15
C SER G 398 -18.33 10.00 -54.89
N PHE G 399 -19.13 11.02 -55.12
CA PHE G 399 -19.62 11.89 -54.10
C PHE G 399 -20.90 11.37 -53.45
N LEU G 400 -21.42 10.24 -53.88
CA LEU G 400 -22.68 9.71 -53.28
C LEU G 400 -22.75 9.82 -51.79
N GLY G 401 -21.68 9.43 -51.10
CA GLY G 401 -21.79 9.28 -49.66
C GLY G 401 -22.03 10.59 -48.94
N LEU G 402 -21.66 11.69 -49.58
CA LEU G 402 -21.91 13.01 -49.01
C LEU G 402 -23.42 13.28 -49.00
N LEU G 403 -24.14 12.75 -49.95
CA LEU G 403 -25.58 12.89 -49.93
C LEU G 403 -26.22 11.94 -48.94
N ALA G 404 -25.72 10.71 -48.87
CA ALA G 404 -26.31 9.74 -47.92
C ALA G 404 -26.15 10.23 -46.51
N ALA G 405 -25.13 11.04 -46.31
CA ALA G 405 -24.86 11.66 -45.01
C ALA G 405 -26.01 12.42 -44.35
N LYS G 406 -26.88 13.04 -45.16
CA LYS G 406 -28.02 13.74 -44.62
C LYS G 406 -28.88 12.85 -43.69
N THR G 407 -29.03 11.60 -44.03
CA THR G 407 -30.05 10.79 -43.43
C THR G 407 -29.53 9.59 -42.67
N ALA G 408 -28.35 9.10 -43.05
CA ALA G 408 -27.69 7.96 -42.40
C ALA G 408 -27.28 8.28 -40.97
N LYS G 409 -27.17 7.25 -40.13
CA LYS G 409 -26.52 7.38 -38.80
C LYS G 409 -25.00 7.47 -38.94
N ARG G 410 -24.45 6.79 -39.94
CA ARG G 410 -23.01 6.74 -40.17
C ARG G 410 -22.76 6.33 -41.60
N VAL G 411 -21.88 7.06 -42.26
CA VAL G 411 -21.45 6.77 -43.65
C VAL G 411 -19.95 6.52 -43.67
N THR G 412 -19.57 5.39 -44.28
CA THR G 412 -18.20 5.06 -44.60
C THR G 412 -17.94 5.09 -46.11
N ILE G 413 -17.25 6.11 -46.55
CA ILE G 413 -16.81 6.21 -47.91
C ILE G 413 -15.51 5.44 -48.15
N ILE G 414 -15.57 4.45 -49.03
CA ILE G 414 -14.37 3.74 -49.49
C ILE G 414 -13.84 4.32 -50.79
N ASP G 415 -12.70 5.01 -50.71
CA ASP G 415 -12.09 5.56 -51.92
C ASP G 415 -10.59 5.31 -52.00
N GLY G 416 -10.20 4.58 -53.03
CA GLY G 416 -8.84 4.08 -53.19
C GLY G 416 -7.88 5.18 -53.55
N ASN G 417 -8.41 6.28 -54.06
CA ASN G 417 -7.59 7.36 -54.65
C ASN G 417 -7.44 8.46 -53.63
N GLU G 418 -6.21 8.83 -53.38
CA GLU G 418 -5.86 9.73 -52.29
C GLU G 418 -6.42 11.13 -52.47
N ARG G 419 -6.25 11.65 -53.67
CA ARG G 419 -6.76 12.96 -54.00
C ARG G 419 -8.26 13.09 -53.88
N PHE G 420 -9.03 12.06 -54.20
CA PHE G 420 -10.41 12.12 -53.81
C PHE G 420 -10.56 12.05 -52.32
N ARG G 421 -9.83 11.19 -51.65
CA ARG G 421 -9.98 11.13 -50.18
C ARG G 421 -9.78 12.52 -49.51
N ASP G 422 -8.80 13.26 -50.01
CA ASP G 422 -8.58 14.62 -49.54
C ASP G 422 -9.78 15.56 -49.83
N ILE G 423 -10.35 15.43 -51.02
CA ILE G 423 -11.51 16.23 -51.38
C ILE G 423 -12.71 15.92 -50.47
N PHE G 424 -12.94 14.65 -50.20
CA PHE G 424 -14.01 14.32 -49.27
C PHE G 424 -13.75 14.92 -47.89
N PHE G 425 -12.53 14.83 -47.40
CA PHE G 425 -12.28 15.35 -46.10
C PHE G 425 -12.46 16.86 -46.14
N LYS G 426 -12.06 17.52 -47.21
CA LYS G 426 -12.33 18.95 -47.32
C LYS G 426 -13.83 19.26 -47.21
N TYR G 427 -14.71 18.46 -47.82
CA TYR G 427 -16.14 18.62 -47.60
C TYR G 427 -16.52 18.34 -46.16
N ILE G 428 -15.92 17.31 -45.58
CA ILE G 428 -16.35 16.92 -44.25
C ILE G 428 -16.15 18.13 -43.31
N HIS G 429 -15.00 18.76 -43.45
CA HIS G 429 -14.57 19.85 -42.61
C HIS G 429 -15.41 21.06 -42.78
N TYR G 430 -15.74 21.38 -44.03
CA TYR G 430 -16.43 22.63 -44.38
C TYR G 430 -17.87 22.52 -43.88
N TYR G 431 -18.54 21.45 -44.30
CA TYR G 431 -19.90 21.27 -43.88
C TYR G 431 -20.09 20.78 -42.48
N LYS G 432 -19.02 20.69 -41.70
CA LYS G 432 -19.02 19.99 -40.40
C LYS G 432 -19.93 18.73 -40.25
N LEU G 433 -19.61 17.72 -41.05
CA LEU G 433 -20.36 16.48 -41.04
C LEU G 433 -19.77 15.52 -40.01
N THR G 434 -20.63 15.04 -39.13
CA THR G 434 -20.17 14.37 -37.95
C THR G 434 -20.43 12.89 -38.07
N ASN G 435 -21.01 12.47 -39.18
CA ASN G 435 -21.37 11.09 -39.37
C ASN G 435 -20.76 10.50 -40.63
N VAL G 436 -19.57 10.99 -41.03
CA VAL G 436 -18.86 10.36 -42.15
C VAL G 436 -17.37 10.15 -41.98
N GLU G 437 -16.94 8.95 -42.40
CA GLU G 437 -15.51 8.57 -42.41
C GLU G 437 -15.11 8.09 -43.79
N ILE G 438 -13.81 8.18 -44.03
CA ILE G 438 -13.24 7.72 -45.23
C ILE G 438 -12.06 6.78 -44.95
N ILE G 439 -12.14 5.62 -45.60
CA ILE G 439 -11.07 4.61 -45.54
C ILE G 439 -10.64 4.32 -46.98
N GLU G 440 -9.35 4.04 -47.18
CA GLU G 440 -8.80 3.72 -48.52
C GLU G 440 -9.23 2.40 -49.17
N LYS G 441 -9.25 1.30 -48.41
CA LYS G 441 -9.48 -0.01 -48.97
C LYS G 441 -10.74 -0.64 -48.46
N VAL G 442 -11.36 -1.42 -49.34
CA VAL G 442 -12.56 -2.20 -49.06
C VAL G 442 -12.41 -3.20 -47.91
N THR G 443 -11.26 -3.86 -47.81
CA THR G 443 -11.05 -4.73 -46.65
C THR G 443 -10.95 -3.98 -45.32
N SER G 444 -11.01 -2.65 -45.30
CA SER G 444 -10.87 -1.98 -43.98
C SER G 444 -12.23 -1.74 -43.38
N LEU G 445 -13.26 -2.16 -44.07
CA LEU G 445 -14.61 -2.03 -43.54
C LEU G 445 -14.96 -3.27 -42.72
N THR G 446 -14.60 -3.24 -41.44
CA THR G 446 -14.75 -4.41 -40.58
C THR G 446 -16.08 -4.45 -39.87
N ASP G 447 -16.68 -3.30 -39.62
CA ASP G 447 -18.09 -3.27 -39.23
C ASP G 447 -18.97 -3.60 -40.43
N SER G 448 -19.97 -4.43 -40.23
CA SER G 448 -20.92 -4.75 -41.28
C SER G 448 -21.90 -3.57 -41.56
N PRO G 449 -21.93 -3.01 -42.79
CA PRO G 449 -22.87 -1.88 -42.95
C PRO G 449 -24.30 -2.37 -43.19
N ASP G 450 -25.29 -1.56 -42.89
CA ASP G 450 -26.64 -2.00 -43.14
C ASP G 450 -26.90 -2.04 -44.66
N ILE G 451 -26.15 -1.26 -45.41
CA ILE G 451 -26.38 -1.19 -46.84
C ILE G 451 -25.17 -0.56 -47.55
N VAL G 452 -24.87 -1.04 -48.74
CA VAL G 452 -23.90 -0.31 -49.55
C VAL G 452 -24.55 0.32 -50.74
N LEU G 453 -24.17 1.57 -50.93
CA LEU G 453 -24.73 2.39 -51.94
C LEU G 453 -23.56 2.80 -52.79
N ALA G 454 -23.74 2.61 -54.08
CA ALA G 454 -22.83 3.05 -55.09
C ALA G 454 -23.68 3.72 -56.15
N GLU G 455 -23.04 4.37 -57.13
CA GLU G 455 -23.69 4.85 -58.36
C GLU G 455 -23.90 3.80 -59.50
N PRO G 456 -22.85 3.04 -59.86
CA PRO G 456 -21.49 3.06 -59.37
C PRO G 456 -20.71 3.98 -60.24
N PHE G 457 -19.72 4.62 -59.68
CA PHE G 457 -18.87 5.45 -60.45
C PHE G 457 -17.40 5.37 -60.01
N TYR G 458 -16.50 5.20 -60.99
CA TYR G 458 -15.06 5.11 -60.75
C TYR G 458 -14.31 5.91 -61.80
N MET G 459 -13.54 6.92 -61.41
CA MET G 459 -12.94 7.80 -62.41
C MET G 459 -11.89 7.11 -63.24
N SER G 460 -11.32 6.04 -62.73
CA SER G 460 -10.37 5.25 -63.52
C SER G 460 -10.97 4.57 -64.75
N ALA G 461 -12.30 4.44 -64.82
CA ALA G 461 -12.98 3.75 -65.95
C ALA G 461 -12.39 4.12 -67.33
N MET G 462 -11.93 3.14 -68.09
CA MET G 462 -11.38 3.42 -69.43
C MET G 462 -12.46 3.76 -70.45
N ASN G 463 -13.62 3.11 -70.35
CA ASN G 463 -14.72 3.43 -71.22
C ASN G 463 -15.90 3.86 -70.34
N PRO G 464 -16.72 4.83 -70.80
CA PRO G 464 -17.79 5.41 -69.97
C PRO G 464 -18.91 4.43 -69.65
N TRP G 465 -19.13 3.45 -70.51
CA TRP G 465 -19.99 2.31 -70.21
C TRP G 465 -19.36 1.23 -69.37
N ASN G 466 -18.23 1.49 -68.74
CA ASN G 466 -17.64 0.43 -67.93
C ASN G 466 -17.03 0.81 -66.59
N HIS G 467 -17.90 0.93 -65.58
CA HIS G 467 -17.56 1.14 -64.17
C HIS G 467 -17.68 -0.12 -63.41
N LEU G 468 -17.36 -1.22 -64.09
CA LEU G 468 -17.67 -2.53 -63.58
C LEU G 468 -16.72 -3.03 -62.51
N ARG G 469 -15.78 -2.18 -62.15
CA ARG G 469 -15.01 -2.37 -60.94
C ARG G 469 -15.94 -2.51 -59.76
N PHE G 470 -17.15 -1.98 -59.89
CA PHE G 470 -18.18 -2.16 -58.87
C PHE G 470 -18.35 -3.65 -58.51
N LEU G 471 -18.36 -4.49 -59.54
CA LEU G 471 -18.68 -5.91 -59.36
C LEU G 471 -17.67 -6.57 -58.43
N TYR G 472 -16.39 -6.23 -58.61
CA TYR G 472 -15.30 -6.79 -57.81
C TYR G 472 -15.31 -6.26 -56.40
N ASP G 473 -15.51 -4.95 -56.23
CA ASP G 473 -15.66 -4.48 -54.87
C ASP G 473 -16.82 -5.13 -54.19
N VAL G 474 -17.90 -5.45 -54.92
CA VAL G 474 -19.04 -6.11 -54.27
C VAL G 474 -18.68 -7.53 -53.87
N GLU G 475 -17.94 -8.21 -54.71
CA GLU G 475 -17.49 -9.58 -54.42
C GLU G 475 -16.84 -9.64 -53.04
N VAL G 476 -15.85 -8.75 -52.84
CA VAL G 476 -15.12 -8.60 -51.56
C VAL G 476 -16.05 -8.29 -50.39
N LEU G 477 -16.99 -7.37 -50.55
CA LEU G 477 -17.85 -6.96 -49.45
C LEU G 477 -18.78 -8.10 -49.01
N LYS G 478 -19.22 -8.88 -49.98
CA LYS G 478 -20.11 -9.99 -49.76
C LYS G 478 -19.37 -11.21 -49.20
N MET G 479 -18.08 -11.27 -49.44
CA MET G 479 -17.23 -12.30 -48.85
C MET G 479 -17.01 -12.01 -47.36
N MET G 480 -16.70 -10.77 -47.01
CA MET G 480 -16.47 -10.44 -45.60
C MET G 480 -17.73 -10.34 -44.74
N HIS G 481 -18.74 -9.72 -45.31
CA HIS G 481 -20.02 -9.63 -44.67
C HIS G 481 -20.81 -10.61 -45.47
N GLY G 482 -21.99 -11.02 -45.07
CA GLY G 482 -22.56 -12.15 -45.85
C GLY G 482 -23.15 -11.92 -47.23
N ASP G 483 -23.66 -12.98 -47.83
CA ASP G 483 -24.56 -12.86 -48.98
C ASP G 483 -25.76 -11.91 -48.65
N GLU G 484 -26.22 -11.84 -47.39
CA GLU G 484 -27.36 -10.95 -46.97
C GLU G 484 -27.19 -9.47 -47.28
N LEU G 485 -25.98 -9.06 -47.59
CA LEU G 485 -25.64 -7.67 -47.56
C LEU G 485 -26.34 -6.97 -48.71
N ARG G 486 -27.21 -6.04 -48.35
CA ARG G 486 -27.96 -5.26 -49.32
C ARG G 486 -27.02 -4.26 -50.02
N VAL G 487 -27.09 -4.26 -51.34
CA VAL G 487 -26.30 -3.32 -52.13
C VAL G 487 -27.18 -2.65 -53.16
N GLU G 488 -26.96 -1.34 -53.36
CA GLU G 488 -27.61 -0.58 -54.42
C GLU G 488 -26.55 0.24 -55.22
N PRO G 489 -26.65 0.23 -56.57
CA PRO G 489 -27.67 -0.45 -57.41
C PRO G 489 -27.66 -2.00 -57.32
N HIS G 490 -28.77 -2.65 -57.61
CA HIS G 490 -28.84 -4.10 -57.47
C HIS G 490 -28.77 -4.79 -58.79
N MET G 491 -28.72 -4.03 -59.88
CA MET G 491 -28.72 -4.62 -61.21
C MET G 491 -28.18 -3.54 -62.14
N GLY G 492 -27.36 -3.95 -63.12
CA GLY G 492 -26.84 -3.01 -64.13
C GLY G 492 -27.02 -3.67 -65.47
N VAL G 493 -27.30 -2.86 -66.49
CA VAL G 493 -27.54 -3.38 -67.78
C VAL G 493 -27.00 -2.46 -68.87
N LEU G 494 -26.51 -3.06 -69.95
CA LEU G 494 -25.82 -2.37 -71.02
C LEU G 494 -26.71 -2.53 -72.24
N LYS G 495 -27.06 -1.42 -72.85
CA LYS G 495 -28.15 -1.42 -73.80
C LYS G 495 -27.66 -0.73 -75.02
N ALA G 496 -28.12 -1.16 -76.17
CA ALA G 496 -27.86 -0.51 -77.45
C ALA G 496 -29.20 -0.05 -78.03
N ILE G 497 -29.19 0.74 -79.09
CA ILE G 497 -30.44 1.14 -79.78
C ILE G 497 -30.04 1.58 -81.16
N PRO G 498 -30.83 1.23 -82.20
CA PRO G 498 -30.46 1.72 -83.52
C PRO G 498 -30.85 3.19 -83.71
N GLU G 499 -29.94 3.98 -84.23
CA GLU G 499 -30.21 5.38 -84.45
C GLU G 499 -29.78 5.87 -85.83
N LYS G 500 -30.60 6.76 -86.38
CA LYS G 500 -30.33 7.50 -87.58
C LYS G 500 -29.86 8.88 -87.10
N PHE G 501 -28.54 9.07 -87.05
CA PHE G 501 -28.02 10.40 -86.76
C PHE G 501 -28.20 11.32 -87.95
N GLU G 502 -28.51 12.58 -87.65
CA GLU G 502 -28.62 13.66 -88.60
C GLU G 502 -27.26 13.90 -89.26
N ASP G 503 -26.23 14.21 -88.45
CA ASP G 503 -24.87 14.34 -89.00
C ASP G 503 -23.74 13.45 -88.47
N LEU G 504 -23.69 13.22 -87.15
CA LEU G 504 -22.60 12.48 -86.50
C LEU G 504 -21.88 11.38 -87.32
N GLN G 505 -22.61 10.58 -88.10
CA GLN G 505 -22.02 9.49 -88.88
C GLN G 505 -20.95 9.95 -89.89
N ASN G 506 -20.90 11.24 -90.15
CA ASN G 506 -19.95 11.73 -91.13
C ASN G 506 -18.54 11.66 -90.60
N ILE G 507 -18.38 11.62 -89.27
CA ILE G 507 -17.03 11.50 -88.72
C ILE G 507 -16.38 10.14 -89.05
N ALA G 508 -17.13 9.21 -89.60
CA ALA G 508 -16.63 7.84 -89.77
C ALA G 508 -16.82 7.22 -91.18
N SER G 509 -17.77 7.75 -91.95
CA SER G 509 -18.08 7.19 -93.28
C SER G 509 -17.04 7.53 -94.33
N ASP G 510 -16.98 6.67 -95.35
CA ASP G 510 -16.05 6.89 -96.45
C ASP G 510 -16.30 8.22 -97.12
N VAL G 511 -15.20 8.84 -97.51
CA VAL G 511 -15.12 10.12 -98.23
C VAL G 511 -15.46 9.99 -99.74
N GLY G 512 -14.84 8.99 -100.37
CA GLY G 512 -15.06 8.65 -101.76
C GLY G 512 -14.75 9.81 -102.68
N THR G 513 -15.70 10.10 -103.57
CA THR G 513 -15.49 11.15 -104.57
C THR G 513 -15.90 12.47 -103.92
N VAL G 514 -14.96 13.40 -103.82
CA VAL G 514 -15.22 14.67 -103.18
C VAL G 514 -14.76 15.83 -104.09
N ASN G 515 -15.70 16.73 -104.42
CA ASN G 515 -15.43 17.90 -105.26
C ASN G 515 -14.91 17.50 -106.65
N GLY G 516 -15.36 16.34 -107.15
CA GLY G 516 -14.89 15.78 -108.42
C GLY G 516 -13.65 14.91 -108.23
N PHE G 517 -12.74 15.34 -107.36
CA PHE G 517 -11.55 14.55 -107.06
C PHE G 517 -11.87 13.28 -106.28
N ASP G 518 -11.20 12.21 -106.67
CA ASP G 518 -11.53 10.91 -106.16
C ASP G 518 -10.40 10.45 -105.30
N LEU G 519 -10.59 10.62 -103.99
CA LEU G 519 -9.55 10.41 -103.01
C LEU G 519 -9.72 9.05 -102.33
N SER G 520 -10.45 8.16 -103.00
CA SER G 520 -10.69 6.79 -102.54
C SER G 520 -9.42 5.95 -102.29
N PHE G 521 -8.28 6.46 -102.70
CA PHE G 521 -7.02 5.87 -102.27
C PHE G 521 -6.78 6.15 -100.80
N PHE G 522 -7.34 7.26 -100.32
CA PHE G 522 -7.26 7.60 -98.91
C PHE G 522 -8.17 6.70 -98.07
N ASP G 523 -9.44 6.57 -98.50
CA ASP G 523 -10.35 5.69 -97.81
C ASP G 523 -9.60 4.40 -97.54
N GLU G 524 -8.84 3.96 -98.53
CA GLU G 524 -8.17 2.70 -98.50
C GLU G 524 -7.18 2.70 -97.36
N ILE G 525 -6.42 3.78 -97.21
CA ILE G 525 -5.44 3.75 -96.11
C ILE G 525 -5.97 4.26 -94.78
N SER G 526 -7.01 5.08 -94.83
CA SER G 526 -7.68 5.45 -93.60
C SER G 526 -8.34 4.24 -92.93
N THR G 527 -9.03 3.40 -93.72
CA THR G 527 -9.72 2.23 -93.18
C THR G 527 -8.74 1.27 -92.56
N LYS G 528 -7.64 1.04 -93.27
CA LYS G 528 -6.64 0.10 -92.82
C LYS G 528 -6.09 0.52 -91.48
N ALA G 529 -5.59 1.74 -91.41
CA ALA G 529 -5.07 2.32 -90.17
C ALA G 529 -6.13 2.28 -89.06
N ARG G 530 -7.38 2.48 -89.45
CA ARG G 530 -8.46 2.57 -88.46
C ARG G 530 -8.80 1.19 -87.91
N THR G 531 -8.81 0.22 -88.81
CA THR G 531 -8.98 -1.16 -88.41
C THR G 531 -7.80 -1.67 -87.53
N ALA G 532 -6.59 -1.28 -87.86
CA ALA G 532 -5.44 -1.77 -87.12
C ALA G 532 -5.45 -1.22 -85.71
N THR G 533 -5.92 0.03 -85.52
CA THR G 533 -5.69 0.78 -84.26
C THR G 533 -6.93 1.36 -83.54
N ASP G 534 -8.01 1.62 -84.28
CA ASP G 534 -9.18 2.22 -83.64
C ASP G 534 -9.87 1.27 -82.68
N ALA G 535 -10.40 1.82 -81.62
CA ALA G 535 -11.42 1.12 -80.85
C ALA G 535 -12.64 0.85 -81.77
N ILE G 536 -13.29 -0.27 -81.55
CA ILE G 536 -14.49 -0.70 -82.32
C ILE G 536 -15.70 0.28 -82.12
N VAL G 537 -15.93 0.67 -80.87
CA VAL G 537 -17.01 1.53 -80.49
C VAL G 537 -16.40 2.88 -80.11
N ASP G 538 -16.72 3.93 -80.86
CA ASP G 538 -16.28 5.27 -80.50
C ASP G 538 -16.92 5.78 -79.21
N GLU G 539 -16.43 6.88 -78.67
CA GLU G 539 -17.18 7.48 -77.60
C GLU G 539 -17.42 8.96 -77.88
N GLN G 540 -18.61 9.45 -77.54
CA GLN G 540 -19.02 10.82 -77.87
C GLN G 540 -20.04 11.31 -76.87
N SER G 541 -20.10 12.63 -76.69
CA SER G 541 -21.15 13.23 -75.90
C SER G 541 -22.39 13.32 -76.78
N LEU G 542 -23.31 12.38 -76.62
CA LEU G 542 -24.30 12.16 -77.68
C LEU G 542 -25.41 13.24 -77.68
N TRP G 543 -25.52 13.96 -76.58
CA TRP G 543 -26.49 15.03 -76.52
C TRP G 543 -26.08 16.16 -77.42
N GLU G 544 -24.87 16.06 -77.97
CA GLU G 544 -24.40 17.12 -78.86
C GLU G 544 -24.69 16.78 -80.31
N TYR G 545 -25.39 15.67 -80.55
CA TYR G 545 -25.69 15.30 -81.91
C TYR G 545 -27.16 14.97 -82.01
N ALA G 546 -27.82 15.73 -82.88
CA ALA G 546 -29.22 15.51 -83.16
C ALA G 546 -29.31 14.24 -83.95
N GLY G 547 -30.37 13.49 -83.69
CA GLY G 547 -30.84 12.42 -84.61
C GLY G 547 -32.18 11.88 -84.15
N ILE G 548 -32.68 10.82 -84.81
CA ILE G 548 -33.84 10.11 -84.24
C ILE G 548 -33.62 8.59 -84.20
N VAL G 549 -34.25 7.98 -83.22
CA VAL G 549 -34.03 6.60 -82.94
C VAL G 549 -34.93 5.71 -83.80
N LYS G 550 -34.36 4.66 -84.39
CA LYS G 550 -35.14 3.89 -85.33
C LYS G 550 -35.74 2.61 -84.73
N GLY G 551 -35.87 2.52 -83.39
CA GLY G 551 -36.44 1.30 -82.79
C GLY G 551 -36.29 1.23 -81.30
N ASP G 552 -36.60 0.08 -80.70
CA ASP G 552 -36.53 -0.08 -79.25
C ASP G 552 -35.09 -0.23 -78.76
N ALA G 553 -34.84 0.25 -77.55
CA ALA G 553 -33.62 -0.05 -76.80
C ALA G 553 -33.61 -1.53 -76.62
N VAL G 554 -32.46 -2.16 -76.91
CA VAL G 554 -32.29 -3.56 -76.61
C VAL G 554 -31.17 -3.84 -75.59
N GLU G 555 -31.33 -4.93 -74.83
CA GLU G 555 -30.53 -5.27 -73.71
C GLU G 555 -29.44 -6.24 -74.11
N ILE G 556 -28.20 -5.93 -73.70
CA ILE G 556 -27.02 -6.57 -74.26
C ILE G 556 -26.38 -7.45 -73.20
N LEU G 557 -26.08 -6.88 -72.05
CA LEU G 557 -25.45 -7.65 -71.01
C LEU G 557 -26.17 -7.22 -69.81
N ARG G 558 -26.40 -8.18 -68.92
CA ARG G 558 -27.06 -7.85 -67.70
C ARG G 558 -26.15 -8.31 -66.55
N PHE G 559 -25.99 -7.44 -65.56
CA PHE G 559 -25.06 -7.64 -64.47
C PHE G 559 -25.76 -7.63 -63.11
N PRO G 560 -26.18 -8.78 -62.63
CA PRO G 560 -26.73 -8.82 -61.28
C PRO G 560 -25.64 -8.59 -60.25
N ILE G 561 -26.04 -8.02 -59.14
CA ILE G 561 -25.04 -7.61 -58.19
C ILE G 561 -25.16 -8.58 -57.04
N ASP G 562 -24.55 -9.73 -57.19
CA ASP G 562 -24.51 -10.70 -56.10
C ASP G 562 -23.06 -11.04 -55.80
N GLY G 563 -22.78 -12.19 -55.19
CA GLY G 563 -21.41 -12.42 -54.69
C GLY G 563 -20.23 -12.60 -55.65
N ARG G 564 -20.49 -12.81 -56.95
CA ARG G 564 -19.46 -13.40 -57.81
C ARG G 564 -19.48 -13.01 -59.28
N VAL G 565 -18.32 -12.58 -59.74
CA VAL G 565 -18.25 -12.06 -61.07
C VAL G 565 -17.90 -13.17 -62.02
N SER G 566 -18.66 -13.22 -63.13
CA SER G 566 -18.47 -14.16 -64.24
C SER G 566 -18.34 -13.44 -65.56
N SER G 567 -17.58 -14.06 -66.45
CA SER G 567 -17.47 -13.55 -67.78
C SER G 567 -18.84 -13.77 -68.42
N GLN G 568 -19.18 -13.01 -69.44
CA GLN G 568 -20.53 -13.10 -69.94
C GLN G 568 -20.53 -12.83 -71.42
N LYS G 569 -21.31 -13.59 -72.15
CA LYS G 569 -21.30 -13.54 -73.59
C LYS G 569 -22.70 -13.23 -74.01
N CYS G 570 -22.80 -12.36 -75.01
CA CYS G 570 -24.07 -12.07 -75.63
C CYS G 570 -23.84 -12.04 -77.11
N VAL G 571 -24.84 -12.55 -77.84
CA VAL G 571 -24.89 -12.45 -79.28
C VAL G 571 -26.34 -12.15 -79.66
N VAL G 572 -26.65 -10.90 -79.98
CA VAL G 572 -28.00 -10.54 -80.45
C VAL G 572 -27.95 -9.86 -81.79
N ASN G 573 -29.01 -10.01 -82.56
CA ASN G 573 -29.18 -9.20 -83.75
C ASN G 573 -29.75 -7.85 -83.37
N ILE G 574 -29.26 -6.83 -84.05
CA ILE G 574 -29.79 -5.49 -83.83
C ILE G 574 -30.56 -5.19 -85.07
N ASP G 575 -31.86 -5.07 -84.88
CA ASP G 575 -32.79 -4.94 -86.00
C ASP G 575 -32.91 -3.46 -86.36
N ASN G 576 -33.46 -3.15 -87.54
CA ASN G 576 -33.79 -1.77 -87.98
C ASN G 576 -32.59 -0.91 -88.34
N MET G 577 -31.57 -1.55 -88.92
CA MET G 577 -30.33 -0.88 -89.26
C MET G 577 -30.41 -0.27 -90.63
N SER G 578 -31.38 -0.75 -91.40
CA SER G 578 -31.61 -0.27 -92.76
C SER G 578 -31.78 1.25 -92.84
N SER G 579 -32.35 1.86 -91.79
CA SER G 579 -32.58 3.31 -91.77
C SER G 579 -31.86 4.03 -90.61
N SER G 580 -30.81 3.39 -90.07
CA SER G 580 -30.00 3.92 -88.97
C SER G 580 -28.57 3.98 -89.45
N ASN G 581 -27.77 4.88 -88.92
CA ASN G 581 -26.37 4.95 -89.38
C ASN G 581 -25.42 4.84 -88.18
N ALA G 582 -25.90 4.31 -87.06
CA ALA G 582 -25.14 4.24 -85.80
C ALA G 582 -25.92 3.50 -84.72
N ILE G 583 -25.21 2.94 -83.73
CA ILE G 583 -25.81 2.19 -82.62
C ILE G 583 -25.18 2.65 -81.32
N PRO G 584 -25.79 3.64 -80.63
CA PRO G 584 -25.27 4.01 -79.32
C PRO G 584 -25.40 2.87 -78.36
N MET G 585 -24.58 2.90 -77.28
CA MET G 585 -24.72 2.01 -76.19
C MET G 585 -24.40 2.71 -74.93
N TRP G 586 -25.02 2.24 -73.86
CA TRP G 586 -24.88 2.88 -72.59
C TRP G 586 -25.39 1.92 -71.57
N MET G 587 -25.31 2.35 -70.32
CA MET G 587 -25.52 1.49 -69.20
C MET G 587 -26.60 2.06 -68.30
N GLU G 588 -27.46 1.20 -67.74
CA GLU G 588 -28.45 1.65 -66.77
C GLU G 588 -28.38 0.82 -65.50
N TRP G 589 -28.76 1.42 -64.37
CA TRP G 589 -28.59 0.83 -63.05
C TRP G 589 -29.84 0.99 -62.27
N GLU G 590 -30.36 -0.12 -61.76
CA GLU G 590 -31.51 -0.11 -60.86
C GLU G 590 -31.10 0.22 -59.43
N PHE G 591 -31.19 1.51 -59.08
CA PHE G 591 -30.81 2.03 -57.77
C PHE G 591 -32.04 2.11 -56.85
N GLY G 592 -32.18 1.11 -55.99
CA GLY G 592 -33.32 1.06 -55.09
C GLY G 592 -34.55 1.02 -55.96
N GLY G 593 -35.44 1.99 -55.70
CA GLY G 593 -36.71 2.11 -56.42
C GLY G 593 -36.69 2.87 -57.73
N ILE G 594 -35.58 3.50 -58.07
CA ILE G 594 -35.45 4.30 -59.31
C ILE G 594 -34.46 3.70 -60.36
N ASN G 595 -34.49 4.17 -61.59
CA ASN G 595 -33.58 3.65 -62.63
C ASN G 595 -32.66 4.79 -63.08
N LEU G 596 -31.35 4.64 -62.91
CA LEU G 596 -30.35 5.62 -63.44
C LEU G 596 -29.80 5.18 -64.79
N SER G 597 -29.79 6.09 -65.76
CA SER G 597 -29.33 5.79 -67.08
C SER G 597 -28.12 6.67 -67.28
N THR G 598 -27.05 6.10 -67.82
CA THR G 598 -25.84 6.91 -68.16
C THR G 598 -25.91 7.41 -69.60
N GLY G 599 -27.01 7.09 -70.27
CA GLY G 599 -27.15 7.36 -71.68
C GLY G 599 -28.56 7.82 -71.96
N LEU G 600 -29.34 6.96 -72.60
CA LEU G 600 -30.70 7.28 -73.00
C LEU G 600 -31.54 7.61 -71.78
N LEU G 601 -32.15 8.79 -71.82
CA LEU G 601 -32.89 9.33 -70.72
C LEU G 601 -34.40 9.28 -71.00
N SER G 602 -34.79 9.35 -72.27
CA SER G 602 -36.19 9.44 -72.73
C SER G 602 -36.20 9.53 -74.25
N ILE G 603 -37.32 9.14 -74.86
CA ILE G 603 -37.52 9.22 -76.28
C ILE G 603 -38.82 9.97 -76.51
N SER G 604 -38.78 10.97 -77.37
CA SER G 604 -39.97 11.74 -77.66
C SER G 604 -40.91 10.95 -78.58
N SER G 605 -42.14 11.46 -78.72
CA SER G 605 -43.12 10.93 -79.67
C SER G 605 -42.51 10.83 -81.08
N ALA G 606 -41.83 11.89 -81.50
CA ALA G 606 -41.19 11.92 -82.82
C ALA G 606 -39.91 11.10 -82.90
N GLY G 607 -39.52 10.48 -81.78
CA GLY G 607 -38.38 9.58 -81.75
C GLY G 607 -37.08 10.32 -81.52
N VAL G 608 -37.15 11.43 -80.82
CA VAL G 608 -35.95 12.17 -80.42
C VAL G 608 -35.47 11.67 -79.06
N PRO G 609 -34.20 11.22 -78.96
CA PRO G 609 -33.61 10.79 -77.67
C PRO G 609 -33.02 11.95 -76.88
N GLU G 610 -33.23 11.91 -75.58
CA GLU G 610 -32.56 12.75 -74.58
C GLU G 610 -31.40 11.91 -73.99
N TRP G 611 -30.20 12.46 -74.06
CA TRP G 611 -28.95 11.85 -73.63
C TRP G 611 -28.43 12.54 -72.40
N ASN G 612 -27.97 11.77 -71.41
CA ASN G 612 -27.40 12.28 -70.16
C ASN G 612 -26.12 13.02 -70.54
N LYS G 613 -26.00 14.26 -70.06
CA LYS G 613 -24.89 15.11 -70.41
C LYS G 613 -23.74 14.83 -69.42
N GLY G 614 -24.00 14.05 -68.39
CA GLY G 614 -23.00 13.83 -67.36
C GLY G 614 -22.05 12.70 -67.70
N TYR G 615 -22.19 12.11 -68.89
CA TYR G 615 -21.42 10.92 -69.23
C TYR G 615 -21.20 10.98 -70.72
N LYS G 616 -20.12 10.42 -71.25
CA LYS G 616 -20.09 10.11 -72.72
C LYS G 616 -20.72 8.74 -72.88
N GLN G 617 -21.11 8.40 -74.09
CA GLN G 617 -21.82 7.15 -74.40
C GLN G 617 -21.03 6.45 -75.49
N GLY G 618 -21.24 5.16 -75.68
CA GLY G 618 -20.62 4.45 -76.82
C GLY G 618 -21.40 4.67 -78.10
N VAL G 619 -20.71 4.67 -79.22
CA VAL G 619 -21.40 4.67 -80.51
C VAL G 619 -20.63 3.86 -81.50
N TYR G 620 -21.29 2.91 -82.13
CA TYR G 620 -20.66 2.15 -83.19
C TYR G 620 -21.27 2.59 -84.51
N PHE G 621 -20.39 2.91 -85.47
CA PHE G 621 -20.77 3.28 -86.82
C PHE G 621 -20.49 2.10 -87.73
N PRO G 622 -21.56 1.52 -88.31
CA PRO G 622 -21.39 0.34 -89.20
C PRO G 622 -20.29 0.58 -90.23
N ILE G 623 -19.31 -0.29 -90.25
CA ILE G 623 -18.24 -0.20 -91.26
C ILE G 623 -18.86 -0.41 -92.61
N THR G 624 -18.18 0.11 -93.62
CA THR G 624 -18.81 0.33 -94.90
C THR G 624 -19.30 -0.96 -95.54
N ALA G 625 -18.69 -2.08 -95.18
CA ALA G 625 -19.09 -3.35 -95.78
C ALA G 625 -20.42 -3.79 -95.16
N LEU G 626 -20.78 -3.19 -94.05
CA LEU G 626 -22.01 -3.58 -93.39
C LEU G 626 -23.17 -2.60 -93.64
N ARG G 627 -22.90 -1.52 -94.40
CA ARG G 627 -23.67 -0.28 -94.25
C ARG G 627 -25.14 -0.37 -94.65
N ASN G 628 -25.46 -1.28 -95.54
CA ASN G 628 -26.81 -1.35 -96.06
C ASN G 628 -27.57 -2.57 -95.56
N ASP G 629 -27.02 -3.27 -94.57
CA ASP G 629 -27.73 -4.39 -93.97
C ASP G 629 -28.92 -3.91 -93.15
N LYS G 630 -30.04 -4.63 -93.23
CA LYS G 630 -31.20 -4.27 -92.41
C LYS G 630 -30.97 -4.67 -90.95
N SER G 631 -30.08 -5.63 -90.74
CA SER G 631 -29.83 -6.19 -89.43
C SER G 631 -28.32 -6.47 -89.16
N LEU G 632 -27.90 -6.24 -87.91
CA LEU G 632 -26.50 -6.43 -87.53
C LEU G 632 -26.34 -7.39 -86.37
N CYS G 633 -25.24 -8.12 -86.36
CA CYS G 633 -24.96 -9.03 -85.22
C CYS G 633 -23.95 -8.39 -84.27
N LEU G 634 -24.38 -8.26 -83.02
CA LEU G 634 -23.58 -7.64 -81.98
C LEU G 634 -23.05 -8.73 -81.07
N HIS G 635 -21.73 -9.00 -81.14
CA HIS G 635 -21.08 -9.94 -80.19
C HIS G 635 -20.49 -9.10 -79.10
N ALA G 636 -20.69 -9.49 -77.86
CA ALA G 636 -20.12 -8.70 -76.80
C ALA G 636 -19.74 -9.66 -75.72
N LEU G 637 -18.62 -9.40 -75.04
CA LEU G 637 -18.07 -10.32 -74.06
C LEU G 637 -17.53 -9.53 -72.89
N PHE G 638 -18.07 -9.84 -71.70
CA PHE G 638 -17.50 -9.32 -70.52
C PHE G 638 -16.54 -10.36 -69.98
N ASP G 639 -15.28 -9.98 -69.89
CA ASP G 639 -14.21 -10.88 -69.51
C ASP G 639 -13.88 -10.69 -68.04
N LYS G 640 -14.26 -11.68 -67.22
CA LYS G 640 -13.82 -11.82 -65.81
C LYS G 640 -12.44 -11.24 -65.47
N SER G 641 -11.44 -11.59 -66.28
CA SER G 641 -10.05 -11.45 -65.90
C SER G 641 -9.56 -10.03 -66.01
N THR G 642 -10.12 -9.29 -66.95
CA THR G 642 -9.68 -7.95 -67.21
C THR G 642 -10.71 -6.99 -66.67
N GLY G 643 -11.98 -7.40 -66.63
CA GLY G 643 -13.06 -6.48 -66.33
C GLY G 643 -13.48 -5.66 -67.53
N ASP G 644 -12.98 -5.97 -68.72
CA ASP G 644 -13.37 -5.26 -69.92
C ASP G 644 -14.48 -5.95 -70.74
N ILE G 645 -15.09 -5.16 -71.61
CA ILE G 645 -16.10 -5.63 -72.47
C ILE G 645 -15.54 -5.54 -73.89
N ASN G 646 -15.49 -6.66 -74.59
CA ASN G 646 -15.05 -6.65 -75.97
C ASN G 646 -16.24 -6.82 -76.91
N PHE G 647 -16.30 -6.03 -77.97
CA PHE G 647 -17.45 -5.99 -78.89
C PHE G 647 -17.07 -6.31 -80.30
N GLN G 648 -17.94 -7.00 -81.04
CA GLN G 648 -17.72 -7.26 -82.46
C GLN G 648 -19.03 -7.06 -83.20
N PHE G 649 -18.96 -6.38 -84.34
CA PHE G 649 -20.17 -6.17 -85.14
C PHE G 649 -20.00 -6.81 -86.48
N GLY G 650 -20.93 -7.68 -86.85
CA GLY G 650 -20.83 -8.42 -88.10
C GLY G 650 -22.17 -8.41 -88.81
N LYS G 651 -22.20 -8.96 -90.03
CA LYS G 651 -23.46 -9.29 -90.73
C LYS G 651 -24.24 -10.10 -89.77
N SER G 652 -25.53 -10.19 -89.95
CA SER G 652 -26.28 -11.08 -89.12
C SER G 652 -26.12 -12.48 -89.72
N MET H 9 -3.02 22.90 -42.77
CA MET H 9 -4.51 23.10 -42.76
C MET H 9 -5.13 21.80 -42.29
N PHE H 10 -5.82 21.88 -41.16
CA PHE H 10 -6.36 20.71 -40.53
C PHE H 10 -7.83 20.50 -40.87
N LEU H 11 -8.25 19.27 -41.10
CA LEU H 11 -9.64 19.13 -41.52
C LEU H 11 -10.39 18.34 -40.50
N GLU H 12 -11.41 18.92 -39.94
CA GLU H 12 -12.01 18.32 -38.78
C GLU H 12 -13.00 17.21 -39.21
N LYS H 13 -12.91 16.04 -38.57
CA LYS H 13 -13.87 14.91 -38.70
C LYS H 13 -14.16 14.36 -37.28
N ILE H 14 -15.25 13.61 -37.15
CA ILE H 14 -15.59 13.00 -35.87
C ILE H 14 -15.30 11.50 -35.95
N ASN H 15 -14.64 10.92 -34.94
CA ASN H 15 -14.35 9.48 -34.96
C ASN H 15 -15.64 8.74 -34.79
N GLN H 16 -16.07 8.06 -35.86
CA GLN H 16 -17.35 7.31 -35.91
C GLN H 16 -17.57 6.20 -34.87
N LYS H 17 -16.60 5.97 -34.00
CA LYS H 17 -16.82 4.93 -32.99
C LYS H 17 -16.64 5.48 -31.59
N THR H 18 -15.53 6.16 -31.35
CA THR H 18 -15.35 6.79 -30.06
C THR H 18 -16.29 8.00 -29.94
N GLY H 19 -16.47 8.72 -31.04
CA GLY H 19 -17.26 9.94 -30.99
C GLY H 19 -16.39 11.20 -30.88
N GLU H 20 -15.07 11.02 -30.85
CA GLU H 20 -14.14 12.12 -30.64
C GLU H 20 -13.85 12.97 -31.86
N ARG H 21 -13.67 14.26 -31.61
CA ARG H 21 -13.28 15.20 -32.64
C ARG H 21 -11.86 14.83 -33.05
N GLU H 22 -11.61 14.85 -34.36
CA GLU H 22 -10.29 14.51 -34.91
C GLU H 22 -9.91 15.37 -36.11
N TRP H 23 -8.67 15.20 -36.58
CA TRP H 23 -8.20 15.96 -37.72
C TRP H 23 -7.34 15.17 -38.63
N VAL H 24 -7.27 15.64 -39.87
CA VAL H 24 -6.58 14.96 -40.92
C VAL H 24 -6.06 16.10 -41.79
N VAL H 25 -4.98 15.88 -42.55
CA VAL H 25 -4.53 16.84 -43.56
C VAL H 25 -4.42 16.20 -44.92
N ALA H 26 -4.46 17.06 -45.93
CA ALA H 26 -4.31 16.68 -47.32
C ALA H 26 -2.88 16.20 -47.56
N GLU H 27 -2.69 15.35 -48.57
CA GLU H 27 -1.38 14.75 -48.86
C GLU H 27 -0.24 15.75 -49.02
N GLU H 28 -0.58 16.94 -49.50
CA GLU H 28 0.43 17.95 -49.76
C GLU H 28 0.89 18.57 -48.43
N ASP H 29 0.20 18.25 -47.34
CA ASP H 29 0.47 18.87 -46.06
C ASP H 29 0.99 17.82 -45.08
N TYR H 30 1.11 16.56 -45.53
CA TYR H 30 1.47 15.50 -44.61
C TYR H 30 2.84 15.73 -43.96
N ASP H 31 3.90 15.75 -44.77
CA ASP H 31 5.25 15.97 -44.29
C ASP H 31 5.24 17.14 -43.35
N MET H 32 4.59 18.21 -43.78
CA MET H 32 4.51 19.41 -42.97
C MET H 32 3.83 19.17 -41.63
N ALA H 33 2.70 18.46 -41.63
CA ALA H 33 2.02 18.19 -40.38
C ALA H 33 2.89 17.29 -39.44
N GLN H 34 3.46 16.24 -40.02
CA GLN H 34 4.37 15.35 -39.35
C GLN H 34 5.44 16.08 -38.64
N GLU H 35 6.05 17.03 -39.32
CA GLU H 35 7.12 17.75 -38.69
C GLU H 35 6.59 18.59 -37.51
N LEU H 36 5.35 19.04 -37.65
CA LEU H 36 4.79 19.85 -36.59
C LEU H 36 4.31 18.96 -35.42
N ALA H 37 4.00 17.71 -35.71
CA ALA H 37 3.76 16.75 -34.66
C ALA H 37 5.06 16.50 -33.88
N ARG H 38 6.19 16.79 -34.51
CA ARG H 38 7.45 16.60 -33.85
C ARG H 38 7.91 17.83 -33.10
N SER H 39 7.32 18.98 -33.38
CA SER H 39 7.93 20.24 -32.89
C SER H 39 7.94 20.43 -31.37
N ARG H 40 7.10 19.69 -30.65
CA ARG H 40 7.15 19.74 -29.21
C ARG H 40 8.46 19.15 -28.66
N PHE H 41 9.15 18.30 -29.45
CA PHE H 41 10.36 17.55 -29.00
C PHE H 41 10.15 16.90 -27.66
N GLY H 42 9.19 15.98 -27.65
CA GLY H 42 8.78 15.28 -26.46
C GLY H 42 8.40 16.19 -25.29
N ASP H 43 9.27 16.20 -24.30
CA ASP H 43 9.07 16.86 -23.05
C ASP H 43 9.79 18.22 -23.04
N MET H 44 10.52 18.54 -24.12
CA MET H 44 11.31 19.77 -24.15
C MET H 44 10.65 20.94 -23.37
N ILE H 45 9.45 21.36 -23.79
CA ILE H 45 8.74 22.47 -23.20
C ILE H 45 8.44 22.31 -21.70
N LEU H 46 8.24 21.07 -21.27
CA LEU H 46 7.96 20.73 -19.89
C LEU H 46 9.28 20.49 -19.16
N ASP H 47 10.38 20.75 -19.83
CA ASP H 47 11.61 20.57 -19.09
C ASP H 47 11.86 21.84 -18.25
N PHE H 48 11.19 21.93 -17.10
CA PHE H 48 11.26 23.11 -16.23
C PHE H 48 12.66 23.52 -15.91
N ASP H 49 13.54 22.56 -15.66
CA ASP H 49 14.94 22.93 -15.40
C ASP H 49 15.55 23.70 -16.59
N ARG H 50 15.42 23.17 -17.80
CA ARG H 50 15.92 23.88 -18.99
C ARG H 50 15.29 25.27 -19.13
N ASN H 51 13.98 25.38 -18.97
CA ASN H 51 13.33 26.71 -19.01
C ASN H 51 13.86 27.70 -17.94
N ASP H 52 14.02 27.21 -16.72
CA ASP H 52 14.51 28.07 -15.66
C ASP H 52 15.92 28.45 -15.93
N LYS H 53 16.69 27.54 -16.48
CA LYS H 53 18.09 27.87 -16.76
C LYS H 53 18.24 28.89 -17.86
N PHE H 54 17.46 28.74 -18.92
CA PHE H 54 17.46 29.74 -19.93
C PHE H 54 16.98 31.10 -19.39
N LEU H 55 15.82 31.14 -18.73
CA LEU H 55 15.33 32.32 -17.98
C LEU H 55 16.43 33.00 -17.25
N ALA H 56 17.15 32.22 -16.44
CA ALA H 56 18.20 32.79 -15.63
C ALA H 56 19.25 33.44 -16.48
N GLY H 57 19.64 32.76 -17.55
CA GLY H 57 20.67 33.27 -18.46
C GLY H 57 20.29 34.53 -19.22
N LEU H 58 19.06 34.57 -19.72
CA LEU H 58 18.50 35.75 -20.37
C LEU H 58 18.56 36.95 -19.42
N LYS H 59 17.92 36.81 -18.26
CA LYS H 59 18.01 37.79 -17.16
C LYS H 59 19.44 38.31 -16.83
N THR H 60 20.39 37.43 -16.53
CA THR H 60 21.78 37.86 -16.27
C THR H 60 22.38 38.81 -17.36
N THR H 61 22.25 38.40 -18.62
CA THR H 61 22.76 39.14 -19.78
C THR H 61 21.85 40.31 -20.22
N ILE H 62 20.53 40.17 -20.12
CA ILE H 62 19.67 41.34 -20.34
C ILE H 62 20.00 42.41 -19.28
N ALA H 63 20.24 41.96 -18.06
CA ALA H 63 20.81 42.81 -17.02
C ALA H 63 21.99 43.58 -17.59
N GLU H 64 23.12 42.90 -17.79
CA GLU H 64 24.35 43.64 -18.02
C GLU H 64 24.21 44.55 -19.23
N LYS H 65 23.55 44.05 -20.25
CA LYS H 65 23.42 44.83 -21.46
C LYS H 65 22.66 46.16 -21.24
N LYS H 66 21.82 46.23 -20.21
CA LYS H 66 21.25 47.51 -19.76
C LYS H 66 22.36 48.43 -19.19
N HIS H 67 23.18 47.88 -18.30
CA HIS H 67 24.31 48.61 -17.68
C HIS H 67 25.43 48.84 -18.64
N GLU H 68 25.48 48.03 -19.70
CA GLU H 68 26.57 48.07 -20.68
C GLU H 68 26.29 49.14 -21.71
N ASN H 69 25.19 48.95 -22.44
CA ASN H 69 24.79 49.83 -23.52
C ASN H 69 24.64 51.25 -22.98
N THR H 70 25.56 52.12 -23.36
CA THR H 70 25.47 53.50 -22.89
C THR H 70 23.98 53.97 -22.92
N ASP H 71 23.25 53.70 -24.00
CA ASP H 71 21.82 54.12 -24.10
C ASP H 71 20.80 53.16 -23.47
N GLY H 72 21.29 52.17 -22.73
CA GLY H 72 20.45 51.21 -22.00
C GLY H 72 19.36 50.51 -22.79
N LYS H 73 19.59 50.28 -24.07
CA LYS H 73 18.62 49.57 -24.92
C LYS H 73 19.12 48.19 -25.44
N VAL H 74 18.20 47.22 -25.43
CA VAL H 74 18.56 45.82 -25.59
C VAL H 74 17.77 45.09 -26.65
N HIS H 75 18.55 44.53 -27.55
CA HIS H 75 17.99 43.80 -28.66
C HIS H 75 18.40 42.36 -28.52
N VAL H 76 17.40 41.51 -28.37
CA VAL H 76 17.66 40.08 -28.19
C VAL H 76 17.32 39.30 -29.42
N LEU H 77 18.24 38.41 -29.79
CA LEU H 77 18.04 37.49 -30.89
C LEU H 77 17.80 36.02 -30.43
N ASP H 78 16.56 35.56 -30.59
CA ASP H 78 16.14 34.19 -30.24
C ASP H 78 16.00 33.37 -31.52
N ILE H 79 16.95 32.45 -31.70
CA ILE H 79 17.06 31.61 -32.90
C ILE H 79 16.45 30.20 -32.64
N GLY H 80 15.49 29.80 -33.47
CA GLY H 80 14.85 28.50 -33.32
C GLY H 80 13.93 28.66 -32.15
N THR H 81 12.91 29.49 -32.33
CA THR H 81 12.13 30.01 -31.24
C THR H 81 10.99 29.10 -30.90
N GLY H 82 10.62 28.23 -31.84
CA GLY H 82 9.57 27.26 -31.60
C GLY H 82 8.29 27.98 -31.31
N THR H 83 7.69 27.69 -30.15
CA THR H 83 6.44 28.31 -29.69
C THR H 83 6.59 29.81 -29.31
N GLY H 84 7.84 30.27 -29.18
CA GLY H 84 8.16 31.63 -28.88
C GLY H 84 8.46 31.79 -27.42
N LEU H 85 8.59 30.67 -26.73
CA LEU H 85 8.84 30.70 -25.29
C LEU H 85 9.95 31.67 -24.87
N LEU H 86 11.13 31.52 -25.46
CA LEU H 86 12.29 32.26 -24.99
C LEU H 86 12.20 33.74 -25.41
N SER H 87 11.38 34.05 -26.41
CA SER H 87 11.16 35.43 -26.79
C SER H 87 10.24 36.12 -25.78
N LEU H 88 9.15 35.42 -25.41
CA LEU H 88 8.31 35.84 -24.30
C LEU H 88 9.15 36.07 -23.07
N MET H 89 9.99 35.10 -22.74
CA MET H 89 10.84 35.28 -21.57
C MET H 89 11.63 36.54 -21.74
N ALA H 90 12.11 36.77 -22.95
CA ALA H 90 13.06 37.86 -23.17
C ALA H 90 12.40 39.21 -22.90
N ALA H 91 11.19 39.38 -23.42
CA ALA H 91 10.42 40.63 -23.40
C ALA H 91 9.92 40.97 -22.01
N ARG H 92 9.19 40.05 -21.36
CA ARG H 92 9.17 40.06 -19.91
C ARG H 92 10.63 40.20 -19.59
N GLU H 93 11.04 40.59 -18.40
CA GLU H 93 12.50 40.64 -18.16
C GLU H 93 13.19 41.81 -18.86
N GLY H 94 12.48 42.43 -19.78
CA GLY H 94 12.71 43.84 -20.14
C GLY H 94 13.67 44.09 -21.28
N ALA H 95 13.66 43.22 -22.28
CA ALA H 95 14.41 43.49 -23.48
C ALA H 95 13.57 44.46 -24.33
N ASP H 96 14.23 45.32 -25.07
CA ASP H 96 13.53 46.37 -25.75
C ASP H 96 13.05 45.91 -27.10
N LYS H 97 13.89 45.13 -27.76
CA LYS H 97 13.42 44.43 -28.95
C LYS H 97 13.88 42.96 -28.88
N VAL H 98 12.97 42.08 -29.24
CA VAL H 98 13.30 40.70 -29.46
C VAL H 98 13.03 40.40 -30.90
N THR H 99 14.07 39.92 -31.61
CA THR H 99 13.77 39.27 -32.91
C THR H 99 13.88 37.72 -32.88
N ALA H 100 12.85 37.07 -33.40
CA ALA H 100 12.72 35.60 -33.29
C ALA H 100 12.74 34.89 -34.65
N LEU H 101 13.72 33.99 -34.87
CA LEU H 101 13.81 33.25 -36.14
C LEU H 101 13.38 31.76 -36.02
N GLU H 102 12.65 31.25 -37.01
CA GLU H 102 12.17 29.87 -36.98
C GLU H 102 12.03 29.37 -38.43
N VAL H 103 12.93 28.48 -38.83
CA VAL H 103 12.91 27.92 -40.17
C VAL H 103 11.60 27.21 -40.47
N PHE H 104 10.97 26.61 -39.48
CA PHE H 104 9.88 25.74 -39.84
C PHE H 104 8.56 26.53 -39.89
N LYS H 105 8.11 26.77 -41.11
CA LYS H 105 7.14 27.85 -41.39
C LYS H 105 5.98 27.83 -40.44
N PRO H 106 5.37 26.65 -40.23
CA PRO H 106 4.22 26.54 -39.33
C PRO H 106 4.50 26.79 -37.85
N MET H 107 5.73 26.69 -37.37
CA MET H 107 5.99 27.06 -35.96
C MET H 107 6.26 28.56 -35.85
N GLY H 108 6.64 29.18 -36.96
CA GLY H 108 6.69 30.65 -37.06
C GLY H 108 5.29 31.22 -36.86
N ASP H 109 4.34 30.76 -37.67
CA ASP H 109 2.93 31.13 -37.47
C ASP H 109 2.55 30.96 -36.02
N CYS H 110 2.86 29.79 -35.47
CA CYS H 110 2.59 29.55 -34.05
C CYS H 110 3.25 30.61 -33.21
N ALA H 111 4.55 30.81 -33.35
CA ALA H 111 5.18 31.84 -32.56
C ALA H 111 4.43 33.18 -32.73
N ARG H 112 4.27 33.63 -33.97
CA ARG H 112 3.74 34.98 -34.18
C ARG H 112 2.35 35.10 -33.64
N HIS H 113 1.52 34.08 -33.81
CA HIS H 113 0.21 34.08 -33.15
C HIS H 113 0.31 34.27 -31.66
N ILE H 114 1.29 33.65 -31.02
CA ILE H 114 1.33 33.62 -29.54
C ILE H 114 1.94 34.91 -28.99
N THR H 115 3.04 35.35 -29.58
CA THR H 115 3.65 36.61 -29.19
C THR H 115 2.73 37.79 -29.56
N SER H 116 2.01 37.67 -30.66
CA SER H 116 1.03 38.69 -30.99
C SER H 116 -0.02 38.78 -29.90
N ASN H 117 -0.79 37.73 -29.68
CA ASN H 117 -1.76 37.76 -28.58
C ASN H 117 -1.20 38.09 -27.21
N SER H 118 0.13 38.17 -27.04
CA SER H 118 0.75 38.47 -25.71
C SER H 118 0.83 39.96 -25.34
N PRO H 119 0.95 40.27 -24.00
CA PRO H 119 1.23 41.60 -23.45
C PRO H 119 2.52 42.19 -23.96
N TRP H 120 3.32 41.40 -24.67
CA TRP H 120 4.54 41.93 -25.27
C TRP H 120 4.53 42.04 -26.79
N SER H 121 3.36 41.85 -27.37
CA SER H 121 3.17 41.90 -28.80
C SER H 121 4.00 42.90 -29.63
N ASP H 122 4.38 44.03 -29.06
CA ASP H 122 5.12 45.02 -29.89
C ASP H 122 6.61 45.15 -29.61
N LYS H 123 7.15 44.28 -28.74
CA LYS H 123 8.60 44.19 -28.48
C LYS H 123 9.22 43.06 -29.32
N ILE H 124 8.37 42.34 -30.04
CA ILE H 124 8.77 41.04 -30.52
C ILE H 124 8.31 40.90 -31.91
N THR H 125 9.25 40.58 -32.78
CA THR H 125 8.87 40.28 -34.13
C THR H 125 9.41 38.86 -34.54
N VAL H 126 8.73 38.21 -35.48
CA VAL H 126 8.93 36.79 -35.72
C VAL H 126 9.20 36.50 -37.21
N ILE H 127 10.44 36.10 -37.50
CA ILE H 127 10.96 35.89 -38.85
C ILE H 127 11.05 34.40 -39.24
N SER H 128 10.15 33.94 -40.12
CA SER H 128 10.12 32.54 -40.56
C SER H 128 11.23 32.10 -41.52
N GLU H 129 12.46 32.48 -41.21
CA GLU H 129 13.65 32.02 -41.91
C GLU H 129 14.55 31.24 -40.97
N ARG H 130 15.39 30.38 -41.55
CA ARG H 130 16.59 29.84 -40.91
C ARG H 130 17.64 30.94 -40.80
N SER H 131 18.36 30.98 -39.67
CA SER H 131 19.29 32.09 -39.35
C SER H 131 20.53 32.09 -40.19
N THR H 132 20.92 30.89 -40.59
CA THR H 132 22.11 30.72 -41.44
C THR H 132 21.90 31.49 -42.75
N ASP H 133 20.67 32.00 -42.96
CA ASP H 133 20.31 32.58 -44.23
C ASP H 133 20.01 34.07 -44.21
N VAL H 134 20.72 34.89 -43.44
CA VAL H 134 20.34 36.32 -43.34
C VAL H 134 21.51 37.30 -43.19
N SER H 140 19.95 46.76 -38.52
CA SER H 140 19.52 46.52 -37.13
C SER H 140 20.08 45.20 -36.53
N ARG H 141 20.95 45.27 -35.52
CA ARG H 141 21.61 44.04 -35.01
C ARG H 141 21.57 43.84 -33.49
N ALA H 142 22.06 42.68 -33.03
CA ALA H 142 21.69 42.13 -31.74
C ALA H 142 22.79 42.08 -30.67
N ASP H 143 22.41 42.32 -29.42
CA ASP H 143 23.39 42.36 -28.32
C ASP H 143 23.48 41.04 -27.60
N ILE H 144 22.34 40.31 -27.65
CA ILE H 144 22.16 38.99 -27.09
C ILE H 144 21.61 37.96 -28.11
N ILE H 145 22.33 36.84 -28.25
CA ILE H 145 21.76 35.69 -28.93
C ILE H 145 21.34 34.69 -27.86
N VAL H 146 20.11 34.24 -27.96
CA VAL H 146 19.73 33.10 -27.17
C VAL H 146 19.22 32.09 -28.19
N ALA H 147 19.72 30.85 -28.05
CA ALA H 147 19.29 29.72 -28.88
C ALA H 147 19.39 28.39 -28.10
N GLU H 148 18.29 27.66 -27.95
CA GLU H 148 18.37 26.24 -27.52
C GLU H 148 18.03 25.34 -28.69
N VAL H 149 19.11 24.83 -29.23
CA VAL H 149 19.16 24.31 -30.55
C VAL H 149 20.12 23.12 -30.48
N PHE H 150 20.07 22.41 -29.36
CA PHE H 150 21.01 21.35 -29.01
C PHE H 150 20.32 20.02 -28.99
N ASP H 151 21.00 18.98 -29.44
CA ASP H 151 20.44 17.64 -29.25
C ASP H 151 21.38 16.91 -28.30
N THR H 152 21.09 15.62 -28.08
CA THR H 152 21.79 14.79 -27.12
C THR H 152 23.27 14.85 -27.41
N GLU H 153 23.61 14.89 -28.69
CA GLU H 153 25.02 14.92 -29.04
C GLU H 153 25.59 16.35 -29.07
N LEU H 154 24.80 17.30 -28.55
CA LEU H 154 25.09 18.73 -28.52
C LEU H 154 24.99 19.43 -29.89
N ILE H 155 25.87 19.06 -30.83
CA ILE H 155 26.03 19.81 -32.11
C ILE H 155 25.21 19.26 -33.26
N GLY H 156 24.48 18.16 -33.02
CA GLY H 156 23.83 17.41 -34.11
C GLY H 156 22.65 18.14 -34.76
N GLU H 157 22.13 19.18 -34.10
CA GLU H 157 21.06 20.01 -34.69
C GLU H 157 21.59 21.30 -35.37
N GLY H 158 22.89 21.35 -35.58
CA GLY H 158 23.49 22.42 -36.29
C GLY H 158 23.90 23.58 -35.40
N ALA H 159 24.16 23.36 -34.11
CA ALA H 159 24.55 24.54 -33.24
C ALA H 159 25.79 25.29 -33.67
N LEU H 160 26.84 24.56 -34.06
CA LEU H 160 28.09 25.22 -34.32
C LEU H 160 27.93 26.35 -35.37
N ARG H 161 27.30 26.05 -36.50
CA ARG H 161 27.09 26.99 -37.62
C ARG H 161 26.10 28.07 -37.24
N THR H 162 25.03 27.66 -36.55
CA THR H 162 24.00 28.58 -36.12
C THR H 162 24.65 29.66 -35.31
N PHE H 163 25.56 29.31 -34.40
CA PHE H 163 26.21 30.37 -33.61
C PHE H 163 27.25 31.08 -34.41
N LYS H 164 28.14 30.34 -35.02
CA LYS H 164 29.24 30.95 -35.70
C LYS H 164 28.66 32.00 -36.66
N GLU H 165 27.65 31.61 -37.43
CA GLU H 165 27.16 32.50 -38.49
C GLU H 165 26.29 33.65 -38.01
N ALA H 166 25.56 33.47 -36.92
CA ALA H 166 24.77 34.58 -36.38
C ALA H 166 25.69 35.59 -35.71
N LEU H 167 26.74 35.11 -35.02
CA LEU H 167 27.80 36.01 -34.54
C LEU H 167 28.34 36.89 -35.67
N GLU H 168 28.95 36.27 -36.69
CA GLU H 168 29.60 37.04 -37.77
C GLU H 168 28.71 38.06 -38.52
N ARG H 169 27.45 37.73 -38.79
CA ARG H 169 26.54 38.58 -39.58
C ARG H 169 25.43 39.29 -38.81
N LEU H 170 24.97 38.70 -37.72
CA LEU H 170 23.67 39.12 -37.19
C LEU H 170 23.69 39.79 -35.81
N ALA H 171 24.90 39.94 -35.24
CA ALA H 171 25.03 40.34 -33.87
C ALA H 171 26.16 41.34 -33.67
N LYS H 172 25.93 42.31 -32.80
CA LYS H 172 26.95 43.29 -32.45
C LYS H 172 28.25 42.62 -32.02
N PRO H 173 29.39 43.25 -32.33
CA PRO H 173 30.63 42.83 -31.65
C PRO H 173 30.46 42.90 -30.13
N GLY H 174 31.20 42.07 -29.38
CA GLY H 174 31.09 42.01 -27.92
C GLY H 174 29.82 41.34 -27.41
N CYS H 175 28.87 41.10 -28.33
CA CYS H 175 27.57 40.47 -28.09
C CYS H 175 27.66 39.23 -27.24
N ARG H 176 26.62 38.95 -26.47
CA ARG H 176 26.62 37.74 -25.66
C ARG H 176 25.56 36.74 -26.06
N VAL H 177 25.78 35.51 -25.59
CA VAL H 177 24.92 34.39 -25.95
C VAL H 177 24.70 33.40 -24.78
N VAL H 178 23.45 32.93 -24.79
CA VAL H 178 22.84 32.06 -23.83
C VAL H 178 22.57 30.80 -24.67
N PRO H 179 23.33 29.70 -24.39
CA PRO H 179 24.35 29.65 -23.40
C PRO H 179 25.64 30.18 -23.95
N SER H 180 26.64 30.37 -23.09
CA SER H 180 27.88 30.93 -23.56
C SER H 180 28.90 29.89 -23.90
N THR H 181 28.80 28.74 -23.26
CA THR H 181 29.96 27.86 -23.18
C THR H 181 29.50 26.45 -22.83
N GLY H 182 30.32 25.44 -23.13
CA GLY H 182 29.87 24.05 -23.12
C GLY H 182 31.01 23.07 -23.14
N ASN H 183 30.79 21.92 -22.49
CA ASN H 183 31.75 20.84 -22.50
C ASN H 183 31.09 19.52 -22.89
N VAL H 184 31.81 18.67 -23.58
CA VAL H 184 31.31 17.32 -23.67
C VAL H 184 32.32 16.40 -22.99
N TYR H 185 31.77 15.50 -22.19
CA TYR H 185 32.56 14.55 -21.41
C TYR H 185 32.36 13.17 -21.98
N ILE H 186 33.38 12.34 -21.88
CA ILE H 186 33.19 10.93 -22.10
C ILE H 186 33.67 10.23 -20.85
N VAL H 187 33.15 9.03 -20.56
CA VAL H 187 33.65 8.27 -19.40
C VAL H 187 33.85 6.85 -19.84
N PRO H 188 35.08 6.35 -19.77
CA PRO H 188 35.25 4.97 -20.27
C PRO H 188 34.74 3.98 -19.22
N VAL H 189 34.07 2.93 -19.70
CA VAL H 189 33.37 2.00 -18.84
C VAL H 189 33.63 0.55 -19.29
N GLU H 190 33.74 -0.36 -18.33
CA GLU H 190 33.61 -1.79 -18.64
C GLU H 190 32.13 -2.07 -18.38
N SER H 191 31.51 -2.86 -19.24
CA SER H 191 30.06 -3.08 -19.13
C SER H 191 29.62 -4.04 -20.14
N HIS H 192 29.38 -5.28 -19.74
CA HIS H 192 29.01 -6.29 -20.71
C HIS H 192 27.68 -5.97 -21.35
N LEU H 193 26.82 -5.33 -20.56
CA LEU H 193 25.52 -4.88 -21.02
C LEU H 193 25.62 -3.93 -22.23
N LEU H 194 26.49 -2.92 -22.21
CA LEU H 194 26.56 -1.97 -23.32
C LEU H 194 27.28 -2.61 -24.48
N LYS H 195 28.20 -3.52 -24.19
CA LYS H 195 28.92 -4.19 -25.29
C LYS H 195 27.94 -5.02 -26.14
N MET H 196 26.83 -5.43 -25.53
CA MET H 196 25.90 -6.36 -26.17
C MET H 196 25.13 -5.67 -27.30
N PHE H 197 24.92 -4.37 -27.14
CA PHE H 197 24.32 -3.58 -28.22
C PHE H 197 25.20 -3.49 -29.49
N ASN H 198 26.50 -3.77 -29.42
CA ASN H 198 27.40 -3.53 -30.57
C ASN H 198 28.23 -4.74 -31.05
N ASP H 199 28.29 -5.73 -30.19
CA ASP H 199 29.03 -6.94 -30.44
C ASP H 199 28.47 -7.79 -31.59
N ILE H 200 29.36 -8.24 -32.48
CA ILE H 200 28.98 -9.19 -33.49
C ILE H 200 28.81 -10.52 -32.78
N PRO H 201 27.63 -11.15 -32.91
CA PRO H 201 27.23 -12.35 -32.19
C PRO H 201 28.19 -13.50 -32.38
N ARG H 202 28.80 -13.96 -31.29
CA ARG H 202 29.83 -14.98 -31.34
C ARG H 202 29.18 -16.31 -30.90
N LEU H 203 29.04 -17.25 -31.85
CA LEU H 203 28.10 -18.39 -31.68
C LEU H 203 28.52 -19.37 -30.62
N ASN H 204 29.84 -19.48 -30.42
CA ASN H 204 30.40 -20.43 -29.49
C ASN H 204 30.93 -19.76 -28.23
N GLY H 205 30.61 -18.48 -28.11
CA GLY H 205 30.66 -17.82 -26.83
C GLY H 205 32.02 -17.27 -26.50
N GLU H 206 33.00 -17.49 -27.37
CA GLU H 206 34.39 -17.17 -27.06
C GLU H 206 34.81 -15.79 -27.49
N LYS H 207 35.90 -15.34 -26.86
CA LYS H 207 36.45 -13.99 -26.95
C LYS H 207 36.89 -13.61 -28.36
N ASP H 208 37.46 -14.54 -29.09
CA ASP H 208 38.13 -14.15 -30.32
C ASP H 208 37.45 -14.68 -31.58
N GLU H 209 36.15 -14.98 -31.49
CA GLU H 209 35.39 -15.40 -32.69
C GLU H 209 35.06 -14.18 -33.50
N GLU H 210 35.35 -14.22 -34.81
CA GLU H 210 35.13 -13.08 -35.71
C GLU H 210 34.38 -13.55 -36.97
N PRO H 211 33.17 -14.05 -36.77
CA PRO H 211 32.56 -14.67 -37.93
C PRO H 211 32.32 -13.70 -39.09
N LEU H 212 32.34 -12.38 -38.85
CA LEU H 212 32.07 -11.44 -39.91
C LEU H 212 33.23 -10.49 -40.07
N GLY H 213 34.36 -10.81 -39.45
CA GLY H 213 35.50 -9.89 -39.43
C GLY H 213 35.31 -8.73 -38.46
N ARG H 214 36.11 -7.68 -38.57
CA ARG H 214 36.03 -6.58 -37.60
C ARG H 214 35.12 -5.47 -38.06
N CYS H 215 34.52 -4.74 -37.12
CA CYS H 215 33.48 -3.78 -37.44
C CYS H 215 33.48 -2.70 -36.42
N SER H 216 33.40 -1.46 -36.83
CA SER H 216 33.06 -0.42 -35.88
C SER H 216 31.68 -0.44 -35.24
N GLY H 217 30.71 -1.09 -35.87
CA GLY H 217 29.30 -0.86 -35.52
C GLY H 217 28.71 0.42 -36.09
N THR H 218 27.48 0.75 -35.70
CA THR H 218 26.82 1.80 -36.44
C THR H 218 27.20 3.19 -35.91
N ALA H 219 27.38 4.10 -36.86
CA ALA H 219 27.91 5.43 -36.64
C ALA H 219 26.85 6.43 -36.13
N ALA H 220 25.58 6.15 -36.36
CA ALA H 220 24.54 7.04 -35.88
C ALA H 220 24.61 7.13 -34.35
N VAL H 221 24.03 8.21 -33.80
CA VAL H 221 24.11 8.41 -32.37
C VAL H 221 23.33 7.28 -31.70
N PHE H 222 23.81 6.84 -30.54
CA PHE H 222 23.13 5.83 -29.70
C PHE H 222 22.78 6.56 -28.44
N ASP H 223 21.59 7.13 -28.41
CA ASP H 223 21.26 7.95 -27.28
C ASP H 223 20.50 7.09 -26.28
N VAL H 224 20.96 6.99 -25.05
CA VAL H 224 20.22 6.23 -24.02
C VAL H 224 20.10 7.00 -22.73
N GLN H 225 19.07 6.68 -21.95
CA GLN H 225 18.97 7.11 -20.58
C GLN H 225 19.91 6.30 -19.72
N LEU H 226 21.18 6.69 -19.64
CA LEU H 226 22.18 5.94 -18.83
C LEU H 226 21.81 5.74 -17.34
N SER H 227 20.92 6.59 -16.88
CA SER H 227 20.47 6.61 -15.52
C SER H 227 19.71 5.37 -15.14
N GLU H 228 19.22 4.61 -16.13
CA GLU H 228 18.42 3.48 -15.77
C GLU H 228 19.29 2.25 -15.80
N MET H 229 20.58 2.42 -15.98
CA MET H 229 21.47 1.30 -15.90
C MET H 229 21.62 1.02 -14.43
N LYS H 230 21.51 -0.24 -14.07
CA LYS H 230 21.81 -0.63 -12.70
C LYS H 230 23.29 -0.52 -12.43
N THR H 231 23.59 -0.20 -11.18
CA THR H 231 24.96 -0.12 -10.73
C THR H 231 25.84 -1.24 -11.26
N HIS H 232 25.39 -2.48 -11.09
CA HIS H 232 26.24 -3.59 -11.40
C HIS H 232 26.47 -3.78 -12.89
N GLU H 233 25.76 -3.03 -13.71
CA GLU H 233 25.80 -3.26 -15.16
C GLU H 233 26.99 -2.53 -15.79
N PHE H 234 27.70 -1.71 -15.02
CA PHE H 234 28.83 -0.99 -15.57
C PHE H 234 29.73 -0.55 -14.45
N ARG H 235 31.00 -0.32 -14.78
CA ARG H 235 31.98 0.28 -13.87
C ARG H 235 32.85 1.32 -14.58
N GLU H 236 32.76 2.56 -14.12
CA GLU H 236 33.58 3.66 -14.57
C GLU H 236 35.07 3.36 -14.42
N LEU H 237 35.85 3.45 -15.49
CA LEU H 237 37.30 3.17 -15.42
C LEU H 237 38.15 4.43 -15.12
N SER H 238 37.52 5.59 -15.03
CA SER H 238 38.27 6.82 -14.86
C SER H 238 37.30 7.92 -14.62
N GLU H 239 37.76 8.99 -14.00
CA GLU H 239 36.99 10.20 -13.97
C GLU H 239 36.61 10.62 -15.40
N PRO H 240 35.55 11.40 -15.55
CA PRO H 240 35.13 11.88 -16.86
C PRO H 240 36.19 12.78 -17.46
N ILE H 241 36.55 12.50 -18.70
CA ILE H 241 37.42 13.31 -19.50
C ILE H 241 36.61 14.35 -20.31
N VAL H 242 37.18 15.55 -20.44
CA VAL H 242 36.64 16.62 -21.25
C VAL H 242 37.11 16.41 -22.69
N ALA H 243 36.18 15.98 -23.56
CA ALA H 243 36.54 15.66 -24.91
C ALA H 243 36.70 16.93 -25.73
N PHE H 244 35.68 17.80 -25.66
CA PHE H 244 35.74 19.12 -26.25
C PHE H 244 35.18 20.22 -25.37
N LYS H 245 35.79 21.40 -25.58
CA LYS H 245 35.22 22.67 -25.15
C LYS H 245 34.62 23.42 -26.30
N PHE H 246 33.49 24.03 -26.08
CA PHE H 246 32.99 24.95 -27.05
C PHE H 246 32.77 26.25 -26.42
N ASP H 247 33.12 27.30 -27.16
CA ASP H 247 32.80 28.66 -26.81
C ASP H 247 31.80 29.17 -27.84
N PHE H 248 30.59 29.48 -27.41
CA PHE H 248 29.54 29.90 -28.34
C PHE H 248 29.59 31.42 -28.59
N GLU H 249 30.69 32.05 -28.15
CA GLU H 249 30.72 33.49 -28.03
C GLU H 249 31.28 34.44 -29.13
N HIS H 250 32.54 34.54 -29.60
CA HIS H 250 33.74 33.69 -29.73
C HIS H 250 33.88 32.82 -30.97
N GLU H 251 33.45 33.41 -32.08
CA GLU H 251 33.30 32.73 -33.36
C GLU H 251 34.53 32.10 -34.03
N GLU H 252 35.71 32.69 -33.87
CA GLU H 252 36.89 32.06 -34.44
C GLU H 252 37.18 30.78 -33.66
N LYS H 253 36.59 30.66 -32.47
CA LYS H 253 36.78 29.48 -31.62
C LYS H 253 35.91 28.30 -32.09
N ILE H 254 34.83 28.61 -32.81
CA ILE H 254 33.89 27.64 -33.35
C ILE H 254 34.40 26.99 -34.63
N ILE H 255 34.74 25.71 -34.55
CA ILE H 255 35.46 25.08 -35.65
C ILE H 255 34.82 23.75 -36.03
N PHE H 256 34.54 23.55 -37.31
CA PHE H 256 33.70 22.40 -37.67
C PHE H 256 34.31 21.04 -37.53
N ASP H 257 35.57 20.89 -37.94
CA ASP H 257 36.20 19.60 -38.05
C ASP H 257 37.38 19.56 -37.14
N GLU H 258 37.25 18.84 -36.02
CA GLU H 258 38.24 18.90 -34.98
C GLU H 258 38.61 17.50 -34.52
N SER H 259 39.85 17.31 -34.16
CA SER H 259 40.28 16.08 -33.52
C SER H 259 41.20 16.41 -32.36
N PHE H 260 41.12 15.69 -31.25
CA PHE H 260 42.02 15.92 -30.09
C PHE H 260 42.42 14.63 -29.42
N VAL H 261 43.71 14.48 -29.12
CA VAL H 261 44.10 13.37 -28.27
C VAL H 261 44.05 13.77 -26.81
N ARG H 262 43.13 13.12 -26.10
CA ARG H 262 42.87 13.37 -24.70
C ARG H 262 43.43 12.23 -23.87
N GLU H 263 43.64 12.51 -22.60
CA GLU H 263 44.48 11.71 -21.75
C GLU H 263 43.84 11.68 -20.40
N ALA H 264 44.05 10.60 -19.65
CA ALA H 264 43.44 10.44 -18.34
C ALA H 264 44.12 9.33 -17.55
N VAL H 265 43.93 9.38 -16.24
CA VAL H 265 44.40 8.35 -15.30
C VAL H 265 43.30 7.32 -14.99
N ALA H 266 43.64 6.04 -15.22
CA ALA H 266 42.72 4.97 -15.02
C ALA H 266 42.70 4.63 -13.57
N HIS H 267 41.51 4.61 -12.96
CA HIS H 267 41.45 4.28 -11.57
C HIS H 267 41.08 2.86 -11.31
N SER H 268 41.06 2.04 -12.35
CA SER H 268 40.84 0.58 -12.22
C SER H 268 41.43 -0.05 -13.44
N SER H 269 41.59 -1.36 -13.42
CA SER H 269 42.03 -2.04 -14.62
C SER H 269 40.82 -2.69 -15.28
N GLY H 270 40.86 -2.76 -16.61
CA GLY H 270 39.70 -3.25 -17.34
C GLY H 270 39.69 -2.82 -18.79
N THR H 271 38.78 -3.41 -19.55
CA THR H 271 38.70 -3.10 -20.97
C THR H 271 37.60 -2.06 -21.27
N ILE H 272 37.82 -1.25 -22.31
CA ILE H 272 36.79 -0.25 -22.56
C ILE H 272 35.79 -0.88 -23.51
N ASP H 273 34.63 -1.22 -22.98
CA ASP H 273 33.55 -1.73 -23.80
C ASP H 273 32.75 -0.63 -24.41
N ALA H 274 32.73 0.54 -23.76
CA ALA H 274 31.97 1.71 -24.21
C ALA H 274 32.47 2.97 -23.56
N LEU H 275 32.36 4.06 -24.34
CA LEU H 275 32.52 5.43 -23.85
C LEU H 275 31.13 6.05 -23.67
N LEU H 276 30.81 6.54 -22.50
CA LEU H 276 29.51 7.16 -22.25
C LEU H 276 29.75 8.65 -22.50
N MET H 277 28.81 9.35 -23.16
CA MET H 277 28.97 10.77 -23.33
C MET H 277 27.82 11.67 -22.89
N TRP H 278 28.14 12.85 -22.40
CA TRP H 278 27.12 13.86 -22.09
C TRP H 278 27.77 15.19 -22.04
N TRP H 279 26.93 16.22 -22.07
CA TRP H 279 27.40 17.57 -22.03
C TRP H 279 26.93 18.37 -20.85
N ASP H 280 27.60 19.49 -20.62
CA ASP H 280 26.99 20.55 -19.86
C ASP H 280 27.22 21.91 -20.53
N ILE H 281 26.24 22.80 -20.43
CA ILE H 281 26.39 24.17 -20.88
C ILE H 281 26.34 25.16 -19.68
N ASP H 282 27.12 26.24 -19.80
CA ASP H 282 27.14 27.34 -18.84
C ASP H 282 26.23 28.39 -19.38
N MET H 283 25.27 28.81 -18.58
CA MET H 283 24.16 29.55 -19.15
C MET H 283 24.59 30.99 -19.46
N ASP H 284 25.68 31.44 -18.82
CA ASP H 284 26.07 32.85 -18.94
C ASP H 284 27.53 33.12 -18.68
N ARG H 285 28.40 32.16 -18.93
CA ARG H 285 29.86 32.30 -18.72
C ARG H 285 30.37 32.62 -17.31
N ASN H 286 29.48 33.09 -16.44
CA ASN H 286 29.78 33.09 -15.00
C ASN H 286 29.53 31.65 -14.54
N GLY H 287 30.50 31.10 -13.82
CA GLY H 287 30.54 29.63 -13.63
C GLY H 287 29.51 29.05 -12.68
N THR H 288 28.28 29.57 -12.72
CA THR H 288 27.27 29.27 -11.69
C THR H 288 26.05 28.51 -12.19
N THR H 289 25.43 28.98 -13.27
CA THR H 289 24.19 28.36 -13.71
C THR H 289 24.40 27.41 -14.92
N PHE H 290 24.04 26.14 -14.72
CA PHE H 290 24.29 25.12 -15.72
C PHE H 290 23.11 24.30 -16.05
N ILE H 291 23.01 23.93 -17.33
CA ILE H 291 22.39 22.67 -17.70
C ILE H 291 23.43 21.54 -17.80
N ASP H 292 23.20 20.48 -17.03
CA ASP H 292 24.19 19.41 -16.95
C ASP H 292 23.49 18.11 -17.23
N MET H 293 23.96 17.37 -18.22
CA MET H 293 23.28 16.13 -18.65
C MET H 293 23.90 14.86 -18.08
N GLY H 294 24.82 15.00 -17.10
CA GLY H 294 25.36 13.83 -16.38
C GLY H 294 24.16 12.95 -15.99
N PRO H 295 24.34 11.60 -15.91
CA PRO H 295 23.17 10.82 -15.50
C PRO H 295 23.00 10.98 -14.01
N LYS H 296 21.86 10.53 -13.45
CA LYS H 296 21.70 10.51 -11.97
C LYS H 296 22.94 10.07 -11.20
N TRP H 297 23.62 9.02 -11.63
CA TRP H 297 24.80 8.59 -10.90
C TRP H 297 26.03 9.50 -11.00
N LYS H 298 26.00 10.51 -11.87
CA LYS H 298 27.18 11.39 -12.04
C LYS H 298 26.80 12.85 -12.19
N ASN H 299 25.98 13.35 -11.28
CA ASN H 299 25.36 14.65 -11.42
C ASN H 299 24.73 15.04 -10.09
N LYS H 300 25.50 15.77 -9.29
CA LYS H 300 24.92 16.73 -8.35
C LYS H 300 25.72 17.96 -8.70
N ASN H 301 25.07 19.13 -8.85
CA ASN H 301 23.77 19.43 -8.30
C ASN H 301 22.83 20.01 -9.36
N ASN H 302 22.85 19.45 -10.57
CA ASN H 302 21.93 19.93 -11.61
C ASN H 302 21.24 18.78 -12.37
N TYR H 303 21.01 17.65 -11.67
CA TYR H 303 20.21 16.53 -12.17
C TYR H 303 18.72 16.85 -12.26
N ALA H 304 18.18 16.78 -13.47
CA ALA H 304 16.75 16.66 -13.65
C ALA H 304 16.49 15.65 -14.76
N TRP H 305 15.33 15.00 -14.69
CA TRP H 305 14.96 14.06 -15.75
C TRP H 305 14.52 14.80 -16.97
N ARG H 306 14.92 14.31 -18.14
CA ARG H 306 14.30 14.76 -19.36
C ARG H 306 14.54 13.73 -20.44
N ASP H 307 13.83 13.88 -21.58
CA ASP H 307 13.94 12.92 -22.66
C ASP H 307 14.48 13.48 -23.96
N HIS H 308 14.00 14.65 -24.35
CA HIS H 308 14.47 15.33 -25.55
C HIS H 308 15.99 15.41 -25.55
N TRP H 309 16.59 15.37 -24.38
CA TRP H 309 18.05 15.22 -24.25
C TRP H 309 18.31 14.03 -23.31
N MET H 310 19.48 13.39 -23.44
CA MET H 310 19.78 12.11 -22.81
C MET H 310 21.30 12.05 -22.78
N GLN H 311 21.87 10.86 -22.53
CA GLN H 311 23.27 10.64 -22.69
C GLN H 311 23.43 9.77 -23.95
N ALA H 312 24.66 9.45 -24.33
CA ALA H 312 24.87 8.61 -25.48
C ALA H 312 26.02 7.63 -25.24
N VAL H 313 26.16 6.61 -26.09
CA VAL H 313 27.23 5.65 -25.92
C VAL H 313 28.05 5.38 -27.17
N TYR H 314 29.38 5.42 -27.05
CA TYR H 314 30.18 5.24 -28.17
C TYR H 314 31.06 4.02 -28.03
N TYR H 315 31.47 3.46 -29.16
CA TYR H 315 32.38 2.34 -29.14
C TYR H 315 33.66 2.68 -29.86
N LEU H 316 34.75 2.20 -29.30
CA LEU H 316 36.04 2.28 -29.88
C LEU H 316 36.08 1.21 -30.99
N PRO H 317 36.71 1.51 -32.16
CA PRO H 317 36.69 0.45 -33.18
C PRO H 317 37.42 -0.80 -32.77
N GLU H 318 38.49 -0.69 -31.98
CA GLU H 318 39.25 -1.88 -31.57
C GLU H 318 39.25 -1.93 -30.08
N LYS H 319 39.42 -3.15 -29.57
CA LYS H 319 39.45 -3.37 -28.15
C LYS H 319 40.58 -2.53 -27.51
N LYS H 320 40.28 -1.90 -26.38
CA LYS H 320 41.30 -1.14 -25.66
C LYS H 320 41.21 -1.41 -24.15
N LYS H 321 42.38 -1.71 -23.58
CA LYS H 321 42.50 -2.09 -22.20
C LYS H 321 43.25 -1.00 -21.49
N VAL H 322 42.80 -0.71 -20.30
CA VAL H 322 43.37 0.33 -19.51
C VAL H 322 43.92 -0.36 -18.26
N GLU H 323 44.73 0.36 -17.51
CA GLU H 323 45.50 -0.22 -16.41
C GLU H 323 45.49 0.78 -15.23
N MET H 324 45.11 0.35 -14.04
CA MET H 324 45.22 1.23 -12.86
C MET H 324 46.71 1.29 -12.55
N ASN H 325 47.30 2.38 -12.06
CA ASN H 325 46.86 3.76 -12.18
C ASN H 325 47.73 4.22 -13.33
N GLN H 326 47.55 3.60 -14.48
CA GLN H 326 48.24 4.04 -15.66
C GLN H 326 47.39 5.04 -16.45
N THR H 327 48.14 5.89 -17.13
CA THR H 327 47.69 6.87 -18.07
C THR H 327 47.29 6.18 -19.38
N PHE H 328 46.20 6.66 -19.97
CA PHE H 328 45.78 6.21 -21.31
C PHE H 328 45.17 7.42 -22.07
N GLU H 329 45.04 7.25 -23.39
CA GLU H 329 44.60 8.27 -24.32
C GLU H 329 43.43 7.81 -25.17
N ILE H 330 42.50 8.75 -25.46
CA ILE H 330 41.36 8.54 -26.34
C ILE H 330 41.37 9.67 -27.39
N VAL H 331 41.33 9.36 -28.68
CA VAL H 331 41.27 10.38 -29.70
C VAL H 331 39.81 10.83 -29.89
N CYS H 332 39.50 12.09 -29.58
CA CYS H 332 38.13 12.58 -29.70
C CYS H 332 37.91 13.39 -30.98
N ASN H 333 36.96 12.96 -31.80
CA ASN H 333 36.76 13.63 -33.07
C ASN H 333 35.35 14.14 -33.21
N HIS H 334 35.19 15.25 -33.90
CA HIS H 334 33.85 15.62 -34.35
C HIS H 334 33.95 16.29 -35.68
N ASP H 335 32.85 16.31 -36.42
CA ASP H 335 32.82 17.08 -37.65
C ASP H 335 31.68 18.01 -37.34
N GLU H 336 30.95 18.52 -38.32
CA GLU H 336 29.98 19.55 -38.00
C GLU H 336 28.89 19.00 -37.09
N PHE H 337 28.55 17.72 -37.27
CA PHE H 337 27.27 17.21 -36.74
C PHE H 337 27.39 16.03 -35.86
N SER H 338 28.61 15.55 -35.67
CA SER H 338 28.80 14.21 -35.11
C SER H 338 30.10 14.06 -34.39
N LEU H 339 30.07 13.24 -33.35
CA LEU H 339 31.20 12.92 -32.52
C LEU H 339 31.52 11.49 -32.81
N TRP H 340 32.78 11.13 -32.70
CA TRP H 340 33.18 9.72 -32.70
C TRP H 340 34.52 9.64 -32.02
N PHE H 341 34.88 8.42 -31.60
CA PHE H 341 36.07 8.27 -30.77
C PHE H 341 36.93 7.18 -31.28
N SER H 342 38.25 7.37 -31.23
CA SER H 342 39.10 6.39 -31.85
C SER H 342 40.36 6.08 -31.01
N ASN H 343 41.14 5.05 -31.39
CA ASN H 343 42.36 4.75 -30.62
C ASN H 343 43.59 5.47 -31.15
N VAL H 344 44.53 5.79 -30.26
CA VAL H 344 45.78 6.40 -30.69
C VAL H 344 46.45 5.60 -31.80
N GLY H 345 47.03 6.27 -32.78
CA GLY H 345 47.69 5.54 -33.86
C GLY H 345 46.78 4.84 -34.85
N LYS H 346 45.47 5.11 -34.76
CA LYS H 346 44.52 4.55 -35.73
C LYS H 346 43.82 5.61 -36.49
N ASP H 347 43.07 5.21 -37.50
CA ASP H 347 42.32 6.13 -38.33
C ASP H 347 41.51 7.18 -37.56
N LYS H 348 41.50 8.43 -37.99
CA LYS H 348 40.75 9.43 -37.25
C LYS H 348 39.40 9.82 -37.93
N SER H 349 39.15 9.28 -39.11
CA SER H 349 37.83 9.50 -39.72
C SER H 349 36.74 8.69 -39.06
N ARG H 350 35.53 9.13 -39.28
CA ARG H 350 34.34 8.49 -38.85
C ARG H 350 34.20 7.11 -39.52
N SER H 351 33.78 6.12 -38.73
CA SER H 351 33.64 4.75 -39.22
C SER H 351 32.18 4.23 -39.33
N TYR H 352 31.97 3.31 -40.24
CA TYR H 352 30.64 2.85 -40.57
C TYR H 352 30.64 1.35 -40.65
N CYS H 353 29.46 0.75 -40.43
CA CYS H 353 29.20 -0.69 -40.58
C CYS H 353 29.97 -1.20 -41.81
N VAL H 354 31.01 -1.99 -41.61
CA VAL H 354 31.54 -2.77 -42.73
C VAL H 354 31.07 -4.25 -42.72
N CYS H 355 30.61 -4.74 -41.57
CA CYS H 355 30.23 -6.14 -41.30
C CYS H 355 29.02 -6.48 -42.15
N GLY H 356 28.24 -5.43 -42.43
CA GLY H 356 26.86 -5.59 -42.93
C GLY H 356 25.83 -5.87 -41.84
N LEU H 357 26.27 -6.15 -40.61
CA LEU H 357 25.33 -6.52 -39.59
C LEU H 357 24.70 -5.29 -38.90
N HIS H 358 25.57 -4.46 -38.29
CA HIS H 358 25.25 -3.10 -37.82
C HIS H 358 24.08 -2.47 -38.62
N SER H 359 24.23 -2.49 -39.93
CA SER H 359 23.42 -1.78 -40.90
C SER H 359 22.01 -2.27 -41.06
N MET H 360 21.85 -3.58 -41.01
CA MET H 360 20.53 -4.21 -41.11
C MET H 360 19.78 -4.05 -39.79
N LEU H 361 20.48 -4.23 -38.66
CA LEU H 361 19.79 -4.41 -37.38
C LEU H 361 19.88 -3.18 -36.48
N SER H 362 18.77 -2.84 -35.83
CA SER H 362 18.77 -1.84 -34.76
C SER H 362 19.74 -2.24 -33.62
N ARG H 363 20.22 -1.28 -32.84
CA ARG H 363 20.98 -1.63 -31.64
C ARG H 363 20.27 -2.65 -30.71
N GLN H 364 18.99 -2.47 -30.44
CA GLN H 364 18.30 -3.35 -29.51
C GLN H 364 18.16 -4.82 -30.02
N THR H 365 18.14 -4.97 -31.34
CA THR H 365 18.04 -6.28 -31.94
C THR H 365 19.40 -6.98 -31.82
N VAL H 366 20.46 -6.19 -32.03
CA VAL H 366 21.82 -6.66 -31.76
C VAL H 366 21.97 -7.16 -30.32
N TYR H 367 21.43 -6.42 -29.34
CA TYR H 367 21.41 -6.89 -27.94
C TYR H 367 20.70 -8.25 -27.88
N HIS H 368 19.52 -8.32 -28.46
CA HIS H 368 18.72 -9.51 -28.48
C HIS H 368 19.45 -10.69 -29.08
N VAL H 369 20.07 -10.55 -30.25
CA VAL H 369 20.80 -11.69 -30.78
C VAL H 369 21.86 -12.17 -29.81
N ASN H 370 22.66 -11.27 -29.27
CA ASN H 370 23.72 -11.66 -28.35
C ASN H 370 23.14 -12.33 -27.10
N GLU H 371 21.99 -11.85 -26.65
CA GLU H 371 21.48 -12.38 -25.41
C GLU H 371 21.00 -13.80 -25.63
N MET H 372 20.22 -13.94 -26.70
CA MET H 372 19.69 -15.23 -27.11
C MET H 372 20.90 -16.18 -27.23
N PHE H 373 21.96 -15.73 -27.89
CA PHE H 373 23.20 -16.53 -27.98
C PHE H 373 23.79 -17.02 -26.66
N GLU H 374 23.54 -16.30 -25.56
CA GLU H 374 24.23 -16.52 -24.27
C GLU H 374 23.22 -16.98 -23.23
N ASN H 375 21.99 -17.19 -23.62
CA ASN H 375 20.94 -17.57 -22.67
C ASN H 375 20.71 -19.08 -22.53
N GLN H 376 21.23 -19.65 -21.44
CA GLN H 376 21.15 -21.12 -21.27
C GLN H 376 19.73 -21.66 -21.23
N LYS H 377 18.91 -21.11 -20.35
CA LYS H 377 17.50 -21.45 -20.33
C LYS H 377 16.89 -21.59 -21.76
N PHE H 378 17.23 -20.67 -22.65
CA PHE H 378 16.59 -20.67 -23.97
C PHE H 378 17.16 -21.75 -24.85
N LYS H 379 18.47 -21.94 -24.75
CA LYS H 379 19.14 -22.87 -25.62
C LYS H 379 18.83 -24.31 -25.23
N ASP H 380 18.70 -24.57 -23.93
CA ASP H 380 18.20 -25.87 -23.51
C ASP H 380 16.90 -26.18 -24.22
N GLU H 381 15.94 -25.26 -24.16
CA GLU H 381 14.71 -25.44 -24.91
C GLU H 381 14.94 -25.64 -26.39
N VAL H 382 15.85 -24.86 -26.99
CA VAL H 382 16.07 -25.02 -28.44
C VAL H 382 16.59 -26.44 -28.65
N ASP H 383 17.72 -26.75 -28.02
CA ASP H 383 18.28 -28.10 -27.94
C ASP H 383 17.26 -29.24 -27.76
N LYS H 384 16.44 -29.16 -26.73
CA LYS H 384 15.40 -30.15 -26.53
C LYS H 384 14.48 -30.26 -27.75
N LEU H 385 14.00 -29.16 -28.32
CA LEU H 385 13.06 -29.28 -29.45
C LEU H 385 13.68 -29.66 -30.76
N SER H 386 14.99 -29.53 -30.84
CA SER H 386 15.67 -29.82 -32.10
C SER H 386 16.41 -31.17 -32.11
N LYS H 387 16.61 -31.78 -30.94
CA LYS H 387 17.59 -32.89 -30.83
C LYS H 387 17.41 -33.97 -31.88
N GLY H 388 18.40 -34.14 -32.73
CA GLY H 388 18.34 -35.19 -33.75
C GLY H 388 17.30 -35.03 -34.86
N LEU H 389 16.70 -33.83 -34.96
CA LEU H 389 15.60 -33.56 -35.91
C LEU H 389 16.01 -32.80 -37.14
N HIS H 390 15.14 -32.78 -38.13
CA HIS H 390 15.26 -31.81 -39.21
C HIS H 390 14.44 -30.64 -38.77
N VAL H 391 15.09 -29.49 -38.60
CA VAL H 391 14.37 -28.32 -38.13
C VAL H 391 14.41 -27.27 -39.22
N ALA H 392 13.26 -26.70 -39.53
CA ALA H 392 13.24 -25.57 -40.40
C ALA H 392 12.98 -24.31 -39.60
N THR H 393 13.57 -23.24 -40.08
CA THR H 393 13.50 -21.93 -39.49
C THR H 393 12.78 -20.91 -40.39
N VAL H 394 11.77 -20.21 -39.86
CA VAL H 394 11.25 -19.02 -40.55
C VAL H 394 11.50 -17.69 -39.86
N GLY H 395 11.58 -16.60 -40.65
CA GLY H 395 11.90 -15.27 -40.15
C GLY H 395 12.71 -14.54 -41.19
N GLU H 396 13.14 -13.33 -40.84
CA GLU H 396 13.99 -12.52 -41.66
C GLU H 396 15.02 -11.87 -40.74
N GLY H 397 16.25 -12.36 -40.76
CA GLY H 397 17.32 -11.85 -39.91
C GLY H 397 17.29 -12.59 -38.57
N SER H 398 16.51 -13.65 -38.50
CA SER H 398 16.47 -14.44 -37.26
C SER H 398 17.65 -15.41 -37.20
N PHE H 399 18.37 -15.41 -36.10
CA PHE H 399 19.59 -16.22 -36.00
C PHE H 399 19.29 -17.60 -35.42
N LEU H 400 18.00 -17.87 -35.15
CA LEU H 400 17.63 -19.07 -34.37
C LEU H 400 18.26 -20.36 -34.93
N GLY H 401 18.47 -20.41 -36.23
CA GLY H 401 18.80 -21.68 -36.90
C GLY H 401 20.21 -22.08 -36.51
N LEU H 402 21.01 -21.07 -36.28
CA LEU H 402 22.36 -21.29 -35.94
C LEU H 402 22.40 -21.90 -34.54
N LEU H 403 21.37 -21.71 -33.74
CA LEU H 403 21.39 -22.29 -32.42
C LEU H 403 20.86 -23.71 -32.45
N ALA H 404 19.91 -23.96 -33.35
CA ALA H 404 19.35 -25.29 -33.54
C ALA H 404 20.36 -26.29 -34.05
N ALA H 405 21.39 -25.78 -34.68
CA ALA H 405 22.35 -26.62 -35.32
C ALA H 405 23.17 -27.42 -34.31
N LYS H 406 23.32 -26.90 -33.12
CA LYS H 406 23.99 -27.57 -32.03
C LYS H 406 23.47 -29.00 -31.88
N THR H 407 22.15 -29.18 -31.90
CA THR H 407 21.64 -30.53 -31.69
C THR H 407 20.72 -31.13 -32.78
N ALA H 408 20.60 -30.45 -33.91
CA ALA H 408 19.73 -30.93 -34.97
C ALA H 408 20.50 -31.77 -35.93
N LYS H 409 19.81 -32.73 -36.55
CA LYS H 409 20.39 -33.48 -37.62
C LYS H 409 20.55 -32.54 -38.79
N ARG H 410 19.54 -31.72 -39.03
CA ARG H 410 19.48 -30.81 -40.16
C ARG H 410 18.72 -29.53 -39.81
N VAL H 411 19.28 -28.40 -40.18
CA VAL H 411 18.56 -27.17 -40.03
C VAL H 411 18.45 -26.57 -41.39
N THR H 412 17.24 -26.23 -41.77
CA THR H 412 16.97 -25.42 -42.96
C THR H 412 16.47 -24.04 -42.58
N ILE H 413 17.30 -23.06 -42.93
CA ILE H 413 16.99 -21.69 -42.58
C ILE H 413 16.34 -21.01 -43.80
N ILE H 414 15.17 -20.40 -43.60
CA ILE H 414 14.45 -19.79 -44.73
C ILE H 414 14.46 -18.29 -44.59
N ASP H 415 15.14 -17.59 -45.48
CA ASP H 415 15.22 -16.15 -45.29
C ASP H 415 15.21 -15.42 -46.60
N GLY H 416 14.09 -14.74 -46.87
CA GLY H 416 13.93 -13.92 -48.08
C GLY H 416 15.00 -12.86 -48.30
N ASN H 417 15.77 -12.52 -47.27
CA ASN H 417 16.61 -11.35 -47.37
C ASN H 417 18.02 -11.74 -47.71
N GLU H 418 18.45 -11.38 -48.91
CA GLU H 418 19.73 -11.76 -49.41
C GLU H 418 20.85 -11.43 -48.46
N ARG H 419 20.94 -10.17 -48.02
CA ARG H 419 22.05 -9.78 -47.12
C ARG H 419 22.12 -10.72 -45.90
N PHE H 420 20.97 -11.11 -45.32
CA PHE H 420 20.97 -12.08 -44.22
C PHE H 420 21.44 -13.42 -44.65
N ARG H 421 21.04 -13.87 -45.84
CA ARG H 421 21.49 -15.20 -46.26
C ARG H 421 22.99 -15.18 -46.27
N ASP H 422 23.57 -14.12 -46.83
CA ASP H 422 25.05 -13.98 -46.92
C ASP H 422 25.67 -14.02 -45.52
N ILE H 423 25.03 -13.33 -44.59
CA ILE H 423 25.54 -13.28 -43.25
C ILE H 423 25.54 -14.66 -42.64
N PHE H 424 24.41 -15.34 -42.67
CA PHE H 424 24.37 -16.76 -42.23
C PHE H 424 25.37 -17.72 -42.94
N PHE H 425 25.61 -17.54 -44.23
CA PHE H 425 26.63 -18.40 -44.90
C PHE H 425 28.00 -18.11 -44.27
N LYS H 426 28.22 -16.85 -43.90
CA LYS H 426 29.49 -16.47 -43.30
C LYS H 426 29.59 -17.19 -42.00
N TYR H 427 28.48 -17.29 -41.28
CA TYR H 427 28.50 -17.99 -40.04
C TYR H 427 28.70 -19.49 -40.29
N ILE H 428 28.09 -20.05 -41.35
CA ILE H 428 28.25 -21.46 -41.59
C ILE H 428 29.69 -21.75 -41.95
N HIS H 429 30.26 -20.95 -42.83
CA HIS H 429 31.69 -21.09 -43.16
C HIS H 429 32.56 -21.06 -41.92
N TYR H 430 32.42 -20.01 -41.12
CA TYR H 430 33.33 -19.70 -40.01
C TYR H 430 33.35 -20.74 -38.89
N TYR H 431 32.21 -21.35 -38.62
CA TYR H 431 32.07 -22.28 -37.51
C TYR H 431 32.10 -23.66 -38.08
N LYS H 432 32.23 -23.74 -39.41
CA LYS H 432 32.10 -25.00 -40.19
C LYS H 432 30.94 -25.87 -39.77
N LEU H 433 29.75 -25.30 -39.79
CA LEU H 433 28.57 -26.08 -39.49
C LEU H 433 28.28 -26.95 -40.71
N THR H 434 28.04 -28.23 -40.43
CA THR H 434 27.89 -29.20 -41.50
C THR H 434 26.42 -29.60 -41.66
N ASN H 435 25.57 -29.14 -40.73
CA ASN H 435 24.13 -29.50 -40.74
C ASN H 435 23.14 -28.37 -41.07
N VAL H 436 23.59 -27.38 -41.84
CA VAL H 436 22.71 -26.25 -42.14
C VAL H 436 22.69 -25.74 -43.56
N GLU H 437 21.47 -25.67 -44.11
CA GLU H 437 21.28 -25.06 -45.43
C GLU H 437 20.34 -23.87 -45.27
N ILE H 438 20.31 -23.03 -46.30
CA ILE H 438 19.58 -21.83 -46.27
C ILE H 438 18.87 -21.68 -47.58
N ILE H 439 17.56 -21.52 -47.55
CA ILE H 439 16.79 -21.29 -48.78
C ILE H 439 16.09 -19.93 -48.74
N GLU H 440 15.80 -19.40 -49.93
CA GLU H 440 15.11 -18.13 -50.08
C GLU H 440 13.61 -18.19 -49.73
N LYS H 441 12.89 -19.16 -50.27
CA LYS H 441 11.43 -19.11 -50.17
C LYS H 441 10.89 -20.25 -49.41
N VAL H 442 9.80 -19.98 -48.72
CA VAL H 442 9.17 -21.01 -47.92
C VAL H 442 8.79 -22.21 -48.78
N THR H 443 8.42 -21.93 -50.03
CA THR H 443 7.98 -23.01 -50.94
C THR H 443 9.11 -23.95 -51.38
N SER H 444 10.36 -23.59 -51.15
CA SER H 444 11.43 -24.47 -51.52
C SER H 444 11.70 -25.47 -50.41
N LEU H 445 10.99 -25.35 -49.30
CA LEU H 445 11.15 -26.39 -48.29
C LEU H 445 10.38 -27.56 -48.83
N THR H 446 11.04 -28.38 -49.62
CA THR H 446 10.28 -29.41 -50.31
C THR H 446 10.37 -30.72 -49.55
N ASP H 447 11.49 -30.93 -48.88
CA ASP H 447 11.55 -31.99 -47.90
C ASP H 447 10.68 -31.52 -46.74
N SER H 448 9.93 -32.44 -46.13
CA SER H 448 9.07 -32.12 -45.00
C SER H 448 9.82 -32.31 -43.68
N PRO H 449 9.93 -31.23 -42.90
CA PRO H 449 10.69 -31.19 -41.67
C PRO H 449 9.94 -31.80 -40.54
N ASP H 450 10.66 -32.14 -39.47
CA ASP H 450 10.01 -32.62 -38.27
C ASP H 450 9.37 -31.49 -37.45
N ILE H 451 9.91 -30.27 -37.56
CA ILE H 451 9.49 -29.16 -36.68
C ILE H 451 9.95 -27.81 -37.25
N VAL H 452 9.09 -26.81 -37.14
CA VAL H 452 9.52 -25.45 -37.40
C VAL H 452 9.73 -24.65 -36.17
N LEU H 453 10.82 -23.87 -36.20
CA LEU H 453 11.19 -22.98 -35.09
C LEU H 453 11.35 -21.52 -35.49
N ALA H 454 10.78 -20.65 -34.68
CA ALA H 454 10.89 -19.22 -34.93
C ALA H 454 10.85 -18.53 -33.60
N GLU H 455 11.29 -17.30 -33.61
CA GLU H 455 11.29 -16.49 -32.39
C GLU H 455 9.87 -16.03 -32.03
N PRO H 456 9.08 -15.55 -33.02
CA PRO H 456 9.27 -15.20 -34.43
C PRO H 456 9.88 -13.83 -34.53
N PHE H 457 10.75 -13.64 -35.53
CA PHE H 457 11.39 -12.37 -35.75
C PHE H 457 11.67 -12.01 -37.21
N TYR H 458 11.15 -10.84 -37.64
CA TYR H 458 11.35 -10.31 -38.98
C TYR H 458 11.84 -8.88 -38.92
N MET H 459 13.02 -8.57 -39.46
CA MET H 459 13.56 -7.22 -39.34
C MET H 459 12.57 -6.26 -39.96
N SER H 460 11.75 -6.76 -40.86
CA SER H 460 10.87 -5.90 -41.62
C SER H 460 9.67 -5.32 -40.86
N ALA H 461 9.35 -5.94 -39.72
CA ALA H 461 8.18 -5.59 -38.91
C ALA H 461 8.19 -4.07 -38.66
N MET H 462 7.04 -3.42 -38.73
CA MET H 462 7.02 -1.96 -38.62
C MET H 462 6.80 -1.57 -37.19
N ASN H 463 6.07 -2.44 -36.51
CA ASN H 463 5.82 -2.29 -35.10
C ASN H 463 6.42 -3.44 -34.36
N PRO H 464 7.28 -3.14 -33.40
CA PRO H 464 8.04 -4.15 -32.69
C PRO H 464 7.13 -5.10 -31.94
N TRP H 465 5.86 -4.75 -31.76
CA TRP H 465 4.93 -5.74 -31.24
C TRP H 465 4.28 -6.58 -32.31
N ASN H 466 4.68 -6.41 -33.57
CA ASN H 466 3.95 -7.13 -34.65
C ASN H 466 4.84 -7.90 -35.62
N HIS H 467 5.22 -9.10 -35.19
CA HIS H 467 5.98 -9.98 -36.05
C HIS H 467 5.11 -11.03 -36.67
N LEU H 468 3.91 -10.61 -37.07
CA LEU H 468 2.89 -11.60 -37.35
C LEU H 468 2.97 -12.15 -38.78
N ARG H 469 3.94 -11.69 -39.56
CA ARG H 469 4.17 -12.34 -40.82
C ARG H 469 4.38 -13.83 -40.51
N PHE H 470 4.81 -14.13 -39.30
CA PHE H 470 4.96 -15.51 -38.89
C PHE H 470 3.71 -16.34 -39.32
N LEU H 471 2.53 -15.86 -38.97
CA LEU H 471 1.26 -16.56 -39.19
C LEU H 471 1.05 -16.97 -40.65
N TYR H 472 1.31 -16.02 -41.53
CA TYR H 472 1.39 -16.25 -42.95
C TYR H 472 2.37 -17.34 -43.35
N ASP H 473 3.56 -17.36 -42.74
CA ASP H 473 4.58 -18.32 -43.14
C ASP H 473 4.17 -19.72 -42.67
N VAL H 474 3.51 -19.81 -41.53
CA VAL H 474 3.05 -21.11 -41.05
C VAL H 474 1.91 -21.64 -41.93
N GLU H 475 1.10 -20.73 -42.44
CA GLU H 475 -0.01 -21.08 -43.33
C GLU H 475 0.53 -21.76 -44.58
N VAL H 476 1.62 -21.24 -45.13
CA VAL H 476 2.18 -21.87 -46.31
C VAL H 476 2.73 -23.25 -45.95
N LEU H 477 3.51 -23.31 -44.89
CA LEU H 477 4.14 -24.52 -44.42
C LEU H 477 3.12 -25.62 -44.27
N LYS H 478 2.01 -25.27 -43.65
CA LYS H 478 0.94 -26.19 -43.38
C LYS H 478 0.13 -26.52 -44.63
N MET H 479 0.23 -25.72 -45.67
CA MET H 479 -0.37 -26.09 -46.95
C MET H 479 0.44 -27.26 -47.53
N MET H 480 1.76 -27.17 -47.41
CA MET H 480 2.67 -28.04 -48.12
C MET H 480 2.90 -29.35 -47.41
N HIS H 481 2.98 -29.27 -46.08
CA HIS H 481 3.11 -30.46 -45.27
C HIS H 481 1.90 -30.45 -44.39
N GLY H 482 1.82 -31.27 -43.36
CA GLY H 482 0.51 -31.38 -42.64
C GLY H 482 -0.14 -30.14 -42.02
N ASP H 483 -1.29 -30.33 -41.39
CA ASP H 483 -1.72 -29.51 -40.27
C ASP H 483 -1.14 -30.13 -39.01
N GLU H 484 -0.37 -31.19 -39.20
CA GLU H 484 0.29 -31.91 -38.13
C GLU H 484 1.70 -31.47 -37.98
N LEU H 485 2.25 -30.87 -39.04
CA LEU H 485 3.53 -30.16 -38.96
C LEU H 485 3.59 -29.33 -37.69
N ARG H 486 4.52 -29.70 -36.81
CA ARG H 486 4.80 -29.06 -35.50
C ARG H 486 5.56 -27.77 -35.68
N VAL H 487 4.98 -26.70 -35.13
CA VAL H 487 5.62 -25.41 -35.09
C VAL H 487 5.63 -24.87 -33.69
N GLU H 488 6.70 -24.17 -33.40
CA GLU H 488 6.90 -23.58 -32.11
C GLU H 488 7.49 -22.20 -32.42
N PRO H 489 7.00 -21.16 -31.73
CA PRO H 489 6.03 -21.19 -30.64
C PRO H 489 4.63 -21.58 -31.14
N HIS H 490 3.85 -22.23 -30.28
CA HIS H 490 2.51 -22.72 -30.63
C HIS H 490 1.40 -21.71 -30.31
N MET H 491 1.72 -20.67 -29.54
CA MET H 491 0.76 -19.65 -29.16
C MET H 491 1.48 -18.31 -28.93
N GLY H 492 0.83 -17.23 -29.37
CA GLY H 492 1.29 -15.87 -29.10
C GLY H 492 0.17 -15.02 -28.55
N VAL H 493 0.44 -14.33 -27.45
CA VAL H 493 -0.49 -13.34 -26.91
C VAL H 493 0.03 -11.88 -26.86
N LEU H 494 -0.78 -10.95 -27.37
CA LEU H 494 -0.58 -9.53 -27.14
C LEU H 494 -1.06 -9.26 -25.74
N LYS H 495 -0.25 -8.57 -24.94
CA LYS H 495 -0.68 -8.13 -23.60
C LYS H 495 -0.56 -6.63 -23.39
N ALA H 496 -1.17 -6.15 -22.31
CA ALA H 496 -1.12 -4.76 -21.91
C ALA H 496 -1.17 -4.66 -20.37
N ILE H 497 -0.72 -3.53 -19.84
CA ILE H 497 -0.70 -3.29 -18.41
C ILE H 497 -0.83 -1.77 -18.11
N PRO H 498 -1.51 -1.39 -17.01
CA PRO H 498 -1.59 0.00 -16.66
C PRO H 498 -0.35 0.35 -15.89
N GLU H 499 0.37 1.38 -16.33
CA GLU H 499 1.58 1.73 -15.59
C GLU H 499 1.55 3.18 -15.24
N LYS H 500 2.17 3.51 -14.13
CA LYS H 500 2.30 4.89 -13.77
C LYS H 500 3.75 5.14 -13.78
N PHE H 501 4.23 5.79 -14.83
CA PHE H 501 5.63 6.15 -15.02
C PHE H 501 6.00 7.37 -14.21
N GLU H 502 7.24 7.49 -13.77
CA GLU H 502 7.70 8.69 -13.13
C GLU H 502 7.57 9.91 -14.01
N ASP H 503 8.04 9.82 -15.27
CA ASP H 503 8.29 10.99 -16.11
C ASP H 503 7.94 10.86 -17.59
N LEU H 504 8.01 9.64 -18.12
CA LEU H 504 7.81 9.39 -19.53
C LEU H 504 6.55 10.08 -20.12
N GLN H 505 5.53 10.28 -19.29
CA GLN H 505 4.22 10.78 -19.76
C GLN H 505 4.38 12.21 -20.29
N ASN H 506 5.45 12.87 -19.80
CA ASN H 506 5.81 14.23 -20.19
C ASN H 506 6.21 14.40 -21.65
N ILE H 507 6.46 13.31 -22.37
CA ILE H 507 6.73 13.45 -23.80
C ILE H 507 5.45 13.68 -24.61
N ALA H 508 4.31 13.29 -24.04
CA ALA H 508 3.00 13.30 -24.72
C ALA H 508 1.93 14.18 -24.03
N SER H 509 2.17 14.62 -22.81
CA SER H 509 1.13 15.38 -22.16
C SER H 509 1.21 16.86 -22.57
N ASP H 510 0.12 17.58 -22.26
CA ASP H 510 -0.08 18.93 -22.67
C ASP H 510 0.77 19.89 -21.89
N VAL H 511 1.31 20.82 -22.66
CA VAL H 511 2.18 21.83 -22.19
C VAL H 511 1.43 22.89 -21.32
N GLY H 512 0.21 23.27 -21.69
CA GLY H 512 -0.51 24.31 -20.91
C GLY H 512 0.29 25.61 -20.67
N THR H 513 0.32 26.09 -19.42
CA THR H 513 0.97 27.35 -19.07
C THR H 513 2.36 27.08 -18.53
N VAL H 514 3.36 27.76 -19.08
CA VAL H 514 4.76 27.47 -18.83
C VAL H 514 5.49 28.75 -18.44
N ASN H 515 6.14 28.74 -17.28
CA ASN H 515 6.70 29.95 -16.64
C ASN H 515 5.73 31.14 -16.69
N GLY H 516 4.46 30.90 -16.40
CA GLY H 516 3.47 31.99 -16.42
C GLY H 516 3.02 32.38 -17.82
N PHE H 517 3.45 31.62 -18.83
CA PHE H 517 3.07 31.92 -20.19
C PHE H 517 2.06 30.87 -20.65
N ASP H 518 1.01 31.31 -21.33
CA ASP H 518 -0.04 30.37 -21.72
C ASP H 518 0.25 29.82 -23.09
N LEU H 519 0.74 28.59 -23.17
CA LEU H 519 1.09 28.05 -24.48
C LEU H 519 0.04 27.12 -25.02
N SER H 520 -1.21 27.34 -24.62
CA SER H 520 -2.31 26.44 -24.97
C SER H 520 -2.62 26.42 -26.45
N PHE H 521 -2.18 27.47 -27.16
CA PHE H 521 -2.44 27.54 -28.59
C PHE H 521 -1.61 26.45 -29.28
N PHE H 522 -0.34 26.36 -28.88
CA PHE H 522 0.53 25.29 -29.36
C PHE H 522 -0.07 23.92 -29.04
N ASP H 523 -0.50 23.69 -27.81
CA ASP H 523 -1.26 22.49 -27.52
C ASP H 523 -2.27 22.28 -28.59
N GLU H 524 -3.03 23.32 -28.87
CA GLU H 524 -4.10 23.14 -29.83
C GLU H 524 -3.58 22.63 -31.17
N ILE H 525 -2.55 23.29 -31.71
CA ILE H 525 -2.04 22.86 -33.01
C ILE H 525 -1.21 21.56 -32.95
N SER H 526 -0.50 21.38 -31.83
CA SER H 526 0.26 20.17 -31.58
C SER H 526 -0.65 18.96 -31.64
N THR H 527 -1.81 19.10 -31.01
CA THR H 527 -2.74 18.00 -30.86
C THR H 527 -3.31 17.73 -32.21
N LYS H 528 -3.47 18.79 -33.00
CA LYS H 528 -4.05 18.60 -34.31
C LYS H 528 -3.09 17.83 -35.23
N ALA H 529 -1.88 18.31 -35.29
CA ALA H 529 -0.84 17.62 -36.01
C ALA H 529 -0.67 16.15 -35.52
N ARG H 530 -0.62 15.95 -34.22
CA ARG H 530 -0.43 14.64 -33.70
C ARG H 530 -1.64 13.77 -34.02
N THR H 531 -2.84 14.22 -33.75
CA THR H 531 -4.01 13.47 -34.22
C THR H 531 -3.85 13.06 -35.68
N ALA H 532 -3.27 13.91 -36.49
CA ALA H 532 -3.37 13.68 -37.91
C ALA H 532 -2.34 12.69 -38.44
N THR H 533 -1.20 12.66 -37.79
CA THR H 533 -0.08 11.92 -38.31
C THR H 533 0.41 10.79 -37.39
N ASP H 534 0.58 11.08 -36.10
CA ASP H 534 1.03 10.09 -35.11
C ASP H 534 0.35 8.72 -35.13
N ALA H 535 1.15 7.69 -34.86
CA ALA H 535 0.61 6.43 -34.45
C ALA H 535 -0.16 6.65 -33.13
N ILE H 536 -1.22 5.92 -32.97
CA ILE H 536 -1.97 5.86 -31.74
C ILE H 536 -1.16 5.22 -30.58
N VAL H 537 -0.38 4.18 -30.91
CA VAL H 537 0.52 3.57 -29.95
C VAL H 537 1.92 4.01 -30.32
N ASP H 538 2.64 4.61 -29.37
CA ASP H 538 4.04 5.01 -29.58
C ASP H 538 4.99 3.81 -29.28
N GLU H 539 6.28 3.93 -29.60
CA GLU H 539 7.21 2.84 -29.25
C GLU H 539 8.44 3.38 -28.55
N GLN H 540 8.97 2.60 -27.63
CA GLN H 540 9.77 3.22 -26.63
C GLN H 540 10.48 2.09 -25.92
N SER H 541 11.73 2.33 -25.53
CA SER H 541 12.53 1.33 -24.83
C SER H 541 12.18 1.44 -23.38
N LEU H 542 11.15 0.68 -23.00
CA LEU H 542 10.57 0.82 -21.67
C LEU H 542 11.59 0.59 -20.53
N TRP H 543 12.63 -0.16 -20.77
CA TRP H 543 13.64 -0.34 -19.75
C TRP H 543 14.30 0.90 -19.33
N GLU H 544 14.29 1.88 -20.22
CA GLU H 544 14.95 3.14 -19.98
C GLU H 544 14.05 4.12 -19.26
N TYR H 545 12.87 3.68 -18.82
CA TYR H 545 11.94 4.57 -18.12
C TYR H 545 11.35 3.96 -16.84
N ALA H 546 11.50 4.67 -15.73
CA ALA H 546 11.08 4.14 -14.44
C ALA H 546 9.60 4.31 -14.27
N GLY H 547 9.03 3.37 -13.55
CA GLY H 547 7.63 3.44 -13.25
C GLY H 547 7.22 2.30 -12.35
N ILE H 548 5.93 2.32 -12.02
CA ILE H 548 5.33 1.38 -11.11
C ILE H 548 4.05 0.97 -11.72
N VAL H 549 3.86 -0.33 -11.79
CA VAL H 549 2.78 -0.89 -12.52
C VAL H 549 1.57 -0.93 -11.62
N LYS H 550 0.36 -0.97 -12.19
CA LYS H 550 -0.88 -0.68 -11.42
C LYS H 550 -1.97 -1.75 -11.40
N GLY H 551 -1.67 -2.86 -12.05
CA GLY H 551 -2.63 -3.94 -12.24
C GLY H 551 -1.82 -5.10 -12.75
N ASP H 552 -2.47 -6.24 -12.93
CA ASP H 552 -1.88 -7.35 -13.67
C ASP H 552 -1.83 -7.05 -15.15
N ALA H 553 -0.90 -7.72 -15.85
CA ALA H 553 -0.91 -7.77 -17.30
C ALA H 553 -2.30 -8.26 -17.76
N VAL H 554 -2.76 -7.82 -18.92
CA VAL H 554 -4.01 -8.31 -19.43
C VAL H 554 -3.87 -8.73 -20.89
N GLU H 555 -4.58 -9.81 -21.23
CA GLU H 555 -4.49 -10.40 -22.53
C GLU H 555 -5.37 -9.65 -23.43
N ILE H 556 -4.86 -9.29 -24.60
CA ILE H 556 -5.60 -8.49 -25.51
C ILE H 556 -6.00 -9.29 -26.70
N LEU H 557 -5.03 -9.96 -27.30
CA LEU H 557 -5.26 -10.81 -28.48
C LEU H 557 -4.52 -12.11 -28.27
N ARG H 558 -5.08 -13.17 -28.83
CA ARG H 558 -4.52 -14.51 -28.72
C ARG H 558 -4.41 -14.99 -30.13
N PHE H 559 -3.26 -15.58 -30.47
CA PHE H 559 -3.05 -16.13 -31.79
C PHE H 559 -2.58 -17.54 -31.64
N PRO H 560 -3.43 -18.50 -32.02
CA PRO H 560 -2.99 -19.88 -32.14
C PRO H 560 -2.30 -20.04 -33.48
N ILE H 561 -1.20 -20.79 -33.45
CA ILE H 561 -0.38 -20.97 -34.63
C ILE H 561 -0.82 -22.27 -35.21
N ASP H 562 -1.93 -22.24 -35.92
CA ASP H 562 -2.53 -23.45 -36.44
C ASP H 562 -2.62 -23.39 -37.97
N GLY H 563 -1.80 -22.53 -38.58
CA GLY H 563 -1.77 -22.37 -40.02
C GLY H 563 -3.06 -21.90 -40.67
N ARG H 564 -4.01 -21.42 -39.87
CA ARG H 564 -5.13 -20.64 -40.44
C ARG H 564 -5.27 -19.22 -39.88
N VAL H 565 -4.88 -18.24 -40.66
CA VAL H 565 -4.90 -16.85 -40.24
C VAL H 565 -6.29 -16.15 -40.36
N SER H 566 -6.82 -15.66 -39.24
CA SER H 566 -8.08 -14.93 -39.34
C SER H 566 -8.10 -13.61 -38.62
N SER H 567 -8.83 -12.65 -39.22
CA SER H 567 -9.06 -11.37 -38.59
C SER H 567 -9.52 -11.65 -37.19
N GLN H 568 -9.36 -10.69 -36.32
CA GLN H 568 -9.71 -10.91 -34.92
C GLN H 568 -9.92 -9.54 -34.33
N LYS H 569 -11.02 -9.39 -33.61
CA LYS H 569 -11.42 -8.12 -33.02
C LYS H 569 -11.63 -8.36 -31.56
N CYS H 570 -11.30 -7.39 -30.74
CA CYS H 570 -11.70 -7.46 -29.34
C CYS H 570 -11.76 -6.09 -28.67
N VAL H 571 -12.38 -6.07 -27.47
CA VAL H 571 -12.38 -4.89 -26.61
C VAL H 571 -12.21 -5.36 -25.19
N VAL H 572 -11.25 -4.78 -24.46
CA VAL H 572 -11.08 -5.14 -23.07
C VAL H 572 -10.77 -3.93 -22.24
N ASN H 573 -11.22 -4.02 -20.99
CA ASN H 573 -11.12 -2.98 -19.98
C ASN H 573 -9.78 -3.01 -19.30
N ILE H 574 -9.19 -1.84 -19.19
CA ILE H 574 -7.94 -1.65 -18.48
C ILE H 574 -8.38 -0.80 -17.32
N ASP H 575 -8.46 -1.40 -16.16
CA ASP H 575 -8.89 -0.66 -14.98
C ASP H 575 -7.64 -0.03 -14.36
N ASN H 576 -7.80 0.65 -13.22
CA ASN H 576 -6.68 1.27 -12.49
C ASN H 576 -6.03 2.41 -13.23
N MET H 577 -6.80 3.05 -14.12
CA MET H 577 -6.23 4.08 -14.99
C MET H 577 -6.22 5.46 -14.35
N SER H 578 -6.90 5.55 -13.20
CA SER H 578 -6.94 6.75 -12.40
C SER H 578 -5.58 7.11 -11.79
N SER H 579 -4.87 6.09 -11.31
CA SER H 579 -3.50 6.26 -10.82
C SER H 579 -2.40 5.83 -11.81
N SER H 580 -2.78 5.61 -13.08
CA SER H 580 -1.80 5.25 -14.12
C SER H 580 -1.66 6.43 -15.08
N ASN H 581 -0.61 6.46 -15.91
CA ASN H 581 -0.53 7.47 -16.98
C ASN H 581 -0.13 6.88 -18.34
N ALA H 582 -0.20 5.54 -18.46
CA ALA H 582 0.12 4.86 -19.74
C ALA H 582 -0.29 3.41 -19.76
N ILE H 583 -0.16 2.82 -20.94
CA ILE H 583 -0.50 1.43 -21.14
C ILE H 583 0.52 0.76 -22.03
N PRO H 584 1.61 0.23 -21.45
CA PRO H 584 2.56 -0.49 -22.26
C PRO H 584 1.92 -1.72 -22.86
N MET H 585 2.31 -2.05 -24.08
CA MET H 585 1.84 -3.26 -24.68
C MET H 585 2.92 -4.02 -25.44
N TRP H 586 2.92 -5.34 -25.27
CA TRP H 586 3.93 -6.18 -25.90
C TRP H 586 3.38 -7.55 -26.23
N MET H 587 4.23 -8.34 -26.86
CA MET H 587 3.84 -9.66 -27.27
C MET H 587 4.60 -10.79 -26.53
N GLU H 588 3.85 -11.85 -26.28
CA GLU H 588 4.41 -13.01 -25.62
C GLU H 588 4.18 -14.29 -26.41
N TRP H 589 5.18 -15.17 -26.42
CA TRP H 589 5.15 -16.45 -27.16
C TRP H 589 5.43 -17.63 -26.29
N GLU H 590 4.63 -18.70 -26.49
CA GLU H 590 4.86 -20.02 -25.85
C GLU H 590 5.75 -20.82 -26.77
N PHE H 591 7.05 -20.86 -26.46
CA PHE H 591 8.06 -21.55 -27.27
C PHE H 591 8.32 -22.91 -26.62
N GLY H 592 7.55 -23.91 -27.05
CA GLY H 592 7.54 -25.22 -26.40
C GLY H 592 7.09 -25.01 -24.98
N GLY H 593 7.90 -25.46 -24.03
CA GLY H 593 7.58 -25.38 -22.58
C GLY H 593 8.05 -24.13 -21.83
N ILE H 594 8.59 -23.15 -22.55
CA ILE H 594 8.91 -21.89 -21.87
C ILE H 594 8.16 -20.69 -22.43
N ASN H 595 8.12 -19.59 -21.67
CA ASN H 595 7.49 -18.36 -22.12
C ASN H 595 8.52 -17.28 -22.54
N LEU H 596 8.34 -16.69 -23.71
CA LEU H 596 9.21 -15.59 -24.13
C LEU H 596 8.40 -14.32 -24.15
N SER H 597 8.86 -13.33 -23.42
CA SER H 597 8.24 -12.03 -23.47
C SER H 597 9.12 -11.05 -24.24
N THR H 598 8.58 -10.41 -25.25
CA THR H 598 9.38 -9.37 -25.87
C THR H 598 9.15 -8.06 -25.13
N GLY H 599 8.54 -8.15 -23.95
CA GLY H 599 8.15 -6.97 -23.22
C GLY H 599 8.37 -7.06 -21.73
N LEU H 600 7.30 -7.28 -20.98
CA LEU H 600 7.42 -7.41 -19.52
C LEU H 600 8.13 -8.72 -19.18
N LEU H 601 9.19 -8.63 -18.41
CA LEU H 601 9.88 -9.84 -17.97
C LEU H 601 9.36 -10.19 -16.57
N SER H 602 9.16 -9.20 -15.70
CA SER H 602 8.83 -9.47 -14.30
C SER H 602 8.31 -8.24 -13.57
N ILE H 603 7.77 -8.44 -12.37
CA ILE H 603 7.33 -7.34 -11.49
C ILE H 603 7.80 -7.60 -10.06
N SER H 604 8.51 -6.65 -9.47
CA SER H 604 8.95 -6.77 -8.10
C SER H 604 7.71 -6.77 -7.18
N SER H 605 7.91 -7.06 -5.89
CA SER H 605 6.77 -6.98 -4.97
C SER H 605 6.32 -5.55 -4.85
N ALA H 606 7.24 -4.61 -5.02
CA ALA H 606 6.86 -3.21 -5.02
C ALA H 606 6.10 -2.71 -6.29
N GLY H 607 5.96 -3.56 -7.32
CA GLY H 607 5.39 -3.12 -8.60
C GLY H 607 6.38 -2.56 -9.65
N VAL H 608 7.67 -2.83 -9.51
CA VAL H 608 8.60 -2.35 -10.51
C VAL H 608 8.69 -3.31 -11.67
N PRO H 609 8.26 -2.84 -12.85
CA PRO H 609 8.36 -3.72 -14.00
C PRO H 609 9.80 -3.86 -14.55
N GLU H 610 10.06 -4.95 -15.25
CA GLU H 610 11.29 -5.16 -15.98
C GLU H 610 10.92 -5.46 -17.41
N TRP H 611 11.66 -4.82 -18.32
CA TRP H 611 11.41 -4.78 -19.73
C TRP H 611 12.58 -5.33 -20.48
N ASN H 612 12.28 -6.09 -21.52
CA ASN H 612 13.26 -6.72 -22.34
C ASN H 612 14.09 -5.67 -23.12
N LYS H 613 15.37 -5.54 -22.82
CA LYS H 613 16.17 -4.55 -23.49
C LYS H 613 16.32 -4.79 -24.97
N GLY H 614 15.87 -5.94 -25.50
CA GLY H 614 16.21 -6.35 -26.87
C GLY H 614 15.14 -6.00 -27.90
N TYR H 615 14.16 -5.25 -27.43
CA TYR H 615 13.03 -4.87 -28.23
C TYR H 615 12.53 -3.55 -27.66
N LYS H 616 11.82 -2.79 -28.46
CA LYS H 616 11.08 -1.68 -27.98
C LYS H 616 9.67 -2.14 -27.65
N GLN H 617 8.94 -1.40 -26.83
CA GLN H 617 7.57 -1.73 -26.55
C GLN H 617 6.64 -0.66 -27.05
N GLY H 618 5.40 -1.08 -27.32
CA GLY H 618 4.34 -0.10 -27.62
C GLY H 618 3.90 0.50 -26.31
N VAL H 619 3.51 1.78 -26.32
CA VAL H 619 2.97 2.44 -25.14
C VAL H 619 1.98 3.45 -25.59
N TYR H 620 0.79 3.38 -25.00
CA TYR H 620 -0.24 4.37 -25.25
C TYR H 620 -0.31 5.35 -24.09
N PHE H 621 -0.32 6.63 -24.40
CA PHE H 621 -0.58 7.66 -23.39
C PHE H 621 -1.99 8.21 -23.56
N PRO H 622 -2.83 8.12 -22.48
CA PRO H 622 -4.21 8.58 -22.63
C PRO H 622 -4.22 10.03 -23.17
N ILE H 623 -4.95 10.23 -24.26
CA ILE H 623 -5.17 11.56 -24.77
C ILE H 623 -5.90 12.35 -23.71
N THR H 624 -5.77 13.66 -23.83
CA THR H 624 -6.16 14.53 -22.74
C THR H 624 -7.65 14.39 -22.42
N ALA H 625 -8.45 14.02 -23.40
CA ALA H 625 -9.87 13.81 -23.13
C ALA H 625 -10.08 12.65 -22.21
N LEU H 626 -9.13 11.73 -22.19
CA LEU H 626 -9.31 10.51 -21.40
C LEU H 626 -8.51 10.53 -20.11
N ARG H 627 -7.79 11.60 -19.85
CA ARG H 627 -6.76 11.56 -18.78
C ARG H 627 -7.15 11.22 -17.32
N ASN H 628 -8.44 11.34 -16.94
CA ASN H 628 -8.84 11.00 -15.53
C ASN H 628 -9.91 9.96 -15.39
N ASP H 629 -10.17 9.19 -16.44
CA ASP H 629 -11.09 8.06 -16.37
C ASP H 629 -10.41 6.98 -15.52
N LYS H 630 -11.17 6.33 -14.64
CA LYS H 630 -10.66 5.27 -13.76
C LYS H 630 -10.34 4.04 -14.59
N SER H 631 -11.04 3.94 -15.71
CA SER H 631 -10.95 2.82 -16.60
C SER H 631 -11.01 3.29 -18.05
N LEU H 632 -10.38 2.51 -18.94
CA LEU H 632 -10.46 2.72 -20.40
C LEU H 632 -10.75 1.42 -21.13
N CYS H 633 -11.44 1.55 -22.25
CA CYS H 633 -11.63 0.39 -23.13
C CYS H 633 -10.56 0.38 -24.24
N LEU H 634 -9.79 -0.70 -24.28
CA LEU H 634 -8.87 -0.97 -25.38
C LEU H 634 -9.57 -1.75 -26.53
N HIS H 635 -9.53 -1.19 -27.71
CA HIS H 635 -10.08 -1.82 -28.90
C HIS H 635 -8.92 -2.24 -29.74
N ALA H 636 -8.90 -3.51 -30.10
CA ALA H 636 -7.76 -4.04 -30.82
C ALA H 636 -8.31 -4.86 -31.93
N LEU H 637 -7.89 -4.51 -33.16
CA LEU H 637 -8.30 -5.27 -34.34
C LEU H 637 -7.11 -5.83 -35.13
N PHE H 638 -7.09 -7.14 -35.33
CA PHE H 638 -6.11 -7.74 -36.21
C PHE H 638 -6.71 -7.98 -37.59
N ASP H 639 -6.16 -7.35 -38.60
CA ASP H 639 -6.78 -7.44 -39.93
C ASP H 639 -5.97 -8.38 -40.85
N LYS H 640 -6.61 -9.47 -41.28
CA LYS H 640 -5.94 -10.56 -41.99
C LYS H 640 -5.33 -10.13 -43.33
N SER H 641 -5.98 -9.19 -43.98
CA SER H 641 -5.57 -8.76 -45.30
C SER H 641 -4.37 -7.87 -45.21
N THR H 642 -4.11 -7.33 -44.03
CA THR H 642 -2.95 -6.45 -43.85
C THR H 642 -1.88 -7.18 -43.04
N GLY H 643 -2.30 -7.92 -42.02
CA GLY H 643 -1.36 -8.39 -41.04
C GLY H 643 -1.19 -7.43 -39.90
N ASP H 644 -1.86 -6.27 -39.96
CA ASP H 644 -1.76 -5.26 -38.89
C ASP H 644 -2.70 -5.45 -37.71
N ILE H 645 -2.25 -4.98 -36.56
CA ILE H 645 -3.10 -4.80 -35.42
C ILE H 645 -3.42 -3.31 -35.28
N ASN H 646 -4.68 -2.96 -35.49
CA ASN H 646 -5.18 -1.62 -35.25
C ASN H 646 -5.84 -1.46 -33.89
N PHE H 647 -5.55 -0.32 -33.28
CA PHE H 647 -5.94 0.02 -31.93
C PHE H 647 -6.78 1.29 -31.86
N GLN H 648 -7.77 1.27 -31.00
CA GLN H 648 -8.34 2.52 -30.50
C GLN H 648 -8.59 2.44 -29.00
N PHE H 649 -8.39 3.57 -28.33
CA PHE H 649 -8.70 3.68 -26.92
C PHE H 649 -9.81 4.71 -26.70
N GLY H 650 -10.76 4.37 -25.83
CA GLY H 650 -11.77 5.33 -25.38
C GLY H 650 -12.28 4.96 -24.02
N LYS H 651 -13.41 5.56 -23.66
CA LYS H 651 -13.91 5.50 -22.30
C LYS H 651 -14.74 4.27 -21.89
N SER H 652 -15.52 3.71 -22.80
CA SER H 652 -16.37 2.53 -22.45
C SER H 652 -17.16 1.90 -23.59
N MET I 9 36.37 -14.89 -52.46
CA MET I 9 36.27 -15.55 -51.10
C MET I 9 35.09 -16.53 -51.07
N PHE I 10 35.30 -17.73 -50.53
CA PHE I 10 34.36 -18.82 -50.72
C PHE I 10 33.94 -19.33 -49.40
N LEU I 11 32.64 -19.54 -49.25
CA LEU I 11 32.09 -19.87 -48.00
C LEU I 11 31.69 -21.33 -48.13
N GLU I 12 32.14 -22.12 -47.20
CA GLU I 12 32.00 -23.54 -47.29
C GLU I 12 30.77 -23.94 -46.49
N LYS I 13 30.01 -24.88 -47.03
CA LYS I 13 28.79 -25.38 -46.44
C LYS I 13 28.67 -26.84 -46.87
N ILE I 14 27.89 -27.65 -46.15
CA ILE I 14 27.71 -29.05 -46.56
C ILE I 14 26.34 -29.30 -47.23
N ASN I 15 26.34 -29.75 -48.48
CA ASN I 15 25.13 -30.17 -49.18
C ASN I 15 24.41 -31.12 -48.32
N GLN I 16 23.17 -30.77 -47.96
CA GLN I 16 22.44 -31.57 -46.97
C GLN I 16 21.80 -32.86 -47.51
N LYS I 17 21.84 -33.04 -48.84
CA LYS I 17 21.25 -34.21 -49.43
C LYS I 17 22.30 -35.20 -49.92
N THR I 18 23.45 -34.69 -50.36
CA THR I 18 24.55 -35.53 -50.83
C THR I 18 25.74 -35.70 -49.85
N GLY I 19 26.02 -34.74 -48.96
CA GLY I 19 27.18 -34.85 -48.05
C GLY I 19 28.41 -34.10 -48.59
N GLU I 20 28.36 -33.75 -49.86
CA GLU I 20 29.46 -33.06 -50.54
C GLU I 20 29.75 -31.67 -49.98
N ARG I 21 31.04 -31.34 -49.91
CA ARG I 21 31.47 -30.05 -49.45
C ARG I 21 31.23 -29.14 -50.62
N GLU I 22 30.58 -28.02 -50.36
CA GLU I 22 30.22 -27.06 -51.40
C GLU I 22 30.62 -25.66 -50.97
N TRP I 23 30.55 -24.72 -51.91
CA TRP I 23 30.83 -23.33 -51.61
C TRP I 23 29.84 -22.37 -52.18
N VAL I 24 29.88 -21.17 -51.63
CA VAL I 24 29.00 -20.16 -52.01
C VAL I 24 29.79 -18.84 -51.87
N VAL I 25 29.53 -17.88 -52.74
CA VAL I 25 30.02 -16.53 -52.53
C VAL I 25 28.90 -15.57 -52.06
N ALA I 26 29.30 -14.48 -51.41
CA ALA I 26 28.37 -13.44 -51.06
C ALA I 26 28.04 -12.74 -52.35
N GLU I 27 26.99 -11.94 -52.32
CA GLU I 27 26.40 -11.44 -53.53
C GLU I 27 27.23 -10.43 -54.32
N GLU I 28 28.14 -9.70 -53.68
CA GLU I 28 29.01 -8.82 -54.47
C GLU I 28 30.22 -9.53 -55.08
N ASP I 29 30.46 -10.77 -54.66
CA ASP I 29 31.53 -11.54 -55.26
C ASP I 29 31.02 -12.40 -56.42
N TYR I 30 29.69 -12.42 -56.63
CA TYR I 30 29.07 -13.27 -57.66
C TYR I 30 29.68 -13.07 -59.05
N ASP I 31 29.45 -11.93 -59.68
CA ASP I 31 29.95 -11.60 -61.02
C ASP I 31 31.39 -12.06 -61.22
N MET I 32 32.21 -11.72 -60.25
CA MET I 32 33.59 -12.07 -60.23
C MET I 32 33.77 -13.58 -60.16
N ALA I 33 33.02 -14.26 -59.29
CA ALA I 33 33.17 -15.72 -59.17
C ALA I 33 32.72 -16.43 -60.44
N GLN I 34 31.70 -15.83 -61.03
CA GLN I 34 31.22 -16.31 -62.29
C GLN I 34 32.37 -16.23 -63.34
N GLU I 35 33.05 -15.09 -63.45
CA GLU I 35 34.01 -14.95 -64.52
C GLU I 35 35.12 -16.01 -64.33
N LEU I 36 35.52 -16.21 -63.09
CA LEU I 36 36.58 -17.11 -62.74
C LEU I 36 36.18 -18.55 -63.06
N ALA I 37 34.88 -18.83 -63.00
CA ALA I 37 34.39 -20.16 -63.26
C ALA I 37 34.50 -20.39 -64.77
N ARG I 38 34.34 -19.33 -65.52
CA ARG I 38 34.52 -19.38 -66.94
C ARG I 38 36.00 -19.48 -67.28
N SER I 39 36.87 -19.15 -66.32
CA SER I 39 38.28 -18.92 -66.64
C SER I 39 39.06 -20.11 -67.23
N ARG I 40 38.74 -21.34 -66.84
CA ARG I 40 39.30 -22.54 -67.47
C ARG I 40 39.03 -22.66 -68.99
N PHE I 41 37.93 -22.08 -69.44
CA PHE I 41 37.58 -22.02 -70.87
C PHE I 41 37.45 -23.41 -71.45
N GLY I 42 36.64 -24.21 -70.76
CA GLY I 42 36.39 -25.57 -71.14
C GLY I 42 37.59 -26.50 -71.02
N ASP I 43 38.11 -26.87 -72.19
CA ASP I 43 39.20 -27.86 -72.30
C ASP I 43 40.51 -27.18 -72.71
N MET I 44 40.52 -25.87 -72.80
CA MET I 44 41.72 -25.09 -73.09
C MET I 44 43.00 -25.67 -72.47
N ILE I 45 42.91 -26.11 -71.22
CA ILE I 45 44.10 -26.49 -70.48
C ILE I 45 44.45 -27.97 -70.71
N LEU I 46 43.43 -28.81 -70.84
CA LEU I 46 43.56 -30.22 -71.22
C LEU I 46 43.78 -30.43 -72.75
N ASP I 47 43.84 -29.37 -73.52
CA ASP I 47 44.21 -29.46 -74.90
C ASP I 47 45.74 -29.57 -75.01
N PHE I 48 46.21 -30.81 -74.94
CA PHE I 48 47.64 -31.12 -75.01
C PHE I 48 48.29 -30.65 -76.30
N ASP I 49 47.63 -30.86 -77.43
CA ASP I 49 48.22 -30.46 -78.70
C ASP I 49 48.55 -28.99 -78.61
N ARG I 50 47.58 -28.18 -78.16
CA ARG I 50 47.80 -26.74 -77.94
C ARG I 50 49.01 -26.46 -77.06
N ASN I 51 49.18 -27.28 -76.03
CA ASN I 51 50.21 -27.08 -75.02
C ASN I 51 51.61 -27.27 -75.60
N ASP I 52 51.84 -28.48 -76.15
CA ASP I 52 53.04 -28.85 -76.96
C ASP I 52 53.38 -27.89 -78.05
N LYS I 53 52.37 -27.45 -78.78
CA LYS I 53 52.67 -26.59 -79.88
C LYS I 53 53.14 -25.28 -79.35
N PHE I 54 52.56 -24.83 -78.26
CA PHE I 54 53.06 -23.60 -77.68
C PHE I 54 54.46 -23.83 -77.10
N LEU I 55 54.66 -24.99 -76.47
CA LEU I 55 55.99 -25.41 -76.02
C LEU I 55 57.03 -25.46 -77.16
N ALA I 56 56.83 -26.31 -78.17
CA ALA I 56 57.68 -26.30 -79.38
C ALA I 56 58.06 -24.88 -79.77
N GLY I 57 57.07 -24.01 -79.92
CA GLY I 57 57.32 -22.66 -80.41
C GLY I 57 58.07 -21.83 -79.42
N LEU I 58 58.04 -22.24 -78.16
CA LEU I 58 58.80 -21.49 -77.18
C LEU I 58 60.27 -21.96 -77.21
N LYS I 59 60.50 -23.28 -77.18
CA LYS I 59 61.82 -23.86 -77.47
C LYS I 59 62.57 -23.17 -78.62
N THR I 60 61.89 -23.00 -79.75
CA THR I 60 62.53 -22.46 -80.94
C THR I 60 63.00 -21.04 -80.70
N THR I 61 62.04 -20.15 -80.51
CA THR I 61 62.31 -18.74 -80.32
C THR I 61 63.34 -18.46 -79.21
N ILE I 62 63.31 -19.27 -78.15
CA ILE I 62 64.17 -19.03 -77.00
C ILE I 62 65.62 -19.25 -77.40
N ALA I 63 65.97 -20.48 -77.78
CA ALA I 63 67.26 -20.79 -78.41
C ALA I 63 67.71 -19.68 -79.40
N GLU I 64 66.80 -19.34 -80.29
CA GLU I 64 67.03 -18.40 -81.35
C GLU I 64 67.41 -17.01 -80.85
N LYS I 65 67.24 -16.76 -79.55
CA LYS I 65 67.43 -15.43 -78.95
C LYS I 65 68.62 -15.41 -78.00
N LYS I 66 68.87 -16.56 -77.37
CA LYS I 66 70.14 -16.89 -76.68
C LYS I 66 71.31 -16.65 -77.64
N HIS I 67 71.31 -17.39 -78.76
CA HIS I 67 72.28 -17.25 -79.84
C HIS I 67 72.30 -15.85 -80.42
N GLU I 68 71.14 -15.21 -80.50
CA GLU I 68 71.06 -13.89 -81.13
C GLU I 68 71.57 -12.78 -80.21
N ASN I 69 71.12 -12.76 -78.97
CA ASN I 69 71.46 -11.66 -78.05
C ASN I 69 72.92 -11.65 -77.59
N THR I 70 73.50 -10.43 -77.52
CA THR I 70 74.87 -10.14 -77.11
C THR I 70 75.17 -10.79 -75.74
N ASP I 71 74.47 -10.32 -74.70
CA ASP I 71 74.37 -11.04 -73.43
C ASP I 71 73.69 -12.37 -73.74
N GLY I 72 73.83 -13.37 -72.87
CA GLY I 72 73.12 -14.62 -73.12
C GLY I 72 71.62 -14.55 -72.82
N LYS I 73 71.09 -13.32 -72.71
CA LYS I 73 69.85 -13.02 -71.95
C LYS I 73 68.58 -12.88 -72.79
N VAL I 74 67.54 -13.63 -72.40
CA VAL I 74 66.25 -13.67 -73.10
C VAL I 74 65.09 -13.29 -72.18
N HIS I 75 64.37 -12.24 -72.57
CA HIS I 75 63.17 -11.78 -71.89
C HIS I 75 61.92 -12.14 -72.68
N VAL I 76 61.09 -13.04 -72.14
CA VAL I 76 59.78 -13.41 -72.70
C VAL I 76 58.62 -12.70 -71.98
N LEU I 77 57.68 -12.18 -72.78
CA LEU I 77 56.44 -11.55 -72.31
C LEU I 77 55.24 -12.43 -72.62
N ASP I 78 54.56 -12.94 -71.60
CA ASP I 78 53.38 -13.82 -71.74
C ASP I 78 52.11 -12.99 -71.50
N ILE I 79 51.42 -12.62 -72.57
CA ILE I 79 50.20 -11.81 -72.45
C ILE I 79 48.97 -12.72 -72.37
N GLY I 80 48.21 -12.58 -71.28
CA GLY I 80 47.01 -13.34 -71.05
C GLY I 80 47.39 -14.57 -70.30
N THR I 81 48.05 -14.39 -69.17
CA THR I 81 48.70 -15.55 -68.58
C THR I 81 47.73 -16.53 -67.98
N GLY I 82 46.48 -16.15 -67.76
CA GLY I 82 45.54 -17.15 -67.22
C GLY I 82 46.17 -17.77 -66.00
N THR I 83 46.28 -19.09 -65.97
CA THR I 83 46.96 -19.85 -64.89
C THR I 83 48.47 -19.68 -64.84
N GLY I 84 49.05 -19.11 -65.90
CA GLY I 84 50.49 -18.96 -65.99
C GLY I 84 51.24 -20.07 -66.72
N LEU I 85 50.52 -21.07 -67.21
CA LEU I 85 51.11 -22.23 -67.88
C LEU I 85 52.25 -21.87 -68.80
N LEU I 86 52.00 -20.88 -69.66
CA LEU I 86 52.96 -20.44 -70.67
C LEU I 86 54.21 -19.77 -70.09
N SER I 87 54.04 -18.98 -69.02
CA SER I 87 55.18 -18.40 -68.33
C SER I 87 56.05 -19.49 -67.69
N LEU I 88 55.41 -20.48 -67.07
CA LEU I 88 56.15 -21.63 -66.57
C LEU I 88 56.92 -22.25 -67.71
N MET I 89 56.29 -22.31 -68.88
CA MET I 89 56.89 -22.98 -70.01
C MET I 89 58.12 -22.23 -70.45
N ALA I 90 57.98 -20.92 -70.64
CA ALA I 90 59.06 -20.08 -71.09
C ALA I 90 60.26 -20.17 -70.14
N ALA I 91 60.00 -20.27 -68.84
CA ALA I 91 61.08 -20.24 -67.86
C ALA I 91 61.75 -21.60 -67.71
N ARG I 92 60.99 -22.68 -67.72
CA ARG I 92 61.65 -23.99 -67.69
C ARG I 92 62.45 -24.19 -68.97
N GLU I 93 62.03 -23.56 -70.06
CA GLU I 93 62.79 -23.69 -71.31
C GLU I 93 63.93 -22.71 -71.36
N GLY I 94 64.15 -22.01 -70.24
CA GLY I 94 65.37 -21.27 -70.01
C GLY I 94 65.38 -19.76 -70.20
N ALA I 95 64.21 -19.16 -70.39
CA ALA I 95 64.13 -17.70 -70.42
C ALA I 95 64.59 -17.13 -69.06
N ASP I 96 65.24 -15.97 -69.10
CA ASP I 96 65.85 -15.39 -67.90
C ASP I 96 64.83 -14.56 -67.18
N LYS I 97 64.06 -13.79 -67.94
CA LYS I 97 62.99 -12.97 -67.40
C LYS I 97 61.66 -13.20 -68.18
N VAL I 98 60.56 -13.36 -67.41
CA VAL I 98 59.21 -13.47 -67.95
C VAL I 98 58.32 -12.42 -67.29
N THR I 99 57.75 -11.52 -68.09
CA THR I 99 56.71 -10.65 -67.56
C THR I 99 55.32 -11.17 -68.06
N ALA I 100 54.48 -11.61 -67.10
CA ALA I 100 53.15 -12.20 -67.35
C ALA I 100 52.03 -11.19 -67.19
N LEU I 101 51.16 -11.04 -68.19
CA LEU I 101 50.03 -10.14 -67.99
C LEU I 101 48.70 -10.86 -67.91
N GLU I 102 47.84 -10.36 -67.03
CA GLU I 102 46.47 -10.85 -66.94
C GLU I 102 45.56 -9.74 -66.42
N VAL I 103 44.58 -9.36 -67.25
CA VAL I 103 43.62 -8.33 -66.88
C VAL I 103 42.61 -8.77 -65.80
N PHE I 104 42.25 -10.05 -65.76
CA PHE I 104 41.28 -10.53 -64.81
C PHE I 104 41.94 -10.77 -63.46
N LYS I 105 41.79 -9.78 -62.58
CA LYS I 105 42.40 -9.74 -61.25
C LYS I 105 42.52 -11.08 -60.52
N PRO I 106 41.41 -11.83 -60.32
CA PRO I 106 41.58 -13.09 -59.55
C PRO I 106 42.43 -14.13 -60.27
N MET I 107 42.42 -14.10 -61.60
CA MET I 107 43.33 -14.99 -62.33
C MET I 107 44.80 -14.54 -62.23
N GLY I 108 45.04 -13.25 -62.39
CA GLY I 108 46.26 -12.59 -61.82
C GLY I 108 46.73 -13.12 -60.45
N ASP I 109 45.84 -13.18 -59.45
CA ASP I 109 46.19 -13.80 -58.16
C ASP I 109 46.61 -15.25 -58.30
N CYS I 110 45.95 -15.98 -59.18
CA CYS I 110 46.17 -17.42 -59.32
C CYS I 110 47.53 -17.68 -60.01
N ALA I 111 47.77 -16.95 -61.08
CA ALA I 111 49.07 -16.97 -61.70
C ALA I 111 50.18 -16.69 -60.63
N ARG I 112 50.10 -15.52 -59.94
CA ARG I 112 51.07 -15.14 -58.87
C ARG I 112 51.32 -16.30 -57.90
N HIS I 113 50.22 -16.90 -57.45
CA HIS I 113 50.31 -18.00 -56.51
C HIS I 113 51.01 -19.18 -57.10
N ILE I 114 50.63 -19.56 -58.31
CA ILE I 114 51.13 -20.81 -58.89
C ILE I 114 52.63 -20.70 -59.26
N THR I 115 52.98 -19.57 -59.89
CA THR I 115 54.36 -19.29 -60.27
C THR I 115 55.24 -19.01 -59.06
N SER I 116 54.79 -18.18 -58.12
CA SER I 116 55.66 -17.83 -57.01
C SER I 116 55.93 -19.03 -56.11
N ASN I 117 55.24 -20.13 -56.36
CA ASN I 117 55.51 -21.38 -55.63
C ASN I 117 56.19 -22.37 -56.52
N SER I 118 56.33 -21.99 -57.78
CA SER I 118 56.97 -22.86 -58.76
C SER I 118 58.50 -22.77 -58.61
N PRO I 119 59.22 -23.84 -59.00
CA PRO I 119 60.67 -23.85 -59.25
C PRO I 119 61.25 -22.66 -60.01
N TRP I 120 60.40 -21.76 -60.50
CA TRP I 120 60.83 -20.60 -61.30
C TRP I 120 60.28 -19.29 -60.75
N SER I 121 59.98 -19.33 -59.46
CA SER I 121 59.45 -18.21 -58.73
C SER I 121 60.17 -16.86 -58.95
N ASP I 122 61.43 -16.89 -59.33
CA ASP I 122 62.21 -15.65 -59.34
C ASP I 122 62.47 -15.15 -60.72
N LYS I 123 62.01 -15.92 -61.72
CA LYS I 123 62.14 -15.51 -63.13
C LYS I 123 60.83 -14.91 -63.62
N ILE I 124 59.72 -15.41 -63.08
CA ILE I 124 58.38 -14.93 -63.48
C ILE I 124 57.84 -13.90 -62.50
N THR I 125 57.51 -12.72 -62.98
CA THR I 125 56.78 -11.77 -62.17
C THR I 125 55.43 -11.56 -62.88
N VAL I 126 54.33 -11.46 -62.11
CA VAL I 126 52.96 -11.36 -62.67
C VAL I 126 52.33 -9.98 -62.47
N ILE I 127 52.01 -9.30 -63.55
CA ILE I 127 51.33 -8.01 -63.45
C ILE I 127 49.85 -8.13 -63.82
N SER I 128 48.94 -7.67 -62.97
CA SER I 128 47.52 -7.79 -63.28
C SER I 128 46.94 -6.63 -64.05
N GLU I 129 47.55 -6.31 -65.18
CA GLU I 129 47.01 -5.25 -66.05
C GLU I 129 46.68 -5.81 -67.46
N ARG I 130 45.91 -5.07 -68.24
CA ARG I 130 45.72 -5.49 -69.61
C ARG I 130 46.90 -4.96 -70.38
N SER I 131 47.59 -5.82 -71.12
CA SER I 131 48.71 -5.36 -71.98
C SER I 131 48.39 -4.07 -72.70
N THR I 132 47.12 -3.95 -73.10
CA THR I 132 46.61 -2.78 -73.78
C THR I 132 46.77 -1.54 -72.91
N ASP I 133 46.65 -1.72 -71.58
CA ASP I 133 46.71 -0.60 -70.62
C ASP I 133 48.13 -0.21 -70.26
N VAL I 134 49.08 -1.13 -70.38
CA VAL I 134 50.42 -0.90 -69.91
C VAL I 134 51.25 -0.08 -70.91
N SER I 135 51.76 1.05 -70.43
CA SER I 135 52.66 1.90 -71.21
C SER I 135 53.99 1.21 -71.49
N GLN I 136 54.51 0.48 -70.50
CA GLN I 136 55.85 -0.08 -70.54
C GLN I 136 56.01 -0.98 -69.34
N ILE I 137 56.65 -2.13 -69.52
CA ILE I 137 56.97 -2.97 -68.38
C ILE I 137 58.44 -2.79 -68.00
N GLY I 138 58.76 -3.05 -66.74
CA GLY I 138 60.16 -3.20 -66.37
C GLY I 138 60.73 -4.48 -66.96
N GLY I 139 61.99 -4.45 -67.37
CA GLY I 139 62.81 -3.24 -67.43
C GLY I 139 63.37 -3.13 -68.83
N SER I 140 63.83 -4.26 -69.37
CA SER I 140 64.12 -4.33 -70.80
C SER I 140 62.82 -4.69 -71.53
N ARG I 141 62.51 -3.95 -72.60
CA ARG I 141 61.47 -4.33 -73.56
C ARG I 141 61.57 -5.81 -73.88
N ALA I 142 60.43 -6.44 -74.18
CA ALA I 142 60.39 -7.89 -74.44
C ALA I 142 61.11 -8.34 -75.70
N ASP I 143 61.56 -9.59 -75.67
CA ASP I 143 62.31 -10.20 -76.79
C ASP I 143 61.41 -11.11 -77.60
N ILE I 144 60.69 -11.94 -76.86
CA ILE I 144 59.78 -12.93 -77.36
C ILE I 144 58.45 -12.62 -76.68
N ILE I 145 57.42 -12.44 -77.48
CA ILE I 145 56.07 -12.30 -76.96
C ILE I 145 55.36 -13.59 -77.27
N VAL I 146 54.79 -14.26 -76.26
CA VAL I 146 53.91 -15.42 -76.43
C VAL I 146 52.53 -15.07 -75.89
N ALA I 147 51.47 -15.50 -76.59
CA ALA I 147 50.08 -15.24 -76.16
C ALA I 147 48.97 -16.05 -76.81
N GLU I 148 48.32 -16.89 -76.02
CA GLU I 148 47.10 -17.57 -76.43
C GLU I 148 45.85 -16.70 -76.17
N VAL I 149 45.61 -15.76 -77.08
CA VAL I 149 44.53 -14.80 -76.97
C VAL I 149 43.44 -15.08 -78.07
N PHE I 150 43.18 -16.36 -78.32
CA PHE I 150 42.37 -16.76 -79.47
C PHE I 150 41.05 -17.44 -79.12
N ASP I 151 40.02 -17.14 -79.92
CA ASP I 151 38.78 -17.95 -79.97
C ASP I 151 38.63 -18.56 -81.40
N THR I 152 37.59 -19.38 -81.58
CA THR I 152 37.16 -19.93 -82.86
C THR I 152 37.29 -18.88 -84.01
N GLU I 153 36.80 -17.69 -83.76
CA GLU I 153 36.85 -16.73 -84.84
C GLU I 153 38.25 -16.07 -84.91
N LEU I 154 39.19 -16.64 -84.17
CA LEU I 154 40.56 -16.13 -84.11
C LEU I 154 40.69 -14.75 -83.42
N ILE I 155 40.06 -13.73 -83.99
CA ILE I 155 40.25 -12.37 -83.53
C ILE I 155 39.31 -11.87 -82.42
N GLY I 156 38.33 -12.72 -82.04
CA GLY I 156 37.24 -12.29 -81.15
C GLY I 156 37.65 -11.85 -79.74
N GLU I 157 38.76 -12.42 -79.23
CA GLU I 157 39.25 -12.10 -77.91
C GLU I 157 40.25 -10.95 -77.93
N GLY I 158 40.30 -10.18 -79.02
CA GLY I 158 41.09 -8.95 -79.08
C GLY I 158 42.51 -9.09 -79.59
N ALA I 159 42.89 -10.31 -79.99
CA ALA I 159 44.26 -10.65 -80.46
C ALA I 159 44.97 -9.60 -81.30
N LEU I 160 44.25 -8.97 -82.20
CA LEU I 160 44.88 -8.01 -83.04
C LEU I 160 45.50 -6.89 -82.23
N ARG I 161 44.76 -6.26 -81.31
CA ARG I 161 45.27 -5.10 -80.54
C ARG I 161 46.32 -5.52 -79.50
N THR I 162 46.08 -6.63 -78.82
CA THR I 162 47.05 -7.16 -77.95
C THR I 162 48.36 -7.20 -78.72
N PHE I 163 48.36 -7.85 -79.88
CA PHE I 163 49.58 -7.95 -80.66
C PHE I 163 50.13 -6.61 -81.15
N LYS I 164 49.30 -5.79 -81.80
CA LYS I 164 49.78 -4.53 -82.31
C LYS I 164 50.49 -3.71 -81.22
N GLU I 165 49.69 -3.20 -80.27
CA GLU I 165 50.14 -2.32 -79.18
C GLU I 165 51.29 -2.85 -78.34
N ALA I 166 51.35 -4.15 -78.15
CA ALA I 166 52.47 -4.75 -77.49
C ALA I 166 53.70 -4.57 -78.35
N LEU I 167 53.59 -4.95 -79.63
CA LEU I 167 54.70 -4.73 -80.53
C LEU I 167 55.11 -3.27 -80.55
N GLU I 168 54.17 -2.33 -80.55
CA GLU I 168 54.59 -0.92 -80.68
C GLU I 168 55.16 -0.26 -79.43
N ARG I 169 55.08 -0.95 -78.30
CA ARG I 169 55.39 -0.34 -77.02
C ARG I 169 56.18 -1.26 -76.13
N LEU I 170 55.68 -2.45 -75.89
CA LEU I 170 56.30 -3.35 -74.89
C LEU I 170 57.50 -4.16 -75.38
N ALA I 171 57.76 -4.09 -76.68
CA ALA I 171 58.62 -5.08 -77.34
C ALA I 171 59.82 -4.47 -78.06
N LYS I 172 60.93 -5.21 -78.10
CA LYS I 172 62.14 -4.76 -78.78
C LYS I 172 61.96 -4.79 -80.28
N PRO I 173 62.27 -3.68 -80.96
CA PRO I 173 62.22 -3.75 -82.42
C PRO I 173 62.96 -5.01 -82.85
N GLY I 174 62.33 -5.83 -83.70
CA GLY I 174 62.91 -7.09 -84.17
C GLY I 174 62.53 -8.29 -83.32
N CYS I 175 61.55 -8.06 -82.45
CA CYS I 175 61.02 -9.03 -81.50
C CYS I 175 60.35 -10.20 -82.18
N ARG I 176 60.39 -11.37 -81.54
CA ARG I 176 59.60 -12.50 -81.99
C ARG I 176 58.40 -12.99 -81.15
N VAL I 177 57.45 -13.66 -81.83
CA VAL I 177 56.13 -14.03 -81.23
C VAL I 177 55.56 -15.45 -81.43
N VAL I 178 55.01 -16.02 -80.38
CA VAL I 178 54.46 -17.35 -80.45
C VAL I 178 52.94 -17.19 -80.28
N PRO I 179 52.15 -17.54 -81.34
CA PRO I 179 52.53 -17.91 -82.71
C PRO I 179 52.91 -16.68 -83.51
N SER I 180 53.54 -16.86 -84.68
CA SER I 180 54.06 -15.72 -85.43
C SER I 180 53.05 -15.30 -86.48
N THR I 181 52.29 -16.28 -86.92
CA THR I 181 51.55 -16.11 -88.14
C THR I 181 50.35 -17.06 -88.21
N GLY I 182 49.36 -16.65 -89.00
CA GLY I 182 48.15 -17.45 -89.20
C GLY I 182 47.31 -17.20 -90.45
N ASN I 183 46.52 -18.23 -90.79
CA ASN I 183 45.46 -18.16 -91.83
C ASN I 183 44.06 -18.51 -91.29
N VAL I 184 43.09 -17.74 -91.79
CA VAL I 184 41.70 -18.19 -91.77
C VAL I 184 41.23 -18.65 -93.17
N TYR I 185 40.64 -19.84 -93.19
CA TYR I 185 40.13 -20.46 -94.40
C TYR I 185 38.62 -20.46 -94.45
N ILE I 186 38.09 -20.18 -95.64
CA ILE I 186 36.69 -20.48 -95.95
C ILE I 186 36.55 -21.48 -97.10
N VAL I 187 35.55 -22.35 -96.96
CA VAL I 187 35.20 -23.41 -97.92
C VAL I 187 33.71 -23.28 -98.32
N PRO I 188 33.41 -23.03 -99.59
CA PRO I 188 31.96 -23.01 -99.88
C PRO I 188 31.44 -24.42 -99.90
N VAL I 189 30.16 -24.56 -99.60
CA VAL I 189 29.61 -25.89 -99.43
C VAL I 189 28.11 -25.79 -99.71
N GLU I 190 27.58 -26.86 -100.31
CA GLU I 190 26.15 -26.97 -100.52
C GLU I 190 25.70 -27.95 -99.50
N SER I 191 24.68 -27.58 -98.73
CA SER I 191 24.31 -28.39 -97.57
C SER I 191 22.91 -27.99 -97.17
N HIS I 192 21.99 -28.92 -97.37
CA HIS I 192 20.64 -28.72 -96.94
C HIS I 192 20.65 -28.44 -95.48
N LEU I 193 21.26 -29.36 -94.70
CA LEU I 193 21.38 -29.31 -93.24
C LEU I 193 21.82 -27.96 -92.66
N LEU I 194 22.80 -27.32 -93.27
CA LEU I 194 23.35 -26.13 -92.69
C LEU I 194 22.49 -24.91 -92.96
N LYS I 195 21.79 -25.00 -94.08
CA LYS I 195 20.97 -23.94 -94.58
C LYS I 195 19.78 -23.86 -93.61
N MET I 196 19.46 -25.00 -93.01
CA MET I 196 18.31 -25.11 -92.14
C MET I 196 18.50 -24.25 -90.90
N PHE I 197 19.74 -24.03 -90.50
CA PHE I 197 20.06 -23.20 -89.33
C PHE I 197 19.82 -21.73 -89.55
N ASN I 198 19.66 -21.31 -90.80
CA ASN I 198 19.63 -19.89 -91.14
C ASN I 198 18.45 -19.44 -92.00
N ASP I 199 17.64 -20.39 -92.44
CA ASP I 199 16.59 -20.10 -93.38
C ASP I 199 15.38 -19.67 -92.65
N ILE I 200 14.76 -18.68 -93.19
CA ILE I 200 13.46 -18.27 -92.71
C ILE I 200 12.49 -19.32 -93.20
N PRO I 201 11.86 -20.05 -92.26
CA PRO I 201 10.91 -21.15 -92.53
C PRO I 201 9.90 -20.77 -93.56
N ARG I 202 9.66 -21.69 -94.48
CA ARG I 202 8.75 -21.46 -95.61
C ARG I 202 7.63 -22.49 -95.55
N LEU I 203 6.41 -21.99 -95.39
CA LEU I 203 5.29 -22.82 -94.96
C LEU I 203 4.97 -23.90 -95.98
N ASN I 204 5.03 -23.51 -97.25
CA ASN I 204 4.58 -24.35 -98.37
C ASN I 204 5.75 -24.95 -99.21
N GLY I 205 6.98 -24.68 -98.78
CA GLY I 205 8.17 -25.39 -99.29
C GLY I 205 8.88 -24.81 -100.49
N GLU I 206 8.29 -23.83 -101.15
CA GLU I 206 8.85 -23.32 -102.40
C GLU I 206 9.97 -22.34 -102.19
N LYS I 207 11.05 -22.53 -102.96
CA LYS I 207 12.27 -21.71 -102.91
C LYS I 207 12.02 -20.21 -102.65
N ASP I 208 10.95 -19.68 -103.25
CA ASP I 208 10.79 -18.23 -103.42
C ASP I 208 9.91 -17.58 -102.38
N GLU I 209 9.37 -18.37 -101.47
CA GLU I 209 8.56 -17.88 -100.38
C GLU I 209 9.37 -16.99 -99.43
N GLU I 210 8.99 -15.73 -99.32
CA GLU I 210 9.70 -14.80 -98.43
C GLU I 210 8.76 -14.12 -97.46
N PRO I 211 8.23 -14.88 -96.51
CA PRO I 211 7.22 -14.30 -95.63
C PRO I 211 7.75 -13.12 -94.84
N LEU I 212 9.04 -13.10 -94.56
CA LEU I 212 9.62 -12.10 -93.68
C LEU I 212 10.67 -11.23 -94.36
N GLY I 213 10.58 -11.06 -95.68
CA GLY I 213 11.59 -10.27 -96.41
C GLY I 213 12.88 -11.07 -96.57
N ARG I 214 13.95 -10.46 -97.08
CA ARG I 214 15.24 -11.12 -97.04
C ARG I 214 15.99 -10.70 -95.80
N CYS I 215 16.83 -11.59 -95.28
CA CYS I 215 17.62 -11.31 -94.08
C CYS I 215 18.93 -12.05 -94.15
N SER I 216 20.02 -11.32 -93.91
CA SER I 216 21.30 -11.95 -93.78
C SER I 216 21.37 -12.96 -92.64
N GLY I 217 20.39 -12.97 -91.74
CA GLY I 217 20.42 -13.90 -90.60
C GLY I 217 21.32 -13.29 -89.53
N THR I 218 21.70 -14.11 -88.53
CA THR I 218 22.34 -13.51 -87.35
C THR I 218 23.84 -13.26 -87.50
N ALA I 219 24.24 -12.10 -87.00
CA ALA I 219 25.61 -11.61 -87.02
C ALA I 219 26.60 -12.38 -86.12
N ALA I 220 26.18 -12.76 -84.93
CA ALA I 220 27.09 -13.39 -83.98
C ALA I 220 27.65 -14.72 -84.55
N VAL I 221 28.78 -15.18 -84.02
CA VAL I 221 29.48 -16.36 -84.54
C VAL I 221 28.59 -17.63 -84.47
N PHE I 222 28.68 -18.50 -85.47
CA PHE I 222 27.94 -19.76 -85.38
C PHE I 222 29.02 -20.81 -85.38
N ASP I 223 29.36 -21.29 -84.19
CA ASP I 223 30.56 -22.06 -83.96
C ASP I 223 30.15 -23.49 -83.63
N VAL I 224 30.72 -24.46 -84.37
CA VAL I 224 30.23 -25.88 -84.36
C VAL I 224 31.36 -26.88 -84.60
N GLN I 225 31.29 -28.05 -83.99
CA GLN I 225 32.21 -29.09 -84.39
C GLN I 225 31.82 -29.56 -85.79
N LEU I 226 32.25 -28.86 -86.84
CA LEU I 226 32.12 -29.34 -88.22
C LEU I 226 32.58 -30.81 -88.48
N SER I 227 33.37 -31.38 -87.58
CA SER I 227 33.83 -32.79 -87.66
C SER I 227 32.71 -33.80 -87.45
N GLU I 228 31.58 -33.38 -86.88
CA GLU I 228 30.54 -34.37 -86.52
C GLU I 228 29.40 -34.46 -87.54
N MET I 229 29.44 -33.58 -88.53
CA MET I 229 28.51 -33.73 -89.61
C MET I 229 29.04 -34.74 -90.62
N LYS I 230 28.20 -35.75 -90.87
CA LYS I 230 28.45 -36.86 -91.80
C LYS I 230 28.78 -36.43 -93.23
N THR I 231 29.54 -37.27 -94.00
CA THR I 231 30.03 -36.90 -95.37
C THR I 231 28.93 -36.39 -96.31
N HIS I 232 27.77 -37.02 -96.25
CA HIS I 232 26.72 -36.68 -97.19
C HIS I 232 25.99 -35.39 -96.94
N GLU I 233 26.12 -34.85 -95.73
CA GLU I 233 25.32 -33.69 -95.36
C GLU I 233 25.85 -32.40 -95.97
N PHE I 234 27.02 -32.49 -96.60
CA PHE I 234 27.69 -31.31 -97.14
C PHE I 234 28.53 -31.71 -98.35
N ARG I 235 28.68 -30.79 -99.29
CA ARG I 235 29.37 -31.06 -100.51
C ARG I 235 30.29 -29.87 -100.73
N GLU I 236 31.61 -30.05 -100.50
CA GLU I 236 32.53 -28.96 -100.76
C GLU I 236 32.47 -28.61 -102.25
N LEU I 237 32.74 -27.37 -102.62
CA LEU I 237 32.48 -26.90 -104.00
C LEU I 237 33.70 -26.21 -104.57
N SER I 238 34.66 -25.99 -103.69
CA SER I 238 35.96 -25.55 -104.12
C SER I 238 36.97 -25.84 -103.03
N GLU I 239 38.23 -25.81 -103.42
CA GLU I 239 39.29 -25.84 -102.46
C GLU I 239 39.16 -24.71 -101.39
N PRO I 240 39.58 -25.00 -100.16
CA PRO I 240 39.77 -24.01 -99.11
C PRO I 240 40.21 -22.67 -99.65
N ILE I 241 39.58 -21.60 -99.24
CA ILE I 241 40.11 -20.28 -99.62
C ILE I 241 40.80 -19.58 -98.43
N VAL I 242 41.92 -18.93 -98.75
CA VAL I 242 42.60 -18.10 -97.76
C VAL I 242 41.81 -16.81 -97.63
N ALA I 243 40.99 -16.77 -96.58
CA ALA I 243 40.17 -15.58 -96.28
C ALA I 243 41.08 -14.44 -95.88
N PHE I 244 41.90 -14.70 -94.85
CA PHE I 244 42.89 -13.70 -94.40
C PHE I 244 44.18 -14.35 -93.95
N LYS I 245 45.26 -13.60 -94.12
CA LYS I 245 46.56 -13.96 -93.57
C LYS I 245 46.91 -13.00 -92.41
N PHE I 246 47.35 -13.55 -91.28
CA PHE I 246 47.87 -12.69 -90.21
C PHE I 246 49.34 -12.81 -89.88
N ASP I 247 49.94 -11.64 -89.74
CA ASP I 247 51.30 -11.55 -89.27
C ASP I 247 51.34 -11.02 -87.83
N PHE I 248 51.49 -11.92 -86.88
CA PHE I 248 51.52 -11.46 -85.48
C PHE I 248 52.80 -10.74 -85.03
N GLU I 249 53.62 -10.26 -85.98
CA GLU I 249 55.00 -9.81 -85.68
C GLU I 249 55.38 -8.47 -86.24
N HIS I 250 54.55 -7.92 -87.08
CA HIS I 250 54.88 -6.64 -87.64
C HIS I 250 53.68 -5.81 -87.43
N GLU I 251 53.77 -4.93 -86.44
CA GLU I 251 52.64 -4.13 -86.01
C GLU I 251 51.99 -3.50 -87.23
N GLU I 252 52.77 -3.22 -88.25
CA GLU I 252 52.21 -2.50 -89.38
C GLU I 252 51.41 -3.43 -90.34
N LYS I 253 51.56 -4.74 -90.23
CA LYS I 253 50.75 -5.71 -91.03
C LYS I 253 49.42 -6.03 -90.35
N ILE I 254 49.19 -5.41 -89.19
CA ILE I 254 48.02 -5.64 -88.36
C ILE I 254 47.03 -4.49 -88.54
N ILE I 255 45.89 -4.78 -89.14
CA ILE I 255 44.94 -3.74 -89.46
C ILE I 255 43.56 -4.20 -89.04
N PHE I 256 42.84 -3.29 -88.41
CA PHE I 256 41.65 -3.68 -87.66
C PHE I 256 40.50 -4.00 -88.62
N ASP I 257 40.26 -3.04 -89.52
CA ASP I 257 39.19 -3.00 -90.50
C ASP I 257 39.81 -3.30 -91.87
N GLU I 258 39.43 -4.45 -92.43
CA GLU I 258 39.98 -4.93 -93.69
C GLU I 258 38.94 -5.58 -94.56
N SER I 259 39.19 -5.48 -95.86
CA SER I 259 38.30 -6.06 -96.83
C SER I 259 39.02 -6.46 -98.13
N PHE I 260 38.84 -7.73 -98.49
CA PHE I 260 39.52 -8.33 -99.61
C PHE I 260 38.52 -9.03 -100.55
N VAL I 261 38.63 -8.74 -101.85
CA VAL I 261 37.89 -9.52 -102.83
C VAL I 261 38.69 -10.78 -103.16
N ARG I 262 38.19 -11.93 -102.72
CA ARG I 262 38.94 -13.17 -102.87
C ARG I 262 38.34 -14.13 -103.92
N GLU I 263 39.22 -14.66 -104.77
CA GLU I 263 38.88 -15.36 -106.01
C GLU I 263 39.19 -16.86 -105.90
N ALA I 264 38.40 -17.68 -106.60
CA ALA I 264 38.66 -19.11 -106.69
C ALA I 264 38.03 -19.72 -107.93
N VAL I 265 38.50 -20.91 -108.28
CA VAL I 265 37.88 -21.70 -109.33
C VAL I 265 37.10 -22.80 -108.65
N ALA I 266 35.79 -22.81 -108.84
CA ALA I 266 34.95 -23.88 -108.25
C ALA I 266 35.31 -25.19 -108.96
N HIS I 267 35.40 -26.29 -108.21
CA HIS I 267 35.58 -27.56 -108.88
C HIS I 267 34.27 -28.26 -109.11
N SER I 268 33.18 -27.59 -108.74
CA SER I 268 31.84 -28.15 -108.92
C SER I 268 30.82 -27.04 -109.15
N SER I 269 29.65 -27.46 -109.60
CA SER I 269 28.48 -26.62 -109.66
C SER I 269 27.67 -26.77 -108.38
N GLY I 270 27.02 -25.67 -107.96
CA GLY I 270 26.15 -25.73 -106.80
C GLY I 270 25.89 -24.37 -106.24
N THR I 271 24.93 -24.32 -105.33
CA THR I 271 24.60 -23.09 -104.62
C THR I 271 25.36 -22.98 -103.27
N ILE I 272 26.00 -21.84 -103.00
CA ILE I 272 26.78 -21.74 -101.73
C ILE I 272 25.84 -21.55 -100.56
N ASP I 273 25.49 -22.65 -99.88
CA ASP I 273 24.56 -22.66 -98.75
C ASP I 273 25.23 -22.24 -97.47
N ALA I 274 26.56 -22.15 -97.46
CA ALA I 274 27.34 -21.82 -96.25
C ALA I 274 28.81 -21.79 -96.53
N LEU I 275 29.50 -20.92 -95.81
CA LEU I 275 30.90 -20.84 -95.85
C LEU I 275 31.39 -21.37 -94.54
N LEU I 276 32.22 -22.39 -94.61
CA LEU I 276 32.85 -22.93 -93.45
C LEU I 276 34.14 -22.15 -93.28
N MET I 277 34.57 -22.01 -92.03
CA MET I 277 35.81 -21.28 -91.77
C MET I 277 36.48 -21.86 -90.56
N TRP I 278 37.80 -21.76 -90.59
CA TRP I 278 38.64 -22.08 -89.44
C TRP I 278 39.96 -21.49 -89.75
N TRP I 279 40.84 -21.62 -88.77
CA TRP I 279 42.15 -21.00 -88.85
C TRP I 279 43.23 -22.01 -88.70
N ASP I 280 44.42 -21.65 -89.19
CA ASP I 280 45.65 -22.25 -88.65
C ASP I 280 46.69 -21.20 -88.27
N ILE I 281 47.52 -21.54 -87.28
CA ILE I 281 48.59 -20.64 -86.84
C ILE I 281 49.91 -21.39 -86.89
N ASP I 282 50.91 -20.72 -87.40
CA ASP I 282 52.25 -21.27 -87.42
C ASP I 282 52.99 -20.79 -86.19
N MET I 283 53.37 -21.74 -85.33
CA MET I 283 53.89 -21.44 -83.99
C MET I 283 55.15 -20.59 -83.94
N ASP I 284 56.05 -20.73 -84.93
CA ASP I 284 57.38 -20.10 -84.88
C ASP I 284 57.92 -19.60 -86.20
N ARG I 285 57.22 -19.91 -87.29
CA ARG I 285 57.34 -19.21 -88.58
C ARG I 285 58.24 -19.84 -89.67
N ASN I 286 58.82 -20.98 -89.37
CA ASN I 286 59.41 -21.80 -90.43
C ASN I 286 58.45 -22.98 -90.53
N GLY I 287 57.72 -23.04 -91.65
CA GLY I 287 56.45 -23.77 -91.76
C GLY I 287 56.38 -25.19 -91.26
N THR I 288 56.69 -25.42 -90.01
CA THR I 288 56.76 -26.80 -89.57
C THR I 288 55.89 -27.15 -88.37
N THR I 289 55.50 -26.12 -87.61
CA THR I 289 54.71 -26.34 -86.41
C THR I 289 53.45 -25.47 -86.45
N PHE I 290 52.32 -26.14 -86.43
CA PHE I 290 51.06 -25.46 -86.64
C PHE I 290 50.10 -25.89 -85.58
N ILE I 291 49.29 -24.93 -85.16
CA ILE I 291 47.99 -25.24 -84.59
C ILE I 291 46.99 -25.06 -85.77
N ASP I 292 46.31 -26.16 -86.10
CA ASP I 292 45.40 -26.19 -87.23
C ASP I 292 43.98 -26.60 -86.85
N MET I 293 43.04 -25.72 -87.15
CA MET I 293 41.68 -25.96 -86.67
C MET I 293 40.78 -26.80 -87.60
N GLY I 294 41.12 -26.89 -88.88
CA GLY I 294 40.38 -27.76 -89.79
C GLY I 294 39.76 -29.02 -89.20
N PRO I 295 38.62 -29.44 -89.74
CA PRO I 295 37.95 -30.62 -89.19
C PRO I 295 38.65 -31.92 -89.58
N LYS I 296 38.39 -32.98 -88.81
CA LYS I 296 38.81 -34.34 -89.14
C LYS I 296 38.97 -34.59 -90.65
N TRP I 297 37.89 -34.32 -91.41
CA TRP I 297 37.85 -34.56 -92.86
C TRP I 297 38.45 -33.52 -93.78
N LYS I 298 39.30 -32.65 -93.25
CA LYS I 298 40.04 -31.67 -94.06
C LYS I 298 41.20 -31.09 -93.25
N ASN I 299 41.75 -31.93 -92.38
CA ASN I 299 42.94 -31.58 -91.64
C ASN I 299 43.77 -32.84 -91.44
N LYS I 300 44.87 -32.90 -92.16
CA LYS I 300 46.06 -33.63 -91.71
C LYS I 300 47.16 -32.59 -91.92
N ASN I 301 48.15 -32.56 -91.02
CA ASN I 301 48.44 -33.66 -90.09
C ASN I 301 48.40 -33.25 -88.61
N ASN I 302 47.44 -32.39 -88.26
CA ASN I 302 47.32 -31.85 -86.91
C ASN I 302 45.87 -31.83 -86.44
N TYR I 303 45.15 -32.93 -86.59
CA TYR I 303 43.82 -32.93 -86.07
C TYR I 303 43.82 -33.31 -84.60
N ALA I 304 43.48 -32.35 -83.77
CA ALA I 304 43.23 -32.64 -82.36
C ALA I 304 41.80 -32.25 -82.07
N TRP I 305 41.09 -33.08 -81.32
CA TRP I 305 39.80 -32.64 -80.80
C TRP I 305 39.99 -31.53 -79.78
N ARG I 306 39.14 -30.51 -79.85
CA ARG I 306 39.07 -29.46 -78.85
C ARG I 306 37.76 -28.67 -78.93
N ASP I 307 37.18 -28.35 -77.75
CA ASP I 307 35.95 -27.53 -77.65
C ASP I 307 36.19 -26.06 -77.54
N HIS I 308 37.02 -25.61 -76.60
CA HIS I 308 37.32 -24.16 -76.52
C HIS I 308 37.60 -23.49 -77.84
N TRP I 309 38.17 -24.24 -78.79
CA TRP I 309 38.05 -23.83 -80.22
C TRP I 309 37.39 -24.90 -81.05
N MET I 310 36.72 -24.43 -82.11
CA MET I 310 36.00 -25.23 -83.06
C MET I 310 36.16 -24.62 -84.44
N GLN I 311 35.24 -25.00 -85.31
CA GLN I 311 35.07 -24.33 -86.60
C GLN I 311 33.78 -23.51 -86.52
N ALA I 312 33.62 -22.55 -87.44
CA ALA I 312 32.41 -21.73 -87.55
C ALA I 312 31.76 -21.84 -88.95
N VAL I 313 30.46 -21.48 -89.04
CA VAL I 313 29.77 -21.40 -90.32
C VAL I 313 29.16 -20.01 -90.50
N TYR I 314 29.30 -19.47 -91.71
CA TYR I 314 28.86 -18.13 -92.07
C TYR I 314 27.91 -18.19 -93.25
N TYR I 315 27.20 -17.10 -93.54
CA TYR I 315 26.22 -17.06 -94.61
C TYR I 315 26.31 -15.84 -95.51
N LEU I 316 26.06 -16.05 -96.80
CA LEU I 316 26.00 -14.94 -97.68
C LEU I 316 24.62 -14.33 -97.50
N PRO I 317 24.51 -13.01 -97.49
CA PRO I 317 23.17 -12.41 -97.40
C PRO I 317 22.32 -12.96 -98.55
N GLU I 318 22.62 -12.56 -99.78
CA GLU I 318 21.99 -13.11 -101.00
C GLU I 318 22.52 -14.48 -101.41
N LYS I 319 21.67 -15.23 -102.10
CA LYS I 319 21.98 -16.51 -102.75
C LYS I 319 23.15 -16.40 -103.75
N LYS I 320 24.06 -17.35 -103.67
CA LYS I 320 25.18 -17.36 -104.61
C LYS I 320 25.29 -18.72 -105.24
N LYS I 321 25.24 -18.72 -106.57
CA LYS I 321 25.37 -19.96 -107.32
C LYS I 321 26.73 -20.05 -107.92
N VAL I 322 27.24 -21.26 -108.01
CA VAL I 322 28.55 -21.42 -108.58
C VAL I 322 28.66 -22.54 -109.62
N GLU I 323 29.53 -22.30 -110.59
CA GLU I 323 29.62 -23.16 -111.75
C GLU I 323 30.95 -23.91 -111.90
N MET I 324 30.84 -25.23 -112.14
CA MET I 324 31.98 -26.08 -112.50
C MET I 324 33.00 -25.31 -113.31
N ASN I 325 34.20 -25.21 -112.74
CA ASN I 325 35.38 -24.65 -113.40
C ASN I 325 35.33 -23.13 -113.61
N GLN I 326 34.33 -22.48 -113.06
CA GLN I 326 34.27 -21.03 -113.22
C GLN I 326 34.81 -20.36 -111.99
N THR I 327 35.58 -19.33 -112.27
CA THR I 327 36.01 -18.45 -111.23
C THR I 327 34.86 -17.67 -110.60
N PHE I 328 34.83 -17.70 -109.28
CA PHE I 328 33.87 -16.94 -108.50
C PHE I 328 34.59 -16.14 -107.42
N GLU I 329 33.94 -15.08 -106.94
CA GLU I 329 34.53 -14.12 -105.99
C GLU I 329 33.73 -14.02 -104.68
N ILE I 330 34.43 -14.11 -103.54
CA ILE I 330 33.86 -13.75 -102.24
C ILE I 330 34.53 -12.53 -101.65
N VAL I 331 33.74 -11.56 -101.19
CA VAL I 331 34.25 -10.44 -100.40
C VAL I 331 34.45 -10.87 -98.94
N CYS I 332 35.68 -10.81 -98.44
CA CYS I 332 35.99 -11.23 -97.07
C CYS I 332 36.24 -9.99 -96.23
N ASN I 333 35.62 -9.95 -95.07
CA ASN I 333 35.66 -8.73 -94.26
C ASN I 333 35.88 -9.05 -92.80
N HIS I 334 36.60 -8.15 -92.16
CA HIS I 334 36.60 -8.13 -90.71
C HIS I 334 36.78 -6.76 -90.22
N ASP I 335 36.17 -6.50 -89.06
CA ASP I 335 36.54 -5.38 -88.22
C ASP I 335 37.41 -5.97 -87.13
N GLU I 336 37.62 -5.23 -86.05
CA GLU I 336 38.55 -5.65 -85.03
C GLU I 336 38.23 -6.97 -84.41
N PHE I 337 36.94 -7.30 -84.28
CA PHE I 337 36.51 -8.49 -83.54
C PHE I 337 35.69 -9.51 -84.40
N SER I 338 35.16 -9.09 -85.55
CA SER I 338 34.35 -10.02 -86.29
C SER I 338 34.78 -10.20 -87.74
N LEU I 339 34.51 -11.43 -88.17
CA LEU I 339 34.61 -11.92 -89.53
C LEU I 339 33.23 -11.85 -90.23
N TRP I 340 33.20 -11.43 -91.48
CA TRP I 340 31.96 -11.66 -92.26
C TRP I 340 32.18 -11.56 -93.73
N PHE I 341 31.30 -12.23 -94.49
CA PHE I 341 31.51 -12.49 -95.93
C PHE I 341 30.41 -12.01 -96.79
N SER I 342 30.71 -11.29 -97.86
CA SER I 342 29.64 -10.87 -98.76
C SER I 342 29.92 -11.12 -100.27
N ASN I 343 28.93 -10.80 -101.10
CA ASN I 343 29.00 -10.93 -102.56
C ASN I 343 29.52 -9.69 -103.17
N VAL I 344 30.11 -9.82 -104.36
CA VAL I 344 30.67 -8.65 -105.03
C VAL I 344 29.50 -7.82 -105.52
N GLY I 345 29.70 -6.52 -105.57
CA GLY I 345 28.68 -5.58 -106.05
C GLY I 345 27.73 -5.18 -104.95
N LYS I 346 27.89 -5.83 -103.78
CA LYS I 346 27.02 -5.60 -102.64
C LYS I 346 27.57 -4.62 -101.61
N ASP I 347 27.14 -4.84 -100.38
CA ASP I 347 27.38 -3.96 -99.26
C ASP I 347 28.44 -4.65 -98.45
N LYS I 348 29.54 -3.99 -98.12
CA LYS I 348 30.63 -4.69 -97.38
C LYS I 348 30.54 -4.63 -95.83
N SER I 349 29.54 -3.88 -95.33
CA SER I 349 29.33 -3.74 -93.90
C SER I 349 28.74 -4.99 -93.36
N ARG I 350 29.05 -5.20 -92.08
CA ARG I 350 28.49 -6.30 -91.32
C ARG I 350 26.96 -6.08 -91.35
N SER I 351 26.21 -7.18 -91.49
CA SER I 351 24.76 -7.16 -91.61
C SER I 351 24.16 -7.83 -90.34
N TYR I 352 23.06 -7.28 -89.83
CA TYR I 352 22.41 -7.87 -88.65
C TYR I 352 21.00 -8.32 -88.98
N CYS I 353 20.39 -9.16 -88.13
CA CYS I 353 19.00 -9.64 -88.40
C CYS I 353 18.13 -8.44 -88.69
N VAL I 354 17.57 -8.32 -89.89
CA VAL I 354 16.45 -7.39 -90.09
C VAL I 354 15.07 -8.06 -90.21
N CYS I 355 15.03 -9.38 -90.17
CA CYS I 355 13.82 -10.17 -90.43
C CYS I 355 13.01 -10.10 -89.15
N GLY I 356 13.72 -10.09 -88.04
CA GLY I 356 13.12 -10.11 -86.75
C GLY I 356 13.16 -11.50 -86.16
N LEU I 357 13.40 -12.49 -87.01
CA LEU I 357 13.33 -13.87 -86.52
C LEU I 357 14.67 -14.35 -85.95
N HIS I 358 15.76 -14.03 -86.64
CA HIS I 358 17.16 -14.32 -86.17
C HIS I 358 17.40 -13.82 -84.72
N SER I 359 16.98 -12.57 -84.45
CA SER I 359 17.15 -11.95 -83.15
C SER I 359 16.45 -12.71 -82.07
N MET I 360 15.30 -13.29 -82.42
CA MET I 360 14.43 -13.88 -81.43
C MET I 360 14.91 -15.27 -81.16
N LEU I 361 15.28 -15.98 -82.21
CA LEU I 361 15.50 -17.40 -82.10
C LEU I 361 16.98 -17.77 -82.14
N SER I 362 17.35 -18.79 -81.38
CA SER I 362 18.66 -19.42 -81.50
C SER I 362 18.80 -20.25 -82.82
N ARG I 363 20.01 -20.37 -83.36
CA ARG I 363 20.24 -21.29 -84.50
C ARG I 363 19.60 -22.67 -84.36
N GLN I 364 19.86 -23.39 -83.30
CA GLN I 364 19.27 -24.72 -83.22
C GLN I 364 17.74 -24.62 -83.38
N THR I 365 17.16 -23.54 -82.85
CA THR I 365 15.72 -23.36 -82.89
C THR I 365 15.21 -23.03 -84.29
N VAL I 366 15.91 -22.19 -85.01
CA VAL I 366 15.60 -22.03 -86.43
C VAL I 366 15.58 -23.38 -87.18
N TYR I 367 16.52 -24.29 -86.88
CA TYR I 367 16.63 -25.58 -87.55
C TYR I 367 15.40 -26.34 -87.16
N HIS I 368 15.09 -26.24 -85.88
CA HIS I 368 13.94 -26.94 -85.34
C HIS I 368 12.68 -26.59 -86.04
N VAL I 369 12.48 -25.31 -86.36
CA VAL I 369 11.23 -24.93 -87.03
C VAL I 369 11.30 -25.47 -88.45
N ASN I 370 12.34 -25.08 -89.20
CA ASN I 370 12.59 -25.68 -90.52
C ASN I 370 12.43 -27.22 -90.57
N GLU I 371 13.11 -27.99 -89.71
CA GLU I 371 12.89 -29.44 -89.63
C GLU I 371 11.40 -29.85 -89.57
N MET I 372 10.70 -29.35 -88.54
CA MET I 372 9.25 -29.44 -88.39
C MET I 372 8.48 -29.10 -89.70
N PHE I 373 8.80 -28.00 -90.37
CA PHE I 373 7.99 -27.63 -91.54
C PHE I 373 8.17 -28.53 -92.74
N GLU I 374 9.20 -29.36 -92.72
CA GLU I 374 9.48 -30.26 -93.85
C GLU I 374 9.07 -31.62 -93.44
N ASN I 375 8.57 -31.77 -92.23
CA ASN I 375 8.42 -33.12 -91.72
C ASN I 375 7.03 -33.69 -91.97
N GLN I 376 6.94 -34.48 -93.06
CA GLN I 376 5.69 -35.15 -93.41
C GLN I 376 5.12 -35.95 -92.24
N LYS I 377 5.90 -36.82 -91.66
CA LYS I 377 5.36 -37.64 -90.57
C LYS I 377 4.64 -36.74 -89.53
N PHE I 378 5.26 -35.62 -89.18
CA PHE I 378 4.71 -34.68 -88.22
C PHE I 378 3.51 -33.89 -88.77
N LYS I 379 3.63 -33.32 -89.96
CA LYS I 379 2.46 -32.61 -90.50
C LYS I 379 1.24 -33.54 -90.62
N ASP I 380 1.45 -34.79 -91.07
CA ASP I 380 0.36 -35.78 -91.18
C ASP I 380 -0.44 -35.86 -89.87
N GLU I 381 0.27 -35.87 -88.74
CA GLU I 381 -0.38 -36.08 -87.45
C GLU I 381 -0.98 -34.77 -86.98
N VAL I 382 -0.37 -33.65 -87.39
CA VAL I 382 -0.97 -32.39 -87.01
C VAL I 382 -2.35 -32.30 -87.73
N ASP I 383 -2.32 -32.56 -89.04
CA ASP I 383 -3.50 -32.62 -89.93
C ASP I 383 -4.63 -33.47 -89.36
N LYS I 384 -4.35 -34.75 -89.13
CA LYS I 384 -5.31 -35.64 -88.53
C LYS I 384 -5.93 -34.97 -87.30
N LEU I 385 -5.10 -34.53 -86.36
CA LEU I 385 -5.56 -33.92 -85.09
C LEU I 385 -6.31 -32.57 -85.23
N SER I 386 -6.12 -31.89 -86.37
CA SER I 386 -6.69 -30.58 -86.58
C SER I 386 -7.94 -30.50 -87.49
N LYS I 387 -8.16 -31.54 -88.30
CA LYS I 387 -9.23 -31.55 -89.32
C LYS I 387 -10.55 -30.94 -88.86
N GLY I 388 -10.93 -29.84 -89.48
CA GLY I 388 -12.23 -29.22 -89.28
C GLY I 388 -12.53 -28.79 -87.86
N LEU I 389 -11.52 -28.74 -87.00
CA LEU I 389 -11.73 -28.38 -85.61
C LEU I 389 -11.40 -26.93 -85.31
N HIS I 390 -11.84 -26.44 -84.15
CA HIS I 390 -11.20 -25.27 -83.55
C HIS I 390 -9.95 -25.66 -82.76
N VAL I 391 -8.79 -25.32 -83.30
CA VAL I 391 -7.58 -25.54 -82.52
C VAL I 391 -6.97 -24.29 -81.86
N ALA I 392 -6.56 -24.48 -80.61
CA ALA I 392 -5.79 -23.45 -79.96
C ALA I 392 -4.37 -23.92 -79.79
N THR I 393 -3.48 -22.96 -79.83
CA THR I 393 -2.07 -23.20 -79.71
C THR I 393 -1.56 -22.47 -78.48
N VAL I 394 -0.68 -23.11 -77.73
CA VAL I 394 0.01 -22.47 -76.62
C VAL I 394 1.52 -22.73 -76.73
N GLY I 395 2.29 -21.69 -76.44
CA GLY I 395 3.75 -21.74 -76.37
C GLY I 395 4.25 -20.32 -76.51
N GLU I 396 5.55 -20.12 -76.74
CA GLU I 396 6.11 -18.76 -77.11
C GLU I 396 7.15 -18.88 -78.22
N GLY I 397 6.86 -18.35 -79.38
CA GLY I 397 7.72 -18.62 -80.57
C GLY I 397 7.51 -20.00 -81.17
N SER I 398 6.36 -20.61 -80.86
CA SER I 398 5.96 -21.89 -81.43
C SER I 398 5.25 -21.67 -82.77
N PHE I 399 5.81 -22.18 -83.85
CA PHE I 399 5.17 -22.03 -85.14
C PHE I 399 4.08 -23.11 -85.42
N LEU I 400 3.89 -24.09 -84.50
CA LEU I 400 2.88 -25.17 -84.65
C LEU I 400 1.57 -24.72 -85.31
N GLY I 401 0.94 -23.70 -84.72
CA GLY I 401 -0.30 -23.13 -85.24
C GLY I 401 -0.35 -23.02 -86.75
N LEU I 402 0.72 -22.63 -87.40
CA LEU I 402 0.64 -22.44 -88.84
C LEU I 402 0.57 -23.73 -89.66
N LEU I 403 1.03 -24.83 -89.09
CA LEU I 403 0.87 -26.12 -89.72
C LEU I 403 -0.57 -26.61 -89.48
N ALA I 404 -1.13 -26.27 -88.31
CA ALA I 404 -2.49 -26.69 -87.95
C ALA I 404 -3.54 -25.98 -88.77
N ALA I 405 -3.12 -25.03 -89.57
CA ALA I 405 -4.02 -24.29 -90.41
C ALA I 405 -4.22 -24.89 -91.78
N LYS I 406 -3.42 -25.89 -92.16
CA LYS I 406 -3.68 -26.56 -93.42
C LYS I 406 -5.00 -27.30 -93.37
N THR I 407 -5.57 -27.47 -92.18
CA THR I 407 -6.61 -28.45 -91.99
C THR I 407 -7.77 -28.10 -91.08
N ALA I 408 -7.54 -27.16 -90.17
CA ALA I 408 -8.46 -26.91 -89.07
C ALA I 408 -9.43 -25.87 -89.53
N LYS I 409 -10.62 -25.85 -88.92
CA LYS I 409 -11.61 -24.89 -89.36
C LYS I 409 -11.14 -23.53 -88.87
N ARG I 410 -10.58 -23.51 -87.66
CA ARG I 410 -10.12 -22.28 -87.02
C ARG I 410 -8.95 -22.60 -86.07
N VAL I 411 -7.85 -21.86 -86.28
CA VAL I 411 -6.66 -21.90 -85.42
C VAL I 411 -6.58 -20.62 -84.58
N THR I 412 -6.50 -20.76 -83.27
CA THR I 412 -6.19 -19.60 -82.40
C THR I 412 -4.83 -19.75 -81.73
N ILE I 413 -3.88 -18.90 -82.12
CA ILE I 413 -2.51 -19.01 -81.55
C ILE I 413 -2.43 -18.12 -80.35
N ILE I 414 -2.12 -18.70 -79.20
CA ILE I 414 -1.93 -17.89 -78.00
C ILE I 414 -0.42 -17.61 -77.76
N ASP I 415 0.01 -16.37 -77.94
CA ASP I 415 1.42 -16.02 -77.73
C ASP I 415 1.65 -14.66 -77.08
N GLY I 416 2.12 -14.72 -75.84
CA GLY I 416 2.40 -13.53 -75.02
C GLY I 416 3.44 -12.59 -75.55
N ASN I 417 4.20 -13.00 -76.56
CA ASN I 417 5.34 -12.18 -77.02
C ASN I 417 4.95 -11.43 -78.26
N GLU I 418 5.02 -10.12 -78.18
CA GLU I 418 4.57 -9.27 -79.22
C GLU I 418 5.37 -9.46 -80.48
N ARG I 419 6.68 -9.63 -80.31
CA ARG I 419 7.59 -9.73 -81.47
C ARG I 419 7.18 -10.98 -82.22
N PHE I 420 6.82 -12.03 -81.50
CA PHE I 420 6.32 -13.21 -82.16
C PHE I 420 4.97 -13.08 -82.81
N ARG I 421 4.01 -12.45 -82.12
CA ARG I 421 2.72 -12.13 -82.74
C ARG I 421 2.93 -11.43 -84.11
N ASP I 422 3.82 -10.43 -84.15
CA ASP I 422 4.00 -9.69 -85.37
C ASP I 422 4.50 -10.59 -86.46
N ILE I 423 5.36 -11.54 -86.09
CA ILE I 423 5.89 -12.49 -87.05
C ILE I 423 4.75 -13.38 -87.60
N PHE I 424 4.03 -14.03 -86.71
CA PHE I 424 2.96 -14.84 -87.19
C PHE I 424 1.95 -14.00 -88.04
N PHE I 425 1.71 -12.73 -87.70
CA PHE I 425 0.83 -11.91 -88.54
C PHE I 425 1.39 -11.72 -89.93
N LYS I 426 2.71 -11.72 -90.04
CA LYS I 426 3.38 -11.50 -91.30
C LYS I 426 3.19 -12.77 -92.13
N TYR I 427 3.20 -13.92 -91.44
CA TYR I 427 2.98 -15.20 -92.08
C TYR I 427 1.54 -15.29 -92.56
N ILE I 428 0.63 -14.72 -91.77
CA ILE I 428 -0.81 -14.89 -91.98
C ILE I 428 -1.14 -14.08 -93.16
N HIS I 429 -0.44 -12.96 -93.30
CA HIS I 429 -0.64 -12.08 -94.41
C HIS I 429 -0.01 -12.59 -95.67
N TYR I 430 1.26 -13.01 -95.58
CA TYR I 430 1.99 -13.38 -96.80
C TYR I 430 1.35 -14.56 -97.45
N TYR I 431 0.92 -15.53 -96.64
CA TYR I 431 0.28 -16.74 -97.15
C TYR I 431 -1.24 -16.60 -97.25
N LYS I 432 -1.74 -15.38 -97.09
CA LYS I 432 -3.18 -15.10 -97.03
C LYS I 432 -3.99 -16.24 -96.40
N LEU I 433 -3.63 -16.65 -95.18
CA LEU I 433 -4.37 -17.68 -94.43
C LEU I 433 -5.59 -17.07 -93.82
N THR I 434 -6.71 -17.79 -93.92
CA THR I 434 -7.96 -17.15 -93.54
C THR I 434 -8.54 -17.74 -92.29
N ASN I 435 -7.90 -18.75 -91.73
CA ASN I 435 -8.46 -19.42 -90.58
C ASN I 435 -7.61 -19.34 -89.31
N VAL I 436 -6.76 -18.33 -89.19
CA VAL I 436 -5.94 -18.22 -87.99
C VAL I 436 -6.09 -16.84 -87.37
N GLU I 437 -6.12 -16.78 -86.04
CA GLU I 437 -6.07 -15.51 -85.32
C GLU I 437 -5.00 -15.63 -84.25
N ILE I 438 -4.60 -14.51 -83.69
CA ILE I 438 -3.63 -14.50 -82.62
C ILE I 438 -4.07 -13.65 -81.47
N ILE I 439 -4.06 -14.24 -80.28
CA ILE I 439 -4.27 -13.49 -79.04
C ILE I 439 -3.02 -13.54 -78.16
N GLU I 440 -2.93 -12.55 -77.27
CA GLU I 440 -1.86 -12.42 -76.29
C GLU I 440 -1.93 -13.33 -75.03
N LYS I 441 -3.11 -13.48 -74.44
CA LYS I 441 -3.24 -14.12 -73.19
C LYS I 441 -4.13 -15.34 -73.26
N VAL I 442 -3.76 -16.38 -72.52
CA VAL I 442 -4.57 -17.58 -72.47
C VAL I 442 -6.02 -17.25 -72.04
N THR I 443 -6.19 -16.33 -71.11
CA THR I 443 -7.50 -16.05 -70.54
C THR I 443 -8.43 -15.39 -71.52
N SER I 444 -7.89 -14.99 -72.67
CA SER I 444 -8.67 -14.33 -73.68
C SER I 444 -9.22 -15.33 -74.69
N LEU I 445 -8.84 -16.60 -74.53
CA LEU I 445 -9.49 -17.68 -75.29
C LEU I 445 -10.87 -17.93 -74.69
N THR I 446 -11.86 -17.24 -75.22
CA THR I 446 -13.17 -17.26 -74.59
C THR I 446 -14.17 -18.29 -75.16
N ASP I 447 -14.01 -18.70 -76.42
CA ASP I 447 -14.66 -19.92 -76.91
C ASP I 447 -13.94 -21.19 -76.44
N SER I 448 -14.68 -22.28 -76.26
CA SER I 448 -14.06 -23.60 -76.10
C SER I 448 -13.46 -23.99 -77.46
N PRO I 449 -12.15 -24.27 -77.51
CA PRO I 449 -11.66 -24.90 -78.70
C PRO I 449 -11.88 -26.41 -78.61
N ASP I 450 -11.72 -27.08 -79.73
CA ASP I 450 -11.90 -28.51 -79.80
C ASP I 450 -10.67 -29.22 -79.27
N ILE I 451 -9.53 -28.57 -79.40
CA ILE I 451 -8.28 -29.18 -79.02
C ILE I 451 -7.26 -28.07 -78.82
N VAL I 452 -6.35 -28.32 -77.88
CA VAL I 452 -5.18 -27.48 -77.71
C VAL I 452 -3.95 -28.29 -78.10
N LEU I 453 -3.18 -27.70 -78.99
CA LEU I 453 -1.98 -28.27 -79.52
C LEU I 453 -0.75 -27.44 -79.14
N ALA I 454 0.29 -28.10 -78.61
CA ALA I 454 1.56 -27.42 -78.39
C ALA I 454 2.73 -28.34 -78.74
N GLU I 455 3.89 -27.75 -79.01
CA GLU I 455 5.09 -28.57 -79.19
C GLU I 455 5.52 -29.39 -77.98
N PRO I 456 5.60 -28.82 -76.75
CA PRO I 456 5.52 -27.45 -76.24
C PRO I 456 6.85 -26.71 -76.40
N PHE I 457 6.81 -25.50 -76.95
CA PHE I 457 7.98 -24.68 -77.08
C PHE I 457 7.71 -23.29 -76.56
N TYR I 458 8.56 -22.86 -75.61
CA TYR I 458 8.53 -21.49 -75.10
C TYR I 458 9.96 -20.95 -75.18
N MET I 459 10.26 -20.04 -76.11
CA MET I 459 11.65 -19.63 -76.28
C MET I 459 12.33 -19.15 -74.99
N SER I 460 11.55 -18.58 -74.10
CA SER I 460 12.09 -18.00 -72.89
C SER I 460 12.72 -18.99 -71.95
N ALA I 461 12.04 -20.11 -71.71
CA ALA I 461 12.57 -21.22 -70.89
C ALA I 461 14.10 -21.11 -70.62
N MET I 462 14.48 -21.21 -69.34
CA MET I 462 15.86 -21.00 -68.95
C MET I 462 16.67 -22.17 -69.50
N ASN I 463 16.10 -23.38 -69.36
CA ASN I 463 16.75 -24.62 -69.76
C ASN I 463 16.02 -25.35 -70.89
N PRO I 464 16.77 -25.73 -71.93
CA PRO I 464 16.34 -26.53 -73.07
C PRO I 464 15.40 -27.66 -72.75
N TRP I 465 15.63 -28.32 -71.62
CA TRP I 465 14.80 -29.45 -71.25
C TRP I 465 13.59 -29.05 -70.45
N ASN I 466 13.32 -27.75 -70.37
CA ASN I 466 12.25 -27.25 -69.50
C ASN I 466 11.26 -26.25 -70.16
N HIS I 467 10.25 -26.80 -70.84
CA HIS I 467 9.22 -26.04 -71.50
C HIS I 467 7.90 -26.19 -70.79
N LEU I 468 8.00 -26.32 -69.47
CA LEU I 468 6.86 -26.67 -68.67
C LEU I 468 5.94 -25.52 -68.32
N ARG I 469 6.09 -24.36 -68.96
CA ARG I 469 5.07 -23.35 -68.90
C ARG I 469 3.79 -23.98 -69.46
N PHE I 470 3.97 -25.00 -70.29
CA PHE I 470 2.89 -25.78 -70.86
C PHE I 470 1.87 -26.21 -69.81
N LEU I 471 2.33 -26.78 -68.72
CA LEU I 471 1.39 -27.25 -67.70
C LEU I 471 0.50 -26.13 -67.16
N TYR I 472 1.07 -24.94 -66.96
CA TYR I 472 0.37 -23.79 -66.40
C TYR I 472 -0.71 -23.27 -67.37
N ASP I 473 -0.34 -23.16 -68.64
CA ASP I 473 -1.25 -22.72 -69.63
C ASP I 473 -2.41 -23.70 -69.76
N VAL I 474 -2.14 -25.00 -69.60
CA VAL I 474 -3.14 -26.01 -69.82
C VAL I 474 -4.09 -25.94 -68.67
N GLU I 475 -3.54 -25.81 -67.48
CA GLU I 475 -4.29 -25.72 -66.24
C GLU I 475 -5.31 -24.60 -66.32
N VAL I 476 -4.88 -23.45 -66.83
CA VAL I 476 -5.76 -22.27 -66.98
C VAL I 476 -6.90 -22.55 -67.97
N LEU I 477 -6.53 -23.02 -69.17
CA LEU I 477 -7.49 -23.44 -70.16
C LEU I 477 -8.50 -24.45 -69.61
N LYS I 478 -8.04 -25.31 -68.71
CA LYS I 478 -8.94 -26.23 -68.04
C LYS I 478 -9.84 -25.53 -67.00
N MET I 479 -9.33 -24.53 -66.30
CA MET I 479 -10.16 -23.82 -65.34
C MET I 479 -11.27 -23.15 -66.12
N MET I 480 -10.94 -22.63 -67.31
CA MET I 480 -11.90 -21.87 -68.10
C MET I 480 -12.87 -22.69 -68.93
N HIS I 481 -12.41 -23.82 -69.44
CA HIS I 481 -13.27 -24.75 -70.17
C HIS I 481 -13.19 -26.01 -69.38
N GLY I 482 -13.68 -27.13 -69.85
CA GLY I 482 -13.66 -28.29 -68.92
C GLY I 482 -12.30 -28.93 -68.60
N ASP I 483 -12.29 -29.76 -67.55
CA ASP I 483 -11.21 -30.74 -67.31
C ASP I 483 -11.03 -31.74 -68.45
N GLU I 484 -12.11 -32.07 -69.13
CA GLU I 484 -12.04 -33.07 -70.18
C GLU I 484 -11.51 -32.55 -71.52
N LEU I 485 -11.03 -31.31 -71.52
CA LEU I 485 -10.46 -30.67 -72.73
C LEU I 485 -9.28 -31.42 -73.43
N ARG I 486 -9.47 -31.65 -74.72
CA ARG I 486 -8.50 -32.36 -75.53
C ARG I 486 -7.25 -31.50 -75.55
N VAL I 487 -6.14 -32.08 -75.12
CA VAL I 487 -4.84 -31.46 -75.16
C VAL I 487 -3.79 -32.44 -75.69
N GLU I 488 -3.12 -32.04 -76.75
CA GLU I 488 -1.98 -32.76 -77.26
C GLU I 488 -0.82 -31.78 -77.16
N PRO I 489 0.35 -32.24 -76.68
CA PRO I 489 0.65 -33.61 -76.22
C PRO I 489 0.04 -33.97 -74.88
N HIS I 490 -0.27 -35.24 -74.68
CA HIS I 490 -1.01 -35.68 -73.50
C HIS I 490 -0.14 -36.31 -72.48
N MET I 491 1.15 -36.43 -72.77
CA MET I 491 2.06 -37.02 -71.78
C MET I 491 3.46 -36.51 -72.01
N GLY I 492 4.17 -36.32 -70.91
CA GLY I 492 5.53 -35.80 -70.96
C GLY I 492 6.47 -36.57 -70.06
N VAL I 493 7.69 -36.79 -70.57
CA VAL I 493 8.64 -37.56 -69.83
C VAL I 493 10.06 -37.03 -69.94
N LEU I 494 10.70 -36.97 -68.76
CA LEU I 494 12.08 -36.53 -68.61
C LEU I 494 12.93 -37.76 -68.64
N LYS I 495 13.96 -37.78 -69.46
CA LYS I 495 14.75 -39.00 -69.49
C LYS I 495 16.22 -38.65 -69.37
N ALA I 496 16.98 -39.58 -68.78
CA ALA I 496 18.44 -39.55 -68.83
C ALA I 496 19.01 -40.86 -69.33
N ILE I 497 20.28 -40.81 -69.66
CA ILE I 497 21.05 -41.97 -70.09
C ILE I 497 22.54 -41.81 -69.75
N PRO I 498 23.23 -42.94 -69.44
CA PRO I 498 24.68 -42.95 -69.21
C PRO I 498 25.39 -42.96 -70.51
N GLU I 499 26.25 -41.98 -70.75
CA GLU I 499 27.11 -42.04 -71.92
C GLU I 499 28.59 -41.83 -71.57
N LYS I 500 29.45 -42.48 -72.34
CA LYS I 500 30.86 -42.23 -72.35
C LYS I 500 31.16 -41.49 -73.64
N PHE I 501 31.39 -40.20 -73.53
CA PHE I 501 31.79 -39.39 -74.67
C PHE I 501 33.28 -39.65 -74.95
N GLU I 502 33.66 -39.49 -76.20
CA GLU I 502 35.03 -39.63 -76.54
C GLU I 502 35.75 -38.49 -75.87
N ASP I 503 35.22 -37.29 -76.02
CA ASP I 503 36.01 -36.10 -75.76
C ASP I 503 35.40 -34.99 -74.89
N LEU I 504 34.13 -34.67 -75.13
CA LEU I 504 33.39 -33.66 -74.37
C LEU I 504 33.70 -33.47 -72.87
N GLN I 505 33.74 -34.56 -72.12
CA GLN I 505 33.90 -34.53 -70.68
C GLN I 505 35.14 -33.76 -70.22
N ASN I 506 36.09 -33.60 -71.12
CA ASN I 506 37.26 -32.81 -70.87
C ASN I 506 36.92 -31.40 -70.45
N ILE I 507 35.71 -30.97 -70.75
CA ILE I 507 35.39 -29.55 -70.47
C ILE I 507 35.21 -29.32 -68.96
N ALA I 508 35.26 -30.36 -68.15
CA ALA I 508 34.81 -30.23 -66.77
C ALA I 508 35.68 -31.02 -65.79
N SER I 509 36.49 -31.92 -66.36
CA SER I 509 37.38 -32.71 -65.56
C SER I 509 38.54 -31.79 -65.08
N ASP I 510 39.06 -32.16 -63.92
CA ASP I 510 40.23 -31.52 -63.34
C ASP I 510 41.44 -31.45 -64.23
N VAL I 511 42.19 -30.38 -64.07
CA VAL I 511 43.36 -30.11 -64.85
C VAL I 511 44.59 -30.90 -64.40
N GLY I 512 44.76 -31.07 -63.09
CA GLY I 512 45.90 -31.81 -62.55
C GLY I 512 47.25 -31.21 -62.95
N THR I 513 48.18 -32.10 -63.32
CA THR I 513 49.54 -31.75 -63.76
C THR I 513 49.55 -31.59 -65.28
N VAL I 514 50.08 -30.49 -65.78
CA VAL I 514 49.97 -30.22 -67.22
C VAL I 514 51.34 -29.79 -67.72
N ASN I 515 51.82 -30.52 -68.73
CA ASN I 515 53.24 -30.52 -69.09
C ASN I 515 54.17 -30.48 -67.90
N GLY I 516 54.08 -31.52 -67.06
CA GLY I 516 54.84 -31.61 -65.82
C GLY I 516 54.57 -30.55 -64.74
N PHE I 517 53.80 -29.50 -65.05
CA PHE I 517 53.50 -28.42 -64.09
C PHE I 517 52.28 -28.67 -63.25
N ASP I 518 52.48 -28.67 -61.93
CA ASP I 518 51.40 -28.93 -60.99
C ASP I 518 50.47 -27.75 -61.01
N LEU I 519 49.23 -28.00 -61.40
CA LEU I 519 48.32 -26.86 -61.54
C LEU I 519 47.06 -27.02 -60.68
N SER I 520 47.13 -27.90 -59.67
CA SER I 520 45.98 -28.13 -58.79
C SER I 520 45.41 -26.88 -58.09
N PHE I 521 46.17 -25.78 -58.04
CA PHE I 521 45.70 -24.61 -57.28
C PHE I 521 44.57 -23.99 -58.10
N PHE I 522 44.80 -23.96 -59.41
CA PHE I 522 43.72 -23.64 -60.29
C PHE I 522 42.50 -24.56 -60.14
N ASP I 523 42.70 -25.88 -60.06
CA ASP I 523 41.58 -26.81 -59.89
C ASP I 523 40.75 -26.48 -58.65
N GLU I 524 41.44 -26.03 -57.59
CA GLU I 524 40.79 -25.72 -56.33
C GLU I 524 39.90 -24.45 -56.51
N ILE I 525 40.49 -23.35 -56.96
CA ILE I 525 39.71 -22.14 -57.14
C ILE I 525 38.73 -22.19 -58.32
N SER I 526 39.01 -23.00 -59.33
CA SER I 526 38.03 -23.22 -60.42
C SER I 526 36.83 -24.01 -59.89
N THR I 527 37.12 -25.06 -59.14
CA THR I 527 36.06 -25.86 -58.57
C THR I 527 35.13 -25.02 -57.72
N LYS I 528 35.70 -24.28 -56.78
CA LYS I 528 34.94 -23.47 -55.85
C LYS I 528 34.06 -22.51 -56.62
N ALA I 529 34.62 -21.83 -57.62
CA ALA I 529 33.87 -20.87 -58.43
C ALA I 529 32.72 -21.54 -59.16
N ARG I 530 33.00 -22.74 -59.68
CA ARG I 530 32.01 -23.46 -60.42
C ARG I 530 30.88 -23.95 -59.46
N THR I 531 31.21 -24.40 -58.25
CA THR I 531 30.17 -24.87 -57.35
C THR I 531 29.31 -23.70 -56.87
N ALA I 532 29.96 -22.55 -56.74
CA ALA I 532 29.30 -21.37 -56.25
C ALA I 532 28.34 -20.78 -57.31
N THR I 533 28.69 -20.91 -58.59
CA THR I 533 27.98 -20.20 -59.63
C THR I 533 27.42 -20.99 -60.82
N ASP I 534 27.79 -22.26 -61.03
CA ASP I 534 27.32 -22.96 -62.23
C ASP I 534 26.10 -23.78 -61.99
N ALA I 535 25.33 -23.99 -63.05
CA ALA I 535 24.22 -24.92 -63.08
C ALA I 535 24.80 -26.29 -62.76
N ILE I 536 24.11 -27.09 -61.98
CA ILE I 536 24.59 -28.43 -61.75
C ILE I 536 24.72 -29.18 -63.10
N VAL I 537 23.73 -28.98 -63.99
CA VAL I 537 23.65 -29.62 -65.31
C VAL I 537 23.93 -28.59 -66.37
N ASP I 538 24.92 -28.87 -67.21
CA ASP I 538 25.26 -27.97 -68.30
C ASP I 538 24.32 -28.28 -69.45
N GLU I 539 24.29 -27.39 -70.43
CA GLU I 539 23.48 -27.65 -71.60
C GLU I 539 24.37 -27.62 -72.80
N GLN I 540 24.03 -28.40 -73.82
CA GLN I 540 25.04 -28.66 -74.83
C GLN I 540 24.47 -29.35 -76.07
N SER I 541 24.81 -28.80 -77.25
CA SER I 541 24.46 -29.45 -78.54
C SER I 541 25.11 -30.83 -78.73
N LEU I 542 24.54 -31.84 -78.11
CA LEU I 542 25.15 -33.14 -78.03
C LEU I 542 25.47 -33.84 -79.37
N TRP I 543 24.72 -33.54 -80.45
CA TRP I 543 25.11 -34.02 -81.82
C TRP I 543 26.48 -33.60 -82.28
N GLU I 544 27.12 -32.64 -81.60
CA GLU I 544 28.45 -32.27 -82.00
C GLU I 544 29.49 -32.96 -81.14
N TYR I 545 29.11 -34.04 -80.47
CA TYR I 545 30.05 -34.73 -79.60
C TYR I 545 29.83 -36.23 -79.62
N ALA I 546 30.84 -36.94 -80.16
CA ALA I 546 30.80 -38.39 -80.28
C ALA I 546 30.74 -39.06 -78.95
N GLY I 547 30.08 -40.22 -78.89
CA GLY I 547 30.15 -41.02 -77.68
C GLY I 547 29.43 -42.34 -77.85
N ILE I 548 29.33 -43.09 -76.76
CA ILE I 548 28.69 -44.37 -76.77
C ILE I 548 27.85 -44.48 -75.53
N VAL I 549 26.60 -44.85 -75.74
CA VAL I 549 25.61 -45.13 -74.73
C VAL I 549 25.96 -46.39 -73.97
N LYS I 550 25.90 -46.32 -72.65
CA LYS I 550 26.40 -47.42 -71.85
C LYS I 550 25.31 -48.19 -71.12
N GLY I 551 24.06 -47.84 -71.39
CA GLY I 551 22.91 -48.45 -70.72
C GLY I 551 21.62 -48.03 -71.40
N ASP I 552 20.49 -48.42 -70.82
CA ASP I 552 19.20 -47.98 -71.32
C ASP I 552 18.87 -46.57 -70.85
N ALA I 553 18.08 -45.84 -71.65
CA ALA I 553 17.47 -44.61 -71.20
C ALA I 553 16.59 -44.95 -70.01
N VAL I 554 16.59 -44.08 -69.00
CA VAL I 554 15.73 -44.26 -67.81
C VAL I 554 14.82 -43.02 -67.60
N GLU I 555 13.63 -43.24 -67.06
CA GLU I 555 12.67 -42.16 -66.86
C GLU I 555 12.99 -41.47 -65.57
N ILE I 556 13.03 -40.14 -65.59
CA ILE I 556 13.28 -39.42 -64.35
C ILE I 556 12.00 -38.83 -63.80
N LEU I 557 11.30 -38.06 -64.62
CA LEU I 557 10.01 -37.47 -64.22
C LEU I 557 8.90 -37.74 -65.25
N ARG I 558 7.68 -37.82 -64.77
CA ARG I 558 6.53 -38.06 -65.64
C ARG I 558 5.45 -36.95 -65.47
N PHE I 559 5.14 -36.28 -66.58
CA PHE I 559 4.17 -35.19 -66.59
C PHE I 559 2.96 -35.58 -67.39
N PRO I 560 1.96 -36.12 -66.71
CA PRO I 560 0.75 -36.54 -67.39
C PRO I 560 -0.23 -35.38 -67.28
N ILE I 561 -0.60 -34.82 -68.42
CA ILE I 561 -1.41 -33.60 -68.49
C ILE I 561 -2.84 -33.86 -67.99
N ASP I 562 -2.95 -33.99 -66.66
CA ASP I 562 -4.17 -34.42 -65.93
C ASP I 562 -4.41 -33.60 -64.65
N GLY I 563 -3.92 -32.36 -64.58
CA GLY I 563 -3.99 -31.54 -63.36
C GLY I 563 -4.59 -30.15 -63.55
N ARG I 564 -4.48 -29.24 -62.57
CA ARG I 564 -3.67 -29.30 -61.33
C ARG I 564 -2.20 -29.70 -61.51
N VAL I 565 -1.36 -28.74 -61.84
CA VAL I 565 0.08 -29.00 -61.89
C VAL I 565 0.53 -29.27 -60.47
N SER I 566 1.50 -30.16 -60.28
CA SER I 566 2.01 -30.36 -58.92
C SER I 566 3.46 -30.75 -58.84
N SER I 567 3.98 -30.61 -57.63
CA SER I 567 5.36 -30.88 -57.37
C SER I 567 5.58 -32.37 -57.52
N GLN I 568 6.80 -32.77 -57.83
CA GLN I 568 7.14 -34.17 -58.10
C GLN I 568 8.56 -34.48 -57.67
N LYS I 569 8.70 -35.53 -56.87
CA LYS I 569 9.99 -35.89 -56.29
C LYS I 569 10.34 -37.27 -56.77
N CYS I 570 11.56 -37.45 -57.26
CA CYS I 570 12.04 -38.81 -57.39
C CYS I 570 13.55 -38.98 -57.16
N VAL I 571 13.90 -40.17 -56.70
CA VAL I 571 15.26 -40.55 -56.45
C VAL I 571 15.52 -41.85 -57.22
N VAL I 572 16.38 -41.75 -58.21
CA VAL I 572 16.75 -42.89 -59.03
C VAL I 572 18.27 -42.95 -59.07
N ASN I 573 18.80 -44.17 -59.07
CA ASN I 573 20.23 -44.41 -59.28
C ASN I 573 20.48 -44.66 -60.77
N ILE I 574 21.61 -44.18 -61.27
CA ILE I 574 21.95 -44.39 -62.68
C ILE I 574 23.11 -45.36 -62.73
N ASP I 575 22.88 -46.49 -63.37
CA ASP I 575 23.85 -47.54 -63.43
C ASP I 575 24.82 -47.26 -64.56
N ASN I 576 25.85 -48.10 -64.72
CA ASN I 576 26.76 -48.05 -65.87
C ASN I 576 27.68 -46.82 -65.91
N MET I 577 27.93 -46.19 -64.77
CA MET I 577 28.74 -44.98 -64.74
C MET I 577 30.23 -45.32 -64.67
N SER I 578 30.55 -46.49 -64.10
CA SER I 578 31.92 -46.99 -63.97
C SER I 578 32.71 -46.89 -65.25
N SER I 579 32.07 -47.15 -66.39
CA SER I 579 32.67 -46.77 -67.67
C SER I 579 31.77 -45.78 -68.42
N SER I 580 31.37 -44.70 -67.73
CA SER I 580 30.78 -43.54 -68.39
C SER I 580 31.32 -42.25 -67.76
N ASN I 581 31.22 -41.16 -68.52
CA ASN I 581 31.75 -39.88 -68.09
C ASN I 581 30.73 -38.73 -68.13
N ALA I 582 29.44 -39.08 -68.25
CA ALA I 582 28.39 -38.11 -68.46
C ALA I 582 27.01 -38.75 -68.44
N ILE I 583 26.02 -37.91 -68.20
CA ILE I 583 24.64 -38.32 -68.13
C ILE I 583 23.84 -37.26 -68.84
N PRO I 584 23.69 -37.39 -70.15
CA PRO I 584 22.86 -36.42 -70.83
C PRO I 584 21.39 -36.63 -70.45
N MET I 585 20.61 -35.55 -70.53
CA MET I 585 19.17 -35.63 -70.26
C MET I 585 18.27 -34.73 -71.12
N TRP I 586 17.02 -35.14 -71.26
CA TRP I 586 16.16 -34.52 -72.27
C TRP I 586 14.75 -34.89 -72.07
N MET I 587 13.93 -34.37 -72.94
CA MET I 587 12.50 -34.51 -72.69
C MET I 587 11.81 -35.09 -73.90
N GLU I 588 10.76 -35.85 -73.64
CA GLU I 588 9.97 -36.47 -74.73
C GLU I 588 8.48 -36.34 -74.48
N TRP I 589 7.74 -36.18 -75.56
CA TRP I 589 6.31 -35.88 -75.47
C TRP I 589 5.48 -36.76 -76.36
N GLU I 590 4.42 -37.32 -75.80
CA GLU I 590 3.49 -38.07 -76.65
C GLU I 590 2.50 -37.12 -77.31
N PHE I 591 2.74 -36.84 -78.58
CA PHE I 591 1.94 -35.86 -79.29
C PHE I 591 0.95 -36.60 -80.14
N GLY I 592 -0.22 -36.89 -79.59
CA GLY I 592 -1.18 -37.73 -80.32
C GLY I 592 -0.49 -39.06 -80.54
N GLY I 593 -0.45 -39.52 -81.80
CA GLY I 593 0.14 -40.82 -82.17
C GLY I 593 1.67 -40.92 -82.23
N ILE I 594 2.33 -39.92 -82.80
CA ILE I 594 3.78 -39.90 -82.85
C ILE I 594 4.42 -39.55 -81.49
N ASN I 595 5.65 -40.02 -81.26
CA ASN I 595 6.41 -39.59 -80.10
C ASN I 595 7.52 -38.59 -80.45
N LEU I 596 7.60 -37.46 -79.72
CA LEU I 596 8.62 -36.41 -80.02
C LEU I 596 9.72 -36.35 -78.97
N SER I 597 10.95 -36.11 -79.41
CA SER I 597 12.10 -36.10 -78.50
C SER I 597 12.99 -34.91 -78.72
N THR I 598 13.37 -34.30 -77.60
CA THR I 598 14.15 -33.08 -77.64
C THR I 598 15.63 -33.47 -77.63
N GLY I 599 15.92 -34.75 -77.36
CA GLY I 599 17.29 -35.24 -77.41
C GLY I 599 17.50 -36.48 -78.27
N LEU I 600 17.58 -37.61 -77.56
CA LEU I 600 17.76 -38.95 -78.13
C LEU I 600 16.76 -39.30 -79.23
N LEU I 601 17.27 -39.49 -80.44
CA LEU I 601 16.48 -39.86 -81.60
C LEU I 601 16.52 -41.34 -81.96
N SER I 602 17.53 -42.04 -81.42
CA SER I 602 17.74 -43.48 -81.64
C SER I 602 19.13 -43.84 -81.18
N ILE I 603 19.33 -45.15 -81.01
CA ILE I 603 20.65 -45.74 -80.72
C ILE I 603 21.08 -46.83 -81.77
N SER I 604 22.25 -46.62 -82.38
CA SER I 604 22.84 -47.60 -83.30
C SER I 604 23.08 -48.93 -82.58
N SER I 605 23.37 -49.99 -83.33
CA SER I 605 23.61 -51.30 -82.69
C SER I 605 24.90 -51.32 -81.88
N ALA I 606 25.92 -50.63 -82.37
CA ALA I 606 27.11 -50.28 -81.58
C ALA I 606 26.77 -49.55 -80.25
N GLY I 607 25.70 -48.76 -80.25
CA GLY I 607 25.38 -47.90 -79.12
C GLY I 607 25.73 -46.41 -79.28
N VAL I 608 25.88 -45.95 -80.53
CA VAL I 608 25.96 -44.53 -80.94
C VAL I 608 24.56 -43.87 -80.88
N PRO I 609 24.41 -42.75 -80.11
CA PRO I 609 23.15 -42.00 -80.05
C PRO I 609 23.01 -41.01 -81.18
N GLU I 610 21.78 -40.80 -81.60
CA GLU I 610 21.46 -39.72 -82.49
C GLU I 610 20.77 -38.63 -81.60
N TRP I 611 21.15 -37.38 -81.77
CA TRP I 611 20.65 -36.32 -80.91
C TRP I 611 19.97 -35.25 -81.72
N ASN I 612 18.78 -34.86 -81.28
CA ASN I 612 18.03 -33.82 -82.00
C ASN I 612 18.81 -32.52 -82.18
N LYS I 613 19.04 -32.14 -83.43
CA LYS I 613 19.88 -31.01 -83.76
C LYS I 613 19.11 -29.72 -83.63
N GLY I 614 17.84 -29.82 -83.27
CA GLY I 614 17.01 -28.63 -83.12
C GLY I 614 16.87 -28.12 -81.70
N TYR I 615 17.61 -28.74 -80.78
CA TYR I 615 17.60 -28.39 -79.38
C TYR I 615 18.99 -28.56 -78.80
N LYS I 616 19.20 -28.06 -77.58
CA LYS I 616 20.35 -28.46 -76.78
C LYS I 616 19.82 -29.42 -75.81
N GLN I 617 20.70 -30.23 -75.27
CA GLN I 617 20.30 -31.18 -74.27
C GLN I 617 20.96 -30.74 -72.97
N GLY I 618 20.47 -31.26 -71.85
CA GLY I 618 21.24 -31.19 -70.63
C GLY I 618 22.32 -32.26 -70.65
N VAL I 619 23.40 -32.06 -69.89
CA VAL I 619 24.48 -33.03 -69.72
C VAL I 619 25.06 -32.77 -68.35
N TYR I 620 25.00 -33.76 -67.47
CA TYR I 620 25.71 -33.70 -66.22
C TYR I 620 26.97 -34.50 -66.28
N PHE I 621 28.06 -33.84 -65.88
CA PHE I 621 29.38 -34.49 -65.77
C PHE I 621 29.61 -34.75 -64.31
N PRO I 622 29.90 -36.01 -63.92
CA PRO I 622 30.08 -36.35 -62.51
C PRO I 622 31.22 -35.56 -61.94
N ILE I 623 31.07 -35.08 -60.72
CA ILE I 623 32.12 -34.30 -60.10
C ILE I 623 33.29 -35.22 -59.63
N THR I 624 34.52 -34.68 -59.68
CA THR I 624 35.69 -35.40 -59.19
C THR I 624 35.33 -36.50 -58.19
N ALA I 625 34.75 -36.11 -57.06
CA ALA I 625 34.58 -37.07 -55.96
C ALA I 625 33.77 -38.23 -56.44
N LEU I 626 33.15 -38.03 -57.58
CA LEU I 626 32.12 -38.97 -58.00
C LEU I 626 32.60 -39.81 -59.16
N ARG I 627 33.77 -39.49 -59.70
CA ARG I 627 34.11 -39.92 -61.07
C ARG I 627 34.38 -41.42 -61.23
N ASN I 628 34.64 -42.13 -60.13
CA ASN I 628 34.89 -43.56 -60.21
C ASN I 628 33.72 -44.44 -59.73
N ASP I 629 32.55 -43.83 -59.54
CA ASP I 629 31.39 -44.57 -59.01
C ASP I 629 30.68 -45.40 -60.12
N LYS I 630 30.41 -46.67 -59.82
CA LYS I 630 29.75 -47.59 -60.77
C LYS I 630 28.32 -47.14 -61.13
N SER I 631 27.59 -46.78 -60.09
CA SER I 631 26.33 -46.09 -60.24
C SER I 631 26.30 -44.87 -59.32
N LEU I 632 25.45 -43.90 -59.66
CA LEU I 632 25.17 -42.80 -58.73
C LEU I 632 23.72 -42.38 -58.69
N CYS I 633 23.42 -41.56 -57.70
CA CYS I 633 22.04 -41.24 -57.32
C CYS I 633 21.55 -39.86 -57.76
N LEU I 634 20.40 -39.85 -58.42
CA LEU I 634 19.87 -38.62 -59.00
C LEU I 634 18.63 -38.16 -58.26
N HIS I 635 18.73 -36.97 -57.68
CA HIS I 635 17.60 -36.32 -57.02
C HIS I 635 17.02 -35.34 -58.00
N ALA I 636 15.74 -35.48 -58.29
CA ALA I 636 15.12 -34.60 -59.22
C ALA I 636 13.84 -34.10 -58.58
N LEU I 637 13.54 -32.84 -58.82
CA LEU I 637 12.43 -32.18 -58.16
C LEU I 637 11.83 -31.16 -59.09
N PHE I 638 10.55 -31.36 -59.40
CA PHE I 638 9.78 -30.36 -60.11
C PHE I 638 9.02 -29.55 -59.07
N ASP I 639 9.22 -28.23 -59.09
CA ASP I 639 8.62 -27.37 -58.09
C ASP I 639 7.43 -26.61 -58.67
N LYS I 640 6.24 -27.00 -58.24
CA LYS I 640 5.00 -26.43 -58.78
C LYS I 640 5.04 -24.89 -58.69
N SER I 641 5.69 -24.39 -57.65
CA SER I 641 5.84 -22.97 -57.44
C SER I 641 6.66 -22.20 -58.48
N THR I 642 7.63 -22.86 -59.08
CA THR I 642 8.61 -22.15 -59.92
C THR I 642 8.51 -22.54 -61.39
N GLY I 643 7.91 -23.70 -61.65
CA GLY I 643 7.93 -24.28 -62.96
C GLY I 643 9.33 -24.81 -63.25
N ASP I 644 10.16 -24.92 -62.20
CA ASP I 644 11.57 -25.28 -62.33
C ASP I 644 11.83 -26.72 -61.94
N ILE I 645 12.88 -27.31 -62.52
CA ILE I 645 13.35 -28.64 -62.10
C ILE I 645 14.74 -28.54 -61.50
N ASN I 646 14.90 -28.91 -60.23
CA ASN I 646 16.22 -28.86 -59.60
C ASN I 646 16.84 -30.24 -59.40
N PHE I 647 18.06 -30.42 -59.89
CA PHE I 647 18.77 -31.71 -59.79
C PHE I 647 19.89 -31.73 -58.76
N GLN I 648 20.18 -32.91 -58.24
CA GLN I 648 21.31 -33.13 -57.34
C GLN I 648 21.82 -34.51 -57.65
N PHE I 649 23.11 -34.62 -57.90
CA PHE I 649 23.73 -35.92 -58.16
C PHE I 649 24.64 -36.32 -57.03
N GLY I 650 24.38 -37.46 -56.41
CA GLY I 650 25.17 -38.00 -55.27
C GLY I 650 25.47 -39.50 -55.35
N LYS I 651 26.05 -40.07 -54.30
CA LYS I 651 26.74 -41.39 -54.37
C LYS I 651 25.92 -42.71 -54.37
N SER I 652 24.71 -42.72 -53.80
CA SER I 652 23.82 -43.91 -53.69
C SER I 652 23.47 -44.31 -52.27
N MET J 9 -41.60 43.14 57.69
CA MET J 9 -40.44 43.39 58.60
C MET J 9 -39.51 44.50 58.08
N PHE J 10 -39.30 45.52 58.90
CA PHE J 10 -38.58 46.70 58.48
C PHE J 10 -37.11 46.68 58.88
N LEU J 11 -36.25 46.89 57.90
CA LEU J 11 -34.80 46.91 58.10
C LEU J 11 -34.27 48.33 58.28
N GLU J 12 -33.41 48.49 59.26
CA GLU J 12 -33.00 49.82 59.70
C GLU J 12 -31.55 50.08 59.30
N LYS J 13 -31.35 51.26 58.71
CA LYS J 13 -30.06 51.71 58.21
C LYS J 13 -29.93 53.23 58.34
N ILE J 14 -28.70 53.72 58.23
CA ILE J 14 -28.46 55.14 58.41
C ILE J 14 -28.05 55.77 57.09
N ASN J 15 -28.83 56.77 56.70
CA ASN J 15 -28.46 57.63 55.59
C ASN J 15 -27.13 58.32 55.94
N GLN J 16 -26.14 58.09 55.09
CA GLN J 16 -24.79 58.59 55.33
C GLN J 16 -24.62 60.08 55.01
N LYS J 17 -25.67 60.70 54.47
CA LYS J 17 -25.63 62.13 54.18
C LYS J 17 -26.45 62.92 55.20
N THR J 18 -27.73 62.57 55.34
CA THR J 18 -28.61 63.27 56.29
C THR J 18 -28.33 62.87 57.76
N GLY J 19 -27.53 61.83 57.94
CA GLY J 19 -27.35 61.19 59.25
C GLY J 19 -28.61 60.44 59.68
N GLU J 20 -29.77 60.82 59.13
CA GLU J 20 -31.08 60.26 59.53
C GLU J 20 -31.27 58.73 59.45
N ARG J 21 -32.17 58.22 60.30
CA ARG J 21 -32.46 56.80 60.37
C ARG J 21 -33.47 56.42 59.29
N GLU J 22 -33.16 55.35 58.56
CA GLU J 22 -33.95 54.92 57.41
C GLU J 22 -34.30 53.42 57.43
N TRP J 23 -35.51 53.10 57.01
CA TRP J 23 -35.86 51.70 56.82
C TRP J 23 -36.09 51.34 55.38
N VAL J 24 -35.54 50.18 55.05
CA VAL J 24 -35.85 49.52 53.80
C VAL J 24 -36.50 48.13 54.08
N VAL J 25 -37.08 47.50 53.05
CA VAL J 25 -37.62 46.12 53.14
C VAL J 25 -37.05 45.19 52.06
N ALA J 26 -37.15 43.87 52.29
CA ALA J 26 -36.71 42.88 51.33
C ALA J 26 -37.68 42.83 50.15
N GLU J 27 -37.26 42.21 49.05
CA GLU J 27 -38.11 42.20 47.84
C GLU J 27 -39.52 41.59 48.04
N GLU J 28 -39.60 40.48 48.78
CA GLU J 28 -40.88 39.79 49.02
C GLU J 28 -41.81 40.70 49.80
N ASP J 29 -41.21 41.49 50.70
CA ASP J 29 -41.94 42.43 51.53
C ASP J 29 -42.32 43.70 50.77
N TYR J 30 -41.56 44.03 49.73
CA TYR J 30 -41.67 45.32 49.06
C TYR J 30 -43.10 45.66 48.73
N ASP J 31 -43.84 44.69 48.23
CA ASP J 31 -45.20 44.91 47.76
C ASP J 31 -46.25 45.13 48.88
N MET J 32 -46.07 44.43 49.99
CA MET J 32 -46.82 44.75 51.20
C MET J 32 -46.48 46.21 51.61
N ALA J 33 -45.18 46.51 51.78
CA ALA J 33 -44.73 47.85 52.17
C ALA J 33 -45.36 48.93 51.30
N GLN J 34 -45.35 48.72 49.98
CA GLN J 34 -45.89 49.75 49.12
C GLN J 34 -47.35 50.04 49.48
N GLU J 35 -48.18 49.01 49.61
CA GLU J 35 -49.60 49.24 49.93
C GLU J 35 -49.85 49.71 51.38
N LEU J 36 -48.95 49.31 52.29
CA LEU J 36 -48.99 49.76 53.66
C LEU J 36 -48.78 51.28 53.74
N ALA J 37 -47.82 51.78 52.97
CA ALA J 37 -47.55 53.21 52.81
C ALA J 37 -48.73 54.00 52.21
N ARG J 38 -49.51 53.36 51.35
CA ARG J 38 -50.66 54.02 50.75
C ARG J 38 -51.84 54.03 51.69
N SER J 39 -51.72 53.31 52.81
CA SER J 39 -52.89 53.06 53.66
C SER J 39 -53.46 54.29 54.38
N ARG J 40 -52.61 55.28 54.64
CA ARG J 40 -53.02 56.54 55.27
C ARG J 40 -54.04 57.30 54.44
N PHE J 41 -54.05 57.04 53.13
CA PHE J 41 -54.90 57.75 52.20
C PHE J 41 -54.80 59.25 52.42
N GLY J 42 -53.56 59.71 52.60
CA GLY J 42 -53.24 61.12 52.87
C GLY J 42 -53.98 61.80 54.02
N ASP J 43 -54.75 62.82 53.64
CA ASP J 43 -55.67 63.52 54.50
C ASP J 43 -56.51 62.50 55.36
N MET J 44 -57.62 61.99 54.81
CA MET J 44 -58.69 61.27 55.54
C MET J 44 -58.63 61.15 57.08
N ILE J 45 -57.54 60.59 57.64
CA ILE J 45 -57.43 60.43 59.10
C ILE J 45 -57.55 61.78 59.86
N LEU J 46 -56.91 62.81 59.32
CA LEU J 46 -56.95 64.11 59.90
C LEU J 46 -58.16 64.93 59.36
N ASP J 47 -59.09 64.25 58.67
CA ASP J 47 -60.34 64.87 58.20
C ASP J 47 -61.40 64.86 59.31
N PHE J 48 -61.24 65.81 60.24
CA PHE J 48 -61.96 65.81 61.52
C PHE J 48 -63.46 65.88 61.29
N ASP J 49 -63.84 66.78 60.40
CA ASP J 49 -65.24 66.92 60.06
C ASP J 49 -65.83 65.53 59.70
N ARG J 50 -65.08 64.73 58.93
CA ARG J 50 -65.49 63.34 58.59
C ARG J 50 -65.54 62.42 59.82
N ASN J 51 -64.48 62.40 60.63
CA ASN J 51 -64.45 61.57 61.87
C ASN J 51 -65.64 61.87 62.80
N ASP J 52 -65.67 63.12 63.24
CA ASP J 52 -66.72 63.61 64.11
C ASP J 52 -68.09 63.57 63.43
N LYS J 53 -68.16 63.67 62.10
CA LYS J 53 -69.45 63.50 61.47
C LYS J 53 -69.86 62.02 61.50
N PHE J 54 -68.87 61.13 61.63
CA PHE J 54 -69.11 59.69 61.77
C PHE J 54 -69.47 59.33 63.22
N LEU J 55 -68.85 60.00 64.21
CA LEU J 55 -69.34 59.89 65.60
C LEU J 55 -70.82 60.24 65.74
N ALA J 56 -71.21 61.39 65.17
CA ALA J 56 -72.59 61.86 65.20
C ALA J 56 -73.53 60.71 64.91
N GLY J 57 -73.25 60.02 63.79
CA GLY J 57 -74.05 58.88 63.33
C GLY J 57 -74.04 57.75 64.33
N LEU J 58 -72.89 57.53 64.97
CA LEU J 58 -72.69 56.38 65.90
C LEU J 58 -73.49 56.50 67.17
N LYS J 59 -73.27 57.61 67.87
CA LYS J 59 -73.97 57.92 69.10
C LYS J 59 -75.47 57.79 68.94
N THR J 60 -76.04 58.40 67.90
CA THR J 60 -77.50 58.35 67.69
C THR J 60 -78.00 56.93 67.45
N THR J 61 -77.18 56.11 66.80
CA THR J 61 -77.51 54.72 66.50
C THR J 61 -77.36 53.82 67.75
N ILE J 62 -76.18 53.83 68.40
CA ILE J 62 -75.97 53.12 69.69
C ILE J 62 -77.13 53.43 70.69
N ALA J 63 -77.52 54.71 70.72
CA ALA J 63 -78.67 55.18 71.47
C ALA J 63 -80.01 54.66 70.95
N GLU J 64 -80.21 54.68 69.63
CA GLU J 64 -81.47 54.18 69.06
C GLU J 64 -81.68 52.70 69.41
N LYS J 65 -80.64 51.90 69.18
CA LYS J 65 -80.68 50.47 69.39
C LYS J 65 -80.75 50.07 70.85
N LYS J 66 -79.91 50.68 71.69
CA LYS J 66 -79.95 50.39 73.13
C LYS J 66 -81.32 50.66 73.80
N HIS J 67 -82.16 51.47 73.15
CA HIS J 67 -83.54 51.69 73.58
C HIS J 67 -84.50 50.88 72.74
N GLU J 68 -84.04 50.44 71.58
CA GLU J 68 -84.89 49.71 70.66
C GLU J 68 -85.17 48.29 71.15
N ASN J 69 -84.16 47.41 71.06
CA ASN J 69 -84.35 45.95 71.16
C ASN J 69 -84.46 45.35 72.56
N THR J 70 -84.97 44.10 72.62
CA THR J 70 -85.25 43.34 73.88
C THR J 70 -84.28 43.74 75.00
N ASP J 71 -82.99 43.56 74.77
CA ASP J 71 -81.99 43.95 75.75
C ASP J 71 -81.34 45.29 75.38
N GLY J 72 -80.65 45.88 76.36
CA GLY J 72 -79.67 46.93 76.10
C GLY J 72 -78.32 46.29 75.82
N LYS J 73 -78.25 45.56 74.69
CA LYS J 73 -77.02 44.94 74.18
C LYS J 73 -76.97 45.15 72.67
N VAL J 74 -75.87 45.76 72.20
CA VAL J 74 -75.74 46.26 70.82
C VAL J 74 -74.45 45.72 70.15
N HIS J 75 -74.59 45.27 68.90
CA HIS J 75 -73.47 44.77 68.10
C HIS J 75 -73.23 45.66 66.92
N VAL J 76 -72.02 46.23 66.87
CA VAL J 76 -71.60 47.10 65.76
C VAL J 76 -70.45 46.50 64.93
N LEU J 77 -70.63 46.64 63.62
CA LEU J 77 -69.67 46.13 62.65
C LEU J 77 -68.87 47.25 61.98
N ASP J 78 -67.56 47.29 62.20
CA ASP J 78 -66.73 48.21 61.42
C ASP J 78 -66.11 47.54 60.16
N ILE J 79 -66.77 47.77 59.02
CA ILE J 79 -66.25 47.32 57.71
C ILE J 79 -65.14 48.23 57.18
N GLY J 80 -63.97 47.62 57.02
CA GLY J 80 -62.80 48.33 56.55
C GLY J 80 -62.25 49.17 57.66
N THR J 81 -61.79 48.52 58.73
CA THR J 81 -61.57 49.26 59.98
C THR J 81 -60.37 50.18 59.85
N GLY J 82 -59.62 49.97 58.78
CA GLY J 82 -58.30 50.54 58.62
C GLY J 82 -57.55 50.42 59.93
N THR J 83 -57.30 51.59 60.51
CA THR J 83 -56.63 51.78 61.80
C THR J 83 -57.37 51.22 63.04
N GLY J 84 -58.67 50.99 62.89
CA GLY J 84 -59.53 50.61 64.01
C GLY J 84 -60.16 51.82 64.69
N LEU J 85 -59.77 53.00 64.22
CA LEU J 85 -60.26 54.25 64.75
C LEU J 85 -61.78 54.22 64.75
N LEU J 86 -62.37 54.13 63.57
CA LEU J 86 -63.81 54.03 63.48
C LEU J 86 -64.39 52.97 64.44
N SER J 87 -63.59 51.98 64.86
CA SER J 87 -64.08 50.94 65.79
C SER J 87 -64.10 51.40 67.24
N LEU J 88 -62.97 51.93 67.71
CA LEU J 88 -62.90 52.46 69.07
C LEU J 88 -63.98 53.48 69.35
N MET J 89 -64.52 54.08 68.29
CA MET J 89 -65.62 55.02 68.37
C MET J 89 -66.95 54.36 68.74
N ALA J 90 -67.16 53.11 68.34
CA ALA J 90 -68.38 52.39 68.71
C ALA J 90 -68.15 51.61 70.00
N ALA J 91 -66.90 51.26 70.26
CA ALA J 91 -66.42 50.82 71.57
C ALA J 91 -66.79 51.87 72.61
N ARG J 92 -66.38 53.11 72.38
CA ARG J 92 -66.84 54.24 73.18
C ARG J 92 -68.34 54.41 72.97
N GLU J 93 -69.04 54.98 73.95
CA GLU J 93 -70.48 55.24 73.84
C GLU J 93 -71.35 54.00 74.03
N ASP J 96 -71.46 47.72 73.06
CA ASP J 96 -71.47 46.38 73.69
C ASP J 96 -70.51 45.36 73.09
N LYS J 97 -70.70 45.04 71.83
CA LYS J 97 -69.69 44.30 71.09
C LYS J 97 -69.46 44.84 69.68
N VAL J 98 -68.18 44.94 69.35
CA VAL J 98 -67.81 45.49 68.07
C VAL J 98 -66.89 44.52 67.35
N THR J 99 -67.31 44.06 66.18
CA THR J 99 -66.37 43.33 65.34
C THR J 99 -65.93 44.22 64.19
N ALA J 100 -64.64 44.15 63.86
CA ALA J 100 -64.09 44.94 62.74
C ALA J 100 -63.35 44.13 61.68
N LEU J 101 -63.78 44.34 60.44
CA LEU J 101 -63.21 43.67 59.28
C LEU J 101 -62.30 44.59 58.48
N GLU J 102 -61.11 44.10 58.14
CA GLU J 102 -60.16 44.82 57.26
C GLU J 102 -59.46 43.85 56.29
N VAL J 103 -59.86 43.94 55.01
CA VAL J 103 -59.31 43.03 53.98
C VAL J 103 -57.77 42.98 53.96
N PHE J 104 -57.14 44.13 53.72
CA PHE J 104 -55.68 44.24 53.68
C PHE J 104 -55.06 43.82 55.00
N LYS J 105 -54.34 42.69 54.95
CA LYS J 105 -53.85 41.96 56.11
C LYS J 105 -53.07 42.77 57.17
N PRO J 106 -52.07 43.59 56.78
CA PRO J 106 -51.31 44.32 57.82
C PRO J 106 -52.07 45.48 58.50
N MET J 107 -53.00 46.12 57.80
CA MET J 107 -53.90 47.09 58.43
C MET J 107 -54.76 46.34 59.42
N GLY J 108 -55.43 45.28 58.94
CA GLY J 108 -56.09 44.33 59.82
C GLY J 108 -55.21 43.94 61.01
N ASP J 109 -53.89 43.91 60.82
CA ASP J 109 -52.95 43.52 61.89
C ASP J 109 -52.65 44.72 62.78
N CYS J 110 -52.52 45.89 62.14
CA CYS J 110 -52.40 47.14 62.89
C CYS J 110 -53.63 47.31 63.79
N ALA J 111 -54.82 47.26 63.19
CA ALA J 111 -56.08 47.40 63.91
C ALA J 111 -56.04 46.71 65.28
N ARG J 112 -55.48 45.50 65.33
CA ARG J 112 -55.50 44.73 66.56
C ARG J 112 -54.31 44.96 67.53
N HIS J 113 -53.22 45.59 67.06
CA HIS J 113 -52.14 45.97 67.99
C HIS J 113 -52.50 47.17 68.82
N ILE J 114 -53.60 47.80 68.47
CA ILE J 114 -53.94 49.13 68.99
C ILE J 114 -55.32 49.13 69.71
N THR J 115 -56.20 48.25 69.25
CA THR J 115 -57.46 48.00 69.96
C THR J 115 -57.20 47.03 71.10
N SER J 116 -56.12 46.25 70.97
CA SER J 116 -55.60 45.44 72.06
C SER J 116 -55.18 46.33 73.24
N ASN J 117 -54.30 47.30 72.98
CA ASN J 117 -53.72 48.16 74.03
C ASN J 117 -54.57 49.36 74.36
N SER J 118 -55.79 49.12 74.80
CA SER J 118 -56.73 50.21 75.05
C SER J 118 -57.83 49.85 76.09
N PRO J 119 -58.86 50.72 76.22
CA PRO J 119 -60.09 50.28 76.84
C PRO J 119 -60.94 49.69 75.72
N TRP J 120 -62.04 49.01 76.07
CA TRP J 120 -62.83 48.27 75.07
C TRP J 120 -61.93 47.28 74.37
N SER J 121 -60.72 47.11 74.92
CA SER J 121 -59.79 46.08 74.50
C SER J 121 -60.50 44.75 74.28
N ASP J 122 -61.04 44.21 75.37
CA ASP J 122 -61.81 42.98 75.37
C ASP J 122 -63.25 43.13 74.79
N LYS J 123 -63.65 44.35 74.42
CA LYS J 123 -64.93 44.57 73.71
C LYS J 123 -64.79 44.47 72.15
N ILE J 124 -63.53 44.42 71.70
CA ILE J 124 -63.20 44.58 70.28
C ILE J 124 -62.50 43.37 69.65
N THR J 125 -63.15 42.84 68.61
CA THR J 125 -62.57 41.80 67.79
C THR J 125 -62.43 42.28 66.36
N VAL J 126 -61.29 41.94 65.76
CA VAL J 126 -60.91 42.37 64.40
C VAL J 126 -60.54 41.18 63.47
N ILE J 127 -61.08 41.18 62.26
CA ILE J 127 -60.80 40.09 61.34
C ILE J 127 -60.30 40.52 59.95
N SER J 128 -59.20 39.90 59.51
CA SER J 128 -58.54 40.23 58.24
C SER J 128 -59.19 39.57 57.02
N GLU J 129 -60.33 40.09 56.58
CA GLU J 129 -61.16 39.46 55.55
C GLU J 129 -62.01 40.50 54.85
N ARG J 130 -62.18 40.40 53.54
CA ARG J 130 -63.17 41.26 52.90
C ARG J 130 -64.56 40.83 53.38
N SER J 131 -65.40 41.81 53.72
CA SER J 131 -66.72 41.52 54.28
C SER J 131 -67.58 40.67 53.33
N THR J 132 -67.27 40.77 52.03
CA THR J 132 -68.00 40.04 51.01
C THR J 132 -67.70 38.53 51.02
N ASP J 133 -67.03 38.05 52.09
CA ASP J 133 -66.69 36.64 52.31
C ASP J 133 -67.08 36.11 53.73
N VAL J 134 -68.37 36.18 54.12
CA VAL J 134 -68.88 35.95 55.55
C VAL J 134 -67.78 35.95 56.61
N SER J 140 -72.96 36.49 67.22
CA SER J 140 -74.10 37.37 66.92
C SER J 140 -74.18 37.80 65.43
N ARG J 141 -75.20 38.62 65.12
CA ARG J 141 -75.24 39.43 63.89
C ARG J 141 -75.14 40.93 64.24
N ALA J 142 -75.68 41.82 63.40
CA ALA J 142 -75.36 43.24 63.57
C ALA J 142 -76.55 44.20 63.73
N ASP J 143 -76.45 45.02 64.78
CA ASP J 143 -77.41 46.10 65.03
C ASP J 143 -77.07 47.32 64.16
N ILE J 144 -75.78 47.64 64.18
CA ILE J 144 -75.24 48.78 63.50
C ILE J 144 -73.99 48.39 62.69
N ILE J 145 -73.97 48.84 61.44
CA ILE J 145 -72.80 48.77 60.55
C ILE J 145 -72.26 50.17 60.31
N VAL J 146 -70.96 50.36 60.57
CA VAL J 146 -70.26 51.59 60.20
C VAL J 146 -69.08 51.39 59.21
N ALA J 147 -69.22 52.06 58.05
CA ALA J 147 -68.29 51.96 56.91
C ALA J 147 -67.76 53.31 56.39
N GLU J 148 -66.45 53.55 56.53
CA GLU J 148 -65.81 54.57 55.67
C GLU J 148 -65.18 53.88 54.42
N VAL J 149 -66.00 53.74 53.39
CA VAL J 149 -65.60 52.95 52.23
C VAL J 149 -65.86 53.80 50.96
N PHE J 150 -65.56 55.09 51.05
CA PHE J 150 -65.88 56.01 49.95
C PHE J 150 -64.66 56.71 49.32
N ASP J 151 -64.72 56.89 48.01
CA ASP J 151 -63.76 57.72 47.30
C ASP J 151 -64.54 58.91 46.75
N THR J 152 -63.85 59.87 46.14
CA THR J 152 -64.49 61.04 45.53
C THR J 152 -65.78 60.75 44.71
N GLU J 153 -65.75 59.61 44.00
CA GLU J 153 -66.87 59.22 43.12
C GLU J 153 -67.96 58.57 43.95
N LEU J 154 -67.62 58.27 45.22
CA LEU J 154 -68.50 57.73 46.27
C LEU J 154 -68.46 56.21 46.27
N ILE J 155 -69.06 55.66 45.21
CA ILE J 155 -69.24 54.23 45.04
C ILE J 155 -67.95 53.53 44.61
N GLY J 156 -66.94 54.34 44.29
CA GLY J 156 -65.70 53.92 43.61
C GLY J 156 -64.91 52.82 44.24
N GLU J 157 -64.82 52.83 45.58
CA GLU J 157 -64.18 51.73 46.30
C GLU J 157 -65.20 50.63 46.64
N GLY J 158 -66.30 50.61 45.89
CA GLY J 158 -67.28 49.51 45.93
C GLY J 158 -68.17 49.48 47.16
N ALA J 159 -68.66 50.67 47.52
CA ALA J 159 -69.56 50.79 48.66
C ALA J 159 -70.77 49.93 48.42
N LEU J 160 -71.52 50.26 47.36
CA LEU J 160 -72.77 49.61 46.97
C LEU J 160 -72.86 48.09 47.32
N ARG J 161 -71.89 47.29 46.87
CA ARG J 161 -71.87 45.85 47.13
C ARG J 161 -71.48 45.56 48.59
N THR J 162 -70.50 46.28 49.13
CA THR J 162 -70.10 45.97 50.47
C THR J 162 -71.27 46.24 51.46
N PHE J 163 -72.19 47.12 51.06
CA PHE J 163 -73.35 47.40 51.90
C PHE J 163 -74.45 46.34 51.72
N LYS J 164 -74.80 46.03 50.47
CA LYS J 164 -75.76 44.94 50.18
C LYS J 164 -75.44 43.71 51.02
N GLU J 165 -74.21 43.20 50.87
CA GLU J 165 -73.82 41.89 51.41
C GLU J 165 -73.34 41.88 52.84
N ALA J 166 -73.35 43.03 53.47
CA ALA J 166 -73.26 43.05 54.92
C ALA J 166 -74.67 43.10 55.50
N LEU J 167 -75.55 43.85 54.84
CA LEU J 167 -76.96 43.99 55.24
C LEU J 167 -77.66 42.63 55.24
N GLU J 168 -77.60 41.95 54.09
CA GLU J 168 -78.22 40.63 53.95
C GLU J 168 -77.52 39.43 54.64
N ARG J 169 -76.24 39.53 54.98
CA ARG J 169 -75.51 38.35 55.50
C ARG J 169 -74.81 38.48 56.85
N LEU J 170 -74.65 39.69 57.34
CA LEU J 170 -74.01 39.87 58.64
C LEU J 170 -74.84 40.66 59.64
N ALA J 171 -75.95 41.21 59.15
CA ALA J 171 -76.78 42.14 59.93
C ALA J 171 -78.26 41.75 59.98
N LYS J 172 -78.93 42.16 61.07
CA LYS J 172 -80.35 41.87 61.32
C LYS J 172 -81.29 42.81 60.53
N PRO J 173 -82.58 42.48 60.44
CA PRO J 173 -83.42 43.46 59.75
C PRO J 173 -83.62 44.67 60.67
N GLY J 174 -83.95 45.83 60.08
CA GLY J 174 -84.04 47.09 60.84
C GLY J 174 -82.71 47.51 61.46
N CYS J 175 -81.64 47.09 60.80
CA CYS J 175 -80.27 47.40 61.16
C CYS J 175 -79.97 48.83 60.76
N ARG J 176 -79.28 49.56 61.63
CA ARG J 176 -78.86 50.92 61.26
C ARG J 176 -77.42 51.04 60.77
N VAL J 177 -77.23 51.87 59.75
CA VAL J 177 -75.95 51.98 59.04
C VAL J 177 -75.46 53.45 58.91
N VAL J 178 -74.25 53.71 59.42
CA VAL J 178 -73.61 55.01 59.39
C VAL J 178 -72.59 55.06 58.27
N PRO J 179 -72.87 55.79 57.18
CA PRO J 179 -73.96 56.70 56.89
C PRO J 179 -75.20 55.99 56.41
N SER J 180 -76.25 56.76 56.16
CA SER J 180 -77.56 56.20 56.07
C SER J 180 -78.24 56.77 54.86
N THR J 181 -77.65 57.81 54.32
CA THR J 181 -78.11 58.36 53.05
C THR J 181 -76.91 58.93 52.28
N GLY J 182 -77.15 59.36 51.05
CA GLY J 182 -76.19 60.07 50.25
C GLY J 182 -76.94 60.49 49.02
N ASN J 183 -76.73 61.73 48.58
CA ASN J 183 -77.07 62.05 47.19
C ASN J 183 -75.80 62.49 46.46
N VAL J 184 -75.88 62.49 45.14
CA VAL J 184 -74.83 63.09 44.37
C VAL J 184 -75.51 64.13 43.54
N TYR J 185 -74.93 65.32 43.55
CA TYR J 185 -75.39 66.38 42.71
C TYR J 185 -74.39 66.57 41.59
N ILE J 186 -74.90 66.94 40.44
CA ILE J 186 -74.09 67.50 39.40
C ILE J 186 -74.50 68.96 39.11
N VAL J 187 -73.55 69.77 38.65
CA VAL J 187 -73.84 71.14 38.24
C VAL J 187 -73.18 71.42 36.89
N PRO J 188 -73.97 71.91 35.92
CA PRO J 188 -73.54 72.31 34.57
C PRO J 188 -72.91 73.72 34.50
N VAL J 189 -71.83 73.80 33.73
CA VAL J 189 -70.93 74.94 33.78
C VAL J 189 -70.44 75.30 32.37
N GLU J 190 -70.66 76.54 31.94
CA GLU J 190 -69.90 77.13 30.84
C GLU J 190 -68.59 77.47 31.52
N SER J 191 -67.48 77.04 30.94
CA SER J 191 -66.16 77.17 31.56
C SER J 191 -65.08 76.78 30.58
N HIS J 192 -64.62 77.76 29.80
CA HIS J 192 -63.47 77.60 28.93
C HIS J 192 -62.33 76.88 29.59
N LEU J 193 -62.10 77.14 30.88
CA LEU J 193 -61.04 76.46 31.64
C LEU J 193 -61.21 74.95 31.65
N LEU J 194 -62.38 74.48 32.03
CA LEU J 194 -62.57 73.05 32.29
C LEU J 194 -62.61 72.25 31.00
N LYS J 195 -63.29 72.80 30.01
CA LYS J 195 -63.29 72.36 28.62
C LYS J 195 -61.89 71.92 28.17
N MET J 196 -60.87 72.65 28.61
CA MET J 196 -59.49 72.44 28.19
C MET J 196 -58.83 71.15 28.70
N PHE J 197 -59.53 70.40 29.55
CA PHE J 197 -58.94 69.14 30.04
C PHE J 197 -59.49 67.94 29.28
N ASN J 198 -60.47 68.18 28.40
CA ASN J 198 -61.16 67.09 27.75
C ASN J 198 -61.08 67.29 26.29
N ASP J 199 -61.09 68.55 25.89
CA ASP J 199 -61.06 68.94 24.50
C ASP J 199 -59.86 68.39 23.77
N ILE J 200 -60.14 67.80 22.61
CA ILE J 200 -59.14 67.36 21.65
C ILE J 200 -58.62 68.63 20.96
N PRO J 201 -57.30 68.84 20.95
CA PRO J 201 -56.74 70.12 20.56
C PRO J 201 -56.93 70.44 19.10
N ARG J 202 -57.42 71.64 18.82
CA ARG J 202 -57.71 72.11 17.47
C ARG J 202 -56.64 73.06 16.94
N LEU J 203 -55.66 72.53 16.21
CA LEU J 203 -54.61 73.32 15.61
C LEU J 203 -55.06 74.73 15.27
N ASN J 204 -56.05 74.86 14.39
CA ASN J 204 -56.42 76.17 13.83
C ASN J 204 -57.46 76.93 14.69
N GLY J 205 -57.61 76.50 15.93
CA GLY J 205 -58.46 77.14 16.93
C GLY J 205 -59.88 77.45 16.46
N GLU J 206 -60.30 76.75 15.40
CA GLU J 206 -61.64 76.92 14.86
C GLU J 206 -62.54 75.83 15.35
N LYS J 207 -63.60 76.21 16.07
CA LYS J 207 -64.66 75.24 16.33
C LYS J 207 -65.60 75.26 15.11
N ASP J 208 -65.86 74.08 14.53
CA ASP J 208 -65.28 72.90 15.10
C ASP J 208 -64.37 72.12 14.18
N GLU J 209 -63.17 71.91 14.69
CA GLU J 209 -62.18 71.06 14.08
C GLU J 209 -62.18 69.73 14.85
N GLU J 210 -62.36 68.64 14.10
CA GLU J 210 -62.49 67.31 14.67
C GLU J 210 -61.46 66.42 14.01
N PRO J 211 -60.21 66.56 14.43
CA PRO J 211 -59.08 65.94 13.75
C PRO J 211 -58.95 64.46 14.06
N LEU J 212 -59.49 64.04 15.21
CA LEU J 212 -59.40 62.66 15.63
C LEU J 212 -60.78 62.01 15.73
N GLY J 213 -61.79 62.66 15.14
CA GLY J 213 -63.20 62.30 15.36
C GLY J 213 -63.77 62.84 16.68
N ARG J 214 -64.94 62.33 17.09
CA ARG J 214 -65.45 62.61 18.45
C ARG J 214 -64.91 61.51 19.37
N CYS J 215 -64.80 61.83 20.66
CA CYS J 215 -64.19 60.99 21.70
C CYS J 215 -64.88 61.48 22.94
N SER J 216 -65.26 60.58 23.84
CA SER J 216 -65.94 60.99 25.07
C SER J 216 -64.95 61.33 26.16
N GLY J 217 -63.68 61.42 25.78
CA GLY J 217 -62.64 61.74 26.75
C GLY J 217 -62.40 60.57 27.67
N THR J 218 -61.43 60.71 28.56
CA THR J 218 -61.12 59.63 29.47
C THR J 218 -62.33 59.33 30.36
N ALA J 219 -62.42 58.07 30.81
CA ALA J 219 -63.61 57.53 31.48
C ALA J 219 -63.38 57.36 32.97
N ALA J 220 -62.12 57.10 33.34
CA ALA J 220 -61.67 57.09 34.73
C ALA J 220 -61.95 58.48 35.34
N VAL J 221 -62.25 58.49 36.63
CA VAL J 221 -62.78 59.69 37.30
C VAL J 221 -61.82 60.90 37.25
N PHE J 222 -62.36 62.07 36.89
CA PHE J 222 -61.59 63.33 36.88
C PHE J 222 -61.79 64.11 38.17
N ASP J 223 -60.93 63.82 39.14
CA ASP J 223 -61.05 64.35 40.48
C ASP J 223 -60.22 65.62 40.63
N VAL J 224 -60.93 66.72 40.96
CA VAL J 224 -60.32 68.06 41.11
C VAL J 224 -60.87 68.88 42.32
N GLN J 225 -59.96 69.52 43.07
CA GLN J 225 -60.31 70.48 44.15
C GLN J 225 -60.99 71.68 43.57
N LEU J 226 -62.25 71.55 43.19
CA LEU J 226 -62.93 72.64 42.51
C LEU J 226 -62.94 73.94 43.35
N SER J 227 -62.39 73.84 44.57
CA SER J 227 -62.33 74.97 45.50
C SER J 227 -61.19 75.97 45.19
N GLU J 228 -60.43 75.71 44.12
CA GLU J 228 -59.39 76.62 43.65
C GLU J 228 -59.73 77.31 42.35
N MET J 229 -60.80 76.86 41.70
CA MET J 229 -61.34 77.60 40.59
C MET J 229 -61.69 79.00 41.09
N LYS J 230 -61.22 80.03 40.38
CA LYS J 230 -61.53 81.40 40.70
C LYS J 230 -62.84 81.75 40.02
N THR J 231 -63.59 82.63 40.66
CA THR J 231 -64.92 82.99 40.19
C THR J 231 -65.02 83.13 38.68
N HIS J 232 -64.01 83.74 38.04
CA HIS J 232 -64.09 83.96 36.58
C HIS J 232 -64.00 82.72 35.71
N GLU J 233 -63.32 81.66 36.18
CA GLU J 233 -63.16 80.40 35.42
C GLU J 233 -64.49 79.76 34.95
N PHE J 234 -65.58 79.98 35.70
CA PHE J 234 -66.83 79.26 35.46
C PHE J 234 -68.14 80.02 35.67
N ARG J 235 -69.10 79.79 34.78
CA ARG J 235 -70.45 80.32 34.94
C ARG J 235 -71.44 79.16 35.08
N GLU J 236 -72.03 79.02 36.26
CA GLU J 236 -72.97 77.94 36.56
C GLU J 236 -74.28 78.15 35.78
N LEU J 237 -74.76 77.11 35.10
CA LEU J 237 -75.92 77.34 34.24
C LEU J 237 -77.28 77.13 34.93
N SER J 238 -77.31 76.29 35.96
CA SER J 238 -78.47 76.21 36.86
C SER J 238 -78.01 75.84 38.26
N GLU J 239 -78.97 75.66 39.17
CA GLU J 239 -78.71 75.20 40.55
C GLU J 239 -78.14 73.76 40.51
N PRO J 240 -77.64 73.24 41.67
CA PRO J 240 -77.37 71.80 41.79
C PRO J 240 -78.52 70.90 41.35
N ILE J 241 -78.17 69.74 40.79
CA ILE J 241 -79.18 68.86 40.27
C ILE J 241 -78.96 67.47 40.84
N VAL J 242 -80.04 66.76 41.12
CA VAL J 242 -79.94 65.41 41.68
C VAL J 242 -79.91 64.34 40.61
N ALA J 243 -78.76 63.68 40.51
CA ALA J 243 -78.59 62.52 39.64
C ALA J 243 -78.91 61.27 40.44
N PHE J 244 -78.26 61.10 41.59
CA PHE J 244 -78.41 59.87 42.31
C PHE J 244 -78.74 60.05 43.77
N LYS J 245 -79.87 59.46 44.15
CA LYS J 245 -80.27 59.29 45.54
C LYS J 245 -79.77 57.92 46.05
N PHE J 246 -78.91 57.91 47.06
CA PHE J 246 -78.58 56.65 47.69
C PHE J 246 -79.19 56.39 49.08
N ASP J 247 -79.28 55.10 49.43
CA ASP J 247 -79.94 54.58 50.65
C ASP J 247 -79.05 53.43 51.12
N PHE J 248 -78.32 53.64 52.21
CA PHE J 248 -77.36 52.62 52.66
C PHE J 248 -77.87 51.70 53.77
N GLU J 249 -79.19 51.76 53.98
CA GLU J 249 -79.88 51.03 55.05
C GLU J 249 -80.68 49.83 54.55
N HIS J 250 -80.99 49.86 53.27
CA HIS J 250 -81.94 48.94 52.68
C HIS J 250 -81.34 48.17 51.52
N GLU J 251 -80.94 46.92 51.79
CA GLU J 251 -80.32 46.07 50.78
C GLU J 251 -81.08 46.03 49.45
N GLU J 252 -82.40 46.04 49.52
CA GLU J 252 -83.20 46.00 48.32
C GLU J 252 -83.25 47.36 47.58
N LYS J 253 -82.76 48.41 48.24
CA LYS J 253 -82.67 49.77 47.68
C LYS J 253 -81.29 50.07 47.06
N ILE J 254 -80.38 49.13 47.20
CA ILE J 254 -79.01 49.24 46.67
C ILE J 254 -78.88 48.55 45.30
N ILE J 255 -79.05 49.31 44.23
CA ILE J 255 -78.95 48.76 42.87
C ILE J 255 -77.56 49.06 42.28
N PHE J 256 -77.08 48.20 41.36
CA PHE J 256 -75.77 48.37 40.72
C PHE J 256 -75.79 49.17 39.44
N ASP J 257 -76.80 48.98 38.60
CA ASP J 257 -76.81 49.68 37.31
C ASP J 257 -78.03 50.53 37.14
N GLU J 258 -77.91 51.82 37.45
CA GLU J 258 -79.05 52.72 37.27
C GLU J 258 -78.82 53.78 36.19
N SER J 259 -79.92 54.25 35.63
CA SER J 259 -79.92 55.27 34.60
C SER J 259 -81.17 56.15 34.77
N PHE J 260 -81.07 57.22 35.57
CA PHE J 260 -82.18 58.16 35.81
C PHE J 260 -82.05 59.38 34.92
N VAL J 261 -83.15 59.74 34.28
CA VAL J 261 -83.22 60.95 33.45
C VAL J 261 -83.69 62.15 34.30
N ARG J 262 -82.77 63.07 34.59
CA ARG J 262 -83.04 64.18 35.53
C ARG J 262 -83.23 65.55 34.87
N GLU J 263 -83.95 66.39 35.61
CA GLU J 263 -84.42 67.68 35.12
C GLU J 263 -83.96 68.90 35.89
N ALA J 264 -83.83 70.00 35.16
CA ALA J 264 -83.70 71.31 35.75
C ALA J 264 -84.08 72.35 34.69
N VAL J 265 -84.21 73.58 35.18
CA VAL J 265 -84.55 74.70 34.35
C VAL J 265 -83.36 75.63 34.39
N ALA J 266 -82.93 76.06 33.21
CA ALA J 266 -81.80 76.99 33.11
C ALA J 266 -82.19 78.33 33.71
N HIS J 267 -81.28 78.88 34.51
CA HIS J 267 -81.40 80.27 34.90
C HIS J 267 -80.45 81.15 34.12
N SER J 268 -79.67 80.54 33.21
CA SER J 268 -78.61 81.22 32.42
C SER J 268 -78.39 80.63 31.02
N SER J 269 -78.32 81.51 30.00
CA SER J 269 -78.14 81.13 28.59
C SER J 269 -76.68 80.89 28.19
N GLY J 270 -76.34 79.62 27.93
CA GLY J 270 -74.99 79.29 27.53
C GLY J 270 -74.84 77.82 27.18
N THR J 271 -73.60 77.36 27.16
CA THR J 271 -73.32 75.96 26.79
C THR J 271 -72.68 75.20 27.96
N ILE J 272 -73.07 73.94 28.12
CA ILE J 272 -72.53 73.09 29.18
C ILE J 272 -71.15 72.49 28.84
N ASP J 273 -70.09 73.20 29.24
CA ASP J 273 -68.71 72.73 29.04
C ASP J 273 -68.29 71.56 29.93
N ALA J 274 -68.93 71.44 31.10
CA ALA J 274 -68.62 70.35 32.01
C ALA J 274 -69.73 70.18 33.01
N LEU J 275 -69.80 69.02 33.65
CA LEU J 275 -70.65 68.80 34.80
C LEU J 275 -69.76 68.57 35.98
N LEU J 276 -69.67 69.60 36.81
CA LEU J 276 -69.00 69.52 38.11
C LEU J 276 -69.94 68.69 38.96
N MET J 277 -69.37 67.92 39.88
CA MET J 277 -70.13 66.97 40.68
C MET J 277 -69.49 66.76 42.01
N TRP J 278 -70.34 66.48 43.02
CA TRP J 278 -69.90 66.02 44.36
C TRP J 278 -71.06 65.28 45.00
N TRP J 279 -70.81 64.71 46.16
CA TRP J 279 -71.89 64.17 46.96
C TRP J 279 -72.14 64.91 48.25
N ASP J 280 -73.34 64.72 48.80
CA ASP J 280 -73.51 64.80 50.26
C ASP J 280 -74.11 63.53 50.85
N ILE J 281 -73.64 63.19 52.06
CA ILE J 281 -74.18 62.05 52.78
C ILE J 281 -74.72 62.41 54.15
N ASP J 282 -75.86 61.80 54.48
CA ASP J 282 -76.50 61.95 55.78
C ASP J 282 -76.09 60.79 56.70
N MET J 283 -75.36 61.12 57.76
CA MET J 283 -74.72 60.17 58.66
C MET J 283 -75.63 59.36 59.59
N ASP J 284 -76.95 59.63 59.57
CA ASP J 284 -77.88 58.82 60.38
C ASP J 284 -79.34 59.07 60.06
N ARG J 285 -79.62 59.60 58.87
CA ARG J 285 -81.01 59.78 58.40
C ARG J 285 -81.83 60.85 59.18
N ASN J 286 -81.29 61.34 60.31
CA ASN J 286 -81.67 62.62 60.92
C ASN J 286 -81.08 63.68 60.04
N GLY J 287 -81.95 64.30 59.22
CA GLY J 287 -81.54 65.18 58.09
C GLY J 287 -80.90 66.46 58.61
N THR J 288 -79.87 66.26 59.43
CA THR J 288 -79.41 67.27 60.34
C THR J 288 -77.91 67.35 60.19
N THR J 289 -77.28 66.18 60.28
CA THR J 289 -75.82 66.09 60.24
C THR J 289 -75.30 65.40 58.94
N PHE J 290 -74.53 66.15 58.16
CA PHE J 290 -74.12 65.74 56.85
C PHE J 290 -72.60 65.79 56.72
N ILE J 291 -72.01 64.85 55.98
CA ILE J 291 -70.74 65.17 55.28
C ILE J 291 -71.11 65.77 53.91
N ASP J 292 -70.44 66.87 53.59
CA ASP J 292 -70.79 67.65 52.42
C ASP J 292 -69.55 67.99 51.62
N MET J 293 -69.63 67.80 50.30
CA MET J 293 -68.47 67.81 49.42
C MET J 293 -68.49 68.92 48.42
N GLY J 294 -69.54 69.75 48.42
CA GLY J 294 -69.56 70.99 47.64
C GLY J 294 -68.29 71.83 47.86
N PRO J 295 -67.84 72.53 46.80
CA PRO J 295 -66.66 73.40 46.90
C PRO J 295 -66.96 74.66 47.72
N LYS J 296 -65.90 75.25 48.27
CA LYS J 296 -66.00 76.32 49.25
C LYS J 296 -67.14 77.23 48.80
N TRP J 297 -67.13 77.58 47.53
CA TRP J 297 -68.14 78.46 46.97
C TRP J 297 -69.57 77.93 46.95
N LYS J 298 -69.83 76.89 47.74
CA LYS J 298 -71.19 76.43 48.08
C LYS J 298 -71.24 75.88 49.51
N TYR J 303 -68.55 73.37 54.70
CA TYR J 303 -67.24 73.29 54.06
C TYR J 303 -65.99 73.31 54.97
N ALA J 304 -65.56 72.13 55.40
CA ALA J 304 -64.17 71.96 55.82
C ALA J 304 -63.41 71.30 54.67
N TRP J 305 -62.35 71.94 54.21
CA TRP J 305 -61.42 71.34 53.28
C TRP J 305 -61.00 69.92 53.69
N ARG J 306 -60.87 69.07 52.66
CA ARG J 306 -60.11 67.81 52.69
C ARG J 306 -59.45 67.44 51.34
N ASP J 307 -58.53 66.48 51.35
CA ASP J 307 -57.94 65.97 50.09
C ASP J 307 -58.24 64.50 49.65
N HIS J 308 -58.14 63.53 50.57
CA HIS J 308 -58.59 62.14 50.31
C HIS J 308 -59.89 62.13 49.55
N TRP J 309 -60.72 63.14 49.79
CA TRP J 309 -61.89 63.35 48.96
C TRP J 309 -61.76 64.68 48.25
N MET J 310 -62.63 64.97 47.29
CA MET J 310 -62.61 66.20 46.53
C MET J 310 -63.74 66.04 45.54
N GLN J 311 -63.78 66.86 44.49
CA GLN J 311 -64.99 66.84 43.63
C GLN J 311 -64.63 66.30 42.23
N ALA J 312 -65.50 66.47 41.24
CA ALA J 312 -65.30 65.78 39.96
C ALA J 312 -65.88 66.49 38.73
N VAL J 313 -65.15 66.44 37.64
CA VAL J 313 -65.76 66.87 36.41
C VAL J 313 -66.06 65.67 35.48
N TYR J 314 -67.03 65.88 34.60
CA TYR J 314 -67.66 64.85 33.83
C TYR J 314 -68.18 65.56 32.62
N TYR J 315 -67.96 64.97 31.44
CA TYR J 315 -68.32 65.68 30.20
C TYR J 315 -69.46 64.99 29.55
N LEU J 316 -70.02 65.61 28.53
CA LEU J 316 -71.10 65.02 27.80
C LEU J 316 -70.56 64.58 26.45
N PRO J 317 -70.80 63.32 26.10
CA PRO J 317 -70.68 62.83 24.75
C PRO J 317 -70.90 63.91 23.67
N GLU J 318 -72.02 64.62 23.71
CA GLU J 318 -72.33 65.67 22.70
C GLU J 318 -72.11 67.10 23.20
N LYS J 319 -72.29 68.04 22.27
CA LYS J 319 -72.54 69.44 22.59
C LYS J 319 -73.96 69.57 23.20
N LYS J 320 -74.02 70.17 24.39
CA LYS J 320 -75.29 70.50 25.02
C LYS J 320 -75.34 71.99 25.39
N LYS J 321 -76.30 72.72 24.84
CA LYS J 321 -76.54 74.11 25.23
C LYS J 321 -77.72 74.20 26.21
N VAL J 322 -78.00 75.40 26.69
CA VAL J 322 -78.93 75.64 27.80
C VAL J 322 -79.45 77.10 27.71
N GLU J 323 -80.76 77.29 27.89
CA GLU J 323 -81.42 78.62 27.75
C GLU J 323 -82.34 79.03 28.93
N MET J 324 -82.27 80.30 29.34
CA MET J 324 -83.16 80.89 30.38
C MET J 324 -84.54 81.27 29.81
N ASN J 325 -85.64 80.85 30.45
CA ASN J 325 -85.67 80.02 31.64
C ASN J 325 -86.28 78.65 31.26
N GLN J 326 -85.80 78.08 30.16
CA GLN J 326 -86.31 76.80 29.65
C GLN J 326 -85.74 75.59 30.41
N THR J 327 -86.47 74.46 30.33
CA THR J 327 -86.07 73.19 30.95
C THR J 327 -85.05 72.44 30.09
N PHE J 328 -84.33 71.51 30.72
CA PHE J 328 -83.43 70.57 30.05
C PHE J 328 -83.37 69.26 30.84
N GLU J 329 -83.27 68.16 30.11
CA GLU J 329 -83.09 66.85 30.73
C GLU J 329 -81.61 66.49 30.63
N ILE J 330 -81.07 65.89 31.69
CA ILE J 330 -79.73 65.27 31.62
C ILE J 330 -79.67 63.85 32.20
N VAL J 331 -79.35 62.89 31.35
CA VAL J 331 -79.29 61.47 31.74
C VAL J 331 -78.11 61.18 32.68
N CYS J 332 -78.40 60.61 33.83
CA CYS J 332 -77.36 60.26 34.78
C CYS J 332 -77.31 58.75 34.92
N ASN J 333 -76.12 58.17 34.72
CA ASN J 333 -75.93 56.72 34.65
C ASN J 333 -74.91 56.26 35.64
N HIS J 334 -75.00 54.99 36.03
CA HIS J 334 -73.99 54.40 36.89
C HIS J 334 -73.97 52.88 36.84
N ASP J 335 -72.83 52.29 37.23
CA ASP J 335 -72.61 50.83 37.38
C ASP J 335 -72.07 50.71 38.78
N GLU J 336 -71.51 49.55 39.16
CA GLU J 336 -71.18 49.28 40.57
C GLU J 336 -70.11 50.23 41.16
N PHE J 337 -69.18 50.70 40.32
CA PHE J 337 -68.09 51.60 40.80
C PHE J 337 -67.98 52.97 40.11
N SER J 338 -68.81 53.26 39.10
CA SER J 338 -68.64 54.47 38.23
C SER J 338 -69.91 55.28 37.88
N LEU J 339 -69.77 56.60 37.69
CA LEU J 339 -70.86 57.48 37.26
C LEU J 339 -70.54 57.99 35.86
N TRP J 340 -71.55 58.28 35.05
CA TRP J 340 -71.33 58.93 33.74
C TRP J 340 -72.63 59.52 33.36
N PHE J 341 -72.63 60.46 32.43
CA PHE J 341 -73.83 61.21 32.14
C PHE J 341 -73.96 61.33 30.64
N SER J 342 -75.17 61.60 30.14
CA SER J 342 -75.43 61.55 28.69
C SER J 342 -76.65 62.38 28.28
N ASN J 343 -76.66 62.86 27.04
CA ASN J 343 -77.84 63.54 26.46
C ASN J 343 -79.05 62.63 26.27
N VAL J 344 -80.18 63.23 25.88
CA VAL J 344 -81.41 62.46 25.67
C VAL J 344 -81.49 61.88 24.27
N GLY J 345 -81.97 60.63 24.22
CA GLY J 345 -81.98 59.80 23.02
C GLY J 345 -80.57 59.46 22.60
N LYS J 346 -79.70 59.23 23.59
CA LYS J 346 -78.29 58.90 23.33
C LYS J 346 -77.81 57.63 24.04
N ASP J 347 -76.78 57.02 23.46
CA ASP J 347 -76.08 55.88 24.04
C ASP J 347 -75.79 56.10 25.55
N LYS J 348 -76.07 55.07 26.34
CA LYS J 348 -76.27 55.21 27.79
C LYS J 348 -75.35 54.37 28.68
N SER J 349 -74.37 53.69 28.08
CA SER J 349 -73.45 52.84 28.85
C SER J 349 -72.08 53.47 28.88
N ARG J 350 -71.28 53.18 29.92
CA ARG J 350 -70.00 53.88 30.11
C ARG J 350 -69.20 53.72 28.81
N SER J 351 -69.02 54.84 28.10
CA SER J 351 -68.22 54.86 26.85
C SER J 351 -66.79 55.37 27.14
N TYR J 352 -65.81 54.94 26.35
CA TYR J 352 -64.38 55.25 26.61
C TYR J 352 -63.76 56.08 25.52
N CYS J 353 -62.51 56.51 25.77
CA CYS J 353 -61.67 57.24 24.80
C CYS J 353 -61.53 56.40 23.54
N VAL J 354 -62.24 56.82 22.50
CA VAL J 354 -62.18 56.14 21.22
C VAL J 354 -61.27 56.91 20.24
N CYS J 355 -60.95 58.17 20.58
CA CYS J 355 -60.02 59.04 19.83
C CYS J 355 -58.59 58.52 19.91
N GLY J 356 -58.25 57.88 21.04
CA GLY J 356 -56.88 57.41 21.28
C GLY J 356 -55.95 58.41 21.97
N LEU J 357 -56.29 59.70 21.92
CA LEU J 357 -55.49 60.73 22.62
C LEU J 357 -55.70 60.72 24.14
N HIS J 358 -56.98 60.65 24.55
CA HIS J 358 -57.42 60.72 25.94
C HIS J 358 -56.75 59.63 26.74
N SER J 359 -56.64 58.46 26.11
CA SER J 359 -56.05 57.28 26.74
C SER J 359 -54.57 57.38 26.90
N MET J 360 -53.97 58.16 26.03
CA MET J 360 -52.53 58.34 26.04
C MET J 360 -52.17 59.35 27.10
N LEU J 361 -52.88 60.47 27.09
CA LEU J 361 -52.49 61.60 27.95
C LEU J 361 -53.35 61.84 29.17
N SER J 362 -52.67 62.00 30.31
CA SER J 362 -53.25 62.58 31.51
C SER J 362 -54.06 63.85 31.16
N ARG J 363 -55.13 64.13 31.93
CA ARG J 363 -55.89 65.40 31.82
C ARG J 363 -55.08 66.69 31.70
N GLN J 364 -54.12 66.89 32.61
CA GLN J 364 -53.31 68.11 32.62
C GLN J 364 -52.60 68.29 31.28
N THR J 365 -51.97 67.21 30.80
CA THR J 365 -51.26 67.26 29.56
C THR J 365 -52.25 67.67 28.48
N VAL J 366 -53.48 67.15 28.51
CA VAL J 366 -54.46 67.63 27.53
C VAL J 366 -54.61 69.14 27.68
N TYR J 367 -54.52 69.61 28.91
CA TYR J 367 -54.60 71.03 29.17
C TYR J 367 -53.40 71.73 28.50
N HIS J 368 -52.21 71.34 28.95
CA HIS J 368 -50.94 71.78 28.38
C HIS J 368 -50.96 72.00 26.89
N VAL J 369 -51.41 70.99 26.15
CA VAL J 369 -51.42 70.99 24.69
C VAL J 369 -52.45 71.98 24.14
N ASN J 370 -53.64 71.99 24.75
CA ASN J 370 -54.64 72.95 24.34
C ASN J 370 -54.14 74.35 24.64
N GLU J 371 -53.47 74.51 25.80
CA GLU J 371 -52.99 75.84 26.20
C GLU J 371 -52.02 76.41 25.17
N MET J 372 -50.91 75.69 24.98
CA MET J 372 -49.87 76.01 24.00
C MET J 372 -50.50 76.29 22.63
N PHE J 373 -51.53 75.52 22.29
CA PHE J 373 -52.26 75.70 21.04
C PHE J 373 -52.99 77.05 21.02
N GLU J 374 -53.31 77.58 22.19
CA GLU J 374 -54.05 78.84 22.32
C GLU J 374 -53.14 80.01 22.70
N ASN J 375 -51.91 79.71 23.10
CA ASN J 375 -50.95 80.72 23.53
C ASN J 375 -50.27 81.53 22.40
N GLN J 376 -50.77 82.75 22.18
CA GLN J 376 -50.33 83.58 21.06
C GLN J 376 -48.85 83.95 21.15
N LYS J 377 -48.40 84.29 22.34
CA LYS J 377 -47.03 84.74 22.55
C LYS J 377 -46.10 83.62 22.19
N PHE J 378 -46.40 82.43 22.69
CA PHE J 378 -45.61 81.25 22.42
C PHE J 378 -45.68 80.79 20.96
N LYS J 379 -46.86 80.92 20.35
CA LYS J 379 -46.99 80.56 18.95
C LYS J 379 -46.22 81.54 18.12
N ASP J 380 -46.29 82.82 18.50
CA ASP J 380 -45.50 83.85 17.83
C ASP J 380 -44.03 83.45 17.79
N GLU J 381 -43.50 83.03 18.92
CA GLU J 381 -42.11 82.68 18.99
C GLU J 381 -41.77 81.49 18.09
N VAL J 382 -42.69 80.52 18.05
CA VAL J 382 -42.50 79.31 17.27
C VAL J 382 -42.31 79.73 15.81
N ASP J 383 -43.30 80.43 15.25
CA ASP J 383 -43.15 81.17 13.96
C ASP J 383 -41.81 81.88 13.74
N LYS J 384 -41.40 82.69 14.70
CA LYS J 384 -40.14 83.39 14.64
C LYS J 384 -39.02 82.39 14.41
N LEU J 385 -38.88 81.40 15.29
CA LEU J 385 -37.77 80.46 15.21
C LEU J 385 -37.79 79.55 14.00
N SER J 386 -39.00 79.20 13.55
CA SER J 386 -39.18 78.18 12.51
C SER J 386 -39.14 78.68 11.06
N LYS J 387 -39.47 79.96 10.85
CA LYS J 387 -39.84 80.44 9.51
C LYS J 387 -38.98 79.88 8.38
N GLY J 388 -39.64 79.17 7.46
CA GLY J 388 -38.99 78.64 6.25
C GLY J 388 -37.68 77.92 6.49
N LEU J 389 -37.55 77.32 7.68
CA LEU J 389 -36.45 76.42 7.97
C LEU J 389 -37.01 75.03 7.94
N HIS J 390 -36.11 74.07 7.77
CA HIS J 390 -36.37 72.67 8.05
C HIS J 390 -36.17 72.49 9.53
N VAL J 391 -37.26 72.16 10.24
CA VAL J 391 -37.14 72.00 11.68
C VAL J 391 -37.33 70.56 12.10
N ALA J 392 -36.59 70.18 13.14
CA ALA J 392 -36.70 68.89 13.75
C ALA J 392 -37.09 69.07 15.21
N THR J 393 -37.88 68.12 15.66
CA THR J 393 -38.62 68.13 16.89
C THR J 393 -38.28 66.84 17.65
N VAL J 394 -38.02 66.96 18.95
CA VAL J 394 -37.80 65.77 19.77
C VAL J 394 -38.72 65.80 20.98
N GLY J 395 -38.95 64.62 21.57
CA GLY J 395 -39.98 64.43 22.55
C GLY J 395 -40.77 63.18 22.29
N GLU J 396 -41.96 63.15 22.88
CA GLU J 396 -42.81 61.98 22.95
C GLU J 396 -44.13 62.56 23.41
N GLY J 397 -45.10 62.65 22.52
CA GLY J 397 -46.32 63.28 22.93
C GLY J 397 -46.25 64.79 22.90
N SER J 398 -45.05 65.34 22.69
CA SER J 398 -44.89 66.77 22.33
C SER J 398 -45.55 67.13 20.99
N PHE J 399 -46.55 68.00 21.00
CA PHE J 399 -47.19 68.44 19.75
C PHE J 399 -46.55 69.68 19.15
N LEU J 400 -45.37 70.06 19.67
CA LEU J 400 -44.64 71.26 19.20
C LEU J 400 -44.55 71.35 17.67
N GLY J 401 -44.18 70.25 17.04
CA GLY J 401 -44.00 70.22 15.60
C GLY J 401 -45.19 70.64 14.76
N LEU J 402 -46.39 70.43 15.28
CA LEU J 402 -47.62 70.89 14.60
C LEU J 402 -47.80 72.41 14.56
N LEU J 403 -47.29 73.11 15.58
CA LEU J 403 -47.23 74.57 15.58
C LEU J 403 -46.12 75.05 14.66
N ALA J 404 -44.93 74.46 14.82
CA ALA J 404 -43.79 74.75 13.93
C ALA J 404 -44.20 74.63 12.49
N ALA J 405 -45.21 73.81 12.24
CA ALA J 405 -45.68 73.56 10.88
C ALA J 405 -46.29 74.78 10.20
N LYS J 406 -46.73 75.77 10.98
CA LYS J 406 -47.40 76.92 10.38
C LYS J 406 -46.44 77.72 9.54
N THR J 407 -45.18 77.67 9.91
CA THR J 407 -44.21 78.63 9.47
C THR J 407 -43.05 77.95 8.71
N ALA J 408 -42.70 76.73 9.14
CA ALA J 408 -41.54 76.02 8.62
C ALA J 408 -41.68 75.62 7.16
N LYS J 409 -40.52 75.41 6.52
CA LYS J 409 -40.43 74.83 5.18
C LYS J 409 -40.84 73.36 5.31
N ARG J 410 -40.27 72.68 6.30
CA ARG J 410 -40.69 71.34 6.72
C ARG J 410 -40.31 71.05 8.18
N VAL J 411 -41.05 70.10 8.77
CA VAL J 411 -40.89 69.74 10.16
C VAL J 411 -40.67 68.23 10.20
N THR J 412 -39.54 67.80 10.77
CA THR J 412 -39.35 66.38 11.03
C THR J 412 -39.62 66.13 12.52
N ILE J 413 -40.85 65.72 12.83
CA ILE J 413 -41.20 65.23 14.18
C ILE J 413 -40.53 63.89 14.46
N ILE J 414 -39.65 63.86 15.47
CA ILE J 414 -39.03 62.61 15.87
C ILE J 414 -39.75 62.15 17.14
N ASP J 415 -40.50 61.06 17.00
CA ASP J 415 -41.19 60.51 18.15
C ASP J 415 -41.11 59.01 18.14
N GLY J 416 -40.50 58.47 19.18
CA GLY J 416 -40.22 57.03 19.30
C GLY J 416 -41.45 56.15 19.52
N ASN J 417 -42.58 56.80 19.84
CA ASN J 417 -43.80 56.12 20.23
C ASN J 417 -44.81 56.02 19.10
N GLU J 418 -45.36 54.83 18.92
CA GLU J 418 -46.23 54.55 17.79
C GLU J 418 -47.60 55.22 17.87
N ARG J 419 -48.25 55.06 19.00
CA ARG J 419 -49.55 55.74 19.23
C ARG J 419 -49.43 57.24 18.99
N PHE J 420 -48.35 57.84 19.46
CA PHE J 420 -48.14 59.26 19.14
C PHE J 420 -47.91 59.54 17.67
N ARG J 421 -47.16 58.68 16.99
CA ARG J 421 -46.97 58.93 15.56
C ARG J 421 -48.32 58.92 14.86
N ASP J 422 -49.13 57.88 15.13
CA ASP J 422 -50.47 57.73 14.57
C ASP J 422 -51.33 58.96 14.89
N ILE J 423 -51.35 59.38 16.15
CA ILE J 423 -52.02 60.63 16.46
C ILE J 423 -51.53 61.73 15.48
N PHE J 424 -50.23 61.98 15.46
CA PHE J 424 -49.73 63.08 14.63
C PHE J 424 -50.12 62.90 13.19
N PHE J 425 -50.00 61.67 12.67
CA PHE J 425 -50.36 61.42 11.26
C PHE J 425 -51.78 61.82 10.95
N LYS J 426 -52.68 61.51 11.89
CA LYS J 426 -54.10 61.85 11.75
C LYS J 426 -54.30 63.36 11.78
N TYR J 427 -53.45 64.08 12.52
CA TYR J 427 -53.52 65.54 12.43
C TYR J 427 -53.09 66.01 11.07
N ILE J 428 -51.99 65.43 10.61
CA ILE J 428 -51.46 65.75 9.30
C ILE J 428 -52.53 65.47 8.25
N HIS J 429 -53.25 64.36 8.43
CA HIS J 429 -54.28 63.95 7.49
C HIS J 429 -55.45 64.89 7.47
N TYR J 430 -55.91 65.28 8.66
CA TYR J 430 -57.10 66.12 8.80
C TYR J 430 -56.91 67.52 8.23
N TYR J 431 -55.74 68.12 8.47
CA TYR J 431 -55.55 69.50 8.06
C TYR J 431 -54.88 69.64 6.72
N LYS J 432 -54.62 68.49 6.07
CA LYS J 432 -53.94 68.45 4.79
C LYS J 432 -52.65 69.27 4.88
N LEU J 433 -51.73 68.82 5.73
CA LEU J 433 -50.49 69.53 5.95
C LEU J 433 -49.40 69.00 5.01
N THR J 434 -48.83 69.87 4.19
CA THR J 434 -47.98 69.41 3.09
C THR J 434 -46.54 69.51 3.48
N ASN J 435 -46.28 69.99 4.70
CA ASN J 435 -44.92 70.32 5.11
C ASN J 435 -44.45 69.61 6.37
N VAL J 436 -44.91 68.36 6.58
CA VAL J 436 -44.46 67.61 7.73
C VAL J 436 -44.35 66.10 7.56
N GLU J 437 -43.38 65.51 8.25
CA GLU J 437 -43.11 64.09 8.19
C GLU J 437 -42.71 63.64 9.59
N ILE J 438 -42.84 62.35 9.84
CA ILE J 438 -42.64 61.78 11.15
C ILE J 438 -41.66 60.63 11.05
N ILE J 439 -40.71 60.58 11.98
CA ILE J 439 -39.80 59.45 11.99
C ILE J 439 -39.71 58.95 13.42
N GLU J 440 -39.47 57.65 13.54
CA GLU J 440 -39.29 56.98 14.80
C GLU J 440 -37.99 57.33 15.48
N LYS J 441 -36.89 57.25 14.75
CA LYS J 441 -35.60 57.28 15.45
C LYS J 441 -34.70 58.46 15.09
N VAL J 442 -34.12 59.02 16.15
CA VAL J 442 -33.22 60.16 16.04
C VAL J 442 -32.17 59.90 14.99
N THR J 443 -31.48 58.77 15.12
CA THR J 443 -30.43 58.31 14.21
C THR J 443 -30.89 58.19 12.74
N SER J 444 -32.18 58.29 12.50
CA SER J 444 -32.68 58.17 11.14
C SER J 444 -33.00 59.54 10.59
N LEU J 445 -32.57 60.57 11.29
CA LEU J 445 -32.77 61.93 10.82
C LEU J 445 -31.83 62.16 9.65
N THR J 446 -32.40 61.93 8.48
CA THR J 446 -31.85 62.12 7.15
C THR J 446 -30.83 63.27 7.04
N ASP J 447 -31.37 64.46 6.73
CA ASP J 447 -30.61 65.63 6.36
C ASP J 447 -30.52 66.55 7.58
N SER J 448 -29.39 67.23 7.72
CA SER J 448 -29.22 68.21 8.80
C SER J 448 -30.34 69.23 8.75
N PRO J 449 -31.22 69.24 9.78
CA PRO J 449 -32.21 70.31 9.94
C PRO J 449 -31.47 71.64 10.23
N ASP J 450 -32.18 72.74 10.07
CA ASP J 450 -31.67 74.09 10.34
C ASP J 450 -31.77 74.33 11.84
N ILE J 451 -32.91 73.95 12.40
CA ILE J 451 -33.15 74.09 13.83
C ILE J 451 -33.78 72.84 14.43
N VAL J 452 -33.34 72.48 15.65
CA VAL J 452 -34.12 71.55 16.49
C VAL J 452 -34.81 72.22 17.67
N LEU J 453 -36.12 71.98 17.71
CA LEU J 453 -37.11 72.58 18.57
C LEU J 453 -37.82 71.53 19.45
N ALA J 454 -37.88 71.83 20.75
CA ALA J 454 -38.46 70.95 21.74
C ALA J 454 -39.17 71.78 22.80
N GLU J 455 -39.85 71.11 23.73
CA GLU J 455 -40.53 71.80 24.80
C GLU J 455 -39.65 72.00 26.05
N PRO J 456 -38.96 70.95 26.51
CA PRO J 456 -38.97 69.56 26.07
C PRO J 456 -40.03 68.74 26.80
N PHE J 457 -40.94 68.12 26.04
CA PHE J 457 -41.90 67.13 26.57
C PHE J 457 -41.68 65.67 26.14
N TYR J 458 -41.48 64.77 27.11
CA TYR J 458 -41.53 63.32 26.84
C TYR J 458 -42.55 62.69 27.79
N MET J 459 -43.74 62.38 27.29
CA MET J 459 -44.81 61.82 28.14
C MET J 459 -44.38 60.67 29.06
N SER J 460 -43.30 60.00 28.73
CA SER J 460 -42.85 58.87 29.54
C SER J 460 -42.19 59.26 30.87
N ALA J 461 -41.34 60.29 30.84
CA ALA J 461 -40.48 60.75 31.95
C ALA J 461 -41.03 60.53 33.38
N MET J 462 -40.47 59.53 34.06
CA MET J 462 -40.93 59.04 35.36
C MET J 462 -41.50 60.15 36.23
N ASN J 463 -40.70 61.20 36.44
CA ASN J 463 -41.09 62.34 37.25
C ASN J 463 -41.27 63.57 36.39
N PRO J 464 -42.39 64.31 36.61
CA PRO J 464 -42.83 65.43 35.77
C PRO J 464 -41.82 66.56 35.65
N TRP J 465 -40.95 66.71 36.65
CA TRP J 465 -39.87 67.68 36.63
C TRP J 465 -38.61 67.08 36.05
N ASN J 466 -38.74 66.06 35.18
CA ASN J 466 -37.57 65.29 34.70
C ASN J 466 -37.71 64.77 33.24
N HIS J 467 -37.94 65.71 32.32
CA HIS J 467 -38.07 65.44 30.88
C HIS J 467 -36.73 65.52 30.22
N LEU J 468 -35.71 64.94 30.87
CA LEU J 468 -34.30 65.17 30.54
C LEU J 468 -33.70 64.26 29.50
N ARG J 469 -34.48 63.29 29.04
CA ARG J 469 -34.09 62.46 27.92
C ARG J 469 -33.62 63.37 26.78
N PHE J 470 -34.28 64.53 26.65
CA PHE J 470 -33.90 65.58 25.72
C PHE J 470 -32.38 65.84 25.63
N LEU J 471 -31.71 65.85 26.78
CA LEU J 471 -30.27 65.95 26.82
C LEU J 471 -29.59 64.92 25.90
N TYR J 472 -30.05 63.65 25.97
CA TYR J 472 -29.44 62.54 25.20
C TYR J 472 -29.71 62.63 23.71
N ASP J 473 -30.97 62.94 23.35
CA ASP J 473 -31.32 63.13 21.93
C ASP J 473 -30.57 64.27 21.25
N VAL J 474 -30.33 65.34 22.02
CA VAL J 474 -29.49 66.44 21.60
C VAL J 474 -28.01 66.02 21.42
N GLU J 475 -27.49 65.31 22.41
CA GLU J 475 -26.12 64.83 22.34
C GLU J 475 -25.90 63.99 21.07
N VAL J 476 -26.85 63.09 20.77
CA VAL J 476 -26.81 62.36 19.51
C VAL J 476 -27.00 63.31 18.31
N LEU J 477 -27.94 64.25 18.39
CA LEU J 477 -28.18 65.05 17.20
C LEU J 477 -26.97 65.97 16.86
N LYS J 478 -26.08 66.17 17.82
CA LYS J 478 -24.95 67.11 17.72
C LYS J 478 -23.68 66.40 17.33
N MET J 479 -23.61 65.12 17.69
CA MET J 479 -22.64 64.19 17.12
C MET J 479 -22.96 63.97 15.64
N MET J 480 -24.20 63.61 15.31
CA MET J 480 -24.54 63.31 13.91
C MET J 480 -24.39 64.52 13.01
N HIS J 481 -25.09 65.59 13.33
CA HIS J 481 -24.92 66.83 12.57
C HIS J 481 -24.00 67.73 13.33
N GLY J 482 -23.93 68.99 12.98
CA GLY J 482 -22.89 69.76 13.64
C GLY J 482 -23.02 70.03 15.14
N ASP J 483 -21.89 70.42 15.72
CA ASP J 483 -21.89 71.20 16.93
C ASP J 483 -22.42 72.64 16.65
N GLU J 484 -22.36 73.09 15.40
CA GLU J 484 -23.12 74.27 14.97
C GLU J 484 -24.61 74.06 15.00
N LEU J 485 -25.07 72.82 15.01
CA LEU J 485 -26.52 72.63 15.01
C LEU J 485 -27.19 73.40 16.16
N ARG J 486 -28.12 74.26 15.79
CA ARG J 486 -28.85 75.11 16.72
C ARG J 486 -30.04 74.39 17.38
N VAL J 487 -30.04 74.35 18.71
CA VAL J 487 -31.21 73.86 19.46
C VAL J 487 -31.79 74.77 20.54
N GLU J 488 -33.12 74.75 20.56
CA GLU J 488 -33.92 75.49 21.47
C GLU J 488 -34.93 74.52 22.11
N PRO J 489 -35.09 74.58 23.45
CA PRO J 489 -34.58 75.60 24.36
C PRO J 489 -33.08 75.46 24.58
N HIS J 490 -32.37 76.57 24.79
CA HIS J 490 -30.90 76.56 24.86
C HIS J 490 -30.48 76.36 26.28
N MET J 491 -31.44 76.49 27.20
CA MET J 491 -31.14 76.09 28.58
C MET J 491 -32.32 75.76 29.56
N GLY J 492 -32.00 74.90 30.54
CA GLY J 492 -32.98 74.44 31.53
C GLY J 492 -32.51 74.58 32.96
N VAL J 493 -33.46 74.84 33.87
CA VAL J 493 -33.09 74.98 35.28
C VAL J 493 -34.07 74.31 36.28
N LEU J 494 -33.50 73.71 37.32
CA LEU J 494 -34.26 73.03 38.37
C LEU J 494 -34.44 74.01 39.52
N LYS J 495 -35.69 74.25 39.90
CA LYS J 495 -36.00 75.28 40.87
C LYS J 495 -36.88 74.84 42.03
N ALA J 496 -36.47 75.31 43.20
CA ALA J 496 -37.13 75.06 44.46
C ALA J 496 -37.75 76.36 45.00
N ILE J 497 -38.72 76.23 45.92
CA ILE J 497 -39.22 77.35 46.72
C ILE J 497 -39.86 76.87 48.02
N PRO J 498 -39.72 77.68 49.12
CA PRO J 498 -40.51 77.45 50.34
C PRO J 498 -41.94 77.90 50.16
N GLU J 499 -42.88 77.02 50.47
CA GLU J 499 -44.27 77.39 50.43
C GLU J 499 -44.97 76.90 51.67
N LYS J 500 -45.81 77.77 52.21
CA LYS J 500 -46.78 77.38 53.22
C LYS J 500 -48.20 77.28 52.59
N PHE J 501 -48.70 76.04 52.41
CA PHE J 501 -50.06 75.78 51.94
C PHE J 501 -50.98 75.88 53.11
N GLU J 502 -52.21 76.21 52.82
CA GLU J 502 -53.23 76.32 53.82
C GLU J 502 -53.54 74.95 54.41
N ASP J 503 -53.41 73.89 53.58
CA ASP J 503 -53.90 72.56 53.96
C ASP J 503 -53.17 71.33 53.44
N LEU J 504 -52.54 71.43 52.27
CA LEU J 504 -51.98 70.26 51.58
C LEU J 504 -50.91 69.46 52.37
N GLN J 505 -50.25 70.13 53.31
CA GLN J 505 -49.25 69.53 54.21
C GLN J 505 -49.78 68.31 55.03
N ASN J 506 -51.12 68.17 55.05
CA ASN J 506 -51.89 67.14 55.81
C ASN J 506 -52.14 65.79 55.12
N ILE J 507 -51.54 65.61 53.95
CA ILE J 507 -51.53 64.31 53.31
C ILE J 507 -50.26 63.60 53.72
N ALA J 508 -49.37 64.31 54.40
CA ALA J 508 -48.10 63.75 54.78
C ALA J 508 -47.72 63.94 56.24
N SER J 509 -48.44 64.83 56.94
CA SER J 509 -48.11 65.14 58.34
C SER J 509 -48.41 63.97 59.28
N ASP J 510 -47.75 63.92 60.43
CA ASP J 510 -48.09 62.89 61.38
C ASP J 510 -49.54 62.98 61.91
N VAL J 511 -49.97 61.91 62.58
CA VAL J 511 -51.40 61.71 62.83
C VAL J 511 -51.70 61.80 64.33
N GLY J 512 -50.92 61.07 65.11
CA GLY J 512 -51.03 61.10 66.56
C GLY J 512 -52.41 60.74 67.09
N THR J 513 -52.76 61.39 68.21
CA THR J 513 -54.01 61.18 68.89
C THR J 513 -55.24 61.75 68.13
N VAL J 514 -56.18 60.88 67.79
CA VAL J 514 -57.32 61.31 66.99
C VAL J 514 -58.63 60.97 67.69
N ASN J 515 -59.43 61.99 67.93
CA ASN J 515 -60.64 61.84 68.73
C ASN J 515 -60.26 61.17 70.06
N GLY J 516 -59.10 61.57 70.59
CA GLY J 516 -58.63 61.08 71.87
C GLY J 516 -57.87 59.78 71.84
N PHE J 517 -58.27 58.92 70.89
CA PHE J 517 -57.60 57.64 70.68
C PHE J 517 -56.18 57.90 70.21
N ASP J 518 -55.23 57.18 70.81
CA ASP J 518 -53.81 57.26 70.45
C ASP J 518 -53.50 56.38 69.20
N LEU J 519 -53.10 57.00 68.09
CA LEU J 519 -52.83 56.25 66.85
C LEU J 519 -51.37 56.33 66.44
N SER J 520 -50.46 56.25 67.41
CA SER J 520 -49.04 56.51 67.14
C SER J 520 -48.28 55.29 66.67
N PHE J 521 -48.95 54.15 66.64
CA PHE J 521 -48.34 52.90 66.15
C PHE J 521 -48.42 52.93 64.61
N PHE J 522 -49.55 53.39 64.07
CA PHE J 522 -49.68 53.59 62.63
C PHE J 522 -48.77 54.69 62.14
N ASP J 523 -48.57 55.75 62.94
CA ASP J 523 -47.57 56.78 62.64
C ASP J 523 -46.23 56.10 62.42
N GLU J 524 -45.97 55.07 63.20
CA GLU J 524 -44.68 54.40 63.12
C GLU J 524 -44.57 53.43 61.94
N ILE J 525 -45.58 52.57 61.75
CA ILE J 525 -45.48 51.64 60.63
C ILE J 525 -45.71 52.31 59.28
N SER J 526 -46.65 53.26 59.22
CA SER J 526 -46.97 54.00 57.98
C SER J 526 -45.76 54.75 57.50
N THR J 527 -45.10 55.39 58.45
CA THR J 527 -43.85 56.12 58.28
C THR J 527 -42.67 55.19 57.94
N LYS J 528 -42.71 53.95 58.37
CA LYS J 528 -41.63 53.05 57.95
C LYS J 528 -41.84 52.54 56.52
N ALA J 529 -43.10 52.26 56.16
CA ALA J 529 -43.46 51.86 54.79
C ALA J 529 -43.10 53.00 53.85
N ARG J 530 -43.55 54.19 54.20
CA ARG J 530 -43.37 55.39 53.41
C ARG J 530 -41.90 55.67 53.19
N THR J 531 -41.09 55.40 54.22
CA THR J 531 -39.64 55.58 54.12
C THR J 531 -39.02 54.54 53.21
N ALA J 532 -39.69 53.41 53.05
CA ALA J 532 -39.06 52.26 52.40
C ALA J 532 -39.50 52.04 50.95
N THR J 533 -40.50 52.78 50.50
CA THR J 533 -41.08 52.57 49.17
C THR J 533 -41.44 53.88 48.49
N ASP J 534 -41.47 54.98 49.23
CA ASP J 534 -41.81 56.27 48.64
C ASP J 534 -40.56 56.88 48.08
N ALA J 535 -40.77 57.58 46.97
CA ALA J 535 -39.86 58.57 46.46
C ALA J 535 -39.61 59.55 47.59
N ILE J 536 -38.40 60.09 47.64
CA ILE J 536 -38.07 61.21 48.53
C ILE J 536 -38.87 62.51 48.27
N VAL J 537 -39.29 62.76 47.04
CA VAL J 537 -40.17 63.89 46.67
C VAL J 537 -41.52 63.39 46.07
N ASP J 538 -42.62 64.04 46.40
CA ASP J 538 -43.95 63.61 45.96
C ASP J 538 -44.23 64.40 44.69
N GLU J 539 -45.40 64.19 44.06
CA GLU J 539 -45.82 65.04 42.95
C GLU J 539 -47.29 65.38 43.01
N GLN J 540 -47.65 66.60 42.62
CA GLN J 540 -49.00 67.10 42.89
C GLN J 540 -49.46 68.14 41.88
N SER J 541 -50.73 68.16 41.57
CA SER J 541 -51.26 69.20 40.70
C SER J 541 -51.48 70.49 41.52
N LEU J 542 -50.42 71.31 41.63
CA LEU J 542 -50.38 72.36 42.65
C LEU J 542 -51.36 73.53 42.46
N TRP J 543 -51.77 73.80 41.22
CA TRP J 543 -52.71 74.90 41.04
C TRP J 543 -53.95 74.61 41.83
N GLU J 544 -54.06 73.36 42.27
CA GLU J 544 -55.20 72.85 43.02
C GLU J 544 -55.09 73.06 44.53
N TYR J 545 -54.07 73.78 44.97
CA TYR J 545 -53.92 73.98 46.40
C TYR J 545 -53.45 75.39 46.73
N ALA J 546 -54.21 76.02 47.60
CA ALA J 546 -53.91 77.36 48.07
C ALA J 546 -52.78 77.34 49.15
N GLY J 547 -51.98 78.42 49.16
CA GLY J 547 -50.82 78.55 50.08
C GLY J 547 -50.01 79.83 49.87
N ILE J 548 -48.82 79.90 50.48
CA ILE J 548 -47.98 81.14 50.45
C ILE J 548 -46.44 80.91 50.46
N VAL J 549 -45.79 81.60 49.53
CA VAL J 549 -44.34 81.53 49.35
C VAL J 549 -43.59 82.18 50.50
N LYS J 550 -42.68 81.48 51.15
CA LYS J 550 -41.87 82.12 52.17
C LYS J 550 -40.45 82.50 51.71
N GLY J 551 -40.32 83.02 50.50
CA GLY J 551 -39.01 83.39 49.97
C GLY J 551 -38.83 83.36 48.45
N ASP J 552 -37.57 83.40 48.03
CA ASP J 552 -37.28 83.46 46.61
C ASP J 552 -37.07 82.07 46.06
N ALA J 553 -37.41 81.90 44.79
CA ALA J 553 -37.09 80.69 44.05
C ALA J 553 -35.57 80.56 44.00
N VAL J 554 -35.02 79.50 44.59
CA VAL J 554 -33.60 79.30 44.43
C VAL J 554 -33.28 78.29 43.30
N GLU J 555 -32.18 78.51 42.60
CA GLU J 555 -31.66 77.58 41.58
C GLU J 555 -31.01 76.33 42.15
N ILE J 556 -31.34 75.17 41.56
CA ILE J 556 -30.72 73.93 42.00
C ILE J 556 -29.78 73.36 40.95
N LEU J 557 -30.30 73.12 39.74
CA LEU J 557 -29.48 72.57 38.66
C LEU J 557 -29.66 73.38 37.41
N ARG J 558 -28.53 73.68 36.78
CA ARG J 558 -28.49 74.41 35.52
C ARG J 558 -28.02 73.50 34.36
N PHE J 559 -28.75 73.49 33.25
CA PHE J 559 -28.42 72.64 32.12
C PHE J 559 -28.22 73.42 30.83
N PRO J 560 -26.96 73.63 30.45
CA PRO J 560 -26.73 74.30 29.18
C PRO J 560 -26.73 73.22 28.12
N ILE J 561 -27.64 73.32 27.15
CA ILE J 561 -27.69 72.34 26.09
C ILE J 561 -26.37 72.43 25.35
N ASP J 562 -25.64 71.32 25.30
CA ASP J 562 -24.36 71.29 24.60
C ASP J 562 -24.23 69.99 23.80
N GLY J 563 -23.01 69.64 23.40
CA GLY J 563 -22.79 68.40 22.66
C GLY J 563 -22.85 67.14 23.51
N ARG J 564 -22.66 67.27 24.82
CA ARG J 564 -22.47 66.12 25.70
C ARG J 564 -23.15 66.28 27.07
N VAL J 565 -23.76 65.21 27.53
CA VAL J 565 -24.37 65.17 28.85
C VAL J 565 -23.28 64.82 29.86
N SER J 566 -23.35 65.43 31.03
CA SER J 566 -22.48 65.03 32.13
C SER J 566 -23.27 65.07 33.44
N SER J 567 -22.69 64.49 34.48
CA SER J 567 -23.38 64.50 35.75
C SER J 567 -23.21 65.82 36.54
N GLN J 568 -24.33 66.35 36.98
CA GLN J 568 -24.33 67.53 37.82
C GLN J 568 -24.65 67.19 39.28
N LYS J 569 -23.95 67.87 40.18
CA LYS J 569 -24.06 67.70 41.62
C LYS J 569 -24.26 69.08 42.24
N CYS J 570 -25.19 69.20 43.16
CA CYS J 570 -25.41 70.48 43.83
C CYS J 570 -26.02 70.30 45.20
N VAL J 571 -25.43 71.00 46.15
CA VAL J 571 -25.84 70.95 47.55
C VAL J 571 -26.09 72.39 47.96
N VAL J 572 -27.35 72.71 48.23
CA VAL J 572 -27.68 74.04 48.73
C VAL J 572 -28.51 74.06 50.02
N ASN J 573 -28.40 75.16 50.77
CA ASN J 573 -29.24 75.38 51.93
C ASN J 573 -30.40 76.28 51.54
N ILE J 574 -31.61 75.83 51.88
CA ILE J 574 -32.85 76.52 51.54
C ILE J 574 -33.48 77.09 52.82
N ASP J 575 -33.70 78.40 52.86
CA ASP J 575 -33.99 79.04 54.13
C ASP J 575 -35.47 79.47 54.23
N ASN J 576 -35.88 79.87 55.45
CA ASN J 576 -37.22 80.39 55.75
C ASN J 576 -38.26 79.28 55.86
N MET J 577 -37.81 78.14 56.34
CA MET J 577 -38.64 76.95 56.41
C MET J 577 -39.57 76.82 57.62
N SER J 578 -39.28 77.54 58.70
CA SER J 578 -40.14 77.51 59.89
C SER J 578 -41.49 78.18 59.65
N SER J 579 -41.50 79.16 58.74
CA SER J 579 -42.76 79.78 58.31
C SER J 579 -43.61 78.82 57.45
N SER J 580 -42.93 78.10 56.55
CA SER J 580 -43.52 77.30 55.45
C SER J 580 -43.64 75.79 55.71
N ASN J 581 -44.58 75.15 55.03
CA ASN J 581 -44.80 73.71 55.27
C ASN J 581 -44.27 72.77 54.17
N ALA J 582 -43.93 73.32 52.99
CA ALA J 582 -43.49 72.53 51.82
C ALA J 582 -42.35 73.14 50.96
N ILE J 583 -41.75 72.30 50.10
CA ILE J 583 -40.72 72.72 49.12
C ILE J 583 -41.04 72.26 47.70
N PRO J 584 -41.89 73.03 47.02
CA PRO J 584 -42.22 72.74 45.64
C PRO J 584 -41.03 72.88 44.71
N MET J 585 -41.04 72.10 43.65
CA MET J 585 -39.95 72.06 42.69
C MET J 585 -40.49 71.92 41.30
N TRP J 586 -39.84 72.58 40.37
CA TRP J 586 -40.17 72.45 38.99
C TRP J 586 -38.92 72.70 38.21
N MET J 587 -39.13 72.93 36.93
CA MET J 587 -38.07 73.06 36.00
C MET J 587 -38.48 74.15 35.05
N GLU J 588 -37.49 74.82 34.48
CA GLU J 588 -37.72 75.97 33.62
C GLU J 588 -36.81 75.90 32.41
N TRP J 589 -37.37 76.25 31.25
CA TRP J 589 -36.63 76.20 30.00
C TRP J 589 -36.63 77.51 29.28
N GLU J 590 -35.43 77.99 28.96
CA GLU J 590 -35.28 79.13 28.09
C GLU J 590 -35.52 78.76 26.62
N PHE J 591 -36.63 79.20 26.04
CA PHE J 591 -36.97 78.80 24.68
C PHE J 591 -36.99 80.00 23.78
N GLY J 592 -35.92 80.14 23.01
CA GLY J 592 -35.70 81.34 22.23
C GLY J 592 -35.75 82.50 23.20
N GLY J 593 -36.61 83.44 22.88
CA GLY J 593 -36.76 84.64 23.67
C GLY J 593 -37.42 84.42 25.02
N ILE J 594 -38.31 83.42 25.05
CA ILE J 594 -39.28 83.37 26.13
C ILE J 594 -39.13 82.19 27.07
N ASN J 595 -39.30 82.46 28.35
CA ASN J 595 -39.22 81.43 29.37
C ASN J 595 -40.45 80.51 29.45
N LEU J 596 -40.18 79.21 29.61
CA LEU J 596 -41.25 78.25 29.76
C LEU J 596 -41.09 77.63 31.13
N SER J 597 -42.16 77.66 31.93
CA SER J 597 -42.08 77.11 33.28
C SER J 597 -43.06 75.96 33.47
N THR J 598 -42.60 74.90 34.11
CA THR J 598 -43.46 73.74 34.44
C THR J 598 -44.04 73.82 35.87
N GLY J 599 -43.69 74.87 36.61
CA GLY J 599 -44.23 75.09 37.96
C GLY J 599 -44.73 76.50 38.21
N LEU J 600 -43.90 77.27 38.90
CA LEU J 600 -44.18 78.69 39.21
C LEU J 600 -44.30 79.58 37.94
N LEU J 601 -45.45 80.21 37.76
CA LEU J 601 -45.72 81.13 36.66
C LEU J 601 -45.64 82.59 37.07
N SER J 602 -46.17 82.87 38.26
CA SER J 602 -46.11 84.19 38.87
C SER J 602 -46.17 84.06 40.39
N ILE J 603 -46.03 85.21 41.04
CA ILE J 603 -46.23 85.39 42.47
C ILE J 603 -46.97 86.71 42.65
N SER J 604 -48.07 86.69 43.41
CA SER J 604 -48.72 87.93 43.80
C SER J 604 -47.77 88.67 44.74
N SER J 605 -47.81 90.00 44.72
CA SER J 605 -47.07 90.81 45.71
C SER J 605 -47.41 90.39 47.16
N ALA J 606 -48.65 89.98 47.36
CA ALA J 606 -49.09 89.31 48.58
C ALA J 606 -48.41 87.95 48.89
N GLY J 607 -47.78 87.32 47.89
CA GLY J 607 -47.07 86.03 48.07
C GLY J 607 -47.83 84.76 47.67
N VAL J 608 -48.84 84.94 46.80
CA VAL J 608 -49.74 83.87 46.33
C VAL J 608 -49.29 83.35 44.93
N PRO J 609 -48.57 82.20 44.90
CA PRO J 609 -48.09 81.54 43.67
C PRO J 609 -49.18 81.28 42.65
N GLU J 610 -48.80 81.20 41.38
CA GLU J 610 -49.65 80.66 40.32
C GLU J 610 -48.87 79.51 39.69
N TRP J 611 -49.54 78.38 39.46
CA TRP J 611 -48.84 77.15 39.01
C TRP J 611 -49.36 76.65 37.72
N ASN J 612 -48.45 76.09 36.93
CA ASN J 612 -48.82 75.53 35.66
C ASN J 612 -49.86 74.47 35.89
N LYS J 613 -51.02 74.68 35.29
CA LYS J 613 -52.12 73.72 35.33
C LYS J 613 -51.90 72.52 34.40
N GLY J 614 -51.12 72.74 33.33
CA GLY J 614 -50.80 71.69 32.38
C GLY J 614 -49.78 70.65 32.81
N TYR J 615 -49.04 70.92 33.88
CA TYR J 615 -48.04 69.97 34.39
C TYR J 615 -48.41 69.62 35.83
N LYS J 616 -47.71 68.65 36.42
CA LYS J 616 -47.66 68.46 37.87
C LYS J 616 -46.26 68.85 38.27
N GLN J 617 -46.05 69.04 39.57
CA GLN J 617 -44.82 69.58 40.08
C GLN J 617 -44.40 68.67 41.19
N GLY J 618 -43.13 68.71 41.54
CA GLY J 618 -42.64 68.00 42.72
C GLY J 618 -43.01 68.84 43.93
N VAL J 619 -43.22 68.18 45.07
CA VAL J 619 -43.29 68.85 46.36
C VAL J 619 -42.70 67.94 47.37
N TYR J 620 -41.69 68.42 48.09
CA TYR J 620 -41.14 67.70 49.23
C TYR J 620 -41.76 68.21 50.51
N PHE J 621 -41.84 67.30 51.50
CA PHE J 621 -42.39 67.57 52.82
C PHE J 621 -41.37 67.24 53.88
N PRO J 622 -40.96 68.26 54.67
CA PRO J 622 -39.88 68.08 55.65
C PRO J 622 -40.21 66.95 56.63
N ILE J 623 -39.39 65.91 56.66
CA ILE J 623 -39.73 64.72 57.44
C ILE J 623 -39.79 65.05 58.91
N THR J 624 -41.00 65.09 59.44
CA THR J 624 -41.29 65.38 60.87
C THR J 624 -40.09 65.50 61.89
N ALA J 625 -38.97 64.79 61.68
CA ALA J 625 -37.72 65.08 62.42
C ALA J 625 -37.04 66.41 61.97
N LEU J 626 -37.62 67.07 60.98
CA LEU J 626 -37.11 68.34 60.49
C LEU J 626 -38.27 69.32 60.55
N ARG J 627 -39.33 68.88 61.22
CA ARG J 627 -40.63 69.56 61.29
C ARG J 627 -40.49 71.07 61.40
N ASN J 628 -39.49 71.51 62.16
CA ASN J 628 -39.45 72.90 62.61
C ASN J 628 -38.28 73.71 62.06
N ASP J 629 -37.19 73.04 61.67
CA ASP J 629 -35.97 73.74 61.25
C ASP J 629 -36.25 74.87 60.26
N LYS J 630 -35.70 76.04 60.57
CA LYS J 630 -35.89 77.23 59.74
C LYS J 630 -35.17 77.10 58.39
N SER J 631 -34.08 76.37 58.37
CA SER J 631 -33.35 76.12 57.14
C SER J 631 -33.09 74.63 56.96
N LEU J 632 -33.16 74.16 55.71
CA LEU J 632 -32.83 72.76 55.42
C LEU J 632 -31.76 72.66 54.35
N CYS J 633 -31.03 71.52 54.37
CA CYS J 633 -30.03 71.19 53.38
C CYS J 633 -30.59 70.30 52.24
N LEU J 634 -30.07 70.46 51.03
CA LEU J 634 -30.68 69.80 49.86
C LEU J 634 -29.64 69.21 48.93
N HIS J 635 -29.40 67.91 49.05
CA HIS J 635 -28.56 67.18 48.10
C HIS J 635 -29.39 66.85 46.88
N ALA J 636 -28.86 67.16 45.70
CA ALA J 636 -29.52 66.83 44.44
C ALA J 636 -28.50 66.42 43.42
N LEU J 637 -28.68 65.22 42.86
CA LEU J 637 -27.77 64.67 41.86
C LEU J 637 -28.47 64.26 40.57
N PHE J 638 -27.93 64.75 39.45
CA PHE J 638 -28.26 64.24 38.14
C PHE J 638 -27.24 63.20 37.68
N ASP J 639 -27.71 61.97 37.52
CA ASP J 639 -26.89 60.88 37.01
C ASP J 639 -27.04 60.79 35.50
N LYS J 640 -25.97 61.15 34.79
CA LYS J 640 -25.92 61.04 33.34
C LYS J 640 -26.11 59.60 32.93
N SER J 641 -25.52 58.69 33.69
CA SER J 641 -25.63 57.26 33.45
C SER J 641 -27.06 56.70 33.46
N THR J 642 -28.06 57.53 33.82
CA THR J 642 -29.44 57.08 33.96
C THR J 642 -30.41 58.20 33.60
N GLY J 643 -29.92 59.44 33.58
CA GLY J 643 -30.78 60.62 33.38
C GLY J 643 -31.72 60.95 34.52
N ASP J 644 -31.47 60.34 35.69
CA ASP J 644 -32.29 60.53 36.87
C ASP J 644 -31.80 61.70 37.70
N ILE J 645 -32.75 62.43 38.29
CA ILE J 645 -32.41 63.35 39.34
C ILE J 645 -32.80 62.78 40.68
N ASN J 646 -31.78 62.48 41.50
CA ASN J 646 -31.98 62.15 42.94
C ASN J 646 -31.87 63.33 43.92
N PHE J 647 -32.61 63.20 45.01
CA PHE J 647 -32.61 64.15 46.11
C PHE J 647 -32.41 63.51 47.48
N GLN J 648 -31.65 64.18 48.34
CA GLN J 648 -31.58 63.81 49.75
C GLN J 648 -31.69 65.09 50.53
N PHE J 649 -32.70 65.16 51.41
CA PHE J 649 -32.94 66.36 52.22
C PHE J 649 -32.43 66.20 53.64
N GLY J 650 -31.40 66.97 53.99
CA GLY J 650 -30.80 66.93 55.33
C GLY J 650 -31.06 68.14 56.19
N LYS J 651 -30.30 68.26 57.27
CA LYS J 651 -30.40 69.43 58.16
C LYS J 651 -29.49 70.60 57.72
N SER J 652 -28.22 70.59 58.16
CA SER J 652 -27.25 71.62 57.78
C SER J 652 -25.82 71.13 57.98
N MET K 9 -58.48 52.51 6.95
CA MET K 9 -58.53 54.02 6.86
C MET K 9 -57.11 54.53 6.64
N PHE K 10 -56.97 55.31 5.57
CA PHE K 10 -55.70 55.77 5.08
C PHE K 10 -55.55 57.25 5.36
N LEU K 11 -54.54 57.54 6.18
CA LEU K 11 -54.15 58.88 6.56
C LEU K 11 -53.22 59.47 5.52
N GLU K 12 -53.61 60.62 4.96
CA GLU K 12 -52.90 61.33 3.89
C GLU K 12 -51.69 62.13 4.38
N LYS K 13 -50.60 62.04 3.63
CA LYS K 13 -49.37 62.80 3.89
C LYS K 13 -48.56 62.91 2.59
N ILE K 14 -47.80 63.99 2.47
CA ILE K 14 -47.04 64.38 1.26
C ILE K 14 -45.58 63.97 1.47
N ASN K 15 -45.05 63.23 0.51
CA ASN K 15 -43.62 62.95 0.50
C ASN K 15 -42.74 64.20 0.46
N GLN K 16 -41.93 64.37 1.49
CA GLN K 16 -41.15 65.60 1.70
C GLN K 16 -40.03 65.73 0.70
N LYS K 17 -39.67 64.59 0.11
CA LYS K 17 -38.55 64.50 -0.81
C LYS K 17 -39.02 64.77 -2.23
N THR K 18 -40.03 64.02 -2.65
CA THR K 18 -40.44 63.97 -4.03
C THR K 18 -41.73 64.72 -4.30
N GLY K 19 -42.38 65.20 -3.24
CA GLY K 19 -43.70 65.84 -3.37
C GLY K 19 -44.95 64.99 -3.63
N GLU K 20 -44.81 63.67 -3.74
CA GLU K 20 -46.01 62.84 -4.03
C GLU K 20 -46.97 62.67 -2.86
N ARG K 21 -48.26 62.57 -3.14
CA ARG K 21 -49.21 62.17 -2.10
C ARG K 21 -48.98 60.69 -1.71
N GLU K 22 -48.96 60.44 -0.40
CA GLU K 22 -48.76 59.11 0.18
C GLU K 22 -49.81 58.93 1.25
N TRP K 23 -49.87 57.71 1.78
CA TRP K 23 -50.79 57.42 2.85
C TRP K 23 -50.17 56.47 3.79
N VAL K 24 -50.78 56.41 4.98
CA VAL K 24 -50.26 55.60 6.06
C VAL K 24 -51.42 55.12 6.92
N VAL K 25 -51.24 54.00 7.65
CA VAL K 25 -52.32 53.41 8.46
C VAL K 25 -51.95 53.42 9.95
N ALA K 26 -52.93 53.56 10.84
CA ALA K 26 -52.65 53.42 12.27
C ALA K 26 -52.14 52.00 12.47
N GLU K 27 -51.27 51.82 13.46
CA GLU K 27 -50.60 50.55 13.70
C GLU K 27 -51.52 49.35 13.88
N GLU K 28 -52.79 49.58 14.21
CA GLU K 28 -53.69 48.46 14.48
C GLU K 28 -54.25 47.90 13.15
N ASP K 29 -53.96 48.63 12.09
CA ASP K 29 -54.53 48.38 10.78
C ASP K 29 -53.47 47.97 9.80
N TYR K 30 -52.21 48.12 10.20
CA TYR K 30 -51.11 47.64 9.40
C TYR K 30 -51.37 46.22 8.85
N ASP K 31 -51.68 45.28 9.75
CA ASP K 31 -51.96 43.89 9.40
C ASP K 31 -52.96 43.74 8.25
N MET K 32 -54.13 44.38 8.39
CA MET K 32 -55.15 44.42 7.36
C MET K 32 -54.61 45.04 6.06
N ALA K 33 -53.86 46.13 6.21
CA ALA K 33 -53.43 46.90 5.05
C ALA K 33 -52.41 46.12 4.24
N GLN K 34 -51.46 45.51 4.93
CA GLN K 34 -50.48 44.67 4.28
C GLN K 34 -51.15 43.59 3.42
N GLU K 35 -52.16 42.90 3.96
CA GLU K 35 -52.82 41.86 3.23
C GLU K 35 -53.74 42.45 2.16
N LEU K 36 -54.24 43.65 2.36
CA LEU K 36 -55.00 44.27 1.30
C LEU K 36 -54.09 44.64 0.12
N ALA K 37 -52.88 45.09 0.43
CA ALA K 37 -51.85 45.34 -0.54
C ALA K 37 -51.44 44.10 -1.36
N ARG K 38 -51.29 42.96 -0.69
CA ARG K 38 -51.10 41.63 -1.33
C ARG K 38 -52.28 41.13 -2.20
N SER K 39 -53.48 41.66 -1.98
CA SER K 39 -54.77 41.15 -2.50
C SER K 39 -54.99 41.17 -4.03
N ARG K 40 -54.15 41.90 -4.74
CA ARG K 40 -54.31 42.00 -6.18
C ARG K 40 -53.65 40.79 -6.80
N PHE K 41 -52.90 40.09 -5.98
CA PHE K 41 -52.21 38.89 -6.37
C PHE K 41 -51.52 39.09 -7.75
N GLY K 42 -50.73 40.16 -7.84
CA GLY K 42 -49.92 40.48 -9.03
C GLY K 42 -50.75 40.80 -10.26
N ASP K 43 -50.58 39.98 -11.29
CA ASP K 43 -51.28 40.20 -12.56
C ASP K 43 -52.63 39.49 -12.64
N MET K 44 -53.00 38.80 -11.56
CA MET K 44 -54.23 38.02 -11.49
C MET K 44 -55.41 38.60 -12.22
N ILE K 45 -55.71 39.85 -11.88
CA ILE K 45 -56.92 40.53 -12.37
C ILE K 45 -56.72 41.06 -13.80
N LEU K 46 -55.46 41.30 -14.16
CA LEU K 46 -55.09 41.79 -15.50
C LEU K 46 -54.80 40.60 -16.42
N ASP K 47 -55.26 39.44 -15.98
CA ASP K 47 -55.05 38.22 -16.72
C ASP K 47 -56.34 37.92 -17.48
N PHE K 48 -56.43 38.50 -18.68
CA PHE K 48 -57.68 38.55 -19.43
C PHE K 48 -58.11 37.17 -19.92
N ASP K 49 -57.14 36.36 -20.33
CA ASP K 49 -57.40 34.98 -20.66
C ASP K 49 -58.17 34.33 -19.50
N ARG K 50 -57.66 34.46 -18.27
CA ARG K 50 -58.34 33.94 -17.06
C ARG K 50 -59.72 34.50 -16.97
N ASN K 51 -59.84 35.81 -17.13
CA ASN K 51 -61.12 36.47 -16.96
C ASN K 51 -62.15 35.89 -17.87
N ASP K 52 -61.93 36.03 -19.19
CA ASP K 52 -62.86 35.54 -20.20
C ASP K 52 -63.19 34.06 -20.01
N LYS K 53 -62.19 33.23 -19.68
CA LYS K 53 -62.49 31.81 -19.54
C LYS K 53 -63.58 31.58 -18.48
N PHE K 54 -63.47 32.30 -17.36
CA PHE K 54 -64.51 32.31 -16.34
C PHE K 54 -65.77 32.99 -16.84
N LEU K 55 -65.60 34.03 -17.64
CA LEU K 55 -66.78 34.67 -18.15
C LEU K 55 -67.46 33.60 -18.99
N ALA K 56 -66.66 32.87 -19.75
CA ALA K 56 -67.18 31.83 -20.63
C ALA K 56 -67.86 30.74 -19.81
N GLY K 57 -67.07 30.04 -18.96
CA GLY K 57 -67.58 29.03 -18.05
C GLY K 57 -68.93 29.41 -17.49
N LEU K 58 -69.06 30.68 -17.10
CA LEU K 58 -70.29 31.15 -16.50
C LEU K 58 -71.43 31.35 -17.46
N LYS K 59 -71.13 31.46 -18.75
CA LYS K 59 -72.21 31.67 -19.71
C LYS K 59 -72.95 30.36 -19.98
N THR K 60 -72.19 29.30 -20.18
CA THR K 60 -72.73 27.98 -20.46
C THR K 60 -73.65 27.61 -19.31
N THR K 61 -73.03 27.36 -18.14
CA THR K 61 -73.74 27.04 -16.90
C THR K 61 -74.90 28.03 -16.64
N ILE K 62 -74.61 29.32 -16.47
CA ILE K 62 -75.76 30.24 -16.41
C ILE K 62 -76.40 30.48 -17.79
N ALA K 63 -76.96 29.39 -18.30
CA ALA K 63 -77.90 29.35 -19.43
C ALA K 63 -78.56 27.97 -19.44
N GLU K 64 -77.72 26.93 -19.26
CA GLU K 64 -78.14 25.53 -19.12
C GLU K 64 -78.97 25.31 -17.85
N LYS K 65 -78.47 25.84 -16.74
CA LYS K 65 -79.21 25.82 -15.47
C LYS K 65 -80.45 26.73 -15.52
N LYS K 66 -80.51 27.70 -16.44
CA LYS K 66 -81.77 28.44 -16.69
C LYS K 66 -82.75 27.52 -17.42
N HIS K 67 -82.20 26.59 -18.21
CA HIS K 67 -83.01 25.67 -18.97
C HIS K 67 -83.54 24.58 -18.09
N GLU K 68 -82.65 23.87 -17.38
CA GLU K 68 -83.04 22.69 -16.59
C GLU K 68 -83.91 22.95 -15.38
N ASN K 69 -83.80 24.14 -14.80
CA ASN K 69 -84.67 24.54 -13.72
C ASN K 69 -85.96 24.97 -14.31
N THR K 70 -87.01 24.85 -13.51
CA THR K 70 -88.36 25.08 -13.98
C THR K 70 -88.79 26.55 -13.82
N ASP K 71 -88.07 27.27 -12.96
CA ASP K 71 -88.36 28.68 -12.62
C ASP K 71 -88.37 29.66 -13.82
N GLY K 72 -87.41 29.56 -14.74
CA GLY K 72 -86.13 28.86 -14.55
C GLY K 72 -85.14 29.90 -14.07
N LYS K 73 -85.13 30.12 -12.75
CA LYS K 73 -84.22 31.07 -12.10
C LYS K 73 -82.99 30.34 -11.53
N VAL K 74 -81.86 31.04 -11.46
CA VAL K 74 -80.58 30.45 -11.06
C VAL K 74 -79.87 31.26 -9.99
N HIS K 75 -79.15 30.55 -9.11
CA HIS K 75 -78.45 31.13 -7.97
C HIS K 75 -76.98 30.90 -8.14
N VAL K 76 -76.19 31.98 -8.11
CA VAL K 76 -74.73 31.80 -8.15
C VAL K 76 -74.02 32.06 -6.80
N LEU K 77 -73.21 31.09 -6.40
CA LEU K 77 -72.40 31.26 -5.22
C LEU K 77 -70.96 31.52 -5.64
N ASP K 78 -70.46 32.71 -5.32
CA ASP K 78 -69.11 33.12 -5.70
C ASP K 78 -68.23 33.06 -4.49
N ILE K 79 -67.38 32.05 -4.45
CA ILE K 79 -66.56 31.86 -3.28
C ILE K 79 -65.19 32.46 -3.44
N GLY K 80 -64.93 33.51 -2.69
CA GLY K 80 -63.62 34.16 -2.75
C GLY K 80 -63.72 35.24 -3.81
N THR K 81 -64.69 36.11 -3.62
CA THR K 81 -65.06 37.03 -4.64
C THR K 81 -64.03 38.15 -4.83
N GLY K 82 -62.99 38.18 -3.97
CA GLY K 82 -62.00 39.27 -3.97
C GLY K 82 -62.64 40.64 -4.21
N THR K 83 -62.36 41.20 -5.39
CA THR K 83 -62.93 42.48 -5.87
C THR K 83 -64.42 42.48 -6.13
N GLY K 84 -65.01 41.30 -6.30
CA GLY K 84 -66.40 41.20 -6.79
C GLY K 84 -66.55 40.99 -8.30
N LEU K 85 -65.47 40.69 -9.01
CA LEU K 85 -65.51 40.66 -10.50
C LEU K 85 -66.41 39.53 -11.04
N LEU K 86 -66.11 38.32 -10.59
CA LEU K 86 -66.84 37.12 -11.00
C LEU K 86 -68.37 37.23 -10.76
N SER K 87 -68.78 37.78 -9.62
CA SER K 87 -70.22 37.92 -9.32
C SER K 87 -70.82 38.89 -10.30
N LEU K 88 -70.11 39.98 -10.54
CA LEU K 88 -70.53 40.95 -11.53
C LEU K 88 -70.67 40.29 -12.88
N MET K 89 -69.67 39.48 -13.27
CA MET K 89 -69.79 38.75 -14.52
C MET K 89 -71.11 37.98 -14.47
N ALA K 90 -71.30 37.22 -13.40
CA ALA K 90 -72.47 36.35 -13.25
C ALA K 90 -73.78 37.11 -13.16
N ALA K 91 -73.78 38.22 -12.44
CA ALA K 91 -74.89 39.17 -12.41
C ALA K 91 -75.39 39.62 -13.80
N ARG K 92 -74.65 40.49 -14.49
CA ARG K 92 -74.92 40.67 -15.92
C ARG K 92 -74.67 39.29 -16.47
N GLU K 93 -75.30 38.92 -17.57
CA GLU K 93 -75.01 37.63 -18.21
C GLU K 93 -75.45 36.30 -17.55
N GLY K 94 -76.68 36.15 -17.00
CA GLY K 94 -77.62 37.21 -16.60
C GLY K 94 -78.61 36.90 -15.46
N ALA K 95 -78.17 36.22 -14.40
CA ALA K 95 -78.98 35.99 -13.16
C ALA K 95 -79.58 37.32 -12.69
N ASP K 96 -80.65 37.40 -11.87
CA ASP K 96 -81.29 36.41 -10.96
C ASP K 96 -80.90 36.66 -9.51
N LYS K 97 -79.98 35.86 -8.96
CA LYS K 97 -79.33 36.22 -7.70
C LYS K 97 -77.97 35.54 -7.47
N VAL K 98 -77.07 36.31 -6.87
CA VAL K 98 -75.70 35.88 -6.57
C VAL K 98 -75.38 36.10 -5.08
N THR K 99 -74.56 35.23 -4.53
CA THR K 99 -74.09 35.48 -3.19
C THR K 99 -72.58 35.34 -3.24
N ALA K 100 -71.87 36.33 -2.69
CA ALA K 100 -70.41 36.34 -2.76
C ALA K 100 -69.76 36.23 -1.38
N LEU K 101 -68.90 35.25 -1.20
CA LEU K 101 -68.23 35.05 0.07
C LEU K 101 -66.76 35.39 -0.01
N GLU K 102 -66.29 36.31 0.82
CA GLU K 102 -64.84 36.54 1.00
C GLU K 102 -64.41 36.54 2.49
N VAL K 103 -63.42 35.72 2.81
CA VAL K 103 -62.89 35.60 4.18
C VAL K 103 -62.21 36.88 4.69
N PHE K 104 -61.43 37.54 3.84
CA PHE K 104 -60.75 38.79 4.16
C PHE K 104 -61.68 40.00 4.12
N LYS K 105 -62.15 40.40 5.30
CA LYS K 105 -63.09 41.51 5.48
C LYS K 105 -62.90 42.81 4.70
N PRO K 106 -61.67 43.34 4.56
CA PRO K 106 -61.58 44.56 3.72
C PRO K 106 -61.87 44.32 2.20
N MET K 107 -61.29 43.25 1.65
CA MET K 107 -61.73 42.77 0.33
C MET K 107 -63.24 42.54 0.30
N GLY K 108 -63.78 41.78 1.25
CA GLY K 108 -65.24 41.76 1.43
C GLY K 108 -65.87 43.15 1.30
N ASP K 109 -65.42 44.12 2.12
CA ASP K 109 -65.95 45.51 2.14
C ASP K 109 -65.92 46.17 0.75
N CYS K 110 -64.80 45.97 0.05
CA CYS K 110 -64.52 46.49 -1.29
C CYS K 110 -65.46 45.96 -2.37
N ALA K 111 -65.54 44.64 -2.49
CA ALA K 111 -66.50 43.98 -3.39
C ALA K 111 -67.89 44.54 -3.18
N ARG K 112 -68.37 44.38 -1.95
CA ARG K 112 -69.60 45.03 -1.50
C ARG K 112 -69.70 46.49 -1.97
N HIS K 113 -68.62 47.26 -2.00
CA HIS K 113 -68.70 48.69 -2.43
C HIS K 113 -68.92 48.82 -3.94
N ILE K 114 -68.14 48.06 -4.71
CA ILE K 114 -68.21 48.06 -6.19
C ILE K 114 -69.53 47.48 -6.67
N THR K 115 -69.85 46.35 -6.07
CA THR K 115 -71.05 45.61 -6.37
C THR K 115 -72.35 46.40 -6.19
N SER K 116 -72.30 47.46 -5.39
CA SER K 116 -73.49 48.22 -5.00
C SER K 116 -73.73 49.37 -5.93
N ASN K 117 -72.65 49.99 -6.38
CA ASN K 117 -72.71 51.00 -7.42
C ASN K 117 -72.89 50.44 -8.83
N SER K 118 -72.70 49.13 -8.99
CA SER K 118 -73.04 48.49 -10.24
C SER K 118 -74.56 48.52 -10.37
N PRO K 119 -75.09 48.68 -11.59
CA PRO K 119 -76.54 48.62 -11.74
C PRO K 119 -77.08 47.21 -11.55
N TRP K 120 -76.24 46.32 -11.02
CA TRP K 120 -76.69 44.99 -10.60
C TRP K 120 -76.68 44.78 -9.12
N SER K 121 -76.59 45.83 -8.32
CA SER K 121 -76.53 45.68 -6.86
C SER K 121 -77.63 44.77 -6.30
N ASP K 122 -78.88 45.08 -6.65
CA ASP K 122 -80.07 44.40 -6.16
C ASP K 122 -80.19 42.90 -6.45
N LYS K 123 -79.14 42.31 -7.04
CA LYS K 123 -79.16 40.87 -7.30
C LYS K 123 -77.92 40.21 -6.74
N ILE K 124 -76.99 41.03 -6.25
CA ILE K 124 -75.77 40.51 -5.60
C ILE K 124 -75.85 40.77 -4.09
N THR K 125 -75.29 39.87 -3.30
CA THR K 125 -75.12 40.17 -1.89
C THR K 125 -73.78 39.63 -1.46
N VAL K 126 -72.93 40.52 -0.97
CA VAL K 126 -71.66 40.06 -0.40
C VAL K 126 -71.88 39.77 1.07
N ILE K 127 -71.24 38.72 1.55
CA ILE K 127 -71.28 38.27 2.91
C ILE K 127 -69.82 37.93 3.20
N SER K 128 -69.35 38.21 4.42
CA SER K 128 -67.90 38.17 4.72
C SER K 128 -67.47 37.05 5.66
N GLU K 129 -67.92 35.83 5.34
CA GLU K 129 -67.49 34.62 6.05
C GLU K 129 -66.63 33.86 5.08
N ARG K 130 -65.77 33.00 5.59
CA ARG K 130 -65.13 32.00 4.77
C ARG K 130 -66.23 31.03 4.40
N SER K 131 -65.97 30.19 3.38
CA SER K 131 -66.99 29.30 2.82
C SER K 131 -67.16 28.09 3.72
N THR K 132 -66.00 27.56 4.16
CA THR K 132 -65.95 26.46 5.09
C THR K 132 -66.59 26.70 6.48
N ASP K 133 -67.25 27.85 6.72
CA ASP K 133 -67.89 28.13 8.02
C ASP K 133 -69.42 28.24 8.06
N SER K 140 -81.99 28.53 0.68
CA SER K 140 -82.08 28.40 -0.80
C SER K 140 -80.73 28.17 -1.46
N ARG K 141 -80.27 26.93 -1.37
CA ARG K 141 -78.99 26.47 -1.92
C ARG K 141 -78.68 26.96 -3.35
N ALA K 142 -77.42 26.89 -3.72
CA ALA K 142 -76.96 27.55 -4.95
C ALA K 142 -76.98 26.70 -6.19
N ASP K 143 -77.60 27.27 -7.23
CA ASP K 143 -77.62 26.66 -8.56
C ASP K 143 -76.21 26.49 -9.13
N ILE K 144 -75.45 27.58 -9.19
CA ILE K 144 -74.02 27.54 -9.60
C ILE K 144 -73.02 27.89 -8.48
N ILE K 145 -71.93 27.15 -8.42
CA ILE K 145 -70.76 27.63 -7.69
C ILE K 145 -69.67 28.09 -8.68
N VAL K 146 -69.09 29.26 -8.42
CA VAL K 146 -67.91 29.73 -9.11
C VAL K 146 -66.81 30.13 -8.13
N ALA K 147 -65.58 29.65 -8.34
CA ALA K 147 -64.53 30.09 -7.47
C ALA K 147 -63.14 30.02 -8.11
N GLU K 148 -62.37 31.11 -8.10
CA GLU K 148 -60.95 30.92 -8.44
C GLU K 148 -60.06 30.98 -7.19
N VAL K 149 -59.54 29.82 -6.83
CA VAL K 149 -59.09 29.49 -5.49
C VAL K 149 -57.90 28.55 -5.74
N PHE K 150 -57.24 28.86 -6.84
CA PHE K 150 -56.16 28.06 -7.37
C PHE K 150 -54.91 28.87 -7.37
N ASP K 151 -53.82 28.18 -7.14
CA ASP K 151 -52.55 28.76 -7.29
C ASP K 151 -51.87 27.88 -8.29
N THR K 152 -50.55 27.88 -8.23
CA THR K 152 -49.72 27.23 -9.20
C THR K 152 -49.84 25.73 -8.96
N GLU K 153 -49.99 25.33 -7.70
CA GLU K 153 -50.14 23.92 -7.35
C GLU K 153 -51.59 23.54 -7.58
N LEU K 154 -52.40 24.53 -7.94
CA LEU K 154 -53.83 24.36 -8.13
C LEU K 154 -54.61 24.14 -6.85
N ILE K 155 -54.03 23.35 -5.94
CA ILE K 155 -54.72 22.97 -4.69
C ILE K 155 -54.39 23.81 -3.45
N GLY K 156 -53.15 24.32 -3.40
CA GLY K 156 -52.59 25.09 -2.28
C GLY K 156 -53.40 26.20 -1.61
N GLU K 157 -54.33 26.80 -2.33
CA GLU K 157 -55.24 27.79 -1.73
C GLU K 157 -56.47 27.16 -1.08
N GLY K 158 -56.46 25.83 -0.99
CA GLY K 158 -57.51 25.10 -0.27
C GLY K 158 -58.69 24.75 -1.14
N ALA K 159 -58.37 24.45 -2.38
CA ALA K 159 -59.38 24.19 -3.43
C ALA K 159 -60.31 23.03 -3.07
N LEU K 160 -59.71 21.88 -2.77
CA LEU K 160 -60.46 20.63 -2.57
C LEU K 160 -61.53 20.80 -1.50
N ARG K 161 -61.09 21.05 -0.28
CA ARG K 161 -62.02 21.22 0.82
C ARG K 161 -63.09 22.23 0.46
N THR K 162 -62.71 23.29 -0.22
CA THR K 162 -63.65 24.38 -0.47
C THR K 162 -64.78 23.93 -1.36
N PHE K 163 -64.46 23.12 -2.38
CA PHE K 163 -65.50 22.56 -3.25
C PHE K 163 -66.21 21.43 -2.51
N LYS K 164 -65.43 20.47 -1.99
CA LYS K 164 -66.00 19.33 -1.26
C LYS K 164 -67.10 19.79 -0.35
N GLU K 165 -66.78 20.69 0.59
CA GLU K 165 -67.71 21.14 1.64
C GLU K 165 -68.64 22.23 1.16
N ALA K 166 -68.44 22.71 -0.06
CA ALA K 166 -69.33 23.74 -0.56
C ALA K 166 -70.51 23.05 -1.19
N LEU K 167 -70.25 21.85 -1.70
CA LEU K 167 -71.25 21.11 -2.45
C LEU K 167 -72.33 20.47 -1.55
N GLU K 168 -71.92 19.91 -0.42
CA GLU K 168 -72.84 19.21 0.45
C GLU K 168 -73.72 20.14 1.24
N ARG K 169 -73.14 21.25 1.67
CA ARG K 169 -73.88 22.13 2.57
C ARG K 169 -74.64 23.22 1.84
N LEU K 170 -74.10 23.72 0.72
CA LEU K 170 -74.51 25.03 0.16
C LEU K 170 -75.01 25.00 -1.28
N ALA K 171 -74.58 23.95 -1.98
CA ALA K 171 -75.02 23.71 -3.35
C ALA K 171 -76.03 22.55 -3.46
N LYS K 172 -76.95 22.69 -4.43
CA LYS K 172 -77.97 21.69 -4.75
C LYS K 172 -77.45 20.30 -5.16
N PRO K 173 -78.34 19.30 -5.23
CA PRO K 173 -77.81 18.08 -5.82
C PRO K 173 -77.73 18.29 -7.34
N GLY K 174 -76.81 17.59 -7.99
CA GLY K 174 -76.54 17.84 -9.42
C GLY K 174 -76.46 19.33 -9.75
N CYS K 175 -75.41 19.97 -9.22
CA CYS K 175 -75.20 21.42 -9.31
C CYS K 175 -73.90 21.68 -10.05
N ARG K 176 -73.71 22.89 -10.56
CA ARG K 176 -72.55 23.14 -11.46
C ARG K 176 -71.53 24.16 -10.96
N VAL K 177 -70.25 23.80 -11.10
CA VAL K 177 -69.12 24.61 -10.70
C VAL K 177 -68.17 25.04 -11.85
N VAL K 178 -68.07 26.35 -12.03
CA VAL K 178 -67.07 26.93 -12.90
C VAL K 178 -65.84 27.15 -12.03
N PRO K 179 -64.74 26.42 -12.29
CA PRO K 179 -64.51 25.43 -13.34
C PRO K 179 -64.79 23.97 -12.90
N SER K 180 -65.16 23.12 -13.85
CA SER K 180 -65.73 21.80 -13.55
C SER K 180 -64.74 20.67 -13.32
N THR K 181 -63.54 20.78 -13.88
CA THR K 181 -62.56 19.66 -13.92
C THR K 181 -61.19 20.22 -14.23
N GLY K 182 -60.14 19.45 -13.94
CA GLY K 182 -58.82 19.81 -14.35
C GLY K 182 -57.84 18.64 -14.30
N ASN K 183 -56.67 18.85 -14.87
CA ASN K 183 -55.68 17.81 -14.93
C ASN K 183 -54.40 18.41 -14.32
N VAL K 184 -53.60 17.64 -13.60
CA VAL K 184 -52.25 18.16 -13.40
C VAL K 184 -51.21 17.31 -14.11
N TYR K 185 -50.48 17.95 -15.02
CA TYR K 185 -49.56 17.27 -15.89
C TYR K 185 -48.20 17.22 -15.33
N ILE K 186 -47.50 16.13 -15.61
CA ILE K 186 -46.07 16.09 -15.34
C ILE K 186 -45.29 15.68 -16.60
N VAL K 187 -44.03 16.07 -16.65
CA VAL K 187 -43.17 15.86 -17.80
C VAL K 187 -41.75 15.69 -17.25
N PRO K 188 -41.13 14.54 -17.53
CA PRO K 188 -39.76 14.35 -17.09
C PRO K 188 -38.84 15.04 -18.06
N VAL K 189 -37.68 15.47 -17.58
CA VAL K 189 -36.78 16.27 -18.38
C VAL K 189 -35.37 16.02 -17.84
N GLU K 190 -34.41 15.91 -18.74
CA GLU K 190 -33.00 15.96 -18.35
C GLU K 190 -32.57 17.42 -18.40
N SER K 191 -31.66 17.83 -17.51
CA SER K 191 -31.29 19.24 -17.36
C SER K 191 -30.16 19.48 -16.37
N HIS K 192 -29.04 20.03 -16.83
CA HIS K 192 -27.98 20.38 -15.94
C HIS K 192 -28.45 21.48 -15.04
N LEU K 193 -29.21 22.42 -15.64
CA LEU K 193 -29.75 23.62 -14.97
C LEU K 193 -30.76 23.34 -13.85
N LEU K 194 -31.82 22.58 -14.13
CA LEU K 194 -32.79 22.29 -13.09
C LEU K 194 -32.18 21.48 -11.94
N LYS K 195 -31.21 20.64 -12.27
CA LYS K 195 -30.42 19.85 -11.29
C LYS K 195 -29.80 20.77 -10.24
N MET K 196 -29.36 21.93 -10.72
CA MET K 196 -28.60 22.87 -9.92
C MET K 196 -29.40 23.46 -8.76
N PHE K 197 -30.70 23.70 -8.99
CA PHE K 197 -31.55 24.21 -7.94
C PHE K 197 -31.67 23.24 -6.79
N ASN K 198 -31.40 21.95 -7.00
CA ASN K 198 -31.63 20.95 -5.96
C ASN K 198 -30.43 20.11 -5.55
N ASP K 199 -29.37 20.13 -6.35
CA ASP K 199 -28.21 19.29 -6.05
C ASP K 199 -27.49 19.73 -4.77
N ILE K 200 -27.26 18.81 -3.85
CA ILE K 200 -26.38 19.09 -2.73
C ILE K 200 -24.95 19.21 -3.23
N PRO K 201 -24.39 20.43 -3.11
CA PRO K 201 -23.15 20.79 -3.80
C PRO K 201 -21.91 19.96 -3.42
N ARG K 202 -21.21 19.49 -4.45
CA ARG K 202 -20.04 18.63 -4.30
C ARG K 202 -18.76 19.41 -4.57
N LEU K 203 -18.08 19.72 -3.46
CA LEU K 203 -16.88 20.52 -3.49
C LEU K 203 -15.89 20.06 -4.59
N ASN K 204 -15.64 18.75 -4.65
CA ASN K 204 -14.67 18.19 -5.60
C ASN K 204 -15.25 17.72 -6.98
N GLY K 205 -16.52 18.02 -7.23
CA GLY K 205 -17.08 17.86 -8.59
C GLY K 205 -17.56 16.49 -9.01
N GLU K 206 -17.14 15.44 -8.29
CA GLU K 206 -17.56 14.05 -8.57
C GLU K 206 -19.02 13.82 -8.21
N LYS K 207 -19.70 13.02 -9.04
CA LYS K 207 -21.15 12.82 -8.94
C LYS K 207 -21.55 11.81 -7.83
N ASP K 208 -20.57 11.37 -7.07
CA ASP K 208 -20.72 10.30 -6.08
C ASP K 208 -20.58 10.80 -4.64
N GLU K 209 -19.82 11.87 -4.44
CA GLU K 209 -19.71 12.53 -3.13
C GLU K 209 -21.08 13.05 -2.67
N GLU K 210 -21.52 12.59 -1.50
CA GLU K 210 -22.81 13.01 -0.95
C GLU K 210 -22.61 13.57 0.47
N PRO K 211 -22.03 14.79 0.59
CA PRO K 211 -21.39 15.26 1.83
C PRO K 211 -22.36 15.43 2.99
N LEU K 212 -23.65 15.49 2.68
CA LEU K 212 -24.73 15.45 3.68
C LEU K 212 -25.77 14.44 3.25
N GLY K 213 -25.40 13.16 3.24
CA GLY K 213 -26.36 12.07 2.96
C GLY K 213 -27.20 12.33 1.74
N ARG K 214 -28.49 11.99 1.81
CA ARG K 214 -29.36 12.20 0.68
C ARG K 214 -30.68 12.77 1.12
N CYS K 215 -31.10 13.84 0.47
CA CYS K 215 -32.37 14.46 0.78
C CYS K 215 -33.17 14.41 -0.49
N SER K 216 -34.48 14.26 -0.34
CA SER K 216 -35.41 14.40 -1.44
C SER K 216 -35.53 15.87 -1.90
N GLY K 217 -34.79 16.77 -1.26
CA GLY K 217 -34.93 18.21 -1.45
C GLY K 217 -35.99 18.86 -0.57
N THR K 218 -36.18 20.17 -0.71
CA THR K 218 -37.26 20.86 0.03
C THR K 218 -38.63 20.58 -0.57
N ALA K 219 -39.65 20.76 0.24
CA ALA K 219 -40.98 20.24 -0.04
C ALA K 219 -41.91 21.35 -0.48
N ALA K 220 -41.47 22.59 -0.39
CA ALA K 220 -42.38 23.66 -0.70
C ALA K 220 -42.39 23.71 -2.21
N VAL K 221 -43.52 24.13 -2.78
CA VAL K 221 -43.63 24.32 -4.20
C VAL K 221 -42.42 25.11 -4.73
N PHE K 222 -42.04 24.82 -5.96
CA PHE K 222 -40.95 25.53 -6.56
C PHE K 222 -41.50 26.09 -7.85
N ASP K 223 -42.22 27.20 -7.73
CA ASP K 223 -42.93 27.81 -8.83
C ASP K 223 -42.07 28.76 -9.65
N VAL K 224 -42.07 28.50 -10.96
CA VAL K 224 -41.07 29.02 -11.90
C VAL K 224 -41.73 29.22 -13.27
N GLN K 225 -41.43 30.36 -13.92
CA GLN K 225 -41.98 30.69 -15.24
C GLN K 225 -41.10 29.96 -16.21
N LEU K 226 -41.45 28.70 -16.52
CA LEU K 226 -40.61 27.81 -17.36
C LEU K 226 -40.61 28.19 -18.85
N SER K 227 -41.49 29.12 -19.24
CA SER K 227 -41.43 29.68 -20.57
C SER K 227 -40.09 30.35 -20.89
N GLU K 228 -39.34 30.70 -19.85
CA GLU K 228 -38.07 31.38 -20.00
C GLU K 228 -36.87 30.46 -19.96
N MET K 229 -37.11 29.16 -20.02
CA MET K 229 -36.01 28.23 -20.19
C MET K 229 -35.54 28.19 -21.64
N LYS K 230 -34.23 28.28 -21.82
CA LYS K 230 -33.68 28.17 -23.15
C LYS K 230 -33.60 26.70 -23.50
N THR K 231 -33.92 26.37 -24.74
CA THR K 231 -34.23 24.99 -25.11
C THR K 231 -33.01 24.09 -25.03
N HIS K 232 -31.81 24.67 -25.13
CA HIS K 232 -30.58 23.89 -24.85
C HIS K 232 -30.46 23.46 -23.39
N GLU K 233 -31.10 24.20 -22.48
CA GLU K 233 -31.03 23.98 -21.02
C GLU K 233 -31.81 22.76 -20.50
N PHE K 234 -32.77 22.28 -21.28
CA PHE K 234 -33.66 21.20 -20.85
C PHE K 234 -34.09 20.25 -21.99
N ARG K 235 -33.87 18.94 -21.82
CA ARG K 235 -34.36 17.91 -22.77
C ARG K 235 -35.62 17.15 -22.30
N GLU K 236 -36.74 17.33 -22.99
CA GLU K 236 -37.99 16.61 -22.66
C GLU K 236 -37.87 15.12 -22.92
N LEU K 237 -38.02 14.33 -21.87
CA LEU K 237 -37.80 12.90 -21.99
C LEU K 237 -39.04 12.07 -22.40
N SER K 238 -40.24 12.64 -22.28
CA SER K 238 -41.49 11.98 -22.75
C SER K 238 -42.54 13.04 -23.03
N GLU K 239 -43.68 12.60 -23.55
CA GLU K 239 -44.83 13.45 -23.69
C GLU K 239 -45.39 13.68 -22.30
N PRO K 240 -46.25 14.72 -22.13
CA PRO K 240 -46.86 15.07 -20.85
C PRO K 240 -47.72 13.96 -20.26
N ILE K 241 -47.45 13.64 -18.99
CA ILE K 241 -48.11 12.55 -18.25
C ILE K 241 -49.30 13.17 -17.50
N VAL K 242 -50.40 12.43 -17.39
CA VAL K 242 -51.53 12.91 -16.56
C VAL K 242 -51.43 12.34 -15.15
N ALA K 243 -51.19 13.24 -14.20
CA ALA K 243 -50.86 12.82 -12.84
C ALA K 243 -52.10 12.76 -12.02
N PHE K 244 -53.00 13.71 -12.24
CA PHE K 244 -54.23 13.78 -11.48
C PHE K 244 -55.28 14.36 -12.35
N LYS K 245 -56.48 13.85 -12.12
CA LYS K 245 -57.68 14.40 -12.65
C LYS K 245 -58.39 14.84 -11.41
N PHE K 246 -58.97 16.02 -11.45
CA PHE K 246 -59.81 16.48 -10.36
C PHE K 246 -61.16 16.81 -10.92
N ASP K 247 -62.17 16.42 -10.16
CA ASP K 247 -63.53 16.65 -10.55
C ASP K 247 -64.06 17.46 -9.40
N PHE K 248 -64.50 18.69 -9.67
CA PHE K 248 -64.98 19.55 -8.62
C PHE K 248 -66.48 19.55 -8.63
N GLU K 249 -67.17 18.39 -8.76
CA GLU K 249 -68.61 18.51 -9.11
C GLU K 249 -69.90 17.97 -8.34
N HIS K 250 -70.05 16.75 -7.81
CA HIS K 250 -69.12 15.65 -7.53
C HIS K 250 -68.34 15.67 -6.24
N GLU K 251 -68.98 16.25 -5.23
CA GLU K 251 -68.57 16.21 -3.82
C GLU K 251 -67.99 14.86 -3.44
N GLU K 252 -68.70 13.81 -3.81
CA GLU K 252 -68.29 12.40 -3.67
C GLU K 252 -66.81 12.06 -3.96
N LYS K 253 -66.15 12.82 -4.85
CA LYS K 253 -64.85 12.41 -5.43
C LYS K 253 -63.64 13.26 -5.08
N ILE K 254 -63.87 14.29 -4.28
CA ILE K 254 -62.79 15.18 -3.92
C ILE K 254 -62.03 14.55 -2.75
N ILE K 255 -61.00 13.79 -3.06
CA ILE K 255 -60.37 13.03 -1.99
C ILE K 255 -59.02 13.65 -1.63
N PHE K 256 -58.94 14.23 -0.43
CA PHE K 256 -57.76 15.02 -0.04
C PHE K 256 -56.50 14.19 -0.07
N ASP K 257 -56.61 12.88 0.14
CA ASP K 257 -55.43 12.00 0.01
C ASP K 257 -55.52 10.96 -1.10
N GLU K 258 -54.51 10.90 -1.96
CA GLU K 258 -54.50 10.00 -3.13
C GLU K 258 -53.07 9.65 -3.49
N SER K 259 -52.87 8.38 -3.85
CA SER K 259 -51.60 7.85 -4.37
C SER K 259 -51.91 7.15 -5.70
N PHE K 260 -51.18 7.52 -6.75
CA PHE K 260 -51.31 6.85 -8.05
C PHE K 260 -49.98 6.38 -8.61
N VAL K 261 -50.03 5.26 -9.32
CA VAL K 261 -48.89 4.77 -10.07
C VAL K 261 -49.18 4.88 -11.57
N ARG K 262 -48.54 5.85 -12.23
CA ARG K 262 -48.86 6.18 -13.61
C ARG K 262 -47.70 5.84 -14.55
N GLU K 263 -48.06 5.58 -15.81
CA GLU K 263 -47.10 5.14 -16.82
C GLU K 263 -47.07 6.09 -18.00
N ALA K 264 -45.95 6.04 -18.72
CA ALA K 264 -45.82 6.62 -20.06
C ALA K 264 -44.75 5.80 -20.78
N VAL K 265 -44.64 6.03 -22.08
CA VAL K 265 -43.54 5.47 -22.89
C VAL K 265 -42.48 6.54 -23.11
N ALA K 266 -41.22 6.18 -22.89
CA ALA K 266 -40.11 7.13 -22.98
C ALA K 266 -39.62 7.35 -24.40
N HIS K 267 -39.99 8.47 -25.02
CA HIS K 267 -39.55 8.79 -26.39
C HIS K 267 -38.09 9.16 -26.54
N SER K 268 -37.29 9.06 -25.47
CA SER K 268 -35.83 9.33 -25.51
C SER K 268 -35.11 8.80 -24.24
N SER K 269 -33.79 8.59 -24.33
CA SER K 269 -33.02 8.10 -23.15
C SER K 269 -32.16 9.13 -22.38
N GLY K 270 -32.28 9.11 -21.05
CA GLY K 270 -31.54 10.03 -20.17
C GLY K 270 -31.95 9.86 -18.71
N THR K 271 -31.65 10.87 -17.88
CA THR K 271 -31.93 10.74 -16.44
C THR K 271 -32.85 11.88 -16.00
N ILE K 272 -34.09 11.56 -15.63
CA ILE K 272 -35.08 12.57 -15.23
C ILE K 272 -34.52 13.43 -14.13
N ASP K 273 -33.95 14.55 -14.49
CA ASP K 273 -33.36 15.38 -13.49
C ASP K 273 -34.45 16.06 -12.69
N ALA K 274 -35.60 16.20 -13.33
CA ALA K 274 -36.67 16.96 -12.74
C ALA K 274 -37.98 16.68 -13.44
N LEU K 275 -39.06 17.08 -12.80
CA LEU K 275 -40.37 16.87 -13.30
C LEU K 275 -41.03 18.21 -13.36
N LEU K 276 -41.32 18.63 -14.58
CA LEU K 276 -42.01 19.87 -14.82
C LEU K 276 -43.46 19.61 -14.61
N MET K 277 -44.17 20.59 -14.11
CA MET K 277 -45.57 20.38 -13.84
C MET K 277 -46.38 21.65 -14.07
N TRP K 278 -47.66 21.45 -14.34
CA TRP K 278 -48.62 22.50 -14.47
C TRP K 278 -49.98 21.85 -14.64
N TRP K 279 -51.01 22.69 -14.57
CA TRP K 279 -52.35 22.22 -14.74
C TRP K 279 -53.10 23.01 -15.78
N ASP K 280 -54.25 22.48 -16.18
CA ASP K 280 -55.21 23.16 -17.02
C ASP K 280 -56.55 22.81 -16.43
N ILE K 281 -57.59 23.56 -16.78
CA ILE K 281 -58.92 23.38 -16.22
C ILE K 281 -60.01 23.64 -17.25
N ASP K 282 -61.11 22.93 -17.07
CA ASP K 282 -62.14 22.91 -18.05
C ASP K 282 -63.26 23.71 -17.39
N MET K 283 -63.41 24.94 -17.85
CA MET K 283 -64.34 25.87 -17.24
C MET K 283 -65.79 25.40 -17.28
N ASP K 284 -66.04 24.25 -17.91
CA ASP K 284 -67.44 23.72 -17.95
C ASP K 284 -67.68 22.24 -18.28
N ARG K 285 -66.64 21.41 -18.27
CA ARG K 285 -66.80 19.96 -18.51
C ARG K 285 -67.00 19.64 -20.02
N ASN K 286 -67.45 20.65 -20.77
CA ASN K 286 -67.67 20.59 -22.21
C ASN K 286 -66.44 20.23 -23.03
N GLY K 287 -65.27 20.25 -22.41
CA GLY K 287 -64.04 19.91 -23.11
C GLY K 287 -63.72 20.88 -24.22
N THR K 288 -64.37 22.03 -24.23
CA THR K 288 -64.12 23.03 -25.26
C THR K 288 -63.16 24.13 -24.73
N THR K 289 -63.67 24.92 -23.76
CA THR K 289 -63.02 26.11 -23.20
C THR K 289 -62.17 25.84 -21.93
N PHE K 290 -60.84 25.89 -22.08
CA PHE K 290 -59.85 25.59 -21.04
C PHE K 290 -59.09 26.84 -20.55
N ILE K 291 -58.43 26.71 -19.38
CA ILE K 291 -57.32 27.58 -18.98
C ILE K 291 -56.17 26.60 -18.84
N ASP K 292 -55.17 26.71 -19.72
CA ASP K 292 -54.03 25.78 -19.73
C ASP K 292 -52.84 26.58 -19.20
N MET K 293 -51.99 25.95 -18.38
CA MET K 293 -50.79 26.59 -17.81
C MET K 293 -49.55 25.94 -18.38
N GLY K 294 -49.67 25.28 -19.53
CA GLY K 294 -48.48 24.79 -20.20
C GLY K 294 -47.58 25.95 -20.60
N PRO K 295 -46.27 25.72 -20.67
CA PRO K 295 -45.31 26.70 -21.12
C PRO K 295 -45.61 27.29 -22.52
N LYS K 296 -44.85 28.32 -22.90
CA LYS K 296 -44.77 28.78 -24.30
C LYS K 296 -44.32 27.63 -25.20
N TRP K 297 -43.37 26.84 -24.72
CA TRP K 297 -42.90 25.76 -25.55
C TRP K 297 -43.81 24.58 -25.62
N LYS K 298 -44.37 24.11 -24.50
CA LYS K 298 -45.29 22.94 -24.55
C LYS K 298 -46.78 23.27 -24.42
N ASN K 299 -47.28 24.14 -25.30
CA ASN K 299 -48.69 24.58 -25.26
C ASN K 299 -48.91 25.58 -26.39
N LYS K 300 -48.95 25.05 -27.62
CA LYS K 300 -49.13 25.88 -28.80
C LYS K 300 -50.41 26.70 -28.68
N ASN K 301 -51.53 26.00 -28.46
CA ASN K 301 -52.86 26.54 -28.76
C ASN K 301 -53.61 27.18 -27.62
N ASN K 302 -52.89 27.60 -26.58
CA ASN K 302 -53.50 28.20 -25.41
C ASN K 302 -52.52 29.00 -24.53
N TYR K 303 -51.57 29.68 -25.16
CA TYR K 303 -50.59 30.43 -24.39
C TYR K 303 -51.00 31.87 -24.08
N ALA K 304 -51.12 32.17 -22.78
CA ALA K 304 -51.15 33.54 -22.28
C ALA K 304 -50.16 33.72 -21.11
N TRP K 305 -49.39 34.82 -21.14
CA TRP K 305 -48.49 35.08 -20.00
C TRP K 305 -49.28 35.49 -18.75
N ARG K 306 -48.95 34.90 -17.60
CA ARG K 306 -49.32 35.49 -16.28
C ARG K 306 -48.28 35.18 -15.22
N ASP K 307 -48.39 35.82 -14.05
CA ASP K 307 -47.41 35.58 -12.97
C ASP K 307 -48.06 34.92 -11.74
N HIS K 308 -49.31 35.28 -11.45
CA HIS K 308 -50.01 34.73 -10.30
C HIS K 308 -50.20 33.22 -10.38
N TRP K 309 -50.26 32.72 -11.61
CA TRP K 309 -50.10 31.29 -11.93
C TRP K 309 -48.92 31.15 -12.80
N MET K 310 -48.28 30.00 -12.68
CA MET K 310 -46.98 29.79 -13.26
C MET K 310 -46.83 28.27 -13.40
N GLN K 311 -45.59 27.74 -13.39
CA GLN K 311 -45.39 26.27 -13.42
C GLN K 311 -44.40 25.84 -12.37
N ALA K 312 -44.26 24.53 -12.16
CA ALA K 312 -43.40 24.10 -11.06
C ALA K 312 -42.46 22.98 -11.45
N VAL K 313 -41.50 22.75 -10.58
CA VAL K 313 -40.50 21.75 -10.84
C VAL K 313 -40.44 20.94 -9.57
N TYR K 314 -40.34 19.62 -9.72
CA TYR K 314 -40.29 18.69 -8.60
C TYR K 314 -39.18 17.74 -8.86
N TYR K 315 -38.64 17.17 -7.79
CA TYR K 315 -37.52 16.25 -7.89
C TYR K 315 -37.83 14.86 -7.35
N LEU K 316 -36.93 13.93 -7.67
CA LEU K 316 -37.03 12.55 -7.26
C LEU K 316 -36.03 12.31 -6.14
N PRO K 317 -36.46 11.61 -5.07
CA PRO K 317 -35.56 11.37 -3.97
C PRO K 317 -34.31 10.68 -4.45
N GLU K 318 -34.48 9.62 -5.25
CA GLU K 318 -33.34 8.85 -5.80
C GLU K 318 -33.27 9.02 -7.31
N LYS K 319 -32.07 8.82 -7.85
CA LYS K 319 -31.77 8.91 -9.29
C LYS K 319 -32.71 8.03 -10.09
N LYS K 320 -33.27 8.58 -11.16
CA LYS K 320 -34.17 7.82 -12.02
C LYS K 320 -33.94 8.04 -13.52
N LYS K 321 -33.29 7.06 -14.17
CA LYS K 321 -33.17 7.04 -15.63
C LYS K 321 -34.39 6.40 -16.30
N VAL K 322 -34.45 6.57 -17.62
CA VAL K 322 -35.52 6.08 -18.46
C VAL K 322 -34.91 5.71 -19.84
N GLU K 323 -35.45 4.68 -20.48
CA GLU K 323 -34.89 4.22 -21.76
C GLU K 323 -35.93 4.37 -22.83
N MET K 324 -35.48 4.66 -24.06
CA MET K 324 -36.36 4.63 -25.23
C MET K 324 -36.44 3.19 -25.73
N ASN K 325 -37.63 2.74 -26.14
CA ASN K 325 -38.87 3.38 -25.74
C ASN K 325 -39.52 2.47 -24.70
N GLN K 326 -38.81 2.33 -23.58
CA GLN K 326 -39.29 1.62 -22.41
C GLN K 326 -40.42 2.34 -21.71
N THR K 327 -41.32 1.54 -21.15
CA THR K 327 -42.36 2.02 -20.25
C THR K 327 -41.74 2.37 -18.90
N PHE K 328 -42.35 3.34 -18.25
CA PHE K 328 -41.99 3.74 -16.88
C PHE K 328 -43.22 4.36 -16.19
N GLU K 329 -43.16 4.40 -14.86
CA GLU K 329 -44.24 4.90 -14.02
C GLU K 329 -43.68 5.83 -12.94
N ILE K 330 -44.50 6.77 -12.50
CA ILE K 330 -44.13 7.67 -11.42
C ILE K 330 -45.24 7.57 -10.41
N VAL K 331 -44.90 7.46 -9.13
CA VAL K 331 -45.94 7.53 -8.11
C VAL K 331 -46.32 9.00 -7.97
N CYS K 332 -47.59 9.32 -8.21
CA CYS K 332 -48.08 10.70 -8.15
C CYS K 332 -48.92 10.92 -6.90
N ASN K 333 -48.25 11.31 -5.81
CA ASN K 333 -48.91 11.52 -4.53
C ASN K 333 -49.29 12.96 -4.27
N HIS K 334 -50.44 13.16 -3.63
CA HIS K 334 -50.80 14.45 -3.05
C HIS K 334 -51.53 14.33 -1.72
N ASP K 335 -51.56 15.41 -0.94
CA ASP K 335 -52.50 15.56 0.19
C ASP K 335 -53.44 16.72 -0.09
N GLU K 336 -54.03 17.32 0.95
CA GLU K 336 -55.02 18.41 0.74
C GLU K 336 -54.45 19.70 0.11
N PHE K 337 -53.13 19.91 0.27
CA PHE K 337 -52.51 21.11 -0.22
C PHE K 337 -51.26 20.87 -1.03
N SER K 338 -50.53 19.78 -0.77
CA SER K 338 -49.31 19.55 -1.54
C SER K 338 -49.24 18.34 -2.49
N LEU K 339 -48.25 18.39 -3.39
CA LEU K 339 -47.94 17.35 -4.36
C LEU K 339 -46.48 16.92 -4.22
N TRP K 340 -46.22 15.64 -4.45
CA TRP K 340 -44.86 15.14 -4.53
C TRP K 340 -44.90 13.88 -5.32
N PHE K 341 -43.72 13.33 -5.61
CA PHE K 341 -43.62 12.27 -6.58
C PHE K 341 -42.49 11.33 -6.19
N SER K 342 -42.81 10.04 -6.12
CA SER K 342 -41.86 9.02 -5.68
C SER K 342 -41.61 7.95 -6.73
N ASN K 343 -40.40 7.40 -6.69
CA ASN K 343 -40.03 6.22 -7.45
C ASN K 343 -40.79 5.00 -6.96
N VAL K 344 -41.19 4.13 -7.88
CA VAL K 344 -41.91 2.90 -7.48
C VAL K 344 -41.00 2.01 -6.66
N GLY K 345 -41.59 1.21 -5.78
CA GLY K 345 -40.84 0.32 -4.89
C GLY K 345 -40.18 1.10 -3.78
N LYS K 346 -40.68 2.31 -3.51
CA LYS K 346 -40.15 3.21 -2.48
C LYS K 346 -41.30 3.95 -1.73
N ASP K 347 -40.98 4.49 -0.55
CA ASP K 347 -41.97 5.17 0.33
C ASP K 347 -42.82 6.29 -0.36
N LYS K 348 -44.14 6.29 -0.11
CA LYS K 348 -45.08 7.17 -0.83
C LYS K 348 -45.66 8.28 0.05
N SER K 349 -44.97 8.59 1.15
CA SER K 349 -45.48 9.57 2.11
C SER K 349 -44.79 10.91 1.90
N ARG K 350 -45.39 12.02 2.36
CA ARG K 350 -44.76 13.32 2.09
C ARG K 350 -43.35 13.39 2.64
N SER K 351 -42.45 13.87 1.81
CA SER K 351 -41.04 13.93 2.15
C SER K 351 -40.62 15.39 2.41
N TYR K 352 -39.50 15.58 3.10
CA TYR K 352 -39.01 16.90 3.50
C TYR K 352 -37.51 16.91 3.42
N CYS K 353 -36.90 18.05 3.76
CA CYS K 353 -35.46 18.17 3.76
C CYS K 353 -35.04 17.31 4.92
N VAL K 354 -33.92 16.66 4.76
CA VAL K 354 -33.11 16.20 5.87
C VAL K 354 -31.72 16.69 5.46
N CYS K 355 -31.62 17.33 4.28
CA CYS K 355 -30.38 17.96 3.80
C CYS K 355 -29.72 18.57 5.04
N GLY K 356 -30.52 19.36 5.77
CA GLY K 356 -30.01 20.38 6.66
C GLY K 356 -29.86 21.61 5.77
N LEU K 357 -29.87 21.39 4.46
CA LEU K 357 -29.48 22.42 3.50
C LEU K 357 -30.62 22.93 2.65
N HIS K 358 -31.42 22.01 2.09
CA HIS K 358 -32.58 22.38 1.27
C HIS K 358 -33.40 23.43 1.99
N SER K 359 -33.35 23.41 3.32
CA SER K 359 -34.26 24.20 4.14
C SER K 359 -33.59 25.33 4.90
N MET K 360 -32.30 25.55 4.69
CA MET K 360 -31.69 26.77 5.16
C MET K 360 -31.59 27.82 4.04
N LEU K 361 -31.51 27.33 2.79
CA LEU K 361 -31.31 28.19 1.63
C LEU K 361 -32.47 28.08 0.69
N SER K 362 -32.80 29.22 0.07
CA SER K 362 -33.72 29.29 -1.07
C SER K 362 -33.27 28.46 -2.31
N ARG K 363 -34.23 28.17 -3.19
CA ARG K 363 -33.91 27.51 -4.45
C ARG K 363 -32.75 28.22 -5.12
N GLN K 364 -32.96 29.51 -5.44
CA GLN K 364 -31.91 30.35 -6.07
C GLN K 364 -30.51 30.20 -5.41
N THR K 365 -30.48 30.21 -4.08
CA THR K 365 -29.19 30.08 -3.38
C THR K 365 -28.47 28.71 -3.57
N VAL K 366 -29.25 27.63 -3.69
CA VAL K 366 -28.68 26.31 -4.00
C VAL K 366 -28.04 26.40 -5.38
N TYR K 367 -28.78 26.94 -6.36
CA TYR K 367 -28.20 27.17 -7.70
C TYR K 367 -26.91 27.96 -7.55
N HIS K 368 -26.96 29.01 -6.73
CA HIS K 368 -25.81 29.87 -6.56
C HIS K 368 -24.63 29.12 -6.08
N VAL K 369 -24.80 28.30 -5.05
CA VAL K 369 -23.63 27.59 -4.53
C VAL K 369 -23.14 26.53 -5.52
N ASN K 370 -24.09 25.77 -6.06
CA ASN K 370 -23.82 24.82 -7.11
C ASN K 370 -23.00 25.48 -8.20
N GLU K 371 -23.54 26.54 -8.76
CA GLU K 371 -22.79 27.34 -9.71
C GLU K 371 -21.44 27.83 -9.19
N MET K 372 -21.41 28.38 -7.98
CA MET K 372 -20.15 28.87 -7.46
C MET K 372 -19.18 27.72 -7.44
N PHE K 373 -19.64 26.58 -6.95
CA PHE K 373 -18.85 25.33 -6.98
C PHE K 373 -18.39 24.89 -8.40
N GLU K 374 -19.13 25.27 -9.44
CA GLU K 374 -18.79 24.88 -10.82
C GLU K 374 -18.28 26.03 -11.64
N ASN K 375 -17.45 26.89 -11.05
CA ASN K 375 -16.89 28.07 -11.74
C ASN K 375 -15.38 28.16 -11.61
N GLN K 376 -14.67 27.65 -12.63
CA GLN K 376 -13.21 27.56 -12.61
C GLN K 376 -12.53 28.93 -12.53
N LYS K 377 -13.14 29.90 -13.21
CA LYS K 377 -12.73 31.29 -13.18
C LYS K 377 -12.73 31.83 -11.75
N PHE K 378 -13.89 31.77 -11.10
CA PHE K 378 -14.03 32.22 -9.71
C PHE K 378 -13.06 31.49 -8.81
N LYS K 379 -13.03 30.17 -8.97
CA LYS K 379 -12.07 29.37 -8.23
C LYS K 379 -10.65 29.88 -8.42
N ASP K 380 -10.23 30.10 -9.67
CA ASP K 380 -8.86 30.52 -9.96
C ASP K 380 -8.51 31.72 -9.12
N GLU K 381 -9.43 32.66 -9.05
CA GLU K 381 -9.20 33.87 -8.28
C GLU K 381 -9.11 33.54 -6.77
N VAL K 382 -10.03 32.73 -6.27
CA VAL K 382 -10.01 32.36 -4.86
C VAL K 382 -8.66 31.72 -4.56
N ASP K 383 -8.31 30.71 -5.33
CA ASP K 383 -7.05 29.98 -5.14
C ASP K 383 -5.84 30.94 -5.21
N LYS K 384 -5.85 31.84 -6.19
CA LYS K 384 -4.88 32.94 -6.28
C LYS K 384 -4.75 33.72 -4.94
N LEU K 385 -5.86 34.21 -4.42
CA LEU K 385 -5.87 34.97 -3.16
C LEU K 385 -5.50 34.17 -1.89
N SER K 386 -5.78 32.85 -1.88
CA SER K 386 -5.60 32.04 -0.66
C SER K 386 -4.24 31.33 -0.52
N LYS K 387 -3.55 31.10 -1.62
CA LYS K 387 -2.34 30.27 -1.62
C LYS K 387 -1.48 30.48 -0.37
N GLY K 388 -1.20 29.39 0.33
CA GLY K 388 -0.40 29.41 1.55
C GLY K 388 -0.81 30.40 2.64
N LEU K 389 -2.07 30.85 2.63
CA LEU K 389 -2.46 31.90 3.57
C LEU K 389 -3.50 31.46 4.59
N HIS K 390 -3.50 32.17 5.71
CA HIS K 390 -4.57 32.08 6.67
C HIS K 390 -5.67 33.03 6.26
N VAL K 391 -6.68 32.50 5.58
CA VAL K 391 -7.82 33.33 5.20
C VAL K 391 -8.89 33.21 6.28
N ALA K 392 -9.71 34.26 6.38
CA ALA K 392 -10.89 34.25 7.19
C ALA K 392 -11.95 34.64 6.26
N THR K 393 -13.14 34.11 6.53
CA THR K 393 -14.32 34.27 5.71
C THR K 393 -15.45 34.91 6.53
N VAL K 394 -16.25 35.74 5.89
CA VAL K 394 -17.45 36.22 6.56
C VAL K 394 -18.73 36.11 5.74
N GLY K 395 -19.83 36.08 6.46
CA GLY K 395 -21.15 35.93 5.85
C GLY K 395 -21.98 35.03 6.71
N GLU K 396 -23.11 34.60 6.18
CA GLU K 396 -23.95 33.67 6.88
C GLU K 396 -24.58 32.82 5.81
N GLY K 397 -24.04 31.61 5.67
CA GLY K 397 -24.38 30.75 4.54
C GLY K 397 -23.46 30.91 3.35
N SER K 398 -22.24 31.42 3.59
CA SER K 398 -21.22 31.53 2.52
C SER K 398 -20.21 30.37 2.54
N PHE K 399 -20.26 29.57 1.48
CA PHE K 399 -19.42 28.38 1.34
C PHE K 399 -18.00 28.66 0.89
N LEU K 400 -17.66 29.93 0.73
CA LEU K 400 -16.45 30.34 0.05
C LEU K 400 -15.21 29.73 0.71
N GLY K 401 -15.20 29.73 2.05
CA GLY K 401 -14.12 29.07 2.78
C GLY K 401 -13.88 27.66 2.27
N LEU K 402 -14.97 26.95 1.97
CA LEU K 402 -14.86 25.59 1.46
C LEU K 402 -13.94 25.52 0.25
N LEU K 403 -14.02 26.54 -0.62
CA LEU K 403 -13.15 26.61 -1.83
C LEU K 403 -11.75 27.04 -1.52
N ALA K 404 -11.64 27.87 -0.49
CA ALA K 404 -10.41 28.49 -0.07
C ALA K 404 -9.41 27.52 0.62
N ALA K 405 -9.94 26.44 1.19
CA ALA K 405 -9.08 25.41 1.84
C ALA K 405 -8.19 24.63 0.85
N LYS K 406 -8.67 24.53 -0.40
CA LYS K 406 -7.91 23.91 -1.47
C LYS K 406 -6.48 24.41 -1.46
N THR K 407 -6.33 25.67 -1.07
CA THR K 407 -5.09 26.40 -1.24
C THR K 407 -4.47 26.94 0.05
N ALA K 408 -5.30 27.41 0.96
CA ALA K 408 -4.82 28.21 2.08
C ALA K 408 -4.16 27.43 3.22
N LYS K 409 -3.01 27.92 3.67
CA LYS K 409 -2.38 27.31 4.84
C LYS K 409 -3.42 26.97 5.92
N ARG K 410 -4.51 27.72 5.93
CA ARG K 410 -5.46 27.67 7.01
C ARG K 410 -6.65 28.56 6.64
N VAL K 411 -7.86 28.10 6.95
CA VAL K 411 -9.06 28.86 6.66
C VAL K 411 -9.89 28.98 7.92
N THR K 412 -10.44 30.18 8.13
CA THR K 412 -11.39 30.46 9.23
C THR K 412 -12.76 30.89 8.71
N ILE K 413 -13.79 30.15 9.11
CA ILE K 413 -15.13 30.54 8.72
C ILE K 413 -15.86 31.07 9.94
N ILE K 414 -16.13 32.37 9.87
CA ILE K 414 -16.97 33.06 10.83
C ILE K 414 -18.42 32.93 10.34
N ASP K 415 -19.28 32.41 11.23
CA ASP K 415 -20.69 32.29 10.93
C ASP K 415 -21.44 32.22 12.22
N GLY K 416 -22.31 33.22 12.40
CA GLY K 416 -23.11 33.38 13.58
C GLY K 416 -24.34 32.49 13.55
N ASN K 417 -24.57 31.84 12.41
CA ASN K 417 -25.60 30.81 12.32
C ASN K 417 -25.07 29.40 12.59
N GLU K 418 -25.48 28.88 13.73
CA GLU K 418 -25.24 27.49 14.10
C GLU K 418 -25.54 26.40 13.06
N ARG K 419 -26.73 26.46 12.45
CA ARG K 419 -27.15 25.45 11.47
C ARG K 419 -26.23 25.38 10.23
N PHE K 420 -25.73 26.52 9.78
CA PHE K 420 -24.72 26.56 8.75
C PHE K 420 -23.42 25.99 9.24
N ARG K 421 -23.03 26.45 10.43
CA ARG K 421 -21.87 25.95 11.06
C ARG K 421 -21.97 24.43 10.96
N ASP K 422 -23.15 23.86 11.19
CA ASP K 422 -23.33 22.39 11.21
C ASP K 422 -23.10 21.82 9.83
N ILE K 423 -23.77 22.40 8.85
CA ILE K 423 -23.57 22.00 7.47
C ILE K 423 -22.09 22.00 7.06
N PHE K 424 -21.32 22.99 7.51
CA PHE K 424 -19.92 23.12 7.10
C PHE K 424 -19.03 22.09 7.73
N PHE K 425 -19.32 21.80 9.00
CA PHE K 425 -18.61 20.82 9.79
C PHE K 425 -18.89 19.44 9.20
N LYS K 426 -20.08 19.25 8.61
CA LYS K 426 -20.38 17.99 7.90
C LYS K 426 -19.55 17.87 6.62
N TYR K 427 -19.52 18.95 5.82
CA TYR K 427 -18.66 19.04 4.63
C TYR K 427 -17.19 18.86 5.02
N ILE K 428 -16.79 19.48 6.12
CA ILE K 428 -15.43 19.34 6.62
C ILE K 428 -15.11 17.86 6.85
N HIS K 429 -15.86 17.24 7.76
CA HIS K 429 -15.59 15.88 8.24
C HIS K 429 -15.52 14.92 7.06
N TYR K 430 -16.51 15.01 6.18
CA TYR K 430 -16.58 14.22 4.93
C TYR K 430 -15.35 14.32 4.06
N TYR K 431 -14.93 15.54 3.73
CA TYR K 431 -13.84 15.72 2.79
C TYR K 431 -12.49 15.62 3.46
N LYS K 432 -12.51 15.26 4.73
CA LYS K 432 -11.32 15.27 5.58
C LYS K 432 -10.36 16.47 5.36
N LEU K 433 -10.94 17.66 5.42
CA LEU K 433 -10.22 18.94 5.31
C LEU K 433 -9.49 19.24 6.61
N THR K 434 -8.20 19.49 6.51
CA THR K 434 -7.37 19.59 7.70
C THR K 434 -6.95 21.02 7.99
N ASN K 435 -7.52 21.96 7.26
CA ASN K 435 -7.02 23.31 7.38
C ASN K 435 -8.12 24.31 7.64
N VAL K 436 -9.25 23.83 8.17
CA VAL K 436 -10.35 24.73 8.46
C VAL K 436 -11.04 24.55 9.82
N GLU K 437 -11.23 25.67 10.51
CA GLU K 437 -11.98 25.74 11.76
C GLU K 437 -13.18 26.64 11.44
N ILE K 438 -14.11 26.71 12.38
CA ILE K 438 -15.31 27.48 12.24
C ILE K 438 -15.62 28.03 13.61
N ILE K 439 -15.62 29.36 13.70
CA ILE K 439 -16.00 30.03 14.92
C ILE K 439 -17.30 30.80 14.64
N GLU K 440 -18.02 31.14 15.73
CA GLU K 440 -19.33 31.79 15.69
C GLU K 440 -19.28 33.34 15.59
N LYS K 441 -18.57 33.98 16.50
CA LYS K 441 -18.51 35.45 16.56
C LYS K 441 -17.24 36.03 15.93
N VAL K 442 -17.37 37.12 15.16
CA VAL K 442 -16.21 37.84 14.60
C VAL K 442 -15.16 38.07 15.66
N THR K 443 -15.63 38.37 16.87
CA THR K 443 -14.78 38.73 17.99
C THR K 443 -13.83 37.58 18.39
N SER K 444 -14.16 36.36 17.96
CA SER K 444 -13.42 35.19 18.40
C SER K 444 -12.14 34.89 17.63
N LEU K 445 -11.98 35.56 16.50
CA LEU K 445 -10.83 35.36 15.61
C LEU K 445 -9.51 36.01 16.11
N THR K 446 -8.98 35.49 17.22
CA THR K 446 -7.78 36.01 17.91
C THR K 446 -6.52 36.16 17.04
N ASP K 447 -6.23 35.15 16.22
CA ASP K 447 -5.06 35.18 15.33
C ASP K 447 -5.42 36.10 14.16
N SER K 448 -4.56 37.10 13.89
CA SER K 448 -4.77 37.94 12.71
C SER K 448 -4.54 37.07 11.47
N PRO K 449 -5.52 37.05 10.56
CA PRO K 449 -5.31 36.35 9.30
C PRO K 449 -4.56 37.26 8.32
N ASP K 450 -4.28 36.74 7.13
CA ASP K 450 -3.53 37.46 6.11
C ASP K 450 -4.52 38.23 5.27
N ILE K 451 -5.67 37.59 5.05
CA ILE K 451 -6.72 38.16 4.22
C ILE K 451 -8.07 37.64 4.68
N VAL K 452 -9.06 38.54 4.69
CA VAL K 452 -10.45 38.13 4.78
C VAL K 452 -11.07 38.11 3.41
N LEU K 453 -11.75 37.00 3.09
CA LEU K 453 -12.49 36.80 1.84
C LEU K 453 -13.96 36.60 2.13
N ALA K 454 -14.80 37.15 1.28
CA ALA K 454 -16.24 36.99 1.42
C ALA K 454 -16.84 37.16 0.04
N GLU K 455 -18.13 36.93 -0.11
CA GLU K 455 -18.75 37.03 -1.42
C GLU K 455 -19.22 38.44 -1.77
N PRO K 456 -19.98 39.11 -0.86
CA PRO K 456 -20.48 38.71 0.46
C PRO K 456 -21.86 38.07 0.39
N PHE K 457 -22.13 37.07 1.21
CA PHE K 457 -23.45 36.47 1.27
C PHE K 457 -23.87 36.18 2.69
N TYR K 458 -25.06 36.67 3.05
CA TYR K 458 -25.72 36.41 4.34
C TYR K 458 -27.15 36.10 4.00
N MET K 459 -27.66 34.92 4.37
CA MET K 459 -29.02 34.54 3.94
C MET K 459 -30.12 35.35 4.64
N SER K 460 -29.82 35.82 5.85
CA SER K 460 -30.74 36.66 6.60
C SER K 460 -30.98 38.06 6.02
N ALA K 461 -30.10 38.48 5.10
CA ALA K 461 -30.19 39.77 4.38
C ALA K 461 -31.64 40.18 4.08
N MET K 462 -32.00 41.39 4.51
CA MET K 462 -33.33 41.99 4.32
C MET K 462 -33.80 41.87 2.87
N ASN K 463 -32.97 42.34 1.97
CA ASN K 463 -33.28 42.33 0.55
C ASN K 463 -32.08 41.81 -0.16
N PRO K 464 -32.28 41.21 -1.35
CA PRO K 464 -31.16 40.54 -2.03
C PRO K 464 -30.17 41.54 -2.62
N TRP K 465 -30.57 42.79 -2.75
CA TRP K 465 -29.59 43.83 -3.07
C TRP K 465 -28.67 44.23 -1.94
N ASN K 466 -28.98 43.80 -0.72
CA ASN K 466 -28.32 44.33 0.46
C ASN K 466 -27.76 43.28 1.45
N HIS K 467 -26.48 42.93 1.24
CA HIS K 467 -25.70 42.00 2.08
C HIS K 467 -24.63 42.76 2.83
N LEU K 468 -24.94 43.99 3.25
CA LEU K 468 -23.89 44.87 3.74
C LEU K 468 -23.44 44.60 5.16
N ARG K 469 -24.02 43.57 5.79
CA ARG K 469 -23.61 43.15 7.12
C ARG K 469 -22.14 42.89 7.02
N PHE K 470 -21.71 42.64 5.78
CA PHE K 470 -20.30 42.54 5.39
C PHE K 470 -19.46 43.71 5.91
N LEU K 471 -19.93 44.90 5.61
CA LEU K 471 -19.20 46.11 6.03
C LEU K 471 -18.94 46.11 7.52
N TYR K 472 -20.00 45.87 8.27
CA TYR K 472 -19.92 45.86 9.73
C TYR K 472 -18.96 44.81 10.21
N ASP K 473 -19.01 43.61 9.62
CA ASP K 473 -18.08 42.58 10.06
C ASP K 473 -16.64 42.95 9.71
N VAL K 474 -16.44 43.52 8.52
CA VAL K 474 -15.11 44.02 8.23
C VAL K 474 -14.65 44.98 9.35
N GLU K 475 -15.53 45.92 9.70
CA GLU K 475 -15.16 46.97 10.66
C GLU K 475 -14.58 46.36 11.92
N VAL K 476 -15.33 45.46 12.56
CA VAL K 476 -14.89 44.82 13.81
C VAL K 476 -13.53 44.13 13.64
N LEU K 477 -13.26 43.61 12.44
CA LEU K 477 -12.00 42.96 12.18
C LEU K 477 -10.85 43.95 12.22
N LYS K 478 -11.10 45.13 11.66
CA LYS K 478 -10.12 46.20 11.64
C LYS K 478 -9.92 46.77 13.04
N MET K 479 -11.03 46.87 13.79
CA MET K 479 -10.93 47.09 15.22
C MET K 479 -9.88 46.16 15.79
N MET K 480 -10.17 44.85 15.77
CA MET K 480 -9.34 43.85 16.42
C MET K 480 -7.92 43.79 15.89
N HIS K 481 -7.76 43.49 14.61
CA HIS K 481 -6.44 43.55 14.02
C HIS K 481 -6.49 44.69 13.05
N GLY K 482 -5.33 45.25 12.69
CA GLY K 482 -5.22 46.58 12.03
C GLY K 482 -6.13 47.02 10.89
N ASP K 483 -5.93 48.25 10.41
CA ASP K 483 -6.75 48.76 9.33
C ASP K 483 -6.24 48.28 7.99
N GLU K 484 -4.99 47.82 7.99
CA GLU K 484 -4.32 47.41 6.77
C GLU K 484 -4.71 46.00 6.36
N LEU K 485 -5.57 45.39 7.16
CA LEU K 485 -5.96 44.01 6.94
C LEU K 485 -6.58 43.84 5.56
N ARG K 486 -5.95 42.97 4.77
CA ARG K 486 -6.37 42.65 3.40
C ARG K 486 -7.78 42.07 3.43
N VAL K 487 -8.66 42.63 2.61
CA VAL K 487 -10.01 42.12 2.50
C VAL K 487 -10.58 42.27 1.10
N GLU K 488 -11.39 41.28 0.75
CA GLU K 488 -11.83 41.09 -0.61
C GLU K 488 -13.20 40.47 -0.54
N PRO K 489 -14.15 40.99 -1.32
CA PRO K 489 -14.08 42.09 -2.32
C PRO K 489 -13.73 43.44 -1.69
N HIS K 490 -13.11 44.35 -2.43
CA HIS K 490 -12.63 45.63 -1.90
C HIS K 490 -13.54 46.79 -2.20
N MET K 491 -14.53 46.55 -3.05
CA MET K 491 -15.40 47.59 -3.54
C MET K 491 -16.68 46.98 -4.10
N GLY K 492 -17.84 47.50 -3.73
CA GLY K 492 -19.06 47.02 -4.35
C GLY K 492 -19.93 48.18 -4.81
N VAL K 493 -20.86 47.94 -5.70
CA VAL K 493 -21.68 49.05 -6.19
C VAL K 493 -23.13 48.64 -6.44
N LEU K 494 -24.04 49.50 -5.99
CA LEU K 494 -25.44 49.32 -6.28
C LEU K 494 -25.67 49.98 -7.60
N LYS K 495 -26.46 49.32 -8.46
CA LYS K 495 -26.68 49.73 -9.84
C LYS K 495 -28.11 49.61 -10.31
N ALA K 496 -28.48 50.42 -11.29
CA ALA K 496 -29.83 50.34 -11.82
C ALA K 496 -29.78 50.40 -13.33
N ILE K 497 -30.92 50.12 -13.95
CA ILE K 497 -31.01 50.08 -15.41
C ILE K 497 -32.46 50.30 -15.76
N PRO K 498 -32.73 51.07 -16.81
CA PRO K 498 -34.11 51.10 -17.23
C PRO K 498 -34.35 49.93 -18.16
N GLU K 499 -35.49 49.28 -17.97
CA GLU K 499 -35.89 48.16 -18.80
C GLU K 499 -37.36 48.24 -19.21
N LYS K 500 -37.62 47.81 -20.45
CA LYS K 500 -38.99 47.60 -20.88
C LYS K 500 -39.20 46.10 -20.76
N PHE K 501 -40.21 45.72 -19.98
CA PHE K 501 -40.53 44.33 -19.80
C PHE K 501 -41.69 43.97 -20.68
N GLU K 502 -41.57 42.80 -21.32
CA GLU K 502 -42.65 42.19 -22.07
C GLU K 502 -43.92 42.22 -21.21
N ASP K 503 -43.86 41.66 -20.01
CA ASP K 503 -45.06 41.44 -19.24
C ASP K 503 -44.99 41.71 -17.76
N LEU K 504 -43.85 41.39 -17.13
CA LEU K 504 -43.71 41.42 -15.68
C LEU K 504 -44.31 42.62 -14.98
N GLN K 505 -44.32 43.76 -15.67
CA GLN K 505 -44.87 45.04 -15.13
C GLN K 505 -46.35 44.95 -14.78
N ASN K 506 -47.04 43.93 -15.28
CA ASN K 506 -48.46 43.78 -15.01
C ASN K 506 -48.73 43.36 -13.55
N ILE K 507 -47.69 42.93 -12.85
CA ILE K 507 -47.94 42.55 -11.46
C ILE K 507 -48.12 43.75 -10.55
N ALA K 508 -47.86 44.94 -11.08
CA ALA K 508 -47.79 46.15 -10.26
C ALA K 508 -48.61 47.26 -10.89
N SER K 509 -49.09 47.04 -12.10
CA SER K 509 -49.71 48.11 -12.89
C SER K 509 -51.20 48.21 -12.63
N ASP K 510 -51.73 49.43 -12.75
CA ASP K 510 -53.13 49.74 -12.41
C ASP K 510 -54.13 48.88 -13.16
N VAL K 511 -55.28 48.68 -12.52
CA VAL K 511 -56.25 47.70 -12.98
C VAL K 511 -57.36 48.33 -13.83
N GLY K 512 -57.81 49.50 -13.44
CA GLY K 512 -58.78 50.27 -14.20
C GLY K 512 -60.05 49.49 -14.43
N THR K 513 -60.41 49.35 -15.69
CA THR K 513 -61.69 48.78 -16.08
C THR K 513 -61.42 47.41 -16.65
N VAL K 514 -62.17 46.42 -16.17
CA VAL K 514 -61.89 45.04 -16.55
C VAL K 514 -63.17 44.38 -17.07
N ASN K 515 -63.08 43.71 -18.22
CA ASN K 515 -64.26 43.14 -18.89
C ASN K 515 -65.53 44.03 -18.79
N GLY K 516 -65.41 45.34 -18.86
CA GLY K 516 -66.62 46.18 -18.79
C GLY K 516 -66.82 46.86 -17.46
N PHE K 517 -66.41 46.18 -16.40
CA PHE K 517 -66.67 46.68 -15.07
C PHE K 517 -65.58 47.62 -14.55
N ASP K 518 -66.03 48.75 -14.01
CA ASP K 518 -65.18 49.70 -13.33
C ASP K 518 -64.70 49.22 -11.95
N LEU K 519 -63.38 49.04 -11.83
CA LEU K 519 -62.77 48.59 -10.60
C LEU K 519 -61.76 49.61 -10.04
N SER K 520 -61.93 50.88 -10.41
CA SER K 520 -61.01 51.92 -9.99
C SER K 520 -60.94 52.05 -8.47
N PHE K 521 -62.10 51.94 -7.82
CA PHE K 521 -62.16 51.91 -6.36
C PHE K 521 -61.16 50.93 -5.77
N PHE K 522 -61.06 49.76 -6.36
CA PHE K 522 -60.09 48.84 -5.85
C PHE K 522 -58.65 49.30 -6.07
N ASP K 523 -58.29 49.73 -7.28
CA ASP K 523 -57.06 50.49 -7.52
C ASP K 523 -56.77 51.51 -6.39
N GLU K 524 -57.78 52.31 -6.07
CA GLU K 524 -57.74 53.27 -4.96
C GLU K 524 -57.33 52.64 -3.62
N ILE K 525 -58.21 51.83 -3.01
CA ILE K 525 -57.90 51.26 -1.70
C ILE K 525 -56.64 50.40 -1.82
N SER K 526 -56.52 49.69 -2.93
CA SER K 526 -55.35 48.89 -3.22
C SER K 526 -54.12 49.73 -3.15
N THR K 527 -54.09 50.80 -3.95
CA THR K 527 -52.92 51.66 -4.12
C THR K 527 -52.49 52.25 -2.80
N LYS K 528 -53.48 52.72 -2.04
CA LYS K 528 -53.26 53.17 -0.66
C LYS K 528 -52.55 52.13 0.23
N ALA K 529 -53.09 50.90 0.25
CA ALA K 529 -52.54 49.84 1.09
C ALA K 529 -51.08 49.54 0.73
N ARG K 530 -50.75 49.68 -0.54
CA ARG K 530 -49.38 49.44 -0.99
C ARG K 530 -48.40 50.57 -0.56
N THR K 531 -48.85 51.82 -0.63
CA THR K 531 -47.96 52.95 -0.27
C THR K 531 -47.70 52.79 1.21
N ALA K 532 -48.77 52.50 1.90
CA ALA K 532 -48.76 52.31 3.33
C ALA K 532 -48.00 51.07 3.84
N THR K 533 -47.83 50.01 3.05
CA THR K 533 -47.20 48.80 3.62
C THR K 533 -46.15 48.13 2.76
N ASP K 534 -46.10 48.48 1.48
CA ASP K 534 -45.09 47.86 0.63
C ASP K 534 -43.76 48.60 0.62
N ALA K 535 -42.73 47.79 0.48
CA ALA K 535 -41.45 48.26 0.00
C ALA K 535 -41.73 49.07 -1.25
N ILE K 536 -40.83 49.99 -1.55
CA ILE K 536 -40.90 50.77 -2.76
C ILE K 536 -40.35 49.92 -3.91
N VAL K 537 -39.26 49.20 -3.65
CA VAL K 537 -38.61 48.32 -4.62
C VAL K 537 -38.99 46.86 -4.38
N ASP K 538 -39.63 46.26 -5.38
CA ASP K 538 -40.08 44.87 -5.27
C ASP K 538 -38.91 43.90 -5.49
N GLU K 539 -39.06 42.65 -5.10
CA GLU K 539 -37.99 41.67 -5.32
C GLU K 539 -38.44 40.49 -6.19
N GLN K 540 -37.69 40.22 -7.25
CA GLN K 540 -38.10 39.29 -8.30
C GLN K 540 -36.89 38.52 -8.92
N SER K 541 -37.15 37.28 -9.38
CA SER K 541 -36.18 36.45 -10.11
C SER K 541 -36.14 36.89 -11.58
N LEU K 542 -35.22 37.78 -11.92
CA LEU K 542 -35.39 38.50 -13.16
C LEU K 542 -35.10 37.63 -14.40
N TRP K 543 -34.25 36.62 -14.24
CA TRP K 543 -34.01 35.70 -15.34
C TRP K 543 -35.31 35.08 -15.79
N GLU K 544 -36.31 35.10 -14.93
CA GLU K 544 -37.60 34.51 -15.30
C GLU K 544 -38.53 35.48 -16.04
N TYR K 545 -38.02 36.67 -16.38
CA TYR K 545 -38.82 37.66 -17.14
C TYR K 545 -38.07 38.35 -18.28
N ALA K 546 -38.81 38.58 -19.37
CA ALA K 546 -38.22 39.06 -20.58
C ALA K 546 -38.52 40.53 -20.79
N GLY K 547 -37.52 41.20 -21.33
CA GLY K 547 -37.68 42.58 -21.70
C GLY K 547 -36.36 42.97 -22.29
N ILE K 548 -36.27 44.22 -22.72
CA ILE K 548 -35.01 44.71 -23.23
C ILE K 548 -34.70 46.03 -22.51
N VAL K 549 -33.49 46.08 -21.98
CA VAL K 549 -32.84 47.25 -21.43
C VAL K 549 -33.00 48.49 -22.32
N LYS K 550 -32.98 49.67 -21.72
CA LYS K 550 -33.15 50.90 -22.47
C LYS K 550 -32.05 51.96 -22.25
N GLY K 551 -30.99 51.59 -21.53
CA GLY K 551 -29.84 52.47 -21.37
C GLY K 551 -28.60 51.74 -20.90
N ASP K 552 -27.61 52.48 -20.44
CA ASP K 552 -26.48 51.87 -19.78
C ASP K 552 -26.86 51.55 -18.32
N ALA K 553 -26.04 50.75 -17.66
CA ALA K 553 -26.21 50.55 -16.23
C ALA K 553 -25.77 51.85 -15.60
N VAL K 554 -26.45 52.24 -14.53
CA VAL K 554 -26.00 53.38 -13.77
C VAL K 554 -25.73 53.07 -12.30
N GLU K 555 -24.58 53.57 -11.84
CA GLU K 555 -24.12 53.52 -10.45
C GLU K 555 -24.99 54.34 -9.54
N ILE K 556 -25.42 53.77 -8.41
CA ILE K 556 -26.26 54.45 -7.48
C ILE K 556 -25.49 54.72 -6.21
N LEU K 557 -24.99 53.66 -5.57
CA LEU K 557 -24.13 53.86 -4.42
C LEU K 557 -22.84 53.12 -4.59
N ARG K 558 -21.78 53.62 -4.00
CA ARG K 558 -20.51 52.92 -4.01
C ARG K 558 -20.09 52.61 -2.56
N PHE K 559 -19.53 51.42 -2.33
CA PHE K 559 -19.02 51.00 -1.03
C PHE K 559 -17.57 50.53 -1.09
N PRO K 560 -16.60 51.44 -0.86
CA PRO K 560 -15.20 50.99 -0.79
C PRO K 560 -15.00 50.33 0.56
N ILE K 561 -14.21 49.27 0.61
CA ILE K 561 -14.08 48.55 1.88
C ILE K 561 -13.03 49.21 2.77
N ASP K 562 -12.17 50.01 2.15
CA ASP K 562 -11.29 50.93 2.91
C ASP K 562 -12.17 52.00 3.57
N GLY K 563 -12.69 51.63 4.75
CA GLY K 563 -13.76 52.34 5.42
C GLY K 563 -13.30 53.60 6.14
N ARG K 564 -13.66 53.78 7.42
CA ARG K 564 -14.64 52.99 8.17
C ARG K 564 -16.04 53.02 7.52
N VAL K 565 -16.96 52.19 7.99
CA VAL K 565 -18.31 52.18 7.41
C VAL K 565 -19.00 53.49 7.73
N SER K 566 -19.56 54.10 6.69
CA SER K 566 -20.15 55.39 6.88
C SER K 566 -21.49 55.53 6.14
N SER K 567 -22.26 56.57 6.44
CA SER K 567 -23.53 56.74 5.74
C SER K 567 -23.29 57.24 4.32
N GLN K 568 -24.25 57.00 3.45
CA GLN K 568 -24.09 57.48 2.09
C GLN K 568 -25.43 57.87 1.48
N LYS K 569 -25.42 59.03 0.84
CA LYS K 569 -26.63 59.59 0.25
C LYS K 569 -26.42 59.72 -1.24
N CYS K 570 -27.50 59.65 -2.01
CA CYS K 570 -27.39 59.83 -3.47
C CYS K 570 -28.72 60.20 -4.12
N VAL K 571 -28.61 61.05 -5.13
CA VAL K 571 -29.76 61.61 -5.83
C VAL K 571 -29.27 61.64 -7.28
N VAL K 572 -30.00 60.96 -8.15
CA VAL K 572 -29.68 60.90 -9.57
C VAL K 572 -30.89 60.82 -10.49
N ASN K 573 -30.67 61.24 -11.73
CA ASN K 573 -31.70 61.08 -12.72
C ASN K 573 -31.49 59.85 -13.54
N ILE K 574 -32.58 59.12 -13.72
CA ILE K 574 -32.58 57.87 -14.46
C ILE K 574 -33.24 58.16 -15.78
N ASP K 575 -32.45 58.19 -16.83
CA ASP K 575 -32.94 58.56 -18.14
C ASP K 575 -33.55 57.34 -18.83
N ASN K 576 -34.27 57.59 -19.93
CA ASN K 576 -34.72 56.54 -20.84
C ASN K 576 -35.94 55.79 -20.35
N MET K 577 -36.76 56.49 -19.57
CA MET K 577 -37.95 55.92 -18.96
C MET K 577 -39.19 55.87 -19.83
N SER K 578 -39.36 56.80 -20.78
CA SER K 578 -40.65 56.90 -21.49
C SER K 578 -40.97 55.63 -22.26
N SER K 579 -39.94 54.95 -22.72
CA SER K 579 -40.10 53.66 -23.35
C SER K 579 -40.20 52.51 -22.32
N SER K 580 -39.47 52.63 -21.20
CA SER K 580 -39.34 51.58 -20.16
C SER K 580 -40.58 51.43 -19.27
N ASN K 581 -40.63 50.38 -18.44
CA ASN K 581 -41.78 50.20 -17.53
C ASN K 581 -41.38 49.68 -16.12
N ALA K 582 -40.04 49.63 -15.90
CA ALA K 582 -39.44 49.21 -14.64
C ALA K 582 -37.95 49.59 -14.53
N ILE K 583 -37.45 49.70 -13.30
CA ILE K 583 -36.01 49.87 -13.06
C ILE K 583 -35.48 48.77 -12.14
N PRO K 584 -34.81 47.76 -12.71
CA PRO K 584 -34.09 46.72 -11.94
C PRO K 584 -32.91 47.26 -11.14
N MET K 585 -32.61 46.61 -10.03
CA MET K 585 -31.41 46.90 -9.24
C MET K 585 -30.72 45.64 -8.76
N TRP K 586 -29.39 45.70 -8.73
CA TRP K 586 -28.55 44.61 -8.31
C TRP K 586 -27.27 45.20 -7.82
N MET K 587 -26.49 44.40 -7.13
CA MET K 587 -25.22 44.84 -6.59
C MET K 587 -24.08 44.23 -7.42
N GLU K 588 -22.86 44.75 -7.30
CA GLU K 588 -21.70 44.16 -7.98
C GLU K 588 -20.50 44.31 -7.06
N TRP K 589 -19.59 43.34 -7.06
CA TRP K 589 -18.36 43.44 -6.21
C TRP K 589 -17.06 43.25 -6.93
N GLU K 590 -15.98 43.81 -6.40
CA GLU K 590 -14.66 43.59 -6.96
C GLU K 590 -13.94 42.57 -6.11
N PHE K 591 -14.15 41.31 -6.45
CA PHE K 591 -13.50 40.23 -5.74
C PHE K 591 -12.24 39.90 -6.50
N GLY K 592 -11.09 40.35 -5.98
CA GLY K 592 -9.80 40.26 -6.68
C GLY K 592 -9.78 41.02 -7.99
N GLY K 593 -9.16 40.41 -9.00
CA GLY K 593 -9.15 40.98 -10.37
C GLY K 593 -10.37 40.62 -11.19
N ILE K 594 -11.44 40.20 -10.51
CA ILE K 594 -12.70 39.84 -11.17
C ILE K 594 -13.86 40.60 -10.59
N ASN K 595 -14.91 40.68 -11.37
CA ASN K 595 -16.07 41.46 -11.03
C ASN K 595 -17.27 40.53 -10.87
N LEU K 596 -17.82 40.42 -9.67
CA LEU K 596 -19.02 39.60 -9.51
C LEU K 596 -20.24 40.47 -9.60
N SER K 597 -21.34 39.88 -10.05
CA SER K 597 -22.59 40.58 -10.14
C SER K 597 -23.74 39.72 -9.59
N THR K 598 -24.53 40.27 -8.67
CA THR K 598 -25.68 39.54 -8.13
C THR K 598 -26.88 39.73 -9.05
N GLY K 599 -26.68 40.55 -10.07
CA GLY K 599 -27.73 40.84 -11.05
C GLY K 599 -27.22 40.69 -12.46
N LEU K 600 -27.25 41.81 -13.20
CA LEU K 600 -26.96 41.84 -14.62
C LEU K 600 -25.64 41.18 -14.96
N LEU K 601 -25.68 40.23 -15.89
CA LEU K 601 -24.48 39.48 -16.26
C LEU K 601 -23.89 39.91 -17.62
N SER K 602 -24.79 40.35 -18.53
CA SER K 602 -24.44 40.88 -19.84
C SER K 602 -25.68 41.47 -20.48
N ILE K 603 -25.51 42.16 -21.60
CA ILE K 603 -26.61 42.58 -22.46
C ILE K 603 -26.25 42.20 -23.89
N SER K 604 -27.16 41.53 -24.57
CA SER K 604 -26.89 41.08 -25.91
C SER K 604 -27.02 42.29 -26.83
N SER K 605 -26.96 42.02 -28.14
CA SER K 605 -26.92 43.09 -29.09
C SER K 605 -28.25 43.76 -29.23
N ALA K 606 -29.33 42.97 -29.27
CA ALA K 606 -30.68 43.54 -29.28
C ALA K 606 -31.08 44.11 -27.89
N GLY K 607 -30.12 44.12 -26.95
CA GLY K 607 -30.32 44.67 -25.62
C GLY K 607 -31.17 43.75 -24.76
N VAL K 608 -30.93 42.44 -24.89
CA VAL K 608 -31.61 41.45 -24.03
C VAL K 608 -30.74 41.16 -22.80
N PRO K 609 -31.31 41.45 -21.62
CA PRO K 609 -30.59 41.31 -20.34
C PRO K 609 -30.48 39.86 -19.91
N GLU K 610 -29.26 39.49 -19.48
CA GLU K 610 -29.02 38.23 -18.80
C GLU K 610 -28.80 38.41 -17.28
N TRP K 611 -29.58 37.68 -16.47
CA TRP K 611 -29.52 37.80 -15.01
C TRP K 611 -29.03 36.59 -14.29
N ASN K 612 -28.20 36.81 -13.26
CA ASN K 612 -27.79 35.77 -12.34
C ASN K 612 -28.99 35.00 -11.80
N LYS K 613 -28.92 33.67 -11.94
CA LYS K 613 -30.02 32.80 -11.53
C LYS K 613 -29.95 32.48 -10.03
N GLY K 614 -28.76 32.61 -9.47
CA GLY K 614 -28.58 32.54 -8.04
C GLY K 614 -29.17 33.62 -7.12
N TYR K 615 -29.84 34.65 -7.66
CA TYR K 615 -30.37 35.73 -6.78
C TYR K 615 -31.70 36.24 -7.27
N LYS K 616 -32.50 36.79 -6.36
CA LYS K 616 -33.56 37.69 -6.79
C LYS K 616 -32.92 39.06 -6.97
N GLN K 617 -33.57 39.93 -7.72
CA GLN K 617 -33.03 41.27 -7.83
C GLN K 617 -34.15 42.21 -7.37
N GLY K 618 -33.83 43.49 -7.21
CA GLY K 618 -34.89 44.47 -6.99
C GLY K 618 -35.49 45.00 -8.27
N VAL K 619 -36.75 45.41 -8.22
CA VAL K 619 -37.35 46.09 -9.34
C VAL K 619 -38.34 47.09 -8.80
N TYR K 620 -38.14 48.36 -9.15
CA TYR K 620 -39.16 49.38 -8.95
C TYR K 620 -39.98 49.51 -10.24
N PHE K 621 -41.29 49.57 -10.11
CA PHE K 621 -42.15 49.91 -11.22
C PHE K 621 -42.59 51.36 -11.00
N PRO K 622 -42.42 52.23 -12.04
CA PRO K 622 -42.81 53.63 -11.88
C PRO K 622 -44.25 53.68 -11.46
N ILE K 623 -44.53 54.37 -10.35
CA ILE K 623 -45.89 54.44 -9.82
C ILE K 623 -46.73 55.23 -10.81
N THR K 624 -48.04 55.14 -10.66
CA THR K 624 -48.94 55.59 -11.69
C THR K 624 -48.74 57.05 -12.12
N ALA K 625 -48.32 57.91 -11.20
CA ALA K 625 -48.14 59.33 -11.55
C ALA K 625 -46.87 59.58 -12.32
N LEU K 626 -45.91 58.68 -12.18
CA LEU K 626 -44.63 58.80 -12.85
C LEU K 626 -44.53 57.94 -14.11
N ARG K 627 -45.68 57.42 -14.55
CA ARG K 627 -45.67 56.34 -15.56
C ARG K 627 -45.30 56.85 -16.93
N ASN K 628 -45.45 58.16 -17.17
CA ASN K 628 -45.15 58.71 -18.50
C ASN K 628 -43.87 59.51 -18.62
N ASP K 629 -43.38 59.98 -17.47
CA ASP K 629 -42.17 60.79 -17.37
C ASP K 629 -40.96 60.23 -18.14
N LYS K 630 -40.11 61.11 -18.64
CA LYS K 630 -38.94 60.69 -19.42
C LYS K 630 -37.77 60.27 -18.54
N SER K 631 -37.50 61.05 -17.51
CA SER K 631 -36.48 60.73 -16.52
C SER K 631 -37.13 60.61 -15.16
N LEU K 632 -36.50 59.82 -14.29
CA LEU K 632 -36.98 59.76 -12.93
C LEU K 632 -35.89 60.13 -11.98
N CYS K 633 -36.34 60.62 -10.85
CA CYS K 633 -35.45 60.95 -9.76
C CYS K 633 -35.30 59.79 -8.74
N LEU K 634 -34.08 59.26 -8.63
CA LEU K 634 -33.79 58.19 -7.69
C LEU K 634 -33.04 58.69 -6.47
N HIS K 635 -33.71 58.71 -5.32
CA HIS K 635 -33.03 59.06 -4.05
C HIS K 635 -32.60 57.79 -3.40
N ALA K 636 -31.32 57.66 -3.14
CA ALA K 636 -30.79 56.48 -2.47
C ALA K 636 -30.12 56.88 -1.18
N LEU K 637 -30.25 56.05 -0.16
CA LEU K 637 -29.68 56.36 1.14
C LEU K 637 -29.23 55.13 1.90
N PHE K 638 -27.94 55.06 2.20
CA PHE K 638 -27.43 54.06 3.12
C PHE K 638 -27.12 54.65 4.51
N ASP K 639 -27.63 53.96 5.51
CA ASP K 639 -27.72 54.43 6.88
C ASP K 639 -26.78 53.65 7.78
N LYS K 640 -25.64 54.24 8.11
CA LYS K 640 -24.73 53.68 9.12
C LYS K 640 -25.53 52.97 10.23
N SER K 641 -26.45 53.70 10.84
CA SER K 641 -27.16 53.26 12.04
C SER K 641 -27.83 51.90 11.84
N THR K 642 -28.74 51.83 10.86
CA THR K 642 -29.51 50.61 10.56
C THR K 642 -28.76 49.62 9.68
N GLY K 643 -28.05 50.12 8.68
CA GLY K 643 -27.43 49.26 7.67
C GLY K 643 -28.36 49.03 6.49
N ASP K 644 -29.51 49.70 6.52
CA ASP K 644 -30.53 49.49 5.51
C ASP K 644 -30.24 50.37 4.33
N ILE K 645 -30.95 50.16 3.22
CA ILE K 645 -30.95 51.09 2.12
C ILE K 645 -32.34 51.60 1.78
N ASN K 646 -32.49 52.92 1.70
CA ASN K 646 -33.78 53.50 1.34
C ASN K 646 -33.82 54.17 -0.03
N PHE K 647 -34.94 53.97 -0.73
CA PHE K 647 -35.15 54.49 -2.06
C PHE K 647 -36.38 55.35 -2.15
N GLN K 648 -36.24 56.50 -2.80
CA GLN K 648 -37.40 57.26 -3.16
C GLN K 648 -37.31 57.53 -4.65
N PHE K 649 -38.48 57.53 -5.29
CA PHE K 649 -38.57 57.78 -6.71
C PHE K 649 -39.51 58.92 -6.94
N GLY K 650 -38.99 59.95 -7.60
CA GLY K 650 -39.82 61.11 -7.90
C GLY K 650 -39.68 61.56 -9.33
N LYS K 651 -40.48 62.57 -9.67
CA LYS K 651 -40.33 63.32 -10.91
C LYS K 651 -38.90 63.89 -11.06
N SER K 652 -38.59 64.38 -12.26
CA SER K 652 -37.25 64.82 -12.58
C SER K 652 -37.08 66.29 -12.21
N MET L 9 -23.44 11.08 16.58
CA MET L 9 -22.68 11.23 15.29
C MET L 9 -21.71 12.40 15.36
N PHE L 10 -20.44 12.09 15.13
CA PHE L 10 -19.36 12.99 15.44
C PHE L 10 -18.63 13.50 14.22
N LEU L 11 -18.47 14.80 14.17
CA LEU L 11 -17.86 15.41 13.01
C LEU L 11 -16.41 15.73 13.35
N GLU L 12 -15.52 15.22 12.52
CA GLU L 12 -14.10 15.28 12.76
C GLU L 12 -13.53 16.46 12.00
N LYS L 13 -12.63 17.18 12.65
CA LYS L 13 -12.12 18.44 12.18
C LYS L 13 -10.78 18.59 12.87
N ILE L 14 -9.93 19.53 12.44
CA ILE L 14 -8.62 19.65 13.08
C ILE L 14 -8.39 20.94 13.88
N ASN L 15 -7.89 20.76 15.09
CA ASN L 15 -7.56 21.89 15.89
C ASN L 15 -6.34 22.62 15.36
N GLN L 16 -6.60 23.73 14.70
CA GLN L 16 -5.59 24.41 13.90
C GLN L 16 -4.37 24.92 14.66
N LYS L 17 -4.43 24.97 15.99
CA LYS L 17 -3.25 25.29 16.80
C LYS L 17 -2.39 24.07 17.18
N THR L 18 -3.06 23.00 17.62
CA THR L 18 -2.41 21.90 18.32
C THR L 18 -2.06 20.77 17.38
N GLY L 19 -2.68 20.79 16.19
CA GLY L 19 -2.61 19.70 15.22
C GLY L 19 -3.47 18.52 15.64
N GLU L 20 -4.15 18.63 16.78
CA GLU L 20 -4.98 17.54 17.32
C GLU L 20 -6.36 17.38 16.68
N ARG L 21 -6.60 16.16 16.23
CA ARG L 21 -7.88 15.66 15.77
C ARG L 21 -8.99 15.79 16.83
N GLU L 22 -10.09 16.43 16.46
CA GLU L 22 -11.20 16.69 17.35
C GLU L 22 -12.55 16.42 16.66
N TRP L 23 -13.65 16.58 17.40
CA TRP L 23 -14.98 16.30 16.89
C TRP L 23 -15.98 17.27 17.42
N VAL L 24 -17.15 17.25 16.79
CA VAL L 24 -18.22 18.16 17.10
C VAL L 24 -19.51 17.45 16.73
N VAL L 25 -20.64 17.90 17.27
CA VAL L 25 -21.93 17.35 16.89
C VAL L 25 -22.81 18.42 16.30
N ALA L 26 -23.78 18.00 15.49
CA ALA L 26 -24.85 18.91 15.08
C ALA L 26 -25.55 19.47 16.35
N GLU L 27 -26.15 20.66 16.25
CA GLU L 27 -26.76 21.30 17.44
C GLU L 27 -27.94 20.55 18.05
N GLU L 28 -28.62 19.77 17.22
CA GLU L 28 -29.69 18.90 17.67
C GLU L 28 -29.20 17.90 18.70
N ASP L 29 -28.00 17.37 18.45
CA ASP L 29 -27.41 16.28 19.21
C ASP L 29 -26.53 16.76 20.33
N TYR L 30 -26.56 18.05 20.60
CA TYR L 30 -25.68 18.59 21.60
C TYR L 30 -25.93 18.10 23.01
N ASP L 31 -27.19 18.04 23.44
CA ASP L 31 -27.48 17.60 24.81
C ASP L 31 -27.20 16.10 24.92
N MET L 32 -27.72 15.38 23.94
CA MET L 32 -27.46 13.96 23.76
C MET L 32 -25.96 13.66 23.80
N ALA L 33 -25.17 14.45 23.10
CA ALA L 33 -23.75 14.23 23.19
C ALA L 33 -23.23 14.67 24.55
N GLN L 34 -23.85 15.69 25.15
CA GLN L 34 -23.45 16.12 26.47
C GLN L 34 -23.80 15.12 27.61
N GLU L 35 -24.86 14.33 27.47
CA GLU L 35 -25.16 13.28 28.46
C GLU L 35 -24.17 12.13 28.31
N LEU L 36 -24.01 11.66 27.07
CA LEU L 36 -23.00 10.65 26.66
C LEU L 36 -21.58 10.87 27.20
N ALA L 37 -21.15 12.13 27.21
CA ALA L 37 -19.91 12.50 27.89
C ALA L 37 -19.93 12.07 29.34
N ARG L 38 -20.97 12.50 30.06
CA ARG L 38 -21.10 12.25 31.49
C ARG L 38 -21.43 10.78 31.77
N SER L 39 -21.80 10.02 30.73
CA SER L 39 -22.25 8.63 30.90
C SER L 39 -21.16 7.72 31.45
N ARG L 40 -19.92 8.21 31.52
CA ARG L 40 -18.84 7.43 32.13
C ARG L 40 -18.94 7.52 33.65
N PHE L 41 -19.48 8.62 34.15
CA PHE L 41 -19.60 8.92 35.59
C PHE L 41 -18.25 8.81 36.25
N GLY L 42 -17.35 9.68 35.82
CA GLY L 42 -16.04 9.80 36.44
C GLY L 42 -15.30 8.47 36.49
N ASP L 43 -14.94 8.06 37.69
CA ASP L 43 -14.11 6.87 37.86
C ASP L 43 -14.89 5.59 37.91
N MET L 44 -16.20 5.66 37.69
CA MET L 44 -17.07 4.48 37.84
C MET L 44 -16.54 3.18 37.21
N ILE L 45 -16.31 3.21 35.91
CA ILE L 45 -15.95 1.99 35.16
C ILE L 45 -14.56 1.45 35.57
N LEU L 46 -13.76 2.28 36.26
CA LEU L 46 -12.43 1.87 36.75
C LEU L 46 -12.42 1.66 38.28
N ASP L 47 -13.61 1.52 38.84
CA ASP L 47 -13.75 1.20 40.25
C ASP L 47 -13.80 -0.32 40.27
N PHE L 48 -12.63 -0.89 40.50
CA PHE L 48 -12.42 -2.31 40.36
C PHE L 48 -13.09 -3.03 41.54
N ASP L 49 -13.01 -2.44 42.73
CA ASP L 49 -13.73 -2.99 43.86
C ASP L 49 -15.22 -3.20 43.60
N ARG L 50 -15.83 -2.21 42.93
CA ARG L 50 -17.23 -2.23 42.49
C ARG L 50 -17.50 -3.37 41.49
N ASN L 51 -16.60 -3.54 40.54
CA ASN L 51 -16.81 -4.46 39.44
C ASN L 51 -16.62 -5.89 39.90
N ASP L 52 -15.60 -6.06 40.75
CA ASP L 52 -15.26 -7.35 41.33
C ASP L 52 -16.42 -7.77 42.18
N LYS L 53 -16.87 -6.84 43.04
CA LYS L 53 -17.99 -7.11 43.94
C LYS L 53 -19.29 -7.49 43.20
N PHE L 54 -19.60 -6.80 42.11
CA PHE L 54 -20.80 -7.12 41.32
C PHE L 54 -20.66 -8.45 40.64
N LEU L 55 -19.41 -8.79 40.31
CA LEU L 55 -19.09 -10.06 39.69
C LEU L 55 -19.35 -11.15 40.70
N ALA L 56 -18.94 -10.89 41.94
CA ALA L 56 -19.13 -11.85 43.03
C ALA L 56 -20.59 -12.19 43.22
N GLY L 57 -21.44 -11.18 43.36
CA GLY L 57 -22.87 -11.37 43.51
C GLY L 57 -23.52 -12.09 42.34
N LEU L 58 -23.01 -11.82 41.14
CA LEU L 58 -23.51 -12.50 39.92
C LEU L 58 -23.09 -13.94 39.84
N LYS L 59 -21.96 -14.28 40.44
CA LYS L 59 -21.50 -15.66 40.45
C LYS L 59 -22.34 -16.53 41.43
N THR L 60 -22.58 -16.01 42.64
CA THR L 60 -23.37 -16.65 43.70
C THR L 60 -24.77 -17.00 43.23
N THR L 61 -25.56 -15.95 42.99
CA THR L 61 -26.93 -16.07 42.52
C THR L 61 -27.04 -16.91 41.28
N ILE L 62 -26.21 -16.68 40.28
CA ILE L 62 -26.35 -17.42 39.04
C ILE L 62 -26.21 -18.91 39.32
N ALA L 63 -25.26 -19.26 40.16
CA ALA L 63 -25.03 -20.67 40.46
C ALA L 63 -26.23 -21.21 41.23
N GLU L 64 -26.55 -20.53 42.33
CA GLU L 64 -27.68 -20.89 43.19
C GLU L 64 -28.92 -21.18 42.34
N LYS L 65 -29.16 -20.33 41.34
CA LYS L 65 -30.30 -20.46 40.44
C LYS L 65 -30.16 -21.55 39.37
N LYS L 66 -28.93 -22.02 39.14
CA LYS L 66 -28.73 -23.22 38.29
C LYS L 66 -29.45 -24.42 38.90
N HIS L 67 -29.20 -24.67 40.19
CA HIS L 67 -29.92 -25.69 40.95
C HIS L 67 -31.40 -25.44 41.10
N GLU L 68 -31.78 -24.32 41.76
CA GLU L 68 -33.20 -24.01 42.03
C GLU L 68 -34.06 -24.32 40.80
N ASN L 69 -33.67 -23.78 39.65
CA ASN L 69 -34.36 -24.06 38.37
C ASN L 69 -34.16 -25.51 37.94
N THR L 70 -35.25 -26.18 37.54
CA THR L 70 -35.24 -27.62 37.18
C THR L 70 -34.73 -27.96 35.73
N ASP L 71 -34.98 -27.08 34.77
CA ASP L 71 -34.08 -26.97 33.62
C ASP L 71 -32.88 -26.28 34.26
N GLY L 72 -31.73 -26.25 33.61
CA GLY L 72 -30.57 -25.59 34.24
C GLY L 72 -30.42 -24.13 33.83
N LYS L 73 -31.54 -23.42 33.67
CA LYS L 73 -31.55 -22.22 32.82
C LYS L 73 -31.87 -20.90 33.52
N VAL L 74 -30.93 -19.97 33.42
CA VAL L 74 -31.01 -18.68 34.09
C VAL L 74 -31.23 -17.52 33.12
N HIS L 75 -32.10 -16.59 33.52
CA HIS L 75 -32.36 -15.33 32.81
C HIS L 75 -31.98 -14.22 33.76
N VAL L 76 -31.05 -13.38 33.31
CA VAL L 76 -30.60 -12.22 34.09
C VAL L 76 -31.15 -10.90 33.51
N LEU L 77 -31.56 -10.03 34.43
CA LEU L 77 -32.05 -8.74 34.08
C LEU L 77 -31.06 -7.68 34.56
N ASP L 78 -30.33 -7.10 33.61
CA ASP L 78 -29.39 -6.04 33.87
C ASP L 78 -30.03 -4.68 33.63
N ILE L 79 -30.51 -4.06 34.69
CA ILE L 79 -31.16 -2.76 34.57
C ILE L 79 -30.18 -1.59 34.57
N GLY L 80 -30.13 -0.90 33.45
CA GLY L 80 -29.22 0.24 33.32
C GLY L 80 -27.86 -0.23 32.88
N THR L 81 -27.85 -1.13 31.89
CA THR L 81 -26.62 -1.80 31.47
C THR L 81 -25.39 -0.90 31.27
N GLY L 82 -25.60 0.29 30.70
CA GLY L 82 -24.54 1.23 30.39
C GLY L 82 -23.76 0.75 29.17
N THR L 83 -22.48 0.49 29.40
CA THR L 83 -21.57 -0.16 28.44
C THR L 83 -21.95 -1.60 28.11
N GLY L 84 -22.61 -2.27 29.07
CA GLY L 84 -22.88 -3.71 28.97
C GLY L 84 -22.07 -4.51 29.98
N LEU L 85 -21.26 -3.81 30.78
CA LEU L 85 -20.38 -4.49 31.73
C LEU L 85 -21.05 -5.59 32.55
N LEU L 86 -22.20 -5.33 33.14
CA LEU L 86 -22.86 -6.35 33.98
C LEU L 86 -23.43 -7.48 33.16
N SER L 87 -24.01 -7.14 32.02
CA SER L 87 -24.46 -8.17 31.13
C SER L 87 -23.33 -9.04 30.68
N LEU L 88 -22.20 -8.43 30.35
CA LEU L 88 -21.11 -9.20 29.79
C LEU L 88 -20.71 -10.29 30.76
N MET L 89 -20.38 -9.87 32.00
CA MET L 89 -20.10 -10.76 33.09
C MET L 89 -21.17 -11.87 33.21
N ALA L 90 -22.41 -11.45 33.43
CA ALA L 90 -23.53 -12.38 33.59
C ALA L 90 -23.46 -13.52 32.60
N ALA L 91 -23.41 -13.17 31.31
CA ALA L 91 -23.37 -14.13 30.22
C ALA L 91 -22.11 -15.02 30.29
N ARG L 92 -20.99 -14.41 30.64
CA ARG L 92 -19.74 -15.12 30.82
C ARG L 92 -19.80 -16.06 32.02
N GLU L 93 -20.76 -15.82 32.93
CA GLU L 93 -20.88 -16.71 34.09
C GLU L 93 -21.80 -17.90 33.91
N GLY L 94 -22.28 -18.09 32.69
CA GLY L 94 -23.04 -19.29 32.35
C GLY L 94 -24.53 -19.04 32.23
N ALA L 95 -24.96 -17.80 32.47
CA ALA L 95 -26.38 -17.41 32.36
C ALA L 95 -26.83 -17.61 30.94
N ASP L 96 -28.05 -18.11 30.80
CA ASP L 96 -28.48 -18.68 29.55
C ASP L 96 -29.14 -17.62 28.67
N LYS L 97 -29.61 -16.55 29.31
CA LYS L 97 -30.21 -15.41 28.64
C LYS L 97 -30.05 -14.16 29.49
N VAL L 98 -29.46 -13.14 28.88
CA VAL L 98 -29.25 -11.84 29.53
C VAL L 98 -30.00 -10.78 28.75
N THR L 99 -30.69 -9.90 29.45
CA THR L 99 -31.43 -8.80 28.80
C THR L 99 -31.20 -7.50 29.55
N ALA L 100 -30.41 -6.62 28.92
CA ALA L 100 -30.02 -5.32 29.48
C ALA L 100 -30.96 -4.16 29.10
N LEU L 101 -31.29 -3.32 30.09
CA LEU L 101 -32.07 -2.12 29.85
C LEU L 101 -31.21 -0.89 30.04
N GLU L 102 -31.32 0.06 29.12
CA GLU L 102 -30.67 1.37 29.27
C GLU L 102 -31.61 2.40 28.70
N VAL L 103 -31.93 3.40 29.50
CA VAL L 103 -32.87 4.45 29.10
C VAL L 103 -32.23 5.42 28.07
N PHE L 104 -30.99 5.83 28.35
CA PHE L 104 -30.28 6.75 27.48
C PHE L 104 -29.84 6.03 26.19
N LYS L 105 -30.56 6.32 25.09
CA LYS L 105 -30.40 5.58 23.81
C LYS L 105 -28.98 5.42 23.25
N PRO L 106 -28.19 6.52 23.27
CA PRO L 106 -26.77 6.41 22.88
C PRO L 106 -25.99 5.36 23.66
N MET L 107 -26.22 5.24 24.96
CA MET L 107 -25.66 4.15 25.75
C MET L 107 -26.31 2.80 25.45
N GLY L 108 -27.61 2.82 25.15
CA GLY L 108 -28.31 1.61 24.68
C GLY L 108 -27.53 1.14 23.46
N ASP L 109 -27.54 1.97 22.41
CA ASP L 109 -26.65 1.80 21.24
C ASP L 109 -25.30 1.21 21.55
N CYS L 110 -24.49 1.91 22.36
CA CYS L 110 -23.14 1.47 22.70
C CYS L 110 -23.06 0.01 23.18
N ALA L 111 -23.99 -0.37 24.04
CA ALA L 111 -24.03 -1.72 24.61
C ALA L 111 -24.27 -2.79 23.55
N ARG L 112 -25.39 -2.71 22.81
CA ARG L 112 -25.72 -3.75 21.82
C ARG L 112 -24.55 -3.98 20.88
N HIS L 113 -23.69 -2.98 20.76
CA HIS L 113 -22.53 -3.05 19.91
C HIS L 113 -21.47 -3.86 20.58
N ILE L 114 -20.94 -3.38 21.71
CA ILE L 114 -19.97 -4.14 22.49
C ILE L 114 -20.43 -5.59 22.70
N THR L 115 -21.67 -5.76 23.18
CA THR L 115 -22.22 -7.11 23.38
C THR L 115 -22.33 -7.93 22.09
N SER L 116 -22.76 -7.32 20.98
CA SER L 116 -22.87 -8.08 19.71
C SER L 116 -21.54 -8.67 19.18
N ASN L 117 -20.41 -7.99 19.36
CA ASN L 117 -19.11 -8.59 19.05
C ASN L 117 -18.37 -9.05 20.32
N SER L 118 -19.13 -9.47 21.32
CA SER L 118 -18.54 -10.22 22.41
C SER L 118 -18.67 -11.69 21.99
N PRO L 119 -18.01 -12.61 22.73
CA PRO L 119 -18.32 -14.02 22.48
C PRO L 119 -19.78 -14.41 22.78
N TRP L 120 -20.57 -13.53 23.41
CA TRP L 120 -21.87 -13.97 23.91
C TRP L 120 -23.08 -13.40 23.24
N SER L 121 -22.96 -13.15 21.94
CA SER L 121 -23.93 -12.34 21.22
C SER L 121 -25.36 -12.85 21.27
N ASP L 122 -25.53 -14.17 21.37
CA ASP L 122 -26.87 -14.80 21.39
C ASP L 122 -27.50 -14.88 22.78
N LYS L 123 -26.70 -14.66 23.81
CA LYS L 123 -27.19 -14.63 25.19
C LYS L 123 -27.73 -13.28 25.58
N ILE L 124 -27.06 -12.22 25.09
CA ILE L 124 -27.38 -10.85 25.46
C ILE L 124 -28.21 -10.12 24.40
N THR L 125 -29.22 -9.40 24.87
CA THR L 125 -30.01 -8.51 24.02
C THR L 125 -30.38 -7.22 24.80
N VAL L 126 -30.29 -6.09 24.12
CA VAL L 126 -30.39 -4.74 24.73
C VAL L 126 -31.68 -4.05 24.28
N ILE L 127 -32.61 -3.85 25.21
CA ILE L 127 -33.79 -3.01 24.96
C ILE L 127 -33.44 -1.58 25.35
N SER L 128 -33.74 -0.64 24.46
CA SER L 128 -33.36 0.77 24.64
C SER L 128 -34.46 1.59 25.29
N GLU L 129 -34.86 1.15 26.47
CA GLU L 129 -35.94 1.74 27.23
C GLU L 129 -35.69 1.68 28.73
N ARG L 130 -36.37 2.55 29.48
CA ARG L 130 -36.30 2.53 30.93
C ARG L 130 -37.09 1.38 31.50
N SER L 131 -36.63 0.88 32.65
CA SER L 131 -37.16 -0.35 33.23
C SER L 131 -38.58 -0.18 33.73
N THR L 132 -38.98 1.07 33.96
CA THR L 132 -40.32 1.37 34.48
C THR L 132 -41.37 1.55 33.38
N ASP L 133 -40.91 1.59 32.15
CA ASP L 133 -41.78 1.85 31.03
C ASP L 133 -42.09 0.55 30.26
N VAL L 134 -41.76 -0.62 30.81
CA VAL L 134 -41.93 -1.86 30.04
C VAL L 134 -42.70 -3.00 30.69
N SER L 135 -42.83 -4.10 29.96
CA SER L 135 -43.53 -5.31 30.40
C SER L 135 -43.22 -6.52 29.51
N GLN L 136 -41.99 -6.59 28.99
CA GLN L 136 -41.47 -7.81 28.33
C GLN L 136 -39.92 -7.80 28.20
N SER L 140 -41.07 -13.94 28.71
CA SER L 140 -40.80 -14.72 29.94
C SER L 140 -39.89 -14.03 31.03
N ARG L 141 -40.27 -14.20 32.30
CA ARG L 141 -39.74 -13.36 33.38
C ARG L 141 -38.41 -13.83 33.96
N ALA L 142 -37.56 -12.87 34.34
CA ALA L 142 -36.18 -13.09 34.86
C ALA L 142 -36.06 -13.68 36.27
N ASP L 143 -34.97 -14.43 36.49
CA ASP L 143 -34.69 -15.08 37.77
C ASP L 143 -33.76 -14.25 38.57
N ILE L 144 -32.94 -13.45 37.89
CA ILE L 144 -32.05 -12.55 38.61
C ILE L 144 -32.13 -11.14 38.03
N ILE L 145 -32.22 -10.15 38.92
CA ILE L 145 -32.08 -8.75 38.54
C ILE L 145 -30.73 -8.28 39.01
N VAL L 146 -30.07 -7.50 38.18
CA VAL L 146 -28.84 -6.81 38.59
C VAL L 146 -28.86 -5.33 38.17
N ALA L 147 -28.50 -4.44 39.09
CA ALA L 147 -28.41 -3.04 38.73
C ALA L 147 -27.43 -2.30 39.62
N GLU L 148 -26.55 -1.51 39.01
CA GLU L 148 -25.82 -0.50 39.75
C GLU L 148 -26.39 0.82 39.28
N VAL L 149 -27.06 1.48 40.22
CA VAL L 149 -28.05 2.50 39.89
C VAL L 149 -28.22 3.27 41.21
N PHE L 150 -27.08 3.32 41.93
CA PHE L 150 -26.89 3.98 43.21
C PHE L 150 -25.95 5.20 43.12
N ASP L 151 -26.28 6.29 43.81
CA ASP L 151 -25.40 7.43 43.81
C ASP L 151 -24.88 7.50 45.21
N THR L 152 -24.29 8.63 45.57
CA THR L 152 -23.73 8.75 46.89
C THR L 152 -24.82 8.55 47.92
N GLU L 153 -25.96 9.21 47.73
CA GLU L 153 -27.10 9.15 48.64
C GLU L 153 -27.82 7.79 48.55
N LEU L 154 -27.18 6.83 47.87
CA LEU L 154 -27.75 5.50 47.57
C LEU L 154 -29.02 5.55 46.70
N ILE L 155 -30.04 6.31 47.14
CA ILE L 155 -31.39 6.31 46.49
C ILE L 155 -31.64 7.47 45.46
N GLY L 156 -30.77 8.49 45.45
CA GLY L 156 -30.94 9.68 44.59
C GLY L 156 -31.07 9.46 43.09
N GLU L 157 -30.79 8.24 42.63
CA GLU L 157 -30.86 7.88 41.20
C GLU L 157 -32.05 6.93 40.92
N GLY L 158 -33.02 6.86 41.83
CA GLY L 158 -34.27 6.10 41.63
C GLY L 158 -34.28 4.59 41.84
N ALA L 159 -33.28 4.07 42.55
CA ALA L 159 -33.11 2.63 42.72
C ALA L 159 -34.33 1.96 43.38
N LEU L 160 -34.98 2.68 44.30
CA LEU L 160 -36.17 2.14 45.01
C LEU L 160 -37.28 1.70 44.06
N ARG L 161 -37.71 2.60 43.19
CA ARG L 161 -38.72 2.30 42.20
C ARG L 161 -38.24 1.30 41.14
N THR L 162 -36.96 1.38 40.78
CA THR L 162 -36.43 0.49 39.76
C THR L 162 -36.56 -0.97 40.20
N PHE L 163 -36.20 -1.25 41.44
CA PHE L 163 -36.26 -2.61 41.99
C PHE L 163 -37.73 -3.03 42.25
N LYS L 164 -38.45 -2.15 42.97
CA LYS L 164 -39.90 -2.27 43.21
C LYS L 164 -40.64 -2.74 41.96
N GLU L 165 -40.73 -1.87 40.97
CA GLU L 165 -41.58 -2.11 39.82
C GLU L 165 -41.04 -3.21 38.89
N ALA L 166 -39.72 -3.33 38.87
CA ALA L 166 -39.05 -4.39 38.15
C ALA L 166 -39.40 -5.78 38.74
N LEU L 167 -39.29 -5.90 40.07
CA LEU L 167 -39.67 -7.11 40.82
C LEU L 167 -41.12 -7.57 40.58
N GLU L 168 -42.02 -6.59 40.57
CA GLU L 168 -43.45 -6.87 40.58
C GLU L 168 -44.07 -7.01 39.17
N ARG L 169 -43.24 -7.02 38.14
CA ARG L 169 -43.74 -7.13 36.77
C ARG L 169 -42.82 -8.00 35.91
N LEU L 170 -41.53 -7.70 35.98
CA LEU L 170 -40.52 -8.28 35.10
C LEU L 170 -39.79 -9.48 35.74
N ALA L 171 -40.22 -9.89 36.93
CA ALA L 171 -39.52 -10.98 37.65
C ALA L 171 -40.35 -12.23 37.85
N LYS L 172 -39.66 -13.36 37.93
CA LYS L 172 -40.19 -14.59 38.49
C LYS L 172 -40.31 -14.37 40.00
N PRO L 173 -41.23 -15.09 40.66
CA PRO L 173 -41.30 -15.05 42.13
C PRO L 173 -40.04 -15.68 42.76
N GLY L 174 -39.55 -15.09 43.85
CA GLY L 174 -38.32 -15.56 44.48
C GLY L 174 -37.09 -15.23 43.64
N CYS L 175 -37.27 -14.29 42.70
CA CYS L 175 -36.18 -13.71 41.93
C CYS L 175 -35.06 -13.26 42.87
N ARG L 176 -33.82 -13.33 42.41
CA ARG L 176 -32.76 -12.77 43.23
C ARG L 176 -32.14 -11.53 42.64
N VAL L 177 -31.63 -10.66 43.50
CA VAL L 177 -31.14 -9.36 43.03
C VAL L 177 -29.77 -8.95 43.59
N VAL L 178 -28.92 -8.47 42.68
CA VAL L 178 -27.56 -8.03 42.97
C VAL L 178 -27.56 -6.50 42.75
N PRO L 179 -27.38 -5.71 43.84
CA PRO L 179 -27.19 -6.24 45.20
C PRO L 179 -28.51 -6.62 45.85
N SER L 180 -28.46 -7.54 46.81
CA SER L 180 -29.65 -8.04 47.48
C SER L 180 -30.15 -7.12 48.58
N THR L 181 -29.22 -6.49 49.30
CA THR L 181 -29.53 -5.70 50.48
C THR L 181 -28.58 -4.50 50.66
N GLY L 182 -28.93 -3.58 51.57
CA GLY L 182 -28.05 -2.47 51.89
C GLY L 182 -28.44 -1.80 53.18
N ASN L 183 -27.48 -1.08 53.77
CA ASN L 183 -27.70 -0.18 54.91
C ASN L 183 -27.18 1.22 54.63
N VAL L 184 -27.80 2.23 55.23
CA VAL L 184 -27.17 3.55 55.28
C VAL L 184 -26.86 3.87 56.74
N TYR L 185 -25.61 4.32 56.98
CA TYR L 185 -25.08 4.72 58.29
C TYR L 185 -24.89 6.23 58.46
N ILE L 186 -25.12 6.71 59.69
CA ILE L 186 -24.75 8.09 60.09
C ILE L 186 -23.93 8.13 61.39
N VAL L 187 -22.81 8.88 61.34
CA VAL L 187 -21.93 9.15 62.50
C VAL L 187 -22.01 10.63 62.88
N PRO L 188 -22.54 10.96 64.07
CA PRO L 188 -22.47 12.34 64.50
C PRO L 188 -21.04 12.67 64.87
N VAL L 189 -20.71 13.94 64.77
CA VAL L 189 -19.34 14.35 64.76
C VAL L 189 -19.37 15.78 65.23
N GLU L 190 -18.51 16.09 66.19
CA GLU L 190 -18.17 17.46 66.53
C GLU L 190 -16.98 17.79 65.62
N SER L 191 -17.08 18.92 64.93
CA SER L 191 -16.13 19.31 63.90
C SER L 191 -16.41 20.74 63.56
N HIS L 192 -15.39 21.58 63.76
CA HIS L 192 -15.54 22.99 63.51
C HIS L 192 -15.49 23.25 62.03
N LEU L 193 -14.65 22.50 61.35
CA LEU L 193 -14.47 22.62 59.92
C LEU L 193 -15.81 22.57 59.17
N LEU L 194 -16.64 21.60 59.55
CA LEU L 194 -17.84 21.27 58.80
C LEU L 194 -19.02 22.13 59.15
N LYS L 195 -19.07 22.60 60.40
CA LYS L 195 -19.99 23.66 60.79
C LYS L 195 -19.89 24.89 59.87
N MET L 196 -18.68 25.14 59.38
CA MET L 196 -18.37 26.28 58.50
C MET L 196 -19.03 26.23 57.11
N PHE L 197 -19.30 25.04 56.59
CA PHE L 197 -20.08 24.91 55.36
C PHE L 197 -21.57 25.27 55.55
N ASN L 198 -22.08 25.20 56.76
CA ASN L 198 -23.49 25.49 56.93
C ASN L 198 -23.82 26.75 57.73
N ASP L 199 -22.83 27.29 58.42
CA ASP L 199 -23.18 28.29 59.41
C ASP L 199 -23.43 29.64 58.79
N ILE L 200 -24.59 30.21 59.09
CA ILE L 200 -24.86 31.59 58.72
C ILE L 200 -23.80 32.50 59.38
N PRO L 201 -22.94 33.12 58.56
CA PRO L 201 -21.68 33.69 59.07
C PRO L 201 -21.91 34.81 60.05
N ARG L 202 -21.27 34.72 61.21
CA ARG L 202 -21.44 35.72 62.27
C ARG L 202 -20.32 36.74 62.30
N LEU L 203 -20.73 38.01 62.14
CA LEU L 203 -19.78 39.09 62.03
C LEU L 203 -18.91 39.18 63.27
N ASN L 204 -19.52 38.96 64.43
CA ASN L 204 -18.77 39.07 65.69
C ASN L 204 -18.51 37.74 66.43
N GLY L 205 -18.27 36.68 65.65
CA GLY L 205 -17.81 35.37 66.12
C GLY L 205 -18.58 34.66 67.23
N GLU L 206 -19.87 34.96 67.36
CA GLU L 206 -20.63 34.61 68.57
C GLU L 206 -21.99 33.91 68.38
N LYS L 207 -22.20 32.83 69.14
CA LYS L 207 -23.56 32.43 69.51
C LYS L 207 -23.93 33.49 70.57
N ASP L 208 -25.16 34.03 70.60
CA ASP L 208 -26.32 33.60 69.82
C ASP L 208 -26.67 34.58 68.69
N GLU L 209 -25.65 35.07 67.98
CA GLU L 209 -25.87 35.90 66.80
C GLU L 209 -26.65 35.12 65.74
N GLU L 210 -27.74 35.69 65.27
CA GLU L 210 -28.53 35.10 64.18
C GLU L 210 -29.18 36.20 63.31
N PRO L 211 -28.39 36.75 62.35
CA PRO L 211 -28.75 37.96 61.61
C PRO L 211 -29.75 37.71 60.48
N LEU L 212 -29.80 36.47 59.99
CA LEU L 212 -30.79 36.08 59.01
C LEU L 212 -31.85 35.12 59.56
N GLY L 213 -31.95 35.03 60.89
CA GLY L 213 -32.88 34.10 61.55
C GLY L 213 -32.24 32.73 61.72
N ARG L 214 -32.98 31.66 61.39
CA ARG L 214 -32.44 30.29 61.51
C ARG L 214 -32.73 29.45 60.27
N CYS L 215 -31.71 28.81 59.73
CA CYS L 215 -31.85 27.93 58.57
C CYS L 215 -31.29 26.58 58.96
N SER L 216 -31.84 25.54 58.37
CA SER L 216 -31.24 24.22 58.37
C SER L 216 -30.26 24.02 57.20
N GLY L 217 -30.06 25.06 56.39
CA GLY L 217 -29.16 24.98 55.24
C GLY L 217 -29.74 24.34 53.99
N THR L 218 -28.88 24.01 53.02
CA THR L 218 -29.33 23.62 51.70
C THR L 218 -29.65 22.14 51.71
N ALA L 219 -30.76 21.78 51.07
CA ALA L 219 -31.29 20.41 51.08
C ALA L 219 -30.59 19.52 50.07
N ALA L 220 -30.12 20.12 48.99
CA ALA L 220 -29.31 19.40 48.05
C ALA L 220 -28.21 18.66 48.85
N VAL L 221 -27.95 17.43 48.42
CA VAL L 221 -26.97 16.57 49.09
C VAL L 221 -25.65 17.30 49.12
N PHE L 222 -24.87 17.05 50.15
CA PHE L 222 -23.53 17.59 50.19
C PHE L 222 -22.59 16.42 50.27
N ASP L 223 -22.01 16.07 49.12
CA ASP L 223 -21.12 14.90 49.06
C ASP L 223 -19.63 15.25 49.12
N VAL L 224 -18.94 14.65 50.09
CA VAL L 224 -17.51 14.85 50.19
C VAL L 224 -16.71 13.55 50.45
N GLN L 225 -15.55 13.45 49.82
CA GLN L 225 -14.50 12.47 50.16
C GLN L 225 -13.97 12.71 51.58
N LEU L 226 -14.58 12.06 52.58
CA LEU L 226 -14.32 12.40 53.98
C LEU L 226 -13.00 11.82 54.51
N SER L 227 -12.43 10.86 53.76
CA SER L 227 -11.07 10.30 53.99
C SER L 227 -9.88 11.32 53.88
N GLU L 228 -10.15 12.53 53.41
CA GLU L 228 -9.12 13.54 53.24
C GLU L 228 -9.16 14.56 54.37
N MET L 229 -10.23 14.48 55.16
CA MET L 229 -10.35 15.21 56.41
C MET L 229 -9.21 14.80 57.35
N LYS L 230 -8.76 15.72 58.20
CA LYS L 230 -7.64 15.50 59.12
C LYS L 230 -8.13 15.20 60.55
N THR L 231 -7.39 14.34 61.26
CA THR L 231 -8.01 13.58 62.37
C THR L 231 -8.51 14.46 63.51
N HIS L 232 -7.93 15.65 63.65
CA HIS L 232 -8.35 16.62 64.66
C HIS L 232 -9.41 17.55 64.13
N GLU L 233 -9.66 17.50 62.82
CA GLU L 233 -10.68 18.32 62.18
C GLU L 233 -12.08 17.80 62.50
N PHE L 234 -12.17 16.66 63.19
CA PHE L 234 -13.46 16.05 63.57
C PHE L 234 -13.35 15.13 64.80
N ARG L 235 -14.49 14.85 65.44
CA ARG L 235 -14.52 14.02 66.63
C ARG L 235 -15.82 13.23 66.69
N GLU L 236 -15.75 11.90 66.55
CA GLU L 236 -16.95 11.07 66.62
C GLU L 236 -17.58 11.01 68.00
N LEU L 237 -18.84 11.45 68.12
CA LEU L 237 -19.52 11.40 69.41
C LEU L 237 -20.21 10.06 69.70
N SER L 238 -20.00 9.06 68.84
CA SER L 238 -20.78 7.79 68.88
C SER L 238 -20.43 6.76 67.75
N GLU L 239 -20.71 5.48 68.00
CA GLU L 239 -20.55 4.44 66.98
C GLU L 239 -21.55 4.68 65.81
N PRO L 240 -21.24 4.17 64.60
CA PRO L 240 -22.18 4.41 63.52
C PRO L 240 -23.56 3.86 63.84
N ILE L 241 -24.61 4.64 63.60
CA ILE L 241 -25.95 4.15 63.84
C ILE L 241 -26.64 3.89 62.52
N VAL L 242 -27.40 2.80 62.46
CA VAL L 242 -28.08 2.42 61.22
C VAL L 242 -29.36 3.25 61.07
N ALA L 243 -29.34 4.13 60.06
CA ALA L 243 -30.46 5.00 59.78
C ALA L 243 -31.53 4.26 59.02
N PHE L 244 -31.11 3.48 58.02
CA PHE L 244 -32.04 2.70 57.21
C PHE L 244 -31.43 1.38 56.79
N LYS L 245 -32.30 0.43 56.48
CA LYS L 245 -31.89 -0.83 55.94
C LYS L 245 -32.78 -1.04 54.74
N PHE L 246 -32.22 -1.58 53.67
CA PHE L 246 -33.00 -1.75 52.49
C PHE L 246 -32.87 -3.18 52.04
N ASP L 247 -33.98 -3.73 51.59
CA ASP L 247 -34.01 -5.05 51.03
C ASP L 247 -34.43 -4.86 49.60
N PHE L 248 -33.53 -5.06 48.66
CA PHE L 248 -33.85 -4.91 47.24
C PHE L 248 -34.54 -6.13 46.64
N GLU L 249 -34.58 -7.24 47.37
CA GLU L 249 -35.17 -8.49 46.89
C GLU L 249 -36.71 -8.69 47.20
N HIS L 250 -37.24 -8.11 48.27
CA HIS L 250 -38.72 -8.21 48.45
C HIS L 250 -39.53 -6.94 48.25
N GLU L 251 -40.32 -6.91 47.17
CA GLU L 251 -40.99 -5.68 46.68
C GLU L 251 -41.76 -4.85 47.72
N GLU L 252 -42.36 -5.51 48.69
CA GLU L 252 -43.21 -4.84 49.65
C GLU L 252 -42.34 -4.24 50.78
N LYS L 253 -41.03 -4.50 50.73
CA LYS L 253 -40.12 -3.90 51.70
C LYS L 253 -39.60 -2.56 51.18
N ILE L 254 -39.91 -2.25 49.92
CA ILE L 254 -39.39 -1.03 49.30
C ILE L 254 -40.45 0.06 49.43
N ILE L 255 -40.21 1.00 50.36
CA ILE L 255 -41.17 2.04 50.69
C ILE L 255 -40.52 3.38 50.46
N PHE L 256 -41.20 4.22 49.67
CA PHE L 256 -40.63 5.45 49.14
C PHE L 256 -40.42 6.51 50.20
N ASP L 257 -41.47 6.81 50.95
CA ASP L 257 -41.39 7.74 52.06
C ASP L 257 -41.37 6.96 53.35
N GLU L 258 -40.34 7.18 54.17
CA GLU L 258 -40.11 6.46 55.42
C GLU L 258 -39.52 7.44 56.41
N SER L 259 -39.75 7.17 57.69
CA SER L 259 -39.12 7.86 58.83
C SER L 259 -39.02 6.90 60.02
N PHE L 260 -37.91 6.93 60.76
CA PHE L 260 -37.70 6.11 61.97
C PHE L 260 -37.00 6.93 63.04
N VAL L 261 -37.25 6.67 64.31
CA VAL L 261 -36.42 7.30 65.33
C VAL L 261 -35.36 6.30 65.73
N ARG L 262 -34.11 6.60 65.40
CA ARG L 262 -33.00 5.71 65.73
C ARG L 262 -32.25 6.14 66.97
N GLU L 263 -31.76 5.14 67.70
CA GLU L 263 -31.10 5.33 69.01
C GLU L 263 -29.62 4.95 68.94
N ALA L 264 -28.79 5.67 69.69
CA ALA L 264 -27.40 5.24 69.98
C ALA L 264 -27.01 5.77 71.34
N VAL L 265 -25.86 5.31 71.84
CA VAL L 265 -25.27 5.82 73.10
C VAL L 265 -24.01 6.62 72.80
N ALA L 266 -23.96 7.84 73.32
CA ALA L 266 -22.81 8.71 73.09
C ALA L 266 -21.61 8.15 73.81
N HIS L 267 -20.47 8.12 73.14
CA HIS L 267 -19.24 7.69 73.81
C HIS L 267 -18.35 8.85 74.27
N SER L 268 -18.28 9.91 73.47
CA SER L 268 -17.78 11.19 73.98
C SER L 268 -18.97 12.11 74.24
N SER L 269 -18.71 13.24 74.89
CA SER L 269 -19.71 14.28 75.06
C SER L 269 -19.47 15.38 74.01
N GLY L 270 -20.27 16.43 74.02
CA GLY L 270 -20.11 17.51 73.05
C GLY L 270 -21.32 17.71 72.14
N THR L 271 -21.07 18.42 71.03
CA THR L 271 -22.15 18.92 70.16
C THR L 271 -22.04 18.39 68.72
N ILE L 272 -23.11 17.71 68.27
CA ILE L 272 -23.22 17.18 66.89
C ILE L 272 -23.16 18.29 65.83
N ASP L 273 -22.05 18.35 65.12
CA ASP L 273 -21.83 19.48 64.25
C ASP L 273 -22.32 19.16 62.85
N ALA L 274 -22.33 17.86 62.56
CA ALA L 274 -22.67 17.34 61.26
C ALA L 274 -22.92 15.84 61.45
N LEU L 275 -23.81 15.27 60.64
CA LEU L 275 -23.93 13.81 60.57
C LEU L 275 -23.22 13.38 59.33
N LEU L 276 -22.55 12.23 59.37
CA LEU L 276 -21.78 11.77 58.24
C LEU L 276 -22.37 10.51 57.69
N MET L 277 -23.02 10.61 56.54
CA MET L 277 -23.68 9.42 56.04
C MET L 277 -22.81 8.71 55.07
N TRP L 278 -22.97 7.40 55.01
CA TRP L 278 -22.48 6.63 53.90
C TRP L 278 -23.18 5.30 53.92
N TRP L 279 -22.92 4.47 52.91
CA TRP L 279 -23.64 3.20 52.78
C TRP L 279 -22.80 1.98 52.52
N ASP L 280 -23.38 0.81 52.76
CA ASP L 280 -22.86 -0.44 52.22
C ASP L 280 -23.94 -1.33 51.62
N ILE L 281 -23.54 -2.21 50.71
CA ILE L 281 -24.48 -3.13 50.13
C ILE L 281 -23.91 -4.53 50.18
N ASP L 282 -24.80 -5.52 50.30
CA ASP L 282 -24.47 -6.92 50.31
C ASP L 282 -24.83 -7.50 48.96
N MET L 283 -23.80 -7.81 48.19
CA MET L 283 -23.97 -8.16 46.80
C MET L 283 -24.82 -9.41 46.59
N ASP L 284 -24.90 -10.28 47.60
CA ASP L 284 -25.64 -11.54 47.44
C ASP L 284 -26.43 -11.98 48.64
N ARG L 285 -26.36 -11.19 49.72
CA ARG L 285 -27.11 -11.44 50.94
C ARG L 285 -26.46 -12.45 51.88
N ASN L 286 -25.28 -12.93 51.51
CA ASN L 286 -24.65 -14.00 52.29
C ASN L 286 -23.75 -13.50 53.41
N GLY L 287 -23.90 -12.22 53.75
CA GLY L 287 -23.06 -11.58 54.77
C GLY L 287 -21.58 -11.52 54.41
N THR L 288 -21.23 -11.87 53.17
CA THR L 288 -19.80 -12.05 52.83
C THR L 288 -19.14 -10.90 52.03
N THR L 289 -19.76 -10.56 50.89
CA THR L 289 -19.19 -9.66 49.90
C THR L 289 -19.89 -8.26 49.89
N PHE L 290 -19.17 -7.23 50.31
CA PHE L 290 -19.69 -5.85 50.41
C PHE L 290 -18.97 -4.77 49.60
N ILE L 291 -19.75 -3.82 49.10
CA ILE L 291 -19.20 -2.50 48.74
C ILE L 291 -19.56 -1.62 49.93
N ASP L 292 -18.53 -1.12 50.62
CA ASP L 292 -18.67 -0.31 51.84
C ASP L 292 -18.10 1.07 51.50
N MET L 293 -18.87 2.13 51.71
CA MET L 293 -18.45 3.51 51.38
C MET L 293 -17.87 4.23 52.58
N GLY L 294 -17.60 3.48 53.65
CA GLY L 294 -16.93 4.06 54.83
C GLY L 294 -15.67 4.82 54.42
N PRO L 295 -15.30 5.82 55.17
CA PRO L 295 -14.10 6.54 54.77
C PRO L 295 -12.85 5.76 55.25
N LYS L 296 -11.67 6.10 54.72
CA LYS L 296 -10.38 5.44 55.06
C LYS L 296 -10.20 5.14 56.54
N TRP L 297 -10.61 6.09 57.37
CA TRP L 297 -10.57 5.96 58.84
C TRP L 297 -11.72 5.19 59.51
N LYS L 298 -12.54 4.45 58.75
CA LYS L 298 -13.58 3.53 59.27
C LYS L 298 -14.06 2.54 58.20
N ASN L 299 -13.13 2.12 57.37
CA ASN L 299 -13.37 1.15 56.32
C ASN L 299 -12.11 0.30 56.29
N LYS L 300 -11.87 -0.35 57.43
CA LYS L 300 -10.55 -0.85 57.77
C LYS L 300 -9.93 -1.83 56.75
N ASN L 301 -10.77 -2.68 56.15
CA ASN L 301 -10.30 -3.57 55.10
C ASN L 301 -10.99 -3.26 53.79
N ASN L 302 -12.23 -2.81 53.92
CA ASN L 302 -13.12 -2.72 52.78
C ASN L 302 -12.92 -1.43 51.99
N TYR L 303 -11.93 -0.61 52.36
CA TYR L 303 -11.69 0.67 51.66
C TYR L 303 -11.17 0.51 50.22
N ALA L 304 -11.78 1.27 49.31
CA ALA L 304 -11.24 1.47 47.98
C ALA L 304 -11.57 2.90 47.63
N TRP L 305 -10.63 3.60 46.99
CA TRP L 305 -10.91 4.94 46.55
C TRP L 305 -11.87 4.89 45.39
N ARG L 306 -12.85 5.78 45.43
CA ARG L 306 -13.67 6.14 44.27
C ARG L 306 -14.14 7.58 44.36
N ASP L 307 -14.55 8.11 43.21
CA ASP L 307 -15.08 9.47 43.22
C ASP L 307 -16.56 9.51 42.91
N HIS L 308 -17.00 8.63 42.03
CA HIS L 308 -18.39 8.62 41.63
C HIS L 308 -19.30 8.32 42.81
N TRP L 309 -18.80 7.57 43.79
CA TRP L 309 -19.41 7.44 45.11
C TRP L 309 -18.53 8.05 46.18
N MET L 310 -19.12 8.43 47.30
CA MET L 310 -18.46 9.31 48.22
C MET L 310 -19.33 9.29 49.49
N GLN L 311 -18.94 9.98 50.55
CA GLN L 311 -19.80 10.10 51.73
C GLN L 311 -20.54 11.40 51.66
N ALA L 312 -21.51 11.54 52.54
CA ALA L 312 -22.21 12.80 52.58
C ALA L 312 -22.14 13.40 53.95
N VAL L 313 -22.62 14.62 54.07
CA VAL L 313 -22.67 15.23 55.36
C VAL L 313 -23.98 15.97 55.40
N TYR L 314 -24.68 15.83 56.52
CA TYR L 314 -25.98 16.45 56.68
C TYR L 314 -25.99 17.21 57.97
N TYR L 315 -26.88 18.19 58.01
CA TYR L 315 -27.05 19.08 59.16
C TYR L 315 -28.42 18.97 59.76
N LEU L 316 -28.44 19.03 61.11
CA LEU L 316 -29.67 19.11 61.89
C LEU L 316 -30.18 20.56 61.97
N PRO L 317 -31.49 20.77 61.76
CA PRO L 317 -31.98 22.16 61.80
C PRO L 317 -31.56 23.00 63.02
N GLU L 318 -31.68 22.44 64.22
CA GLU L 318 -31.31 23.09 65.48
C GLU L 318 -30.17 22.34 66.15
N LYS L 319 -29.56 23.04 67.12
CA LYS L 319 -28.40 22.53 67.83
C LYS L 319 -28.75 21.30 68.71
N LYS L 320 -27.82 20.35 68.79
CA LYS L 320 -28.04 19.21 69.64
C LYS L 320 -26.75 18.80 70.29
N LYS L 321 -26.70 19.03 71.60
CA LYS L 321 -25.61 18.57 72.43
C LYS L 321 -25.86 17.09 72.77
N VAL L 322 -24.78 16.40 73.11
CA VAL L 322 -24.88 14.98 73.39
C VAL L 322 -23.90 14.65 74.52
N GLU L 323 -24.22 13.62 75.29
CA GLU L 323 -23.56 13.37 76.57
C GLU L 323 -23.13 11.90 76.74
N MET L 324 -21.90 11.68 77.21
CA MET L 324 -21.39 10.35 77.55
C MET L 324 -21.81 9.99 78.98
N ASN L 325 -22.33 8.79 79.28
CA ASN L 325 -22.75 7.75 78.33
C ASN L 325 -24.28 7.81 78.26
N GLN L 326 -24.83 8.84 77.62
CA GLN L 326 -26.29 8.98 77.44
C GLN L 326 -26.83 8.55 76.07
N THR L 327 -27.95 7.83 76.12
CA THR L 327 -28.83 7.65 74.97
C THR L 327 -29.23 9.00 74.35
N PHE L 328 -29.27 9.04 73.02
CA PHE L 328 -29.81 10.18 72.25
C PHE L 328 -30.48 9.63 71.01
N GLU L 329 -31.38 10.42 70.44
CA GLU L 329 -32.07 9.97 69.25
C GLU L 329 -31.93 10.96 68.10
N ILE L 330 -31.93 10.39 66.88
CA ILE L 330 -31.92 11.14 65.63
C ILE L 330 -33.00 10.55 64.70
N VAL L 331 -33.92 11.41 64.29
CA VAL L 331 -34.96 11.02 63.34
C VAL L 331 -34.36 10.91 61.94
N CYS L 332 -34.38 9.71 61.38
CA CYS L 332 -33.91 9.46 60.02
C CYS L 332 -35.06 9.44 59.01
N ASN L 333 -34.98 10.26 57.96
CA ASN L 333 -36.05 10.34 56.99
C ASN L 333 -35.53 10.13 55.57
N HIS L 334 -36.42 9.65 54.69
CA HIS L 334 -36.17 9.70 53.25
C HIS L 334 -37.49 9.75 52.47
N ASP L 335 -37.45 10.34 51.29
CA ASP L 335 -38.53 10.16 50.34
C ASP L 335 -37.93 9.35 49.21
N GLU L 336 -38.57 9.33 48.05
CA GLU L 336 -38.10 8.48 46.97
C GLU L 336 -36.63 8.72 46.61
N PHE L 337 -36.14 9.94 46.81
CA PHE L 337 -34.81 10.32 46.29
C PHE L 337 -33.84 10.87 47.32
N SER L 338 -34.34 11.50 48.36
CA SER L 338 -33.43 12.15 49.28
C SER L 338 -33.53 11.63 50.67
N LEU L 339 -32.44 11.86 51.41
CA LEU L 339 -32.30 11.65 52.84
C LEU L 339 -32.26 12.98 53.62
N TRP L 340 -32.78 12.99 54.83
CA TRP L 340 -32.49 14.05 55.78
C TRP L 340 -32.69 13.56 57.17
N PHE L 341 -32.19 14.36 58.11
CA PHE L 341 -32.18 14.00 59.51
C PHE L 341 -32.69 15.14 60.34
N SER L 342 -33.51 14.80 61.33
CA SER L 342 -34.12 15.78 62.21
C SER L 342 -34.10 15.37 63.70
N ASN L 343 -34.63 16.28 64.52
CA ASN L 343 -34.63 16.13 65.97
C ASN L 343 -35.95 15.61 66.45
N VAL L 344 -35.86 14.78 67.48
CA VAL L 344 -37.01 14.34 68.22
C VAL L 344 -37.88 15.54 68.58
N GLY L 345 -39.16 15.42 68.28
CA GLY L 345 -40.12 16.46 68.60
C GLY L 345 -40.35 17.47 67.50
N LYS L 346 -39.43 17.53 66.54
CA LYS L 346 -39.52 18.56 65.52
C LYS L 346 -39.98 18.05 64.14
N ASP L 347 -40.14 18.96 63.19
CA ASP L 347 -40.73 18.66 61.87
C ASP L 347 -39.96 17.58 61.12
N LYS L 348 -40.69 16.72 60.41
CA LYS L 348 -40.06 15.61 59.71
C LYS L 348 -40.13 15.73 58.18
N SER L 349 -40.88 16.74 57.70
CA SER L 349 -40.84 17.12 56.27
C SER L 349 -39.42 17.58 55.98
N ARG L 350 -38.98 17.36 54.74
CA ARG L 350 -37.66 17.79 54.31
C ARG L 350 -37.62 19.31 54.42
N SER L 351 -36.53 19.86 54.95
CA SER L 351 -36.38 21.33 55.06
C SER L 351 -35.56 22.01 53.93
N TYR L 352 -35.92 23.24 53.61
CA TYR L 352 -35.20 24.00 52.58
C TYR L 352 -34.62 25.29 53.10
N CYS L 353 -33.49 25.69 52.52
CA CYS L 353 -32.79 26.93 52.88
C CYS L 353 -33.82 28.01 53.03
N VAL L 354 -34.02 28.48 54.25
CA VAL L 354 -34.87 29.65 54.48
C VAL L 354 -33.98 30.85 54.83
N CYS L 355 -32.67 30.60 55.13
CA CYS L 355 -31.69 31.68 55.40
C CYS L 355 -32.00 32.76 54.38
N GLY L 356 -32.14 32.33 53.12
CA GLY L 356 -32.08 33.19 51.94
C GLY L 356 -30.64 33.09 51.45
N LEU L 357 -29.72 32.92 52.39
CA LEU L 357 -28.31 32.79 52.06
C LEU L 357 -27.90 31.41 51.50
N HIS L 358 -28.49 30.32 52.02
CA HIS L 358 -28.12 28.98 51.57
C HIS L 358 -28.38 28.73 50.07
N SER L 359 -29.48 29.27 49.56
CA SER L 359 -29.87 29.08 48.17
C SER L 359 -28.98 29.92 47.27
N MET L 360 -28.26 30.88 47.87
CA MET L 360 -27.38 31.73 47.10
C MET L 360 -26.04 31.04 46.81
N LEU L 361 -25.31 30.70 47.86
CA LEU L 361 -23.95 30.21 47.66
C LEU L 361 -23.77 28.71 47.64
N SER L 362 -22.65 28.30 47.07
CA SER L 362 -22.27 26.91 47.12
C SER L 362 -21.89 26.67 48.57
N ARG L 363 -21.51 25.43 48.89
CA ARG L 363 -20.99 25.11 50.20
C ARG L 363 -19.55 25.63 50.43
N GLN L 364 -18.69 25.57 49.40
CA GLN L 364 -17.36 26.16 49.56
C GLN L 364 -17.52 27.61 49.99
N THR L 365 -18.43 28.31 49.34
CA THR L 365 -18.50 29.75 49.52
C THR L 365 -18.98 30.10 50.92
N VAL L 366 -19.98 29.37 51.41
CA VAL L 366 -20.33 29.44 52.82
C VAL L 366 -19.11 29.20 53.75
N TYR L 367 -18.34 28.16 53.49
CA TYR L 367 -17.07 28.01 54.18
C TYR L 367 -16.28 29.32 54.13
N HIS L 368 -15.98 29.76 52.91
CA HIS L 368 -15.14 30.95 52.66
C HIS L 368 -15.43 32.10 53.57
N VAL L 369 -16.67 32.58 53.50
CA VAL L 369 -17.10 33.72 54.29
C VAL L 369 -16.86 33.52 55.79
N ASN L 370 -17.03 32.28 56.26
CA ASN L 370 -16.78 31.94 57.65
C ASN L 370 -15.29 31.94 57.93
N GLU L 371 -14.52 31.26 57.07
CA GLU L 371 -13.07 31.32 57.15
C GLU L 371 -12.58 32.78 57.32
N MET L 372 -13.05 33.65 56.44
CA MET L 372 -12.81 35.08 56.47
C MET L 372 -13.22 35.80 57.78
N PHE L 373 -14.46 35.59 58.23
CA PHE L 373 -15.04 36.29 59.40
C PHE L 373 -14.34 35.97 60.74
N GLU L 374 -13.79 34.76 60.84
CA GLU L 374 -13.10 34.32 62.06
C GLU L 374 -11.65 34.71 62.01
N ASN L 375 -11.15 34.95 60.80
CA ASN L 375 -9.75 35.26 60.59
C ASN L 375 -9.28 36.62 61.16
N GLN L 376 -8.53 36.56 62.26
CA GLN L 376 -8.02 37.76 62.93
C GLN L 376 -7.00 38.50 62.06
N LYS L 377 -6.15 37.73 61.37
CA LYS L 377 -5.18 38.25 60.42
C LYS L 377 -5.89 39.03 59.29
N PHE L 378 -6.65 38.30 58.47
CA PHE L 378 -7.27 38.89 57.29
C PHE L 378 -7.92 40.19 57.72
N LYS L 379 -8.69 40.14 58.80
CA LYS L 379 -9.42 41.30 59.30
C LYS L 379 -8.52 42.46 59.70
N ASP L 380 -7.31 42.14 60.21
CA ASP L 380 -6.33 43.14 60.65
C ASP L 380 -5.89 44.04 59.53
N GLU L 381 -5.73 43.46 58.35
CA GLU L 381 -5.52 44.23 57.14
C GLU L 381 -6.80 45.03 56.80
N VAL L 382 -7.96 44.41 57.06
CA VAL L 382 -9.26 45.04 56.77
C VAL L 382 -9.50 46.26 57.64
N ASP L 383 -9.26 46.18 58.95
CA ASP L 383 -9.34 47.41 59.77
C ASP L 383 -8.16 48.37 59.53
N LYS L 384 -7.00 47.82 59.13
CA LYS L 384 -5.80 48.62 58.89
C LYS L 384 -6.06 49.63 57.79
N LEU L 385 -6.29 49.14 56.57
CA LEU L 385 -6.47 50.01 55.42
C LEU L 385 -7.83 50.71 55.42
N SER L 386 -8.47 50.80 56.58
CA SER L 386 -9.84 51.31 56.66
C SER L 386 -10.17 52.26 57.81
N LYS L 387 -9.28 52.38 58.82
CA LYS L 387 -9.51 53.33 59.94
C LYS L 387 -9.93 54.70 59.41
N GLY L 388 -11.05 55.21 59.92
CA GLY L 388 -11.57 56.54 59.55
C GLY L 388 -11.68 56.94 58.09
N LEU L 389 -11.23 56.08 57.17
CA LEU L 389 -11.39 56.30 55.73
C LEU L 389 -12.81 55.92 55.29
N HIS L 390 -13.14 56.23 54.03
CA HIS L 390 -14.43 55.85 53.46
C HIS L 390 -14.23 54.80 52.40
N VAL L 391 -14.69 53.58 52.69
CA VAL L 391 -14.52 52.45 51.77
C VAL L 391 -15.75 52.10 50.92
N ALA L 392 -15.48 51.81 49.65
CA ALA L 392 -16.46 51.25 48.73
C ALA L 392 -16.09 49.81 48.44
N THR L 393 -17.12 48.96 48.25
CA THR L 393 -16.92 47.55 47.95
C THR L 393 -17.42 47.22 46.57
N VAL L 394 -16.59 46.51 45.81
CA VAL L 394 -17.10 45.87 44.60
C VAL L 394 -17.14 44.37 44.75
N GLY L 395 -18.27 43.80 44.30
CA GLY L 395 -18.39 42.36 44.15
C GLY L 395 -19.84 41.94 43.99
N GLU L 396 -20.04 40.65 43.75
CA GLU L 396 -21.36 40.06 43.82
C GLU L 396 -21.32 38.92 44.85
N GLY L 397 -22.06 39.11 45.93
CA GLY L 397 -22.02 38.18 47.06
C GLY L 397 -20.83 38.38 47.99
N SER L 398 -20.10 39.48 47.77
CA SER L 398 -18.90 39.71 48.54
C SER L 398 -19.30 40.47 49.79
N PHE L 399 -18.72 39.98 50.90
CA PHE L 399 -19.10 40.35 52.25
C PHE L 399 -18.19 41.41 52.90
N LEU L 400 -17.07 41.71 52.23
CA LEU L 400 -16.03 42.64 52.73
C LEU L 400 -16.54 43.89 53.41
N GLY L 401 -17.39 44.62 52.70
CA GLY L 401 -18.03 45.79 53.31
C GLY L 401 -18.38 45.64 54.80
N LEU L 402 -18.92 44.47 55.18
CA LEU L 402 -19.30 44.21 56.57
C LEU L 402 -18.07 44.07 57.49
N LEU L 403 -16.98 43.57 56.95
CA LEU L 403 -15.73 43.54 57.70
C LEU L 403 -15.10 44.92 57.81
N ALA L 404 -15.04 45.63 56.67
CA ALA L 404 -14.48 46.97 56.61
C ALA L 404 -15.29 48.02 57.40
N ALA L 405 -16.54 47.70 57.68
CA ALA L 405 -17.40 48.60 58.46
C ALA L 405 -16.90 48.68 59.89
N LYS L 406 -15.92 47.85 60.22
CA LYS L 406 -15.36 47.79 61.57
C LYS L 406 -14.59 49.05 61.89
N THR L 407 -13.96 49.63 60.86
CA THR L 407 -13.16 50.83 61.05
C THR L 407 -13.59 51.96 60.12
N ALA L 408 -13.93 51.62 58.88
CA ALA L 408 -14.27 52.63 57.87
C ALA L 408 -15.24 53.67 58.43
N LYS L 409 -14.96 54.94 58.16
CA LYS L 409 -15.89 56.03 58.50
C LYS L 409 -17.19 55.80 57.75
N ARG L 410 -17.06 55.31 56.53
CA ARG L 410 -18.21 55.08 55.66
C ARG L 410 -18.01 53.78 54.88
N VAL L 411 -19.09 53.00 54.76
CA VAL L 411 -19.07 51.82 53.89
C VAL L 411 -20.18 51.82 52.83
N THR L 412 -19.75 51.92 51.58
CA THR L 412 -20.67 51.82 50.48
C THR L 412 -20.40 50.47 49.82
N ILE L 413 -21.37 49.54 49.95
CA ILE L 413 -21.29 48.23 49.28
C ILE L 413 -21.97 48.35 47.94
N ILE L 414 -21.31 47.85 46.90
CA ILE L 414 -21.87 47.89 45.54
C ILE L 414 -22.23 46.50 45.07
N ASP L 415 -23.53 46.21 45.04
CA ASP L 415 -23.96 44.86 44.64
C ASP L 415 -25.17 44.90 43.74
N GLY L 416 -24.97 44.52 42.48
CA GLY L 416 -26.06 44.48 41.50
C GLY L 416 -27.14 43.47 41.85
N ASN L 417 -26.78 42.46 42.65
CA ASN L 417 -27.71 41.39 43.06
C ASN L 417 -28.67 41.78 44.21
N GLU L 418 -29.92 42.08 43.83
CA GLU L 418 -30.97 42.43 44.76
C GLU L 418 -31.19 41.46 45.92
N ARG L 419 -30.84 40.18 45.75
CA ARG L 419 -31.01 39.21 46.83
C ARG L 419 -29.87 39.29 47.85
N PHE L 420 -28.65 39.58 47.40
CA PHE L 420 -27.53 39.88 48.34
C PHE L 420 -27.70 41.22 49.04
N ARG L 421 -27.97 42.29 48.29
CA ARG L 421 -28.34 43.56 48.93
C ARG L 421 -29.30 43.28 50.08
N ASP L 422 -30.47 42.69 49.78
CA ASP L 422 -31.44 42.27 50.79
C ASP L 422 -30.75 41.71 52.05
N ILE L 423 -29.81 40.79 51.86
CA ILE L 423 -29.12 40.09 52.98
C ILE L 423 -28.18 40.99 53.74
N PHE L 424 -27.41 41.80 53.03
CA PHE L 424 -26.52 42.72 53.69
C PHE L 424 -27.34 43.74 54.47
N PHE L 425 -28.46 44.19 53.86
CA PHE L 425 -29.40 45.07 54.53
C PHE L 425 -29.97 44.45 55.80
N LYS L 426 -29.95 43.12 55.87
CA LYS L 426 -30.39 42.39 57.05
C LYS L 426 -29.32 42.44 58.16
N TYR L 427 -28.07 42.18 57.80
CA TYR L 427 -26.95 42.37 58.70
C TYR L 427 -26.94 43.81 59.26
N ILE L 428 -26.70 44.82 58.44
CA ILE L 428 -26.58 46.17 59.02
C ILE L 428 -27.67 46.34 60.10
N HIS L 429 -28.93 46.08 59.74
CA HIS L 429 -30.09 46.18 60.66
C HIS L 429 -29.95 45.38 61.89
N TYR L 430 -29.20 44.28 61.78
CA TYR L 430 -29.05 43.40 62.90
C TYR L 430 -27.93 43.86 63.82
N TYR L 431 -26.81 44.26 63.23
CA TYR L 431 -25.70 44.79 63.99
C TYR L 431 -25.79 46.30 64.20
N LYS L 432 -26.99 46.84 63.95
CA LYS L 432 -27.29 48.28 63.98
C LYS L 432 -26.19 49.13 63.35
N LEU L 433 -25.60 48.62 62.27
CA LEU L 433 -24.37 49.18 61.71
C LEU L 433 -24.50 50.64 61.25
N THR L 434 -23.80 51.51 61.96
CA THR L 434 -23.93 52.98 61.90
C THR L 434 -23.58 53.60 60.53
N ASN L 435 -22.59 52.98 59.87
CA ASN L 435 -21.79 53.60 58.81
C ASN L 435 -21.79 52.84 57.47
N VAL L 436 -22.98 52.42 57.03
CA VAL L 436 -23.12 51.61 55.79
C VAL L 436 -24.44 51.77 55.00
N GLU L 437 -24.27 52.05 53.71
CA GLU L 437 -25.37 52.12 52.75
C GLU L 437 -25.03 51.12 51.61
N ILE L 438 -26.01 50.82 50.75
CA ILE L 438 -25.80 49.81 49.71
C ILE L 438 -26.33 50.29 48.36
N ILE L 439 -25.55 50.09 47.31
CA ILE L 439 -25.99 50.49 45.96
C ILE L 439 -25.87 49.39 44.93
N GLU L 440 -26.76 49.47 43.94
CA GLU L 440 -26.76 48.49 42.90
C GLU L 440 -25.59 48.69 41.92
N LYS L 441 -25.53 49.90 41.32
CA LYS L 441 -24.62 50.17 40.20
C LYS L 441 -23.36 50.91 40.63
N VAL L 442 -22.23 50.60 39.98
CA VAL L 442 -20.96 51.31 40.24
C VAL L 442 -21.06 52.76 39.81
N THR L 443 -21.80 52.98 38.74
CA THR L 443 -22.05 54.31 38.20
C THR L 443 -22.93 55.09 39.18
N SER L 444 -23.33 54.44 40.28
CA SER L 444 -24.17 55.06 41.29
C SER L 444 -23.36 55.62 42.45
N LEU L 445 -22.05 55.54 42.35
CA LEU L 445 -21.23 55.90 43.47
C LEU L 445 -20.59 57.27 43.19
N THR L 446 -21.35 58.33 43.52
CA THR L 446 -21.05 59.69 43.04
C THR L 446 -20.32 60.62 44.01
N ASP L 447 -19.68 60.04 45.03
CA ASP L 447 -18.70 60.74 45.87
C ASP L 447 -17.35 60.08 45.63
N SER L 448 -16.27 60.81 45.87
CA SER L 448 -14.95 60.20 45.72
C SER L 448 -14.60 59.28 46.89
N PRO L 449 -14.09 58.07 46.58
CA PRO L 449 -13.77 57.09 47.59
C PRO L 449 -12.28 56.98 47.84
N ASP L 450 -11.88 57.31 49.06
CA ASP L 450 -10.51 57.14 49.48
C ASP L 450 -9.95 55.80 48.96
N ILE L 451 -10.66 54.70 49.25
CA ILE L 451 -10.24 53.35 48.82
C ILE L 451 -11.39 52.46 48.32
N VAL L 452 -11.09 51.64 47.31
CA VAL L 452 -11.94 50.51 46.90
C VAL L 452 -11.37 49.16 47.37
N LEU L 453 -12.25 48.37 47.98
CA LEU L 453 -11.93 47.03 48.45
C LEU L 453 -12.72 45.98 47.70
N ALA L 454 -12.04 44.92 47.28
CA ALA L 454 -12.73 43.76 46.71
C ALA L 454 -12.14 42.50 47.29
N GLU L 455 -12.53 41.36 46.76
CA GLU L 455 -11.87 40.09 47.07
C GLU L 455 -10.91 39.58 45.99
N PRO L 456 -11.30 39.57 44.70
CA PRO L 456 -12.58 39.84 44.06
C PRO L 456 -13.49 38.59 44.04
N PHE L 457 -14.69 38.74 44.58
CA PHE L 457 -15.64 37.65 44.55
C PHE L 457 -16.92 38.07 43.85
N TYR L 458 -17.22 37.39 42.75
CA TYR L 458 -18.49 37.51 42.04
C TYR L 458 -19.08 36.12 41.94
N MET L 459 -20.19 35.87 42.63
CA MET L 459 -20.75 34.53 42.67
C MET L 459 -21.15 34.01 41.28
N SER L 460 -21.64 34.93 40.46
CA SER L 460 -22.09 34.57 39.13
C SER L 460 -20.94 34.00 38.31
N ALA L 461 -19.70 34.37 38.67
CA ALA L 461 -18.48 33.96 37.95
C ALA L 461 -18.52 32.50 37.48
N MET L 462 -18.42 32.31 36.17
CA MET L 462 -18.66 31.01 35.57
C MET L 462 -17.57 30.01 35.93
N ASN L 463 -16.33 30.45 35.89
CA ASN L 463 -15.21 29.58 36.27
C ASN L 463 -14.45 30.13 37.46
N PRO L 464 -13.91 29.23 38.30
CA PRO L 464 -13.45 29.65 39.62
C PRO L 464 -12.15 30.46 39.62
N TRP L 465 -11.48 30.55 38.48
CA TRP L 465 -10.33 31.46 38.33
C TRP L 465 -10.80 32.79 37.81
N ASN L 466 -11.91 32.75 37.07
CA ASN L 466 -12.45 33.90 36.39
C ASN L 466 -13.40 34.76 37.24
N HIS L 467 -12.83 35.46 38.22
CA HIS L 467 -13.57 36.45 38.99
C HIS L 467 -13.18 37.80 38.49
N LEU L 468 -12.77 37.80 37.22
CA LEU L 468 -12.12 38.94 36.60
C LEU L 468 -13.09 40.03 36.21
N ARG L 469 -14.37 39.67 36.09
CA ARG L 469 -15.41 40.66 36.01
C ARG L 469 -15.04 41.89 36.88
N PHE L 470 -14.27 41.65 37.94
CA PHE L 470 -13.65 42.69 38.75
C PHE L 470 -13.02 43.84 37.96
N LEU L 471 -12.33 43.49 36.90
CA LEU L 471 -11.58 44.45 36.11
C LEU L 471 -12.43 45.58 35.51
N TYR L 472 -13.52 45.21 34.83
CA TYR L 472 -14.44 46.20 34.24
C TYR L 472 -15.03 47.19 35.26
N ASP L 473 -15.22 46.74 36.50
CA ASP L 473 -15.82 47.56 37.55
C ASP L 473 -14.89 48.67 37.93
N VAL L 474 -13.64 48.31 38.19
CA VAL L 474 -12.64 49.28 38.57
C VAL L 474 -12.33 50.09 37.33
N GLU L 475 -12.35 49.44 36.17
CA GLU L 475 -12.19 50.19 34.94
C GLU L 475 -13.14 51.38 34.94
N VAL L 476 -14.37 51.16 35.39
CA VAL L 476 -15.36 52.22 35.49
C VAL L 476 -15.11 53.14 36.68
N LEU L 477 -14.65 52.58 37.78
CA LEU L 477 -14.39 53.38 38.99
C LEU L 477 -13.32 54.43 38.73
N LYS L 478 -12.27 53.99 38.01
CA LYS L 478 -11.19 54.85 37.56
C LYS L 478 -11.74 55.98 36.68
N MET L 479 -12.34 55.64 35.54
CA MET L 479 -12.86 56.65 34.61
C MET L 479 -13.67 57.72 35.32
N MET L 480 -14.45 57.27 36.30
CA MET L 480 -15.33 58.16 37.04
C MET L 480 -14.57 58.99 38.09
N HIS L 481 -13.73 58.33 38.90
CA HIS L 481 -13.06 59.04 40.00
C HIS L 481 -11.56 59.22 39.89
N GLY L 482 -11.03 59.09 38.67
CA GLY L 482 -9.62 59.29 38.43
C GLY L 482 -8.83 58.00 38.40
N ASP L 483 -8.18 57.74 37.26
CA ASP L 483 -7.32 56.58 37.04
C ASP L 483 -6.39 56.26 38.22
N GLU L 484 -5.83 57.30 38.84
CA GLU L 484 -5.12 57.14 40.10
C GLU L 484 -6.10 57.19 41.26
N LEU L 485 -6.35 56.03 41.87
CA LEU L 485 -7.27 55.88 43.01
C LEU L 485 -6.83 54.71 43.88
N ARG L 486 -6.92 54.91 45.19
CA ARG L 486 -6.64 53.87 46.17
C ARG L 486 -7.50 52.60 45.92
N VAL L 487 -6.94 51.68 45.13
CA VAL L 487 -7.65 50.48 44.66
C VAL L 487 -7.10 49.18 45.26
N GLU L 488 -7.97 48.40 45.91
CA GLU L 488 -7.52 47.15 46.53
C GLU L 488 -8.41 45.92 46.27
N PRO L 489 -7.80 44.77 45.92
CA PRO L 489 -6.37 44.50 45.82
C PRO L 489 -5.72 45.23 44.64
N HIS L 490 -4.38 45.26 44.60
CA HIS L 490 -3.67 45.96 43.51
C HIS L 490 -3.10 45.08 42.44
N MET L 491 -2.95 43.79 42.72
CA MET L 491 -2.31 42.89 41.77
C MET L 491 -2.93 41.49 41.72
N GLY L 492 -2.98 40.91 40.52
CA GLY L 492 -3.58 39.61 40.29
C GLY L 492 -2.79 38.78 39.31
N VAL L 493 -2.90 37.46 39.44
CA VAL L 493 -2.15 36.52 38.60
C VAL L 493 -2.76 35.11 38.63
N LEU L 494 -3.06 34.59 37.44
CA LEU L 494 -3.51 33.22 37.24
C LEU L 494 -2.31 32.32 37.18
N LYS L 495 -2.19 31.46 38.20
CA LYS L 495 -1.06 30.56 38.27
C LYS L 495 -1.46 29.09 38.36
N ALA L 496 -0.83 28.30 37.49
CA ALA L 496 -0.96 26.84 37.44
C ALA L 496 0.09 26.14 38.34
N ILE L 497 0.28 24.83 38.16
CA ILE L 497 1.27 24.01 38.89
C ILE L 497 1.17 22.53 38.41
N PRO L 498 2.29 21.78 38.39
CA PRO L 498 2.16 20.37 37.95
C PRO L 498 1.93 19.43 39.14
N GLU L 499 0.87 18.61 39.04
CA GLU L 499 0.50 17.72 40.16
C GLU L 499 0.36 16.25 39.80
N LYS L 500 0.61 15.42 40.82
CA LYS L 500 0.43 13.97 40.77
C LYS L 500 -0.45 13.55 41.98
N PHE L 501 -1.74 13.44 41.72
CA PHE L 501 -2.70 12.95 42.69
C PHE L 501 -2.57 11.44 42.82
N GLU L 502 -2.77 10.99 44.06
CA GLU L 502 -3.06 9.61 44.39
C GLU L 502 -4.05 9.00 43.35
N ASP L 503 -5.22 9.65 43.18
CA ASP L 503 -6.36 8.96 42.52
C ASP L 503 -7.17 9.73 41.50
N LEU L 504 -7.24 11.05 41.68
CA LEU L 504 -8.14 11.91 40.92
C LEU L 504 -8.07 11.63 39.42
N GLN L 505 -6.86 11.46 38.91
CA GLN L 505 -6.60 11.11 37.50
C GLN L 505 -7.66 10.22 36.86
N ASN L 506 -8.12 9.20 37.58
CA ASN L 506 -9.03 8.20 37.01
C ASN L 506 -10.41 8.69 36.60
N ILE L 507 -10.85 9.85 37.06
CA ILE L 507 -12.16 10.35 36.58
C ILE L 507 -12.10 10.64 35.08
N ALA L 508 -10.89 10.86 34.58
CA ALA L 508 -10.67 11.25 33.18
C ALA L 508 -9.88 10.26 32.30
N SER L 509 -9.10 9.37 32.92
CA SER L 509 -8.36 8.32 32.20
C SER L 509 -9.21 7.49 31.24
N ASP L 510 -8.58 6.79 30.33
CA ASP L 510 -9.30 5.86 29.46
C ASP L 510 -9.66 4.59 30.21
N VAL L 511 -10.22 3.62 29.47
CA VAL L 511 -10.87 2.48 30.10
C VAL L 511 -10.37 1.14 29.54
N GLY L 512 -10.31 1.03 28.21
CA GLY L 512 -9.75 -0.13 27.53
C GLY L 512 -10.40 -1.44 27.90
N THR L 513 -9.67 -2.24 28.67
CA THR L 513 -10.18 -3.51 29.14
C THR L 513 -10.42 -3.49 30.64
N VAL L 514 -11.62 -3.89 31.00
CA VAL L 514 -12.06 -3.97 32.39
C VAL L 514 -12.60 -5.38 32.64
N ASN L 515 -12.08 -6.02 33.69
CA ASN L 515 -12.41 -7.42 34.01
C ASN L 515 -12.27 -8.33 32.79
N GLY L 516 -11.09 -8.27 32.18
CA GLY L 516 -10.85 -8.99 30.95
C GLY L 516 -11.98 -8.74 29.98
N PHE L 517 -12.56 -7.54 30.03
CA PHE L 517 -13.61 -7.13 29.08
C PHE L 517 -13.18 -5.89 28.34
N ASP L 518 -13.41 -5.89 27.02
CA ASP L 518 -12.90 -4.82 26.17
C ASP L 518 -13.93 -3.74 25.84
N LEU L 519 -13.89 -2.68 26.63
CA LEU L 519 -14.81 -1.55 26.54
C LEU L 519 -14.13 -0.37 25.85
N SER L 520 -13.11 -0.68 25.05
CA SER L 520 -12.35 0.31 24.27
C SER L 520 -13.28 1.17 23.41
N PHE L 521 -14.24 0.51 22.75
CA PHE L 521 -15.19 1.17 21.88
C PHE L 521 -15.96 2.31 22.57
N PHE L 522 -16.49 2.08 23.76
CA PHE L 522 -17.09 3.15 24.54
C PHE L 522 -16.11 4.34 24.65
N ASP L 523 -14.88 4.11 25.13
CA ASP L 523 -13.80 5.13 25.16
C ASP L 523 -13.73 6.02 23.89
N GLU L 524 -14.03 5.43 22.74
CA GLU L 524 -14.14 6.12 21.46
C GLU L 524 -15.23 7.19 21.56
N ILE L 525 -16.50 6.76 21.59
CA ILE L 525 -17.64 7.70 21.65
C ILE L 525 -17.57 8.66 22.86
N SER L 526 -17.12 8.15 23.99
CA SER L 526 -16.94 8.98 25.19
C SER L 526 -15.87 10.05 24.96
N THR L 527 -14.80 9.69 24.27
CA THR L 527 -13.76 10.69 24.06
C THR L 527 -14.30 11.71 23.04
N LYS L 528 -14.95 11.22 22.00
CA LYS L 528 -15.59 12.08 21.01
C LYS L 528 -16.52 13.11 21.67
N ALA L 529 -17.45 12.62 22.51
CA ALA L 529 -18.42 13.49 23.20
C ALA L 529 -17.73 14.53 24.04
N ARG L 530 -16.77 14.06 24.84
CA ARG L 530 -16.11 14.95 25.77
C ARG L 530 -15.27 15.98 25.05
N THR L 531 -14.71 15.62 23.91
CA THR L 531 -13.95 16.60 23.15
C THR L 531 -14.90 17.66 22.52
N ALA L 532 -16.11 17.22 22.18
CA ALA L 532 -17.10 18.01 21.49
C ALA L 532 -18.00 18.82 22.40
N THR L 533 -18.11 18.45 23.66
CA THR L 533 -19.00 19.20 24.57
C THR L 533 -18.37 19.74 25.84
N ASP L 534 -17.19 19.25 26.21
CA ASP L 534 -16.65 19.62 27.54
C ASP L 534 -15.77 20.83 27.51
N ALA L 535 -15.63 21.46 28.66
CA ALA L 535 -14.58 22.45 28.89
C ALA L 535 -13.26 21.67 28.84
N ILE L 536 -12.16 22.32 28.54
CA ILE L 536 -10.91 21.57 28.47
C ILE L 536 -10.33 21.53 29.88
N VAL L 537 -10.65 22.57 30.66
CA VAL L 537 -10.32 22.61 32.09
C VAL L 537 -11.54 22.34 32.97
N ASP L 538 -11.43 21.32 33.80
CA ASP L 538 -12.45 20.91 34.73
C ASP L 538 -12.27 21.70 36.05
N GLU L 539 -13.33 21.77 36.86
CA GLU L 539 -13.23 22.40 38.18
C GLU L 539 -13.47 21.37 39.29
N GLN L 540 -12.66 21.47 40.34
CA GLN L 540 -12.72 20.54 41.51
C GLN L 540 -12.35 21.17 42.88
N SER L 541 -12.87 20.56 43.96
CA SER L 541 -12.45 20.86 45.33
C SER L 541 -11.18 20.06 45.66
N LEU L 542 -10.02 20.64 45.34
CA LEU L 542 -8.79 19.89 45.31
C LEU L 542 -8.38 19.41 46.68
N TRP L 543 -8.75 20.16 47.72
CA TRP L 543 -8.50 19.74 49.10
C TRP L 543 -9.15 18.42 49.45
N GLU L 544 -9.82 17.79 48.48
CA GLU L 544 -10.50 16.51 48.68
C GLU L 544 -9.81 15.40 47.91
N TYR L 545 -8.66 15.72 47.34
CA TYR L 545 -7.92 14.78 46.51
C TYR L 545 -6.46 14.90 46.87
N ALA L 546 -5.89 13.76 47.25
CA ALA L 546 -4.55 13.69 47.82
C ALA L 546 -3.52 13.85 46.73
N GLY L 547 -2.42 14.51 47.07
CA GLY L 547 -1.45 14.78 46.04
C GLY L 547 -0.14 15.32 46.52
N ILE L 548 0.91 14.91 45.82
CA ILE L 548 2.24 15.37 46.11
C ILE L 548 2.67 16.18 44.91
N VAL L 549 2.77 17.50 45.11
CA VAL L 549 3.11 18.40 44.02
C VAL L 549 4.54 18.12 43.52
N LYS L 550 4.75 18.35 42.23
CA LYS L 550 5.90 17.79 41.52
C LYS L 550 6.81 18.85 40.86
N GLY L 551 6.20 19.83 40.22
CA GLY L 551 6.94 20.97 39.71
C GLY L 551 6.99 22.04 40.77
N ASP L 552 6.63 23.26 40.38
CA ASP L 552 6.63 24.42 41.27
C ASP L 552 5.74 25.51 40.66
N ALA L 553 5.04 26.27 41.52
CA ALA L 553 4.03 27.28 41.10
C ALA L 553 4.47 28.18 39.93
N VAL L 554 3.67 28.28 38.87
CA VAL L 554 4.07 29.09 37.68
C VAL L 554 3.07 30.22 37.20
N GLU L 555 3.60 31.39 36.83
CA GLU L 555 2.80 32.54 36.38
C GLU L 555 2.34 32.44 34.93
N ILE L 556 1.05 32.15 34.74
CA ILE L 556 0.48 32.03 33.40
C ILE L 556 -0.01 33.37 32.87
N LEU L 557 -0.39 34.27 33.76
CA LEU L 557 -1.00 35.53 33.36
C LEU L 557 -0.75 36.73 34.27
N ARG L 558 -0.16 37.78 33.72
CA ARG L 558 0.02 39.01 34.46
C ARG L 558 -1.24 39.88 34.41
N PHE L 559 -1.70 40.35 35.58
CA PHE L 559 -2.90 41.19 35.68
C PHE L 559 -2.71 42.47 36.49
N PRO L 560 -2.02 43.48 35.91
CA PRO L 560 -1.93 44.70 36.69
C PRO L 560 -3.26 45.45 36.66
N ILE L 561 -3.55 46.17 37.73
CA ILE L 561 -4.61 47.15 37.68
C ILE L 561 -4.02 48.48 37.14
N ASP L 562 -4.85 49.51 37.01
CA ASP L 562 -4.42 50.77 36.41
C ASP L 562 -4.05 50.51 34.93
N GLY L 563 -5.01 49.97 34.20
CA GLY L 563 -4.87 49.62 32.80
C GLY L 563 -6.23 49.60 32.10
N ARG L 564 -6.21 49.51 30.78
CA ARG L 564 -7.43 49.52 29.98
C ARG L 564 -8.03 48.11 29.79
N VAL L 565 -8.89 47.96 28.78
CA VAL L 565 -9.60 46.68 28.52
C VAL L 565 -8.65 45.60 27.93
N SER L 566 -7.83 45.05 28.82
CA SER L 566 -6.54 44.46 28.45
C SER L 566 -6.54 42.98 28.08
N SER L 567 -6.86 42.70 26.82
CA SER L 567 -6.85 41.33 26.30
C SER L 567 -5.41 40.82 26.15
N GLN L 568 -5.21 39.56 26.54
CA GLN L 568 -3.86 38.99 26.70
C GLN L 568 -3.70 37.70 25.89
N LYS L 569 -2.47 37.20 25.87
CA LYS L 569 -2.12 35.92 25.26
C LYS L 569 -0.89 35.44 26.02
N CYS L 570 -0.70 34.12 26.14
CA CYS L 570 0.38 33.61 26.98
C CYS L 570 0.70 32.14 26.74
N VAL L 571 1.26 31.85 25.57
CA VAL L 571 1.68 30.49 25.22
C VAL L 571 2.95 30.12 25.99
N VAL L 572 2.84 29.10 26.84
CA VAL L 572 3.87 28.74 27.84
C VAL L 572 4.00 27.21 28.09
N ASN L 573 5.07 26.82 28.78
CA ASN L 573 5.42 25.40 28.96
C ASN L 573 5.50 24.91 30.40
N ILE L 574 4.96 23.70 30.61
CA ILE L 574 4.80 23.11 31.95
C ILE L 574 5.75 21.92 32.14
N ASP L 575 6.56 21.96 33.21
CA ASP L 575 7.66 21.00 33.42
C ASP L 575 7.47 20.03 34.60
N ASN L 576 7.71 18.73 34.34
CA ASN L 576 7.51 17.59 35.28
C ASN L 576 6.47 16.57 34.78
N MET L 577 5.79 16.92 33.70
CA MET L 577 4.60 16.20 33.20
C MET L 577 4.71 14.70 32.96
N SER L 578 5.92 14.15 33.06
CA SER L 578 6.15 12.73 32.81
C SER L 578 5.63 11.90 33.98
N SER L 579 5.99 12.32 35.18
CA SER L 579 5.46 11.74 36.41
C SER L 579 4.53 12.75 37.10
N SER L 580 3.60 13.28 36.30
CA SER L 580 2.51 14.16 36.77
C SER L 580 1.27 13.82 35.96
N ASN L 581 0.11 13.72 36.62
CA ASN L 581 -1.14 13.38 35.89
C ASN L 581 -2.15 14.52 35.69
N ALA L 582 -1.81 15.75 36.10
CA ALA L 582 -2.72 16.89 35.94
C ALA L 582 -2.07 18.25 36.23
N ILE L 583 -2.85 19.31 36.01
CA ILE L 583 -2.42 20.68 36.32
C ILE L 583 -3.58 21.43 36.97
N PRO L 584 -3.51 21.63 38.30
CA PRO L 584 -4.38 22.62 38.94
C PRO L 584 -4.07 24.02 38.42
N MET L 585 -5.02 24.95 38.57
CA MET L 585 -4.74 26.40 38.44
C MET L 585 -5.64 27.27 39.32
N TRP L 586 -5.16 28.45 39.69
CA TRP L 586 -5.92 29.35 40.55
C TRP L 586 -5.45 30.77 40.45
N MET L 587 -6.02 31.62 41.29
CA MET L 587 -5.68 33.02 41.28
C MET L 587 -5.16 33.39 42.65
N GLU L 588 -4.12 34.21 42.65
CA GLU L 588 -3.66 34.87 43.86
C GLU L 588 -3.86 36.36 43.61
N TRP L 589 -4.35 37.06 44.62
CA TRP L 589 -4.44 38.52 44.59
C TRP L 589 -3.75 39.02 45.82
N GLU L 590 -2.90 40.05 45.67
CA GLU L 590 -2.19 40.64 46.82
C GLU L 590 -2.91 41.88 47.34
N PHE L 591 -3.44 41.73 48.54
CA PHE L 591 -4.37 42.68 49.12
C PHE L 591 -3.59 43.67 49.98
N GLY L 592 -2.88 44.56 49.29
CA GLY L 592 -1.95 45.47 49.92
C GLY L 592 -0.75 44.67 50.36
N GLY L 593 -0.50 44.66 51.68
CA GLY L 593 0.64 43.95 52.26
C GLY L 593 0.63 42.44 52.06
N ILE L 594 -0.57 41.84 52.15
CA ILE L 594 -0.69 40.37 52.22
C ILE L 594 -1.17 39.70 50.93
N ASN L 595 -1.03 38.37 50.88
CA ASN L 595 -1.47 37.56 49.74
C ASN L 595 -2.64 36.66 50.16
N LEU L 596 -3.67 36.58 49.32
CA LEU L 596 -4.71 35.55 49.48
C LEU L 596 -4.96 34.80 48.20
N SER L 597 -4.94 33.49 48.33
CA SER L 597 -4.95 32.58 47.19
C SER L 597 -6.27 31.83 47.15
N THR L 598 -6.92 31.79 45.98
CA THR L 598 -8.15 31.01 45.84
C THR L 598 -7.86 29.50 45.76
N GLY L 599 -6.59 29.13 45.63
CA GLY L 599 -6.21 27.74 45.48
C GLY L 599 -5.23 27.26 46.54
N LEU L 600 -3.94 27.38 46.22
CA LEU L 600 -2.85 26.88 47.05
C LEU L 600 -2.59 27.78 48.26
N LEU L 601 -2.37 27.18 49.43
CA LEU L 601 -2.04 27.96 50.64
C LEU L 601 -0.61 27.73 51.13
N SER L 602 -0.21 26.45 51.16
CA SER L 602 1.15 26.08 51.48
C SER L 602 1.54 24.79 50.77
N ILE L 603 2.84 24.62 50.55
CA ILE L 603 3.47 23.39 50.06
C ILE L 603 4.54 22.99 51.09
N SER L 604 4.66 21.70 51.38
CA SER L 604 5.56 21.24 52.46
C SER L 604 6.30 19.93 52.16
N SER L 605 7.36 19.68 52.92
CA SER L 605 8.02 18.38 52.98
C SER L 605 8.11 17.70 51.60
N ALA L 606 7.30 16.66 51.39
CA ALA L 606 7.31 15.89 50.13
C ALA L 606 6.71 16.65 48.92
N GLY L 607 6.01 17.74 49.20
CA GLY L 607 5.27 18.51 48.19
C GLY L 607 3.76 18.43 48.35
N VAL L 608 3.27 18.49 49.58
CA VAL L 608 1.86 18.29 49.91
C VAL L 608 1.02 19.59 49.81
N PRO L 609 0.27 19.76 48.70
CA PRO L 609 -0.50 20.97 48.50
C PRO L 609 -1.57 21.10 49.58
N GLU L 610 -1.74 22.32 50.08
CA GLU L 610 -2.85 22.66 50.94
C GLU L 610 -3.74 23.62 50.13
N TRP L 611 -5.02 23.26 49.98
CA TRP L 611 -5.95 23.96 49.07
C TRP L 611 -7.05 24.66 49.79
N ASN L 612 -7.48 25.82 49.28
CA ASN L 612 -8.55 26.53 50.01
C ASN L 612 -9.84 25.75 49.94
N LYS L 613 -10.25 25.27 51.12
CA LYS L 613 -11.44 24.47 51.25
C LYS L 613 -12.64 25.22 50.72
N GLY L 614 -12.71 26.50 51.06
CA GLY L 614 -13.78 27.38 50.61
C GLY L 614 -13.75 27.95 49.20
N TYR L 615 -13.00 27.32 48.30
CA TYR L 615 -13.13 27.54 46.85
C TYR L 615 -13.06 26.20 46.14
N LYS L 616 -13.52 26.18 44.89
CA LYS L 616 -13.12 25.15 43.93
C LYS L 616 -11.92 25.66 43.15
N GLN L 617 -11.09 24.72 42.69
CA GLN L 617 -9.88 25.01 41.94
C GLN L 617 -10.09 24.42 40.56
N GLY L 618 -9.47 25.00 39.53
CA GLY L 618 -9.57 24.43 38.19
C GLY L 618 -8.57 23.31 38.01
N VAL L 619 -8.86 22.34 37.15
CA VAL L 619 -7.93 21.25 36.90
C VAL L 619 -7.96 20.84 35.44
N TYR L 620 -6.79 20.47 34.93
CA TYR L 620 -6.66 19.93 33.58
C TYR L 620 -6.12 18.50 33.64
N PHE L 621 -6.43 17.68 32.62
CA PHE L 621 -6.01 16.29 32.56
C PHE L 621 -5.44 15.97 31.21
N PRO L 622 -4.10 15.79 31.14
CA PRO L 622 -3.41 15.57 29.87
C PRO L 622 -4.21 14.65 28.98
N ILE L 623 -4.85 15.24 27.97
CA ILE L 623 -5.69 14.49 27.05
C ILE L 623 -4.86 13.33 26.51
N THR L 624 -5.50 12.20 26.22
CA THR L 624 -4.79 10.97 25.88
C THR L 624 -3.38 11.24 25.34
N ALA L 625 -3.31 11.80 24.12
CA ALA L 625 -2.06 11.88 23.33
C ALA L 625 -0.93 12.73 23.93
N LEU L 626 -0.97 12.97 25.23
CA LEU L 626 -0.02 13.85 25.87
C LEU L 626 0.47 13.36 27.25
N ARG L 627 -0.02 12.19 27.69
CA ARG L 627 0.29 11.59 28.99
C ARG L 627 1.81 11.36 29.26
N ASN L 628 2.54 10.95 28.23
CA ASN L 628 3.95 10.55 28.34
C ASN L 628 4.88 11.71 28.69
N ASP L 629 4.64 12.83 28.00
CA ASP L 629 5.54 13.99 27.89
C ASP L 629 5.90 14.64 29.24
N LYS L 630 7.14 15.17 29.34
CA LYS L 630 7.74 15.69 30.60
C LYS L 630 7.57 17.20 30.80
N SER L 631 7.23 17.86 29.70
CA SER L 631 6.78 19.24 29.68
C SER L 631 5.79 19.41 28.51
N LEU L 632 4.86 20.35 28.64
CA LEU L 632 4.04 20.75 27.48
C LEU L 632 3.21 22.03 27.65
N CYS L 633 2.48 22.36 26.58
CA CYS L 633 2.06 23.72 26.29
C CYS L 633 0.66 24.10 26.78
N LEU L 634 0.57 25.36 27.17
CA LEU L 634 -0.68 26.00 27.53
C LEU L 634 -0.95 27.19 26.59
N HIS L 635 -1.94 27.11 25.71
CA HIS L 635 -2.39 28.33 25.01
C HIS L 635 -3.37 29.04 25.89
N ALA L 636 -2.90 30.09 26.58
CA ALA L 636 -3.78 30.94 27.39
C ALA L 636 -4.23 32.14 26.58
N LEU L 637 -5.36 32.73 26.97
CA LEU L 637 -5.96 33.82 26.21
C LEU L 637 -7.06 34.54 26.99
N PHE L 638 -6.71 35.64 27.64
CA PHE L 638 -7.72 36.55 28.13
C PHE L 638 -8.35 37.30 26.95
N ASP L 639 -9.67 37.36 26.94
CA ASP L 639 -10.41 37.91 25.81
C ASP L 639 -11.36 39.03 26.25
N LYS L 640 -10.99 40.27 25.93
CA LYS L 640 -11.78 41.42 26.37
C LYS L 640 -13.26 41.26 26.02
N SER L 641 -13.55 40.96 24.76
CA SER L 641 -14.95 40.90 24.27
C SER L 641 -15.91 39.99 25.06
N THR L 642 -15.46 38.78 25.46
CA THR L 642 -16.30 37.90 26.29
C THR L 642 -15.96 37.98 27.78
N GLY L 643 -14.72 38.41 28.07
CA GLY L 643 -14.19 38.45 29.44
C GLY L 643 -13.59 37.11 29.88
N ASP L 644 -13.72 36.11 29.01
CA ASP L 644 -13.33 34.75 29.34
C ASP L 644 -11.82 34.54 29.30
N ILE L 645 -11.40 33.41 29.88
CA ILE L 645 -10.05 32.93 29.68
C ILE L 645 -10.18 31.58 29.00
N ASN L 646 -9.82 31.51 27.73
CA ASN L 646 -9.79 30.22 27.04
C ASN L 646 -8.44 29.53 27.17
N PHE L 647 -8.43 28.21 26.97
CA PHE L 647 -7.26 27.35 27.22
C PHE L 647 -7.06 26.28 26.15
N GLN L 648 -5.80 26.15 25.71
CA GLN L 648 -5.40 25.12 24.78
C GLN L 648 -4.27 24.31 25.37
N PHE L 649 -4.21 23.03 25.01
CA PHE L 649 -3.16 22.16 25.49
C PHE L 649 -2.51 21.33 24.38
N GLY L 650 -1.18 21.47 24.31
CA GLY L 650 -0.34 20.72 23.37
C GLY L 650 1.09 20.67 23.88
N LYS L 651 2.00 20.27 23.00
CA LYS L 651 3.39 20.02 23.35
C LYS L 651 4.27 21.26 23.19
N SER L 652 5.60 21.09 23.30
CA SER L 652 6.61 22.11 22.96
C SER L 652 6.18 23.57 23.17
N MET M 9 -86.33 24.27 60.56
CA MET M 9 -87.73 24.71 60.88
C MET M 9 -88.66 23.50 61.02
N PHE M 10 -89.10 23.28 62.26
CA PHE M 10 -89.94 22.13 62.58
C PHE M 10 -91.42 22.44 62.53
N LEU M 11 -92.11 21.68 61.68
CA LEU M 11 -93.53 21.84 61.47
C LEU M 11 -94.27 20.88 62.43
N GLU M 12 -95.12 21.46 63.26
CA GLU M 12 -95.85 20.74 64.29
C GLU M 12 -97.00 19.96 63.68
N LYS M 13 -97.17 18.72 64.15
CA LYS M 13 -98.30 17.85 63.81
C LYS M 13 -98.65 16.91 64.97
N ILE M 14 -99.85 16.32 64.94
CA ILE M 14 -100.35 15.48 66.04
C ILE M 14 -100.48 14.02 65.61
N ASN M 15 -99.64 13.14 66.19
CA ASN M 15 -99.70 11.69 65.99
C ASN M 15 -101.09 11.09 66.23
N GLN M 16 -101.81 10.82 65.16
CA GLN M 16 -103.23 10.55 65.25
C GLN M 16 -103.59 9.21 65.90
N LYS M 17 -102.58 8.39 66.26
CA LYS M 17 -102.85 7.11 66.95
C LYS M 17 -102.34 7.01 68.42
N THR M 18 -101.55 7.98 68.86
CA THR M 18 -101.10 7.99 70.26
C THR M 18 -101.38 9.34 70.88
N GLY M 19 -101.81 10.27 70.04
CA GLY M 19 -102.04 11.64 70.45
C GLY M 19 -100.80 12.44 70.83
N GLU M 20 -99.60 11.91 70.59
CA GLU M 20 -98.34 12.63 70.88
C GLU M 20 -98.17 13.85 69.98
N ARG M 21 -97.36 14.80 70.42
CA ARG M 21 -96.96 15.91 69.57
C ARG M 21 -95.70 15.46 68.83
N GLU M 22 -95.75 15.54 67.50
CA GLU M 22 -94.59 15.24 66.67
C GLU M 22 -94.25 16.39 65.73
N TRP M 23 -93.10 16.27 65.08
CA TRP M 23 -92.59 17.26 64.12
C TRP M 23 -92.11 16.63 62.85
N VAL M 24 -92.28 17.38 61.76
CA VAL M 24 -91.84 17.02 60.42
C VAL M 24 -91.12 18.27 59.90
N VAL M 25 -90.09 18.06 59.07
CA VAL M 25 -89.42 19.13 58.34
C VAL M 25 -89.64 18.93 56.84
N ALA M 26 -89.53 20.00 56.06
CA ALA M 26 -89.67 19.96 54.59
C ALA M 26 -88.56 19.13 53.91
N GLU M 27 -88.77 18.73 52.67
CA GLU M 27 -87.68 18.10 51.90
C GLU M 27 -86.34 18.90 51.99
N GLU M 28 -86.34 20.20 51.69
CA GLU M 28 -85.04 20.90 51.64
C GLU M 28 -84.37 21.03 53.00
N ASP M 29 -85.13 20.74 54.05
CA ASP M 29 -84.57 20.76 55.39
C ASP M 29 -84.18 19.38 55.92
N TYR M 30 -84.64 18.33 55.25
CA TYR M 30 -84.36 16.97 55.74
C TYR M 30 -82.92 16.69 56.24
N ASP M 31 -81.92 16.99 55.40
CA ASP M 31 -80.52 16.66 55.68
C ASP M 31 -79.96 17.33 56.93
N MET M 32 -80.23 18.63 57.03
CA MET M 32 -80.00 19.47 58.22
C MET M 32 -80.59 18.85 59.51
N ALA M 33 -81.82 18.33 59.38
CA ALA M 33 -82.54 17.73 60.49
C ALA M 33 -81.92 16.39 60.92
N GLN M 34 -81.42 15.61 59.95
CA GLN M 34 -80.67 14.40 60.25
C GLN M 34 -79.44 14.75 61.06
N GLU M 35 -78.68 15.74 60.59
CA GLU M 35 -77.37 15.94 61.18
C GLU M 35 -77.50 16.40 62.63
N LEU M 36 -78.44 17.32 62.83
CA LEU M 36 -78.80 17.85 64.14
C LEU M 36 -79.37 16.73 65.01
N ALA M 37 -80.01 15.74 64.38
CA ALA M 37 -80.53 14.56 65.10
C ALA M 37 -79.39 13.67 65.59
N ARG M 38 -78.28 13.66 64.85
CA ARG M 38 -77.02 13.00 65.25
C ARG M 38 -76.11 13.83 66.18
N SER M 39 -76.47 15.08 66.49
CA SER M 39 -75.55 16.02 67.13
C SER M 39 -75.40 15.84 68.62
N ARG M 40 -76.12 14.86 69.18
CA ARG M 40 -76.04 14.58 70.61
C ARG M 40 -74.94 13.59 70.91
N PHE M 41 -74.59 12.81 69.89
CA PHE M 41 -73.62 11.72 69.97
C PHE M 41 -74.00 10.71 71.04
N GLY M 42 -75.15 10.05 70.84
CA GLY M 42 -75.70 9.13 71.82
C GLY M 42 -75.61 9.65 73.25
N ASP M 43 -74.70 9.08 74.01
CA ASP M 43 -74.57 9.40 75.44
C ASP M 43 -73.61 10.54 75.79
N MET M 44 -72.98 11.14 74.77
CA MET M 44 -71.90 12.13 74.97
C MET M 44 -72.17 13.15 76.08
N ILE M 45 -73.25 13.91 75.91
CA ILE M 45 -73.52 15.03 76.80
C ILE M 45 -73.81 14.50 78.22
N LEU M 46 -74.17 13.21 78.30
CA LEU M 46 -74.42 12.51 79.57
C LEU M 46 -73.22 11.70 80.10
N ASP M 47 -72.08 11.82 79.45
CA ASP M 47 -70.89 11.14 79.91
C ASP M 47 -70.17 11.94 81.05
N PHE M 48 -70.59 11.68 82.29
CA PHE M 48 -70.14 12.50 83.42
C PHE M 48 -68.64 12.47 83.66
N ASP M 49 -68.03 11.28 83.53
CA ASP M 49 -66.58 11.15 83.62
C ASP M 49 -65.90 12.05 82.59
N ARG M 50 -66.44 12.09 81.37
CA ARG M 50 -65.88 12.91 80.29
C ARG M 50 -66.10 14.38 80.61
N ASN M 51 -67.30 14.68 81.09
CA ASN M 51 -67.65 16.03 81.48
C ASN M 51 -66.77 16.57 82.63
N ASP M 52 -66.40 15.70 83.57
CA ASP M 52 -65.62 16.08 84.74
C ASP M 52 -64.13 16.26 84.40
N LYS M 53 -63.64 15.40 83.52
CA LYS M 53 -62.22 15.38 83.20
C LYS M 53 -61.88 16.60 82.38
N PHE M 54 -62.73 16.92 81.41
CA PHE M 54 -62.64 18.21 80.70
C PHE M 54 -62.72 19.44 81.64
N LEU M 55 -63.70 19.45 82.55
CA LEU M 55 -63.67 20.37 83.69
C LEU M 55 -62.28 20.39 84.42
N ALA M 56 -61.78 19.23 84.87
CA ALA M 56 -60.48 19.17 85.59
C ALA M 56 -59.25 19.75 84.84
N GLY M 57 -59.17 19.50 83.53
CA GLY M 57 -58.15 20.16 82.73
C GLY M 57 -58.41 21.66 82.50
N LEU M 58 -59.67 22.07 82.59
CA LEU M 58 -60.00 23.50 82.57
C LEU M 58 -59.57 24.21 83.87
N LYS M 59 -59.96 23.66 85.01
CA LYS M 59 -59.46 24.08 86.33
C LYS M 59 -57.95 24.28 86.35
N THR M 60 -57.23 23.22 86.00
CA THR M 60 -55.79 23.16 86.14
C THR M 60 -55.02 24.12 85.25
N THR M 61 -55.32 24.12 83.96
CA THR M 61 -54.57 24.93 83.01
C THR M 61 -54.98 26.40 83.10
N ILE M 62 -56.20 26.65 83.56
CA ILE M 62 -56.69 28.02 83.77
C ILE M 62 -55.92 28.70 84.93
N ALA M 63 -55.93 28.10 86.13
CA ALA M 63 -55.24 28.68 87.29
C ALA M 63 -53.72 28.86 87.10
N GLU M 64 -53.11 27.99 86.29
CA GLU M 64 -51.69 28.08 85.97
C GLU M 64 -51.42 29.13 84.88
N LYS M 65 -52.44 29.44 84.10
CA LYS M 65 -52.38 30.51 83.11
C LYS M 65 -52.66 31.86 83.76
N LYS M 66 -53.26 31.81 84.95
CA LYS M 66 -53.45 32.99 85.79
C LYS M 66 -52.12 33.42 86.41
N HIS M 67 -51.30 32.47 86.85
CA HIS M 67 -49.93 32.74 87.28
C HIS M 67 -49.03 32.91 86.07
N GLU M 68 -49.52 33.70 85.10
CA GLU M 68 -48.81 34.02 83.86
C GLU M 68 -49.73 34.82 82.93
N ASP M 71 -50.18 40.60 82.85
CA ASP M 71 -51.63 40.44 83.03
C ASP M 71 -52.04 39.05 83.57
N GLY M 72 -53.29 38.97 84.07
CA GLY M 72 -53.88 37.69 84.50
C GLY M 72 -55.19 37.42 83.77
N LYS M 73 -55.18 37.67 82.46
CA LYS M 73 -56.35 37.52 81.59
C LYS M 73 -56.28 36.31 80.63
N VAL M 74 -57.15 35.31 80.88
CA VAL M 74 -57.19 34.01 80.16
C VAL M 74 -58.16 33.99 78.96
N HIS M 75 -57.65 33.52 77.81
CA HIS M 75 -58.46 33.40 76.58
C HIS M 75 -58.63 31.96 76.12
N VAL M 76 -59.77 31.36 76.49
CA VAL M 76 -60.12 29.96 76.10
C VAL M 76 -60.83 29.86 74.73
N LEU M 77 -60.34 28.92 73.90
CA LEU M 77 -60.96 28.59 72.62
C LEU M 77 -61.51 27.14 72.60
N ASP M 78 -62.83 27.03 72.41
CA ASP M 78 -63.55 25.77 72.41
C ASP M 78 -63.87 25.42 70.95
N ILE M 79 -63.12 24.45 70.41
CA ILE M 79 -63.35 23.95 69.04
C ILE M 79 -64.27 22.72 69.12
N GLY M 80 -65.31 22.73 68.31
CA GLY M 80 -66.37 21.76 68.43
C GLY M 80 -66.99 21.91 69.80
N THR M 81 -67.75 23.00 69.95
CA THR M 81 -68.33 23.41 71.23
C THR M 81 -69.69 22.76 71.36
N GLY M 82 -70.27 22.43 70.21
CA GLY M 82 -71.53 21.72 70.13
C GLY M 82 -72.66 22.54 70.69
N THR M 83 -72.98 22.28 71.94
CA THR M 83 -74.08 22.93 72.63
C THR M 83 -73.61 24.23 73.28
N GLY M 84 -72.31 24.31 73.55
CA GLY M 84 -71.72 25.36 74.34
C GLY M 84 -71.10 24.85 75.65
N LEU M 85 -71.42 23.60 76.01
CA LEU M 85 -70.95 23.03 77.28
C LEU M 85 -69.50 23.36 77.67
N LEU M 86 -68.53 22.93 76.88
CA LEU M 86 -67.13 23.10 77.28
C LEU M 86 -66.76 24.57 77.49
N SER M 87 -67.44 25.43 76.72
CA SER M 87 -67.27 26.87 76.77
C SER M 87 -67.92 27.49 78.02
N LEU M 88 -69.12 27.00 78.37
CA LEU M 88 -69.81 27.43 79.60
C LEU M 88 -69.00 27.07 80.82
N MET M 89 -68.25 25.98 80.71
CA MET M 89 -67.37 25.53 81.77
C MET M 89 -66.23 26.48 82.03
N ALA M 90 -65.50 26.85 80.98
CA ALA M 90 -64.35 27.74 81.11
C ALA M 90 -64.73 29.04 81.79
N ALA M 91 -65.96 29.51 81.51
CA ALA M 91 -66.53 30.69 82.15
C ALA M 91 -66.37 30.67 83.68
N ARG M 92 -67.00 29.72 84.37
CA ARG M 92 -66.65 29.46 85.77
C ARG M 92 -65.27 28.74 85.87
N GLU M 93 -64.64 28.77 87.03
CA GLU M 93 -63.16 28.66 87.14
C GLU M 93 -62.54 29.93 86.55
N GLY M 94 -63.40 30.74 85.93
CA GLY M 94 -63.12 32.12 85.58
C GLY M 94 -62.11 32.34 84.49
N ALA M 95 -62.46 32.00 83.26
CA ALA M 95 -61.68 32.45 82.11
C ALA M 95 -62.27 33.76 81.59
N ASP M 96 -61.41 34.76 81.43
CA ASP M 96 -61.82 36.13 81.19
C ASP M 96 -62.43 36.35 79.78
N LYS M 97 -62.18 35.44 78.84
CA LYS M 97 -62.76 35.50 77.49
C LYS M 97 -62.86 34.10 76.86
N VAL M 98 -63.98 33.79 76.21
CA VAL M 98 -64.24 32.46 75.62
C VAL M 98 -64.71 32.59 74.17
N THR M 99 -63.97 32.04 73.21
CA THR M 99 -64.55 31.93 71.86
C THR M 99 -64.78 30.47 71.49
N ALA M 100 -65.90 30.24 70.81
CA ALA M 100 -66.35 28.91 70.47
C ALA M 100 -66.72 28.82 68.98
N LEU M 101 -66.21 27.79 68.31
CA LEU M 101 -66.53 27.51 66.90
C LEU M 101 -67.29 26.18 66.70
N GLU M 102 -68.31 26.24 65.85
CA GLU M 102 -69.08 25.09 65.46
C GLU M 102 -69.38 25.25 63.96
N VAL M 103 -68.84 24.34 63.16
CA VAL M 103 -69.05 24.32 61.72
C VAL M 103 -70.48 24.01 61.30
N PHE M 104 -71.21 23.33 62.18
CA PHE M 104 -72.55 22.93 61.85
C PHE M 104 -73.58 23.99 62.30
N LYS M 105 -74.03 24.79 61.34
CA LYS M 105 -74.81 26.04 61.61
C LYS M 105 -75.97 25.98 62.64
N PRO M 106 -76.91 25.02 62.51
CA PRO M 106 -77.90 24.82 63.57
C PRO M 106 -77.34 24.57 64.99
N MET M 107 -76.25 23.79 65.14
CA MET M 107 -75.63 23.69 66.47
C MET M 107 -74.91 24.99 66.85
N GLY M 108 -74.49 25.73 65.84
CA GLY M 108 -73.95 27.08 66.06
C GLY M 108 -75.00 27.96 66.72
N ASP M 109 -76.18 28.01 66.10
CA ASP M 109 -77.34 28.70 66.66
C ASP M 109 -77.63 28.14 68.05
N CYS M 110 -77.54 26.82 68.18
CA CYS M 110 -77.82 26.24 69.47
C CYS M 110 -76.90 26.79 70.53
N ALA M 111 -75.61 26.81 70.23
CA ALA M 111 -74.60 27.27 71.18
C ALA M 111 -74.81 28.73 71.50
N ARG M 112 -75.07 29.51 70.46
CA ARG M 112 -75.22 30.95 70.57
C ARG M 112 -76.40 31.30 71.47
N HIS M 113 -77.39 30.42 71.48
CA HIS M 113 -78.58 30.58 72.30
C HIS M 113 -78.29 30.22 73.74
N ILE M 114 -77.67 29.08 73.98
CA ILE M 114 -77.44 28.62 75.36
C ILE M 114 -76.47 29.54 76.09
N THR M 115 -75.57 30.17 75.34
CA THR M 115 -74.60 31.05 75.97
C THR M 115 -75.19 32.44 76.11
N SER M 116 -75.64 33.03 75.00
CA SER M 116 -76.40 34.27 75.00
C SER M 116 -77.33 34.37 76.21
N ASN M 117 -77.74 33.22 76.75
CA ASN M 117 -78.51 33.14 77.97
C ASN M 117 -77.80 32.39 79.11
N SER M 118 -77.07 33.14 79.92
CA SER M 118 -76.27 32.58 80.98
C SER M 118 -75.53 33.73 81.68
N PRO M 119 -75.11 33.54 82.95
CA PRO M 119 -74.31 34.54 83.70
C PRO M 119 -73.02 34.97 83.03
N TRP M 120 -72.57 34.20 82.03
CA TRP M 120 -71.32 34.47 81.29
C TRP M 120 -71.60 34.67 79.83
N SER M 121 -72.79 35.20 79.54
CA SER M 121 -73.33 35.35 78.19
C SER M 121 -72.58 36.36 77.34
N ASP M 122 -71.93 37.33 78.00
CA ASP M 122 -71.17 38.37 77.31
C ASP M 122 -69.69 38.00 77.16
N LYS M 123 -69.23 37.02 77.94
CA LYS M 123 -67.86 36.52 77.79
C LYS M 123 -67.67 35.61 76.56
N ILE M 124 -68.77 35.03 76.10
CA ILE M 124 -68.75 33.97 75.07
C ILE M 124 -69.35 34.41 73.73
N THR M 125 -68.47 34.70 72.78
CA THR M 125 -68.87 34.84 71.37
C THR M 125 -68.74 33.45 70.69
N VAL M 126 -69.42 33.25 69.55
CA VAL M 126 -69.65 31.92 68.95
C VAL M 126 -69.67 32.02 67.43
N ILE M 127 -68.66 31.45 66.78
CA ILE M 127 -68.57 31.51 65.31
C ILE M 127 -68.94 30.17 64.66
N SER M 128 -69.78 30.22 63.63
CA SER M 128 -70.20 29.02 62.88
C SER M 128 -69.32 28.67 61.67
N GLU M 129 -68.04 28.43 61.96
CA GLU M 129 -67.01 28.02 61.00
C GLU M 129 -66.16 26.87 61.58
N ARG M 130 -65.45 26.15 60.71
CA ARG M 130 -64.53 25.10 61.14
C ARG M 130 -63.16 25.63 61.52
N SER M 131 -62.53 25.05 62.55
CA SER M 131 -61.11 25.35 62.94
C SER M 131 -60.13 25.56 61.77
N THR M 132 -60.46 24.94 60.66
CA THR M 132 -59.56 24.74 59.58
C THR M 132 -59.90 25.76 58.48
N ASP M 133 -60.58 26.85 58.90
CA ASP M 133 -61.28 27.80 58.00
C ASP M 133 -61.16 29.34 58.31
N SER M 140 -57.54 39.19 70.16
CA SER M 140 -56.60 38.38 70.96
C SER M 140 -56.29 37.01 70.32
N ARG M 141 -55.32 36.27 70.88
CA ARG M 141 -55.08 34.85 70.50
C ARG M 141 -55.08 33.93 71.72
N ALA M 142 -55.64 32.73 71.57
CA ALA M 142 -55.89 31.82 72.72
C ALA M 142 -54.65 31.48 73.56
N ASP M 143 -54.87 31.27 74.85
CA ASP M 143 -53.82 30.85 75.78
C ASP M 143 -54.08 29.39 76.10
N ILE M 144 -55.32 28.96 75.85
CA ILE M 144 -55.81 27.62 76.18
C ILE M 144 -56.77 27.16 75.08
N ILE M 145 -56.59 25.93 74.59
CA ILE M 145 -57.56 25.31 73.66
C ILE M 145 -58.18 24.09 74.29
N VAL M 146 -59.50 23.99 74.14
CA VAL M 146 -60.22 22.85 74.64
C VAL M 146 -61.01 22.28 73.49
N ALA M 147 -60.92 20.96 73.31
CA ALA M 147 -61.77 20.28 72.33
C ALA M 147 -62.00 18.82 72.68
N GLU M 148 -63.27 18.42 72.62
CA GLU M 148 -63.64 17.01 72.45
C GLU M 148 -64.07 16.77 70.97
N VAL M 149 -63.08 16.33 70.21
CA VAL M 149 -63.13 16.17 68.75
C VAL M 149 -62.67 14.74 68.42
N PHE M 150 -63.10 13.81 69.28
CA PHE M 150 -62.53 12.50 69.34
C PHE M 150 -63.59 11.47 69.09
N ASP M 151 -63.26 10.50 68.25
CA ASP M 151 -64.16 9.36 68.07
C ASP M 151 -63.45 8.14 68.66
N THR M 152 -64.06 6.96 68.55
CA THR M 152 -63.48 5.71 69.08
C THR M 152 -62.03 5.51 68.63
N GLU M 153 -61.64 6.18 67.54
CA GLU M 153 -60.47 5.73 66.81
C GLU M 153 -59.11 6.44 66.91
N LEU M 154 -58.86 7.61 67.47
CA LEU M 154 -59.68 8.68 67.97
C LEU M 154 -59.49 9.88 67.01
N ILE M 155 -58.66 9.64 65.99
CA ILE M 155 -58.28 10.63 64.99
C ILE M 155 -59.31 10.68 63.86
N GLY M 156 -60.24 9.72 63.89
CA GLY M 156 -61.22 9.52 62.85
C GLY M 156 -62.18 10.67 62.70
N GLU M 157 -62.21 11.61 63.64
CA GLU M 157 -63.05 12.82 63.47
C GLU M 157 -62.23 14.10 63.17
N GLY M 158 -60.99 13.93 62.69
CA GLY M 158 -60.13 15.03 62.25
C GLY M 158 -59.54 15.86 63.38
N ALA M 159 -59.20 15.21 64.48
CA ALA M 159 -58.62 15.90 65.62
C ALA M 159 -57.32 16.52 65.21
N LEU M 160 -56.47 15.72 64.58
CA LEU M 160 -55.13 16.17 64.15
C LEU M 160 -55.18 17.53 63.44
N ARG M 161 -55.74 17.57 62.23
CA ARG M 161 -55.79 18.85 61.48
C ARG M 161 -56.46 19.96 62.29
N THR M 162 -57.50 19.60 63.04
CA THR M 162 -58.19 20.56 63.87
C THR M 162 -57.15 21.13 64.78
N PHE M 163 -56.43 20.24 65.46
CA PHE M 163 -55.42 20.65 66.44
C PHE M 163 -54.23 21.34 65.80
N LYS M 164 -53.68 20.75 64.73
CA LYS M 164 -52.43 21.20 64.15
C LYS M 164 -52.54 22.66 63.69
N GLU M 165 -53.64 22.99 63.01
CA GLU M 165 -53.81 24.28 62.37
C GLU M 165 -54.31 25.41 63.28
N ALA M 166 -54.95 25.03 64.38
CA ALA M 166 -55.30 25.99 65.43
C ALA M 166 -54.04 26.41 66.20
N LEU M 167 -53.15 25.45 66.44
CA LEU M 167 -51.79 25.75 66.89
C LEU M 167 -51.05 26.75 65.96
N GLU M 168 -51.15 26.57 64.65
CA GLU M 168 -50.33 27.35 63.74
C GLU M 168 -50.83 28.77 63.53
N ARG M 169 -52.10 29.01 63.85
CA ARG M 169 -52.84 30.09 63.26
C ARG M 169 -53.75 30.76 64.24
N LEU M 170 -53.99 30.13 65.38
CA LEU M 170 -55.06 30.58 66.27
C LEU M 170 -54.69 30.55 67.75
N ALA M 171 -53.41 30.33 68.08
CA ALA M 171 -52.94 30.27 69.49
C ALA M 171 -51.54 30.85 69.67
N LYS M 172 -51.26 31.31 70.89
CA LYS M 172 -49.95 31.89 71.25
C LYS M 172 -48.92 30.77 71.34
N PRO M 173 -47.64 31.02 70.96
CA PRO M 173 -46.69 29.91 71.11
C PRO M 173 -46.64 29.52 72.59
N GLY M 174 -46.27 28.27 72.88
CA GLY M 174 -46.40 27.78 74.26
C GLY M 174 -47.84 27.90 74.75
N CYS M 175 -48.78 27.73 73.83
CA CYS M 175 -50.19 27.56 74.15
C CYS M 175 -50.42 26.20 74.81
N ARG M 176 -51.38 26.15 75.72
CA ARG M 176 -51.70 24.87 76.36
C ARG M 176 -53.10 24.34 76.00
N VAL M 177 -53.20 23.03 75.78
CA VAL M 177 -54.48 22.46 75.31
C VAL M 177 -55.01 21.32 76.15
N VAL M 178 -56.35 21.22 76.20
CA VAL M 178 -57.06 20.17 76.91
C VAL M 178 -57.86 19.31 75.92
N PRO M 179 -57.54 18.01 75.87
CA PRO M 179 -56.47 17.38 76.63
C PRO M 179 -55.12 17.70 75.99
N SER M 180 -54.05 17.50 76.74
CA SER M 180 -52.73 17.93 76.29
C SER M 180 -52.06 16.86 75.46
N THR M 181 -52.37 15.62 75.77
CA THR M 181 -51.66 14.49 75.23
C THR M 181 -52.49 13.22 75.27
N GLY M 182 -52.06 12.18 74.53
CA GLY M 182 -52.72 10.85 74.57
C GLY M 182 -51.97 9.66 73.95
N ASN M 183 -52.38 8.44 74.31
CA ASN M 183 -51.89 7.20 73.69
C ASN M 183 -52.97 6.27 73.11
N VAL M 184 -52.60 5.50 72.08
CA VAL M 184 -53.46 4.43 71.55
C VAL M 184 -52.68 3.11 71.60
N TYR M 185 -53.30 2.12 72.23
CA TYR M 185 -52.70 0.84 72.67
C TYR M 185 -53.30 -0.24 71.84
N ILE M 186 -52.50 -1.27 71.57
CA ILE M 186 -53.02 -2.51 70.99
C ILE M 186 -52.64 -3.71 71.85
N VAL M 187 -53.57 -4.67 71.88
CA VAL M 187 -53.38 -5.91 72.58
C VAL M 187 -53.63 -7.07 71.61
N PRO M 188 -52.58 -7.85 71.31
CA PRO M 188 -52.80 -9.06 70.52
C PRO M 188 -53.40 -10.15 71.36
N VAL M 189 -54.26 -10.95 70.74
CA VAL M 189 -55.23 -11.78 71.43
C VAL M 189 -55.49 -13.06 70.62
N GLU M 190 -55.58 -14.21 71.29
CA GLU M 190 -56.15 -15.41 70.65
C GLU M 190 -57.65 -15.52 71.02
N SER M 191 -58.49 -15.72 70.01
CA SER M 191 -59.95 -15.49 70.19
C SER M 191 -60.83 -16.00 69.06
N HIS M 192 -61.38 -17.20 69.25
CA HIS M 192 -62.32 -17.75 68.27
C HIS M 192 -63.43 -16.81 67.96
N LEU M 193 -64.06 -16.25 69.01
CA LEU M 193 -65.24 -15.39 68.85
C LEU M 193 -64.89 -14.30 67.85
N LEU M 194 -63.77 -13.62 68.12
CA LEU M 194 -63.42 -12.42 67.38
C LEU M 194 -62.99 -12.81 66.00
N LYS M 195 -62.38 -13.97 65.86
CA LYS M 195 -62.00 -14.49 64.56
C LYS M 195 -63.24 -14.61 63.67
N MET M 196 -64.37 -15.04 64.26
CA MET M 196 -65.62 -15.21 63.52
C MET M 196 -66.15 -13.95 62.84
N PHE M 197 -65.75 -12.78 63.30
CA PHE M 197 -66.30 -11.56 62.72
C PHE M 197 -65.71 -11.20 61.34
N ASN M 198 -64.56 -11.81 61.03
CA ASN M 198 -63.78 -11.43 59.85
C ASN M 198 -63.36 -12.63 59.00
N ASP M 199 -63.37 -13.82 59.61
CA ASP M 199 -62.98 -15.04 58.92
C ASP M 199 -63.92 -15.46 57.76
N ILE M 200 -63.27 -15.79 56.64
CA ILE M 200 -63.99 -16.30 55.48
C ILE M 200 -64.41 -17.70 55.87
N PRO M 201 -65.72 -17.99 55.78
CA PRO M 201 -66.35 -19.24 56.15
C PRO M 201 -65.64 -20.37 55.45
N ARG M 202 -65.33 -21.43 56.19
CA ARG M 202 -64.71 -22.62 55.67
C ARG M 202 -65.66 -23.77 55.94
N LEU M 203 -66.12 -24.38 54.88
CA LEU M 203 -67.18 -25.36 54.93
C LEU M 203 -66.85 -26.59 55.81
N ASN M 204 -65.63 -27.11 55.70
CA ASN M 204 -65.23 -28.27 56.48
C ASN M 204 -64.40 -27.94 57.70
N GLY M 205 -64.30 -26.66 58.04
CA GLY M 205 -63.62 -26.22 59.24
C GLY M 205 -62.12 -26.47 59.37
N GLU M 206 -61.43 -26.88 58.29
CA GLU M 206 -59.96 -27.02 58.29
C GLU M 206 -59.28 -25.66 58.29
N LYS M 207 -58.25 -25.51 59.14
CA LYS M 207 -57.39 -24.33 59.14
C LYS M 207 -57.01 -23.95 57.71
N ASP M 208 -56.67 -24.98 56.96
CA ASP M 208 -56.34 -25.01 55.54
C ASP M 208 -57.13 -24.14 54.55
N GLU M 209 -58.45 -24.12 54.71
CA GLU M 209 -59.36 -23.80 53.61
C GLU M 209 -59.42 -22.32 53.26
N GLU M 210 -59.29 -22.06 51.96
CA GLU M 210 -59.34 -20.71 51.37
C GLU M 210 -60.22 -20.67 50.08
N PRO M 211 -61.52 -20.97 50.20
CA PRO M 211 -62.38 -21.04 49.00
C PRO M 211 -62.52 -19.72 48.21
N LEU M 212 -62.37 -18.58 48.91
CA LEU M 212 -62.27 -17.26 48.29
C LEU M 212 -60.86 -16.64 48.24
N GLY M 213 -59.78 -17.45 48.33
CA GLY M 213 -58.39 -16.90 48.46
C GLY M 213 -58.24 -16.10 49.75
N ARG M 214 -57.20 -15.27 49.88
CA ARG M 214 -57.01 -14.52 51.13
C ARG M 214 -57.61 -13.09 51.08
N CYS M 215 -57.98 -12.53 52.24
CA CYS M 215 -58.77 -11.26 52.39
C CYS M 215 -58.36 -10.53 53.68
N SER M 216 -58.10 -9.22 53.61
CA SER M 216 -57.97 -8.40 54.86
C SER M 216 -59.27 -8.29 55.69
N GLY M 217 -60.39 -8.55 55.02
CA GLY M 217 -61.70 -8.07 55.45
C GLY M 217 -61.74 -6.55 55.56
N THR M 218 -62.84 -6.05 56.07
CA THR M 218 -63.22 -4.67 55.92
C THR M 218 -62.37 -3.62 56.67
N ALA M 219 -62.18 -2.47 56.03
CA ALA M 219 -61.31 -1.39 56.49
C ALA M 219 -62.01 -0.44 57.44
N ALA M 220 -63.32 -0.34 57.36
CA ALA M 220 -64.00 0.53 58.29
C ALA M 220 -63.76 0.01 59.73
N VAL M 221 -63.76 0.96 60.65
CA VAL M 221 -63.53 0.68 62.04
C VAL M 221 -64.55 -0.37 62.47
N PHE M 222 -64.08 -1.35 63.23
CA PHE M 222 -64.92 -2.35 63.90
C PHE M 222 -65.07 -1.98 65.38
N ASP M 223 -65.95 -1.00 65.64
CA ASP M 223 -66.17 -0.50 66.99
C ASP M 223 -67.10 -1.39 67.83
N VAL M 224 -66.65 -1.77 69.02
CA VAL M 224 -67.37 -2.70 69.90
C VAL M 224 -67.08 -2.40 71.37
N GLN M 225 -68.10 -2.58 72.21
CA GLN M 225 -67.95 -2.60 73.66
C GLN M 225 -67.22 -3.87 74.17
N LEU M 226 -65.89 -3.84 74.18
CA LEU M 226 -65.10 -5.00 74.62
C LEU M 226 -65.27 -5.42 76.11
N SER M 227 -66.02 -4.63 76.90
CA SER M 227 -66.32 -5.00 78.31
C SER M 227 -67.19 -6.25 78.40
N GLU M 228 -68.15 -6.34 77.49
CA GLU M 228 -69.20 -7.36 77.54
C GLU M 228 -68.68 -8.65 76.97
N MET M 229 -67.39 -8.65 76.62
CA MET M 229 -66.69 -9.79 76.10
C MET M 229 -66.33 -10.64 77.30
N LYS M 230 -66.64 -11.93 77.27
CA LYS M 230 -66.35 -12.77 78.47
C LYS M 230 -64.94 -13.40 78.49
N THR M 231 -64.47 -13.68 79.71
CA THR M 231 -63.07 -14.02 79.98
C THR M 231 -62.58 -15.16 79.11
N HIS M 232 -63.40 -16.19 78.98
CA HIS M 232 -63.03 -17.37 78.23
C HIS M 232 -63.05 -17.12 76.75
N GLU M 233 -63.77 -16.09 76.31
CA GLU M 233 -63.94 -15.84 74.85
C GLU M 233 -62.68 -15.30 74.13
N PHE M 234 -61.70 -14.86 74.92
CA PHE M 234 -60.48 -14.29 74.38
C PHE M 234 -59.33 -14.58 75.32
N ARG M 235 -58.13 -14.41 74.84
CA ARG M 235 -56.96 -14.80 75.60
C ARG M 235 -55.79 -13.97 75.12
N GLU M 236 -55.29 -13.13 76.03
CA GLU M 236 -54.22 -12.17 75.79
C GLU M 236 -52.87 -12.86 75.58
N LEU M 237 -52.02 -12.22 74.77
CA LEU M 237 -50.74 -12.83 74.32
C LEU M 237 -49.47 -11.99 74.60
N SER M 238 -49.68 -10.71 74.89
CA SER M 238 -48.65 -9.80 75.36
C SER M 238 -49.34 -8.71 76.16
N GLU M 239 -48.57 -7.85 76.81
CA GLU M 239 -49.12 -6.71 77.49
C GLU M 239 -49.51 -5.66 76.43
N PRO M 240 -50.34 -4.67 76.81
CA PRO M 240 -50.62 -3.55 75.90
C PRO M 240 -49.34 -2.93 75.27
N ILE M 241 -49.33 -2.80 73.94
CA ILE M 241 -48.26 -2.16 73.15
C ILE M 241 -48.73 -0.77 72.75
N VAL M 242 -47.88 0.24 72.92
CA VAL M 242 -48.22 1.62 72.54
C VAL M 242 -48.04 1.81 71.05
N ALA M 243 -49.14 1.82 70.30
CA ALA M 243 -49.02 1.95 68.85
C ALA M 243 -48.61 3.36 68.57
N PHE M 244 -49.40 4.33 69.02
CA PHE M 244 -49.03 5.72 68.75
C PHE M 244 -48.98 6.51 70.05
N LYS M 245 -48.07 7.47 70.13
CA LYS M 245 -48.13 8.49 71.17
C LYS M 245 -48.53 9.74 70.40
N PHE M 246 -49.51 10.47 70.91
CA PHE M 246 -49.84 11.80 70.38
C PHE M 246 -49.62 12.91 71.41
N ASP M 247 -49.27 14.08 70.90
CA ASP M 247 -49.08 15.25 71.73
C ASP M 247 -49.83 16.40 71.08
N PHE M 248 -50.83 16.91 71.79
CA PHE M 248 -51.71 17.89 71.19
C PHE M 248 -51.25 19.31 71.40
N GLU M 249 -50.28 19.49 72.28
CA GLU M 249 -49.77 20.83 72.59
C GLU M 249 -48.81 21.36 71.50
N HIS M 250 -48.12 20.46 70.82
CA HIS M 250 -46.98 20.84 69.98
C HIS M 250 -47.13 20.60 68.49
N GLU M 251 -47.14 21.70 67.73
CA GLU M 251 -47.57 21.74 66.33
C GLU M 251 -46.91 20.77 65.36
N GLU M 252 -45.58 20.62 65.44
CA GLU M 252 -44.91 19.67 64.57
C GLU M 252 -44.81 18.26 65.14
N LYS M 253 -45.57 17.99 66.19
CA LYS M 253 -45.60 16.62 66.69
C LYS M 253 -46.79 15.85 66.10
N ILE M 254 -47.61 16.57 65.34
CA ILE M 254 -48.85 16.02 64.76
C ILE M 254 -48.64 15.74 63.28
N ILE M 255 -48.66 14.47 62.91
CA ILE M 255 -48.40 14.07 61.53
C ILE M 255 -49.51 13.19 60.93
N PHE M 256 -50.10 13.66 59.82
CA PHE M 256 -51.30 12.99 59.34
C PHE M 256 -51.02 11.56 58.96
N ASP M 257 -49.81 11.27 58.49
CA ASP M 257 -49.46 9.94 58.05
C ASP M 257 -48.20 9.39 58.69
N GLU M 258 -48.35 8.32 59.48
CA GLU M 258 -47.23 7.72 60.23
C GLU M 258 -47.20 6.22 60.10
N SER M 259 -46.04 5.65 60.32
CA SER M 259 -45.96 4.22 60.50
C SER M 259 -44.83 3.89 61.45
N PHE M 260 -45.12 3.09 62.47
CA PHE M 260 -44.08 2.58 63.39
C PHE M 260 -44.15 1.07 63.52
N VAL M 261 -42.99 0.44 63.44
CA VAL M 261 -42.90 -0.97 63.81
C VAL M 261 -42.76 -0.97 65.32
N ARG M 262 -43.78 -1.48 65.99
CA ARG M 262 -43.80 -1.62 67.44
C ARG M 262 -43.25 -3.01 67.81
N GLU M 263 -42.48 -3.06 68.89
CA GLU M 263 -41.87 -4.33 69.38
C GLU M 263 -42.65 -4.79 70.62
N ALA M 264 -42.51 -6.07 70.98
CA ALA M 264 -42.99 -6.56 72.27
C ALA M 264 -42.60 -8.04 72.54
N VAL M 265 -42.69 -8.46 73.80
CA VAL M 265 -42.37 -9.82 74.21
C VAL M 265 -43.71 -10.51 74.52
N ALA M 266 -43.92 -11.69 73.95
CA ALA M 266 -45.17 -12.39 74.21
C ALA M 266 -45.06 -13.24 75.44
N HIS M 267 -46.02 -13.03 76.35
CA HIS M 267 -46.20 -13.90 77.52
C HIS M 267 -46.83 -15.23 77.24
N SER M 268 -47.40 -15.41 76.05
CA SER M 268 -48.09 -16.66 75.75
C SER M 268 -47.99 -17.00 74.26
N SER M 269 -47.82 -18.29 73.96
CA SER M 269 -47.97 -18.85 72.62
C SER M 269 -49.43 -18.78 72.05
N GLY M 270 -49.59 -18.51 70.77
CA GLY M 270 -50.95 -18.55 70.16
C GLY M 270 -50.99 -17.84 68.81
N THR M 271 -52.14 -17.80 68.14
CA THR M 271 -52.18 -16.95 66.94
C THR M 271 -52.88 -15.64 67.25
N ILE M 272 -52.46 -14.60 66.52
CA ILE M 272 -53.03 -13.29 66.75
C ILE M 272 -54.33 -13.18 65.99
N ASP M 273 -55.38 -13.75 66.58
CA ASP M 273 -56.70 -13.76 65.97
C ASP M 273 -57.23 -12.35 65.82
N ALA M 274 -56.75 -11.43 66.66
CA ALA M 274 -57.13 -10.01 66.57
C ALA M 274 -56.32 -9.09 67.50
N LEU M 275 -56.38 -7.80 67.24
CA LEU M 275 -55.70 -6.83 68.06
C LEU M 275 -56.74 -5.90 68.62
N LEU M 276 -56.85 -5.83 69.96
CA LEU M 276 -57.81 -4.87 70.50
C LEU M 276 -57.18 -3.52 70.54
N MET M 277 -57.95 -2.50 70.26
CA MET M 277 -57.40 -1.18 70.41
C MET M 277 -58.33 -0.22 71.16
N TRP M 278 -57.68 0.65 71.94
CA TRP M 278 -58.31 1.78 72.58
C TRP M 278 -57.30 2.84 72.95
N TRP M 279 -57.77 4.04 73.24
CA TRP M 279 -56.89 5.12 73.63
C TRP M 279 -57.08 5.61 75.05
N ASP M 280 -56.13 6.41 75.53
CA ASP M 280 -56.35 7.29 76.69
C ASP M 280 -55.74 8.67 76.45
N ILE M 281 -56.30 9.70 77.09
CA ILE M 281 -55.77 11.05 76.97
C ILE M 281 -55.51 11.68 78.34
N ASP M 282 -54.44 12.45 78.42
CA ASP M 282 -54.08 13.22 79.61
C ASP M 282 -54.65 14.64 79.44
N MET M 283 -55.54 15.03 80.35
CA MET M 283 -56.26 16.30 80.22
C MET M 283 -55.37 17.55 80.28
N ASP M 284 -54.32 17.51 81.10
CA ASP M 284 -53.50 18.70 81.42
C ASP M 284 -52.00 18.43 81.49
N ARG M 285 -51.57 17.28 80.96
CA ARG M 285 -50.15 16.85 81.00
C ARG M 285 -49.56 16.50 82.38
N ASN M 286 -50.34 16.59 83.48
CA ASN M 286 -49.81 16.32 84.85
C ASN M 286 -49.51 14.84 85.18
N GLY M 287 -49.79 13.95 84.23
CA GLY M 287 -49.75 12.51 84.46
C GLY M 287 -50.84 12.14 85.47
N THR M 288 -51.86 12.97 85.58
CA THR M 288 -52.71 12.82 86.76
C THR M 288 -54.18 12.46 86.48
N THR M 289 -54.93 13.35 85.84
CA THR M 289 -56.36 13.13 85.52
C THR M 289 -56.54 12.54 84.09
N PHE M 290 -57.36 11.49 83.94
CA PHE M 290 -57.42 10.79 82.63
C PHE M 290 -58.81 10.58 82.03
N ILE M 291 -58.84 10.39 80.71
CA ILE M 291 -59.95 9.66 80.09
C ILE M 291 -59.34 8.43 79.47
N ASP M 292 -59.75 7.29 80.00
CA ASP M 292 -59.16 6.01 79.62
C ASP M 292 -60.24 5.08 79.05
N MET M 293 -60.11 4.72 77.78
CA MET M 293 -61.15 3.95 77.08
C MET M 293 -60.98 2.45 77.26
N GLY M 294 -60.09 2.07 78.17
CA GLY M 294 -59.79 0.66 78.45
C GLY M 294 -61.04 -0.11 78.90
N PRO M 295 -61.12 -1.43 78.57
CA PRO M 295 -62.37 -2.20 78.83
C PRO M 295 -62.55 -2.44 80.36
N LYS M 296 -63.78 -2.81 80.79
CA LYS M 296 -64.09 -3.24 82.18
C LYS M 296 -62.94 -3.97 82.87
N TRP M 297 -62.32 -4.87 82.11
CA TRP M 297 -61.45 -5.88 82.68
C TRP M 297 -60.00 -5.57 82.49
N LYS M 298 -59.73 -4.31 82.14
CA LYS M 298 -58.36 -3.75 81.98
C LYS M 298 -58.39 -2.25 82.15
N ASN M 299 -58.94 -1.78 83.27
CA ASN M 299 -58.99 -0.33 83.55
C ASN M 299 -58.93 -0.08 85.05
N LYS M 300 -57.70 -0.12 85.56
CA LYS M 300 -57.35 0.16 86.98
C LYS M 300 -58.23 1.21 87.67
N ASN M 301 -58.20 2.43 87.12
CA ASN M 301 -58.56 3.63 87.86
C ASN M 301 -59.66 4.49 87.27
N ASN M 302 -59.69 4.52 85.93
CA ASN M 302 -60.53 5.43 85.15
C ASN M 302 -61.60 4.80 84.21
N TYR M 303 -62.11 3.62 84.55
CA TYR M 303 -63.29 3.12 83.83
C TYR M 303 -64.52 3.96 84.14
N ALA M 304 -65.42 4.00 83.16
CA ALA M 304 -66.75 4.63 83.22
C ALA M 304 -67.37 4.31 81.86
N TRP M 305 -68.50 3.62 81.88
CA TRP M 305 -69.18 3.25 80.66
C TRP M 305 -69.43 4.42 79.75
N ARG M 306 -69.29 4.18 78.43
CA ARG M 306 -69.79 5.13 77.40
C ARG M 306 -70.16 4.46 76.07
N ASP M 307 -71.03 5.11 75.29
CA ASP M 307 -71.28 4.63 73.93
C ASP M 307 -70.53 5.43 72.85
N HIS M 308 -70.65 6.75 72.87
CA HIS M 308 -69.95 7.63 71.89
C HIS M 308 -68.46 7.34 71.70
N TRP M 309 -67.78 6.91 72.77
CA TRP M 309 -66.49 6.23 72.60
C TRP M 309 -66.67 4.85 73.11
N MET M 310 -65.80 3.98 72.66
CA MET M 310 -65.92 2.57 72.82
C MET M 310 -64.49 2.08 72.49
N GLN M 311 -64.31 0.76 72.38
CA GLN M 311 -63.06 0.20 71.87
C GLN M 311 -63.20 -0.28 70.41
N ALA M 312 -62.18 -0.98 69.90
CA ALA M 312 -62.17 -1.45 68.51
C ALA M 312 -61.33 -2.70 68.30
N VAL M 313 -61.68 -3.46 67.26
CA VAL M 313 -60.83 -4.57 66.85
C VAL M 313 -60.32 -4.48 65.42
N TYR M 314 -59.05 -4.87 65.24
CA TYR M 314 -58.39 -4.86 63.95
C TYR M 314 -57.88 -6.26 63.66
N TYR M 315 -57.71 -6.57 62.37
CA TYR M 315 -57.21 -7.89 61.94
C TYR M 315 -55.88 -7.74 61.22
N LEU M 316 -54.96 -8.64 61.48
CA LEU M 316 -53.76 -8.69 60.66
C LEU M 316 -54.10 -9.33 59.30
N PRO M 317 -53.61 -8.73 58.20
CA PRO M 317 -54.00 -9.33 56.90
C PRO M 317 -53.62 -10.82 56.70
N GLU M 318 -52.47 -11.29 57.22
CA GLU M 318 -52.13 -12.71 57.23
C GLU M 318 -52.04 -13.14 58.66
N LYS M 319 -51.96 -14.44 58.91
CA LYS M 319 -51.89 -14.90 60.29
C LYS M 319 -50.49 -14.75 60.80
N LYS M 320 -50.43 -14.33 62.06
CA LYS M 320 -49.21 -14.16 62.79
C LYS M 320 -49.43 -15.00 64.05
N LYS M 321 -48.64 -16.04 64.16
CA LYS M 321 -48.50 -16.75 65.42
C LYS M 321 -47.48 -15.99 66.27
N VAL M 322 -47.46 -16.31 67.54
CA VAL M 322 -46.55 -15.68 68.49
C VAL M 322 -46.17 -16.72 69.54
N GLU M 323 -45.09 -16.48 70.26
CA GLU M 323 -44.56 -17.51 71.15
C GLU M 323 -44.01 -16.89 72.44
N MET M 324 -44.10 -17.60 73.54
CA MET M 324 -43.51 -17.13 74.79
C MET M 324 -42.06 -17.60 74.89
N ASN M 325 -41.18 -16.79 75.46
CA ASN M 325 -41.35 -15.36 75.45
C ASN M 325 -40.43 -14.91 74.34
N GLN M 326 -41.00 -14.76 73.14
CA GLN M 326 -40.24 -14.38 71.96
C GLN M 326 -40.63 -12.98 71.56
N THR M 327 -39.63 -12.27 71.07
CA THR M 327 -39.82 -10.92 70.57
C THR M 327 -40.68 -11.03 69.31
N PHE M 328 -41.56 -10.07 69.12
CA PHE M 328 -42.41 -9.99 67.92
C PHE M 328 -42.74 -8.52 67.61
N GLU M 329 -43.20 -8.28 66.39
CA GLU M 329 -43.48 -6.93 65.91
C GLU M 329 -44.81 -6.90 65.18
N ILE M 330 -45.51 -5.75 65.29
CA ILE M 330 -46.75 -5.42 64.56
C ILE M 330 -46.41 -4.06 64.02
N VAL M 331 -46.64 -3.85 62.74
CA VAL M 331 -46.49 -2.51 62.20
C VAL M 331 -47.79 -1.75 62.40
N CYS M 332 -47.66 -0.61 63.08
CA CYS M 332 -48.79 0.24 63.39
C CYS M 332 -48.86 1.43 62.44
N ASN M 333 -49.99 1.59 61.74
CA ASN M 333 -50.11 2.60 60.69
C ASN M 333 -51.26 3.53 60.87
N HIS M 334 -51.05 4.79 60.57
CA HIS M 334 -52.20 5.65 60.41
C HIS M 334 -52.02 6.60 59.30
N ASP M 335 -53.14 6.97 58.70
CA ASP M 335 -53.21 8.11 57.82
C ASP M 335 -53.95 9.17 58.63
N GLU M 336 -54.53 10.17 57.97
CA GLU M 336 -55.21 11.23 58.70
C GLU M 336 -56.41 10.76 59.55
N PHE M 337 -57.12 9.70 59.12
CA PHE M 337 -58.43 9.39 59.70
C PHE M 337 -58.64 7.92 60.12
N SER M 338 -57.72 7.06 59.70
CA SER M 338 -57.79 5.65 59.98
C SER M 338 -56.48 5.11 60.48
N LEU M 339 -56.63 4.11 61.33
CA LEU M 339 -55.55 3.32 61.87
C LEU M 339 -55.62 1.96 61.20
N TRP M 340 -54.51 1.28 61.02
CA TRP M 340 -54.55 -0.13 60.58
C TRP M 340 -53.26 -0.78 60.90
N PHE M 341 -53.30 -2.12 60.93
CA PHE M 341 -52.16 -2.92 61.39
C PHE M 341 -51.67 -4.02 60.45
N SER M 342 -50.35 -4.02 60.21
CA SER M 342 -49.70 -4.87 59.22
C SER M 342 -48.58 -5.62 59.91
N ASN M 343 -48.12 -6.74 59.35
CA ASN M 343 -46.96 -7.36 59.95
C ASN M 343 -45.67 -7.19 59.16
N VAL M 344 -44.56 -7.31 59.86
CA VAL M 344 -43.25 -7.03 59.25
C VAL M 344 -43.03 -7.68 57.91
N GLY M 345 -42.44 -6.91 56.98
CA GLY M 345 -42.11 -7.42 55.66
C GLY M 345 -43.28 -7.47 54.71
N LYS M 346 -44.29 -6.63 54.94
CA LYS M 346 -45.54 -6.66 54.17
C LYS M 346 -46.02 -5.28 53.81
N ASP M 347 -46.80 -5.15 52.77
CA ASP M 347 -47.37 -3.86 52.38
C ASP M 347 -47.83 -3.06 53.62
N LYS M 348 -47.44 -1.78 53.72
CA LYS M 348 -47.67 -0.95 54.92
C LYS M 348 -48.88 -0.01 54.84
N SER M 349 -49.49 0.06 53.66
CA SER M 349 -50.71 0.82 53.38
C SER M 349 -52.03 0.08 53.71
N ARG M 350 -53.11 0.84 53.74
CA ARG M 350 -54.43 0.35 54.15
C ARG M 350 -54.98 -0.70 53.17
N SER M 351 -55.55 -1.78 53.71
CA SER M 351 -56.11 -2.89 52.91
C SER M 351 -57.67 -2.93 52.91
N TYR M 352 -58.24 -3.35 51.79
CA TYR M 352 -59.71 -3.35 51.57
C TYR M 352 -60.17 -4.77 51.20
N CYS M 353 -61.46 -5.05 51.37
CA CYS M 353 -62.04 -6.37 50.99
C CYS M 353 -61.74 -6.64 49.51
N VAL M 354 -60.85 -7.62 49.25
CA VAL M 354 -60.67 -8.14 47.89
C VAL M 354 -61.26 -9.54 47.60
N CYS M 355 -61.70 -10.29 48.62
CA CYS M 355 -62.52 -11.56 48.48
C CYS M 355 -63.94 -11.31 47.94
N GLY M 356 -64.39 -10.07 48.03
CA GLY M 356 -65.78 -9.69 47.71
C GLY M 356 -66.81 -9.96 48.83
N LEU M 357 -66.39 -10.79 49.81
CA LEU M 357 -67.34 -11.24 50.80
C LEU M 357 -67.54 -10.12 51.81
N HIS M 358 -66.40 -9.63 52.37
CA HIS M 358 -66.36 -8.62 53.45
C HIS M 358 -67.16 -7.41 52.97
N SER M 359 -66.94 -7.07 51.69
CA SER M 359 -67.58 -5.91 51.09
C SER M 359 -69.12 -6.09 51.04
N MET M 360 -69.60 -7.32 51.00
CA MET M 360 -71.03 -7.58 50.93
C MET M 360 -71.76 -7.65 52.27
N LEU M 361 -71.05 -8.09 53.30
CA LEU M 361 -71.71 -8.56 54.53
C LEU M 361 -71.20 -7.80 55.74
N SER M 362 -72.10 -7.40 56.65
CA SER M 362 -71.63 -6.87 57.91
C SER M 362 -70.73 -7.84 58.70
N ARG M 363 -69.97 -7.26 59.63
CA ARG M 363 -69.22 -8.03 60.61
C ARG M 363 -70.06 -9.08 61.38
N GLN M 364 -71.26 -8.67 61.85
CA GLN M 364 -72.10 -9.61 62.58
C GLN M 364 -72.69 -10.70 61.68
N THR M 365 -72.90 -10.38 60.39
CA THR M 365 -73.40 -11.42 59.49
C THR M 365 -72.28 -12.45 59.20
N VAL M 366 -71.06 -11.93 59.03
CA VAL M 366 -69.87 -12.79 58.91
C VAL M 366 -69.76 -13.70 60.13
N TYR M 367 -69.95 -13.14 61.32
CA TYR M 367 -70.13 -13.96 62.56
C TYR M 367 -71.20 -15.07 62.37
N HIS M 368 -72.39 -14.67 61.96
CA HIS M 368 -73.50 -15.62 61.76
C HIS M 368 -73.19 -16.76 60.81
N VAL M 369 -72.64 -16.49 59.63
CA VAL M 369 -72.40 -17.66 58.74
C VAL M 369 -71.33 -18.58 59.33
N ASN M 370 -70.25 -18.00 59.89
CA ASN M 370 -69.28 -18.85 60.57
C ASN M 370 -69.96 -19.66 61.63
N GLU M 371 -70.74 -18.99 62.46
CA GLU M 371 -71.39 -19.68 63.57
C GLU M 371 -72.24 -20.82 63.00
N MET M 372 -72.97 -20.51 61.94
CA MET M 372 -73.89 -21.46 61.39
C MET M 372 -73.09 -22.64 60.84
N PHE M 373 -71.89 -22.38 60.36
CA PHE M 373 -71.05 -23.44 59.79
C PHE M 373 -70.41 -24.34 60.85
N GLU M 374 -70.41 -23.87 62.09
CA GLU M 374 -69.75 -24.59 63.19
C GLU M 374 -70.75 -25.30 64.08
N ASN M 375 -72.02 -25.01 63.89
CA ASN M 375 -73.03 -25.44 64.84
C ASN M 375 -73.70 -26.77 64.48
N GLN M 376 -73.15 -27.85 65.05
CA GLN M 376 -73.73 -29.20 64.98
C GLN M 376 -75.26 -29.25 65.14
N LYS M 377 -75.80 -28.69 66.20
CA LYS M 377 -77.25 -28.73 66.42
C LYS M 377 -77.92 -28.40 65.07
N PHE M 378 -77.46 -27.31 64.45
CA PHE M 378 -78.07 -26.79 63.22
C PHE M 378 -77.75 -27.65 62.02
N LYS M 379 -76.50 -28.07 61.92
CA LYS M 379 -76.08 -28.89 60.81
C LYS M 379 -76.82 -30.22 60.89
N ASP M 380 -77.14 -30.64 62.11
CA ASP M 380 -77.84 -31.89 62.31
C ASP M 380 -79.24 -31.88 61.72
N GLU M 381 -80.01 -30.88 62.12
CA GLU M 381 -81.38 -30.70 61.67
C GLU M 381 -81.40 -30.50 60.15
N VAL M 382 -80.44 -29.74 59.64
CA VAL M 382 -80.25 -29.58 58.21
C VAL M 382 -80.04 -30.94 57.57
N ASP M 383 -79.12 -31.73 58.12
CA ASP M 383 -78.80 -33.04 57.53
C ASP M 383 -80.01 -33.97 57.54
N LYS M 384 -80.90 -33.77 58.51
CA LYS M 384 -82.08 -34.62 58.66
C LYS M 384 -83.07 -34.34 57.54
N LEU M 385 -83.43 -33.05 57.40
CA LEU M 385 -84.44 -32.59 56.42
C LEU M 385 -84.07 -32.69 54.94
N SER M 386 -82.78 -32.92 54.66
CA SER M 386 -82.21 -32.83 53.31
C SER M 386 -81.85 -34.17 52.71
N LYS M 387 -81.74 -35.19 53.55
CA LYS M 387 -81.09 -36.44 53.17
C LYS M 387 -81.74 -37.07 51.95
N GLY M 388 -80.93 -37.41 50.96
CA GLY M 388 -81.45 -38.06 49.75
C GLY M 388 -82.43 -37.22 48.96
N LEU M 389 -82.66 -35.98 49.40
CA LEU M 389 -83.66 -35.10 48.78
C LEU M 389 -83.11 -34.01 47.86
N HIS M 390 -84.04 -33.41 47.12
CA HIS M 390 -83.76 -32.28 46.30
C HIS M 390 -84.19 -31.09 47.10
N VAL M 391 -83.23 -30.23 47.42
CA VAL M 391 -83.53 -29.07 48.25
C VAL M 391 -83.29 -27.75 47.50
N ALA M 392 -84.11 -26.76 47.84
CA ALA M 392 -83.92 -25.47 47.23
C ALA M 392 -83.86 -24.40 48.28
N THR M 393 -82.98 -23.47 48.02
CA THR M 393 -82.67 -22.43 48.98
C THR M 393 -83.20 -21.13 48.41
N VAL M 394 -83.85 -20.33 49.24
CA VAL M 394 -84.19 -18.94 48.95
C VAL M 394 -83.47 -18.01 49.94
N GLY M 395 -83.40 -16.71 49.64
CA GLY M 395 -82.57 -15.80 50.38
C GLY M 395 -81.60 -15.06 49.48
N GLU M 396 -80.82 -14.15 50.06
CA GLU M 396 -79.83 -13.39 49.33
C GLU M 396 -78.60 -13.23 50.23
N GLY M 397 -77.53 -13.93 49.85
CA GLY M 397 -76.31 -13.93 50.62
C GLY M 397 -76.34 -15.00 51.67
N SER M 398 -77.34 -15.88 51.60
CA SER M 398 -77.53 -17.03 52.49
C SER M 398 -76.75 -18.29 52.03
N PHE M 399 -76.16 -18.98 52.99
CA PHE M 399 -75.16 -19.97 52.73
C PHE M 399 -75.70 -21.36 53.01
N LEU M 400 -76.95 -21.39 53.48
CA LEU M 400 -77.65 -22.64 53.85
C LEU M 400 -77.40 -23.80 52.92
N GLY M 401 -77.48 -23.51 51.62
CA GLY M 401 -77.59 -24.53 50.61
C GLY M 401 -76.33 -25.34 50.57
N LEU M 402 -75.25 -24.69 51.02
CA LEU M 402 -73.95 -25.31 51.06
C LEU M 402 -73.89 -26.28 52.25
N LEU M 403 -74.61 -25.96 53.32
CA LEU M 403 -74.75 -26.90 54.45
C LEU M 403 -75.67 -28.07 54.08
N ALA M 404 -76.71 -27.77 53.27
CA ALA M 404 -77.60 -28.80 52.73
C ALA M 404 -76.90 -29.80 51.81
N ALA M 405 -75.96 -29.32 51.01
CA ALA M 405 -75.20 -30.19 50.10
C ALA M 405 -74.61 -31.45 50.80
N LYS M 406 -74.28 -31.30 52.09
CA LYS M 406 -73.66 -32.41 52.84
C LYS M 406 -74.42 -33.73 52.72
N THR M 407 -75.71 -33.67 52.44
CA THR M 407 -76.66 -34.77 52.69
C THR M 407 -77.70 -34.99 51.58
N ALA M 408 -78.17 -33.88 51.00
CA ALA M 408 -79.12 -33.88 49.89
C ALA M 408 -78.63 -34.65 48.65
N LYS M 409 -79.54 -34.95 47.74
CA LYS M 409 -79.19 -35.57 46.48
C LYS M 409 -78.81 -34.47 45.51
N ARG M 410 -79.42 -33.32 45.73
CA ARG M 410 -79.28 -32.16 44.85
C ARG M 410 -79.71 -30.88 45.59
N VAL M 411 -78.97 -29.81 45.36
CA VAL M 411 -79.28 -28.57 46.01
C VAL M 411 -79.41 -27.51 44.93
N THR M 412 -80.53 -26.80 44.92
CA THR M 412 -80.69 -25.64 44.01
C THR M 412 -80.68 -24.32 44.80
N ILE M 413 -79.57 -23.61 44.70
CA ILE M 413 -79.47 -22.30 45.34
C ILE M 413 -80.10 -21.20 44.46
N ILE M 414 -81.25 -20.71 44.89
CA ILE M 414 -81.85 -19.56 44.26
C ILE M 414 -81.32 -18.29 44.91
N ASP M 415 -80.65 -17.44 44.11
CA ASP M 415 -80.05 -16.18 44.61
C ASP M 415 -79.95 -15.18 43.44
N GLY M 416 -80.68 -14.07 43.56
CA GLY M 416 -80.70 -12.97 42.61
C GLY M 416 -79.44 -12.09 42.57
N ASN M 417 -78.64 -12.12 43.62
CA ASN M 417 -77.44 -11.33 43.64
C ASN M 417 -76.31 -12.04 42.89
N GLU M 418 -75.84 -11.39 41.81
CA GLU M 418 -74.83 -12.01 40.96
C GLU M 418 -73.55 -12.34 41.74
N ARG M 419 -73.03 -11.33 42.43
CA ARG M 419 -71.80 -11.41 43.19
C ARG M 419 -71.81 -12.59 44.14
N PHE M 420 -72.93 -12.79 44.82
CA PHE M 420 -73.12 -13.95 45.68
C PHE M 420 -73.19 -15.27 44.95
N ARG M 421 -73.75 -15.29 43.73
CA ARG M 421 -73.80 -16.55 42.92
C ARG M 421 -72.37 -16.90 42.61
N ASP M 422 -71.62 -15.90 42.15
CA ASP M 422 -70.17 -16.00 41.96
C ASP M 422 -69.47 -16.63 43.17
N ILE M 423 -69.75 -16.07 44.36
CA ILE M 423 -69.10 -16.54 45.60
C ILE M 423 -69.42 -18.01 45.80
N PHE M 424 -70.68 -18.40 45.63
CA PHE M 424 -71.07 -19.81 45.81
C PHE M 424 -70.45 -20.75 44.77
N PHE M 425 -70.39 -20.32 43.52
CA PHE M 425 -69.69 -21.09 42.49
C PHE M 425 -68.21 -21.24 42.86
N LYS M 426 -67.62 -20.19 43.43
CA LYS M 426 -66.29 -20.33 44.03
C LYS M 426 -66.24 -21.43 45.09
N TYR M 427 -67.24 -21.49 45.98
CA TYR M 427 -67.32 -22.57 46.99
C TYR M 427 -67.50 -23.97 46.38
N ILE M 428 -68.33 -24.06 45.34
CA ILE M 428 -68.69 -25.35 44.73
C ILE M 428 -67.48 -25.95 44.05
N HIS M 429 -66.87 -25.11 43.19
CA HIS M 429 -65.57 -25.42 42.62
C HIS M 429 -64.57 -25.80 43.69
N TYR M 430 -64.37 -24.95 44.71
CA TYR M 430 -63.32 -25.19 45.72
C TYR M 430 -63.46 -26.56 46.42
N TYR M 431 -64.66 -26.85 46.94
CA TYR M 431 -64.89 -28.12 47.61
C TYR M 431 -65.23 -29.31 46.72
N LYS M 432 -65.37 -29.03 45.42
CA LYS M 432 -65.73 -30.05 44.42
C LYS M 432 -67.05 -30.75 44.68
N LEU M 433 -68.00 -29.92 45.09
CA LEU M 433 -69.36 -30.28 45.34
C LEU M 433 -70.11 -30.73 44.05
N THR M 434 -70.54 -31.97 44.03
CA THR M 434 -71.17 -32.52 42.83
C THR M 434 -72.72 -32.39 42.78
N ASN M 435 -73.33 -31.90 43.85
CA ASN M 435 -74.82 -31.92 43.99
C ASN M 435 -75.46 -30.55 44.24
N VAL M 436 -74.85 -29.50 43.68
CA VAL M 436 -75.41 -28.15 43.86
C VAL M 436 -75.38 -27.35 42.55
N GLU M 437 -76.50 -26.71 42.23
CA GLU M 437 -76.59 -25.82 41.12
C GLU M 437 -77.09 -24.52 41.72
N ILE M 438 -76.74 -23.43 41.03
CA ILE M 438 -77.21 -22.12 41.43
C ILE M 438 -78.08 -21.55 40.30
N ILE M 439 -79.25 -20.99 40.64
CA ILE M 439 -80.10 -20.30 39.66
C ILE M 439 -80.44 -18.91 40.21
N GLU M 440 -80.84 -18.02 39.31
CA GLU M 440 -81.02 -16.61 39.62
C GLU M 440 -82.41 -16.26 40.11
N LYS M 441 -83.44 -16.89 39.56
CA LYS M 441 -84.80 -16.50 39.98
C LYS M 441 -85.68 -17.65 40.48
N VAL M 442 -86.57 -17.35 41.45
CA VAL M 442 -87.48 -18.39 42.00
C VAL M 442 -88.15 -19.14 40.86
N THR M 443 -88.71 -18.38 39.90
CA THR M 443 -89.41 -18.94 38.73
C THR M 443 -88.61 -19.93 37.85
N SER M 444 -87.29 -19.78 37.71
CA SER M 444 -86.49 -20.72 36.88
C SER M 444 -86.27 -22.11 37.49
N LEU M 445 -86.98 -22.37 38.58
CA LEU M 445 -86.90 -23.66 39.26
C LEU M 445 -87.49 -24.71 38.34
N THR M 446 -86.60 -25.39 37.61
CA THR M 446 -86.96 -26.47 36.69
C THR M 446 -87.99 -27.46 37.29
N ASP M 447 -87.46 -28.42 38.03
CA ASP M 447 -88.20 -29.56 38.50
C ASP M 447 -88.77 -29.23 39.86
N SER M 448 -89.79 -29.96 40.28
CA SER M 448 -90.37 -29.76 41.61
C SER M 448 -89.41 -30.22 42.70
N PRO M 449 -89.14 -29.35 43.69
CA PRO M 449 -88.24 -29.77 44.77
C PRO M 449 -89.01 -30.49 45.87
N ASP M 450 -88.31 -31.37 46.59
CA ASP M 450 -88.92 -32.08 47.75
C ASP M 450 -89.12 -31.15 48.97
N ILE M 451 -88.17 -30.21 49.11
CA ILE M 451 -88.16 -29.29 50.22
C ILE M 451 -87.40 -28.00 49.93
N VAL M 452 -87.98 -26.88 50.35
CA VAL M 452 -87.22 -25.64 50.39
C VAL M 452 -86.83 -25.28 51.84
N LEU M 453 -85.53 -25.03 52.01
CA LEU M 453 -84.92 -24.65 53.30
C LEU M 453 -84.42 -23.23 53.18
N ALA M 454 -84.62 -22.45 54.23
CA ALA M 454 -84.10 -21.07 54.32
C ALA M 454 -83.80 -20.65 55.77
N GLU M 455 -83.20 -19.49 55.93
CA GLU M 455 -82.85 -19.07 57.26
C GLU M 455 -84.05 -18.42 57.97
N PRO M 456 -84.68 -17.38 57.35
CA PRO M 456 -84.39 -16.76 56.05
C PRO M 456 -83.33 -15.69 56.18
N PHE M 457 -82.50 -15.54 55.14
CA PHE M 457 -81.59 -14.42 55.15
C PHE M 457 -81.43 -13.74 53.81
N TYR M 458 -81.72 -12.44 53.78
CA TYR M 458 -81.60 -11.57 52.61
C TYR M 458 -80.71 -10.39 52.91
N MET M 459 -79.54 -10.31 52.27
CA MET M 459 -78.56 -9.27 52.57
C MET M 459 -79.17 -7.89 52.39
N SER M 460 -79.85 -7.68 51.26
CA SER M 460 -80.70 -6.49 51.02
C SER M 460 -81.62 -6.02 52.20
N ALA M 461 -81.83 -6.86 53.22
CA ALA M 461 -82.78 -6.55 54.32
C ALA M 461 -82.47 -5.21 54.99
N MET M 462 -83.41 -4.27 54.89
CA MET M 462 -83.21 -2.91 55.43
C MET M 462 -83.24 -2.97 56.94
N ASN M 463 -83.88 -4.02 57.46
CA ASN M 463 -83.95 -4.23 58.90
C ASN M 463 -83.57 -5.63 59.34
N PRO M 464 -82.97 -5.74 60.54
CA PRO M 464 -82.59 -7.04 61.13
C PRO M 464 -83.78 -7.96 61.47
N TRP M 465 -84.97 -7.38 61.51
CA TRP M 465 -86.23 -8.11 61.73
C TRP M 465 -87.11 -8.11 60.49
N ASN M 466 -86.51 -7.84 59.32
CA ASN M 466 -87.22 -7.79 58.06
C ASN M 466 -86.50 -8.59 56.97
N HIS M 467 -86.53 -9.92 57.11
CA HIS M 467 -86.16 -10.87 56.05
C HIS M 467 -87.41 -11.53 55.57
N LEU M 468 -88.50 -10.79 55.64
CA LEU M 468 -89.82 -11.32 55.32
C LEU M 468 -90.04 -11.28 53.80
N ARG M 469 -89.00 -10.87 53.08
CA ARG M 469 -88.90 -11.15 51.67
C ARG M 469 -89.17 -12.64 51.40
N PHE M 470 -88.85 -13.47 52.41
CA PHE M 470 -88.99 -14.94 52.40
C PHE M 470 -90.44 -15.39 52.19
N LEU M 471 -91.36 -14.59 52.69
CA LEU M 471 -92.76 -14.94 52.66
C LEU M 471 -93.23 -14.91 51.24
N TYR M 472 -92.84 -13.84 50.52
CA TYR M 472 -93.17 -13.65 49.12
C TYR M 472 -92.63 -14.79 48.24
N ASP M 473 -91.35 -15.08 48.38
CA ASP M 473 -90.71 -16.14 47.63
C ASP M 473 -91.44 -17.44 47.86
N VAL M 474 -91.76 -17.74 49.11
CA VAL M 474 -92.54 -18.95 49.43
C VAL M 474 -93.88 -19.00 48.66
N GLU M 475 -94.56 -17.86 48.58
CA GLU M 475 -95.83 -17.75 47.84
C GLU M 475 -95.68 -18.12 46.36
N VAL M 476 -94.82 -17.40 45.63
CA VAL M 476 -94.46 -17.78 44.24
C VAL M 476 -94.20 -19.30 44.18
N LEU M 477 -93.31 -19.79 45.05
CA LEU M 477 -92.94 -21.20 45.10
C LEU M 477 -94.12 -22.18 45.28
N LYS M 478 -95.07 -21.81 46.12
CA LYS M 478 -96.21 -22.68 46.41
C LYS M 478 -97.26 -22.56 45.28
N MET M 479 -97.44 -21.36 44.74
CA MET M 479 -98.19 -21.20 43.49
C MET M 479 -97.64 -22.08 42.33
N MET M 480 -96.32 -22.13 42.20
CA MET M 480 -95.70 -22.79 41.04
C MET M 480 -95.59 -24.27 41.22
N HIS M 481 -95.07 -24.69 42.34
CA HIS M 481 -95.04 -26.09 42.64
C HIS M 481 -96.10 -26.27 43.68
N GLY M 482 -96.28 -27.47 44.21
CA GLY M 482 -97.42 -27.71 45.10
C GLY M 482 -97.77 -26.79 46.28
N ASP M 483 -99.06 -26.74 46.63
CA ASP M 483 -99.43 -26.34 47.99
C ASP M 483 -98.87 -27.36 49.00
N GLU M 484 -98.68 -28.61 48.57
CA GLU M 484 -98.23 -29.63 49.50
C GLU M 484 -96.74 -29.46 49.91
N LEU M 485 -96.05 -28.57 49.20
CA LEU M 485 -94.58 -28.38 49.24
C LEU M 485 -94.05 -28.09 50.62
N ARG M 486 -93.03 -28.82 51.04
CA ARG M 486 -92.45 -28.62 52.36
C ARG M 486 -91.48 -27.43 52.37
N VAL M 487 -91.69 -26.52 53.32
CA VAL M 487 -90.80 -25.38 53.51
C VAL M 487 -90.41 -25.19 54.98
N GLU M 488 -89.14 -24.84 55.17
CA GLU M 488 -88.56 -24.55 56.49
C GLU M 488 -87.74 -23.23 56.43
N PRO M 489 -87.92 -22.31 57.42
CA PRO M 489 -88.80 -22.42 58.60
C PRO M 489 -90.31 -22.50 58.28
N HIS M 490 -91.03 -23.28 59.08
CA HIS M 490 -92.47 -23.35 58.96
C HIS M 490 -93.18 -22.21 59.62
N MET M 491 -92.48 -21.45 60.47
CA MET M 491 -93.17 -20.41 61.27
C MET M 491 -92.21 -19.37 61.83
N GLY M 492 -92.68 -18.14 61.89
CA GLY M 492 -91.92 -17.07 62.51
C GLY M 492 -92.69 -16.08 63.35
N VAL M 493 -91.96 -15.46 64.26
CA VAL M 493 -92.55 -14.52 65.21
C VAL M 493 -91.62 -13.34 65.63
N LEU M 494 -92.19 -12.14 65.64
CA LEU M 494 -91.55 -10.96 66.18
C LEU M 494 -91.89 -10.85 67.71
N LYS M 495 -90.83 -10.76 68.50
CA LYS M 495 -90.88 -10.78 69.95
C LYS M 495 -90.31 -9.49 70.47
N ALA M 496 -90.88 -9.08 71.60
CA ALA M 496 -90.48 -7.92 72.39
C ALA M 496 -90.32 -8.33 73.87
N ILE M 497 -89.48 -7.59 74.60
CA ILE M 497 -89.27 -7.83 76.03
C ILE M 497 -89.01 -6.49 76.77
N PRO M 498 -89.53 -6.37 78.02
CA PRO M 498 -89.14 -5.28 78.94
C PRO M 498 -87.76 -5.50 79.54
N GLU M 499 -86.85 -4.55 79.32
CA GLU M 499 -85.52 -4.64 79.89
C GLU M 499 -85.04 -3.35 80.58
N LYS M 500 -84.21 -3.54 81.59
CA LYS M 500 -83.59 -2.45 82.30
C LYS M 500 -82.12 -2.49 81.92
N PHE M 501 -81.73 -1.58 81.04
CA PHE M 501 -80.33 -1.56 80.68
C PHE M 501 -79.63 -0.80 81.75
N GLU M 502 -78.40 -1.23 82.02
CA GLU M 502 -77.55 -0.50 82.91
C GLU M 502 -77.28 0.93 82.36
N ASP M 503 -76.89 1.04 81.09
CA ASP M 503 -76.41 2.31 80.54
C ASP M 503 -76.94 2.72 79.16
N LEU M 504 -77.27 1.73 78.32
CA LEU M 504 -77.60 1.98 76.92
C LEU M 504 -78.60 3.13 76.75
N GLN M 505 -79.59 3.17 77.64
CA GLN M 505 -80.68 4.17 77.60
C GLN M 505 -80.17 5.60 77.50
N ASN M 506 -79.02 5.88 78.13
CA ASN M 506 -78.39 7.21 78.02
C ASN M 506 -78.08 7.68 76.58
N ILE M 507 -78.05 6.77 75.61
CA ILE M 507 -77.85 7.24 74.23
C ILE M 507 -79.03 8.04 73.69
N ALA M 508 -80.20 7.89 74.32
CA ALA M 508 -81.48 8.46 73.83
C ALA M 508 -82.34 9.28 74.86
N SER M 509 -82.04 9.18 76.16
CA SER M 509 -82.75 9.94 77.22
C SER M 509 -82.39 11.44 77.26
N ASP M 510 -83.36 12.29 77.62
CA ASP M 510 -83.16 13.76 77.64
C ASP M 510 -81.94 14.20 78.47
N VAL M 511 -81.41 15.38 78.15
CA VAL M 511 -80.09 15.82 78.61
C VAL M 511 -80.13 16.63 79.92
N GLY M 512 -81.00 17.64 79.97
CA GLY M 512 -81.23 18.44 81.19
C GLY M 512 -80.07 19.30 81.69
N THR M 513 -79.83 19.26 83.00
CA THR M 513 -78.78 20.05 83.64
C THR M 513 -77.55 19.17 83.81
N VAL M 514 -76.42 19.66 83.31
CA VAL M 514 -75.18 18.89 83.34
C VAL M 514 -74.03 19.78 83.85
N ASN M 515 -73.39 19.36 84.95
CA ASN M 515 -72.47 20.19 85.71
C ASN M 515 -73.08 21.57 86.01
N GLY M 516 -74.33 21.56 86.52
CA GLY M 516 -75.10 22.79 86.80
C GLY M 516 -75.50 23.70 85.64
N PHE M 517 -75.30 23.24 84.40
CA PHE M 517 -75.69 24.00 83.21
C PHE M 517 -76.94 23.40 82.58
N ASP M 518 -77.97 24.23 82.39
CA ASP M 518 -79.21 23.77 81.78
C ASP M 518 -79.21 23.78 80.25
N LEU M 519 -79.46 22.61 79.69
CA LEU M 519 -79.34 22.40 78.24
C LEU M 519 -80.63 21.84 77.66
N SER M 520 -81.74 22.13 78.34
CA SER M 520 -83.06 21.76 77.84
C SER M 520 -83.42 22.49 76.52
N PHE M 521 -82.65 23.51 76.15
CA PHE M 521 -82.84 24.12 74.85
C PHE M 521 -82.26 23.15 73.84
N PHE M 522 -81.23 22.41 74.25
CA PHE M 522 -80.71 21.38 73.35
C PHE M 522 -81.71 20.25 73.23
N ASP M 523 -82.25 19.77 74.37
CA ASP M 523 -83.24 18.66 74.36
C ASP M 523 -84.40 19.02 73.46
N GLU M 524 -84.84 20.26 73.57
CA GLU M 524 -85.92 20.77 72.74
C GLU M 524 -85.61 20.61 71.23
N ILE M 525 -84.48 21.12 70.76
CA ILE M 525 -84.14 20.95 69.34
C ILE M 525 -83.64 19.54 68.91
N SER M 526 -82.95 18.83 69.80
CA SER M 526 -82.58 17.41 69.59
C SER M 526 -83.85 16.55 69.39
N THR M 527 -84.76 16.61 70.37
CA THR M 527 -86.03 15.89 70.29
C THR M 527 -86.80 16.25 69.02
N LYS M 528 -86.82 17.53 68.68
CA LYS M 528 -87.55 17.95 67.50
C LYS M 528 -87.03 17.27 66.22
N ALA M 529 -85.71 17.26 66.08
CA ALA M 529 -85.00 16.64 64.97
C ALA M 529 -85.24 15.14 64.91
N ARG M 530 -85.21 14.51 66.07
CA ARG M 530 -85.24 13.05 66.14
C ARG M 530 -86.65 12.55 65.81
N THR M 531 -87.66 13.30 66.22
CA THR M 531 -89.05 13.00 65.88
C THR M 531 -89.26 13.19 64.38
N ALA M 532 -88.57 14.20 63.85
CA ALA M 532 -88.69 14.49 62.44
C ALA M 532 -87.90 13.49 61.58
N THR M 533 -86.78 12.99 62.09
CA THR M 533 -85.93 12.20 61.18
C THR M 533 -85.62 10.73 61.53
N ASP M 534 -85.80 10.33 62.78
CA ASP M 534 -85.33 9.01 63.23
C ASP M 534 -86.29 7.87 63.05
N ALA M 535 -85.72 6.68 62.84
CA ALA M 535 -86.48 5.45 62.97
C ALA M 535 -87.03 5.47 64.39
N ILE M 536 -88.32 5.18 64.53
CA ILE M 536 -88.94 4.93 65.83
C ILE M 536 -88.14 3.93 66.70
N VAL M 537 -87.98 2.70 66.18
CA VAL M 537 -87.16 1.70 66.85
C VAL M 537 -85.74 1.88 66.31
N ASP M 538 -84.80 1.86 67.23
CA ASP M 538 -83.40 1.88 66.89
C ASP M 538 -82.95 0.41 66.75
N GLU M 539 -81.67 0.25 66.44
CA GLU M 539 -81.11 -1.02 66.05
C GLU M 539 -79.68 -1.14 66.55
N GLN M 540 -79.32 -2.29 67.09
CA GLN M 540 -78.22 -2.27 68.00
C GLN M 540 -77.79 -3.71 68.31
N SER M 541 -76.52 -3.90 68.68
CA SER M 541 -75.98 -5.22 69.03
C SER M 541 -76.21 -5.41 70.50
N LEU M 542 -77.39 -5.89 70.88
CA LEU M 542 -77.78 -5.91 72.28
C LEU M 542 -76.83 -6.66 73.21
N TRP M 543 -76.08 -7.62 72.68
CA TRP M 543 -75.14 -8.36 73.49
C TRP M 543 -74.03 -7.46 74.00
N GLU M 544 -73.95 -6.25 73.48
CA GLU M 544 -72.87 -5.33 73.85
C GLU M 544 -73.29 -4.34 74.94
N TYR M 545 -74.50 -4.53 75.47
CA TYR M 545 -75.03 -3.66 76.52
C TYR M 545 -75.63 -4.55 77.62
N ALA M 546 -75.05 -4.43 78.82
CA ALA M 546 -75.52 -5.14 79.99
C ALA M 546 -76.90 -4.64 80.47
N GLY M 547 -77.69 -5.59 80.97
CA GLY M 547 -79.06 -5.33 81.37
C GLY M 547 -79.74 -6.47 82.10
N ILE M 548 -80.86 -6.13 82.73
CA ILE M 548 -81.69 -7.13 83.35
C ILE M 548 -83.09 -7.02 82.71
N VAL M 549 -83.56 -8.15 82.18
CA VAL M 549 -84.89 -8.35 81.60
C VAL M 549 -86.04 -8.29 82.68
N LYS M 550 -87.06 -7.43 82.52
CA LYS M 550 -88.09 -7.23 83.59
C LYS M 550 -89.51 -7.88 83.44
N GLY M 551 -89.59 -9.05 82.82
CA GLY M 551 -90.87 -9.70 82.49
C GLY M 551 -90.61 -10.74 81.40
N ASP M 552 -91.62 -11.55 81.05
CA ASP M 552 -91.38 -12.54 79.99
C ASP M 552 -91.33 -11.89 78.60
N ALA M 553 -90.76 -12.61 77.63
CA ALA M 553 -90.87 -12.20 76.23
C ALA M 553 -92.32 -12.37 75.77
N VAL M 554 -92.92 -11.31 75.22
CA VAL M 554 -94.23 -11.44 74.54
C VAL M 554 -94.19 -11.46 72.99
N GLU M 555 -95.21 -12.06 72.39
CA GLU M 555 -95.29 -12.22 70.95
C GLU M 555 -96.02 -11.06 70.27
N ILE M 556 -95.36 -10.41 69.32
CA ILE M 556 -95.97 -9.28 68.65
C ILE M 556 -96.72 -9.70 67.39
N LEU M 557 -95.98 -10.35 66.46
CA LEU M 557 -96.53 -10.75 65.16
C LEU M 557 -96.17 -12.20 64.84
N ARG M 558 -97.05 -12.88 64.12
CA ARG M 558 -96.87 -14.28 63.83
C ARG M 558 -97.03 -14.59 62.36
N PHE M 559 -96.01 -15.25 61.82
CA PHE M 559 -95.92 -15.58 60.41
C PHE M 559 -95.94 -17.07 60.19
N PRO M 560 -97.14 -17.60 59.92
CA PRO M 560 -97.29 -18.99 59.56
C PRO M 560 -96.96 -19.09 58.09
N ILE M 561 -96.03 -19.97 57.74
CA ILE M 561 -95.48 -19.94 56.39
C ILE M 561 -96.41 -20.60 55.36
N ASP M 562 -97.32 -19.78 54.82
CA ASP M 562 -98.38 -20.18 53.90
C ASP M 562 -98.12 -19.58 52.54
N GLY M 563 -98.67 -20.18 51.49
CA GLY M 563 -98.68 -19.57 50.16
C GLY M 563 -99.58 -18.34 50.07
N ARG M 564 -100.00 -17.83 51.23
CA ARG M 564 -100.93 -16.72 51.34
C ARG M 564 -100.28 -15.67 52.24
N VAL M 565 -99.85 -14.54 51.69
CA VAL M 565 -99.23 -13.48 52.51
C VAL M 565 -100.15 -12.26 52.68
N SER M 566 -100.48 -11.98 53.95
CA SER M 566 -101.47 -10.97 54.29
C SER M 566 -100.93 -9.88 55.20
N SER M 567 -101.58 -8.73 55.14
CA SER M 567 -101.28 -7.64 56.06
C SER M 567 -101.72 -8.08 57.44
N GLN M 568 -100.99 -7.67 58.45
CA GLN M 568 -101.26 -8.09 59.81
C GLN M 568 -101.13 -6.90 60.73
N LYS M 569 -102.10 -6.76 61.62
CA LYS M 569 -102.18 -5.59 62.49
C LYS M 569 -102.20 -6.13 63.88
N CYS M 570 -101.53 -5.45 64.80
CA CYS M 570 -101.53 -5.92 66.17
C CYS M 570 -101.37 -4.80 67.18
N VAL M 571 -102.11 -4.96 68.28
CA VAL M 571 -101.95 -4.12 69.46
C VAL M 571 -101.87 -4.98 70.74
N VAL M 572 -100.77 -4.79 71.47
CA VAL M 572 -100.50 -5.49 72.72
C VAL M 572 -99.78 -4.54 73.69
N ASN M 573 -100.28 -4.42 74.92
CA ASN M 573 -99.60 -3.60 75.93
C ASN M 573 -98.44 -4.37 76.55
N ILE M 574 -97.38 -3.63 76.91
CA ILE M 574 -96.21 -4.25 77.50
C ILE M 574 -96.12 -3.80 78.93
N ASP M 575 -96.01 -4.76 79.84
CA ASP M 575 -96.07 -4.51 81.30
C ASP M 575 -94.66 -4.27 81.84
N ASN M 576 -94.54 -3.95 83.13
CA ASN M 576 -93.23 -3.82 83.80
C ASN M 576 -92.34 -2.63 83.33
N MET M 577 -92.90 -1.70 82.52
CA MET M 577 -92.14 -0.55 82.00
C MET M 577 -91.75 0.47 83.07
N SER M 578 -92.57 0.51 84.13
CA SER M 578 -92.27 1.18 85.38
C SER M 578 -90.79 1.08 85.76
N SER M 579 -90.26 -0.14 85.83
CA SER M 579 -88.85 -0.39 86.20
C SER M 579 -87.90 -0.76 85.02
N SER M 580 -88.40 -0.61 83.80
CA SER M 580 -87.64 -0.94 82.61
C SER M 580 -87.35 0.37 81.85
N ASN M 581 -86.30 0.37 81.03
CA ASN M 581 -86.01 1.58 80.24
C ASN M 581 -85.89 1.36 78.70
N ALA M 582 -86.42 0.25 78.21
CA ALA M 582 -86.29 -0.06 76.80
C ALA M 582 -87.07 -1.32 76.46
N ILE M 583 -87.54 -1.38 75.21
CA ILE M 583 -88.17 -2.58 74.66
C ILE M 583 -87.37 -3.12 73.46
N PRO M 584 -86.42 -4.05 73.74
CA PRO M 584 -85.77 -4.88 72.71
C PRO M 584 -86.78 -5.67 71.95
N MET M 585 -86.58 -5.79 70.63
CA MET M 585 -87.39 -6.65 69.80
C MET M 585 -86.53 -7.43 68.79
N TRP M 586 -86.95 -8.66 68.52
CA TRP M 586 -86.23 -9.55 67.64
C TRP M 586 -87.18 -10.56 66.98
N MET M 587 -86.63 -11.41 66.12
CA MET M 587 -87.44 -12.37 65.39
C MET M 587 -86.90 -13.77 65.69
N GLU M 588 -87.80 -14.75 65.70
CA GLU M 588 -87.39 -16.14 65.84
C GLU M 588 -88.14 -16.96 64.78
N TRP M 589 -87.52 -18.07 64.34
CA TRP M 589 -88.06 -18.92 63.27
C TRP M 589 -88.05 -20.35 63.67
N GLU M 590 -89.17 -21.05 63.42
CA GLU M 590 -89.20 -22.48 63.75
C GLU M 590 -88.77 -23.29 62.54
N PHE M 591 -87.64 -23.97 62.68
CA PHE M 591 -86.96 -24.59 61.56
C PHE M 591 -86.93 -26.05 61.85
N GLY M 592 -87.78 -26.81 61.18
CA GLY M 592 -87.85 -28.26 61.46
C GLY M 592 -88.30 -28.49 62.90
N GLY M 593 -87.41 -29.11 63.67
CA GLY M 593 -87.62 -29.35 65.10
C GLY M 593 -86.92 -28.37 66.03
N ILE M 594 -86.30 -27.34 65.47
CA ILE M 594 -85.56 -26.37 66.28
C ILE M 594 -85.97 -24.88 66.23
N ASN M 595 -85.72 -24.16 67.33
CA ASN M 595 -85.89 -22.72 67.39
C ASN M 595 -84.61 -21.92 67.04
N LEU M 596 -84.66 -21.13 65.96
CA LEU M 596 -83.56 -20.21 65.67
C LEU M 596 -83.99 -18.80 66.08
N SER M 597 -83.27 -18.22 67.04
CA SER M 597 -83.60 -16.84 67.44
C SER M 597 -82.59 -15.89 66.89
N THR M 598 -83.07 -14.79 66.34
CA THR M 598 -82.16 -13.69 65.95
C THR M 598 -81.78 -12.73 67.11
N GLY M 599 -82.48 -12.84 68.25
CA GLY M 599 -82.23 -11.99 69.41
C GLY M 599 -81.96 -12.74 70.71
N LEU M 600 -83.01 -12.89 71.52
CA LEU M 600 -82.89 -13.58 72.78
C LEU M 600 -82.45 -15.02 72.61
N LEU M 601 -81.37 -15.41 73.24
CA LEU M 601 -81.01 -16.80 73.22
C LEU M 601 -81.46 -17.44 74.50
N SER M 602 -81.31 -16.73 75.60
CA SER M 602 -81.63 -17.28 76.91
C SER M 602 -81.62 -16.16 77.93
N ILE M 603 -82.15 -16.47 79.11
CA ILE M 603 -82.17 -15.58 80.27
C ILE M 603 -81.62 -16.31 81.52
N SER M 604 -80.75 -15.65 82.28
CA SER M 604 -80.12 -16.23 83.45
C SER M 604 -81.11 -16.26 84.61
N SER M 605 -80.78 -17.00 85.69
CA SER M 605 -81.63 -16.97 86.89
C SER M 605 -81.74 -15.56 87.49
N ALA M 606 -80.70 -14.72 87.31
CA ALA M 606 -80.77 -13.31 87.76
C ALA M 606 -81.60 -12.42 86.85
N GLY M 607 -81.98 -12.92 85.66
CA GLY M 607 -82.58 -12.08 84.61
C GLY M 607 -81.65 -11.56 83.49
N VAL M 608 -80.42 -12.10 83.40
CA VAL M 608 -79.43 -11.63 82.44
C VAL M 608 -79.69 -12.25 81.08
N PRO M 609 -80.04 -11.40 80.10
CA PRO M 609 -80.27 -11.78 78.70
C PRO M 609 -78.98 -12.05 77.99
N GLU M 610 -78.91 -13.22 77.40
CA GLU M 610 -77.96 -13.52 76.37
C GLU M 610 -78.53 -13.01 75.04
N TRP M 611 -77.68 -12.41 74.20
CA TRP M 611 -78.17 -12.01 72.89
C TRP M 611 -77.33 -12.66 71.81
N ASN M 612 -77.94 -12.81 70.65
CA ASN M 612 -77.29 -13.38 69.48
C ASN M 612 -76.36 -12.34 68.88
N LYS M 613 -75.08 -12.71 68.78
CA LYS M 613 -74.06 -11.77 68.26
C LYS M 613 -74.03 -11.71 66.72
N GLY M 614 -74.86 -12.52 66.06
CA GLY M 614 -74.82 -12.69 64.61
C GLY M 614 -75.77 -11.73 63.98
N TYR M 615 -76.49 -11.00 64.81
CA TYR M 615 -77.48 -10.06 64.33
C TYR M 615 -77.47 -8.90 65.24
N LYS M 616 -77.92 -7.78 64.70
CA LYS M 616 -78.34 -6.62 65.47
C LYS M 616 -79.86 -6.74 65.82
N GLN M 617 -80.33 -6.00 66.84
CA GLN M 617 -81.70 -6.13 67.31
C GLN M 617 -82.44 -4.78 67.35
N GLY M 618 -83.74 -4.84 67.47
CA GLY M 618 -84.49 -3.62 67.67
C GLY M 618 -84.34 -3.17 69.11
N VAL M 619 -84.44 -1.87 69.32
CA VAL M 619 -84.66 -1.33 70.64
C VAL M 619 -85.42 -0.03 70.60
N TYR M 620 -86.51 -0.03 71.34
CA TYR M 620 -87.29 1.17 71.60
C TYR M 620 -86.96 1.72 72.97
N PHE M 621 -86.65 3.02 73.01
CA PHE M 621 -86.46 3.69 74.28
C PHE M 621 -87.68 4.56 74.53
N PRO M 622 -88.33 4.36 75.71
CA PRO M 622 -89.53 5.16 76.01
C PRO M 622 -89.24 6.63 75.85
N ILE M 623 -89.96 7.26 74.95
CA ILE M 623 -89.77 8.69 74.72
C ILE M 623 -90.22 9.43 75.99
N THR M 624 -89.87 10.70 76.09
CA THR M 624 -89.90 11.39 77.39
C THR M 624 -91.31 11.44 78.06
N ALA M 625 -92.36 11.68 77.27
CA ALA M 625 -93.72 11.78 77.81
C ALA M 625 -94.26 10.46 78.36
N LEU M 626 -93.58 9.36 78.06
CA LEU M 626 -94.03 8.03 78.52
C LEU M 626 -92.96 7.41 79.39
N ARG M 627 -91.95 8.19 79.76
CA ARG M 627 -90.86 7.65 80.59
C ARG M 627 -91.37 7.01 81.90
N ASN M 628 -92.48 7.52 82.44
CA ASN M 628 -92.95 7.10 83.77
C ASN M 628 -93.96 5.96 83.74
N ASP M 629 -94.66 5.82 82.62
CA ASP M 629 -95.72 4.83 82.42
C ASP M 629 -95.42 3.43 82.97
N LYS M 630 -96.43 2.84 83.61
CA LYS M 630 -96.38 1.47 84.15
C LYS M 630 -96.33 0.43 83.03
N SER M 631 -97.05 0.75 81.94
CA SER M 631 -97.26 -0.14 80.82
C SER M 631 -97.44 0.70 79.57
N LEU M 632 -96.94 0.17 78.44
CA LEU M 632 -97.00 0.87 77.14
C LEU M 632 -97.80 0.10 76.08
N CYS M 633 -98.34 0.83 75.12
CA CYS M 633 -99.00 0.19 74.00
C CYS M 633 -98.07 0.12 72.78
N LEU M 634 -98.10 -1.03 72.12
CA LEU M 634 -97.30 -1.27 70.92
C LEU M 634 -98.23 -1.50 69.75
N HIS M 635 -98.19 -0.61 68.78
CA HIS M 635 -98.93 -0.82 67.53
C HIS M 635 -97.94 -1.26 66.50
N ALA M 636 -98.02 -2.53 66.15
CA ALA M 636 -97.23 -3.06 65.06
C ALA M 636 -98.13 -3.49 63.88
N LEU M 637 -97.71 -3.13 62.67
CA LEU M 637 -98.42 -3.50 61.44
C LEU M 637 -97.43 -4.01 60.41
N PHE M 638 -97.56 -5.28 60.06
CA PHE M 638 -96.91 -5.83 58.89
C PHE M 638 -97.68 -5.38 57.67
N ASP M 639 -96.98 -4.80 56.69
CA ASP M 639 -97.59 -4.19 55.49
C ASP M 639 -97.31 -5.01 54.24
N LYS M 640 -98.24 -5.93 53.94
CA LYS M 640 -98.09 -6.84 52.80
C LYS M 640 -97.62 -6.19 51.47
N SER M 641 -98.08 -4.97 51.19
CA SER M 641 -97.62 -4.14 50.06
C SER M 641 -96.13 -3.74 50.09
N THR M 642 -95.69 -3.24 51.22
CA THR M 642 -94.33 -2.81 51.33
C THR M 642 -93.46 -3.96 51.88
N GLY M 643 -94.08 -4.89 52.59
CA GLY M 643 -93.29 -5.91 53.31
C GLY M 643 -92.57 -5.44 54.58
N ASP M 644 -92.81 -4.19 55.02
CA ASP M 644 -92.24 -3.66 56.28
C ASP M 644 -93.15 -3.90 57.48
N ILE M 645 -92.55 -3.81 58.67
CA ILE M 645 -93.32 -3.72 59.91
C ILE M 645 -93.24 -2.28 60.39
N ASN M 646 -94.38 -1.64 60.62
CA ASN M 646 -94.33 -0.30 61.25
C ASN M 646 -94.70 -0.33 62.72
N PHE M 647 -94.02 0.49 63.49
CA PHE M 647 -94.16 0.46 64.93
C PHE M 647 -94.59 1.83 65.41
N GLN M 648 -95.54 1.86 66.34
CA GLN M 648 -95.78 3.07 67.12
C GLN M 648 -95.85 2.67 68.59
N PHE M 649 -95.27 3.48 69.47
CA PHE M 649 -95.45 3.30 70.91
C PHE M 649 -96.22 4.47 71.54
N GLY M 650 -97.25 4.14 72.33
CA GLY M 650 -98.08 5.13 73.01
C GLY M 650 -98.43 4.75 74.44
N LYS M 651 -99.71 4.89 74.78
CA LYS M 651 -100.12 4.84 76.18
C LYS M 651 -100.67 3.52 76.77
N SER M 652 -101.89 3.14 76.40
CA SER M 652 -102.55 1.92 76.92
C SER M 652 -103.98 1.73 76.37
N MET N 9 -59.98 -18.05 34.86
CA MET N 9 -60.24 -19.02 35.99
C MET N 9 -61.59 -19.80 35.89
N PHE N 10 -61.48 -21.11 35.74
CA PHE N 10 -62.68 -21.90 35.57
C PHE N 10 -63.17 -22.60 36.82
N LEU N 11 -64.46 -22.45 37.04
CA LEU N 11 -65.07 -22.92 38.25
C LEU N 11 -65.90 -24.16 37.97
N GLU N 12 -65.44 -25.29 38.50
CA GLU N 12 -66.06 -26.55 38.16
C GLU N 12 -67.40 -26.74 38.89
N LYS N 13 -68.43 -27.11 38.12
CA LYS N 13 -69.77 -27.48 38.61
C LYS N 13 -70.24 -28.80 37.93
N ILE N 14 -71.23 -29.48 38.50
CA ILE N 14 -71.81 -30.68 37.85
C ILE N 14 -73.24 -30.41 37.38
N ASN N 15 -73.48 -30.58 36.08
CA ASN N 15 -74.81 -30.45 35.52
C ASN N 15 -75.72 -31.42 36.27
N GLN N 16 -76.69 -30.87 36.98
CA GLN N 16 -77.51 -31.66 37.92
C GLN N 16 -78.45 -32.69 37.29
N LYS N 17 -78.46 -32.73 35.96
CA LYS N 17 -79.48 -33.46 35.24
C LYS N 17 -78.92 -34.31 34.11
N THR N 18 -77.83 -33.87 33.49
CA THR N 18 -77.08 -34.77 32.62
C THR N 18 -76.03 -35.54 33.44
N GLY N 19 -75.54 -34.93 34.52
CA GLY N 19 -74.38 -35.45 35.29
C GLY N 19 -73.00 -35.03 34.78
N GLU N 20 -72.95 -34.28 33.67
CA GLU N 20 -71.68 -33.89 33.03
C GLU N 20 -70.89 -32.80 33.79
N ARG N 21 -69.57 -32.86 33.67
CA ARG N 21 -68.65 -31.89 34.24
C ARG N 21 -68.71 -30.62 33.40
N GLU N 22 -68.69 -29.48 34.08
CA GLU N 22 -68.91 -28.18 33.46
C GLU N 22 -68.19 -27.09 34.20
N TRP N 23 -68.27 -25.89 33.65
CA TRP N 23 -67.51 -24.79 34.16
C TRP N 23 -68.27 -23.53 33.99
N VAL N 24 -68.17 -22.66 35.00
CA VAL N 24 -68.62 -21.29 34.87
C VAL N 24 -67.39 -20.42 35.09
N VAL N 25 -67.49 -19.13 34.78
CA VAL N 25 -66.52 -18.14 35.29
C VAL N 25 -67.30 -17.04 36.00
N ALA N 26 -66.60 -16.24 36.82
CA ALA N 26 -67.29 -15.17 37.53
C ALA N 26 -67.55 -13.93 36.64
N GLU N 27 -68.46 -13.07 37.12
CA GLU N 27 -68.81 -11.80 36.47
C GLU N 27 -67.65 -11.07 35.77
N GLU N 28 -66.52 -10.92 36.44
CA GLU N 28 -65.39 -10.15 35.88
C GLU N 28 -64.71 -10.88 34.74
N ASP N 29 -64.85 -12.22 34.73
CA ASP N 29 -64.18 -13.07 33.74
C ASP N 29 -65.08 -13.44 32.53
N TYR N 30 -66.33 -12.98 32.51
CA TYR N 30 -67.24 -13.38 31.41
C TYR N 30 -66.71 -13.03 30.00
N ASP N 31 -66.38 -11.75 29.81
CA ASP N 31 -65.89 -11.20 28.57
C ASP N 31 -64.56 -11.83 28.10
N MET N 32 -63.70 -12.12 29.06
CA MET N 32 -62.47 -12.86 28.78
C MET N 32 -62.79 -14.28 28.32
N ALA N 33 -63.78 -14.90 28.98
CA ALA N 33 -64.14 -16.27 28.63
C ALA N 33 -64.76 -16.34 27.24
N GLN N 34 -65.74 -15.47 26.98
CA GLN N 34 -66.39 -15.38 25.67
C GLN N 34 -65.34 -15.31 24.59
N GLU N 35 -64.52 -14.26 24.59
CA GLU N 35 -63.47 -14.15 23.60
C GLU N 35 -62.58 -15.41 23.49
N LEU N 36 -62.26 -16.03 24.61
CA LEU N 36 -61.53 -17.30 24.58
C LEU N 36 -62.37 -18.41 23.94
N ALA N 37 -63.69 -18.34 24.13
CA ALA N 37 -64.62 -19.28 23.48
C ALA N 37 -64.66 -19.11 21.96
N ARG N 38 -64.17 -17.98 21.45
CA ARG N 38 -64.13 -17.73 20.02
C ARG N 38 -62.73 -17.84 19.43
N SER N 39 -61.74 -18.09 20.28
CA SER N 39 -60.35 -18.20 19.89
C SER N 39 -59.99 -19.41 19.00
N ARG N 40 -60.95 -20.29 18.72
CA ARG N 40 -60.67 -21.43 17.85
C ARG N 40 -61.03 -21.16 16.40
N PHE N 41 -61.89 -20.17 16.20
CA PHE N 41 -62.48 -19.87 14.89
C PHE N 41 -62.96 -21.13 14.17
N GLY N 42 -64.12 -21.60 14.60
CA GLY N 42 -64.74 -22.78 14.00
C GLY N 42 -63.71 -23.85 13.70
N ASP N 43 -63.49 -24.08 12.40
CA ASP N 43 -62.62 -25.14 11.90
C ASP N 43 -61.16 -24.72 11.71
N MET N 44 -60.80 -23.51 12.09
CA MET N 44 -59.54 -22.96 11.62
C MET N 44 -58.41 -23.98 11.70
N ILE N 45 -58.29 -24.63 12.83
CA ILE N 45 -57.14 -25.47 13.13
C ILE N 45 -57.28 -26.86 12.48
N LEU N 46 -58.52 -27.24 12.19
CA LEU N 46 -58.79 -28.48 11.48
C LEU N 46 -58.78 -28.30 9.94
N ASP N 47 -58.66 -27.07 9.46
CA ASP N 47 -58.42 -26.82 8.03
C ASP N 47 -57.04 -27.34 7.66
N PHE N 48 -56.96 -28.60 7.25
CA PHE N 48 -55.67 -29.24 7.07
C PHE N 48 -54.93 -28.70 5.85
N ASP N 49 -55.70 -28.26 4.84
CA ASP N 49 -55.12 -27.52 3.70
C ASP N 49 -54.42 -26.25 4.18
N ARG N 50 -55.18 -25.40 4.86
CA ARG N 50 -54.63 -24.21 5.48
C ARG N 50 -53.30 -24.52 6.08
N ASN N 51 -53.27 -25.44 7.02
CA ASN N 51 -52.04 -25.77 7.73
C ASN N 51 -50.94 -26.29 6.78
N ASP N 52 -51.34 -26.95 5.70
CA ASP N 52 -50.36 -27.61 4.83
C ASP N 52 -49.59 -26.54 4.05
N LYS N 53 -50.29 -25.48 3.66
CA LYS N 53 -49.69 -24.38 2.91
C LYS N 53 -48.77 -23.50 3.78
N PHE N 54 -49.20 -23.21 5.00
CA PHE N 54 -48.33 -22.50 5.92
C PHE N 54 -47.04 -23.28 6.20
N LEU N 55 -47.12 -24.60 5.96
CA LEU N 55 -45.97 -25.48 6.12
C LEU N 55 -45.06 -25.38 4.89
N ALA N 56 -45.66 -25.27 3.70
CA ALA N 56 -44.89 -25.02 2.48
C ALA N 56 -44.10 -23.73 2.67
N GLY N 57 -44.81 -22.62 2.86
CA GLY N 57 -44.18 -21.36 3.16
C GLY N 57 -43.01 -21.53 4.10
N LEU N 58 -43.25 -22.12 5.27
CA LEU N 58 -42.16 -22.32 6.23
C LEU N 58 -41.06 -23.19 5.62
N LYS N 59 -41.47 -24.26 4.95
CA LYS N 59 -40.55 -25.17 4.25
C LYS N 59 -39.63 -24.39 3.32
N THR N 60 -40.24 -23.80 2.29
CA THR N 60 -39.56 -23.03 1.25
C THR N 60 -38.67 -21.89 1.77
N THR N 61 -39.21 -21.06 2.65
CA THR N 61 -38.50 -19.84 3.02
C THR N 61 -37.36 -20.09 4.00
N ILE N 62 -37.54 -21.03 4.92
CA ILE N 62 -36.49 -21.31 5.90
C ILE N 62 -35.30 -21.98 5.20
N ALA N 63 -35.58 -22.53 4.02
CA ALA N 63 -34.53 -22.92 3.09
C ALA N 63 -33.87 -21.63 2.62
N GLU N 64 -34.56 -20.93 1.72
CA GLU N 64 -34.17 -19.63 1.19
C GLU N 64 -33.08 -18.95 2.01
N LYS N 65 -33.34 -18.69 3.29
CA LYS N 65 -32.38 -17.94 4.13
C LYS N 65 -31.58 -18.78 5.15
N LYS N 66 -31.28 -20.03 4.81
CA LYS N 66 -30.36 -20.82 5.64
C LYS N 66 -28.89 -20.51 5.30
N HIS N 67 -28.67 -19.85 4.16
CA HIS N 67 -27.33 -19.48 3.69
C HIS N 67 -27.22 -18.01 3.38
N VAL N 74 -31.47 -17.84 11.23
CA VAL N 74 -32.80 -17.76 10.63
C VAL N 74 -33.87 -17.49 11.69
N HIS N 75 -33.64 -16.47 12.51
CA HIS N 75 -34.62 -15.96 13.50
C HIS N 75 -35.90 -15.58 12.80
N VAL N 76 -37.05 -15.85 13.42
CA VAL N 76 -38.33 -15.78 12.67
C VAL N 76 -39.51 -15.39 13.58
N LEU N 77 -40.51 -14.76 12.99
CA LEU N 77 -41.62 -14.22 13.77
C LEU N 77 -43.02 -14.59 13.27
N ASP N 78 -43.73 -15.36 14.10
CA ASP N 78 -45.16 -15.63 13.92
C ASP N 78 -45.95 -14.61 14.72
N ILE N 79 -46.77 -13.85 14.00
CA ILE N 79 -47.68 -12.89 14.63
C ILE N 79 -49.09 -13.46 14.74
N GLY N 80 -49.63 -13.39 15.95
CA GLY N 80 -50.99 -13.84 16.20
C GLY N 80 -50.94 -15.34 16.24
N THR N 81 -50.03 -15.84 17.05
CA THR N 81 -49.63 -17.22 17.00
C THR N 81 -50.80 -18.17 17.28
N GLY N 82 -51.74 -17.70 18.09
CA GLY N 82 -52.92 -18.46 18.49
C GLY N 82 -52.55 -19.60 19.42
N THR N 83 -52.95 -20.81 19.06
CA THR N 83 -52.49 -22.02 19.74
C THR N 83 -50.95 -22.12 19.74
N GLY N 84 -50.30 -21.47 18.77
CA GLY N 84 -48.86 -21.57 18.56
C GLY N 84 -48.51 -22.49 17.39
N LEU N 85 -49.51 -23.19 16.87
CA LEU N 85 -49.35 -24.17 15.79
C LEU N 85 -48.32 -23.74 14.77
N LEU N 86 -48.48 -22.51 14.27
CA LEU N 86 -47.65 -21.98 13.20
C LEU N 86 -46.21 -21.80 13.62
N SER N 87 -46.00 -21.45 14.89
CA SER N 87 -44.67 -21.28 15.46
C SER N 87 -44.01 -22.62 15.79
N LEU N 88 -44.81 -23.67 15.83
CA LEU N 88 -44.31 -25.02 16.06
C LEU N 88 -43.82 -25.58 14.74
N MET N 89 -44.72 -25.54 13.76
CA MET N 89 -44.38 -25.82 12.38
C MET N 89 -43.06 -25.17 12.00
N ALA N 90 -42.71 -24.09 12.70
CA ALA N 90 -41.51 -23.30 12.41
C ALA N 90 -40.23 -23.95 12.96
N ALA N 91 -40.22 -24.32 14.24
CA ALA N 91 -39.04 -24.94 14.85
C ALA N 91 -38.74 -26.29 14.21
N ARG N 92 -39.75 -27.15 14.14
CA ARG N 92 -39.69 -28.28 13.24
C ARG N 92 -39.49 -27.64 11.88
N GLU N 93 -38.81 -28.34 10.98
CA GLU N 93 -38.36 -27.73 9.73
C GLU N 93 -37.20 -26.78 10.08
N GLY N 94 -36.32 -27.28 10.95
CA GLY N 94 -35.02 -26.64 11.25
C GLY N 94 -35.02 -25.34 12.04
N ALA N 95 -35.71 -24.33 11.52
CA ALA N 95 -35.67 -22.93 11.99
C ALA N 95 -35.18 -22.73 13.42
N ASP N 96 -34.13 -21.92 13.54
CA ASP N 96 -33.24 -21.86 14.71
C ASP N 96 -33.73 -21.04 15.92
N LYS N 97 -34.35 -19.89 15.67
CA LYS N 97 -35.00 -19.15 16.75
C LYS N 97 -36.27 -18.42 16.33
N VAL N 98 -37.31 -18.60 17.15
CA VAL N 98 -38.66 -18.10 16.87
C VAL N 98 -39.32 -17.34 18.03
N THR N 99 -39.82 -16.16 17.72
CA THR N 99 -40.61 -15.36 18.66
C THR N 99 -42.05 -15.34 18.19
N ALA N 100 -42.99 -15.52 19.13
CA ALA N 100 -44.41 -15.59 18.79
C ALA N 100 -45.22 -14.54 19.55
N LEU N 101 -46.19 -13.92 18.86
CA LEU N 101 -46.97 -12.86 19.47
C LEU N 101 -48.46 -13.19 19.58
N GLU N 102 -49.04 -12.86 20.74
CA GLU N 102 -50.47 -13.00 20.94
C GLU N 102 -51.08 -11.85 21.77
N VAL N 103 -51.75 -10.92 21.08
CA VAL N 103 -52.52 -9.81 21.71
C VAL N 103 -53.54 -10.31 22.75
N PHE N 104 -54.35 -11.30 22.39
CA PHE N 104 -55.25 -11.93 23.35
C PHE N 104 -54.43 -12.69 24.38
N LYS N 105 -54.19 -11.99 25.49
CA LYS N 105 -53.38 -12.50 26.60
C LYS N 105 -53.59 -13.98 26.93
N PRO N 106 -54.83 -14.41 27.30
CA PRO N 106 -55.10 -15.80 27.70
C PRO N 106 -54.75 -16.85 26.66
N MET N 107 -54.89 -16.53 25.37
CA MET N 107 -54.38 -17.45 24.34
C MET N 107 -52.86 -17.62 24.45
N GLY N 108 -52.13 -16.50 24.38
CA GLY N 108 -50.68 -16.47 24.63
C GLY N 108 -50.12 -17.33 25.77
N ASP N 109 -50.91 -17.51 26.83
CA ASP N 109 -50.55 -18.44 27.89
C ASP N 109 -50.53 -19.81 27.30
N CYS N 110 -51.64 -20.16 26.67
CA CYS N 110 -51.84 -21.47 26.05
C CYS N 110 -50.70 -21.75 25.08
N ALA N 111 -50.30 -20.73 24.34
CA ALA N 111 -49.24 -20.88 23.35
C ALA N 111 -47.90 -21.20 24.00
N ARG N 112 -47.52 -20.44 25.04
CA ARG N 112 -46.30 -20.76 25.77
C ARG N 112 -46.42 -22.18 26.31
N HIS N 113 -47.55 -22.46 26.97
CA HIS N 113 -47.79 -23.76 27.60
C HIS N 113 -47.56 -24.91 26.66
N ILE N 114 -48.02 -24.78 25.41
CA ILE N 114 -47.88 -25.86 24.43
C ILE N 114 -46.43 -26.02 24.00
N THR N 115 -45.85 -24.91 23.53
CA THR N 115 -44.48 -24.83 23.02
C THR N 115 -43.44 -25.32 24.03
N SER N 116 -43.67 -25.01 25.30
CA SER N 116 -42.75 -25.36 26.38
C SER N 116 -42.72 -26.87 26.70
N ASN N 117 -43.89 -27.49 26.79
CA ASN N 117 -43.97 -28.92 27.10
C ASN N 117 -43.83 -29.82 25.88
N SER N 118 -43.55 -29.21 24.73
CA SER N 118 -43.26 -29.92 23.49
C SER N 118 -41.73 -29.96 23.28
N PRO N 119 -41.25 -30.68 22.22
CA PRO N 119 -39.81 -30.97 22.02
C PRO N 119 -38.90 -29.74 21.91
N TRP N 120 -39.08 -28.93 20.87
CA TRP N 120 -38.43 -27.64 20.81
C TRP N 120 -39.18 -26.77 21.76
N SER N 121 -38.50 -26.32 22.80
CA SER N 121 -39.10 -25.33 23.69
C SER N 121 -38.16 -24.14 23.68
N ASP N 122 -36.90 -24.44 24.00
CA ASP N 122 -35.79 -23.50 24.03
C ASP N 122 -35.62 -22.66 22.76
N LYS N 123 -36.06 -23.19 21.62
CA LYS N 123 -36.00 -22.44 20.35
C LYS N 123 -37.15 -21.43 20.17
N ILE N 124 -38.22 -21.59 20.96
CA ILE N 124 -39.43 -20.75 20.85
C ILE N 124 -39.62 -19.82 22.05
N THR N 125 -40.05 -18.59 21.77
CA THR N 125 -40.47 -17.66 22.81
C THR N 125 -41.77 -16.96 22.40
N VAL N 126 -42.62 -16.69 23.40
CA VAL N 126 -43.94 -16.11 23.13
C VAL N 126 -44.23 -14.91 24.05
N ILE N 127 -44.81 -13.85 23.49
CA ILE N 127 -45.07 -12.63 24.26
C ILE N 127 -46.46 -11.98 23.96
N SER N 128 -47.11 -11.46 25.00
CA SER N 128 -48.56 -11.14 24.98
C SER N 128 -49.00 -9.70 24.60
N GLU N 129 -48.57 -9.24 23.43
CA GLU N 129 -48.94 -7.90 22.91
C GLU N 129 -49.14 -7.89 21.37
N ARG N 130 -50.03 -7.04 20.85
CA ARG N 130 -50.16 -6.87 19.41
C ARG N 130 -48.80 -6.42 18.81
N SER N 131 -48.57 -6.72 17.53
CA SER N 131 -47.33 -6.36 16.84
C SER N 131 -47.15 -4.85 16.78
N THR N 132 -48.29 -4.17 16.60
CA THR N 132 -48.40 -2.74 16.41
C THR N 132 -47.98 -1.93 17.66
N ASP N 133 -47.79 -2.64 18.77
CA ASP N 133 -47.52 -2.06 20.09
C ASP N 133 -46.29 -2.70 20.78
N SER N 140 -31.79 -8.10 16.66
CA SER N 140 -32.06 -9.07 15.61
C SER N 140 -33.51 -8.98 15.09
N ARG N 141 -33.74 -8.01 14.20
CA ARG N 141 -34.96 -7.96 13.41
C ARG N 141 -35.08 -9.29 12.65
N ALA N 142 -35.99 -10.15 13.13
CA ALA N 142 -36.13 -11.54 12.64
C ALA N 142 -36.30 -11.70 11.13
N ASP N 143 -35.79 -12.82 10.60
CA ASP N 143 -35.66 -13.07 9.15
C ASP N 143 -36.99 -13.25 8.41
N ILE N 144 -37.97 -13.92 9.03
CA ILE N 144 -39.25 -14.16 8.34
C ILE N 144 -40.44 -13.83 9.23
N ILE N 145 -41.49 -13.30 8.62
CA ILE N 145 -42.77 -13.24 9.31
C ILE N 145 -43.85 -14.05 8.66
N VAL N 146 -44.66 -14.67 9.52
CA VAL N 146 -45.75 -15.55 9.15
C VAL N 146 -46.92 -15.08 10.01
N ALA N 147 -48.07 -14.91 9.36
CA ALA N 147 -49.26 -14.53 10.09
C ALA N 147 -50.48 -15.05 9.37
N GLU N 148 -51.25 -15.91 10.04
CA GLU N 148 -52.61 -16.18 9.58
C GLU N 148 -53.54 -15.24 10.35
N VAL N 149 -53.53 -13.99 9.91
CA VAL N 149 -54.33 -12.94 10.52
C VAL N 149 -55.26 -12.44 9.43
N PHE N 150 -55.94 -13.39 8.79
CA PHE N 150 -56.88 -13.13 7.72
C PHE N 150 -58.31 -13.58 8.06
N ASP N 151 -59.28 -13.15 7.24
CA ASP N 151 -60.67 -13.59 7.31
C ASP N 151 -61.29 -13.47 5.93
N THR N 152 -62.50 -13.96 5.79
CA THR N 152 -63.22 -13.90 4.53
C THR N 152 -63.02 -12.61 3.73
N GLU N 153 -62.47 -11.58 4.39
CA GLU N 153 -62.31 -10.26 3.78
C GLU N 153 -60.83 -9.85 3.78
N LEU N 154 -59.99 -10.84 4.10
CA LEU N 154 -58.53 -10.71 4.16
C LEU N 154 -58.02 -9.64 5.16
N ILE N 155 -58.49 -8.40 5.02
CA ILE N 155 -57.97 -7.29 5.85
C ILE N 155 -58.76 -7.08 7.15
N GLY N 156 -59.79 -7.90 7.37
CA GLY N 156 -60.80 -7.73 8.42
C GLY N 156 -60.19 -7.70 9.78
N GLU N 157 -59.33 -8.68 10.05
CA GLU N 157 -58.69 -8.82 11.35
C GLU N 157 -57.43 -7.96 11.40
N GLY N 158 -57.35 -7.00 10.47
CA GLY N 158 -56.28 -6.01 10.47
C GLY N 158 -55.05 -6.62 9.89
N ALA N 159 -55.06 -6.79 8.58
CA ALA N 159 -53.97 -7.49 7.93
C ALA N 159 -52.83 -6.52 7.64
N LEU N 160 -53.21 -5.45 6.96
CA LEU N 160 -52.28 -4.41 6.53
C LEU N 160 -51.46 -3.90 7.70
N ARG N 161 -52.12 -3.38 8.74
CA ARG N 161 -51.40 -2.78 9.86
C ARG N 161 -50.43 -3.74 10.58
N THR N 162 -50.86 -4.99 10.78
CA THR N 162 -50.03 -6.02 11.37
C THR N 162 -48.69 -6.06 10.66
N PHE N 163 -48.80 -6.15 9.33
CA PHE N 163 -47.71 -6.37 8.40
C PHE N 163 -46.81 -5.15 8.16
N LYS N 164 -47.37 -4.10 7.54
CA LYS N 164 -46.61 -2.90 7.19
C LYS N 164 -45.71 -2.49 8.33
N GLU N 165 -46.31 -2.40 9.53
CA GLU N 165 -45.56 -2.00 10.70
C GLU N 165 -44.42 -2.95 10.89
N ALA N 166 -44.73 -4.23 11.10
CA ALA N 166 -43.72 -5.24 11.46
C ALA N 166 -42.58 -5.35 10.45
N LEU N 167 -42.94 -5.42 9.17
CA LEU N 167 -42.00 -5.33 8.06
C LEU N 167 -41.00 -4.21 8.30
N GLU N 168 -41.53 -2.99 8.36
CA GLU N 168 -40.72 -1.79 8.52
C GLU N 168 -40.15 -1.61 9.94
N ARG N 169 -40.88 -2.03 10.98
CA ARG N 169 -40.38 -1.88 12.36
C ARG N 169 -39.52 -3.05 12.85
N LEU N 170 -39.81 -4.28 12.40
CA LEU N 170 -39.12 -5.47 12.95
C LEU N 170 -38.51 -6.45 11.95
N ALA N 171 -38.51 -6.08 10.66
CA ALA N 171 -37.87 -6.89 9.63
C ALA N 171 -36.74 -6.11 8.93
N LYS N 172 -35.68 -6.83 8.55
CA LYS N 172 -34.54 -6.31 7.77
C LYS N 172 -34.73 -6.59 6.26
N PRO N 173 -34.87 -5.51 5.43
CA PRO N 173 -35.40 -5.54 4.05
C PRO N 173 -34.90 -6.66 3.15
N GLY N 174 -35.64 -6.91 2.07
CA GLY N 174 -35.50 -8.12 1.29
C GLY N 174 -36.25 -9.24 1.99
N CYS N 175 -36.67 -8.95 3.24
CA CYS N 175 -37.28 -9.90 4.17
C CYS N 175 -38.49 -10.63 3.59
N ARG N 176 -38.97 -11.65 4.30
CA ARG N 176 -39.88 -12.63 3.72
C ARG N 176 -41.14 -12.89 4.54
N VAL N 177 -42.26 -13.11 3.84
CA VAL N 177 -43.55 -13.28 4.51
C VAL N 177 -44.42 -14.40 3.95
N VAL N 178 -44.84 -15.28 4.84
CA VAL N 178 -45.78 -16.33 4.53
C VAL N 178 -47.14 -15.84 5.05
N PRO N 179 -48.11 -15.62 4.14
CA PRO N 179 -48.01 -15.58 2.69
C PRO N 179 -47.44 -14.24 2.19
N SER N 180 -47.05 -14.23 0.93
CA SER N 180 -46.31 -13.11 0.33
C SER N 180 -47.17 -12.16 -0.49
N THR N 181 -48.32 -12.64 -0.96
CA THR N 181 -49.05 -11.97 -1.99
C THR N 181 -50.44 -12.54 -2.12
N GLY N 182 -51.43 -11.67 -2.19
CA GLY N 182 -52.79 -12.16 -2.33
C GLY N 182 -53.55 -11.19 -3.18
N ASN N 183 -54.44 -11.72 -3.99
CA ASN N 183 -55.26 -10.92 -4.84
C ASN N 183 -56.66 -11.06 -4.29
N VAL N 184 -57.56 -10.10 -4.54
CA VAL N 184 -58.96 -10.32 -4.20
C VAL N 184 -59.85 -10.11 -5.42
N TYR N 185 -60.72 -11.07 -5.66
CA TYR N 185 -61.46 -11.12 -6.89
C TYR N 185 -62.84 -10.76 -6.54
N ILE N 186 -63.34 -9.70 -7.14
CA ILE N 186 -64.78 -9.69 -7.32
C ILE N 186 -64.97 -10.54 -8.55
N VAL N 187 -66.19 -10.99 -8.74
CA VAL N 187 -66.62 -11.66 -9.89
C VAL N 187 -68.00 -11.12 -9.99
N PRO N 188 -68.22 -10.17 -10.91
CA PRO N 188 -69.55 -9.66 -11.27
C PRO N 188 -70.45 -10.79 -11.67
N VAL N 189 -71.65 -10.84 -11.10
CA VAL N 189 -72.65 -11.89 -11.34
C VAL N 189 -74.08 -11.36 -11.22
N GLU N 190 -75.01 -11.92 -11.98
CA GLU N 190 -76.42 -11.58 -11.90
C GLU N 190 -77.17 -12.72 -11.25
N SER N 191 -77.93 -12.43 -10.20
CA SER N 191 -78.76 -13.46 -9.54
C SER N 191 -80.02 -12.95 -8.82
N HIS N 192 -81.15 -13.58 -9.10
CA HIS N 192 -82.35 -13.27 -8.35
C HIS N 192 -82.08 -13.45 -6.88
N LEU N 193 -81.42 -14.56 -6.56
CA LEU N 193 -81.21 -15.03 -5.19
C LEU N 193 -80.44 -14.00 -4.37
N LEU N 194 -79.25 -13.69 -4.81
CA LEU N 194 -78.43 -12.71 -4.15
C LEU N 194 -79.09 -11.34 -4.02
N LYS N 195 -79.99 -11.02 -4.95
CA LYS N 195 -80.70 -9.75 -4.96
C LYS N 195 -81.68 -9.71 -3.81
N MET N 196 -82.16 -10.89 -3.38
CA MET N 196 -83.18 -10.99 -2.34
C MET N 196 -82.64 -10.74 -0.90
N PHE N 197 -81.32 -10.88 -0.73
CA PHE N 197 -80.69 -10.62 0.55
C PHE N 197 -80.35 -9.14 0.70
N ASN N 198 -80.92 -8.28 -0.14
CA ASN N 198 -80.56 -6.86 -0.11
C ASN N 198 -81.67 -5.92 -0.53
N ASP N 199 -82.76 -6.46 -1.03
CA ASP N 199 -83.66 -5.64 -1.76
C ASP N 199 -84.77 -5.13 -0.90
N ILE N 200 -84.77 -3.82 -0.67
CA ILE N 200 -85.92 -3.16 -0.05
C ILE N 200 -87.17 -3.81 -0.63
N PRO N 201 -87.99 -4.48 0.22
CA PRO N 201 -89.14 -5.21 -0.28
C PRO N 201 -90.01 -4.32 -1.07
N ARG N 202 -90.42 -4.78 -2.24
CA ARG N 202 -91.25 -3.99 -3.15
C ARG N 202 -92.63 -4.64 -3.21
N LEU N 203 -93.61 -4.00 -2.59
CA LEU N 203 -94.86 -4.68 -2.24
C LEU N 203 -95.75 -5.21 -3.38
N ASN N 204 -95.91 -4.44 -4.47
CA ASN N 204 -96.79 -4.87 -5.56
C ASN N 204 -96.10 -5.70 -6.64
N GLY N 205 -94.81 -5.47 -6.88
CA GLY N 205 -94.01 -6.33 -7.77
C GLY N 205 -92.99 -5.60 -8.62
N GLU N 206 -93.38 -4.42 -9.08
CA GLU N 206 -92.73 -3.74 -10.17
C GLU N 206 -91.37 -3.16 -9.82
N LYS N 207 -90.41 -3.42 -10.71
CA LYS N 207 -89.01 -2.97 -10.61
C LYS N 207 -88.85 -1.55 -10.08
N ASP N 208 -89.76 -0.67 -10.46
CA ASP N 208 -89.65 0.75 -10.18
C ASP N 208 -89.87 1.02 -8.69
N GLU N 209 -90.90 0.40 -8.11
CA GLU N 209 -91.35 0.65 -6.72
C GLU N 209 -90.20 0.88 -5.71
N GLU N 210 -90.14 2.08 -5.12
CA GLU N 210 -89.18 2.36 -4.03
C GLU N 210 -89.90 3.02 -2.84
N PRO N 211 -90.35 2.21 -1.87
CA PRO N 211 -91.17 2.72 -0.77
C PRO N 211 -90.35 3.44 0.28
N LEU N 212 -89.04 3.32 0.21
CA LEU N 212 -88.15 3.87 1.22
C LEU N 212 -87.01 4.56 0.51
N GLY N 213 -87.26 4.84 -0.77
CA GLY N 213 -86.23 5.38 -1.66
C GLY N 213 -85.15 4.35 -1.94
N ARG N 214 -83.92 4.82 -2.01
CA ARG N 214 -82.79 3.97 -2.37
C ARG N 214 -81.79 3.90 -1.22
N CYS N 215 -81.26 2.70 -1.02
CA CYS N 215 -80.23 2.43 -0.03
C CYS N 215 -79.25 1.46 -0.68
N SER N 216 -77.98 1.57 -0.33
CA SER N 216 -76.95 0.64 -0.73
C SER N 216 -76.82 -0.60 0.19
N GLY N 217 -77.95 -1.00 0.80
CA GLY N 217 -77.98 -2.08 1.79
C GLY N 217 -76.94 -1.99 2.89
N THR N 218 -76.70 -3.08 3.60
CA THR N 218 -75.95 -3.03 4.87
C THR N 218 -74.45 -3.29 4.74
N ALA N 219 -73.66 -2.29 5.06
CA ALA N 219 -72.23 -2.26 4.82
C ALA N 219 -71.41 -3.37 5.48
N ALA N 220 -72.05 -4.14 6.37
CA ALA N 220 -71.31 -5.22 7.02
C ALA N 220 -70.98 -6.33 6.02
N VAL N 221 -69.86 -6.95 6.26
CA VAL N 221 -69.47 -8.09 5.47
C VAL N 221 -70.63 -9.12 5.41
N PHE N 222 -70.97 -9.55 4.19
CA PHE N 222 -72.00 -10.56 3.96
C PHE N 222 -71.31 -11.81 3.47
N ASP N 223 -70.59 -12.49 4.38
CA ASP N 223 -69.90 -13.73 4.06
C ASP N 223 -70.82 -14.97 3.97
N VAL N 224 -70.48 -15.89 3.06
CA VAL N 224 -71.39 -17.01 2.65
C VAL N 224 -70.56 -18.12 1.98
N GLN N 225 -70.93 -19.39 2.15
CA GLN N 225 -70.17 -20.50 1.49
C GLN N 225 -70.68 -20.67 0.08
N LEU N 226 -70.10 -19.97 -0.87
CA LEU N 226 -70.80 -19.80 -2.15
C LEU N 226 -70.98 -21.07 -3.00
N SER N 227 -70.05 -21.99 -2.80
CA SER N 227 -70.20 -23.37 -3.23
C SER N 227 -71.62 -23.97 -3.15
N GLU N 228 -72.48 -23.46 -2.27
CA GLU N 228 -73.79 -24.06 -2.03
C GLU N 228 -74.87 -23.32 -2.76
N MET N 229 -74.45 -22.45 -3.64
CA MET N 229 -75.42 -21.87 -4.57
C MET N 229 -75.40 -22.67 -5.86
N LYS N 230 -76.60 -23.07 -6.30
CA LYS N 230 -76.72 -23.81 -7.57
C LYS N 230 -76.45 -22.89 -8.77
N THR N 231 -75.97 -23.48 -9.86
CA THR N 231 -75.84 -22.81 -11.16
C THR N 231 -77.24 -22.39 -11.60
N HIS N 232 -78.18 -23.32 -11.42
CA HIS N 232 -79.63 -23.13 -11.27
C HIS N 232 -80.01 -21.78 -10.76
N GLU N 233 -79.33 -21.32 -9.69
CA GLU N 233 -79.68 -20.09 -8.95
C GLU N 233 -79.07 -18.81 -9.54
N PHE N 234 -77.93 -18.91 -10.22
CA PHE N 234 -77.14 -17.73 -10.70
C PHE N 234 -76.61 -17.72 -12.17
N ARG N 235 -75.54 -16.95 -12.42
CA ARG N 235 -74.87 -16.77 -13.75
C ARG N 235 -73.72 -15.75 -13.73
N GLU N 236 -72.48 -16.21 -13.91
CA GLU N 236 -71.35 -15.28 -14.06
C GLU N 236 -71.55 -14.33 -15.24
N LEU N 237 -70.77 -13.24 -15.28
CA LEU N 237 -70.98 -12.21 -16.29
C LEU N 237 -69.65 -11.59 -16.71
N SER N 238 -68.59 -11.99 -16.05
CA SER N 238 -67.29 -11.53 -16.45
C SER N 238 -66.21 -12.50 -15.98
N GLU N 239 -65.03 -12.39 -16.57
CA GLU N 239 -63.87 -13.11 -16.09
C GLU N 239 -63.80 -12.72 -14.62
N PRO N 240 -63.72 -13.70 -13.72
CA PRO N 240 -63.15 -13.27 -12.46
C PRO N 240 -62.18 -12.14 -12.73
N ILE N 241 -62.13 -11.18 -11.81
CA ILE N 241 -61.52 -9.88 -12.09
C ILE N 241 -60.79 -9.34 -10.88
N VAL N 242 -59.49 -9.17 -11.01
CA VAL N 242 -58.65 -8.69 -9.91
C VAL N 242 -59.29 -7.42 -9.39
N ALA N 243 -58.97 -7.09 -8.14
CA ALA N 243 -59.47 -5.88 -7.54
C ALA N 243 -58.46 -5.33 -6.58
N PHE N 244 -57.55 -6.17 -6.09
CA PHE N 244 -56.43 -5.69 -5.27
C PHE N 244 -55.21 -6.61 -5.43
N LYS N 245 -54.15 -6.33 -4.68
CA LYS N 245 -52.87 -7.04 -4.79
C LYS N 245 -52.00 -6.60 -3.62
N PHE N 246 -51.55 -7.53 -2.80
CA PHE N 246 -50.94 -7.11 -1.56
C PHE N 246 -49.57 -7.71 -1.29
N ASP N 247 -48.54 -6.99 -1.67
CA ASP N 247 -47.21 -7.34 -1.20
C ASP N 247 -47.24 -7.23 0.32
N PHE N 248 -46.96 -8.33 1.00
CA PHE N 248 -46.77 -8.32 2.44
C PHE N 248 -45.26 -8.35 2.70
N GLU N 249 -44.49 -8.32 1.60
CA GLU N 249 -43.03 -8.39 1.64
C GLU N 249 -42.36 -7.01 1.82
N HIS N 250 -42.97 -5.97 1.26
CA HIS N 250 -42.41 -4.62 1.33
C HIS N 250 -43.44 -3.55 1.64
N GLU N 251 -43.33 -3.00 2.85
CA GLU N 251 -44.26 -2.00 3.39
C GLU N 251 -45.04 -1.19 2.35
N GLU N 252 -44.34 -0.36 1.59
CA GLU N 252 -45.01 0.69 0.80
C GLU N 252 -45.68 0.27 -0.52
N LYS N 253 -46.18 -0.96 -0.54
CA LYS N 253 -47.24 -1.38 -1.45
C LYS N 253 -48.53 -1.41 -0.64
N ILE N 254 -48.35 -1.61 0.67
CA ILE N 254 -49.41 -1.63 1.67
C ILE N 254 -49.77 -0.19 2.05
N ILE N 255 -50.94 0.28 1.59
CA ILE N 255 -51.50 1.56 2.11
C ILE N 255 -52.94 1.39 2.58
N PHE N 256 -53.17 1.79 3.83
CA PHE N 256 -54.44 1.55 4.48
C PHE N 256 -55.58 2.03 3.60
N ASP N 257 -55.42 3.20 3.00
CA ASP N 257 -56.50 3.79 2.23
C ASP N 257 -56.24 3.86 0.75
N GLU N 258 -56.88 2.96 0.02
CA GLU N 258 -56.71 2.93 -1.41
C GLU N 258 -58.06 2.77 -2.08
N SER N 259 -58.20 3.39 -3.23
CA SER N 259 -59.25 3.11 -4.19
C SER N 259 -58.61 2.98 -5.59
N PHE N 260 -59.31 2.25 -6.47
CA PHE N 260 -58.78 1.83 -7.78
C PHE N 260 -59.92 1.67 -8.78
N VAL N 261 -59.75 2.27 -9.96
CA VAL N 261 -60.71 2.13 -11.05
C VAL N 261 -60.31 0.93 -11.94
N ARG N 262 -60.92 -0.23 -11.69
CA ARG N 262 -60.54 -1.43 -12.45
C ARG N 262 -61.46 -1.65 -13.61
N GLU N 263 -60.88 -2.16 -14.70
CA GLU N 263 -61.63 -2.53 -15.89
C GLU N 263 -61.50 -4.04 -16.19
N ALA N 264 -62.49 -4.53 -16.92
CA ALA N 264 -62.54 -5.85 -17.52
C ALA N 264 -63.84 -5.80 -18.28
N VAL N 265 -64.15 -6.85 -19.01
CA VAL N 265 -65.16 -6.80 -20.07
C VAL N 265 -66.17 -7.93 -19.93
N ALA N 266 -67.39 -7.70 -20.42
CA ALA N 266 -68.57 -8.56 -20.22
C ALA N 266 -68.52 -9.99 -20.77
N HIS N 267 -69.70 -10.59 -20.97
CA HIS N 267 -69.85 -11.83 -21.77
C HIS N 267 -71.24 -12.41 -21.83
N SER N 268 -72.07 -12.06 -20.84
CA SER N 268 -73.50 -12.39 -20.89
C SER N 268 -74.30 -11.09 -20.73
N SER N 269 -75.58 -11.16 -21.09
CA SER N 269 -76.46 -9.98 -21.03
C SER N 269 -77.40 -10.10 -19.85
N GLY N 270 -77.50 -9.01 -19.09
CA GLY N 270 -78.43 -8.95 -17.96
C GLY N 270 -77.98 -8.03 -16.84
N THR N 271 -78.98 -7.57 -16.08
CA THR N 271 -78.76 -6.68 -14.94
C THR N 271 -77.97 -7.39 -13.83
N ILE N 272 -76.87 -6.78 -13.39
CA ILE N 272 -76.01 -7.45 -12.41
C ILE N 272 -76.41 -7.36 -10.90
N ASP N 273 -77.33 -8.23 -10.52
CA ASP N 273 -77.84 -8.34 -9.16
C ASP N 273 -76.87 -8.39 -7.95
N ALA N 274 -75.58 -8.67 -8.14
CA ALA N 274 -74.58 -8.69 -7.02
C ALA N 274 -73.15 -8.87 -7.50
N LEU N 275 -72.19 -8.92 -6.57
CA LEU N 275 -70.81 -9.24 -6.97
C LEU N 275 -70.07 -10.18 -6.01
N LEU N 276 -70.18 -11.48 -6.27
CA LEU N 276 -69.37 -12.47 -5.56
C LEU N 276 -67.90 -12.05 -5.38
N MET N 277 -67.28 -12.43 -4.27
CA MET N 277 -65.88 -12.05 -3.93
C MET N 277 -65.15 -13.11 -3.07
N TRP N 278 -63.82 -13.18 -3.24
CA TRP N 278 -62.91 -14.03 -2.45
C TRP N 278 -61.47 -13.70 -2.77
N TRP N 279 -60.55 -14.11 -1.91
CA TRP N 279 -59.14 -13.95 -2.19
C TRP N 279 -58.40 -15.24 -2.54
N ASP N 280 -57.10 -15.12 -2.84
CA ASP N 280 -56.16 -16.23 -2.77
C ASP N 280 -54.94 -15.62 -2.13
N ILE N 281 -54.07 -16.43 -1.53
CA ILE N 281 -52.72 -15.98 -1.19
C ILE N 281 -51.65 -16.80 -1.92
N ASP N 282 -50.42 -16.26 -2.01
CA ASP N 282 -49.23 -16.99 -2.49
C ASP N 282 -48.27 -17.13 -1.33
N MET N 283 -48.09 -18.36 -0.87
CA MET N 283 -47.45 -18.61 0.41
C MET N 283 -45.96 -18.28 0.44
N ASP N 284 -45.36 -18.19 -0.75
CA ASP N 284 -43.90 -18.18 -0.89
C ASP N 284 -43.34 -17.06 -1.77
N ARG N 285 -43.94 -16.83 -2.93
CA ARG N 285 -43.42 -15.93 -4.01
C ARG N 285 -43.16 -16.67 -5.33
N ASN N 286 -43.06 -17.99 -5.25
CA ASN N 286 -42.83 -18.85 -6.40
C ASN N 286 -44.12 -19.16 -7.19
N GLY N 287 -45.17 -18.35 -6.99
CA GLY N 287 -46.44 -18.54 -7.72
C GLY N 287 -46.89 -20.00 -7.83
N THR N 288 -46.52 -20.79 -6.84
CA THR N 288 -46.67 -22.24 -6.93
C THR N 288 -47.91 -22.80 -6.18
N THR N 289 -47.99 -22.54 -4.87
CA THR N 289 -49.10 -23.02 -4.02
C THR N 289 -49.87 -21.88 -3.35
N PHE N 290 -51.08 -21.67 -3.86
CA PHE N 290 -52.03 -20.70 -3.33
C PHE N 290 -52.88 -21.36 -2.24
N ILE N 291 -53.40 -20.57 -1.29
CA ILE N 291 -54.64 -20.95 -0.59
C ILE N 291 -55.66 -20.19 -1.37
N ASP N 292 -56.71 -20.87 -1.79
CA ASP N 292 -57.54 -20.34 -2.84
C ASP N 292 -59.05 -20.42 -2.53
N MET N 293 -59.59 -19.28 -2.10
CA MET N 293 -60.91 -19.21 -1.50
C MET N 293 -62.09 -19.24 -2.43
N GLY N 294 -61.84 -19.32 -3.74
CA GLY N 294 -62.96 -19.36 -4.71
C GLY N 294 -63.86 -20.54 -4.46
N PRO N 295 -65.14 -20.50 -4.88
CA PRO N 295 -66.04 -21.63 -4.59
C PRO N 295 -65.59 -22.93 -5.25
N LYS N 296 -66.31 -24.02 -4.97
CA LYS N 296 -66.01 -25.34 -5.53
C LYS N 296 -65.94 -25.22 -7.04
N TRP N 297 -66.91 -24.52 -7.63
CA TRP N 297 -66.97 -24.34 -9.08
C TRP N 297 -66.05 -23.28 -9.63
N LYS N 298 -64.91 -23.08 -8.97
CA LYS N 298 -63.89 -22.12 -9.42
C LYS N 298 -62.44 -22.59 -9.30
N ASN N 299 -62.13 -23.35 -8.25
CA ASN N 299 -60.83 -24.00 -8.13
C ASN N 299 -60.99 -25.50 -8.36
N LYS N 300 -59.98 -26.10 -9.00
CA LYS N 300 -59.81 -27.56 -8.99
C LYS N 300 -58.41 -27.81 -8.41
N ASN N 301 -57.53 -26.82 -8.63
CA ASN N 301 -56.17 -26.82 -8.11
C ASN N 301 -56.15 -26.89 -6.59
N ASN N 302 -56.38 -25.75 -5.93
CA ASN N 302 -56.45 -25.77 -4.49
C ASN N 302 -57.84 -25.39 -4.00
N TYR N 303 -58.68 -26.39 -3.83
CA TYR N 303 -59.91 -26.21 -3.10
C TYR N 303 -59.79 -26.98 -1.77
N ALA N 304 -60.56 -26.54 -0.77
CA ALA N 304 -60.84 -27.29 0.47
C ALA N 304 -62.01 -26.62 1.10
N TRP N 305 -62.99 -27.42 1.53
CA TRP N 305 -64.05 -26.89 2.36
C TRP N 305 -63.44 -26.24 3.58
N ARG N 306 -63.92 -25.05 3.92
CA ARG N 306 -63.56 -24.42 5.19
C ARG N 306 -64.63 -23.37 5.52
N ASP N 307 -64.66 -22.91 6.78
CA ASP N 307 -65.80 -22.11 7.31
C ASP N 307 -65.37 -20.84 7.98
N HIS N 308 -64.19 -20.88 8.58
CA HIS N 308 -63.64 -19.69 9.19
C HIS N 308 -63.36 -18.72 8.07
N TRP N 309 -62.86 -19.23 6.93
CA TRP N 309 -62.99 -18.54 5.62
C TRP N 309 -64.05 -19.10 4.72
N MET N 310 -64.42 -18.26 3.75
CA MET N 310 -65.66 -18.38 3.04
C MET N 310 -65.60 -17.39 1.87
N GLN N 311 -66.74 -17.16 1.23
CA GLN N 311 -66.87 -16.09 0.25
C GLN N 311 -67.67 -14.96 0.90
N ALA N 312 -67.65 -13.80 0.25
CA ALA N 312 -68.49 -12.67 0.65
C ALA N 312 -69.20 -12.21 -0.59
N VAL N 313 -70.41 -11.64 -0.41
CA VAL N 313 -71.10 -10.96 -1.49
C VAL N 313 -71.17 -9.44 -1.19
N TYR N 314 -70.83 -8.64 -2.19
CA TYR N 314 -70.99 -7.21 -2.06
C TYR N 314 -72.09 -6.75 -2.94
N TYR N 315 -72.76 -5.70 -2.52
CA TYR N 315 -73.70 -5.05 -3.41
C TYR N 315 -73.20 -3.68 -3.86
N LEU N 316 -74.01 -3.13 -4.75
CA LEU N 316 -73.63 -2.06 -5.62
C LEU N 316 -74.73 -1.04 -5.46
N PRO N 317 -74.37 0.22 -5.08
CA PRO N 317 -75.36 1.25 -4.73
C PRO N 317 -76.55 1.34 -5.67
N GLU N 318 -76.32 1.32 -6.98
CA GLU N 318 -77.43 1.44 -7.95
C GLU N 318 -77.37 0.38 -9.05
N LYS N 319 -78.53 0.18 -9.69
CA LYS N 319 -78.70 -0.78 -10.78
C LYS N 319 -77.57 -0.65 -11.80
N LYS N 320 -77.25 -1.78 -12.41
CA LYS N 320 -76.27 -1.81 -13.49
C LYS N 320 -76.83 -2.85 -14.45
N LYS N 321 -77.14 -2.42 -15.66
CA LYS N 321 -77.52 -3.36 -16.69
C LYS N 321 -76.27 -3.51 -17.56
N VAL N 322 -75.98 -4.74 -17.99
CA VAL N 322 -74.74 -5.04 -18.73
C VAL N 322 -74.98 -6.00 -19.92
N GLU N 323 -74.14 -5.83 -20.95
CA GLU N 323 -74.41 -6.32 -22.30
C GLU N 323 -73.15 -6.98 -22.86
N MET N 324 -73.31 -8.07 -23.60
CA MET N 324 -72.21 -8.57 -24.43
C MET N 324 -71.94 -7.57 -25.56
N ASN N 325 -70.71 -7.02 -25.66
CA ASN N 325 -69.59 -7.31 -24.75
C ASN N 325 -69.00 -6.01 -24.17
N GLN N 326 -69.85 -5.27 -23.46
CA GLN N 326 -69.50 -4.01 -22.78
C GLN N 326 -68.13 -4.03 -22.09
N THR N 327 -67.45 -2.89 -22.09
CA THR N 327 -66.20 -2.70 -21.32
C THR N 327 -66.36 -1.62 -20.25
N PHE N 328 -65.94 -1.91 -19.01
CA PHE N 328 -66.25 -1.04 -17.85
C PHE N 328 -65.41 -1.22 -16.58
N GLU N 329 -65.34 -0.12 -15.83
CA GLU N 329 -64.62 -0.06 -14.54
C GLU N 329 -65.50 -0.40 -13.31
N ILE N 330 -64.86 -0.96 -12.29
CA ILE N 330 -65.45 -1.00 -10.96
C ILE N 330 -64.49 -0.38 -9.93
N VAL N 331 -65.07 0.34 -8.97
CA VAL N 331 -64.19 1.02 -8.03
C VAL N 331 -63.98 0.12 -6.82
N CYS N 332 -62.71 -0.16 -6.53
CA CYS N 332 -62.32 -1.11 -5.53
C CYS N 332 -61.71 -0.37 -4.36
N ASN N 333 -62.47 -0.28 -3.28
CA ASN N 333 -62.10 0.58 -2.14
C ASN N 333 -61.74 -0.20 -0.88
N HIS N 334 -60.95 0.41 -0.01
CA HIS N 334 -60.61 -0.24 1.24
C HIS N 334 -59.88 0.65 2.20
N ASP N 335 -60.27 0.52 3.47
CA ASP N 335 -59.51 1.14 4.53
C ASP N 335 -58.76 0.04 5.25
N GLU N 336 -58.23 0.39 6.42
CA GLU N 336 -57.42 -0.51 7.16
C GLU N 336 -58.12 -1.86 7.47
N PHE N 337 -59.44 -1.96 7.18
CA PHE N 337 -60.27 -3.09 7.66
C PHE N 337 -61.35 -3.68 6.73
N SER N 338 -61.82 -2.92 5.74
CA SER N 338 -62.97 -3.36 4.95
C SER N 338 -63.00 -2.90 3.48
N LEU N 339 -63.83 -3.56 2.69
CA LEU N 339 -63.84 -3.43 1.25
C LEU N 339 -65.21 -2.95 0.86
N TRP N 340 -65.29 -2.10 -0.15
CA TRP N 340 -66.58 -1.65 -0.68
C TRP N 340 -66.40 -1.36 -2.12
N PHE N 341 -67.48 -1.42 -2.89
CA PHE N 341 -67.37 -1.46 -4.35
C PHE N 341 -68.30 -0.51 -5.12
N SER N 342 -67.80 0.72 -5.18
CA SER N 342 -68.43 1.87 -5.83
C SER N 342 -68.40 1.76 -7.35
N ASN N 343 -69.54 2.06 -7.98
CA ASN N 343 -69.64 1.91 -9.45
C ASN N 343 -69.58 3.23 -10.24
N VAL N 344 -69.59 3.13 -11.58
CA VAL N 344 -69.02 4.15 -12.52
C VAL N 344 -68.22 5.32 -11.91
N GLY N 345 -68.73 6.54 -12.03
CA GLY N 345 -68.07 7.72 -11.42
C GLY N 345 -68.66 8.18 -10.09
N LYS N 346 -69.35 7.27 -9.39
CA LYS N 346 -70.07 7.63 -8.16
C LYS N 346 -69.17 7.67 -6.93
N ASP N 347 -69.62 7.09 -5.82
CA ASP N 347 -69.14 7.48 -4.50
C ASP N 347 -68.02 6.64 -3.84
N LYS N 348 -66.78 7.12 -3.98
CA LYS N 348 -65.60 6.57 -3.28
C LYS N 348 -65.72 6.58 -1.73
N SER N 349 -66.90 6.99 -1.27
CA SER N 349 -67.25 7.04 0.14
C SER N 349 -68.00 5.76 0.55
N ARG N 350 -67.49 5.12 1.61
CA ARG N 350 -68.12 3.93 2.20
C ARG N 350 -69.54 4.28 2.63
N SER N 351 -70.51 3.55 2.06
CA SER N 351 -71.91 3.80 2.35
C SER N 351 -72.44 2.95 3.55
N TYR N 352 -73.52 3.42 4.19
CA TYR N 352 -74.21 2.70 5.28
C TYR N 352 -75.70 2.68 4.98
N CYS N 353 -76.48 1.85 5.69
CA CYS N 353 -77.93 1.72 5.40
C CYS N 353 -78.55 3.06 5.72
N VAL N 354 -79.31 3.66 4.79
CA VAL N 354 -79.81 5.03 5.02
C VAL N 354 -81.32 5.10 5.02
N CYS N 355 -81.93 4.09 4.40
CA CYS N 355 -83.39 3.90 4.36
C CYS N 355 -83.97 3.32 5.65
N GLY N 356 -83.09 2.80 6.53
CA GLY N 356 -83.48 2.31 7.86
C GLY N 356 -83.65 0.80 8.02
N LEU N 357 -84.26 0.20 6.99
CA LEU N 357 -84.62 -1.22 6.96
C LEU N 357 -83.44 -2.14 7.13
N HIS N 358 -82.35 -1.83 6.43
CA HIS N 358 -81.15 -2.60 6.49
C HIS N 358 -80.64 -2.79 7.90
N SER N 359 -80.57 -1.71 8.68
CA SER N 359 -79.89 -1.78 10.00
C SER N 359 -80.71 -2.60 10.98
N MET N 360 -82.03 -2.61 10.77
CA MET N 360 -82.96 -3.36 11.60
C MET N 360 -82.89 -4.87 11.36
N LEU N 361 -83.41 -5.31 10.21
CA LEU N 361 -83.45 -6.71 9.83
C LEU N 361 -82.11 -7.13 9.30
N SER N 362 -81.68 -8.33 9.67
CA SER N 362 -80.49 -8.95 9.09
C SER N 362 -80.75 -9.44 7.64
N ARG N 363 -79.66 -9.70 6.90
CA ARG N 363 -79.74 -10.21 5.50
C ARG N 363 -80.82 -11.29 5.29
N GLN N 364 -80.73 -12.40 6.03
CA GLN N 364 -81.67 -13.53 5.83
C GLN N 364 -83.10 -13.07 5.96
N THR N 365 -83.34 -12.20 6.94
CA THR N 365 -84.68 -11.67 7.15
C THR N 365 -85.17 -10.73 6.04
N VAL N 366 -84.25 -10.01 5.42
CA VAL N 366 -84.58 -9.34 4.16
C VAL N 366 -85.09 -10.41 3.16
N TYR N 367 -84.27 -11.45 2.97
CA TYR N 367 -84.69 -12.57 2.14
C TYR N 367 -86.07 -13.06 2.58
N HIS N 368 -86.24 -13.32 3.87
CA HIS N 368 -87.50 -13.85 4.27
C HIS N 368 -88.63 -12.94 3.89
N VAL N 369 -88.39 -11.63 3.86
CA VAL N 369 -89.50 -10.70 3.57
C VAL N 369 -89.72 -10.60 2.08
N ASN N 370 -88.63 -10.56 1.33
CA ASN N 370 -88.67 -10.62 -0.12
C ASN N 370 -89.38 -11.89 -0.61
N GLU N 371 -88.82 -13.04 -0.25
CA GLU N 371 -89.48 -14.33 -0.42
C GLU N 371 -90.98 -14.22 -0.19
N MET N 372 -91.38 -13.90 1.03
CA MET N 372 -92.80 -13.84 1.41
C MET N 372 -93.65 -12.91 0.53
N PHE N 373 -93.07 -11.79 0.13
CA PHE N 373 -93.69 -10.89 -0.86
C PHE N 373 -93.90 -11.53 -2.22
N GLU N 374 -92.85 -12.18 -2.76
CA GLU N 374 -92.91 -12.93 -4.03
C GLU N 374 -93.76 -14.21 -3.96
N ASN N 375 -93.52 -15.03 -2.94
CA ASN N 375 -94.17 -16.33 -2.79
C ASN N 375 -95.72 -16.32 -2.75
N GLN N 376 -96.32 -16.73 -3.87
CA GLN N 376 -97.77 -16.65 -4.06
C GLN N 376 -98.64 -17.74 -3.38
N LYS N 377 -98.10 -18.91 -3.04
CA LYS N 377 -98.90 -19.88 -2.28
C LYS N 377 -99.42 -19.18 -0.99
N PHE N 378 -98.50 -18.50 -0.31
CA PHE N 378 -98.76 -17.71 0.89
C PHE N 378 -99.84 -16.62 0.75
N LYS N 379 -99.63 -15.69 -0.20
CA LYS N 379 -100.55 -14.54 -0.34
C LYS N 379 -102.02 -14.95 -0.37
N ASP N 380 -102.30 -16.13 -0.95
CA ASP N 380 -103.66 -16.68 -1.02
C ASP N 380 -104.20 -17.17 0.33
N GLU N 381 -103.34 -17.66 1.23
CA GLU N 381 -103.88 -18.05 2.53
C GLU N 381 -104.26 -16.79 3.29
N VAL N 382 -103.42 -15.78 3.16
CA VAL N 382 -103.62 -14.45 3.71
C VAL N 382 -104.92 -13.85 3.17
N ASP N 383 -104.94 -13.64 1.86
CA ASP N 383 -106.17 -13.19 1.20
C ASP N 383 -107.34 -14.01 1.72
N LYS N 384 -107.18 -15.32 1.78
CA LYS N 384 -108.29 -16.19 2.16
C LYS N 384 -108.76 -15.91 3.59
N LEU N 385 -107.78 -15.79 4.50
CA LEU N 385 -108.04 -15.56 5.93
C LEU N 385 -108.50 -14.12 6.25
N SER N 386 -108.06 -13.17 5.41
CA SER N 386 -108.38 -11.74 5.60
C SER N 386 -109.70 -11.30 4.98
N LYS N 387 -110.10 -11.98 3.90
CA LYS N 387 -111.14 -11.45 3.01
C LYS N 387 -112.33 -10.88 3.76
N GLY N 388 -112.43 -9.55 3.69
CA GLY N 388 -113.60 -8.79 4.14
C GLY N 388 -113.58 -8.39 5.59
N LEU N 389 -112.48 -8.67 6.27
CA LEU N 389 -112.42 -8.58 7.73
C LEU N 389 -111.50 -7.47 8.28
N HIS N 390 -111.70 -7.15 9.55
CA HIS N 390 -110.74 -6.36 10.30
C HIS N 390 -109.71 -7.27 10.89
N VAL N 391 -108.58 -7.42 10.23
CA VAL N 391 -107.46 -8.19 10.78
C VAL N 391 -106.47 -7.34 11.56
N ALA N 392 -105.66 -8.01 12.35
CA ALA N 392 -104.75 -7.34 13.25
C ALA N 392 -103.51 -8.18 13.34
N THR N 393 -102.39 -7.52 13.10
CA THR N 393 -101.09 -8.18 13.03
C THR N 393 -100.42 -7.98 14.36
N VAL N 394 -99.94 -9.05 14.98
CA VAL N 394 -98.87 -8.89 15.97
C VAL N 394 -97.53 -9.39 15.39
N GLY N 395 -96.45 -8.79 15.90
CA GLY N 395 -95.04 -9.11 15.57
C GLY N 395 -94.21 -7.84 15.78
N GLU N 396 -92.95 -7.87 15.38
CA GLU N 396 -92.05 -6.74 15.47
C GLU N 396 -91.16 -6.84 14.25
N GLY N 397 -91.31 -5.86 13.35
CA GLY N 397 -90.71 -5.97 12.01
C GLY N 397 -91.43 -6.98 11.16
N SER N 398 -92.75 -7.13 11.35
CA SER N 398 -93.55 -8.09 10.58
C SER N 398 -94.36 -7.37 9.52
N PHE N 399 -94.10 -7.70 8.26
CA PHE N 399 -94.79 -7.06 7.15
C PHE N 399 -96.15 -7.68 6.85
N LEU N 400 -96.58 -8.60 7.71
CA LEU N 400 -97.67 -9.46 7.31
C LEU N 400 -98.92 -8.64 7.11
N GLY N 401 -99.05 -7.57 7.89
CA GLY N 401 -100.21 -6.72 7.81
C GLY N 401 -100.35 -6.06 6.46
N LEU N 402 -99.23 -5.87 5.78
CA LEU N 402 -99.21 -5.25 4.45
C LEU N 402 -99.75 -6.17 3.40
N LEU N 403 -99.65 -7.48 3.61
CA LEU N 403 -100.24 -8.44 2.68
C LEU N 403 -101.66 -8.62 3.08
N ALA N 404 -101.86 -8.68 4.39
CA ALA N 404 -103.19 -8.71 4.94
C ALA N 404 -104.07 -7.59 4.34
N ALA N 405 -103.41 -6.62 3.69
CA ALA N 405 -104.04 -5.38 3.28
C ALA N 405 -104.90 -5.48 2.03
N LYS N 406 -104.44 -6.22 1.01
CA LYS N 406 -105.17 -6.31 -0.25
C LYS N 406 -106.64 -6.68 -0.04
N THR N 407 -106.91 -7.58 0.89
CA THR N 407 -108.23 -8.17 0.94
C THR N 407 -109.10 -7.79 2.14
N ALA N 408 -108.48 -7.24 3.19
CA ALA N 408 -109.22 -6.98 4.42
C ALA N 408 -109.96 -5.66 4.40
N LYS N 409 -111.04 -5.59 5.17
CA LYS N 409 -111.71 -4.32 5.44
C LYS N 409 -110.79 -3.42 6.28
N ARG N 410 -109.87 -4.04 7.04
CA ARG N 410 -109.08 -3.32 8.01
C ARG N 410 -107.86 -4.10 8.54
N VAL N 411 -106.73 -3.40 8.60
CA VAL N 411 -105.56 -3.98 9.22
C VAL N 411 -105.00 -3.04 10.28
N THR N 412 -105.03 -3.49 11.53
CA THR N 412 -104.39 -2.75 12.60
C THR N 412 -103.12 -3.49 12.86
N ILE N 413 -102.00 -2.93 12.39
CA ILE N 413 -100.71 -3.52 12.59
C ILE N 413 -100.26 -3.14 13.98
N ILE N 414 -99.82 -4.10 14.80
CA ILE N 414 -99.30 -3.80 16.14
C ILE N 414 -97.78 -3.97 16.22
N ASP N 415 -97.09 -2.89 16.62
CA ASP N 415 -95.64 -2.86 16.65
C ASP N 415 -95.18 -1.87 17.69
N GLY N 416 -94.44 -2.37 18.68
CA GLY N 416 -93.89 -1.55 19.73
C GLY N 416 -92.71 -0.74 19.25
N ASN N 417 -92.14 -1.19 18.13
CA ASN N 417 -90.89 -0.65 17.62
C ASN N 417 -91.11 0.58 16.76
N GLU N 418 -90.62 1.71 17.24
CA GLU N 418 -90.91 2.98 16.57
C GLU N 418 -90.33 3.05 15.17
N ARG N 419 -89.05 2.65 15.05
CA ARG N 419 -88.37 2.60 13.74
C ARG N 419 -89.18 1.77 12.73
N PHE N 420 -89.71 0.62 13.15
CA PHE N 420 -90.65 -0.07 12.26
C PHE N 420 -91.96 0.64 11.96
N ARG N 421 -92.52 1.34 12.93
CA ARG N 421 -93.80 1.97 12.68
C ARG N 421 -93.68 2.98 11.54
N ASP N 422 -92.58 3.74 11.55
CA ASP N 422 -92.23 4.66 10.47
C ASP N 422 -91.90 3.92 9.17
N ILE N 423 -91.08 2.87 9.26
CA ILE N 423 -90.81 2.02 8.09
C ILE N 423 -92.12 1.59 7.50
N PHE N 424 -93.12 1.28 8.36
CA PHE N 424 -94.43 0.87 7.85
C PHE N 424 -95.29 2.01 7.34
N PHE N 425 -95.42 3.09 8.12
CA PHE N 425 -96.23 4.26 7.68
C PHE N 425 -95.74 4.80 6.32
N LYS N 426 -94.43 4.68 6.08
CA LYS N 426 -93.86 5.06 4.80
C LYS N 426 -94.54 4.23 3.74
N TYR N 427 -94.46 2.90 3.88
CA TYR N 427 -95.09 2.01 2.91
C TYR N 427 -96.51 2.39 2.63
N ILE N 428 -97.28 2.76 3.65
CA ILE N 428 -98.69 3.04 3.43
C ILE N 428 -98.85 4.40 2.72
N HIS N 429 -97.85 5.24 2.85
CA HIS N 429 -97.87 6.51 2.11
C HIS N 429 -97.63 6.28 0.66
N TYR N 430 -96.50 5.64 0.35
CA TYR N 430 -96.15 5.27 -1.05
C TYR N 430 -97.25 4.54 -1.79
N TYR N 431 -97.91 3.60 -1.12
CA TYR N 431 -98.90 2.73 -1.77
C TYR N 431 -100.32 3.21 -1.57
N LYS N 432 -100.45 4.41 -1.00
CA LYS N 432 -101.75 5.00 -0.62
C LYS N 432 -102.76 3.99 -0.04
N LEU N 433 -102.26 3.08 0.78
CA LEU N 433 -103.09 2.09 1.44
C LEU N 433 -104.17 2.78 2.27
N THR N 434 -105.42 2.47 2.00
CA THR N 434 -106.50 3.20 2.62
C THR N 434 -107.06 2.53 3.87
N ASN N 435 -106.64 1.30 4.13
CA ASN N 435 -107.33 0.47 5.12
C ASN N 435 -106.41 -0.15 6.17
N VAL N 436 -105.25 0.46 6.36
CA VAL N 436 -104.37 0.06 7.42
C VAL N 436 -103.91 1.21 8.33
N GLU N 437 -103.99 0.93 9.63
CA GLU N 437 -103.52 1.80 10.71
C GLU N 437 -102.45 1.07 11.50
N ILE N 438 -101.80 1.80 12.41
CA ILE N 438 -100.63 1.31 13.12
C ILE N 438 -100.72 1.77 14.58
N ILE N 439 -100.58 0.83 15.52
CA ILE N 439 -100.54 1.18 16.94
C ILE N 439 -99.31 0.59 17.56
N GLU N 440 -98.87 1.18 18.67
CA GLU N 440 -97.66 0.81 19.39
C GLU N 440 -97.86 -0.39 20.29
N LYS N 441 -99.02 -0.42 20.96
CA LYS N 441 -99.28 -1.30 22.12
C LYS N 441 -100.41 -2.26 21.86
N VAL N 442 -100.24 -3.48 22.32
CA VAL N 442 -101.26 -4.53 22.12
C VAL N 442 -102.60 -4.16 22.75
N THR N 443 -102.51 -3.48 23.88
CA THR N 443 -103.64 -3.03 24.67
C THR N 443 -104.42 -1.93 23.95
N SER N 444 -103.78 -1.27 22.98
CA SER N 444 -104.44 -0.21 22.20
C SER N 444 -105.41 -0.75 21.13
N LEU N 445 -105.60 -2.08 21.11
CA LEU N 445 -106.59 -2.69 20.23
C LEU N 445 -107.92 -2.76 20.95
N THR N 446 -108.71 -1.72 20.77
CA THR N 446 -109.87 -1.54 21.58
C THR N 446 -111.11 -1.77 20.72
N ASP N 447 -110.87 -1.94 19.43
CA ASP N 447 -111.85 -2.56 18.56
C ASP N 447 -111.54 -4.05 18.49
N SER N 448 -112.55 -4.86 18.83
CA SER N 448 -112.41 -6.31 18.79
C SER N 448 -112.36 -6.76 17.34
N PRO N 449 -111.17 -7.19 16.87
CA PRO N 449 -111.05 -7.54 15.46
C PRO N 449 -111.56 -8.95 15.16
N ASP N 450 -111.88 -9.18 13.90
CA ASP N 450 -112.31 -10.49 13.50
C ASP N 450 -111.17 -11.49 13.66
N ILE N 451 -109.93 -11.11 13.36
CA ILE N 451 -108.81 -12.05 13.50
C ILE N 451 -107.41 -11.44 13.69
N VAL N 452 -106.52 -12.20 14.36
CA VAL N 452 -105.10 -11.88 14.38
C VAL N 452 -104.23 -12.80 13.49
N LEU N 453 -103.41 -12.16 12.67
CA LEU N 453 -102.49 -12.87 11.82
C LEU N 453 -101.10 -12.62 12.30
N ALA N 454 -100.29 -13.68 12.37
CA ALA N 454 -98.88 -13.55 12.69
C ALA N 454 -98.09 -14.50 11.87
N GLU N 455 -96.78 -14.32 11.82
CA GLU N 455 -95.90 -15.22 11.08
C GLU N 455 -95.43 -16.41 11.93
N PRO N 456 -95.20 -16.19 13.24
CA PRO N 456 -94.95 -14.91 13.95
C PRO N 456 -93.52 -14.48 13.80
N PHE N 457 -93.27 -13.19 13.72
CA PHE N 457 -91.89 -12.74 13.65
C PHE N 457 -91.66 -11.51 14.53
N TYR N 458 -90.62 -11.58 15.34
CA TYR N 458 -90.26 -10.52 16.25
C TYR N 458 -88.76 -10.32 16.09
N MET N 459 -88.35 -9.18 15.56
CA MET N 459 -86.93 -8.97 15.34
C MET N 459 -86.09 -9.12 16.64
N SER N 460 -86.65 -8.67 17.77
CA SER N 460 -85.91 -8.65 19.07
C SER N 460 -85.68 -10.01 19.72
N ALA N 461 -86.04 -11.09 19.03
CA ALA N 461 -85.94 -12.44 19.56
C ALA N 461 -84.49 -12.79 19.91
N MET N 462 -84.27 -13.26 21.13
CA MET N 462 -82.92 -13.72 21.52
C MET N 462 -82.41 -14.78 20.54
N ASN N 463 -83.32 -15.66 20.11
CA ASN N 463 -82.96 -16.80 19.29
C ASN N 463 -83.86 -17.03 18.08
N PRO N 464 -83.29 -17.58 16.98
CA PRO N 464 -84.00 -17.64 15.71
C PRO N 464 -85.07 -18.73 15.68
N TRP N 465 -85.17 -19.50 16.76
CA TRP N 465 -86.20 -20.54 16.86
C TRP N 465 -87.20 -20.16 17.89
N ASN N 466 -87.10 -18.93 18.43
CA ASN N 466 -87.97 -18.49 19.55
C ASN N 466 -88.66 -17.14 19.36
N HIS N 467 -89.77 -17.15 18.62
CA HIS N 467 -90.59 -15.95 18.39
C HIS N 467 -91.83 -15.94 19.22
N LEU N 468 -91.70 -16.40 20.47
CA LEU N 468 -92.89 -16.70 21.27
C LEU N 468 -93.52 -15.55 22.02
N ARG N 469 -93.03 -14.33 21.83
CA ARG N 469 -93.74 -13.18 22.40
C ARG N 469 -95.17 -13.24 21.89
N PHE N 470 -95.34 -13.96 20.78
CA PHE N 470 -96.61 -14.17 20.15
C PHE N 470 -97.66 -14.71 21.13
N LEU N 471 -97.30 -15.73 21.90
CA LEU N 471 -98.20 -16.32 22.88
C LEU N 471 -98.74 -15.28 23.82
N TYR N 472 -97.81 -14.61 24.49
CA TYR N 472 -98.09 -13.54 25.43
C TYR N 472 -98.91 -12.46 24.82
N ASP N 473 -98.53 -12.02 23.62
CA ASP N 473 -99.32 -11.03 22.91
C ASP N 473 -100.75 -11.56 22.70
N VAL N 474 -100.86 -12.74 22.10
CA VAL N 474 -102.18 -13.39 21.92
C VAL N 474 -102.98 -13.37 23.22
N GLU N 475 -102.42 -13.97 24.26
CA GLU N 475 -103.02 -14.03 25.60
C GLU N 475 -103.61 -12.70 26.05
N VAL N 476 -102.84 -11.62 25.95
CA VAL N 476 -103.35 -10.27 26.27
C VAL N 476 -104.65 -9.96 25.51
N LEU N 477 -104.65 -10.21 24.20
CA LEU N 477 -105.79 -9.93 23.32
C LEU N 477 -107.01 -10.77 23.59
N LYS N 478 -106.80 -12.05 23.88
CA LYS N 478 -107.89 -12.90 24.35
C LYS N 478 -108.38 -12.42 25.70
N MET N 479 -107.49 -11.83 26.50
CA MET N 479 -107.92 -11.20 27.74
C MET N 479 -108.92 -10.09 27.42
N MET N 480 -108.56 -9.25 26.46
CA MET N 480 -109.34 -8.06 26.20
C MET N 480 -110.59 -8.39 25.40
N HIS N 481 -110.47 -9.38 24.52
CA HIS N 481 -111.53 -9.73 23.60
C HIS N 481 -111.90 -11.15 23.81
N GLY N 482 -112.62 -11.75 22.88
CA GLY N 482 -112.96 -13.16 23.07
C GLY N 482 -111.80 -14.01 23.57
N ASP N 483 -112.07 -14.85 24.57
CA ASP N 483 -111.21 -15.99 24.79
C ASP N 483 -111.20 -16.80 23.48
N GLU N 484 -112.24 -16.57 22.67
CA GLU N 484 -112.45 -17.26 21.40
C GLU N 484 -111.84 -16.58 20.19
N LEU N 485 -110.96 -15.59 20.37
CA LEU N 485 -110.39 -14.88 19.23
C LEU N 485 -109.79 -15.84 18.24
N ARG N 486 -110.18 -15.73 16.97
CA ARG N 486 -109.49 -16.50 15.96
C ARG N 486 -108.12 -15.92 15.73
N VAL N 487 -107.12 -16.80 15.78
CA VAL N 487 -105.75 -16.41 15.57
C VAL N 487 -105.02 -17.46 14.75
N GLU N 488 -104.36 -16.98 13.70
CA GLU N 488 -103.53 -17.83 12.89
C GLU N 488 -102.13 -17.25 12.99
N PRO N 489 -101.08 -18.09 13.14
CA PRO N 489 -101.16 -19.56 13.18
C PRO N 489 -101.96 -20.06 14.37
N HIS N 490 -102.41 -21.31 14.31
CA HIS N 490 -103.11 -21.96 15.42
C HIS N 490 -102.27 -23.00 16.21
N MET N 491 -101.21 -23.54 15.61
CA MET N 491 -100.34 -24.49 16.31
C MET N 491 -98.89 -24.19 16.02
N GLY N 492 -98.09 -24.13 17.08
CA GLY N 492 -96.64 -24.13 16.91
C GLY N 492 -95.99 -25.44 17.33
N VAL N 493 -94.98 -25.86 16.60
CA VAL N 493 -94.25 -27.03 16.97
C VAL N 493 -92.76 -26.77 16.74
N LEU N 494 -91.97 -27.23 17.71
CA LEU N 494 -90.53 -27.13 17.67
C LEU N 494 -90.12 -28.53 17.31
N LYS N 495 -89.10 -28.68 16.47
CA LYS N 495 -88.73 -30.00 15.94
C LYS N 495 -87.23 -30.12 15.80
N ALA N 496 -86.76 -31.35 15.63
CA ALA N 496 -85.34 -31.68 15.50
C ALA N 496 -85.16 -32.92 14.63
N ILE N 497 -83.95 -33.13 14.13
CA ILE N 497 -83.67 -34.22 13.20
C ILE N 497 -82.19 -34.58 13.24
N PRO N 498 -81.85 -35.89 13.22
CA PRO N 498 -80.44 -36.26 13.07
C PRO N 498 -79.98 -35.92 11.68
N GLU N 499 -78.83 -35.28 11.55
CA GLU N 499 -78.27 -35.07 10.23
C GLU N 499 -76.81 -35.51 10.21
N LYS N 500 -76.37 -36.11 9.11
CA LYS N 500 -74.93 -36.22 8.91
C LYS N 500 -74.49 -35.13 7.94
N PHE N 501 -73.92 -34.06 8.50
CA PHE N 501 -73.30 -32.99 7.75
C PHE N 501 -71.98 -33.47 7.20
N GLU N 502 -71.63 -32.95 6.05
CA GLU N 502 -70.43 -33.30 5.36
C GLU N 502 -69.17 -32.68 6.00
N ASP N 503 -69.19 -31.39 6.34
CA ASP N 503 -68.02 -30.81 7.00
C ASP N 503 -68.37 -29.93 8.18
N LEU N 504 -69.62 -29.49 8.26
CA LEU N 504 -69.99 -28.44 9.17
C LEU N 504 -69.59 -28.77 10.61
N GLN N 505 -69.63 -30.06 10.96
CA GLN N 505 -69.34 -30.53 12.32
C GLN N 505 -68.00 -30.06 12.80
N ASN N 506 -67.11 -29.73 11.87
CA ASN N 506 -65.74 -29.35 12.20
C ASN N 506 -65.57 -28.04 12.92
N ILE N 507 -66.61 -27.22 12.95
CA ILE N 507 -66.48 -25.95 13.68
C ILE N 507 -66.57 -26.22 15.18
N ALA N 508 -67.13 -27.38 15.55
CA ALA N 508 -67.44 -27.68 16.95
C ALA N 508 -66.75 -28.90 17.55
N SER N 509 -66.06 -29.71 16.75
CA SER N 509 -65.41 -30.91 17.31
C SER N 509 -63.95 -30.63 17.71
N ASP N 510 -63.30 -31.59 18.39
CA ASP N 510 -62.01 -31.34 19.03
C ASP N 510 -60.87 -31.32 18.04
N VAL N 511 -59.85 -30.57 18.41
CA VAL N 511 -58.68 -30.33 17.57
C VAL N 511 -57.65 -31.46 17.64
N GLY N 512 -57.41 -31.99 18.83
CA GLY N 512 -56.54 -33.18 19.03
C GLY N 512 -55.08 -33.07 18.60
N THR N 513 -54.67 -33.98 17.72
CA THR N 513 -53.34 -33.95 17.10
C THR N 513 -53.44 -33.39 15.67
N VAL N 514 -52.72 -32.30 15.43
CA VAL N 514 -52.83 -31.57 14.18
C VAL N 514 -51.41 -31.27 13.67
N ASN N 515 -51.07 -31.87 12.54
CA ASN N 515 -49.73 -31.84 11.92
C ASN N 515 -48.63 -32.50 12.79
N GLY N 516 -49.03 -33.31 13.75
CA GLY N 516 -48.08 -34.05 14.60
C GLY N 516 -47.94 -33.40 15.96
N PHE N 517 -48.75 -32.38 16.21
CA PHE N 517 -48.66 -31.58 17.42
C PHE N 517 -49.90 -31.70 18.32
N ASP N 518 -49.66 -31.93 19.60
CA ASP N 518 -50.74 -32.08 20.55
C ASP N 518 -51.24 -30.71 20.89
N LEU N 519 -52.46 -30.43 20.47
CA LEU N 519 -53.12 -29.19 20.82
C LEU N 519 -54.32 -29.45 21.74
N SER N 520 -54.17 -30.45 22.60
CA SER N 520 -55.25 -30.89 23.49
C SER N 520 -55.34 -30.06 24.77
N PHE N 521 -54.23 -29.43 25.14
CA PHE N 521 -54.32 -28.42 26.17
C PHE N 521 -55.24 -27.27 25.71
N PHE N 522 -55.18 -26.90 24.44
CA PHE N 522 -56.14 -25.96 23.90
C PHE N 522 -57.56 -26.53 23.93
N ASP N 523 -57.77 -27.74 23.42
CA ASP N 523 -59.06 -28.46 23.58
C ASP N 523 -59.67 -28.21 24.97
N GLU N 524 -58.87 -28.54 25.97
CA GLU N 524 -59.17 -28.41 27.37
C GLU N 524 -59.71 -27.02 27.69
N ILE N 525 -58.87 -26.02 27.41
CA ILE N 525 -59.20 -24.67 27.80
C ILE N 525 -60.31 -24.11 26.92
N SER N 526 -60.35 -24.56 25.67
CA SER N 526 -61.41 -24.20 24.73
C SER N 526 -62.77 -24.78 25.16
N THR N 527 -62.80 -26.04 25.64
CA THR N 527 -64.07 -26.59 26.06
C THR N 527 -64.59 -25.81 27.25
N LYS N 528 -63.74 -25.61 28.25
CA LYS N 528 -64.08 -24.78 29.41
C LYS N 528 -64.68 -23.42 29.01
N ALA N 529 -63.99 -22.71 28.12
CA ALA N 529 -64.40 -21.36 27.80
C ALA N 529 -65.75 -21.38 27.10
N ARG N 530 -66.02 -22.52 26.48
CA ARG N 530 -67.22 -22.68 25.67
C ARG N 530 -68.38 -23.19 26.51
N THR N 531 -68.08 -24.06 27.46
CA THR N 531 -69.13 -24.51 28.37
C THR N 531 -69.59 -23.35 29.22
N ALA N 532 -68.64 -22.51 29.62
CA ALA N 532 -68.96 -21.36 30.48
C ALA N 532 -69.70 -20.22 29.79
N THR N 533 -69.48 -20.03 28.49
CA THR N 533 -70.14 -18.89 27.82
C THR N 533 -71.01 -19.18 26.60
N ASP N 534 -70.88 -20.37 25.96
CA ASP N 534 -71.65 -20.71 24.73
C ASP N 534 -73.03 -21.15 25.07
N ALA N 535 -73.98 -20.72 24.23
CA ALA N 535 -75.28 -21.39 24.19
C ALA N 535 -75.00 -22.86 23.82
N ILE N 536 -75.86 -23.78 24.26
CA ILE N 536 -75.66 -25.21 23.97
C ILE N 536 -75.91 -25.47 22.50
N VAL N 537 -76.90 -24.75 21.99
CA VAL N 537 -77.41 -24.91 20.66
C VAL N 537 -77.02 -23.69 19.88
N ASP N 538 -76.16 -23.93 18.90
CA ASP N 538 -75.70 -22.90 18.02
C ASP N 538 -76.77 -22.51 17.00
N GLU N 539 -76.58 -21.37 16.35
CA GLU N 539 -77.43 -20.96 15.26
C GLU N 539 -76.57 -20.76 14.01
N GLN N 540 -76.87 -21.48 12.94
CA GLN N 540 -76.07 -21.40 11.73
C GLN N 540 -77.00 -21.36 10.52
N SER N 541 -76.58 -20.77 9.39
CA SER N 541 -77.50 -20.71 8.22
C SER N 541 -77.43 -22.03 7.47
N LEU N 542 -78.51 -22.81 7.44
CA LEU N 542 -78.30 -24.27 7.14
C LEU N 542 -78.29 -24.68 5.67
N TRP N 543 -78.81 -23.82 4.82
CA TRP N 543 -78.62 -24.05 3.39
C TRP N 543 -77.14 -24.08 2.98
N GLU N 544 -76.25 -23.43 3.74
CA GLU N 544 -74.85 -23.36 3.33
C GLU N 544 -73.97 -24.58 3.60
N TYR N 545 -74.59 -25.63 4.11
CA TYR N 545 -73.85 -26.79 4.61
C TYR N 545 -74.40 -28.10 4.05
N ALA N 546 -73.52 -28.91 3.48
CA ALA N 546 -73.97 -30.14 2.81
C ALA N 546 -74.24 -31.27 3.82
N GLY N 547 -75.42 -31.85 3.75
CA GLY N 547 -75.77 -32.95 4.67
C GLY N 547 -76.88 -33.88 4.22
N ILE N 548 -76.89 -35.07 4.82
CA ILE N 548 -77.98 -36.03 4.67
C ILE N 548 -78.64 -36.21 6.02
N VAL N 549 -79.95 -36.12 6.02
CA VAL N 549 -80.77 -36.38 7.18
C VAL N 549 -80.72 -37.87 7.51
N LYS N 550 -80.84 -38.25 8.79
CA LYS N 550 -80.69 -39.69 9.18
C LYS N 550 -81.90 -40.33 9.88
N GLY N 551 -82.94 -39.55 10.13
CA GLY N 551 -84.18 -40.09 10.66
C GLY N 551 -85.31 -39.18 10.25
N ASP N 552 -86.54 -39.49 10.69
CA ASP N 552 -87.64 -38.57 10.47
C ASP N 552 -87.40 -37.37 11.36
N ALA N 553 -88.11 -36.28 11.08
CA ALA N 553 -88.13 -35.15 11.97
C ALA N 553 -88.88 -35.59 13.23
N VAL N 554 -88.48 -35.09 14.41
CA VAL N 554 -89.14 -35.48 15.66
C VAL N 554 -89.59 -34.29 16.50
N GLU N 555 -90.87 -34.30 16.89
CA GLU N 555 -91.46 -33.31 17.75
C GLU N 555 -90.70 -33.15 19.05
N ILE N 556 -90.55 -31.91 19.49
CA ILE N 556 -89.87 -31.63 20.74
C ILE N 556 -90.76 -30.84 21.65
N LEU N 557 -91.39 -29.78 21.15
CA LEU N 557 -92.20 -28.91 21.98
C LEU N 557 -93.32 -28.41 21.13
N ARG N 558 -94.50 -28.29 21.72
CA ARG N 558 -95.71 -28.04 20.95
C ARG N 558 -96.48 -26.91 21.58
N PHE N 559 -96.91 -25.95 20.75
CA PHE N 559 -97.60 -24.78 21.26
C PHE N 559 -98.98 -24.54 20.60
N PRO N 560 -100.04 -24.99 21.29
CA PRO N 560 -101.39 -24.75 20.77
C PRO N 560 -101.76 -23.33 21.11
N ILE N 561 -102.53 -22.66 20.26
CA ILE N 561 -102.83 -21.29 20.57
C ILE N 561 -104.11 -21.11 21.36
N ASP N 562 -104.85 -22.18 21.59
CA ASP N 562 -105.92 -22.14 22.60
C ASP N 562 -105.42 -22.86 23.87
N GLY N 563 -104.92 -22.07 24.82
CA GLY N 563 -104.09 -22.59 25.91
C GLY N 563 -104.67 -22.58 27.32
N ARG N 564 -104.49 -21.48 28.06
CA ARG N 564 -103.60 -20.37 27.71
C ARG N 564 -102.15 -20.83 27.89
N VAL N 565 -101.23 -19.90 28.00
CA VAL N 565 -99.81 -20.27 28.04
C VAL N 565 -99.37 -20.86 29.40
N SER N 566 -98.94 -22.12 29.33
CA SER N 566 -98.33 -22.80 30.44
C SER N 566 -96.90 -23.18 30.05
N SER N 567 -96.17 -23.73 31.00
CA SER N 567 -94.84 -24.29 30.77
C SER N 567 -94.95 -25.69 30.22
N GLN N 568 -93.84 -26.15 29.67
CA GLN N 568 -93.84 -27.32 28.83
C GLN N 568 -92.47 -27.99 28.96
N LYS N 569 -92.48 -29.19 29.53
CA LYS N 569 -91.25 -30.01 29.61
C LYS N 569 -91.34 -31.15 28.64
N CYS N 570 -90.19 -31.57 28.12
CA CYS N 570 -90.14 -32.76 27.31
C CYS N 570 -88.77 -33.46 27.37
N VAL N 571 -88.80 -34.80 27.24
CA VAL N 571 -87.62 -35.64 27.40
C VAL N 571 -87.64 -36.78 26.39
N VAL N 572 -87.25 -36.52 25.15
CA VAL N 572 -87.34 -37.51 24.09
C VAL N 572 -85.95 -38.03 23.66
N ASN N 573 -85.91 -39.24 23.11
CA ASN N 573 -84.66 -39.75 22.56
C ASN N 573 -84.51 -39.50 21.06
N ILE N 574 -83.31 -39.19 20.63
CA ILE N 574 -83.07 -39.01 19.21
C ILE N 574 -82.17 -40.17 18.75
N ASP N 575 -82.67 -40.95 17.80
CA ASP N 575 -81.97 -42.12 17.29
C ASP N 575 -81.10 -41.73 16.12
N ASN N 576 -80.45 -42.73 15.53
CA ASN N 576 -79.60 -42.56 14.33
C ASN N 576 -78.36 -41.73 14.61
N MET N 577 -78.23 -41.30 15.86
CA MET N 577 -77.16 -40.42 16.30
C MET N 577 -75.80 -41.02 16.12
N SER N 578 -75.75 -42.32 15.88
CA SER N 578 -74.49 -43.04 15.59
C SER N 578 -73.93 -42.69 14.22
N SER N 579 -74.83 -42.49 13.27
CA SER N 579 -74.45 -42.22 11.89
C SER N 579 -74.46 -40.70 11.62
N SER N 580 -75.15 -39.97 12.51
CA SER N 580 -75.27 -38.53 12.48
C SER N 580 -74.08 -37.79 13.14
N ASN N 581 -74.05 -36.46 13.01
CA ASN N 581 -73.01 -35.67 13.69
C ASN N 581 -73.48 -34.32 14.22
N ALA N 582 -74.79 -34.08 14.21
CA ALA N 582 -75.40 -32.84 14.71
C ALA N 582 -76.91 -32.95 14.69
N ILE N 583 -77.57 -32.04 15.41
CA ILE N 583 -79.02 -32.04 15.50
C ILE N 583 -79.61 -30.65 15.19
N PRO N 584 -80.04 -30.41 13.94
CA PRO N 584 -80.85 -29.22 13.64
C PRO N 584 -82.16 -29.10 14.44
N MET N 585 -82.46 -27.90 14.91
CA MET N 585 -83.77 -27.62 15.47
C MET N 585 -84.36 -26.39 14.83
N TRP N 586 -85.67 -26.27 14.86
CA TRP N 586 -86.35 -25.22 14.10
C TRP N 586 -87.81 -25.34 14.39
N MET N 587 -88.52 -24.30 13.94
CA MET N 587 -89.94 -24.14 14.17
C MET N 587 -90.80 -24.34 12.87
N GLU N 588 -92.06 -24.74 13.06
CA GLU N 588 -93.05 -24.94 11.98
C GLU N 588 -94.34 -24.40 12.53
N TRP N 589 -95.20 -23.88 11.65
CA TRP N 589 -96.41 -23.24 12.13
C TRP N 589 -97.56 -23.53 11.24
N GLU N 590 -98.65 -23.95 11.88
CA GLU N 590 -99.89 -24.22 11.19
C GLU N 590 -100.62 -22.89 10.95
N PHE N 591 -100.34 -22.28 9.82
CA PHE N 591 -100.91 -20.99 9.52
C PHE N 591 -102.12 -21.19 8.60
N GLY N 592 -103.30 -21.17 9.21
CA GLY N 592 -104.54 -21.56 8.55
C GLY N 592 -104.46 -23.02 8.14
N GLY N 593 -104.41 -23.21 6.83
CA GLY N 593 -104.30 -24.52 6.25
C GLY N 593 -103.09 -24.59 5.35
N ILE N 594 -102.04 -23.86 5.69
CA ILE N 594 -100.72 -24.13 5.13
C ILE N 594 -99.70 -24.29 6.27
N ASN N 595 -98.49 -24.68 5.89
CA ASN N 595 -97.44 -24.98 6.85
C ASN N 595 -96.19 -24.17 6.63
N LEU N 596 -96.01 -23.19 7.52
CA LEU N 596 -94.78 -22.44 7.61
C LEU N 596 -93.71 -23.24 8.32
N SER N 597 -92.46 -23.03 7.89
CA SER N 597 -91.31 -23.61 8.56
C SER N 597 -90.14 -22.65 8.50
N THR N 598 -89.64 -22.32 9.67
CA THR N 598 -88.42 -21.53 9.72
C THR N 598 -87.17 -22.40 9.48
N GLY N 599 -87.39 -23.67 9.16
CA GLY N 599 -86.28 -24.56 8.90
C GLY N 599 -86.50 -25.48 7.73
N LEU N 600 -86.89 -26.70 8.06
CA LEU N 600 -86.93 -27.78 7.11
C LEU N 600 -88.13 -27.63 6.20
N LEU N 601 -87.84 -27.37 4.91
CA LEU N 601 -88.87 -27.14 3.89
C LEU N 601 -89.32 -28.48 3.31
N SER N 602 -88.36 -29.39 3.16
CA SER N 602 -88.61 -30.70 2.62
C SER N 602 -87.35 -31.56 2.75
N ILE N 603 -87.51 -32.87 2.56
CA ILE N 603 -86.38 -33.78 2.46
C ILE N 603 -86.46 -34.54 1.13
N SER N 604 -85.40 -34.51 0.33
CA SER N 604 -85.38 -35.32 -0.88
C SER N 604 -85.33 -36.78 -0.52
N SER N 605 -85.81 -37.59 -1.44
CA SER N 605 -85.90 -39.03 -1.24
C SER N 605 -84.53 -39.69 -1.03
N ALA N 606 -83.46 -38.97 -1.38
CA ALA N 606 -82.10 -39.40 -1.07
C ALA N 606 -81.74 -38.95 0.33
N GLY N 607 -82.68 -38.24 0.96
CA GLY N 607 -82.46 -37.63 2.26
C GLY N 607 -81.69 -36.33 2.29
N VAL N 608 -81.83 -35.48 1.25
CA VAL N 608 -81.22 -34.16 1.27
C VAL N 608 -82.19 -33.10 1.78
N PRO N 609 -81.87 -32.49 2.96
CA PRO N 609 -82.75 -31.49 3.53
C PRO N 609 -82.57 -30.12 2.84
N GLU N 610 -83.69 -29.50 2.53
CA GLU N 610 -83.71 -28.16 2.00
C GLU N 610 -84.01 -27.20 3.15
N TRP N 611 -83.09 -26.24 3.32
CA TRP N 611 -83.14 -25.27 4.43
C TRP N 611 -83.58 -23.86 4.08
N ASN N 612 -84.63 -23.39 4.75
CA ASN N 612 -85.07 -22.01 4.66
C ASN N 612 -83.93 -20.99 4.71
N LYS N 613 -83.89 -20.12 3.71
CA LYS N 613 -82.80 -19.18 3.59
C LYS N 613 -83.16 -17.93 4.36
N GLY N 614 -84.45 -17.68 4.52
CA GLY N 614 -84.90 -16.50 5.27
C GLY N 614 -84.82 -16.57 6.81
N TYR N 615 -83.98 -17.48 7.36
CA TYR N 615 -83.81 -17.76 8.79
C TYR N 615 -82.50 -18.50 9.11
N LYS N 616 -81.97 -18.30 10.33
CA LYS N 616 -80.92 -19.19 10.79
C LYS N 616 -81.62 -20.31 11.57
N GLN N 617 -80.97 -21.47 11.68
CA GLN N 617 -81.54 -22.58 12.43
C GLN N 617 -80.60 -22.96 13.53
N GLY N 618 -81.15 -23.43 14.64
CA GLY N 618 -80.36 -24.09 15.66
C GLY N 618 -79.79 -25.42 15.23
N VAL N 619 -78.51 -25.64 15.48
CA VAL N 619 -77.85 -26.95 15.33
C VAL N 619 -77.21 -27.26 16.67
N TYR N 620 -77.23 -28.52 17.07
CA TYR N 620 -76.41 -28.90 18.21
C TYR N 620 -75.47 -30.00 17.79
N PHE N 621 -74.22 -29.87 18.21
CA PHE N 621 -73.17 -30.86 17.93
C PHE N 621 -72.83 -31.74 19.13
N PRO N 622 -73.07 -33.05 19.00
CA PRO N 622 -72.68 -33.94 20.09
C PRO N 622 -71.27 -33.64 20.62
N ILE N 623 -71.29 -33.23 21.89
CA ILE N 623 -70.16 -33.03 22.78
C ILE N 623 -69.23 -34.26 22.79
N THR N 624 -67.96 -34.05 23.12
CA THR N 624 -67.00 -35.14 23.08
C THR N 624 -67.53 -36.40 23.81
N ALA N 625 -67.99 -36.26 25.05
CA ALA N 625 -68.42 -37.42 25.84
C ALA N 625 -69.59 -38.20 25.21
N LEU N 626 -70.49 -37.50 24.54
CA LEU N 626 -71.64 -38.14 23.90
C LEU N 626 -71.34 -38.56 22.46
N ARG N 627 -70.13 -38.22 21.99
CA ARG N 627 -69.81 -38.22 20.56
C ARG N 627 -70.04 -39.54 19.83
N ASN N 628 -70.20 -40.64 20.57
CA ASN N 628 -70.38 -41.95 19.94
C ASN N 628 -71.72 -42.62 20.15
N ASP N 629 -72.51 -42.13 21.11
CA ASP N 629 -73.76 -42.78 21.49
C ASP N 629 -74.73 -42.88 20.32
N LYS N 630 -75.33 -44.07 20.18
CA LYS N 630 -76.28 -44.37 19.12
C LYS N 630 -77.52 -43.47 19.15
N SER N 631 -77.90 -43.05 20.35
CA SER N 631 -79.10 -42.22 20.60
C SER N 631 -78.79 -41.17 21.65
N LEU N 632 -79.51 -40.05 21.64
CA LEU N 632 -79.32 -39.04 22.68
C LEU N 632 -80.62 -38.56 23.34
N CYS N 633 -80.46 -37.94 24.51
CA CYS N 633 -81.58 -37.56 25.33
C CYS N 633 -81.77 -36.04 25.35
N LEU N 634 -82.76 -35.59 24.60
CA LEU N 634 -83.03 -34.17 24.49
C LEU N 634 -83.97 -33.74 25.59
N HIS N 635 -83.45 -32.83 26.41
CA HIS N 635 -84.21 -32.17 27.43
C HIS N 635 -84.52 -30.82 26.88
N ALA N 636 -85.81 -30.47 26.85
CA ALA N 636 -86.24 -29.15 26.41
C ALA N 636 -87.27 -28.59 27.33
N LEU N 637 -87.13 -27.30 27.61
CA LEU N 637 -87.99 -26.64 28.56
C LEU N 637 -88.45 -25.27 28.04
N PHE N 638 -89.76 -25.08 27.98
CA PHE N 638 -90.28 -23.76 27.76
C PHE N 638 -90.87 -23.22 29.06
N ASP N 639 -90.36 -22.06 29.48
CA ASP N 639 -90.66 -21.45 30.77
C ASP N 639 -91.68 -20.32 30.64
N LYS N 640 -92.88 -20.57 31.16
CA LYS N 640 -93.92 -19.56 31.24
C LYS N 640 -93.37 -18.18 31.57
N SER N 641 -92.28 -18.13 32.34
CA SER N 641 -91.81 -16.88 32.98
C SER N 641 -90.74 -16.09 32.23
N THR N 642 -89.73 -16.80 31.69
CA THR N 642 -88.70 -16.18 30.87
C THR N 642 -89.21 -15.98 29.43
N GLY N 643 -90.19 -16.79 29.03
CA GLY N 643 -90.54 -16.90 27.62
C GLY N 643 -89.46 -17.68 26.91
N ASP N 644 -88.53 -18.24 27.67
CA ASP N 644 -87.32 -18.85 27.11
C ASP N 644 -87.48 -20.32 26.92
N ILE N 645 -86.54 -20.89 26.17
CA ILE N 645 -86.51 -22.30 25.93
C ILE N 645 -85.10 -22.77 26.29
N ASN N 646 -85.01 -23.85 27.07
CA ASN N 646 -83.71 -24.43 27.43
C ASN N 646 -83.51 -25.85 26.99
N PHE N 647 -82.33 -26.11 26.45
CA PHE N 647 -82.00 -27.44 25.97
C PHE N 647 -80.84 -28.00 26.76
N GLN N 648 -80.94 -29.28 27.07
CA GLN N 648 -79.82 -30.00 27.66
C GLN N 648 -79.73 -31.27 26.86
N PHE N 649 -78.57 -31.51 26.26
CA PHE N 649 -78.41 -32.72 25.48
C PHE N 649 -77.65 -33.78 26.28
N GLY N 650 -78.28 -34.94 26.48
CA GLY N 650 -77.82 -35.91 27.48
C GLY N 650 -77.50 -37.34 27.07
N LYS N 651 -76.77 -38.02 27.96
CA LYS N 651 -76.22 -39.36 27.77
C LYS N 651 -77.20 -40.45 27.33
N SER N 652 -78.44 -40.38 27.80
CA SER N 652 -79.49 -41.38 27.51
C SER N 652 -79.59 -42.43 28.61
N MET O 9 -91.63 16.28 5.19
CA MET O 9 -92.08 14.99 4.59
C MET O 9 -93.23 14.38 5.40
N PHE O 10 -94.43 14.59 4.89
CA PHE O 10 -95.63 14.12 5.55
C PHE O 10 -96.15 12.88 4.84
N LEU O 11 -96.77 11.99 5.61
CA LEU O 11 -97.10 10.62 5.18
C LEU O 11 -98.60 10.43 5.23
N GLU O 12 -99.20 10.08 4.11
CA GLU O 12 -100.64 10.02 4.04
C GLU O 12 -101.18 8.77 4.70
N LYS O 13 -102.38 8.85 5.26
CA LYS O 13 -103.09 7.70 5.82
C LYS O 13 -104.58 8.01 5.93
N ILE O 14 -105.42 6.97 6.00
CA ILE O 14 -106.85 7.15 6.21
C ILE O 14 -107.21 6.84 7.66
N ASN O 15 -108.06 7.67 8.27
CA ASN O 15 -108.56 7.38 9.62
C ASN O 15 -109.56 6.22 9.61
N GLN O 16 -109.17 5.10 10.21
CA GLN O 16 -109.94 3.85 10.14
C GLN O 16 -111.32 3.87 10.81
N LYS O 17 -111.52 4.82 11.71
CA LYS O 17 -112.82 5.06 12.29
C LYS O 17 -113.56 6.23 11.65
N THR O 18 -112.86 7.29 11.24
CA THR O 18 -113.56 8.42 10.58
C THR O 18 -113.52 8.37 9.06
N GLY O 19 -112.42 7.89 8.49
CA GLY O 19 -112.28 7.94 7.04
C GLY O 19 -111.66 9.24 6.52
N GLU O 20 -111.42 10.19 7.42
CA GLU O 20 -110.77 11.44 7.02
C GLU O 20 -109.31 11.17 6.76
N ARG O 21 -108.79 11.81 5.71
CA ARG O 21 -107.41 11.73 5.28
C ARG O 21 -106.49 12.45 6.25
N GLU O 22 -105.45 11.76 6.70
CA GLU O 22 -104.58 12.26 7.76
C GLU O 22 -103.13 12.03 7.45
N TRP O 23 -102.26 12.75 8.15
CA TRP O 23 -100.81 12.60 8.00
C TRP O 23 -100.16 12.25 9.30
N VAL O 24 -98.88 11.91 9.23
CA VAL O 24 -98.10 11.44 10.37
C VAL O 24 -96.61 11.68 10.01
N VAL O 25 -95.68 11.64 10.97
CA VAL O 25 -94.26 11.71 10.58
C VAL O 25 -93.34 10.87 11.45
N ALA O 26 -92.10 10.68 10.99
CA ALA O 26 -91.10 9.90 11.71
C ALA O 26 -90.49 10.70 12.86
N GLU O 27 -89.76 10.04 13.75
CA GLU O 27 -89.24 10.73 14.93
C GLU O 27 -88.24 11.82 14.58
N GLU O 28 -87.48 11.55 13.52
CA GLU O 28 -86.53 12.48 12.97
C GLU O 28 -87.18 13.85 12.80
N ASP O 29 -88.45 13.84 12.39
CA ASP O 29 -89.11 15.05 11.98
C ASP O 29 -90.21 15.49 12.91
N TYR O 30 -90.32 14.89 14.10
CA TYR O 30 -91.43 15.22 15.04
C TYR O 30 -91.38 16.65 15.59
N ASP O 31 -90.31 16.98 16.31
CA ASP O 31 -90.05 18.37 16.72
C ASP O 31 -90.28 19.38 15.59
N MET O 32 -89.62 19.19 14.46
CA MET O 32 -89.82 20.08 13.33
C MET O 32 -91.31 20.29 13.03
N ALA O 33 -92.08 19.20 13.02
CA ALA O 33 -93.53 19.35 12.76
C ALA O 33 -94.33 20.04 13.90
N GLN O 34 -93.99 19.70 15.16
CA GLN O 34 -94.45 20.43 16.37
C GLN O 34 -94.34 21.96 16.17
N GLU O 35 -93.13 22.51 16.19
CA GLU O 35 -92.90 23.94 15.88
C GLU O 35 -93.64 24.46 14.64
N LEU O 36 -93.60 23.71 13.54
CA LEU O 36 -94.41 24.07 12.36
C LEU O 36 -95.93 24.21 12.64
N ALA O 37 -96.49 23.34 13.46
CA ALA O 37 -97.92 23.39 13.81
C ALA O 37 -98.26 24.63 14.65
N ARG O 38 -97.25 25.20 15.29
CA ARG O 38 -97.37 26.49 15.98
C ARG O 38 -97.35 27.72 15.07
N SER O 39 -96.76 27.58 13.89
CA SER O 39 -96.41 28.75 13.07
C SER O 39 -97.53 29.73 12.79
N ARG O 40 -98.74 29.21 12.57
CA ARG O 40 -99.94 30.03 12.37
C ARG O 40 -100.23 30.93 13.57
N PHE O 41 -99.56 30.63 14.70
CA PHE O 41 -99.68 31.36 15.95
C PHE O 41 -101.11 31.82 16.28
N GLY O 42 -102.01 30.84 16.31
CA GLY O 42 -103.42 31.05 16.65
C GLY O 42 -104.20 31.80 15.59
N ASP O 43 -104.76 32.92 16.00
CA ASP O 43 -105.63 33.74 15.17
C ASP O 43 -104.79 34.71 14.37
N MET O 44 -103.50 34.74 14.67
CA MET O 44 -102.61 35.75 14.16
C MET O 44 -103.01 36.14 12.75
N ILE O 45 -102.81 35.23 11.80
CA ILE O 45 -102.97 35.53 10.37
C ILE O 45 -104.40 35.99 10.01
N LEU O 46 -105.39 35.51 10.74
CA LEU O 46 -106.78 35.89 10.54
C LEU O 46 -107.21 37.17 11.32
N ASP O 47 -106.24 37.85 11.93
CA ASP O 47 -106.47 39.12 12.63
C ASP O 47 -106.46 40.27 11.63
N PHE O 48 -107.67 40.58 11.13
CA PHE O 48 -107.84 41.55 10.05
C PHE O 48 -107.35 42.95 10.37
N ASP O 49 -107.40 43.32 11.66
CA ASP O 49 -106.87 44.62 12.14
C ASP O 49 -105.35 44.71 11.96
N ARG O 50 -104.61 43.80 12.59
CA ARG O 50 -103.16 43.75 12.47
C ARG O 50 -102.71 43.83 11.01
N ASN O 51 -103.54 43.32 10.11
CA ASN O 51 -103.15 43.20 8.72
C ASN O 51 -103.28 44.48 7.88
N ASP O 52 -104.45 45.12 7.92
CA ASP O 52 -104.60 46.38 7.21
C ASP O 52 -103.98 47.54 8.00
N LYS O 53 -103.79 47.34 9.30
CA LYS O 53 -103.05 48.30 10.11
C LYS O 53 -101.56 48.35 9.74
N PHE O 54 -100.98 47.21 9.35
CA PHE O 54 -99.57 47.17 8.90
C PHE O 54 -99.47 47.66 7.46
N LEU O 55 -100.50 47.38 6.66
CA LEU O 55 -100.61 47.86 5.29
C LEU O 55 -100.57 49.39 5.26
N ALA O 56 -101.37 49.99 6.14
CA ALA O 56 -101.41 51.43 6.36
C ALA O 56 -100.02 51.97 6.69
N GLY O 57 -99.30 51.26 7.56
CA GLY O 57 -97.95 51.66 7.93
C GLY O 57 -97.02 51.58 6.74
N LEU O 58 -97.39 50.75 5.78
CA LEU O 58 -96.50 50.46 4.66
C LEU O 58 -96.81 51.31 3.43
N LYS O 59 -98.06 51.75 3.30
CA LYS O 59 -98.38 52.83 2.38
C LYS O 59 -97.69 54.10 2.86
N THR O 60 -97.76 54.36 4.17
CA THR O 60 -97.06 55.49 4.79
C THR O 60 -95.59 55.46 4.48
N THR O 61 -94.85 54.55 5.13
CA THR O 61 -93.40 54.51 5.00
C THR O 61 -92.99 54.47 3.52
N ILE O 62 -93.85 53.87 2.70
CA ILE O 62 -93.59 53.74 1.26
C ILE O 62 -93.76 55.06 0.49
N ALA O 63 -94.99 55.60 0.48
CA ALA O 63 -95.28 56.87 -0.24
C ALA O 63 -94.29 57.98 0.13
N GLU O 64 -93.91 58.02 1.40
CA GLU O 64 -92.98 59.00 1.93
C GLU O 64 -91.53 58.80 1.45
N LYS O 65 -90.89 57.71 1.90
CA LYS O 65 -89.44 57.49 1.63
C LYS O 65 -89.11 57.42 0.13
N LYS O 66 -90.10 57.07 -0.68
CA LYS O 66 -89.99 57.13 -2.14
C LYS O 66 -89.64 58.57 -2.60
N HIS O 67 -90.42 59.55 -2.13
CA HIS O 67 -90.25 60.96 -2.51
C HIS O 67 -89.05 61.59 -1.85
N GLU O 68 -88.72 61.16 -0.63
CA GLU O 68 -87.53 61.65 0.09
C GLU O 68 -86.23 61.11 -0.52
N ASN O 69 -86.31 59.97 -1.20
CA ASN O 69 -85.16 59.41 -1.89
C ASN O 69 -85.02 60.07 -3.24
N THR O 70 -83.78 60.34 -3.65
CA THR O 70 -83.51 60.99 -4.95
C THR O 70 -83.95 60.09 -6.12
N ASP O 71 -83.45 58.86 -6.11
CA ASP O 71 -83.96 57.78 -6.96
C ASP O 71 -85.25 57.22 -6.33
N GLY O 72 -85.78 56.15 -6.90
CA GLY O 72 -86.85 55.42 -6.25
C GLY O 72 -86.32 54.13 -5.65
N LYS O 73 -85.01 54.08 -5.42
CA LYS O 73 -84.33 52.86 -4.97
C LYS O 73 -84.64 52.61 -3.50
N VAL O 74 -85.67 51.77 -3.28
CA VAL O 74 -86.30 51.58 -1.96
C VAL O 74 -86.29 50.13 -1.45
N HIS O 75 -85.44 49.87 -0.46
CA HIS O 75 -85.17 48.53 0.04
C HIS O 75 -85.89 48.20 1.33
N VAL O 76 -87.09 47.63 1.21
CA VAL O 76 -87.86 47.16 2.39
C VAL O 76 -87.33 45.85 3.00
N LEU O 77 -87.43 45.74 4.32
CA LEU O 77 -87.00 44.55 5.06
C LEU O 77 -88.12 43.98 5.98
N ASP O 78 -88.45 42.70 5.81
CA ASP O 78 -89.47 42.04 6.62
C ASP O 78 -88.84 41.02 7.58
N ILE O 79 -88.80 41.36 8.86
CA ILE O 79 -88.21 40.44 9.83
C ILE O 79 -89.29 39.56 10.46
N GLY O 80 -89.03 38.24 10.41
CA GLY O 80 -89.94 37.20 10.89
C GLY O 80 -91.14 37.09 9.97
N THR O 81 -90.89 36.70 8.73
CA THR O 81 -91.88 36.86 7.68
C THR O 81 -92.98 35.84 7.71
N GLY O 82 -92.80 34.75 8.48
CA GLY O 82 -93.81 33.68 8.57
C GLY O 82 -94.26 33.18 7.21
N THR O 83 -95.52 33.38 6.88
CA THR O 83 -96.01 33.05 5.55
C THR O 83 -95.51 34.01 4.44
N GLY O 84 -94.77 35.04 4.83
CA GLY O 84 -94.36 36.11 3.91
C GLY O 84 -95.45 37.12 3.62
N LEU O 85 -96.51 37.11 4.45
CA LEU O 85 -97.71 37.92 4.22
C LEU O 85 -97.37 39.39 4.19
N LEU O 86 -96.58 39.83 5.16
CA LEU O 86 -96.09 41.20 5.20
C LEU O 86 -95.31 41.60 3.92
N SER O 87 -94.64 40.61 3.34
CA SER O 87 -93.82 40.86 2.15
C SER O 87 -94.71 41.03 0.92
N LEU O 88 -95.64 40.10 0.72
CA LEU O 88 -96.71 40.30 -0.25
C LEU O 88 -97.33 41.71 -0.20
N MET O 89 -97.46 42.25 1.02
CA MET O 89 -98.01 43.60 1.26
C MET O 89 -97.07 44.72 0.83
N ALA O 90 -95.77 44.49 0.98
CA ALA O 90 -94.71 45.43 0.63
C ALA O 90 -94.49 45.51 -0.87
N ALA O 91 -94.36 44.34 -1.48
CA ALA O 91 -94.11 44.19 -2.91
C ALA O 91 -95.24 44.72 -3.78
N ARG O 92 -96.48 44.61 -3.30
CA ARG O 92 -97.61 45.26 -3.94
C ARG O 92 -97.62 46.68 -3.41
N GLU O 93 -97.49 47.65 -4.32
CA GLU O 93 -96.95 49.00 -4.04
C GLU O 93 -95.43 49.02 -4.26
N GLY O 94 -94.77 47.88 -4.02
CA GLY O 94 -93.45 47.55 -4.58
C GLY O 94 -92.23 48.34 -4.19
N ALA O 95 -91.72 48.11 -2.98
CA ALA O 95 -90.42 48.67 -2.62
C ALA O 95 -89.33 47.88 -3.33
N ASP O 96 -88.81 48.46 -4.41
CA ASP O 96 -87.74 47.87 -5.23
C ASP O 96 -87.20 46.54 -4.65
N LYS O 97 -86.14 46.60 -3.85
CA LYS O 97 -85.67 45.41 -3.15
C LYS O 97 -86.60 45.16 -1.97
N VAL O 98 -87.08 43.92 -1.87
CA VAL O 98 -87.70 43.44 -0.64
C VAL O 98 -86.82 42.33 -0.11
N THR O 99 -86.33 42.50 1.12
CA THR O 99 -85.81 41.35 1.80
C THR O 99 -86.77 40.95 2.93
N ALA O 100 -86.77 39.68 3.26
CA ALA O 100 -87.58 39.16 4.34
C ALA O 100 -86.79 38.03 4.96
N LEU O 101 -86.89 37.88 6.28
CA LEU O 101 -86.19 36.79 6.94
C LEU O 101 -87.13 36.00 7.83
N GLU O 102 -86.64 34.83 8.25
CA GLU O 102 -87.38 33.89 9.05
C GLU O 102 -86.41 32.81 9.57
N VAL O 103 -86.20 32.76 10.89
CA VAL O 103 -85.21 31.88 11.52
C VAL O 103 -85.64 30.42 11.43
N PHE O 104 -86.95 30.20 11.41
CA PHE O 104 -87.56 28.85 11.39
C PHE O 104 -87.70 28.24 9.99
N LYS O 105 -86.71 27.42 9.64
CA LYS O 105 -86.44 26.92 8.29
C LYS O 105 -87.64 26.53 7.43
N PRO O 106 -88.57 25.74 8.00
CA PRO O 106 -89.73 25.31 7.22
C PRO O 106 -90.69 26.46 6.94
N MET O 107 -90.64 27.52 7.75
CA MET O 107 -91.37 28.72 7.41
C MET O 107 -90.56 29.47 6.37
N GLY O 108 -89.24 29.52 6.57
CA GLY O 108 -88.31 29.95 5.53
C GLY O 108 -88.69 29.38 4.16
N ASP O 109 -88.83 28.05 4.11
CA ASP O 109 -89.29 27.42 2.87
C ASP O 109 -90.70 27.86 2.45
N CYS O 110 -91.66 27.85 3.39
CA CYS O 110 -93.03 28.29 3.09
C CYS O 110 -93.08 29.71 2.52
N ALA O 111 -92.29 30.62 3.08
CA ALA O 111 -92.17 32.00 2.58
C ALA O 111 -91.65 32.01 1.16
N ARG O 112 -90.56 31.29 0.94
CA ARG O 112 -89.95 31.13 -0.37
C ARG O 112 -90.90 30.60 -1.43
N HIS O 113 -91.65 29.53 -1.12
CA HIS O 113 -92.66 29.04 -2.05
C HIS O 113 -93.63 30.14 -2.39
N ILE O 114 -94.36 30.65 -1.39
CA ILE O 114 -95.39 31.65 -1.66
C ILE O 114 -94.85 32.88 -2.39
N THR O 115 -93.77 33.47 -1.87
CA THR O 115 -92.94 34.43 -2.62
C THR O 115 -92.86 34.13 -4.13
N SER O 116 -92.20 33.03 -4.48
CA SER O 116 -91.87 32.72 -5.86
C SER O 116 -93.11 32.61 -6.74
N ASN O 117 -94.13 31.92 -6.25
CA ASN O 117 -95.30 31.64 -7.07
C ASN O 117 -96.24 32.83 -7.08
N SER O 118 -95.68 34.01 -6.83
CA SER O 118 -96.45 35.27 -6.81
C SER O 118 -95.92 36.26 -7.85
N PRO O 119 -96.82 37.14 -8.36
CA PRO O 119 -96.44 38.19 -9.32
C PRO O 119 -95.40 39.19 -8.78
N TRP O 120 -94.79 38.87 -7.64
CA TRP O 120 -93.79 39.75 -7.03
C TRP O 120 -92.49 39.02 -6.78
N SER O 121 -92.36 37.84 -7.41
CA SER O 121 -91.18 37.00 -7.32
C SER O 121 -89.81 37.73 -7.28
N ASP O 122 -89.47 38.47 -8.35
CA ASP O 122 -88.12 39.02 -8.58
C ASP O 122 -87.59 40.00 -7.51
N LYS O 123 -88.49 40.78 -6.93
CA LYS O 123 -88.16 41.79 -5.90
C LYS O 123 -87.75 41.07 -4.63
N ILE O 124 -88.71 40.32 -4.09
CA ILE O 124 -88.52 39.65 -2.84
C ILE O 124 -87.57 38.48 -3.00
N THR O 125 -86.59 38.44 -2.11
CA THR O 125 -85.80 37.24 -1.84
C THR O 125 -86.06 36.89 -0.36
N VAL O 126 -85.81 35.64 0.01
CA VAL O 126 -86.01 35.16 1.38
C VAL O 126 -84.73 34.52 1.96
N ILE O 127 -84.30 34.99 3.13
CA ILE O 127 -83.15 34.40 3.84
C ILE O 127 -83.67 33.70 5.09
N SER O 128 -83.33 32.42 5.25
CA SER O 128 -83.67 31.67 6.47
C SER O 128 -82.54 31.67 7.48
N GLU O 129 -82.39 32.81 8.13
CA GLU O 129 -81.57 33.01 9.31
C GLU O 129 -82.33 33.95 10.26
N ARG O 130 -81.81 34.11 11.47
CA ARG O 130 -82.35 35.08 12.42
C ARG O 130 -81.58 36.40 12.31
N SER O 131 -82.31 37.52 12.25
CA SER O 131 -81.73 38.89 12.05
C SER O 131 -80.53 39.22 12.92
N THR O 132 -80.47 38.54 14.05
CA THR O 132 -79.41 38.71 15.00
C THR O 132 -78.17 37.88 14.63
N ASP O 133 -78.16 37.21 13.47
CA ASP O 133 -76.98 36.45 13.01
C ASP O 133 -76.43 36.90 11.64
N SER O 140 -77.35 46.11 -0.96
CA SER O 140 -78.00 47.29 -0.38
C SER O 140 -78.60 47.05 1.04
N ARG O 141 -78.66 48.11 1.85
CA ARG O 141 -79.20 48.05 3.23
C ARG O 141 -80.61 48.70 3.41
N ALA O 142 -81.12 48.64 4.63
CA ALA O 142 -82.55 48.89 4.93
C ALA O 142 -83.11 50.33 4.80
N ASP O 143 -84.11 50.51 3.94
CA ASP O 143 -84.92 51.75 3.81
C ASP O 143 -86.03 51.84 4.87
N ILE O 144 -86.62 50.70 5.17
CA ILE O 144 -87.67 50.55 6.15
C ILE O 144 -87.46 49.15 6.71
N ILE O 145 -87.64 48.99 8.03
CA ILE O 145 -87.89 47.68 8.60
C ILE O 145 -89.39 47.55 8.88
N VAL O 146 -89.97 46.43 8.46
CA VAL O 146 -91.26 46.03 8.96
C VAL O 146 -91.08 44.68 9.66
N ALA O 147 -91.75 44.51 10.80
CA ALA O 147 -91.57 43.32 11.65
C ALA O 147 -92.60 43.25 12.80
N GLU O 148 -93.41 42.19 12.83
CA GLU O 148 -94.28 41.88 13.98
C GLU O 148 -93.63 40.73 14.77
N VAL O 149 -92.99 41.12 15.88
CA VAL O 149 -92.12 40.27 16.68
C VAL O 149 -92.61 40.39 18.14
N PHE O 150 -93.92 40.62 18.28
CA PHE O 150 -94.50 40.92 19.59
C PHE O 150 -95.50 39.85 20.03
N ASP O 151 -95.33 39.39 21.26
CA ASP O 151 -96.33 38.59 21.97
C ASP O 151 -97.29 39.51 22.74
N THR O 152 -98.12 38.93 23.60
CA THR O 152 -98.97 39.68 24.51
C THR O 152 -98.17 40.71 25.35
N GLU O 153 -97.02 40.30 25.84
CA GLU O 153 -96.18 41.17 26.69
C GLU O 153 -95.38 42.13 25.80
N LEU O 154 -95.66 42.11 24.51
CA LEU O 154 -94.92 42.92 23.54
C LEU O 154 -93.43 42.55 23.33
N ILE O 155 -92.65 42.44 24.40
CA ILE O 155 -91.20 42.14 24.28
C ILE O 155 -90.80 40.69 24.49
N GLY O 156 -91.79 39.84 24.79
CA GLY O 156 -91.54 38.42 25.09
C GLY O 156 -90.79 37.65 23.99
N GLU O 157 -90.95 38.08 22.74
CA GLU O 157 -90.31 37.39 21.60
C GLU O 157 -89.02 38.11 21.13
N GLY O 158 -88.41 38.89 22.03
CA GLY O 158 -87.05 39.45 21.83
C GLY O 158 -86.93 40.64 20.90
N ALA O 159 -88.06 41.27 20.63
CA ALA O 159 -88.19 42.41 19.71
C ALA O 159 -87.13 43.51 19.91
N LEU O 160 -86.57 43.58 21.10
CA LEU O 160 -85.65 44.65 21.42
C LEU O 160 -84.30 44.45 20.76
N ARG O 161 -83.72 43.26 20.89
CA ARG O 161 -82.47 42.96 20.16
C ARG O 161 -82.72 42.96 18.68
N THR O 162 -83.82 42.35 18.28
CA THR O 162 -84.16 42.23 16.89
C THR O 162 -84.07 43.60 16.23
N PHE O 163 -84.73 44.60 16.83
CA PHE O 163 -84.70 45.94 16.28
C PHE O 163 -83.29 46.56 16.33
N LYS O 164 -82.76 46.77 17.53
CA LYS O 164 -81.50 47.51 17.64
C LYS O 164 -80.41 46.97 16.72
N GLU O 165 -80.18 45.66 16.79
CA GLU O 165 -79.05 45.06 16.06
C GLU O 165 -79.17 45.25 14.56
N ALA O 166 -80.39 45.15 14.04
CA ALA O 166 -80.69 45.47 12.64
C ALA O 166 -80.35 46.90 12.27
N LEU O 167 -80.42 47.79 13.25
CA LEU O 167 -80.15 49.19 13.02
C LEU O 167 -78.66 49.49 13.06
N GLU O 168 -77.86 48.72 13.79
CA GLU O 168 -76.44 48.79 13.51
C GLU O 168 -76.20 48.22 12.11
N ARG O 169 -76.11 46.89 12.04
CA ARG O 169 -75.61 46.20 10.86
C ARG O 169 -76.51 46.26 9.62
N LEU O 170 -77.83 46.20 9.78
CA LEU O 170 -78.68 45.95 8.60
C LEU O 170 -79.40 47.19 8.04
N ALA O 171 -79.32 48.32 8.75
CA ALA O 171 -79.95 49.57 8.32
C ALA O 171 -78.94 50.69 8.05
N LYS O 172 -79.38 51.67 7.26
CA LYS O 172 -78.57 52.86 6.92
C LYS O 172 -79.20 54.12 7.57
N PRO O 173 -78.36 55.11 7.98
CA PRO O 173 -78.85 56.25 8.76
C PRO O 173 -80.24 56.72 8.33
N GLY O 174 -81.08 57.01 9.32
CA GLY O 174 -82.43 57.48 9.09
C GLY O 174 -83.38 56.41 8.58
N CYS O 175 -83.38 55.24 9.23
CA CYS O 175 -84.31 54.18 8.86
C CYS O 175 -85.63 54.24 9.62
N ARG O 176 -86.73 54.13 8.88
CA ARG O 176 -88.07 54.21 9.45
C ARG O 176 -88.81 52.86 9.49
N VAL O 177 -88.96 52.31 10.71
CA VAL O 177 -89.51 50.96 10.92
C VAL O 177 -91.03 50.92 11.16
N VAL O 178 -91.70 49.87 10.69
CA VAL O 178 -93.15 49.69 10.92
C VAL O 178 -93.37 48.46 11.83
N PRO O 179 -94.07 48.64 12.98
CA PRO O 179 -94.56 49.90 13.52
C PRO O 179 -93.39 50.70 14.04
N SER O 180 -93.65 51.94 14.45
CA SER O 180 -92.55 52.87 14.72
C SER O 180 -92.27 53.05 16.19
N THR O 181 -93.31 53.01 17.00
CA THR O 181 -93.23 53.34 18.41
C THR O 181 -94.32 52.59 19.14
N GLY O 182 -94.11 52.43 20.45
CA GLY O 182 -95.08 51.73 21.28
C GLY O 182 -95.08 52.21 22.70
N ASN O 183 -96.28 52.26 23.26
CA ASN O 183 -96.49 52.52 24.67
C ASN O 183 -96.90 51.24 25.37
N VAL O 184 -96.59 51.15 26.67
CA VAL O 184 -97.20 50.11 27.53
C VAL O 184 -97.87 50.69 28.79
N TYR O 185 -99.18 50.44 28.88
CA TYR O 185 -100.02 50.94 29.95
C TYR O 185 -100.27 49.88 31.01
N ILE O 186 -100.35 50.30 32.27
CA ILE O 186 -100.98 49.47 33.31
C ILE O 186 -102.10 50.23 34.04
N VAL O 187 -103.10 49.48 34.49
CA VAL O 187 -104.23 50.04 35.20
C VAL O 187 -104.33 49.37 36.59
N PRO O 188 -104.08 50.15 37.66
CA PRO O 188 -104.24 49.76 39.07
C PRO O 188 -105.68 49.44 39.35
N VAL O 189 -105.97 48.30 39.99
CA VAL O 189 -107.35 47.86 40.12
C VAL O 189 -107.62 47.14 41.47
N GLU O 190 -108.77 47.46 42.08
CA GLU O 190 -109.33 46.66 43.17
C GLU O 190 -110.23 45.56 42.58
N SER O 191 -109.91 44.31 42.90
CA SER O 191 -110.62 43.16 42.35
C SER O 191 -110.37 41.85 43.10
N HIS O 192 -111.44 41.28 43.66
CA HIS O 192 -111.29 40.05 44.43
C HIS O 192 -111.03 38.87 43.55
N LEU O 193 -111.48 38.95 42.30
CA LEU O 193 -111.33 37.87 41.33
C LEU O 193 -109.84 37.65 41.07
N LEU O 194 -109.21 38.69 40.53
CA LEU O 194 -107.77 38.69 40.26
C LEU O 194 -106.90 38.37 41.47
N LYS O 195 -107.37 38.76 42.66
CA LYS O 195 -106.74 38.35 43.92
C LYS O 195 -106.52 36.85 43.94
N MET O 196 -107.53 36.11 43.46
CA MET O 196 -107.64 34.68 43.71
C MET O 196 -106.69 33.84 42.87
N PHE O 197 -106.19 34.42 41.79
CA PHE O 197 -105.29 33.69 40.95
C PHE O 197 -103.90 33.66 41.54
N ASN O 198 -103.66 34.47 42.57
CA ASN O 198 -102.29 34.73 43.01
C ASN O 198 -102.15 34.54 44.53
N ASP O 199 -103.31 34.57 45.18
CA ASP O 199 -103.41 34.52 46.62
C ASP O 199 -103.08 33.15 47.15
N ILE O 200 -102.18 33.10 48.11
CA ILE O 200 -101.95 31.88 48.87
C ILE O 200 -103.27 31.67 49.62
N PRO O 201 -103.92 30.48 49.48
CA PRO O 201 -105.26 30.28 50.07
C PRO O 201 -105.21 30.32 51.58
N ARG O 202 -106.12 31.12 52.17
CA ARG O 202 -106.22 31.28 53.62
C ARG O 202 -107.39 30.47 54.17
N LEU O 203 -107.08 29.60 55.13
CA LEU O 203 -108.05 28.60 55.61
C LEU O 203 -109.27 29.15 56.37
N ASN O 204 -109.01 29.93 57.43
CA ASN O 204 -110.06 30.48 58.32
C ASN O 204 -110.80 31.69 57.74
N GLY O 205 -110.48 32.05 56.49
CA GLY O 205 -111.12 33.17 55.82
C GLY O 205 -110.48 34.49 56.16
N GLU O 206 -109.76 34.54 57.27
CA GLU O 206 -109.22 35.80 57.74
C GLU O 206 -107.96 36.15 57.00
N LYS O 207 -107.81 37.44 56.74
CA LYS O 207 -106.52 38.05 56.59
C LYS O 207 -106.23 38.57 57.99
N ASP O 208 -105.00 38.52 58.48
CA ASP O 208 -103.88 37.91 57.80
C ASP O 208 -103.80 36.45 58.19
N GLU O 209 -103.69 35.59 57.19
CA GLU O 209 -103.38 34.18 57.37
C GLU O 209 -102.26 33.86 56.39
N GLU O 210 -101.06 33.62 56.92
CA GLU O 210 -99.83 33.40 56.13
C GLU O 210 -99.19 32.06 56.52
N PRO O 211 -99.87 30.95 56.18
CA PRO O 211 -99.40 29.59 56.44
C PRO O 211 -98.08 29.25 55.74
N LEU O 212 -97.69 30.09 54.77
CA LEU O 212 -96.52 29.83 53.93
C LEU O 212 -95.72 31.09 53.73
N GLY O 213 -95.82 32.07 54.64
CA GLY O 213 -95.11 33.35 54.45
C GLY O 213 -95.64 34.12 53.23
N ARG O 214 -94.81 34.98 52.65
CA ARG O 214 -95.23 35.76 51.48
C ARG O 214 -94.42 35.36 50.24
N CYS O 215 -95.07 35.38 49.07
CA CYS O 215 -94.46 35.12 47.77
C CYS O 215 -95.12 36.09 46.80
N SER O 216 -94.37 36.62 45.84
CA SER O 216 -94.94 37.34 44.71
C SER O 216 -95.83 36.46 43.81
N GLY O 217 -95.87 35.17 44.08
CA GLY O 217 -96.49 34.25 43.12
C GLY O 217 -95.63 34.10 41.88
N THR O 218 -96.24 33.69 40.76
CA THR O 218 -95.42 33.25 39.65
C THR O 218 -94.89 34.42 38.80
N ALA O 219 -93.80 34.13 38.11
CA ALA O 219 -93.11 35.15 37.38
C ALA O 219 -93.50 35.10 35.91
N ALA O 220 -93.87 33.93 35.39
CA ALA O 220 -94.27 33.86 33.98
C ALA O 220 -95.44 34.82 33.72
N VAL O 221 -95.49 35.37 32.52
CA VAL O 221 -96.57 36.26 32.11
C VAL O 221 -97.92 35.58 32.29
N PHE O 222 -98.91 36.33 32.80
CA PHE O 222 -100.28 35.84 32.89
C PHE O 222 -101.17 36.52 31.84
N ASP O 223 -101.18 35.93 30.65
CA ASP O 223 -101.98 36.46 29.54
C ASP O 223 -103.43 36.00 29.66
N VAL O 224 -104.35 36.95 29.55
CA VAL O 224 -105.77 36.71 29.78
C VAL O 224 -106.58 37.67 28.91
N GLN O 225 -107.74 37.23 28.43
CA GLN O 225 -108.60 38.15 27.66
C GLN O 225 -109.43 38.99 28.65
N LEU O 226 -108.90 40.14 29.06
CA LEU O 226 -109.62 40.92 30.05
C LEU O 226 -111.02 41.30 29.59
N SER O 227 -111.14 41.61 28.29
CA SER O 227 -112.42 41.70 27.56
C SER O 227 -113.53 40.71 27.97
N GLU O 228 -113.22 39.77 28.87
CA GLU O 228 -114.18 38.75 29.22
C GLU O 228 -114.34 38.66 30.69
N MET O 229 -113.63 39.54 31.37
CA MET O 229 -113.83 39.78 32.80
C MET O 229 -114.99 40.76 32.96
N LYS O 230 -115.91 40.43 33.85
CA LYS O 230 -117.16 41.19 34.03
C LYS O 230 -116.92 42.46 34.84
N THR O 231 -117.58 43.55 34.45
CA THR O 231 -117.37 44.92 35.00
C THR O 231 -117.50 44.98 36.52
N HIS O 232 -118.31 44.08 37.10
CA HIS O 232 -118.40 43.99 38.55
C HIS O 232 -117.20 43.36 39.25
N GLU O 233 -116.48 42.47 38.56
CA GLU O 233 -115.36 41.71 39.14
C GLU O 233 -114.16 42.57 39.53
N PHE O 234 -114.03 43.74 38.90
CA PHE O 234 -112.98 44.68 39.18
C PHE O 234 -113.50 46.13 39.21
N ARG O 235 -112.69 47.05 39.73
CA ARG O 235 -112.91 48.49 39.53
C ARG O 235 -111.59 49.24 39.44
N GLU O 236 -111.38 49.92 38.31
CA GLU O 236 -110.15 50.70 38.14
C GLU O 236 -110.04 51.79 39.21
N LEU O 237 -108.80 52.08 39.60
CA LEU O 237 -108.52 53.00 40.70
C LEU O 237 -107.66 54.11 40.16
N SER O 238 -107.51 54.13 38.85
CA SER O 238 -106.64 55.08 38.20
C SER O 238 -107.06 55.18 36.73
N GLU O 239 -106.68 56.31 36.11
CA GLU O 239 -106.61 56.41 34.67
C GLU O 239 -105.44 55.54 34.21
N PRO O 240 -105.61 54.78 33.09
CA PRO O 240 -104.49 54.08 32.49
C PRO O 240 -103.18 54.85 32.69
N ILE O 241 -102.12 54.15 33.11
CA ILE O 241 -100.85 54.83 33.36
C ILE O 241 -99.74 54.29 32.42
N VAL O 242 -98.78 55.15 32.07
CA VAL O 242 -97.73 54.80 31.09
C VAL O 242 -96.46 54.25 31.75
N ALA O 243 -96.17 52.98 31.47
CA ALA O 243 -95.05 52.28 32.11
C ALA O 243 -93.79 52.37 31.28
N PHE O 244 -93.93 52.16 29.97
CA PHE O 244 -92.78 52.19 29.06
C PHE O 244 -93.11 52.80 27.68
N LYS O 245 -92.14 53.53 27.14
CA LYS O 245 -92.21 53.99 25.74
C LYS O 245 -91.07 53.31 24.98
N PHE O 246 -91.35 52.93 23.73
CA PHE O 246 -90.32 52.33 22.89
C PHE O 246 -90.25 52.97 21.54
N ASP O 247 -89.08 53.53 21.26
CA ASP O 247 -88.84 54.01 19.93
C ASP O 247 -88.14 52.89 19.14
N PHE O 248 -88.90 52.29 18.25
CA PHE O 248 -88.37 51.25 17.38
C PHE O 248 -87.51 51.79 16.21
N GLU O 249 -87.21 53.09 16.21
CA GLU O 249 -86.40 53.63 15.15
C GLU O 249 -85.01 54.03 15.62
N HIS O 250 -84.75 53.87 16.91
CA HIS O 250 -83.53 54.44 17.49
C HIS O 250 -82.72 53.52 18.36
N GLU O 251 -81.54 53.14 17.86
CA GLU O 251 -80.65 52.12 18.47
C GLU O 251 -79.92 52.51 19.76
N GLU O 252 -80.54 53.40 20.54
CA GLU O 252 -79.94 53.93 21.76
C GLU O 252 -81.01 54.16 22.84
N LYS O 253 -82.20 54.53 22.40
CA LYS O 253 -83.41 54.62 23.23
C LYS O 253 -83.80 53.22 23.67
N ILE O 254 -83.61 52.27 22.76
CA ILE O 254 -83.79 50.82 22.96
C ILE O 254 -82.69 50.29 23.89
N ILE O 255 -83.05 50.11 25.18
CA ILE O 255 -82.15 49.58 26.22
C ILE O 255 -82.83 48.38 26.90
N PHE O 256 -82.10 47.28 27.07
CA PHE O 256 -82.69 46.01 27.53
C PHE O 256 -83.16 46.01 28.97
N ASP O 257 -82.31 46.48 29.87
CA ASP O 257 -82.65 46.61 31.27
C ASP O 257 -82.98 48.07 31.59
N GLU O 258 -84.15 48.27 32.19
CA GLU O 258 -84.66 49.61 32.48
C GLU O 258 -85.51 49.61 33.75
N SER O 259 -85.69 50.79 34.34
CA SER O 259 -86.51 50.98 35.56
C SER O 259 -87.20 52.36 35.52
N PHE O 260 -88.49 52.39 35.84
CA PHE O 260 -89.22 53.67 35.95
C PHE O 260 -90.23 53.70 37.07
N VAL O 261 -89.94 54.49 38.10
CA VAL O 261 -90.97 54.89 39.04
C VAL O 261 -91.96 55.78 38.30
N ARG O 262 -93.19 55.32 38.10
CA ARG O 262 -94.15 56.09 37.31
C ARG O 262 -95.22 56.79 38.18
N GLU O 263 -95.96 57.71 37.57
CA GLU O 263 -96.85 58.64 38.27
C GLU O 263 -98.32 58.61 37.83
N ALA O 264 -99.22 58.61 38.81
CA ALA O 264 -100.65 58.75 38.54
C ALA O 264 -101.46 59.33 39.69
N VAL O 265 -102.59 59.93 39.32
CA VAL O 265 -103.59 60.44 40.25
C VAL O 265 -104.66 59.36 40.50
N ALA O 266 -104.85 59.03 41.78
CA ALA O 266 -105.85 58.04 42.18
C ALA O 266 -107.28 58.58 42.10
N HIS O 267 -107.94 58.38 40.96
CA HIS O 267 -109.36 58.75 40.83
C HIS O 267 -110.26 57.94 41.75
N SER O 268 -109.64 57.17 42.65
CA SER O 268 -110.34 56.32 43.63
C SER O 268 -109.45 55.84 44.77
N SER O 269 -110.09 55.23 45.78
CA SER O 269 -109.44 54.80 47.02
C SER O 269 -109.66 53.32 47.27
N GLY O 270 -108.61 52.67 47.79
CA GLY O 270 -108.62 51.23 48.04
C GLY O 270 -107.30 50.58 47.66
N THR O 271 -107.29 49.25 47.64
CA THR O 271 -106.05 48.46 47.50
C THR O 271 -105.74 48.00 46.02
N ILE O 272 -104.49 48.11 45.56
CA ILE O 272 -104.18 47.55 44.22
C ILE O 272 -104.00 46.03 44.32
N ASP O 273 -105.04 45.32 43.90
CA ASP O 273 -105.03 43.87 43.86
C ASP O 273 -104.19 43.45 42.64
N ALA O 274 -104.61 43.93 41.48
CA ALA O 274 -103.91 43.64 40.25
C ALA O 274 -103.56 44.90 39.45
N LEU O 275 -102.45 44.82 38.72
CA LEU O 275 -102.15 45.77 37.67
C LEU O 275 -102.52 45.09 36.36
N LEU O 276 -103.08 45.85 35.41
CA LEU O 276 -103.56 45.29 34.14
C LEU O 276 -102.86 45.92 32.95
N MET O 277 -102.26 45.09 32.10
CA MET O 277 -101.38 45.61 31.06
C MET O 277 -101.85 45.34 29.65
N TRP O 278 -101.33 46.14 28.74
CA TRP O 278 -101.44 45.95 27.31
C TRP O 278 -100.66 47.08 26.66
N TRP O 279 -100.67 47.11 25.33
CA TRP O 279 -99.84 48.06 24.61
C TRP O 279 -100.50 48.57 23.37
N ASP O 280 -99.91 49.63 22.82
CA ASP O 280 -100.24 50.03 21.46
C ASP O 280 -98.99 50.36 20.65
N ILE O 281 -99.17 50.41 19.34
CA ILE O 281 -98.09 50.70 18.44
C ILE O 281 -98.58 51.67 17.36
N ASP O 282 -97.83 52.74 17.14
CA ASP O 282 -98.06 53.62 16.00
C ASP O 282 -97.32 53.05 14.80
N MET O 283 -98.09 52.59 13.82
CA MET O 283 -97.51 52.00 12.60
C MET O 283 -96.62 52.95 11.80
N ASP O 284 -96.99 54.22 11.80
CA ASP O 284 -96.41 55.25 10.94
C ASP O 284 -95.76 56.40 11.72
N ARG O 285 -95.92 56.37 13.05
CA ARG O 285 -95.45 57.43 13.95
C ARG O 285 -96.07 58.83 13.72
N ASN O 286 -97.16 58.88 12.94
CA ASN O 286 -97.92 60.12 12.78
C ASN O 286 -98.61 60.48 14.09
N GLY O 287 -99.21 59.48 14.71
CA GLY O 287 -100.15 59.68 15.80
C GLY O 287 -101.52 59.30 15.28
N THR O 288 -101.54 58.78 14.04
CA THR O 288 -102.79 58.61 13.29
C THR O 288 -103.55 57.31 13.56
N THR O 289 -103.05 56.18 13.06
CA THR O 289 -103.71 54.90 13.38
C THR O 289 -102.77 53.86 14.00
N PHE O 290 -103.35 53.08 14.91
CA PHE O 290 -102.63 52.23 15.85
C PHE O 290 -103.17 50.81 15.87
N ILE O 291 -102.43 49.91 16.52
CA ILE O 291 -103.02 48.69 17.05
C ILE O 291 -103.03 48.85 18.57
N ASP O 292 -104.21 49.14 19.08
CA ASP O 292 -104.40 49.34 20.50
C ASP O 292 -104.94 48.05 21.04
N MET O 293 -104.19 47.46 21.96
CA MET O 293 -104.55 46.16 22.51
C MET O 293 -105.72 46.22 23.48
N GLY O 294 -106.10 47.44 23.87
CA GLY O 294 -107.06 47.70 24.93
C GLY O 294 -108.36 46.90 24.94
N PRO O 295 -108.81 46.48 26.15
CA PRO O 295 -110.04 45.71 26.30
C PRO O 295 -111.21 46.51 25.73
N LYS O 296 -112.23 45.84 25.19
CA LYS O 296 -113.26 46.57 24.43
C LYS O 296 -113.71 47.88 25.08
N TRP O 297 -113.82 47.87 26.41
CA TRP O 297 -114.18 49.04 27.23
C TRP O 297 -113.01 49.97 27.55
N LYS O 298 -111.81 49.66 27.07
CA LYS O 298 -110.68 50.59 27.18
C LYS O 298 -110.00 50.80 25.84
N ASN O 299 -110.76 50.53 24.78
CA ASN O 299 -110.34 50.90 23.45
C ASN O 299 -111.46 51.68 22.83
N LYS O 300 -111.23 52.98 22.71
CA LYS O 300 -112.18 53.89 22.09
C LYS O 300 -111.39 54.90 21.21
N ASN O 301 -111.23 54.61 19.91
CA ASN O 301 -111.77 53.40 19.29
C ASN O 301 -110.84 52.75 18.24
N ASN O 302 -109.94 51.89 18.72
CA ASN O 302 -109.10 51.05 17.87
C ASN O 302 -109.19 49.55 18.25
N TYR O 303 -110.34 49.13 18.78
CA TYR O 303 -110.50 47.77 19.33
C TYR O 303 -110.91 46.68 18.33
N ALA O 304 -110.10 45.63 18.26
CA ALA O 304 -110.44 44.37 17.58
C ALA O 304 -110.14 43.18 18.48
N TRP O 305 -110.90 42.09 18.32
CA TRP O 305 -110.63 40.83 19.05
C TRP O 305 -109.53 39.99 18.44
N ARG O 306 -108.68 39.45 19.30
CA ARG O 306 -107.59 38.53 18.94
C ARG O 306 -107.18 37.71 20.15
N ASP O 307 -106.30 36.74 19.94
CA ASP O 307 -105.98 35.77 20.99
C ASP O 307 -104.49 35.47 21.06
N HIS O 308 -103.82 35.49 19.91
CA HIS O 308 -102.36 35.49 19.85
C HIS O 308 -101.82 36.62 20.68
N TRP O 309 -102.48 37.79 20.58
CA TRP O 309 -102.38 38.86 21.58
C TRP O 309 -103.59 38.94 22.49
N MET O 310 -103.32 39.42 23.69
CA MET O 310 -104.26 39.53 24.79
C MET O 310 -103.75 40.62 25.73
N GLN O 311 -104.35 40.61 26.91
CA GLN O 311 -103.93 41.47 28.01
C GLN O 311 -103.22 40.58 29.01
N ALA O 312 -102.31 41.16 29.77
CA ALA O 312 -101.72 40.41 30.86
C ALA O 312 -102.16 41.02 32.20
N VAL O 313 -102.27 40.18 33.24
CA VAL O 313 -102.32 40.70 34.62
C VAL O 313 -101.04 40.46 35.42
N TYR O 314 -100.69 41.43 36.23
CA TYR O 314 -99.49 41.36 37.03
C TYR O 314 -99.82 41.73 38.45
N TYR O 315 -98.94 41.34 39.39
CA TYR O 315 -99.11 41.60 40.82
C TYR O 315 -97.87 42.19 41.51
N LEU O 316 -98.09 42.89 42.61
CA LEU O 316 -97.02 43.51 43.41
C LEU O 316 -96.54 42.61 44.58
N PRO O 317 -95.22 42.61 44.87
CA PRO O 317 -94.64 41.84 45.98
C PRO O 317 -95.43 41.90 47.31
N GLU O 318 -95.80 43.13 47.74
CA GLU O 318 -96.56 43.38 48.97
C GLU O 318 -97.79 44.25 48.70
N LYS O 319 -98.76 44.20 49.62
CA LYS O 319 -100.01 44.97 49.53
C LYS O 319 -99.75 46.48 49.54
N LYS O 320 -100.41 47.19 48.62
CA LYS O 320 -100.29 48.65 48.48
C LYS O 320 -101.68 49.32 48.35
N LYS O 321 -102.11 50.02 49.42
CA LYS O 321 -103.38 50.76 49.46
C LYS O 321 -103.22 52.17 48.93
N VAL O 322 -104.19 52.64 48.16
CA VAL O 322 -104.15 54.04 47.67
C VAL O 322 -105.33 54.92 48.12
N GLU O 323 -105.01 56.16 48.50
CA GLU O 323 -105.98 57.13 48.93
C GLU O 323 -106.33 58.07 47.77
N MET O 324 -107.61 58.42 47.70
CA MET O 324 -108.14 59.35 46.70
C MET O 324 -108.10 60.79 47.22
N ASN O 325 -107.58 61.75 46.46
CA ASN O 325 -106.81 61.52 45.24
C ASN O 325 -105.38 61.94 45.52
N GLN O 326 -104.51 60.97 45.78
CA GLN O 326 -103.11 61.29 45.99
C GLN O 326 -102.29 60.88 44.79
N THR O 327 -101.08 61.44 44.72
CA THR O 327 -100.01 60.91 43.88
C THR O 327 -99.45 59.71 44.65
N PHE O 328 -99.37 58.58 43.94
CA PHE O 328 -98.78 57.35 44.46
C PHE O 328 -97.98 56.77 43.32
N GLU O 329 -97.05 55.87 43.63
CA GLU O 329 -96.20 55.33 42.56
C GLU O 329 -96.18 53.81 42.34
N ILE O 330 -95.85 53.44 41.10
CA ILE O 330 -95.49 52.10 40.69
C ILE O 330 -94.08 52.13 40.08
N VAL O 331 -93.19 51.25 40.56
CA VAL O 331 -91.94 50.94 39.85
C VAL O 331 -92.26 50.06 38.62
N CYS O 332 -91.63 50.38 37.51
CA CYS O 332 -91.86 49.65 36.29
C CYS O 332 -90.51 49.17 35.81
N ASN O 333 -90.43 47.86 35.56
CA ASN O 333 -89.17 47.24 35.18
C ASN O 333 -89.30 46.37 33.95
N HIS O 334 -88.14 46.00 33.40
CA HIS O 334 -88.03 44.92 32.43
C HIS O 334 -86.59 44.57 32.15
N ASP O 335 -86.31 43.29 31.88
CA ASP O 335 -85.08 42.91 31.16
C ASP O 335 -85.44 42.71 29.69
N GLU O 336 -84.47 42.20 28.91
CA GLU O 336 -84.67 42.06 27.46
C GLU O 336 -86.02 41.45 27.09
N PHE O 337 -86.60 40.67 28.01
CA PHE O 337 -87.70 39.80 27.62
C PHE O 337 -88.95 39.89 28.47
N SER O 338 -88.83 40.38 29.70
CA SER O 338 -90.01 40.43 30.58
C SER O 338 -90.22 41.68 31.48
N LEU O 339 -91.48 42.10 31.55
CA LEU O 339 -91.98 43.17 32.40
C LEU O 339 -92.31 42.68 33.82
N TRP O 340 -92.04 43.50 34.83
CA TRP O 340 -92.63 43.36 36.19
C TRP O 340 -92.67 44.65 37.00
N PHE O 341 -93.39 44.58 38.13
CA PHE O 341 -93.66 45.76 38.93
C PHE O 341 -93.35 45.63 40.41
N SER O 342 -92.76 46.68 40.98
CA SER O 342 -92.61 46.79 42.43
C SER O 342 -93.21 48.11 42.96
N ASN O 343 -93.64 48.12 44.22
CA ASN O 343 -93.96 49.38 44.89
C ASN O 343 -92.63 50.05 45.20
N VAL O 344 -92.64 51.32 45.61
CA VAL O 344 -91.37 52.05 45.85
C VAL O 344 -90.66 51.56 47.12
N GLY O 345 -89.33 51.63 47.13
CA GLY O 345 -88.53 51.18 48.28
C GLY O 345 -88.33 49.68 48.38
N LYS O 346 -89.04 48.95 47.52
CA LYS O 346 -88.92 47.49 47.40
C LYS O 346 -87.75 47.05 46.49
N ASP O 347 -87.53 45.73 46.41
CA ASP O 347 -86.60 45.15 45.43
C ASP O 347 -87.11 45.41 44.00
N LYS O 348 -86.19 45.85 43.14
CA LYS O 348 -86.46 46.18 41.72
C LYS O 348 -86.07 45.06 40.74
N SER O 349 -85.46 44.00 41.29
CA SER O 349 -85.19 42.74 40.57
C SER O 349 -86.49 42.02 40.22
N ARG O 350 -86.41 41.06 39.29
CA ARG O 350 -87.49 40.13 39.10
C ARG O 350 -87.61 39.18 40.33
N SER O 351 -88.85 38.81 40.69
CA SER O 351 -89.06 37.87 41.79
C SER O 351 -89.91 36.65 41.47
N TYR O 352 -89.71 35.59 42.25
CA TYR O 352 -90.23 34.28 41.91
C TYR O 352 -90.96 33.61 43.04
N CYS O 353 -91.67 32.52 42.71
CA CYS O 353 -92.68 31.87 43.55
C CYS O 353 -92.18 31.08 44.73
N VAL O 354 -91.29 31.74 45.51
CA VAL O 354 -90.69 31.28 46.82
C VAL O 354 -91.61 30.61 47.85
N CYS O 355 -92.93 30.60 47.61
CA CYS O 355 -93.88 29.96 48.52
C CYS O 355 -93.64 28.47 48.43
N GLY O 356 -93.26 28.05 47.22
CA GLY O 356 -93.34 26.64 46.82
C GLY O 356 -94.62 26.41 46.04
N LEU O 357 -95.66 27.17 46.37
CA LEU O 357 -97.02 27.00 45.81
C LEU O 357 -97.26 27.41 44.34
N HIS O 358 -96.92 28.65 43.95
CA HIS O 358 -97.19 29.18 42.58
C HIS O 358 -96.44 28.30 41.61
N SER O 359 -95.29 27.85 42.08
CA SER O 359 -94.41 26.99 41.32
C SER O 359 -95.11 25.65 41.11
N MET O 360 -95.76 25.11 42.14
CA MET O 360 -96.50 23.84 42.02
C MET O 360 -97.84 23.85 41.26
N LEU O 361 -98.48 25.00 41.09
CA LEU O 361 -99.89 25.02 40.57
C LEU O 361 -100.13 26.08 39.51
N SER O 362 -100.89 25.74 38.47
CA SER O 362 -101.24 26.80 37.48
C SER O 362 -101.99 28.02 38.11
N ARG O 363 -102.05 29.14 37.37
CA ARG O 363 -102.95 30.25 37.75
C ARG O 363 -104.45 29.84 37.87
N GLN O 364 -105.00 29.12 36.90
CA GLN O 364 -106.38 28.61 37.07
C GLN O 364 -106.60 27.78 38.35
N THR O 365 -105.57 27.04 38.74
CA THR O 365 -105.69 26.08 39.84
C THR O 365 -105.44 26.78 41.14
N VAL O 366 -104.73 27.91 41.13
CA VAL O 366 -104.72 28.71 42.33
C VAL O 366 -106.19 29.16 42.59
N TYR O 367 -106.79 29.85 41.62
CA TYR O 367 -108.17 30.33 41.74
C TYR O 367 -109.06 29.20 42.18
N HIS O 368 -108.79 27.99 41.69
CA HIS O 368 -109.59 26.86 42.10
C HIS O 368 -109.53 26.65 43.58
N VAL O 369 -108.36 26.79 44.20
CA VAL O 369 -108.30 26.46 45.61
C VAL O 369 -108.87 27.55 46.51
N ASN O 370 -108.55 28.81 46.23
CA ASN O 370 -109.30 29.90 46.84
C ASN O 370 -110.83 29.74 46.67
N GLU O 371 -111.32 29.58 45.42
CA GLU O 371 -112.77 29.38 45.15
C GLU O 371 -113.39 28.33 46.08
N MET O 372 -112.84 27.13 46.09
CA MET O 372 -113.29 26.06 46.95
C MET O 372 -113.35 26.52 48.42
N PHE O 373 -112.24 27.10 48.90
CA PHE O 373 -112.04 27.58 50.29
C PHE O 373 -112.96 28.74 50.74
N GLU O 374 -113.43 29.54 49.79
CA GLU O 374 -114.33 30.68 50.03
C GLU O 374 -115.78 30.34 49.63
N ASN O 375 -116.04 29.05 49.35
CA ASN O 375 -117.36 28.56 48.95
C ASN O 375 -118.12 27.86 50.08
N GLN O 376 -119.14 28.54 50.61
CA GLN O 376 -119.95 28.03 51.73
C GLN O 376 -120.85 26.86 51.36
N LYS O 377 -121.49 26.93 50.18
CA LYS O 377 -122.24 25.76 49.71
C LYS O 377 -121.35 24.51 49.75
N PHE O 378 -120.17 24.61 49.12
CA PHE O 378 -119.21 23.51 49.07
C PHE O 378 -118.76 23.16 50.48
N LYS O 379 -118.26 24.17 51.20
CA LYS O 379 -117.75 23.95 52.55
C LYS O 379 -118.80 23.17 53.37
N ASP O 380 -120.09 23.48 53.19
CA ASP O 380 -121.15 22.81 53.99
C ASP O 380 -121.30 21.30 53.81
N GLU O 381 -121.33 20.84 52.56
CA GLU O 381 -121.42 19.39 52.27
C GLU O 381 -120.18 18.61 52.71
N VAL O 382 -119.04 19.27 52.67
CA VAL O 382 -117.82 18.70 53.22
C VAL O 382 -118.10 18.31 54.67
N ASP O 383 -118.68 19.27 55.39
CA ASP O 383 -118.94 19.16 56.83
C ASP O 383 -119.93 18.07 57.17
N LYS O 384 -120.95 17.94 56.32
CA LYS O 384 -121.92 16.86 56.39
C LYS O 384 -121.21 15.51 56.41
N LEU O 385 -120.53 15.19 55.29
CA LEU O 385 -119.90 13.88 55.11
C LEU O 385 -118.80 13.62 56.13
N SER O 386 -118.10 14.69 56.51
CA SER O 386 -117.00 14.64 57.46
C SER O 386 -117.40 14.47 58.94
N LYS O 387 -118.68 14.75 59.25
CA LYS O 387 -119.12 14.88 60.66
C LYS O 387 -118.73 13.71 61.59
N GLY O 388 -117.91 14.04 62.59
CA GLY O 388 -117.38 13.08 63.55
C GLY O 388 -116.72 11.82 63.00
N LEU O 389 -116.41 11.80 61.71
CA LEU O 389 -115.86 10.60 61.03
C LEU O 389 -114.31 10.63 60.82
N HIS O 390 -113.70 9.46 60.62
CA HIS O 390 -112.33 9.39 60.10
C HIS O 390 -112.35 9.31 58.58
N VAL O 391 -111.92 10.40 57.93
CA VAL O 391 -111.93 10.47 56.47
C VAL O 391 -110.54 10.38 55.80
N ALA O 392 -110.54 9.77 54.61
CA ALA O 392 -109.35 9.75 53.76
C ALA O 392 -109.51 10.64 52.53
N THR O 393 -108.38 11.16 52.08
CA THR O 393 -108.32 12.04 50.93
C THR O 393 -107.39 11.39 49.88
N VAL O 394 -107.87 11.30 48.64
CA VAL O 394 -107.03 10.93 47.47
C VAL O 394 -107.09 12.04 46.42
N GLY O 395 -106.04 12.12 45.61
CA GLY O 395 -105.74 13.32 44.83
C GLY O 395 -104.26 13.68 44.97
N GLU O 396 -103.84 14.64 44.16
CA GLU O 396 -102.47 15.13 44.19
C GLU O 396 -102.57 16.63 44.02
N GLY O 397 -102.11 17.37 45.03
CA GLY O 397 -102.37 18.82 45.05
C GLY O 397 -103.82 19.12 45.43
N SER O 398 -104.50 18.12 46.00
CA SER O 398 -105.85 18.33 46.51
C SER O 398 -105.84 18.80 47.98
N PHE O 399 -106.45 19.97 48.20
CA PHE O 399 -106.58 20.57 49.53
C PHE O 399 -107.82 20.13 50.31
N LEU O 400 -108.72 19.40 49.64
CA LEU O 400 -110.00 18.97 50.20
C LEU O 400 -109.92 18.54 51.66
N GLY O 401 -109.11 17.52 51.95
CA GLY O 401 -108.87 17.05 53.31
C GLY O 401 -108.71 18.15 54.35
N LEU O 402 -108.20 19.30 53.90
CA LEU O 402 -108.04 20.45 54.76
C LEU O 402 -109.40 20.95 55.22
N LEU O 403 -110.31 21.24 54.30
CA LEU O 403 -111.66 21.65 54.69
C LEU O 403 -112.36 20.63 55.58
N ALA O 404 -112.07 19.35 55.38
CA ALA O 404 -112.66 18.27 56.18
C ALA O 404 -112.21 18.29 57.62
N ALA O 405 -111.03 18.84 57.89
CA ALA O 405 -110.56 19.01 59.25
C ALA O 405 -111.46 19.87 60.16
N LYS O 406 -112.23 20.80 59.57
CA LYS O 406 -113.12 21.67 60.33
C LYS O 406 -114.07 20.81 61.17
N THR O 407 -114.73 19.86 60.53
CA THR O 407 -115.57 18.89 61.21
C THR O 407 -114.76 17.68 61.66
N ALA O 408 -114.57 16.74 60.73
CA ALA O 408 -113.91 15.43 60.92
C ALA O 408 -113.20 15.14 62.23
N LYS O 409 -113.31 13.88 62.62
CA LYS O 409 -112.62 13.38 63.79
C LYS O 409 -111.16 13.18 63.40
N ARG O 410 -110.96 12.62 62.21
CA ARG O 410 -109.63 12.30 61.72
C ARG O 410 -109.59 12.39 60.19
N VAL O 411 -108.60 13.13 59.68
CA VAL O 411 -108.38 13.24 58.24
C VAL O 411 -107.05 12.59 57.84
N THR O 412 -107.11 11.55 57.01
CA THR O 412 -105.90 11.08 56.36
C THR O 412 -105.75 11.52 54.89
N ILE O 413 -104.88 12.51 54.67
CA ILE O 413 -104.54 12.94 53.33
C ILE O 413 -103.51 12.00 52.67
N ILE O 414 -103.92 11.33 51.58
CA ILE O 414 -103.00 10.52 50.77
C ILE O 414 -102.57 11.26 49.50
N ASP O 415 -101.29 11.64 49.47
CA ASP O 415 -100.70 12.41 48.36
C ASP O 415 -99.25 12.00 48.04
N GLY O 416 -99.03 11.39 46.86
CA GLY O 416 -97.69 10.92 46.45
C GLY O 416 -96.57 11.98 46.35
N ASN O 417 -96.96 13.20 45.98
CA ASN O 417 -96.05 14.33 45.78
C ASN O 417 -95.50 14.89 47.08
N GLU O 418 -94.21 14.71 47.31
CA GLU O 418 -93.57 15.28 48.50
C GLU O 418 -93.84 16.78 48.62
N ARG O 419 -93.68 17.52 47.53
CA ARG O 419 -93.78 18.99 47.62
C ARG O 419 -95.10 19.49 48.22
N PHE O 420 -96.17 18.76 47.92
CA PHE O 420 -97.49 19.05 48.47
C PHE O 420 -97.67 18.60 49.91
N ARG O 421 -97.17 17.42 50.25
CA ARG O 421 -97.14 16.96 51.66
C ARG O 421 -96.52 18.07 52.48
N ASP O 422 -95.31 18.49 52.10
CA ASP O 422 -94.61 19.64 52.66
C ASP O 422 -95.51 20.85 52.85
N ILE O 423 -96.22 21.21 51.76
CA ILE O 423 -97.11 22.38 51.74
C ILE O 423 -98.30 22.19 52.70
N PHE O 424 -98.90 20.99 52.61
CA PHE O 424 -99.95 20.61 53.53
C PHE O 424 -99.43 20.57 54.97
N PHE O 425 -98.29 19.94 55.21
CA PHE O 425 -97.73 19.94 56.56
C PHE O 425 -97.57 21.35 57.09
N LYS O 426 -97.23 22.27 56.19
CA LYS O 426 -97.04 23.68 56.53
C LYS O 426 -98.37 24.27 57.00
N TYR O 427 -99.43 23.96 56.25
CA TYR O 427 -100.75 24.30 56.71
C TYR O 427 -101.13 23.77 58.09
N ILE O 428 -100.93 22.47 58.32
CA ILE O 428 -101.32 21.90 59.61
C ILE O 428 -100.70 22.65 60.78
N HIS O 429 -99.45 23.11 60.63
CA HIS O 429 -98.68 23.71 61.72
C HIS O 429 -99.07 25.14 61.95
N TYR O 430 -99.16 25.90 60.87
CA TYR O 430 -99.64 27.29 60.94
C TYR O 430 -101.00 27.37 61.66
N TYR O 431 -101.90 26.44 61.34
CA TYR O 431 -103.24 26.40 61.87
C TYR O 431 -103.39 25.48 63.09
N LYS O 432 -102.36 24.67 63.37
CA LYS O 432 -102.36 23.67 64.47
C LYS O 432 -103.60 22.76 64.45
N LEU O 433 -103.78 22.07 63.33
CA LEU O 433 -104.88 21.13 63.15
C LEU O 433 -104.43 19.79 63.68
N THR O 434 -105.19 19.28 64.65
CA THR O 434 -104.73 18.17 65.46
C THR O 434 -105.44 16.89 65.03
N ASN O 435 -106.25 17.04 64.00
CA ASN O 435 -107.15 16.02 63.52
C ASN O 435 -106.81 15.64 62.06
N VAL O 436 -105.52 15.84 61.73
CA VAL O 436 -105.04 15.60 60.35
C VAL O 436 -103.67 14.89 60.29
N GLU O 437 -103.59 13.89 59.42
CA GLU O 437 -102.30 13.27 59.06
C GLU O 437 -102.17 13.11 57.53
N ILE O 438 -100.94 12.96 57.06
CA ILE O 438 -100.67 12.85 55.63
C ILE O 438 -99.80 11.64 55.37
N ILE O 439 -100.23 10.79 54.44
CA ILE O 439 -99.40 9.68 53.98
C ILE O 439 -99.16 9.75 52.47
N GLU O 440 -98.02 9.20 52.05
CA GLU O 440 -97.57 9.29 50.66
C GLU O 440 -98.35 8.32 49.76
N LYS O 441 -98.45 7.07 50.19
CA LYS O 441 -98.90 5.99 49.32
C LYS O 441 -100.17 5.32 49.83
N VAL O 442 -101.17 5.26 48.95
CA VAL O 442 -102.49 4.71 49.26
C VAL O 442 -102.47 3.49 50.22
N THR O 443 -101.50 2.59 50.06
CA THR O 443 -101.53 1.30 50.77
C THR O 443 -101.10 1.43 52.25
N SER O 444 -100.85 2.68 52.66
CA SER O 444 -100.64 3.02 54.06
C SER O 444 -101.95 3.44 54.79
N LEU O 445 -103.09 3.39 54.11
CA LEU O 445 -104.35 3.59 54.83
C LEU O 445 -104.87 2.23 55.24
N THR O 446 -104.22 1.68 56.26
CA THR O 446 -104.47 0.34 56.73
C THR O 446 -105.50 0.33 57.89
N ASP O 447 -105.91 1.51 58.35
CA ASP O 447 -107.11 1.65 59.11
C ASP O 447 -108.22 2.03 58.15
N SER O 448 -109.36 1.35 58.21
CA SER O 448 -110.44 1.73 57.30
C SER O 448 -111.07 3.09 57.66
N PRO O 449 -111.14 4.03 56.70
CA PRO O 449 -111.88 5.27 56.92
C PRO O 449 -113.39 5.02 56.93
N ASP O 450 -114.16 5.96 57.44
CA ASP O 450 -115.61 5.87 57.35
C ASP O 450 -116.02 6.30 55.93
N ILE O 451 -115.53 7.47 55.52
CA ILE O 451 -115.66 7.92 54.16
C ILE O 451 -114.25 8.19 53.58
N VAL O 452 -114.10 8.03 52.28
CA VAL O 452 -112.98 8.64 51.56
C VAL O 452 -113.53 9.79 50.70
N LEU O 453 -112.80 10.90 50.68
CA LEU O 453 -113.24 12.08 49.98
C LEU O 453 -112.22 12.55 48.92
N ALA O 454 -112.75 13.05 47.79
CA ALA O 454 -111.96 13.58 46.70
C ALA O 454 -112.77 14.59 45.86
N GLU O 455 -112.09 15.42 45.07
CA GLU O 455 -112.73 16.35 44.11
C GLU O 455 -113.18 15.73 42.73
N PRO O 456 -112.43 14.75 42.20
CA PRO O 456 -111.08 14.35 42.57
C PRO O 456 -110.13 15.34 41.91
N PHE O 457 -108.99 15.58 42.56
CA PHE O 457 -107.94 16.41 41.94
C PHE O 457 -106.55 15.80 41.94
N TYR O 458 -105.93 15.77 40.76
CA TYR O 458 -104.53 15.36 40.60
C TYR O 458 -103.77 16.34 39.72
N MET O 459 -102.76 16.96 40.32
CA MET O 459 -101.97 18.00 39.64
C MET O 459 -101.40 17.54 38.30
N SER O 460 -100.87 16.33 38.29
CA SER O 460 -100.07 15.81 37.18
C SER O 460 -100.90 15.48 35.90
N ALA O 461 -102.19 15.19 36.10
CA ALA O 461 -103.19 14.91 35.04
C ALA O 461 -103.00 15.62 33.68
N MET O 462 -102.74 14.84 32.62
CA MET O 462 -102.37 15.37 31.30
C MET O 462 -103.40 16.35 30.77
N ASN O 463 -104.66 16.04 31.03
CA ASN O 463 -105.76 16.87 30.57
C ASN O 463 -106.67 17.18 31.74
N PRO O 464 -107.10 18.45 31.87
CA PRO O 464 -107.87 18.84 33.05
C PRO O 464 -109.32 18.31 33.02
N TRP O 465 -109.62 17.48 32.02
CA TRP O 465 -110.85 16.71 31.97
C TRP O 465 -110.63 15.27 32.41
N ASN O 466 -109.37 14.93 32.64
CA ASN O 466 -109.00 13.56 33.01
C ASN O 466 -108.22 13.54 34.32
N HIS O 467 -108.97 13.41 35.43
CA HIS O 467 -108.42 13.23 36.78
C HIS O 467 -108.72 11.84 37.23
N LEU O 468 -108.87 10.96 36.25
CA LEU O 468 -109.46 9.66 36.42
C LEU O 468 -108.55 8.70 37.14
N ARG O 469 -107.44 9.23 37.62
CA ARG O 469 -106.45 8.51 38.41
C ARG O 469 -107.11 8.09 39.75
N PHE O 470 -108.08 8.89 40.16
CA PHE O 470 -109.03 8.60 41.24
C PHE O 470 -109.48 7.13 41.19
N LEU O 471 -110.02 6.73 40.04
CA LEU O 471 -110.57 5.39 39.84
C LEU O 471 -109.59 4.32 40.21
N TYR O 472 -108.33 4.54 39.85
CA TYR O 472 -107.29 3.54 40.08
C TYR O 472 -106.90 3.50 41.54
N ASP O 473 -107.02 4.65 42.22
CA ASP O 473 -106.74 4.72 43.65
C ASP O 473 -107.82 4.04 44.50
N VAL O 474 -109.07 4.29 44.12
CA VAL O 474 -110.21 3.78 44.87
C VAL O 474 -110.22 2.27 44.75
N GLU O 475 -110.07 1.79 43.52
CA GLU O 475 -109.86 0.38 43.30
C GLU O 475 -108.87 -0.19 44.33
N VAL O 476 -107.68 0.42 44.46
CA VAL O 476 -106.65 -0.10 45.40
C VAL O 476 -107.21 -0.20 46.82
N LEU O 477 -107.92 0.85 47.21
CA LEU O 477 -108.57 0.94 48.52
C LEU O 477 -109.56 -0.21 48.76
N LYS O 478 -110.52 -0.38 47.85
CA LYS O 478 -111.54 -1.42 48.03
C LYS O 478 -110.96 -2.82 48.22
N MET O 479 -109.85 -3.13 47.55
CA MET O 479 -109.12 -4.38 47.77
C MET O 479 -108.71 -4.50 49.23
N MET O 480 -108.53 -3.36 49.88
CA MET O 480 -108.00 -3.30 51.24
C MET O 480 -109.08 -3.26 52.34
N HIS O 481 -110.15 -2.52 52.06
CA HIS O 481 -111.13 -2.22 53.07
C HIS O 481 -112.57 -2.61 52.75
N GLY O 482 -112.78 -3.26 51.60
CA GLY O 482 -114.11 -3.72 51.17
C GLY O 482 -114.82 -2.80 50.17
N ASP O 483 -115.72 -3.37 49.39
CA ASP O 483 -116.39 -2.66 48.30
C ASP O 483 -117.53 -1.77 48.80
N GLU O 484 -118.03 -2.08 49.99
CA GLU O 484 -119.08 -1.28 50.64
C GLU O 484 -118.56 0.07 51.13
N LEU O 485 -117.25 0.28 51.01
CA LEU O 485 -116.63 1.51 51.50
C LEU O 485 -117.17 2.75 50.79
N ARG O 486 -117.67 3.69 51.57
CA ARG O 486 -118.26 4.91 51.03
C ARG O 486 -117.16 5.83 50.49
N VAL O 487 -117.53 6.64 49.51
CA VAL O 487 -116.59 7.45 48.75
C VAL O 487 -117.32 8.59 48.03
N GLU O 488 -116.86 9.81 48.25
CA GLU O 488 -117.35 10.91 47.45
C GLU O 488 -116.28 11.45 46.49
N PRO O 489 -116.63 11.62 45.20
CA PRO O 489 -117.99 11.56 44.67
C PRO O 489 -118.44 10.14 44.43
N HIS O 490 -119.73 9.96 44.08
CA HIS O 490 -120.25 8.63 43.69
C HIS O 490 -120.36 8.43 42.17
N MET O 491 -120.33 9.52 41.42
CA MET O 491 -120.49 9.46 39.95
C MET O 491 -119.73 10.55 39.20
N GLY O 492 -118.99 10.10 38.19
CA GLY O 492 -118.33 11.01 37.28
C GLY O 492 -118.93 10.88 35.90
N VAL O 493 -118.94 12.00 35.19
CA VAL O 493 -119.51 11.99 33.89
C VAL O 493 -118.69 12.89 32.97
N LEU O 494 -118.30 12.35 31.83
CA LEU O 494 -117.66 13.15 30.81
C LEU O 494 -118.73 13.77 29.93
N LYS O 495 -118.78 15.10 29.90
CA LYS O 495 -119.82 15.78 29.12
C LYS O 495 -119.30 16.73 28.05
N ALA O 496 -120.15 16.94 27.04
CA ALA O 496 -119.84 17.71 25.84
C ALA O 496 -121.00 18.64 25.51
N ILE O 497 -120.69 19.84 25.00
CA ILE O 497 -121.75 20.75 24.59
C ILE O 497 -121.47 21.55 23.31
N PRO O 498 -122.41 21.51 22.34
CA PRO O 498 -122.28 22.33 21.13
C PRO O 498 -122.16 23.83 21.43
N GLU O 499 -121.21 24.52 20.78
CA GLU O 499 -121.08 25.99 20.93
C GLU O 499 -120.77 26.81 19.68
N LYS O 500 -121.56 27.87 19.48
CA LYS O 500 -121.25 28.90 18.49
C LYS O 500 -120.56 30.04 19.24
N PHE O 501 -119.24 29.94 19.28
CA PHE O 501 -118.39 30.98 19.83
C PHE O 501 -118.44 32.22 18.96
N GLU O 502 -118.05 33.32 19.56
CA GLU O 502 -117.97 34.61 18.90
C GLU O 502 -116.67 34.70 18.09
N ASP O 503 -115.58 34.19 18.65
CA ASP O 503 -114.28 34.46 18.05
C ASP O 503 -113.21 33.35 18.11
N LEU O 504 -113.20 32.60 19.21
CA LEU O 504 -112.21 31.54 19.46
C LEU O 504 -111.92 30.61 18.28
N GLN O 505 -112.97 30.27 17.54
CA GLN O 505 -112.87 29.42 16.33
C GLN O 505 -111.76 29.82 15.32
N ASN O 506 -111.15 31.00 15.52
CA ASN O 506 -110.19 31.55 14.57
C ASN O 506 -108.77 31.24 14.96
N ILE O 507 -108.58 30.61 16.12
CA ILE O 507 -107.28 30.00 16.35
C ILE O 507 -107.16 28.75 15.47
N ALA O 508 -108.27 28.08 15.20
CA ALA O 508 -108.25 26.81 14.45
C ALA O 508 -108.57 26.89 12.96
N SER O 509 -109.54 27.72 12.56
CA SER O 509 -110.00 27.80 11.16
C SER O 509 -108.92 28.19 10.13
N ASP O 510 -109.29 28.05 8.86
CA ASP O 510 -108.32 28.18 7.80
C ASP O 510 -108.12 29.61 7.36
N VAL O 511 -106.95 29.81 6.77
CA VAL O 511 -106.38 31.11 6.54
C VAL O 511 -106.69 31.70 5.16
N GLY O 512 -106.71 30.83 4.14
CA GLY O 512 -107.28 31.14 2.81
C GLY O 512 -106.59 32.20 1.96
N THR O 513 -107.39 32.86 1.12
CA THR O 513 -106.99 34.10 0.45
C THR O 513 -107.29 35.21 1.43
N VAL O 514 -106.27 36.00 1.77
CA VAL O 514 -106.40 37.02 2.82
C VAL O 514 -105.66 38.32 2.46
N ASN O 515 -106.43 39.39 2.38
CA ASN O 515 -105.96 40.68 1.88
C ASN O 515 -105.58 40.61 0.38
N GLY O 516 -106.17 39.63 -0.31
CA GLY O 516 -105.95 39.42 -1.74
C GLY O 516 -104.74 38.56 -2.07
N PHE O 517 -104.20 37.92 -1.05
CA PHE O 517 -103.10 37.00 -1.24
C PHE O 517 -103.61 35.59 -1.02
N ASP O 518 -103.30 34.70 -1.96
CA ASP O 518 -103.66 33.29 -1.85
C ASP O 518 -102.68 32.53 -0.96
N LEU O 519 -103.02 32.42 0.31
CA LEU O 519 -102.14 31.81 1.31
C LEU O 519 -102.48 30.34 1.57
N SER O 520 -103.34 29.79 0.72
CA SER O 520 -103.74 28.37 0.78
C SER O 520 -102.58 27.42 1.15
N PHE O 521 -101.44 27.59 0.48
CA PHE O 521 -100.26 26.75 0.71
C PHE O 521 -99.80 26.65 2.18
N PHE O 522 -100.01 27.70 2.98
CA PHE O 522 -99.66 27.58 4.38
C PHE O 522 -100.64 26.63 5.03
N ASP O 523 -101.93 26.83 4.73
CA ASP O 523 -102.98 26.00 5.29
C ASP O 523 -102.69 24.53 5.13
N GLU O 524 -102.19 24.16 3.95
CA GLU O 524 -101.84 22.79 3.67
C GLU O 524 -100.67 22.32 4.57
N ILE O 525 -99.48 22.88 4.41
CA ILE O 525 -98.37 22.47 5.28
C ILE O 525 -98.76 22.58 6.77
N SER O 526 -99.73 23.46 7.07
CA SER O 526 -100.19 23.69 8.43
C SER O 526 -101.07 22.55 8.91
N THR O 527 -102.03 22.17 8.08
CA THR O 527 -103.03 21.18 8.47
C THR O 527 -102.29 19.89 8.77
N LYS O 528 -101.32 19.58 7.90
CA LYS O 528 -100.54 18.34 8.01
C LYS O 528 -99.76 18.31 9.30
N ALA O 529 -99.02 19.38 9.58
CA ALA O 529 -98.19 19.43 10.80
C ALA O 529 -99.08 19.32 12.03
N ARG O 530 -100.24 19.97 11.94
CA ARG O 530 -101.17 19.94 13.04
C ARG O 530 -101.75 18.55 13.18
N THR O 531 -102.05 17.91 12.06
CA THR O 531 -102.62 16.56 12.12
C THR O 531 -101.65 15.57 12.74
N ALA O 532 -100.45 15.54 12.20
CA ALA O 532 -99.39 14.67 12.71
C ALA O 532 -98.98 14.86 14.17
N THR O 533 -99.09 16.08 14.72
CA THR O 533 -98.52 16.34 16.07
C THR O 533 -99.49 16.78 17.19
N ASP O 534 -100.51 17.59 16.87
CA ASP O 534 -101.45 18.11 17.88
C ASP O 534 -102.44 17.09 18.42
N ALA O 535 -102.97 17.36 19.60
CA ALA O 535 -104.13 16.65 20.11
C ALA O 535 -105.34 17.06 19.27
N ILE O 536 -106.32 16.17 19.14
CA ILE O 536 -107.53 16.48 18.38
C ILE O 536 -108.45 17.44 19.17
N VAL O 537 -108.24 17.46 20.48
CA VAL O 537 -109.08 18.20 21.42
C VAL O 537 -108.18 19.14 22.22
N ASP O 538 -108.38 20.45 22.03
CA ASP O 538 -107.52 21.47 22.60
C ASP O 538 -107.89 21.72 24.05
N GLU O 539 -107.06 22.50 24.72
CA GLU O 539 -107.34 23.00 26.05
C GLU O 539 -107.25 24.52 26.11
N GLN O 540 -108.20 25.14 26.78
CA GLN O 540 -108.46 26.57 26.65
C GLN O 540 -109.23 27.00 27.89
N SER O 541 -108.90 28.15 28.45
CA SER O 541 -109.69 28.70 29.56
C SER O 541 -110.94 29.33 28.94
N LEU O 542 -112.06 28.61 29.00
CA LEU O 542 -113.21 28.98 28.17
C LEU O 542 -114.02 30.17 28.68
N TRP O 543 -113.79 30.57 29.93
CA TRP O 543 -114.46 31.74 30.47
C TRP O 543 -114.00 32.96 29.74
N GLU O 544 -112.84 32.85 29.10
CA GLU O 544 -112.23 33.96 28.40
C GLU O 544 -112.73 34.10 26.93
N TYR O 545 -113.72 33.28 26.55
CA TYR O 545 -114.23 33.31 25.17
C TYR O 545 -115.77 33.37 25.03
N ALA O 546 -116.23 34.35 24.26
CA ALA O 546 -117.65 34.65 24.14
C ALA O 546 -118.35 33.67 23.22
N GLY O 547 -119.56 33.27 23.59
CA GLY O 547 -120.37 32.43 22.72
C GLY O 547 -121.73 32.04 23.25
N ILE O 548 -122.50 31.39 22.38
CA ILE O 548 -123.87 30.93 22.67
C ILE O 548 -124.05 29.41 22.48
N VAL O 549 -124.42 28.71 23.56
CA VAL O 549 -124.65 27.25 23.52
C VAL O 549 -125.83 26.90 22.62
N LYS O 550 -125.62 26.12 21.56
CA LYS O 550 -126.69 25.91 20.56
C LYS O 550 -127.48 24.62 20.73
N GLY O 551 -127.43 24.07 21.94
CA GLY O 551 -128.21 22.89 22.31
C GLY O 551 -128.12 22.57 23.79
N ASP O 552 -128.17 21.28 24.12
CA ASP O 552 -128.06 20.83 25.50
C ASP O 552 -126.84 19.96 25.75
N ALA O 553 -126.30 20.07 26.96
CA ALA O 553 -125.13 19.31 27.37
C ALA O 553 -125.45 17.85 27.29
N VAL O 554 -124.52 17.07 26.72
CA VAL O 554 -124.72 15.62 26.56
C VAL O 554 -123.67 14.79 27.31
N GLU O 555 -124.01 13.52 27.53
CA GLU O 555 -123.17 12.64 28.34
C GLU O 555 -122.44 11.64 27.47
N ILE O 556 -121.12 11.61 27.63
CA ILE O 556 -120.23 10.80 26.82
C ILE O 556 -119.85 9.55 27.58
N LEU O 557 -119.53 9.73 28.86
CA LEU O 557 -119.05 8.65 29.71
C LEU O 557 -119.57 8.78 31.16
N ARG O 558 -119.75 7.63 31.78
CA ARG O 558 -120.34 7.48 33.08
C ARG O 558 -119.34 6.70 33.93
N PHE O 559 -119.04 7.19 35.13
CA PHE O 559 -118.03 6.52 35.96
C PHE O 559 -118.47 6.12 37.36
N PRO O 560 -119.34 5.11 37.45
CA PRO O 560 -119.72 4.72 38.78
C PRO O 560 -118.52 4.02 39.36
N ILE O 561 -118.35 4.15 40.66
CA ILE O 561 -117.33 3.36 41.29
C ILE O 561 -118.03 2.20 41.96
N ASP O 562 -118.58 1.32 41.12
CA ASP O 562 -119.24 0.08 41.55
C ASP O 562 -118.21 -1.04 41.45
N GLY O 563 -118.05 -1.61 40.25
CA GLY O 563 -117.04 -2.65 40.02
C GLY O 563 -115.63 -2.09 40.01
N ARG O 564 -114.73 -2.77 39.32
CA ARG O 564 -113.35 -2.32 39.19
C ARG O 564 -113.10 -1.61 37.87
N VAL O 565 -112.29 -0.55 37.94
CA VAL O 565 -111.87 0.23 36.75
C VAL O 565 -111.73 -0.63 35.47
N SER O 566 -112.51 -0.27 34.47
CA SER O 566 -112.67 -1.05 33.25
C SER O 566 -112.91 -0.12 32.07
N SER O 567 -112.62 -0.60 30.87
CA SER O 567 -112.79 0.20 29.67
C SER O 567 -114.23 0.60 29.40
N GLN O 568 -114.37 1.73 28.71
CA GLN O 568 -115.66 2.27 28.36
C GLN O 568 -115.53 2.79 26.94
N LYS O 569 -116.60 2.65 26.16
CA LYS O 569 -116.55 2.94 24.74
C LYS O 569 -117.83 3.71 24.36
N CYS O 570 -117.69 4.92 23.83
CA CYS O 570 -118.88 5.66 23.44
C CYS O 570 -118.83 6.16 22.00
N VAL O 571 -119.94 5.97 21.30
CA VAL O 571 -120.15 6.64 20.04
C VAL O 571 -121.51 7.31 20.17
N VAL O 572 -121.47 8.59 20.52
CA VAL O 572 -122.69 9.38 20.66
C VAL O 572 -122.85 10.27 19.43
N ASN O 573 -124.05 10.82 19.30
CA ASN O 573 -124.34 11.74 18.22
C ASN O 573 -124.62 13.14 18.73
N ILE O 574 -123.85 14.09 18.17
CA ILE O 574 -123.87 15.49 18.58
C ILE O 574 -124.48 16.32 17.45
N ASP O 575 -125.70 16.80 17.69
CA ASP O 575 -126.41 17.64 16.73
C ASP O 575 -126.24 19.12 17.02
N ASN O 576 -126.96 19.94 16.24
CA ASN O 576 -126.88 21.40 16.32
C ASN O 576 -125.50 21.89 15.92
N MET O 577 -124.78 21.07 15.18
CA MET O 577 -123.48 21.49 14.64
C MET O 577 -123.61 22.51 13.50
N SER O 578 -124.83 22.66 12.99
CA SER O 578 -125.15 23.52 11.82
C SER O 578 -124.83 25.02 11.98
N SER O 579 -124.74 25.50 13.22
CA SER O 579 -124.35 26.88 13.51
C SER O 579 -123.14 27.01 14.45
N SER O 580 -122.88 25.94 15.23
CA SER O 580 -121.79 25.88 16.20
C SER O 580 -120.43 25.86 15.53
N ASN O 581 -119.40 26.30 16.24
CA ASN O 581 -118.04 26.21 15.71
C ASN O 581 -117.01 25.46 16.60
N ALA O 582 -117.53 24.77 17.61
CA ALA O 582 -116.68 24.09 18.57
C ALA O 582 -117.51 23.16 19.44
N ILE O 583 -116.81 22.28 20.17
CA ILE O 583 -117.45 21.36 21.09
C ILE O 583 -116.68 21.32 22.39
N PRO O 584 -116.99 22.29 23.28
CA PRO O 584 -116.43 22.24 24.61
C PRO O 584 -116.74 20.89 25.28
N MET O 585 -115.81 20.44 26.11
CA MET O 585 -115.97 19.23 26.92
C MET O 585 -115.40 19.41 28.32
N TRP O 586 -115.87 18.57 29.27
CA TRP O 586 -115.47 18.62 30.68
C TRP O 586 -116.07 17.50 31.49
N MET O 587 -115.73 17.47 32.77
CA MET O 587 -116.26 16.48 33.69
C MET O 587 -117.18 17.10 34.75
N GLU O 588 -118.09 16.28 35.26
CA GLU O 588 -118.93 16.66 36.38
C GLU O 588 -119.01 15.46 37.34
N TRP O 589 -119.19 15.73 38.64
CA TRP O 589 -119.10 14.72 39.69
C TRP O 589 -120.09 14.90 40.78
N GLU O 590 -120.76 13.80 41.16
CA GLU O 590 -121.72 13.86 42.26
C GLU O 590 -121.04 13.67 43.62
N PHE O 591 -120.76 14.81 44.25
CA PHE O 591 -120.12 14.85 45.55
C PHE O 591 -121.14 14.80 46.71
N GLY O 592 -121.54 13.60 47.10
CA GLY O 592 -122.59 13.38 48.11
C GLY O 592 -123.90 14.00 47.70
N GLY O 593 -124.18 15.18 48.25
CA GLY O 593 -125.34 15.95 47.84
C GLY O 593 -125.20 16.78 46.57
N ILE O 594 -124.02 17.36 46.35
CA ILE O 594 -123.86 18.35 45.26
C ILE O 594 -123.08 17.94 44.00
N ASN O 595 -123.42 18.62 42.91
CA ASN O 595 -122.77 18.39 41.63
C ASN O 595 -121.50 19.23 41.42
N LEU O 596 -120.35 18.56 41.32
CA LEU O 596 -119.08 19.20 40.96
C LEU O 596 -118.89 19.24 39.46
N SER O 597 -118.62 20.42 38.91
CA SER O 597 -118.34 20.56 37.48
C SER O 597 -117.02 21.27 37.22
N THR O 598 -116.20 20.73 36.30
CA THR O 598 -114.90 21.33 35.96
C THR O 598 -115.00 22.26 34.74
N GLY O 599 -116.05 22.06 33.95
CA GLY O 599 -116.38 22.97 32.85
C GLY O 599 -117.61 23.80 33.15
N LEU O 600 -118.68 23.50 32.44
CA LEU O 600 -119.92 24.27 32.54
C LEU O 600 -120.55 24.21 33.93
N LEU O 601 -120.73 25.39 34.55
CA LEU O 601 -121.40 25.49 35.87
C LEU O 601 -122.94 25.67 35.82
N SER O 602 -123.43 26.60 35.00
CA SER O 602 -124.82 26.50 34.48
C SER O 602 -125.15 27.60 33.47
N ILE O 603 -125.99 27.26 32.48
CA ILE O 603 -126.38 28.16 31.39
C ILE O 603 -127.41 29.20 31.83
N SER O 604 -127.31 30.38 31.24
CA SER O 604 -128.36 31.39 31.29
C SER O 604 -129.13 31.38 29.96
N SER O 605 -129.60 30.20 29.55
CA SER O 605 -130.23 30.00 28.25
C SER O 605 -131.54 30.79 28.12
N ALA O 606 -131.97 31.17 26.90
CA ALA O 606 -131.28 30.92 25.62
C ALA O 606 -130.16 31.94 25.37
N GLY O 607 -128.97 31.67 25.89
CA GLY O 607 -127.83 32.59 25.81
C GLY O 607 -126.51 32.05 26.31
N VAL O 608 -125.79 32.90 27.04
CA VAL O 608 -124.38 32.69 27.37
C VAL O 608 -124.11 31.55 28.39
N PRO O 609 -123.15 30.64 28.06
CA PRO O 609 -122.57 29.65 28.98
C PRO O 609 -121.68 30.27 30.06
N GLU O 610 -121.47 29.52 31.15
CA GLU O 610 -120.70 29.99 32.32
C GLU O 610 -119.67 28.97 32.83
N TRP O 611 -118.39 29.26 32.55
CA TRP O 611 -117.26 28.33 32.77
C TRP O 611 -116.52 28.53 34.05
N ASN O 612 -116.22 27.41 34.70
CA ASN O 612 -115.31 27.39 35.84
C ASN O 612 -114.00 28.05 35.46
N LYS O 613 -113.55 28.95 36.32
CA LYS O 613 -112.25 29.63 36.19
C LYS O 613 -111.06 28.88 36.83
N GLY O 614 -111.33 27.71 37.45
CA GLY O 614 -110.30 26.97 38.20
C GLY O 614 -109.74 25.73 37.52
N TYR O 615 -110.11 25.55 36.25
CA TYR O 615 -109.67 24.45 35.35
C TYR O 615 -109.62 25.00 33.92
N LYS O 616 -109.02 24.26 32.98
CA LYS O 616 -109.26 24.53 31.55
C LYS O 616 -110.27 23.52 30.97
N GLN O 617 -110.65 23.67 29.71
CA GLN O 617 -111.57 22.69 29.17
C GLN O 617 -111.06 22.17 27.88
N GLY O 618 -111.51 20.97 27.50
CA GLY O 618 -111.18 20.43 26.19
C GLY O 618 -112.14 20.99 25.19
N VAL O 619 -111.66 21.32 24.01
CA VAL O 619 -112.56 21.84 22.97
C VAL O 619 -112.13 21.27 21.62
N TYR O 620 -113.06 20.65 20.91
CA TYR O 620 -112.75 20.12 19.58
C TYR O 620 -113.17 21.10 18.50
N PHE O 621 -112.31 21.27 17.49
CA PHE O 621 -112.60 22.16 16.39
C PHE O 621 -112.80 21.38 15.10
N PRO O 622 -114.05 21.34 14.62
CA PRO O 622 -114.42 20.78 13.34
C PRO O 622 -113.35 21.01 12.29
N ILE O 623 -112.53 19.99 12.07
CA ILE O 623 -111.65 19.99 10.92
C ILE O 623 -112.49 20.47 9.73
N THR O 624 -111.85 21.19 8.83
CA THR O 624 -112.53 21.80 7.69
C THR O 624 -113.48 20.94 6.85
N ALA O 625 -113.14 19.67 6.62
CA ALA O 625 -114.04 18.80 5.85
C ALA O 625 -115.32 18.47 6.62
N LEU O 626 -115.46 19.09 7.77
CA LEU O 626 -116.63 18.90 8.61
C LEU O 626 -117.24 20.26 8.99
N ARG O 627 -116.66 21.35 8.48
CA ARG O 627 -117.13 22.69 8.84
C ARG O 627 -118.66 22.86 8.71
N ASN O 628 -119.21 22.52 7.53
CA ASN O 628 -120.65 22.70 7.24
C ASN O 628 -121.56 21.63 7.88
N ASP O 629 -120.96 20.63 8.52
CA ASP O 629 -121.69 19.47 9.03
C ASP O 629 -122.73 19.82 10.10
N LYS O 630 -123.98 19.54 9.77
CA LYS O 630 -125.16 19.83 10.61
C LYS O 630 -125.13 19.16 12.00
N SER O 631 -124.56 17.96 12.06
CA SER O 631 -124.40 17.18 13.28
C SER O 631 -123.36 16.08 13.08
N LEU O 632 -122.48 15.87 14.06
CA LEU O 632 -121.40 14.89 13.90
C LEU O 632 -121.34 13.82 15.01
N CYS O 633 -120.54 12.76 14.81
CA CYS O 633 -120.40 11.70 15.83
C CYS O 633 -119.03 11.64 16.49
N LEU O 634 -119.10 11.63 17.82
CA LEU O 634 -117.95 11.61 18.68
C LEU O 634 -117.66 10.19 19.18
N HIS O 635 -116.58 9.62 18.68
CA HIS O 635 -116.01 8.40 19.22
C HIS O 635 -115.17 8.74 20.42
N ALA O 636 -115.48 8.14 21.56
CA ALA O 636 -114.63 8.31 22.73
C ALA O 636 -114.39 6.99 23.47
N LEU O 637 -113.20 6.88 24.06
CA LEU O 637 -112.76 5.62 24.62
C LEU O 637 -111.82 5.80 25.81
N PHE O 638 -112.19 5.20 26.93
CA PHE O 638 -111.33 5.21 28.10
C PHE O 638 -110.58 3.88 28.22
N ASP O 639 -109.25 3.94 28.16
CA ASP O 639 -108.40 2.76 28.22
C ASP O 639 -107.92 2.52 29.65
N LYS O 640 -108.24 1.35 30.17
CA LYS O 640 -108.01 0.98 31.55
C LYS O 640 -106.56 0.57 31.83
N SER O 641 -105.77 0.45 30.76
CA SER O 641 -104.33 0.18 30.86
C SER O 641 -103.50 1.47 30.98
N THR O 642 -104.09 2.60 30.61
CA THR O 642 -103.38 3.90 30.61
C THR O 642 -104.00 4.96 31.52
N GLY O 643 -105.32 5.01 31.53
CA GLY O 643 -106.06 6.04 32.25
C GLY O 643 -106.53 7.11 31.29
N ASP O 644 -106.10 6.98 30.04
CA ASP O 644 -106.31 7.98 29.00
C ASP O 644 -107.75 7.99 28.56
N ILE O 645 -108.17 9.07 27.91
CA ILE O 645 -109.41 9.07 27.13
C ILE O 645 -109.12 9.54 25.72
N ASN O 646 -109.35 8.67 24.75
CA ASN O 646 -109.12 9.02 23.34
C ASN O 646 -110.38 9.49 22.68
N PHE O 647 -110.25 10.44 21.77
CA PHE O 647 -111.39 10.89 20.98
C PHE O 647 -111.10 10.84 19.49
N GLN O 648 -112.09 10.43 18.72
CA GLN O 648 -112.08 10.66 17.30
C GLN O 648 -113.30 11.54 17.13
N PHE O 649 -113.26 12.41 16.13
CA PHE O 649 -114.42 13.23 15.75
C PHE O 649 -114.66 13.11 14.23
N GLY O 650 -115.81 12.56 13.86
CA GLY O 650 -116.10 12.23 12.47
C GLY O 650 -117.42 12.66 11.84
N LYS O 651 -117.48 12.46 10.52
CA LYS O 651 -118.60 12.77 9.60
C LYS O 651 -119.99 12.81 10.24
N SER O 652 -120.38 11.75 10.94
CA SER O 652 -121.68 11.64 11.67
C SER O 652 -121.95 10.21 12.16
N MET P 9 36.83 53.12 -49.51
CA MET P 9 37.97 53.68 -48.67
C MET P 9 38.69 54.78 -49.42
N PHE P 10 38.56 56.01 -48.94
CA PHE P 10 39.07 57.15 -49.65
C PHE P 10 40.40 57.52 -49.06
N LEU P 11 41.35 57.82 -49.96
CA LEU P 11 42.75 58.06 -49.62
C LEU P 11 43.03 59.48 -49.94
N GLU P 12 43.49 60.19 -48.95
CA GLU P 12 43.54 61.63 -49.03
C GLU P 12 44.92 62.09 -49.41
N LYS P 13 44.99 63.16 -50.18
CA LYS P 13 46.25 63.66 -50.72
C LYS P 13 46.02 65.10 -51.13
N ILE P 14 47.08 65.89 -51.17
CA ILE P 14 46.98 67.32 -51.50
C ILE P 14 47.39 67.54 -52.94
N ASN P 15 46.54 68.28 -53.67
CA ASN P 15 46.87 68.63 -55.06
C ASN P 15 48.10 69.44 -55.00
N GLN P 16 49.16 68.94 -55.61
CA GLN P 16 50.45 69.60 -55.45
C GLN P 16 50.48 70.91 -56.18
N LYS P 17 49.49 71.14 -57.01
CA LYS P 17 49.51 72.34 -57.81
C LYS P 17 48.54 73.39 -57.28
N THR P 18 47.41 72.95 -56.71
CA THR P 18 46.39 73.89 -56.26
C THR P 18 46.30 74.03 -54.76
N GLY P 19 46.83 73.05 -54.02
CA GLY P 19 46.79 73.11 -52.56
C GLY P 19 45.54 72.49 -51.99
N GLU P 20 44.63 72.08 -52.87
CA GLU P 20 43.33 71.52 -52.47
C GLU P 20 43.43 70.09 -51.99
N ARG P 21 42.57 69.73 -51.05
CA ARG P 21 42.47 68.40 -50.53
C ARG P 21 41.71 67.51 -51.53
N GLU P 22 42.22 66.31 -51.76
CA GLU P 22 41.71 65.46 -52.84
C GLU P 22 41.59 64.02 -52.34
N TRP P 23 41.09 63.12 -53.21
CA TRP P 23 41.01 61.70 -52.88
C TRP P 23 41.13 60.82 -54.08
N VAL P 24 41.45 59.59 -53.78
CA VAL P 24 41.71 58.63 -54.79
C VAL P 24 41.11 57.34 -54.27
N VAL P 25 40.87 56.36 -55.11
CA VAL P 25 40.69 55.01 -54.55
C VAL P 25 41.63 53.99 -55.21
N ALA P 26 41.88 52.89 -54.50
CA ALA P 26 42.54 51.68 -55.05
C ALA P 26 41.74 51.01 -56.17
N GLU P 27 42.44 50.32 -57.08
CA GLU P 27 41.77 49.77 -58.27
C GLU P 27 40.53 48.90 -57.94
N GLU P 28 40.58 48.21 -56.81
CA GLU P 28 39.53 47.27 -56.43
C GLU P 28 38.24 48.03 -56.22
N ASP P 29 38.35 49.18 -55.56
CA ASP P 29 37.23 50.05 -55.30
C ASP P 29 36.89 51.02 -56.42
N TYR P 30 37.54 50.93 -57.59
CA TYR P 30 37.30 52.02 -58.56
C TYR P 30 35.85 52.07 -59.18
N ASP P 31 35.33 50.92 -59.60
CA ASP P 31 33.92 50.78 -60.03
C ASP P 31 32.82 51.23 -59.03
N MET P 32 32.95 50.81 -57.79
CA MET P 32 32.07 51.21 -56.75
C MET P 32 32.06 52.74 -56.52
N ALA P 33 33.24 53.35 -56.49
CA ALA P 33 33.36 54.77 -56.24
C ALA P 33 32.75 55.58 -57.36
N GLN P 34 32.97 55.10 -58.58
CA GLN P 34 32.30 55.61 -59.75
C GLN P 34 30.79 55.53 -59.57
N GLU P 35 30.27 54.33 -59.35
CA GLU P 35 28.84 54.22 -59.07
C GLU P 35 28.44 55.22 -57.94
N LEU P 36 29.24 55.33 -56.89
CA LEU P 36 28.95 56.29 -55.81
C LEU P 36 28.94 57.70 -56.33
N ALA P 37 29.91 58.02 -57.18
CA ALA P 37 29.96 59.34 -57.77
C ALA P 37 28.66 59.71 -58.53
N ARG P 38 27.99 58.70 -59.04
CA ARG P 38 26.79 58.89 -59.80
C ARG P 38 25.58 58.95 -58.87
N SER P 39 25.63 58.30 -57.71
CA SER P 39 24.45 58.16 -56.81
C SER P 39 23.58 59.38 -56.46
N ARG P 40 24.07 60.58 -56.65
CA ARG P 40 23.29 61.77 -56.42
C ARG P 40 22.38 62.05 -57.61
N PHE P 41 22.61 61.36 -58.72
CA PHE P 41 21.86 61.56 -59.95
C PHE P 41 21.60 63.06 -60.17
N GLY P 42 22.64 63.75 -60.64
CA GLY P 42 22.64 65.19 -60.89
C GLY P 42 21.89 65.95 -59.83
N ASP P 43 20.78 66.58 -60.26
CA ASP P 43 20.00 67.52 -59.43
C ASP P 43 18.97 66.89 -58.56
N MET P 44 18.84 65.58 -58.67
CA MET P 44 17.78 64.83 -58.03
C MET P 44 17.41 65.31 -56.64
N ILE P 45 18.39 65.45 -55.78
CA ILE P 45 18.10 65.68 -54.39
C ILE P 45 17.81 67.15 -54.20
N LEU P 46 18.33 67.98 -55.11
CA LEU P 46 18.04 69.41 -55.06
C LEU P 46 16.75 69.77 -55.83
N ASP P 47 16.00 68.76 -56.25
CA ASP P 47 14.75 68.92 -57.01
C ASP P 47 13.66 69.00 -55.93
N PHE P 48 13.53 70.20 -55.33
CA PHE P 48 12.70 70.39 -54.12
C PHE P 48 11.21 70.02 -54.38
N ASP P 49 10.71 70.33 -55.58
CA ASP P 49 9.38 69.95 -56.00
C ASP P 49 9.14 68.45 -55.86
N ARG P 50 10.04 67.66 -56.44
CA ARG P 50 10.03 66.22 -56.28
C ARG P 50 9.86 65.93 -54.81
N ASN P 51 10.72 66.50 -53.97
CA ASN P 51 10.68 66.22 -52.55
C ASN P 51 9.35 66.65 -51.89
N ASP P 52 8.90 67.84 -52.23
CA ASP P 52 7.63 68.40 -51.77
C ASP P 52 6.45 67.45 -52.05
N LYS P 53 6.33 67.02 -53.31
CA LYS P 53 5.32 66.04 -53.71
C LYS P 53 5.42 64.64 -53.05
N PHE P 54 6.63 64.12 -52.83
CA PHE P 54 6.79 62.86 -52.06
C PHE P 54 6.42 62.98 -50.61
N LEU P 55 6.78 64.11 -50.04
CA LEU P 55 6.31 64.46 -48.72
C LEU P 55 4.79 64.41 -48.74
N ALA P 56 4.22 65.17 -49.68
CA ALA P 56 2.78 65.19 -49.89
C ALA P 56 2.17 63.78 -49.84
N GLY P 57 2.52 62.94 -50.81
CA GLY P 57 2.06 61.55 -50.86
C GLY P 57 2.17 60.85 -49.52
N LEU P 58 3.29 61.07 -48.82
CA LEU P 58 3.51 60.41 -47.52
C LEU P 58 2.59 60.89 -46.40
N LYS P 59 2.37 62.20 -46.33
CA LYS P 59 1.44 62.81 -45.37
C LYS P 59 0.07 62.11 -45.35
N THR P 60 -0.46 61.95 -46.55
CA THR P 60 -1.77 61.43 -46.81
C THR P 60 -1.87 59.96 -46.48
N THR P 61 -0.97 59.16 -47.06
CA THR P 61 -1.00 57.71 -46.84
C THR P 61 -0.73 57.39 -45.40
N ILE P 62 0.32 57.98 -44.85
CA ILE P 62 0.62 57.77 -43.43
C ILE P 62 -0.61 58.05 -42.55
N ALA P 63 -1.28 59.18 -42.83
CA ALA P 63 -2.42 59.63 -42.01
C ALA P 63 -3.63 58.69 -42.17
N GLU P 64 -3.98 58.46 -43.44
CA GLU P 64 -5.07 57.57 -43.85
C GLU P 64 -4.88 56.16 -43.32
N LYS P 65 -3.69 55.85 -42.85
CA LYS P 65 -3.41 54.51 -42.39
C LYS P 65 -3.25 54.51 -40.89
N LYS P 66 -2.96 55.66 -40.30
CA LYS P 66 -2.98 55.75 -38.83
C LYS P 66 -4.41 55.52 -38.32
N HIS P 67 -5.40 55.71 -39.20
CA HIS P 67 -6.79 55.58 -38.83
C HIS P 67 -7.42 54.22 -39.03
N GLU P 68 -7.21 53.62 -40.20
CA GLU P 68 -7.75 52.27 -40.43
C GLU P 68 -7.08 51.17 -39.56
N ASN P 69 -5.78 51.27 -39.37
CA ASN P 69 -5.11 50.28 -38.53
C ASN P 69 -5.54 50.43 -37.08
N THR P 70 -6.23 49.41 -36.58
CA THR P 70 -6.82 49.44 -35.23
C THR P 70 -5.75 49.77 -34.18
N ASP P 71 -4.55 49.24 -34.37
CA ASP P 71 -3.40 49.57 -33.53
C ASP P 71 -2.92 51.03 -33.65
N GLY P 72 -3.22 51.69 -34.76
CA GLY P 72 -2.67 53.02 -35.08
C GLY P 72 -1.19 52.98 -35.46
N LYS P 73 -0.60 51.79 -35.43
CA LYS P 73 0.79 51.59 -35.78
C LYS P 73 0.92 51.40 -37.30
N VAL P 74 1.95 52.01 -37.89
CA VAL P 74 2.11 52.05 -39.34
C VAL P 74 3.53 51.67 -39.75
N HIS P 75 3.62 50.89 -40.81
CA HIS P 75 4.86 50.35 -41.34
C HIS P 75 5.10 50.82 -42.76
N VAL P 76 6.08 51.71 -42.94
CA VAL P 76 6.41 52.25 -44.28
C VAL P 76 7.71 51.67 -44.85
N LEU P 77 7.67 51.30 -46.12
CA LEU P 77 8.83 50.73 -46.78
C LEU P 77 9.37 51.62 -47.92
N ASP P 78 10.64 52.02 -47.77
CA ASP P 78 11.33 52.96 -48.66
C ASP P 78 12.24 52.19 -49.57
N ILE P 79 11.71 51.78 -50.72
CA ILE P 79 12.45 50.97 -51.68
C ILE P 79 13.33 51.81 -52.58
N GLY P 80 14.65 51.57 -52.53
CA GLY P 80 15.66 52.42 -53.19
C GLY P 80 15.96 53.71 -52.42
N THR P 81 16.47 53.58 -51.20
CA THR P 81 16.50 54.67 -50.24
C THR P 81 17.57 55.75 -50.48
N GLY P 82 18.69 55.38 -51.12
CA GLY P 82 19.74 56.34 -51.48
C GLY P 82 20.31 56.92 -50.21
N THR P 83 20.16 58.23 -50.07
CA THR P 83 20.66 58.98 -48.92
C THR P 83 19.80 58.68 -47.72
N GLY P 84 18.52 58.38 -47.97
CA GLY P 84 17.57 58.05 -46.89
C GLY P 84 16.45 59.06 -46.84
N LEU P 85 16.41 59.96 -47.81
CA LEU P 85 15.57 61.14 -47.70
C LEU P 85 14.11 60.79 -47.38
N LEU P 86 13.52 59.94 -48.21
CA LEU P 86 12.12 59.59 -48.05
C LEU P 86 11.88 58.88 -46.73
N SER P 87 12.86 58.13 -46.25
CA SER P 87 12.68 57.44 -44.97
C SER P 87 12.62 58.44 -43.81
N LEU P 88 13.29 59.56 -43.99
CA LEU P 88 13.32 60.55 -42.94
C LEU P 88 12.00 61.29 -42.96
N MET P 89 11.59 61.70 -44.15
CA MET P 89 10.24 62.21 -44.35
C MET P 89 9.20 61.28 -43.70
N ALA P 90 9.17 60.01 -44.11
CA ALA P 90 8.26 59.03 -43.53
C ALA P 90 8.29 58.97 -42.01
N ALA P 91 9.46 58.98 -41.39
CA ALA P 91 9.48 58.93 -39.94
C ALA P 91 8.91 60.23 -39.38
N ARG P 92 9.36 61.35 -39.96
CA ARG P 92 8.92 62.67 -39.51
C ARG P 92 7.39 62.77 -39.52
N GLU P 93 6.76 62.33 -40.59
CA GLU P 93 5.32 62.27 -40.66
C GLU P 93 4.72 61.39 -39.56
N GLY P 94 5.58 60.61 -38.89
CA GLY P 94 5.15 59.80 -37.75
C GLY P 94 5.02 58.30 -37.93
N ALA P 95 5.45 57.76 -39.08
CA ALA P 95 5.42 56.31 -39.30
C ALA P 95 6.07 55.56 -38.11
N ASP P 96 5.52 54.40 -37.74
CA ASP P 96 5.93 53.74 -36.52
C ASP P 96 7.07 52.79 -36.76
N LYS P 97 7.29 52.51 -38.05
CA LYS P 97 8.41 51.69 -38.52
C LYS P 97 8.64 51.97 -39.99
N VAL P 98 9.86 52.36 -40.31
CA VAL P 98 10.23 52.53 -41.69
C VAL P 98 11.36 51.58 -41.98
N THR P 99 11.18 50.72 -42.98
CA THR P 99 12.31 49.95 -43.48
C THR P 99 12.75 50.34 -44.90
N ALA P 100 14.05 50.58 -45.03
CA ALA P 100 14.63 51.20 -46.21
C ALA P 100 15.60 50.23 -46.83
N LEU P 101 15.47 50.05 -48.14
CA LEU P 101 16.30 49.16 -48.95
C LEU P 101 17.04 49.93 -50.00
N GLU P 102 18.24 49.41 -50.30
CA GLU P 102 19.15 50.07 -51.24
C GLU P 102 20.13 49.03 -51.67
N VAL P 103 20.02 48.61 -52.92
CA VAL P 103 20.88 47.57 -53.49
C VAL P 103 22.39 47.95 -53.47
N PHE P 104 22.70 49.22 -53.72
CA PHE P 104 24.07 49.69 -53.78
C PHE P 104 24.62 50.00 -52.38
N LYS P 105 25.33 48.99 -51.85
CA LYS P 105 25.82 48.91 -50.48
C LYS P 105 26.48 50.20 -49.94
N PRO P 106 27.25 50.92 -50.77
CA PRO P 106 27.81 52.17 -50.29
C PRO P 106 26.72 53.19 -49.95
N MET P 107 25.65 53.30 -50.77
CA MET P 107 24.56 54.19 -50.37
C MET P 107 23.78 53.58 -49.21
N GLY P 108 23.75 52.25 -49.16
CA GLY P 108 23.19 51.56 -48.02
C GLY P 108 23.70 52.11 -46.72
N ASP P 109 25.03 52.18 -46.63
CA ASP P 109 25.72 52.64 -45.44
C ASP P 109 25.55 54.15 -45.25
N CYS P 110 25.50 54.90 -46.34
CA CYS P 110 25.28 56.32 -46.25
C CYS P 110 24.01 56.52 -45.44
N ALA P 111 22.90 55.97 -45.95
CA ALA P 111 21.61 56.02 -45.29
C ALA P 111 21.64 55.46 -43.88
N ARG P 112 22.12 54.23 -43.70
CA ARG P 112 22.26 53.69 -42.34
C ARG P 112 22.95 54.73 -41.47
N HIS P 113 24.01 55.32 -41.99
CA HIS P 113 24.69 56.34 -41.24
C HIS P 113 23.79 57.52 -40.92
N ILE P 114 23.18 58.13 -41.93
CA ILE P 114 22.37 59.33 -41.69
C ILE P 114 21.17 59.04 -40.78
N THR P 115 20.68 57.81 -40.91
CA THR P 115 19.61 57.20 -40.12
C THR P 115 20.02 57.08 -38.66
N SER P 116 21.03 56.25 -38.44
CA SER P 116 21.61 56.02 -37.14
C SER P 116 21.74 57.32 -36.35
N ASN P 117 22.12 58.41 -37.02
CA ASN P 117 22.33 59.73 -36.40
C ASN P 117 21.18 60.75 -36.45
N SER P 118 19.98 60.34 -36.83
CA SER P 118 18.82 61.26 -36.79
C SER P 118 17.97 61.01 -35.55
N PRO P 119 17.23 62.04 -35.12
CA PRO P 119 16.19 61.92 -34.10
C PRO P 119 15.33 60.67 -34.30
N TRP P 120 15.16 60.22 -35.55
CA TRP P 120 14.37 59.01 -35.82
C TRP P 120 15.13 57.69 -35.90
N SER P 121 16.38 57.66 -35.44
CA SER P 121 17.20 56.44 -35.52
C SER P 121 16.47 55.21 -35.00
N ASP P 122 15.64 55.45 -33.99
CA ASP P 122 14.89 54.40 -33.30
C ASP P 122 13.87 53.64 -34.13
N LYS P 123 13.46 54.18 -35.27
CA LYS P 123 12.38 53.55 -36.06
C LYS P 123 12.59 53.41 -37.60
N ILE P 124 13.81 53.73 -38.03
CA ILE P 124 14.28 53.43 -39.37
C ILE P 124 15.33 52.31 -39.36
N THR P 125 15.24 51.38 -40.29
CA THR P 125 16.38 50.47 -40.46
C THR P 125 16.67 50.23 -41.94
N VAL P 126 17.92 49.90 -42.23
CA VAL P 126 18.40 49.92 -43.59
C VAL P 126 18.90 48.57 -44.03
N ILE P 127 18.37 48.04 -45.12
CA ILE P 127 18.86 46.77 -45.60
C ILE P 127 19.55 46.97 -46.95
N SER P 128 20.85 46.67 -46.98
CA SER P 128 21.65 46.82 -48.18
C SER P 128 21.44 45.64 -49.12
N GLU P 129 20.23 45.56 -49.68
CA GLU P 129 19.82 44.55 -50.67
C GLU P 129 18.74 45.11 -51.58
N ARG P 130 18.59 44.47 -52.74
CA ARG P 130 17.52 44.79 -53.70
C ARG P 130 16.17 44.20 -53.26
N SER P 131 15.13 45.01 -53.40
CA SER P 131 13.79 44.62 -52.93
C SER P 131 13.42 43.28 -53.57
N THR P 132 13.61 43.21 -54.88
CA THR P 132 13.51 41.97 -55.67
C THR P 132 14.07 40.71 -55.02
N ASP P 133 15.30 40.79 -54.49
CA ASP P 133 16.01 39.66 -53.89
C ASP P 133 15.68 39.45 -52.40
N VAL P 134 14.70 40.18 -51.90
CA VAL P 134 14.34 40.07 -50.49
C VAL P 134 13.00 39.38 -50.32
N SER P 135 12.98 38.48 -49.36
CA SER P 135 11.83 37.63 -49.09
C SER P 135 11.27 38.02 -47.73
N GLN P 136 12.01 38.86 -47.02
CA GLN P 136 11.68 39.20 -45.63
C GLN P 136 12.13 40.60 -45.20
N ILE P 137 11.19 41.35 -44.63
CA ILE P 137 11.52 42.58 -43.93
C ILE P 137 11.46 42.29 -42.45
N GLY P 138 12.39 42.86 -41.68
CA GLY P 138 12.37 42.74 -40.23
C GLY P 138 10.96 42.41 -39.76
N GLY P 139 10.73 41.11 -39.58
CA GLY P 139 9.54 40.58 -38.93
C GLY P 139 8.17 40.61 -39.59
N SER P 140 7.70 41.80 -39.93
CA SER P 140 6.30 41.98 -40.34
C SER P 140 6.14 42.31 -41.82
N ARG P 141 4.93 42.72 -42.21
CA ARG P 141 4.70 43.29 -43.57
C ARG P 141 4.32 44.77 -43.59
N ALA P 142 4.22 45.33 -44.81
CA ALA P 142 4.18 46.78 -45.05
C ALA P 142 2.80 47.37 -45.31
N ASP P 143 2.48 48.40 -44.55
CA ASP P 143 1.25 49.18 -44.72
C ASP P 143 1.39 50.15 -45.90
N ILE P 144 2.57 50.75 -46.04
CA ILE P 144 2.80 51.72 -47.10
C ILE P 144 4.14 51.47 -47.79
N ILE P 145 4.15 51.65 -49.11
CA ILE P 145 5.35 51.53 -49.90
C ILE P 145 5.69 52.86 -50.58
N VAL P 146 6.89 53.37 -50.33
CA VAL P 146 7.40 54.56 -51.00
C VAL P 146 8.68 54.19 -51.74
N ALA P 147 8.79 54.68 -52.96
CA ALA P 147 9.93 54.34 -53.82
C ALA P 147 10.05 55.31 -54.98
N GLU P 148 11.10 56.13 -55.02
CA GLU P 148 11.35 56.82 -56.28
C GLU P 148 12.48 56.10 -56.99
N VAL P 149 12.18 55.74 -58.24
CA VAL P 149 12.91 54.70 -58.89
C VAL P 149 12.48 54.76 -60.33
N PHE P 150 12.13 55.95 -60.76
CA PHE P 150 11.75 56.19 -62.12
C PHE P 150 12.82 57.02 -62.76
N ASP P 151 12.97 56.81 -64.06
CA ASP P 151 13.83 57.62 -64.83
C ASP P 151 12.93 58.29 -65.81
N THR P 152 13.52 59.11 -66.64
CA THR P 152 12.78 59.83 -67.64
C THR P 152 11.84 58.94 -68.45
N GLU P 153 11.99 57.62 -68.39
CA GLU P 153 11.15 56.74 -69.19
C GLU P 153 10.18 55.99 -68.23
N LEU P 154 10.14 56.48 -66.99
CA LEU P 154 9.38 55.91 -65.93
C LEU P 154 9.92 54.54 -65.52
N ILE P 155 10.02 53.65 -66.49
CA ILE P 155 10.20 52.22 -66.25
C ILE P 155 11.63 51.64 -66.41
N GLY P 156 12.50 52.36 -67.11
CA GLY P 156 13.90 51.98 -67.32
C GLY P 156 14.72 51.53 -66.12
N GLU P 157 14.42 52.08 -64.94
CA GLU P 157 15.12 51.69 -63.72
C GLU P 157 14.42 50.54 -62.98
N GLY P 158 13.58 49.76 -63.65
CA GLY P 158 12.90 48.61 -63.00
C GLY P 158 11.76 48.90 -62.02
N ALA P 159 10.97 49.94 -62.29
CA ALA P 159 9.89 50.35 -61.37
C ALA P 159 8.77 49.32 -61.33
N LEU P 160 8.47 48.75 -62.50
CA LEU P 160 7.41 47.79 -62.60
C LEU P 160 7.64 46.59 -61.67
N ARG P 161 8.82 45.99 -61.77
CA ARG P 161 9.02 44.73 -61.07
C ARG P 161 9.24 44.98 -59.60
N THR P 162 9.83 46.13 -59.32
CA THR P 162 10.14 46.51 -57.96
C THR P 162 8.83 46.64 -57.17
N PHE P 163 7.86 47.38 -57.73
CA PHE P 163 6.51 47.53 -57.10
C PHE P 163 5.73 46.20 -56.99
N LYS P 164 5.45 45.54 -58.12
CA LYS P 164 4.78 44.25 -58.14
C LYS P 164 5.30 43.32 -57.05
N GLU P 165 6.58 42.91 -57.13
CA GLU P 165 7.09 41.90 -56.21
C GLU P 165 7.23 42.41 -54.79
N ALA P 166 7.20 43.72 -54.66
CA ALA P 166 7.13 44.32 -53.34
C ALA P 166 5.71 44.11 -52.79
N LEU P 167 4.69 44.44 -53.57
CA LEU P 167 3.30 44.14 -53.21
C LEU P 167 3.07 42.67 -52.94
N GLU P 168 3.56 41.81 -53.84
CA GLU P 168 3.43 40.36 -53.72
C GLU P 168 4.04 39.79 -52.45
N ARG P 169 5.16 40.33 -51.99
CA ARG P 169 5.93 39.58 -50.98
C ARG P 169 6.17 40.32 -49.69
N LEU P 170 6.12 41.63 -49.80
CA LEU P 170 6.58 42.48 -48.74
C LEU P 170 5.44 43.35 -48.23
N ALA P 171 4.36 43.44 -49.01
CA ALA P 171 3.28 44.37 -48.69
C ALA P 171 1.97 43.72 -48.22
N LYS P 172 1.52 44.13 -47.03
CA LYS P 172 0.17 43.81 -46.56
C LYS P 172 -0.89 43.92 -47.65
N PRO P 173 -1.96 43.09 -47.57
CA PRO P 173 -3.17 43.24 -48.42
C PRO P 173 -3.82 44.63 -48.32
N GLY P 174 -4.14 45.20 -49.48
CA GLY P 174 -4.68 46.56 -49.55
C GLY P 174 -3.66 47.64 -49.25
N CYS P 175 -2.38 47.28 -49.36
CA CYS P 175 -1.27 48.20 -49.10
C CYS P 175 -1.41 49.49 -49.91
N ARG P 176 -0.86 50.58 -49.39
CA ARG P 176 -0.78 51.84 -50.17
C ARG P 176 0.66 52.21 -50.65
N VAL P 177 0.76 52.82 -51.83
CA VAL P 177 2.08 53.11 -52.39
C VAL P 177 2.25 54.53 -52.91
N VAL P 178 3.32 55.18 -52.47
CA VAL P 178 3.64 56.53 -52.92
C VAL P 178 4.71 56.45 -53.98
N PRO P 179 4.40 56.85 -55.22
CA PRO P 179 3.12 57.25 -55.81
C PRO P 179 2.20 56.07 -56.08
N SER P 180 0.91 56.36 -56.19
CA SER P 180 -0.08 55.31 -56.37
C SER P 180 -0.29 54.99 -57.84
N THR P 181 -0.22 56.02 -58.69
CA THR P 181 -0.69 55.92 -60.04
C THR P 181 0.15 56.76 -60.98
N GLY P 182 0.13 56.42 -62.26
CA GLY P 182 0.71 57.32 -63.27
C GLY P 182 0.22 57.15 -64.69
N ASN P 183 0.45 58.19 -65.48
CA ASN P 183 0.26 58.15 -66.91
C ASN P 183 1.57 58.53 -67.59
N VAL P 184 1.85 57.89 -68.72
CA VAL P 184 2.88 58.39 -69.63
C VAL P 184 2.12 59.00 -70.79
N TYR P 185 2.56 60.18 -71.25
CA TYR P 185 1.94 60.88 -72.35
C TYR P 185 2.84 60.88 -73.57
N ILE P 186 2.23 60.92 -74.75
CA ILE P 186 2.94 61.31 -75.96
C ILE P 186 2.19 62.42 -76.64
N VAL P 187 2.90 63.30 -77.34
CA VAL P 187 2.32 64.37 -78.11
C VAL P 187 3.01 64.27 -79.45
N PRO P 188 2.27 63.95 -80.52
CA PRO P 188 2.87 64.04 -81.85
C PRO P 188 3.14 65.51 -82.16
N VAL P 189 4.04 65.73 -83.12
CA VAL P 189 4.67 67.02 -83.36
C VAL P 189 5.41 66.96 -84.69
N GLU P 190 5.39 68.09 -85.42
CA GLU P 190 6.09 68.22 -86.70
C GLU P 190 7.21 69.17 -86.46
N SER P 191 8.40 68.82 -86.96
CA SER P 191 9.67 69.46 -86.55
C SER P 191 10.90 69.13 -87.40
N HIS P 192 11.54 70.15 -87.93
CA HIS P 192 12.70 69.92 -88.76
C HIS P 192 13.82 69.51 -87.83
N LEU P 193 13.97 70.31 -86.80
CA LEU P 193 14.88 70.12 -85.72
C LEU P 193 14.98 68.69 -85.33
N LEU P 194 13.84 68.15 -84.89
CA LEU P 194 13.82 66.83 -84.33
C LEU P 194 14.07 65.76 -85.40
N LYS P 195 13.65 66.04 -86.62
CA LYS P 195 13.87 65.16 -87.74
C LYS P 195 15.37 65.05 -88.03
N MET P 196 16.09 66.14 -87.71
CA MET P 196 17.51 66.29 -88.05
C MET P 196 18.44 65.36 -87.23
N PHE P 197 18.00 65.02 -86.02
CA PHE P 197 18.68 64.07 -85.15
C PHE P 197 18.51 62.61 -85.60
N ASN P 198 17.69 62.34 -86.61
CA ASN P 198 17.41 60.96 -86.93
C ASN P 198 17.55 60.62 -88.41
N ASP P 199 17.69 61.62 -89.25
CA ASP P 199 17.61 61.35 -90.65
C ASP P 199 18.97 60.90 -91.19
N ILE P 200 18.99 59.70 -91.72
CA ILE P 200 20.00 59.27 -92.65
C ILE P 200 20.22 60.38 -93.68
N PRO P 201 21.34 61.12 -93.58
CA PRO P 201 21.69 62.29 -94.38
C PRO P 201 21.58 62.12 -95.88
N ARG P 202 20.93 63.08 -96.51
CA ARG P 202 20.65 63.04 -97.93
C ARG P 202 21.51 64.11 -98.62
N LEU P 203 22.46 63.62 -99.40
CA LEU P 203 23.53 64.42 -99.94
C LEU P 203 23.03 65.52 -100.88
N ASN P 204 21.92 65.24 -101.54
CA ASN P 204 21.32 66.21 -102.43
C ASN P 204 20.00 66.82 -101.93
N GLY P 205 19.67 66.56 -100.66
CA GLY P 205 18.60 67.26 -99.99
C GLY P 205 17.18 67.05 -100.50
N GLU P 206 16.99 66.06 -101.37
CA GLU P 206 15.64 65.68 -101.85
C GLU P 206 15.21 64.46 -101.08
N LYS P 207 13.94 64.41 -100.72
CA LYS P 207 13.34 63.13 -100.29
C LYS P 207 12.78 62.37 -101.53
N ASP P 208 12.86 61.05 -101.54
CA ASP P 208 13.61 60.32 -100.55
C ASP P 208 14.87 59.85 -101.27
N GLU P 209 15.99 60.50 -100.95
CA GLU P 209 17.25 59.88 -101.21
C GLU P 209 17.37 58.85 -100.09
N GLU P 210 17.76 57.64 -100.46
CA GLU P 210 17.76 56.57 -99.50
C GLU P 210 19.10 55.86 -99.58
N PRO P 211 20.20 56.61 -99.35
CA PRO P 211 21.54 56.09 -99.55
C PRO P 211 21.79 54.85 -98.70
N LEU P 212 21.27 54.80 -97.47
CA LEU P 212 21.51 53.65 -96.58
C LEU P 212 20.37 52.64 -96.41
N GLY P 213 19.38 52.66 -97.30
CA GLY P 213 18.11 51.95 -97.06
C GLY P 213 17.29 52.71 -96.01
N ARG P 214 16.28 52.05 -95.42
CA ARG P 214 15.43 52.67 -94.39
C ARG P 214 15.75 52.11 -93.03
N CYS P 215 15.52 52.92 -91.99
CA CYS P 215 15.69 52.48 -90.63
C CYS P 215 14.91 53.32 -89.64
N SER P 216 14.48 52.71 -88.57
CA SER P 216 13.80 53.45 -87.52
C SER P 216 14.76 54.18 -86.59
N GLY P 217 16.08 54.02 -86.80
CA GLY P 217 17.10 54.69 -85.98
C GLY P 217 17.30 54.00 -84.64
N THR P 218 17.85 54.74 -83.68
CA THR P 218 18.46 54.15 -82.48
C THR P 218 17.39 53.92 -81.41
N ALA P 219 17.34 52.72 -80.83
CA ALA P 219 16.27 52.40 -79.90
C ALA P 219 16.55 52.82 -78.45
N ALA P 220 17.77 53.25 -78.14
CA ALA P 220 18.04 53.72 -76.78
C ALA P 220 17.24 55.00 -76.51
N VAL P 221 16.90 55.21 -75.24
CA VAL P 221 16.11 56.38 -74.93
C VAL P 221 16.78 57.70 -75.30
N PHE P 222 16.01 58.59 -75.93
CA PHE P 222 16.45 59.94 -76.30
C PHE P 222 15.88 61.02 -75.35
N ASP P 223 16.55 61.26 -74.23
CA ASP P 223 16.10 62.26 -73.30
C ASP P 223 16.62 63.69 -73.49
N VAL P 224 15.70 64.67 -73.50
CA VAL P 224 16.04 66.06 -73.82
C VAL P 224 15.19 67.08 -73.09
N GLN P 225 15.72 68.28 -72.92
CA GLN P 225 15.03 69.32 -72.17
C GLN P 225 14.16 70.03 -73.19
N LEU P 226 12.99 69.42 -73.46
CA LEU P 226 12.11 69.96 -74.50
C LEU P 226 11.69 71.40 -74.23
N SER P 227 11.67 71.81 -72.94
CA SER P 227 11.47 73.22 -72.51
C SER P 227 12.36 74.27 -73.18
N GLU P 228 13.50 73.86 -73.71
CA GLU P 228 14.47 74.80 -74.28
C GLU P 228 14.43 74.73 -75.79
N MET P 229 13.51 73.90 -76.28
CA MET P 229 13.25 73.84 -77.68
C MET P 229 12.44 75.11 -78.02
N LYS P 230 13.01 76.00 -78.81
CA LYS P 230 12.24 77.13 -79.38
C LYS P 230 10.83 76.73 -79.89
N THR P 231 9.81 77.47 -79.43
CA THR P 231 8.42 77.31 -79.92
C THR P 231 8.26 77.25 -81.44
N HIS P 232 9.10 77.96 -82.19
CA HIS P 232 9.05 77.76 -83.62
C HIS P 232 9.65 76.47 -84.09
N GLU P 233 10.66 75.98 -83.37
CA GLU P 233 11.44 74.86 -83.88
C GLU P 233 10.52 73.67 -84.00
N PHE P 234 9.43 73.69 -83.23
CA PHE P 234 8.36 72.71 -83.40
C PHE P 234 6.92 73.24 -83.58
N ARG P 235 5.95 72.33 -83.63
CA ARG P 235 4.53 72.66 -83.62
C ARG P 235 3.69 71.43 -83.28
N GLU P 236 2.92 71.49 -82.19
CA GLU P 236 2.00 70.42 -81.81
C GLU P 236 1.00 70.02 -82.93
N LEU P 237 0.62 68.77 -82.97
CA LEU P 237 -0.34 68.30 -83.97
C LEU P 237 -1.63 67.77 -83.34
N SER P 238 -1.64 67.63 -82.02
CA SER P 238 -2.75 67.00 -81.32
C SER P 238 -2.61 67.18 -79.81
N GLU P 239 -3.65 66.81 -79.09
CA GLU P 239 -3.63 66.98 -77.66
C GLU P 239 -2.86 65.79 -77.11
N PRO P 240 -2.28 65.94 -75.92
CA PRO P 240 -1.46 64.84 -75.44
C PRO P 240 -2.26 63.54 -75.48
N ILE P 241 -1.57 62.43 -75.64
CA ILE P 241 -2.28 61.19 -75.71
C ILE P 241 -1.78 60.36 -74.58
N VAL P 242 -2.69 59.62 -73.98
CA VAL P 242 -2.32 58.78 -72.88
C VAL P 242 -1.86 57.46 -73.48
N ALA P 243 -0.55 57.22 -73.44
CA ALA P 243 -0.01 56.02 -74.01
C ALA P 243 -0.20 54.85 -73.04
N PHE P 244 0.11 55.05 -71.77
CA PHE P 244 -0.04 53.98 -70.77
C PHE P 244 -0.54 54.55 -69.45
N LYS P 245 -1.11 53.69 -68.60
CA LYS P 245 -1.55 54.03 -67.26
C LYS P 245 -0.98 53.00 -66.26
N PHE P 246 -0.38 53.46 -65.17
CA PHE P 246 0.24 52.50 -64.29
C PHE P 246 -0.37 52.52 -62.93
N ASP P 247 -0.74 51.36 -62.45
CA ASP P 247 -1.28 51.25 -61.13
C ASP P 247 -0.19 50.59 -60.25
N PHE P 248 0.45 51.40 -59.39
CA PHE P 248 1.64 50.95 -58.67
C PHE P 248 1.19 50.35 -57.35
N GLU P 249 -0.14 50.33 -57.13
CA GLU P 249 -0.73 49.70 -55.93
C GLU P 249 -1.47 48.39 -56.19
N HIS P 250 -1.60 47.99 -57.45
CA HIS P 250 -2.19 46.69 -57.78
C HIS P 250 -1.32 45.79 -58.65
N GLU P 251 -0.80 44.73 -58.03
CA GLU P 251 0.30 43.91 -58.60
C GLU P 251 -0.11 43.26 -59.87
N GLU P 252 -1.31 42.69 -59.85
CA GLU P 252 -1.88 42.05 -61.03
C GLU P 252 -2.19 43.10 -62.13
N LYS P 253 -2.15 44.38 -61.76
CA LYS P 253 -2.30 45.44 -62.71
C LYS P 253 -0.98 45.79 -63.42
N ILE P 254 0.14 45.34 -62.86
CA ILE P 254 1.44 45.62 -63.48
C ILE P 254 1.85 44.45 -64.35
N ILE P 255 2.15 44.74 -65.62
CA ILE P 255 2.43 43.72 -66.63
C ILE P 255 3.56 44.15 -67.62
N PHE P 256 4.59 43.33 -67.68
CA PHE P 256 5.85 43.74 -68.29
C PHE P 256 5.74 43.99 -69.76
N ASP P 257 4.95 43.15 -70.41
CA ASP P 257 4.77 43.24 -71.83
C ASP P 257 3.35 43.63 -72.23
N GLU P 258 3.17 44.83 -72.80
CA GLU P 258 1.85 45.29 -73.29
C GLU P 258 1.97 46.20 -74.51
N SER P 259 0.96 46.13 -75.37
CA SER P 259 0.75 47.05 -76.48
C SER P 259 -0.70 47.55 -76.48
N PHE P 260 -0.89 48.78 -76.96
CA PHE P 260 -2.20 49.44 -77.02
C PHE P 260 -2.32 50.24 -78.30
N VAL P 261 -3.43 50.03 -79.00
CA VAL P 261 -3.78 50.96 -80.04
C VAL P 261 -4.40 52.11 -79.27
N ARG P 262 -3.71 53.26 -79.26
CA ARG P 262 -4.32 54.44 -78.69
C ARG P 262 -4.78 55.23 -79.86
N GLU P 263 -5.61 56.22 -79.59
CA GLU P 263 -6.38 56.89 -80.59
C GLU P 263 -6.43 58.36 -80.23
N ALA P 264 -6.35 59.22 -81.25
CA ALA P 264 -6.73 60.62 -81.05
C ALA P 264 -7.12 61.39 -82.33
N VAL P 265 -7.62 62.62 -82.11
CA VAL P 265 -8.06 63.53 -83.17
C VAL P 265 -7.08 64.68 -83.31
N ALA P 266 -6.50 64.77 -84.49
CA ALA P 266 -5.67 65.90 -84.85
C ALA P 266 -6.42 67.24 -84.77
N HIS P 267 -5.80 68.24 -84.15
CA HIS P 267 -6.33 69.59 -84.29
C HIS P 267 -5.60 70.42 -85.36
N SER P 268 -4.79 69.75 -86.17
CA SER P 268 -4.08 70.34 -87.32
C SER P 268 -3.66 69.25 -88.30
N SER P 269 -3.17 69.62 -89.47
CA SER P 269 -2.71 68.66 -90.46
C SER P 269 -1.20 68.72 -90.57
N GLY P 270 -0.54 67.59 -90.83
CA GLY P 270 0.92 67.60 -90.84
C GLY P 270 1.53 66.22 -90.80
N THR P 271 2.87 66.19 -90.70
CA THR P 271 3.58 64.90 -90.64
C THR P 271 4.20 64.70 -89.28
N ILE P 272 4.14 63.46 -88.78
CA ILE P 272 4.70 63.14 -87.46
C ILE P 272 6.23 62.92 -87.51
N ASP P 273 6.98 64.00 -87.29
CA ASP P 273 8.45 63.94 -87.23
C ASP P 273 8.93 63.29 -85.94
N ALA P 274 8.22 63.58 -84.84
CA ALA P 274 8.58 63.11 -83.51
C ALA P 274 7.35 62.83 -82.62
N LEU P 275 7.63 62.38 -81.40
CA LEU P 275 6.63 61.99 -80.42
C LEU P 275 7.24 62.37 -79.09
N LEU P 276 6.83 63.50 -78.59
CA LEU P 276 7.37 63.96 -77.36
C LEU P 276 6.67 63.17 -76.31
N MET P 277 7.40 62.82 -75.25
CA MET P 277 6.89 61.94 -74.20
C MET P 277 7.38 62.41 -72.86
N TRP P 278 6.50 62.29 -71.88
CA TRP P 278 6.82 62.48 -70.50
C TRP P 278 5.68 61.85 -69.76
N TRP P 279 5.89 61.71 -68.46
CA TRP P 279 4.87 61.13 -67.64
C TRP P 279 4.45 62.16 -66.61
N ASP P 280 3.43 61.79 -65.82
CA ASP P 280 3.16 62.46 -64.56
C ASP P 280 2.79 61.37 -63.60
N ILE P 281 2.88 61.66 -62.32
CA ILE P 281 2.43 60.71 -61.34
C ILE P 281 1.57 61.37 -60.26
N ASP P 282 0.70 60.58 -59.62
CA ASP P 282 -0.17 61.10 -58.59
C ASP P 282 0.28 60.37 -57.37
N MET P 283 0.72 61.16 -56.41
CA MET P 283 1.40 60.67 -55.21
C MET P 283 0.49 59.88 -54.28
N ASP P 284 -0.75 60.35 -54.11
CA ASP P 284 -1.69 59.77 -53.11
C ASP P 284 -2.93 59.06 -53.68
N ARG P 285 -3.12 59.19 -55.01
CA ARG P 285 -4.27 58.65 -55.78
C ARG P 285 -5.42 59.65 -55.94
N ASN P 286 -5.31 60.79 -55.23
CA ASN P 286 -6.44 61.68 -54.98
C ASN P 286 -6.55 62.84 -55.95
N GLY P 287 -6.13 62.63 -57.19
CA GLY P 287 -6.19 63.67 -58.20
C GLY P 287 -5.65 65.07 -57.88
N THR P 288 -4.88 65.25 -56.80
CA THR P 288 -4.36 66.60 -56.48
C THR P 288 -2.86 66.79 -56.63
N THR P 289 -2.11 66.00 -55.87
CA THR P 289 -0.69 66.20 -55.76
C THR P 289 0.06 65.40 -56.85
N PHE P 290 0.49 66.10 -57.90
CA PHE P 290 1.25 65.49 -59.02
C PHE P 290 2.74 65.88 -59.09
N ILE P 291 3.57 64.90 -59.45
CA ILE P 291 4.82 65.25 -60.09
C ILE P 291 4.56 65.18 -61.59
N ASP P 292 4.85 66.28 -62.30
CA ASP P 292 4.52 66.37 -63.71
C ASP P 292 5.71 66.76 -64.56
N MET P 293 6.13 65.83 -65.42
CA MET P 293 7.29 66.02 -66.30
C MET P 293 7.00 66.73 -67.60
N GLY P 294 5.74 67.14 -67.81
CA GLY P 294 5.40 68.02 -68.93
C GLY P 294 6.41 69.14 -68.98
N PRO P 295 6.76 69.58 -70.18
CA PRO P 295 7.73 70.65 -70.34
C PRO P 295 7.09 71.92 -69.95
N LYS P 296 7.78 73.04 -70.09
CA LYS P 296 7.25 74.35 -69.70
C LYS P 296 5.86 74.61 -70.31
N TRP P 297 5.78 74.50 -71.65
CA TRP P 297 4.56 74.86 -72.39
C TRP P 297 3.55 73.75 -72.40
N LYS P 298 3.54 72.94 -71.35
CA LYS P 298 2.49 71.94 -71.14
C LYS P 298 2.41 71.64 -69.67
N ASN P 299 2.66 72.67 -68.89
CA ASN P 299 2.75 72.47 -67.48
C ASN P 299 2.41 73.75 -66.78
N LYS P 300 1.11 73.87 -66.53
CA LYS P 300 0.52 74.53 -65.38
C LYS P 300 -0.14 73.35 -64.68
N ASN P 301 -0.02 73.26 -63.35
CA ASN P 301 0.72 74.25 -62.56
C ASN P 301 2.04 73.72 -62.08
N ASN P 302 2.19 72.39 -62.10
CA ASN P 302 3.31 71.67 -61.50
C ASN P 302 4.64 71.67 -62.28
N TYR P 303 4.96 72.77 -62.97
CA TYR P 303 6.21 72.88 -63.71
C TYR P 303 7.38 73.17 -62.81
N ALA P 304 8.43 72.37 -62.93
CA ALA P 304 9.72 72.71 -62.31
C ALA P 304 10.90 72.33 -63.21
N TRP P 305 11.97 73.11 -63.13
CA TRP P 305 13.21 72.61 -63.69
C TRP P 305 13.75 71.40 -62.96
N ARG P 306 14.02 70.31 -63.70
CA ARG P 306 14.95 69.27 -63.24
C ARG P 306 15.73 68.66 -64.41
N ASP P 307 16.78 67.89 -64.09
CA ASP P 307 17.68 67.31 -65.12
C ASP P 307 17.77 65.83 -64.94
N HIS P 308 17.72 65.37 -63.71
CA HIS P 308 17.69 63.94 -63.53
C HIS P 308 16.48 63.33 -64.23
N TRP P 309 15.39 64.09 -64.30
CA TRP P 309 14.25 63.78 -65.21
C TRP P 309 14.09 64.87 -66.19
N MET P 310 13.47 64.56 -67.30
CA MET P 310 13.61 65.36 -68.50
C MET P 310 12.38 64.88 -69.28
N GLN P 311 12.28 65.24 -70.54
CA GLN P 311 11.25 64.64 -71.39
C GLN P 311 11.96 63.65 -72.32
N ALA P 312 11.26 63.04 -73.27
CA ALA P 312 11.94 62.21 -74.26
C ALA P 312 11.30 62.28 -75.58
N VAL P 313 12.07 61.95 -76.62
CA VAL P 313 11.53 61.91 -77.97
C VAL P 313 11.70 60.56 -78.69
N TYR P 314 10.68 60.21 -79.48
CA TYR P 314 10.64 58.98 -80.20
C TYR P 314 10.28 59.16 -81.66
N TYR P 315 10.71 58.20 -82.46
CA TYR P 315 10.51 58.22 -83.90
C TYR P 315 9.65 57.05 -84.28
N LEU P 316 8.83 57.28 -85.31
CA LEU P 316 8.02 56.22 -85.87
C LEU P 316 8.89 55.58 -86.95
N PRO P 317 8.87 54.24 -87.05
CA PRO P 317 9.65 53.60 -88.07
C PRO P 317 9.45 54.22 -89.44
N GLU P 318 8.24 54.73 -89.72
CA GLU P 318 7.88 55.23 -91.08
C GLU P 318 7.33 56.65 -91.08
N LYS P 319 7.33 57.29 -92.25
CA LYS P 319 6.45 58.46 -92.48
C LYS P 319 5.01 58.15 -92.03
N LYS P 320 4.44 59.06 -91.25
CA LYS P 320 3.10 58.90 -90.73
C LYS P 320 2.57 60.31 -90.58
N LYS P 321 1.73 60.72 -91.54
CA LYS P 321 1.10 62.06 -91.57
C LYS P 321 -0.32 61.98 -90.97
N VAL P 322 -0.94 63.14 -90.78
CA VAL P 322 -2.21 63.23 -90.10
C VAL P 322 -3.04 64.41 -90.68
N GLU P 323 -4.33 64.16 -90.92
CA GLU P 323 -5.25 65.14 -91.56
C GLU P 323 -6.05 65.97 -90.54
N MET P 324 -6.19 67.28 -90.80
CA MET P 324 -6.63 68.25 -89.78
C MET P 324 -7.62 67.70 -88.79
N ASN P 325 -8.87 67.52 -89.18
CA ASN P 325 -9.86 67.06 -88.20
C ASN P 325 -10.16 65.57 -88.25
N GLN P 326 -9.12 64.75 -88.19
CA GLN P 326 -9.29 63.31 -88.32
C GLN P 326 -8.70 62.53 -87.18
N THR P 327 -9.38 61.43 -86.90
CA THR P 327 -8.91 60.41 -86.01
C THR P 327 -7.66 59.75 -86.61
N PHE P 328 -6.75 59.35 -85.72
CA PHE P 328 -5.62 58.52 -86.10
C PHE P 328 -5.21 57.71 -84.89
N GLU P 329 -4.43 56.68 -85.16
CA GLU P 329 -3.91 55.82 -84.11
C GLU P 329 -2.36 55.71 -84.11
N ILE P 330 -1.85 55.36 -82.93
CA ILE P 330 -0.46 55.12 -82.65
C ILE P 330 -0.33 53.89 -81.73
N VAL P 331 0.40 52.89 -82.17
CA VAL P 331 0.65 51.75 -81.27
C VAL P 331 1.67 52.14 -80.18
N CYS P 332 1.35 51.85 -78.94
CA CYS P 332 2.21 52.17 -77.82
C CYS P 332 2.69 50.91 -77.15
N ASN P 333 4.00 50.68 -77.21
CA ASN P 333 4.56 49.41 -76.77
C ASN P 333 5.49 49.59 -75.60
N HIS P 334 5.67 48.53 -74.81
CA HIS P 334 6.75 48.51 -73.85
C HIS P 334 7.03 47.13 -73.31
N ASP P 335 8.27 46.93 -72.85
CA ASP P 335 8.61 45.74 -72.11
C ASP P 335 8.97 46.16 -70.69
N GLU P 336 9.59 45.28 -69.91
CA GLU P 336 9.96 45.59 -68.54
C GLU P 336 10.62 46.95 -68.47
N PHE P 337 11.41 47.28 -69.50
CA PHE P 337 12.30 48.45 -69.40
C PHE P 337 12.10 49.64 -70.38
N SER P 338 11.54 49.42 -71.57
CA SER P 338 11.53 50.50 -72.57
C SER P 338 10.19 50.72 -73.32
N LEU P 339 9.90 51.98 -73.63
CA LEU P 339 8.75 52.40 -74.41
C LEU P 339 9.18 52.37 -75.84
N TRP P 340 8.25 52.06 -76.75
CA TRP P 340 8.44 52.44 -78.17
C TRP P 340 7.11 52.52 -78.92
N PHE P 341 7.11 53.28 -80.01
CA PHE P 341 5.91 53.69 -80.71
C PHE P 341 5.92 53.43 -82.20
N SER P 342 5.13 52.42 -82.60
CA SER P 342 4.88 52.06 -83.99
C SER P 342 3.41 52.27 -84.35
N ASN P 343 3.07 52.07 -85.60
CA ASN P 343 1.67 52.24 -85.97
C ASN P 343 1.02 51.07 -86.70
N VAL P 344 -0.24 51.28 -87.06
CA VAL P 344 -1.15 50.22 -87.50
C VAL P 344 -0.61 49.25 -88.55
N GLY P 345 -0.76 47.96 -88.25
CA GLY P 345 -0.41 46.90 -89.18
C GLY P 345 1.09 46.61 -89.29
N LYS P 346 1.88 47.23 -88.44
CA LYS P 346 3.34 47.14 -88.54
C LYS P 346 3.86 46.35 -87.37
N ASP P 347 5.15 46.00 -87.42
CA ASP P 347 5.86 45.36 -86.31
C ASP P 347 5.62 46.08 -84.97
N LYS P 348 5.02 45.34 -84.05
CA LYS P 348 4.86 45.81 -82.69
C LYS P 348 6.11 45.50 -81.86
N SER P 349 7.13 44.91 -82.47
CA SER P 349 8.36 44.60 -81.75
C SER P 349 9.23 45.83 -81.71
N ARG P 350 10.02 45.95 -80.64
CA ARG P 350 10.99 47.01 -80.56
C ARG P 350 11.99 46.74 -81.68
N SER P 351 12.13 47.71 -82.56
CA SER P 351 13.08 47.61 -83.64
C SER P 351 14.39 48.41 -83.31
N TYR P 352 15.48 48.02 -83.98
CA TYR P 352 16.78 48.69 -83.74
C TYR P 352 17.48 49.21 -85.01
N CYS P 353 18.55 50.01 -84.87
CA CYS P 353 19.31 50.51 -86.02
C CYS P 353 19.69 49.43 -87.02
N VAL P 354 19.24 49.57 -88.26
CA VAL P 354 19.63 48.67 -89.36
C VAL P 354 20.44 49.44 -90.45
N CYS P 355 20.38 50.77 -90.44
CA CYS P 355 21.16 51.65 -91.34
C CYS P 355 22.64 51.42 -91.05
N GLY P 356 22.95 51.00 -89.82
CA GLY P 356 24.31 50.84 -89.37
C GLY P 356 24.86 52.22 -89.07
N LEU P 357 24.11 53.25 -89.41
CA LEU P 357 24.61 54.60 -89.16
C LEU P 357 24.25 55.06 -87.76
N HIS P 358 23.02 54.80 -87.34
CA HIS P 358 22.55 55.08 -85.98
C HIS P 358 23.46 54.50 -84.88
N SER P 359 23.91 53.27 -85.04
CA SER P 359 24.78 52.66 -84.04
C SER P 359 26.22 53.23 -83.98
N MET P 360 26.64 53.91 -85.05
CA MET P 360 27.94 54.51 -85.10
C MET P 360 27.95 55.90 -84.49
N LEU P 361 26.89 56.69 -84.68
CA LEU P 361 26.92 58.08 -84.19
C LEU P 361 25.98 58.31 -83.01
N SER P 362 26.28 59.34 -82.24
CA SER P 362 25.34 59.85 -81.32
C SER P 362 24.31 60.78 -82.06
N ARG P 363 23.15 60.95 -81.43
CA ARG P 363 22.10 61.77 -81.98
C ARG P 363 22.65 63.15 -82.35
N GLN P 364 23.31 63.80 -81.40
CA GLN P 364 23.86 65.14 -81.62
C GLN P 364 24.75 65.21 -82.86
N THR P 365 25.41 64.10 -83.15
CA THR P 365 26.33 64.01 -84.27
C THR P 365 25.54 63.79 -85.55
N VAL P 366 24.46 63.02 -85.46
CA VAL P 366 23.56 62.88 -86.59
C VAL P 366 22.97 64.24 -86.88
N TYR P 367 22.63 64.99 -85.85
CA TYR P 367 22.18 66.35 -86.12
C TYR P 367 23.30 66.95 -86.95
N HIS P 368 24.49 67.00 -86.33
CA HIS P 368 25.62 67.69 -86.88
C HIS P 368 25.83 67.51 -88.34
N VAL P 369 25.61 66.30 -88.84
CA VAL P 369 25.89 65.97 -90.24
C VAL P 369 24.72 66.36 -91.19
N ASN P 370 23.48 66.18 -90.74
CA ASN P 370 22.33 66.71 -91.49
C ASN P 370 22.49 68.21 -91.56
N GLU P 371 22.84 68.85 -90.45
CA GLU P 371 23.15 70.29 -90.44
C GLU P 371 24.12 70.64 -91.57
N MET P 372 25.30 70.02 -91.53
CA MET P 372 26.36 70.34 -92.46
C MET P 372 25.87 70.19 -93.91
N PHE P 373 25.39 69.00 -94.27
CA PHE P 373 24.72 68.75 -95.54
C PHE P 373 23.83 69.91 -96.05
N GLU P 374 23.06 70.53 -95.15
CA GLU P 374 22.23 71.68 -95.50
C GLU P 374 23.01 72.97 -95.71
N ASN P 375 23.91 73.30 -94.79
CA ASN P 375 24.62 74.60 -94.79
C ASN P 375 25.23 75.04 -96.12
N GLN P 376 24.68 76.09 -96.74
CA GLN P 376 25.22 76.54 -98.02
C GLN P 376 26.49 77.35 -97.76
N LYS P 377 26.48 78.24 -96.77
CA LYS P 377 27.69 78.96 -96.39
C LYS P 377 28.90 77.99 -96.43
N PHE P 378 28.73 76.89 -95.69
CA PHE P 378 29.76 75.89 -95.48
C PHE P 378 30.05 75.18 -96.79
N LYS P 379 29.00 74.84 -97.53
CA LYS P 379 29.17 74.16 -98.83
C LYS P 379 29.85 75.06 -99.87
N ASP P 380 29.62 76.37 -99.77
CA ASP P 380 30.24 77.30 -100.69
C ASP P 380 31.77 77.20 -100.55
N GLU P 381 32.28 77.38 -99.33
CA GLU P 381 33.73 77.25 -99.08
C GLU P 381 34.34 75.90 -99.47
N VAL P 382 33.62 74.86 -99.11
CA VAL P 382 34.04 73.52 -99.39
C VAL P 382 34.25 73.35 -100.89
N ASP P 383 33.46 74.09 -101.68
CA ASP P 383 33.54 74.06 -103.12
C ASP P 383 34.73 74.88 -103.56
N LYS P 384 34.79 76.08 -103.01
CA LYS P 384 35.86 77.02 -103.28
C LYS P 384 37.23 76.37 -103.05
N LEU P 385 37.35 75.46 -102.06
CA LEU P 385 38.65 74.87 -101.78
C LEU P 385 38.86 73.67 -102.67
N SER P 386 37.76 73.03 -103.04
CA SER P 386 37.88 71.81 -103.83
C SER P 386 38.14 71.98 -105.33
N LYS P 387 37.60 73.05 -105.92
CA LYS P 387 37.47 73.16 -107.38
C LYS P 387 38.57 72.48 -108.24
N GLY P 388 38.15 71.48 -109.01
CA GLY P 388 39.04 70.74 -109.90
C GLY P 388 40.28 70.14 -109.24
N LEU P 389 40.27 70.05 -107.91
CA LEU P 389 41.45 69.56 -107.21
C LEU P 389 41.37 68.09 -106.89
N HIS P 390 42.54 67.49 -106.67
CA HIS P 390 42.61 66.29 -105.83
C HIS P 390 42.49 66.81 -104.43
N VAL P 391 41.50 66.29 -103.70
CA VAL P 391 41.39 66.62 -102.27
C VAL P 391 41.41 65.37 -101.41
N ALA P 392 42.17 65.43 -100.31
CA ALA P 392 42.23 64.33 -99.37
C ALA P 392 41.48 64.71 -98.11
N THR P 393 40.96 63.69 -97.44
CA THR P 393 40.17 63.92 -96.22
C THR P 393 40.62 63.05 -95.04
N VAL P 394 40.72 63.69 -93.87
CA VAL P 394 40.98 62.97 -92.64
C VAL P 394 39.97 63.29 -91.56
N GLY P 395 39.57 62.23 -90.84
CA GLY P 395 38.62 62.33 -89.74
C GLY P 395 38.23 60.90 -89.60
N GLU P 396 37.34 60.57 -88.68
CA GLU P 396 36.81 59.20 -88.62
C GLU P 396 35.28 59.37 -88.56
N GLY P 397 34.57 58.93 -89.59
CA GLY P 397 33.12 59.20 -89.72
C GLY P 397 32.81 60.67 -90.05
N SER P 398 33.72 61.28 -90.79
CA SER P 398 33.49 62.62 -91.25
C SER P 398 32.91 62.49 -92.67
N PHE P 399 31.95 63.35 -92.98
CA PHE P 399 31.32 63.34 -94.30
C PHE P 399 31.89 64.34 -95.29
N LEU P 400 32.85 65.15 -94.85
CA LEU P 400 33.37 66.21 -95.71
C LEU P 400 33.52 65.79 -97.16
N GLY P 401 34.19 64.68 -97.39
CA GLY P 401 34.62 64.30 -98.73
C GLY P 401 33.45 64.09 -99.65
N LEU P 402 32.29 63.75 -99.07
CA LEU P 402 31.07 63.65 -99.88
C LEU P 402 30.64 65.02 -100.39
N LEU P 403 30.72 66.06 -99.57
CA LEU P 403 30.53 67.41 -100.06
C LEU P 403 31.59 67.73 -101.14
N ALA P 404 32.85 67.89 -100.74
CA ALA P 404 33.98 68.03 -101.66
C ALA P 404 33.85 67.47 -103.09
N ALA P 405 33.32 66.24 -103.22
CA ALA P 405 33.22 65.54 -104.50
C ALA P 405 32.44 66.33 -105.54
N LYS P 406 31.73 67.35 -105.04
CA LYS P 406 30.93 68.30 -105.81
C LYS P 406 31.78 68.99 -106.86
N THR P 407 32.80 69.70 -106.39
CA THR P 407 33.68 70.53 -107.19
C THR P 407 35.05 69.92 -107.48
N ALA P 408 35.45 68.91 -106.73
CA ALA P 408 36.80 68.43 -106.88
C ALA P 408 36.97 67.46 -108.03
N LYS P 409 38.04 67.64 -108.78
CA LYS P 409 38.43 66.68 -109.79
C LYS P 409 38.43 65.32 -109.15
N ARG P 410 39.01 65.24 -107.96
CA ARG P 410 39.15 63.96 -107.26
C ARG P 410 39.16 64.11 -105.72
N VAL P 411 38.45 63.20 -105.04
CA VAL P 411 38.47 63.13 -103.57
C VAL P 411 38.99 61.81 -103.04
N THR P 412 40.00 61.91 -102.17
CA THR P 412 40.46 60.75 -101.38
C THR P 412 40.03 60.86 -99.89
N ILE P 413 39.30 59.85 -99.46
CA ILE P 413 38.72 59.79 -98.12
C ILE P 413 39.50 58.77 -97.33
N ILE P 414 40.21 59.26 -96.31
CA ILE P 414 41.02 58.41 -95.43
C ILE P 414 40.20 58.16 -94.19
N ASP P 415 39.84 56.90 -94.02
CA ASP P 415 39.07 56.56 -92.85
C ASP P 415 39.49 55.19 -92.31
N GLY P 416 40.00 55.18 -91.07
CA GLY P 416 40.52 53.96 -90.40
C GLY P 416 39.43 52.95 -90.07
N ASN P 417 38.20 53.44 -89.87
CA ASN P 417 37.08 52.64 -89.40
C ASN P 417 36.45 51.91 -90.57
N GLU P 418 36.29 50.59 -90.46
CA GLU P 418 35.73 49.79 -91.54
C GLU P 418 34.24 50.05 -91.75
N ARG P 419 33.50 50.34 -90.68
CA ARG P 419 32.04 50.48 -90.77
C ARG P 419 31.73 51.80 -91.47
N PHE P 420 32.55 52.82 -91.22
CA PHE P 420 32.40 54.05 -91.95
C PHE P 420 32.76 53.94 -93.43
N ARG P 421 33.86 53.29 -93.73
CA ARG P 421 34.20 53.12 -95.14
C ARG P 421 33.05 52.43 -95.88
N ASP P 422 32.51 51.37 -95.29
CA ASP P 422 31.40 50.59 -95.87
C ASP P 422 30.18 51.52 -96.16
N ILE P 423 29.83 52.37 -95.19
CA ILE P 423 28.83 53.40 -95.33
C ILE P 423 29.17 54.42 -96.38
N PHE P 424 30.43 54.90 -96.40
CA PHE P 424 30.83 55.85 -97.41
C PHE P 424 30.78 55.22 -98.78
N PHE P 425 31.03 53.93 -98.89
CA PHE P 425 30.96 53.31 -100.20
C PHE P 425 29.50 53.27 -100.66
N LYS P 426 28.60 53.15 -99.67
CA LYS P 426 27.19 53.03 -99.94
C LYS P 426 26.62 54.28 -100.59
N TYR P 427 27.15 55.44 -100.21
CA TYR P 427 26.82 56.71 -100.83
C TYR P 427 27.41 56.85 -102.22
N ILE P 428 28.65 56.43 -102.38
CA ILE P 428 29.34 56.51 -103.67
C ILE P 428 28.65 55.64 -104.71
N HIS P 429 28.06 54.53 -104.25
CA HIS P 429 27.23 53.70 -105.09
C HIS P 429 25.88 54.32 -105.37
N TYR P 430 25.18 54.71 -104.31
CA TYR P 430 23.81 55.21 -104.45
C TYR P 430 23.76 56.42 -105.39
N TYR P 431 24.68 57.35 -105.19
CA TYR P 431 24.76 58.58 -105.95
C TYR P 431 25.76 58.52 -107.12
N LYS P 432 26.13 57.31 -107.52
CA LYS P 432 27.15 57.08 -108.59
C LYS P 432 28.13 58.25 -108.73
N LEU P 433 28.85 58.60 -107.66
CA LEU P 433 29.81 59.69 -107.75
C LEU P 433 31.05 59.14 -108.40
N THR P 434 31.70 59.91 -109.25
CA THR P 434 32.75 59.35 -110.11
C THR P 434 34.17 59.68 -109.65
N ASN P 435 34.29 60.78 -108.90
CA ASN P 435 35.58 61.29 -108.47
C ASN P 435 35.96 61.04 -106.97
N VAL P 436 35.50 59.94 -106.36
CA VAL P 436 35.91 59.63 -104.94
C VAL P 436 36.32 58.17 -104.62
N GLU P 437 37.29 58.02 -103.71
CA GLU P 437 37.83 56.73 -103.33
C GLU P 437 38.10 56.72 -101.84
N ILE P 438 38.13 55.54 -101.27
CA ILE P 438 38.31 55.42 -99.83
C ILE P 438 39.51 54.54 -99.53
N ILE P 439 40.29 54.93 -98.53
CA ILE P 439 41.45 54.13 -98.13
C ILE P 439 41.47 54.08 -96.63
N GLU P 440 41.98 52.97 -96.09
CA GLU P 440 42.12 52.77 -94.64
C GLU P 440 43.17 53.65 -93.99
N LYS P 441 44.42 53.56 -94.47
CA LYS P 441 45.53 54.18 -93.74
C LYS P 441 46.00 55.42 -94.46
N VAL P 442 46.38 56.44 -93.70
CA VAL P 442 46.89 57.70 -94.23
C VAL P 442 48.14 57.46 -95.12
N THR P 443 49.02 56.60 -94.65
CA THR P 443 50.21 56.25 -95.43
C THR P 443 49.87 55.75 -96.85
N SER P 444 48.65 55.26 -97.05
CA SER P 444 48.25 54.82 -98.39
C SER P 444 47.88 55.98 -99.33
N LEU P 445 47.87 57.20 -98.85
CA LEU P 445 47.70 58.36 -99.76
C LEU P 445 49.03 58.63 -100.49
N THR P 446 49.39 57.70 -101.35
CA THR P 446 50.74 57.58 -101.84
C THR P 446 51.05 58.60 -102.91
N ASP P 447 50.02 58.92 -103.70
CA ASP P 447 50.04 60.09 -104.59
C ASP P 447 49.92 61.36 -103.75
N SER P 448 50.41 62.47 -104.25
CA SER P 448 50.38 63.69 -103.45
C SER P 448 49.11 64.48 -103.69
N PRO P 449 48.32 64.71 -102.63
CA PRO P 449 47.10 65.56 -102.76
C PRO P 449 47.45 67.00 -103.11
N ASP P 450 46.46 67.88 -103.31
CA ASP P 450 46.66 69.31 -103.58
C ASP P 450 46.21 70.14 -102.39
N ILE P 451 45.34 69.54 -101.60
CA ILE P 451 44.82 70.18 -100.42
C ILE P 451 44.20 69.08 -99.61
N VAL P 452 44.02 69.32 -98.32
CA VAL P 452 43.42 68.32 -97.48
C VAL P 452 42.57 69.03 -96.49
N LEU P 453 41.37 68.48 -96.41
CA LEU P 453 40.25 69.12 -95.85
C LEU P 453 39.77 68.20 -94.74
N ALA P 454 39.34 68.84 -93.67
CA ALA P 454 38.92 68.18 -92.47
C ALA P 454 38.10 69.22 -91.74
N GLU P 455 37.23 68.72 -90.85
CA GLU P 455 36.35 69.54 -90.07
C GLU P 455 37.06 70.11 -88.83
N PRO P 456 37.89 69.31 -88.12
CA PRO P 456 38.20 67.87 -88.19
C PRO P 456 37.21 67.14 -87.32
N PHE P 457 36.92 65.90 -87.68
CA PHE P 457 36.01 65.15 -86.88
C PHE P 457 36.31 63.68 -86.75
N TYR P 458 36.55 63.25 -85.50
CA TYR P 458 36.84 61.85 -85.18
C TYR P 458 35.84 61.32 -84.14
N MET P 459 34.98 60.39 -84.54
CA MET P 459 33.90 59.89 -83.65
C MET P 459 34.41 59.37 -82.34
N SER P 460 35.56 58.73 -82.40
CA SER P 460 36.30 58.20 -81.24
C SER P 460 36.67 59.20 -80.13
N ALA P 461 36.83 60.47 -80.46
CA ALA P 461 37.18 61.52 -79.48
C ALA P 461 36.42 61.36 -78.17
N MET P 462 37.16 61.12 -77.08
CA MET P 462 36.54 60.86 -75.76
C MET P 462 35.82 62.08 -75.26
N ASN P 463 36.42 63.23 -75.53
CA ASN P 463 35.86 64.50 -75.13
C ASN P 463 35.49 65.28 -76.37
N PRO P 464 34.30 65.88 -76.36
CA PRO P 464 33.80 66.42 -77.59
C PRO P 464 34.62 67.62 -77.99
N TRP P 465 35.30 68.23 -77.02
CA TRP P 465 36.27 69.31 -77.29
C TRP P 465 37.62 68.87 -77.81
N ASN P 466 37.84 67.58 -77.93
CA ASN P 466 39.15 67.17 -78.38
C ASN P 466 39.12 66.20 -79.54
N HIS P 467 39.33 66.72 -80.74
CA HIS P 467 39.34 65.90 -81.95
C HIS P 467 40.73 66.05 -82.50
N LEU P 468 41.63 66.47 -81.62
CA LEU P 468 43.02 66.71 -82.00
C LEU P 468 43.76 65.54 -82.60
N ARG P 469 43.12 64.37 -82.71
CA ARG P 469 43.74 63.34 -83.51
C ARG P 469 44.14 63.91 -84.88
N PHE P 470 43.41 64.90 -85.34
CA PHE P 470 43.73 65.70 -86.52
C PHE P 470 45.23 65.92 -86.63
N LEU P 471 45.76 66.73 -85.72
CA LEU P 471 47.19 67.09 -85.60
C LEU P 471 48.15 66.00 -86.09
N TYR P 472 47.94 64.79 -85.60
CA TYR P 472 48.79 63.64 -85.85
C TYR P 472 48.66 63.12 -87.25
N ASP P 473 47.46 63.22 -87.80
CA ASP P 473 47.20 62.86 -89.22
C ASP P 473 47.87 63.91 -90.14
N VAL P 474 47.84 65.16 -89.74
CA VAL P 474 48.49 66.19 -90.54
C VAL P 474 50.01 65.92 -90.67
N GLU P 475 50.64 65.74 -89.52
CA GLU P 475 52.03 65.41 -89.37
C GLU P 475 52.38 64.25 -90.30
N VAL P 476 51.68 63.12 -90.23
CA VAL P 476 51.98 62.02 -91.12
C VAL P 476 51.88 62.50 -92.58
N LEU P 477 50.99 63.45 -92.87
CA LEU P 477 50.78 63.87 -94.26
C LEU P 477 51.90 64.79 -94.76
N LYS P 478 52.13 65.90 -94.05
CA LYS P 478 53.24 66.83 -94.25
C LYS P 478 54.66 66.20 -94.23
N MET P 479 54.77 64.94 -93.81
CA MET P 479 56.05 64.24 -93.82
C MET P 479 56.20 63.38 -95.07
N MET P 480 55.08 62.90 -95.63
CA MET P 480 55.09 62.10 -96.86
C MET P 480 55.10 62.99 -98.09
N HIS P 481 54.47 64.16 -97.95
CA HIS P 481 54.45 65.21 -98.94
C HIS P 481 55.02 66.37 -98.19
N GLY P 482 55.08 67.57 -98.76
CA GLY P 482 55.87 68.63 -98.12
C GLY P 482 55.26 69.32 -96.90
N ASP P 483 55.97 70.30 -96.38
CA ASP P 483 55.45 71.17 -95.35
C ASP P 483 54.56 72.20 -96.02
N GLU P 484 54.39 72.05 -97.35
CA GLU P 484 53.78 73.05 -98.24
C GLU P 484 52.31 72.72 -98.37
N LEU P 485 52.06 71.41 -98.36
CA LEU P 485 50.74 70.83 -98.26
C LEU P 485 49.74 71.69 -97.48
N ARG P 486 48.76 72.13 -98.24
CA ARG P 486 47.72 73.03 -97.81
C ARG P 486 46.68 72.20 -97.12
N VAL P 487 46.46 72.51 -95.86
CA VAL P 487 45.53 71.74 -95.07
C VAL P 487 44.68 72.76 -94.37
N GLU P 488 43.40 72.42 -94.29
CA GLU P 488 42.39 73.26 -93.78
C GLU P 488 41.46 72.41 -92.91
N PRO P 489 41.01 72.96 -91.75
CA PRO P 489 41.33 74.27 -91.17
C PRO P 489 42.82 74.49 -90.93
N HIS P 490 43.23 75.75 -90.81
CA HIS P 490 44.63 76.13 -90.69
C HIS P 490 44.96 76.53 -89.26
N MET P 491 43.97 77.07 -88.55
CA MET P 491 44.13 77.34 -87.14
C MET P 491 43.06 76.60 -86.35
N GLY P 492 43.34 76.38 -85.07
CA GLY P 492 42.40 75.75 -84.17
C GLY P 492 42.62 76.43 -82.85
N VAL P 493 41.54 76.80 -82.17
CA VAL P 493 41.66 77.47 -80.89
C VAL P 493 40.61 76.94 -79.91
N LEU P 494 41.06 76.59 -78.70
CA LEU P 494 40.21 76.20 -77.56
C LEU P 494 39.74 77.47 -76.90
N LYS P 495 38.46 77.57 -76.58
CA LYS P 495 38.00 78.80 -75.89
C LYS P 495 37.16 78.50 -74.67
N ALA P 496 36.87 79.54 -73.89
CA ALA P 496 36.03 79.48 -72.73
C ALA P 496 35.45 80.85 -72.36
N ILE P 497 34.37 80.80 -71.62
CA ILE P 497 33.66 81.97 -71.15
C ILE P 497 33.14 81.67 -69.75
N PRO P 498 32.90 82.71 -68.94
CA PRO P 498 32.16 82.44 -67.72
C PRO P 498 30.67 82.61 -68.02
N GLU P 499 29.84 81.73 -67.50
CA GLU P 499 28.42 81.86 -67.71
C GLU P 499 27.70 81.55 -66.43
N LYS P 500 26.62 82.28 -66.18
CA LYS P 500 25.70 81.97 -65.12
C LYS P 500 24.53 81.23 -65.73
N PHE P 501 24.50 79.93 -65.53
CA PHE P 501 23.36 79.15 -65.89
C PHE P 501 22.22 79.36 -64.92
N GLU P 502 21.02 79.25 -65.45
CA GLU P 502 19.82 79.29 -64.64
C GLU P 502 19.76 78.14 -63.62
N ASP P 503 19.80 76.89 -64.09
CA ASP P 503 19.68 75.73 -63.20
C ASP P 503 20.77 74.62 -63.31
N LEU P 504 21.44 74.54 -64.46
CA LEU P 504 22.43 73.45 -64.68
C LEU P 504 23.28 73.14 -63.43
N GLN P 505 23.90 74.19 -62.89
CA GLN P 505 24.81 74.04 -61.76
C GLN P 505 24.35 73.04 -60.70
N ASN P 506 23.03 72.92 -60.54
CA ASN P 506 22.46 72.11 -59.50
C ASN P 506 22.78 70.64 -59.78
N ILE P 507 23.14 70.27 -61.01
CA ILE P 507 23.65 68.90 -61.19
C ILE P 507 25.00 68.66 -60.44
N ALA P 508 25.69 69.72 -60.04
CA ALA P 508 27.03 69.59 -59.48
C ALA P 508 27.29 70.21 -58.09
N SER P 509 26.54 71.25 -57.73
CA SER P 509 26.74 71.92 -56.43
C SER P 509 26.23 71.07 -55.27
N ASP P 510 26.62 71.45 -54.06
CA ASP P 510 26.39 70.67 -52.83
C ASP P 510 24.90 70.51 -52.42
N VAL P 511 24.61 69.42 -51.76
CA VAL P 511 23.24 69.02 -51.36
C VAL P 511 22.78 69.80 -50.13
N GLY P 512 23.60 69.85 -49.08
CA GLY P 512 23.38 70.73 -47.93
C GLY P 512 22.22 70.20 -47.13
N THR P 513 21.39 71.11 -46.62
CA THR P 513 20.20 70.74 -45.89
C THR P 513 19.07 70.57 -46.89
N VAL P 514 18.37 69.43 -46.81
CA VAL P 514 17.36 69.07 -47.81
C VAL P 514 16.06 68.69 -47.15
N ASN P 515 15.01 69.41 -47.51
CA ASN P 515 13.71 69.25 -46.88
C ASN P 515 13.82 69.22 -45.35
N GLY P 516 14.72 70.05 -44.80
CA GLY P 516 14.93 70.18 -43.36
C GLY P 516 16.04 69.31 -42.79
N PHE P 517 16.41 68.21 -43.47
CA PHE P 517 17.47 67.31 -42.97
C PHE P 517 18.87 67.62 -43.52
N ASP P 518 19.85 67.57 -42.63
CA ASP P 518 21.25 67.84 -42.98
C ASP P 518 21.82 66.65 -43.72
N LEU P 519 22.00 66.81 -45.05
CA LEU P 519 22.57 65.68 -45.81
C LEU P 519 24.05 65.93 -46.14
N SER P 520 24.66 66.79 -45.33
CA SER P 520 26.09 67.11 -45.47
C SER P 520 27.00 65.88 -45.38
N PHE P 521 26.58 64.82 -44.68
CA PHE P 521 27.38 63.59 -44.74
C PHE P 521 27.37 62.94 -46.11
N PHE P 522 26.28 63.09 -46.84
CA PHE P 522 26.31 62.50 -48.15
C PHE P 522 27.21 63.36 -49.06
N ASP P 523 27.10 64.69 -48.94
CA ASP P 523 27.96 65.60 -49.66
C ASP P 523 29.42 65.19 -49.50
N GLU P 524 29.76 64.73 -48.30
CA GLU P 524 31.12 64.29 -48.02
C GLU P 524 31.51 63.04 -48.83
N ILE P 525 30.69 62.01 -48.80
CA ILE P 525 31.06 60.82 -49.59
C ILE P 525 30.96 61.02 -51.11
N SER P 526 30.01 61.86 -51.54
CA SER P 526 29.84 62.27 -52.92
C SER P 526 31.07 63.01 -53.46
N THR P 527 31.48 64.04 -52.74
CA THR P 527 32.65 64.82 -53.11
C THR P 527 33.87 63.90 -53.23
N LYS P 528 34.04 62.99 -52.27
CA LYS P 528 35.22 62.16 -52.30
C LYS P 528 35.16 61.36 -53.57
N ALA P 529 34.01 60.74 -53.80
CA ALA P 529 33.85 59.80 -54.86
C ALA P 529 34.02 60.51 -56.19
N ARG P 530 33.42 61.70 -56.29
CA ARG P 530 33.53 62.50 -57.49
C ARG P 530 34.99 62.93 -57.72
N THR P 531 35.66 63.41 -56.68
CA THR P 531 37.08 63.76 -56.79
C THR P 531 37.88 62.54 -57.27
N ALA P 532 37.57 61.38 -56.73
CA ALA P 532 38.32 60.22 -57.11
C ALA P 532 38.01 59.71 -58.56
N THR P 533 36.84 60.02 -59.12
CA THR P 533 36.51 59.40 -60.41
C THR P 533 36.09 60.33 -61.52
N ASP P 534 35.54 61.50 -61.20
CA ASP P 534 35.01 62.37 -62.26
C ASP P 534 36.04 63.15 -63.03
N ALA P 535 35.76 63.36 -64.30
CA ALA P 535 36.55 64.28 -65.06
C ALA P 535 36.38 65.67 -64.41
N ILE P 536 37.35 66.55 -64.60
CA ILE P 536 37.27 67.89 -64.05
C ILE P 536 36.20 68.72 -64.79
N VAL P 537 36.09 68.47 -66.08
CA VAL P 537 35.12 69.10 -66.92
C VAL P 537 34.09 68.05 -67.33
N ASP P 538 32.83 68.37 -67.06
CA ASP P 538 31.72 67.55 -67.51
C ASP P 538 31.41 67.86 -68.99
N GLU P 539 30.67 66.97 -69.65
CA GLU P 539 30.14 67.25 -70.97
C GLU P 539 28.60 67.38 -70.93
N GLN P 540 28.08 68.39 -71.63
CA GLN P 540 26.64 68.62 -71.71
C GLN P 540 26.29 69.10 -73.09
N SER P 541 25.01 68.95 -73.44
CA SER P 541 24.44 69.60 -74.64
C SER P 541 23.94 70.97 -74.24
N LEU P 542 24.80 71.97 -74.42
CA LEU P 542 24.58 73.23 -73.72
C LEU P 542 23.26 73.90 -74.13
N TRP P 543 22.92 73.76 -75.41
CA TRP P 543 21.66 74.30 -75.91
C TRP P 543 20.43 73.88 -75.16
N GLU P 544 20.55 72.96 -74.21
CA GLU P 544 19.37 72.56 -73.42
C GLU P 544 19.38 73.20 -72.05
N TYR P 545 20.26 74.15 -71.87
CA TYR P 545 20.38 74.75 -70.55
C TYR P 545 20.55 76.22 -70.77
N ALA P 546 19.68 76.98 -70.12
CA ALA P 546 19.62 78.41 -70.36
C ALA P 546 20.44 79.10 -69.30
N GLY P 547 20.93 80.26 -69.67
CA GLY P 547 21.67 81.10 -68.74
C GLY P 547 22.29 82.20 -69.55
N ILE P 548 23.02 83.08 -68.85
CA ILE P 548 23.62 84.25 -69.49
C ILE P 548 25.13 84.35 -69.26
N VAL P 549 25.81 84.65 -70.35
CA VAL P 549 27.25 84.83 -70.42
C VAL P 549 27.61 86.07 -69.62
N LYS P 550 28.83 86.13 -69.13
CA LYS P 550 29.20 87.16 -68.14
C LYS P 550 30.55 87.85 -68.38
N GLY P 551 31.16 87.57 -69.53
CA GLY P 551 32.40 88.21 -69.98
C GLY P 551 32.71 87.88 -71.44
N ASP P 552 33.91 88.19 -71.89
CA ASP P 552 34.33 87.81 -73.22
C ASP P 552 34.85 86.36 -73.31
N ALA P 553 34.40 85.63 -74.32
CA ALA P 553 35.12 84.42 -74.73
C ALA P 553 36.65 84.65 -74.71
N VAL P 554 37.34 83.85 -73.89
CA VAL P 554 38.78 84.00 -73.74
C VAL P 554 39.49 82.82 -74.42
N GLU P 555 40.64 83.11 -75.02
CA GLU P 555 41.51 82.08 -75.60
C GLU P 555 42.21 81.30 -74.53
N ILE P 556 42.30 79.99 -74.73
CA ILE P 556 43.01 79.10 -73.85
C ILE P 556 44.21 78.57 -74.64
N LEU P 557 43.98 77.68 -75.58
CA LEU P 557 45.09 77.15 -76.38
C LEU P 557 44.90 77.52 -77.86
N ARG P 558 46.01 77.65 -78.59
CA ARG P 558 45.96 77.81 -80.04
C ARG P 558 46.66 76.62 -80.62
N PHE P 559 46.12 76.04 -81.69
CA PHE P 559 46.79 74.90 -82.32
C PHE P 559 46.96 75.11 -83.81
N PRO P 560 48.13 75.65 -84.25
CA PRO P 560 48.37 75.84 -85.67
C PRO P 560 48.52 74.52 -86.36
N ILE P 561 48.27 74.49 -87.66
CA ILE P 561 48.29 73.22 -88.36
C ILE P 561 49.45 73.14 -89.37
N ASP P 562 50.65 73.23 -88.81
CA ASP P 562 51.91 73.06 -89.52
C ASP P 562 52.34 71.58 -89.59
N GLY P 563 51.62 70.68 -88.90
CA GLY P 563 51.98 69.26 -88.90
C GLY P 563 53.27 69.01 -88.13
N ARG P 564 53.40 69.74 -87.04
CA ARG P 564 54.50 69.63 -86.11
C ARG P 564 53.88 69.73 -84.71
N VAL P 565 53.40 68.60 -84.18
CA VAL P 565 52.66 68.56 -82.92
C VAL P 565 53.54 68.72 -81.68
N SER P 566 53.15 69.62 -80.78
CA SER P 566 54.00 69.96 -79.63
C SER P 566 53.18 70.15 -78.36
N SER P 567 53.77 69.84 -77.21
CA SER P 567 53.05 70.00 -75.94
C SER P 567 52.82 71.46 -75.80
N GLN P 568 51.85 71.84 -74.99
CA GLN P 568 51.47 73.24 -74.86
C GLN P 568 50.81 73.36 -73.51
N LYS P 569 51.19 74.40 -72.79
CA LYS P 569 50.82 74.56 -71.39
C LYS P 569 50.38 76.00 -71.26
N CYS P 570 49.38 76.27 -70.42
CA CYS P 570 49.18 77.65 -70.01
C CYS P 570 48.19 77.88 -68.89
N VAL P 571 48.23 79.08 -68.38
CA VAL P 571 47.38 79.53 -67.31
C VAL P 571 46.76 80.84 -67.79
N VAL P 572 45.42 80.86 -67.82
CA VAL P 572 44.65 82.06 -68.18
C VAL P 572 43.82 82.53 -67.00
N ASN P 573 43.33 83.76 -67.08
CA ASN P 573 42.39 84.24 -66.10
C ASN P 573 40.96 84.39 -66.58
N ILE P 574 40.05 83.79 -65.81
CA ILE P 574 38.61 83.90 -66.00
C ILE P 574 38.03 84.83 -64.91
N ASP P 575 37.69 86.06 -65.31
CA ASP P 575 37.07 87.04 -64.43
C ASP P 575 35.55 87.07 -64.53
N ASN P 576 34.96 87.87 -63.62
CA ASN P 576 33.50 87.98 -63.42
C ASN P 576 32.88 86.64 -62.97
N MET P 577 33.60 85.93 -62.10
CA MET P 577 33.13 84.60 -61.70
C MET P 577 32.23 84.70 -60.47
N SER P 578 32.41 85.78 -59.72
CA SER P 578 31.49 86.18 -58.65
C SER P 578 30.02 86.24 -59.11
N SER P 579 29.80 86.64 -60.35
CA SER P 579 28.46 86.66 -60.89
C SER P 579 28.23 85.59 -61.99
N SER P 580 29.06 84.53 -61.96
CA SER P 580 28.89 83.35 -62.83
C SER P 580 28.71 82.11 -61.96
N ASN P 581 28.22 81.05 -62.57
CA ASN P 581 28.30 79.77 -61.85
C ASN P 581 28.99 78.61 -62.63
N ALA P 582 29.61 78.89 -63.77
CA ALA P 582 30.13 77.79 -64.60
C ALA P 582 31.04 78.30 -65.69
N ILE P 583 31.77 77.38 -66.33
CA ILE P 583 32.73 77.74 -67.36
C ILE P 583 32.66 76.73 -68.52
N PRO P 584 31.90 77.08 -69.55
CA PRO P 584 31.84 76.25 -70.73
C PRO P 584 33.14 76.31 -71.50
N MET P 585 33.48 75.20 -72.16
CA MET P 585 34.56 75.28 -73.12
C MET P 585 34.25 74.62 -74.46
N TRP P 586 34.79 75.18 -75.53
CA TRP P 586 34.62 74.60 -76.86
C TRP P 586 35.74 74.99 -77.74
N MET P 587 35.72 74.36 -78.90
CA MET P 587 36.73 74.52 -79.93
C MET P 587 36.23 75.28 -81.17
N GLU P 588 37.11 76.12 -81.72
CA GLU P 588 36.81 76.81 -82.98
C GLU P 588 37.90 76.57 -84.03
N TRP P 589 37.49 76.49 -85.29
CA TRP P 589 38.45 76.28 -86.34
C TRP P 589 38.34 77.32 -87.38
N GLU P 590 39.42 77.53 -88.11
CA GLU P 590 39.43 78.49 -89.20
C GLU P 590 39.63 77.66 -90.43
N PHE P 591 38.52 77.42 -91.11
CA PHE P 591 38.43 76.50 -92.21
C PHE P 591 38.37 77.35 -93.47
N GLY P 592 39.55 77.61 -94.03
CA GLY P 592 39.68 78.51 -95.14
C GLY P 592 39.16 79.83 -94.64
N GLY P 593 38.27 80.43 -95.42
CA GLY P 593 37.72 81.76 -95.12
C GLY P 593 36.78 81.82 -93.95
N ILE P 594 36.30 80.67 -93.47
CA ILE P 594 35.27 80.69 -92.43
C ILE P 594 35.66 80.12 -91.06
N ASN P 595 34.90 80.57 -90.05
CA ASN P 595 35.08 80.16 -88.68
C ASN P 595 33.99 79.21 -88.18
N LEU P 596 34.31 77.91 -88.11
CA LEU P 596 33.50 76.89 -87.38
C LEU P 596 33.69 76.98 -85.88
N SER P 597 32.66 76.63 -85.12
CA SER P 597 32.76 76.61 -83.67
C SER P 597 31.93 75.47 -83.15
N THR P 598 32.54 74.56 -82.38
CA THR P 598 31.83 73.37 -81.91
C THR P 598 31.01 73.76 -80.71
N GLY P 599 31.08 75.04 -80.38
CA GLY P 599 30.31 75.54 -79.26
C GLY P 599 29.61 76.85 -79.58
N LEU P 600 30.01 77.88 -78.82
CA LEU P 600 29.41 79.17 -78.85
C LEU P 600 29.24 79.53 -80.29
N LEU P 601 27.98 79.82 -80.69
CA LEU P 601 27.70 80.17 -82.08
C LEU P 601 27.52 81.67 -82.19
N SER P 602 26.97 82.28 -81.14
CA SER P 602 26.75 83.72 -81.04
C SER P 602 26.38 84.09 -79.60
N ILE P 603 26.24 85.40 -79.33
CA ILE P 603 25.76 85.94 -78.05
C ILE P 603 24.89 87.21 -78.27
N SER P 604 23.68 87.22 -77.72
CA SER P 604 22.71 88.35 -77.86
C SER P 604 22.83 89.49 -76.84
N SER P 605 22.62 90.72 -77.31
CA SER P 605 22.39 91.94 -76.46
C SER P 605 23.05 92.14 -75.06
N ALA P 606 22.42 91.93 -73.89
CA ALA P 606 21.41 90.92 -73.43
C ALA P 606 22.18 89.76 -72.77
N GLY P 607 23.03 89.11 -73.55
CA GLY P 607 23.99 88.13 -73.07
C GLY P 607 23.40 86.74 -73.07
N VAL P 608 22.74 86.35 -74.15
CA VAL P 608 22.27 84.98 -74.30
C VAL P 608 23.05 84.29 -75.42
N PRO P 609 23.71 83.13 -75.07
CA PRO P 609 24.54 82.32 -75.96
C PRO P 609 23.79 81.30 -76.81
N GLU P 610 24.22 81.13 -78.05
CA GLU P 610 23.71 80.04 -78.86
C GLU P 610 24.81 78.97 -79.04
N TRP P 611 24.42 77.72 -78.81
CA TRP P 611 25.33 76.60 -78.83
C TRP P 611 25.07 75.71 -80.01
N ASN P 612 26.14 75.14 -80.55
CA ASN P 612 26.00 74.15 -81.58
C ASN P 612 25.25 72.98 -80.99
N LYS P 613 24.32 72.42 -81.77
CA LYS P 613 23.45 71.34 -81.31
C LYS P 613 24.04 70.06 -81.85
N GLY P 614 25.03 70.19 -82.71
CA GLY P 614 25.73 69.05 -83.32
C GLY P 614 26.79 68.44 -82.42
N TYR P 615 26.96 69.03 -81.22
CA TYR P 615 28.09 68.74 -80.32
C TYR P 615 27.68 68.89 -78.88
N LYS P 616 28.29 68.11 -77.99
CA LYS P 616 28.31 68.47 -76.57
C LYS P 616 29.45 69.47 -76.26
N GLN P 617 29.26 70.36 -75.29
CA GLN P 617 30.35 71.26 -74.87
C GLN P 617 30.91 70.81 -73.55
N GLY P 618 32.20 71.08 -73.31
CA GLY P 618 32.75 70.92 -71.98
C GLY P 618 32.13 71.96 -71.09
N VAL P 619 31.98 71.69 -69.79
CA VAL P 619 31.64 72.73 -68.84
C VAL P 619 32.24 72.36 -67.51
N TYR P 620 32.81 73.35 -66.84
CA TYR P 620 33.33 73.13 -65.52
C TYR P 620 32.55 73.84 -64.41
N PHE P 621 32.23 73.13 -63.34
CA PHE P 621 31.48 73.74 -62.24
C PHE P 621 32.41 73.98 -61.08
N PRO P 622 32.65 75.29 -60.77
CA PRO P 622 33.52 75.66 -59.67
C PRO P 622 33.12 74.85 -58.47
N ILE P 623 34.02 73.96 -58.04
CA ILE P 623 33.87 73.19 -56.82
C ILE P 623 33.66 74.13 -55.62
N THR P 624 33.36 73.57 -54.49
CA THR P 624 32.78 74.41 -53.49
C THR P 624 33.73 75.44 -52.87
N ALA P 625 35.00 75.12 -52.75
CA ALA P 625 35.96 76.06 -52.16
C ALA P 625 36.17 77.29 -53.05
N LEU P 626 35.98 77.11 -54.35
CA LEU P 626 36.18 78.19 -55.30
C LEU P 626 34.91 79.00 -55.51
N ARG P 627 33.77 78.40 -55.13
CA ARG P 627 32.49 78.87 -55.66
C ARG P 627 32.17 80.35 -55.45
N ASN P 628 32.99 81.06 -54.68
CA ASN P 628 32.71 82.44 -54.48
C ASN P 628 33.71 83.40 -55.06
N ASP P 629 34.83 82.89 -55.54
CA ASP P 629 35.91 83.75 -55.94
C ASP P 629 35.54 84.70 -57.11
N LYS P 630 36.00 85.94 -57.02
CA LYS P 630 35.81 86.92 -58.09
C LYS P 630 36.40 86.45 -59.44
N SER P 631 37.50 85.72 -59.34
CA SER P 631 38.30 85.31 -60.47
C SER P 631 38.89 83.93 -60.22
N LEU P 632 39.03 83.17 -61.30
CA LEU P 632 39.63 81.84 -61.19
C LEU P 632 40.68 81.64 -62.29
N CYS P 633 41.58 80.71 -62.01
CA CYS P 633 42.70 80.41 -62.87
C CYS P 633 42.49 79.05 -63.49
N LEU P 634 42.64 79.01 -64.80
CA LEU P 634 42.52 77.77 -65.56
C LEU P 634 43.90 77.32 -66.02
N HIS P 635 44.29 76.10 -65.64
CA HIS P 635 45.53 75.47 -66.08
C HIS P 635 45.18 74.45 -67.11
N ALA P 636 45.71 74.60 -68.33
CA ALA P 636 45.44 73.64 -69.38
C ALA P 636 46.76 73.12 -69.92
N LEU P 637 46.81 71.84 -70.26
CA LEU P 637 47.99 71.31 -70.83
C LEU P 637 47.63 70.36 -71.93
N PHE P 638 48.04 70.70 -73.13
CA PHE P 638 47.96 69.74 -74.19
C PHE P 638 49.21 68.88 -74.09
N ASP P 639 49.00 67.60 -73.92
CA ASP P 639 50.07 66.66 -73.76
C ASP P 639 50.26 65.92 -75.08
N LYS P 640 51.25 66.39 -75.83
CA LYS P 640 51.66 65.78 -77.12
C LYS P 640 51.78 64.26 -77.11
N SER P 641 51.84 63.67 -75.93
CA SER P 641 52.18 62.26 -75.83
C SER P 641 50.95 61.40 -75.78
N THR P 642 49.85 61.98 -75.32
CA THR P 642 48.60 61.24 -75.18
C THR P 642 47.59 61.76 -76.19
N GLY P 643 47.77 63.01 -76.62
CA GLY P 643 46.75 63.71 -77.42
C GLY P 643 45.77 64.42 -76.49
N ASP P 644 45.95 64.25 -75.18
CA ASP P 644 44.95 64.73 -74.27
C ASP P 644 45.15 66.18 -73.91
N ILE P 645 44.04 66.86 -73.55
CA ILE P 645 44.09 68.15 -72.89
C ILE P 645 43.63 67.98 -71.45
N ASN P 646 44.51 68.27 -70.48
CA ASN P 646 44.19 68.13 -69.05
C ASN P 646 44.00 69.50 -68.44
N PHE P 647 43.02 69.62 -67.57
CA PHE P 647 42.65 70.89 -66.97
C PHE P 647 42.83 70.91 -65.49
N GLN P 648 43.06 72.09 -64.92
CA GLN P 648 42.81 72.25 -63.51
C GLN P 648 42.31 73.63 -63.20
N PHE P 649 41.43 73.70 -62.20
CA PHE P 649 40.82 74.95 -61.88
C PHE P 649 41.24 75.37 -60.47
N GLY P 650 41.67 76.62 -60.35
CA GLY P 650 42.18 77.13 -59.07
C GLY P 650 41.89 78.59 -58.83
N LYS P 651 42.44 79.05 -57.71
CA LYS P 651 42.16 80.38 -57.16
C LYS P 651 42.80 81.55 -57.94
N SER P 652 44.01 81.98 -57.58
CA SER P 652 44.70 83.06 -58.31
C SER P 652 46.21 83.13 -58.04
N MET Q 9 25.57 41.77 -102.44
CA MET Q 9 25.28 43.23 -102.71
C MET Q 9 26.50 44.07 -103.16
N PHE Q 10 26.47 44.61 -104.37
CA PHE Q 10 27.65 45.28 -104.95
C PHE Q 10 27.62 46.79 -105.04
N LEU Q 11 28.72 47.45 -104.68
CA LEU Q 11 28.74 48.90 -104.71
C LEU Q 11 29.75 49.41 -105.71
N GLU Q 12 29.25 49.83 -106.87
CA GLU Q 12 30.05 50.49 -107.91
C GLU Q 12 30.82 51.69 -107.37
N LYS Q 13 32.10 51.76 -107.73
CA LYS Q 13 32.95 52.94 -107.60
C LYS Q 13 33.83 52.96 -108.85
N ILE Q 14 34.43 54.13 -109.12
CA ILE Q 14 35.29 54.33 -110.29
C ILE Q 14 36.74 54.50 -109.82
N ASN Q 15 37.59 53.57 -110.26
CA ASN Q 15 39.03 53.62 -110.02
C ASN Q 15 39.60 54.96 -110.44
N GLN Q 16 40.03 55.75 -109.46
CA GLN Q 16 40.61 57.07 -109.73
C GLN Q 16 41.90 57.11 -110.53
N LYS Q 17 42.43 55.96 -110.92
CA LYS Q 17 43.64 55.97 -111.75
C LYS Q 17 43.26 55.54 -113.16
N THR Q 18 42.86 54.28 -113.31
CA THR Q 18 42.42 53.70 -114.59
C THR Q 18 41.08 54.24 -115.16
N GLY Q 19 40.32 54.99 -114.35
CA GLY Q 19 38.95 55.41 -114.73
C GLY Q 19 37.88 54.31 -114.85
N GLU Q 20 38.21 53.06 -114.48
CA GLU Q 20 37.32 51.89 -114.68
C GLU Q 20 36.27 51.61 -113.60
N ARG Q 21 35.12 51.15 -114.06
CA ARG Q 21 33.99 50.78 -113.20
C ARG Q 21 34.40 49.59 -112.32
N GLU Q 22 34.47 49.85 -111.01
CA GLU Q 22 34.79 48.79 -110.03
C GLU Q 22 33.72 48.64 -108.97
N TRP Q 23 33.70 47.49 -108.29
CA TRP Q 23 32.84 47.35 -107.12
C TRP Q 23 33.49 46.81 -105.88
N VAL Q 24 32.79 47.03 -104.79
CA VAL Q 24 33.24 46.63 -103.50
C VAL Q 24 32.01 46.10 -102.76
N VAL Q 25 32.25 45.37 -101.67
CA VAL Q 25 31.18 44.91 -100.83
C VAL Q 25 31.39 45.34 -99.39
N ALA Q 26 30.32 45.29 -98.61
CA ALA Q 26 30.38 45.66 -97.23
C ALA Q 26 31.02 44.48 -96.54
N GLU Q 27 31.71 44.71 -95.42
CA GLU Q 27 32.42 43.66 -94.71
C GLU Q 27 31.61 42.42 -94.33
N GLU Q 28 30.34 42.59 -93.99
CA GLU Q 28 29.45 41.44 -93.78
C GLU Q 28 29.43 40.47 -94.97
N ASP Q 29 29.54 41.04 -96.16
CA ASP Q 29 29.38 40.32 -97.43
C ASP Q 29 30.66 39.76 -98.03
N TYR Q 30 31.79 40.23 -97.50
CA TYR Q 30 33.09 40.01 -98.09
C TYR Q 30 33.35 38.54 -98.39
N ASP Q 31 32.93 37.69 -97.46
CA ASP Q 31 33.25 36.27 -97.50
C ASP Q 31 32.44 35.52 -98.51
N MET Q 32 31.16 35.90 -98.61
CA MET Q 32 30.34 35.27 -99.65
C MET Q 32 30.78 35.86 -101.01
N ALA Q 33 31.17 37.13 -101.04
CA ALA Q 33 31.76 37.67 -102.25
C ALA Q 33 32.97 36.83 -102.66
N GLN Q 34 33.89 36.65 -101.72
CA GLN Q 34 35.02 35.73 -101.87
C GLN Q 34 34.63 34.41 -102.51
N GLU Q 35 33.64 33.74 -101.95
CA GLU Q 35 33.30 32.38 -102.39
C GLU Q 35 32.66 32.38 -103.78
N LEU Q 36 31.84 33.40 -104.04
CA LEU Q 36 31.27 33.67 -105.35
C LEU Q 36 32.34 33.96 -106.39
N ALA Q 37 33.38 34.70 -106.04
CA ALA Q 37 34.52 34.93 -106.97
C ALA Q 37 35.21 33.63 -107.43
N ARG Q 38 35.21 32.61 -106.58
CA ARG Q 38 35.83 31.35 -106.89
C ARG Q 38 34.86 30.39 -107.53
N SER Q 39 33.58 30.75 -107.58
CA SER Q 39 32.54 29.83 -108.07
C SER Q 39 32.70 29.35 -109.53
N ARG Q 40 33.38 30.13 -110.37
CA ARG Q 40 33.75 29.73 -111.73
C ARG Q 40 34.60 28.44 -111.81
N PHE Q 41 35.53 28.29 -110.86
CA PHE Q 41 36.58 27.27 -110.89
C PHE Q 41 37.46 27.41 -112.13
N GLY Q 42 38.27 28.47 -112.16
CA GLY Q 42 39.15 28.71 -113.29
C GLY Q 42 38.46 28.62 -114.65
N ASP Q 43 38.91 27.63 -115.42
CA ASP Q 43 38.41 27.35 -116.77
C ASP Q 43 37.21 26.39 -116.81
N MET Q 44 36.81 25.85 -115.66
CA MET Q 44 35.75 24.85 -115.64
C MET Q 44 34.60 25.08 -116.63
N ILE Q 45 34.12 26.31 -116.69
CA ILE Q 45 32.99 26.57 -117.56
C ILE Q 45 33.37 26.58 -119.07
N LEU Q 46 34.56 27.10 -119.41
CA LEU Q 46 35.10 27.06 -120.77
C LEU Q 46 35.95 25.82 -121.08
N ASP Q 47 35.69 24.72 -120.38
CA ASP Q 47 36.37 23.49 -120.68
C ASP Q 47 35.40 22.73 -121.61
N PHE Q 48 35.48 23.05 -122.90
CA PHE Q 48 34.48 22.56 -123.88
C PHE Q 48 34.42 21.06 -124.04
N ASP Q 49 35.58 20.37 -124.03
CA ASP Q 49 35.57 18.90 -123.98
C ASP Q 49 34.69 18.40 -122.83
N ARG Q 50 34.86 19.03 -121.66
CA ARG Q 50 34.00 18.78 -120.49
C ARG Q 50 32.53 18.98 -120.81
N ASN Q 51 32.17 20.15 -121.27
CA ASN Q 51 30.78 20.45 -121.58
C ASN Q 51 30.12 19.48 -122.59
N ASP Q 52 30.80 19.19 -123.70
CA ASP Q 52 30.29 18.30 -124.75
C ASP Q 52 30.09 16.87 -124.27
N LYS Q 53 31.07 16.37 -123.51
CA LYS Q 53 30.98 15.04 -122.92
C LYS Q 53 29.80 14.91 -121.95
N PHE Q 54 29.52 15.97 -121.21
CA PHE Q 54 28.40 15.95 -120.28
C PHE Q 54 27.09 15.97 -121.05
N LEU Q 55 26.89 17.00 -121.87
CA LEU Q 55 25.81 17.01 -122.86
C LEU Q 55 25.61 15.63 -123.46
N ALA Q 56 26.62 15.07 -124.11
CA ALA Q 56 26.43 13.75 -124.74
C ALA Q 56 25.90 12.67 -123.79
N GLY Q 57 26.37 12.63 -122.54
CA GLY Q 57 25.97 11.55 -121.61
C GLY Q 57 24.50 11.72 -121.24
N LEU Q 58 24.07 12.98 -121.19
CA LEU Q 58 22.68 13.36 -121.06
C LEU Q 58 21.87 12.88 -122.30
N LYS Q 59 22.36 13.18 -123.51
CA LYS Q 59 21.76 12.68 -124.75
C LYS Q 59 21.46 11.17 -124.68
N THR Q 60 22.46 10.33 -124.35
CA THR Q 60 22.20 8.90 -124.13
C THR Q 60 21.13 8.57 -123.08
N THR Q 61 21.39 8.95 -121.83
CA THR Q 61 20.56 8.56 -120.68
C THR Q 61 19.11 8.96 -120.87
N ILE Q 62 18.88 10.26 -121.02
CA ILE Q 62 17.55 10.80 -121.34
C ILE Q 62 16.82 9.95 -122.40
N ALA Q 63 17.42 9.92 -123.60
CA ALA Q 63 16.78 9.31 -124.75
C ALA Q 63 16.92 7.79 -124.74
N GLU Q 64 16.93 7.21 -123.54
CA GLU Q 64 16.91 5.78 -123.35
C GLU Q 64 15.87 5.58 -122.26
N LYS Q 65 15.75 6.57 -121.39
CA LYS Q 65 14.81 6.53 -120.28
C LYS Q 65 13.42 6.87 -120.80
N LYS Q 66 13.37 7.83 -121.75
CA LYS Q 66 12.19 8.09 -122.55
C LYS Q 66 11.61 6.78 -123.10
N HIS Q 67 12.48 6.01 -123.75
CA HIS Q 67 12.12 4.68 -124.21
C HIS Q 67 11.83 3.73 -123.06
N GLU Q 68 12.60 3.81 -121.98
CA GLU Q 68 12.47 2.90 -120.81
C GLU Q 68 11.14 3.01 -120.06
N ASN Q 69 10.82 4.23 -119.67
CA ASN Q 69 9.60 4.47 -118.91
C ASN Q 69 8.39 4.26 -119.79
N THR Q 70 7.33 3.75 -119.16
CA THR Q 70 6.04 3.52 -119.80
C THR Q 70 5.52 4.83 -120.44
N ASP Q 71 5.49 5.92 -119.66
CA ASP Q 71 5.20 7.26 -120.17
C ASP Q 71 6.46 7.95 -120.70
N GLY Q 72 6.30 9.19 -121.14
CA GLY Q 72 7.42 9.99 -121.59
C GLY Q 72 8.42 10.32 -120.48
N LYS Q 73 7.95 10.30 -119.23
CA LYS Q 73 8.65 10.87 -118.05
C LYS Q 73 10.16 10.77 -117.98
N VAL Q 74 10.82 11.92 -118.01
CA VAL Q 74 12.25 12.01 -117.70
C VAL Q 74 12.51 13.08 -116.66
N HIS Q 75 12.63 12.64 -115.40
CA HIS Q 75 12.96 13.52 -114.28
C HIS Q 75 14.45 13.50 -114.05
N VAL Q 76 15.06 14.67 -114.23
CA VAL Q 76 16.49 14.79 -114.08
C VAL Q 76 16.91 15.70 -112.95
N LEU Q 77 17.61 15.09 -112.00
CA LEU Q 77 18.21 15.80 -110.86
C LEU Q 77 19.68 16.21 -111.13
N ASP Q 78 19.94 17.52 -111.19
CA ASP Q 78 21.31 18.06 -111.31
C ASP Q 78 21.88 18.51 -109.94
N ILE Q 79 22.94 17.82 -109.48
CA ILE Q 79 23.57 18.09 -108.18
C ILE Q 79 24.76 19.05 -108.28
N GLY Q 80 24.68 20.16 -107.55
CA GLY Q 80 25.72 21.16 -107.57
C GLY Q 80 25.76 21.75 -108.95
N THR Q 81 24.75 22.57 -109.25
CA THR Q 81 24.47 22.97 -110.61
C THR Q 81 25.20 24.24 -111.01
N GLY Q 82 25.78 24.92 -110.03
CA GLY Q 82 26.43 26.19 -110.31
C GLY Q 82 25.50 27.06 -111.11
N THR Q 83 25.73 27.10 -112.41
CA THR Q 83 24.92 27.95 -113.28
C THR Q 83 23.80 27.20 -114.02
N GLY Q 84 23.45 26.02 -113.53
CA GLY Q 84 22.42 25.23 -114.17
C GLY Q 84 22.73 24.74 -115.57
N LEU Q 85 23.88 25.14 -116.09
CA LEU Q 85 24.35 24.74 -117.40
C LEU Q 85 24.05 23.27 -117.68
N LEU Q 86 24.26 22.42 -116.68
CA LEU Q 86 23.95 21.03 -116.77
C LEU Q 86 22.43 20.80 -116.64
N SER Q 87 21.69 21.84 -116.27
CA SER Q 87 20.24 21.78 -116.22
C SER Q 87 19.65 22.28 -117.57
N LEU Q 88 20.02 23.51 -117.94
CA LEU Q 88 19.66 24.04 -119.25
C LEU Q 88 20.01 23.08 -120.38
N MET Q 89 21.13 22.37 -120.22
CA MET Q 89 21.55 21.37 -121.18
C MET Q 89 20.56 20.23 -121.13
N ALA Q 90 20.01 19.96 -119.95
CA ALA Q 90 19.28 18.72 -119.75
C ALA Q 90 17.82 18.83 -120.15
N ALA Q 91 17.20 19.97 -119.81
CA ALA Q 91 15.83 20.27 -120.22
C ALA Q 91 15.78 20.17 -121.73
N ARG Q 92 16.36 21.17 -122.41
CA ARG Q 92 16.57 21.14 -123.85
C ARG Q 92 17.34 19.89 -124.17
N GLU Q 93 16.85 19.12 -125.13
CA GLU Q 93 17.32 17.76 -125.37
C GLU Q 93 16.44 16.76 -124.61
N GLY Q 94 15.19 17.16 -124.36
CA GLY Q 94 14.11 16.20 -124.14
C GLY Q 94 13.67 15.80 -122.74
N ALA Q 95 14.50 16.03 -121.74
CA ALA Q 95 14.10 15.70 -120.38
C ALA Q 95 12.90 16.54 -119.96
N ASP Q 96 11.99 15.92 -119.21
CA ASP Q 96 10.70 16.53 -118.94
C ASP Q 96 10.73 17.35 -117.67
N LYS Q 97 11.35 16.80 -116.62
CA LYS Q 97 11.56 17.54 -115.37
C LYS Q 97 13.03 17.63 -114.93
N VAL Q 98 13.39 18.79 -114.39
CA VAL Q 98 14.75 19.05 -113.91
C VAL Q 98 14.79 19.70 -112.53
N THR Q 99 15.17 18.94 -111.50
CA THR Q 99 15.45 19.55 -110.19
C THR Q 99 16.96 19.75 -109.96
N ALA Q 100 17.37 21.02 -109.81
CA ALA Q 100 18.76 21.33 -109.56
C ALA Q 100 19.04 21.79 -108.13
N LEU Q 101 20.15 21.32 -107.57
CA LEU Q 101 20.55 21.62 -106.19
C LEU Q 101 21.84 22.42 -106.14
N GLU Q 102 21.94 23.32 -105.19
CA GLU Q 102 23.12 24.12 -105.03
C GLU Q 102 23.30 24.57 -103.58
N VAL Q 103 24.29 24.02 -102.89
CA VAL Q 103 24.57 24.37 -101.49
C VAL Q 103 24.94 25.85 -101.33
N PHE Q 104 25.75 26.38 -102.25
CA PHE Q 104 26.10 27.78 -102.18
C PHE Q 104 24.93 28.66 -102.67
N LYS Q 105 24.34 29.38 -101.72
CA LYS Q 105 23.12 30.18 -101.91
C LYS Q 105 23.15 31.31 -102.94
N PRO Q 106 24.25 32.14 -102.99
CA PRO Q 106 24.37 33.16 -104.04
C PRO Q 106 24.38 32.57 -105.46
N MET Q 107 24.85 31.34 -105.57
CA MET Q 107 24.79 30.63 -106.83
C MET Q 107 23.40 30.03 -107.01
N GLY Q 108 22.64 30.01 -105.91
CA GLY Q 108 21.24 29.63 -105.93
C GLY Q 108 20.55 30.62 -106.85
N ASP Q 109 20.60 31.90 -106.47
CA ASP Q 109 19.96 32.95 -107.22
C ASP Q 109 20.40 32.88 -108.68
N CYS Q 110 21.71 32.88 -108.92
CA CYS Q 110 22.27 32.81 -110.26
C CYS Q 110 21.66 31.67 -111.07
N ALA Q 111 21.71 30.46 -110.55
CA ALA Q 111 21.15 29.33 -111.26
C ALA Q 111 19.67 29.56 -111.55
N ARG Q 112 18.88 29.96 -110.54
CA ARG Q 112 17.48 30.20 -110.78
C ARG Q 112 17.22 31.40 -111.71
N HIS Q 113 18.02 32.45 -111.57
CA HIS Q 113 17.94 33.62 -112.45
C HIS Q 113 18.13 33.21 -113.87
N ILE Q 114 19.28 32.65 -114.19
CA ILE Q 114 19.56 32.18 -115.54
C ILE Q 114 18.47 31.22 -116.00
N THR Q 115 18.18 30.23 -115.17
CA THR Q 115 17.34 29.12 -115.56
C THR Q 115 15.90 29.61 -115.91
N SER Q 116 15.33 30.41 -115.03
CA SER Q 116 13.99 30.91 -115.25
C SER Q 116 13.92 31.88 -116.45
N ASN Q 117 14.98 32.65 -116.68
CA ASN Q 117 14.97 33.58 -117.81
C ASN Q 117 15.43 32.92 -119.12
N SER Q 118 15.43 31.60 -119.12
CA SER Q 118 15.60 30.82 -120.34
C SER Q 118 14.25 30.29 -120.79
N PRO Q 119 14.14 29.93 -122.08
CA PRO Q 119 12.98 29.18 -122.57
C PRO Q 119 12.44 28.11 -121.62
N TRP Q 120 13.30 27.24 -121.10
CA TRP Q 120 12.87 26.05 -120.31
C TRP Q 120 12.56 26.34 -118.86
N SER Q 121 12.43 27.64 -118.56
CA SER Q 121 12.14 28.14 -117.24
C SER Q 121 11.17 27.29 -116.45
N ASP Q 122 10.33 26.57 -117.19
CA ASP Q 122 9.15 25.93 -116.62
C ASP Q 122 9.33 24.43 -116.32
N LYS Q 123 10.42 23.84 -116.84
CA LYS Q 123 10.83 22.45 -116.50
C LYS Q 123 11.85 22.39 -115.34
N ILE Q 124 12.55 23.51 -115.12
CA ILE Q 124 13.69 23.54 -114.19
C ILE Q 124 13.47 24.33 -112.90
N THR Q 125 13.37 23.61 -111.81
CA THR Q 125 13.35 24.23 -110.49
C THR Q 125 14.68 24.06 -109.71
N VAL Q 126 15.08 25.16 -109.10
CA VAL Q 126 16.30 25.28 -108.34
C VAL Q 126 16.03 25.23 -106.83
N ILE Q 127 16.80 24.39 -106.13
CA ILE Q 127 16.79 24.33 -104.65
C ILE Q 127 18.18 24.57 -104.03
N SER Q 128 18.28 25.59 -103.19
CA SER Q 128 19.53 25.95 -102.54
C SER Q 128 19.90 25.12 -101.30
N GLU Q 129 20.02 23.80 -101.49
CA GLU Q 129 20.39 22.86 -100.42
C GLU Q 129 21.50 21.93 -100.93
N ARG Q 130 22.26 21.33 -100.01
CA ARG Q 130 23.24 20.29 -100.37
C ARG Q 130 22.61 18.92 -100.65
N SER Q 131 23.20 18.17 -101.57
CA SER Q 131 22.64 16.87 -101.92
C SER Q 131 22.26 16.22 -100.61
N THR Q 132 23.24 16.17 -99.72
CA THR Q 132 23.18 15.27 -98.57
C THR Q 132 22.16 15.64 -97.54
N ASP Q 133 21.62 16.87 -97.63
CA ASP Q 133 20.71 17.43 -96.62
C ASP Q 133 19.25 17.26 -96.98
N VAL Q 134 19.00 16.98 -98.25
CA VAL Q 134 17.65 16.79 -98.72
C VAL Q 134 17.19 15.37 -98.49
N SER Q 135 15.96 15.22 -98.01
CA SER Q 135 15.28 13.93 -97.95
C SER Q 135 14.42 13.78 -99.20
N GLN Q 136 13.72 14.86 -99.55
CA GLN Q 136 13.11 15.03 -100.87
C GLN Q 136 12.97 16.54 -101.17
N SER Q 140 8.01 12.13 -106.47
CA SER Q 140 8.59 12.62 -107.72
C SER Q 140 10.14 12.44 -107.80
N ARG Q 141 10.58 11.18 -107.91
CA ARG Q 141 12.02 10.83 -107.82
C ARG Q 141 12.80 10.96 -109.11
N ALA Q 142 14.09 11.25 -108.99
CA ALA Q 142 14.93 11.39 -110.18
C ALA Q 142 15.13 10.07 -110.95
N ASP Q 143 15.08 10.17 -112.28
CA ASP Q 143 15.33 9.06 -113.21
C ASP Q 143 16.82 9.08 -113.56
N ILE Q 144 17.33 10.29 -113.60
CA ILE Q 144 18.70 10.54 -113.92
C ILE Q 144 19.21 11.57 -112.95
N ILE Q 145 20.40 11.30 -112.45
CA ILE Q 145 21.25 12.32 -111.85
C ILE Q 145 22.40 12.62 -112.81
N VAL Q 146 22.69 13.90 -112.99
CA VAL Q 146 23.99 14.29 -113.48
C VAL Q 146 24.72 15.12 -112.39
N ALA Q 147 26.02 14.89 -112.21
CA ALA Q 147 26.84 15.70 -111.29
C ALA Q 147 28.29 15.92 -111.75
N GLU Q 148 28.63 17.16 -112.07
CA GLU Q 148 30.02 17.51 -112.20
C GLU Q 148 30.47 18.09 -110.86
N VAL Q 149 31.05 17.20 -110.08
CA VAL Q 149 31.32 17.51 -108.72
C VAL Q 149 32.64 16.82 -108.38
N PHE Q 150 33.65 17.00 -109.24
CA PHE Q 150 34.92 16.26 -109.14
C PHE Q 150 36.11 17.22 -109.10
N ASP Q 151 37.16 16.83 -108.40
CA ASP Q 151 38.38 17.66 -108.47
C ASP Q 151 39.52 16.82 -109.06
N THR Q 152 40.65 17.47 -109.33
CA THR Q 152 41.83 16.74 -109.75
C THR Q 152 41.86 15.37 -109.08
N GLU Q 153 41.44 15.30 -107.83
CA GLU Q 153 41.69 14.05 -107.09
C GLU Q 153 40.42 13.23 -107.12
N LEU Q 154 39.55 13.59 -108.04
CA LEU Q 154 38.28 12.90 -108.22
C LEU Q 154 37.32 13.15 -107.02
N ILE Q 155 37.75 12.75 -105.83
CA ILE Q 155 36.90 12.68 -104.65
C ILE Q 155 36.91 13.87 -103.63
N GLY Q 156 37.75 14.86 -103.85
CA GLY Q 156 38.02 15.84 -102.81
C GLY Q 156 36.96 16.90 -102.64
N GLU Q 157 35.95 16.87 -103.50
CA GLU Q 157 34.82 17.78 -103.35
C GLU Q 157 33.57 16.99 -102.95
N GLY Q 158 33.78 15.80 -102.40
CA GLY Q 158 32.70 15.02 -101.78
C GLY Q 158 31.88 14.21 -102.76
N ALA Q 159 32.42 13.98 -103.95
CA ALA Q 159 31.70 13.20 -104.92
C ALA Q 159 31.11 11.89 -104.35
N LEU Q 160 31.88 11.15 -103.56
CA LEU Q 160 31.43 9.83 -103.12
C LEU Q 160 30.06 9.83 -102.37
N ARG Q 161 29.99 10.65 -101.31
CA ARG Q 161 28.78 10.82 -100.48
C ARG Q 161 27.63 11.41 -101.31
N THR Q 162 27.94 12.40 -102.13
CA THR Q 162 26.92 12.96 -102.95
C THR Q 162 26.19 11.83 -103.69
N PHE Q 163 26.91 10.99 -104.42
CA PHE Q 163 26.25 9.98 -105.26
C PHE Q 163 25.60 8.90 -104.42
N LYS Q 164 26.28 8.49 -103.36
CA LYS Q 164 25.74 7.45 -102.52
C LYS Q 164 24.36 7.94 -102.00
N GLU Q 165 24.31 9.12 -101.40
CA GLU Q 165 23.12 9.52 -100.69
C GLU Q 165 21.97 9.90 -101.61
N ALA Q 166 22.31 10.55 -102.72
CA ALA Q 166 21.34 10.79 -103.77
C ALA Q 166 20.78 9.48 -104.36
N LEU Q 167 21.52 8.37 -104.24
CA LEU Q 167 21.04 7.12 -104.80
C LEU Q 167 19.99 6.48 -103.95
N GLU Q 168 20.25 6.45 -102.64
CA GLU Q 168 19.44 5.70 -101.70
C GLU Q 168 18.19 6.45 -101.32
N ARG Q 169 18.25 7.77 -101.48
CA ARG Q 169 17.12 8.64 -101.14
C ARG Q 169 16.43 9.31 -102.35
N LEU Q 170 17.20 10.01 -103.18
CA LEU Q 170 16.64 10.92 -104.19
C LEU Q 170 16.33 10.36 -105.58
N ALA Q 171 16.56 9.07 -105.82
CA ALA Q 171 16.37 8.55 -107.17
C ALA Q 171 15.68 7.22 -107.20
N LYS Q 172 15.10 6.92 -108.35
CA LYS Q 172 14.36 5.69 -108.54
C LYS Q 172 15.30 4.53 -108.67
N PRO Q 173 14.99 3.42 -107.99
CA PRO Q 173 15.68 2.20 -108.29
C PRO Q 173 15.95 2.08 -109.78
N GLY Q 174 17.10 1.49 -110.13
CA GLY Q 174 17.55 1.34 -111.52
C GLY Q 174 17.77 2.66 -112.24
N CYS Q 175 18.15 3.69 -111.47
CA CYS Q 175 18.39 5.05 -111.96
C CYS Q 175 19.69 5.15 -112.76
N ARG Q 176 19.91 6.28 -113.45
CA ARG Q 176 21.11 6.49 -114.27
C ARG Q 176 21.84 7.78 -114.03
N VAL Q 177 23.17 7.69 -113.90
CA VAL Q 177 24.00 8.87 -113.59
C VAL Q 177 25.00 9.22 -114.70
N VAL Q 178 25.23 10.51 -114.88
CA VAL Q 178 26.24 11.02 -115.78
C VAL Q 178 27.22 11.76 -114.87
N PRO Q 179 28.40 11.16 -114.60
CA PRO Q 179 29.00 10.01 -115.26
C PRO Q 179 28.62 8.69 -114.62
N SER Q 180 28.74 7.60 -115.35
CA SER Q 180 28.31 6.32 -114.81
C SER Q 180 29.36 5.60 -113.99
N THR Q 181 30.60 5.78 -114.42
CA THR Q 181 31.72 4.99 -113.94
C THR Q 181 33.01 5.75 -114.18
N GLY Q 182 34.08 5.34 -113.51
CA GLY Q 182 35.33 6.08 -113.59
C GLY Q 182 36.50 5.29 -113.04
N ASN Q 183 37.71 5.72 -113.41
CA ASN Q 183 38.95 5.07 -112.99
C ASN Q 183 39.92 6.11 -112.54
N VAL Q 184 40.69 5.74 -111.51
CA VAL Q 184 41.94 6.45 -111.17
C VAL Q 184 43.13 5.54 -111.43
N TYR Q 185 44.05 6.05 -112.25
CA TYR Q 185 45.22 5.28 -112.64
C TYR Q 185 46.41 5.95 -112.00
N ILE Q 186 47.35 5.10 -111.59
CA ILE Q 186 48.69 5.54 -111.20
C ILE Q 186 49.79 5.05 -112.19
N VAL Q 187 50.71 5.97 -112.54
CA VAL Q 187 51.91 5.62 -113.30
C VAL Q 187 53.24 5.81 -112.53
N PRO Q 188 53.92 4.71 -112.18
CA PRO Q 188 55.24 4.76 -111.50
C PRO Q 188 56.27 5.48 -112.35
N VAL Q 189 57.38 5.90 -111.74
CA VAL Q 189 58.23 6.87 -112.38
C VAL Q 189 59.55 7.14 -111.67
N GLU Q 190 60.61 7.19 -112.48
CA GLU Q 190 61.88 7.66 -112.05
C GLU Q 190 62.00 9.03 -112.62
N SER Q 191 62.41 9.96 -111.78
CA SER Q 191 62.30 11.37 -112.07
C SER Q 191 63.07 12.11 -111.00
N HIS Q 192 64.09 12.81 -111.45
CA HIS Q 192 64.89 13.62 -110.57
C HIS Q 192 64.08 14.81 -110.18
N LEU Q 193 63.63 15.56 -111.19
CA LEU Q 193 62.73 16.67 -111.03
C LEU Q 193 61.77 16.47 -109.86
N LEU Q 194 60.88 15.49 -110.02
CA LEU Q 194 59.76 15.27 -109.10
C LEU Q 194 60.22 15.02 -107.67
N LYS Q 195 61.16 14.09 -107.51
CA LYS Q 195 61.84 13.85 -106.24
C LYS Q 195 62.22 15.15 -105.53
N MET Q 196 62.63 16.18 -106.28
CA MET Q 196 63.12 17.42 -105.73
C MET Q 196 62.02 18.16 -104.96
N PHE Q 197 60.76 17.78 -105.18
CA PHE Q 197 59.65 18.51 -104.59
C PHE Q 197 59.41 18.04 -103.18
N ASN Q 198 60.00 16.90 -102.84
CA ASN Q 198 59.68 16.11 -101.66
C ASN Q 198 60.91 15.77 -100.85
N ASP Q 199 62.04 15.58 -101.52
CA ASP Q 199 63.28 15.19 -100.85
C ASP Q 199 63.71 16.27 -99.85
N ILE Q 200 64.03 15.86 -98.65
CA ILE Q 200 64.60 16.75 -97.63
C ILE Q 200 65.95 17.16 -98.14
N PRO Q 201 66.21 18.44 -98.28
CA PRO Q 201 67.55 18.85 -98.80
C PRO Q 201 68.74 18.19 -98.08
N ARG Q 202 69.56 17.44 -98.83
CA ARG Q 202 70.80 16.82 -98.32
C ARG Q 202 71.99 17.77 -98.56
N LEU Q 203 72.72 18.11 -97.52
CA LEU Q 203 73.68 19.19 -97.65
C LEU Q 203 74.92 18.77 -98.45
N ASN Q 204 75.23 17.46 -98.45
CA ASN Q 204 76.44 16.97 -99.14
C ASN Q 204 76.17 15.92 -100.23
N GLY Q 205 75.15 16.15 -101.05
CA GLY Q 205 74.86 15.24 -102.16
C GLY Q 205 74.45 13.80 -101.87
N GLU Q 206 75.00 13.18 -100.84
CA GLU Q 206 74.99 11.72 -100.70
C GLU Q 206 73.63 11.07 -100.38
N LYS Q 207 73.26 10.04 -101.13
CA LYS Q 207 71.92 9.46 -101.00
C LYS Q 207 71.47 9.15 -99.55
N ASP Q 208 72.40 9.09 -98.61
CA ASP Q 208 72.14 8.54 -97.25
C ASP Q 208 72.06 9.61 -96.14
N GLU Q 209 72.19 10.90 -96.47
CA GLU Q 209 72.17 11.95 -95.46
C GLU Q 209 70.75 12.08 -94.92
N GLU Q 210 70.53 11.84 -93.63
CA GLU Q 210 69.20 12.02 -93.07
C GLU Q 210 69.17 13.12 -91.98
N PRO Q 211 69.43 14.40 -92.33
CA PRO Q 211 69.55 15.38 -91.24
C PRO Q 211 68.28 15.54 -90.41
N LEU Q 212 67.11 15.42 -91.07
CA LEU Q 212 65.84 15.56 -90.41
C LEU Q 212 65.20 14.22 -90.06
N GLY Q 213 65.85 13.09 -90.33
CA GLY Q 213 65.18 11.77 -90.16
C GLY Q 213 64.27 11.54 -91.37
N ARG Q 214 63.54 10.42 -91.41
CA ARG Q 214 62.68 10.07 -92.56
C ARG Q 214 61.27 10.65 -92.47
N CYS Q 215 60.77 11.16 -93.60
CA CYS Q 215 59.42 11.78 -93.69
C CYS Q 215 58.73 11.46 -95.03
N SER Q 216 57.44 11.08 -94.98
CA SER Q 216 56.57 10.92 -96.15
C SER Q 216 56.29 12.18 -96.95
N GLY Q 217 56.62 13.35 -96.40
CA GLY Q 217 56.35 14.63 -97.05
C GLY Q 217 54.89 15.01 -96.94
N THR Q 218 54.47 16.07 -97.63
CA THR Q 218 53.16 16.56 -97.27
C THR Q 218 52.02 15.80 -97.92
N ALA Q 219 50.91 15.68 -97.18
CA ALA Q 219 49.77 14.84 -97.54
C ALA Q 219 48.74 15.58 -98.42
N ALA Q 220 48.64 16.89 -98.25
CA ALA Q 220 47.83 17.69 -99.16
C ALA Q 220 48.12 17.23 -100.59
N VAL Q 221 47.11 17.36 -101.45
CA VAL Q 221 47.23 17.01 -102.85
C VAL Q 221 48.30 17.84 -103.55
N PHE Q 222 49.11 17.16 -104.35
CA PHE Q 222 50.10 17.86 -105.19
C PHE Q 222 49.65 17.79 -106.64
N ASP Q 223 49.00 18.85 -107.06
CA ASP Q 223 48.34 18.83 -108.35
C ASP Q 223 49.14 19.71 -109.28
N VAL Q 224 49.66 19.09 -110.35
CA VAL Q 224 50.48 19.81 -111.36
C VAL Q 224 50.13 19.44 -112.82
N GLN Q 225 50.36 20.39 -113.71
CA GLN Q 225 50.24 20.19 -115.16
C GLN Q 225 51.31 19.22 -115.73
N LEU Q 226 51.04 17.95 -115.60
CA LEU Q 226 51.99 16.93 -115.89
C LEU Q 226 52.34 16.85 -117.39
N SER Q 227 51.78 17.77 -118.15
CA SER Q 227 51.91 17.78 -119.58
C SER Q 227 52.99 18.80 -119.93
N GLU Q 228 53.41 19.58 -118.94
CA GLU Q 228 54.44 20.57 -119.17
C GLU Q 228 55.80 20.07 -118.71
N MET Q 229 55.80 18.80 -118.35
CA MET Q 229 56.98 18.11 -117.94
C MET Q 229 57.70 17.59 -119.22
N LYS Q 230 58.95 18.03 -119.42
CA LYS Q 230 59.75 17.62 -120.58
C LYS Q 230 60.05 16.13 -120.54
N THR Q 231 60.16 15.49 -121.73
CA THR Q 231 60.26 14.00 -121.81
C THR Q 231 61.53 13.42 -121.22
N HIS Q 232 62.58 14.23 -121.06
CA HIS Q 232 63.75 13.70 -120.37
C HIS Q 232 63.60 13.76 -118.87
N GLU Q 233 62.73 14.67 -118.38
CA GLU Q 233 62.56 14.89 -116.92
C GLU Q 233 61.78 13.81 -116.19
N PHE Q 234 61.41 12.73 -116.89
CA PHE Q 234 60.72 11.60 -116.23
C PHE Q 234 60.77 10.40 -117.13
N ARG Q 235 60.61 9.22 -116.55
CA ARG Q 235 60.59 8.01 -117.36
C ARG Q 235 59.76 6.90 -116.66
N GLU Q 236 58.62 6.59 -117.27
CA GLU Q 236 57.65 5.57 -116.80
C GLU Q 236 58.23 4.19 -116.63
N LEU Q 237 57.78 3.44 -115.62
CA LEU Q 237 58.32 2.11 -115.39
C LEU Q 237 57.26 1.03 -115.55
N SER Q 238 56.03 1.47 -115.82
CA SER Q 238 54.94 0.54 -116.21
C SER Q 238 53.77 1.25 -116.86
N GLU Q 239 52.81 0.45 -117.34
CA GLU Q 239 51.56 0.99 -117.86
C GLU Q 239 50.73 1.36 -116.66
N PRO Q 240 50.03 2.52 -116.74
CA PRO Q 240 49.19 3.02 -115.67
C PRO Q 240 48.42 1.89 -115.02
N ILE Q 241 48.43 1.84 -113.68
CA ILE Q 241 47.71 0.81 -112.92
C ILE Q 241 46.36 1.39 -112.53
N VAL Q 242 45.35 0.53 -112.42
CA VAL Q 242 44.05 0.94 -111.89
C VAL Q 242 44.13 0.88 -110.37
N ALA Q 243 44.26 2.05 -109.76
CA ALA Q 243 44.19 2.12 -108.30
C ALA Q 243 42.78 1.78 -107.87
N PHE Q 244 41.82 2.55 -108.38
CA PHE Q 244 40.44 2.42 -108.02
C PHE Q 244 39.54 2.51 -109.21
N LYS Q 245 38.61 1.53 -109.18
CA LYS Q 245 37.41 1.50 -109.97
C LYS Q 245 36.30 2.14 -109.17
N PHE Q 246 35.58 3.06 -109.80
CA PHE Q 246 34.46 3.71 -109.15
C PHE Q 246 33.16 3.70 -109.97
N ASP Q 247 32.14 3.09 -109.39
CA ASP Q 247 30.85 2.87 -110.01
C ASP Q 247 29.80 3.79 -109.39
N PHE Q 248 29.51 4.90 -110.07
CA PHE Q 248 28.64 5.93 -109.56
C PHE Q 248 27.15 5.57 -109.60
N GLU Q 249 26.81 4.41 -110.12
CA GLU Q 249 25.40 4.11 -110.34
C GLU Q 249 24.86 3.06 -109.40
N HIS Q 250 25.72 2.47 -108.57
CA HIS Q 250 25.30 1.47 -107.61
C HIS Q 250 25.80 1.84 -106.27
N GLU Q 251 24.84 2.24 -105.45
CA GLU Q 251 25.07 2.81 -104.13
C GLU Q 251 25.98 1.99 -103.23
N GLU Q 252 25.85 0.67 -103.26
CA GLU Q 252 26.55 -0.23 -102.35
C GLU Q 252 27.99 -0.48 -102.80
N LYS Q 253 28.31 -0.02 -103.98
CA LYS Q 253 29.63 -0.13 -104.53
C LYS Q 253 30.47 1.11 -104.14
N ILE Q 254 29.80 2.14 -103.61
CA ILE Q 254 30.47 3.35 -103.23
C ILE Q 254 30.81 3.23 -101.75
N ILE Q 255 32.10 3.20 -101.45
CA ILE Q 255 32.57 2.90 -100.09
C ILE Q 255 33.67 3.88 -99.77
N PHE Q 256 33.59 4.49 -98.59
CA PHE Q 256 34.51 5.60 -98.31
C PHE Q 256 35.89 5.15 -97.89
N ASP Q 257 35.99 4.06 -97.13
CA ASP Q 257 37.30 3.66 -96.67
C ASP Q 257 37.71 2.43 -97.44
N GLU Q 258 38.60 2.64 -98.40
CA GLU Q 258 39.05 1.55 -99.22
C GLU Q 258 40.57 1.45 -99.28
N SER Q 259 41.01 0.21 -99.19
CA SER Q 259 42.37 -0.14 -99.49
C SER Q 259 42.49 -1.41 -100.39
N PHE Q 260 43.14 -1.27 -101.55
CA PHE Q 260 43.42 -2.40 -102.41
C PHE Q 260 44.93 -2.61 -102.66
N VAL Q 261 45.43 -3.84 -102.50
CA VAL Q 261 46.77 -4.15 -102.98
C VAL Q 261 46.75 -4.48 -104.49
N ARG Q 262 47.27 -3.56 -105.27
CA ARG Q 262 47.31 -3.70 -106.71
C ARG Q 262 48.70 -4.13 -107.22
N GLU Q 263 48.68 -4.88 -108.33
CA GLU Q 263 49.87 -5.52 -108.90
C GLU Q 263 50.19 -4.92 -110.27
N ALA Q 264 51.44 -5.07 -110.71
CA ALA Q 264 51.78 -4.76 -112.10
C ALA Q 264 53.16 -5.27 -112.52
N VAL Q 265 53.44 -5.11 -113.82
CA VAL Q 265 54.64 -5.63 -114.46
C VAL Q 265 55.48 -4.46 -114.93
N ALA Q 266 56.68 -4.35 -114.36
CA ALA Q 266 57.60 -3.26 -114.70
C ALA Q 266 58.10 -3.31 -116.16
N HIS Q 267 57.76 -2.35 -117.00
CA HIS Q 267 58.32 -2.40 -118.35
C HIS Q 267 59.68 -1.75 -118.47
N SER Q 268 60.28 -1.39 -117.34
CA SER Q 268 61.66 -0.89 -117.24
C SER Q 268 62.20 -1.20 -115.84
N SER Q 269 63.50 -0.96 -115.63
CA SER Q 269 64.07 -0.99 -114.31
C SER Q 269 64.25 0.44 -113.87
N GLY Q 270 64.24 0.60 -112.54
CA GLY Q 270 64.38 1.91 -111.93
C GLY Q 270 63.75 2.03 -110.55
N THR Q 271 63.83 3.23 -110.01
CA THR Q 271 63.18 3.50 -108.76
C THR Q 271 62.00 4.45 -108.96
N ILE Q 272 60.91 4.09 -108.30
CA ILE Q 272 59.69 4.82 -108.33
C ILE Q 272 59.98 6.01 -107.45
N ASP Q 273 60.38 7.10 -108.07
CA ASP Q 273 60.57 8.30 -107.31
C ASP Q 273 59.20 8.85 -106.89
N ALA Q 274 58.36 9.09 -107.90
CA ALA Q 274 56.95 9.51 -107.79
C ALA Q 274 55.93 8.49 -108.35
N LEU Q 275 54.64 8.79 -108.14
CA LEU Q 275 53.56 8.03 -108.73
C LEU Q 275 52.66 9.10 -109.30
N LEU Q 276 52.34 8.99 -110.58
CA LEU Q 276 51.49 10.00 -111.16
C LEU Q 276 50.09 9.47 -111.28
N MET Q 277 49.12 10.30 -110.95
CA MET Q 277 47.76 9.83 -111.00
C MET Q 277 46.83 10.72 -111.81
N TRP Q 278 45.83 10.08 -112.40
CA TRP Q 278 44.76 10.82 -113.00
C TRP Q 278 43.64 9.89 -113.05
N TRP Q 279 42.50 10.40 -113.51
CA TRP Q 279 41.30 9.59 -113.67
C TRP Q 279 40.64 9.80 -115.01
N ASP Q 280 39.85 8.82 -115.41
CA ASP Q 280 38.92 9.03 -116.51
C ASP Q 280 37.59 8.53 -116.06
N ILE Q 281 36.56 9.18 -116.58
CA ILE Q 281 35.16 8.81 -116.33
C ILE Q 281 34.45 8.51 -117.62
N ASP Q 282 33.65 7.43 -117.61
CA ASP Q 282 32.74 7.02 -118.67
C ASP Q 282 31.38 7.74 -118.47
N MET Q 283 30.99 8.62 -119.40
CA MET Q 283 29.74 9.44 -119.27
C MET Q 283 28.42 8.67 -119.25
N ASP Q 284 28.38 7.47 -119.83
CA ASP Q 284 27.12 6.72 -120.00
C ASP Q 284 27.19 5.21 -119.85
N ARG Q 285 28.28 4.73 -119.23
CA ARG Q 285 28.56 3.28 -119.11
C ARG Q 285 28.67 2.49 -120.44
N ASN Q 286 28.92 3.17 -121.56
CA ASN Q 286 29.10 2.44 -122.85
C ASN Q 286 30.50 2.06 -123.32
N GLY Q 287 31.54 2.54 -122.64
CA GLY Q 287 32.89 2.38 -123.14
C GLY Q 287 33.09 3.25 -124.37
N THR Q 288 32.24 4.26 -124.52
CA THR Q 288 32.23 5.09 -125.73
C THR Q 288 32.69 6.55 -125.54
N THR Q 289 32.05 7.29 -124.63
CA THR Q 289 32.45 8.70 -124.43
C THR Q 289 33.05 8.96 -123.03
N PHE Q 290 34.31 9.40 -123.00
CA PHE Q 290 35.07 9.58 -121.75
C PHE Q 290 35.58 10.99 -121.58
N ILE Q 291 35.67 11.43 -120.32
CA ILE Q 291 36.60 12.48 -120.00
C ILE Q 291 37.82 11.80 -119.42
N ASP Q 292 38.92 11.97 -120.14
CA ASP Q 292 40.19 11.40 -119.77
C ASP Q 292 41.16 12.47 -119.31
N MET Q 293 41.79 12.17 -118.17
CA MET Q 293 42.58 13.18 -117.48
C MET Q 293 44.10 13.09 -117.73
N GLY Q 294 44.55 11.91 -118.21
CA GLY Q 294 45.91 11.70 -118.72
C GLY Q 294 46.59 12.91 -119.36
N PRO Q 295 47.90 13.06 -119.15
CA PRO Q 295 48.62 14.17 -119.80
C PRO Q 295 48.81 13.87 -121.30
N LYS Q 296 48.99 14.94 -122.10
CA LYS Q 296 49.09 14.83 -123.55
C LYS Q 296 49.99 13.67 -124.00
N TRP Q 297 51.10 13.49 -123.32
CA TRP Q 297 52.01 12.44 -123.68
C TRP Q 297 51.52 11.10 -123.23
N LYS Q 298 50.24 11.01 -122.87
CA LYS Q 298 49.64 9.69 -122.51
C LYS Q 298 48.12 9.55 -122.48
N ASN Q 299 47.39 10.65 -122.73
CA ASN Q 299 45.96 10.57 -123.05
C ASN Q 299 45.75 10.26 -124.54
N LYS Q 300 45.30 9.05 -124.86
CA LYS Q 300 45.32 8.63 -126.28
C LYS Q 300 43.97 8.16 -126.90
N ASN Q 301 43.14 9.09 -127.40
CA ASN Q 301 43.14 10.52 -127.05
C ASN Q 301 41.77 11.18 -126.96
N ASN Q 302 41.35 11.38 -125.72
CA ASN Q 302 40.38 12.41 -125.37
C ASN Q 302 41.17 13.53 -124.70
N TYR Q 303 42.39 13.79 -125.18
CA TYR Q 303 43.19 14.87 -124.60
C TYR Q 303 42.64 16.26 -124.96
N ALA Q 304 42.23 17.00 -123.92
CA ALA Q 304 42.09 18.47 -124.00
C ALA Q 304 42.78 19.15 -122.78
N TRP Q 305 42.99 20.45 -122.88
CA TRP Q 305 43.58 21.19 -121.79
C TRP Q 305 42.57 21.72 -120.79
N ARG Q 306 42.82 21.41 -119.52
CA ARG Q 306 42.09 22.01 -118.42
C ARG Q 306 42.99 22.30 -117.22
N ASP Q 307 42.60 23.38 -116.52
CA ASP Q 307 43.24 23.80 -115.28
C ASP Q 307 42.46 23.35 -114.04
N HIS Q 308 41.26 23.90 -113.82
CA HIS Q 308 40.35 23.40 -112.79
C HIS Q 308 40.44 21.90 -112.56
N TRP Q 309 40.90 21.15 -113.56
CA TRP Q 309 41.41 19.80 -113.29
C TRP Q 309 42.78 19.63 -113.86
N MET Q 310 43.50 18.62 -113.40
CA MET Q 310 44.93 18.49 -113.61
C MET Q 310 45.24 17.04 -113.32
N GLN Q 311 46.54 16.72 -113.22
CA GLN Q 311 46.96 15.44 -112.69
C GLN Q 311 47.67 15.70 -111.39
N ALA Q 312 47.99 14.63 -110.67
CA ALA Q 312 48.65 14.77 -109.36
C ALA Q 312 49.89 13.90 -109.22
N VAL Q 313 50.78 14.27 -108.28
CA VAL Q 313 51.91 13.38 -107.94
C VAL Q 313 51.96 12.96 -106.46
N TYR Q 314 52.13 11.66 -106.24
CA TYR Q 314 52.17 11.03 -104.96
C TYR Q 314 53.58 10.49 -104.68
N TYR Q 315 53.84 10.04 -103.46
CA TYR Q 315 55.16 9.66 -103.07
C TYR Q 315 55.01 8.52 -102.14
N LEU Q 316 55.84 7.50 -102.28
CA LEU Q 316 55.85 6.44 -101.28
C LEU Q 316 56.63 6.99 -100.09
N PRO Q 317 56.31 6.52 -98.89
CA PRO Q 317 57.00 6.96 -97.69
C PRO Q 317 58.43 6.48 -97.72
N GLU Q 318 58.66 5.26 -98.18
CA GLU Q 318 60.02 4.73 -98.30
C GLU Q 318 60.41 4.56 -99.78
N LYS Q 319 61.66 4.18 -100.05
CA LYS Q 319 62.15 3.97 -101.41
C LYS Q 319 61.61 2.65 -101.92
N LYS Q 320 61.11 2.63 -103.15
CA LYS Q 320 60.74 1.37 -103.78
C LYS Q 320 61.50 1.24 -105.09
N LYS Q 321 62.26 0.15 -105.17
CA LYS Q 321 63.08 -0.20 -106.34
C LYS Q 321 62.34 -1.18 -107.26
N VAL Q 322 62.36 -0.94 -108.55
CA VAL Q 322 61.62 -1.79 -109.48
C VAL Q 322 62.45 -2.28 -110.66
N GLU Q 323 62.47 -3.60 -110.82
CA GLU Q 323 63.24 -4.24 -111.90
C GLU Q 323 62.40 -4.65 -113.14
N MET Q 324 62.90 -4.34 -114.33
CA MET Q 324 62.21 -4.68 -115.59
C MET Q 324 61.74 -6.13 -115.73
N ASN Q 325 60.59 -6.27 -116.38
CA ASN Q 325 59.95 -7.56 -116.62
C ASN Q 325 59.60 -8.25 -115.31
N GLN Q 326 59.50 -7.47 -114.24
CA GLN Q 326 59.22 -8.00 -112.92
C GLN Q 326 57.91 -7.50 -112.35
N THR Q 327 57.32 -8.37 -111.54
CA THR Q 327 55.99 -8.23 -111.05
C THR Q 327 56.08 -7.61 -109.64
N PHE Q 328 55.24 -6.60 -109.39
CA PHE Q 328 55.34 -5.83 -108.16
C PHE Q 328 54.03 -5.18 -107.74
N GLU Q 329 53.84 -5.05 -106.43
CA GLU Q 329 52.61 -4.46 -105.88
C GLU Q 329 52.76 -3.07 -105.20
N ILE Q 330 51.82 -2.17 -105.52
CA ILE Q 330 51.64 -0.87 -104.85
C ILE Q 330 50.28 -0.85 -104.16
N VAL Q 331 50.26 -0.42 -102.89
CA VAL Q 331 49.02 -0.37 -102.10
C VAL Q 331 48.23 0.94 -102.28
N CYS Q 332 46.96 0.80 -102.63
CA CYS Q 332 46.17 1.95 -103.01
C CYS Q 332 45.11 2.19 -101.94
N ASN Q 333 45.06 3.41 -101.40
CA ASN Q 333 44.16 3.72 -100.32
C ASN Q 333 43.40 4.96 -100.60
N HIS Q 334 42.15 4.99 -100.19
CA HIS Q 334 41.53 6.28 -100.05
C HIS Q 334 40.63 6.32 -98.84
N ASP Q 335 40.43 7.51 -98.30
CA ASP Q 335 39.37 7.69 -97.29
C ASP Q 335 38.23 8.40 -98.03
N GLU Q 336 37.35 9.10 -97.34
CA GLU Q 336 36.25 9.76 -98.02
C GLU Q 336 36.78 10.75 -99.04
N PHE Q 337 37.91 11.40 -98.73
CA PHE Q 337 38.33 12.61 -99.47
C PHE Q 337 39.71 12.62 -100.08
N SER Q 338 40.54 11.63 -99.75
CA SER Q 338 41.98 11.60 -100.17
C SER Q 338 42.47 10.19 -100.47
N LEU Q 339 43.42 10.09 -101.40
CA LEU Q 339 44.06 8.80 -101.73
C LEU Q 339 45.47 8.95 -101.27
N TRP Q 340 46.09 7.84 -100.94
CA TRP Q 340 47.51 7.86 -100.73
C TRP Q 340 48.01 6.49 -101.08
N PHE Q 341 49.33 6.34 -101.16
CA PHE Q 341 49.84 5.06 -101.64
C PHE Q 341 50.95 4.54 -100.77
N SER Q 342 50.99 3.25 -100.54
CA SER Q 342 51.99 2.75 -99.63
C SER Q 342 52.54 1.40 -100.08
N ASN Q 343 53.65 0.97 -99.47
CA ASN Q 343 54.35 -0.27 -99.84
C ASN Q 343 53.81 -1.42 -99.02
N VAL Q 344 53.76 -2.61 -99.61
CA VAL Q 344 53.25 -3.79 -98.92
C VAL Q 344 53.97 -4.06 -97.59
N GLY Q 345 53.20 -4.49 -96.60
CA GLY Q 345 53.73 -4.74 -95.27
C GLY Q 345 54.05 -3.48 -94.49
N LYS Q 346 53.74 -2.32 -95.06
CA LYS Q 346 53.85 -1.07 -94.36
C LYS Q 346 52.49 -0.62 -93.83
N ASP Q 347 52.54 0.43 -93.01
CA ASP Q 347 51.42 1.19 -92.51
C ASP Q 347 50.55 1.67 -93.64
N LYS Q 348 49.23 1.46 -93.52
CA LYS Q 348 48.28 1.86 -94.57
C LYS Q 348 47.47 3.16 -94.33
N SER Q 349 47.53 3.73 -93.13
CA SER Q 349 46.86 5.01 -92.89
C SER Q 349 47.64 6.05 -93.62
N ARG Q 350 47.00 7.19 -93.84
CA ARG Q 350 47.59 8.32 -94.49
C ARG Q 350 48.78 8.75 -93.63
N SER Q 351 49.74 9.50 -94.19
CA SER Q 351 50.92 9.96 -93.45
C SER Q 351 51.16 11.43 -93.71
N TYR Q 352 51.91 12.11 -92.81
CA TYR Q 352 52.07 13.58 -92.86
C TYR Q 352 53.50 13.98 -92.42
N CYS Q 353 53.98 15.16 -92.85
CA CYS Q 353 55.21 15.80 -92.33
C CYS Q 353 55.34 15.44 -90.85
N VAL Q 354 56.19 14.48 -90.55
CA VAL Q 354 56.66 14.31 -89.16
C VAL Q 354 58.02 14.95 -88.93
N CYS Q 355 58.75 15.33 -90.02
CA CYS Q 355 60.09 15.97 -90.02
C CYS Q 355 60.03 17.46 -89.79
N GLY Q 356 58.91 18.05 -90.13
CA GLY Q 356 58.67 19.43 -89.77
C GLY Q 356 58.98 20.39 -90.87
N LEU Q 357 59.61 19.91 -91.94
CA LEU Q 357 59.97 20.82 -93.06
C LEU Q 357 58.90 20.90 -94.13
N HIS Q 358 58.37 19.76 -94.54
CA HIS Q 358 57.22 19.74 -95.45
C HIS Q 358 56.13 20.71 -94.97
N SER Q 359 55.80 20.64 -93.69
CA SER Q 359 54.70 21.44 -93.11
C SER Q 359 55.03 22.93 -93.09
N MET Q 360 56.32 23.29 -93.13
CA MET Q 360 56.69 24.71 -93.25
C MET Q 360 56.83 25.30 -94.67
N LEU Q 361 57.11 24.47 -95.67
CA LEU Q 361 57.47 24.98 -97.01
C LEU Q 361 56.56 24.50 -98.12
N SER Q 362 56.28 25.34 -99.10
CA SER Q 362 55.53 24.88 -100.28
C SER Q 362 56.30 23.78 -101.04
N ARG Q 363 55.58 23.00 -101.83
CA ARG Q 363 56.28 22.05 -102.72
C ARG Q 363 57.39 22.69 -103.56
N GLN Q 364 57.16 23.91 -104.04
CA GLN Q 364 58.11 24.59 -104.89
C GLN Q 364 59.38 24.90 -104.16
N THR Q 365 59.20 25.66 -103.09
CA THR Q 365 60.28 26.05 -102.20
C THR Q 365 61.18 24.89 -101.84
N VAL Q 366 60.57 23.72 -101.58
CA VAL Q 366 61.28 22.48 -101.33
C VAL Q 366 62.18 22.10 -102.49
N TYR Q 367 61.58 22.02 -103.69
CA TYR Q 367 62.31 21.93 -104.92
C TYR Q 367 63.44 22.96 -104.90
N HIS Q 368 63.10 24.22 -104.65
CA HIS Q 368 64.03 25.34 -104.73
C HIS Q 368 65.22 25.21 -103.85
N VAL Q 369 65.04 24.58 -102.69
CA VAL Q 369 66.14 24.42 -101.74
C VAL Q 369 66.97 23.24 -102.25
N ASN Q 370 66.33 22.19 -102.72
CA ASN Q 370 67.08 21.12 -103.38
C ASN Q 370 67.84 21.58 -104.64
N GLU Q 371 67.29 22.52 -105.40
CA GLU Q 371 68.02 23.02 -106.54
C GLU Q 371 69.24 23.83 -106.10
N MET Q 372 69.04 24.73 -105.16
CA MET Q 372 70.12 25.55 -104.64
C MET Q 372 71.26 24.65 -104.17
N PHE Q 373 70.92 23.49 -103.59
CA PHE Q 373 71.90 22.57 -103.01
C PHE Q 373 72.66 21.75 -104.04
N GLU Q 374 72.15 21.61 -105.26
CA GLU Q 374 72.95 21.02 -106.34
C GLU Q 374 73.32 22.05 -107.38
N ASN Q 375 73.39 23.32 -107.02
CA ASN Q 375 73.71 24.28 -108.06
C ASN Q 375 75.13 24.65 -107.93
N GLN Q 376 75.97 23.89 -108.65
CA GLN Q 376 77.41 24.07 -108.64
C GLN Q 376 77.87 25.52 -108.82
N LYS Q 377 77.30 26.17 -109.83
CA LYS Q 377 77.58 27.57 -110.11
C LYS Q 377 77.21 28.45 -108.94
N PHE Q 378 76.10 28.11 -108.26
CA PHE Q 378 75.61 28.94 -107.16
C PHE Q 378 76.55 28.83 -105.98
N LYS Q 379 76.67 27.61 -105.48
CA LYS Q 379 77.61 27.26 -104.46
C LYS Q 379 78.95 27.95 -104.71
N ASP Q 380 79.49 27.81 -105.92
CA ASP Q 380 80.79 28.42 -106.25
C ASP Q 380 80.77 29.93 -106.05
N GLU Q 381 79.67 30.58 -106.42
CA GLU Q 381 79.55 31.99 -106.07
C GLU Q 381 79.48 32.28 -104.55
N VAL Q 382 78.86 31.39 -103.81
CA VAL Q 382 78.71 31.58 -102.36
C VAL Q 382 80.10 31.37 -101.70
N ASP Q 383 80.65 30.19 -101.98
CA ASP Q 383 81.98 29.82 -101.58
C ASP Q 383 82.96 30.93 -101.86
N LYS Q 384 82.86 31.57 -103.03
CA LYS Q 384 83.69 32.72 -103.32
C LYS Q 384 83.41 33.81 -102.31
N LEU Q 385 82.15 34.21 -102.18
CA LEU Q 385 81.84 35.44 -101.43
C LEU Q 385 82.11 35.33 -99.92
N SER Q 386 82.08 34.10 -99.40
CA SER Q 386 82.08 33.79 -97.96
C SER Q 386 83.45 33.49 -97.34
N LYS Q 387 84.43 33.17 -98.21
CA LYS Q 387 85.74 32.64 -97.77
C LYS Q 387 86.41 33.47 -96.71
N GLY Q 388 86.68 32.81 -95.58
CA GLY Q 388 87.46 33.41 -94.47
C GLY Q 388 86.68 34.49 -93.79
N LEU Q 389 85.41 34.61 -94.16
CA LEU Q 389 84.68 35.72 -93.64
C LEU Q 389 83.63 35.31 -92.58
N HIS Q 390 83.23 36.30 -91.79
CA HIS Q 390 82.08 36.21 -90.92
C HIS Q 390 80.92 36.72 -91.73
N VAL Q 391 80.08 35.79 -92.11
CA VAL Q 391 78.89 36.13 -92.88
C VAL Q 391 77.66 36.09 -92.03
N ALA Q 392 76.83 37.11 -92.20
CA ALA Q 392 75.46 37.08 -91.74
C ALA Q 392 74.57 36.62 -92.89
N THR Q 393 73.42 36.06 -92.53
CA THR Q 393 72.37 35.60 -93.42
C THR Q 393 71.09 36.24 -92.92
N VAL Q 394 70.37 36.92 -93.81
CA VAL Q 394 68.97 37.29 -93.52
C VAL Q 394 68.05 36.48 -94.44
N GLY Q 395 66.83 36.25 -93.98
CA GLY Q 395 65.97 35.23 -94.56
C GLY Q 395 64.97 34.87 -93.46
N GLU Q 396 63.96 34.10 -93.85
CA GLU Q 396 63.11 33.38 -92.97
C GLU Q 396 62.88 32.15 -93.81
N GLY Q 397 63.34 31.01 -93.33
CA GLY Q 397 63.31 29.78 -94.13
C GLY Q 397 64.33 29.75 -95.25
N SER Q 398 65.39 30.52 -95.12
CA SER Q 398 66.42 30.56 -96.14
C SER Q 398 67.60 29.69 -95.69
N PHE Q 399 67.94 28.69 -96.47
CA PHE Q 399 68.96 27.74 -96.05
C PHE Q 399 70.36 28.21 -96.45
N LEU Q 400 70.48 29.48 -96.80
CA LEU Q 400 71.70 29.97 -97.42
C LEU Q 400 72.94 29.73 -96.56
N GLY Q 401 72.85 30.19 -95.31
CA GLY Q 401 73.97 30.22 -94.40
C GLY Q 401 74.56 28.85 -94.36
N LEU Q 402 73.75 27.85 -94.66
CA LEU Q 402 74.27 26.52 -94.57
C LEU Q 402 75.26 26.23 -95.68
N LEU Q 403 75.06 26.81 -96.87
CA LEU Q 403 76.04 26.60 -97.91
C LEU Q 403 77.23 27.52 -97.62
N ALA Q 404 77.02 28.62 -96.90
CA ALA Q 404 78.10 29.55 -96.67
C ALA Q 404 79.12 29.02 -95.66
N ALA Q 405 78.65 28.07 -94.85
CA ALA Q 405 79.42 27.37 -93.84
C ALA Q 405 80.61 26.57 -94.40
N LYS Q 406 80.46 25.98 -95.58
CA LYS Q 406 81.58 25.29 -96.24
C LYS Q 406 82.87 26.13 -96.26
N THR Q 407 82.74 27.45 -96.19
CA THR Q 407 83.82 28.34 -96.57
C THR Q 407 84.06 29.52 -95.65
N ALA Q 408 82.99 30.03 -95.03
CA ALA Q 408 83.16 31.14 -94.11
C ALA Q 408 84.00 30.71 -92.92
N LYS Q 409 84.55 31.68 -92.20
CA LYS Q 409 85.11 31.37 -90.90
C LYS Q 409 83.91 31.26 -89.96
N ARG Q 410 83.00 32.20 -90.06
CA ARG Q 410 81.82 32.17 -89.20
C ARG Q 410 80.54 32.50 -89.97
N VAL Q 411 79.44 31.84 -89.59
CA VAL Q 411 78.11 32.18 -90.09
C VAL Q 411 77.11 32.45 -88.96
N THR Q 412 76.50 33.63 -89.00
CA THR Q 412 75.37 33.89 -88.18
C THR Q 412 74.09 33.91 -89.01
N ILE Q 413 73.25 32.92 -88.78
CA ILE Q 413 71.99 32.87 -89.51
C ILE Q 413 70.97 33.63 -88.70
N ILE Q 414 70.45 34.72 -89.24
CA ILE Q 414 69.38 35.47 -88.58
C ILE Q 414 67.97 35.03 -89.04
N ASP Q 415 67.21 34.40 -88.15
CA ASP Q 415 65.92 33.87 -88.56
C ASP Q 415 64.88 33.97 -87.42
N GLY Q 416 63.83 34.77 -87.66
CA GLY Q 416 62.76 35.13 -86.74
C GLY Q 416 61.73 34.04 -86.44
N ASN Q 417 61.68 33.02 -87.27
CA ASN Q 417 60.79 31.90 -87.09
C ASN Q 417 61.48 30.72 -86.42
N GLU Q 418 60.84 30.27 -85.35
CA GLU Q 418 61.44 29.38 -84.37
C GLU Q 418 61.53 28.03 -84.98
N ARG Q 419 60.49 27.69 -85.74
CA ARG Q 419 60.47 26.37 -86.35
C ARG Q 419 61.59 26.23 -87.37
N PHE Q 420 61.96 27.34 -88.02
CA PHE Q 420 63.12 27.29 -88.94
C PHE Q 420 64.46 27.20 -88.20
N ARG Q 421 64.65 28.06 -87.20
CA ARG Q 421 65.80 27.92 -86.26
C ARG Q 421 66.04 26.47 -85.95
N ASP Q 422 64.96 25.76 -85.62
CA ASP Q 422 65.03 24.40 -85.15
C ASP Q 422 65.50 23.49 -86.30
N ILE Q 423 64.94 23.71 -87.47
CA ILE Q 423 65.40 22.97 -88.64
C ILE Q 423 66.92 23.19 -88.85
N PHE Q 424 67.36 24.44 -88.91
CA PHE Q 424 68.76 24.73 -88.98
C PHE Q 424 69.63 24.07 -87.91
N PHE Q 425 69.20 24.09 -86.64
CA PHE Q 425 69.98 23.43 -85.58
C PHE Q 425 70.06 21.91 -85.83
N LYS Q 426 69.03 21.35 -86.41
CA LYS Q 426 69.12 19.93 -86.71
C LYS Q 426 70.18 19.69 -87.77
N TYR Q 427 70.37 20.69 -88.65
CA TYR Q 427 71.35 20.56 -89.72
C TYR Q 427 72.76 20.70 -89.17
N ILE Q 428 72.96 21.74 -88.38
CA ILE Q 428 74.17 21.91 -87.63
C ILE Q 428 74.55 20.64 -86.90
N HIS Q 429 73.58 20.02 -86.24
CA HIS Q 429 73.86 18.82 -85.43
C HIS Q 429 74.27 17.67 -86.25
N TYR Q 430 73.46 17.41 -87.28
CA TYR Q 430 73.70 16.27 -88.18
C TYR Q 430 75.02 16.36 -88.93
N TYR Q 431 75.39 17.55 -89.37
CA TYR Q 431 76.67 17.72 -90.04
C TYR Q 431 77.80 18.18 -89.10
N LYS Q 432 77.52 18.16 -87.80
CA LYS Q 432 78.46 18.64 -86.80
C LYS Q 432 79.24 19.85 -87.32
N LEU Q 433 78.52 20.79 -87.95
CA LEU Q 433 79.14 22.00 -88.40
C LEU Q 433 79.66 22.78 -87.20
N THR Q 434 80.86 23.36 -87.35
CA THR Q 434 81.49 24.01 -86.24
C THR Q 434 81.49 25.50 -86.43
N ASN Q 435 81.06 25.97 -87.60
CA ASN Q 435 81.18 27.41 -87.89
C ASN Q 435 79.89 28.28 -87.92
N VAL Q 436 78.79 27.72 -87.41
CA VAL Q 436 77.51 28.43 -87.52
C VAL Q 436 76.67 28.53 -86.24
N GLU Q 437 76.24 29.76 -85.98
CA GLU Q 437 75.29 30.12 -84.93
C GLU Q 437 74.01 30.65 -85.58
N ILE Q 438 72.91 30.59 -84.80
CA ILE Q 438 71.62 31.08 -85.23
C ILE Q 438 71.10 32.04 -84.19
N ILE Q 439 70.66 33.18 -84.65
CA ILE Q 439 70.07 34.11 -83.75
C ILE Q 439 68.66 34.50 -84.24
N GLU Q 440 67.84 35.06 -83.34
CA GLU Q 440 66.44 35.35 -83.65
C GLU Q 440 66.24 36.71 -84.23
N LYS Q 441 66.84 37.73 -83.64
CA LYS Q 441 66.53 39.09 -84.05
C LYS Q 441 67.71 39.71 -84.73
N VAL Q 442 67.43 40.60 -85.68
CA VAL Q 442 68.48 41.24 -86.44
C VAL Q 442 69.38 42.02 -85.48
N THR Q 443 68.76 42.55 -84.42
CA THR Q 443 69.44 43.37 -83.44
C THR Q 443 70.35 42.57 -82.52
N SER Q 444 70.27 41.25 -82.53
CA SER Q 444 71.22 40.47 -81.70
C SER Q 444 72.61 40.33 -82.35
N LEU Q 445 72.78 40.93 -83.53
CA LEU Q 445 73.98 40.70 -84.32
C LEU Q 445 74.90 41.82 -83.96
N THR Q 446 75.55 41.71 -82.82
CA THR Q 446 76.33 42.83 -82.33
C THR Q 446 77.77 42.80 -82.81
N ASP Q 447 78.21 41.66 -83.33
CA ASP Q 447 79.50 41.56 -84.04
C ASP Q 447 79.36 41.93 -85.54
N SER Q 448 79.76 43.14 -85.92
CA SER Q 448 79.91 43.50 -87.34
C SER Q 448 80.38 42.33 -88.23
N PRO Q 449 79.50 41.80 -89.08
CA PRO Q 449 79.96 40.75 -89.97
C PRO Q 449 80.83 41.38 -91.06
N ASP Q 450 81.60 40.57 -91.78
CA ASP Q 450 82.29 41.07 -92.96
C ASP Q 450 81.31 41.26 -94.11
N ILE Q 451 80.44 40.27 -94.32
CA ILE Q 451 79.47 40.34 -95.39
C ILE Q 451 78.08 39.81 -94.94
N VAL Q 452 77.01 40.50 -95.28
CA VAL Q 452 75.71 39.84 -95.21
C VAL Q 452 75.25 39.37 -96.59
N LEU Q 453 75.06 38.06 -96.72
CA LEU Q 453 74.46 37.41 -97.83
C LEU Q 453 72.95 37.18 -97.61
N ALA Q 454 72.21 37.02 -98.71
CA ALA Q 454 70.79 36.73 -98.69
C ALA Q 454 70.40 36.20 -100.06
N GLU Q 455 69.23 35.56 -100.15
CA GLU Q 455 68.68 35.13 -101.43
C GLU Q 455 67.96 36.27 -102.24
N PRO Q 456 67.05 37.07 -101.62
CA PRO Q 456 66.47 37.07 -100.28
C PRO Q 456 65.26 36.20 -100.34
N PHE Q 457 65.16 35.26 -99.42
CA PHE Q 457 63.98 34.47 -99.31
C PHE Q 457 63.35 34.60 -97.91
N TYR Q 458 62.06 34.88 -97.85
CA TYR Q 458 61.37 34.96 -96.59
C TYR Q 458 60.08 34.20 -96.74
N MET Q 459 59.98 33.01 -96.16
CA MET Q 459 58.83 32.12 -96.42
C MET Q 459 57.52 32.79 -96.13
N SER Q 460 57.59 33.90 -95.42
CA SER Q 460 56.42 34.57 -94.86
C SER Q 460 55.62 35.38 -95.87
N ALA Q 461 56.35 36.11 -96.72
CA ALA Q 461 55.86 36.91 -97.84
C ALA Q 461 54.46 36.59 -98.38
N MET Q 462 53.63 37.62 -98.46
CA MET Q 462 52.30 37.50 -99.07
C MET Q 462 52.45 37.05 -100.53
N ASN Q 463 53.26 37.79 -101.30
CA ASN Q 463 53.42 37.54 -102.74
C ASN Q 463 54.83 37.08 -103.10
N PRO Q 464 54.92 36.15 -104.05
CA PRO Q 464 56.23 35.60 -104.34
C PRO Q 464 57.11 36.57 -105.14
N TRP Q 465 56.52 37.64 -105.65
CA TRP Q 465 57.33 38.66 -106.30
C TRP Q 465 57.80 39.63 -105.28
N ASN Q 466 57.44 39.40 -104.02
CA ASN Q 466 57.82 40.34 -102.95
C ASN Q 466 58.38 39.71 -101.66
N HIS Q 467 59.70 39.52 -101.66
CA HIS Q 467 60.45 39.19 -100.46
C HIS Q 467 61.22 40.39 -100.03
N LEU Q 468 60.63 41.59 -100.14
CA LEU Q 468 61.38 42.79 -99.76
C LEU Q 468 61.50 43.13 -98.29
N ARG Q 469 61.20 42.18 -97.39
CA ARG Q 469 61.51 42.39 -95.98
C ARG Q 469 63.03 42.63 -95.83
N PHE Q 470 63.76 42.04 -96.78
CA PHE Q 470 65.20 42.14 -96.91
C PHE Q 470 65.62 43.59 -96.89
N LEU Q 471 64.91 44.43 -97.61
CA LEU Q 471 65.25 45.84 -97.54
C LEU Q 471 65.37 46.37 -96.12
N TYR Q 472 64.46 45.93 -95.24
CA TYR Q 472 64.35 46.53 -93.90
C TYR Q 472 65.40 45.98 -92.93
N ASP Q 473 65.75 44.72 -93.11
CA ASP Q 473 66.75 44.07 -92.30
C ASP Q 473 68.14 44.64 -92.58
N VAL Q 474 68.48 44.72 -93.87
CA VAL Q 474 69.69 45.42 -94.31
C VAL Q 474 69.78 46.80 -93.66
N GLU Q 475 68.77 47.64 -93.82
CA GLU Q 475 68.71 48.93 -93.13
C GLU Q 475 68.95 48.84 -91.59
N VAL Q 476 68.40 47.82 -90.90
CA VAL Q 476 68.72 47.68 -89.46
C VAL Q 476 70.22 47.41 -89.31
N LEU Q 477 70.70 46.32 -89.95
CA LEU Q 477 72.12 46.01 -90.06
C LEU Q 477 73.00 47.22 -90.32
N LYS Q 478 72.63 48.01 -91.32
CA LYS Q 478 73.40 49.16 -91.71
C LYS Q 478 73.40 50.26 -90.66
N MET Q 479 72.29 50.43 -89.95
CA MET Q 479 72.23 51.42 -88.86
C MET Q 479 73.12 51.02 -87.68
N MET Q 480 73.36 49.72 -87.56
CA MET Q 480 74.17 49.21 -86.47
C MET Q 480 75.63 49.11 -86.90
N HIS Q 481 75.87 48.84 -88.18
CA HIS Q 481 77.20 48.51 -88.59
C HIS Q 481 77.77 49.38 -89.68
N GLY Q 482 77.11 50.51 -89.92
CA GLY Q 482 77.49 51.46 -90.97
C GLY Q 482 77.02 51.05 -92.36
N ASP Q 483 76.78 52.04 -93.23
CA ASP Q 483 76.37 51.80 -94.62
C ASP Q 483 77.45 51.18 -95.46
N GLU Q 484 78.69 51.25 -95.00
CA GLU Q 484 79.81 50.62 -95.68
C GLU Q 484 79.48 49.15 -95.82
N LEU Q 485 78.83 48.60 -94.78
CA LEU Q 485 78.52 47.16 -94.72
C LEU Q 485 78.19 46.51 -96.08
N ARG Q 486 78.89 45.41 -96.39
CA ARG Q 486 78.71 44.62 -97.62
C ARG Q 486 77.47 43.72 -97.63
N VAL Q 487 76.54 43.98 -98.56
CA VAL Q 487 75.42 43.06 -98.78
C VAL Q 487 75.28 42.51 -100.22
N GLU Q 488 75.21 41.18 -100.31
CA GLU Q 488 74.79 40.51 -101.52
C GLU Q 488 73.43 39.92 -101.25
N PRO Q 489 72.47 40.09 -102.19
CA PRO Q 489 72.61 40.76 -103.47
C PRO Q 489 72.62 42.28 -103.33
N HIS Q 490 73.25 42.99 -104.29
CA HIS Q 490 73.48 44.44 -104.18
C HIS Q 490 72.45 45.20 -104.97
N MET Q 491 71.64 44.45 -105.73
CA MET Q 491 70.65 45.03 -106.67
C MET Q 491 69.50 44.07 -107.00
N GLY Q 492 68.28 44.55 -106.90
CA GLY Q 492 67.16 43.72 -107.31
C GLY Q 492 66.23 44.40 -108.29
N VAL Q 493 65.58 43.60 -109.13
CA VAL Q 493 64.69 44.25 -110.06
C VAL Q 493 63.45 43.43 -110.30
N LEU Q 494 62.35 44.16 -110.37
CA LEU Q 494 61.00 43.67 -110.70
C LEU Q 494 60.75 43.83 -112.20
N LYS Q 495 60.54 42.72 -112.88
CA LYS Q 495 60.48 42.73 -114.32
C LYS Q 495 59.21 42.08 -114.81
N ALA Q 496 58.72 42.57 -115.95
CA ALA Q 496 57.48 42.08 -116.55
C ALA Q 496 57.71 41.74 -118.02
N ILE Q 497 56.87 40.88 -118.59
CA ILE Q 497 56.96 40.53 -120.00
C ILE Q 497 55.59 40.25 -120.67
N PRO Q 498 55.43 40.65 -121.95
CA PRO Q 498 54.29 40.23 -122.73
C PRO Q 498 54.35 38.75 -123.09
N GLU Q 499 53.28 37.99 -122.79
CA GLU Q 499 53.21 36.57 -123.14
C GLU Q 499 51.88 36.08 -123.74
N LYS Q 500 51.97 35.20 -124.74
CA LYS Q 500 50.81 34.54 -125.27
C LYS Q 500 50.86 33.09 -124.81
N PHE Q 501 50.02 32.73 -123.84
CA PHE Q 501 49.94 31.35 -123.35
C PHE Q 501 49.03 30.59 -124.28
N GLU Q 502 49.14 29.27 -124.26
CA GLU Q 502 48.31 28.47 -125.09
C GLU Q 502 46.94 28.56 -124.48
N ASP Q 503 46.83 28.03 -123.27
CA ASP Q 503 45.55 27.79 -122.64
C ASP Q 503 45.26 28.48 -121.30
N LEU Q 504 46.28 28.93 -120.56
CA LEU Q 504 46.10 29.55 -119.20
C LEU Q 504 45.08 30.72 -119.06
N GLN Q 505 44.98 31.57 -120.08
CA GLN Q 505 44.14 32.78 -120.04
C GLN Q 505 42.68 32.48 -119.68
N ASN Q 506 42.32 31.22 -119.88
CA ASN Q 506 40.96 30.71 -119.70
C ASN Q 506 40.38 30.66 -118.27
N ILE Q 507 41.20 30.35 -117.27
CA ILE Q 507 40.85 30.53 -115.85
C ILE Q 507 40.33 31.95 -115.52
N ALA Q 508 40.72 32.95 -116.33
CA ALA Q 508 40.29 34.34 -116.10
C ALA Q 508 39.25 35.01 -117.07
N SER Q 509 39.21 34.59 -118.32
CA SER Q 509 38.50 35.38 -119.36
C SER Q 509 37.01 35.14 -119.38
N ASP Q 510 36.25 36.09 -119.92
CA ASP Q 510 34.77 35.99 -119.92
C ASP Q 510 34.16 34.73 -120.51
N VAL Q 511 33.03 34.33 -119.96
CA VAL Q 511 32.49 33.00 -120.22
C VAL Q 511 31.46 33.00 -121.40
N GLY Q 512 30.58 34.01 -121.41
CA GLY Q 512 29.57 34.21 -122.49
C GLY Q 512 28.59 33.07 -122.75
N THR Q 513 28.38 32.80 -124.04
CA THR Q 513 27.42 31.76 -124.44
C THR Q 513 28.17 30.46 -124.56
N VAL Q 514 27.76 29.49 -123.77
CA VAL Q 514 28.41 28.19 -123.89
C VAL Q 514 27.42 27.07 -124.12
N ASN Q 515 27.76 26.17 -125.03
CA ASN Q 515 26.84 25.16 -125.54
C ASN Q 515 25.49 25.77 -125.99
N GLY Q 516 25.55 27.01 -126.45
CA GLY Q 516 24.37 27.72 -126.94
C GLY Q 516 23.45 28.15 -125.82
N PHE Q 517 24.03 28.44 -124.65
CA PHE Q 517 23.32 29.10 -123.57
C PHE Q 517 24.10 30.34 -123.19
N ASP Q 518 23.40 31.42 -122.93
CA ASP Q 518 24.12 32.63 -122.64
C ASP Q 518 24.34 32.83 -121.16
N LEU Q 519 25.36 32.15 -120.66
CA LEU Q 519 25.75 32.26 -119.25
C LEU Q 519 26.28 33.63 -118.89
N SER Q 520 25.86 34.65 -119.62
CA SER Q 520 26.46 35.97 -119.47
C SER Q 520 26.08 36.64 -118.17
N PHE Q 521 25.07 36.11 -117.49
CA PHE Q 521 24.67 36.67 -116.21
C PHE Q 521 25.71 36.29 -115.16
N PHE Q 522 26.19 35.05 -115.23
CA PHE Q 522 27.26 34.63 -114.36
C PHE Q 522 28.57 35.36 -114.57
N ASP Q 523 28.79 35.94 -115.75
CA ASP Q 523 29.94 36.81 -115.95
C ASP Q 523 29.80 38.02 -115.04
N GLU Q 524 28.64 38.67 -115.13
CA GLU Q 524 28.37 39.90 -114.39
C GLU Q 524 28.74 39.74 -112.91
N ILE Q 525 28.11 38.79 -112.23
CA ILE Q 525 28.32 38.63 -110.80
C ILE Q 525 29.73 38.15 -110.53
N SER Q 526 30.19 37.16 -111.32
CA SER Q 526 31.50 36.57 -111.11
C SER Q 526 32.54 37.63 -111.24
N THR Q 527 32.34 38.51 -112.21
CA THR Q 527 33.24 39.64 -112.46
C THR Q 527 33.16 40.68 -111.35
N LYS Q 528 31.97 40.89 -110.79
CA LYS Q 528 31.83 41.93 -109.77
C LYS Q 528 32.46 41.38 -108.49
N ALA Q 529 32.20 40.09 -108.23
CA ALA Q 529 32.79 39.39 -107.09
C ALA Q 529 34.31 39.44 -107.14
N ARG Q 530 34.88 39.06 -108.31
CA ARG Q 530 36.33 39.00 -108.54
C ARG Q 530 36.94 40.39 -108.42
N THR Q 531 36.26 41.38 -108.98
CA THR Q 531 36.69 42.74 -108.80
C THR Q 531 36.86 42.95 -107.30
N ALA Q 532 35.74 43.04 -106.58
CA ALA Q 532 35.73 43.35 -105.12
C ALA Q 532 36.63 42.55 -104.15
N THR Q 533 36.78 41.25 -104.36
CA THR Q 533 37.58 40.42 -103.47
C THR Q 533 39.00 40.09 -103.95
N ASP Q 534 39.16 39.69 -105.21
CA ASP Q 534 40.44 39.21 -105.76
C ASP Q 534 41.66 40.12 -105.75
N ALA Q 535 42.81 39.48 -105.74
CA ALA Q 535 44.07 40.17 -106.03
C ALA Q 535 44.00 40.67 -107.48
N ILE Q 536 44.64 41.81 -107.74
CA ILE Q 536 44.80 42.28 -109.10
C ILE Q 536 45.74 41.39 -109.92
N VAL Q 537 46.87 40.98 -109.34
CA VAL Q 537 47.74 40.02 -109.99
C VAL Q 537 47.48 38.64 -109.43
N ASP Q 538 47.39 37.64 -110.30
CA ASP Q 538 47.29 36.25 -109.86
C ASP Q 538 48.69 35.72 -109.55
N GLU Q 539 48.76 34.47 -109.12
CA GLU Q 539 50.03 33.84 -108.93
C GLU Q 539 49.90 32.42 -109.40
N GLN Q 540 50.90 31.98 -110.16
CA GLN Q 540 50.89 30.63 -110.69
C GLN Q 540 52.28 30.11 -110.91
N SER Q 541 52.36 28.80 -111.12
CA SER Q 541 53.56 28.10 -111.48
C SER Q 541 53.68 28.10 -113.00
N LEU Q 542 54.22 29.19 -113.55
CA LEU Q 542 54.23 29.38 -114.98
C LEU Q 542 54.85 28.20 -115.75
N TRP Q 543 55.96 27.73 -115.22
CA TRP Q 543 56.59 26.54 -115.81
C TRP Q 543 55.63 25.41 -116.11
N GLU Q 544 54.36 25.53 -115.67
CA GLU Q 544 53.32 24.51 -115.95
C GLU Q 544 52.42 24.93 -117.11
N TYR Q 545 52.55 26.16 -117.59
CA TYR Q 545 51.71 26.57 -118.68
C TYR Q 545 52.44 26.96 -119.95
N ALA Q 546 52.27 26.13 -120.98
CA ALA Q 546 52.94 26.42 -122.25
C ALA Q 546 52.46 27.75 -122.80
N GLY Q 547 53.42 28.60 -123.11
CA GLY Q 547 53.18 29.94 -123.60
C GLY Q 547 54.34 30.30 -124.53
N ILE Q 548 54.20 31.46 -125.18
CA ILE Q 548 55.25 32.01 -126.05
C ILE Q 548 55.31 33.50 -125.76
N VAL Q 549 56.53 34.01 -125.57
CA VAL Q 549 56.79 35.43 -125.35
C VAL Q 549 56.50 36.27 -126.58
N LYS Q 550 56.01 37.50 -126.37
CA LYS Q 550 55.81 38.45 -127.47
C LYS Q 550 56.61 39.76 -127.32
N GLY Q 551 57.56 39.79 -126.38
CA GLY Q 551 58.29 41.02 -126.10
C GLY Q 551 59.63 40.87 -125.40
N ASP Q 552 60.29 42.00 -125.23
CA ASP Q 552 61.54 42.10 -124.50
C ASP Q 552 61.13 42.41 -123.05
N ALA Q 553 61.43 41.49 -122.13
CA ALA Q 553 61.18 41.72 -120.71
C ALA Q 553 61.58 43.13 -120.25
N VAL Q 554 60.61 43.88 -119.74
CA VAL Q 554 60.84 45.24 -119.27
C VAL Q 554 60.96 45.28 -117.74
N GLU Q 555 61.84 46.17 -117.26
CA GLU Q 555 62.02 46.48 -115.84
C GLU Q 555 60.92 47.41 -115.35
N ILE Q 556 60.52 47.24 -114.09
CA ILE Q 556 59.41 48.03 -113.52
C ILE Q 556 59.87 48.89 -112.36
N LEU Q 557 60.48 48.25 -111.35
CA LEU Q 557 61.04 48.91 -110.16
C LEU Q 557 62.44 48.34 -109.91
N ARG Q 558 63.37 49.20 -109.55
CA ARG Q 558 64.66 48.68 -109.17
C ARG Q 558 65.04 49.08 -107.75
N PHE Q 559 65.75 48.17 -107.09
CA PHE Q 559 66.10 48.36 -105.68
C PHE Q 559 67.58 48.26 -105.52
N PRO Q 560 68.23 49.41 -105.59
CA PRO Q 560 69.64 49.50 -105.30
C PRO Q 560 69.75 49.48 -103.78
N ILE Q 561 70.52 48.53 -103.27
CA ILE Q 561 70.60 48.35 -101.83
C ILE Q 561 71.50 49.44 -101.24
N ASP Q 562 70.98 50.67 -101.19
CA ASP Q 562 71.82 51.84 -100.97
C ASP Q 562 71.05 52.92 -100.24
N GLY Q 563 70.82 52.70 -98.96
CA GLY Q 563 70.23 53.73 -98.13
C GLY Q 563 68.94 53.27 -97.53
N ARG Q 564 68.29 54.18 -96.81
CA ARG Q 564 67.00 53.94 -96.22
C ARG Q 564 66.07 53.45 -97.32
N VAL Q 565 65.12 52.62 -96.93
CA VAL Q 565 64.13 52.17 -97.85
C VAL Q 565 63.26 53.39 -98.14
N SER Q 566 62.72 53.45 -99.35
CA SER Q 566 61.70 54.46 -99.65
C SER Q 566 60.68 53.98 -100.68
N SER Q 567 59.55 54.68 -100.75
CA SER Q 567 58.52 54.29 -101.69
C SER Q 567 58.99 54.63 -103.11
N GLN Q 568 58.78 53.70 -104.03
CA GLN Q 568 59.18 53.86 -105.41
C GLN Q 568 57.90 53.72 -106.21
N LYS Q 569 57.60 54.77 -106.97
CA LYS Q 569 56.47 54.82 -107.88
C LYS Q 569 57.03 54.76 -109.29
N CYS Q 570 56.43 53.93 -110.13
CA CYS Q 570 56.73 53.95 -111.55
C CYS Q 570 55.47 53.71 -112.40
N VAL Q 571 55.39 54.39 -113.55
CA VAL Q 571 54.23 54.36 -114.46
C VAL Q 571 54.69 54.01 -115.88
N VAL Q 572 54.44 52.79 -116.37
CA VAL Q 572 54.93 52.37 -117.72
C VAL Q 572 54.03 51.47 -118.59
N ASN Q 573 53.96 51.79 -119.89
CA ASN Q 573 53.17 51.03 -120.87
C ASN Q 573 53.88 49.80 -121.34
N ILE Q 574 53.15 48.70 -121.45
CA ILE Q 574 53.69 47.47 -122.01
C ILE Q 574 53.00 47.21 -123.33
N ASP Q 575 53.79 47.07 -124.40
CA ASP Q 575 53.24 46.84 -125.73
C ASP Q 575 53.46 45.38 -126.10
N ASN Q 576 53.14 45.05 -127.35
CA ASN Q 576 53.06 43.67 -127.81
C ASN Q 576 51.83 42.96 -127.23
N MET Q 577 50.89 43.74 -126.71
CA MET Q 577 49.75 43.14 -126.00
C MET Q 577 48.69 42.58 -126.92
N SER Q 578 48.60 43.11 -128.14
CA SER Q 578 47.51 42.75 -129.03
C SER Q 578 47.57 41.27 -129.38
N SER Q 579 48.74 40.68 -129.24
CA SER Q 579 48.83 39.23 -129.40
C SER Q 579 49.14 38.50 -128.08
N SER Q 580 48.96 39.20 -126.96
CA SER Q 580 49.23 38.65 -125.62
C SER Q 580 48.02 38.60 -124.67
N ASN Q 581 47.87 37.46 -124.02
CA ASN Q 581 46.76 37.22 -123.09
C ASN Q 581 47.10 37.49 -121.61
N ALA Q 582 48.39 37.43 -121.28
CA ALA Q 582 48.87 37.52 -119.89
C ALA Q 582 50.17 38.28 -119.78
N ILE Q 583 50.45 38.82 -118.59
CA ILE Q 583 51.67 39.60 -118.32
C ILE Q 583 52.40 39.09 -117.08
N PRO Q 584 53.24 38.04 -117.23
CA PRO Q 584 54.05 37.61 -116.09
C PRO Q 584 55.00 38.66 -115.53
N MET Q 585 54.93 38.85 -114.21
CA MET Q 585 55.97 39.56 -113.49
C MET Q 585 56.62 38.73 -112.40
N TRP Q 586 57.90 39.05 -112.16
CA TRP Q 586 58.77 38.29 -111.28
C TRP Q 586 59.95 39.15 -111.00
N MET Q 587 60.91 38.58 -110.27
CA MET Q 587 61.98 39.37 -109.73
C MET Q 587 63.34 38.69 -109.88
N GLU Q 588 64.37 39.55 -109.83
CA GLU Q 588 65.72 39.17 -110.21
C GLU Q 588 66.79 39.84 -109.35
N TRP Q 589 67.70 39.00 -108.86
CA TRP Q 589 68.73 39.44 -107.92
C TRP Q 589 70.17 39.35 -108.43
N GLU Q 590 70.84 40.48 -108.29
CA GLU Q 590 72.27 40.58 -108.52
C GLU Q 590 73.11 40.04 -107.36
N PHE Q 591 73.32 38.72 -107.30
CA PHE Q 591 74.08 38.07 -106.21
C PHE Q 591 75.58 38.04 -106.58
N GLY Q 592 76.24 39.17 -106.38
CA GLY Q 592 77.60 39.37 -106.92
C GLY Q 592 77.69 39.06 -108.39
N GLY Q 593 78.72 38.31 -108.76
CA GLY Q 593 79.02 38.00 -110.17
C GLY Q 593 77.91 37.34 -110.98
N ILE Q 594 77.04 36.58 -110.30
CA ILE Q 594 75.95 35.90 -110.97
C ILE Q 594 74.61 36.58 -110.71
N ASN Q 595 73.57 36.09 -111.37
CA ASN Q 595 72.28 36.74 -111.30
C ASN Q 595 71.16 35.73 -111.12
N LEU Q 596 70.25 36.04 -110.20
CA LEU Q 596 69.24 35.07 -109.77
C LEU Q 596 67.88 35.54 -110.18
N SER Q 597 67.11 34.71 -110.88
CA SER Q 597 65.71 35.11 -111.15
C SER Q 597 64.66 34.23 -110.47
N THR Q 598 63.69 34.88 -109.83
CA THR Q 598 62.57 34.16 -109.22
C THR Q 598 61.63 33.67 -110.32
N GLY Q 599 61.74 34.27 -111.50
CA GLY Q 599 60.82 33.97 -112.60
C GLY Q 599 61.44 33.43 -113.86
N LEU Q 600 61.82 34.34 -114.75
CA LEU Q 600 62.27 33.99 -116.10
C LEU Q 600 63.70 33.51 -116.11
N LEU Q 601 63.89 32.25 -116.46
CA LEU Q 601 65.22 31.69 -116.48
C LEU Q 601 65.91 31.92 -117.83
N SER Q 602 65.21 31.53 -118.89
CA SER Q 602 65.72 31.66 -120.24
C SER Q 602 64.56 31.75 -121.23
N ILE Q 603 64.83 32.44 -122.33
CA ILE Q 603 63.99 32.39 -123.52
C ILE Q 603 64.65 31.48 -124.59
N SER Q 604 63.85 30.66 -125.28
CA SER Q 604 64.34 29.86 -126.40
C SER Q 604 64.34 30.63 -127.75
N SER Q 605 65.07 30.06 -128.70
CA SER Q 605 65.03 30.46 -130.12
C SER Q 605 63.64 30.89 -130.61
N ALA Q 606 62.64 30.02 -130.42
CA ALA Q 606 61.24 30.30 -130.76
C ALA Q 606 60.54 31.43 -129.94
N GLY Q 607 61.18 31.94 -128.90
CA GLY Q 607 60.51 32.92 -128.03
C GLY Q 607 59.75 32.23 -126.89
N VAL Q 608 60.19 31.03 -126.55
CA VAL Q 608 59.57 30.20 -125.50
C VAL Q 608 60.25 30.41 -124.14
N PRO Q 609 59.45 30.79 -123.11
CA PRO Q 609 59.99 31.02 -121.77
C PRO Q 609 60.19 29.73 -120.97
N GLU Q 610 61.31 29.69 -120.24
CA GLU Q 610 61.48 28.75 -119.15
C GLU Q 610 61.39 29.55 -117.84
N TRP Q 611 60.68 28.99 -116.86
CA TRP Q 611 60.35 29.64 -115.58
C TRP Q 611 60.90 28.84 -114.45
N ASN Q 612 61.52 29.52 -113.48
CA ASN Q 612 61.87 28.92 -112.18
C ASN Q 612 60.78 28.05 -111.54
N LYS Q 613 61.06 26.76 -111.41
CA LYS Q 613 60.17 25.80 -110.78
C LYS Q 613 60.08 25.89 -109.21
N GLY Q 614 60.87 26.77 -108.59
CA GLY Q 614 61.04 26.78 -107.12
C GLY Q 614 60.28 27.93 -106.49
N TYR Q 615 59.87 28.84 -107.37
CA TYR Q 615 58.96 29.90 -107.04
C TYR Q 615 57.71 29.76 -107.92
N LYS Q 616 56.71 30.54 -107.55
CA LYS Q 616 55.53 30.84 -108.33
C LYS Q 616 55.79 32.26 -108.79
N GLN Q 617 55.13 32.66 -109.87
CA GLN Q 617 55.32 34.01 -110.41
C GLN Q 617 53.98 34.67 -110.41
N GLY Q 618 53.96 35.99 -110.36
CA GLY Q 618 52.73 36.69 -110.68
C GLY Q 618 52.41 36.72 -112.19
N VAL Q 619 51.11 36.62 -112.55
CA VAL Q 619 50.61 36.97 -113.89
C VAL Q 619 49.38 37.84 -113.78
N TYR Q 620 49.34 38.93 -114.53
CA TYR Q 620 48.12 39.71 -114.71
C TYR Q 620 47.47 39.39 -116.05
N PHE Q 621 46.15 39.19 -116.01
CA PHE Q 621 45.38 38.98 -117.22
C PHE Q 621 44.61 40.22 -117.51
N PRO Q 622 44.87 40.83 -118.68
CA PRO Q 622 44.16 42.02 -119.14
C PRO Q 622 42.67 41.80 -118.93
N ILE Q 623 42.02 42.73 -118.25
CA ILE Q 623 40.61 42.54 -117.99
C ILE Q 623 39.87 42.70 -119.31
N THR Q 624 38.68 42.12 -119.38
CA THR Q 624 37.90 42.12 -120.58
C THR Q 624 37.79 43.51 -121.27
N ALA Q 625 37.45 44.56 -120.55
CA ALA Q 625 37.50 45.90 -121.17
C ALA Q 625 38.87 46.19 -121.84
N LEU Q 626 39.82 45.29 -121.69
CA LEU Q 626 41.19 45.58 -122.10
C LEU Q 626 41.86 44.59 -123.03
N ARG Q 627 41.19 43.50 -123.39
CA ARG Q 627 41.87 42.40 -124.14
C ARG Q 627 42.28 42.71 -125.58
N ASN Q 628 41.61 43.67 -126.20
CA ASN Q 628 41.92 43.98 -127.59
C ASN Q 628 43.15 44.89 -127.71
N ASP Q 629 43.41 45.70 -126.68
CA ASP Q 629 44.43 46.79 -126.70
C ASP Q 629 45.87 46.40 -127.09
N LYS Q 630 46.58 47.37 -127.67
CA LYS Q 630 47.97 47.18 -128.05
C LYS Q 630 48.93 47.53 -126.90
N SER Q 631 48.55 48.55 -126.12
CA SER Q 631 49.36 49.03 -124.98
C SER Q 631 48.54 49.51 -123.79
N LEU Q 632 48.90 49.00 -122.61
CA LEU Q 632 48.24 49.31 -121.34
C LEU Q 632 49.18 49.93 -120.33
N CYS Q 633 48.62 50.74 -119.43
CA CYS Q 633 49.35 51.56 -118.46
C CYS Q 633 49.50 50.92 -117.05
N LEU Q 634 50.58 50.16 -116.84
CA LEU Q 634 50.90 49.48 -115.56
C LEU Q 634 51.38 50.48 -114.50
N HIS Q 635 50.59 50.65 -113.46
CA HIS Q 635 50.96 51.45 -112.29
C HIS Q 635 51.46 50.49 -111.25
N ALA Q 636 52.62 50.82 -110.69
CA ALA Q 636 53.19 49.99 -109.62
C ALA Q 636 53.80 50.90 -108.60
N LEU Q 637 53.31 50.75 -107.38
CA LEU Q 637 53.80 51.52 -106.26
C LEU Q 637 54.34 50.57 -105.17
N PHE Q 638 55.59 50.82 -104.79
CA PHE Q 638 56.15 50.18 -103.62
C PHE Q 638 56.03 51.18 -102.49
N ASP Q 639 55.34 50.80 -101.42
CA ASP Q 639 55.03 51.73 -100.31
C ASP Q 639 55.89 51.42 -99.11
N LYS Q 640 56.75 52.39 -98.78
CA LYS Q 640 57.63 52.37 -97.62
C LYS Q 640 56.97 51.82 -96.36
N SER Q 641 55.75 52.30 -96.08
CA SER Q 641 55.09 52.05 -94.80
C SER Q 641 54.69 50.62 -94.58
N THR Q 642 54.38 49.92 -95.65
CA THR Q 642 53.85 48.57 -95.50
C THR Q 642 54.83 47.55 -96.04
N GLY Q 643 55.74 48.01 -96.92
CA GLY Q 643 56.56 47.11 -97.71
C GLY Q 643 55.84 46.31 -98.79
N ASP Q 644 54.62 46.74 -99.14
CA ASP Q 644 53.79 46.05 -100.15
C ASP Q 644 54.09 46.60 -101.53
N ILE Q 645 53.87 45.80 -102.57
CA ILE Q 645 53.79 46.38 -103.93
C ILE Q 645 52.34 46.31 -104.50
N ASN Q 646 51.83 47.45 -104.96
CA ASN Q 646 50.46 47.55 -105.48
C ASN Q 646 50.38 47.85 -106.98
N PHE Q 647 49.66 47.02 -107.72
CA PHE Q 647 49.48 47.22 -109.17
C PHE Q 647 48.12 47.84 -109.59
N GLN Q 648 48.13 48.52 -110.72
CA GLN Q 648 46.91 48.89 -111.47
C GLN Q 648 47.28 48.74 -112.94
N PHE Q 649 46.62 47.87 -113.68
CA PHE Q 649 46.75 47.91 -115.12
C PHE Q 649 45.57 48.64 -115.80
N GLY Q 650 45.85 49.78 -116.44
CA GLY Q 650 44.84 50.51 -117.24
C GLY Q 650 45.21 50.72 -118.71
N LYS Q 651 44.48 51.59 -119.41
CA LYS Q 651 44.78 51.91 -120.82
C LYS Q 651 45.97 52.87 -120.93
N SER Q 652 46.64 52.85 -122.09
CA SER Q 652 47.70 53.81 -122.40
C SER Q 652 47.33 55.25 -122.06
N MET R 9 66.23 14.95 -76.83
CA MET R 9 66.99 15.02 -78.15
C MET R 9 67.81 16.31 -78.21
N PHE R 10 69.10 16.18 -77.99
CA PHE R 10 69.96 17.31 -77.86
C PHE R 10 70.74 17.51 -79.13
N LEU R 11 70.78 18.76 -79.56
CA LEU R 11 71.37 19.17 -80.84
C LEU R 11 72.66 19.89 -80.54
N GLU R 12 73.74 19.37 -81.07
CA GLU R 12 75.09 19.88 -80.78
C GLU R 12 75.48 21.06 -81.68
N LYS R 13 76.16 22.04 -81.11
CA LYS R 13 76.70 23.16 -81.86
C LYS R 13 77.92 23.69 -81.13
N ILE R 14 78.67 24.58 -81.77
CA ILE R 14 79.84 25.21 -81.19
C ILE R 14 79.51 26.68 -80.87
N ASN R 15 79.91 27.15 -79.69
CA ASN R 15 79.83 28.56 -79.34
C ASN R 15 80.80 29.33 -80.23
N GLN R 16 80.29 30.30 -80.97
CA GLN R 16 81.18 30.97 -81.90
C GLN R 16 82.09 31.99 -81.22
N LYS R 17 81.77 32.38 -79.99
CA LYS R 17 82.67 33.28 -79.32
C LYS R 17 83.67 32.62 -78.37
N THR R 18 83.33 31.47 -77.79
CA THR R 18 84.28 30.81 -76.89
C THR R 18 84.82 29.53 -77.46
N GLY R 19 84.18 28.94 -78.45
CA GLY R 19 84.72 27.67 -78.88
C GLY R 19 84.14 26.45 -78.18
N GLU R 20 83.50 26.58 -77.02
CA GLU R 20 82.97 25.33 -76.37
C GLU R 20 81.84 24.68 -77.16
N ARG R 21 81.75 23.37 -77.03
CA ARG R 21 80.63 22.60 -77.53
C ARG R 21 79.42 22.98 -76.69
N GLU R 22 78.26 23.05 -77.33
CA GLU R 22 77.03 23.43 -76.65
C GLU R 22 75.85 22.65 -77.22
N TRP R 23 74.68 22.81 -76.58
CA TRP R 23 73.45 22.21 -77.05
C TRP R 23 72.19 23.06 -76.95
N VAL R 24 71.20 22.67 -77.75
CA VAL R 24 69.93 23.35 -77.78
C VAL R 24 68.94 22.25 -77.94
N VAL R 25 67.65 22.56 -77.79
CA VAL R 25 66.64 21.55 -78.10
C VAL R 25 65.57 22.12 -79.00
N ALA R 26 64.89 21.23 -79.72
CA ALA R 26 63.66 21.58 -80.43
C ALA R 26 62.61 22.17 -79.48
N GLU R 27 61.91 23.20 -79.96
CA GLU R 27 60.94 23.92 -79.19
C GLU R 27 59.98 23.04 -78.40
N GLU R 28 59.61 21.91 -78.97
CA GLU R 28 58.61 21.07 -78.35
C GLU R 28 59.20 20.31 -77.18
N ASP R 29 60.54 20.20 -77.15
CA ASP R 29 61.25 19.53 -76.06
C ASP R 29 61.75 20.52 -75.05
N TYR R 30 61.51 21.80 -75.27
CA TYR R 30 62.02 22.75 -74.28
C TYR R 30 61.66 22.43 -72.79
N ASP R 31 60.36 22.32 -72.50
CA ASP R 31 59.90 21.98 -71.14
C ASP R 31 60.52 20.71 -70.61
N MET R 32 60.40 19.61 -71.33
CA MET R 32 61.10 18.40 -70.94
C MET R 32 62.58 18.71 -70.59
N ALA R 33 63.30 19.43 -71.45
CA ALA R 33 64.72 19.68 -71.17
C ALA R 33 64.93 20.56 -69.92
N GLN R 34 64.04 21.53 -69.75
CA GLN R 34 64.06 22.38 -68.56
C GLN R 34 63.82 21.56 -67.30
N GLU R 35 62.71 20.84 -67.21
CA GLU R 35 62.48 20.02 -66.06
C GLU R 35 63.66 19.09 -65.83
N LEU R 36 64.20 18.52 -66.89
CA LEU R 36 65.34 17.62 -66.72
C LEU R 36 66.58 18.37 -66.21
N ALA R 37 66.65 19.67 -66.49
CA ALA R 37 67.78 20.50 -66.05
C ALA R 37 67.76 20.60 -64.54
N ARG R 38 66.55 20.57 -63.97
CA ARG R 38 66.31 20.67 -62.57
C ARG R 38 66.31 19.34 -61.86
N SER R 39 66.46 18.23 -62.60
CA SER R 39 66.35 16.93 -61.92
C SER R 39 67.49 16.61 -60.94
N ARG R 40 68.54 17.40 -60.97
CA ARG R 40 69.64 17.21 -60.02
C ARG R 40 69.31 17.73 -58.62
N PHE R 41 68.35 18.64 -58.58
CA PHE R 41 68.02 19.39 -57.37
C PHE R 41 69.29 19.86 -56.64
N GLY R 42 70.04 20.72 -57.31
CA GLY R 42 71.22 21.38 -56.67
C GLY R 42 72.32 20.40 -56.23
N ASP R 43 72.52 20.24 -54.93
CA ASP R 43 73.56 19.40 -54.45
C ASP R 43 72.97 18.05 -54.06
N MET R 44 71.65 17.85 -54.23
CA MET R 44 71.03 16.62 -53.75
C MET R 44 71.88 15.34 -53.89
N ILE R 45 72.51 15.14 -55.06
CA ILE R 45 73.26 13.90 -55.25
C ILE R 45 74.63 13.97 -54.59
N LEU R 46 75.21 15.17 -54.64
CA LEU R 46 76.44 15.44 -53.91
C LEU R 46 76.31 15.50 -52.39
N ASP R 47 75.12 15.22 -51.85
CA ASP R 47 74.86 15.28 -50.40
C ASP R 47 75.16 13.94 -49.74
N PHE R 48 76.48 13.74 -49.57
CA PHE R 48 77.07 12.55 -48.94
C PHE R 48 76.39 12.08 -47.65
N ASP R 49 76.15 13.02 -46.75
CA ASP R 49 75.50 12.67 -45.52
C ASP R 49 74.10 12.12 -45.81
N ARG R 50 73.42 12.62 -46.83
CA ARG R 50 72.03 12.17 -47.01
C ARG R 50 72.10 10.73 -47.50
N ASN R 51 73.03 10.53 -48.41
CA ASN R 51 73.26 9.26 -49.04
C ASN R 51 73.70 8.20 -48.03
N ASP R 52 74.59 8.55 -47.10
CA ASP R 52 75.19 7.53 -46.21
C ASP R 52 74.04 7.10 -45.35
N LYS R 53 73.23 8.07 -44.97
CA LYS R 53 72.18 7.80 -44.06
C LYS R 53 71.09 6.89 -44.67
N PHE R 54 70.84 7.02 -45.98
CA PHE R 54 69.92 6.12 -46.70
C PHE R 54 70.52 4.73 -46.86
N LEU R 55 71.81 4.69 -47.11
CA LEU R 55 72.51 3.44 -47.15
C LEU R 55 72.38 2.71 -45.85
N ALA R 56 72.61 3.38 -44.75
CA ALA R 56 72.64 2.65 -43.49
C ALA R 56 71.27 2.07 -43.09
N GLY R 57 70.20 2.77 -43.44
CA GLY R 57 68.84 2.29 -43.11
C GLY R 57 68.47 1.18 -44.05
N LEU R 58 69.03 1.19 -45.27
CA LEU R 58 68.88 0.09 -46.14
C LEU R 58 69.62 -1.15 -45.60
N LYS R 59 70.92 -1.04 -45.29
CA LYS R 59 71.63 -2.13 -44.61
C LYS R 59 70.78 -2.73 -43.49
N THR R 60 70.29 -1.89 -42.59
CA THR R 60 69.55 -2.36 -41.44
C THR R 60 68.25 -3.10 -41.77
N THR R 61 67.43 -2.51 -42.63
CA THR R 61 66.15 -3.10 -42.90
C THR R 61 66.21 -4.29 -43.86
N ILE R 62 67.21 -4.32 -44.75
CA ILE R 62 67.46 -5.55 -45.53
C ILE R 62 67.93 -6.73 -44.64
N ALA R 63 68.89 -6.47 -43.77
CA ALA R 63 69.37 -7.47 -42.81
C ALA R 63 68.15 -8.09 -42.13
N GLU R 64 67.29 -7.21 -41.64
CA GLU R 64 66.13 -7.53 -40.87
C GLU R 64 65.14 -8.40 -41.62
N LYS R 65 64.94 -8.10 -42.89
CA LYS R 65 63.89 -8.71 -43.68
C LYS R 65 64.36 -10.01 -44.39
N LYS R 66 65.68 -10.16 -44.61
CA LYS R 66 66.28 -11.49 -44.93
C LYS R 66 66.03 -12.48 -43.77
N HIS R 67 66.25 -12.02 -42.54
CA HIS R 67 66.02 -12.81 -41.35
C HIS R 67 64.58 -13.02 -41.03
N GLU R 68 63.73 -12.09 -41.45
CA GLU R 68 62.32 -12.15 -41.12
C GLU R 68 61.68 -13.18 -42.03
N ASN R 69 61.85 -12.97 -43.33
CA ASN R 69 61.16 -13.77 -44.33
C ASN R 69 61.62 -15.23 -44.29
N THR R 70 60.65 -16.15 -44.46
CA THR R 70 60.89 -17.58 -44.20
C THR R 70 61.99 -18.10 -45.14
N ASP R 71 61.98 -17.62 -46.39
CA ASP R 71 63.16 -17.65 -47.27
C ASP R 71 63.93 -16.35 -47.02
N GLY R 72 65.12 -16.22 -47.59
CA GLY R 72 65.88 -14.98 -47.36
C GLY R 72 65.72 -13.93 -48.44
N LYS R 73 64.54 -13.86 -49.06
CA LYS R 73 64.38 -13.06 -50.25
C LYS R 73 63.68 -11.74 -49.96
N VAL R 74 64.13 -10.68 -50.63
CA VAL R 74 63.72 -9.35 -50.23
C VAL R 74 63.47 -8.41 -51.39
N HIS R 75 62.30 -7.79 -51.33
CA HIS R 75 61.80 -6.92 -52.39
C HIS R 75 61.74 -5.49 -51.95
N VAL R 76 62.61 -4.67 -52.53
CA VAL R 76 62.66 -3.26 -52.17
C VAL R 76 62.00 -2.38 -53.19
N LEU R 77 61.14 -1.51 -52.70
CA LEU R 77 60.45 -0.59 -53.56
C LEU R 77 61.06 0.80 -53.33
N ASP R 78 61.58 1.43 -54.39
CA ASP R 78 62.22 2.75 -54.34
C ASP R 78 61.40 3.73 -55.08
N ILE R 79 60.64 4.53 -54.38
CA ILE R 79 59.77 5.47 -55.04
C ILE R 79 60.50 6.77 -55.32
N GLY R 80 60.38 7.28 -56.54
CA GLY R 80 61.08 8.51 -56.93
C GLY R 80 62.53 8.22 -57.15
N THR R 81 62.82 7.18 -57.90
CA THR R 81 64.18 6.72 -58.01
C THR R 81 65.18 7.73 -58.64
N GLY R 82 64.68 8.69 -59.41
CA GLY R 82 65.60 9.69 -59.94
C GLY R 82 66.57 8.97 -60.82
N THR R 83 67.85 8.97 -60.46
CA THR R 83 68.89 8.39 -61.29
C THR R 83 69.03 6.87 -61.09
N GLY R 84 68.33 6.33 -60.11
CA GLY R 84 68.54 4.95 -59.69
C GLY R 84 69.43 4.79 -58.49
N LEU R 85 69.95 5.91 -57.97
CA LEU R 85 70.92 5.86 -56.85
C LEU R 85 70.55 4.92 -55.71
N LEU R 86 69.37 5.12 -55.13
CA LEU R 86 69.00 4.31 -53.98
C LEU R 86 68.64 2.84 -54.35
N SER R 87 68.21 2.60 -55.58
CA SER R 87 68.01 1.18 -56.00
C SER R 87 69.31 0.47 -56.13
N LEU R 88 70.29 1.13 -56.79
CA LEU R 88 71.67 0.60 -56.84
C LEU R 88 72.10 0.24 -55.43
N MET R 89 71.76 1.14 -54.49
CA MET R 89 72.16 0.92 -53.12
C MET R 89 71.48 -0.32 -52.56
N ALA R 90 70.20 -0.46 -52.90
CA ALA R 90 69.40 -1.54 -52.40
C ALA R 90 70.05 -2.87 -52.85
N ALA R 91 70.32 -2.95 -54.14
CA ALA R 91 70.84 -4.12 -54.77
C ALA R 91 72.24 -4.41 -54.26
N ARG R 92 73.15 -3.45 -54.36
CA ARG R 92 74.52 -3.74 -53.90
C ARG R 92 74.46 -4.24 -52.48
N GLU R 93 73.47 -3.78 -51.72
CA GLU R 93 73.37 -4.22 -50.32
C GLU R 93 72.75 -5.62 -50.15
N GLY R 94 72.08 -6.13 -51.18
CA GLY R 94 71.63 -7.51 -51.16
C GLY R 94 70.14 -7.75 -51.26
N ALA R 95 69.40 -6.76 -51.74
CA ALA R 95 67.99 -6.94 -52.01
C ALA R 95 67.94 -7.88 -53.20
N ASP R 96 67.10 -8.91 -53.09
CA ASP R 96 66.96 -9.87 -54.15
C ASP R 96 66.21 -9.24 -55.32
N LYS R 97 65.24 -8.40 -55.00
CA LYS R 97 64.45 -7.75 -56.03
C LYS R 97 64.28 -6.29 -55.69
N VAL R 98 64.45 -5.43 -56.69
CA VAL R 98 64.21 -4.01 -56.50
C VAL R 98 63.34 -3.43 -57.57
N THR R 99 62.21 -2.87 -57.17
CA THR R 99 61.46 -2.13 -58.17
C THR R 99 61.42 -0.64 -57.86
N ALA R 100 61.70 0.16 -58.88
CA ALA R 100 61.85 1.59 -58.74
C ALA R 100 60.91 2.33 -59.65
N LEU R 101 60.18 3.27 -59.06
CA LEU R 101 59.29 4.16 -59.76
C LEU R 101 59.89 5.55 -59.92
N GLU R 102 59.42 6.28 -60.93
CA GLU R 102 59.82 7.61 -61.24
C GLU R 102 58.84 8.13 -62.27
N VAL R 103 58.13 9.20 -61.92
CA VAL R 103 57.08 9.77 -62.78
C VAL R 103 57.62 10.62 -63.93
N PHE R 104 58.85 11.12 -63.80
CA PHE R 104 59.41 11.96 -64.85
C PHE R 104 60.13 11.04 -65.79
N LYS R 105 59.52 10.84 -66.96
CA LYS R 105 59.97 9.86 -67.94
C LYS R 105 61.42 10.01 -68.38
N PRO R 106 61.85 11.23 -68.75
CA PRO R 106 63.30 11.32 -69.05
C PRO R 106 64.17 10.68 -67.95
N MET R 107 63.80 10.87 -66.67
CA MET R 107 64.60 10.31 -65.59
C MET R 107 64.31 8.83 -65.39
N GLY R 108 63.13 8.40 -65.82
CA GLY R 108 62.89 6.95 -65.95
C GLY R 108 63.89 6.32 -66.93
N ASP R 109 64.05 6.97 -68.08
CA ASP R 109 65.06 6.52 -69.05
C ASP R 109 66.42 6.52 -68.40
N CYS R 110 66.75 7.62 -67.72
CA CYS R 110 68.07 7.75 -67.08
C CYS R 110 68.33 6.58 -66.16
N ALA R 111 67.30 6.23 -65.40
CA ALA R 111 67.42 5.22 -64.38
C ALA R 111 67.61 3.84 -65.00
N ARG R 112 66.76 3.49 -65.96
CA ARG R 112 66.90 2.17 -66.55
C ARG R 112 68.21 2.16 -67.28
N HIS R 113 68.56 3.29 -67.91
CA HIS R 113 69.85 3.32 -68.53
C HIS R 113 70.93 2.94 -67.57
N ILE R 114 71.13 3.79 -66.54
CA ILE R 114 72.21 3.57 -65.59
C ILE R 114 72.10 2.21 -64.90
N THR R 115 70.87 1.83 -64.61
CA THR R 115 70.59 0.64 -63.85
C THR R 115 70.78 -0.65 -64.68
N SER R 116 70.38 -0.63 -65.96
CA SER R 116 70.65 -1.74 -66.89
C SER R 116 72.14 -2.04 -67.11
N ASN R 117 72.98 -1.01 -67.06
CA ASN R 117 74.44 -1.16 -67.25
C ASN R 117 75.17 -1.49 -65.96
N SER R 118 74.43 -1.71 -64.89
CA SER R 118 75.09 -1.86 -63.62
C SER R 118 75.34 -3.32 -63.29
N PRO R 119 76.32 -3.59 -62.44
CA PRO R 119 76.50 -4.94 -61.93
C PRO R 119 75.20 -5.65 -61.46
N TRP R 120 74.11 -4.91 -61.33
CA TRP R 120 72.90 -5.46 -60.73
C TRP R 120 71.70 -5.31 -61.61
N SER R 121 71.99 -5.36 -62.91
CA SER R 121 71.03 -5.31 -63.99
C SER R 121 69.84 -6.27 -63.85
N ASP R 122 70.10 -7.48 -63.39
CA ASP R 122 69.08 -8.50 -63.32
C ASP R 122 68.19 -8.36 -62.07
N LYS R 123 68.59 -7.49 -61.14
CA LYS R 123 67.97 -7.35 -59.82
C LYS R 123 67.01 -6.18 -59.69
N ILE R 124 67.22 -5.16 -60.54
CA ILE R 124 66.47 -3.90 -60.48
C ILE R 124 65.61 -3.69 -61.69
N THR R 125 64.37 -3.29 -61.44
CA THR R 125 63.40 -2.98 -62.51
C THR R 125 62.77 -1.55 -62.38
N VAL R 126 62.91 -0.73 -63.42
CA VAL R 126 62.50 0.67 -63.39
C VAL R 126 61.20 0.87 -64.18
N ILE R 127 60.16 1.41 -63.53
CA ILE R 127 58.88 1.70 -64.16
C ILE R 127 58.59 3.21 -64.14
N SER R 128 58.32 3.79 -65.31
CA SER R 128 58.04 5.22 -65.48
C SER R 128 56.64 5.73 -65.08
N GLU R 129 56.13 5.27 -63.94
CA GLU R 129 54.80 5.68 -63.45
C GLU R 129 54.88 6.43 -62.13
N ARG R 130 53.81 7.06 -61.70
CA ARG R 130 53.81 7.62 -60.35
C ARG R 130 53.24 6.62 -59.37
N SER R 131 53.95 6.38 -58.27
CA SER R 131 53.58 5.30 -57.34
C SER R 131 52.10 5.36 -56.98
N THR R 132 51.60 6.56 -57.05
CA THR R 132 50.24 6.90 -56.79
C THR R 132 49.22 6.39 -57.83
N ASP R 133 49.70 6.09 -59.03
CA ASP R 133 48.86 5.69 -60.14
C ASP R 133 48.95 4.20 -60.27
N VAL R 134 49.90 3.58 -59.57
CA VAL R 134 50.10 2.15 -59.67
C VAL R 134 49.24 1.32 -58.71
N SER R 135 48.51 0.34 -59.25
CA SER R 135 47.57 -0.46 -58.48
C SER R 135 48.31 -1.53 -57.76
N GLN R 136 49.24 -2.16 -58.46
CA GLN R 136 50.02 -3.23 -57.85
C GLN R 136 51.37 -3.43 -58.54
N ILE R 137 52.36 -3.75 -57.71
CA ILE R 137 53.76 -3.69 -58.08
C ILE R 137 54.32 -5.08 -58.35
N GLY R 138 53.44 -5.98 -58.76
CA GLY R 138 53.75 -7.40 -58.89
C GLY R 138 55.05 -7.54 -59.62
N GLY R 139 55.84 -8.58 -59.32
CA GLY R 139 55.38 -9.84 -58.71
C GLY R 139 55.00 -9.91 -57.24
N SER R 140 55.95 -9.64 -56.36
CA SER R 140 55.69 -9.63 -54.92
C SER R 140 55.29 -8.22 -54.43
N ARG R 141 54.75 -8.10 -53.22
CA ARG R 141 54.54 -6.78 -52.60
C ARG R 141 55.89 -6.36 -52.05
N ALA R 142 56.15 -5.07 -51.87
CA ALA R 142 57.41 -4.67 -51.22
C ALA R 142 57.55 -5.13 -49.76
N ASP R 143 58.77 -5.51 -49.43
CA ASP R 143 59.17 -5.68 -48.05
C ASP R 143 59.54 -4.33 -47.44
N ILE R 144 60.20 -3.48 -48.22
CA ILE R 144 60.74 -2.22 -47.76
C ILE R 144 60.33 -1.17 -48.76
N ILE R 145 59.91 -0.01 -48.25
CA ILE R 145 59.79 1.16 -49.10
C ILE R 145 60.97 2.06 -48.72
N VAL R 146 61.66 2.57 -49.73
CA VAL R 146 62.65 3.62 -49.60
C VAL R 146 62.21 4.72 -50.54
N ALA R 147 62.05 5.94 -50.03
CA ALA R 147 61.73 7.07 -50.91
C ALA R 147 62.45 8.29 -50.38
N GLU R 148 63.15 9.04 -51.21
CA GLU R 148 63.55 10.37 -50.73
C GLU R 148 62.81 11.42 -51.53
N VAL R 149 61.80 11.91 -50.89
CA VAL R 149 60.76 12.56 -51.59
C VAL R 149 60.39 13.76 -50.69
N PHE R 150 61.42 14.42 -50.11
CA PHE R 150 61.21 15.49 -49.10
C PHE R 150 61.77 16.80 -49.50
N ASP R 151 61.12 17.84 -49.04
CA ASP R 151 61.71 19.15 -49.21
C ASP R 151 61.97 19.75 -47.84
N THR R 152 62.47 20.97 -47.84
CA THR R 152 62.74 21.71 -46.66
C THR R 152 61.48 21.65 -45.75
N GLU R 153 60.28 21.75 -46.30
CA GLU R 153 59.09 21.72 -45.44
C GLU R 153 58.74 20.30 -45.22
N LEU R 154 59.58 19.40 -45.66
CA LEU R 154 59.33 17.98 -45.39
C LEU R 154 58.25 17.40 -46.27
N ILE R 155 57.02 17.92 -46.14
CA ILE R 155 55.84 17.38 -46.84
C ILE R 155 55.42 18.08 -48.17
N GLY R 156 56.15 19.08 -48.65
CA GLY R 156 55.68 19.88 -49.80
C GLY R 156 55.78 19.24 -51.18
N GLU R 157 56.56 18.17 -51.27
CA GLU R 157 56.65 17.34 -52.46
C GLU R 157 55.74 16.10 -52.38
N GLY R 158 54.91 15.96 -51.36
CA GLY R 158 53.92 14.88 -51.38
C GLY R 158 54.23 13.58 -50.67
N ALA R 159 55.27 13.64 -49.83
CA ALA R 159 55.62 12.55 -48.98
C ALA R 159 54.40 11.85 -48.39
N LEU R 160 53.45 12.61 -47.85
CA LEU R 160 52.37 11.97 -47.13
C LEU R 160 51.60 11.00 -47.99
N ARG R 161 51.13 11.46 -49.16
CA ARG R 161 50.31 10.59 -49.98
C ARG R 161 51.16 9.45 -50.50
N THR R 162 52.37 9.76 -50.90
CA THR R 162 53.20 8.76 -51.45
C THR R 162 53.38 7.62 -50.46
N PHE R 163 53.95 7.87 -49.28
CA PHE R 163 54.04 6.80 -48.31
C PHE R 163 52.71 6.09 -48.00
N LYS R 164 51.64 6.87 -47.86
CA LYS R 164 50.37 6.36 -47.42
C LYS R 164 49.76 5.41 -48.46
N GLU R 165 49.78 5.79 -49.72
CA GLU R 165 49.21 4.92 -50.77
C GLU R 165 50.10 3.75 -51.12
N ALA R 166 51.41 3.94 -51.05
CA ALA R 166 52.35 2.85 -51.21
C ALA R 166 52.03 1.85 -50.14
N LEU R 167 51.79 2.30 -48.90
CA LEU R 167 51.61 1.33 -47.82
C LEU R 167 50.31 0.55 -47.98
N GLU R 168 49.29 1.20 -48.52
CA GLU R 168 48.05 0.49 -48.69
C GLU R 168 47.97 -0.42 -49.95
N ARG R 169 48.77 -0.17 -50.97
CA ARG R 169 48.66 -0.97 -52.17
C ARG R 169 49.92 -1.72 -52.54
N LEU R 170 51.10 -1.20 -52.22
CA LEU R 170 52.29 -1.72 -52.87
C LEU R 170 53.19 -2.53 -51.92
N ALA R 171 52.80 -2.61 -50.66
CA ALA R 171 53.67 -3.11 -49.63
C ALA R 171 53.02 -4.20 -48.81
N LYS R 172 53.83 -5.14 -48.34
CA LYS R 172 53.36 -6.21 -47.49
C LYS R 172 52.88 -5.58 -46.20
N PRO R 173 52.09 -6.33 -45.43
CA PRO R 173 51.87 -5.98 -44.03
C PRO R 173 53.21 -6.08 -43.26
N GLY R 174 53.44 -5.17 -42.32
CA GLY R 174 54.78 -5.07 -41.74
C GLY R 174 55.88 -4.73 -42.74
N CYS R 175 55.54 -3.99 -43.78
CA CYS R 175 56.51 -3.21 -44.50
C CYS R 175 57.44 -2.38 -43.58
N ARG R 176 58.74 -2.38 -43.83
CA ARG R 176 59.62 -1.43 -43.15
C ARG R 176 59.88 -0.36 -44.18
N VAL R 177 59.96 0.90 -43.73
CA VAL R 177 60.21 2.01 -44.66
C VAL R 177 61.39 2.90 -44.23
N VAL R 178 62.22 3.28 -45.22
CA VAL R 178 63.43 4.06 -44.98
C VAL R 178 63.20 5.38 -45.65
N PRO R 179 63.06 6.46 -44.86
CA PRO R 179 63.08 6.55 -43.38
C PRO R 179 61.77 6.12 -42.72
N SER R 180 61.79 5.83 -41.43
CA SER R 180 60.66 5.26 -40.78
C SER R 180 59.82 6.29 -40.12
N THR R 181 60.49 7.35 -39.65
CA THR R 181 59.89 8.32 -38.74
C THR R 181 60.53 9.70 -38.90
N GLY R 182 59.81 10.76 -38.53
CA GLY R 182 60.42 12.06 -38.53
C GLY R 182 59.65 13.03 -37.69
N ASN R 183 60.29 14.18 -37.39
CA ASN R 183 59.68 15.30 -36.62
C ASN R 183 59.91 16.66 -37.30
N VAL R 184 58.98 17.57 -37.07
CA VAL R 184 59.30 18.94 -37.31
C VAL R 184 59.20 19.75 -36.07
N TYR R 185 60.24 20.57 -35.95
CA TYR R 185 60.49 21.47 -34.86
C TYR R 185 60.14 22.93 -35.22
N ILE R 186 59.68 23.67 -34.23
CA ILE R 186 59.65 25.10 -34.37
C ILE R 186 60.39 25.66 -33.16
N VAL R 187 61.06 26.80 -33.36
CA VAL R 187 61.75 27.54 -32.33
C VAL R 187 61.30 28.97 -32.45
N PRO R 188 60.67 29.51 -31.42
CA PRO R 188 60.26 30.94 -31.47
C PRO R 188 61.45 31.82 -31.16
N VAL R 189 61.56 32.96 -31.81
CA VAL R 189 62.81 33.67 -31.84
C VAL R 189 62.50 35.16 -31.80
N GLU R 190 63.29 35.93 -31.07
CA GLU R 190 63.17 37.36 -31.14
C GLU R 190 64.29 37.77 -32.07
N SER R 191 63.97 38.63 -33.04
CA SER R 191 64.88 38.95 -34.12
C SER R 191 64.34 40.08 -35.01
N HIS R 192 64.94 41.25 -34.84
CA HIS R 192 64.83 42.33 -35.80
C HIS R 192 65.09 41.87 -37.26
N LEU R 193 66.24 41.26 -37.48
CA LEU R 193 66.56 40.65 -38.74
C LEU R 193 65.36 39.92 -39.40
N LEU R 194 64.78 38.93 -38.72
CA LEU R 194 63.77 38.10 -39.35
C LEU R 194 62.49 38.89 -39.59
N LYS R 195 62.12 39.66 -38.58
CA LYS R 195 61.06 40.60 -38.69
C LYS R 195 61.09 41.42 -39.99
N MET R 196 62.28 41.68 -40.50
CA MET R 196 62.41 42.70 -41.54
C MET R 196 61.94 42.10 -42.86
N PHE R 197 62.00 40.78 -42.97
CA PHE R 197 61.51 40.10 -44.18
C PHE R 197 59.99 40.08 -44.30
N ASN R 198 59.25 40.49 -43.28
CA ASN R 198 57.82 40.30 -43.33
C ASN R 198 57.09 41.55 -42.91
N ASP R 199 57.78 42.40 -42.18
CA ASP R 199 57.18 43.60 -41.56
C ASP R 199 56.81 44.59 -42.66
N ILE R 200 55.63 45.13 -42.53
CA ILE R 200 55.18 46.15 -43.45
C ILE R 200 55.94 47.42 -43.16
N PRO R 201 56.60 48.00 -44.18
CA PRO R 201 57.46 49.13 -43.86
C PRO R 201 56.79 50.23 -43.11
N ARG R 202 57.44 50.70 -42.04
CA ARG R 202 56.87 51.76 -41.15
C ARG R 202 57.69 53.04 -41.28
N LEU R 203 57.13 54.04 -41.95
CA LEU R 203 57.86 55.25 -42.35
C LEU R 203 58.56 55.96 -41.18
N ASN R 204 57.84 56.16 -40.07
CA ASN R 204 58.41 56.91 -38.95
C ASN R 204 59.01 56.04 -37.86
N GLY R 205 59.23 54.77 -38.14
CA GLY R 205 59.81 53.83 -37.17
C GLY R 205 58.99 53.36 -35.95
N GLU R 206 57.86 54.00 -35.64
CA GLU R 206 57.10 53.57 -34.44
C GLU R 206 56.44 52.18 -34.56
N LYS R 207 56.41 51.48 -33.44
CA LYS R 207 55.75 50.18 -33.31
C LYS R 207 54.34 50.23 -33.89
N ASP R 208 53.65 51.33 -33.62
CA ASP R 208 52.21 51.49 -33.77
C ASP R 208 51.71 51.78 -35.19
N GLU R 209 52.64 51.99 -36.12
CA GLU R 209 52.31 52.36 -37.46
C GLU R 209 51.78 51.22 -38.32
N GLU R 210 50.60 51.43 -38.87
CA GLU R 210 49.89 50.39 -39.62
C GLU R 210 49.31 50.91 -40.94
N PRO R 211 50.15 51.47 -41.85
CA PRO R 211 49.71 52.15 -43.10
C PRO R 211 48.95 51.27 -44.04
N LEU R 212 49.23 49.97 -44.00
CA LEU R 212 48.49 49.06 -44.82
C LEU R 212 47.57 48.14 -44.00
N GLY R 213 47.29 48.50 -42.74
CA GLY R 213 46.44 47.64 -41.87
C GLY R 213 47.23 46.40 -41.50
N ARG R 214 46.59 45.29 -41.24
CA ARG R 214 47.40 44.17 -40.74
C ARG R 214 47.48 43.05 -41.76
N CYS R 215 48.53 42.24 -41.67
CA CYS R 215 48.83 41.24 -42.71
C CYS R 215 49.57 40.05 -42.11
N SER R 216 49.16 38.83 -42.42
CA SER R 216 50.01 37.68 -42.20
C SER R 216 51.33 37.62 -42.98
N GLY R 217 51.42 38.34 -44.09
CA GLY R 217 52.50 38.14 -45.04
C GLY R 217 52.38 36.89 -45.91
N THR R 218 53.45 36.46 -46.53
CA THR R 218 53.17 35.55 -47.57
C THR R 218 53.24 34.13 -47.08
N ALA R 219 52.33 33.35 -47.64
CA ALA R 219 52.06 32.01 -47.24
C ALA R 219 53.08 31.05 -47.85
N ALA R 220 53.73 31.41 -48.95
CA ALA R 220 54.72 30.46 -49.53
C ALA R 220 55.86 30.26 -48.57
N VAL R 221 56.41 29.04 -48.55
CA VAL R 221 57.47 28.60 -47.66
C VAL R 221 58.69 29.54 -47.73
N PHE R 222 59.04 30.21 -46.62
CA PHE R 222 60.25 31.04 -46.61
C PHE R 222 61.50 30.23 -46.22
N ASP R 223 62.20 29.64 -47.18
CA ASP R 223 63.32 28.77 -46.88
C ASP R 223 64.66 29.53 -46.92
N VAL R 224 65.43 29.41 -45.84
CA VAL R 224 66.66 30.15 -45.67
C VAL R 224 67.78 29.27 -45.04
N GLN R 225 69.04 29.59 -45.30
CA GLN R 225 70.16 28.89 -44.65
C GLN R 225 70.35 29.48 -43.24
N LEU R 226 69.58 29.03 -42.24
CA LEU R 226 69.66 29.61 -40.87
C LEU R 226 71.05 29.51 -40.20
N SER R 227 71.94 28.64 -40.70
CA SER R 227 73.32 28.48 -40.23
C SER R 227 74.15 29.74 -40.45
N GLU R 228 73.75 30.55 -41.42
CA GLU R 228 74.51 31.73 -41.76
C GLU R 228 73.93 32.98 -41.15
N MET R 229 72.93 32.81 -40.31
CA MET R 229 72.47 33.94 -39.57
C MET R 229 73.50 34.15 -38.48
N LYS R 230 73.94 35.36 -38.27
CA LYS R 230 74.88 35.62 -37.16
C LYS R 230 74.16 35.48 -35.84
N THR R 231 74.86 34.86 -34.92
CA THR R 231 74.36 34.64 -33.57
C THR R 231 73.81 35.88 -32.86
N HIS R 232 74.37 37.07 -33.03
CA HIS R 232 73.68 38.17 -32.39
C HIS R 232 72.37 38.57 -33.09
N GLU R 233 72.10 38.10 -34.31
CA GLU R 233 70.88 38.62 -34.95
C GLU R 233 69.58 37.92 -34.51
N PHE R 234 69.66 36.95 -33.62
CA PHE R 234 68.41 36.35 -33.08
C PHE R 234 68.53 35.87 -31.62
N ARG R 235 67.43 35.93 -30.89
CA ARG R 235 67.40 35.34 -29.58
C ARG R 235 66.28 34.26 -29.51
N GLU R 236 66.63 32.97 -29.45
CA GLU R 236 65.65 31.87 -29.12
C GLU R 236 65.02 32.12 -27.75
N LEU R 237 63.74 31.80 -27.61
CA LEU R 237 62.94 32.19 -26.48
C LEU R 237 62.43 30.98 -25.73
N SER R 238 62.71 29.79 -26.28
CA SER R 238 62.44 28.50 -25.66
C SER R 238 63.18 27.42 -26.46
N GLU R 239 63.24 26.22 -25.91
CA GLU R 239 63.71 25.01 -26.58
C GLU R 239 62.88 24.68 -27.83
N PRO R 240 63.44 23.89 -28.73
CA PRO R 240 62.66 23.49 -29.91
C PRO R 240 61.37 22.84 -29.43
N ILE R 241 60.26 23.23 -30.03
CA ILE R 241 58.97 22.59 -29.77
C ILE R 241 58.72 21.63 -30.94
N VAL R 242 58.20 20.45 -30.66
CA VAL R 242 57.90 19.43 -31.63
C VAL R 242 56.56 19.77 -32.20
N ALA R 243 56.54 20.22 -33.43
CA ALA R 243 55.30 20.63 -34.02
C ALA R 243 54.49 19.42 -34.50
N PHE R 244 55.15 18.48 -35.18
CA PHE R 244 54.53 17.26 -35.70
C PHE R 244 55.52 16.13 -35.65
N LYS R 245 55.00 14.96 -35.33
CA LYS R 245 55.70 13.71 -35.46
C LYS R 245 55.02 13.09 -36.65
N PHE R 246 55.78 12.46 -37.53
CA PHE R 246 55.23 11.62 -38.58
C PHE R 246 55.79 10.22 -38.51
N ASP R 247 54.91 9.25 -38.76
CA ASP R 247 55.35 7.85 -38.79
C ASP R 247 55.07 7.35 -40.19
N PHE R 248 56.14 7.02 -40.94
CA PHE R 248 55.92 6.73 -42.37
C PHE R 248 55.69 5.25 -42.60
N GLU R 249 55.53 4.51 -41.51
CA GLU R 249 55.35 3.09 -41.55
C GLU R 249 53.89 2.64 -41.31
N HIS R 250 53.01 3.57 -40.94
CA HIS R 250 51.65 3.17 -40.61
C HIS R 250 50.67 4.07 -41.23
N GLU R 251 50.13 3.64 -42.37
CA GLU R 251 49.16 4.40 -43.15
C GLU R 251 48.12 5.11 -42.29
N GLU R 252 47.64 4.44 -41.25
CA GLU R 252 46.59 5.05 -40.44
C GLU R 252 47.07 6.29 -39.72
N LYS R 253 48.39 6.37 -39.47
CA LYS R 253 49.00 7.53 -38.79
C LYS R 253 49.26 8.73 -39.70
N ILE R 254 49.12 8.52 -41.00
CA ILE R 254 49.48 9.55 -41.96
C ILE R 254 48.21 10.27 -42.30
N ILE R 255 48.09 11.54 -41.92
CA ILE R 255 46.83 12.28 -42.06
C ILE R 255 47.10 13.61 -42.73
N PHE R 256 46.37 13.93 -43.80
CA PHE R 256 46.69 15.12 -44.62
C PHE R 256 46.47 16.47 -43.94
N ASP R 257 45.39 16.58 -43.16
CA ASP R 257 45.00 17.76 -42.37
C ASP R 257 45.09 17.51 -40.90
N GLU R 258 45.97 18.23 -40.27
CA GLU R 258 46.14 18.15 -38.83
C GLU R 258 46.25 19.51 -38.17
N SER R 259 45.65 19.65 -36.99
CA SER R 259 45.91 20.78 -36.14
C SER R 259 46.19 20.37 -34.69
N PHE R 260 47.24 20.94 -34.07
CA PHE R 260 47.61 20.71 -32.65
C PHE R 260 47.96 22.00 -31.90
N VAL R 261 47.38 22.21 -30.73
CA VAL R 261 47.96 23.21 -29.86
C VAL R 261 49.10 22.60 -29.10
N ARG R 262 50.30 23.12 -29.30
CA ARG R 262 51.45 22.67 -28.55
C ARG R 262 51.83 23.69 -27.48
N GLU R 263 52.41 23.20 -26.41
CA GLU R 263 52.83 24.02 -25.30
C GLU R 263 54.32 24.08 -25.32
N ALA R 264 54.89 25.17 -24.86
CA ALA R 264 56.23 25.07 -24.31
C ALA R 264 56.41 26.05 -23.16
N VAL R 265 57.57 25.98 -22.54
CA VAL R 265 57.94 26.95 -21.51
C VAL R 265 59.00 27.91 -22.00
N ALA R 266 58.68 29.18 -21.98
CA ALA R 266 59.63 30.16 -22.41
C ALA R 266 60.70 30.30 -21.34
N HIS R 267 61.90 30.65 -21.74
CA HIS R 267 62.96 30.85 -20.79
C HIS R 267 63.51 32.26 -20.91
N SER R 268 62.78 33.11 -21.61
CA SER R 268 63.08 34.53 -21.61
C SER R 268 61.81 35.28 -21.89
N SER R 269 61.73 36.52 -21.48
CA SER R 269 60.67 37.33 -21.97
C SER R 269 61.03 37.81 -23.38
N GLY R 270 60.04 38.33 -24.08
CA GLY R 270 60.28 38.95 -25.36
C GLY R 270 59.17 38.64 -26.31
N THR R 271 59.36 39.03 -27.56
CA THR R 271 58.29 38.94 -28.54
C THR R 271 58.67 37.92 -29.59
N ILE R 272 57.66 37.21 -30.10
CA ILE R 272 57.89 36.19 -31.09
C ILE R 272 57.97 36.78 -32.52
N ASP R 273 59.13 37.25 -32.93
CA ASP R 273 59.24 37.79 -34.28
C ASP R 273 59.11 36.72 -35.38
N ALA R 274 59.59 35.52 -35.12
CA ALA R 274 59.61 34.51 -36.15
C ALA R 274 59.68 33.12 -35.53
N LEU R 275 59.39 32.12 -36.34
CA LEU R 275 59.45 30.75 -35.89
C LEU R 275 60.37 29.98 -36.78
N LEU R 276 61.42 29.40 -36.23
CA LEU R 276 62.37 28.76 -37.08
C LEU R 276 61.86 27.36 -37.21
N MET R 277 61.96 26.82 -38.43
CA MET R 277 61.56 25.44 -38.55
C MET R 277 62.51 24.58 -39.30
N TRP R 278 62.54 23.32 -38.86
CA TRP R 278 63.35 22.29 -39.48
C TRP R 278 62.87 20.95 -39.04
N TRP R 279 63.34 19.91 -39.73
CA TRP R 279 62.96 18.57 -39.36
C TRP R 279 64.12 17.66 -39.20
N ASP R 280 63.89 16.51 -38.57
CA ASP R 280 64.79 15.36 -38.66
C ASP R 280 63.99 14.11 -39.09
N ILE R 281 64.68 13.09 -39.63
CA ILE R 281 64.04 11.80 -39.86
C ILE R 281 64.93 10.70 -39.30
N ASP R 282 64.30 9.67 -38.77
CA ASP R 282 65.00 8.50 -38.25
C ASP R 282 64.99 7.47 -39.35
N MET R 283 66.16 7.11 -39.86
CA MET R 283 66.30 6.29 -41.08
C MET R 283 65.76 4.86 -40.99
N ASP R 284 65.68 4.28 -39.79
CA ASP R 284 65.29 2.87 -39.69
C ASP R 284 64.54 2.58 -38.43
N ARG R 285 64.13 3.64 -37.75
CA ARG R 285 63.38 3.58 -36.50
C ARG R 285 64.19 3.16 -35.28
N ASN R 286 65.52 3.01 -35.38
CA ASN R 286 66.29 2.64 -34.14
C ASN R 286 66.73 3.77 -33.15
N GLY R 287 66.47 5.03 -33.47
CA GLY R 287 66.84 6.14 -32.56
C GLY R 287 68.34 6.37 -32.54
N THR R 288 68.97 5.87 -33.58
CA THR R 288 70.39 5.95 -33.76
C THR R 288 70.78 6.75 -35.02
N THR R 289 70.18 6.49 -36.19
CA THR R 289 70.68 7.18 -37.39
C THR R 289 69.71 8.17 -38.02
N PHE R 290 70.15 9.43 -38.11
CA PHE R 290 69.28 10.53 -38.52
C PHE R 290 69.82 11.39 -39.65
N ILE R 291 68.90 11.93 -40.46
CA ILE R 291 69.18 13.14 -41.20
C ILE R 291 68.53 14.28 -40.45
N ASP R 292 69.34 15.24 -40.03
CA ASP R 292 68.85 16.24 -39.09
C ASP R 292 69.06 17.59 -39.72
N MET R 293 67.98 18.34 -39.94
CA MET R 293 68.13 19.61 -40.66
C MET R 293 68.34 20.84 -39.75
N GLY R 294 68.71 20.62 -38.50
CA GLY R 294 69.04 21.75 -37.59
C GLY R 294 70.18 22.60 -38.12
N PRO R 295 70.18 23.89 -37.79
CA PRO R 295 71.32 24.68 -38.25
C PRO R 295 72.62 24.33 -37.48
N LYS R 296 73.75 24.74 -38.05
CA LYS R 296 75.03 24.49 -37.50
C LYS R 296 75.04 24.82 -36.02
N TRP R 297 74.41 25.92 -35.64
CA TRP R 297 74.44 26.33 -34.24
C TRP R 297 73.50 25.62 -33.27
N LYS R 298 72.74 24.65 -33.76
CA LYS R 298 71.86 23.85 -32.94
C LYS R 298 71.64 22.50 -33.58
N ASN R 299 72.72 21.80 -33.88
CA ASN R 299 72.63 20.48 -34.44
C ASN R 299 73.98 19.79 -34.17
N LYS R 300 74.13 19.22 -32.98
CA LYS R 300 75.45 18.76 -32.50
C LYS R 300 75.99 17.52 -33.23
N ASN R 301 75.10 16.63 -33.61
CA ASN R 301 75.58 15.35 -34.04
C ASN R 301 75.44 14.99 -35.51
N ASN R 302 74.51 15.63 -36.20
CA ASN R 302 74.23 15.23 -37.57
C ASN R 302 74.16 16.46 -38.48
N TYR R 303 75.12 17.36 -38.33
CA TYR R 303 75.24 18.47 -39.19
C TYR R 303 76.08 18.15 -40.40
N ALA R 304 75.60 18.64 -41.54
CA ALA R 304 76.28 18.62 -42.87
C ALA R 304 75.59 19.67 -43.69
N TRP R 305 76.31 20.42 -44.50
CA TRP R 305 75.72 21.53 -45.23
C TRP R 305 75.01 20.88 -46.35
N ARG R 306 73.97 21.54 -46.83
CA ARG R 306 73.36 21.15 -48.12
C ARG R 306 72.39 22.23 -48.51
N ASP R 307 71.99 22.22 -49.79
CA ASP R 307 71.10 23.28 -50.33
C ASP R 307 69.69 22.75 -50.71
N HIS R 308 69.58 21.56 -51.30
CA HIS R 308 68.25 21.06 -51.70
C HIS R 308 67.32 20.95 -50.49
N TRP R 309 67.88 20.88 -49.27
CA TRP R 309 67.14 21.11 -48.01
C TRP R 309 67.77 22.25 -47.22
N MET R 310 66.99 22.92 -46.41
CA MET R 310 67.46 24.14 -45.76
C MET R 310 66.69 24.16 -44.48
N GLN R 311 66.53 25.32 -43.86
CA GLN R 311 65.53 25.46 -42.80
C GLN R 311 64.54 26.46 -43.32
N ALA R 312 63.50 26.76 -42.55
CA ALA R 312 62.48 27.71 -43.06
C ALA R 312 62.05 28.62 -41.92
N VAL R 313 61.55 29.82 -42.21
CA VAL R 313 61.02 30.69 -41.16
C VAL R 313 59.55 31.00 -41.39
N TYR R 314 58.76 30.93 -40.34
CA TYR R 314 57.34 31.27 -40.41
C TYR R 314 57.00 32.36 -39.50
N TYR R 315 55.81 32.91 -39.66
CA TYR R 315 55.38 34.07 -38.88
C TYR R 315 53.97 33.83 -38.43
N LEU R 316 53.64 34.46 -37.32
CA LEU R 316 52.37 34.28 -36.69
C LEU R 316 51.49 35.42 -37.17
N PRO R 317 50.22 35.15 -37.34
CA PRO R 317 49.51 36.27 -37.93
C PRO R 317 49.50 37.52 -37.08
N GLU R 318 49.35 37.39 -35.76
CA GLU R 318 49.30 38.53 -34.84
C GLU R 318 50.44 38.47 -33.89
N LYS R 319 50.70 39.60 -33.26
CA LYS R 319 51.79 39.74 -32.31
C LYS R 319 51.63 38.74 -31.16
N LYS R 320 52.67 37.97 -30.90
CA LYS R 320 52.67 37.15 -29.71
C LYS R 320 53.87 37.42 -28.81
N LYS R 321 53.58 37.75 -27.56
CA LYS R 321 54.59 37.95 -26.53
C LYS R 321 54.62 36.75 -25.61
N VAL R 322 55.80 36.45 -25.11
CA VAL R 322 56.12 35.28 -24.30
C VAL R 322 56.72 35.89 -23.01
N GLU R 323 56.84 35.08 -21.97
CA GLU R 323 57.20 35.56 -20.64
C GLU R 323 58.01 34.53 -19.89
N MET R 324 59.08 34.97 -19.27
CA MET R 324 59.95 34.04 -18.56
C MET R 324 59.36 33.68 -17.19
N ASN R 325 59.44 32.42 -16.76
CA ASN R 325 59.55 31.23 -17.58
C ASN R 325 58.10 30.75 -17.48
N GLN R 326 57.19 31.39 -18.19
CA GLN R 326 55.81 30.91 -18.17
C GLN R 326 55.60 29.95 -19.32
N THR R 327 54.40 29.40 -19.33
CA THR R 327 53.93 28.52 -20.37
C THR R 327 53.30 29.37 -21.46
N PHE R 328 53.49 28.99 -22.72
CA PHE R 328 52.73 29.59 -23.82
C PHE R 328 52.38 28.51 -24.82
N GLU R 329 51.48 28.85 -25.73
CA GLU R 329 50.98 27.91 -26.71
C GLU R 329 51.03 28.49 -28.11
N ILE R 330 51.42 27.59 -29.03
CA ILE R 330 51.38 27.85 -30.47
C ILE R 330 50.48 26.80 -31.14
N VAL R 331 49.59 27.23 -32.06
CA VAL R 331 48.82 26.27 -32.85
C VAL R 331 49.55 25.90 -34.10
N CYS R 332 49.89 24.60 -34.22
CA CYS R 332 50.65 24.06 -35.35
C CYS R 332 49.72 23.33 -36.30
N ASN R 333 49.66 23.82 -37.54
CA ASN R 333 48.73 23.31 -38.56
C ASN R 333 49.42 22.80 -39.78
N HIS R 334 48.85 21.78 -40.40
CA HIS R 334 49.28 21.45 -41.74
C HIS R 334 48.16 20.90 -42.63
N ASP R 335 48.29 21.13 -43.92
CA ASP R 335 47.41 20.45 -44.91
C ASP R 335 48.33 19.48 -45.63
N GLU R 336 47.96 19.00 -46.81
CA GLU R 336 48.75 17.94 -47.44
C GLU R 336 50.19 18.39 -47.77
N PHE R 337 50.35 19.68 -48.06
CA PHE R 337 51.59 20.19 -48.66
C PHE R 337 52.24 21.36 -47.87
N SER R 338 51.54 21.92 -46.90
CA SER R 338 52.01 23.14 -46.26
C SER R 338 51.80 23.13 -44.76
N LEU R 339 52.69 23.81 -44.06
CA LEU R 339 52.64 24.03 -42.62
C LEU R 339 52.33 25.49 -42.38
N TRP R 340 51.72 25.80 -41.24
CA TRP R 340 51.56 27.19 -40.81
C TRP R 340 51.29 27.19 -39.32
N PHE R 341 51.32 28.38 -38.68
CA PHE R 341 51.28 28.46 -37.24
C PHE R 341 50.40 29.57 -36.82
N SER R 342 49.67 29.39 -35.72
CA SER R 342 48.70 30.40 -35.36
C SER R 342 48.55 30.46 -33.88
N ASN R 343 47.77 31.45 -33.43
CA ASN R 343 47.63 31.73 -32.01
C ASN R 343 46.38 31.08 -31.44
N VAL R 344 46.44 30.74 -30.17
CA VAL R 344 45.31 30.06 -29.57
C VAL R 344 44.13 30.99 -29.59
N GLY R 345 42.98 30.46 -29.97
CA GLY R 345 41.82 31.33 -29.99
C GLY R 345 41.67 31.98 -31.35
N LYS R 346 42.66 31.81 -32.20
CA LYS R 346 42.51 32.39 -33.51
C LYS R 346 42.16 31.37 -34.58
N ASP R 347 41.48 31.89 -35.58
CA ASP R 347 41.23 31.18 -36.80
C ASP R 347 42.45 30.31 -37.12
N LYS R 348 42.21 29.06 -37.50
CA LYS R 348 43.28 28.08 -37.71
C LYS R 348 43.50 27.70 -39.17
N SER R 349 42.83 28.42 -40.08
CA SER R 349 43.06 28.17 -41.48
C SER R 349 44.32 28.89 -41.95
N ARG R 350 44.92 28.39 -43.00
CA ARG R 350 46.07 29.04 -43.62
C ARG R 350 45.71 30.45 -43.97
N SER R 351 46.58 31.39 -43.67
CA SER R 351 46.36 32.83 -44.00
C SER R 351 47.25 33.30 -45.11
N TYR R 352 46.73 34.15 -46.00
CA TYR R 352 47.49 34.70 -47.13
C TYR R 352 47.59 36.21 -47.01
N CYS R 353 48.55 36.82 -47.71
CA CYS R 353 48.66 38.32 -47.78
C CYS R 353 47.35 38.99 -48.19
N VAL R 354 46.88 39.92 -47.37
CA VAL R 354 45.65 40.64 -47.70
C VAL R 354 45.91 42.14 -47.78
N CYS R 355 47.15 42.55 -47.56
CA CYS R 355 47.46 43.99 -47.56
C CYS R 355 47.91 44.30 -48.98
N GLY R 356 48.36 43.27 -49.69
CA GLY R 356 48.82 43.48 -51.04
C GLY R 356 50.28 43.92 -51.23
N LEU R 357 51.10 43.98 -50.18
CA LEU R 357 52.53 44.30 -50.46
C LEU R 357 53.34 42.97 -50.53
N HIS R 358 53.09 42.06 -49.59
CA HIS R 358 53.66 40.69 -49.63
C HIS R 358 53.52 40.02 -50.99
N SER R 359 52.36 40.13 -51.64
CA SER R 359 52.20 39.44 -52.93
C SER R 359 52.77 40.24 -54.09
N MET R 360 52.92 41.54 -53.94
CA MET R 360 53.64 42.32 -54.95
C MET R 360 55.17 42.09 -54.83
N LEU R 361 55.72 42.02 -53.61
CA LEU R 361 57.20 41.96 -53.42
C LEU R 361 57.77 40.68 -52.86
N SER R 362 59.02 40.38 -53.19
CA SER R 362 59.65 39.17 -52.63
C SER R 362 60.08 39.38 -51.18
N ARG R 363 60.50 38.32 -50.50
CA ARG R 363 60.99 38.48 -49.10
C ARG R 363 62.22 39.37 -48.98
N GLN R 364 63.25 39.10 -49.80
CA GLN R 364 64.45 39.97 -49.84
C GLN R 364 64.10 41.42 -50.07
N THR R 365 63.07 41.66 -50.87
CA THR R 365 62.74 43.05 -51.26
C THR R 365 61.99 43.74 -50.16
N VAL R 366 61.17 43.00 -49.42
CA VAL R 366 60.61 43.52 -48.17
C VAL R 366 61.71 43.91 -47.16
N TYR R 367 62.66 43.04 -46.92
CA TYR R 367 63.79 43.42 -46.09
C TYR R 367 64.40 44.72 -46.64
N HIS R 368 64.66 44.76 -47.93
CA HIS R 368 65.26 45.93 -48.58
C HIS R 368 64.57 47.21 -48.29
N VAL R 369 63.24 47.23 -48.29
CA VAL R 369 62.50 48.45 -47.99
C VAL R 369 62.54 48.79 -46.48
N ASN R 370 62.41 47.77 -45.63
CA ASN R 370 62.61 47.99 -44.19
C ASN R 370 64.06 48.46 -43.91
N GLU R 371 65.07 47.82 -44.49
CA GLU R 371 66.44 48.30 -44.32
C GLU R 371 66.59 49.81 -44.71
N MET R 372 66.04 50.21 -45.83
CA MET R 372 66.16 51.58 -46.33
C MET R 372 65.45 52.54 -45.38
N PHE R 373 64.26 52.15 -44.94
CA PHE R 373 63.53 52.98 -44.02
C PHE R 373 64.27 53.23 -42.71
N GLU R 374 65.20 52.33 -42.34
CA GLU R 374 65.92 52.42 -41.04
C GLU R 374 67.35 52.91 -41.20
N ASN R 375 67.78 53.17 -42.41
CA ASN R 375 69.15 53.43 -42.64
C ASN R 375 69.42 54.89 -42.58
N GLN R 376 69.86 55.33 -41.39
CA GLN R 376 70.22 56.71 -41.16
C GLN R 376 71.13 57.39 -42.17
N LYS R 377 72.19 56.71 -42.57
CA LYS R 377 73.17 57.28 -43.46
C LYS R 377 72.48 57.51 -44.79
N PHE R 378 71.79 56.50 -45.27
CA PHE R 378 71.06 56.64 -46.51
C PHE R 378 70.04 57.78 -46.44
N LYS R 379 69.23 57.84 -45.41
CA LYS R 379 68.28 58.98 -45.26
C LYS R 379 68.91 60.35 -45.04
N ASP R 380 70.11 60.42 -44.46
CA ASP R 380 70.80 61.72 -44.34
C ASP R 380 71.10 62.29 -45.75
N GLU R 381 71.59 61.43 -46.65
CA GLU R 381 71.84 61.84 -48.04
C GLU R 381 70.54 62.26 -48.81
N VAL R 382 69.50 61.41 -48.75
CA VAL R 382 68.17 61.70 -49.33
C VAL R 382 67.73 63.08 -48.88
N ASP R 383 67.88 63.34 -47.59
CA ASP R 383 67.59 64.67 -47.04
C ASP R 383 68.46 65.78 -47.63
N LYS R 384 69.77 65.56 -47.70
CA LYS R 384 70.64 66.61 -48.27
C LYS R 384 70.13 66.92 -49.66
N LEU R 385 69.87 65.86 -50.40
CA LEU R 385 69.54 65.99 -51.81
C LEU R 385 68.16 66.53 -52.05
N SER R 386 67.22 66.34 -51.13
CA SER R 386 65.81 66.73 -51.36
C SER R 386 65.43 68.10 -50.81
N LYS R 387 66.20 68.57 -49.85
CA LYS R 387 65.80 69.68 -49.01
C LYS R 387 65.22 70.79 -49.85
N GLY R 388 63.94 71.07 -49.64
CA GLY R 388 63.31 72.31 -50.14
C GLY R 388 63.10 72.30 -51.62
N LEU R 389 63.27 71.11 -52.21
CA LEU R 389 63.20 70.90 -53.66
C LEU R 389 61.93 70.21 -54.12
N HIS R 390 61.62 70.35 -55.40
CA HIS R 390 60.68 69.48 -56.08
C HIS R 390 61.47 68.30 -56.54
N VAL R 391 61.21 67.15 -55.91
CA VAL R 391 61.88 65.95 -56.36
C VAL R 391 60.99 65.00 -57.10
N ALA R 392 61.57 64.37 -58.10
CA ALA R 392 60.88 63.32 -58.82
C ALA R 392 61.56 61.98 -58.68
N THR R 393 60.75 60.93 -58.59
CA THR R 393 61.21 59.61 -58.31
C THR R 393 60.85 58.77 -59.50
N VAL R 394 61.78 57.92 -59.97
CA VAL R 394 61.40 56.82 -60.85
C VAL R 394 61.76 55.47 -60.24
N GLY R 395 61.18 54.41 -60.77
CA GLY R 395 61.31 53.07 -60.22
C GLY R 395 59.95 52.38 -60.39
N GLU R 396 59.87 51.12 -59.96
CA GLU R 396 58.61 50.42 -59.89
C GLU R 396 58.64 49.63 -58.57
N GLY R 397 57.74 49.98 -57.66
CA GLY R 397 57.79 49.39 -56.30
C GLY R 397 58.91 50.02 -55.49
N SER R 398 59.45 51.14 -55.99
CA SER R 398 60.47 51.83 -55.28
C SER R 398 59.83 52.82 -54.36
N PHE R 399 60.25 52.76 -53.12
CA PHE R 399 59.60 53.48 -52.03
C PHE R 399 60.33 54.77 -51.64
N LEU R 400 61.28 55.19 -52.49
CA LEU R 400 62.18 56.32 -52.19
C LEU R 400 61.47 57.63 -51.93
N GLY R 401 60.51 57.94 -52.81
CA GLY R 401 59.78 59.21 -52.73
C GLY R 401 59.24 59.46 -51.33
N LEU R 402 58.89 58.38 -50.61
CA LEU R 402 58.26 58.55 -49.30
C LEU R 402 59.27 59.12 -48.33
N LEU R 403 60.53 58.75 -48.52
CA LEU R 403 61.66 59.27 -47.74
C LEU R 403 61.98 60.70 -48.18
N ALA R 404 61.97 60.92 -49.49
CA ALA R 404 62.23 62.24 -50.05
C ALA R 404 61.20 63.20 -49.52
N ALA R 405 60.03 62.69 -49.13
CA ALA R 405 59.03 63.62 -48.55
C ALA R 405 59.44 64.27 -47.22
N LYS R 406 60.30 63.62 -46.44
CA LYS R 406 60.54 64.23 -45.14
C LYS R 406 61.07 65.66 -45.32
N THR R 407 61.79 65.88 -46.42
CA THR R 407 62.54 67.12 -46.56
C THR R 407 62.15 67.95 -47.77
N ALA R 408 61.64 67.27 -48.79
CA ALA R 408 61.39 67.88 -50.06
C ALA R 408 60.20 68.82 -49.98
N LYS R 409 60.21 69.82 -50.84
CA LYS R 409 59.09 70.72 -50.91
C LYS R 409 57.94 70.06 -51.66
N ARG R 410 58.23 69.20 -52.63
CA ARG R 410 57.22 68.50 -53.40
C ARG R 410 57.81 67.23 -53.95
N VAL R 411 57.06 66.14 -53.96
CA VAL R 411 57.56 64.87 -54.47
C VAL R 411 56.56 64.29 -55.46
N THR R 412 57.03 63.97 -56.65
CA THR R 412 56.28 63.29 -57.65
C THR R 412 56.87 61.90 -57.81
N ILE R 413 56.07 60.90 -57.52
CA ILE R 413 56.47 59.53 -57.74
C ILE R 413 55.89 59.03 -59.05
N ILE R 414 56.76 58.49 -59.89
CA ILE R 414 56.36 57.99 -61.17
C ILE R 414 56.36 56.50 -61.14
N ASP R 415 55.20 55.85 -61.09
CA ASP R 415 55.24 54.38 -61.01
C ASP R 415 54.20 53.86 -61.97
N GLY R 416 54.67 53.06 -62.95
CA GLY R 416 53.85 52.48 -64.01
C GLY R 416 52.88 51.45 -63.46
N ASN R 417 53.11 50.99 -62.22
CA ASN R 417 52.39 49.86 -61.73
C ASN R 417 51.27 50.30 -60.83
N GLU R 418 50.03 49.99 -61.27
CA GLU R 418 48.85 50.42 -60.53
C GLU R 418 48.89 49.91 -59.08
N ARG R 419 49.22 48.65 -58.91
CA ARG R 419 49.23 48.11 -57.56
C ARG R 419 50.19 48.84 -56.59
N PHE R 420 51.24 49.48 -57.11
CA PHE R 420 52.12 50.22 -56.26
C PHE R 420 51.61 51.61 -56.05
N ARG R 421 51.06 52.19 -57.10
CA ARG R 421 50.48 53.53 -56.92
C ARG R 421 49.46 53.46 -55.78
N ASP R 422 48.78 52.32 -55.65
CA ASP R 422 47.76 52.20 -54.63
C ASP R 422 48.35 52.20 -53.22
N ILE R 423 49.39 51.39 -53.08
CA ILE R 423 50.10 51.18 -51.86
C ILE R 423 50.65 52.52 -51.42
N PHE R 424 51.29 53.28 -52.33
CA PHE R 424 51.83 54.61 -51.95
C PHE R 424 50.75 55.60 -51.58
N PHE R 425 49.62 55.48 -52.25
CA PHE R 425 48.50 56.32 -51.88
C PHE R 425 48.04 56.04 -50.46
N LYS R 426 48.08 54.78 -50.04
CA LYS R 426 47.72 54.39 -48.68
C LYS R 426 48.79 54.90 -47.72
N TYR R 427 50.04 54.97 -48.14
CA TYR R 427 50.99 55.62 -47.24
C TYR R 427 50.74 57.13 -47.12
N ILE R 428 50.43 57.79 -48.25
CA ILE R 428 50.20 59.22 -48.23
C ILE R 428 49.03 59.55 -47.29
N HIS R 429 47.94 58.82 -47.44
CA HIS R 429 46.80 59.02 -46.60
C HIS R 429 47.11 58.74 -45.15
N TYR R 430 47.70 57.59 -44.87
CA TYR R 430 47.98 57.18 -43.51
C TYR R 430 48.85 58.14 -42.69
N TYR R 431 49.88 58.69 -43.33
CA TYR R 431 50.75 59.60 -42.67
C TYR R 431 50.32 61.01 -42.95
N LYS R 432 49.28 61.13 -43.74
CA LYS R 432 48.80 62.41 -44.20
C LYS R 432 49.89 63.27 -44.84
N LEU R 433 50.69 62.69 -45.75
CA LEU R 433 51.71 63.48 -46.44
C LEU R 433 51.10 64.55 -47.36
N THR R 434 51.51 65.80 -47.16
CA THR R 434 50.87 66.92 -47.86
C THR R 434 51.68 67.31 -49.06
N ASN R 435 52.85 66.72 -49.21
CA ASN R 435 53.83 67.15 -50.18
C ASN R 435 54.16 66.08 -51.19
N VAL R 436 53.23 65.15 -51.44
CA VAL R 436 53.48 64.13 -52.49
C VAL R 436 52.37 63.74 -53.48
N GLU R 437 52.77 63.52 -54.72
CA GLU R 437 51.84 63.04 -55.75
C GLU R 437 52.46 61.85 -56.44
N ILE R 438 51.61 61.09 -57.14
CA ILE R 438 52.01 59.94 -57.87
C ILE R 438 51.43 60.02 -59.25
N ILE R 439 52.24 59.71 -60.27
CA ILE R 439 51.76 59.67 -61.65
C ILE R 439 52.24 58.39 -62.30
N GLU R 440 51.41 57.89 -63.20
CA GLU R 440 51.72 56.67 -63.89
C GLU R 440 52.88 56.72 -64.87
N LYS R 441 53.07 57.84 -65.56
CA LYS R 441 53.87 57.82 -66.76
C LYS R 441 54.84 58.92 -66.69
N VAL R 442 56.05 58.61 -67.10
CA VAL R 442 57.08 59.56 -67.13
C VAL R 442 56.75 60.82 -67.92
N THR R 443 56.00 60.70 -69.02
CA THR R 443 55.64 61.84 -69.89
C THR R 443 54.69 62.80 -69.22
N SER R 444 54.02 62.36 -68.14
CA SER R 444 53.19 63.31 -67.37
C SER R 444 53.93 64.18 -66.34
N LEU R 445 55.24 64.06 -66.26
CA LEU R 445 55.97 64.98 -65.38
C LEU R 445 56.14 66.24 -66.18
N THR R 446 55.19 67.18 -66.06
CA THR R 446 55.28 68.41 -66.90
C THR R 446 56.00 69.58 -66.28
N ASP R 447 55.93 69.77 -64.97
CA ASP R 447 56.92 70.66 -64.32
C ASP R 447 58.29 69.99 -64.29
N SER R 448 59.34 70.81 -64.33
CA SER R 448 60.74 70.38 -64.29
C SER R 448 61.13 70.17 -62.87
N PRO R 449 61.41 68.92 -62.50
CA PRO R 449 61.69 68.78 -61.07
C PRO R 449 63.05 69.41 -60.89
N ASP R 450 63.39 69.80 -59.67
CA ASP R 450 64.75 70.30 -59.47
C ASP R 450 65.75 69.16 -59.52
N ILE R 451 65.32 67.93 -59.21
CA ILE R 451 66.18 66.76 -59.14
C ILE R 451 65.36 65.46 -59.31
N VAL R 452 65.92 64.47 -60.00
CA VAL R 452 65.32 63.13 -59.92
C VAL R 452 66.18 62.18 -59.14
N LEU R 453 65.54 61.54 -58.15
CA LEU R 453 66.16 60.50 -57.31
C LEU R 453 65.57 59.15 -57.62
N ALA R 454 66.43 58.19 -57.85
CA ALA R 454 66.00 56.80 -58.02
C ALA R 454 66.96 55.91 -57.21
N GLU R 455 66.63 54.64 -57.03
CA GLU R 455 67.57 53.79 -56.35
C GLU R 455 68.67 53.21 -57.25
N PRO R 456 68.32 52.66 -58.43
CA PRO R 456 67.00 52.48 -59.06
C PRO R 456 66.43 51.10 -58.71
N PHE R 457 65.12 51.06 -58.46
CA PHE R 457 64.53 49.80 -58.20
C PHE R 457 63.24 49.62 -58.99
N TYR R 458 63.22 48.64 -59.91
CA TYR R 458 62.04 48.23 -60.63
C TYR R 458 61.76 46.77 -60.33
N MET R 459 60.58 46.49 -59.74
CA MET R 459 60.26 45.11 -59.39
C MET R 459 60.16 44.16 -60.58
N SER R 460 59.82 44.66 -61.74
CA SER R 460 59.80 43.80 -62.92
C SER R 460 61.17 43.33 -63.39
N ALA R 461 62.26 43.83 -62.79
CA ALA R 461 63.65 43.46 -63.19
C ALA R 461 63.79 42.04 -63.81
N MET R 462 64.33 41.94 -65.03
CA MET R 462 64.67 40.62 -65.63
C MET R 462 65.43 39.80 -64.58
N ASN R 463 66.42 40.45 -64.00
CA ASN R 463 67.43 39.81 -63.23
C ASN R 463 67.81 40.74 -62.09
N PRO R 464 68.25 40.16 -60.95
CA PRO R 464 68.48 40.95 -59.75
C PRO R 464 69.60 41.97 -59.93
N TRP R 465 70.40 41.84 -60.98
CA TRP R 465 71.49 42.80 -61.24
C TRP R 465 71.11 43.76 -62.31
N ASN R 466 69.83 43.77 -62.73
CA ASN R 466 69.41 44.56 -63.91
C ASN R 466 68.11 45.35 -63.71
N HIS R 467 68.28 46.54 -63.14
CA HIS R 467 67.26 47.53 -62.99
C HIS R 467 67.49 48.65 -63.96
N LEU R 468 67.95 48.32 -65.16
CA LEU R 468 68.39 49.32 -66.09
C LEU R 468 67.25 50.02 -66.90
N ARG R 469 66.00 49.58 -66.68
CA ARG R 469 64.84 50.33 -67.16
C ARG R 469 65.03 51.80 -66.76
N PHE R 470 65.70 52.01 -65.62
CA PHE R 470 66.15 53.33 -65.18
C PHE R 470 66.80 54.16 -66.27
N LEU R 471 67.70 53.59 -67.08
CA LEU R 471 68.32 54.38 -68.18
C LEU R 471 67.25 54.96 -69.13
N TYR R 472 66.28 54.12 -69.49
CA TYR R 472 65.23 54.55 -70.42
C TYR R 472 64.39 55.67 -69.84
N ASP R 473 63.99 55.56 -68.58
CA ASP R 473 63.22 56.60 -67.99
C ASP R 473 64.05 57.85 -67.92
N VAL R 474 65.35 57.74 -67.66
CA VAL R 474 66.17 58.97 -67.65
C VAL R 474 66.27 59.64 -69.02
N GLU R 475 66.46 58.85 -70.07
CA GLU R 475 66.38 59.34 -71.43
C GLU R 475 65.18 60.27 -71.67
N VAL R 476 63.97 59.73 -71.46
CA VAL R 476 62.73 60.49 -71.52
C VAL R 476 62.76 61.73 -70.63
N LEU R 477 63.31 61.64 -69.42
CA LEU R 477 63.31 62.82 -68.54
C LEU R 477 64.22 63.96 -69.04
N LYS R 478 65.38 63.61 -69.58
CA LYS R 478 66.28 64.63 -70.08
C LYS R 478 65.76 65.19 -71.40
N MET R 479 65.21 64.30 -72.23
CA MET R 479 64.58 64.75 -73.46
C MET R 479 63.49 65.78 -73.16
N MET R 480 62.67 65.51 -72.16
CA MET R 480 61.56 66.38 -71.84
C MET R 480 61.95 67.66 -71.14
N HIS R 481 63.04 67.60 -70.38
CA HIS R 481 63.34 68.65 -69.40
C HIS R 481 64.73 69.18 -69.51
N GLY R 482 65.52 68.61 -70.40
CA GLY R 482 66.83 69.19 -70.62
C GLY R 482 67.92 68.32 -70.03
N ASP R 483 69.04 68.32 -70.74
CA ASP R 483 70.24 67.69 -70.31
C ASP R 483 70.75 68.24 -68.97
N GLU R 484 70.42 69.48 -68.55
CA GLU R 484 70.83 69.91 -67.16
C GLU R 484 70.13 69.20 -66.02
N LEU R 485 69.08 68.44 -66.31
CA LEU R 485 68.31 67.82 -65.24
C LEU R 485 69.22 66.99 -64.33
N ARG R 486 69.25 67.34 -63.07
CA ARG R 486 70.07 66.63 -62.11
C ARG R 486 69.43 65.31 -61.73
N VAL R 487 70.15 64.21 -62.03
CA VAL R 487 69.72 62.91 -61.57
C VAL R 487 70.66 62.17 -60.63
N GLU R 488 70.09 61.54 -59.61
CA GLU R 488 70.81 60.60 -58.74
C GLU R 488 70.05 59.25 -58.64
N PRO R 489 70.76 58.10 -58.72
CA PRO R 489 72.23 57.96 -58.84
C PRO R 489 72.78 58.44 -60.20
N HIS R 490 74.04 58.85 -60.25
CA HIS R 490 74.65 59.37 -61.46
C HIS R 490 75.60 58.45 -62.09
N MET R 491 75.75 57.24 -61.56
CA MET R 491 76.60 56.24 -62.23
C MET R 491 76.37 54.87 -61.61
N GLY R 492 76.33 53.86 -62.47
CA GLY R 492 76.10 52.52 -62.03
C GLY R 492 77.21 51.67 -62.55
N VAL R 493 77.62 50.67 -61.77
CA VAL R 493 78.64 49.81 -62.27
C VAL R 493 78.38 48.39 -61.92
N LEU R 494 78.71 47.54 -62.86
CA LEU R 494 78.45 46.17 -62.65
C LEU R 494 79.81 45.56 -62.32
N LYS R 495 79.87 44.84 -61.20
CA LYS R 495 81.12 44.36 -60.69
C LYS R 495 81.09 42.88 -60.49
N ALA R 496 82.26 42.25 -60.71
CA ALA R 496 82.50 40.81 -60.48
C ALA R 496 83.60 40.61 -59.41
N ILE R 497 83.69 39.42 -58.83
CA ILE R 497 84.78 39.13 -57.92
C ILE R 497 84.93 37.62 -57.86
N PRO R 498 86.17 37.13 -57.84
CA PRO R 498 86.38 35.67 -57.61
C PRO R 498 86.18 35.31 -56.15
N GLU R 499 85.60 34.15 -55.92
CA GLU R 499 85.32 33.72 -54.58
C GLU R 499 85.40 32.22 -54.49
N LYS R 500 86.01 31.73 -53.41
CA LYS R 500 86.06 30.33 -53.09
C LYS R 500 84.96 30.19 -52.08
N PHE R 501 83.85 29.64 -52.53
CA PHE R 501 82.75 29.37 -51.65
C PHE R 501 83.10 28.09 -50.90
N GLU R 502 82.64 28.00 -49.67
CA GLU R 502 82.77 26.78 -48.89
C GLU R 502 82.06 25.63 -49.60
N ASP R 503 80.76 25.78 -49.87
CA ASP R 503 79.85 24.68 -50.28
C ASP R 503 78.87 24.95 -51.46
N LEU R 504 78.57 26.21 -51.74
CA LEU R 504 77.54 26.57 -52.70
C LEU R 504 77.74 25.91 -54.05
N GLN R 505 78.98 25.91 -54.49
CA GLN R 505 79.36 25.40 -55.79
C GLN R 505 78.88 23.96 -56.05
N ASN R 506 78.59 23.24 -54.98
CA ASN R 506 78.10 21.87 -55.11
C ASN R 506 76.72 21.74 -55.78
N ILE R 507 76.01 22.85 -55.87
CA ILE R 507 74.73 22.85 -56.56
C ILE R 507 74.91 22.75 -58.08
N ALA R 508 76.13 22.98 -58.57
CA ALA R 508 76.35 23.09 -60.01
C ALA R 508 77.47 22.24 -60.51
N SER R 509 78.24 21.63 -59.62
CA SER R 509 79.41 20.87 -60.08
C SER R 509 79.01 19.44 -60.36
N ASP R 510 79.85 18.76 -61.13
CA ASP R 510 79.49 17.47 -61.62
C ASP R 510 79.42 16.48 -60.50
N VAL R 511 78.65 15.43 -60.75
CA VAL R 511 78.32 14.46 -59.74
C VAL R 511 79.32 13.28 -59.71
N GLY R 512 79.71 12.78 -60.90
CA GLY R 512 80.75 11.75 -61.03
C GLY R 512 80.39 10.44 -60.37
N THR R 513 81.26 9.98 -59.48
CA THR R 513 81.02 8.71 -58.80
C THR R 513 80.51 8.98 -57.41
N VAL R 514 79.36 8.41 -57.10
CA VAL R 514 78.76 8.64 -55.80
C VAL R 514 78.46 7.33 -55.07
N ASN R 515 78.78 7.34 -53.78
CA ASN R 515 78.69 6.14 -52.94
C ASN R 515 79.12 4.85 -53.71
N GLY R 516 80.17 4.97 -54.52
CA GLY R 516 80.61 3.84 -55.31
C GLY R 516 79.79 3.56 -56.56
N PHE R 517 78.93 4.48 -56.94
CA PHE R 517 78.17 4.30 -58.15
C PHE R 517 78.44 5.40 -59.16
N ASP R 518 78.75 4.95 -60.37
CA ASP R 518 79.04 5.83 -61.49
C ASP R 518 77.77 6.41 -62.13
N LEU R 519 77.66 7.73 -62.09
CA LEU R 519 76.45 8.42 -62.51
C LEU R 519 76.74 9.45 -63.57
N SER R 520 77.82 9.21 -64.31
CA SER R 520 78.27 10.18 -65.29
C SER R 520 77.28 10.29 -66.43
N PHE R 521 76.56 9.19 -66.66
CA PHE R 521 75.53 9.23 -67.66
C PHE R 521 74.55 10.34 -67.33
N PHE R 522 74.18 10.48 -66.06
CA PHE R 522 73.35 11.60 -65.65
C PHE R 522 74.05 12.96 -65.76
N ASP R 523 75.32 13.03 -65.51
CA ASP R 523 76.05 14.28 -65.77
C ASP R 523 75.88 14.72 -67.20
N GLU R 524 75.94 13.76 -68.10
CA GLU R 524 75.87 14.07 -69.49
C GLU R 524 74.50 14.63 -69.85
N ILE R 525 73.44 13.84 -69.62
CA ILE R 525 72.10 14.36 -69.91
C ILE R 525 71.82 15.62 -69.11
N SER R 526 72.21 15.65 -67.83
CA SER R 526 72.02 16.86 -67.02
C SER R 526 72.76 18.03 -67.67
N THR R 527 74.07 17.89 -67.85
CA THR R 527 74.81 18.99 -68.47
C THR R 527 74.19 19.49 -69.75
N LYS R 528 73.86 18.59 -70.67
CA LYS R 528 73.19 19.06 -71.91
C LYS R 528 71.83 19.75 -71.60
N ALA R 529 71.00 19.11 -70.79
CA ALA R 529 69.76 19.78 -70.38
C ALA R 529 70.08 21.17 -69.88
N ARG R 530 71.08 21.29 -68.98
CA ARG R 530 71.40 22.62 -68.43
C ARG R 530 71.95 23.62 -69.47
N THR R 531 72.82 23.13 -70.35
CA THR R 531 73.35 24.03 -71.38
C THR R 531 72.23 24.61 -72.25
N ALA R 532 71.27 23.74 -72.57
CA ALA R 532 70.17 24.02 -73.45
C ALA R 532 69.15 25.02 -72.88
N THR R 533 68.99 25.07 -71.56
CA THR R 533 67.90 25.84 -70.90
C THR R 533 68.32 26.75 -69.70
N ASP R 534 69.40 26.46 -68.98
CA ASP R 534 69.84 27.41 -67.89
C ASP R 534 70.34 28.76 -68.39
N ALA R 535 70.04 29.84 -67.67
CA ALA R 535 70.76 31.12 -67.85
C ALA R 535 72.23 30.85 -67.47
N ILE R 536 73.15 31.65 -67.99
CA ILE R 536 74.57 31.37 -67.76
C ILE R 536 74.94 31.75 -66.33
N VAL R 537 74.34 32.85 -65.85
CA VAL R 537 74.53 33.34 -64.52
C VAL R 537 73.35 33.02 -63.62
N ASP R 538 73.62 32.26 -62.57
CA ASP R 538 72.60 31.88 -61.60
C ASP R 538 72.25 33.05 -60.74
N GLU R 539 71.19 32.93 -59.95
CA GLU R 539 70.90 34.00 -58.97
C GLU R 539 70.80 33.39 -57.57
N GLN R 540 71.49 33.94 -56.58
CA GLN R 540 71.38 33.43 -55.21
C GLN R 540 71.40 34.52 -54.16
N SER R 541 70.86 34.21 -52.98
CA SER R 541 70.99 35.11 -51.85
C SER R 541 72.35 34.86 -51.18
N LEU R 542 73.38 35.60 -51.58
CA LEU R 542 74.76 35.20 -51.24
C LEU R 542 75.04 35.39 -49.75
N TRP R 543 74.27 36.22 -49.06
CA TRP R 543 74.39 36.31 -47.62
C TRP R 543 74.23 34.96 -46.95
N GLU R 544 73.55 34.04 -47.63
CA GLU R 544 73.21 32.74 -47.09
C GLU R 544 74.28 31.68 -47.38
N TYR R 545 75.38 32.08 -48.02
CA TYR R 545 76.49 31.15 -48.32
C TYR R 545 77.85 31.76 -48.01
N ALA R 546 78.68 30.95 -47.33
CA ALA R 546 80.03 31.30 -46.83
C ALA R 546 81.09 31.07 -47.84
N GLY R 547 82.14 31.86 -47.72
CA GLY R 547 83.16 31.81 -48.77
C GLY R 547 84.25 32.79 -48.50
N ILE R 548 85.29 32.81 -49.32
CA ILE R 548 86.41 33.71 -49.12
C ILE R 548 86.67 34.30 -50.46
N VAL R 549 86.90 35.59 -50.50
CA VAL R 549 87.05 36.32 -51.69
C VAL R 549 88.52 36.26 -52.07
N LYS R 550 88.83 36.28 -53.36
CA LYS R 550 90.17 35.92 -53.82
C LYS R 550 90.85 36.94 -54.67
N GLY R 551 90.26 38.12 -54.76
CA GLY R 551 90.77 39.16 -55.64
C GLY R 551 90.00 40.38 -55.25
N ASP R 552 90.34 41.53 -55.84
CA ASP R 552 89.51 42.71 -55.71
C ASP R 552 88.33 42.57 -56.64
N ALA R 553 87.24 43.22 -56.29
CA ALA R 553 86.13 43.50 -57.21
C ALA R 553 86.62 44.10 -58.51
N VAL R 554 86.21 43.57 -59.64
CA VAL R 554 86.59 44.17 -60.91
C VAL R 554 85.37 44.76 -61.66
N GLU R 555 85.55 45.95 -62.25
CA GLU R 555 84.52 46.64 -63.04
C GLU R 555 84.28 45.95 -64.39
N ILE R 556 83.02 45.63 -64.65
CA ILE R 556 82.60 44.89 -65.86
C ILE R 556 81.98 45.89 -66.88
N LEU R 557 80.94 46.59 -66.46
CA LEU R 557 80.21 47.55 -67.27
C LEU R 557 79.99 48.80 -66.47
N ARG R 558 80.03 49.97 -67.13
CA ARG R 558 79.70 51.25 -66.48
C ARG R 558 78.57 51.99 -67.20
N PHE R 559 77.72 52.65 -66.43
CA PHE R 559 76.53 53.26 -66.99
C PHE R 559 76.48 54.62 -66.46
N PRO R 560 76.90 55.56 -67.29
CA PRO R 560 76.75 56.97 -66.98
C PRO R 560 75.25 57.31 -67.16
N ILE R 561 74.73 58.17 -66.31
CA ILE R 561 73.33 58.52 -66.41
C ILE R 561 73.21 59.81 -67.22
N ASP R 562 73.31 59.59 -68.54
CA ASP R 562 73.12 60.54 -69.66
C ASP R 562 71.68 60.62 -70.07
N GLY R 563 71.42 61.38 -71.11
CA GLY R 563 70.13 61.19 -71.76
C GLY R 563 70.09 60.08 -72.79
N ARG R 564 71.11 59.23 -72.89
CA ARG R 564 71.25 58.38 -74.08
C ARG R 564 71.76 57.01 -73.86
N VAL R 565 70.89 56.04 -74.09
CA VAL R 565 71.22 54.68 -73.78
C VAL R 565 71.92 54.06 -74.94
N SER R 566 73.03 53.40 -74.66
CA SER R 566 73.90 52.85 -75.65
C SER R 566 74.21 51.38 -75.38
N SER R 567 74.23 50.56 -76.43
CA SER R 567 74.87 49.27 -76.31
C SER R 567 76.27 49.43 -75.69
N GLN R 568 76.70 48.43 -74.94
CA GLN R 568 78.03 48.46 -74.32
C GLN R 568 78.57 47.06 -74.32
N LYS R 569 79.82 46.96 -74.73
CA LYS R 569 80.51 45.70 -74.81
C LYS R 569 81.65 45.73 -73.79
N CYS R 570 82.11 44.56 -73.38
CA CYS R 570 83.13 44.48 -72.39
C CYS R 570 83.74 43.13 -72.46
N VAL R 571 85.05 43.09 -72.51
CA VAL R 571 85.78 41.82 -72.47
C VAL R 571 86.88 41.99 -71.43
N VAL R 572 86.83 41.24 -70.35
CA VAL R 572 87.85 41.38 -69.30
C VAL R 572 88.20 40.03 -68.80
N ASN R 573 89.47 39.88 -68.43
CA ASN R 573 89.87 38.67 -67.79
C ASN R 573 89.70 38.73 -66.28
N ILE R 574 89.28 37.59 -65.71
CA ILE R 574 89.13 37.44 -64.26
C ILE R 574 90.15 36.46 -63.70
N ASP R 575 90.98 36.98 -62.80
CA ASP R 575 92.16 36.29 -62.30
C ASP R 575 91.86 35.65 -60.97
N ASN R 576 92.82 34.87 -60.46
CA ASN R 576 92.70 34.20 -59.17
C ASN R 576 91.59 33.17 -59.17
N MET R 577 91.29 32.61 -60.33
CA MET R 577 90.32 31.54 -60.41
C MET R 577 90.87 30.16 -60.09
N SER R 578 92.19 29.98 -60.08
CA SER R 578 92.77 28.65 -59.75
C SER R 578 92.29 28.11 -58.38
N SER R 579 92.08 29.03 -57.44
CA SER R 579 91.66 28.76 -56.06
C SER R 579 90.16 29.09 -55.80
N SER R 580 89.51 29.70 -56.79
CA SER R 580 88.10 30.14 -56.72
C SER R 580 87.19 29.03 -57.28
N ASN R 581 85.87 29.10 -57.00
CA ASN R 581 84.90 28.16 -57.54
C ASN R 581 83.60 28.82 -58.11
N ALA R 582 83.62 30.14 -58.18
CA ALA R 582 82.47 30.94 -58.59
C ALA R 582 82.85 32.42 -58.76
N ILE R 583 82.02 33.17 -59.47
CA ILE R 583 82.23 34.61 -59.68
C ILE R 583 80.89 35.29 -59.42
N PRO R 584 80.67 35.81 -58.22
CA PRO R 584 79.49 36.59 -57.95
C PRO R 584 79.51 37.85 -58.77
N MET R 585 78.34 38.40 -59.10
CA MET R 585 78.25 39.72 -59.75
C MET R 585 77.13 40.58 -59.19
N TRP R 586 77.27 41.89 -59.27
CA TRP R 586 76.29 42.75 -58.70
C TRP R 586 76.45 44.15 -59.23
N MET R 587 75.62 45.04 -58.73
CA MET R 587 75.58 46.36 -59.25
C MET R 587 75.71 47.35 -58.09
N GLU R 588 76.43 48.45 -58.32
CA GLU R 588 76.61 49.50 -57.31
C GLU R 588 76.23 50.80 -57.98
N TRP R 589 75.83 51.78 -57.20
CA TRP R 589 75.33 53.02 -57.76
C TRP R 589 75.84 54.15 -56.91
N GLU R 590 76.24 55.24 -57.55
CA GLU R 590 76.72 56.41 -56.82
C GLU R 590 75.56 57.36 -56.67
N PHE R 591 75.03 57.46 -55.45
CA PHE R 591 73.86 58.17 -55.17
C PHE R 591 74.24 59.41 -54.34
N GLY R 592 74.37 60.56 -55.02
CA GLY R 592 74.95 61.77 -54.42
C GLY R 592 76.36 61.45 -53.99
N GLY R 593 76.65 61.68 -52.71
CA GLY R 593 77.98 61.42 -52.16
C GLY R 593 78.17 60.05 -51.48
N ILE R 594 77.18 59.16 -51.54
CA ILE R 594 77.42 57.80 -51.04
C ILE R 594 77.43 56.74 -52.15
N ASN R 595 77.81 55.52 -51.81
CA ASN R 595 77.80 54.42 -52.75
C ASN R 595 76.73 53.46 -52.33
N LEU R 596 75.88 52.99 -53.23
CA LEU R 596 74.91 51.97 -52.87
C LEU R 596 75.31 50.69 -53.52
N SER R 597 75.30 49.58 -52.77
CA SER R 597 75.64 48.29 -53.34
C SER R 597 74.49 47.24 -53.30
N THR R 598 74.21 46.61 -54.42
CA THR R 598 73.11 45.62 -54.41
C THR R 598 73.69 44.24 -54.11
N GLY R 599 74.98 44.20 -53.77
CA GLY R 599 75.65 42.94 -53.50
C GLY R 599 76.70 43.17 -52.43
N LEU R 600 77.94 43.27 -52.88
CA LEU R 600 79.08 43.32 -51.95
C LEU R 600 79.04 44.58 -51.10
N LEU R 601 78.96 44.44 -49.77
CA LEU R 601 78.98 45.60 -48.82
C LEU R 601 80.36 45.86 -48.21
N SER R 602 81.13 44.79 -48.01
CA SER R 602 82.42 44.86 -47.30
C SER R 602 83.16 43.55 -47.42
N ILE R 603 84.49 43.61 -47.28
CA ILE R 603 85.35 42.42 -47.19
C ILE R 603 86.13 42.48 -45.85
N SER R 604 86.09 41.41 -45.05
CA SER R 604 86.91 41.45 -43.81
C SER R 604 88.42 41.33 -44.14
N SER R 605 89.26 41.70 -43.20
CA SER R 605 90.71 41.30 -43.24
C SER R 605 91.00 39.85 -43.72
N ALA R 606 90.27 38.89 -43.18
CA ALA R 606 90.49 37.50 -43.51
C ALA R 606 89.86 37.05 -44.89
N GLY R 607 89.31 38.00 -45.66
CA GLY R 607 88.74 37.77 -46.99
C GLY R 607 87.25 37.44 -47.01
N VAL R 608 86.52 37.78 -45.93
CA VAL R 608 85.11 37.41 -45.79
C VAL R 608 84.14 38.52 -46.27
N PRO R 609 83.38 38.30 -47.39
CA PRO R 609 82.42 39.35 -47.85
C PRO R 609 81.09 39.35 -47.08
N GLU R 610 80.51 40.52 -46.91
CA GLU R 610 79.18 40.70 -46.41
C GLU R 610 78.37 41.13 -47.65
N TRP R 611 77.19 40.54 -47.86
CA TRP R 611 76.33 40.76 -49.04
C TRP R 611 75.04 41.32 -48.62
N ASN R 612 74.49 42.23 -49.43
CA ASN R 612 73.18 42.80 -49.22
C ASN R 612 72.09 41.71 -49.12
N LYS R 613 71.32 41.68 -48.03
CA LYS R 613 70.28 40.68 -47.80
C LYS R 613 69.00 41.08 -48.54
N GLY R 614 68.92 42.31 -49.05
CA GLY R 614 67.72 42.71 -49.70
C GLY R 614 67.63 42.60 -51.21
N TYR R 615 68.64 41.97 -51.83
CA TYR R 615 68.68 41.57 -53.25
C TYR R 615 69.28 40.17 -53.41
N LYS R 616 68.92 39.44 -54.48
CA LYS R 616 69.85 38.37 -54.83
C LYS R 616 70.95 38.98 -55.67
N GLN R 617 72.01 38.21 -55.82
CA GLN R 617 73.16 38.54 -56.67
C GLN R 617 73.30 37.45 -57.71
N GLY R 618 73.90 37.73 -58.85
CA GLY R 618 74.22 36.66 -59.78
C GLY R 618 75.49 36.01 -59.30
N VAL R 619 75.70 34.76 -59.69
CA VAL R 619 76.93 34.06 -59.48
C VAL R 619 77.03 33.19 -60.69
N TYR R 620 78.21 33.16 -61.35
CA TYR R 620 78.57 32.18 -62.37
C TYR R 620 79.51 31.15 -61.77
N PHE R 621 79.22 29.88 -62.02
CA PHE R 621 80.07 28.74 -61.62
C PHE R 621 80.88 28.24 -62.81
N PRO R 622 82.23 28.19 -62.71
CA PRO R 622 82.95 27.81 -63.89
C PRO R 622 82.49 26.47 -64.36
N ILE R 623 82.23 26.34 -65.66
CA ILE R 623 81.78 25.08 -66.16
C ILE R 623 82.96 24.15 -66.14
N THR R 624 82.71 22.87 -66.40
CA THR R 624 83.71 21.89 -66.00
C THR R 624 84.96 21.91 -66.85
N ALA R 625 84.83 22.21 -68.13
CA ALA R 625 86.00 22.44 -68.96
C ALA R 625 86.91 23.47 -68.28
N LEU R 626 86.29 24.55 -67.80
CA LEU R 626 87.01 25.71 -67.34
C LEU R 626 87.41 25.61 -65.88
N ARG R 627 87.09 24.52 -65.23
CA ARG R 627 87.20 24.51 -63.78
C ARG R 627 88.63 24.66 -63.20
N ASN R 628 89.66 24.50 -64.01
CA ASN R 628 91.04 24.60 -63.48
C ASN R 628 91.77 25.87 -63.81
N ASP R 629 91.36 26.50 -64.90
CA ASP R 629 92.04 27.66 -65.40
C ASP R 629 92.40 28.70 -64.37
N LYS R 630 93.59 29.26 -64.50
CA LYS R 630 94.11 30.27 -63.59
C LYS R 630 93.20 31.46 -63.64
N SER R 631 92.74 31.74 -64.84
CA SER R 631 91.99 32.95 -65.08
C SER R 631 91.02 32.70 -66.22
N LEU R 632 90.03 33.58 -66.35
CA LEU R 632 89.15 33.48 -67.51
C LEU R 632 88.59 34.76 -68.04
N CYS R 633 87.95 34.62 -69.17
CA CYS R 633 87.49 35.71 -69.94
C CYS R 633 86.00 35.93 -69.79
N LEU R 634 85.64 37.16 -69.46
CA LEU R 634 84.26 37.48 -69.26
C LEU R 634 83.78 38.39 -70.34
N HIS R 635 82.96 37.86 -71.24
CA HIS R 635 82.26 38.67 -72.24
C HIS R 635 80.93 39.16 -71.72
N ALA R 636 80.72 40.47 -71.68
CA ALA R 636 79.40 40.98 -71.33
C ALA R 636 78.95 42.05 -72.32
N LEU R 637 77.69 41.96 -72.72
CA LEU R 637 77.08 42.91 -73.64
C LEU R 637 75.80 43.49 -73.08
N PHE R 638 75.74 44.81 -72.98
CA PHE R 638 74.45 45.47 -72.82
C PHE R 638 73.81 45.78 -74.18
N ASP R 639 72.64 45.21 -74.42
CA ASP R 639 71.92 45.46 -75.66
C ASP R 639 70.89 46.53 -75.48
N LYS R 640 71.16 47.74 -75.97
CA LYS R 640 70.17 48.80 -75.75
C LYS R 640 68.79 48.42 -76.36
N SER R 641 68.78 47.51 -77.32
CA SER R 641 67.53 47.00 -77.89
C SER R 641 66.59 46.48 -76.86
N THR R 642 67.12 45.91 -75.79
CA THR R 642 66.30 45.10 -74.92
C THR R 642 66.50 45.50 -73.49
N GLY R 643 67.56 46.25 -73.22
CA GLY R 643 67.95 46.49 -71.84
C GLY R 643 68.41 45.20 -71.15
N ASP R 644 68.88 44.23 -71.93
CA ASP R 644 69.47 43.05 -71.34
C ASP R 644 70.98 43.03 -71.40
N ILE R 645 71.55 42.24 -70.49
CA ILE R 645 72.95 41.96 -70.47
C ILE R 645 73.17 40.49 -70.79
N ASN R 646 74.03 40.20 -71.76
CA ASN R 646 74.31 38.83 -72.09
C ASN R 646 75.72 38.51 -71.69
N PHE R 647 75.86 37.40 -71.00
CA PHE R 647 77.14 36.98 -70.51
C PHE R 647 77.63 35.77 -71.28
N GLN R 648 78.93 35.76 -71.58
CA GLN R 648 79.65 34.58 -72.00
C GLN R 648 80.95 34.55 -71.18
N PHE R 649 81.27 33.39 -70.61
CA PHE R 649 82.53 33.20 -69.88
C PHE R 649 83.41 32.20 -70.62
N GLY R 650 84.69 32.50 -70.84
CA GLY R 650 85.56 31.63 -71.66
C GLY R 650 86.99 31.57 -71.13
N LYS R 651 87.88 31.00 -71.95
CA LYS R 651 89.32 30.83 -71.67
C LYS R 651 90.27 32.05 -71.49
N SER R 652 90.33 32.95 -72.47
CA SER R 652 91.38 34.05 -72.53
C SER R 652 91.45 34.90 -73.82
N SAH S . 44.89 -70.08 68.74
CA SAH S . 43.73 -70.93 68.78
CB SAH S . 42.91 -70.73 67.50
CG SAH S . 43.46 -71.25 66.16
SD SAH S . 42.17 -71.09 64.90
C SAH S . 44.19 -72.35 68.95
O SAH S . 45.37 -72.62 68.73
OXT SAH S . 43.42 -73.29 69.28
C5' SAH S . 42.70 -69.59 64.10
C4' SAH S . 42.02 -68.33 64.67
O4' SAH S . 42.68 -67.15 64.27
C3' SAH S . 40.58 -68.11 64.24
O3' SAH S . 39.93 -67.85 65.49
C2' SAH S . 40.58 -66.90 63.30
O2' SAH S . 39.40 -66.03 63.37
C1' SAH S . 41.76 -66.15 63.82
N9 SAH S . 42.65 -65.45 62.90
C8 SAH S . 43.20 -65.90 61.77
N7 SAH S . 44.07 -65.00 61.24
C5 SAH S . 44.11 -63.97 62.08
C6 SAH S . 44.82 -62.69 62.13
N6 SAH S . 45.68 -62.37 61.16
N1 SAH S . 44.61 -61.90 63.18
C2 SAH S . 43.73 -62.22 64.17
N3 SAH S . 43.03 -63.37 64.21
C4 SAH S . 43.18 -64.27 63.19
P PO4 T . 34.11 -81.42 47.48
O1 PO4 T . 34.58 -81.80 46.12
O2 PO4 T . 35.17 -80.65 48.27
O3 PO4 T . 32.88 -80.50 47.23
O4 PO4 T . 33.84 -82.66 48.29
N SAH U . 62.07 -54.97 12.11
CA SAH U . 62.90 -53.81 11.87
CB SAH U . 62.78 -52.79 13.01
CG SAH U . 63.33 -53.27 14.35
SD SAH U . 63.08 -51.96 15.51
C SAH U . 64.31 -54.25 11.59
O SAH U . 64.66 -55.42 11.76
OXT SAH U . 65.17 -53.50 11.14
C5' SAH U . 61.55 -52.34 16.29
C4' SAH U . 60.35 -51.73 15.58
O4' SAH U . 59.22 -52.39 16.09
C3' SAH U . 60.10 -50.28 15.94
O3' SAH U . 59.81 -49.68 14.66
C2' SAH U . 58.88 -50.27 16.87
O2' SAH U . 58.00 -49.13 16.81
C1' SAH U . 58.14 -51.48 16.39
N9 SAH U . 57.40 -52.29 17.35
C8 SAH U . 57.81 -52.68 18.58
N7 SAH U . 56.89 -53.48 19.16
C5 SAH U . 55.88 -53.64 18.29
C6 SAH U . 54.60 -54.39 18.27
N6 SAH U . 54.25 -55.13 19.34
N1 SAH U . 53.82 -54.30 17.18
C2 SAH U . 54.21 -53.55 16.11
N3 SAH U . 55.37 -52.87 16.04
C4 SAH U . 56.22 -52.85 17.10
P PO4 V . 72.77 -42.88 32.92
O1 PO4 V . 71.89 -41.67 33.20
O2 PO4 V . 73.99 -42.67 32.06
O3 PO4 V . 73.24 -43.26 34.31
O4 PO4 V . 71.97 -43.92 32.18
N SAH W . 28.79 -59.21 0.79
CA SAH W . 28.12 -60.38 1.38
CB SAH W . 27.41 -60.06 2.71
CG SAH W . 26.16 -59.19 2.61
SD SAH W . 25.29 -59.12 4.16
C SAH W . 27.15 -60.96 0.39
O SAH W . 26.83 -60.32 -0.60
OXT SAH W . 26.67 -62.10 0.54
C5' SAH W . 26.23 -57.93 5.12
C4' SAH W . 27.42 -58.51 5.88
O4' SAH W . 28.29 -57.42 6.18
C3' SAH W . 27.16 -59.13 7.26
O3' SAH W . 28.09 -60.19 7.41
C2' SAH W . 27.60 -58.12 8.30
O2' SAH W . 28.18 -58.88 9.35
C1' SAH W . 28.72 -57.41 7.54
N9 SAH W . 28.92 -55.97 7.83
C8 SAH W . 27.96 -55.02 7.96
N7 SAH W . 28.51 -53.82 8.21
C5 SAH W . 29.85 -53.98 8.23
C6 SAH W . 31.03 -53.11 8.43
N6 SAH W . 30.91 -51.80 8.66
N1 SAH W . 32.27 -53.67 8.37
C2 SAH W . 32.41 -54.99 8.15
N3 SAH W . 31.38 -55.84 7.95
C4 SAH W . 30.11 -55.39 7.98
P PO4 X . 5.30 -55.54 12.85
O1 PO4 X . 6.64 -55.15 12.24
O2 PO4 X . 5.47 -55.95 14.31
O3 PO4 X . 4.28 -54.43 12.88
O4 PO4 X . 4.83 -56.72 12.02
N SAH Y . -3.80 -23.02 51.98
CA SAH Y . -4.73 -24.11 51.79
CB SAH Y . -4.02 -25.48 51.79
CG SAH Y . -3.40 -25.91 53.11
SD SAH Y . -2.79 -27.57 53.01
C SAH Y . -5.76 -24.06 52.87
O SAH Y . -5.54 -23.52 53.96
OXT SAH Y . -6.87 -24.56 52.65
C5' SAH Y . -1.06 -27.31 52.69
C4' SAH Y . -0.71 -27.12 51.22
O4' SAH Y . 0.55 -26.44 51.09
C3' SAH Y . -0.50 -28.42 50.43
O3' SAH Y . -1.14 -28.18 49.18
C2' SAH Y . 1.01 -28.57 50.21
O2' SAH Y . 1.32 -29.15 48.96
C1' SAH Y . 1.42 -27.10 50.12
N9 SAH Y . 2.77 -26.66 50.54
C8 SAH Y . 3.31 -26.88 51.75
N7 SAH Y . 4.49 -26.28 51.86
C5 SAH Y . 4.75 -25.64 50.70
C6 SAH Y . 5.84 -24.80 50.17
N6 SAH Y . 6.94 -24.54 50.94
N1 SAH Y . 5.72 -24.30 48.92
C2 SAH Y . 4.64 -24.57 48.18
N3 SAH Y . 3.61 -25.32 48.62
C4 SAH Y . 3.60 -25.88 49.85
P PO4 Z . -0.38 -46.20 63.58
O1 PO4 Z . -0.35 -44.70 63.43
O2 PO4 Z . 0.68 -46.60 64.60
O3 PO4 Z . -1.70 -46.77 64.04
O4 PO4 Z . -0.19 -46.84 62.20
N SAH AA . 48.92 -34.57 78.02
CA SAH AA . 50.02 -33.65 77.71
CB SAH AA . 49.87 -32.81 76.42
CG SAH AA . 48.66 -31.89 76.39
SD SAH AA . 48.59 -30.88 74.93
C SAH AA . 50.15 -32.76 78.90
O SAH AA . 49.15 -32.38 79.50
OXT SAH AA . 51.26 -32.41 79.28
C5' SAH AA . 47.31 -31.69 73.95
C4' SAH AA . 47.91 -32.88 73.17
O4' SAH AA . 46.94 -33.90 72.91
C3' SAH AA . 48.52 -32.55 71.80
O3' SAH AA . 49.78 -33.24 71.74
C2' SAH AA . 47.59 -33.12 70.74
O2' SAH AA . 48.35 -33.86 69.76
C1' SAH AA . 46.82 -34.17 71.50
N9 SAH AA . 45.38 -34.35 71.21
C8 SAH AA . 44.42 -33.39 71.16
N7 SAH AA . 43.22 -33.97 70.93
C5 SAH AA . 43.41 -35.31 70.83
C6 SAH AA . 42.56 -36.48 70.61
N6 SAH AA . 41.22 -36.29 70.43
N1 SAH AA . 43.10 -37.70 70.58
C2 SAH AA . 44.44 -37.87 70.76
N3 SAH AA . 45.29 -36.83 70.96
C4 SAH AA . 44.83 -35.55 71.03
P PO4 BA . 45.97 -11.41 65.37
O1 PO4 BA . 45.18 -10.16 65.03
O2 PO4 BA . 46.77 -11.76 64.15
O3 PO4 BA . 47.03 -11.22 66.44
O4 PO4 BA . 44.97 -12.47 65.81
N SAH CA . 15.04 -4.94 24.56
CA SAH CA . 15.90 -4.05 25.32
CB SAH CA . 17.29 -4.65 25.59
CG SAH CA . 17.94 -5.23 24.33
SD SAH CA . 19.31 -6.30 24.70
C SAH CA . 16.00 -2.76 24.56
O SAH CA . 15.70 -2.67 23.35
OXT SAH CA . 16.38 -1.74 25.15
C5' SAH CA . 18.60 -7.89 24.94
C4' SAH CA . 18.62 -8.08 26.44
O4' SAH CA . 17.94 -9.25 26.84
C3' SAH CA . 20.02 -8.19 26.97
O3' SAH CA . 20.09 -7.17 27.97
C2' SAH CA . 20.14 -9.56 27.59
O2' SAH CA . 20.79 -9.51 28.86
C1' SAH CA . 18.73 -10.07 27.71
N9 SAH CA . 18.43 -11.43 27.18
C8 SAH CA . 18.92 -12.03 26.07
N7 SAH CA . 18.37 -13.26 25.90
C5 SAH CA . 17.49 -13.45 26.91
C6 SAH CA . 16.55 -14.51 27.35
N6 SAH CA . 16.43 -15.65 26.66
N1 SAH CA . 15.82 -14.29 28.48
C2 SAH CA . 15.93 -13.16 29.18
N3 SAH CA . 16.75 -12.16 28.84
C4 SAH CA . 17.53 -12.24 27.73
P PO4 DA . 38.21 -9.23 14.01
O1 PO4 DA . 38.25 -7.77 13.59
O2 PO4 DA . 38.92 -10.11 13.00
O3 PO4 DA . 38.88 -9.40 15.37
O4 PO4 DA . 36.72 -9.56 14.12
N SAH EA . -4.96 20.44 -96.55
CA SAH EA . -5.71 19.26 -96.09
CB SAH EA . -5.35 18.89 -94.64
CG SAH EA . -5.68 19.98 -93.62
SD SAH EA . -5.55 19.26 -92.04
C SAH EA . -7.17 19.53 -96.20
O SAH EA . -7.58 20.67 -96.43
OXT SAH EA . -7.99 18.63 -96.05
C5' SAH EA . -3.98 19.80 -91.44
C4' SAH EA . -2.87 18.89 -92.00
O4' SAH EA . -1.73 19.68 -92.29
C3' SAH EA . -2.36 17.84 -91.03
O3' SAH EA . -1.90 16.74 -91.80
C2' SAH EA . -1.15 18.46 -90.38
O2' SAH EA . -0.18 17.53 -89.92
C1' SAH EA . -0.59 19.22 -91.54
N9 SAH EA . 0.21 20.32 -90.99
C8 SAH EA . 0.04 20.88 -89.79
N7 SAH EA . 0.96 21.85 -89.57
C5 SAH EA . 1.76 21.91 -90.66
C6 SAH EA . 2.94 22.72 -91.10
N6 SAH EA . 3.47 23.69 -90.32
N1 SAH EA . 3.45 22.44 -92.32
C2 SAH EA . 2.93 21.48 -93.13
N3 SAH EA . 1.88 20.72 -92.79
C4 SAH EA . 1.26 20.89 -91.59
P PO4 FA . -12.99 16.48 -71.08
O1 PO4 FA . -12.28 17.53 -71.87
O2 PO4 FA . -12.09 15.49 -70.39
O3 PO4 FA . -13.76 17.10 -69.92
O4 PO4 FA . -13.95 15.80 -72.00
N SAH GA . 13.38 27.66 -28.73
CA SAH GA . 12.21 26.82 -28.48
CB SAH GA . 12.28 25.50 -29.30
CG SAH GA . 13.70 24.95 -29.47
SD SAH GA . 13.61 23.56 -30.58
C SAH GA . 12.21 26.49 -27.03
O SAH GA . 13.26 26.68 -26.35
OXT SAH GA . 11.18 25.97 -26.52
C5' SAH GA . 14.64 24.19 -31.89
C4' SAH GA . 13.77 24.88 -32.99
O4' SAH GA . 14.66 25.56 -33.81
C3' SAH GA . 13.03 23.99 -33.99
O3' SAH GA . 11.65 24.38 -34.12
C2' SAH GA . 13.79 24.10 -35.32
O2' SAH GA . 12.80 23.96 -36.37
C1' SAH GA . 14.38 25.46 -35.19
N9 SAH GA . 15.75 25.84 -35.63
C8 SAH GA . 16.89 25.19 -35.36
N7 SAH GA . 17.98 25.86 -35.83
C5 SAH GA . 17.51 27.01 -36.39
C6 SAH GA . 18.11 28.18 -37.09
N6 SAH GA . 19.44 28.21 -37.27
N1 SAH GA . 17.30 29.20 -37.52
C2 SAH GA . 15.95 29.11 -37.35
N3 SAH GA . 15.34 28.03 -36.73
C4 SAH GA . 16.05 26.99 -36.24
P PO4 HA . 18.33 2.19 -33.36
O1 PO4 HA . 17.53 1.98 -34.64
O2 PO4 HA . 19.63 1.42 -33.48
O3 PO4 HA . 18.74 3.63 -33.10
O4 PO4 HA . 17.41 1.83 -32.19
N SAH IA . 47.48 -18.06 -71.40
CA SAH IA . 46.65 -19.02 -70.67
CB SAH IA . 45.16 -18.63 -70.71
CG SAH IA . 44.66 -18.18 -72.09
SD SAH IA . 43.02 -17.56 -71.86
C SAH IA . 46.81 -20.42 -71.24
O SAH IA . 47.37 -20.52 -72.32
OXT SAH IA . 46.43 -21.47 -70.71
C5' SAH IA . 43.45 -15.86 -72.11
C4' SAH IA . 43.59 -15.22 -70.72
O4' SAH IA . 44.22 -13.97 -70.77
C3' SAH IA . 42.26 -14.91 -70.08
O3' SAH IA . 42.47 -15.23 -68.74
C2' SAH IA . 41.98 -13.44 -70.27
O2' SAH IA . 41.44 -12.81 -69.09
C1' SAH IA . 43.35 -12.89 -70.45
N9 SAH IA . 43.50 -11.87 -71.50
C8 SAH IA . 42.92 -11.73 -72.70
N7 SAH IA . 43.42 -10.64 -73.34
C5 SAH IA . 44.34 -10.07 -72.54
C6 SAH IA . 45.27 -8.94 -72.57
N6 SAH IA . 45.33 -8.10 -73.61
N1 SAH IA . 46.06 -8.73 -71.49
C2 SAH IA . 46.06 -9.53 -70.42
N3 SAH IA . 45.24 -10.59 -70.33
C4 SAH IA . 44.39 -10.90 -71.34
P PO4 JA . 23.06 -20.01 -80.41
O1 PO4 JA . 22.52 -19.55 -81.74
O2 PO4 JA . 24.50 -19.60 -80.48
O3 PO4 JA . 22.30 -19.32 -79.30
O4 PO4 JA . 23.01 -21.46 -80.07
N SAH KA . -62.74 52.99 58.05
CA SAH KA . -61.31 53.28 58.28
CB SAH KA . -60.47 53.19 57.00
CG SAH KA . -61.25 53.78 55.80
SD SAH KA . -60.44 53.58 54.22
C SAH KA . -61.08 54.65 58.87
O SAH KA . -61.75 55.64 58.51
OXT SAH KA . -60.17 54.79 59.70
C5' SAH KA . -60.93 51.93 53.79
C4' SAH KA . -60.15 50.82 54.55
O4' SAH KA . -60.90 49.59 54.57
C3' SAH KA . -58.82 50.42 53.97
O3' SAH KA . -57.97 50.13 55.09
C2' SAH KA . -59.09 49.15 53.14
O2' SAH KA . -57.93 48.33 53.26
C1' SAH KA . -60.31 48.49 53.83
N9 SAH KA . -61.51 47.91 53.13
C8 SAH KA . -62.18 48.46 52.09
N7 SAH KA . -63.27 47.73 51.74
C5 SAH KA . -63.33 46.71 52.59
C6 SAH KA . -64.27 45.56 52.75
N6 SAH KA . -65.33 45.51 51.87
N1 SAH KA . -64.01 44.68 53.78
C2 SAH KA . -62.94 44.80 54.63
N3 SAH KA . -62.04 45.82 54.52
C4 SAH KA . -62.19 46.79 53.53
P PO4 LA . -54.80 61.95 35.14
O1 PO4 LA . -54.60 61.12 33.88
O2 PO4 LA . -53.64 61.74 36.08
O3 PO4 LA . -54.95 63.39 34.69
O4 PO4 LA . -56.08 61.56 35.87
N SAH MA . -62.95 36.43 -7.34
CA SAH MA . -61.66 37.16 -7.39
CB SAH MA . -60.59 36.76 -6.35
CG SAH MA . -60.08 35.33 -6.38
SD SAH MA . -58.49 35.28 -5.59
C SAH MA . -61.08 37.17 -8.76
O SAH MA . -60.90 36.13 -9.41
OXT SAH MA . -60.73 38.25 -9.27
C5' SAH MA . -58.89 34.33 -4.12
C4' SAH MA . -59.81 35.07 -3.13
O4' SAH MA . -60.71 34.19 -2.43
C3' SAH MA . -59.02 35.79 -2.02
O3' SAH MA . -59.65 37.07 -1.87
C2' SAH MA . -59.17 34.88 -0.78
O2' SAH MA . -59.16 35.58 0.48
C1' SAH MA . -60.54 34.26 -1.00
N9 SAH MA . -60.83 32.90 -0.49
C8 SAH MA . -60.07 31.79 -0.61
N7 SAH MA . -60.72 30.72 -0.09
C5 SAH MA . -61.93 31.14 0.34
C6 SAH MA . -63.09 30.51 0.99
N6 SAH MA . -63.05 29.17 1.27
N1 SAH MA . -64.16 31.32 1.30
C2 SAH MA . -64.20 32.64 1.03
N3 SAH MA . -63.16 33.28 0.44
C4 SAH MA . -62.02 32.58 0.08
P PO4 NA . -37.41 30.07 -2.43
O1 PO4 NA . -36.89 30.84 -3.65
O2 PO4 NA . -36.60 28.79 -2.30
O3 PO4 NA . -37.25 30.89 -1.19
O4 PO4 NA . -38.89 29.78 -2.64
N SAH OA . -24.24 -1.08 34.60
CA SAH OA . -23.22 -0.15 34.16
CB SAH OA . -23.76 1.28 34.16
CG SAH OA . -24.30 1.72 35.51
SD SAH OA . -24.72 3.44 35.41
C SAH OA . -21.98 -0.27 35.00
O SAH OA . -22.03 -0.77 36.14
OXT SAH OA . -20.91 0.16 34.56
C5' SAH OA . -26.51 3.34 35.34
C4' SAH OA . -27.12 3.47 33.95
O4' SAH OA . -28.49 3.09 33.99
C3' SAH OA . -27.15 4.89 33.38
O3' SAH OA . -26.47 4.82 32.11
C2' SAH OA . -28.61 5.31 33.21
O2' SAH OA . -28.78 5.86 31.91
C1' SAH OA . -29.34 3.99 33.26
N9 SAH OA . -30.60 3.80 34.03
C8 SAH OA . -30.85 4.23 35.30
N7 SAH OA . -32.05 3.77 35.71
C5 SAH OA . -32.56 3.01 34.73
C6 SAH OA . -33.81 2.26 34.50
N6 SAH OA . -34.75 2.23 35.50
N1 SAH OA . -33.97 1.62 33.30
C2 SAH OA . -33.02 1.66 32.33
N3 SAH OA . -31.87 2.35 32.47
C4 SAH OA . -31.60 3.02 33.62
P PO4 PA . -22.01 22.98 45.96
O1 PO4 PA . -22.57 23.75 44.77
O2 PO4 PA . -20.49 22.95 45.86
O3 PO4 PA . -22.41 23.66 47.26
O4 PO4 PA . -22.53 21.56 45.97
N SAH QA . -67.66 20.40 72.83
CA SAH QA . -68.98 19.81 72.68
CB SAH QA . -69.20 19.16 71.32
CG SAH QA . -68.32 17.95 71.02
SD SAH QA . -68.97 17.06 69.61
C SAH QA . -69.25 18.87 73.80
O SAH QA . -68.32 18.24 74.34
OXT SAH QA . -70.42 18.72 74.18
C5' SAH QA . -68.02 17.71 68.26
C4' SAH QA . -68.76 18.90 67.64
O4' SAH QA . -67.87 19.85 67.08
C3' SAH QA . -69.71 18.56 66.50
O3' SAH QA . -70.87 19.34 66.75
C2' SAH QA . -69.04 19.01 65.21
O2' SAH QA . -69.95 19.67 64.31
C1' SAH QA . -68.06 20.04 65.67
N9 SAH QA . -66.69 20.03 65.12
C8 SAH QA . -65.81 19.00 65.03
N7 SAH QA . -64.63 19.42 64.52
C5 SAH QA . -64.75 20.76 64.28
C6 SAH QA . -63.89 21.86 63.75
N6 SAH QA . -62.62 21.63 63.35
N1 SAH QA . -64.43 23.12 63.69
C2 SAH QA . -65.69 23.39 64.09
N3 SAH QA . -66.53 22.45 64.58
C4 SAH QA . -66.12 21.15 64.70
P PO4 RA . -70.99 -3.27 60.50
O1 PO4 RA . -72.07 -2.80 59.57
O2 PO4 RA . -70.10 -4.35 59.91
O3 PO4 RA . -70.14 -2.09 60.94
O4 PO4 RA . -71.75 -3.87 61.65
N SAH SA . -51.74 -18.35 14.10
CA SAH SA . -52.84 -19.09 14.73
CB SAH SA . -54.13 -18.28 14.98
CG SAH SA . -54.69 -17.52 13.80
SD SAH SA . -56.10 -16.60 14.36
C SAH SA . -53.16 -20.31 13.94
O SAH SA . -52.91 -20.31 12.72
OXT SAH SA . -53.63 -21.31 14.53
C5' SAH SA . -55.42 -15.01 14.78
C4' SAH SA . -54.89 -14.95 16.23
O4' SAH SA . -53.79 -14.05 16.38
C3' SAH SA . -55.93 -14.49 17.25
O3' SAH SA . -55.83 -15.38 18.36
C2' SAH SA . -55.55 -13.06 17.62
O2' SAH SA . -55.62 -12.78 19.02
C1' SAH SA . -54.09 -12.96 17.27
N9 SAH SA . -53.73 -11.70 16.57
C8 SAH SA . -54.43 -11.13 15.58
N7 SAH SA . -53.80 -10.00 15.15
C5 SAH SA . -52.69 -9.87 15.88
C6 SAH SA . -51.58 -8.89 15.93
N6 SAH SA . -51.57 -7.84 15.08
N1 SAH SA . -50.60 -9.10 16.86
C2 SAH SA . -50.61 -10.17 17.69
N3 SAH SA . -51.60 -11.08 17.68
C4 SAH SA . -52.63 -10.99 16.81
P PO4 TA . -76.69 -10.89 9.27
O1 PO4 TA . -77.30 -10.07 8.15
O2 PO4 TA . -75.21 -10.66 9.36
O3 PO4 TA . -77.39 -10.51 10.56
O4 PO4 TA . -76.92 -12.37 9.03
N SAH UA . -94.60 38.22 9.52
CA SAH UA . -95.47 37.04 9.64
CB SAH UA . -95.03 36.17 10.82
CG SAH UA . -95.07 36.87 12.17
SD SAH UA . -95.00 35.63 13.43
C SAH UA . -96.96 37.35 9.67
O SAH UA . -97.40 38.43 10.07
OXT SAH UA . -97.80 36.52 9.30
C5' SAH UA . -93.35 35.87 14.05
C4' SAH UA . -92.42 35.07 13.14
O4' SAH UA . -91.11 35.67 13.01
C3' SAH UA . -92.20 33.63 13.62
O3' SAH UA . -92.40 32.77 12.50
C2' SAH UA . -90.75 33.60 14.08
O2' SAH UA . -90.16 32.34 13.80
C1' SAH UA . -90.11 34.67 13.23
N9 SAH UA . -89.02 35.38 13.87
C8 SAH UA . -89.01 35.87 15.12
N7 SAH UA . -87.85 36.51 15.39
C5 SAH UA . -87.10 36.46 14.28
C6 SAH UA . -85.77 36.94 13.88
N6 SAH UA . -84.99 37.64 14.75
N1 SAH UA . -85.37 36.66 12.61
C2 SAH UA . -86.13 35.97 11.73
N3 SAH UA . -87.36 35.53 12.03
C4 SAH UA . -87.89 35.73 13.27
P PO4 VA . -100.73 28.80 33.59
O1 PO4 VA . -102.20 28.91 33.23
O2 PO4 VA . -99.90 29.74 32.74
O3 PO4 VA . -100.62 29.20 35.05
O4 PO4 VA . -100.28 27.36 33.37
N SAH WA . 15.45 57.21 -52.37
CA SAH WA . 16.34 58.30 -52.80
CB SAH WA . 17.16 57.90 -54.04
CG SAH WA . 16.33 57.45 -55.22
SD SAH WA . 17.39 56.86 -56.51
C SAH WA . 15.61 59.57 -53.09
O SAH WA . 14.37 59.58 -53.21
OXT SAH WA . 16.25 60.65 -53.25
C5' SAH WA . 16.93 55.14 -56.58
C4' SAH WA . 17.88 54.28 -55.74
O4' SAH WA . 17.33 53.00 -55.43
C3' SAH WA . 19.25 54.02 -56.39
O3' SAH WA . 20.18 54.40 -55.37
C2' SAH WA . 19.37 52.53 -56.61
O2' SAH WA . 20.65 52.04 -56.16
C1' SAH WA . 18.28 51.96 -55.70
N9 SAH WA . 17.38 50.97 -56.25
C8 SAH WA . 16.77 50.97 -57.46
N7 SAH WA . 15.92 49.90 -57.55
C5 SAH WA . 15.96 49.25 -56.39
C6 SAH WA . 15.32 48.07 -55.84
N6 SAH WA . 14.45 47.34 -56.56
N1 SAH WA . 15.65 47.73 -54.57
C2 SAH WA . 16.52 48.42 -53.85
N3 SAH WA . 17.16 49.52 -54.29
C4 SAH WA . 16.91 49.96 -55.53
P PO4 XA . 23.53 60.08 -77.51
O1 PO4 XA . 23.95 61.52 -77.38
O2 PO4 XA . 22.97 59.83 -78.91
O3 PO4 XA . 24.69 59.15 -77.32
O4 PO4 XA . 22.54 59.78 -76.43
N SAH YA . 27.50 21.63 -112.41
CA SAH YA . 27.99 23.02 -112.53
CB SAH YA . 28.81 23.42 -111.30
CG SAH YA . 29.94 22.41 -111.04
SD SAH YA . 30.94 22.88 -109.64
C SAH YA . 28.81 23.07 -113.80
O SAH YA . 29.23 22.00 -114.29
OXT SAH YA . 29.09 24.16 -114.34
C5' SAH YA . 30.19 21.94 -108.37
C4' SAH YA . 29.13 22.77 -107.67
O4' SAH YA . 28.45 21.91 -106.78
C3' SAH YA . 29.71 23.85 -106.78
O3' SAH YA . 29.05 25.08 -107.05
C2' SAH YA . 29.47 23.41 -105.34
O2' SAH YA . 29.04 24.56 -104.64
C1' SAH YA . 28.27 22.56 -105.49
N9 SAH YA . 28.10 21.34 -104.74
C8 SAH YA . 28.99 20.39 -104.48
N7 SAH YA . 28.42 19.34 -103.86
C5 SAH YA . 27.11 19.62 -103.76
C6 SAH YA . 25.93 18.93 -103.26
N6 SAH YA . 26.09 17.72 -102.67
N1 SAH YA . 24.75 19.56 -103.38
C2 SAH YA . 24.62 20.76 -103.94
N3 SAH YA . 25.65 21.45 -104.44
C4 SAH YA . 26.90 20.92 -104.37
P PO4 ZA . 51.96 24.10 -102.55
O1 PO4 ZA . 51.58 25.41 -101.86
O2 PO4 ZA . 52.31 24.43 -104.00
O3 PO4 ZA . 53.13 23.43 -101.90
O4 PO4 ZA . 50.82 23.10 -102.50
N SAH AB . 65.94 8.76 -55.29
CA SAH AB . 66.70 9.84 -55.92
CB SAH AB . 65.84 11.02 -56.35
CG SAH AB . 65.05 11.72 -55.24
SD SAH AB . 64.50 13.29 -55.89
C SAH AB . 67.73 10.31 -54.94
O SAH AB . 67.50 10.21 -53.74
OXT SAH AB . 68.81 10.81 -55.31
C5' SAH AB . 62.77 12.90 -56.12
C4' SAH AB . 62.48 12.14 -57.44
O4' SAH AB . 61.25 11.37 -57.34
C3' SAH AB . 62.25 13.07 -58.61
O3' SAH AB . 62.79 12.37 -59.72
C2' SAH AB . 60.73 13.21 -58.66
O2' SAH AB . 60.22 13.32 -59.96
C1' SAH AB . 60.27 11.83 -58.32
N9 SAH AB . 59.02 11.63 -57.57
C8 SAH AB . 58.54 12.37 -56.54
N7 SAH AB . 57.43 11.79 -56.03
C5 SAH AB . 57.19 10.65 -56.72
C6 SAH AB . 56.19 9.53 -56.72
N6 SAH AB . 55.18 9.50 -55.82
N1 SAH AB . 56.36 8.52 -57.62
C2 SAH AB . 57.35 8.52 -58.52
N3 SAH AB . 58.28 9.49 -58.58
C4 SAH AB . 58.27 10.55 -57.72
P PO4 BB . 60.96 34.84 -52.50
O1 PO4 BB . 60.35 35.87 -51.59
O2 PO4 BB . 60.56 34.98 -53.95
O3 PO4 BB . 62.44 35.09 -52.40
O4 PO4 BB . 60.63 33.44 -52.06
#